data_1O1G
#
_entry.id   1O1G
#
_cell.length_a   1.0
_cell.length_b   1.0
_cell.length_c   1.0
_cell.angle_alpha   90.0
_cell.angle_beta   90.0
_cell.angle_gamma   90.0
#
_symmetry.space_group_name_H-M   'P 1'
#
loop_
_entity.id
_entity.type
_entity.pdbx_description
1 polymer 'SKELETAL MUSCLE MYOSIN II'
2 polymer 'SKELETAL MUSCLE MYOSIN II REGULATORY LIGHT CHAIN'
3 polymer 'SKELETAL MUSCLE MYOSIN II ESSENTIAL LIGHT CHAIN'
4 polymer 'SKELETAL MUSCLE ACTIN'
#
loop_
_entity_poly.entity_id
_entity_poly.type
_entity_poly.pdbx_seq_one_letter_code
_entity_poly.pdbx_strand_id
1 'polypeptide(L)'
;DAEMAAFGEAAPYLR(MLY)SEKERIEAQN(MLY)PFDA(MLY)SSVFVVHPKQSFV(MLY)GTIQS(MLY)EGG(MLY)
VTV(MLY)TEGGETLTVKEDQVFSMNPP(MLY)YD(MLY)IEDMAMMTHLHEPAVLYNL(MLY)ERYAAWMIYTYSGLFC
VTVNPY(MLY)WLPVYNP(MLY)VVLAYRGKKRQEAPPHIFSISDNAYQFMLTDRENQSILITGESGAGKTVNT(MLY)R
VIQYFATIAASGEKKKEEQSGKMQGTLEDQIISANPLLEAFGNA(MLY)TVRNDNSSRFG(MLY)FIRIHFGATGKLASA
DIETYLLE(MLY)SRVTFQLPAERSYHIFYQIMSN(MLY)(MLY)PELIDMLLITTNPYDYHYVSEGEITVPSIDDQEEL
MATDSAIDILGFSADE(MLY)TAIY(MLY)LTGAVMHYGNLKF(MLY)Q(MLY)QREEQAEPDGTEVAD(MLY)AAYLMG
LNSAELLKALCYPRVGVGNEAVT(MLY)GETVSEVHNSVGALA(MLY)AVYE(MLY)MFLWMVIRINQQLDTKQPRQYFI
GVLDIAGFEIFDFNSFEQLCINFTNE(MLY)LQQFFNHHMFVLEQEEY(MLY)(MLY)EGIEWEFIDFGMDLAACIELIE
(MLY)PMGIFSILEEECMFPKATDTSF(MLY)N(MLY)LYDEHLGKSNNFQKPKPAKGKAEAHFSLVHYAGTVDYNISGW
LE(MLY)N(MLY)DPLNETVIGLYQ(MLY)SSV(MLY)TLALLFATYGGEAEGGGGKKGGKKKGSSFQTVSALFRENLN
(MLY)LMANLRSTHPHFVRCIIPNET(MLY)TPGAMEHELVLHQLRCNGVLEGIRICRKGFPSRVLYADFKQRYRVLNAS
AIPEGQFMDSKKASEKLLGGGDVDHTQYAFGHT(MLY)VFF(MLY)AGLLGLLEEMRDD(MLY)LAEIITATQARCRGFL
MRVEYRAMVERRESIFCIQYNVRSFMNV(MLY)HWPWM(MLY)LFF(MLY)I(MLY)PLLK
;
A,D,G,J,M,P
2 'polypeptide(L)'
;FDETEIEDFKEAFTVIDQNADGIIDKDDLRETFAAMGRLNVKNEELDAMIKEASGPINFTVFLTMFGEKLKGADPEDVIM
GAFKVLDPDGKGSIKKSFLEELLTTGGGRFTPEEIKNMWAAFPPDVAGNVDYKNICYVITHGEDA
;
B,E,H,K,N,Q
3 'polypeptide(L)'
;SKAAADDFKEAFLLFDRTGDAKITASQVGDIARALGQNPTNAEINKILGNPSKEEMNAAAITFEEFLPMLQAAANNKDQG
TFEDFVEGLRVFDKEGNGTVMGAELRHVLATLGEKMTEEEVEELMKGQEDSNGCINYEAFVKHIMSV
;
C,F,I,L,O,R
4 'polypeptide(L)'
;DEDETTALVCDNGSGLVKAGFAGDDAPRAVFPSIVGRPRHQGVMVGMGQKDSYVGDEAQSKRGILTLKYPIEHGIITNWD
DMEKIWHHTFYNELRVAPEEHPTLLTEAPLNPKANREKMTQIMFETFNVPAMYVAIQAVLSLYASGRTTGIVLDSGDGVT
HNVPIYEGYALPHAIMRLDLAGRDLTDYLMKILTERGYSFVTTAEREIVRDIKEKLCYVALDFENEMATAASSSSLEKSY
ELPDGQVITIGNERFRCPETLFQPSFIGMESAGIHETTYNSIMKCDIDIRKDLYANNVMSGGTTMYPGIADRMQKEITAL
APSTMKIKIIAPPERKYSVWIGGSILASLSTFQQMWITKQEYDEAGPSIVHRKCF
;
1,2,3,4,5,6,7,8,9,V,W,X,Y,Z
#
# COMPACT_ATOMS: atom_id res chain seq x y z
N ASP A 1 51.14 -14.73 132.03
CA ASP A 1 51.92 -15.91 132.43
C ASP A 1 52.23 -15.83 133.90
N ALA A 2 52.96 -14.76 134.25
CA ALA A 2 53.32 -14.50 135.62
C ALA A 2 52.04 -14.40 136.43
N GLU A 3 51.14 -13.55 135.91
CA GLU A 3 49.85 -13.31 136.49
C GLU A 3 49.09 -14.60 136.71
N MET A 4 48.77 -15.24 135.59
CA MET A 4 48.07 -16.50 135.61
C MET A 4 48.79 -17.53 136.43
N ALA A 5 48.08 -17.97 137.42
CA ALA A 5 48.52 -18.95 138.34
C ALA A 5 47.27 -19.45 138.99
N ALA A 6 46.50 -18.44 139.46
CA ALA A 6 45.22 -18.62 140.11
C ALA A 6 44.43 -19.68 139.35
N PHE A 7 44.35 -19.45 138.03
CA PHE A 7 43.66 -20.35 137.14
C PHE A 7 44.55 -21.52 136.87
N GLY A 8 45.73 -21.14 136.39
CA GLY A 8 46.73 -22.07 136.04
C GLY A 8 46.16 -23.08 135.07
N GLU A 9 45.53 -24.12 135.62
CA GLU A 9 44.95 -25.17 134.81
C GLU A 9 43.91 -24.69 133.81
N ALA A 10 43.18 -23.64 134.18
CA ALA A 10 42.13 -23.11 133.33
C ALA A 10 42.66 -22.16 132.26
N ALA A 11 43.77 -21.53 132.64
CA ALA A 11 44.49 -20.54 131.87
C ALA A 11 44.40 -20.69 130.38
N PRO A 12 44.77 -21.86 129.90
CA PRO A 12 44.77 -22.12 128.47
C PRO A 12 43.44 -21.85 127.79
N TYR A 13 42.35 -21.89 128.57
CA TYR A 13 40.99 -21.71 128.06
C TYR A 13 40.45 -20.32 128.27
N LEU A 14 41.24 -19.54 129.02
CA LEU A 14 40.97 -18.15 129.35
C LEU A 14 41.83 -17.18 128.58
N ARG A 15 43.13 -17.48 128.64
CA ARG A 15 44.16 -16.74 127.96
C ARG A 15 45.18 -17.61 127.33
N SER A 17 49.37 -18.35 125.99
CA SER A 17 50.73 -18.08 126.44
C SER A 17 51.25 -16.81 125.82
N GLU A 18 51.98 -16.07 126.61
CA GLU A 18 52.57 -14.81 126.19
C GLU A 18 53.40 -14.80 124.94
N LYS A 19 53.48 -15.90 124.22
CA LYS A 19 54.25 -15.81 123.02
C LYS A 19 53.34 -16.24 121.90
N GLU A 20 52.35 -17.06 122.35
CA GLU A 20 51.33 -17.53 121.44
C GLU A 20 50.65 -16.28 120.93
N ARG A 21 50.61 -15.36 121.88
CA ARG A 21 50.05 -14.06 121.64
C ARG A 21 50.99 -13.38 120.67
N ILE A 22 52.18 -13.13 121.24
CA ILE A 22 53.27 -12.49 120.56
C ILE A 22 53.56 -13.01 119.17
N GLU A 23 53.49 -14.31 119.02
CA GLU A 23 53.70 -14.94 117.75
C GLU A 23 52.56 -14.68 116.79
N ALA A 24 51.46 -14.21 117.36
CA ALA A 24 50.28 -13.96 116.57
C ALA A 24 50.07 -12.51 116.19
N GLN A 25 50.35 -11.62 117.14
CA GLN A 25 50.18 -10.20 116.88
C GLN A 25 51.32 -9.62 116.05
N ASN A 26 52.51 -10.22 116.22
CA ASN A 26 53.70 -9.78 115.56
C ASN A 26 54.00 -10.72 114.42
N PRO A 28 53.59 -10.87 109.75
CA PRO A 28 53.42 -10.10 108.54
C PRO A 28 51.97 -9.86 108.19
N PHE A 29 51.68 -8.62 107.77
CA PHE A 29 50.35 -8.24 107.35
C PHE A 29 50.30 -7.25 106.17
N ASP A 30 49.48 -7.55 105.16
CA ASP A 30 49.29 -6.63 104.03
C ASP A 30 47.87 -6.09 103.96
N ALA A 31 47.66 -4.99 104.66
CA ALA A 31 46.37 -4.38 104.69
C ALA A 31 45.64 -4.19 103.35
N SER A 33 45.67 -5.48 100.75
CA SER A 33 45.27 -6.62 99.96
C SER A 33 44.45 -7.61 100.69
N SER A 34 44.80 -7.82 101.99
CA SER A 34 44.04 -8.77 102.83
C SER A 34 42.61 -8.29 103.12
N VAL A 35 41.64 -9.18 102.95
CA VAL A 35 40.26 -8.82 103.12
C VAL A 35 39.33 -9.98 103.43
N PHE A 36 38.11 -9.63 103.87
CA PHE A 36 37.00 -10.57 104.14
C PHE A 36 36.04 -10.43 102.99
N VAL A 37 35.32 -11.46 102.63
CA VAL A 37 34.38 -11.30 101.50
C VAL A 37 33.16 -12.20 101.57
N VAL A 38 32.15 -11.76 100.82
CA VAL A 38 30.88 -12.43 100.72
C VAL A 38 31.10 -13.78 100.12
N HIS A 39 30.14 -14.69 100.34
CA HIS A 39 30.33 -15.98 99.75
C HIS A 39 29.05 -16.79 99.72
N PRO A 40 28.62 -17.07 98.51
CA PRO A 40 27.40 -17.79 98.27
C PRO A 40 27.17 -19.03 99.12
N LYS A 41 28.16 -19.91 99.25
CA LYS A 41 27.98 -21.11 100.07
C LYS A 41 28.31 -20.83 101.54
N GLN A 42 29.58 -20.51 101.80
CA GLN A 42 29.95 -20.14 103.15
C GLN A 42 29.70 -18.65 103.25
N SER A 43 29.15 -18.24 104.38
CA SER A 43 28.76 -16.84 104.60
C SER A 43 29.73 -15.75 104.17
N PHE A 44 30.89 -15.80 104.77
CA PHE A 44 31.97 -14.85 104.54
C PHE A 44 33.25 -15.61 104.72
N VAL A 45 34.07 -15.64 103.73
CA VAL A 45 35.32 -16.32 103.93
C VAL A 45 36.38 -15.30 103.66
N GLY A 47 40.11 -13.75 102.08
CA GLY A 47 40.87 -13.83 100.87
C GLY A 47 41.77 -12.64 100.70
N THR A 48 42.48 -12.71 99.56
CA THR A 48 43.41 -11.69 99.16
C THR A 48 42.87 -11.05 97.89
N ILE A 49 42.92 -9.72 97.87
CA ILE A 49 42.49 -9.02 96.69
C ILE A 49 43.51 -9.19 95.56
N GLN A 50 43.00 -9.59 94.42
CA GLN A 50 43.83 -9.79 93.26
C GLN A 50 43.79 -8.56 92.38
N SER A 51 42.63 -8.29 91.84
CA SER A 51 42.53 -7.15 90.96
C SER A 51 41.48 -6.19 91.42
N GLU A 53 38.10 -4.31 89.43
CA GLU A 53 37.26 -4.02 88.27
C GLU A 53 36.55 -2.65 88.25
N GLY A 54 37.12 -1.70 88.99
CA GLY A 54 36.62 -0.33 89.08
C GLY A 54 35.43 -0.14 90.01
N GLY A 55 34.84 -1.27 90.43
CA GLY A 55 33.68 -1.29 91.31
C GLY A 55 33.18 -2.71 91.44
N VAL A 57 35.29 -6.64 92.41
CA VAL A 57 36.51 -7.09 92.99
C VAL A 57 36.72 -8.55 92.78
N THR A 58 37.95 -8.91 92.43
CA THR A 58 38.27 -10.31 92.25
C THR A 58 39.15 -10.70 93.39
N VAL A 59 38.77 -11.79 94.07
CA VAL A 59 39.59 -12.21 95.18
C VAL A 59 39.90 -13.69 95.22
N THR A 61 40.98 -16.98 97.55
CA THR A 61 40.37 -17.46 98.76
C THR A 61 41.37 -18.14 99.60
N GLU A 62 40.88 -18.55 100.70
CA GLU A 62 41.58 -19.34 101.66
C GLU A 62 40.90 -20.68 101.57
N GLY A 63 41.42 -21.44 100.64
CA GLY A 63 40.95 -22.77 100.29
C GLY A 63 41.21 -22.88 98.83
N GLY A 64 41.27 -21.66 98.22
CA GLY A 64 41.61 -21.54 96.83
C GLY A 64 40.34 -21.44 96.04
N GLU A 65 40.00 -20.19 95.75
CA GLU A 65 38.79 -19.90 94.98
C GLU A 65 38.92 -18.47 94.53
N THR A 66 38.31 -18.22 93.39
CA THR A 66 38.38 -16.89 92.88
C THR A 66 36.98 -16.43 92.53
N LEU A 67 36.61 -15.25 93.09
CA LEU A 67 35.29 -14.68 92.90
C LEU A 67 35.35 -13.20 92.60
N THR A 68 34.49 -12.71 91.69
CA THR A 68 34.50 -11.29 91.42
C THR A 68 33.24 -10.76 92.00
N VAL A 69 33.40 -10.10 93.12
CA VAL A 69 32.27 -9.60 93.83
C VAL A 69 32.30 -8.08 94.00
N LYS A 70 31.11 -7.46 94.11
CA LYS A 70 30.92 -6.02 94.27
C LYS A 70 31.96 -5.37 95.16
N GLU A 71 31.91 -4.05 95.20
CA GLU A 71 32.85 -3.33 96.05
C GLU A 71 32.44 -3.49 97.50
N ASP A 72 31.13 -3.51 97.72
CA ASP A 72 30.68 -3.72 99.08
C ASP A 72 30.29 -5.11 99.48
N GLN A 73 31.01 -6.03 98.91
CA GLN A 73 30.82 -7.42 99.20
C GLN A 73 32.16 -7.83 99.80
N VAL A 74 32.98 -6.77 99.84
CA VAL A 74 34.34 -6.75 100.29
C VAL A 74 34.52 -5.93 101.56
N PHE A 75 35.14 -6.53 102.54
CA PHE A 75 35.38 -5.95 103.86
C PHE A 75 36.79 -6.17 104.35
N SER A 76 37.36 -5.08 104.84
CA SER A 76 38.69 -5.04 105.39
C SER A 76 38.92 -6.11 106.42
N MET A 77 40.17 -6.27 106.82
CA MET A 77 40.59 -7.27 107.78
C MET A 77 41.54 -6.67 108.81
N ASN A 78 41.23 -6.86 110.06
CA ASN A 78 42.02 -6.30 111.10
C ASN A 78 43.44 -6.76 111.15
N PRO A 79 44.34 -5.81 111.50
CA PRO A 79 45.74 -6.13 111.63
C PRO A 79 45.79 -7.22 112.66
N PRO A 80 46.84 -7.96 112.58
CA PRO A 80 47.07 -9.08 113.42
C PRO A 80 47.04 -8.72 114.90
N TYR A 82 44.93 -7.54 116.44
CA TYR A 82 43.62 -7.93 116.95
C TYR A 82 43.34 -9.36 116.57
N ASP A 83 43.98 -10.29 117.25
CA ASP A 83 43.80 -11.66 116.85
C ASP A 83 42.59 -12.29 117.49
N ILE A 85 41.00 -10.98 120.35
CA ILE A 85 40.63 -9.86 121.17
C ILE A 85 39.54 -10.22 122.15
N GLU A 86 39.83 -9.89 123.39
CA GLU A 86 38.92 -10.08 124.46
C GLU A 86 37.63 -9.33 124.25
N ASP A 87 37.78 -8.12 123.66
CA ASP A 87 36.67 -7.22 123.41
C ASP A 87 36.67 -6.80 121.99
N MET A 88 35.89 -7.47 121.18
CA MET A 88 35.82 -7.16 119.80
C MET A 88 35.55 -5.75 119.51
N ALA A 89 34.95 -5.09 120.45
CA ALA A 89 34.61 -3.68 120.28
C ALA A 89 35.82 -2.78 120.40
N MET A 90 36.98 -3.40 120.43
CA MET A 90 38.17 -2.61 120.50
C MET A 90 38.83 -2.63 119.15
N MET A 91 38.34 -3.54 118.35
CA MET A 91 38.76 -3.67 116.99
C MET A 91 38.54 -2.36 116.30
N THR A 92 39.36 -2.11 115.25
CA THR A 92 39.25 -0.86 114.51
C THR A 92 38.47 -1.14 113.28
N HIS A 93 37.96 -2.37 113.24
CA HIS A 93 37.16 -2.80 112.12
C HIS A 93 35.91 -3.53 112.55
N LEU A 94 34.87 -2.71 112.66
CA LEU A 94 33.55 -3.05 113.09
C LEU A 94 32.70 -3.43 111.89
N HIS A 95 32.80 -4.70 111.56
CA HIS A 95 32.13 -5.31 110.46
C HIS A 95 31.27 -6.38 110.96
N GLU A 96 30.68 -7.03 109.99
CA GLU A 96 29.93 -8.20 110.29
C GLU A 96 30.89 -9.40 110.35
N PRO A 97 31.74 -9.57 109.33
CA PRO A 97 32.66 -10.65 109.29
C PRO A 97 33.69 -10.71 110.41
N ALA A 98 34.32 -9.61 110.66
CA ALA A 98 35.30 -9.58 111.71
C ALA A 98 34.81 -10.04 113.04
N VAL A 99 33.51 -9.92 113.24
CA VAL A 99 32.97 -10.35 114.52
C VAL A 99 32.77 -11.82 114.54
N LEU A 100 32.30 -12.30 113.44
CA LEU A 100 32.07 -13.73 113.32
C LEU A 100 33.41 -14.39 113.49
N TYR A 101 34.36 -13.89 112.71
CA TYR A 101 35.68 -14.42 112.69
C TYR A 101 36.43 -14.42 113.97
N ASN A 102 36.22 -13.42 114.83
CA ASN A 102 36.93 -13.37 116.11
C ASN A 102 36.44 -14.39 117.05
N LEU A 103 35.15 -14.57 117.02
CA LEU A 103 34.52 -15.49 117.94
C LEU A 103 35.06 -16.83 117.62
N GLU A 105 37.67 -17.83 115.86
CA GLU A 105 39.06 -18.16 116.11
C GLU A 105 39.35 -18.53 117.55
N ARG A 106 38.77 -17.81 118.50
CA ARG A 106 39.06 -18.07 119.88
C ARG A 106 38.32 -19.20 120.47
N TYR A 107 37.60 -19.86 119.59
CA TYR A 107 36.77 -20.98 119.96
C TYR A 107 37.50 -22.22 119.54
N ALA A 108 38.07 -22.12 118.34
CA ALA A 108 38.89 -23.20 117.78
C ALA A 108 40.11 -23.39 118.68
N ALA A 109 40.28 -22.43 119.58
CA ALA A 109 41.35 -22.41 120.54
C ALA A 109 40.79 -22.69 121.89
N TRP A 110 39.53 -23.03 121.86
CA TRP A 110 38.83 -23.33 123.09
C TRP A 110 38.67 -22.19 124.03
N MET A 111 38.44 -20.98 123.51
CA MET A 111 38.07 -19.93 124.42
C MET A 111 36.58 -19.58 124.18
N ILE A 112 35.77 -19.91 125.16
CA ILE A 112 34.33 -19.71 125.05
C ILE A 112 33.85 -18.33 125.45
N TYR A 113 34.65 -17.58 126.17
CA TYR A 113 34.25 -16.27 126.57
C TYR A 113 34.99 -15.16 125.96
N THR A 114 34.26 -14.50 125.08
CA THR A 114 34.80 -13.33 124.44
C THR A 114 33.81 -12.15 124.61
N TYR A 115 34.24 -10.93 124.95
CA TYR A 115 33.31 -9.79 125.13
C TYR A 115 33.13 -9.04 123.83
N SER A 116 31.94 -8.43 123.66
CA SER A 116 31.59 -7.64 122.44
C SER A 116 30.96 -6.36 122.83
N GLY A 117 31.65 -5.61 123.65
CA GLY A 117 31.15 -4.38 124.11
C GLY A 117 30.85 -4.58 125.54
N LEU A 118 29.58 -4.64 125.84
CA LEU A 118 29.20 -4.80 127.22
C LEU A 118 28.85 -6.25 127.44
N PHE A 119 28.53 -6.83 126.31
CA PHE A 119 28.17 -8.23 126.33
C PHE A 119 29.25 -9.13 126.74
N CYS A 120 28.83 -10.29 127.06
CA CYS A 120 29.72 -11.35 127.42
C CYS A 120 29.28 -12.52 126.60
N VAL A 121 29.83 -12.59 125.41
CA VAL A 121 29.50 -13.69 124.59
C VAL A 121 29.94 -14.98 125.19
N THR A 122 29.17 -16.03 125.00
CA THR A 122 29.47 -17.39 125.51
C THR A 122 29.09 -18.45 124.49
N VAL A 123 30.06 -19.27 124.17
CA VAL A 123 29.81 -20.31 123.19
C VAL A 123 29.83 -21.71 123.81
N ASN A 124 28.82 -22.52 123.44
CA ASN A 124 28.69 -23.88 123.96
C ASN A 124 29.90 -24.76 123.67
N PRO A 125 30.63 -25.18 124.72
CA PRO A 125 31.82 -25.98 124.48
C PRO A 125 31.51 -27.32 123.83
N TYR A 126 30.53 -27.97 124.35
CA TYR A 126 30.08 -29.28 123.89
C TYR A 126 30.97 -30.36 124.37
N TRP A 128 33.81 -30.81 128.22
CA TRP A 128 34.12 -30.32 129.57
C TRP A 128 35.32 -29.40 129.65
N LEU A 129 35.24 -28.45 130.60
CA LEU A 129 36.30 -27.47 130.77
C LEU A 129 36.53 -27.14 132.27
N PRO A 130 37.80 -26.92 132.60
CA PRO A 130 38.21 -26.56 133.95
C PRO A 130 37.83 -25.15 134.28
N VAL A 131 36.90 -24.56 133.55
CA VAL A 131 36.55 -23.17 133.76
C VAL A 131 35.70 -22.87 134.97
N TYR A 132 34.88 -23.82 135.33
CA TYR A 132 33.94 -23.59 136.38
C TYR A 132 34.62 -23.92 137.67
N ASN A 133 35.92 -24.16 137.44
CA ASN A 133 36.92 -24.51 138.44
C ASN A 133 36.98 -23.59 139.61
N PRO A 134 36.88 -24.30 140.69
CA PRO A 134 36.85 -23.83 142.02
C PRO A 134 38.07 -22.98 142.30
N VAL A 136 39.13 -20.81 139.89
CA VAL A 136 38.80 -19.66 139.11
C VAL A 136 37.94 -18.68 139.86
N VAL A 137 36.92 -19.28 140.47
CA VAL A 137 35.96 -18.60 141.28
C VAL A 137 36.61 -17.51 142.14
N LEU A 138 37.73 -17.88 142.79
CA LEU A 138 38.49 -16.97 143.64
C LEU A 138 39.20 -15.94 142.83
N ALA A 139 39.81 -16.47 141.79
CA ALA A 139 40.60 -15.66 140.91
C ALA A 139 39.87 -14.44 140.41
N TYR A 140 38.61 -14.66 140.05
CA TYR A 140 37.78 -13.63 139.52
C TYR A 140 37.17 -12.74 140.60
N ARG A 141 37.55 -13.08 141.80
CA ARG A 141 37.08 -12.40 142.98
C ARG A 141 37.83 -11.13 143.32
N GLY A 142 37.15 -9.99 143.15
CA GLY A 142 37.65 -8.65 143.42
C GLY A 142 38.36 -7.97 142.23
N LYS A 143 38.17 -8.52 141.04
CA LYS A 143 38.80 -8.08 139.80
C LYS A 143 37.97 -7.37 138.75
N LYS A 144 38.36 -6.13 138.38
CA LYS A 144 37.66 -5.48 137.28
C LYS A 144 37.88 -6.30 136.00
N ARG A 145 37.00 -6.17 135.00
CA ARG A 145 37.16 -7.00 133.82
C ARG A 145 38.33 -6.67 132.97
N GLN A 146 39.15 -5.76 133.46
CA GLN A 146 40.33 -5.39 132.71
C GLN A 146 41.57 -6.00 133.33
N GLU A 147 41.37 -6.46 134.56
CA GLU A 147 42.37 -7.15 135.35
C GLU A 147 42.36 -8.67 135.11
N ALA A 148 41.37 -9.15 134.36
CA ALA A 148 41.22 -10.53 134.03
C ALA A 148 40.56 -10.77 132.65
N PRO A 149 40.80 -11.95 132.10
CA PRO A 149 40.30 -12.34 130.80
C PRO A 149 38.79 -12.55 130.77
N PRO A 150 38.20 -12.50 129.59
CA PRO A 150 36.79 -12.72 129.42
C PRO A 150 36.25 -14.00 130.01
N HIS A 151 35.32 -13.76 130.95
CA HIS A 151 34.60 -14.76 131.70
C HIS A 151 33.39 -14.20 132.49
N ILE A 152 32.43 -15.04 132.65
CA ILE A 152 31.15 -14.83 133.29
C ILE A 152 31.25 -14.49 134.74
N PHE A 153 32.27 -15.01 135.40
CA PHE A 153 32.39 -14.67 136.75
C PHE A 153 32.83 -13.22 136.74
N SER A 154 33.34 -12.76 135.60
CA SER A 154 33.78 -11.38 135.62
C SER A 154 32.60 -10.54 135.81
N ILE A 155 31.60 -10.87 134.98
CA ILE A 155 30.38 -10.11 134.99
C ILE A 155 29.78 -10.18 136.38
N SER A 156 29.66 -11.42 136.83
CA SER A 156 29.06 -11.77 138.07
C SER A 156 29.75 -11.22 139.28
N ASP A 157 30.99 -10.92 139.16
CA ASP A 157 31.64 -10.41 140.36
C ASP A 157 31.50 -8.93 140.37
N ASN A 158 31.67 -8.39 139.19
CA ASN A 158 31.63 -6.98 139.05
C ASN A 158 30.32 -6.45 139.51
N ALA A 159 29.30 -7.26 139.24
CA ALA A 159 27.95 -6.89 139.65
C ALA A 159 27.92 -6.64 141.12
N TYR A 160 28.38 -7.66 141.81
CA TYR A 160 28.52 -7.67 143.25
C TYR A 160 29.28 -6.46 143.75
N GLN A 161 30.41 -6.25 143.13
CA GLN A 161 31.28 -5.15 143.48
C GLN A 161 30.43 -3.92 143.46
N PHE A 162 30.13 -3.60 142.24
CA PHE A 162 29.31 -2.52 141.85
C PHE A 162 28.12 -2.37 142.75
N MET A 163 27.64 -3.52 143.17
CA MET A 163 26.50 -3.52 144.02
C MET A 163 26.85 -2.76 145.25
N LEU A 164 27.88 -3.21 145.95
CA LEU A 164 28.30 -2.52 147.16
C LEU A 164 28.96 -1.15 146.94
N THR A 165 29.68 -0.98 145.84
CA THR A 165 30.34 0.27 145.58
C THR A 165 29.40 1.44 145.31
N ASP A 166 28.46 1.24 144.37
CA ASP A 166 27.50 2.26 143.97
C ASP A 166 26.17 2.30 144.77
N ARG A 167 25.92 1.24 145.53
CA ARG A 167 24.70 1.16 146.31
C ARG A 167 23.47 1.14 145.42
N GLU A 168 23.61 0.45 144.30
CA GLU A 168 22.55 0.27 143.33
C GLU A 168 22.28 -1.19 143.11
N ASN A 169 21.07 -1.47 142.67
CA ASN A 169 20.79 -2.88 142.42
C ASN A 169 21.29 -3.22 141.06
N GLN A 170 21.45 -4.52 140.87
CA GLN A 170 22.02 -5.01 139.64
C GLN A 170 21.15 -6.01 138.91
N SER A 171 21.59 -6.35 137.68
CA SER A 171 20.91 -7.38 136.89
C SER A 171 21.86 -7.98 135.90
N ILE A 172 21.49 -9.18 135.50
CA ILE A 172 22.22 -9.94 134.57
C ILE A 172 21.22 -10.51 133.60
N LEU A 173 21.36 -10.21 132.36
CA LEU A 173 20.43 -10.71 131.43
C LEU A 173 20.99 -11.74 130.55
N ILE A 174 20.60 -13.02 130.79
CA ILE A 174 21.10 -14.11 130.00
C ILE A 174 20.10 -14.41 128.89
N THR A 175 20.55 -14.58 127.68
CA THR A 175 19.67 -14.83 126.59
C THR A 175 20.34 -15.54 125.44
N GLY A 176 19.57 -16.47 124.79
CA GLY A 176 20.05 -17.21 123.61
C GLY A 176 19.01 -18.20 123.11
N GLU A 177 19.26 -18.87 121.98
CA GLU A 177 18.33 -19.88 121.49
C GLU A 177 18.36 -21.18 122.33
N SER A 178 17.33 -21.96 122.10
CA SER A 178 17.06 -23.21 122.75
C SER A 178 18.28 -24.02 123.10
N GLY A 179 19.24 -24.06 122.20
CA GLY A 179 20.42 -24.90 122.52
C GLY A 179 21.63 -24.17 123.01
N ALA A 180 21.54 -22.86 123.16
CA ALA A 180 22.66 -22.07 123.59
C ALA A 180 23.23 -22.42 124.97
N GLY A 181 22.39 -23.02 125.83
CA GLY A 181 22.83 -23.42 127.17
C GLY A 181 22.84 -22.32 128.19
N LYS A 182 21.67 -21.68 128.39
CA LYS A 182 21.60 -20.61 129.36
C LYS A 182 21.45 -21.07 130.79
N THR A 183 20.52 -22.02 131.03
CA THR A 183 20.23 -22.57 132.37
C THR A 183 21.50 -22.84 133.10
N VAL A 184 22.35 -23.50 132.32
CA VAL A 184 23.70 -23.87 132.73
C VAL A 184 24.45 -22.68 133.25
N ASN A 185 24.41 -21.58 132.50
CA ASN A 185 25.09 -20.41 132.94
C ASN A 185 24.43 -19.83 134.14
N THR A 186 23.13 -19.71 134.01
CA THR A 186 22.32 -19.11 135.04
C THR A 186 22.59 -19.74 136.35
N ARG A 188 25.08 -21.56 137.05
CA ARG A 188 26.49 -21.32 137.39
C ARG A 188 26.74 -19.94 137.96
N VAL A 189 25.95 -18.99 137.54
CA VAL A 189 26.10 -17.65 138.07
C VAL A 189 25.64 -17.65 139.50
N ILE A 190 24.52 -18.31 139.66
CA ILE A 190 23.87 -18.40 140.96
C ILE A 190 24.79 -19.00 142.01
N GLN A 191 25.40 -20.15 141.68
CA GLN A 191 26.34 -20.77 142.62
C GLN A 191 27.32 -19.74 143.06
N TYR A 192 27.81 -19.04 142.05
CA TYR A 192 28.78 -17.98 142.28
C TYR A 192 28.36 -17.04 143.37
N PHE A 193 27.16 -16.53 143.29
CA PHE A 193 26.69 -15.64 144.32
C PHE A 193 26.70 -16.30 145.65
N ALA A 194 26.11 -17.45 145.67
CA ALA A 194 25.97 -18.18 146.93
C ALA A 194 27.32 -18.37 147.59
N THR A 195 28.28 -18.84 146.82
CA THR A 195 29.63 -19.07 147.34
C THR A 195 30.29 -17.82 147.90
N ILE A 196 30.61 -16.91 147.01
CA ILE A 196 31.26 -15.68 147.36
C ILE A 196 30.56 -14.74 148.35
N ALA A 197 29.46 -15.12 148.93
CA ALA A 197 28.85 -14.20 149.91
C ALA A 197 27.80 -14.88 150.75
N ALA A 198 28.19 -15.99 151.29
CA ALA A 198 27.30 -16.77 152.10
C ALA A 198 27.71 -16.71 153.51
N SER A 199 27.74 -17.79 154.13
CA SER A 199 28.07 -17.68 155.49
C SER A 199 26.86 -17.65 156.32
N GLY A 200 26.30 -18.78 156.48
CA GLY A 200 25.17 -18.91 157.38
C GLY A 200 25.75 -19.32 158.73
N GLU A 201 27.06 -19.44 158.70
CA GLU A 201 27.86 -19.76 159.90
C GLU A 201 27.57 -21.17 160.41
N LYS A 202 26.36 -21.35 160.85
CA LYS A 202 25.89 -22.64 161.40
C LYS A 202 25.62 -23.65 160.28
N LYS A 203 25.08 -23.16 159.17
CA LYS A 203 24.71 -24.03 158.05
C LYS A 203 25.94 -24.51 157.25
N LYS A 204 27.08 -23.90 157.49
CA LYS A 204 28.29 -24.16 156.70
C LYS A 204 28.97 -25.54 156.95
N GLU A 205 28.68 -26.16 158.07
CA GLU A 205 29.36 -27.42 158.49
C GLU A 205 28.98 -28.63 157.61
N GLU A 206 29.93 -29.57 157.59
CA GLU A 206 29.83 -30.83 156.83
C GLU A 206 29.00 -31.85 157.62
N GLN A 207 27.74 -31.49 157.73
CA GLN A 207 26.70 -32.28 158.41
C GLN A 207 25.39 -32.08 157.66
N SER A 208 25.20 -32.94 156.68
CA SER A 208 24.02 -32.90 155.79
C SER A 208 24.03 -31.57 155.05
N GLY A 209 25.22 -31.11 154.78
CA GLY A 209 25.45 -29.84 154.10
C GLY A 209 24.70 -29.81 152.78
N LYS A 210 23.95 -28.73 152.60
CA LYS A 210 23.22 -28.43 151.36
C LYS A 210 21.84 -29.14 151.29
N MET A 211 21.54 -29.94 152.31
CA MET A 211 20.23 -30.62 152.42
C MET A 211 19.18 -29.58 152.82
N GLN A 212 17.92 -29.98 152.75
CA GLN A 212 16.82 -29.08 153.16
C GLN A 212 17.09 -28.64 154.59
N GLY A 213 16.91 -27.37 154.85
CA GLY A 213 17.21 -26.85 156.17
C GLY A 213 18.19 -25.65 156.08
N THR A 214 18.81 -25.47 154.89
CA THR A 214 19.56 -24.18 154.56
C THR A 214 19.24 -23.79 153.10
N LEU A 215 19.24 -22.45 152.96
CA LEU A 215 19.14 -21.64 151.68
C LEU A 215 20.54 -21.13 151.51
N GLU A 216 20.92 -21.37 150.39
CA GLU A 216 22.22 -21.25 149.83
C GLU A 216 22.14 -22.55 149.14
N ASP A 217 21.34 -23.37 149.83
CA ASP A 217 20.95 -24.70 149.34
C ASP A 217 19.56 -24.62 148.73
N GLN A 218 18.63 -24.11 149.53
CA GLN A 218 17.24 -23.94 149.06
C GLN A 218 17.31 -23.25 147.76
N ILE A 219 18.08 -22.18 147.82
CA ILE A 219 18.36 -21.30 146.69
C ILE A 219 18.70 -22.19 145.53
N ILE A 220 19.62 -23.05 145.80
CA ILE A 220 20.10 -23.96 144.81
C ILE A 220 19.08 -25.04 144.49
N SER A 221 18.71 -25.77 145.54
CA SER A 221 17.77 -26.88 145.41
C SER A 221 16.59 -26.55 144.56
N ALA A 222 16.33 -25.24 144.48
CA ALA A 222 15.20 -24.77 143.72
C ALA A 222 15.16 -25.32 142.35
N ASN A 223 16.26 -25.09 141.68
CA ASN A 223 16.41 -25.47 140.28
C ASN A 223 15.92 -26.85 139.90
N PRO A 224 16.55 -27.84 140.48
CA PRO A 224 16.25 -29.24 140.22
C PRO A 224 14.80 -29.68 140.41
N LEU A 225 13.98 -28.81 140.94
CA LEU A 225 12.57 -29.13 141.11
C LEU A 225 11.88 -28.60 139.86
N LEU A 226 12.05 -27.30 139.68
CA LEU A 226 11.54 -26.58 138.55
C LEU A 226 11.87 -27.29 137.26
N GLU A 227 13.09 -27.79 137.19
CA GLU A 227 13.67 -28.50 136.03
C GLU A 227 12.94 -29.80 135.73
N ALA A 228 12.50 -30.46 136.79
CA ALA A 228 11.76 -31.69 136.59
C ALA A 228 10.44 -31.46 135.98
N PHE A 229 9.89 -30.27 136.30
CA PHE A 229 8.58 -29.83 135.84
C PHE A 229 8.54 -28.88 134.68
N GLY A 230 9.50 -28.00 134.60
CA GLY A 230 9.56 -27.09 133.48
C GLY A 230 10.65 -27.34 132.48
N ASN A 231 11.31 -28.51 132.50
CA ASN A 231 12.38 -28.86 131.57
C ASN A 231 12.12 -30.14 130.85
N ALA A 232 12.68 -30.26 129.68
CA ALA A 232 12.50 -31.43 128.88
C ALA A 232 13.50 -31.59 127.76
N THR A 234 14.57 -31.42 124.38
CA THR A 234 14.26 -30.73 123.13
C THR A 234 15.15 -31.38 122.11
N VAL A 235 14.84 -31.18 120.86
CA VAL A 235 15.64 -31.74 119.79
C VAL A 235 17.02 -31.08 119.73
N ARG A 236 17.14 -29.93 120.38
CA ARG A 236 18.37 -29.16 120.43
C ARG A 236 19.17 -29.43 121.70
N ASN A 237 18.51 -29.28 122.84
CA ASN A 237 19.11 -29.55 124.12
C ASN A 237 18.50 -30.84 124.69
N ASP A 238 19.08 -31.35 125.76
CA ASP A 238 18.59 -32.59 126.36
C ASP A 238 17.88 -32.27 127.63
N ASN A 239 18.15 -31.04 128.07
CA ASN A 239 17.57 -30.42 129.26
C ASN A 239 17.21 -29.00 128.94
N SER A 240 16.29 -28.77 127.97
CA SER A 240 15.91 -27.41 127.61
C SER A 240 14.95 -26.78 128.55
N SER A 241 15.15 -25.49 128.80
CA SER A 241 14.29 -24.70 129.69
C SER A 241 12.99 -24.38 128.95
N ARG A 242 11.84 -24.91 129.39
CA ARG A 242 10.64 -24.60 128.68
C ARG A 242 9.87 -23.51 129.24
N PHE A 243 10.54 -22.69 130.01
CA PHE A 243 10.00 -21.50 130.60
C PHE A 243 11.08 -20.48 130.92
N GLY A 244 10.65 -19.26 131.20
CA GLY A 244 11.55 -18.16 131.51
C GLY A 244 11.64 -17.91 132.98
N PHE A 246 13.11 -15.32 136.50
CA PHE A 246 13.71 -14.19 137.13
C PHE A 246 13.85 -14.33 138.60
N ILE A 247 15.09 -14.42 139.05
CA ILE A 247 15.45 -14.54 140.44
C ILE A 247 16.01 -13.29 141.06
N ARG A 248 15.53 -12.98 142.24
CA ARG A 248 16.07 -11.81 142.85
C ARG A 248 16.88 -12.19 144.03
N ILE A 249 18.17 -12.10 143.92
CA ILE A 249 18.95 -12.44 145.06
C ILE A 249 19.14 -11.23 145.87
N HIS A 250 18.51 -11.27 147.00
CA HIS A 250 18.50 -10.14 147.87
C HIS A 250 19.65 -10.18 148.80
N PHE A 251 20.60 -9.34 148.51
CA PHE A 251 21.75 -9.29 149.35
C PHE A 251 21.45 -8.41 150.54
N GLY A 252 22.17 -8.64 151.63
CA GLY A 252 21.98 -7.89 152.84
C GLY A 252 22.70 -6.53 152.80
N ALA A 253 22.89 -5.93 153.99
CA ALA A 253 23.52 -4.64 154.17
C ALA A 253 25.04 -4.77 154.19
N THR A 254 25.43 -5.79 154.92
CA THR A 254 26.81 -6.15 155.05
C THR A 254 27.27 -6.44 153.64
N GLY A 255 26.59 -7.37 153.02
CA GLY A 255 26.89 -7.79 151.68
C GLY A 255 26.64 -9.33 151.62
N LYS A 256 26.14 -9.88 152.72
CA LYS A 256 25.88 -11.29 152.80
C LYS A 256 24.41 -11.61 152.46
N LEU A 257 24.24 -12.76 151.81
CA LEU A 257 22.94 -13.29 151.37
C LEU A 257 21.81 -13.08 152.36
N ALA A 258 20.61 -12.75 151.84
CA ALA A 258 19.43 -12.50 152.70
C ALA A 258 18.10 -13.08 152.17
N SER A 259 17.86 -12.99 150.85
CA SER A 259 16.64 -13.53 150.27
C SER A 259 16.77 -13.76 148.79
N ALA A 260 15.76 -14.49 148.30
CA ALA A 260 15.62 -14.84 146.90
C ALA A 260 14.17 -14.69 146.46
N ASP A 261 13.98 -14.72 145.16
CA ASP A 261 12.66 -14.48 144.62
C ASP A 261 12.45 -15.01 143.22
N ILE A 262 11.76 -16.07 143.05
CA ILE A 262 11.54 -16.50 141.67
C ILE A 262 10.25 -16.09 141.05
N GLU A 263 10.29 -15.97 139.73
CA GLU A 263 9.14 -15.66 138.92
C GLU A 263 9.24 -16.35 137.59
N THR A 264 8.13 -16.95 137.19
CA THR A 264 8.10 -17.74 135.99
C THR A 264 7.25 -17.10 134.92
N TYR A 265 7.68 -17.27 133.69
CA TYR A 265 7.03 -16.69 132.54
C TYR A 265 6.90 -17.72 131.44
N LEU A 266 5.80 -17.70 130.79
CA LEU A 266 5.53 -18.50 129.64
C LEU A 266 5.96 -19.93 129.66
N LEU A 267 5.21 -20.77 130.27
CA LEU A 267 5.47 -22.14 130.35
C LEU A 267 4.91 -22.88 129.16
N GLU A 268 5.65 -23.86 128.64
CA GLU A 268 5.24 -24.62 127.49
C GLU A 268 4.20 -25.62 127.86
N SER A 270 1.83 -26.93 126.25
CA SER A 270 1.64 -27.97 125.25
C SER A 270 2.38 -29.29 125.46
N ARG A 271 3.60 -29.27 126.06
CA ARG A 271 4.38 -30.49 126.24
C ARG A 271 3.55 -31.47 127.01
N VAL A 272 2.89 -30.96 128.05
CA VAL A 272 2.05 -31.77 128.88
C VAL A 272 1.11 -32.67 128.12
N THR A 273 0.76 -32.31 126.91
CA THR A 273 -0.24 -33.02 126.10
C THR A 273 0.30 -33.51 124.80
N PHE A 274 1.39 -32.91 124.42
CA PHE A 274 2.00 -33.19 123.17
C PHE A 274 3.46 -33.19 123.25
N GLN A 275 4.00 -33.64 122.14
CA GLN A 275 5.40 -33.79 121.97
C GLN A 275 5.78 -34.15 120.53
N LEU A 276 6.78 -33.45 120.07
CA LEU A 276 7.29 -33.75 118.78
C LEU A 276 8.01 -35.10 118.86
N PRO A 277 8.22 -35.66 117.71
CA PRO A 277 8.82 -36.96 117.49
C PRO A 277 10.18 -37.21 118.02
N ALA A 278 11.01 -36.19 118.08
CA ALA A 278 12.34 -36.39 118.62
C ALA A 278 12.47 -35.86 120.02
N GLU A 279 11.35 -35.37 120.52
CA GLU A 279 11.34 -34.75 121.82
C GLU A 279 10.58 -35.54 122.85
N ARG A 280 10.48 -34.92 123.98
CA ARG A 280 9.77 -35.53 125.02
C ARG A 280 9.22 -34.56 126.01
N SER A 281 8.33 -35.02 126.82
CA SER A 281 7.73 -34.15 127.76
C SER A 281 8.62 -33.92 128.93
N TYR A 282 8.05 -33.17 129.89
CA TYR A 282 8.73 -32.81 131.07
C TYR A 282 9.40 -34.01 131.67
N HIS A 283 10.42 -33.83 132.47
CA HIS A 283 11.13 -34.97 132.97
C HIS A 283 10.37 -35.79 133.95
N ILE A 284 9.77 -35.06 134.89
CA ILE A 284 9.06 -35.63 135.98
C ILE A 284 8.39 -36.94 135.69
N PHE A 285 7.73 -36.95 134.60
CA PHE A 285 6.94 -38.11 134.17
C PHE A 285 7.81 -39.26 134.03
N TYR A 286 8.89 -39.04 133.30
CA TYR A 286 9.81 -40.14 133.06
C TYR A 286 10.58 -40.42 134.30
N GLN A 287 10.73 -39.43 135.14
CA GLN A 287 11.45 -39.63 136.36
C GLN A 287 10.67 -40.70 137.13
N ILE A 288 9.46 -40.35 137.49
CA ILE A 288 8.51 -41.14 138.24
C ILE A 288 8.31 -42.59 137.76
N MET A 289 8.17 -42.78 136.48
CA MET A 289 7.97 -44.10 135.92
C MET A 289 9.28 -44.90 135.84
N SER A 290 10.35 -44.25 136.28
CA SER A 290 11.66 -44.87 136.25
C SER A 290 11.71 -46.05 137.19
N ASN A 291 10.99 -45.93 138.29
CA ASN A 291 10.86 -46.95 139.31
C ASN A 291 11.90 -46.91 140.41
N PRO A 294 9.34 -47.39 143.93
CA PRO A 294 8.20 -48.18 143.48
C PRO A 294 6.81 -47.86 144.06
N GLU A 295 6.74 -47.41 145.32
CA GLU A 295 5.49 -47.05 145.96
C GLU A 295 4.71 -46.11 145.14
N LEU A 296 5.44 -45.15 144.63
CA LEU A 296 4.95 -44.08 143.76
C LEU A 296 4.08 -44.62 142.63
N ILE A 297 4.59 -45.66 141.97
CA ILE A 297 3.90 -46.29 140.87
C ILE A 297 2.51 -46.83 141.23
N ASP A 298 2.43 -47.43 142.42
CA ASP A 298 1.24 -48.02 142.93
C ASP A 298 0.40 -46.95 143.58
N MET A 299 1.08 -45.98 144.10
CA MET A 299 0.44 -44.89 144.74
C MET A 299 -0.38 -44.06 143.73
N LEU A 300 0.24 -43.86 142.57
CA LEU A 300 -0.35 -43.08 141.50
C LEU A 300 -1.24 -43.92 140.64
N LEU A 301 -1.06 -45.20 140.73
CA LEU A 301 -1.87 -46.12 139.96
C LEU A 301 -1.50 -46.15 138.54
N ILE A 302 -0.20 -46.23 138.28
CA ILE A 302 0.24 -46.27 136.92
C ILE A 302 1.16 -47.44 136.71
N THR A 303 1.61 -47.52 135.51
CA THR A 303 2.58 -48.49 135.20
C THR A 303 3.92 -47.83 135.03
N THR A 304 4.89 -48.60 134.57
CA THR A 304 6.29 -48.14 134.37
C THR A 304 6.60 -47.93 132.87
N ASN A 305 5.69 -48.38 132.01
CA ASN A 305 5.70 -48.30 130.58
C ASN A 305 4.89 -47.12 130.12
N PRO A 306 5.56 -46.12 129.57
CA PRO A 306 4.99 -44.85 129.17
C PRO A 306 4.09 -44.92 128.03
N TYR A 307 4.20 -46.01 127.33
CA TYR A 307 3.30 -46.11 126.22
C TYR A 307 1.88 -46.35 126.64
N ASP A 308 1.62 -46.22 127.95
CA ASP A 308 0.30 -46.39 128.57
C ASP A 308 -0.32 -45.03 128.81
N TYR A 309 0.48 -44.02 128.52
CA TYR A 309 0.13 -42.68 128.70
C TYR A 309 0.47 -41.86 127.54
N HIS A 310 -0.46 -41.93 126.61
CA HIS A 310 -0.44 -41.18 125.35
C HIS A 310 0.13 -39.74 125.43
N TYR A 311 -0.30 -38.97 126.38
CA TYR A 311 0.08 -37.63 126.62
C TYR A 311 1.57 -37.51 126.69
N VAL A 312 2.26 -38.50 127.26
CA VAL A 312 3.70 -38.48 127.47
C VAL A 312 4.59 -39.43 126.67
N SER A 313 4.08 -40.08 125.66
CA SER A 313 4.96 -40.92 124.89
C SER A 313 4.69 -40.71 123.43
N GLU A 314 4.43 -39.50 123.05
CA GLU A 314 4.13 -39.25 121.66
C GLU A 314 5.45 -39.09 120.95
N GLY A 315 6.43 -38.70 121.72
CA GLY A 315 7.72 -38.50 121.14
C GLY A 315 8.63 -39.57 121.59
N GLU A 316 9.60 -39.22 122.44
CA GLU A 316 10.56 -40.16 122.93
C GLU A 316 10.34 -40.34 124.41
N ILE A 317 10.86 -41.44 124.94
CA ILE A 317 10.72 -41.79 126.33
C ILE A 317 12.03 -41.80 127.09
N THR A 318 13.06 -42.24 126.40
CA THR A 318 14.35 -42.30 127.05
C THR A 318 15.45 -41.52 126.35
N VAL A 319 16.30 -40.94 127.20
CA VAL A 319 17.46 -40.16 126.79
C VAL A 319 18.68 -40.68 127.53
N PRO A 320 19.65 -41.13 126.74
CA PRO A 320 20.89 -41.75 127.22
C PRO A 320 21.70 -40.91 128.20
N SER A 321 21.79 -39.60 127.94
CA SER A 321 22.51 -38.70 128.78
C SER A 321 21.85 -38.38 130.11
N ILE A 322 20.62 -38.86 130.32
CA ILE A 322 19.85 -38.62 131.54
C ILE A 322 19.52 -39.88 132.29
N ASP A 323 19.68 -39.81 133.63
CA ASP A 323 19.41 -40.95 134.53
C ASP A 323 18.20 -40.61 135.37
N ASP A 324 17.03 -40.90 134.80
CA ASP A 324 15.76 -40.61 135.39
C ASP A 324 15.67 -41.05 136.85
N GLN A 325 16.35 -42.13 137.15
CA GLN A 325 16.35 -42.70 138.48
C GLN A 325 17.00 -41.82 139.51
N GLU A 326 18.11 -41.21 139.11
CA GLU A 326 18.92 -40.35 140.00
C GLU A 326 18.21 -39.02 140.28
N GLU A 327 17.66 -38.53 139.20
CA GLU A 327 16.95 -37.30 139.24
C GLU A 327 15.76 -37.33 140.15
N LEU A 328 15.03 -38.44 140.03
CA LEU A 328 13.83 -38.65 140.83
C LEU A 328 14.09 -38.34 142.27
N MET A 329 15.24 -38.77 142.71
CA MET A 329 15.62 -38.48 144.09
C MET A 329 16.01 -37.08 144.27
N ALA A 330 16.78 -36.60 143.28
CA ALA A 330 17.23 -35.23 143.35
C ALA A 330 16.05 -34.31 143.58
N THR A 331 15.10 -34.60 142.75
CA THR A 331 13.87 -33.93 142.75
C THR A 331 13.23 -34.07 144.06
N ASP A 332 13.06 -35.32 144.42
CA ASP A 332 12.41 -35.69 145.69
C ASP A 332 12.97 -34.91 146.87
N SER A 333 14.26 -35.12 147.05
CA SER A 333 15.03 -34.47 148.10
C SER A 333 14.93 -32.96 148.08
N ALA A 334 14.91 -32.38 146.88
CA ALA A 334 14.78 -30.99 146.76
C ALA A 334 13.48 -30.48 147.36
N ILE A 335 12.43 -31.26 147.11
CA ILE A 335 11.11 -30.86 147.59
C ILE A 335 11.13 -30.61 149.07
N ASP A 336 11.65 -31.61 149.72
CA ASP A 336 11.84 -31.62 151.14
C ASP A 336 12.59 -30.41 151.61
N ILE A 337 13.77 -30.22 151.08
CA ILE A 337 14.60 -29.09 151.46
C ILE A 337 13.90 -27.83 151.28
N LEU A 338 13.12 -27.89 150.23
CA LEU A 338 12.33 -26.73 149.95
C LEU A 338 11.24 -26.48 150.99
N GLY A 339 11.10 -27.39 151.95
CA GLY A 339 10.15 -27.19 153.03
C GLY A 339 8.70 -27.59 152.78
N PHE A 340 8.47 -28.28 151.68
CA PHE A 340 7.13 -28.67 151.39
C PHE A 340 6.62 -29.71 152.38
N SER A 341 5.34 -29.64 152.66
CA SER A 341 4.69 -30.62 153.49
C SER A 341 4.56 -31.96 152.78
N ALA A 342 4.63 -33.06 153.50
CA ALA A 342 4.62 -34.36 152.83
C ALA A 342 3.40 -34.52 151.98
N ASP A 343 2.33 -34.10 152.59
CA ASP A 343 1.05 -34.04 151.99
C ASP A 343 1.16 -33.29 150.63
N GLU A 344 1.71 -32.07 150.67
CA GLU A 344 1.87 -31.31 149.46
C GLU A 344 2.76 -32.08 148.57
N THR A 346 2.89 -34.88 148.47
CA THR A 346 2.07 -36.00 148.05
C THR A 346 1.10 -35.49 146.97
N ALA A 347 0.57 -34.28 147.14
CA ALA A 347 -0.30 -33.71 146.20
C ALA A 347 0.35 -33.64 144.85
N ILE A 348 1.53 -33.14 144.90
CA ILE A 348 2.38 -32.94 143.72
C ILE A 348 2.46 -34.21 142.97
N TYR A 349 2.83 -35.24 143.69
CA TYR A 349 2.97 -36.46 142.97
C TYR A 349 1.62 -36.87 142.49
N LEU A 351 -1.03 -35.49 141.96
CA LEU A 351 -1.56 -34.59 140.96
C LEU A 351 -0.92 -34.75 139.60
N THR A 352 0.35 -35.09 139.60
CA THR A 352 1.10 -35.27 138.37
C THR A 352 0.73 -36.53 137.65
N GLY A 353 0.09 -37.44 138.34
CA GLY A 353 -0.31 -38.72 137.76
C GLY A 353 -1.70 -38.64 137.24
N ALA A 354 -2.53 -37.84 137.94
CA ALA A 354 -3.91 -37.66 137.48
C ALA A 354 -3.91 -37.24 136.00
N VAL A 355 -3.06 -36.28 135.77
CA VAL A 355 -2.84 -35.67 134.47
C VAL A 355 -2.49 -36.72 133.45
N MET A 356 -1.70 -37.66 133.78
CA MET A 356 -1.34 -38.74 132.86
C MET A 356 -2.55 -39.50 132.50
N HIS A 357 -3.30 -39.81 133.54
CA HIS A 357 -4.57 -40.54 133.46
C HIS A 357 -5.60 -39.87 132.60
N TYR A 358 -5.66 -38.57 132.71
CA TYR A 358 -6.62 -37.85 131.93
C TYR A 358 -6.50 -38.14 130.45
N GLY A 359 -5.30 -38.13 130.00
CA GLY A 359 -5.01 -38.39 128.62
C GLY A 359 -5.42 -39.77 128.23
N ASN A 360 -5.80 -40.56 129.24
CA ASN A 360 -6.27 -41.94 129.01
C ASN A 360 -7.78 -42.01 129.06
N LEU A 361 -8.36 -40.93 129.52
CA LEU A 361 -9.78 -40.83 129.60
C LEU A 361 -10.33 -40.93 128.19
N LYS A 362 -11.25 -41.86 128.02
CA LYS A 362 -11.88 -42.15 126.74
C LYS A 362 -13.37 -41.98 126.78
N PHE A 363 -13.89 -41.63 125.63
CA PHE A 363 -15.31 -41.40 125.45
C PHE A 363 -15.84 -41.95 124.16
N GLN A 365 -19.69 -41.82 121.56
CA GLN A 365 -20.93 -41.21 121.09
C GLN A 365 -22.13 -41.96 121.61
N GLN A 367 -25.69 -43.31 121.37
CA GLN A 367 -26.44 -43.78 120.20
C GLN A 367 -27.54 -42.85 119.73
N ARG A 368 -27.55 -42.59 118.41
CA ARG A 368 -28.57 -41.76 117.79
C ARG A 368 -28.47 -40.33 118.23
N GLU A 369 -27.47 -40.08 119.01
CA GLU A 369 -27.20 -38.76 119.52
C GLU A 369 -25.77 -38.47 119.16
N GLU A 370 -25.47 -37.20 119.16
CA GLU A 370 -24.14 -36.72 118.84
C GLU A 370 -23.45 -36.35 120.15
N GLN A 371 -23.98 -36.90 121.23
CA GLN A 371 -23.41 -36.59 122.50
C GLN A 371 -22.36 -37.54 122.89
N ALA A 372 -21.54 -37.03 123.79
CA ALA A 372 -20.47 -37.77 124.35
C ALA A 372 -20.95 -38.42 125.61
N GLU A 373 -20.60 -39.68 125.71
CA GLU A 373 -20.91 -40.47 126.84
C GLU A 373 -19.61 -41.22 127.20
N PRO A 374 -19.33 -41.33 128.50
CA PRO A 374 -18.15 -41.99 128.98
C PRO A 374 -18.00 -43.39 128.44
N ASP A 375 -16.78 -43.73 128.06
CA ASP A 375 -16.50 -45.04 127.53
C ASP A 375 -15.94 -45.93 128.63
N GLY A 376 -16.32 -45.71 129.87
CA GLY A 376 -15.82 -46.55 130.96
C GLY A 376 -15.44 -45.73 132.18
N THR A 377 -15.52 -46.39 133.33
CA THR A 377 -15.13 -45.77 134.60
C THR A 377 -14.06 -46.61 135.25
N GLU A 378 -12.97 -46.69 134.54
CA GLU A 378 -11.80 -47.44 134.93
C GLU A 378 -10.76 -46.42 135.36
N VAL A 379 -10.55 -45.48 134.43
CA VAL A 379 -9.60 -44.45 134.54
C VAL A 379 -10.11 -43.28 135.28
N ALA A 380 -11.35 -43.01 135.07
CA ALA A 380 -11.91 -41.86 135.69
C ALA A 380 -11.78 -42.02 137.15
N ASP A 381 -11.94 -43.26 137.53
CA ASP A 381 -11.98 -43.69 138.92
C ASP A 381 -10.69 -43.29 139.59
N ALA A 383 -8.39 -41.15 138.27
CA ALA A 383 -8.17 -39.73 138.21
C ALA A 383 -8.95 -39.12 139.32
N ALA A 384 -10.15 -39.56 139.48
CA ALA A 384 -11.04 -39.02 140.50
C ALA A 384 -10.49 -39.15 141.89
N TYR A 385 -9.98 -40.30 142.21
CA TYR A 385 -9.47 -40.60 143.52
C TYR A 385 -8.20 -39.84 143.84
N LEU A 386 -7.33 -39.81 142.86
CA LEU A 386 -6.06 -39.17 142.95
C LEU A 386 -6.18 -37.71 143.15
N MET A 387 -7.29 -37.14 142.68
CA MET A 387 -7.53 -35.70 142.83
C MET A 387 -8.47 -35.39 144.01
N GLY A 388 -9.03 -36.40 144.63
CA GLY A 388 -9.94 -36.20 145.74
C GLY A 388 -11.30 -35.77 145.22
N LEU A 389 -11.71 -36.43 144.14
CA LEU A 389 -12.94 -36.18 143.41
C LEU A 389 -13.87 -37.43 143.43
N ASN A 390 -15.02 -37.27 142.80
CA ASN A 390 -15.98 -38.29 142.65
C ASN A 390 -16.15 -38.60 141.15
N SER A 391 -15.86 -39.84 140.81
CA SER A 391 -15.89 -40.34 139.44
C SER A 391 -17.04 -39.82 138.63
N ALA A 392 -18.22 -39.96 139.19
CA ALA A 392 -19.45 -39.61 138.49
C ALA A 392 -19.57 -38.17 138.18
N GLU A 393 -19.61 -37.43 139.27
CA GLU A 393 -19.80 -36.03 139.29
C GLU A 393 -18.90 -35.46 138.28
N LEU A 394 -17.72 -36.06 138.24
CA LEU A 394 -16.65 -35.66 137.32
C LEU A 394 -17.04 -35.91 135.85
N LEU A 395 -17.45 -37.13 135.55
CA LEU A 395 -17.79 -37.47 134.19
C LEU A 395 -18.98 -36.77 133.64
N LYS A 396 -19.82 -36.28 134.56
CA LYS A 396 -21.02 -35.57 134.18
C LYS A 396 -20.63 -34.20 133.66
N ALA A 397 -20.07 -33.47 134.62
CA ALA A 397 -19.55 -32.12 134.42
C ALA A 397 -18.80 -32.05 133.11
N LEU A 398 -18.00 -33.08 132.89
CA LEU A 398 -17.24 -33.19 131.66
C LEU A 398 -18.09 -33.33 130.42
N CYS A 399 -19.10 -34.22 130.51
CA CYS A 399 -20.01 -34.56 129.42
C CYS A 399 -21.16 -33.58 129.25
N TYR A 400 -21.74 -33.16 130.37
CA TYR A 400 -22.85 -32.25 130.41
C TYR A 400 -22.52 -31.02 131.19
N PRO A 401 -21.58 -30.31 130.65
CA PRO A 401 -21.12 -29.05 131.19
C PRO A 401 -22.28 -28.19 131.50
N ARG A 402 -22.46 -27.84 132.78
CA ARG A 402 -23.55 -26.94 133.17
C ARG A 402 -23.08 -25.52 133.33
N VAL A 403 -23.40 -24.78 132.29
CA VAL A 403 -23.10 -23.40 132.01
C VAL A 403 -24.09 -22.43 132.69
N GLY A 404 -23.87 -21.12 132.48
CA GLY A 404 -24.70 -20.04 133.04
C GLY A 404 -24.91 -18.81 132.12
N VAL A 405 -25.60 -19.03 130.96
CA VAL A 405 -25.96 -18.03 129.93
C VAL A 405 -27.27 -17.28 130.24
N GLY A 406 -27.14 -15.99 130.48
CA GLY A 406 -28.25 -15.16 130.84
C GLY A 406 -28.03 -14.82 132.30
N ASN A 407 -28.97 -15.17 133.17
CA ASN A 407 -28.82 -14.92 134.59
C ASN A 407 -28.90 -16.19 135.42
N GLU A 408 -28.93 -17.30 134.67
CA GLU A 408 -29.05 -18.61 135.25
C GLU A 408 -27.87 -19.51 134.85
N ALA A 409 -28.14 -20.79 134.98
CA ALA A 409 -27.20 -21.83 134.69
C ALA A 409 -27.82 -22.93 133.81
N VAL A 410 -27.49 -22.82 132.52
CA VAL A 410 -27.96 -23.68 131.45
C VAL A 410 -27.10 -24.87 131.15
N THR A 411 -27.64 -26.06 131.35
CA THR A 411 -26.89 -27.27 131.07
C THR A 411 -26.70 -27.56 129.59
N GLY A 413 -24.64 -29.68 126.43
CA GLY A 413 -24.11 -30.95 126.00
C GLY A 413 -22.93 -30.81 125.04
N GLU A 414 -21.96 -31.69 125.21
CA GLU A 414 -20.79 -31.67 124.39
C GLU A 414 -20.59 -32.89 123.52
N THR A 415 -19.75 -32.72 122.51
CA THR A 415 -19.42 -33.76 121.57
C THR A 415 -18.20 -34.49 122.04
N VAL A 416 -17.94 -35.61 121.38
CA VAL A 416 -16.81 -36.42 121.72
C VAL A 416 -15.56 -35.54 121.55
N SER A 417 -15.43 -34.96 120.40
CA SER A 417 -14.31 -34.07 120.10
C SER A 417 -14.19 -32.95 121.07
N GLU A 418 -15.31 -32.52 121.64
CA GLU A 418 -15.30 -31.42 122.56
C GLU A 418 -14.76 -31.80 123.93
N VAL A 419 -15.00 -33.04 124.28
CA VAL A 419 -14.58 -33.52 125.59
C VAL A 419 -13.11 -33.72 125.62
N HIS A 420 -12.67 -34.54 124.67
CA HIS A 420 -11.25 -34.87 124.55
C HIS A 420 -10.43 -33.61 124.63
N ASN A 421 -10.94 -32.56 124.00
CA ASN A 421 -10.26 -31.29 123.99
C ASN A 421 -10.40 -30.63 125.35
N SER A 422 -11.56 -30.70 125.99
CA SER A 422 -11.64 -30.02 127.29
C SER A 422 -10.77 -30.64 128.37
N VAL A 423 -10.73 -31.92 128.32
CA VAL A 423 -9.93 -32.68 129.24
C VAL A 423 -8.51 -32.18 129.15
N GLY A 424 -8.00 -32.20 127.94
CA GLY A 424 -6.69 -31.72 127.66
C GLY A 424 -6.51 -30.33 128.19
N ALA A 425 -7.57 -29.54 128.13
CA ALA A 425 -7.44 -28.21 128.65
C ALA A 425 -7.26 -28.16 130.13
N LEU A 426 -7.93 -29.06 130.82
CA LEU A 426 -7.73 -29.05 132.27
C LEU A 426 -6.36 -29.59 132.66
N ALA A 427 -5.97 -30.73 132.02
CA ALA A 427 -4.71 -31.36 132.21
C ALA A 427 -3.65 -30.32 132.21
N ALA A 429 -4.14 -26.98 132.26
CA ALA A 429 -4.45 -25.96 133.24
C ALA A 429 -3.92 -26.31 134.61
N VAL A 430 -4.27 -27.50 135.06
CA VAL A 430 -3.84 -28.01 136.34
C VAL A 430 -2.35 -28.07 136.55
N TYR A 431 -1.67 -28.64 135.56
CA TYR A 431 -0.21 -28.73 135.60
C TYR A 431 0.41 -27.38 135.82
N GLU A 432 0.03 -26.44 134.93
CA GLU A 432 0.50 -25.09 135.00
C GLU A 432 0.42 -24.52 136.37
N MET A 434 -0.21 -25.58 139.18
CA MET A 434 0.60 -26.32 140.14
C MET A 434 1.99 -25.82 140.10
N PHE A 435 2.51 -25.78 138.91
CA PHE A 435 3.84 -25.31 138.70
C PHE A 435 4.01 -23.96 139.26
N LEU A 436 2.97 -23.13 139.05
CA LEU A 436 3.02 -21.78 139.58
C LEU A 436 3.09 -21.80 141.08
N TRP A 437 2.24 -22.62 141.65
CA TRP A 437 2.15 -22.77 143.08
C TRP A 437 3.49 -23.15 143.68
N MET A 438 4.08 -24.21 143.12
CA MET A 438 5.36 -24.70 143.60
C MET A 438 6.31 -23.57 143.71
N VAL A 439 6.32 -22.76 142.66
CA VAL A 439 7.20 -21.61 142.67
C VAL A 439 6.91 -20.73 143.86
N ILE A 440 5.66 -20.37 144.03
CA ILE A 440 5.26 -19.55 145.16
C ILE A 440 5.71 -20.15 146.47
N ARG A 441 5.41 -21.40 146.64
CA ARG A 441 5.78 -22.05 147.85
C ARG A 441 7.27 -21.98 148.07
N ILE A 442 8.00 -22.08 146.97
CA ILE A 442 9.45 -22.01 147.07
C ILE A 442 9.78 -20.63 147.65
N ASN A 443 9.34 -19.62 146.93
CA ASN A 443 9.51 -18.22 147.28
C ASN A 443 9.22 -18.02 148.75
N GLN A 444 8.21 -18.74 149.23
CA GLN A 444 7.82 -18.60 150.60
C GLN A 444 8.83 -19.01 151.61
N GLN A 445 9.53 -20.04 151.26
CA GLN A 445 10.57 -20.51 152.14
C GLN A 445 11.73 -19.56 152.00
N LEU A 446 11.95 -19.13 150.76
CA LEU A 446 13.06 -18.25 150.44
C LEU A 446 12.85 -16.85 151.01
N ASP A 447 11.88 -16.74 151.90
CA ASP A 447 11.55 -15.47 152.56
C ASP A 447 12.09 -15.47 153.96
N THR A 448 12.94 -14.49 154.19
CA THR A 448 13.48 -14.40 155.51
C THR A 448 13.07 -13.08 156.07
N LYS A 449 13.31 -12.93 157.36
CA LYS A 449 12.98 -11.71 158.07
C LYS A 449 14.10 -10.69 157.96
N GLN A 450 15.37 -11.18 157.93
CA GLN A 450 16.55 -10.30 157.81
C GLN A 450 16.38 -9.20 156.79
N PRO A 451 16.97 -8.05 157.09
CA PRO A 451 16.85 -6.88 156.22
C PRO A 451 17.54 -7.10 154.91
N ARG A 452 17.02 -6.38 153.92
CA ARG A 452 17.52 -6.42 152.55
C ARG A 452 17.78 -4.99 152.08
N GLN A 453 18.97 -4.78 151.44
CA GLN A 453 19.25 -3.43 151.02
C GLN A 453 19.31 -3.30 149.52
N TYR A 454 19.73 -4.40 148.90
CA TYR A 454 19.81 -4.50 147.45
C TYR A 454 19.71 -5.92 146.98
N PHE A 455 19.49 -6.05 145.68
CA PHE A 455 19.33 -7.38 145.10
C PHE A 455 20.03 -7.43 143.77
N ILE A 456 20.22 -8.65 143.30
CA ILE A 456 20.83 -8.84 142.02
C ILE A 456 19.95 -9.75 141.21
N GLY A 457 19.35 -9.19 140.19
CA GLY A 457 18.44 -9.95 139.38
C GLY A 457 19.10 -10.66 138.25
N VAL A 458 18.72 -11.92 138.16
CA VAL A 458 19.19 -12.80 137.16
C VAL A 458 18.02 -13.24 136.31
N LEU A 459 17.98 -12.74 135.11
CA LEU A 459 16.94 -13.00 134.19
C LEU A 459 17.36 -13.98 133.11
N ASP A 460 16.58 -15.03 132.98
CA ASP A 460 16.75 -16.09 132.00
C ASP A 460 15.45 -16.25 131.25
N ILE A 461 15.50 -15.99 129.96
CA ILE A 461 14.41 -16.03 129.03
C ILE A 461 14.99 -16.29 127.66
N ALA A 462 14.13 -16.57 126.72
CA ALA A 462 14.52 -16.77 125.37
C ALA A 462 14.69 -15.50 124.55
N GLY A 463 15.43 -15.69 123.47
CA GLY A 463 15.68 -14.60 122.61
C GLY A 463 14.94 -14.79 121.36
N PHE A 464 14.77 -13.67 120.71
CA PHE A 464 14.12 -13.54 119.45
C PHE A 464 14.56 -14.65 118.54
N GLU A 465 13.58 -15.48 118.24
CA GLU A 465 13.75 -16.61 117.35
C GLU A 465 12.76 -16.40 116.21
N ILE A 466 13.23 -16.71 115.04
CA ILE A 466 12.36 -16.54 113.91
C ILE A 466 12.07 -17.87 113.31
N PHE A 467 10.83 -18.15 113.09
CA PHE A 467 10.51 -19.40 112.48
C PHE A 467 9.69 -19.19 111.27
N ASP A 468 9.71 -20.19 110.41
CA ASP A 468 8.91 -20.04 109.21
C ASP A 468 7.48 -19.91 109.64
N PHE A 469 7.25 -20.48 110.84
CA PHE A 469 5.94 -20.42 111.45
C PHE A 469 5.93 -19.66 112.76
N ASN A 470 5.36 -18.47 112.75
CA ASN A 470 5.31 -17.71 113.95
C ASN A 470 3.91 -17.51 114.45
N SER A 471 3.66 -18.06 115.59
CA SER A 471 2.37 -17.93 116.17
C SER A 471 2.43 -17.07 117.39
N PHE A 472 1.30 -17.06 118.07
CA PHE A 472 1.06 -16.23 119.24
C PHE A 472 2.19 -16.20 120.20
N GLU A 473 2.65 -17.38 120.53
CA GLU A 473 3.75 -17.50 121.50
C GLU A 473 5.00 -16.72 121.07
N GLN A 474 5.24 -16.68 119.75
CA GLN A 474 6.36 -15.99 119.21
C GLN A 474 6.27 -14.49 119.40
N LEU A 475 5.09 -14.01 119.16
CA LEU A 475 4.84 -12.58 119.37
C LEU A 475 5.20 -12.22 120.82
N CYS A 476 4.64 -12.97 121.77
CA CYS A 476 4.87 -12.69 123.16
C CYS A 476 6.35 -12.66 123.49
N ILE A 477 7.09 -13.63 122.98
CA ILE A 477 8.51 -13.65 123.27
C ILE A 477 9.25 -12.54 122.55
N ASN A 478 8.97 -12.40 121.25
CA ASN A 478 9.64 -11.38 120.47
C ASN A 478 9.42 -10.03 121.08
N PHE A 479 8.20 -9.82 121.47
CA PHE A 479 7.86 -8.57 122.08
C PHE A 479 8.69 -8.37 123.32
N THR A 480 8.92 -9.45 124.05
CA THR A 480 9.68 -9.33 125.25
C THR A 480 11.06 -8.87 124.91
N ASN A 481 11.62 -9.54 123.92
CA ASN A 481 12.97 -9.21 123.50
C ASN A 481 13.09 -7.82 122.89
N GLU A 482 12.17 -7.43 122.04
CA GLU A 482 12.32 -6.14 121.44
C GLU A 482 12.34 -5.05 122.48
N LEU A 484 13.58 -5.58 125.74
CA LEU A 484 14.87 -5.83 126.39
C LEU A 484 16.00 -5.13 125.64
N GLN A 485 15.93 -5.25 124.31
CA GLN A 485 16.86 -4.61 123.40
C GLN A 485 16.93 -3.10 123.57
N GLN A 486 15.76 -2.45 123.51
CA GLN A 486 15.63 -1.03 123.68
C GLN A 486 16.16 -0.63 124.98
N PHE A 487 16.06 -1.59 125.88
CA PHE A 487 16.50 -1.39 127.27
C PHE A 487 17.98 -1.21 127.35
N PHE A 488 18.61 -1.95 126.48
CA PHE A 488 20.04 -1.91 126.34
C PHE A 488 20.48 -0.64 125.58
N ASN A 489 19.99 -0.52 124.35
CA ASN A 489 20.28 0.60 123.47
C ASN A 489 20.25 1.93 124.19
N HIS A 490 19.45 1.97 125.21
CA HIS A 490 19.35 3.18 125.96
C HIS A 490 20.49 3.29 126.94
N HIS A 491 20.66 2.22 127.70
CA HIS A 491 21.71 2.14 128.72
C HIS A 491 23.03 2.46 128.07
N MET A 492 23.12 2.12 126.82
CA MET A 492 24.32 2.39 126.11
C MET A 492 24.42 3.84 125.71
N PHE A 493 23.27 4.41 125.47
CA PHE A 493 23.25 5.77 125.07
C PHE A 493 23.56 6.61 126.25
N VAL A 494 23.03 6.24 127.32
CA VAL A 494 23.32 6.93 128.53
C VAL A 494 24.77 6.86 128.84
N LEU A 495 25.27 5.63 128.82
CA LEU A 495 26.66 5.26 129.09
C LEU A 495 27.66 5.98 128.21
N GLU A 496 27.45 5.86 126.89
CA GLU A 496 28.30 6.49 125.91
C GLU A 496 28.52 7.98 126.24
N GLN A 497 27.42 8.67 126.29
CA GLN A 497 27.33 10.06 126.57
C GLN A 497 28.06 10.53 127.83
N GLU A 498 28.37 9.60 128.70
CA GLU A 498 29.07 9.97 129.91
C GLU A 498 30.52 10.19 129.52
N GLU A 499 31.04 9.31 128.67
CA GLU A 499 32.43 9.38 128.25
C GLU A 499 32.67 10.70 127.59
N TYR A 500 31.94 10.94 126.51
CA TYR A 500 32.10 12.21 125.83
C TYR A 500 31.96 13.43 126.77
N GLU A 503 35.46 12.99 129.07
CA GLU A 503 36.55 13.45 128.24
C GLU A 503 36.38 14.88 127.78
N GLY A 504 35.23 15.22 127.34
CA GLY A 504 35.19 16.57 126.91
C GLY A 504 35.04 16.59 125.43
N ILE A 505 34.66 15.45 124.88
CA ILE A 505 34.43 15.44 123.47
C ILE A 505 33.10 16.12 123.20
N GLU A 506 32.90 16.55 121.98
CA GLU A 506 31.69 17.18 121.64
C GLU A 506 30.90 16.36 120.65
N TRP A 507 30.11 15.41 121.19
CA TRP A 507 29.30 14.53 120.38
C TRP A 507 27.85 14.57 120.80
N GLU A 508 26.93 14.94 119.87
CA GLU A 508 25.53 14.93 120.24
C GLU A 508 24.81 13.82 119.56
N PHE A 509 23.93 13.20 120.34
CA PHE A 509 23.20 12.12 119.79
C PHE A 509 21.96 11.82 120.61
N ILE A 510 21.01 11.35 119.84
CA ILE A 510 19.70 10.92 120.22
C ILE A 510 19.76 9.52 120.83
N ASP A 511 18.89 9.25 121.80
CA ASP A 511 18.76 7.96 122.48
C ASP A 511 18.73 6.88 121.45
N PHE A 512 19.42 5.75 121.67
CA PHE A 512 19.37 4.74 120.63
C PHE A 512 18.17 3.89 120.75
N GLY A 513 17.50 3.99 121.88
CA GLY A 513 16.29 3.20 122.05
C GLY A 513 15.20 3.58 121.04
N MET A 514 14.99 4.86 120.95
CA MET A 514 14.04 5.52 120.14
C MET A 514 13.77 4.83 118.86
N ASP A 515 14.77 4.22 118.35
CA ASP A 515 14.54 3.60 117.05
C ASP A 515 13.49 2.52 117.13
N LEU A 516 13.39 1.92 118.31
CA LEU A 516 12.46 0.82 118.44
C LEU A 516 11.08 1.15 118.94
N ALA A 517 10.91 2.34 119.49
CA ALA A 517 9.62 2.74 120.03
C ALA A 517 8.48 2.52 119.06
N ALA A 518 8.73 2.65 117.79
CA ALA A 518 7.73 2.44 116.79
C ALA A 518 7.13 1.09 116.95
N CYS A 519 7.96 0.06 116.91
CA CYS A 519 7.44 -1.29 117.02
C CYS A 519 6.73 -1.56 118.33
N ILE A 520 7.36 -1.16 119.40
CA ILE A 520 6.71 -1.37 120.68
C ILE A 520 5.32 -0.75 120.78
N GLU A 521 5.18 0.54 120.45
CA GLU A 521 3.86 1.17 120.54
C GLU A 521 2.78 0.37 119.83
N LEU A 522 3.09 -0.12 118.66
CA LEU A 522 2.18 -0.86 117.79
C LEU A 522 1.64 -2.10 118.48
N ILE A 523 2.45 -2.68 119.33
CA ILE A 523 2.04 -3.86 120.03
C ILE A 523 1.30 -3.61 121.31
N GLU A 524 1.93 -2.82 122.19
CA GLU A 524 1.42 -2.52 123.52
C GLU A 524 0.46 -1.37 123.70
N PRO A 526 -2.78 1.18 123.12
CA PRO A 526 -4.22 0.96 123.06
C PRO A 526 -4.87 0.47 121.77
N MET A 527 -4.56 1.06 120.62
CA MET A 527 -5.30 0.47 119.51
C MET A 527 -4.46 -0.55 118.79
N GLY A 528 -3.37 -0.93 119.48
CA GLY A 528 -2.40 -1.90 119.00
C GLY A 528 -2.81 -3.35 119.15
N ILE A 529 -2.10 -4.21 118.42
CA ILE A 529 -2.31 -5.65 118.32
C ILE A 529 -2.94 -6.34 119.49
N PHE A 530 -2.27 -6.26 120.61
CA PHE A 530 -2.80 -6.87 121.82
C PHE A 530 -4.21 -6.45 122.13
N SER A 531 -4.44 -5.12 122.16
CA SER A 531 -5.77 -4.62 122.42
C SER A 531 -6.81 -5.21 121.49
N ILE A 532 -6.61 -4.98 120.20
CA ILE A 532 -7.50 -5.56 119.19
C ILE A 532 -7.65 -7.05 119.45
N LEU A 533 -6.56 -7.65 119.93
CA LEU A 533 -6.60 -9.02 120.28
C LEU A 533 -7.44 -9.29 121.50
N GLU A 534 -7.24 -8.51 122.50
CA GLU A 534 -7.97 -8.73 123.73
C GLU A 534 -9.35 -8.16 123.77
N GLU A 535 -9.74 -7.47 122.72
CA GLU A 535 -11.09 -6.88 122.75
C GLU A 535 -11.98 -7.91 122.19
N GLU A 536 -11.61 -8.26 120.95
CA GLU A 536 -12.33 -9.28 120.21
C GLU A 536 -12.62 -10.52 121.07
N CYS A 537 -11.79 -10.73 122.05
CA CYS A 537 -11.95 -11.87 122.91
C CYS A 537 -13.18 -11.71 123.73
N MET A 538 -13.76 -10.52 123.66
CA MET A 538 -14.97 -10.19 124.45
C MET A 538 -16.24 -10.38 123.63
N PHE A 539 -16.06 -10.52 122.33
CA PHE A 539 -17.12 -10.73 121.39
C PHE A 539 -17.41 -12.23 121.27
N PRO A 540 -18.52 -12.61 121.83
CA PRO A 540 -18.99 -13.98 121.88
C PRO A 540 -19.04 -14.69 120.56
N LYS A 541 -18.94 -13.97 119.50
CA LYS A 541 -19.10 -14.57 118.16
C LYS A 541 -18.07 -14.02 117.19
N ALA A 542 -16.86 -13.84 117.71
CA ALA A 542 -15.78 -13.33 116.88
C ALA A 542 -15.00 -14.47 116.27
N THR A 543 -14.26 -14.16 115.22
CA THR A 543 -13.48 -15.18 114.54
C THR A 543 -12.06 -14.71 114.46
N ASP A 544 -11.20 -15.66 114.20
CA ASP A 544 -9.80 -15.35 114.01
C ASP A 544 -9.84 -14.35 112.83
N THR A 545 -10.63 -14.73 111.84
CA THR A 545 -10.85 -13.94 110.65
C THR A 545 -11.37 -12.57 111.01
N SER A 546 -12.29 -12.55 111.94
CA SER A 546 -12.85 -11.29 112.39
C SER A 546 -11.71 -10.41 112.88
N PHE A 547 -11.04 -10.94 113.89
CA PHE A 547 -9.90 -10.32 114.52
C PHE A 547 -8.94 -9.78 113.50
N ASN A 549 -9.30 -8.92 110.32
CA ASN A 549 -9.77 -7.72 109.65
C ASN A 549 -9.64 -6.49 110.52
N LEU A 551 -7.60 -5.99 112.69
CA LEU A 551 -6.21 -5.69 112.77
C LEU A 551 -5.84 -4.82 111.59
N TYR A 552 -6.34 -5.19 110.43
CA TYR A 552 -5.94 -4.44 109.24
C TYR A 552 -6.56 -3.08 109.13
N ASP A 553 -7.88 -3.09 109.06
CA ASP A 553 -8.67 -1.86 108.90
C ASP A 553 -8.08 -0.72 109.69
N GLU A 554 -7.48 -1.09 110.82
CA GLU A 554 -6.90 -0.11 111.72
C GLU A 554 -5.41 0.13 111.61
N HIS A 555 -4.63 -0.86 111.19
CA HIS A 555 -3.20 -0.58 111.14
C HIS A 555 -2.64 -0.52 109.75
N LEU A 556 -3.26 -1.28 108.86
CA LEU A 556 -2.77 -1.33 107.52
C LEU A 556 -2.83 -0.03 106.75
N GLY A 557 -1.69 0.27 106.17
CA GLY A 557 -1.49 1.47 105.38
C GLY A 557 -1.18 2.67 106.27
N LYS A 558 -1.66 2.60 107.49
CA LYS A 558 -1.51 3.67 108.45
C LYS A 558 -0.28 3.48 109.31
N SER A 559 0.18 2.24 109.35
CA SER A 559 1.34 1.91 110.16
C SER A 559 2.43 1.23 109.36
N ASN A 560 3.63 1.74 109.56
CA ASN A 560 4.80 1.38 108.79
C ASN A 560 5.37 0.02 109.20
N ASN A 561 5.34 -0.24 110.48
CA ASN A 561 5.90 -1.47 110.96
C ASN A 561 4.96 -2.62 110.69
N PHE A 562 3.78 -2.20 110.29
CA PHE A 562 2.70 -3.11 109.96
C PHE A 562 2.70 -3.41 108.46
N GLN A 563 2.59 -4.68 108.15
CA GLN A 563 2.68 -5.10 106.77
C GLN A 563 1.92 -6.40 106.55
N LYS A 564 1.51 -6.60 105.29
CA LYS A 564 0.83 -7.84 104.91
C LYS A 564 1.88 -8.79 104.37
N PRO A 565 1.79 -10.06 104.77
CA PRO A 565 2.81 -11.00 104.51
C PRO A 565 3.13 -11.33 103.14
N LYS A 566 4.39 -11.71 103.26
CA LYS A 566 5.10 -12.41 102.26
C LYS A 566 4.78 -13.86 102.63
N PRO A 567 3.86 -14.45 101.83
CA PRO A 567 3.43 -15.83 102.01
C PRO A 567 4.48 -16.92 101.63
N ALA A 568 5.46 -16.62 100.78
CA ALA A 568 6.40 -17.66 100.23
C ALA A 568 7.87 -17.41 100.58
N LYS A 569 8.59 -18.48 100.53
CA LYS A 569 9.95 -18.60 101.00
C LYS A 569 9.86 -19.89 101.81
N GLY A 570 10.29 -19.84 103.04
CA GLY A 570 10.20 -21.01 103.92
C GLY A 570 8.94 -20.95 104.81
N LYS A 571 8.12 -19.92 104.60
CA LYS A 571 6.88 -19.66 105.42
C LYS A 571 5.71 -20.56 104.96
N ALA A 572 4.73 -20.72 105.88
CA ALA A 572 3.60 -21.70 105.71
C ALA A 572 2.22 -21.08 105.39
N GLU A 573 1.97 -19.87 105.84
CA GLU A 573 0.77 -19.14 105.41
C GLU A 573 0.87 -17.65 105.59
N ALA A 574 -0.23 -16.98 105.32
CA ALA A 574 -0.24 -15.52 105.37
C ALA A 574 -1.08 -14.96 106.57
N HIS A 575 -0.57 -13.86 107.22
CA HIS A 575 -1.49 -12.94 108.04
C HIS A 575 -0.87 -11.59 108.33
N PHE A 576 0.27 -11.53 108.92
CA PHE A 576 0.85 -10.22 109.10
C PHE A 576 2.24 -10.29 109.64
N SER A 577 2.99 -9.42 109.04
CA SER A 577 4.36 -9.27 109.38
C SER A 577 4.54 -7.99 110.13
N LEU A 578 5.53 -8.04 110.96
CA LEU A 578 5.98 -6.93 111.75
C LEU A 578 7.45 -6.67 111.50
N VAL A 579 7.84 -5.45 111.73
CA VAL A 579 9.20 -5.08 111.53
C VAL A 579 9.96 -4.82 112.82
N HIS A 580 10.45 -5.90 113.41
CA HIS A 580 11.19 -5.85 114.65
C HIS A 580 12.62 -5.44 114.38
N TYR A 581 13.37 -5.08 115.44
CA TYR A 581 14.75 -4.69 115.22
C TYR A 581 15.58 -5.74 114.49
N ALA A 582 15.34 -7.02 114.87
CA ALA A 582 16.06 -8.16 114.29
C ALA A 582 15.68 -8.45 112.83
N GLY A 583 14.45 -8.06 112.51
CA GLY A 583 13.94 -8.23 111.17
C GLY A 583 12.44 -8.36 111.13
N THR A 584 11.96 -8.90 109.98
CA THR A 584 10.56 -9.08 109.67
C THR A 584 10.06 -10.42 110.10
N VAL A 585 9.01 -10.39 110.89
CA VAL A 585 8.46 -11.65 111.35
C VAL A 585 7.05 -11.81 110.78
N ASP A 586 6.86 -12.95 110.16
CA ASP A 586 5.60 -13.30 109.54
C ASP A 586 4.77 -14.08 110.53
N TYR A 587 3.68 -13.44 110.97
CA TYR A 587 2.82 -14.03 112.01
C TYR A 587 1.54 -14.61 111.47
N ASN A 588 1.23 -15.80 111.99
CA ASN A 588 0.00 -16.54 111.68
C ASN A 588 -0.92 -16.46 112.87
N ILE A 589 -2.09 -15.97 112.62
CA ILE A 589 -3.14 -15.72 113.61
C ILE A 589 -4.16 -16.80 113.68
N SER A 590 -3.84 -17.95 114.16
CA SER A 590 -4.89 -18.93 114.11
C SER A 590 -4.94 -19.75 115.35
N GLY A 591 -5.81 -19.34 116.23
CA GLY A 591 -6.02 -20.05 117.46
C GLY A 591 -5.91 -19.06 118.55
N TRP A 592 -5.46 -17.91 118.04
CA TRP A 592 -5.16 -16.84 118.96
C TRP A 592 -6.28 -16.52 119.87
N LEU A 593 -7.41 -16.30 119.21
CA LEU A 593 -8.62 -15.93 119.97
C LEU A 593 -8.85 -16.86 121.12
N GLU A 594 -8.83 -18.13 120.81
CA GLU A 594 -8.97 -19.20 121.80
C GLU A 594 -7.91 -19.22 122.86
N ASN A 596 -5.98 -17.25 123.63
CA ASN A 596 -6.05 -16.08 124.44
C ASN A 596 -7.23 -16.09 125.44
N ASP A 598 -8.37 -18.85 127.19
CA ASP A 598 -8.14 -19.87 128.18
C ASP A 598 -9.43 -20.45 128.66
N PRO A 599 -10.17 -20.98 127.71
CA PRO A 599 -11.44 -21.62 127.97
C PRO A 599 -11.28 -22.89 128.79
N LEU A 600 -11.97 -22.92 129.93
CA LEU A 600 -11.94 -24.03 130.86
C LEU A 600 -13.36 -24.40 131.33
N ASN A 601 -13.71 -25.68 131.36
CA ASN A 601 -15.02 -26.11 131.82
C ASN A 601 -15.18 -25.87 133.28
N GLU A 602 -15.87 -24.82 133.52
CA GLU A 602 -16.12 -24.32 134.83
C GLU A 602 -16.84 -25.25 135.78
N THR A 603 -17.54 -26.25 135.25
CA THR A 603 -18.24 -27.16 136.10
C THR A 603 -17.24 -27.98 136.86
N VAL A 604 -16.30 -28.49 136.08
CA VAL A 604 -15.21 -29.28 136.62
C VAL A 604 -14.38 -28.54 137.65
N ILE A 605 -14.00 -27.35 137.27
CA ILE A 605 -13.21 -26.50 138.12
C ILE A 605 -13.90 -26.39 139.43
N GLY A 606 -15.22 -26.49 139.32
CA GLY A 606 -16.05 -26.40 140.50
C GLY A 606 -15.63 -27.49 141.44
N LEU A 607 -15.65 -28.68 140.89
CA LEU A 607 -15.27 -29.87 141.64
C LEU A 607 -13.91 -29.72 142.27
N TYR A 608 -12.96 -29.18 141.50
CA TYR A 608 -11.62 -29.03 142.02
C TYR A 608 -11.70 -28.16 143.24
N GLN A 609 -12.41 -27.10 143.03
CA GLN A 609 -12.58 -26.10 144.07
C GLN A 609 -13.05 -26.67 145.40
N SER A 611 -12.33 -30.03 146.35
CA SER A 611 -11.64 -31.30 146.46
C SER A 611 -11.26 -31.65 147.88
N SER A 612 -10.96 -32.91 148.07
CA SER A 612 -10.53 -33.40 149.38
C SER A 612 -9.02 -33.21 149.50
N VAL A 613 -8.44 -32.86 148.34
CA VAL A 613 -7.03 -32.63 148.19
C VAL A 613 -6.77 -31.15 148.15
N THR A 615 -4.58 -28.90 148.40
CA THR A 615 -3.69 -28.31 147.43
C THR A 615 -4.38 -28.09 146.10
N LEU A 616 -5.01 -29.11 145.60
CA LEU A 616 -5.75 -29.00 144.35
C LEU A 616 -6.78 -27.99 144.52
N ALA A 617 -7.42 -28.04 145.69
CA ALA A 617 -8.42 -27.04 145.96
C ALA A 617 -7.84 -25.66 145.90
N LEU A 618 -6.72 -25.49 146.48
CA LEU A 618 -6.10 -24.18 146.48
C LEU A 618 -5.84 -23.57 145.16
N LEU A 619 -5.06 -24.32 144.35
CA LEU A 619 -4.64 -23.90 143.02
C LEU A 619 -5.72 -23.18 142.24
N PHE A 620 -7.15 -23.65 142.53
CA PHE A 620 -8.29 -23.11 141.82
C PHE A 620 -8.98 -21.87 142.37
N ALA A 621 -8.73 -21.55 143.60
CA ALA A 621 -9.33 -20.47 144.37
C ALA A 621 -9.59 -19.18 143.61
N THR A 622 -8.54 -18.72 142.97
CA THR A 622 -8.56 -17.44 142.21
C THR A 622 -9.55 -17.50 141.03
N TYR A 623 -9.76 -18.63 140.45
CA TYR A 623 -10.86 -18.77 139.50
C TYR A 623 -12.20 -18.68 140.22
N GLY A 624 -12.34 -19.38 141.34
CA GLY A 624 -13.59 -19.37 142.11
C GLY A 624 -13.98 -18.00 142.64
N GLY A 625 -12.97 -17.14 142.96
CA GLY A 625 -13.27 -15.82 143.50
C GLY A 625 -13.67 -14.83 142.43
N GLU A 626 -13.36 -14.92 141.11
CA GLU A 626 -13.79 -13.96 140.07
C GLU A 626 -15.12 -14.39 139.46
N ALA A 627 -15.72 -15.51 139.63
CA ALA A 627 -16.95 -15.95 138.94
C ALA A 627 -18.08 -14.95 139.20
N GLU A 628 -18.05 -14.30 140.32
CA GLU A 628 -19.06 -13.32 140.74
C GLU A 628 -19.29 -12.28 139.64
N GLY A 629 -18.16 -11.85 139.08
CA GLY A 629 -17.92 -10.88 138.08
C GLY A 629 -18.37 -11.13 136.63
N GLY A 630 -18.49 -12.42 136.32
CA GLY A 630 -18.89 -12.86 134.97
C GLY A 630 -20.10 -13.79 135.14
N GLY A 631 -21.02 -13.39 135.98
CA GLY A 631 -22.18 -14.17 136.29
C GLY A 631 -23.03 -14.51 135.09
N GLY A 632 -23.36 -13.56 134.23
CA GLY A 632 -24.22 -13.83 133.07
C GLY A 632 -23.47 -13.83 131.72
N LYS A 633 -24.10 -14.40 130.74
CA LYS A 633 -23.60 -14.63 129.37
C LYS A 633 -23.12 -13.31 128.76
N LYS A 634 -21.88 -13.35 128.19
CA LYS A 634 -21.37 -12.15 127.49
C LYS A 634 -20.49 -11.34 128.44
N GLY A 635 -20.01 -10.40 128.35
CA GLY A 635 -19.56 -9.48 129.35
C GLY A 635 -18.06 -9.60 129.57
N GLY A 636 -17.69 -9.29 130.78
CA GLY A 636 -16.30 -9.10 131.21
C GLY A 636 -15.96 -9.97 132.43
N LYS A 637 -15.01 -10.83 132.27
CA LYS A 637 -14.57 -11.77 133.32
C LYS A 637 -13.92 -10.99 134.47
N LYS A 638 -13.33 -9.81 134.15
CA LYS A 638 -12.47 -9.07 135.08
C LYS A 638 -13.29 -8.54 136.26
N LYS A 639 -14.52 -8.36 136.19
CA LYS A 639 -15.49 -7.84 137.17
C LYS A 639 -15.37 -8.61 138.49
N GLY A 640 -15.00 -9.86 138.39
CA GLY A 640 -14.83 -10.81 139.48
C GLY A 640 -13.41 -11.28 139.64
N SER A 641 -12.50 -10.71 138.85
CA SER A 641 -11.06 -10.99 138.95
C SER A 641 -10.68 -12.10 137.97
N SER A 642 -11.46 -12.46 137.01
CA SER A 642 -11.08 -13.48 136.02
C SER A 642 -10.37 -12.84 134.83
N PHE A 643 -9.44 -13.50 134.23
CA PHE A 643 -8.67 -12.94 133.10
C PHE A 643 -9.58 -12.74 131.89
N GLN A 644 -9.29 -11.64 131.25
CA GLN A 644 -10.10 -11.29 130.07
C GLN A 644 -9.32 -11.60 128.78
N THR A 645 -8.02 -11.68 128.91
CA THR A 645 -7.03 -11.84 127.83
C THR A 645 -6.00 -12.91 128.17
N VAL A 646 -5.48 -13.62 127.14
CA VAL A 646 -4.30 -14.51 127.29
C VAL A 646 -3.00 -13.75 127.35
N SER A 647 -3.06 -12.73 127.40
CA SER A 647 -2.12 -11.69 127.01
C SER A 647 -2.24 -10.54 127.95
N ALA A 648 -3.39 -10.42 128.62
CA ALA A 648 -3.64 -9.37 129.61
C ALA A 648 -2.63 -9.37 130.74
N LEU A 649 -2.20 -10.54 131.17
CA LEU A 649 -1.21 -10.64 132.26
C LEU A 649 0.18 -10.43 131.79
N PHE A 650 0.50 -11.34 130.84
CA PHE A 650 1.78 -11.40 130.18
C PHE A 650 2.35 -10.00 130.15
N ARG A 651 1.50 -9.08 129.73
CA ARG A 651 1.81 -7.70 129.66
C ARG A 651 2.12 -7.18 131.09
N GLU A 652 1.22 -7.38 132.03
CA GLU A 652 1.28 -6.95 133.44
C GLU A 652 2.54 -7.45 134.14
N ASN A 653 2.86 -8.67 133.82
CA ASN A 653 4.02 -9.34 134.35
C ASN A 653 5.27 -8.76 133.69
N LEU A 654 5.18 -8.62 132.38
CA LEU A 654 6.25 -8.04 131.57
C LEU A 654 6.49 -6.60 131.93
N ASN A 655 5.57 -6.00 132.65
CA ASN A 655 5.74 -4.60 133.02
C ASN A 655 6.37 -4.45 134.36
N LEU A 657 8.25 -6.41 135.42
CA LEU A 657 9.58 -6.94 135.17
C LEU A 657 10.48 -5.87 134.66
N MET A 658 10.10 -5.32 133.52
CA MET A 658 10.85 -4.23 132.86
C MET A 658 11.01 -3.05 133.82
N ALA A 659 10.20 -3.01 134.88
CA ALA A 659 10.26 -1.94 135.86
C ALA A 659 11.31 -2.27 136.87
N ASN A 660 11.39 -3.54 137.16
CA ASN A 660 12.33 -4.07 138.13
C ASN A 660 13.71 -3.99 137.46
N LEU A 661 13.69 -4.13 136.15
CA LEU A 661 14.89 -4.11 135.35
C LEU A 661 15.52 -2.70 135.33
N ARG A 662 14.68 -1.66 135.44
CA ARG A 662 15.08 -0.27 135.43
C ARG A 662 15.81 0.19 136.68
N SER A 663 15.24 -0.15 137.86
CA SER A 663 15.86 0.18 139.15
C SER A 663 17.04 -0.71 139.38
N THR A 664 17.67 -1.06 138.26
CA THR A 664 18.76 -1.96 138.18
C THR A 664 19.85 -1.44 137.30
N HIS A 665 21.08 -1.85 137.62
CA HIS A 665 22.23 -1.61 136.76
C HIS A 665 22.44 -2.82 135.86
N PRO A 666 21.96 -2.75 134.66
CA PRO A 666 21.93 -3.84 133.73
C PRO A 666 23.31 -4.35 133.41
N HIS A 667 23.42 -5.68 133.47
CA HIS A 667 24.59 -6.45 133.13
C HIS A 667 24.13 -7.51 132.16
N PHE A 668 24.70 -7.51 130.97
CA PHE A 668 24.35 -8.36 129.85
C PHE A 668 25.24 -9.56 129.53
N VAL A 669 24.62 -10.66 129.23
CA VAL A 669 25.23 -11.93 128.86
C VAL A 669 24.48 -12.61 127.73
N ARG A 670 25.14 -12.81 126.62
CA ARG A 670 24.60 -13.41 125.40
C ARG A 670 25.19 -14.78 125.17
N CYS A 671 24.35 -15.82 125.24
CA CYS A 671 24.77 -17.20 125.08
C CYS A 671 24.67 -17.65 123.62
N ILE A 672 25.68 -18.31 123.09
CA ILE A 672 25.71 -18.73 121.70
C ILE A 672 25.85 -20.24 121.45
N ILE A 673 25.28 -20.68 120.34
CA ILE A 673 25.25 -22.07 119.92
C ILE A 673 25.91 -22.25 118.57
N PRO A 674 27.06 -22.87 118.63
CA PRO A 674 27.99 -23.12 117.58
C PRO A 674 27.48 -23.84 116.38
N ASN A 675 27.08 -25.10 116.57
CA ASN A 675 26.57 -25.91 115.45
C ASN A 675 25.45 -26.83 115.88
N GLU A 676 24.43 -26.88 115.03
CA GLU A 676 23.28 -27.71 115.28
C GLU A 676 23.67 -29.15 115.53
N THR A 677 24.77 -29.53 114.94
CA THR A 677 25.27 -30.89 115.05
C THR A 677 25.96 -31.24 116.35
N THR A 679 29.04 -30.34 118.14
CA THR A 679 30.44 -30.68 117.97
C THR A 679 31.29 -29.61 118.61
N PRO A 680 32.14 -29.98 119.50
CA PRO A 680 32.98 -28.97 120.13
C PRO A 680 33.97 -28.46 119.09
N GLY A 681 34.49 -27.26 119.35
CA GLY A 681 35.43 -26.56 118.48
C GLY A 681 34.94 -26.25 117.06
N ALA A 682 33.64 -26.24 116.84
CA ALA A 682 33.12 -25.96 115.50
C ALA A 682 32.04 -24.89 115.43
N MET A 683 31.80 -24.37 114.26
CA MET A 683 30.84 -23.32 114.18
C MET A 683 30.13 -23.14 112.84
N GLU A 684 28.81 -23.25 112.74
CA GLU A 684 28.36 -22.96 111.37
C GLU A 684 28.30 -21.47 111.30
N HIS A 685 28.65 -20.92 110.18
CA HIS A 685 28.65 -19.50 110.06
C HIS A 685 27.30 -18.83 110.24
N GLU A 686 26.52 -18.96 109.21
CA GLU A 686 25.25 -18.31 109.18
C GLU A 686 24.38 -18.56 110.39
N LEU A 687 24.67 -19.64 111.04
CA LEU A 687 23.95 -19.98 112.26
C LEU A 687 24.33 -19.04 113.39
N VAL A 688 25.63 -18.82 113.55
CA VAL A 688 26.14 -17.88 114.56
C VAL A 688 25.76 -16.43 114.12
N LEU A 689 25.85 -16.19 112.82
CA LEU A 689 25.53 -14.89 112.27
C LEU A 689 24.16 -14.44 112.69
N HIS A 690 23.24 -15.36 112.57
CA HIS A 690 21.87 -15.12 112.96
C HIS A 690 21.75 -14.58 114.35
N GLN A 691 22.24 -15.40 115.25
CA GLN A 691 22.18 -15.10 116.63
C GLN A 691 22.69 -13.73 116.91
N LEU A 692 23.78 -13.44 116.24
CA LEU A 692 24.38 -12.14 116.44
C LEU A 692 23.49 -10.94 116.19
N ARG A 693 22.58 -11.11 115.21
CA ARG A 693 21.68 -10.01 114.84
C ARG A 693 20.55 -9.84 115.81
N CYS A 694 20.03 -10.99 116.18
CA CYS A 694 18.92 -11.10 117.10
C CYS A 694 19.41 -11.00 118.52
N ASN A 695 20.69 -11.04 118.71
CA ASN A 695 21.27 -11.01 120.04
C ASN A 695 21.25 -9.64 120.64
N GLY A 696 21.67 -8.72 119.78
CA GLY A 696 21.91 -7.35 120.07
C GLY A 696 23.38 -7.01 119.83
N VAL A 697 24.19 -8.03 119.68
CA VAL A 697 25.61 -7.91 119.49
C VAL A 697 25.94 -7.09 118.27
N LEU A 698 25.24 -7.39 117.19
CA LEU A 698 25.49 -6.65 115.97
C LEU A 698 24.94 -5.27 116.04
N GLU A 699 24.03 -5.04 116.94
CA GLU A 699 23.47 -3.70 117.05
C GLU A 699 24.31 -2.87 117.97
N GLY A 700 25.04 -3.54 118.83
CA GLY A 700 25.90 -2.82 119.76
C GLY A 700 27.14 -2.38 119.03
N ILE A 701 27.49 -3.12 117.99
CA ILE A 701 28.64 -2.82 117.21
C ILE A 701 28.33 -1.62 116.36
N ARG A 702 27.11 -1.62 115.82
CA ARG A 702 26.60 -0.53 114.99
C ARG A 702 26.70 0.82 115.69
N ILE A 703 26.02 0.86 116.80
CA ILE A 703 25.95 2.01 117.68
C ILE A 703 27.33 2.45 118.11
N CYS A 704 28.26 1.51 118.09
CA CYS A 704 29.59 1.79 118.50
C CYS A 704 30.28 2.57 117.41
N ARG A 705 30.14 1.99 116.23
CA ARG A 705 30.70 2.51 115.01
C ARG A 705 30.10 3.82 114.55
N LYS A 706 29.26 4.41 115.36
CA LYS A 706 28.66 5.64 114.91
C LYS A 706 29.34 6.77 115.62
N GLY A 707 31.37 7.09 113.88
CA GLY A 707 31.57 7.64 115.22
C GLY A 707 32.93 7.17 115.72
N PHE A 708 32.89 6.64 116.92
CA PHE A 708 34.05 6.07 117.54
C PHE A 708 33.75 4.59 117.83
N PRO A 709 34.05 3.75 116.84
CA PRO A 709 33.79 2.33 116.90
C PRO A 709 34.29 1.67 118.19
N SER A 710 35.53 1.19 118.13
CA SER A 710 36.20 0.57 119.25
C SER A 710 36.28 1.48 120.47
N ARG A 711 35.84 0.90 121.59
CA ARG A 711 35.85 1.61 122.86
C ARG A 711 36.44 0.73 123.96
N VAL A 712 37.58 1.19 124.48
CA VAL A 712 38.30 0.44 125.47
C VAL A 712 37.98 0.85 126.87
N LEU A 713 37.76 -0.17 127.66
CA LEU A 713 37.56 0.00 129.08
C LEU A 713 38.98 0.19 129.64
N TYR A 714 39.03 1.15 130.50
CA TYR A 714 40.27 1.61 131.15
C TYR A 714 41.30 0.62 131.71
N ALA A 715 40.91 -0.33 132.54
CA ALA A 715 41.84 -1.34 133.04
C ALA A 715 42.34 -2.23 131.95
N ASP A 716 41.32 -2.61 131.11
CA ASP A 716 41.48 -3.40 129.93
C ASP A 716 42.44 -2.67 128.99
N PHE A 717 42.57 -1.35 129.30
CA PHE A 717 43.42 -0.48 128.54
C PHE A 717 44.81 -0.38 129.11
N LYS A 718 44.85 -0.43 130.43
CA LYS A 718 46.10 -0.33 131.16
C LYS A 718 46.97 -1.52 130.82
N GLN A 719 46.56 -2.65 131.41
CA GLN A 719 47.21 -3.92 131.24
C GLN A 719 47.84 -4.19 129.87
N ARG A 720 47.00 -4.14 128.85
CA ARG A 720 47.42 -4.42 127.49
C ARG A 720 48.44 -3.48 126.87
N TYR A 721 48.44 -2.23 127.36
CA TYR A 721 49.31 -1.24 126.72
C TYR A 721 50.32 -0.50 127.58
N ARG A 722 50.28 -0.74 128.89
CA ARG A 722 51.21 -0.10 129.84
C ARG A 722 52.63 -0.02 129.26
N VAL A 723 53.04 -1.18 128.76
CA VAL A 723 54.31 -1.47 128.13
C VAL A 723 54.77 -0.48 127.05
N LEU A 724 53.88 0.36 126.56
CA LEU A 724 54.23 1.25 125.43
C LEU A 724 55.12 2.44 125.85
N ASN A 725 54.93 2.93 127.04
CA ASN A 725 55.76 4.03 127.60
C ASN A 725 55.80 3.77 129.06
N ALA A 726 55.94 2.47 129.11
CA ALA A 726 55.96 1.57 130.23
C ALA A 726 55.95 2.29 131.56
N SER A 727 56.93 3.14 131.75
CA SER A 727 57.10 3.89 133.00
C SER A 727 55.91 4.81 133.28
N ALA A 728 55.63 5.64 132.29
CA ALA A 728 54.63 6.72 132.36
C ALA A 728 53.20 6.27 132.11
N ILE A 729 53.03 5.17 131.42
CA ILE A 729 51.68 4.63 131.18
C ILE A 729 51.30 3.74 132.38
N PRO A 730 52.27 3.00 132.96
CA PRO A 730 52.00 2.16 134.11
C PRO A 730 51.61 3.00 135.29
N GLU A 731 52.37 4.06 135.50
CA GLU A 731 52.14 4.99 136.61
C GLU A 731 50.72 5.55 136.52
N GLY A 732 50.36 5.95 135.31
CA GLY A 732 49.04 6.53 135.03
C GLY A 732 47.91 5.53 135.34
N GLN A 733 48.08 4.32 134.87
CA GLN A 733 47.05 3.27 135.04
C GLN A 733 46.88 2.83 136.49
N PHE A 734 47.98 2.80 137.20
CA PHE A 734 47.99 2.36 138.60
C PHE A 734 47.49 3.47 139.52
N MET A 735 47.93 4.66 139.19
CA MET A 735 47.68 5.88 140.00
C MET A 735 46.23 6.35 139.92
N ASP A 736 45.64 6.16 138.79
CA ASP A 736 44.20 6.34 138.64
C ASP A 736 43.70 5.51 137.49
N SER A 737 42.96 4.48 137.89
CA SER A 737 42.46 3.46 136.93
C SER A 737 42.08 4.06 135.59
N LYS A 738 41.55 5.25 135.67
CA LYS A 738 41.14 6.01 134.50
C LYS A 738 42.23 7.04 134.15
N LYS A 739 42.52 7.91 135.11
CA LYS A 739 43.53 8.98 134.93
C LYS A 739 44.80 8.43 134.28
N ALA A 740 45.02 7.15 134.54
CA ALA A 740 46.19 6.44 134.02
C ALA A 740 46.20 6.46 132.50
N SER A 741 45.22 5.74 131.91
CA SER A 741 45.07 5.64 130.47
C SER A 741 45.23 7.01 129.87
N GLU A 742 44.74 7.98 130.66
CA GLU A 742 44.83 9.35 130.23
C GLU A 742 46.28 9.66 130.05
N LYS A 743 46.91 9.66 131.21
CA LYS A 743 48.32 9.93 131.31
C LYS A 743 49.10 9.13 130.29
N LEU A 744 48.77 7.84 130.11
CA LEU A 744 49.53 7.03 129.17
C LEU A 744 49.62 7.59 127.79
N LEU A 745 48.47 7.90 127.24
CA LEU A 745 48.47 8.39 125.89
C LEU A 745 49.34 9.59 125.67
N GLY A 746 49.91 10.08 126.78
CA GLY A 746 50.85 11.17 126.77
C GLY A 746 51.89 10.88 125.71
N GLY A 747 52.47 9.66 125.72
CA GLY A 747 53.46 9.31 124.71
C GLY A 747 52.91 8.68 123.41
N GLY A 748 53.80 8.53 122.43
CA GLY A 748 53.50 7.93 121.15
C GLY A 748 53.41 8.96 120.04
N ASP A 749 53.85 8.61 118.84
CA ASP A 749 53.74 9.56 117.76
C ASP A 749 52.37 9.39 117.03
N VAL A 750 51.31 9.22 117.89
CA VAL A 750 49.87 8.98 117.57
C VAL A 750 48.93 10.20 117.50
N ASP A 751 47.87 10.12 116.65
CA ASP A 751 46.88 11.21 116.52
C ASP A 751 46.06 11.38 117.80
N HIS A 752 46.35 12.47 118.51
CA HIS A 752 45.71 12.71 119.79
C HIS A 752 44.24 13.19 119.66
N THR A 753 43.77 13.08 118.44
CA THR A 753 42.46 13.43 117.94
C THR A 753 41.53 12.22 117.99
N GLN A 754 41.92 11.26 117.14
CA GLN A 754 41.32 9.98 116.95
C GLN A 754 40.72 9.32 118.19
N TYR A 755 40.97 9.81 119.37
CA TYR A 755 40.39 9.16 120.54
C TYR A 755 39.59 10.15 121.35
N ALA A 756 38.97 9.62 122.40
CA ALA A 756 38.21 10.51 123.23
C ALA A 756 37.86 9.73 124.46
N PHE A 757 38.01 10.42 125.56
CA PHE A 757 37.82 9.78 126.83
C PHE A 757 36.51 10.14 127.42
N GLY A 758 36.11 9.32 128.38
CA GLY A 758 34.88 9.54 129.08
C GLY A 758 34.82 8.63 130.27
N HIS A 759 33.93 8.99 131.18
CA HIS A 759 33.69 8.29 132.45
C HIS A 759 33.96 6.80 132.58
N THR A 760 33.78 6.00 131.54
CA THR A 760 34.07 4.59 131.76
C THR A 760 35.02 4.04 130.74
N VAL A 762 37.51 4.91 126.85
CA VAL A 762 38.03 5.76 125.81
C VAL A 762 37.35 5.38 124.55
N PHE A 763 37.26 6.34 123.71
CA PHE A 763 36.71 6.11 122.44
C PHE A 763 37.81 6.27 121.48
N PHE A 764 37.74 5.40 120.46
CA PHE A 764 38.79 5.36 119.46
C PHE A 764 38.26 5.18 118.05
N ALA A 766 39.00 4.04 113.91
CA ALA A 766 39.51 2.83 113.32
C ALA A 766 41.01 2.81 113.19
N GLY A 767 39.81 3.44 111.16
CA GLY A 767 40.93 4.04 110.46
C GLY A 767 41.76 4.94 111.32
N LEU A 768 41.63 4.78 112.61
CA LEU A 768 42.37 5.62 113.49
C LEU A 768 43.67 4.98 113.84
N LEU A 769 43.48 3.78 114.41
CA LEU A 769 44.57 2.94 114.74
C LEU A 769 45.40 2.86 113.47
N GLY A 770 44.71 2.92 112.35
CA GLY A 770 45.37 2.92 111.08
C GLY A 770 46.22 4.16 110.99
N LEU A 771 45.66 5.24 111.46
CA LEU A 771 46.41 6.50 111.43
C LEU A 771 47.60 6.42 112.31
N LEU A 772 47.39 5.93 113.53
CA LEU A 772 48.47 5.77 114.46
C LEU A 772 49.71 5.12 113.87
N GLU A 773 49.55 3.88 113.50
CA GLU A 773 50.55 3.08 112.86
C GLU A 773 51.39 3.83 111.85
N GLU A 774 50.65 4.54 110.97
CA GLU A 774 51.30 5.27 109.91
C GLU A 774 52.38 6.18 110.46
N MET A 775 51.98 6.96 111.45
CA MET A 775 52.88 7.87 112.11
C MET A 775 54.04 7.05 112.63
N ARG A 776 53.67 5.96 113.19
CA ARG A 776 54.61 5.06 113.74
C ARG A 776 55.55 4.62 112.68
N ASP A 777 54.99 4.22 111.55
CA ASP A 777 55.77 3.76 110.42
C ASP A 777 56.88 4.73 110.11
N ASP A 778 56.52 6.01 109.92
CA ASP A 778 57.53 7.00 109.67
C ASP A 778 58.56 7.00 110.79
N LEU A 780 59.90 4.82 112.38
CA LEU A 780 60.90 3.78 112.46
C LEU A 780 61.91 3.92 111.37
N ALA A 781 61.47 4.54 110.26
CA ALA A 781 62.34 4.78 109.15
C ALA A 781 63.47 5.55 109.81
N GLU A 782 63.06 6.56 110.59
CA GLU A 782 63.95 7.39 111.38
C GLU A 782 64.83 6.38 112.15
N ILE A 783 64.23 5.73 113.12
CA ILE A 783 64.90 4.75 113.96
C ILE A 783 65.73 3.74 113.26
N ILE A 784 65.22 3.21 112.18
CA ILE A 784 65.97 2.18 111.51
C ILE A 784 67.13 2.73 110.72
N THR A 785 66.76 3.53 109.70
CA THR A 785 67.69 4.16 108.79
C THR A 785 68.95 4.64 109.51
N ALA A 786 68.76 5.22 110.68
CA ALA A 786 69.84 5.67 111.51
C ALA A 786 70.57 4.49 112.11
N THR A 787 69.83 3.46 112.48
CA THR A 787 70.51 2.31 113.08
C THR A 787 71.19 1.48 112.02
N GLN A 788 70.76 1.66 110.81
CA GLN A 788 71.38 0.89 109.76
C GLN A 788 72.77 1.43 109.59
N ALA A 789 72.80 2.71 109.17
CA ALA A 789 74.00 3.48 108.95
C ALA A 789 75.23 3.07 109.80
N ARG A 790 75.13 3.28 111.10
CA ARG A 790 76.18 3.01 112.08
C ARG A 790 76.73 1.61 111.78
N CYS A 791 75.78 0.69 111.70
CA CYS A 791 76.11 -0.67 111.36
C CYS A 791 76.99 -0.69 110.12
N ARG A 792 76.41 -0.18 109.01
CA ARG A 792 77.06 -0.10 107.72
C ARG A 792 78.44 0.45 107.95
N GLY A 793 78.45 1.62 108.57
CA GLY A 793 79.64 2.33 108.91
C GLY A 793 80.53 1.32 109.53
N PHE A 794 80.19 1.00 110.75
CA PHE A 794 80.89 0.03 111.55
C PHE A 794 81.30 -1.20 110.79
N LEU A 795 80.46 -1.58 109.88
CA LEU A 795 80.81 -2.79 109.19
C LEU A 795 82.09 -2.68 108.41
N MET A 796 82.19 -1.58 107.74
CA MET A 796 83.40 -1.37 106.96
C MET A 796 84.56 -1.00 107.84
N ARG A 797 84.26 -0.42 108.98
CA ARG A 797 85.31 -0.01 109.91
C ARG A 797 86.13 -1.20 110.33
N VAL A 798 85.58 -2.42 110.20
CA VAL A 798 86.28 -3.64 110.66
C VAL A 798 87.07 -4.18 109.49
N GLU A 799 86.60 -3.76 108.31
CA GLU A 799 87.25 -4.18 107.10
C GLU A 799 88.57 -3.50 106.97
N TYR A 800 88.60 -2.22 107.33
CA TYR A 800 89.84 -1.57 107.30
C TYR A 800 90.87 -2.28 108.23
N ARG A 801 90.48 -2.67 109.46
CA ARG A 801 91.34 -3.37 110.48
C ARG A 801 91.90 -4.70 110.00
N ALA A 802 91.22 -5.24 109.02
CA ALA A 802 91.59 -6.50 108.43
C ALA A 802 92.52 -6.23 107.26
N MET A 803 92.08 -5.35 106.36
CA MET A 803 92.84 -4.93 105.18
C MET A 803 94.26 -4.62 105.57
N VAL A 804 94.34 -3.76 106.57
CA VAL A 804 95.55 -3.29 107.17
C VAL A 804 96.45 -4.40 107.75
N GLU A 805 95.88 -5.28 108.55
CA GLU A 805 96.59 -6.41 109.14
C GLU A 805 97.31 -7.16 108.04
N ARG A 806 96.49 -7.55 107.10
CA ARG A 806 96.81 -8.26 105.89
C ARG A 806 97.98 -7.68 105.11
N ARG A 807 98.08 -6.35 105.22
CA ARG A 807 99.07 -5.52 104.53
C ARG A 807 100.33 -6.24 104.18
N GLU A 808 101.00 -6.72 105.20
CA GLU A 808 102.24 -7.38 104.94
C GLU A 808 102.18 -8.83 104.57
N SER A 809 101.32 -9.59 105.25
CA SER A 809 101.24 -11.01 104.97
C SER A 809 101.08 -11.28 103.52
N ILE A 810 100.55 -10.29 102.81
CA ILE A 810 100.40 -10.43 101.38
C ILE A 810 101.77 -10.38 100.74
N PHE A 811 102.42 -9.22 100.92
CA PHE A 811 103.74 -8.91 100.43
C PHE A 811 104.61 -10.11 100.54
N CYS A 812 104.60 -10.63 101.76
CA CYS A 812 105.36 -11.81 102.06
C CYS A 812 104.99 -12.84 101.06
N ILE A 813 103.70 -13.01 100.93
CA ILE A 813 103.27 -13.97 99.96
C ILE A 813 103.67 -13.48 98.60
N GLN A 814 103.39 -12.20 98.34
CA GLN A 814 103.68 -11.59 97.03
C GLN A 814 105.07 -11.89 96.51
N TYR A 815 106.03 -11.24 97.12
CA TYR A 815 107.43 -11.41 96.74
C TYR A 815 107.86 -12.86 96.69
N ASN A 816 107.56 -13.56 97.78
CA ASN A 816 107.94 -14.96 97.96
C ASN A 816 107.76 -15.90 96.82
N VAL A 817 106.65 -15.70 96.10
CA VAL A 817 106.29 -16.50 94.94
C VAL A 817 107.19 -16.17 93.76
N ARG A 818 107.22 -14.87 93.50
CA ARG A 818 108.04 -14.31 92.45
C ARG A 818 109.44 -14.92 92.41
N SER A 819 110.08 -15.03 93.60
CA SER A 819 111.38 -15.61 93.76
C SER A 819 111.41 -16.86 92.92
N PHE A 820 110.70 -17.80 93.47
CA PHE A 820 110.56 -19.10 92.95
C PHE A 820 110.40 -19.18 91.45
N MET A 821 109.56 -18.35 90.91
CA MET A 821 109.35 -18.34 89.48
C MET A 821 110.61 -18.05 88.69
N ASN A 822 111.51 -17.40 89.36
CA ASN A 822 112.75 -16.99 88.75
C ASN A 822 113.84 -17.99 88.94
N VAL A 823 113.83 -18.47 90.16
CA VAL A 823 114.79 -19.38 90.63
C VAL A 823 114.67 -20.77 90.08
N HIS A 825 114.21 -22.07 87.64
CA HIS A 825 114.81 -22.38 86.34
C HIS A 825 116.35 -22.32 86.37
N TRP A 826 116.95 -21.85 87.50
CA TRP A 826 118.39 -21.67 87.80
C TRP A 826 119.19 -22.94 88.23
N PRO A 827 120.17 -23.33 87.42
CA PRO A 827 121.02 -24.49 87.63
C PRO A 827 121.33 -24.75 89.07
N TRP A 828 121.89 -23.73 89.65
CA TRP A 828 122.33 -23.72 91.03
C TRP A 828 121.21 -24.04 91.93
N MET A 829 120.04 -23.55 91.55
CA MET A 829 118.94 -23.83 92.45
C MET A 829 118.42 -25.24 92.28
N LEU A 831 120.19 -27.67 91.50
CA LEU A 831 121.26 -28.45 92.15
C LEU A 831 120.98 -28.59 93.62
N PHE A 832 120.86 -27.43 94.25
CA PHE A 832 120.54 -27.35 95.71
C PHE A 832 119.38 -28.24 96.02
N PHE A 833 118.47 -28.25 95.05
CA PHE A 833 117.27 -29.01 95.18
C PHE A 833 117.53 -30.50 95.21
N ILE A 835 120.12 -31.89 95.75
CA ILE A 835 121.05 -32.08 96.87
C ILE A 835 120.50 -31.85 98.27
N PRO A 837 118.39 -32.88 99.91
CA PRO A 837 117.97 -33.99 100.73
C PRO A 837 119.06 -34.73 101.43
N LEU A 838 120.15 -35.02 100.70
CA LEU A 838 121.29 -35.75 101.29
C LEU A 838 121.77 -35.14 102.61
N LEU A 839 121.32 -33.92 102.86
CA LEU A 839 121.73 -33.21 104.02
C LEU A 839 121.02 -33.67 105.24
N LYS A 840 121.50 -33.12 106.33
CA LYS A 840 120.93 -33.40 107.63
C LYS A 840 121.01 -32.15 108.50
N PHE B 1 115.56 -11.91 107.16
CA PHE B 1 116.52 -13.01 107.12
C PHE B 1 116.84 -13.55 108.50
N ASP B 2 116.40 -14.77 108.75
CA ASP B 2 116.74 -15.44 110.01
C ASP B 2 118.15 -16.00 109.88
N GLU B 3 118.81 -16.23 111.01
CA GLU B 3 120.24 -16.58 110.97
C GLU B 3 120.54 -17.96 110.40
N THR B 4 119.59 -18.88 110.42
CA THR B 4 119.84 -20.20 109.86
C THR B 4 119.71 -20.19 108.33
N GLU B 5 118.92 -19.24 107.85
CA GLU B 5 118.75 -19.01 106.42
C GLU B 5 120.00 -18.32 105.84
N ILE B 6 120.63 -17.52 106.67
CA ILE B 6 121.88 -16.86 106.28
C ILE B 6 123.05 -17.84 106.34
N GLU B 7 122.94 -18.82 107.20
CA GLU B 7 123.95 -19.89 107.26
C GLU B 7 123.78 -20.90 106.13
N ASP B 8 122.57 -21.00 105.61
CA ASP B 8 122.31 -21.84 104.43
C ASP B 8 122.85 -21.18 103.18
N PHE B 9 122.80 -19.85 103.15
CA PHE B 9 123.38 -19.11 102.02
C PHE B 9 124.90 -19.02 102.11
N LYS B 10 125.43 -19.17 103.31
CA LYS B 10 126.88 -19.23 103.50
C LYS B 10 127.45 -20.59 103.09
N GLU B 11 126.63 -21.63 103.26
CA GLU B 11 127.04 -22.97 102.84
C GLU B 11 126.91 -23.13 101.34
N ALA B 12 125.93 -22.47 100.75
CA ALA B 12 125.78 -22.50 99.29
C ALA B 12 126.84 -21.63 98.62
N PHE B 13 127.28 -20.60 99.31
CA PHE B 13 128.36 -19.74 98.83
C PHE B 13 129.70 -20.47 98.86
N THR B 14 129.87 -21.36 99.83
CA THR B 14 131.11 -22.12 99.94
C THR B 14 131.15 -23.29 98.95
N VAL B 15 129.99 -23.79 98.55
CA VAL B 15 129.94 -24.88 97.57
C VAL B 15 130.08 -24.38 96.14
N ILE B 16 129.75 -23.10 95.92
CA ILE B 16 129.96 -22.53 94.59
C ILE B 16 131.34 -21.86 94.51
N ASP B 17 131.88 -21.45 95.65
CA ASP B 17 133.22 -20.89 95.67
C ASP B 17 134.24 -21.97 96.00
N GLN B 18 134.61 -22.71 94.97
CA GLN B 18 135.49 -23.87 95.10
C GLN B 18 136.98 -23.51 95.21
N ASN B 19 137.30 -22.23 95.03
CA ASN B 19 138.68 -21.78 95.32
C ASN B 19 138.87 -21.39 96.79
N ALA B 20 137.77 -21.34 97.53
CA ALA B 20 137.73 -20.91 98.95
C ALA B 20 138.50 -19.63 99.26
N ASP B 21 138.34 -18.59 98.45
CA ASP B 21 138.99 -17.32 98.78
C ASP B 21 137.99 -16.25 99.21
N GLY B 22 136.72 -16.55 99.04
CA GLY B 22 135.67 -15.63 99.50
C GLY B 22 134.99 -14.85 98.38
N ILE B 23 135.44 -15.04 97.15
CA ILE B 23 134.82 -14.37 96.00
C ILE B 23 134.53 -15.36 94.87
N ILE B 24 133.26 -15.53 94.58
CA ILE B 24 132.84 -16.41 93.49
C ILE B 24 133.05 -15.72 92.14
N ASP B 25 134.05 -16.21 91.43
CA ASP B 25 134.30 -15.76 90.06
C ASP B 25 133.61 -16.69 89.05
N LYS B 26 133.80 -16.39 87.78
CA LYS B 26 133.13 -17.13 86.69
C LYS B 26 133.61 -18.58 86.53
N ASP B 27 134.83 -18.84 87.00
CA ASP B 27 135.39 -20.19 86.96
C ASP B 27 134.75 -21.06 88.04
N ASP B 28 134.38 -20.44 89.15
CA ASP B 28 133.70 -21.16 90.24
C ASP B 28 132.28 -21.53 89.82
N LEU B 29 131.65 -20.62 89.09
CA LEU B 29 130.30 -20.87 88.60
C LEU B 29 130.29 -22.03 87.61
N ARG B 30 131.27 -22.04 86.73
CA ARG B 30 131.36 -23.08 85.70
C ARG B 30 131.79 -24.43 86.27
N GLU B 31 132.62 -24.44 87.29
CA GLU B 31 133.09 -25.69 87.89
C GLU B 31 132.09 -26.26 88.89
N THR B 32 131.19 -25.41 89.39
CA THR B 32 130.11 -25.93 90.23
C THR B 32 129.00 -26.51 89.35
N PHE B 33 128.80 -25.91 88.20
CA PHE B 33 127.80 -26.43 87.26
C PHE B 33 128.28 -27.71 86.59
N ALA B 34 129.58 -27.80 86.34
CA ALA B 34 130.14 -29.03 85.77
C ALA B 34 130.15 -30.18 86.78
N ALA B 35 130.25 -29.86 88.06
CA ALA B 35 130.17 -30.89 89.11
C ALA B 35 128.73 -31.31 89.43
N MET B 36 127.76 -30.56 88.94
CA MET B 36 126.36 -30.94 89.06
C MET B 36 125.87 -31.66 87.79
N GLY B 37 126.68 -31.67 86.75
CA GLY B 37 126.34 -32.41 85.53
C GLY B 37 126.23 -31.53 84.28
N ARG B 38 126.46 -30.24 84.45
CA ARG B 38 126.36 -29.32 83.32
C ARG B 38 127.68 -29.20 82.58
N LEU B 39 127.82 -30.02 81.55
CA LEU B 39 129.02 -30.02 80.73
C LEU B 39 128.94 -28.98 79.60
N ASN B 40 127.71 -28.59 79.31
CA ASN B 40 127.45 -27.61 78.24
C ASN B 40 127.10 -26.21 78.74
N VAL B 41 127.46 -25.87 79.97
CA VAL B 41 127.12 -24.54 80.50
C VAL B 41 127.86 -23.43 79.75
N LYS B 42 127.09 -22.62 79.04
CA LYS B 42 127.66 -21.52 78.24
C LYS B 42 128.20 -20.39 79.11
N ASN B 43 129.14 -19.67 78.53
CA ASN B 43 129.83 -18.56 79.20
C ASN B 43 128.93 -17.34 79.34
N GLU B 44 127.90 -17.30 78.50
CA GLU B 44 126.92 -16.23 78.53
C GLU B 44 125.95 -16.37 79.70
N GLU B 45 125.85 -17.56 80.26
CA GLU B 45 124.99 -17.77 81.44
C GLU B 45 125.74 -17.30 82.68
N LEU B 46 127.05 -17.50 82.63
CA LEU B 46 127.91 -17.12 83.75
C LEU B 46 128.11 -15.61 83.76
N ASP B 47 128.10 -15.03 82.57
CA ASP B 47 128.20 -13.58 82.42
C ASP B 47 126.90 -12.88 82.80
N ALA B 48 125.77 -13.55 82.66
CA ALA B 48 124.49 -12.96 83.06
C ALA B 48 124.28 -13.01 84.57
N MET B 49 124.93 -13.96 85.21
CA MET B 49 124.88 -14.03 86.68
C MET B 49 125.79 -12.97 87.30
N ILE B 50 126.91 -12.72 86.64
CA ILE B 50 127.84 -11.70 87.11
C ILE B 50 127.39 -10.28 86.77
N LYS B 51 126.51 -10.18 85.77
CA LYS B 51 125.92 -8.91 85.35
C LYS B 51 124.77 -8.44 86.26
N GLU B 52 124.41 -9.29 87.23
CA GLU B 52 123.42 -8.90 88.23
C GLU B 52 124.09 -8.22 89.44
N ALA B 53 125.40 -8.27 89.48
CA ALA B 53 126.15 -7.60 90.55
C ALA B 53 126.93 -6.40 90.01
N SER B 54 127.21 -5.47 90.89
CA SER B 54 128.03 -4.31 90.51
C SER B 54 129.51 -4.54 90.83
N GLY B 55 129.78 -5.57 91.62
CA GLY B 55 131.15 -5.93 91.96
C GLY B 55 131.30 -7.45 92.07
N PRO B 56 132.45 -7.87 92.57
CA PRO B 56 132.75 -9.29 92.77
C PRO B 56 131.81 -9.92 93.77
N ILE B 57 131.49 -11.18 93.55
CA ILE B 57 130.52 -11.89 94.40
C ILE B 57 131.16 -12.43 95.68
N ASN B 58 131.32 -11.55 96.65
CA ASN B 58 131.73 -11.98 97.98
C ASN B 58 130.46 -12.30 98.76
N PHE B 59 130.61 -12.68 100.02
CA PHE B 59 129.44 -13.13 100.80
C PHE B 59 128.38 -12.04 101.03
N THR B 60 128.79 -10.78 101.14
CA THR B 60 127.81 -9.73 101.40
C THR B 60 127.18 -9.23 100.10
N VAL B 61 127.86 -9.44 98.98
CA VAL B 61 127.28 -9.06 97.69
C VAL B 61 126.30 -10.13 97.22
N PHE B 62 126.54 -11.36 97.66
CA PHE B 62 125.64 -12.46 97.34
C PHE B 62 124.39 -12.40 98.22
N LEU B 63 124.57 -11.93 99.45
CA LEU B 63 123.44 -11.75 100.36
C LEU B 63 122.56 -10.57 99.97
N THR B 64 123.16 -9.50 99.48
CA THR B 64 122.35 -8.35 99.08
C THR B 64 121.65 -8.59 97.74
N MET B 65 122.22 -9.42 96.90
CA MET B 65 121.57 -9.73 95.62
C MET B 65 120.38 -10.66 95.86
N PHE B 66 120.55 -11.61 96.76
CA PHE B 66 119.45 -12.51 97.10
C PHE B 66 118.38 -11.83 97.95
N GLY B 67 118.77 -10.84 98.74
CA GLY B 67 117.82 -10.04 99.51
C GLY B 67 116.90 -9.23 98.61
N GLU B 68 117.50 -8.62 97.59
CA GLU B 68 116.75 -7.78 96.65
C GLU B 68 115.88 -8.56 95.67
N LYS B 69 116.11 -9.86 95.53
CA LYS B 69 115.21 -10.68 94.69
C LYS B 69 114.18 -11.41 95.54
N LEU B 70 114.50 -11.60 96.82
CA LEU B 70 113.61 -12.32 97.73
C LEU B 70 113.04 -11.41 98.80
N LYS B 71 112.45 -10.31 98.36
CA LYS B 71 111.88 -9.32 99.30
C LYS B 71 110.51 -9.72 99.88
N GLY B 72 110.01 -10.87 99.47
CA GLY B 72 108.78 -11.41 100.04
C GLY B 72 108.94 -12.91 100.33
N ALA B 73 110.19 -13.33 100.50
CA ALA B 73 110.47 -14.75 100.77
C ALA B 73 110.05 -15.13 102.18
N ASP B 74 109.28 -16.19 102.29
CA ASP B 74 108.78 -16.61 103.60
C ASP B 74 109.14 -18.07 103.89
N PRO B 75 109.72 -18.29 105.06
CA PRO B 75 110.06 -19.64 105.52
C PRO B 75 108.81 -20.52 105.64
N GLU B 76 109.03 -21.82 105.56
CA GLU B 76 107.93 -22.80 105.54
C GLU B 76 107.07 -22.80 106.80
N ASP B 77 107.66 -22.45 107.94
CA ASP B 77 106.91 -22.45 109.20
C ASP B 77 105.97 -21.25 109.31
N VAL B 78 106.25 -20.19 108.59
CA VAL B 78 105.38 -19.01 108.67
C VAL B 78 104.30 -19.09 107.59
N ILE B 79 104.59 -19.87 106.55
CA ILE B 79 103.58 -20.10 105.52
C ILE B 79 102.56 -21.11 106.03
N MET B 80 103.02 -22.06 106.82
CA MET B 80 102.13 -23.05 107.45
C MET B 80 101.39 -22.44 108.64
N GLY B 81 101.98 -21.41 109.24
CA GLY B 81 101.28 -20.63 110.26
C GLY B 81 100.06 -19.94 109.68
N ALA B 82 100.26 -19.26 108.55
CA ALA B 82 99.15 -18.57 107.87
C ALA B 82 98.10 -19.53 107.30
N PHE B 83 98.53 -20.71 106.87
CA PHE B 83 97.57 -21.70 106.36
C PHE B 83 96.85 -22.46 107.46
N LYS B 84 97.37 -22.41 108.68
CA LYS B 84 96.69 -22.99 109.84
C LYS B 84 95.68 -22.00 110.40
N VAL B 85 95.89 -20.73 110.09
CA VAL B 85 94.91 -19.70 110.44
C VAL B 85 93.79 -19.65 109.40
N LEU B 86 94.09 -20.10 108.20
CA LEU B 86 93.06 -20.20 107.16
C LEU B 86 92.27 -21.50 107.31
N ASP B 87 92.91 -22.50 107.88
CA ASP B 87 92.18 -23.72 108.28
C ASP B 87 92.33 -23.93 109.79
N PRO B 88 91.51 -23.21 110.56
CA PRO B 88 91.74 -23.09 112.02
C PRO B 88 91.29 -24.32 112.82
N ASP B 89 90.63 -25.24 112.14
CA ASP B 89 90.19 -26.50 112.74
C ASP B 89 91.23 -27.61 112.54
N GLY B 90 92.26 -27.31 111.76
CA GLY B 90 93.36 -28.27 111.58
C GLY B 90 93.05 -29.38 110.58
N LYS B 91 94.12 -29.94 110.05
CA LYS B 91 94.15 -31.14 109.18
C LYS B 91 93.70 -30.92 107.72
N GLY B 92 92.53 -30.32 107.54
CA GLY B 92 91.95 -30.20 106.21
C GLY B 92 92.60 -29.15 105.32
N SER B 93 92.79 -29.54 104.06
CA SER B 93 93.20 -28.57 103.04
C SER B 93 91.97 -27.76 102.65
N ILE B 94 92.19 -26.46 102.50
CA ILE B 94 91.08 -25.53 102.30
C ILE B 94 90.65 -25.47 100.82
N LYS B 95 89.37 -25.18 100.62
CA LYS B 95 88.74 -25.16 99.28
C LYS B 95 89.38 -24.19 98.29
N LYS B 96 89.26 -24.61 97.04
CA LYS B 96 89.77 -23.87 95.88
C LYS B 96 89.12 -22.50 95.73
N SER B 97 87.79 -22.47 95.86
CA SER B 97 87.08 -21.21 95.68
C SER B 97 87.20 -20.28 96.88
N PHE B 98 87.59 -20.82 98.03
CA PHE B 98 87.70 -20.00 99.22
C PHE B 98 89.00 -19.21 99.16
N LEU B 99 90.03 -19.83 98.63
CA LEU B 99 91.31 -19.14 98.49
C LEU B 99 91.31 -18.15 97.34
N GLU B 100 90.48 -18.39 96.34
CA GLU B 100 90.39 -17.46 95.22
C GLU B 100 89.61 -16.21 95.61
N GLU B 101 88.58 -16.41 96.41
CA GLU B 101 87.77 -15.29 96.87
C GLU B 101 88.50 -14.46 97.92
N LEU B 102 89.20 -15.14 98.82
CA LEU B 102 89.90 -14.42 99.90
C LEU B 102 91.20 -13.76 99.44
N LEU B 103 91.77 -14.22 98.34
CA LEU B 103 92.97 -13.57 97.83
C LEU B 103 92.57 -12.29 97.12
N THR B 104 91.52 -12.38 96.34
CA THR B 104 91.05 -11.23 95.59
C THR B 104 90.47 -10.17 96.53
N THR B 105 89.51 -10.59 97.34
CA THR B 105 88.73 -9.67 98.19
C THR B 105 89.43 -9.15 99.40
N GLY B 106 90.65 -9.31 99.48
CA GLY B 106 91.28 -8.74 100.63
C GLY B 106 92.33 -7.81 100.16
N GLY B 107 92.97 -8.31 99.12
CA GLY B 107 94.13 -7.64 98.56
C GLY B 107 94.16 -7.68 97.03
N GLY B 108 94.96 -6.76 96.53
CA GLY B 108 95.19 -6.59 95.08
C GLY B 108 96.23 -7.60 94.59
N ARG B 109 96.96 -8.18 95.53
CA ARG B 109 98.00 -9.19 95.22
C ARG B 109 97.36 -10.57 94.99
N PHE B 110 96.11 -10.65 95.40
CA PHE B 110 95.31 -11.88 95.30
C PHE B 110 94.31 -11.78 94.13
N THR B 111 94.50 -10.73 93.25
CA THR B 111 93.62 -10.52 92.01
C THR B 111 93.45 -11.80 91.24
N PRO B 112 92.43 -12.06 90.35
CA PRO B 112 92.35 -13.36 89.74
C PRO B 112 93.62 -13.67 88.85
N GLU B 113 93.73 -13.19 87.54
CA GLU B 113 94.89 -13.60 86.58
C GLU B 113 96.09 -14.24 87.32
N GLU B 114 96.45 -13.62 88.42
CA GLU B 114 97.54 -14.12 89.25
C GLU B 114 97.13 -15.46 89.89
N ILE B 115 95.83 -15.62 90.10
CA ILE B 115 95.29 -16.85 90.71
C ILE B 115 95.29 -17.99 89.69
N LYS B 116 95.21 -17.65 88.42
CA LYS B 116 95.33 -18.66 87.36
C LYS B 116 96.78 -19.10 87.20
N ASN B 117 97.69 -18.18 87.47
CA ASN B 117 99.11 -18.52 87.45
C ASN B 117 99.51 -19.31 88.69
N MET B 118 98.78 -19.12 89.77
CA MET B 118 99.03 -19.90 91.00
C MET B 118 98.59 -21.34 90.79
N TRP B 119 97.50 -21.54 90.10
CA TRP B 119 97.00 -22.89 89.84
C TRP B 119 97.86 -23.61 88.80
N ALA B 120 98.51 -22.80 87.97
CA ALA B 120 99.27 -23.30 86.81
C ALA B 120 100.61 -23.96 87.10
N ALA B 121 101.21 -23.94 88.18
CA ALA B 121 102.29 -24.91 88.18
C ALA B 121 102.25 -25.51 89.52
N PHE B 122 101.48 -24.78 90.33
CA PHE B 122 101.17 -25.26 91.67
C PHE B 122 100.01 -26.10 91.51
N PRO B 123 100.14 -27.14 91.22
CA PRO B 123 99.03 -27.91 90.67
C PRO B 123 97.60 -27.65 91.21
N PRO B 124 96.71 -28.70 91.12
CA PRO B 124 95.26 -28.63 91.45
C PRO B 124 94.97 -28.42 92.90
N ASP B 125 95.37 -29.42 93.66
CA ASP B 125 95.23 -29.40 95.10
C ASP B 125 95.79 -28.08 95.63
N VAL B 126 97.04 -27.84 95.27
CA VAL B 126 97.74 -26.60 95.67
C VAL B 126 96.97 -25.38 95.17
N ALA B 127 96.73 -25.38 93.87
CA ALA B 127 96.00 -24.29 93.20
C ALA B 127 94.61 -24.11 93.83
N GLY B 128 93.91 -25.23 93.91
CA GLY B 128 92.53 -25.31 94.45
C GLY B 128 92.45 -24.77 95.89
N ASN B 129 93.49 -25.08 96.66
CA ASN B 129 93.61 -24.64 98.07
C ASN B 129 93.22 -25.74 99.04
N VAL B 130 93.16 -26.94 98.51
CA VAL B 130 92.74 -28.13 99.27
C VAL B 130 93.95 -28.71 100.02
N ASP B 131 94.99 -29.11 99.26
CA ASP B 131 96.20 -29.55 99.97
C ASP B 131 96.86 -28.33 100.46
N TYR B 132 97.94 -28.59 101.00
CA TYR B 132 98.50 -27.63 101.73
C TYR B 132 99.81 -28.16 102.15
N LYS B 133 100.78 -27.34 102.12
CA LYS B 133 102.02 -27.80 102.62
C LYS B 133 103.02 -28.07 101.50
N ASN B 134 102.57 -28.59 100.39
CA ASN B 134 103.49 -28.83 99.28
C ASN B 134 103.87 -27.49 98.65
N ILE B 135 102.97 -26.54 98.77
CA ILE B 135 103.15 -25.19 98.24
C ILE B 135 104.12 -24.41 99.11
N CYS B 136 104.14 -24.71 100.41
CA CYS B 136 105.11 -24.09 101.33
C CYS B 136 106.50 -24.64 101.08
N TYR B 137 106.54 -25.89 100.66
CA TYR B 137 107.80 -26.54 100.30
C TYR B 137 108.40 -25.90 99.06
N VAL B 138 107.59 -25.76 98.03
CA VAL B 138 108.09 -25.23 96.74
C VAL B 138 108.26 -23.71 96.72
N ILE B 139 107.73 -23.01 97.72
CA ILE B 139 107.99 -21.57 97.85
C ILE B 139 109.32 -21.31 98.57
N THR B 140 109.77 -22.26 99.35
CA THR B 140 111.06 -22.10 100.03
C THR B 140 112.17 -22.78 99.23
N HIS B 141 111.80 -23.84 98.55
CA HIS B 141 112.69 -24.51 97.60
C HIS B 141 111.89 -24.87 96.34
N GLY B 142 112.22 -24.19 95.25
CA GLY B 142 111.46 -24.32 93.99
C GLY B 142 111.48 -25.71 93.36
N GLU B 143 110.94 -25.75 92.15
CA GLU B 143 110.78 -26.95 91.29
C GLU B 143 110.01 -28.10 91.94
N ASP B 144 109.54 -29.00 91.10
CA ASP B 144 108.83 -30.18 91.58
C ASP B 144 109.70 -31.03 92.49
N ALA B 145 109.14 -31.43 93.61
CA ALA B 145 109.86 -32.28 94.56
C ALA B 145 109.63 -33.76 94.24
N SER C 1 90.16 20.26 106.19
CA SER C 1 90.68 21.62 106.36
C SER C 1 92.21 21.60 106.38
N LYS C 2 92.62 20.36 106.69
CA LYS C 2 94.06 20.11 106.80
C LYS C 2 94.52 20.30 108.25
N ALA C 3 93.07 21.65 109.94
CA ALA C 3 93.74 20.34 110.00
C ALA C 3 93.66 19.63 108.65
N ALA C 4 94.72 19.78 107.86
CA ALA C 4 94.78 19.13 106.54
C ALA C 4 95.21 17.67 106.67
N ALA C 5 94.23 16.79 106.72
CA ALA C 5 94.52 15.35 106.84
C ALA C 5 94.85 14.73 105.48
N ASP C 6 96.15 14.68 105.21
CA ASP C 6 96.67 14.13 103.94
C ASP C 6 96.68 12.60 103.91
N ASP C 7 96.31 12.00 105.03
CA ASP C 7 96.18 10.54 105.09
C ASP C 7 94.89 10.05 104.43
N PHE C 8 93.98 10.95 104.11
CA PHE C 8 92.80 10.55 103.33
C PHE C 8 93.19 10.31 101.87
N LYS C 9 94.21 11.02 101.42
CA LYS C 9 94.73 10.87 100.06
C LYS C 9 95.64 9.64 99.96
N GLU C 10 96.26 9.30 101.07
CA GLU C 10 97.10 8.11 101.13
C GLU C 10 96.27 6.84 101.24
N ALA C 11 95.08 6.98 101.81
CA ALA C 11 94.13 5.86 101.87
C ALA C 11 93.39 5.68 100.54
N PHE C 12 93.35 6.72 99.74
CA PHE C 12 92.76 6.60 98.40
C PHE C 12 93.69 5.84 97.46
N LEU C 13 94.97 5.89 97.76
CA LEU C 13 95.97 5.12 97.01
C LEU C 13 96.00 3.65 97.45
N LEU C 14 95.38 3.34 98.58
CA LEU C 14 95.28 1.96 99.04
C LEU C 14 93.99 1.30 98.56
N PHE C 15 93.04 2.11 98.11
CA PHE C 15 91.78 1.55 97.61
C PHE C 15 91.67 1.56 96.10
N ASP C 16 92.54 2.32 95.44
CA ASP C 16 92.55 2.31 93.98
C ASP C 16 93.46 1.20 93.45
N ARG C 17 92.81 0.21 92.88
CA ARG C 17 93.47 -1.02 92.39
C ARG C 17 94.24 -0.84 91.08
N THR C 18 94.05 0.28 90.40
CA THR C 18 94.74 0.52 89.13
C THR C 18 95.94 1.45 89.30
N GLY C 19 96.04 2.11 90.43
CA GLY C 19 97.12 3.08 90.67
C GLY C 19 97.03 4.40 89.88
N ASP C 20 95.93 4.68 89.19
CA ASP C 20 95.81 5.93 88.41
C ASP C 20 95.29 7.14 89.21
N ALA C 21 95.03 6.93 90.50
CA ALA C 21 94.56 7.95 91.45
C ALA C 21 93.09 8.31 91.26
N LYS C 22 92.31 7.33 90.82
CA LYS C 22 90.86 7.47 90.71
C LYS C 22 90.18 6.30 91.42
N ILE C 23 89.06 6.60 92.05
CA ILE C 23 88.30 5.56 92.75
C ILE C 23 86.86 5.53 92.27
N THR C 24 86.40 4.38 91.81
CA THR C 24 85.06 4.28 91.23
C THR C 24 84.00 4.66 92.24
N ALA C 25 82.85 5.06 91.71
CA ALA C 25 81.73 5.54 92.55
C ALA C 25 81.12 4.46 93.44
N SER C 26 81.34 3.21 93.09
CA SER C 26 80.85 2.10 93.90
C SER C 26 81.73 1.84 95.12
N GLN C 27 82.93 2.40 95.15
CA GLN C 27 83.83 2.19 96.28
C GLN C 27 83.70 3.34 97.29
N VAL C 28 83.06 4.43 96.87
CA VAL C 28 83.03 5.64 97.69
C VAL C 28 82.22 5.48 98.97
N GLY C 29 81.22 4.62 98.96
CA GLY C 29 80.45 4.32 100.17
C GLY C 29 81.31 3.66 101.24
N ASP C 30 82.06 2.64 100.82
CA ASP C 30 82.86 1.87 101.77
C ASP C 30 84.13 2.61 102.19
N ILE C 31 84.60 3.53 101.36
CA ILE C 31 85.79 4.29 101.71
C ILE C 31 85.48 5.49 102.59
N ALA C 32 84.24 5.94 102.57
CA ALA C 32 83.82 6.98 103.51
C ALA C 32 83.70 6.38 104.90
N ARG C 33 83.29 5.12 104.92
CA ARG C 33 83.23 4.37 106.18
C ARG C 33 84.61 4.04 106.73
N ALA C 34 85.56 3.79 105.83
CA ALA C 34 86.94 3.52 106.24
C ALA C 34 87.75 4.76 106.60
N LEU C 35 87.20 5.95 106.33
CA LEU C 35 87.83 7.19 106.75
C LEU C 35 87.22 7.73 108.05
N GLY C 36 86.22 7.02 108.56
CA GLY C 36 85.64 7.39 109.86
C GLY C 36 84.32 8.12 109.69
N GLN C 37 83.54 7.69 108.71
CA GLN C 37 82.22 8.26 108.45
C GLN C 37 81.19 7.19 108.17
N ASN C 38 80.05 7.28 108.83
CA ASN C 38 79.01 6.26 108.60
C ASN C 38 77.75 6.83 107.93
N PRO C 39 77.80 7.19 106.66
CA PRO C 39 76.56 7.56 105.95
C PRO C 39 75.81 6.30 105.55
N THR C 40 74.50 6.33 105.72
CA THR C 40 73.68 5.18 105.33
C THR C 40 73.74 5.00 103.81
N ASN C 41 73.50 3.79 103.35
CA ASN C 41 73.63 3.52 101.90
C ASN C 41 72.59 4.22 101.04
N ALA C 42 71.44 4.55 101.61
CA ALA C 42 70.44 5.33 100.86
C ALA C 42 70.86 6.80 100.71
N GLU C 43 71.63 7.23 101.66
CA GLU C 43 72.14 8.61 101.71
C GLU C 43 73.27 8.78 100.69
N ILE C 44 74.07 7.74 100.58
CA ILE C 44 75.18 7.70 99.65
C ILE C 44 74.62 7.60 98.22
N ASN C 45 73.48 6.91 98.15
CA ASN C 45 72.76 6.71 96.89
C ASN C 45 72.08 8.01 96.43
N LYS C 46 71.42 8.66 97.36
CA LYS C 46 70.70 9.90 97.05
C LYS C 46 71.62 11.01 96.59
N ILE C 47 72.59 11.27 97.40
CA ILE C 47 73.56 12.32 97.11
C ILE C 47 74.08 12.13 95.69
N LEU C 48 74.45 10.91 95.36
CA LEU C 48 74.99 10.56 94.05
C LEU C 48 74.02 11.00 92.93
N GLY C 49 72.80 10.49 93.04
CA GLY C 49 71.72 10.76 92.06
C GLY C 49 71.34 12.23 92.10
N ASN C 50 71.33 12.77 93.31
CA ASN C 50 71.02 14.18 93.54
C ASN C 50 71.88 14.99 92.56
N PRO C 51 73.17 14.71 92.54
CA PRO C 51 74.12 15.29 91.57
C PRO C 51 74.12 14.67 90.16
N SER C 52 73.00 14.13 89.71
CA SER C 52 72.89 13.51 88.35
C SER C 52 74.08 12.58 88.03
N LYS C 53 74.48 11.85 89.05
CA LYS C 53 75.57 10.86 88.98
C LYS C 53 74.96 9.47 89.03
N GLU C 54 75.22 8.72 87.98
CA GLU C 54 74.68 7.35 87.84
C GLU C 54 75.74 6.31 88.21
N GLU C 55 75.40 5.54 89.23
CA GLU C 55 76.24 4.47 89.77
C GLU C 55 75.97 3.15 89.03
N MET C 56 75.17 3.28 87.99
CA MET C 56 74.73 2.13 87.16
C MET C 56 75.67 1.89 85.97
N ASN C 57 76.28 2.97 85.52
CA ASN C 57 77.25 2.94 84.41
C ASN C 57 78.65 3.12 84.98
N ALA C 58 79.63 2.75 84.17
CA ALA C 58 81.04 2.85 84.55
C ALA C 58 81.30 4.22 85.18
N ALA C 59 82.19 4.21 86.16
CA ALA C 59 82.56 5.42 86.91
C ALA C 59 84.04 5.42 87.24
N ALA C 60 84.55 6.61 87.35
CA ALA C 60 85.95 6.82 87.68
C ALA C 60 86.00 7.83 88.78
N ILE C 61 87.10 8.09 89.34
CA ILE C 61 87.05 9.23 90.16
C ILE C 61 88.42 9.79 90.24
N THR C 62 88.20 10.96 90.69
CA THR C 62 89.16 11.90 91.01
C THR C 62 88.93 12.33 92.44
N PHE C 63 90.07 12.57 92.97
CA PHE C 63 90.28 13.00 94.33
C PHE C 63 89.54 14.31 94.59
N GLU C 64 89.39 15.11 93.55
CA GLU C 64 88.76 16.45 93.65
C GLU C 64 87.24 16.38 93.79
N GLU C 65 86.66 15.20 93.62
CA GLU C 65 85.23 15.04 93.85
C GLU C 65 85.01 14.22 95.11
N PHE C 66 85.97 13.35 95.41
CA PHE C 66 85.84 12.45 96.55
C PHE C 66 86.11 13.21 97.85
N LEU C 67 87.04 14.15 97.81
CA LEU C 67 87.28 15.01 98.97
C LEU C 67 86.03 15.82 99.38
N PRO C 68 85.40 16.62 98.53
CA PRO C 68 84.17 17.30 98.95
C PRO C 68 82.97 16.39 99.24
N MET C 69 82.92 15.17 98.73
CA MET C 69 81.82 14.27 99.11
C MET C 69 82.03 13.69 100.50
N LEU C 70 83.29 13.55 100.90
CA LEU C 70 83.60 13.10 102.26
C LEU C 70 83.38 14.24 103.26
N GLN C 71 83.55 15.47 102.79
CA GLN C 71 83.31 16.64 103.65
C GLN C 71 81.83 17.00 103.74
N ALA C 72 81.04 16.52 102.79
CA ALA C 72 79.58 16.69 102.89
C ALA C 72 78.95 15.59 103.73
N ALA C 73 79.64 14.46 103.83
CA ALA C 73 79.16 13.37 104.68
C ALA C 73 79.59 13.53 106.13
N ALA C 74 80.61 14.34 106.35
CA ALA C 74 81.20 14.52 107.68
C ALA C 74 80.38 15.35 108.66
N ASN C 75 79.36 16.03 108.15
CA ASN C 75 78.46 16.81 109.02
C ASN C 75 77.39 15.91 109.64
N ASN C 76 77.20 14.76 109.02
CA ASN C 76 76.14 13.84 109.41
C ASN C 76 76.58 12.85 110.48
N LYS C 77 77.81 13.03 110.97
CA LYS C 77 78.33 12.18 112.06
C LYS C 77 77.73 12.51 113.43
N ASP C 78 76.93 13.57 113.49
CA ASP C 78 76.22 13.94 114.72
C ASP C 78 74.97 13.07 114.93
N GLN C 79 74.67 12.20 113.97
CA GLN C 79 73.58 11.25 114.06
C GLN C 79 74.00 9.94 114.77
N GLY C 80 75.29 9.79 115.06
CA GLY C 80 75.78 8.54 115.68
C GLY C 80 75.75 8.54 117.21
N THR C 81 74.55 8.52 117.76
CA THR C 81 74.38 8.48 119.23
C THR C 81 74.17 7.07 119.76
N PHE C 82 75.04 6.69 120.68
CA PHE C 82 75.02 5.33 121.24
C PHE C 82 73.92 5.08 122.27
N GLU C 83 73.22 6.13 122.68
CA GLU C 83 72.11 5.94 123.61
C GLU C 83 70.97 5.26 122.89
N ASP C 84 70.77 5.68 121.65
CA ASP C 84 69.66 5.18 120.86
C ASP C 84 69.96 3.81 120.26
N PHE C 85 71.23 3.45 120.18
CA PHE C 85 71.59 2.14 119.64
C PHE C 85 71.37 1.06 120.70
N VAL C 86 71.70 1.38 121.94
CA VAL C 86 71.53 0.42 123.02
C VAL C 86 70.08 0.36 123.49
N GLU C 87 69.36 1.46 123.34
CA GLU C 87 67.94 1.49 123.71
C GLU C 87 67.06 0.84 122.64
N GLY C 88 67.54 0.82 121.41
CA GLY C 88 66.84 0.11 120.34
C GLY C 88 66.82 -1.39 120.63
N LEU C 89 67.98 -1.92 120.97
CA LEU C 89 68.08 -3.36 121.29
C LEU C 89 67.53 -3.70 122.67
N ARG C 90 67.40 -2.70 123.55
CA ARG C 90 66.79 -2.94 124.86
C ARG C 90 65.26 -3.02 124.76
N VAL C 91 64.70 -2.44 123.71
CA VAL C 91 63.26 -2.59 123.45
C VAL C 91 62.97 -3.82 122.59
N PHE C 92 64.03 -4.48 122.13
CA PHE C 92 63.90 -5.64 121.25
C PHE C 92 63.82 -6.97 122.01
N ASP C 93 64.17 -6.95 123.29
CA ASP C 93 64.05 -8.18 124.10
C ASP C 93 63.62 -7.89 125.54
N LYS C 94 62.74 -8.74 126.03
CA LYS C 94 62.18 -8.64 127.40
C LYS C 94 63.22 -8.78 128.51
N GLU C 95 62.77 -8.56 129.74
CA GLU C 95 63.59 -8.69 130.96
C GLU C 95 64.72 -7.65 131.06
N GLY C 96 65.23 -7.51 132.28
CA GLY C 96 66.26 -6.51 132.57
C GLY C 96 67.69 -7.03 132.42
N ASN C 97 68.02 -7.42 131.20
CA ASN C 97 69.38 -7.87 130.86
C ASN C 97 69.52 -7.82 129.35
N GLY C 98 70.63 -7.29 128.87
CA GLY C 98 70.77 -7.02 127.44
C GLY C 98 71.15 -8.22 126.58
N THR C 99 70.19 -9.07 126.27
CA THR C 99 70.45 -10.25 125.43
C THR C 99 69.40 -10.46 124.32
N VAL C 100 69.88 -10.42 123.09
CA VAL C 100 69.06 -10.78 121.93
C VAL C 100 69.24 -12.26 121.65
N MET C 101 68.16 -12.99 121.37
CA MET C 101 68.34 -14.35 120.89
C MET C 101 68.99 -14.29 119.50
N GLY C 102 69.98 -15.14 119.30
CA GLY C 102 70.82 -15.19 118.09
C GLY C 102 70.11 -14.89 116.77
N ALA C 103 69.15 -15.73 116.43
CA ALA C 103 68.44 -15.61 115.14
C ALA C 103 67.54 -14.39 115.00
N GLU C 104 67.23 -13.72 116.10
CA GLU C 104 66.40 -12.51 116.01
C GLU C 104 67.23 -11.38 115.44
N LEU C 105 68.48 -11.28 115.87
CA LEU C 105 69.33 -10.18 115.41
C LEU C 105 69.85 -10.50 114.02
N ARG C 106 70.05 -11.77 113.72
CA ARG C 106 70.57 -12.13 112.41
C ARG C 106 69.55 -11.93 111.30
N HIS C 107 68.30 -12.24 111.58
CA HIS C 107 67.27 -12.07 110.54
C HIS C 107 66.84 -10.61 110.42
N VAL C 108 66.93 -9.86 111.51
CA VAL C 108 66.59 -8.44 111.44
C VAL C 108 67.67 -7.62 110.75
N LEU C 109 68.92 -8.03 110.89
CA LEU C 109 70.02 -7.29 110.26
C LEU C 109 70.14 -7.63 108.77
N ALA C 110 69.62 -8.77 108.37
CA ALA C 110 69.66 -9.11 106.95
C ALA C 110 68.43 -8.64 106.18
N THR C 111 67.26 -8.62 106.81
CA THR C 111 66.03 -8.33 106.06
C THR C 111 65.32 -7.02 106.42
N LEU C 112 65.76 -6.30 107.44
CA LEU C 112 65.01 -5.09 107.80
C LEU C 112 65.73 -3.80 107.45
N GLY C 113 65.26 -3.19 106.38
CA GLY C 113 65.80 -1.90 105.94
C GLY C 113 66.90 -2.09 104.92
N GLU C 114 68.09 -1.63 105.28
CA GLU C 114 69.24 -1.81 104.38
C GLU C 114 69.80 -3.22 104.60
N LYS C 115 69.60 -4.04 103.58
CA LYS C 115 69.94 -5.47 103.63
C LYS C 115 71.42 -5.73 103.85
N MET C 116 71.75 -6.30 105.00
CA MET C 116 73.11 -6.76 105.22
C MET C 116 73.18 -8.25 104.90
N THR C 117 74.20 -8.66 104.18
CA THR C 117 74.32 -10.08 103.82
C THR C 117 74.46 -10.91 105.07
N GLU C 118 74.07 -12.16 104.98
CA GLU C 118 74.18 -13.05 106.15
C GLU C 118 75.64 -13.44 106.41
N GLU C 119 76.50 -13.26 105.43
CA GLU C 119 77.94 -13.43 105.65
C GLU C 119 78.47 -12.31 106.55
N GLU C 120 78.04 -11.07 106.29
CA GLU C 120 78.45 -9.96 107.16
C GLU C 120 77.78 -10.00 108.53
N VAL C 121 76.59 -10.55 108.60
CA VAL C 121 75.91 -10.68 109.90
C VAL C 121 76.61 -11.71 110.78
N GLU C 122 77.11 -12.77 110.17
CA GLU C 122 77.85 -13.80 110.93
C GLU C 122 79.22 -13.31 111.37
N GLU C 123 79.80 -12.41 110.58
CA GLU C 123 81.10 -11.83 110.92
C GLU C 123 80.99 -10.74 112.00
N LEU C 124 79.78 -10.23 112.22
CA LEU C 124 79.56 -9.25 113.28
C LEU C 124 79.07 -9.87 114.58
N MET C 125 78.70 -11.15 114.56
CA MET C 125 78.23 -11.80 115.79
C MET C 125 79.27 -12.78 116.33
N LYS C 126 80.24 -13.08 115.48
CA LYS C 126 81.31 -14.05 115.76
C LYS C 126 82.23 -13.61 116.90
N GLY C 127 82.00 -14.20 118.06
CA GLY C 127 82.81 -13.90 119.24
C GLY C 127 81.99 -13.28 120.36
N GLN C 128 80.96 -12.51 120.02
CA GLN C 128 80.16 -11.83 121.03
C GLN C 128 78.96 -12.69 121.42
N GLU C 129 78.56 -13.58 120.53
CA GLU C 129 77.51 -14.54 120.88
C GLU C 129 78.12 -15.91 121.16
N ASP C 130 77.92 -16.41 122.37
CA ASP C 130 78.38 -17.76 122.69
C ASP C 130 77.29 -18.79 122.39
N SER C 131 77.53 -20.04 122.81
CA SER C 131 76.65 -21.19 122.50
C SER C 131 75.33 -21.25 123.25
N ASN C 132 75.06 -20.27 124.12
CA ASN C 132 73.75 -20.15 124.76
C ASN C 132 72.69 -19.54 123.83
N GLY C 133 73.12 -18.97 122.72
CA GLY C 133 72.20 -18.37 121.75
C GLY C 133 71.72 -17.00 122.19
N CYS C 134 72.49 -16.37 123.08
CA CYS C 134 72.12 -15.05 123.61
C CYS C 134 73.26 -14.06 123.45
N ILE C 135 72.98 -13.05 122.65
CA ILE C 135 73.93 -11.99 122.34
C ILE C 135 73.81 -10.86 123.35
N ASN C 136 74.85 -10.65 124.14
CA ASN C 136 74.82 -9.50 125.05
C ASN C 136 75.17 -8.23 124.28
N TYR C 137 74.15 -7.40 124.05
CA TYR C 137 74.35 -6.20 123.23
C TYR C 137 74.94 -5.01 123.97
N GLU C 138 75.22 -5.16 125.25
CA GLU C 138 75.92 -4.11 125.97
C GLU C 138 77.39 -4.15 125.55
N ALA C 139 77.92 -5.36 125.49
CA ALA C 139 79.30 -5.55 125.01
C ALA C 139 79.35 -5.64 123.49
N PHE C 140 78.26 -6.07 122.88
CA PHE C 140 78.20 -6.15 121.42
C PHE C 140 78.21 -4.78 120.75
N VAL C 141 77.47 -3.83 121.29
CA VAL C 141 77.47 -2.48 120.70
C VAL C 141 78.71 -1.70 121.09
N LYS C 142 79.30 -2.10 122.21
CA LYS C 142 80.58 -1.53 122.63
C LYS C 142 81.69 -1.91 121.65
N HIS C 143 81.70 -3.16 121.23
CA HIS C 143 82.73 -3.63 120.31
C HIS C 143 82.46 -3.21 118.87
N ILE C 144 81.20 -2.94 118.54
CA ILE C 144 80.88 -2.44 117.21
C ILE C 144 81.25 -0.97 117.07
N MET C 145 81.26 -0.26 118.18
CA MET C 145 81.73 1.14 118.19
C MET C 145 83.21 1.25 118.56
N SER C 146 83.91 0.13 118.60
CA SER C 146 85.35 0.16 118.84
C SER C 146 86.11 0.27 117.53
N VAL C 147 85.44 0.00 116.42
CA VAL C 147 86.07 0.15 115.10
C VAL C 147 85.63 1.46 114.44
N ASP D 1 -110.23 41.04 38.79
CA ASP D 1 -110.78 42.37 38.55
C ASP D 1 -111.95 42.61 39.44
N ALA D 2 -112.97 41.75 39.25
CA ALA D 2 -114.16 41.81 40.05
C ALA D 2 -113.77 41.63 41.50
N GLU D 3 -112.99 40.57 41.72
CA GLU D 3 -112.47 40.21 43.02
C GLU D 3 -111.73 41.37 43.65
N MET D 4 -110.64 41.75 43.01
CA MET D 4 -109.82 42.83 43.46
C MET D 4 -110.62 44.10 43.59
N ALA D 5 -110.62 44.58 44.80
CA ALA D 5 -111.28 45.78 45.18
C ALA D 5 -110.67 46.16 46.48
N ALA D 6 -110.64 45.12 47.36
CA ALA D 6 -110.08 45.20 48.68
C ALA D 6 -108.76 45.96 48.62
N PHE D 7 -107.92 45.49 47.68
CA PHE D 7 -106.63 46.09 47.45
C PHE D 7 -106.83 47.33 46.63
N GLY D 8 -107.47 47.07 45.51
CA GLY D 8 -107.76 48.10 44.57
C GLY D 8 -106.47 48.80 44.20
N GLU D 9 -106.11 49.79 45.01
CA GLU D 9 -104.92 50.57 44.75
C GLU D 9 -103.65 49.75 44.70
N ALA D 10 -103.60 48.67 45.48
CA ALA D 10 -102.41 47.83 45.55
C ALA D 10 -102.36 46.82 44.41
N ALA D 11 -103.57 46.47 43.98
CA ALA D 11 -103.84 45.49 42.94
C ALA D 11 -102.79 45.36 41.88
N PRO D 12 -102.48 46.47 41.25
CA PRO D 12 -101.51 46.47 40.17
C PRO D 12 -100.17 45.86 40.54
N TYR D 13 -99.85 45.86 41.85
CA TYR D 13 -98.58 45.36 42.36
C TYR D 13 -98.66 43.95 42.91
N LEU D 14 -99.90 43.47 42.95
CA LEU D 14 -100.25 42.13 43.41
C LEU D 14 -100.63 41.21 42.28
N ARG D 15 -101.55 41.73 41.46
CA ARG D 15 -102.06 41.06 40.29
C ARG D 15 -102.19 41.98 39.13
N SER D 17 -104.22 43.17 35.33
CA SER D 17 -105.57 43.22 34.78
C SER D 17 -105.86 41.97 33.99
N GLU D 18 -107.08 41.53 34.12
CA GLU D 18 -107.55 40.31 33.45
C GLU D 18 -107.37 40.25 31.96
N LYS D 19 -106.71 41.19 31.34
CA LYS D 19 -106.54 41.03 29.93
C LYS D 19 -105.04 41.10 29.68
N GLU D 20 -104.40 41.79 30.67
CA GLU D 20 -102.97 41.92 30.64
C GLU D 20 -102.45 40.51 30.73
N ARG D 21 -103.25 39.77 31.49
CA ARG D 21 -103.00 38.38 31.70
C ARG D 21 -103.25 37.70 30.37
N ILE D 22 -104.53 37.77 30.02
CA ILE D 22 -105.06 37.21 28.79
C ILE D 22 -104.26 37.52 27.54
N GLU D 23 -103.79 38.75 27.45
CA GLU D 23 -103.00 39.16 26.35
C GLU D 23 -101.61 38.55 26.39
N ALA D 24 -101.27 38.01 27.55
CA ALA D 24 -99.98 37.42 27.74
C ALA D 24 -99.93 35.91 27.62
N GLN D 25 -100.97 35.27 28.16
CA GLN D 25 -101.04 33.82 28.11
C GLN D 25 -101.47 33.31 26.74
N ASN D 26 -102.31 34.12 26.08
CA ASN D 26 -102.86 33.78 24.79
C ASN D 26 -102.13 34.55 23.72
N PRO D 28 -98.83 33.81 20.48
CA PRO D 28 -98.13 32.81 19.70
C PRO D 28 -96.91 32.27 20.40
N PHE D 29 -96.72 30.95 20.30
CA PHE D 29 -95.57 30.28 20.87
C PHE D 29 -95.03 29.09 20.04
N ASP D 30 -93.71 29.08 19.81
CA ASP D 30 -93.09 27.95 19.10
C ASP D 30 -92.13 27.16 19.99
N ALA D 31 -92.69 26.20 20.68
CA ALA D 31 -91.91 25.38 21.58
C ALA D 31 -90.57 24.83 21.05
N SER D 33 -88.64 25.64 19.05
CA SER D 33 -87.56 26.55 18.69
C SER D 33 -87.18 27.50 19.77
N SER D 34 -88.21 27.98 20.52
CA SER D 34 -87.96 28.92 21.62
C SER D 34 -87.21 28.26 22.80
N VAL D 35 -86.17 28.93 23.28
CA VAL D 35 -85.36 28.36 24.33
C VAL D 35 -84.60 29.39 25.16
N PHE D 36 -84.06 28.91 26.31
CA PHE D 36 -83.19 29.69 27.22
C PHE D 36 -81.80 29.17 27.00
N VAL D 37 -80.79 30.00 27.17
CA VAL D 37 -79.43 29.48 26.95
C VAL D 37 -78.36 30.16 27.80
N VAL D 38 -77.24 29.42 27.90
CA VAL D 38 -76.08 29.84 28.65
C VAL D 38 -75.53 31.07 28.04
N HIS D 39 -74.76 31.83 28.82
CA HIS D 39 -74.20 33.02 28.23
C HIS D 39 -73.05 33.57 29.03
N PRO D 40 -71.89 33.56 28.41
CA PRO D 40 -70.67 34.01 29.00
C PRO D 40 -70.74 35.32 29.78
N LYS D 41 -71.33 36.37 29.21
CA LYS D 41 -71.43 37.64 29.92
C LYS D 41 -72.67 37.68 30.80
N GLN D 42 -73.84 37.64 30.18
CA GLN D 42 -75.07 37.58 30.96
C GLN D 42 -75.32 36.11 31.23
N SER D 43 -75.73 35.82 32.45
CA SER D 43 -75.92 34.43 32.90
C SER D 43 -76.62 33.46 31.95
N PHE D 44 -77.84 33.82 31.63
CA PHE D 44 -78.72 33.04 30.77
C PHE D 44 -79.58 34.03 30.04
N VAL D 45 -79.55 34.03 28.75
CA VAL D 45 -80.43 34.94 28.07
C VAL D 45 -81.28 34.07 27.19
N GLY D 47 -83.38 32.94 23.57
CA GLY D 47 -83.15 32.92 22.15
C GLY D 47 -83.99 31.90 21.44
N THR D 48 -83.78 31.90 20.13
CA THR D 48 -84.45 31.01 19.23
C THR D 48 -83.41 30.06 18.63
N ILE D 49 -83.75 28.78 18.62
CA ILE D 49 -82.87 27.82 18.03
C ILE D 49 -82.86 27.97 16.51
N GLN D 50 -81.65 28.06 15.96
CA GLN D 50 -81.47 28.20 14.55
C GLN D 50 -81.19 26.85 13.93
N SER D 51 -80.06 26.29 14.30
CA SER D 51 -79.71 25.01 13.73
C SER D 51 -79.46 23.97 14.79
N GLU D 53 -76.19 21.22 15.55
CA GLU D 53 -74.91 20.60 15.24
C GLU D 53 -74.71 19.15 15.71
N GLY D 54 -75.83 18.45 15.92
CA GLY D 54 -75.85 17.05 16.34
C GLY D 54 -75.63 16.83 17.83
N GLY D 55 -75.19 17.90 18.52
CA GLY D 55 -74.89 17.87 19.95
C GLY D 55 -74.26 19.19 20.34
N VAL D 57 -75.46 23.53 19.60
CA VAL D 57 -76.61 24.27 19.22
C VAL D 57 -76.27 25.68 18.90
N THR D 58 -76.86 26.19 17.82
CA THR D 58 -76.65 27.56 17.45
C THR D 58 -77.92 28.30 17.72
N VAL D 59 -77.80 29.41 18.46
CA VAL D 59 -79.00 30.15 18.75
C VAL D 59 -78.91 31.64 18.54
N THR D 61 -80.35 35.43 19.52
CA THR D 61 -80.55 35.99 20.83
C THR D 61 -81.66 36.98 20.78
N GLU D 62 -81.90 37.48 21.94
CA GLU D 62 -82.82 38.53 22.17
C GLU D 62 -81.96 39.70 22.54
N GLY D 63 -81.56 40.37 21.47
CA GLY D 63 -80.67 41.52 21.49
C GLY D 63 -79.90 41.41 20.22
N GLY D 64 -79.85 40.13 19.75
CA GLY D 64 -79.24 39.82 18.48
C GLY D 64 -77.84 39.37 18.73
N GLU D 65 -77.71 38.05 18.75
CA GLU D 65 -76.41 37.43 18.98
C GLU D 65 -76.56 35.99 18.58
N THR D 66 -75.45 35.44 18.13
CA THR D 66 -75.51 34.07 17.72
C THR D 66 -74.38 33.32 18.39
N LEU D 67 -74.74 32.22 19.09
CA LEU D 67 -73.80 31.39 19.83
C LEU D 67 -74.02 29.92 19.58
N THR D 68 -72.93 29.15 19.48
CA THR D 68 -73.11 27.72 19.29
C THR D 68 -72.68 27.10 20.58
N VAL D 69 -73.67 26.69 21.32
CA VAL D 69 -73.42 26.13 22.62
C VAL D 69 -73.92 24.68 22.74
N LYS D 70 -73.28 23.91 23.63
CA LYS D 70 -73.58 22.50 23.90
C LYS D 70 -75.07 22.20 23.89
N GLU D 71 -75.38 20.92 23.97
CA GLU D 71 -76.78 20.53 24.02
C GLU D 71 -77.37 20.87 25.36
N ASP D 72 -76.54 20.71 26.41
CA ASP D 72 -77.03 21.07 27.72
C ASP D 72 -76.65 22.43 28.25
N GLN D 73 -76.60 23.35 27.34
CA GLN D 73 -76.30 24.71 27.64
C GLN D 73 -77.56 25.44 27.20
N VAL D 74 -78.44 24.55 26.71
CA VAL D 74 -79.73 24.85 26.15
C VAL D 74 -80.87 24.31 27.01
N PHE D 75 -81.81 25.17 27.33
CA PHE D 75 -82.95 24.88 28.16
C PHE D 75 -84.25 25.42 27.61
N SER D 76 -85.24 24.54 27.62
CA SER D 76 -86.57 24.83 27.14
C SER D 76 -87.14 26.10 27.75
N MET D 77 -88.26 26.53 27.22
CA MET D 77 -88.94 27.72 27.66
C MET D 77 -90.43 27.50 27.82
N ASN D 78 -90.96 27.85 28.95
CA ASN D 78 -92.33 27.62 29.22
C ASN D 78 -93.29 28.32 28.31
N PRO D 79 -94.39 27.62 27.99
CA PRO D 79 -95.43 28.19 27.17
C PRO D 79 -95.85 29.44 27.89
N PRO D 80 -96.39 30.31 27.11
CA PRO D 80 -96.82 31.59 27.58
C PRO D 80 -97.82 31.50 28.72
N TYR D 82 -97.55 30.27 31.30
CA TYR D 82 -96.82 30.50 32.54
C TYR D 82 -96.01 31.77 32.40
N ASP D 83 -96.69 32.90 32.48
CA ASP D 83 -95.98 34.13 32.27
C ASP D 83 -95.34 34.65 33.53
N ILE D 85 -96.31 33.59 36.76
CA ILE D 85 -96.83 32.60 37.65
C ILE D 85 -96.57 32.93 39.09
N GLU D 86 -97.65 32.89 39.83
CA GLU D 86 -97.61 33.10 41.24
C GLU D 86 -96.72 32.11 41.96
N ASP D 87 -96.75 30.87 41.43
CA ASP D 87 -96.00 29.76 41.99
C ASP D 87 -95.20 29.10 40.93
N MET D 88 -93.96 29.47 40.83
CA MET D 88 -93.09 28.93 39.84
C MET D 88 -93.06 27.46 39.82
N ALA D 89 -93.38 26.89 40.94
CA ALA D 89 -93.37 25.42 41.06
C ALA D 89 -94.55 24.77 40.37
N MET D 90 -95.27 25.58 39.62
CA MET D 90 -96.38 25.02 38.90
C MET D 90 -96.00 24.93 37.45
N MET D 91 -94.91 25.58 37.15
CA MET D 91 -94.33 25.54 35.85
C MET D 91 -94.05 24.12 35.49
N THR D 92 -94.04 23.83 34.18
CA THR D 92 -93.79 22.47 33.72
C THR D 92 -92.38 22.40 33.30
N HIS D 93 -91.68 23.49 33.59
CA HIS D 93 -90.27 23.58 33.25
C HIS D 93 -89.45 24.15 34.41
N LEU D 94 -88.97 23.19 35.19
CA LEU D 94 -88.18 23.37 36.37
C LEU D 94 -86.70 23.38 36.02
N HIS D 95 -86.26 24.58 35.68
CA HIS D 95 -84.92 24.85 35.28
C HIS D 95 -84.36 25.84 36.21
N GLU D 96 -83.14 26.20 35.86
CA GLU D 96 -82.49 27.26 36.56
C GLU D 96 -82.95 28.60 35.95
N PRO D 97 -82.88 28.72 34.61
CA PRO D 97 -83.27 29.92 33.96
C PRO D 97 -84.72 30.35 34.12
N ALA D 98 -85.61 29.42 33.91
CA ALA D 98 -87.00 29.75 34.05
C ALA D 98 -87.37 30.35 35.37
N VAL D 99 -86.57 30.05 36.38
CA VAL D 99 -86.89 30.59 37.68
C VAL D 99 -86.39 32.00 37.81
N LEU D 100 -85.24 32.18 37.28
CA LEU D 100 -84.63 33.51 37.32
C LEU D 100 -85.57 34.40 36.55
N TYR D 101 -85.88 33.95 35.35
CA TYR D 101 -86.71 34.70 34.45
C TYR D 101 -88.08 35.04 34.92
N ASN D 102 -88.72 34.20 35.72
CA ASN D 102 -90.05 34.48 36.22
C ASN D 102 -90.04 35.56 37.23
N LEU D 103 -89.04 35.49 38.05
CA LEU D 103 -88.93 36.45 39.15
C LEU D 103 -88.80 37.78 38.52
N GLU D 105 -89.35 38.88 35.45
CA GLU D 105 -90.44 39.49 34.72
C GLU D 105 -91.48 40.15 35.59
N ARG D 106 -91.83 39.51 36.72
CA ARG D 106 -92.87 40.06 37.56
C ARG D 106 -92.43 41.14 38.46
N TYR D 107 -91.18 41.49 38.27
CA TYR D 107 -90.52 42.51 39.07
C TYR D 107 -90.49 43.76 38.25
N ALA D 108 -90.17 43.55 36.97
CA ALA D 108 -90.15 44.64 35.99
C ALA D 108 -91.57 45.20 35.85
N ALA D 109 -92.51 44.45 36.45
CA ALA D 109 -93.90 44.78 36.46
C ALA D 109 -94.28 45.18 37.84
N TRP D 110 -93.26 45.29 38.65
CA TRP D 110 -93.44 45.70 40.02
C TRP D 110 -94.20 44.72 40.86
N MET D 111 -94.00 43.42 40.65
CA MET D 111 -94.57 42.50 41.59
C MET D 111 -93.40 41.86 42.40
N ILE D 112 -93.35 42.22 43.67
CA ILE D 112 -92.29 41.75 44.53
C ILE D 112 -92.53 40.39 45.18
N TYR D 113 -93.75 39.94 45.20
CA TYR D 113 -94.03 38.67 45.80
C TYR D 113 -94.44 37.62 44.86
N THR D 114 -93.53 36.70 44.70
CA THR D 114 -93.79 35.54 43.89
C THR D 114 -93.46 34.26 44.69
N TYR D 115 -94.30 33.21 44.69
CA TYR D 115 -94.01 31.96 45.45
C TYR D 115 -93.23 30.98 44.61
N SER D 116 -92.40 30.15 45.28
CA SER D 116 -91.58 29.12 44.61
C SER D 116 -91.67 27.84 45.33
N GLY D 117 -92.87 27.37 45.51
CA GLY D 117 -93.11 26.18 46.22
C GLY D 117 -93.73 26.56 47.49
N LEU D 118 -92.98 26.47 48.55
CA LEU D 118 -93.53 26.80 49.83
C LEU D 118 -93.07 28.17 50.19
N PHE D 119 -91.98 28.49 49.55
CA PHE D 119 -91.38 29.78 49.78
C PHE D 119 -92.22 30.92 49.36
N CYS D 120 -91.83 32.03 49.85
CA CYS D 120 -92.44 33.28 49.52
C CYS D 120 -91.33 34.20 49.17
N VAL D 121 -90.95 34.14 47.91
CA VAL D 121 -89.92 35.00 47.49
C VAL D 121 -90.31 36.44 47.62
N THR D 122 -89.37 37.29 47.97
CA THR D 122 -89.58 38.75 48.13
C THR D 122 -88.41 39.53 47.60
N VAL D 123 -88.70 40.43 46.70
CA VAL D 123 -87.64 41.24 46.10
C VAL D 123 -87.71 42.69 46.53
N ASN D 124 -86.53 43.25 46.91
CA ASN D 124 -86.44 44.64 47.37
C ASN D 124 -86.93 45.65 46.33
N PRO D 125 -88.02 46.36 46.62
CA PRO D 125 -88.54 47.30 45.64
C PRO D 125 -87.58 48.44 45.33
N TYR D 126 -87.03 48.97 46.36
CA TYR D 126 -86.10 50.10 46.29
C TYR D 126 -86.79 51.38 46.04
N TRP D 128 -91.20 52.98 47.05
CA TRP D 128 -92.40 52.79 47.87
C TRP D 128 -93.56 52.12 47.15
N LEU D 129 -94.33 51.35 47.94
CA LEU D 129 -95.46 50.62 47.40
C LEU D 129 -96.66 50.60 48.37
N PRO D 130 -97.85 50.66 47.78
CA PRO D 130 -99.09 50.62 48.53
C PRO D 130 -99.37 49.24 49.06
N VAL D 131 -98.37 48.38 49.13
CA VAL D 131 -98.59 47.00 49.55
C VAL D 131 -98.81 46.79 51.02
N TYR D 132 -98.19 47.63 51.83
CA TYR D 132 -98.24 47.42 53.23
C TYR D 132 -99.47 48.09 53.74
N ASN D 133 -100.23 48.50 52.71
CA ASN D 133 -101.50 49.19 52.81
C ASN D 133 -102.51 48.52 53.66
N PRO D 134 -102.94 49.38 54.52
CA PRO D 134 -103.90 49.15 55.56
C PRO D 134 -105.17 48.57 54.97
N VAL D 136 -104.95 46.25 52.51
CA VAL D 136 -104.49 44.92 52.16
C VAL D 136 -104.57 43.96 53.31
N VAL D 137 -104.07 44.47 54.42
CA VAL D 137 -104.05 43.79 55.69
C VAL D 137 -105.34 43.01 55.92
N LEU D 138 -106.47 43.67 55.66
CA LEU D 138 -107.80 43.07 55.82
C LEU D 138 -108.05 42.04 54.76
N ALA D 139 -107.71 42.48 53.56
CA ALA D 139 -107.93 41.68 52.39
C ALA D 139 -107.38 40.28 52.53
N TYR D 140 -106.16 40.21 53.09
CA TYR D 140 -105.47 38.99 53.26
C TYR D 140 -105.93 38.19 54.47
N ARG D 141 -106.89 38.80 55.13
CA ARG D 141 -107.46 38.28 56.34
C ARG D 141 -108.53 37.24 56.12
N GLY D 142 -108.21 35.98 56.47
CA GLY D 142 -109.08 34.81 56.37
C GLY D 142 -109.01 34.07 55.00
N LYS D 143 -107.98 34.36 54.23
CA LYS D 143 -107.76 33.83 52.89
C LYS D 143 -106.66 32.81 52.66
N LYS D 144 -107.01 31.62 52.15
CA LYS D 144 -105.95 30.67 51.79
C LYS D 144 -105.11 31.28 50.67
N ARG D 145 -103.86 30.83 50.51
CA ARG D 145 -103.02 31.45 49.50
C ARG D 145 -103.42 31.19 48.09
N GLN D 146 -104.56 30.53 47.94
CA GLN D 146 -105.04 30.23 46.60
C GLN D 146 -106.18 31.15 46.24
N GLU D 147 -106.70 31.79 47.29
CA GLU D 147 -107.77 32.76 47.20
C GLU D 147 -107.24 34.19 47.00
N ALA D 148 -105.93 34.35 47.08
CA ALA D 148 -105.26 35.61 46.91
C ALA D 148 -103.85 35.49 46.31
N PRO D 149 -103.39 36.57 45.71
CA PRO D 149 -102.11 36.63 45.05
C PRO D 149 -100.93 36.58 46.03
N PRO D 150 -99.76 36.23 45.53
CA PRO D 150 -98.57 36.16 46.32
C PRO D 150 -98.23 37.41 47.10
N HIS D 151 -98.21 37.19 48.43
CA HIS D 151 -97.91 38.15 49.45
C HIS D 151 -97.67 37.54 50.85
N ILE D 152 -96.84 38.23 51.59
CA ILE D 152 -96.38 37.92 52.92
C ILE D 152 -97.46 37.86 53.95
N PHE D 153 -98.48 38.65 53.76
CA PHE D 153 -99.51 38.58 54.70
C PHE D 153 -100.19 37.25 54.43
N SER D 154 -99.96 36.70 53.25
CA SER D 154 -100.63 35.43 53.00
C SER D 154 -100.08 34.45 53.93
N ILE D 155 -98.75 34.45 53.97
CA ILE D 155 -98.04 33.50 54.80
C ILE D 155 -98.46 33.72 56.23
N SER D 156 -98.37 34.97 56.63
CA SER D 156 -98.63 35.43 57.95
C SER D 156 -100.03 35.22 58.41
N ASP D 157 -100.94 35.12 57.52
CA ASP D 157 -102.29 34.96 58.00
C ASP D 157 -102.57 33.49 58.13
N ASN D 158 -102.08 32.80 57.13
CA ASN D 158 -102.29 31.39 57.08
C ASN D 158 -101.76 30.74 58.30
N ALA D 159 -100.65 31.30 58.76
CA ALA D 159 -100.01 30.79 59.96
C ALA D 159 -100.99 30.79 61.09
N TYR D 160 -101.51 31.99 61.29
CA TYR D 160 -102.52 32.27 62.27
C TYR D 160 -103.69 31.31 62.17
N GLN D 161 -104.18 31.20 60.96
CA GLN D 161 -105.31 30.34 60.68
C GLN D 161 -104.97 29.00 61.24
N PHE D 162 -104.05 28.41 60.52
CA PHE D 162 -103.47 27.17 60.79
C PHE D 162 -103.20 26.98 62.26
N MET D 163 -102.84 28.08 62.87
CA MET D 163 -102.55 28.03 64.26
C MET D 163 -103.78 27.57 64.98
N LEU D 164 -104.87 28.31 64.81
CA LEU D 164 -106.10 27.92 65.46
C LEU D 164 -106.78 26.66 64.88
N THR D 165 -106.65 26.43 63.59
CA THR D 165 -107.27 25.28 62.97
C THR D 165 -106.69 23.95 63.41
N ASP D 166 -105.36 23.82 63.33
CA ASP D 166 -104.66 22.59 63.67
C ASP D 166 -104.19 22.47 65.15
N ARG D 167 -104.25 23.58 65.87
CA ARG D 167 -103.82 23.59 67.26
C ARG D 167 -102.35 23.25 67.41
N GLU D 168 -101.57 23.73 66.45
CA GLU D 168 -100.13 23.55 66.42
C GLU D 168 -99.44 24.88 66.42
N ASN D 169 -98.21 24.87 66.88
CA ASN D 169 -97.50 26.16 66.84
C ASN D 169 -96.91 26.33 65.48
N GLN D 170 -96.60 27.59 65.21
CA GLN D 170 -96.12 27.94 63.90
C GLN D 170 -94.77 28.63 63.91
N SER D 171 -94.24 28.83 62.70
CA SER D 171 -92.99 29.56 62.53
C SER D 171 -92.90 30.14 61.15
N ILE D 172 -92.08 31.16 61.06
CA ILE D 172 -91.83 31.87 59.87
C ILE D 172 -90.36 32.08 59.79
N LEU D 173 -89.74 31.59 58.76
CA LEU D 173 -88.35 31.76 58.67
C LEU D 173 -87.95 32.70 57.62
N ILE D 174 -87.51 33.90 58.04
CA ILE D 174 -87.09 34.91 57.09
C ILE D 174 -85.60 34.85 56.91
N THR D 175 -85.11 34.87 55.71
CA THR D 175 -83.72 34.77 55.47
C THR D 175 -83.29 35.37 54.14
N GLY D 176 -82.10 36.02 54.14
CA GLY D 176 -81.52 36.62 52.92
C GLY D 176 -80.20 37.32 53.22
N GLU D 177 -79.50 37.81 52.18
CA GLU D 177 -78.27 38.55 52.42
C GLU D 177 -78.50 39.95 53.01
N SER D 178 -77.41 40.49 53.50
CA SER D 178 -77.31 41.77 54.14
C SER D 178 -78.24 42.83 53.59
N GLY D 179 -78.35 42.88 52.28
CA GLY D 179 -79.22 43.95 51.72
C GLY D 179 -80.60 43.54 51.29
N ALA D 180 -80.94 42.27 51.50
CA ALA D 180 -82.24 41.78 51.10
C ALA D 180 -83.43 42.46 51.75
N GLY D 181 -83.22 43.04 52.94
CA GLY D 181 -84.30 43.74 53.65
C GLY D 181 -85.22 42.85 54.44
N LYS D 182 -84.65 42.06 55.37
CA LYS D 182 -85.47 41.19 56.15
C LYS D 182 -86.16 41.86 57.33
N THR D 183 -85.41 42.66 58.11
CA THR D 183 -85.91 43.39 59.29
C THR D 183 -87.23 43.99 59.00
N VAL D 184 -87.19 44.64 57.83
CA VAL D 184 -88.35 45.30 57.24
C VAL D 184 -89.53 44.37 57.17
N ASN D 185 -89.29 43.17 56.65
CA ASN D 185 -90.35 42.23 56.55
C ASN D 185 -90.78 41.77 57.90
N THR D 186 -89.76 41.41 58.66
CA THR D 186 -89.98 40.86 59.98
C THR D 186 -90.85 41.76 60.77
N ARG D 188 -92.68 44.06 59.63
CA ARG D 188 -93.99 44.13 58.96
C ARG D 188 -94.86 42.94 59.24
N VAL D 189 -94.25 41.80 59.46
CA VAL D 189 -95.02 40.63 59.79
C VAL D 189 -95.60 40.79 61.17
N ILE D 190 -94.71 41.27 62.02
CA ILE D 190 -95.04 41.48 63.42
C ILE D 190 -96.24 42.40 63.60
N GLN D 191 -96.20 43.56 62.93
CA GLN D 191 -97.32 44.49 63.01
C GLN D 191 -98.58 43.73 62.70
N TYR D 192 -98.47 42.96 61.63
CA TYR D 192 -99.57 42.14 61.18
C TYR D 192 -100.20 41.34 62.30
N PHE D 193 -99.38 40.63 63.05
CA PHE D 193 -99.92 39.88 64.14
C PHE D 193 -100.60 40.73 65.12
N ALA D 194 -99.91 41.77 65.51
CA ALA D 194 -100.43 42.66 66.54
C ALA D 194 -101.78 43.20 66.13
N THR D 195 -101.88 43.68 64.90
CA THR D 195 -103.14 44.23 64.40
C THR D 195 -104.29 43.23 64.42
N ILE D 196 -104.18 42.24 63.55
CA ILE D 196 -105.18 41.23 63.41
C ILE D 196 -105.53 40.37 64.63
N ALA D 197 -105.00 40.65 65.79
CA ALA D 197 -105.39 39.82 66.95
C ALA D 197 -104.99 40.44 68.25
N ALA D 198 -105.35 41.68 68.38
CA ALA D 198 -105.02 42.44 69.57
C ALA D 198 -106.23 42.68 70.36
N SER D 199 -106.39 43.85 70.78
CA SER D 199 -107.52 44.04 71.60
C SER D 199 -107.17 43.95 73.01
N GLY D 200 -106.58 44.97 73.48
CA GLY D 200 -106.29 45.07 74.91
C GLY D 200 -107.47 45.79 75.53
N GLU D 201 -108.39 46.14 74.64
CA GLU D 201 -109.65 46.80 75.00
C GLU D 201 -109.42 48.21 75.55
N LYS D 202 -108.77 48.24 76.69
CA LYS D 202 -108.45 49.50 77.38
C LYS D 202 -107.30 50.25 76.70
N LYS D 203 -106.32 49.49 76.23
CA LYS D 203 -105.13 50.07 75.61
C LYS D 203 -105.40 50.60 74.19
N LYS D 204 -106.54 50.25 73.63
CA LYS D 204 -106.86 50.57 72.22
C LYS D 204 -107.17 52.07 71.95
N GLU D 205 -107.53 52.82 72.97
CA GLU D 205 -107.98 54.23 72.81
C GLU D 205 -106.85 55.19 72.37
N GLU D 206 -107.31 56.25 71.71
CA GLU D 206 -106.45 57.32 71.19
C GLU D 206 -106.09 58.31 72.32
N GLN D 207 -105.32 57.76 73.25
CA GLN D 207 -104.80 58.47 74.42
C GLN D 207 -103.41 57.91 74.72
N SER D 208 -102.43 58.55 74.10
CA SER D 208 -101.02 58.14 74.20
C SER D 208 -100.88 56.73 73.67
N GLY D 209 -101.71 56.45 72.68
CA GLY D 209 -101.74 55.13 72.05
C GLY D 209 -100.35 54.75 71.54
N LYS D 210 -99.97 53.54 71.93
CA LYS D 210 -98.71 52.91 71.49
C LYS D 210 -97.50 53.35 72.33
N MET D 211 -97.72 54.25 73.27
CA MET D 211 -96.67 54.70 74.21
C MET D 211 -96.41 53.59 75.23
N GLN D 212 -95.35 53.74 76.00
CA GLN D 212 -95.02 52.75 77.05
C GLN D 212 -96.23 52.61 77.95
N GLY D 213 -96.56 51.40 78.29
CA GLY D 213 -97.75 51.18 79.09
C GLY D 213 -98.70 50.18 78.41
N THR D 214 -98.45 49.90 77.10
CA THR D 214 -99.09 48.72 76.39
C THR D 214 -98.04 48.02 75.52
N LEU D 215 -98.28 46.70 75.42
CA LEU D 215 -97.59 45.69 74.55
C LEU D 215 -98.62 45.40 73.50
N GLU D 216 -98.14 45.50 72.40
CA GLU D 216 -98.76 45.51 71.13
C GLU D 216 -97.95 46.63 70.64
N ASP D 217 -97.60 47.41 71.67
CA ASP D 217 -96.69 48.55 71.54
C ASP D 217 -95.30 48.13 72.00
N GLN D 218 -95.25 47.61 73.23
CA GLN D 218 -93.98 47.13 73.79
C GLN D 218 -93.37 46.24 72.77
N ILE D 219 -94.23 45.34 72.34
CA ILE D 219 -93.93 44.35 71.32
C ILE D 219 -93.23 45.06 70.20
N ILE D 220 -93.87 46.10 69.78
CA ILE D 220 -93.36 46.89 68.70
C ILE D 220 -92.15 47.71 69.12
N SER D 221 -92.36 48.52 70.13
CA SER D 221 -91.33 49.43 70.63
C SER D 221 -90.01 48.75 70.79
N ALA D 222 -90.07 47.42 70.92
CA ALA D 222 -88.90 46.64 71.11
C ALA D 222 -87.86 46.93 70.08
N ASN D 223 -88.29 46.78 68.86
CA ASN D 223 -87.42 46.92 67.70
C ASN D 223 -86.48 48.10 67.72
N PRO D 224 -87.07 49.29 67.71
CA PRO D 224 -86.35 50.55 67.70
C PRO D 224 -85.29 50.76 68.78
N LEU D 225 -85.25 49.86 69.75
CA LEU D 225 -84.24 49.96 70.80
C LEU D 225 -83.07 49.11 70.33
N LEU D 226 -83.40 47.84 70.10
CA LEU D 226 -82.49 46.86 69.59
C LEU D 226 -81.73 47.38 68.40
N GLU D 227 -82.47 48.06 67.54
CA GLU D 227 -81.97 48.64 66.27
C GLU D 227 -80.94 49.74 66.49
N ALA D 228 -81.13 50.48 67.57
CA ALA D 228 -80.15 51.51 67.88
C ALA D 228 -78.86 50.96 68.30
N PHE D 229 -78.94 49.77 68.93
CA PHE D 229 -77.80 49.03 69.45
C PHE D 229 -77.27 47.91 68.63
N GLY D 230 -78.14 47.20 67.95
CA GLY D 230 -77.69 46.13 67.09
C GLY D 230 -77.79 46.39 65.60
N ASN D 231 -78.00 47.64 65.17
CA ASN D 231 -78.11 47.98 63.75
C ASN D 231 -77.15 49.07 63.36
N ALA D 232 -76.79 49.08 62.10
CA ALA D 232 -75.86 50.04 61.61
C ALA D 232 -75.85 50.17 60.10
N THR D 234 -74.52 49.60 56.85
CA THR D 234 -73.67 48.65 56.13
C THR D 234 -73.53 49.26 54.76
N VAL D 235 -72.55 48.80 54.03
CA VAL D 235 -72.31 49.28 52.69
C VAL D 235 -73.45 48.87 51.74
N ARG D 236 -74.23 47.89 52.18
CA ARG D 236 -75.35 47.36 51.42
C ARG D 236 -76.68 47.99 51.83
N ASN D 237 -76.95 47.93 53.13
CA ASN D 237 -78.14 48.51 53.70
C ASN D 237 -77.74 49.76 54.51
N ASP D 238 -78.71 50.55 54.92
CA ASP D 238 -78.45 51.77 55.67
C ASP D 238 -78.81 51.55 57.09
N ASN D 239 -79.59 50.49 57.28
CA ASN D 239 -80.07 50.00 58.56
C ASN D 239 -79.95 48.50 58.58
N SER D 240 -78.72 47.94 58.47
CA SER D 240 -78.54 46.51 58.47
C SER D 240 -78.58 45.89 59.83
N SER D 241 -79.20 44.71 59.91
CA SER D 241 -79.33 43.97 61.16
C SER D 241 -78.00 43.30 61.47
N ARG D 242 -77.30 43.69 62.54
CA ARG D 242 -76.04 43.06 62.81
C ARG D 242 -76.09 41.98 63.76
N PHE D 243 -77.27 41.43 63.90
CA PHE D 243 -77.55 40.28 64.72
C PHE D 243 -78.79 39.54 64.29
N GLY D 244 -78.96 38.32 64.80
CA GLY D 244 -80.09 37.47 64.45
C GLY D 244 -81.14 37.49 65.50
N PHE D 246 -85.08 35.85 67.23
CA PHE D 246 -86.20 34.98 67.32
C PHE D 246 -87.21 35.39 68.34
N ILE D 247 -88.37 35.78 67.86
CA ILE D 247 -89.49 36.19 68.67
C ILE D 247 -90.59 35.19 68.78
N ARG D 248 -91.08 35.01 70.00
CA ARG D 248 -92.13 34.07 70.12
C ARG D 248 -93.38 34.79 70.46
N ILE D 249 -94.28 34.90 69.52
CA ILE D 249 -95.49 35.56 69.88
C ILE D 249 -96.45 34.56 70.37
N HIS D 250 -96.68 34.70 71.64
CA HIS D 250 -97.51 33.74 72.32
C HIS D 250 -98.94 34.15 72.27
N PHE D 251 -99.66 33.46 71.42
CA PHE D 251 -101.05 33.74 71.31
C PHE D 251 -101.79 33.06 72.41
N GLY D 252 -102.95 33.59 72.75
CA GLY D 252 -103.77 33.03 73.80
C GLY D 252 -104.60 31.83 73.32
N ALA D 253 -105.63 31.50 74.09
CA ALA D 253 -106.53 30.39 73.84
C ALA D 253 -107.62 30.77 72.85
N THR D 254 -108.13 31.96 73.12
CA THR D 254 -109.14 32.57 72.30
C THR D 254 -108.51 32.68 70.94
N GLY D 255 -107.38 33.35 70.90
CA GLY D 255 -106.65 33.60 69.69
C GLY D 255 -106.05 35.02 69.77
N LYS D 256 -106.25 35.66 70.93
CA LYS D 256 -105.77 37.00 71.13
C LYS D 256 -104.40 36.99 71.84
N LEU D 257 -103.58 37.97 71.44
CA LEU D 257 -102.21 38.18 71.96
C LEU D 257 -102.06 37.96 73.45
N ALA D 258 -100.94 37.34 73.86
CA ALA D 258 -100.68 37.05 75.29
C ALA D 258 -99.24 37.29 75.75
N SER D 259 -98.24 36.93 74.94
CA SER D 259 -96.85 37.14 75.28
C SER D 259 -95.94 37.13 74.09
N ALA D 260 -94.72 37.58 74.37
CA ALA D 260 -93.64 37.64 73.40
C ALA D 260 -92.34 37.17 74.03
N ASP D 261 -91.36 36.95 73.18
CA ASP D 261 -90.12 36.38 73.64
C ASP D 261 -88.94 36.62 72.72
N ILE D 262 -88.06 37.51 73.03
CA ILE D 262 -86.93 37.64 72.14
C ILE D 262 -85.70 36.90 72.53
N GLU D 263 -84.91 36.56 71.51
CA GLU D 263 -83.63 35.93 71.66
C GLU D 263 -82.68 36.38 70.58
N THR D 264 -81.48 36.71 71.01
CA THR D 264 -80.50 37.26 70.12
C THR D 264 -79.36 36.30 69.88
N TYR D 265 -78.85 36.32 68.67
CA TYR D 265 -77.78 35.45 68.24
C TYR D 265 -76.73 36.23 67.48
N LEU D 266 -75.53 35.90 67.73
CA LEU D 266 -74.41 36.43 67.02
C LEU D 266 -74.38 37.91 66.71
N LEU D 267 -74.01 38.70 67.67
CA LEU D 267 -73.93 40.08 67.52
C LEU D 267 -72.58 40.49 66.98
N GLU D 268 -72.54 41.47 66.08
CA GLU D 268 -71.33 41.95 65.48
C GLU D 268 -70.56 42.80 66.42
N SER D 270 -67.48 43.38 66.74
CA SER D 270 -66.45 44.17 66.11
C SER D 270 -66.82 45.63 65.75
N ARG D 271 -68.08 45.92 65.40
CA ARG D 271 -68.47 47.27 65.00
C ARG D 271 -68.11 48.22 66.10
N VAL D 272 -68.41 47.79 67.34
CA VAL D 272 -68.13 48.56 68.50
C VAL D 272 -66.73 49.16 68.52
N THR D 273 -65.81 48.53 67.86
CA THR D 273 -64.39 48.91 67.90
C THR D 273 -63.84 49.24 66.54
N PHE D 274 -64.53 48.78 65.55
CA PHE D 274 -64.12 48.94 64.21
C PHE D 274 -65.24 49.20 63.31
N GLN D 275 -64.82 49.54 62.11
CA GLN D 275 -65.71 49.89 61.04
C GLN D 275 -64.97 50.06 59.72
N LEU D 276 -65.59 49.48 58.71
CA LEU D 276 -65.07 49.63 57.40
C LEU D 276 -65.31 51.08 56.97
N PRO D 277 -64.60 51.44 55.95
CA PRO D 277 -64.58 52.77 55.36
C PRO D 277 -65.87 53.34 54.87
N ALA D 278 -66.75 52.50 54.37
CA ALA D 278 -68.02 53.02 53.90
C ALA D 278 -69.13 52.77 54.88
N GLU D 279 -68.75 52.19 56.01
CA GLU D 279 -69.72 51.82 57.00
C GLU D 279 -69.62 52.64 58.26
N ARG D 280 -70.42 52.22 59.18
CA ARG D 280 -70.42 52.87 60.43
C ARG D 280 -70.87 51.99 61.56
N SER D 281 -70.63 52.44 62.75
CA SER D 281 -70.99 51.67 63.87
C SER D 281 -72.44 51.79 64.16
N TYR D 282 -72.82 51.13 65.27
CA TYR D 282 -74.16 51.11 65.72
C TYR D 282 -74.74 52.49 65.71
N HIS D 283 -76.04 52.63 65.63
CA HIS D 283 -76.60 53.95 65.51
C HIS D 283 -76.45 54.79 66.74
N ILE D 284 -76.80 54.14 67.86
CA ILE D 284 -76.82 54.77 69.14
C ILE D 284 -75.84 55.88 69.34
N PHE D 285 -74.65 55.58 68.96
CA PHE D 285 -73.52 56.49 69.13
C PHE D 285 -73.78 57.72 68.42
N TYR D 286 -74.17 57.57 67.17
CA TYR D 286 -74.42 58.75 66.36
C TYR D 286 -75.70 59.37 66.77
N GLN D 287 -76.59 58.58 67.32
CA GLN D 287 -77.84 59.11 67.77
C GLN D 287 -77.50 60.16 68.83
N ILE D 288 -76.93 59.67 69.92
CA ILE D 288 -76.51 60.42 71.08
C ILE D 288 -75.70 61.69 70.85
N MET D 289 -74.74 61.64 69.97
CA MET D 289 -73.92 62.78 69.65
C MET D 289 -74.64 63.76 68.72
N SER D 290 -75.85 63.39 68.35
CA SER D 290 -76.64 64.21 67.44
C SER D 290 -76.99 65.52 68.09
N ASN D 291 -77.18 65.48 69.40
CA ASN D 291 -77.49 66.63 70.24
C ASN D 291 -78.95 66.96 70.38
N PRO D 294 -79.21 67.60 74.71
CA PRO D 294 -77.89 68.10 75.10
C PRO D 294 -77.32 67.65 76.46
N GLU D 295 -78.19 67.42 77.46
CA GLU D 295 -77.76 66.97 78.78
C GLU D 295 -76.89 65.78 78.69
N LEU D 296 -77.35 64.90 77.85
CA LEU D 296 -76.68 63.61 77.54
C LEU D 296 -75.20 63.78 77.25
N ILE D 297 -74.91 64.78 76.39
CA ILE D 297 -73.55 65.07 76.01
C ILE D 297 -72.62 65.42 77.19
N ASP D 298 -73.18 66.19 78.13
CA ASP D 298 -72.48 66.65 79.29
C ASP D 298 -72.54 65.58 80.36
N MET D 299 -73.60 64.85 80.31
CA MET D 299 -73.81 63.79 81.25
C MET D 299 -72.78 62.67 81.04
N LEU D 300 -72.54 62.38 79.76
CA LEU D 300 -71.63 61.33 79.35
C LEU D 300 -70.22 61.85 79.28
N LEU D 301 -70.09 63.14 79.21
CA LEU D 301 -68.80 63.76 79.15
C LEU D 301 -68.15 63.60 77.83
N ILE D 302 -68.92 63.85 76.78
CA ILE D 302 -68.36 63.73 75.46
C ILE D 302 -68.61 64.98 74.68
N THR D 303 -68.17 64.93 73.47
CA THR D 303 -68.44 65.98 72.58
C THR D 303 -69.49 65.55 71.59
N THR D 304 -69.72 66.37 70.57
CA THR D 304 -70.72 66.14 69.52
C THR D 304 -70.05 65.73 68.19
N ASN D 305 -68.73 65.86 68.14
CA ASN D 305 -67.85 65.52 67.05
C ASN D 305 -67.24 64.16 67.27
N PRO D 306 -67.64 63.20 66.43
CA PRO D 306 -67.28 61.81 66.53
C PRO D 306 -65.87 61.52 66.26
N TYR D 307 -65.25 62.48 65.65
CA TYR D 307 -63.86 62.23 65.39
C TYR D 307 -63.02 62.30 66.65
N ASP D 308 -63.69 62.34 67.81
CA ASP D 308 -63.06 62.39 69.14
C ASP D 308 -63.10 61.01 69.76
N TYR D 309 -63.76 60.11 69.03
CA TYR D 309 -63.94 58.78 69.43
C TYR D 309 -63.66 57.85 68.34
N HIS D 310 -62.37 57.59 68.25
CA HIS D 310 -61.77 56.65 67.31
C HIS D 310 -62.58 55.36 67.01
N TYR D 311 -63.06 54.72 68.03
CA TYR D 311 -63.83 53.52 67.99
C TYR D 311 -65.00 53.67 67.05
N VAL D 312 -65.61 54.85 67.02
CA VAL D 312 -66.80 55.12 66.22
C VAL D 312 -66.71 56.05 65.01
N SER D 313 -65.54 56.42 64.59
CA SER D 313 -65.49 57.23 63.41
C SER D 313 -64.42 56.74 62.49
N GLU D 314 -64.28 55.45 62.40
CA GLU D 314 -63.24 54.91 61.55
C GLU D 314 -63.79 54.86 60.15
N GLY D 315 -65.10 54.79 60.09
CA GLY D 315 -65.73 54.71 58.80
C GLY D 315 -66.41 56.00 58.53
N GLU D 316 -67.74 55.96 58.53
CA GLU D 316 -68.53 57.13 58.24
C GLU D 316 -69.27 57.52 59.50
N ILE D 317 -69.72 58.77 59.53
CA ILE D 317 -70.42 59.33 60.68
C ILE D 317 -71.85 59.69 60.38
N THR D 318 -72.06 60.18 59.16
CA THR D 318 -73.41 60.58 58.81
C THR D 318 -73.96 59.88 57.57
N VAL D 319 -75.25 59.62 57.66
CA VAL D 319 -76.04 58.98 56.60
C VAL D 319 -77.27 59.83 56.34
N PRO D 320 -77.38 60.29 55.09
CA PRO D 320 -78.43 61.18 54.63
C PRO D 320 -79.85 60.69 54.84
N SER D 321 -80.06 59.39 54.62
CA SER D 321 -81.36 58.79 54.79
C SER D 321 -81.80 58.59 56.22
N ILE D 322 -80.90 58.89 57.20
CA ILE D 322 -81.17 58.73 58.62
C ILE D 322 -81.10 60.03 59.38
N ASP D 323 -82.08 60.23 60.28
CA ASP D 323 -82.19 61.43 61.11
C ASP D 323 -81.92 61.06 62.55
N ASP D 324 -80.64 61.04 62.88
CA ASP D 324 -80.14 60.63 64.18
C ASP D 324 -80.89 61.31 65.34
N GLN D 325 -81.32 62.52 65.09
CA GLN D 325 -82.02 63.31 66.07
C GLN D 325 -83.37 62.75 66.43
N GLU D 326 -84.08 62.28 65.41
CA GLU D 326 -85.45 61.73 65.55
C GLU D 326 -85.42 60.37 66.26
N GLU D 327 -84.46 59.62 65.82
CA GLU D 327 -84.28 58.31 66.35
C GLU D 327 -83.96 58.29 67.81
N LEU D 328 -83.07 59.22 68.19
CA LEU D 328 -82.66 59.36 69.58
C LEU D 328 -83.84 59.36 70.49
N MET D 329 -84.85 60.05 70.07
CA MET D 329 -86.08 60.07 70.85
C MET D 329 -86.82 58.80 70.75
N ALA D 330 -86.88 58.31 69.51
CA ALA D 330 -87.59 57.07 69.29
C ALA D 330 -87.09 56.02 70.25
N THR D 331 -85.80 55.99 70.25
CA THR D 331 -85.06 55.13 71.09
C THR D 331 -85.40 55.37 72.49
N ASP D 332 -85.19 56.62 72.85
CA ASP D 332 -85.43 57.09 74.22
C ASP D 332 -86.78 56.65 74.74
N SER D 333 -87.78 57.10 74.03
CA SER D 333 -89.18 56.78 74.32
C SER D 333 -89.45 55.30 74.40
N ALA D 334 -88.83 54.52 73.52
CA ALA D 334 -88.99 53.12 73.54
C ALA D 334 -88.54 52.51 74.87
N ILE D 335 -87.43 53.05 75.36
CA ILE D 335 -86.86 52.53 76.60
C ILE D 335 -87.87 52.56 77.70
N ASP D 336 -88.43 53.72 77.83
CA ASP D 336 -89.47 54.02 78.77
C ASP D 336 -90.62 53.05 78.66
N ILE D 337 -91.18 52.96 77.47
CA ILE D 337 -92.31 52.08 77.24
C ILE D 337 -91.99 50.72 77.58
N LEU D 338 -90.73 50.45 77.31
CA LEU D 338 -90.26 49.15 77.64
C LEU D 338 -90.18 48.88 79.15
N GLY D 339 -90.47 49.92 79.94
CA GLY D 339 -90.51 49.76 81.40
C GLY D 339 -89.19 49.85 82.16
N PHE D 340 -88.15 50.29 81.46
CA PHE D 340 -86.88 50.39 82.12
C PHE D 340 -86.90 51.48 83.18
N SER D 341 -86.16 51.24 84.24
CA SER D 341 -85.97 52.23 85.28
C SER D 341 -85.09 53.38 84.79
N ALA D 342 -85.33 54.58 85.28
CA ALA D 342 -84.58 55.73 84.76
C ALA D 342 -83.11 55.53 84.92
N ASP D 343 -82.82 55.04 86.10
CA ASP D 343 -81.51 54.64 86.49
C ASP D 343 -80.91 53.70 85.41
N GLU D 344 -81.63 52.62 85.09
CA GLU D 344 -81.18 51.70 84.10
C GLU D 344 -81.07 52.44 82.83
N THR D 346 -80.42 55.16 82.61
CA THR D 346 -79.28 56.04 82.81
C THR D 346 -78.01 55.20 82.65
N ALA D 347 -78.03 53.96 83.16
CA ALA D 347 -76.92 53.09 83.03
C ALA D 347 -76.57 52.89 81.58
N ILE D 348 -77.59 52.62 80.85
CA ILE D 348 -77.51 52.36 79.42
C ILE D 348 -76.78 53.48 78.78
N TYR D 349 -77.26 54.66 79.05
CA TYR D 349 -76.60 55.74 78.40
C TYR D 349 -75.20 55.82 78.91
N LEU D 351 -73.27 53.95 80.29
CA LEU D 351 -72.46 52.81 79.91
C LEU D 351 -72.03 52.83 78.46
N THR D 352 -72.87 53.37 77.61
CA THR D 352 -72.61 53.47 76.19
C THR D 352 -71.57 54.50 75.87
N GLY D 353 -71.31 55.40 76.80
CA GLY D 353 -70.34 56.46 76.59
C GLY D 353 -69.02 56.05 77.13
N ALA D 354 -69.04 55.26 78.21
CA ALA D 354 -67.80 54.77 78.79
C ALA D 354 -66.96 54.10 77.68
N VAL D 355 -67.66 53.28 76.97
CA VAL D 355 -67.15 52.50 75.85
C VAL D 355 -66.50 53.39 74.83
N MET D 356 -67.06 54.50 74.56
CA MET D 356 -66.47 55.45 73.58
C MET D 356 -65.16 55.92 74.10
N HIS D 357 -65.20 56.26 75.38
CA HIS D 357 -64.04 56.74 76.14
C HIS D 357 -62.91 55.76 76.20
N TYR D 358 -63.25 54.51 76.33
CA TYR D 358 -62.23 53.51 76.39
C TYR D 358 -61.31 53.56 75.20
N GLY D 359 -61.91 53.68 74.07
CA GLY D 359 -61.18 53.74 72.84
C GLY D 359 -60.30 54.93 72.78
N ASN D 360 -60.46 55.81 73.79
CA ASN D 360 -59.63 57.03 73.90
C ASN D 360 -58.54 56.85 74.92
N LEU D 361 -58.68 55.78 75.69
CA LEU D 361 -57.71 55.45 76.68
C LEU D 361 -56.39 55.20 75.98
N LYS D 362 -55.38 55.92 76.44
CA LYS D 362 -54.04 55.88 75.89
C LYS D 362 -53.01 55.47 76.90
N PHE D 363 -51.98 54.82 76.39
CA PHE D 363 -50.89 54.33 77.20
C PHE D 363 -49.54 54.56 76.56
N GLN D 365 -45.11 53.30 77.15
CA GLN D 365 -44.05 52.42 77.64
C GLN D 365 -43.32 53.03 78.80
N GLN D 367 -40.23 53.69 80.95
CA GLN D 367 -38.83 53.81 80.54
C GLN D 367 -37.96 52.63 80.94
N ARG D 368 -37.17 52.15 79.97
CA ARG D 368 -36.24 51.06 80.18
C ARG D 368 -36.93 49.76 80.47
N GLU D 369 -38.22 49.83 80.40
CA GLU D 369 -39.06 48.70 80.64
C GLU D 369 -39.96 48.60 79.43
N GLU D 370 -40.49 47.41 79.25
CA GLU D 370 -41.37 47.12 78.15
C GLU D 370 -42.80 47.11 78.68
N GLN D 371 -42.97 47.73 79.84
CA GLN D 371 -44.25 47.76 80.42
C GLN D 371 -45.04 48.94 79.99
N ALA D 372 -46.34 48.74 80.14
CA ALA D 372 -47.30 49.73 79.85
C ALA D 372 -47.59 50.50 81.10
N GLU D 373 -47.60 51.79 80.92
CA GLU D 373 -47.91 52.72 81.95
C GLU D 373 -48.89 53.72 81.35
N PRO D 374 -49.89 54.11 82.14
CA PRO D 374 -50.89 55.03 81.71
C PRO D 374 -50.33 56.32 81.17
N ASP D 375 -50.90 56.80 80.08
CA ASP D 375 -50.45 58.02 79.48
C ASP D 375 -51.34 59.17 79.91
N GLY D 376 -51.91 59.11 81.11
CA GLY D 376 -52.77 60.21 81.58
C GLY D 376 -54.00 59.68 82.26
N THR D 377 -54.52 60.52 83.17
CA THR D 377 -55.76 60.21 83.87
C THR D 377 -56.76 61.32 83.64
N GLU D 378 -57.08 61.46 82.39
CA GLU D 378 -58.00 62.45 81.88
C GLU D 378 -59.28 61.72 81.54
N VAL D 379 -59.07 60.67 80.72
CA VAL D 379 -60.10 59.86 80.20
C VAL D 379 -60.47 58.76 81.11
N ALA D 380 -59.51 58.26 81.78
CA ALA D 380 -59.77 57.15 82.64
C ALA D 380 -60.75 57.60 83.66
N ASP D 381 -60.56 58.82 84.01
CA ASP D 381 -61.32 59.48 85.07
C ASP D 381 -62.77 59.43 84.74
N ALA D 383 -64.15 57.52 82.27
CA ALA D 383 -64.62 56.18 82.10
C ALA D 383 -64.90 55.63 83.46
N ALA D 384 -64.03 55.89 84.37
CA ALA D 384 -64.15 55.39 85.73
C ALA D 384 -65.41 55.86 86.42
N TYR D 385 -65.69 57.11 86.30
CA TYR D 385 -66.83 57.72 86.94
C TYR D 385 -68.14 57.25 86.35
N LEU D 386 -68.17 57.20 85.05
CA LEU D 386 -69.31 56.82 84.28
C LEU D 386 -69.71 55.42 84.55
N MET D 387 -68.73 54.58 84.94
CA MET D 387 -69.01 53.18 85.23
C MET D 387 -69.15 52.93 86.75
N GLY D 388 -68.89 53.93 87.56
CA GLY D 388 -68.97 53.77 89.00
C GLY D 388 -67.75 53.02 89.52
N LEU D 389 -66.60 53.39 88.97
CA LEU D 389 -65.30 52.82 89.24
C LEU D 389 -64.33 53.87 89.84
N ASN D 390 -63.12 53.42 90.13
CA ASN D 390 -62.07 54.21 90.63
C ASN D 390 -60.94 54.23 89.61
N SER D 391 -60.62 55.42 89.14
CA SER D 391 -59.60 55.66 88.12
C SER D 391 -58.37 54.82 88.27
N ALA D 392 -57.83 54.83 89.47
CA ALA D 392 -56.57 54.17 89.76
C ALA D 392 -56.64 52.70 89.64
N GLU D 393 -57.48 52.17 90.50
CA GLU D 393 -57.69 50.77 90.66
C GLU D 393 -57.85 50.19 89.32
N LEU D 394 -58.55 50.99 88.49
CA LEU D 394 -58.85 50.61 87.12
C LEU D 394 -57.57 50.53 86.25
N LEU D 395 -56.77 51.59 86.28
CA LEU D 395 -55.58 51.64 85.48
C LEU D 395 -54.53 50.65 85.87
N LYS D 396 -54.61 50.19 87.12
CA LYS D 396 -53.68 49.23 87.63
C LYS D 396 -53.97 47.88 87.01
N ALA D 397 -55.16 47.42 87.37
CA ALA D 397 -55.75 46.19 86.91
C ALA D 397 -55.48 46.01 85.43
N LEU D 398 -55.67 47.10 84.72
CA LEU D 398 -55.43 47.12 83.29
C LEU D 398 -53.98 46.90 82.92
N CYS D 399 -53.07 47.62 83.63
CA CYS D 399 -51.64 47.59 83.41
C CYS D 399 -50.92 46.40 84.06
N TYR D 400 -51.32 46.09 85.29
CA TYR D 400 -50.75 45.04 86.07
C TYR D 400 -51.78 44.03 86.46
N PRO D 401 -52.30 43.42 85.44
CA PRO D 401 -53.29 42.36 85.58
C PRO D 401 -52.86 41.38 86.59
N ARG D 402 -53.62 41.24 87.66
CA ARG D 402 -53.29 40.26 88.72
C ARG D 402 -54.09 38.98 88.55
N VAL D 403 -53.36 38.04 87.99
CA VAL D 403 -53.75 36.69 87.61
C VAL D 403 -53.69 35.70 88.78
N GLY D 404 -54.02 34.43 88.51
CA GLY D 404 -54.06 33.34 89.50
C GLY D 404 -53.61 31.96 88.97
N VAL D 405 -52.32 31.84 88.55
CA VAL D 405 -51.65 30.62 88.03
C VAL D 405 -51.06 29.73 89.14
N GLY D 406 -51.62 28.55 89.25
CA GLY D 406 -51.25 27.60 90.27
C GLY D 406 -52.43 27.57 91.23
N ASN D 407 -52.20 27.91 92.50
CA ASN D 407 -53.28 27.94 93.48
C ASN D 407 -53.42 29.30 94.13
N GLU D 408 -52.66 30.25 93.57
CA GLU D 408 -52.62 31.60 94.06
C GLU D 408 -53.01 32.59 92.97
N ALA D 409 -52.58 33.82 93.21
CA ALA D 409 -52.84 34.94 92.35
C ALA D 409 -51.55 35.74 92.08
N VAL D 410 -50.99 35.46 90.90
CA VAL D 410 -49.76 36.03 90.38
C VAL D 410 -49.91 37.29 89.57
N THR D 411 -49.35 38.37 90.06
CA THR D 411 -49.42 39.62 89.33
C THR D 411 -48.55 39.69 88.09
N GLY D 413 -47.55 41.54 84.30
CA GLY D 413 -47.35 42.79 83.61
C GLY D 413 -47.63 42.68 82.11
N GLU D 414 -48.24 43.74 81.58
CA GLU D 414 -48.58 43.78 80.19
C GLU D 414 -47.87 44.84 79.38
N THR D 415 -47.88 44.64 78.07
CA THR D 415 -47.29 45.53 77.13
C THR D 415 -48.30 46.55 76.67
N VAL D 416 -47.80 47.57 75.98
CA VAL D 416 -48.63 48.60 75.47
C VAL D 416 -49.67 47.93 74.54
N SER D 417 -49.16 47.18 73.59
CA SER D 417 -50.01 46.45 72.65
C SER D 417 -51.00 45.56 73.32
N GLU D 418 -50.65 45.05 74.49
CA GLU D 418 -51.51 44.15 75.20
C GLU D 418 -52.67 44.85 75.87
N VAL D 419 -52.42 46.09 76.27
CA VAL D 419 -53.44 46.84 76.96
C VAL D 419 -54.49 47.29 76.02
N HIS D 420 -54.01 48.00 75.00
CA HIS D 420 -54.89 48.54 73.97
C HIS D 420 -55.84 47.46 73.51
N ASN D 421 -55.33 46.26 73.39
CA ASN D 421 -56.13 45.14 72.96
C ASN D 421 -57.05 44.71 74.08
N SER D 422 -56.59 44.70 75.32
CA SER D 422 -57.53 44.25 76.37
C SER D 422 -58.68 45.18 76.60
N VAL D 423 -58.38 46.43 76.50
CA VAL D 423 -59.36 47.47 76.65
C VAL D 423 -60.48 47.21 75.66
N GLY D 424 -60.07 47.11 74.41
CA GLY D 424 -60.97 46.81 73.35
C GLY D 424 -61.78 45.58 73.65
N ALA D 425 -61.15 44.63 74.31
CA ALA D 425 -61.91 43.46 74.65
C ALA D 425 -62.99 43.69 75.64
N LEU D 426 -62.71 44.57 76.60
CA LEU D 426 -63.79 44.86 77.56
C LEU D 426 -64.90 45.68 76.93
N ALA D 427 -64.50 46.73 76.17
CA ALA D 427 -65.40 47.60 75.47
C ALA D 427 -66.42 46.77 74.78
N ALA D 429 -66.91 43.46 75.21
CA ALA D 429 -67.56 42.59 76.17
C ALA D 429 -68.73 43.26 76.85
N VAL D 430 -68.46 44.44 77.39
CA VAL D 430 -69.48 45.23 78.06
C VAL D 430 -70.69 45.58 77.24
N TYR D 431 -70.41 46.07 76.03
CA TYR D 431 -71.48 46.41 75.10
C TYR D 431 -72.41 45.25 74.87
N GLU D 432 -71.79 44.12 74.47
CA GLU D 432 -72.51 42.90 74.25
C GLU D 432 -73.45 42.58 75.33
N MET D 434 -74.53 43.99 77.84
CA MET D 434 -75.54 45.01 78.02
C MET D 434 -76.67 44.76 77.08
N PHE D 435 -76.29 44.60 75.85
CA PHE D 435 -77.26 44.34 74.81
C PHE D 435 -78.07 43.15 75.15
N LEU D 436 -77.37 42.15 75.70
CA LEU D 436 -78.07 40.93 76.08
C LEU D 436 -79.07 41.23 77.17
N TRP D 437 -78.61 41.97 78.14
CA TRP D 437 -79.41 42.35 79.27
C TRP D 437 -80.69 43.05 78.84
N MET D 438 -80.50 44.07 78.01
CA MET D 438 -81.62 44.87 77.51
C MET D 438 -82.67 43.95 76.99
N VAL D 439 -82.20 42.98 76.21
CA VAL D 439 -83.14 42.02 75.66
C VAL D 439 -83.90 41.33 76.75
N ILE D 440 -83.17 40.79 77.72
CA ILE D 440 -83.80 40.13 78.84
C ILE D 440 -84.81 41.02 79.53
N ARG D 441 -84.40 42.21 79.82
CA ARG D 441 -85.28 43.11 80.47
C ARG D 441 -86.53 43.34 79.66
N ILE D 442 -86.34 43.36 78.35
CA ILE D 442 -87.48 43.57 77.47
C ILE D 442 -88.42 42.39 77.71
N ASN D 443 -87.90 41.20 77.48
CA ASN D 443 -88.58 39.95 77.65
C ASN D 443 -89.36 39.96 78.96
N GLN D 444 -88.74 40.56 79.97
CA GLN D 444 -89.36 40.61 81.26
C GLN D 444 -90.64 41.36 81.35
N GLN D 445 -90.67 42.41 80.60
CA GLN D 445 -91.88 43.19 80.57
C GLN D 445 -92.88 42.45 79.71
N LEU D 446 -92.37 41.86 78.65
CA LEU D 446 -93.18 41.13 77.70
C LEU D 446 -93.73 39.84 78.29
N ASP D 447 -93.61 39.73 79.60
CA ASP D 447 -94.10 38.55 80.32
C ASP D 447 -95.38 38.89 81.02
N THR D 448 -96.39 38.12 80.65
CA THR D 448 -97.65 38.35 81.29
C THR D 448 -98.03 37.10 82.01
N LYS D 449 -99.05 37.23 82.83
CA LYS D 449 -99.55 36.12 83.59
C LYS D 449 -100.56 35.30 82.80
N GLN D 450 -101.35 35.98 81.93
CA GLN D 450 -102.36 35.32 81.08
C GLN D 450 -101.85 34.04 80.44
N PRO D 451 -102.75 33.07 80.30
CA PRO D 451 -102.40 31.78 79.75
C PRO D 451 -102.02 31.88 78.31
N ARG D 452 -101.19 30.92 77.91
CA ARG D 452 -100.66 30.80 76.55
C ARG D 452 -100.92 29.38 76.06
N GLN D 453 -101.43 29.26 74.80
CA GLN D 453 -101.71 27.92 74.31
C GLN D 453 -100.82 27.55 73.15
N TYR D 454 -100.47 28.59 72.39
CA TYR D 454 -99.58 28.44 71.24
C TYR D 454 -98.86 29.72 70.94
N PHE D 455 -97.84 29.57 70.10
CA PHE D 455 -97.04 30.73 69.73
C PHE D 455 -96.70 30.67 68.27
N ILE D 456 -96.23 31.80 67.78
CA ILE D 456 -95.82 31.87 66.40
C ILE D 456 -94.43 32.47 66.36
N GLY D 457 -93.49 31.64 66.00
CA GLY D 457 -92.13 32.06 65.98
C GLY D 457 -91.72 32.67 64.68
N VAL D 458 -91.08 33.82 64.84
CA VAL D 458 -90.57 34.57 63.75
C VAL D 458 -89.06 34.64 63.89
N LEU D 459 -88.40 33.94 63.02
CA LEU D 459 -86.99 33.86 63.00
C LEU D 459 -86.37 34.70 61.91
N ASP D 460 -85.46 35.56 62.30
CA ASP D 460 -84.71 36.44 61.43
C ASP D 460 -83.23 36.25 61.72
N ILE D 461 -82.52 35.78 60.73
CA ILE D 461 -81.11 35.46 60.74
C ILE D 461 -80.60 35.58 59.32
N ALA D 462 -79.32 35.54 59.19
CA ALA D 462 -78.71 35.55 57.90
C ALA D 462 -78.60 34.21 57.21
N GLY D 463 -78.43 34.32 55.90
CA GLY D 463 -78.32 33.16 55.10
C GLY D 463 -76.94 33.01 54.65
N PHE D 464 -76.68 31.78 54.29
CA PHE D 464 -75.44 31.32 53.78
C PHE D 464 -74.91 32.30 52.79
N GLU D 465 -73.81 32.89 53.18
CA GLU D 465 -73.09 33.86 52.38
C GLU D 465 -71.69 33.29 52.20
N ILE D 466 -71.20 33.45 50.99
CA ILE D 466 -69.91 32.95 50.71
C ILE D 466 -68.98 34.09 50.43
N PHE D 467 -67.86 34.11 51.08
CA PHE D 467 -66.94 35.17 50.81
C PHE D 467 -65.62 34.60 50.44
N ASP D 468 -64.84 35.42 49.77
CA ASP D 468 -63.53 34.93 49.39
C ASP D 468 -62.80 34.63 50.66
N PHE D 469 -63.24 35.36 51.71
CA PHE D 469 -62.69 35.19 53.04
C PHE D 469 -63.69 34.68 54.04
N ASN D 470 -63.56 33.42 54.44
CA ASN D 470 -64.48 32.88 55.38
C ASN D 470 -63.80 32.54 56.68
N SER D 471 -64.22 33.24 57.70
CA SER D 471 -63.67 32.98 58.98
C SER D 471 -64.71 32.36 59.88
N PHE D 472 -64.31 32.28 61.15
CA PHE D 472 -65.08 31.64 62.19
C PHE D 472 -66.53 31.98 62.17
N GLU D 473 -66.79 33.26 62.09
CA GLU D 473 -68.18 33.73 62.09
C GLU D 473 -69.01 33.12 60.96
N GLN D 474 -68.36 32.89 59.81
CA GLN D 474 -69.00 32.33 58.67
C GLN D 474 -69.43 30.89 58.91
N LEU D 475 -68.52 30.17 59.52
CA LEU D 475 -68.82 28.79 59.85
C LEU D 475 -70.10 28.74 60.72
N CYS D 476 -70.11 29.55 61.79
CA CYS D 476 -71.22 29.56 62.69
C CYS D 476 -72.52 29.84 61.95
N ILE D 477 -72.51 30.81 61.08
CA ILE D 477 -73.72 31.13 60.36
C ILE D 477 -74.08 30.06 59.35
N ASN D 478 -73.09 29.65 58.56
CA ASN D 478 -73.33 28.63 57.55
C ASN D 478 -73.88 27.40 58.18
N PHE D 479 -73.29 27.05 59.28
CA PHE D 479 -73.73 25.89 59.99
C PHE D 479 -75.18 26.05 60.37
N THR D 480 -75.55 27.27 60.74
CA THR D 480 -76.90 27.48 61.15
C THR D 480 -77.80 27.22 59.99
N ASN D 481 -77.42 27.79 58.86
CA ASN D 481 -78.23 27.64 57.66
C ASN D 481 -78.26 26.21 57.15
N GLU D 482 -77.14 25.52 57.13
CA GLU D 482 -77.19 24.18 56.60
C GLU D 482 -78.12 23.31 57.39
N LEU D 484 -80.98 24.61 59.01
CA LEU D 484 -82.26 25.19 58.64
C LEU D 484 -82.78 24.57 57.35
N GLN D 485 -81.87 24.44 56.39
CA GLN D 485 -82.13 23.82 55.11
C GLN D 485 -82.65 22.38 55.22
N GLN D 486 -81.92 21.56 55.96
CA GLN D 486 -82.28 20.20 56.19
C GLN D 486 -83.59 20.12 56.83
N PHE D 487 -83.85 21.19 57.57
CA PHE D 487 -85.11 21.32 58.32
C PHE D 487 -86.29 21.41 57.40
N PHE D 488 -86.01 22.09 56.31
CA PHE D 488 -86.98 22.26 55.27
C PHE D 488 -87.14 20.98 54.43
N ASN D 489 -86.02 20.56 53.83
CA ASN D 489 -85.95 19.37 52.99
C ASN D 489 -86.71 18.21 53.57
N HIS D 490 -86.78 18.19 54.88
CA HIS D 490 -87.48 17.14 55.53
C HIS D 490 -88.96 17.40 55.52
N HIS D 491 -89.31 18.61 55.96
CA HIS D 491 -90.70 19.05 56.03
C HIS D 491 -91.33 18.84 54.69
N MET D 492 -90.52 18.97 53.68
CA MET D 492 -91.02 18.79 52.35
C MET D 492 -91.20 17.33 52.02
N PHE D 493 -90.34 16.53 52.60
CA PHE D 493 -90.40 15.14 52.34
C PHE D 493 -91.59 14.60 53.04
N VAL D 494 -91.79 15.04 54.18
CA VAL D 494 -92.94 14.64 54.92
C VAL D 494 -94.18 15.01 54.20
N LEU D 495 -94.23 16.29 53.81
CA LEU D 495 -95.32 16.94 53.10
C LEU D 495 -95.67 16.25 51.79
N GLU D 496 -94.65 16.10 50.94
CA GLU D 496 -94.81 15.46 49.65
C GLU D 496 -95.55 14.12 49.79
N GLN D 497 -94.94 13.26 50.55
CA GLN D 497 -95.38 11.96 50.86
C GLN D 497 -96.83 11.85 51.33
N GLU D 498 -97.39 12.95 51.76
CA GLU D 498 -98.76 12.92 52.21
C GLU D 498 -99.63 12.90 50.98
N GLU D 499 -99.25 13.68 49.98
CA GLU D 499 -100.02 13.79 48.73
C GLU D 499 -100.10 12.42 48.11
N TYR D 500 -98.95 11.88 47.78
CA TYR D 500 -98.94 10.55 47.19
C TYR D 500 -99.72 9.52 48.01
N GLU D 503 -103.64 10.94 47.41
CA GLU D 503 -104.04 10.54 46.09
C GLU D 503 -103.97 9.05 45.88
N GLY D 504 -102.92 8.45 46.31
CA GLY D 504 -102.95 7.05 46.05
C GLY D 504 -101.91 6.75 45.02
N ILE D 505 -101.00 7.69 44.85
CA ILE D 505 -99.93 7.41 43.94
C ILE D 505 -98.95 6.49 44.62
N GLU D 506 -98.14 5.80 43.85
CA GLU D 506 -97.20 4.93 44.41
C GLU D 506 -95.78 5.42 44.17
N TRP D 507 -95.31 6.30 45.07
CA TRP D 507 -94.00 6.87 44.98
C TRP D 507 -93.21 6.65 46.27
N GLU D 508 -92.03 5.99 46.18
CA GLU D 508 -91.25 5.81 47.38
C GLU D 508 -90.01 6.64 47.32
N PHE D 509 -89.72 7.24 48.47
CA PHE D 509 -88.57 8.07 48.53
C PHE D 509 -88.10 8.29 49.95
N ILE D 510 -86.81 8.44 49.99
CA ILE D 510 -85.98 8.69 51.13
C ILE D 510 -86.08 10.18 51.53
N ASP D 511 -85.99 10.46 52.83
CA ASP D 511 -86.00 11.79 53.40
C ASP D 511 -85.07 12.66 52.62
N PHE D 512 -85.43 13.91 52.31
CA PHE D 512 -84.50 14.70 51.54
C PHE D 512 -83.48 15.34 52.41
N GLY D 513 -83.73 15.33 53.71
CA GLY D 513 -82.77 15.92 54.61
C GLY D 513 -81.42 15.18 54.58
N MET D 514 -81.52 13.90 54.67
CA MET D 514 -80.46 12.95 54.71
C MET D 514 -79.29 13.35 53.92
N ASP D 515 -79.55 14.01 52.85
CA ASP D 515 -78.40 14.36 52.01
C ASP D 515 -77.43 15.24 52.74
N LEU D 516 -77.94 16.01 53.69
CA LEU D 516 -77.09 16.94 54.40
C LEU D 516 -76.48 16.46 55.68
N ALA D 517 -77.00 15.39 56.23
CA ALA D 517 -76.48 14.87 57.49
C ALA D 517 -74.99 14.71 57.51
N ALA D 518 -74.39 14.41 56.38
CA ALA D 518 -72.98 14.26 56.30
C ALA D 518 -72.30 15.50 56.79
N CYS D 519 -72.63 16.63 56.18
CA CYS D 519 -71.99 17.87 56.59
C CYS D 519 -72.24 18.24 58.04
N ILE D 520 -73.48 18.15 58.44
CA ILE D 520 -73.75 18.46 59.83
C ILE D 520 -72.96 17.65 60.84
N GLU D 521 -72.96 16.31 60.70
CA GLU D 521 -72.21 15.49 61.65
C GLU D 521 -70.76 15.95 61.81
N LEU D 522 -70.13 16.28 60.71
CA LEU D 522 -68.73 16.68 60.65
C LEU D 522 -68.47 17.92 61.50
N ILE D 523 -69.46 18.76 61.60
CA ILE D 523 -69.32 19.97 62.38
C ILE D 523 -69.65 19.82 63.83
N GLU D 524 -70.86 19.32 64.09
CA GLU D 524 -71.42 19.17 65.42
C GLU D 524 -71.11 17.91 66.22
N PRO D 526 -68.98 14.78 67.97
CA PRO D 526 -67.84 14.75 68.86
C PRO D 526 -66.42 14.88 68.31
N MET D 527 -66.06 14.17 67.27
CA MET D 527 -64.68 14.41 66.90
C MET D 527 -64.59 15.42 65.80
N GLY D 528 -65.72 16.09 65.58
CA GLY D 528 -65.89 17.11 64.56
C GLY D 528 -65.33 18.49 64.92
N ILE D 529 -65.18 19.31 63.89
CA ILE D 529 -64.62 20.65 63.91
C ILE D 529 -64.73 21.42 65.19
N PHE D 530 -65.95 21.64 65.60
CA PHE D 530 -66.18 22.36 66.85
C PHE D 530 -65.45 21.76 68.02
N SER D 531 -65.62 20.44 68.23
CA SER D 531 -64.93 19.78 69.32
C SER D 531 -63.43 20.01 69.28
N ILE D 532 -62.82 19.59 68.18
CA ILE D 532 -61.39 19.82 68.00
C ILE D 532 -61.07 21.30 68.27
N LEU D 533 -62.04 22.13 67.91
CA LEU D 533 -61.89 23.52 68.17
C LEU D 533 -61.99 23.86 69.62
N GLU D 534 -62.96 23.31 70.27
CA GLU D 534 -63.15 23.61 71.67
C GLU D 534 -62.31 22.82 72.61
N GLU D 535 -61.52 21.91 72.10
CA GLU D 535 -60.70 21.11 73.03
C GLU D 535 -59.45 21.86 73.18
N GLU D 536 -58.84 22.04 71.99
CA GLU D 536 -57.58 22.78 71.89
C GLU D 536 -57.62 24.09 72.70
N CYS D 537 -58.80 24.61 72.89
CA CYS D 537 -58.97 25.83 73.62
C CYS D 537 -58.61 25.62 75.05
N MET D 538 -58.44 24.35 75.40
CA MET D 538 -58.13 23.96 76.80
C MET D 538 -56.63 23.78 77.02
N PHE D 539 -55.91 23.72 75.92
CA PHE D 539 -54.48 23.58 75.90
C PHE D 539 -53.82 24.95 75.98
N PRO D 540 -53.27 25.24 77.12
CA PRO D 540 -52.63 26.50 77.45
C PRO D 540 -51.58 26.93 76.47
N LYS D 541 -51.16 26.07 75.63
CA LYS D 541 -50.04 26.38 74.72
C LYS D 541 -50.32 25.86 73.32
N ALA D 542 -51.58 25.99 72.92
CA ALA D 542 -51.96 25.53 71.58
C ALA D 542 -51.87 26.67 70.59
N THR D 543 -51.82 26.30 69.32
CA THR D 543 -51.71 27.31 68.29
C THR D 543 -52.81 27.08 67.29
N ASP D 544 -53.05 28.12 66.49
CA ASP D 544 -54.02 28.01 65.44
C ASP D 544 -53.49 26.84 64.59
N THR D 545 -52.19 26.89 64.37
CA THR D 545 -51.46 25.88 63.63
C THR D 545 -51.64 24.53 64.27
N SER D 546 -51.57 24.51 65.59
CA SER D 546 -51.76 23.26 66.30
C SER D 546 -53.11 22.70 65.94
N PHE D 547 -54.12 23.49 66.25
CA PHE D 547 -55.52 23.21 65.98
C PHE D 547 -55.69 22.68 64.59
N ASN D 549 -53.61 21.22 62.46
CA ASN D 549 -53.15 19.86 62.29
C ASN D 549 -54.09 18.85 62.88
N LEU D 551 -57.08 19.09 63.17
CA LEU D 551 -58.22 19.06 62.32
C LEU D 551 -57.96 18.06 61.21
N TYR D 552 -56.77 18.14 60.66
CA TYR D 552 -56.49 17.27 59.51
C TYR D 552 -56.30 15.83 59.87
N ASP D 553 -55.28 15.59 60.68
CA ASP D 553 -54.90 14.24 61.11
C ASP D 553 -56.12 13.36 61.34
N GLU D 554 -57.18 14.03 61.78
CA GLU D 554 -58.42 13.34 62.10
C GLU D 554 -59.49 13.35 61.03
N HIS D 555 -59.55 14.35 60.18
CA HIS D 555 -60.64 14.33 59.21
C HIS D 555 -60.18 14.12 57.80
N LEU D 556 -58.98 14.60 57.52
CA LEU D 556 -58.47 14.49 56.18
C LEU D 556 -58.26 13.08 55.67
N GLY D 557 -58.80 12.88 54.49
CA GLY D 557 -58.74 11.62 53.77
C GLY D 557 -59.82 10.67 54.27
N LYS D 558 -60.22 10.86 55.51
CA LYS D 558 -61.21 10.02 56.14
C LYS D 558 -62.61 10.57 55.98
N SER D 559 -62.67 11.87 55.68
CA SER D 559 -63.95 12.52 55.51
C SER D 559 -64.08 13.23 54.19
N ASN D 560 -65.21 12.97 53.55
CA ASN D 560 -65.49 13.39 52.21
C ASN D 560 -65.83 14.87 52.10
N ASN D 561 -66.56 15.34 53.08
CA ASN D 561 -66.97 16.72 53.05
C ASN D 561 -65.84 17.62 53.44
N PHE D 562 -64.82 16.96 53.93
CA PHE D 562 -63.59 17.59 54.37
C PHE D 562 -62.58 17.61 53.26
N GLN D 563 -61.99 18.77 53.05
CA GLN D 563 -61.08 18.95 51.95
C GLN D 563 -60.06 20.04 52.26
N LYS D 564 -58.92 19.95 51.58
CA LYS D 564 -57.86 20.97 51.72
C LYS D 564 -58.06 21.98 50.61
N PRO D 565 -57.94 23.25 50.94
CA PRO D 565 -58.29 24.30 50.06
C PRO D 565 -57.58 24.43 48.81
N LYS D 566 -58.47 25.04 48.07
CA LYS D 566 -58.18 25.67 46.83
C LYS D 566 -57.84 27.09 47.29
N PRO D 567 -56.51 27.36 47.28
CA PRO D 567 -55.98 28.65 47.68
C PRO D 567 -56.23 29.82 46.69
N ALA D 568 -56.49 29.55 45.39
CA ALA D 568 -56.58 30.62 44.35
C ALA D 568 -57.94 30.68 43.64
N LYS D 569 -58.16 31.84 43.11
CA LYS D 569 -59.43 32.28 42.56
C LYS D 569 -59.56 33.64 43.21
N GLY D 570 -60.67 33.88 43.85
CA GLY D 570 -60.88 35.17 44.55
C GLY D 570 -60.54 35.05 46.05
N LYS D 571 -60.06 33.87 46.46
CA LYS D 571 -59.74 33.55 47.89
C LYS D 571 -58.36 34.13 48.31
N ALA D 572 -58.18 34.30 49.64
CA ALA D 572 -57.01 35.01 50.24
C ALA D 572 -55.95 34.13 50.92
N GLU D 573 -56.35 32.99 51.45
CA GLU D 573 -55.37 32.00 51.92
C GLU D 573 -55.93 30.60 52.02
N ALA D 574 -55.12 29.71 52.55
CA ALA D 574 -55.50 28.30 52.63
C ALA D 574 -55.78 27.83 54.09
N HIS D 575 -56.83 26.96 54.28
CA HIS D 575 -56.90 26.06 55.51
C HIS D 575 -57.87 24.91 55.36
N PHE D 576 -59.10 25.16 55.05
CA PHE D 576 -59.96 24.00 54.82
C PHE D 576 -61.30 24.40 54.30
N SER D 577 -61.69 23.60 53.38
CA SER D 577 -62.94 23.74 52.73
C SER D 577 -63.86 22.66 53.20
N LEU D 578 -65.10 23.02 53.16
CA LEU D 578 -66.20 22.17 53.49
C LEU D 578 -67.18 22.12 52.33
N VAL D 579 -67.91 21.05 52.28
CA VAL D 579 -68.88 20.88 51.23
C VAL D 579 -70.32 20.99 51.71
N HIS D 580 -70.77 22.23 51.80
CA HIS D 580 -72.11 22.52 52.25
C HIS D 580 -73.09 22.33 51.11
N TYR D 581 -74.41 22.29 51.42
CA TYR D 581 -75.37 22.10 50.35
C TYR D 581 -75.26 23.15 49.24
N ALA D 582 -75.01 24.41 49.65
CA ALA D 582 -74.88 25.53 48.72
C ALA D 582 -73.62 25.50 47.87
N GLY D 583 -72.61 24.84 48.44
CA GLY D 583 -71.34 24.68 47.78
C GLY D 583 -70.18 24.55 48.73
N THR D 584 -68.98 24.79 48.17
CA THR D 584 -67.71 24.67 48.87
C THR D 584 -67.28 25.96 49.49
N VAL D 585 -67.04 25.89 50.78
CA VAL D 585 -66.60 27.09 51.46
C VAL D 585 -65.17 26.90 51.97
N ASP D 586 -64.36 27.86 51.60
CA ASP D 586 -62.96 27.88 51.96
C ASP D 586 -62.79 28.68 53.23
N TYR D 587 -62.43 27.95 54.29
CA TYR D 587 -62.32 28.54 55.64
C TYR D 587 -60.90 28.80 56.07
N ASN D 588 -60.70 29.99 56.64
CA ASN D 588 -59.43 30.45 57.20
C ASN D 588 -59.53 30.42 58.69
N ILE D 589 -58.63 29.69 59.30
CA ILE D 589 -58.56 29.45 60.74
C ILE D 589 -57.59 30.33 61.45
N SER D 590 -57.85 31.59 61.58
CA SER D 590 -56.81 32.35 62.20
C SER D 590 -57.35 33.36 63.17
N GLY D 591 -57.37 32.95 64.41
CA GLY D 591 -57.83 33.81 65.45
C GLY D 591 -58.85 33.08 66.21
N TRP D 592 -59.13 31.95 65.56
CA TRP D 592 -60.20 31.13 66.08
C TRP D 592 -60.03 30.79 67.50
N LEU D 593 -58.84 30.26 67.77
CA LEU D 593 -58.53 29.82 69.14
C LEU D 593 -58.86 30.89 70.14
N GLU D 594 -58.37 32.07 69.86
CA GLU D 594 -58.63 33.24 70.68
C GLU D 594 -60.07 33.64 70.78
N ASN D 596 -62.46 32.20 70.13
CA ASN D 596 -63.21 31.19 70.80
C ASN D 596 -62.99 31.17 72.32
N ASP D 598 -62.59 33.97 74.34
CA ASP D 598 -63.13 35.16 74.92
C ASP D 598 -62.34 35.59 76.12
N PRO D 599 -61.07 35.81 75.89
CA PRO D 599 -60.17 36.26 76.91
C PRO D 599 -60.49 37.66 77.40
N LEU D 600 -60.69 37.78 78.70
CA LEU D 600 -61.03 39.03 79.37
C LEU D 600 -60.20 39.20 80.65
N ASN D 601 -59.65 40.40 80.87
CA ASN D 601 -58.88 40.68 82.07
C ASN D 601 -59.75 40.67 83.27
N GLU D 602 -59.65 39.58 83.95
CA GLU D 602 -60.43 39.27 85.10
C GLU D 602 -60.27 40.21 86.28
N THR D 603 -59.18 40.97 86.32
CA THR D 603 -58.99 41.88 87.40
C THR D 603 -59.99 42.99 87.29
N VAL D 604 -60.06 43.51 86.09
CA VAL D 604 -61.01 44.56 85.75
C VAL D 604 -62.46 44.16 85.99
N ILE D 605 -62.78 43.00 85.48
CA ILE D 605 -64.11 42.46 85.61
C ILE D 605 -64.46 42.47 87.05
N GLY D 606 -63.40 42.32 87.84
CA GLY D 606 -63.57 42.30 89.29
C GLY D 606 -64.21 43.58 89.69
N LEU D 607 -63.55 44.65 89.27
CA LEU D 607 -64.01 46.00 89.56
C LEU D 607 -65.45 46.20 89.14
N TYR D 608 -65.78 45.70 87.95
CA TYR D 608 -67.13 45.87 87.44
C TYR D 608 -68.05 45.23 88.43
N GLN D 609 -67.67 44.04 88.77
CA GLN D 609 -68.45 43.22 89.68
C GLN D 609 -68.81 43.93 90.97
N SER D 611 -69.11 47.48 91.15
CA SER D 611 -69.38 48.85 90.75
C SER D 611 -70.48 49.50 91.57
N SER D 612 -70.51 50.81 91.49
CA SER D 612 -71.54 51.59 92.18
C SER D 612 -72.76 51.69 91.28
N VAL D 613 -72.53 51.25 90.03
CA VAL D 613 -73.53 51.24 88.99
C VAL D 613 -74.05 49.83 88.82
N THR D 615 -76.36 48.07 87.60
CA THR D 615 -76.54 47.48 86.30
C THR D 615 -75.25 46.91 85.75
N LEU D 616 -74.22 47.72 85.78
CA LEU D 616 -72.91 47.26 85.33
C LEU D 616 -72.52 46.13 86.15
N ALA D 617 -72.78 46.27 87.45
CA ALA D 617 -72.46 45.19 88.33
C ALA D 617 -73.18 43.92 87.93
N LEU D 618 -74.42 44.05 87.64
CA LEU D 618 -75.20 42.90 87.25
C LEU D 618 -74.69 42.12 86.09
N LEU D 619 -74.57 42.85 84.96
CA LEU D 619 -74.13 42.28 83.69
C LEU D 619 -73.02 41.25 83.83
N PHE D 620 -72.05 41.51 84.99
CA PHE D 620 -70.88 40.66 85.21
C PHE D 620 -71.04 39.44 86.11
N ALA D 621 -72.07 39.40 86.87
CA ALA D 621 -72.39 38.38 87.86
C ALA D 621 -72.03 36.96 87.49
N THR D 622 -72.52 36.56 86.32
CA THR D 622 -72.32 35.19 85.79
C THR D 622 -70.85 34.88 85.55
N TYR D 623 -70.04 35.84 85.23
CA TYR D 623 -68.59 35.61 85.24
C TYR D 623 -68.10 35.42 86.67
N GLY D 624 -68.52 36.28 87.59
CA GLY D 624 -68.11 36.18 88.99
C GLY D 624 -68.49 34.88 89.68
N GLY D 625 -69.64 34.28 89.26
CA GLY D 625 -70.08 33.05 89.89
C GLY D 625 -69.36 31.83 89.37
N GLU D 626 -68.72 31.73 88.17
CA GLU D 626 -68.00 30.55 87.70
C GLU D 626 -66.52 30.63 88.11
N ALA D 627 -65.90 31.65 88.61
CA ALA D 627 -64.47 31.75 88.90
C ALA D 627 -64.05 30.62 89.86
N GLU D 628 -64.94 30.20 90.69
CA GLU D 628 -64.70 29.14 91.69
C GLU D 628 -64.10 27.90 91.03
N GLY D 629 -64.67 27.58 89.87
CA GLY D 629 -64.44 26.51 88.99
C GLY D 629 -63.14 26.41 88.19
N GLY D 630 -62.54 27.60 88.01
CA GLY D 630 -61.28 27.71 87.24
C GLY D 630 -60.28 28.44 88.16
N GLY D 631 -60.23 28.04 89.40
CA GLY D 631 -59.39 28.65 90.39
C GLY D 631 -57.93 28.63 90.04
N GLY D 632 -57.37 27.50 89.62
CA GLY D 632 -55.93 27.41 89.31
C GLY D 632 -55.63 27.31 87.81
N LYS D 633 -54.40 27.57 87.47
CA LYS D 633 -53.85 27.64 86.11
C LYS D 633 -54.14 26.34 85.36
N LYS D 634 -54.66 26.48 84.11
CA LYS D 634 -54.89 25.30 83.28
C LYS D 634 -56.34 24.82 83.42
N GLY D 635 -56.85 23.98 83.05
CA GLY D 635 -58.06 23.33 83.53
C GLY D 635 -59.27 23.75 82.70
N GLY D 636 -60.37 23.73 83.38
CA GLY D 636 -61.71 23.86 82.78
C GLY D 636 -62.52 24.96 83.46
N LYS D 637 -62.90 25.94 82.69
CA LYS D 637 -63.67 27.10 83.18
C LYS D 637 -65.06 26.67 83.62
N LYS D 638 -65.58 25.57 83.02
CA LYS D 638 -66.98 25.15 83.16
C LYS D 638 -67.25 24.72 84.60
N LYS D 639 -66.36 24.32 85.36
CA LYS D 639 -66.39 23.82 86.76
C LYS D 639 -67.13 24.81 87.64
N GLY D 640 -67.03 26.07 87.32
CA GLY D 640 -67.62 27.21 88.00
C GLY D 640 -68.64 27.94 87.17
N SER D 641 -68.95 27.40 85.99
CA SER D 641 -69.99 27.94 85.11
C SER D 641 -69.38 28.91 84.10
N SER D 642 -68.12 28.96 83.88
CA SER D 642 -67.52 29.84 82.86
C SER D 642 -67.43 29.13 81.52
N PHE D 643 -67.58 29.82 80.44
CA PHE D 643 -67.56 29.23 79.09
C PHE D 643 -66.17 28.66 78.78
N GLN D 644 -66.25 27.53 78.14
CA GLN D 644 -64.99 26.85 77.79
C GLN D 644 -64.68 27.05 76.30
N THR D 645 -65.69 27.38 75.54
CA THR D 645 -65.69 27.51 74.07
C THR D 645 -66.38 28.78 73.63
N VAL D 646 -65.95 29.39 72.50
CA VAL D 646 -66.68 30.47 71.81
C VAL D 646 -67.87 29.96 71.01
N SER D 647 -68.10 28.97 71.10
CA SER D 647 -68.79 28.06 70.22
C SER D 647 -69.59 27.09 71.03
N ALA D 648 -69.20 26.88 72.29
CA ALA D 648 -69.89 26.01 73.22
C ALA D 648 -71.35 26.38 73.40
N LEU D 649 -71.65 27.66 73.42
CA LEU D 649 -73.05 28.13 73.57
C LEU D 649 -73.82 28.08 72.31
N PHE D 650 -73.23 28.84 71.37
CA PHE D 650 -73.72 29.01 70.03
C PHE D 650 -74.47 27.73 69.65
N ARG D 651 -73.81 26.62 69.92
CA ARG D 651 -74.34 25.33 69.69
C ARG D 651 -75.59 25.12 70.57
N GLU D 652 -75.48 25.33 71.87
CA GLU D 652 -76.53 25.18 72.90
C GLU D 652 -77.78 26.00 72.59
N ASN D 653 -77.50 27.18 72.10
CA ASN D 653 -78.52 28.12 71.72
C ASN D 653 -79.16 27.66 70.42
N LEU D 654 -78.30 27.29 69.50
CA LEU D 654 -78.71 26.76 68.19
C LEU D 654 -79.47 25.47 68.33
N ASN D 655 -79.41 24.86 69.49
CA ASN D 655 -80.09 23.59 69.68
C ASN D 655 -81.45 23.79 70.28
N LEU D 657 -83.01 26.20 69.79
CA LEU D 657 -83.70 26.89 68.71
C LEU D 657 -84.30 25.93 67.76
N MET D 658 -83.43 25.13 67.17
CA MET D 658 -83.83 24.10 66.20
C MET D 658 -84.83 23.13 66.83
N ALA D 659 -84.93 23.14 68.17
CA ALA D 659 -85.86 22.28 68.89
C ALA D 659 -87.18 22.97 68.95
N ASN D 660 -87.11 24.26 69.09
CA ASN D 660 -88.30 25.10 69.18
C ASN D 660 -88.90 25.15 67.76
N LEU D 661 -88.02 25.04 66.79
CA LEU D 661 -88.40 25.09 65.40
C LEU D 661 -89.18 23.83 65.00
N ARG D 662 -88.89 22.70 65.65
CA ARG D 662 -89.52 21.42 65.40
C ARG D 662 -90.96 21.32 65.88
N SER D 663 -91.21 21.75 67.13
CA SER D 663 -92.56 21.77 67.69
C SER D 663 -93.36 22.88 67.07
N THR D 664 -93.01 23.13 65.81
CA THR D 664 -93.55 24.18 65.01
C THR D 664 -93.91 23.70 63.63
N HIS D 665 -94.91 24.36 63.06
CA HIS D 665 -95.28 24.17 61.67
C HIS D 665 -94.56 25.23 60.82
N PRO D 666 -93.46 24.86 60.24
CA PRO D 666 -92.59 25.75 59.54
C PRO D 666 -93.26 26.43 58.38
N HIS D 667 -93.06 27.75 58.32
CA HIS D 667 -93.52 28.64 57.29
C HIS D 667 -92.31 29.43 56.84
N PHE D 668 -91.96 29.31 55.58
CA PHE D 668 -90.80 29.88 54.95
C PHE D 668 -90.95 31.13 54.10
N VAL D 669 -90.03 32.05 54.25
CA VAL D 669 -89.94 33.32 53.56
C VAL D 669 -88.50 33.63 53.18
N ARG D 670 -88.22 33.76 51.91
CA ARG D 670 -86.92 34.02 51.34
C ARG D 670 -86.87 35.43 50.74
N CYS D 671 -86.04 36.30 51.33
CA CYS D 671 -85.91 37.68 50.90
C CYS D 671 -84.80 37.84 49.88
N ILE D 672 -85.05 38.56 48.79
CA ILE D 672 -84.08 38.74 47.74
C ILE D 672 -83.65 40.18 47.42
N ILE D 673 -82.43 40.32 46.95
CA ILE D 673 -81.80 41.58 46.63
C ILE D 673 -81.38 41.62 45.19
N PRO D 674 -82.11 42.45 44.45
CA PRO D 674 -82.06 42.66 43.04
C PRO D 674 -80.76 43.06 42.46
N ASN D 675 -80.27 44.25 42.84
CA ASN D 675 -79.00 44.75 42.33
C ASN D 675 -78.22 45.52 43.36
N GLU D 676 -76.93 45.24 43.40
CA GLU D 676 -76.03 45.90 44.34
C GLU D 676 -76.13 47.40 44.25
N THR D 677 -76.46 47.86 43.06
CA THR D 677 -76.57 49.28 42.79
C THR D 677 -77.80 49.96 43.30
N THR D 679 -81.42 49.94 42.63
CA THR D 679 -82.26 50.47 41.58
C THR D 679 -83.54 49.70 41.52
N PRO D 680 -84.65 50.37 41.62
CA PRO D 680 -85.89 49.64 41.55
C PRO D 680 -86.10 49.13 40.14
N GLY D 681 -86.93 48.09 40.00
CA GLY D 681 -87.24 47.43 38.74
C GLY D 681 -86.06 46.80 38.01
N ALA D 682 -84.98 46.53 38.70
CA ALA D 682 -83.81 45.93 38.04
C ALA D 682 -83.24 44.70 38.73
N MET D 683 -82.43 43.94 38.00
CA MET D 683 -81.94 42.75 38.60
C MET D 683 -80.62 42.22 38.06
N GLU D 684 -79.56 42.08 38.85
CA GLU D 684 -78.43 41.49 38.14
C GLU D 684 -78.71 40.01 38.14
N HIS D 685 -78.38 39.35 37.07
CA HIS D 685 -78.66 37.94 37.02
C HIS D 685 -77.94 37.10 38.05
N GLU D 686 -76.69 36.91 37.79
CA GLU D 686 -75.89 36.05 38.63
C GLU D 686 -75.97 36.37 40.10
N LEU D 687 -76.33 37.57 40.38
CA LEU D 687 -76.50 37.98 41.76
C LEU D 687 -77.73 37.35 42.37
N VAL D 688 -78.83 37.38 41.65
CA VAL D 688 -80.06 36.73 42.09
C VAL D 688 -79.87 35.19 42.04
N LEU D 689 -79.16 34.73 41.00
CA LEU D 689 -78.91 33.33 40.83
C LEU D 689 -78.27 32.74 42.06
N HIS D 690 -77.30 33.45 42.55
CA HIS D 690 -76.61 33.05 43.74
C HIS D 690 -77.54 32.74 44.88
N GLN D 691 -78.26 33.78 45.23
CA GLN D 691 -79.17 33.72 46.31
C GLN D 691 -80.04 32.52 46.21
N LEU D 692 -80.50 32.32 45.00
CA LEU D 692 -81.37 31.20 44.77
C LEU D 692 -80.85 29.84 45.19
N ARG D 693 -79.53 29.67 45.05
CA ARG D 693 -78.91 28.39 45.38
C ARG D 693 -78.75 28.20 46.87
N CYS D 694 -78.31 29.28 47.46
CA CYS D 694 -78.05 29.37 48.88
C CYS D 694 -79.34 29.60 49.64
N ASN D 695 -80.39 29.89 48.93
CA ASN D 695 -81.66 30.20 49.55
C ASN D 695 -82.35 28.98 50.04
N GLY D 696 -82.36 27.99 49.14
CA GLY D 696 -83.05 26.77 49.21
C GLY D 696 -84.05 26.64 48.07
N VAL D 697 -84.30 27.75 47.41
CA VAL D 697 -85.25 27.84 46.33
C VAL D 697 -84.91 26.88 45.22
N LEU D 698 -83.64 26.87 44.85
CA LEU D 698 -83.23 25.99 43.80
C LEU D 698 -83.21 24.56 44.22
N GLU D 699 -83.18 24.34 45.52
CA GLU D 699 -83.15 22.97 46.00
C GLU D 699 -84.56 22.46 46.15
N GLY D 700 -85.48 23.39 46.29
CA GLY D 700 -86.87 23.01 46.44
C GLY D 700 -87.43 22.65 45.09
N ILE D 701 -86.84 23.25 44.05
CA ILE D 701 -87.27 23.02 42.72
C ILE D 701 -86.79 21.65 42.30
N ARG D 702 -85.56 21.36 42.70
CA ARG D 702 -84.92 20.06 42.43
C ARG D 702 -85.76 18.89 42.91
N ILE D 703 -85.98 18.94 44.21
CA ILE D 703 -86.77 17.96 44.93
C ILE D 703 -88.16 17.85 44.35
N CYS D 704 -88.60 18.92 43.71
CA CYS D 704 -89.91 18.95 43.15
C CYS D 704 -89.90 18.11 41.88
N ARG D 705 -88.90 18.45 41.07
CA ARG D 705 -88.68 17.83 39.79
C ARG D 705 -88.26 16.38 39.87
N LYS D 706 -88.32 15.80 41.04
CA LYS D 706 -87.88 14.42 41.12
C LYS D 706 -89.11 13.57 41.24
N GLY D 707 -90.42 16.07 39.41
CA GLY D 707 -91.25 14.95 39.83
C GLY D 707 -92.16 14.58 38.66
N PHE D 708 -93.42 14.48 38.99
CA PHE D 708 -94.45 14.21 38.03
C PHE D 708 -95.44 15.38 38.04
N PRO D 709 -95.13 16.38 37.21
CA PRO D 709 -95.92 17.60 37.12
C PRO D 709 -97.42 17.36 36.96
N SER D 710 -97.84 17.28 35.71
CA SER D 710 -99.22 17.02 35.35
C SER D 710 -99.74 15.72 35.93
N ARG D 711 -100.90 15.84 36.58
CA ARG D 711 -101.56 14.70 37.20
C ARG D 711 -103.03 14.69 36.84
N VAL D 712 -103.42 13.66 36.10
CA VAL D 712 -104.76 13.51 35.62
C VAL D 712 -105.64 12.69 36.50
N LEU D 713 -106.80 13.24 36.73
CA LEU D 713 -107.84 12.55 37.44
C LEU D 713 -108.44 11.59 36.41
N TYR D 714 -108.64 10.40 36.89
CA TYR D 714 -109.13 9.26 36.14
C TYR D 714 -110.32 9.41 35.15
N ALA D 715 -111.44 9.96 35.57
CA ALA D 715 -112.56 10.17 34.66
C ALA D 715 -112.23 11.19 33.60
N ASP D 716 -111.58 12.26 34.14
CA ASP D 716 -111.07 13.37 33.38
C ASP D 716 -110.07 12.83 32.37
N PHE D 717 -109.64 11.58 32.68
CA PHE D 717 -108.67 10.88 31.84
C PHE D 717 -109.34 10.01 30.81
N LYS D 718 -110.45 9.43 31.24
CA LYS D 718 -111.22 8.54 30.38
C LYS D 718 -111.74 9.31 29.18
N GLN D 719 -112.77 10.11 29.49
CA GLN D 719 -113.43 10.97 28.54
C GLN D 719 -112.56 11.53 27.42
N ARG D 720 -111.55 12.30 27.84
CA ARG D 720 -110.66 12.96 26.89
C ARG D 720 -109.82 12.08 25.98
N TYR D 721 -109.53 10.86 26.46
CA TYR D 721 -108.63 10.01 25.69
C TYR D 721 -109.11 8.63 25.27
N ARG D 722 -110.31 8.25 25.71
CA ARG D 722 -110.90 6.94 25.36
C ARG D 722 -110.64 6.58 23.89
N VAL D 723 -110.93 7.58 23.06
CA VAL D 723 -110.78 7.61 21.62
C VAL D 723 -109.44 7.11 21.06
N LEU D 724 -108.43 7.01 21.89
CA LEU D 724 -107.09 6.66 21.40
C LEU D 724 -106.93 5.16 21.03
N ASN D 725 -107.62 4.31 21.74
CA ASN D 725 -107.63 2.85 21.46
C ASN D 725 -108.98 2.39 21.88
N ALA D 726 -109.73 3.36 21.45
CA ALA D 726 -111.15 3.57 21.60
C ALA D 726 -111.84 2.40 22.26
N SER D 727 -111.71 1.26 21.64
CA SER D 727 -112.38 0.02 22.11
C SER D 727 -111.89 -0.39 23.51
N ALA D 728 -110.57 -0.49 23.61
CA ALA D 728 -109.88 -1.00 24.81
C ALA D 728 -109.67 0.04 25.91
N ILE D 729 -109.67 1.30 25.55
CA ILE D 729 -109.52 2.37 26.55
C ILE D 729 -110.92 2.68 27.09
N PRO D 730 -111.97 2.64 26.25
CA PRO D 730 -113.33 2.91 26.69
C PRO D 730 -113.77 1.87 27.67
N GLU D 731 -113.49 0.62 27.31
CA GLU D 731 -113.87 -0.54 28.15
C GLU D 731 -113.24 -0.40 29.53
N GLY D 732 -111.97 -0.03 29.52
CA GLY D 732 -111.18 0.15 30.76
C GLY D 732 -111.79 1.24 31.65
N GLN D 733 -112.09 2.37 31.04
CA GLN D 733 -112.62 3.54 31.77
C GLN D 733 -114.02 3.31 32.33
N PHE D 734 -114.81 2.59 31.58
CA PHE D 734 -116.20 2.32 31.96
C PHE D 734 -116.27 1.20 32.99
N MET D 735 -115.43 0.22 32.78
CA MET D 735 -115.38 -1.02 33.58
C MET D 735 -114.81 -0.80 34.98
N ASP D 736 -113.88 0.09 35.07
CA ASP D 736 -113.41 0.58 36.35
C ASP D 736 -112.83 1.95 36.21
N SER D 737 -113.58 2.90 36.76
CA SER D 737 -113.26 4.33 36.63
C SER D 737 -111.78 4.60 36.64
N LYS D 738 -111.11 3.82 37.45
CA LYS D 738 -109.65 3.89 37.58
C LYS D 738 -109.00 2.80 36.72
N LYS D 739 -109.36 1.55 37.01
CA LYS D 739 -108.81 0.38 36.31
C LYS D 739 -108.81 0.61 34.79
N ALA D 740 -109.74 1.43 34.36
CA ALA D 740 -109.91 1.78 32.95
C ALA D 740 -108.65 2.45 32.41
N SER D 741 -108.39 3.67 32.92
CA SER D 741 -107.23 4.45 32.52
C SER D 741 -106.02 3.56 32.51
N GLU D 742 -106.06 2.62 33.45
CA GLU D 742 -104.98 1.67 33.56
C GLU D 742 -104.91 0.94 32.26
N LYS D 743 -105.98 0.17 32.11
CA LYS D 743 -106.16 -0.64 30.93
C LYS D 743 -105.89 0.15 29.67
N LEU D 744 -106.39 1.40 29.59
CA LEU D 744 -106.19 2.17 28.38
C LEU D 744 -104.78 2.31 27.93
N LEU D 745 -103.96 2.75 28.86
CA LEU D 745 -102.57 2.97 28.50
C LEU D 745 -101.90 1.75 27.92
N GLY D 746 -102.64 0.64 27.92
CA GLY D 746 -102.21 -0.60 27.34
C GLY D 746 -101.68 -0.30 25.95
N GLY D 747 -102.45 0.46 25.14
CA GLY D 747 -101.99 0.79 23.80
C GLY D 747 -101.16 2.10 23.69
N GLY D 748 -100.60 2.31 22.49
CA GLY D 748 -99.81 3.48 22.18
C GLY D 748 -98.33 3.19 22.11
N ASP D 749 -97.60 3.84 21.20
CA ASP D 749 -96.19 3.60 21.15
C ASP D 749 -95.45 4.59 22.10
N VAL D 750 -96.05 4.77 23.31
CA VAL D 750 -95.68 5.66 24.44
C VAL D 750 -94.79 5.09 25.56
N ASP D 751 -93.94 5.94 26.20
CA ASP D 751 -93.08 5.52 27.32
C ASP D 751 -93.88 5.12 28.55
N HIS D 752 -93.93 3.83 28.80
CA HIS D 752 -94.74 3.29 29.88
C HIS D 752 -94.12 3.54 31.29
N THR D 753 -93.08 4.35 31.26
CA THR D 753 -92.26 4.82 32.34
C THR D 753 -92.79 6.13 32.92
N GLN D 754 -92.69 7.12 32.04
CA GLN D 754 -93.12 8.49 32.20
C GLN D 754 -94.39 8.70 33.01
N TYR D 755 -95.13 7.68 33.32
CA TYR D 755 -96.34 7.89 34.10
C TYR D 755 -96.34 7.05 35.35
N ALA D 756 -97.37 7.25 36.15
CA ALA D 756 -97.44 6.46 37.36
C ALA D 756 -98.81 6.68 37.91
N PHE D 757 -99.37 5.56 38.33
CA PHE D 757 -100.72 5.59 38.80
C PHE D 757 -100.77 5.54 40.28
N GLY D 758 -101.94 5.93 40.78
CA GLY D 758 -102.19 5.93 42.20
C GLY D 758 -103.65 6.15 42.46
N HIS D 759 -104.06 5.81 43.66
CA HIS D 759 -105.42 5.90 44.15
C HIS D 759 -106.39 6.92 43.59
N THR D 760 -105.95 8.10 43.19
CA THR D 760 -106.93 9.02 42.67
C THR D 760 -106.56 9.55 41.32
N VAL D 762 -103.33 9.63 37.90
CA VAL D 762 -102.12 9.21 37.28
C VAL D 762 -101.16 10.34 37.34
N PHE D 763 -99.92 9.96 37.36
CA PHE D 763 -98.92 10.93 37.37
C PHE D 763 -98.23 10.81 36.07
N PHE D 764 -97.86 11.99 35.56
CA PHE D 764 -97.24 12.06 34.24
C PHE D 764 -96.09 13.05 34.19
N ALA D 766 -93.44 15.53 31.79
CA ALA D 766 -93.70 16.57 30.82
C ALA D 766 -93.87 16.05 29.41
N GLY D 767 -91.75 19.99 30.56
CA GLY D 767 -92.05 19.12 29.44
C GLY D 767 -93.12 18.11 29.73
N LEU D 768 -93.90 18.38 30.74
CA LEU D 768 -94.92 17.47 31.10
C LEU D 768 -96.19 17.83 30.41
N LEU D 769 -96.57 19.06 30.73
CA LEU D 769 -97.70 19.67 30.14
C LEU D 769 -97.50 19.50 28.63
N GLY D 770 -96.24 19.51 28.24
CA GLY D 770 -95.90 19.29 26.88
C GLY D 770 -96.31 17.89 26.50
N LEU D 771 -96.08 16.99 27.42
CA LEU D 771 -96.46 15.60 27.16
C LEU D 771 -97.93 15.46 27.03
N LEU D 772 -98.62 16.06 27.99
CA LEU D 772 -100.08 16.05 27.98
C LEU D 772 -100.68 16.38 26.63
N GLU D 773 -100.47 17.59 26.22
CA GLU D 773 -100.89 18.11 24.95
C GLU D 773 -100.75 17.14 23.80
N GLU D 774 -99.54 16.54 23.75
CA GLU D 774 -99.24 15.63 22.67
C GLU D 774 -100.28 14.53 22.59
N MET D 775 -100.55 13.93 23.72
CA MET D 775 -101.54 12.89 23.82
C MET D 775 -102.84 13.47 23.33
N ARG D 776 -103.06 14.65 23.77
CA ARG D 776 -104.24 15.36 23.41
C ARG D 776 -104.30 15.52 21.93
N ASP D 777 -103.19 15.95 21.36
CA ASP D 777 -103.08 16.17 19.94
C ASP D 777 -103.59 14.95 19.19
N ASP D 778 -103.04 13.78 19.52
CA ASP D 778 -103.50 12.57 18.87
C ASP D 778 -105.01 12.42 19.06
N LEU D 780 -107.30 14.35 19.00
CA LEU D 780 -108.23 15.15 18.22
C LEU D 780 -108.24 14.72 16.79
N ALA D 781 -107.11 14.16 16.36
CA ALA D 781 -107.00 13.65 15.01
C ALA D 781 -108.18 12.69 14.94
N GLU D 782 -108.26 11.86 15.97
CA GLU D 782 -109.35 10.91 16.16
C GLU D 782 -110.63 11.75 15.99
N ILE D 783 -110.90 12.58 16.97
CA ILE D 783 -112.07 13.43 17.00
C ILE D 783 -112.35 14.20 15.75
N ILE D 784 -111.32 14.75 15.16
CA ILE D 784 -111.58 15.54 13.98
C ILE D 784 -111.84 14.70 12.76
N THR D 785 -110.80 13.94 12.39
CA THR D 785 -110.81 13.06 11.24
C THR D 785 -112.17 12.38 11.06
N ALA D 786 -112.72 11.93 12.17
CA ALA D 786 -114.02 11.31 12.19
C ALA D 786 -115.09 12.34 11.96
N THR D 787 -114.91 13.53 12.51
CA THR D 787 -115.96 14.53 12.31
C THR D 787 -115.87 15.13 10.92
N GLN D 788 -114.72 14.97 10.33
CA GLN D 788 -114.60 15.51 9.00
C GLN D 788 -115.45 14.67 8.09
N ALA D 789 -115.04 13.39 7.99
CA ALA D 789 -115.69 12.36 7.23
C ALA D 789 -117.21 12.55 7.00
N ARG D 790 -117.96 12.46 8.08
CA ARG D 790 -119.42 12.56 8.09
C ARG D 790 -119.81 13.77 7.26
N CYS D 791 -119.17 14.87 7.62
CA CYS D 791 -119.34 16.10 6.89
C CYS D 791 -119.18 15.86 5.40
N ARG D 792 -117.97 15.41 5.04
CA ARG D 792 -117.59 15.11 3.67
C ARG D 792 -118.70 14.28 3.07
N GLY D 793 -118.97 13.19 3.76
CA GLY D 793 -119.99 12.25 3.39
C GLY D 793 -121.18 13.08 3.10
N PHE D 794 -121.76 13.55 4.18
CA PHE D 794 -122.94 14.39 4.14
C PHE D 794 -122.89 15.46 3.08
N LEU D 795 -121.72 15.95 2.85
CA LEU D 795 -121.67 17.01 1.88
C LEU D 795 -122.09 16.58 0.51
N MET D 796 -121.59 15.43 0.14
CA MET D 796 -121.95 14.92 -1.15
C MET D 796 -123.36 14.36 -1.17
N ARG D 797 -123.81 13.93 -0.01
CA ARG D 797 -125.15 13.36 0.10
C ARG D 797 -126.18 14.38 -0.33
N VAL D 798 -125.83 15.68 -0.31
CA VAL D 798 -126.80 16.74 -0.66
C VAL D 798 -126.69 17.02 -2.12
N GLU D 799 -125.52 16.64 -2.63
CA GLU D 799 -125.25 16.84 -4.02
C GLU D 799 -126.06 15.87 -4.84
N TYR D 800 -126.17 14.63 -4.34
CA TYR D 800 -126.99 13.72 -5.03
C TYR D 800 -128.45 14.26 -5.12
N ARG D 801 -129.02 14.80 -4.02
CA ARG D 801 -130.42 15.35 -3.93
C ARG D 801 -130.67 16.51 -4.90
N ALA D 802 -129.59 17.12 -5.31
CA ALA D 802 -129.64 18.23 -6.23
C ALA D 802 -129.51 17.68 -7.65
N MET D 803 -128.49 16.86 -7.87
CA MET D 803 -128.23 16.21 -9.16
C MET D 803 -129.51 15.63 -9.71
N VAL D 804 -130.11 14.84 -8.85
CA VAL D 804 -131.35 14.15 -9.08
C VAL D 804 -132.54 15.08 -9.43
N GLU D 805 -132.75 16.11 -8.63
CA GLU D 805 -133.81 17.10 -8.85
C GLU D 805 -133.71 17.60 -10.29
N ARG D 806 -132.53 18.10 -10.53
CA ARG D 806 -132.06 18.64 -11.79
C ARG D 806 -132.34 17.77 -12.99
N ARG D 807 -132.32 16.46 -12.73
CA ARG D 807 -132.50 15.40 -13.72
C ARG D 807 -133.30 15.80 -14.92
N GLU D 808 -134.52 16.18 -14.66
CA GLU D 808 -135.35 16.53 -15.77
C GLU D 808 -135.25 17.94 -16.28
N SER D 809 -135.15 18.91 -15.37
CA SER D 809 -135.07 20.29 -15.79
C SER D 809 -134.04 20.51 -16.85
N ILE D 810 -133.05 19.61 -16.85
CA ILE D 810 -132.02 19.67 -17.85
C ILE D 810 -132.62 19.30 -19.20
N PHE D 811 -133.08 18.03 -19.25
CA PHE D 811 -133.69 17.41 -20.38
C PHE D 811 -134.56 18.41 -21.09
N CYS D 812 -135.42 18.98 -20.27
CA CYS D 812 -136.32 19.99 -20.75
C CYS D 812 -135.52 21.02 -21.46
N ILE D 813 -134.51 21.45 -20.78
CA ILE D 813 -133.65 22.42 -21.41
C ILE D 813 -132.99 21.76 -22.59
N GLN D 814 -132.46 20.56 -22.37
CA GLN D 814 -131.74 19.82 -23.41
C GLN D 814 -132.47 19.78 -24.74
N TYR D 815 -133.50 18.97 -24.78
CA TYR D 815 -134.31 18.80 -25.98
C TYR D 815 -134.77 20.12 -26.57
N ASN D 816 -135.35 20.95 -25.70
CA ASN D 816 -135.93 22.23 -26.06
C ASN D 816 -135.16 23.11 -26.98
N VAL D 817 -133.85 23.11 -26.79
CA VAL D 817 -132.91 23.91 -27.58
C VAL D 817 -132.76 23.31 -28.97
N ARG D 818 -132.45 22.01 -28.94
CA ARG D 818 -132.30 21.22 -30.14
C ARG D 818 -133.39 21.50 -31.17
N SER D 819 -134.66 21.55 -30.70
CA SER D 819 -135.81 21.85 -31.52
C SER D 819 -135.44 23.00 -32.40
N PHE D 820 -135.38 24.11 -31.73
CA PHE D 820 -135.09 25.37 -32.27
C PHE D 820 -133.99 25.39 -33.31
N MET D 821 -132.91 24.74 -33.02
CA MET D 821 -131.81 24.67 -33.97
C MET D 821 -132.20 24.06 -35.30
N ASN D 822 -133.23 23.29 -35.26
CA ASN D 822 -133.70 22.57 -36.41
C ASN D 822 -134.75 23.33 -37.15
N VAL D 823 -135.60 23.86 -36.31
CA VAL D 823 -136.74 24.58 -36.74
C VAL D 823 -136.46 25.92 -37.34
N HIS D 825 -134.67 27.13 -39.13
CA HIS D 825 -134.31 27.21 -40.55
C HIS D 825 -135.46 26.83 -41.50
N TRP D 826 -136.59 26.32 -40.94
CA TRP D 826 -137.84 25.84 -41.59
C TRP D 826 -138.87 26.94 -42.02
N PRO D 827 -139.11 27.05 -43.32
CA PRO D 827 -140.03 28.01 -43.93
C PRO D 827 -141.23 28.29 -43.09
N TRP D 828 -141.91 27.19 -42.81
CA TRP D 828 -143.13 27.19 -42.06
C TRP D 828 -142.94 27.80 -40.73
N MET D 829 -141.76 27.56 -40.18
CA MET D 829 -141.57 28.12 -38.86
C MET D 829 -141.24 29.60 -38.93
N LEU D 831 -142.34 31.53 -41.11
CA LEU D 831 -143.65 32.10 -41.44
C LEU D 831 -144.43 32.38 -40.18
N PHE D 832 -144.61 31.33 -39.40
CA PHE D 832 -145.32 31.41 -38.11
C PHE D 832 -144.77 32.56 -37.30
N PHE D 833 -143.47 32.71 -37.44
CA PHE D 833 -142.74 33.71 -36.74
C PHE D 833 -143.15 35.11 -37.16
N ILE D 835 -145.60 35.93 -38.67
CA ILE D 835 -147.04 35.98 -38.46
C ILE D 835 -147.53 35.97 -37.02
N PRO D 837 -147.16 37.53 -34.64
CA PRO D 837 -147.53 38.77 -33.98
C PRO D 837 -148.90 39.30 -34.28
N LEU D 838 -149.25 39.30 -35.57
CA LEU D 838 -150.57 39.80 -35.99
C LEU D 838 -151.73 39.18 -35.19
N LEU D 839 -151.41 38.11 -34.49
CA LEU D 839 -152.39 37.40 -33.75
C LEU D 839 -152.72 38.08 -32.46
N LYS D 840 -153.73 37.50 -31.85
CA LYS D 840 -154.19 37.98 -30.57
C LYS D 840 -154.67 36.81 -29.73
N PHE E 1 -147.02 18.41 -23.42
CA PHE E 1 -147.85 19.36 -24.17
C PHE E 1 -149.00 19.90 -23.34
N ASP E 2 -148.92 21.18 -23.01
CA ASP E 2 -150.03 21.82 -22.32
C ASP E 2 -151.10 22.18 -23.36
N GLU E 3 -152.33 22.35 -22.91
CA GLU E 3 -153.45 22.50 -23.85
C GLU E 3 -153.45 23.81 -24.64
N THR E 4 -152.81 24.85 -24.14
CA THR E 4 -152.77 26.12 -24.88
C THR E 4 -151.71 26.07 -25.97
N GLU E 5 -150.72 25.22 -25.77
CA GLU E 5 -149.67 24.98 -26.75
C GLU E 5 -150.20 24.11 -27.89
N ILE E 6 -151.15 23.24 -27.56
CA ILE E 6 -151.81 22.41 -28.56
C ILE E 6 -152.84 23.21 -29.34
N GLU E 7 -153.38 24.24 -28.71
CA GLU E 7 -154.30 25.16 -29.39
C GLU E 7 -153.54 26.13 -30.29
N ASP E 8 -152.29 26.39 -29.97
CA ASP E 8 -151.43 27.22 -30.81
C ASP E 8 -151.01 26.45 -32.06
N PHE E 9 -150.83 25.14 -31.90
CA PHE E 9 -150.51 24.30 -33.05
C PHE E 9 -151.74 24.00 -33.91
N LYS E 10 -152.92 24.11 -33.32
CA LYS E 10 -154.17 23.98 -34.07
C LYS E 10 -154.46 25.23 -34.89
N GLU E 11 -154.03 26.38 -34.37
CA GLU E 11 -154.20 27.63 -35.09
C GLU E 11 -153.18 27.77 -36.21
N ALA E 12 -151.99 27.22 -35.98
CA ALA E 12 -150.97 27.23 -37.03
C ALA E 12 -151.29 26.21 -38.12
N PHE E 13 -151.97 25.15 -37.74
CA PHE E 13 -152.43 24.14 -38.69
C PHE E 13 -153.56 24.67 -39.56
N THR E 14 -154.37 25.56 -39.02
CA THR E 14 -155.47 26.15 -39.78
C THR E 14 -154.99 27.27 -40.71
N VAL E 15 -153.88 27.91 -40.35
CA VAL E 15 -153.33 28.97 -41.20
C VAL E 15 -152.49 28.40 -42.35
N ILE E 16 -151.99 27.18 -42.18
CA ILE E 16 -151.28 26.54 -43.28
C ILE E 16 -152.22 25.68 -44.12
N ASP E 17 -153.33 25.25 -43.52
CA ASP E 17 -154.34 24.49 -44.27
C ASP E 17 -155.43 25.43 -44.76
N GLN E 18 -155.13 26.09 -45.87
CA GLN E 18 -156.00 27.12 -46.44
C GLN E 18 -157.19 26.56 -47.23
N ASN E 19 -157.22 25.24 -47.44
CA ASN E 19 -158.42 24.61 -48.01
C ASN E 19 -159.46 24.25 -46.94
N ALA E 20 -159.06 24.38 -45.67
CA ALA E 20 -159.87 24.00 -44.51
C ALA E 20 -160.55 22.64 -44.60
N ASP E 21 -159.84 21.61 -45.02
CA ASP E 21 -160.44 20.27 -45.02
C ASP E 21 -159.83 19.35 -43.95
N GLY E 22 -158.76 19.82 -43.33
CA GLY E 22 -158.16 19.08 -42.22
C GLY E 22 -156.87 18.36 -42.59
N ILE E 23 -156.46 18.45 -43.84
CA ILE E 23 -155.20 17.84 -44.29
C ILE E 23 -154.36 18.82 -45.09
N ILE E 24 -153.20 19.16 -44.55
CA ILE E 24 -152.27 20.04 -45.24
C ILE E 24 -151.54 19.29 -46.35
N ASP E 25 -151.91 19.61 -47.58
CA ASP E 25 -151.21 19.09 -48.75
C ASP E 25 -150.13 20.08 -49.20
N LYS E 26 -149.45 19.72 -50.28
CA LYS E 26 -148.32 20.50 -50.80
C LYS E 26 -148.73 21.87 -51.38
N ASP E 27 -149.99 21.97 -51.79
CA ASP E 27 -150.52 23.24 -52.32
C ASP E 27 -150.76 24.21 -51.18
N ASP E 28 -151.13 23.69 -50.02
CA ASP E 28 -151.34 24.53 -48.83
C ASP E 28 -150.01 25.07 -48.32
N LEU E 29 -148.98 24.24 -48.40
CA LEU E 29 -147.65 24.67 -47.97
C LEU E 29 -147.12 25.78 -48.87
N ARG E 30 -147.33 25.62 -50.17
CA ARG E 30 -146.85 26.61 -51.14
C ARG E 30 -147.66 27.91 -51.10
N GLU E 31 -148.94 27.82 -50.82
CA GLU E 31 -149.79 29.03 -50.79
C GLU E 31 -149.69 29.75 -49.45
N THR E 32 -149.22 29.06 -48.42
CA THR E 32 -148.96 29.75 -47.15
C THR E 32 -147.62 30.45 -47.21
N PHE E 33 -146.67 29.84 -47.92
CA PHE E 33 -145.36 30.46 -48.09
C PHE E 33 -145.44 31.64 -49.05
N ALA E 34 -146.29 31.55 -50.06
CA ALA E 34 -146.47 32.67 -50.98
C ALA E 34 -147.21 33.85 -50.33
N ALA E 35 -148.06 33.55 -49.35
CA ALA E 35 -148.75 34.61 -48.61
C ALA E 35 -147.87 35.24 -47.51
N MET E 36 -146.75 34.61 -47.20
CA MET E 36 -145.76 35.19 -46.30
C MET E 36 -144.65 35.93 -47.06
N GLY E 37 -144.63 35.78 -48.38
CA GLY E 37 -143.68 36.53 -49.20
C GLY E 37 -142.74 35.63 -50.00
N ARG E 38 -142.91 34.33 -49.87
CA ARG E 38 -142.04 33.40 -50.60
C ARG E 38 -142.59 33.08 -51.98
N LEU E 39 -142.13 33.84 -52.95
CA LEU E 39 -142.55 33.65 -54.34
C LEU E 39 -141.68 32.60 -55.04
N ASN E 40 -140.51 32.37 -54.47
CA ASN E 40 -139.56 31.39 -55.04
C ASN E 40 -139.48 30.07 -54.28
N VAL E 41 -140.49 29.73 -53.50
CA VAL E 41 -140.45 28.47 -52.73
C VAL E 41 -140.45 27.24 -53.66
N LYS E 42 -139.34 26.52 -53.64
CA LYS E 42 -139.18 25.34 -54.49
C LYS E 42 -140.05 24.17 -54.01
N ASN E 43 -140.35 23.31 -54.98
CA ASN E 43 -141.21 22.14 -54.76
C ASN E 43 -140.49 21.05 -53.96
N GLU E 44 -139.17 21.14 -53.97
CA GLU E 44 -138.32 20.20 -53.23
C GLU E 44 -138.32 20.52 -51.73
N GLU E 45 -138.69 21.74 -51.36
CA GLU E 45 -138.79 22.08 -49.94
C GLU E 45 -140.10 21.57 -49.39
N LEU E 46 -141.11 21.58 -50.25
CA LEU E 46 -142.44 21.12 -49.88
C LEU E 46 -142.46 19.60 -49.82
N ASP E 47 -141.66 18.98 -50.68
CA ASP E 47 -141.53 17.53 -50.69
C ASP E 47 -140.68 17.03 -49.52
N ALA E 48 -139.79 17.85 -49.00
CA ALA E 48 -138.99 17.44 -47.84
C ALA E 48 -139.77 17.57 -46.53
N MET E 49 -140.77 18.44 -46.53
CA MET E 49 -141.65 18.57 -45.37
C MET E 49 -142.64 17.41 -45.34
N ILE E 50 -143.08 17.00 -46.52
CA ILE E 50 -144.01 15.87 -46.62
C ILE E 50 -143.32 14.52 -46.45
N LYS E 51 -142.01 14.51 -46.66
CA LYS E 51 -141.17 13.31 -46.49
C LYS E 51 -140.81 13.05 -45.02
N GLU E 52 -141.21 13.96 -44.13
CA GLU E 52 -141.03 13.74 -42.70
C GLU E 52 -142.23 13.02 -42.09
N ALA E 53 -143.30 12.89 -42.88
CA ALA E 53 -144.48 12.15 -42.43
C ALA E 53 -144.64 10.85 -43.21
N SER E 54 -145.33 9.90 -42.58
CA SER E 54 -145.63 8.63 -43.26
C SER E 54 -147.00 8.67 -43.94
N GLY E 55 -147.78 9.68 -43.62
CA GLY E 55 -149.10 9.86 -44.24
C GLY E 55 -149.41 11.34 -44.41
N PRO E 56 -150.65 11.62 -44.78
CA PRO E 56 -151.13 12.99 -44.97
C PRO E 56 -151.09 13.78 -43.67
N ILE E 57 -150.81 15.07 -43.78
CA ILE E 57 -150.65 15.93 -42.60
C ILE E 57 -151.99 16.41 -42.06
N ASN E 58 -152.66 15.54 -41.31
CA ASN E 58 -153.84 15.96 -40.57
C ASN E 58 -153.37 16.48 -39.21
N PHE E 59 -154.30 16.86 -38.36
CA PHE E 59 -153.92 17.50 -37.09
C PHE E 59 -153.14 16.57 -36.14
N THR E 60 -153.43 15.28 -36.16
CA THR E 60 -152.73 14.38 -35.24
C THR E 60 -151.39 13.93 -35.80
N VAL E 61 -151.23 14.00 -37.12
CA VAL E 61 -149.95 13.68 -37.73
C VAL E 61 -148.99 14.85 -37.61
N PHE E 62 -149.57 16.05 -37.54
CA PHE E 62 -148.75 17.26 -37.37
C PHE E 62 -148.34 17.39 -35.90
N LEU E 63 -149.20 16.94 -35.00
CA LEU E 63 -148.88 16.95 -33.57
C LEU E 63 -147.86 15.89 -33.20
N THR E 64 -147.91 14.72 -33.84
CA THR E 64 -146.93 13.68 -33.52
C THR E 64 -145.57 13.97 -34.15
N MET E 65 -145.56 14.69 -35.27
CA MET E 65 -144.28 15.05 -35.88
C MET E 65 -143.59 16.15 -35.07
N PHE E 66 -144.38 17.09 -34.58
CA PHE E 66 -143.82 18.15 -33.73
C PHE E 66 -143.45 17.65 -32.34
N GLY E 67 -144.17 16.64 -31.86
CA GLY E 67 -143.84 16.00 -30.57
C GLY E 67 -142.50 15.30 -30.62
N GLU E 68 -142.26 14.58 -31.71
CA GLU E 68 -141.03 13.82 -31.88
C GLU E 68 -139.80 14.68 -32.20
N LYS E 69 -140.00 15.93 -32.59
CA LYS E 69 -138.87 16.83 -32.78
C LYS E 69 -138.66 17.72 -31.57
N LEU E 70 -139.72 17.92 -30.79
CA LEU E 70 -139.67 18.78 -29.61
C LEU E 70 -139.81 17.99 -28.32
N LYS E 71 -138.98 16.97 -28.17
CA LYS E 71 -139.04 16.09 -26.99
C LYS E 71 -138.38 16.70 -25.74
N GLY E 72 -137.83 17.89 -25.87
CA GLY E 72 -137.28 18.62 -24.72
C GLY E 72 -137.72 20.09 -24.77
N ALA E 73 -138.83 20.34 -25.45
CA ALA E 73 -139.34 21.71 -25.57
C ALA E 73 -139.93 22.18 -24.25
N ASP E 74 -139.49 23.35 -23.81
CA ASP E 74 -139.97 23.87 -22.53
C ASP E 74 -140.55 25.27 -22.69
N PRO E 75 -141.75 25.45 -22.14
CA PRO E 75 -142.41 26.76 -22.16
C PRO E 75 -141.61 27.80 -21.39
N GLU E 76 -141.85 29.07 -21.73
CA GLU E 76 -141.06 30.18 -21.17
C GLU E 76 -141.18 30.34 -19.66
N ASP E 77 -142.32 29.96 -19.09
CA ASP E 77 -142.52 30.10 -17.66
C ASP E 77 -141.75 29.04 -16.85
N VAL E 78 -141.43 27.92 -17.47
CA VAL E 78 -140.71 26.88 -16.74
C VAL E 78 -139.21 27.08 -16.92
N ILE E 79 -138.84 27.77 -18.00
CA ILE E 79 -137.43 28.11 -18.19
C ILE E 79 -137.06 29.26 -17.28
N MET E 80 -138.00 30.17 -17.06
CA MET E 80 -137.77 31.28 -16.13
C MET E 80 -137.90 30.82 -14.67
N GLY E 81 -138.63 29.74 -14.45
CA GLY E 81 -138.67 29.09 -13.15
C GLY E 81 -137.29 28.56 -12.78
N ALA E 82 -136.68 27.83 -13.70
CA ALA E 82 -135.34 27.28 -13.47
C ALA E 82 -134.25 28.35 -13.37
N PHE E 83 -134.42 29.45 -14.10
CA PHE E 83 -133.46 30.55 -14.01
C PHE E 83 -133.65 31.44 -12.79
N LYS E 84 -134.80 31.34 -12.15
CA LYS E 84 -135.06 32.06 -10.90
C LYS E 84 -134.53 31.23 -9.73
N VAL E 85 -134.39 29.94 -9.96
CA VAL E 85 -133.76 29.07 -8.96
C VAL E 85 -132.24 29.13 -9.08
N LEU E 86 -131.76 29.50 -10.26
CA LEU E 86 -130.31 29.71 -10.44
C LEU E 86 -129.92 31.11 -9.98
N ASP E 87 -130.85 32.03 -10.03
CA ASP E 87 -130.64 33.34 -9.41
C ASP E 87 -131.72 33.58 -8.35
N PRO E 88 -131.50 33.01 -7.16
CA PRO E 88 -132.59 32.91 -6.16
C PRO E 88 -132.84 34.21 -5.39
N ASP E 89 -131.98 35.19 -5.60
CA ASP E 89 -132.14 36.51 -5.00
C ASP E 89 -132.91 37.46 -5.93
N GLY E 90 -133.20 37.01 -7.14
CA GLY E 90 -134.02 37.80 -8.07
C GLY E 90 -133.26 38.91 -8.77
N LYS E 91 -133.81 39.30 -9.92
CA LYS E 91 -133.39 40.45 -10.75
C LYS E 91 -132.10 40.25 -11.57
N GLY E 92 -131.04 39.81 -10.94
CA GLY E 92 -129.73 39.73 -11.59
C GLY E 92 -129.60 38.58 -12.58
N SER E 93 -129.00 38.90 -13.71
CA SER E 93 -128.59 37.85 -14.65
C SER E 93 -127.32 37.20 -14.12
N ILE E 94 -127.28 35.88 -14.22
CA ILE E 94 -126.22 35.10 -13.59
C ILE E 94 -124.95 35.06 -14.46
N LYS E 95 -123.81 34.93 -13.80
CA LYS E 95 -122.50 34.97 -14.46
C LYS E 95 -122.27 33.89 -15.51
N LYS E 96 -121.44 34.28 -16.46
CA LYS E 96 -121.04 33.43 -17.60
C LYS E 96 -120.33 32.16 -17.16
N SER E 97 -119.38 32.31 -16.24
CA SER E 97 -118.60 31.16 -15.81
C SER E 97 -119.36 30.27 -14.84
N PHE E 98 -120.42 30.80 -14.25
CA PHE E 98 -121.19 29.99 -13.30
C PHE E 98 -122.09 29.03 -14.05
N LEU E 99 -122.61 29.49 -15.18
CA LEU E 99 -123.46 28.62 -16.00
C LEU E 99 -122.64 27.60 -16.79
N GLU E 100 -121.40 27.93 -17.08
CA GLU E 100 -120.54 26.98 -17.79
C GLU E 100 -120.07 25.86 -16.88
N GLU E 101 -119.80 26.23 -15.63
CA GLU E 101 -119.36 25.24 -14.65
C GLU E 101 -120.51 24.37 -14.19
N LEU E 102 -121.68 24.96 -14.00
CA LEU E 102 -122.83 24.19 -13.51
C LEU E 102 -123.48 23.34 -14.60
N LEU E 103 -123.28 23.69 -15.86
CA LEU E 103 -123.83 22.85 -16.93
C LEU E 103 -122.97 21.62 -17.09
N THR E 104 -121.68 21.83 -17.07
CA THR E 104 -120.74 20.74 -17.23
C THR E 104 -120.79 19.79 -16.01
N THR E 105 -120.59 20.37 -14.84
CA THR E 105 -120.43 19.59 -13.59
C THR E 105 -121.69 19.02 -13.03
N GLY E 106 -122.71 19.01 -13.74
CA GLY E 106 -123.85 18.39 -13.16
C GLY E 106 -124.29 17.32 -14.08
N GLY E 107 -124.18 17.68 -15.34
CA GLY E 107 -124.67 16.85 -16.42
C GLY E 107 -123.74 16.84 -17.63
N GLY E 108 -123.97 15.80 -18.42
CA GLY E 108 -123.23 15.55 -19.66
C GLY E 108 -123.81 16.39 -20.81
N ARG E 109 -125.01 16.90 -20.59
CA ARG E 109 -125.72 17.74 -21.59
C ARG E 109 -125.21 19.19 -21.51
N PHE E 110 -124.50 19.46 -20.43
CA PHE E 110 -123.93 20.78 -20.16
C PHE E 110 -122.41 20.80 -20.44
N THR E 111 -121.91 19.70 -21.13
CA THR E 111 -120.44 19.57 -21.53
C THR E 111 -119.95 20.83 -22.17
N PRO E 112 -118.62 21.19 -22.26
CA PRO E 112 -118.28 22.48 -22.83
C PRO E 112 -118.73 22.58 -24.33
N GLU E 113 -117.97 22.05 -25.37
CA GLU E 113 -118.30 22.26 -26.89
C GLU E 113 -119.74 22.75 -27.12
N GLU E 114 -120.65 22.13 -26.41
CA GLU E 114 -122.07 22.51 -26.49
C GLU E 114 -122.26 23.90 -25.89
N ILE E 115 -121.41 24.25 -24.93
CA ILE E 115 -121.48 25.57 -24.26
C ILE E 115 -120.94 26.67 -25.18
N LYS E 116 -120.06 26.30 -26.10
CA LYS E 116 -119.57 27.24 -27.10
C LYS E 116 -120.63 27.47 -28.17
N ASN E 117 -121.42 26.45 -28.42
CA ASN E 117 -122.55 26.59 -29.36
C ASN E 117 -123.70 27.35 -28.72
N MET E 118 -123.80 27.30 -27.40
CA MET E 118 -124.81 28.07 -26.69
C MET E 118 -124.48 29.56 -26.74
N TRP E 119 -123.22 29.88 -26.63
CA TRP E 119 -122.79 31.27 -26.66
C TRP E 119 -122.87 31.84 -28.09
N ALA E 120 -122.79 30.92 -29.04
CA ALA E 120 -122.69 31.27 -30.47
C ALA E 120 -123.97 31.75 -31.15
N ALA E 121 -125.10 31.69 -30.67
CA ALA E 121 -126.03 32.49 -31.46
C ALA E 121 -126.88 33.15 -30.45
N PHE E 122 -126.74 32.55 -29.27
CA PHE E 122 -127.36 33.12 -28.08
C PHE E 122 -126.46 34.09 -27.57
N PRO E 123 -126.46 35.10 -28.00
CA PRO E 123 -125.31 35.99 -27.82
C PRO E 123 -124.53 35.95 -26.49
N PRO E 124 -123.87 37.11 -26.13
CA PRO E 124 -122.94 37.26 -24.96
C PRO E 124 -123.61 37.13 -23.65
N ASP E 125 -124.49 38.09 -23.42
CA ASP E 125 -125.28 38.13 -22.18
C ASP E 125 -125.92 36.76 -21.99
N VAL E 126 -126.64 36.34 -23.00
CA VAL E 126 -127.33 35.04 -22.99
C VAL E 126 -126.31 33.92 -22.76
N ALA E 127 -125.32 33.91 -23.63
CA ALA E 127 -124.23 32.91 -23.58
C ALA E 127 -123.54 32.94 -22.21
N GLY E 128 -123.13 34.16 -21.85
CA GLY E 128 -122.41 34.43 -20.57
C GLY E 128 -123.21 33.95 -19.35
N ASN E 129 -124.52 34.15 -19.42
CA ASN E 129 -125.45 33.73 -18.35
C ASN E 129 -125.86 34.92 -17.48
N VAL E 130 -125.58 36.09 -17.98
CA VAL E 130 -125.85 37.35 -17.27
C VAL E 130 -127.29 37.78 -17.49
N ASP E 131 -127.67 38.02 -18.76
CA ASP E 131 -129.08 38.30 -19.01
C ASP E 131 -129.80 37.02 -18.91
N TYR E 132 -130.98 37.15 -19.18
CA TYR E 132 -131.80 36.15 -18.85
C TYR E 132 -133.13 36.51 -19.39
N LYS E 133 -133.79 35.56 -19.92
CA LYS E 133 -135.10 35.86 -20.35
C LYS E 133 -135.20 35.94 -21.86
N ASN E 134 -134.20 36.49 -22.50
CA ASN E 134 -134.24 36.56 -23.98
C ASN E 134 -134.02 35.16 -24.56
N ILE E 135 -133.32 34.35 -23.79
CA ILE E 135 -133.00 32.98 -24.17
C ILE E 135 -134.24 32.09 -24.00
N CYS E 136 -135.09 32.43 -23.04
CA CYS E 136 -136.35 31.72 -22.84
C CYS E 136 -137.32 32.06 -23.97
N TYR E 137 -137.20 33.28 -24.45
CA TYR E 137 -138.02 33.74 -25.57
C TYR E 137 -137.65 32.99 -26.85
N VAL E 138 -136.36 32.92 -27.14
CA VAL E 138 -135.91 32.29 -28.40
C VAL E 138 -135.89 30.76 -28.35
N ILE E 139 -136.04 30.17 -27.17
CA ILE E 139 -136.19 28.71 -27.07
C ILE E 139 -137.65 28.29 -27.31
N THR E 140 -138.58 29.20 -27.07
CA THR E 140 -139.99 28.88 -27.33
C THR E 140 -140.41 29.39 -28.71
N HIS E 141 -139.78 30.46 -29.13
CA HIS E 141 -139.93 30.97 -30.49
C HIS E 141 -138.56 31.41 -31.02
N GLY E 142 -138.08 30.65 -31.98
CA GLY E 142 -136.71 30.84 -32.52
C GLY E 142 -136.46 32.19 -33.18
N GLU E 143 -135.28 32.26 -33.79
CA GLU E 143 -134.73 33.45 -34.49
C GLU E 143 -134.65 34.71 -33.63
N ASP E 144 -133.83 35.64 -34.10
CA ASP E 144 -133.68 36.92 -33.41
C ASP E 144 -135.02 37.67 -33.35
N ALA E 145 -135.31 38.18 -32.17
CA ALA E 145 -136.54 38.95 -31.96
C ALA E 145 -136.29 40.44 -32.24
N SER F 1 -122.88 -8.11 -2.67
CA SER F 1 -123.13 -9.56 -2.66
C SER F 1 -124.24 -9.91 -3.65
N LYS F 2 -124.96 -8.79 -3.91
CA LYS F 2 -126.11 -8.90 -4.82
C LYS F 2 -127.38 -9.18 -4.02
N ALA F 3 -127.27 -10.15 -1.59
CA ALA F 3 -128.01 -9.02 -2.21
C ALA F 3 -127.17 -8.33 -3.28
N ALA F 4 -127.35 -8.73 -4.52
CA ALA F 4 -126.62 -8.12 -5.64
C ALA F 4 -127.27 -6.80 -6.07
N ALA F 5 -126.74 -5.71 -5.54
CA ALA F 5 -127.28 -4.39 -5.88
C ALA F 5 -126.70 -3.87 -7.20
N ASP F 6 -127.46 -4.13 -8.26
CA ASP F 6 -127.07 -3.75 -9.62
C ASP F 6 -127.31 -2.26 -9.90
N ASP F 7 -127.91 -1.57 -8.94
CA ASP F 7 -128.12 -0.13 -9.05
C ASP F 7 -126.83 0.66 -8.77
N PHE F 8 -125.80 -0.01 -8.26
CA PHE F 8 -124.49 0.66 -8.13
C PHE F 8 -123.83 0.79 -9.49
N LYS F 9 -124.14 -0.14 -10.37
CA LYS F 9 -123.61 -0.13 -11.73
C LYS F 9 -124.40 0.84 -12.61
N GLU F 10 -125.66 1.04 -12.26
CA GLU F 10 -126.50 1.98 -12.98
C GLU F 10 -126.20 3.42 -12.56
N ALA F 11 -125.71 3.58 -11.32
CA ALA F 11 -125.27 4.88 -10.85
C ALA F 11 -123.88 5.23 -11.37
N PHE F 12 -123.11 4.23 -11.77
CA PHE F 12 -121.80 4.48 -12.38
C PHE F 12 -121.97 4.99 -13.80
N LEU F 13 -123.09 4.64 -14.42
CA LEU F 13 -123.42 5.15 -15.75
C LEU F 13 -124.01 6.56 -15.70
N LEU F 14 -124.37 7.02 -14.51
CA LEU F 14 -124.85 8.38 -14.33
C LEU F 14 -123.71 9.33 -13.95
N PHE F 15 -122.59 8.78 -13.52
CA PHE F 15 -121.45 9.62 -13.15
C PHE F 15 -120.34 9.61 -14.19
N ASP F 16 -120.40 8.68 -15.11
CA ASP F 16 -119.41 8.66 -16.20
C ASP F 16 -119.90 9.52 -17.37
N ARG F 17 -119.22 10.64 -17.53
CA ARG F 17 -119.56 11.67 -18.52
C ARG F 17 -119.21 11.30 -19.97
N THR F 18 -118.40 10.26 -20.16
CA THR F 18 -118.01 9.85 -21.50
C THR F 18 -118.81 8.67 -22.02
N GLY F 19 -119.54 8.01 -21.14
CA GLY F 19 -120.31 6.80 -21.51
C GLY F 19 -119.49 5.54 -21.81
N ASP F 20 -118.18 5.53 -21.55
CA ASP F 20 -117.35 4.33 -21.83
C ASP F 20 -117.31 3.28 -20.71
N ALA F 21 -118.04 3.56 -19.62
CA ALA F 21 -118.16 2.69 -18.45
C ALA F 21 -116.92 2.69 -17.56
N LYS F 22 -116.24 3.83 -17.54
CA LYS F 22 -115.10 4.04 -16.64
C LYS F 22 -115.30 5.33 -15.86
N ILE F 23 -114.87 5.32 -14.61
CA ILE F 23 -114.99 6.52 -13.77
C ILE F 23 -113.63 6.88 -13.17
N THR F 24 -113.19 8.12 -13.41
CA THR F 24 -111.86 8.53 -12.98
C THR F 24 -111.71 8.42 -11.46
N ALA F 25 -110.47 8.29 -11.03
CA ALA F 25 -110.15 8.10 -9.60
C ALA F 25 -110.50 9.30 -8.73
N SER F 26 -110.63 10.47 -9.33
CA SER F 26 -111.02 11.67 -8.59
C SER F 26 -112.53 11.71 -8.32
N GLN F 27 -113.31 10.88 -9.01
CA GLN F 27 -114.75 10.87 -8.79
C GLN F 27 -115.14 9.80 -7.77
N VAL F 28 -114.22 8.90 -7.48
CA VAL F 28 -114.54 7.73 -6.66
C VAL F 28 -114.87 8.08 -5.21
N GLY F 29 -114.27 9.16 -4.71
CA GLY F 29 -114.60 9.64 -3.36
C GLY F 29 -116.06 10.08 -3.25
N ASP F 30 -116.48 10.89 -4.21
CA ASP F 30 -117.83 11.46 -4.17
C ASP F 30 -118.90 10.44 -4.57
N ILE F 31 -118.51 9.44 -5.35
CA ILE F 31 -119.47 8.41 -5.75
C ILE F 31 -119.63 7.32 -4.69
N ALA F 32 -118.65 7.18 -3.82
CA ALA F 32 -118.81 6.27 -2.68
C ALA F 32 -119.77 6.90 -1.67
N ARG F 33 -119.71 8.23 -1.61
CA ARG F 33 -120.65 8.97 -0.76
C ARG F 33 -122.06 8.97 -1.32
N ALA F 34 -122.17 8.97 -2.64
CA ALA F 34 -123.48 8.91 -3.30
C ALA F 34 -124.10 7.51 -3.35
N LEU F 35 -123.32 6.49 -2.99
CA LEU F 35 -123.84 5.12 -2.89
C LEU F 35 -124.19 4.76 -1.44
N GLY F 36 -123.94 5.68 -0.53
CA GLY F 36 -124.34 5.49 0.87
C GLY F 36 -123.16 5.09 1.74
N GLN F 37 -122.01 5.68 1.45
CA GLN F 37 -120.79 5.44 2.22
C GLN F 37 -120.05 6.73 2.51
N ASN F 38 -119.66 6.92 3.76
CA ASN F 38 -118.94 8.16 4.13
C ASN F 38 -117.49 7.90 4.54
N PRO F 39 -116.59 7.53 3.64
CA PRO F 39 -115.18 7.46 3.99
C PRO F 39 -114.58 8.87 3.99
N THR F 40 -113.75 9.15 4.97
CA THR F 40 -113.10 10.46 5.03
C THR F 40 -112.15 10.61 3.85
N ASN F 41 -111.86 11.84 3.47
CA ASN F 41 -111.03 12.07 2.27
C ASN F 41 -109.59 11.62 2.44
N ALA F 42 -109.09 11.58 3.66
CA ALA F 42 -107.73 11.06 3.90
C ALA F 42 -107.69 9.53 3.76
N GLU F 43 -108.81 8.93 4.03
CA GLU F 43 -108.96 7.48 3.96
C GLU F 43 -109.06 7.03 2.49
N ILE F 44 -109.72 7.85 1.72
CA ILE F 44 -109.89 7.61 0.29
C ILE F 44 -108.55 7.85 -0.40
N ASN F 45 -107.80 8.78 0.18
CA ASN F 45 -106.47 9.14 -0.32
C ASN F 45 -105.45 8.05 0.02
N LYS F 46 -105.49 7.57 1.23
CA LYS F 46 -104.56 6.53 1.69
C LYS F 46 -104.70 5.23 0.93
N ILE F 47 -105.91 4.75 0.94
CA ILE F 47 -106.23 3.51 0.25
C ILE F 47 -105.67 3.55 -1.17
N LEU F 48 -105.92 4.64 -1.84
CA LEU F 48 -105.47 4.85 -3.22
C LEU F 48 -103.95 4.65 -3.34
N GLY F 49 -103.25 5.44 -2.55
CA GLY F 49 -101.77 5.43 -2.50
C GLY F 49 -101.26 4.08 -1.98
N ASN F 50 -101.98 3.57 -1.00
CA ASN F 50 -101.67 2.28 -0.40
C ASN F 50 -101.49 1.29 -1.55
N PRO F 51 -102.45 1.25 -2.46
CA PRO F 51 -102.38 0.45 -3.70
C PRO F 51 -101.52 1.05 -4.83
N SER F 52 -100.50 1.84 -4.52
CA SER F 52 -99.61 2.46 -5.56
C SER F 52 -100.42 3.06 -6.72
N LYS F 53 -101.51 3.69 -6.35
CA LYS F 53 -102.41 4.38 -7.29
C LYS F 53 -102.26 5.89 -7.08
N GLU F 54 -101.85 6.55 -8.15
CA GLU F 54 -101.60 8.00 -8.13
C GLU F 54 -102.80 8.76 -8.71
N GLU F 55 -103.38 9.60 -7.86
CA GLU F 55 -104.54 10.44 -8.21
C GLU F 55 -104.06 11.78 -8.79
N MET F 56 -102.76 11.85 -9.01
CA MET F 56 -102.08 13.06 -9.53
C MET F 56 -102.00 13.06 -11.06
N ASN F 57 -101.93 11.86 -11.61
CA ASN F 57 -101.87 11.65 -13.06
C ASN F 57 -103.24 11.16 -13.54
N ALA F 58 -103.45 11.27 -14.84
CA ALA F 58 -104.71 10.82 -15.47
C ALA F 58 -105.09 9.45 -14.95
N ALA F 59 -106.38 9.25 -14.82
CA ALA F 59 -106.95 7.99 -14.31
C ALA F 59 -108.23 7.64 -15.05
N ALA F 60 -108.47 6.36 -15.10
CA ALA F 60 -109.65 5.82 -15.73
C ALA F 60 -110.26 4.84 -14.80
N ILE F 61 -111.38 4.33 -15.07
CA ILE F 61 -111.69 3.22 -14.24
C ILE F 61 -112.64 2.37 -15.00
N THR F 62 -112.59 1.28 -14.32
CA THR F 62 -113.33 0.14 -14.56
C THR F 62 -114.05 -0.22 -13.30
N PHE F 63 -115.20 -0.70 -13.60
CA PHE F 63 -116.19 -1.16 -12.68
C PHE F 63 -115.61 -2.27 -11.77
N GLU F 64 -114.66 -3.02 -12.32
CA GLU F 64 -114.04 -4.16 -11.61
C GLU F 64 -113.06 -3.73 -10.52
N GLU F 65 -112.74 -2.45 -10.45
CA GLU F 65 -111.90 -1.94 -9.37
C GLU F 65 -112.74 -1.09 -8.43
N PHE F 66 -113.77 -0.48 -9.00
CA PHE F 66 -114.61 0.43 -8.21
C PHE F 66 -115.55 -0.36 -7.31
N LEU F 67 -116.02 -1.49 -7.79
CA LEU F 67 -116.84 -2.37 -6.96
C LEU F 67 -116.08 -2.86 -5.69
N PRO F 68 -114.92 -3.49 -5.78
CA PRO F 68 -114.20 -3.85 -4.54
C PRO F 68 -113.70 -2.68 -3.69
N MET F 69 -113.53 -1.49 -4.25
CA MET F 69 -113.16 -0.35 -3.39
C MET F 69 -114.35 0.17 -2.60
N LEU F 70 -115.54 0.01 -3.15
CA LEU F 70 -116.76 0.37 -2.43
C LEU F 70 -117.08 -0.67 -1.35
N GLN F 71 -116.67 -1.90 -1.61
CA GLN F 71 -116.88 -2.98 -0.64
C GLN F 71 -115.82 -2.98 0.47
N ALA F 72 -114.70 -2.33 0.21
CA ALA F 72 -113.69 -2.15 1.27
C ALA F 72 -114.00 -0.92 2.12
N ALA F 73 -114.76 0.00 1.55
CA ALA F 73 -115.18 1.20 2.31
C ALA F 73 -116.44 0.94 3.12
N ALA F 74 -117.18 -0.09 2.74
CA ALA F 74 -118.47 -0.40 3.36
C ALA F 74 -118.39 -1.00 4.77
N ASN F 75 -117.20 -1.42 5.18
CA ASN F 75 -117.02 -1.96 6.53
C ASN F 75 -116.82 -0.82 7.55
N ASN F 76 -116.47 0.34 7.02
CA ASN F 76 -116.13 1.48 7.86
C ASN F 76 -117.34 2.35 8.18
N LYS F 77 -118.52 1.89 7.78
CA LYS F 77 -119.78 2.59 8.08
C LYS F 77 -120.21 2.42 9.54
N ASP F 78 -119.51 1.58 10.29
CA ASP F 78 -119.77 1.41 11.73
C ASP F 78 -119.16 2.56 12.56
N GLN F 79 -118.45 3.45 11.90
CA GLN F 79 -117.90 4.65 12.53
C GLN F 79 -118.89 5.82 12.55
N GLY F 80 -120.05 5.66 11.90
CA GLY F 80 -121.03 6.75 11.82
C GLY F 80 -122.05 6.78 12.97
N THR F 81 -121.56 7.09 14.16
CA THR F 81 -122.44 7.17 15.34
C THR F 81 -122.88 8.60 15.64
N PHE F 82 -124.20 8.76 15.69
CA PHE F 82 -124.80 10.09 15.88
C PHE F 82 -124.76 10.60 17.32
N GLU F 83 -124.35 9.75 18.25
CA GLU F 83 -124.23 10.22 19.64
C GLU F 83 -123.04 11.15 19.74
N ASP F 84 -121.98 10.77 19.03
CA ASP F 84 -120.73 11.52 19.10
C ASP F 84 -120.78 12.77 18.23
N PHE F 85 -121.70 12.81 17.28
CA PHE F 85 -121.82 14.01 16.43
C PHE F 85 -122.55 15.11 17.18
N VAL F 86 -123.58 14.72 17.92
CA VAL F 86 -124.35 15.70 18.67
C VAL F 86 -123.64 16.11 19.96
N GLU F 87 -122.84 15.21 20.50
CA GLU F 87 -122.07 15.53 21.71
C GLU F 87 -120.83 16.36 21.40
N GLY F 88 -120.34 16.26 20.18
CA GLY F 88 -119.24 17.12 19.73
C GLY F 88 -119.67 18.58 19.71
N LEU F 89 -120.83 18.82 19.10
CA LEU F 89 -121.36 20.19 19.04
C LEU F 89 -121.97 20.66 20.37
N ARG F 90 -122.29 19.73 21.26
CA ARG F 90 -122.78 20.11 22.58
C ARG F 90 -121.64 20.56 23.50
N VAL F 91 -120.43 20.12 23.19
CA VAL F 91 -119.24 20.60 23.92
C VAL F 91 -118.68 21.88 23.28
N PHE F 92 -119.23 22.26 22.14
CA PHE F 92 -118.73 23.40 21.38
C PHE F 92 -119.43 24.72 21.77
N ASP F 93 -120.55 24.62 22.49
CA ASP F 93 -121.21 25.84 22.95
C ASP F 93 -121.83 25.68 24.35
N LYS F 94 -121.68 26.73 25.15
CA LYS F 94 -122.19 26.77 26.54
C LYS F 94 -123.70 26.66 26.65
N GLU F 95 -124.18 26.57 27.89
CA GLU F 95 -125.62 26.50 28.22
C GLU F 95 -126.31 25.22 27.72
N GLY F 96 -127.47 24.96 28.31
CA GLY F 96 -128.23 23.75 28.01
C GLY F 96 -129.25 23.93 26.87
N ASN F 97 -128.73 24.21 25.69
CA ASN F 97 -129.55 24.31 24.48
C ASN F 97 -128.61 24.23 23.29
N GLY F 98 -128.99 23.44 22.29
CA GLY F 98 -128.08 23.14 21.19
C GLY F 98 -127.98 24.21 20.10
N THR F 99 -127.22 25.26 20.36
CA THR F 99 -127.04 26.34 19.38
C THR F 99 -125.59 26.79 19.23
N VAL F 100 -125.08 26.62 18.01
CA VAL F 100 -123.77 27.17 17.63
C VAL F 100 -123.96 28.56 17.06
N MET F 101 -123.13 29.51 17.45
CA MET F 101 -123.16 30.80 16.75
C MET F 101 -122.69 30.57 15.31
N GLY F 102 -123.41 31.16 14.37
CA GLY F 102 -123.20 31.00 12.92
C GLY F 102 -121.74 30.87 12.47
N ALA F 103 -120.96 31.92 12.71
CA ALA F 103 -119.57 31.96 12.25
C ALA F 103 -118.62 30.99 12.94
N GLU F 104 -119.03 30.42 14.07
CA GLU F 104 -118.17 29.45 14.74
C GLU F 104 -118.17 28.14 13.96
N LEU F 105 -119.34 27.76 13.48
CA LEU F 105 -119.46 26.48 12.77
C LEU F 105 -118.95 26.65 11.35
N ARG F 106 -119.10 27.84 10.79
CA ARG F 106 -118.65 28.05 9.42
C ARG F 106 -117.14 28.10 9.31
N HIS F 107 -116.47 28.70 10.29
CA HIS F 107 -115.01 28.77 10.23
C HIS F 107 -114.37 27.46 10.67
N VAL F 108 -115.04 26.71 11.53
CA VAL F 108 -114.51 25.41 11.94
C VAL F 108 -114.67 24.36 10.84
N LEU F 109 -115.73 24.46 10.07
CA LEU F 109 -115.96 23.47 9.00
C LEU F 109 -115.10 23.76 7.76
N ALA F 110 -114.66 24.99 7.63
CA ALA F 110 -113.78 25.32 6.51
C ALA F 110 -112.29 25.14 6.83
N THR F 111 -111.88 25.40 8.06
CA THR F 111 -110.45 25.41 8.37
C THR F 111 -109.96 24.31 9.31
N LEU F 112 -110.84 23.52 9.89
CA LEU F 112 -110.33 22.53 10.85
C LEU F 112 -110.39 21.09 10.34
N GLY F 113 -109.23 20.60 9.96
CA GLY F 113 -109.09 19.22 9.49
C GLY F 113 -109.23 19.14 7.98
N GLU F 114 -110.24 18.40 7.53
CA GLU F 114 -110.49 18.30 6.10
C GLU F 114 -111.28 19.54 5.65
N LYS F 115 -110.59 20.38 4.90
CA LYS F 115 -111.11 21.68 4.48
C LYS F 115 -112.36 21.59 3.62
N MET F 116 -113.46 22.07 4.17
CA MET F 116 -114.68 22.19 3.34
C MET F 116 -114.76 23.62 2.82
N THR F 117 -115.08 23.77 1.55
CA THR F 117 -115.15 25.11 0.97
C THR F 117 -116.25 25.90 1.66
N GLU F 118 -116.13 27.22 1.64
CA GLU F 118 -117.14 28.05 2.29
C GLU F 118 -118.44 28.09 1.46
N GLU F 119 -118.36 27.70 0.19
CA GLU F 119 -119.56 27.51 -0.62
C GLU F 119 -120.36 26.31 -0.12
N GLU F 120 -119.68 25.20 0.17
CA GLU F 120 -120.35 24.03 0.73
C GLU F 120 -120.81 24.24 2.17
N VAL F 121 -120.10 25.06 2.92
CA VAL F 121 -120.51 25.35 4.29
C VAL F 121 -121.79 26.20 4.31
N GLU F 122 -121.92 27.11 3.35
CA GLU F 122 -123.13 27.93 3.27
C GLU F 122 -124.33 27.13 2.77
N GLU F 123 -124.06 26.12 1.96
CA GLU F 123 -125.11 25.24 1.45
C GLU F 123 -125.58 24.22 2.49
N LEU F 124 -124.79 24.02 3.53
CA LEU F 124 -125.16 23.11 4.62
C LEU F 124 -125.80 23.84 5.80
N MET F 125 -125.75 25.17 5.80
CA MET F 125 -126.36 25.93 6.91
C MET F 125 -127.63 26.63 6.47
N LYS F 126 -127.80 26.68 5.15
CA LYS F 126 -128.92 27.37 4.49
C LYS F 126 -130.28 26.74 4.81
N GLY F 127 -131.00 27.37 5.71
CA GLY F 127 -132.33 26.89 6.10
C GLY F 127 -132.39 26.49 7.57
N GLN F 128 -131.29 25.98 8.10
CA GLN F 128 -131.28 25.54 9.50
C GLN F 128 -130.83 26.65 10.44
N GLU F 129 -130.11 27.61 9.89
CA GLU F 129 -129.76 28.80 10.68
C GLU F 129 -130.62 29.99 10.26
N ASP F 130 -131.38 30.52 11.20
CA ASP F 130 -132.16 31.72 10.91
C ASP F 130 -131.36 32.99 11.24
N SER F 131 -132.02 34.14 11.17
CA SER F 131 -131.38 35.46 11.33
C SER F 131 -130.96 35.84 12.76
N ASN F 132 -131.18 34.96 13.72
CA ASN F 132 -130.65 35.15 15.08
C ASN F 132 -129.16 34.82 15.20
N GLY F 133 -128.62 34.15 14.19
CA GLY F 133 -127.20 33.79 14.18
C GLY F 133 -126.93 32.57 15.05
N CYS F 134 -127.96 31.77 15.30
CA CYS F 134 -127.83 30.59 16.16
C CYS F 134 -128.38 29.35 15.45
N ILE F 135 -127.45 28.44 15.20
CA ILE F 135 -127.74 27.17 14.53
C ILE F 135 -128.15 26.11 15.54
N ASN F 136 -129.39 25.66 15.47
CA ASN F 136 -129.78 24.57 16.35
C ASN F 136 -129.30 23.24 15.78
N TYR F 137 -128.27 22.68 16.41
CA TYR F 137 -127.65 21.47 15.87
C TYR F 137 -128.37 20.18 16.22
N GLU F 138 -129.46 20.26 16.96
CA GLU F 138 -130.27 19.07 17.20
C GLU F 138 -131.04 18.76 15.92
N ALA F 139 -131.60 19.81 15.33
CA ALA F 139 -132.29 19.66 14.04
C ALA F 139 -131.31 19.72 12.86
N PHE F 140 -130.19 20.40 13.07
CA PHE F 140 -129.17 20.49 12.02
C PHE F 140 -128.49 19.15 11.74
N VAL F 141 -128.17 18.39 12.79
CA VAL F 141 -127.52 17.09 12.58
C VAL F 141 -128.55 16.04 12.18
N LYS F 142 -129.79 16.29 12.54
CA LYS F 142 -130.89 15.43 12.10
C LYS F 142 -131.10 15.53 10.60
N HIS F 143 -131.04 16.75 10.07
CA HIS F 143 -131.24 16.95 8.63
C HIS F 143 -129.98 16.59 7.83
N ILE F 144 -128.82 16.63 8.46
CA ILE F 144 -127.59 16.22 7.78
C ILE F 144 -127.52 14.70 7.66
N MET F 145 -128.15 14.00 8.60
CA MET F 145 -128.26 12.55 8.53
C MET F 145 -129.55 12.08 7.85
N SER F 146 -130.27 13.00 7.23
CA SER F 146 -131.46 12.62 6.46
C SER F 146 -131.09 12.32 5.01
N VAL F 147 -129.91 12.75 4.59
CA VAL F 147 -129.45 12.44 3.24
C VAL F 147 -128.46 11.27 3.25
N ASP G 1 53.50 -57.08 76.23
CA ASP G 1 53.72 -58.50 76.44
C ASP G 1 53.95 -58.78 77.90
N ALA G 2 55.03 -58.16 78.40
CA ALA G 2 55.39 -58.29 79.80
C ALA G 2 54.22 -57.78 80.62
N GLU G 3 53.78 -56.58 80.25
CA GLU G 3 52.65 -55.92 80.88
C GLU G 3 51.43 -56.80 80.89
N MET G 4 50.94 -57.09 79.69
CA MET G 4 49.79 -57.93 79.52
C MET G 4 49.98 -59.28 80.16
N ALA G 5 49.10 -59.53 81.08
CA ALA G 5 49.06 -60.73 81.83
C ALA G 5 47.68 -60.77 82.40
N ALA G 6 47.36 -59.61 83.03
CA ALA G 6 46.09 -59.35 83.66
C ALA G 6 44.97 -59.87 82.74
N PHE G 7 45.06 -59.44 81.48
CA PHE G 7 44.12 -59.84 80.47
C PHE G 7 44.49 -61.22 80.00
N GLY G 8 45.74 -61.27 79.58
CA GLY G 8 46.29 -62.48 79.08
C GLY G 8 45.41 -63.01 77.96
N GLU G 9 44.39 -63.77 78.36
CA GLU G 9 43.49 -64.36 77.39
C GLU G 9 42.78 -63.36 76.50
N ALA G 10 42.53 -62.16 77.03
CA ALA G 10 41.81 -61.14 76.28
C ALA G 10 42.75 -60.34 75.37
N ALA G 11 43.99 -60.29 75.85
CA ALA G 11 45.10 -59.57 75.23
C ALA G 11 45.03 -59.45 73.72
N PRO G 12 44.93 -60.59 73.07
CA PRO G 12 44.90 -60.60 71.62
C PRO G 12 43.84 -59.72 71.00
N TYR G 13 42.78 -59.44 71.78
CA TYR G 13 41.64 -58.64 71.31
C TYR G 13 41.69 -57.20 71.74
N LEU G 14 42.69 -56.92 72.58
CA LEU G 14 42.98 -55.61 73.15
C LEU G 14 44.20 -54.97 72.52
N ARG G 15 45.26 -55.79 72.53
CA ARG G 15 46.55 -55.43 71.97
C ARG G 15 47.15 -56.55 71.20
N SER G 17 50.77 -58.72 69.71
CA SER G 17 52.09 -59.10 70.18
C SER G 17 53.11 -58.07 69.76
N GLU G 18 54.03 -57.83 70.65
CA GLU G 18 55.11 -56.86 70.44
C GLU G 18 55.93 -57.02 69.20
N LYS G 19 55.61 -57.93 68.32
CA LYS G 19 56.41 -57.99 67.13
C LYS G 19 55.47 -57.84 65.96
N GLU G 20 54.20 -58.24 66.29
CA GLU G 20 53.14 -58.11 65.33
C GLU G 20 53.05 -56.64 65.03
N ARG G 21 53.33 -55.93 66.12
CA ARG G 21 53.36 -54.49 66.09
C ARG G 21 54.54 -54.12 65.23
N ILE G 22 55.69 -54.47 65.82
CA ILE G 22 56.99 -54.23 65.24
C ILE G 22 57.12 -54.61 63.78
N GLU G 23 56.54 -55.73 63.42
CA GLU G 23 56.56 -56.20 62.07
C GLU G 23 55.67 -55.36 61.17
N ALA G 24 54.82 -54.57 61.82
CA ALA G 24 53.89 -53.75 61.10
C ALA G 24 54.30 -52.29 60.95
N GLN G 25 54.87 -51.75 62.02
CA GLN G 25 55.31 -50.37 62.00
C GLN G 25 56.62 -50.20 61.25
N ASN G 26 57.45 -51.23 61.32
CA ASN G 26 58.76 -51.22 60.72
C ASN G 26 58.72 -52.04 59.44
N PRO G 28 58.54 -51.32 54.81
CA PRO G 28 58.76 -50.37 53.74
C PRO G 28 57.56 -49.52 53.45
N PHE G 29 57.81 -48.22 53.23
CA PHE G 29 56.77 -47.26 52.88
C PHE G 29 57.19 -46.17 51.88
N ASP G 30 56.37 -45.96 50.84
CA ASP G 30 56.64 -44.90 49.87
C ASP G 30 55.56 -43.81 49.90
N ALA G 31 55.79 -42.85 50.76
CA ALA G 31 54.84 -41.77 50.91
C ALA G 31 54.32 -41.10 49.62
N SER G 33 53.98 -41.90 46.85
CA SER G 33 53.20 -42.66 45.89
C SER G 33 52.00 -43.32 46.47
N SER G 34 52.17 -43.84 47.71
CA SER G 34 51.05 -44.51 48.40
C SER G 34 49.92 -43.53 48.78
N VAL G 35 48.68 -43.93 48.48
CA VAL G 35 47.56 -43.05 48.72
C VAL G 35 46.23 -43.76 48.85
N PHE G 36 45.23 -43.01 49.35
CA PHE G 36 43.81 -43.45 49.47
C PHE G 36 43.07 -42.76 48.38
N VAL G 37 42.01 -43.36 47.87
CA VAL G 37 41.28 -42.66 46.79
C VAL G 37 39.80 -42.98 46.72
N VAL G 38 39.09 -42.06 46.07
CA VAL G 38 37.66 -42.13 45.87
C VAL G 38 37.35 -43.33 45.06
N HIS G 39 36.11 -43.81 45.15
CA HIS G 39 35.78 -44.96 44.36
C HIS G 39 34.30 -45.16 44.21
N PRO G 40 33.85 -45.07 42.99
CA PRO G 40 32.47 -45.18 42.63
C PRO G 40 31.69 -46.34 43.29
N LYS G 41 32.24 -47.55 43.27
CA LYS G 41 31.55 -48.67 43.89
C LYS G 41 31.89 -48.77 45.37
N GLN G 42 33.15 -49.04 45.68
CA GLN G 42 33.57 -49.06 47.06
C GLN G 42 33.93 -47.63 47.41
N SER G 43 33.53 -47.19 48.59
CA SER G 43 33.73 -45.81 49.03
C SER G 43 35.08 -45.16 48.77
N PHE G 44 36.09 -45.76 49.34
CA PHE G 44 37.47 -45.31 49.25
C PHE G 44 38.32 -46.54 49.29
N VAL G 45 39.12 -46.76 48.30
CA VAL G 45 39.97 -47.91 48.39
C VAL G 45 41.37 -47.39 48.28
N GLY G 47 45.48 -47.29 46.91
CA GLY G 47 46.22 -47.48 45.70
C GLY G 47 47.53 -46.75 45.70
N THR G 48 48.21 -46.94 44.57
CA THR G 48 49.49 -46.35 44.32
C THR G 48 49.34 -45.36 43.17
N ILE G 49 49.91 -44.19 43.37
CA ILE G 49 49.87 -43.20 42.32
C ILE G 49 50.80 -43.60 41.17
N GLN G 50 50.23 -43.59 39.98
CA GLN G 50 50.97 -43.93 38.79
C GLN G 50 51.49 -42.69 38.12
N SER G 51 50.56 -41.88 37.63
CA SER G 51 50.98 -40.69 36.95
C SER G 51 50.38 -39.45 37.56
N GLU G 53 48.17 -36.09 35.93
CA GLU G 53 47.59 -35.32 34.83
C GLU G 53 47.49 -33.79 35.04
N GLY G 54 48.35 -33.27 35.92
CA GLY G 54 48.45 -31.85 36.22
C GLY G 54 47.39 -31.33 37.19
N GLY G 55 46.36 -32.18 37.43
CA GLY G 55 45.25 -31.85 38.31
C GLY G 55 44.21 -32.94 38.21
N VAL G 57 44.51 -37.49 38.53
CA VAL G 57 45.40 -38.48 39.02
C VAL G 57 45.00 -39.84 38.58
N THR G 58 46.00 -40.63 38.17
CA THR G 58 45.75 -41.98 37.78
C THR G 58 46.33 -42.87 38.83
N VAL G 59 45.51 -43.80 39.32
CA VAL G 59 46.02 -44.67 40.35
C VAL G 59 45.71 -46.14 40.16
N THR G 61 45.23 -49.88 41.93
CA THR G 61 44.40 -50.23 43.05
C THR G 61 45.01 -51.39 43.76
N GLU G 62 44.33 -51.72 44.80
CA GLU G 62 44.60 -52.86 45.60
C GLU G 62 43.44 -53.78 45.32
N GLY G 63 43.66 -54.54 44.28
CA GLY G 63 42.71 -55.49 43.73
C GLY G 63 42.99 -55.48 42.26
N GLY G 64 43.56 -54.32 41.85
CA GLY G 64 44.00 -54.14 40.49
C GLY G 64 42.93 -53.42 39.74
N GLU G 65 43.14 -52.10 39.65
CA GLU G 65 42.19 -51.24 38.95
C GLU G 65 42.91 -49.95 38.73
N THR G 66 42.51 -49.29 37.64
CA THR G 66 43.15 -48.06 37.35
C THR G 66 42.08 -47.01 37.10
N LEU G 67 42.18 -45.89 37.83
CA LEU G 67 41.22 -44.80 37.75
C LEU G 67 41.89 -43.45 37.68
N THR G 68 41.35 -42.54 36.88
CA THR G 68 41.95 -41.21 36.83
C THR G 68 40.97 -40.31 37.51
N VAL G 69 41.33 -39.94 38.70
CA VAL G 69 40.47 -39.14 39.50
C VAL G 69 41.09 -37.79 39.90
N LYS G 70 40.25 -36.78 40.13
CA LYS G 70 40.65 -35.42 40.50
C LYS G 70 41.82 -35.38 41.47
N GLU G 71 42.30 -34.18 41.72
CA GLU G 71 43.40 -34.04 42.67
C GLU G 71 42.89 -34.23 44.08
N ASP G 72 41.67 -33.75 44.30
CA ASP G 72 41.10 -33.94 45.62
C ASP G 72 40.15 -35.11 45.80
N GLN G 73 40.47 -36.16 45.10
CA GLN G 73 39.72 -37.38 45.16
C GLN G 73 40.75 -38.37 45.67
N VAL G 74 41.92 -37.75 45.87
CA VAL G 74 43.15 -38.36 46.31
C VAL G 74 43.57 -37.87 47.70
N PHE G 75 43.83 -38.82 48.56
CA PHE G 75 44.22 -38.58 49.94
C PHE G 75 45.39 -39.43 50.39
N SER G 76 46.32 -38.75 51.03
CA SER G 76 47.53 -39.34 51.56
C SER G 76 47.25 -40.55 52.41
N MET G 77 48.31 -41.27 52.77
CA MET G 77 48.23 -42.47 53.56
C MET G 77 49.28 -42.47 54.66
N ASN G 78 48.85 -42.70 55.86
CA ASN G 78 49.75 -42.67 56.98
C ASN G 78 50.85 -43.68 56.94
N PRO G 79 52.04 -43.24 57.42
CA PRO G 79 53.18 -44.11 57.49
C PRO G 79 52.73 -45.26 58.33
N PRO G 80 53.39 -46.34 58.13
CA PRO G 80 53.10 -47.58 58.78
C PRO G 80 53.14 -47.46 60.30
N TYR G 82 51.60 -45.76 62.03
CA TYR G 82 50.22 -45.65 62.48
C TYR G 82 49.40 -46.77 61.87
N ASP G 83 49.59 -47.97 62.40
CA ASP G 83 48.89 -49.06 61.80
C ASP G 83 47.49 -49.25 62.34
N ILE G 85 46.41 -47.83 65.39
CA ILE G 85 46.48 -46.79 66.37
C ILE G 85 45.28 -46.82 67.29
N GLU G 86 45.61 -46.83 68.56
CA GLU G 86 44.64 -46.79 69.61
C GLU G 86 43.78 -45.54 69.53
N ASP G 87 44.43 -44.43 69.14
CA ASP G 87 43.80 -43.13 69.04
C ASP G 87 44.06 -42.54 67.70
N MET G 88 43.11 -42.71 66.81
CA MET G 88 43.25 -42.21 65.49
C MET G 88 43.59 -40.78 65.42
N ALA G 89 43.26 -40.09 66.47
CA ALA G 89 43.53 -38.64 66.53
C ALA G 89 44.99 -38.34 66.77
N MET G 90 45.80 -39.37 66.69
CA MET G 90 47.19 -39.16 66.88
C MET G 90 47.86 -39.25 65.54
N MET G 91 47.10 -39.75 64.61
CA MET G 91 47.50 -39.83 63.24
C MET G 91 47.87 -38.47 62.76
N THR G 92 48.77 -38.41 61.76
CA THR G 92 49.22 -37.14 61.22
C THR G 92 48.47 -36.90 59.98
N HIS G 93 47.50 -37.79 59.75
CA HIS G 93 46.67 -37.69 58.58
C HIS G 93 45.20 -37.90 58.91
N LEU G 94 44.58 -36.75 59.16
CA LEU G 94 43.20 -36.58 59.52
C LEU G 94 42.35 -36.40 58.29
N HIS G 95 41.94 -37.54 57.77
CA HIS G 95 41.14 -37.65 56.59
C HIS G 95 39.91 -38.35 56.93
N GLU G 96 39.16 -38.55 55.88
CA GLU G 96 37.97 -39.34 55.99
C GLU G 96 38.36 -40.82 55.86
N PRO G 97 39.13 -41.17 54.81
CA PRO G 97 39.54 -42.51 54.59
C PRO G 97 40.39 -43.15 55.68
N ALA G 98 41.40 -42.45 56.10
CA ALA G 98 42.25 -42.97 57.13
C ALA G 98 41.54 -43.39 58.38
N VAL G 99 40.39 -42.78 58.60
CA VAL G 99 39.66 -43.13 59.80
C VAL G 99 38.88 -44.38 59.59
N LEU G 100 38.32 -44.46 58.44
CA LEU G 100 37.53 -45.63 58.09
C LEU G 100 38.49 -46.80 58.15
N TYR G 101 39.58 -46.62 57.44
CA TYR G 101 40.58 -47.65 57.33
C TYR G 101 41.20 -48.14 58.59
N ASN G 102 41.36 -47.28 59.60
CA ASN G 102 41.96 -47.71 60.86
C ASN G 102 41.05 -48.56 61.64
N LEU G 103 39.80 -48.19 61.59
CA LEU G 103 38.80 -48.91 62.36
C LEU G 103 38.78 -50.29 61.83
N GLU G 105 40.85 -51.99 59.91
CA GLU G 105 41.97 -52.89 60.09
C GLU G 105 42.01 -53.56 61.44
N ARG G 106 41.72 -52.80 62.50
CA ARG G 106 41.80 -53.37 63.83
C ARG G 106 40.64 -54.17 64.23
N TYR G 107 39.76 -54.34 63.27
CA TYR G 107 38.52 -55.07 63.46
C TYR G 107 38.72 -56.42 62.84
N ALA G 108 39.35 -56.39 61.68
CA ALA G 108 39.69 -57.61 60.94
C ALA G 108 40.68 -58.41 61.79
N ALA G 109 41.17 -57.74 62.83
CA ALA G 109 42.10 -58.31 63.77
C ALA G 109 41.40 -58.53 65.07
N TRP G 110 40.12 -58.31 64.99
CA TRP G 110 39.28 -58.49 66.17
C TRP G 110 39.55 -57.53 67.27
N MET G 111 39.85 -56.28 66.97
CA MET G 111 39.89 -55.30 68.02
C MET G 111 38.68 -54.35 67.85
N ILE G 112 37.75 -54.46 68.78
CA ILE G 112 36.54 -53.67 68.71
C ILE G 112 36.64 -52.29 69.34
N TYR G 113 37.62 -52.05 70.15
CA TYR G 113 37.76 -50.76 70.76
C TYR G 113 38.91 -49.97 70.32
N THR G 114 38.57 -48.96 69.57
CA THR G 114 39.57 -48.02 69.11
C THR G 114 39.13 -46.59 69.47
N TYR G 115 40.01 -45.72 70.01
CA TYR G 115 39.61 -44.33 70.36
C TYR G 115 39.81 -43.40 69.20
N SER G 116 38.98 -42.32 69.14
CA SER G 116 39.05 -41.30 68.07
C SER G 116 38.97 -39.94 68.66
N GLY G 117 39.86 -39.67 69.57
CA GLY G 117 39.87 -38.42 70.24
C GLY G 117 39.43 -38.69 71.61
N LEU G 118 38.24 -38.27 71.92
CA LEU G 118 37.75 -38.47 73.25
C LEU G 118 36.84 -39.65 73.24
N PHE G 119 36.36 -39.89 72.04
CA PHE G 119 35.47 -41.00 71.85
C PHE G 119 36.07 -42.32 72.10
N CYS G 120 35.21 -43.24 72.24
CA CYS G 120 35.55 -44.61 72.41
C CYS G 120 34.73 -45.37 71.43
N VAL G 121 35.28 -45.48 70.24
CA VAL G 121 34.57 -46.21 69.26
C VAL G 121 34.42 -47.65 69.65
N THR G 122 33.31 -48.25 69.30
CA THR G 122 33.00 -49.67 69.58
C THR G 122 32.29 -50.33 68.41
N VAL G 123 32.86 -51.41 67.96
CA VAL G 123 32.26 -52.11 66.82
C VAL G 123 31.69 -53.45 67.22
N ASN G 124 30.45 -53.73 66.74
CA ASN G 124 29.75 -54.97 67.03
C ASN G 124 30.52 -56.22 66.61
N PRO G 125 30.96 -57.05 67.55
CA PRO G 125 31.74 -58.22 67.19
C PRO G 125 30.96 -59.21 66.34
N TYR G 126 29.76 -59.46 66.76
CA TYR G 126 28.85 -60.39 66.11
C TYR G 126 29.20 -61.81 66.40
N TRP G 128 31.40 -63.94 70.11
CA TRP G 128 31.80 -63.82 71.52
C TRP G 128 33.27 -63.49 71.73
N LEU G 129 33.52 -62.73 72.81
CA LEU G 129 34.88 -62.32 73.13
C LEU G 129 35.14 -62.33 74.65
N PRO G 130 36.37 -62.70 75.00
CA PRO G 130 36.81 -62.74 76.38
C PRO G 130 37.01 -61.36 76.94
N VAL G 131 36.44 -60.35 76.32
CA VAL G 131 36.68 -58.98 76.75
C VAL G 131 35.96 -58.54 78.00
N TYR G 132 34.80 -59.11 78.21
CA TYR G 132 33.99 -58.67 79.30
C TYR G 132 34.39 -59.45 80.51
N ASN G 133 35.50 -60.16 80.23
CA ASN G 133 36.21 -61.02 81.16
C ASN G 133 36.57 -60.39 82.45
N PRO G 134 36.13 -61.16 83.41
CA PRO G 134 36.23 -60.91 84.81
C PRO G 134 37.67 -60.68 85.21
N VAL G 136 39.65 -58.81 83.16
CA VAL G 136 39.85 -57.52 82.56
C VAL G 136 39.42 -56.40 83.47
N VAL G 137 38.22 -56.61 83.99
CA VAL G 137 37.56 -55.72 84.91
C VAL G 137 38.56 -55.15 85.92
N LEU G 138 39.39 -56.02 86.48
CA LEU G 138 40.40 -55.64 87.47
C LEU G 138 41.50 -54.87 86.83
N ALA G 139 41.91 -55.45 85.71
CA ALA G 139 43.02 -54.92 84.95
C ALA G 139 42.87 -53.44 84.67
N TYR G 140 41.64 -53.08 84.28
CA TYR G 140 41.33 -51.73 83.93
C TYR G 140 41.09 -50.83 85.14
N ARG G 141 41.22 -51.47 86.28
CA ARG G 141 41.00 -50.85 87.55
C ARG G 141 42.18 -50.06 88.08
N GLY G 142 42.03 -48.72 88.09
CA GLY G 142 43.01 -47.75 88.56
C GLY G 142 44.00 -47.26 87.49
N LYS G 143 43.67 -47.51 86.22
CA LYS G 143 44.49 -47.19 85.07
C LYS G 143 44.08 -46.05 84.15
N LYS G 144 44.96 -45.05 83.98
CA LYS G 144 44.65 -44.01 83.00
C LYS G 144 44.59 -44.65 81.60
N ARG G 145 43.89 -44.03 80.65
CA ARG G 145 43.75 -44.66 79.35
C ARG G 145 45.01 -44.72 78.55
N GLN G 146 46.10 -44.30 79.17
CA GLN G 146 47.37 -44.33 78.47
C GLN G 146 48.21 -45.48 78.98
N GLU G 147 47.78 -46.01 80.12
CA GLU G 147 48.37 -47.16 80.78
C GLU G 147 47.77 -48.47 80.31
N ALA G 148 46.71 -48.40 79.50
CA ALA G 148 46.03 -49.54 78.96
C ALA G 148 45.41 -49.28 77.57
N PRO G 149 45.19 -50.37 76.83
CA PRO G 149 44.65 -50.31 75.49
C PRO G 149 43.17 -49.88 75.45
N PRO G 150 42.73 -49.42 74.30
CA PRO G 150 41.37 -49.01 74.11
C PRO G 150 40.32 -50.04 74.50
N HIS G 151 39.51 -49.58 75.47
CA HIS G 151 38.41 -50.29 76.07
C HIS G 151 37.49 -49.42 76.95
N ILE G 152 36.25 -49.81 76.96
CA ILE G 152 35.14 -49.20 77.65
C ILE G 152 35.29 -49.14 79.14
N PHE G 153 35.97 -50.12 79.69
CA PHE G 153 36.14 -50.06 81.08
C PHE G 153 37.14 -48.93 81.29
N SER G 154 37.85 -48.57 80.25
CA SER G 154 38.81 -47.50 80.47
C SER G 154 38.06 -46.29 80.79
N ILE G 155 37.06 -46.06 79.95
CA ILE G 155 36.26 -44.86 80.07
C ILE G 155 35.59 -44.90 81.44
N SER G 156 34.97 -46.03 81.69
CA SER G 156 34.21 -46.28 82.88
C SER G 156 34.99 -46.25 84.14
N ASP G 157 36.24 -46.46 84.06
CA ASP G 157 36.98 -46.45 85.32
C ASP G 157 37.46 -45.06 85.58
N ASN G 158 37.89 -44.47 84.49
CA ASN G 158 38.42 -43.15 84.57
C ASN G 158 37.42 -42.21 85.12
N ALA G 159 36.18 -42.49 84.74
CA ALA G 159 35.07 -41.67 85.21
C ALA G 159 35.07 -41.64 86.71
N TYR G 160 35.04 -42.85 87.22
CA TYR G 160 35.09 -43.13 88.63
C TYR G 160 36.24 -42.42 89.31
N GLN G 161 37.39 -42.61 88.73
CA GLN G 161 38.61 -42.02 89.24
C GLN G 161 38.34 -40.56 89.41
N PHE G 162 38.25 -39.97 88.26
CA PHE G 162 37.97 -38.60 88.06
C PHE G 162 36.89 -38.12 88.99
N MET G 163 35.97 -39.02 89.23
CA MET G 163 34.88 -38.68 90.06
C MET G 163 35.44 -38.32 91.42
N LEU G 164 36.15 -39.26 92.01
CA LEU G 164 36.75 -38.97 93.32
C LEU G 164 37.91 -37.96 93.30
N THR G 165 38.70 -37.95 92.24
CA THR G 165 39.83 -37.05 92.17
C THR G 165 39.45 -35.58 92.10
N ASP G 166 38.56 -35.24 91.15
CA ASP G 166 38.12 -33.87 90.91
C ASP G 166 36.88 -33.41 91.73
N ARG G 167 36.19 -34.38 92.31
CA ARG G 167 35.00 -34.07 93.08
C ARG G 167 33.91 -33.45 92.21
N GLU G 168 33.82 -33.96 91.00
CA GLU G 168 32.83 -33.55 90.01
C GLU G 168 32.01 -34.72 89.58
N ASN G 169 30.80 -34.42 89.11
CA ASN G 169 30.00 -35.54 88.65
C ASN G 169 30.39 -35.85 87.24
N GLN G 170 30.03 -37.06 86.86
CA GLN G 170 30.42 -37.55 85.56
C GLN G 170 29.27 -37.99 84.69
N SER G 171 29.59 -38.30 83.41
CA SER G 171 28.60 -38.82 82.47
C SER G 171 29.28 -39.61 81.40
N ILE G 172 28.48 -40.48 80.82
CA ILE G 172 28.88 -41.33 79.76
C ILE G 172 27.80 -41.30 78.73
N LEU G 173 28.12 -40.89 77.55
CA LEU G 173 27.12 -40.84 76.56
C LEU G 173 27.27 -41.86 75.53
N ILE G 174 26.38 -42.88 75.57
CA ILE G 174 26.44 -43.96 74.60
C ILE G 174 25.47 -43.66 73.47
N THR G 175 25.87 -43.82 72.26
CA THR G 175 25.03 -43.53 71.15
C THR G 175 25.42 -44.27 69.90
N GLY G 176 24.37 -44.70 69.11
CA GLY G 176 24.58 -45.39 67.82
C GLY G 176 23.25 -45.79 67.19
N GLU G 177 23.29 -46.33 65.96
CA GLU G 177 22.05 -46.78 65.33
C GLU G 177 21.50 -48.08 65.96
N SER G 178 20.27 -48.33 65.62
CA SER G 178 19.47 -49.44 66.05
C SER G 178 20.25 -50.73 66.27
N GLY G 179 21.14 -51.02 65.37
CA GLY G 179 21.87 -52.31 65.53
C GLY G 179 23.25 -52.22 66.12
N ALA G 180 23.68 -51.01 66.48
CA ALA G 180 25.00 -50.83 67.02
C ALA G 180 25.30 -51.58 68.31
N GLY G 181 24.25 -51.90 69.08
CA GLY G 181 24.41 -52.64 70.34
C GLY G 181 24.81 -51.79 71.52
N LYS G 182 23.99 -50.77 71.83
CA LYS G 182 24.30 -49.93 72.95
C LYS G 182 23.90 -50.49 74.30
N THR G 183 22.66 -51.00 74.39
CA THR G 183 22.10 -51.58 75.64
C THR G 183 23.10 -52.44 76.30
N VAL G 184 23.66 -53.27 75.41
CA VAL G 184 24.72 -54.22 75.75
C VAL G 184 25.86 -53.53 76.45
N ASN G 185 26.31 -52.41 75.89
CA ASN G 185 27.38 -51.70 76.50
C ASN G 185 26.94 -51.10 77.77
N THR G 186 25.81 -50.43 77.67
CA THR G 186 25.26 -49.70 78.79
C THR G 186 25.17 -50.59 79.97
N ARG G 188 26.67 -53.34 80.37
CA ARG G 188 28.04 -53.74 80.73
C ARG G 188 28.79 -52.69 81.50
N VAL G 189 28.48 -51.44 81.24
CA VAL G 189 29.12 -50.39 81.97
C VAL G 189 28.62 -50.40 83.39
N ILE G 190 27.33 -50.57 83.46
CA ILE G 190 26.63 -50.58 84.73
C ILE G 190 27.16 -51.64 85.68
N GLN G 191 27.28 -52.87 85.16
CA GLN G 191 27.83 -53.95 85.97
C GLN G 191 29.12 -53.49 86.57
N TYR G 192 29.90 -52.91 85.68
CA TYR G 192 31.20 -52.39 86.05
C TYR G 192 31.15 -51.53 87.29
N PHE G 193 30.26 -50.57 87.30
CA PHE G 193 30.13 -49.73 88.46
C PHE G 193 29.80 -50.52 89.67
N ALA G 194 28.80 -51.32 89.52
CA ALA G 194 28.30 -52.11 90.65
C ALA G 194 29.42 -52.93 91.25
N THR G 195 30.15 -53.62 90.41
CA THR G 195 31.25 -54.46 90.87
C THR G 195 32.33 -53.69 91.62
N ILE G 196 33.04 -52.86 90.88
CA ILE G 196 34.12 -52.07 91.41
C ILE G 196 33.81 -51.09 92.55
N ALA G 197 32.62 -51.07 93.07
CA ALA G 197 32.38 -50.12 94.19
C ALA G 197 31.09 -50.44 94.91
N ALA G 198 30.98 -51.67 95.27
CA ALA G 198 29.80 -52.15 95.96
C ALA G 198 30.12 -52.45 97.36
N SER G 199 29.68 -53.53 97.79
CA SER G 199 29.95 -53.77 99.16
C SER G 199 28.81 -53.38 99.99
N GLY G 200 27.83 -54.18 99.98
CA GLY G 200 26.70 -53.97 100.86
C GLY G 200 26.99 -54.77 102.12
N GLU G 201 28.14 -55.42 102.06
CA GLU G 201 28.68 -56.21 103.18
C GLU G 201 27.81 -57.44 103.47
N LYS G 202 26.60 -57.17 103.90
CA LYS G 202 25.63 -58.22 104.23
C LYS G 202 25.04 -58.85 102.96
N LYS G 203 24.80 -58.04 101.96
CA LYS G 203 24.17 -58.50 100.72
C LYS G 203 25.14 -59.32 99.84
N LYS G 204 26.42 -59.26 100.17
CA LYS G 204 27.46 -59.88 99.33
C LYS G 204 27.51 -61.43 99.35
N GLU G 205 26.93 -62.03 100.37
CA GLU G 205 27.01 -63.51 100.57
C GLU G 205 26.24 -64.33 99.51
N GLU G 206 26.73 -65.55 99.34
CA GLU G 206 26.17 -66.54 98.39
C GLU G 206 24.95 -67.22 99.02
N GLN G 207 23.94 -66.41 99.20
CA GLN G 207 22.64 -66.79 99.76
C GLN G 207 21.56 -65.96 99.06
N SER G 208 21.09 -66.53 97.96
CA SER G 208 20.09 -65.88 97.10
C SER G 208 20.67 -64.56 96.58
N GLY G 209 21.97 -64.60 96.37
CA GLY G 209 22.72 -63.45 95.89
C GLY G 209 22.12 -62.92 94.59
N LYS G 210 21.89 -61.62 94.61
CA LYS G 210 21.40 -60.87 93.44
C LYS G 210 19.86 -60.94 93.27
N MET G 211 19.21 -61.69 94.15
CA MET G 211 17.73 -61.78 94.17
C MET G 211 17.17 -60.48 94.73
N GLN G 212 15.86 -60.31 94.62
CA GLN G 212 15.20 -59.11 95.17
C GLN G 212 15.55 -59.03 96.65
N GLY G 213 15.88 -57.85 97.10
CA GLY G 213 16.29 -57.70 98.49
C GLY G 213 17.67 -57.02 98.57
N THR G 214 18.38 -56.92 97.43
CA THR G 214 19.60 -56.01 97.30
C THR G 214 19.55 -55.31 95.93
N LEU G 215 20.10 -54.09 95.99
CA LEU G 215 20.41 -53.14 94.86
C LEU G 215 21.89 -53.23 94.76
N GLU G 216 22.21 -53.43 93.59
CA GLU G 216 23.47 -53.76 93.06
C GLU G 216 22.91 -54.80 92.18
N ASP G 217 21.81 -55.32 92.74
CA ASP G 217 20.96 -56.29 92.06
C ASP G 217 19.75 -55.56 91.48
N GLN G 218 19.06 -54.83 92.36
CA GLN G 218 17.88 -54.05 91.93
C GLN G 218 18.30 -53.27 90.74
N ILE G 219 19.43 -52.61 90.96
CA ILE G 219 20.10 -51.77 89.99
C ILE G 219 20.13 -52.55 88.70
N ILE G 220 20.60 -53.74 88.83
CA ILE G 220 20.72 -54.61 87.69
C ILE G 220 19.37 -55.12 87.23
N SER G 221 18.68 -55.77 88.14
CA SER G 221 17.39 -56.37 87.85
C SER G 221 16.49 -55.47 87.08
N ALA G 222 16.77 -54.18 87.21
CA ALA G 222 15.98 -53.17 86.55
C ALA G 222 15.81 -53.46 85.10
N ASN G 223 16.94 -53.60 84.47
CA ASN G 223 17.00 -53.80 83.02
C ASN G 223 16.01 -54.77 82.43
N PRO G 224 16.16 -56.03 82.84
CA PRO G 224 15.33 -57.12 82.39
C PRO G 224 13.81 -56.95 82.49
N LEU G 225 13.39 -55.91 83.18
CA LEU G 225 11.96 -55.66 83.31
C LEU G 225 11.62 -54.70 82.16
N LEU G 226 12.31 -53.58 82.19
CA LEU G 226 12.19 -52.56 81.19
C LEU G 226 12.28 -53.14 79.80
N GLU G 227 13.20 -54.08 79.65
CA GLU G 227 13.50 -54.78 78.38
C GLU G 227 12.33 -55.62 77.89
N ALA G 228 11.60 -56.18 78.84
CA ALA G 228 10.44 -56.96 78.44
C ALA G 228 9.36 -56.13 77.89
N PHE G 229 9.32 -54.87 78.40
CA PHE G 229 8.33 -53.88 78.02
C PHE G 229 8.74 -52.85 77.05
N GLY G 230 9.97 -52.43 77.09
CA GLY G 230 10.46 -51.46 76.12
C GLY G 230 11.41 -51.99 75.08
N ASN G 231 11.54 -53.31 74.91
CA ASN G 231 12.43 -53.92 73.93
C ASN G 231 11.71 -54.87 73.02
N ALA G 232 12.25 -55.04 71.84
CA ALA G 232 11.65 -55.89 70.86
C ALA G 232 12.56 -56.28 69.73
N THR G 234 13.79 -56.07 66.41
CA THR G 234 13.87 -55.14 65.28
C THR G 234 14.47 -55.95 64.16
N VAL G 235 14.33 -55.45 62.96
CA VAL G 235 14.88 -56.12 61.80
C VAL G 235 16.42 -56.08 61.84
N ARG G 236 16.96 -55.18 62.66
CA ARG G 236 18.39 -55.00 62.83
C ARG G 236 18.95 -55.76 64.03
N ASN G 237 18.35 -55.53 65.17
CA ASN G 237 18.71 -56.19 66.40
C ASN G 237 17.60 -57.20 66.76
N ASP G 238 17.85 -58.05 67.73
CA ASP G 238 16.88 -59.06 68.15
C ASP G 238 16.29 -58.67 69.44
N ASN G 239 17.01 -57.74 70.08
CA ASN G 239 16.67 -57.11 71.35
C ASN G 239 16.93 -55.63 71.27
N SER G 240 16.24 -54.91 70.36
CA SER G 240 16.45 -53.48 70.21
C SER G 240 15.78 -52.66 71.26
N SER G 241 16.47 -51.61 71.69
CA SER G 241 15.96 -50.68 72.70
C SER G 241 14.94 -49.76 72.04
N ARG G 242 13.65 -49.82 72.41
CA ARG G 242 12.71 -48.96 71.75
C ARG G 242 12.41 -47.74 72.50
N PHE G 243 13.33 -47.39 73.36
CA PHE G 243 13.29 -46.17 74.14
C PHE G 243 14.65 -45.75 74.62
N GLY G 244 14.75 -44.51 75.09
CA GLY G 244 16.00 -43.94 75.56
C GLY G 244 16.10 -43.96 77.04
N PHE G 246 18.30 -42.75 80.92
CA PHE G 246 19.27 -42.06 81.71
C PHE G 246 19.25 -42.46 83.14
N ILE G 247 20.32 -43.13 83.56
CA ILE G 247 20.53 -43.58 84.91
C ILE G 247 21.51 -42.77 85.71
N ARG G 248 21.13 -42.47 86.94
CA ARG G 248 22.06 -41.72 87.71
C ARG G 248 22.58 -42.57 88.81
N ILE G 249 23.81 -43.00 88.70
CA ILE G 249 24.31 -43.78 89.78
C ILE G 249 24.94 -42.89 90.76
N HIS G 250 24.27 -42.84 91.87
CA HIS G 250 24.67 -41.94 92.91
C HIS G 250 25.66 -42.60 93.81
N PHE G 251 26.89 -42.19 93.65
CA PHE G 251 27.91 -42.73 94.48
C PHE G 251 27.92 -41.99 95.79
N GLY G 252 28.43 -42.66 96.82
CA GLY G 252 28.49 -42.06 98.13
C GLY G 252 29.69 -41.13 98.30
N ALA G 253 30.05 -40.85 99.56
CA ALA G 253 31.14 -39.97 99.95
C ALA G 253 32.46 -40.71 99.93
N THR G 254 32.37 -41.90 100.49
CA THR G 254 33.48 -42.80 100.54
C THR G 254 33.86 -43.03 99.10
N GLY G 255 32.90 -43.50 98.35
CA GLY G 255 33.08 -43.82 96.96
C GLY G 255 32.23 -45.08 96.66
N LYS G 256 31.49 -45.54 97.66
CA LYS G 256 30.68 -46.72 97.53
C LYS G 256 29.23 -46.36 97.15
N LEU G 257 28.64 -47.23 96.34
CA LEU G 257 27.27 -47.11 95.83
C LEU G 257 26.26 -46.60 96.85
N ALA G 258 25.33 -45.73 96.40
CA ALA G 258 24.30 -45.17 97.30
C ALA G 258 22.89 -45.08 96.69
N SER G 259 22.77 -44.70 95.41
CA SER G 259 21.49 -44.61 94.75
C SER G 259 21.58 -44.65 93.26
N ALA G 260 20.40 -44.81 92.68
CA ALA G 260 20.20 -44.86 91.24
C ALA G 260 18.97 -44.08 90.84
N ASP G 261 18.84 -43.83 89.55
CA ASP G 261 17.77 -43.00 89.07
C ASP G 261 17.44 -43.19 87.61
N ILE G 262 16.39 -43.84 87.27
CA ILE G 262 16.09 -43.92 85.86
C ILE G 262 15.12 -42.94 85.33
N GLU G 263 15.28 -42.65 84.03
CA GLU G 263 14.40 -41.79 83.28
C GLU G 263 14.28 -42.25 81.86
N THR G 264 13.05 -42.29 81.40
CA THR G 264 12.76 -42.82 80.08
C THR G 264 12.31 -41.73 79.13
N TYR G 265 12.70 -41.88 77.89
CA TYR G 265 12.41 -40.93 76.85
C TYR G 265 11.93 -41.63 75.59
N LEU G 266 10.97 -41.06 74.98
CA LEU G 266 10.46 -41.51 73.73
C LEU G 266 10.29 -42.98 73.50
N LEU G 267 9.21 -43.52 73.99
CA LEU G 267 8.91 -44.87 73.85
C LEU G 267 8.17 -45.13 72.57
N GLU G 268 8.47 -46.24 71.88
CA GLU G 268 7.85 -46.60 70.63
C GLU G 268 6.47 -47.13 70.85
N SER G 270 3.87 -47.11 69.07
CA SER G 270 3.34 -47.81 67.93
C SER G 270 3.48 -49.33 67.92
N ARG G 271 4.55 -49.91 68.50
CA ARG G 271 4.76 -51.34 68.49
C ARG G 271 3.56 -52.01 69.10
N VAL G 272 3.10 -51.44 70.21
CA VAL G 272 1.97 -51.93 70.92
C VAL G 272 0.79 -52.26 70.02
N THR G 273 0.69 -51.61 68.89
CA THR G 273 -0.48 -51.73 67.99
C THR G 273 -0.10 -52.20 66.63
N PHE G 274 1.16 -52.04 66.33
CA PHE G 274 1.66 -52.36 65.05
C PHE G 274 3.00 -52.97 65.11
N GLN G 275 3.37 -53.43 63.94
CA GLN G 275 4.60 -54.11 63.73
C GLN G 275 4.87 -54.38 62.27
N LEU G 276 6.09 -54.10 61.91
CA LEU G 276 6.51 -54.38 60.58
C LEU G 276 6.61 -55.91 60.44
N PRO G 277 6.65 -56.32 59.21
CA PRO G 277 6.68 -57.70 58.78
C PRO G 277 7.80 -58.57 59.26
N ALA G 278 8.97 -57.99 59.47
CA ALA G 278 10.07 -58.80 59.95
C ALA G 278 10.33 -58.56 61.41
N GLU G 279 9.48 -57.74 62.00
CA GLU G 279 9.63 -57.38 63.38
C GLU G 279 8.56 -57.94 64.28
N ARG G 280 8.66 -57.50 65.49
CA ARG G 280 7.72 -57.91 66.43
C ARG G 280 7.54 -56.95 67.58
N SER G 281 6.50 -57.13 68.31
CA SER G 281 6.25 -56.24 69.39
C SER G 281 7.09 -56.56 70.55
N TYR G 282 6.83 -55.80 71.63
CA TYR G 282 7.54 -55.92 72.86
C TYR G 282 7.63 -57.37 73.26
N HIS G 283 8.59 -57.74 74.06
CA HIS G 283 8.75 -59.13 74.36
C HIS G 283 7.66 -59.71 75.21
N ILE G 284 7.35 -58.94 76.26
CA ILE G 284 6.41 -59.33 77.25
C ILE G 284 5.29 -60.20 76.77
N PHE G 285 4.74 -59.77 75.70
CA PHE G 285 3.57 -60.44 75.10
C PHE G 285 3.92 -61.79 74.76
N TYR G 286 5.02 -61.93 74.07
CA TYR G 286 5.45 -63.26 73.65
C TYR G 286 5.96 -64.01 74.82
N GLN G 287 6.46 -63.30 75.80
CA GLN G 287 6.95 -63.95 76.97
C GLN G 287 5.79 -64.72 77.58
N ILE G 288 4.79 -63.97 77.99
CA ILE G 288 3.57 -64.40 78.62
C ILE G 288 2.81 -65.56 77.92
N MET G 289 2.68 -65.47 76.63
CA MET G 289 2.00 -66.51 75.87
C MET G 289 2.88 -67.74 75.66
N SER G 290 4.10 -67.66 76.18
CA SER G 290 5.04 -68.75 76.04
C SER G 290 4.57 -69.97 76.77
N ASN G 291 3.89 -69.74 77.89
CA ASN G 291 3.30 -70.75 78.74
C ASN G 291 4.20 -71.30 79.82
N PRO G 294 1.48 -71.20 83.25
CA PRO G 294 0.14 -71.39 82.68
C PRO G 294 -1.02 -70.62 83.32
N GLU G 295 -0.98 -70.37 84.65
CA GLU G 295 -2.01 -69.62 85.35
C GLU G 295 -2.29 -68.34 84.68
N LEU G 296 -1.21 -67.71 84.33
CA LEU G 296 -1.19 -66.41 83.65
C LEU G 296 -2.13 -66.37 82.46
N ILE G 297 -2.05 -67.42 81.62
CA ILE G 297 -2.87 -67.55 80.45
C ILE G 297 -4.39 -67.52 80.73
N ASP G 298 -4.75 -68.20 81.82
CA ASP G 298 -6.12 -68.32 82.24
C ASP G 298 -6.48 -67.10 83.06
N MET G 299 -5.50 -66.60 83.71
CA MET G 299 -5.69 -65.43 84.53
C MET G 299 -6.03 -64.21 83.68
N LEU G 300 -5.33 -64.11 82.55
CA LEU G 300 -5.49 -63.01 81.62
C LEU G 300 -6.59 -63.28 80.65
N LEU G 301 -6.96 -64.53 80.53
CA LEU G 301 -8.01 -64.91 79.65
C LEU G 301 -7.61 -64.88 78.22
N ILE G 302 -6.45 -65.44 77.95
CA ILE G 302 -5.99 -65.46 76.59
C ILE G 302 -5.62 -66.85 76.19
N THR G 303 -5.16 -66.93 74.99
CA THR G 303 -4.65 -68.15 74.51
C THR G 303 -3.15 -68.09 74.45
N THR G 304 -2.54 -69.11 73.86
CA THR G 304 -1.08 -69.24 73.72
C THR G 304 -0.63 -68.95 72.27
N ASN G 305 -1.59 -68.86 71.35
CA ASN G 305 -1.46 -68.57 69.95
C ASN G 305 -1.71 -67.12 69.69
N PRO G 306 -0.66 -66.40 69.30
CA PRO G 306 -0.64 -64.97 69.12
C PRO G 306 -1.44 -64.50 67.99
N TYR G 307 -1.74 -65.42 67.13
CA TYR G 307 -2.53 -64.99 66.02
C TYR G 307 -3.95 -64.70 66.41
N ASP G 308 -4.21 -64.66 67.73
CA ASP G 308 -5.52 -64.35 68.32
C ASP G 308 -5.56 -62.92 68.78
N TYR G 309 -4.39 -62.29 68.65
CA TYR G 309 -4.19 -60.95 69.04
C TYR G 309 -3.48 -60.20 68.01
N HIS G 310 -4.29 -59.73 67.09
CA HIS G 310 -3.92 -58.89 65.97
C HIS G 310 -2.81 -57.84 66.27
N TYR G 311 -2.95 -57.10 67.34
CA TYR G 311 -2.07 -56.08 67.79
C TYR G 311 -0.66 -56.60 67.86
N VAL G 312 -0.47 -57.86 68.25
CA VAL G 312 0.84 -58.46 68.44
C VAL G 312 1.31 -59.56 67.50
N SER G 313 0.64 -59.80 66.41
CA SER G 313 1.15 -60.78 65.51
C SER G 313 1.06 -60.28 64.10
N GLU G 314 1.34 -59.02 63.91
CA GLU G 314 1.25 -58.47 62.59
C GLU G 314 2.55 -58.76 61.90
N GLY G 315 3.57 -58.92 62.71
CA GLY G 315 4.87 -59.18 62.15
C GLY G 315 5.22 -60.58 62.43
N GLU G 316 6.21 -60.79 63.30
CA GLU G 316 6.68 -62.10 63.63
C GLU G 316 6.33 -62.40 65.07
N ILE G 317 6.33 -63.68 65.42
CA ILE G 317 5.99 -64.13 66.74
C ILE G 317 7.13 -64.79 67.47
N THR G 318 7.93 -65.51 66.71
CA THR G 318 9.04 -66.19 67.34
C THR G 318 10.40 -65.83 66.75
N VAL G 319 11.36 -65.77 67.68
CA VAL G 319 12.77 -65.48 67.39
C VAL G 319 13.62 -66.56 68.03
N PRO G 320 14.39 -67.25 67.16
CA PRO G 320 15.23 -68.37 67.53
C PRO G 320 16.25 -68.09 68.62
N SER G 321 16.87 -66.90 68.56
CA SER G 321 17.86 -66.52 69.53
C SER G 321 17.31 -66.16 70.90
N ILE G 322 15.97 -66.12 71.04
CA ILE G 322 15.30 -65.76 72.29
C ILE G 322 14.45 -66.88 72.84
N ASP G 323 14.56 -67.08 74.17
CA ASP G 323 13.80 -68.12 74.88
C ASP G 323 12.79 -67.45 75.79
N ASP G 324 11.63 -67.16 75.18
CA ASP G 324 10.55 -66.45 75.82
C ASP G 324 10.21 -67.03 77.20
N GLN G 325 10.39 -68.32 77.32
CA GLN G 325 10.07 -69.04 78.55
C GLN G 325 10.97 -68.66 79.68
N GLU G 326 12.26 -68.52 79.38
CA GLU G 326 13.30 -68.19 80.39
C GLU G 326 13.16 -66.75 80.86
N GLU G 327 12.92 -65.91 79.90
CA GLU G 327 12.78 -64.53 80.14
C GLU G 327 11.62 -64.21 81.03
N LEU G 328 10.50 -64.88 80.75
CA LEU G 328 9.29 -64.70 81.52
C LEU G 328 9.56 -64.74 82.99
N MET G 329 10.41 -65.67 83.35
CA MET G 329 10.80 -65.75 84.75
C MET G 329 11.71 -64.68 85.14
N ALA G 330 12.67 -64.43 84.23
CA ALA G 330 13.64 -63.38 84.52
C ALA G 330 12.91 -62.10 84.90
N THR G 331 11.97 -61.86 84.03
CA THR G 331 11.11 -60.74 84.16
C THR G 331 10.42 -60.80 85.45
N ASP G 332 9.73 -61.91 85.60
CA ASP G 332 8.92 -62.17 86.79
C ASP G 332 9.67 -61.88 88.07
N SER G 333 10.75 -62.61 88.21
CA SER G 333 11.67 -62.50 89.34
C SER G 333 12.19 -61.09 89.55
N ALA G 334 12.47 -60.39 88.47
CA ALA G 334 12.93 -59.05 88.57
C ALA G 334 11.90 -58.16 89.25
N ILE G 335 10.64 -58.39 88.90
CA ILE G 335 9.57 -57.57 89.44
C ILE G 335 9.60 -57.57 90.94
N ASP G 336 9.65 -58.78 91.42
CA ASP G 336 9.73 -59.08 92.83
C ASP G 336 10.89 -58.36 93.49
N ILE G 337 12.07 -58.59 92.96
CA ILE G 337 13.26 -57.97 93.51
C ILE G 337 13.14 -56.53 93.54
N LEU G 338 12.46 -56.09 92.49
CA LEU G 338 12.22 -54.69 92.40
C LEU G 338 11.27 -54.17 93.48
N GLY G 339 10.73 -55.08 94.29
CA GLY G 339 9.87 -54.67 95.41
C GLY G 339 8.41 -54.40 95.11
N PHE G 340 7.98 -54.78 93.91
CA PHE G 340 6.61 -54.53 93.58
C PHE G 340 5.68 -55.41 94.40
N SER G 341 4.51 -54.86 94.71
CA SER G 341 3.48 -55.60 95.38
C SER G 341 2.87 -56.65 94.45
N ALA G 342 2.44 -57.78 95.00
CA ALA G 342 1.95 -58.86 94.14
C ALA G 342 0.81 -58.38 93.28
N ASP G 343 -0.03 -57.65 93.96
CA ASP G 343 -1.15 -56.97 93.39
C ASP G 343 -0.67 -56.15 92.16
N GLU G 344 0.33 -55.27 92.38
CA GLU G 344 0.85 -54.48 91.32
C GLU G 344 1.40 -55.41 90.30
N THR G 346 0.39 -57.97 89.76
CA THR G 346 -0.77 -58.59 89.18
C THR G 346 -1.41 -57.57 88.20
N ALA G 347 -1.41 -56.29 88.57
CA ALA G 347 -1.93 -55.28 87.73
C ALA G 347 -1.22 -55.28 86.40
N ILE G 348 0.05 -55.32 86.52
CA ILE G 348 0.97 -55.31 85.39
C ILE G 348 0.58 -56.39 84.44
N TYR G 349 0.45 -57.56 84.98
CA TYR G 349 0.13 -58.62 84.08
C TYR G 349 -1.24 -58.37 83.56
N LEU G 351 -3.07 -55.97 83.27
CA LEU G 351 -3.14 -54.79 82.44
C LEU G 351 -2.54 -55.00 81.05
N THR G 352 -1.52 -55.82 80.99
CA THR G 352 -0.83 -56.11 79.75
C THR G 352 -1.64 -56.99 78.83
N GLY G 353 -2.64 -57.64 79.38
CA GLY G 353 -3.48 -58.55 78.61
C GLY G 353 -4.69 -57.83 78.12
N ALA G 354 -5.17 -56.88 78.94
CA ALA G 354 -6.33 -56.09 78.54
C ALA G 354 -6.07 -55.48 77.15
N VAL G 355 -4.91 -54.93 77.06
CA VAL G 355 -4.38 -54.29 75.87
C VAL G 355 -4.43 -55.22 74.68
N MET G 356 -4.11 -56.45 74.87
CA MET G 356 -4.16 -57.43 73.78
C MET G 356 -5.55 -57.57 73.31
N HIS G 357 -6.42 -57.68 74.29
CA HIS G 357 -7.87 -57.83 74.12
C HIS G 357 -8.49 -56.67 73.39
N TYR G 358 -8.03 -55.49 73.70
CA TYR G 358 -8.57 -54.33 73.06
C TYR G 358 -8.50 -54.43 71.55
N GLY G 359 -7.37 -54.84 71.09
CA GLY G 359 -7.14 -54.99 69.68
C GLY G 359 -8.04 -56.01 69.09
N ASN G 360 -8.77 -56.72 69.96
CA ASN G 360 -9.74 -57.74 69.51
C ASN G 360 -11.16 -57.19 69.58
N LEU G 361 -11.27 -56.05 70.21
CA LEU G 361 -12.54 -55.39 70.31
C LEU G 361 -13.00 -55.04 68.92
N LYS G 362 -14.20 -55.49 68.61
CA LYS G 362 -14.83 -55.31 67.30
C LYS G 362 -16.12 -54.56 67.38
N PHE G 363 -16.39 -53.85 66.30
CA PHE G 363 -17.59 -53.04 66.19
C PHE G 363 -18.22 -53.13 64.82
N GLN G 365 -21.53 -51.06 62.31
CA GLN G 365 -22.41 -49.93 61.96
C GLN G 365 -23.83 -50.20 62.36
N GLN G 367 -27.61 -49.93 61.95
CA GLN G 367 -28.41 -49.88 60.72
C GLN G 367 -29.02 -48.51 60.42
N ARG G 368 -28.86 -48.09 59.16
CA ARG G 368 -29.41 -46.83 58.68
C ARG G 368 -28.77 -45.64 59.34
N GLU G 369 -27.79 -45.95 60.14
CA GLU G 369 -27.06 -44.94 60.85
C GLU G 369 -25.60 -45.21 60.53
N GLU G 370 -24.82 -44.18 60.73
CA GLU G 370 -23.40 -44.24 60.48
C GLU G 370 -22.68 -44.39 61.81
N GLN G 371 -23.44 -44.82 62.81
CA GLN G 371 -22.88 -44.97 64.10
C GLN G 371 -22.32 -46.31 64.32
N ALA G 372 -21.42 -46.31 65.28
CA ALA G 372 -20.78 -47.50 65.72
C ALA G 372 -21.54 -48.07 66.86
N GLU G 373 -21.73 -49.36 66.75
CA GLU G 373 -22.39 -50.13 67.75
C GLU G 373 -21.54 -51.38 67.98
N PRO G 374 -21.40 -51.78 69.24
CA PRO G 374 -20.62 -52.92 69.60
C PRO G 374 -21.01 -54.18 68.85
N ASP G 375 -20.01 -54.92 68.40
CA ASP G 375 -20.25 -56.14 67.67
C ASP G 375 -20.17 -57.33 68.61
N GLY G 376 -20.49 -57.16 69.88
CA GLY G 376 -20.43 -58.28 70.82
C GLY G 376 -19.83 -57.87 72.14
N THR G 377 -20.23 -58.61 73.18
CA THR G 377 -19.70 -58.40 74.53
C THR G 377 -19.09 -59.69 75.03
N GLU G 378 -18.09 -60.10 74.30
CA GLU G 378 -17.34 -61.30 74.56
C GLU G 378 -16.01 -60.87 75.12
N VAL G 379 -15.38 -59.98 74.35
CA VAL G 379 -14.10 -59.45 74.62
C VAL G 379 -14.14 -58.30 75.53
N ALA G 380 -15.14 -57.52 75.38
CA ALA G 380 -15.23 -56.33 76.19
C ALA G 380 -15.26 -56.76 77.61
N ASP G 381 -15.93 -57.86 77.78
CA ASP G 381 -16.21 -58.44 79.09
C ASP G 381 -14.92 -58.70 79.79
N ALA G 383 -11.87 -57.52 78.82
CA ALA G 383 -11.10 -56.33 78.96
C ALA G 383 -11.63 -55.61 80.17
N ALA G 384 -12.91 -55.55 80.28
CA ALA G 384 -13.55 -54.85 81.37
C ALA G 384 -13.18 -55.39 82.73
N TYR G 385 -13.21 -56.68 82.85
CA TYR G 385 -12.93 -57.36 84.09
C TYR G 385 -11.47 -57.24 84.51
N LEU G 386 -10.62 -57.42 83.55
CA LEU G 386 -9.20 -57.37 83.71
C LEU G 386 -8.74 -56.04 84.15
N MET G 387 -9.50 -54.99 83.79
CA MET G 387 -9.14 -53.63 84.17
C MET G 387 -9.94 -53.14 85.38
N GLY G 388 -10.89 -53.92 85.85
CA GLY G 388 -11.71 -53.52 86.98
C GLY G 388 -12.74 -52.49 86.56
N LEU G 389 -13.33 -52.76 85.38
CA LEU G 389 -14.31 -51.94 84.71
C LEU G 389 -15.66 -52.68 84.54
N ASN G 390 -16.61 -51.98 83.96
CA ASN G 390 -17.90 -52.49 83.67
C ASN G 390 -18.09 -52.49 82.14
N SER G 391 -18.31 -53.66 81.60
CA SER G 391 -18.46 -53.91 80.16
C SER G 391 -19.25 -52.85 79.46
N ALA G 392 -20.41 -52.56 79.99
CA ALA G 392 -21.36 -51.65 79.38
C ALA G 392 -20.87 -50.27 79.30
N GLU G 393 -20.67 -49.73 80.49
CA GLU G 393 -20.29 -48.40 80.73
C GLU G 393 -19.17 -48.10 79.81
N LEU G 394 -18.34 -49.13 79.67
CA LEU G 394 -17.15 -49.06 78.82
C LEU G 394 -17.52 -48.92 77.33
N LEU G 395 -18.38 -49.80 76.85
CA LEU G 395 -18.74 -49.78 75.46
C LEU G 395 -19.53 -48.56 75.04
N LYS G 396 -20.14 -47.92 76.02
CA LYS G 396 -20.92 -46.74 75.77
C LYS G 396 -19.98 -45.59 75.47
N ALA G 397 -19.23 -45.30 76.53
CA ALA G 397 -18.20 -44.27 76.54
C ALA G 397 -17.42 -44.32 75.25
N LEU G 398 -17.09 -45.54 74.86
CA LEU G 398 -16.36 -45.77 73.63
C LEU G 398 -17.13 -45.36 72.39
N CYS G 399 -18.43 -45.77 72.34
CA CYS G 399 -19.33 -45.54 71.22
C CYS G 399 -19.98 -44.16 71.22
N TYR G 400 -20.40 -43.71 72.39
CA TYR G 400 -21.06 -42.45 72.58
C TYR G 400 -20.29 -41.58 73.54
N PRO G 401 -19.12 -41.25 73.11
CA PRO G 401 -18.22 -40.38 73.84
C PRO G 401 -18.94 -39.17 74.30
N ARG G 402 -19.04 -38.97 75.61
CA ARG G 402 -19.70 -37.78 76.17
C ARG G 402 -18.70 -36.71 76.54
N VAL G 403 -18.64 -35.77 75.63
CA VAL G 403 -17.79 -34.60 75.56
C VAL G 403 -18.34 -33.43 76.40
N GLY G 404 -17.60 -32.30 76.39
CA GLY G 404 -17.95 -31.07 77.12
C GLY G 404 -17.59 -29.75 76.42
N VAL G 405 -18.25 -29.48 75.25
CA VAL G 405 -18.11 -28.29 74.38
C VAL G 405 -19.02 -27.12 74.81
N GLY G 406 -18.40 -26.05 75.25
CA GLY G 406 -19.09 -24.90 75.76
C GLY G 406 -18.84 -24.91 77.25
N ASN G 407 -19.88 -24.96 78.05
CA ASN G 407 -19.72 -25.00 79.51
C ASN G 407 -20.36 -26.24 80.12
N GLU G 408 -20.81 -27.12 79.21
CA GLU G 408 -21.46 -28.35 79.58
C GLU G 408 -20.73 -29.56 79.03
N ALA G 409 -21.50 -30.64 78.96
CA ALA G 409 -21.04 -31.92 78.50
C ALA G 409 -22.01 -32.51 77.45
N VAL G 410 -21.59 -32.37 76.20
CA VAL G 410 -22.31 -32.79 75.00
C VAL G 410 -21.99 -34.18 74.51
N THR G 411 -22.98 -35.05 74.54
CA THR G 411 -22.77 -36.40 74.06
C THR G 411 -22.62 -36.53 72.55
N GLY G 413 -21.42 -38.82 69.08
CA GLY G 413 -21.43 -40.12 68.45
C GLY G 413 -20.24 -40.33 67.51
N GLU G 414 -19.72 -41.54 67.53
CA GLU G 414 -18.60 -41.88 66.71
C GLU G 414 -18.86 -42.93 65.66
N THR G 415 -17.98 -42.97 64.68
CA THR G 415 -18.03 -43.90 63.58
C THR G 415 -17.24 -45.14 63.92
N VAL G 416 -17.42 -46.16 63.10
CA VAL G 416 -16.73 -47.40 63.29
C VAL G 416 -15.23 -47.08 63.26
N SER G 417 -14.82 -46.44 62.20
CA SER G 417 -13.41 -46.05 62.05
C SER G 417 -12.91 -45.23 63.18
N GLU G 418 -13.78 -44.48 63.81
CA GLU G 418 -13.37 -43.62 64.89
C GLU G 418 -13.12 -44.38 66.18
N VAL G 419 -13.86 -45.47 66.34
CA VAL G 419 -13.74 -46.26 67.54
C VAL G 419 -12.48 -47.04 67.53
N HIS G 420 -12.35 -47.82 66.47
CA HIS G 420 -11.19 -48.67 66.29
C HIS G 420 -9.94 -47.88 66.55
N ASN G 421 -9.95 -46.64 66.10
CA ASN G 421 -8.82 -45.77 66.28
C ASN G 421 -8.74 -45.31 67.73
N SER G 422 -9.87 -45.00 68.36
CA SER G 422 -9.74 -44.55 69.75
C SER G 422 -9.26 -45.61 70.71
N VAL G 423 -9.72 -46.78 70.46
CA VAL G 423 -9.35 -47.93 71.23
C VAL G 423 -7.85 -48.04 71.22
N GLY G 424 -7.34 -48.09 70.01
CA GLY G 424 -5.93 -48.15 69.80
C GLY G 424 -5.22 -47.06 70.54
N ALA G 425 -5.87 -45.90 70.61
CA ALA G 425 -5.24 -44.83 71.34
C ALA G 425 -5.14 -45.07 72.79
N LEU G 426 -6.16 -45.71 73.34
CA LEU G 426 -6.05 -46.00 74.79
C LEU G 426 -5.04 -47.10 75.06
N ALA G 427 -5.11 -48.19 74.25
CA ALA G 427 -4.23 -49.31 74.34
C ALA G 427 -2.83 -48.79 74.48
N ALA G 429 -1.94 -45.60 75.07
CA ALA G 429 -1.87 -44.69 76.20
C ALA G 429 -1.59 -45.44 77.50
N VAL G 430 -2.42 -46.42 77.74
CA VAL G 430 -2.30 -47.25 78.93
C VAL G 430 -0.97 -47.94 79.12
N TYR G 431 -0.53 -48.58 78.05
CA TYR G 431 0.75 -49.27 78.05
C TYR G 431 1.86 -48.34 78.47
N GLU G 432 1.94 -47.21 77.74
CA GLU G 432 2.90 -46.19 78.02
C GLU G 432 2.99 -45.85 79.46
N MET G 434 1.84 -46.95 82.09
CA MET G 434 2.22 -48.09 82.90
C MET G 434 3.70 -48.21 82.94
N PHE G 435 4.24 -48.21 81.75
CA PHE G 435 5.67 -48.30 81.61
C PHE G 435 6.34 -47.23 82.37
N LEU G 436 5.73 -46.03 82.31
CA LEU G 436 6.30 -44.91 83.04
C LEU G 436 6.26 -45.17 84.52
N TRP G 437 5.13 -45.65 84.96
CA TRP G 437 4.91 -45.96 86.35
C TRP G 437 5.95 -46.93 86.87
N MET G 438 6.09 -48.04 86.14
CA MET G 438 7.03 -49.08 86.52
C MET G 438 8.36 -48.47 86.82
N VAL G 439 8.74 -47.59 85.90
CA VAL G 439 10.02 -46.91 86.08
C VAL G 439 10.04 -46.17 87.40
N ILE G 440 9.04 -45.36 87.63
CA ILE G 440 8.93 -44.63 88.88
C ILE G 440 9.02 -45.55 90.08
N ARG G 441 8.24 -46.57 90.05
CA ARG G 441 8.25 -47.49 91.14
C ARG G 441 9.62 -48.06 91.35
N ILE G 442 10.31 -48.29 90.25
CA ILE G 442 11.66 -48.84 90.34
C ILE G 442 12.49 -47.83 91.12
N ASN G 443 12.55 -46.62 90.58
CA ASN G 443 13.23 -45.48 91.13
C ASN G 443 12.98 -45.41 92.64
N GLN G 444 11.73 -45.70 92.99
CA GLN G 444 11.35 -45.63 94.37
C GLN G 444 12.05 -46.56 95.30
N GLN G 445 12.29 -47.72 94.78
CA GLN G 445 13.01 -48.68 95.57
C GLN G 445 14.46 -48.29 95.57
N LEU G 446 14.91 -47.81 94.42
CA LEU G 446 16.29 -47.40 94.23
C LEU G 446 16.62 -46.16 95.01
N ASP G 447 15.74 -45.80 95.93
CA ASP G 447 15.91 -44.61 96.76
C ASP G 447 16.33 -45.03 98.13
N THR G 448 17.49 -44.54 98.51
CA THR G 448 17.95 -44.87 99.83
C THR G 448 18.09 -43.59 100.60
N LYS G 449 18.28 -43.74 101.90
CA LYS G 449 18.43 -42.62 102.78
C LYS G 449 19.88 -42.13 102.83
N GLN G 450 20.84 -43.08 102.70
CA GLN G 450 22.28 -42.76 102.72
C GLN G 450 22.62 -41.55 101.88
N PRO G 451 23.62 -40.79 102.36
CA PRO G 451 24.02 -39.57 101.69
C PRO G 451 24.63 -39.86 100.36
N ARG G 452 24.51 -38.85 99.48
CA ARG G 452 25.02 -38.88 98.12
C ARG G 452 25.87 -37.64 97.88
N GLN G 453 27.07 -37.83 97.27
CA GLN G 453 27.90 -36.67 97.06
C GLN G 453 28.09 -36.35 95.60
N TYR G 454 28.06 -37.43 94.82
CA TYR G 454 28.17 -37.34 93.36
C TYR G 454 27.53 -38.51 92.69
N PHE G 455 27.35 -38.35 91.38
CA PHE G 455 26.71 -39.39 90.60
C PHE G 455 27.40 -39.53 89.27
N ILE G 456 27.10 -40.63 88.61
CA ILE G 456 27.66 -40.88 87.31
C ILE G 456 26.52 -41.21 86.39
N GLY G 457 26.26 -40.31 85.46
CA GLY G 457 25.17 -40.50 84.55
C GLY G 457 25.55 -41.24 83.32
N VAL G 458 24.70 -42.22 83.04
CA VAL G 458 24.82 -43.06 81.90
C VAL G 458 23.62 -42.85 81.01
N LEU G 459 23.86 -42.20 79.91
CA LEU G 459 22.86 -41.88 78.96
C LEU G 459 22.89 -42.78 77.74
N ASP G 460 21.77 -43.39 77.45
CA ASP G 460 21.56 -44.27 76.32
C ASP G 460 20.34 -43.77 75.56
N ILE G 461 20.56 -43.37 74.33
CA ILE G 461 19.61 -42.83 73.41
C ILE G 461 20.11 -43.10 72.01
N ALA G 462 19.26 -42.86 71.06
CA ALA G 462 19.62 -43.00 69.68
C ALA G 462 20.31 -41.80 69.08
N GLY G 463 20.99 -42.10 67.98
CA GLY G 463 21.71 -41.10 67.28
C GLY G 463 21.01 -40.79 66.04
N PHE G 464 21.36 -39.62 65.57
CA PHE G 464 20.88 -39.05 64.35
C PHE G 464 20.89 -40.08 63.28
N GLU G 465 19.68 -40.39 62.85
CA GLU G 465 19.43 -41.36 61.81
C GLU G 465 18.66 -40.59 60.72
N ILE G 466 19.02 -40.89 59.50
CA ILE G 466 18.38 -40.23 58.43
C ILE G 466 17.59 -41.21 57.62
N PHE G 467 16.36 -40.92 57.38
CA PHE G 467 15.60 -41.84 56.59
C PHE G 467 15.00 -41.14 55.43
N ASP G 468 14.66 -41.91 54.42
CA ASP G 468 14.07 -41.28 53.27
C ASP G 468 12.80 -40.64 53.73
N PHE G 469 12.28 -41.24 54.83
CA PHE G 469 11.07 -40.74 55.44
C PHE G 469 11.30 -40.24 56.86
N ASN G 470 11.25 -38.93 57.05
CA ASN G 470 11.45 -38.41 58.36
C ASN G 470 10.23 -37.72 58.88
N SER G 471 9.72 -38.29 59.93
CA SER G 471 8.55 -37.73 60.53
C SER G 471 8.89 -37.16 61.88
N PHE G 472 7.83 -36.77 62.56
CA PHE G 472 7.88 -36.11 63.84
C PHE G 472 8.87 -36.69 64.80
N GLU G 473 8.80 -37.99 64.92
CA GLU G 473 9.70 -38.68 65.85
C GLU G 473 11.17 -38.43 65.53
N GLN G 474 11.48 -38.30 64.24
CA GLN G 474 12.81 -38.05 63.80
C GLN G 474 13.32 -36.70 64.23
N LEU G 475 12.45 -35.74 64.08
CA LEU G 475 12.80 -34.39 64.51
C LEU G 475 13.19 -34.42 65.99
N CYS G 476 12.33 -35.01 66.82
CA CYS G 476 12.57 -35.05 68.23
C CYS G 476 13.92 -35.67 68.54
N ILE G 477 14.23 -36.78 67.90
CA ILE G 477 15.50 -37.42 68.16
C ILE G 477 16.66 -36.62 67.62
N ASN G 478 16.54 -36.19 66.36
CA ASN G 478 17.60 -35.43 65.74
C ASN G 478 17.91 -34.22 66.56
N PHE G 479 16.87 -33.58 66.99
CA PHE G 479 17.02 -32.41 67.80
C PHE G 479 17.79 -32.73 69.04
N THR G 480 17.54 -33.92 69.59
CA THR G 480 18.21 -34.30 70.78
C THR G 480 19.67 -34.39 70.51
N ASN G 481 19.97 -35.07 69.43
CA ASN G 481 21.35 -35.28 69.05
C ASN G 481 22.06 -33.98 68.66
N GLU G 482 21.42 -33.13 67.89
CA GLU G 482 22.11 -31.94 67.50
C GLU G 482 22.52 -31.11 68.70
N LEU G 484 23.26 -32.59 71.82
CA LEU G 484 24.28 -33.43 72.41
C LEU G 484 25.65 -33.14 71.77
N GLN G 485 25.61 -33.02 70.44
CA GLN G 485 26.77 -32.69 69.63
C GLN G 485 27.43 -31.38 70.03
N GLN G 486 26.63 -30.32 70.10
CA GLN G 486 27.07 -29.01 70.48
C GLN G 486 27.65 -29.06 71.82
N PHE G 487 27.11 -30.01 72.57
CA PHE G 487 27.52 -30.21 73.96
C PHE G 487 28.95 -30.68 74.05
N PHE G 488 29.27 -31.47 73.07
CA PHE G 488 30.61 -31.99 72.92
C PHE G 488 31.56 -30.92 72.38
N ASN G 489 31.23 -30.43 71.18
CA ASN G 489 32.00 -29.40 70.47
C ASN G 489 32.47 -28.30 71.40
N HIS G 490 31.69 -28.08 72.43
CA HIS G 490 32.04 -27.07 73.36
C HIS G 490 33.07 -27.58 74.33
N HIS G 491 32.76 -28.73 74.91
CA HIS G 491 33.62 -29.39 75.89
C HIS G 491 34.99 -29.53 75.29
N MET G 492 35.01 -29.68 74.01
CA MET G 492 36.25 -29.83 73.33
C MET G 492 36.96 -28.50 73.17
N PHE G 493 36.16 -27.49 73.03
CA PHE G 493 36.70 -26.19 72.86
C PHE G 493 37.26 -25.73 74.15
N VAL G 494 36.58 -26.02 75.15
CA VAL G 494 37.05 -25.68 76.45
C VAL G 494 38.33 -26.39 76.73
N LEU G 495 38.29 -27.69 76.51
CA LEU G 495 39.39 -28.64 76.70
C LEU G 495 40.64 -28.26 75.93
N GLU G 496 40.48 -28.09 74.62
CA GLU G 496 41.57 -27.72 73.75
C GLU G 496 42.35 -26.53 74.31
N GLN G 497 41.63 -25.46 74.48
CA GLN G 497 42.07 -24.22 74.96
C GLN G 497 42.86 -24.27 76.28
N GLU G 498 42.72 -25.37 76.99
CA GLU G 498 43.45 -25.50 78.23
C GLU G 498 44.88 -25.83 77.87
N GLU G 499 45.04 -26.72 76.89
CA GLU G 499 46.37 -27.15 76.47
C GLU G 499 47.15 -25.95 76.02
N TYR G 500 46.65 -25.28 75.00
CA TYR G 500 47.34 -24.12 74.53
C TYR G 500 47.65 -23.09 75.65
N GLU G 503 50.55 -25.25 77.81
CA GLU G 503 51.78 -25.17 77.06
C GLU G 503 52.22 -23.74 76.84
N GLY G 504 51.34 -22.90 76.47
CA GLY G 504 51.87 -21.60 76.24
C GLY G 504 51.82 -21.31 74.79
N ILE G 505 51.04 -22.10 74.08
CA ILE G 505 50.91 -21.80 72.68
C ILE G 505 49.98 -20.62 72.53
N GLU G 506 50.04 -19.96 71.40
CA GLU G 506 49.21 -18.84 71.17
C GLU G 506 48.21 -19.12 70.08
N TRP G 507 47.08 -19.73 70.46
CA TRP G 507 46.03 -20.07 69.53
C TRP G 507 44.70 -19.51 69.98
N GLU G 508 44.05 -18.67 69.13
CA GLU G 508 42.76 -18.16 69.50
C GLU G 508 41.69 -18.76 68.65
N PHE G 509 40.60 -19.08 69.34
CA PHE G 509 39.52 -19.68 68.64
C PHE G 509 38.22 -19.56 69.41
N ILE G 510 37.20 -19.49 68.58
CA ILE G 510 35.82 -19.39 68.91
C ILE G 510 35.27 -20.78 69.30
N ASP G 511 34.30 -20.80 70.21
CA ASP G 511 33.63 -22.00 70.67
C ASP G 511 33.22 -22.83 69.50
N PHE G 512 33.39 -24.15 69.52
CA PHE G 512 33.00 -24.90 68.34
C PHE G 512 31.54 -25.18 68.34
N GLY G 513 30.91 -24.98 69.47
CA GLY G 513 29.48 -25.23 69.53
C GLY G 513 28.69 -24.29 68.60
N MET G 514 29.02 -23.04 68.72
CA MET G 514 28.46 -21.94 68.03
C MET G 514 28.00 -22.26 66.67
N ASP G 515 28.71 -23.14 66.05
CA ASP G 515 28.32 -23.43 64.67
C ASP G 515 26.93 -23.98 64.58
N LEU G 516 26.52 -24.65 65.65
CA LEU G 516 25.21 -25.27 65.64
C LEU G 516 24.07 -24.50 66.18
N ALA G 517 24.36 -23.44 66.93
CA ALA G 517 23.32 -22.63 67.52
C ALA G 517 22.25 -22.21 66.55
N ALA G 518 22.60 -22.02 65.30
CA ALA G 518 21.65 -21.64 64.30
C ALA G 518 20.54 -22.64 64.25
N CYS G 519 20.90 -23.90 64.05
CA CYS G 519 19.86 -24.92 63.95
C CYS G 519 19.03 -25.07 65.20
N ILE G 520 19.71 -25.13 66.32
CA ILE G 520 18.96 -25.23 67.55
C ILE G 520 17.93 -24.13 67.77
N GLU G 521 18.35 -22.85 67.65
CA GLU G 521 17.39 -21.77 67.85
C GLU G 521 16.12 -21.95 67.02
N LEU G 522 16.27 -22.34 65.78
CA LEU G 522 15.19 -22.51 64.81
C LEU G 522 14.16 -23.51 65.30
N ILE G 523 14.62 -24.48 66.06
CA ILE G 523 13.72 -25.50 66.57
C ILE G 523 13.08 -25.14 67.88
N GLU G 524 13.92 -24.81 68.86
CA GLU G 524 13.51 -24.54 70.22
C GLU G 524 13.09 -23.13 70.60
N PRO G 526 11.19 -19.42 70.45
CA PRO G 526 9.79 -19.04 70.37
C PRO G 526 9.07 -19.02 69.03
N MET G 527 9.64 -18.45 67.98
CA MET G 527 8.80 -18.52 66.80
C MET G 527 9.19 -19.67 65.93
N GLY G 528 10.00 -20.55 66.53
CA GLY G 528 10.52 -21.75 65.89
C GLY G 528 9.55 -22.92 65.82
N ILE G 529 9.89 -23.86 64.95
CA ILE G 529 9.13 -25.07 64.63
C ILE G 529 8.21 -25.61 65.69
N PHE G 530 8.79 -25.98 66.80
CA PHE G 530 7.99 -26.48 67.91
C PHE G 530 6.86 -25.57 68.29
N SER G 531 7.18 -24.29 68.54
CA SER G 531 6.15 -23.33 68.88
C SER G 531 5.01 -23.31 67.88
N ILE G 532 5.37 -22.99 66.64
CA ILE G 532 4.38 -23.00 65.56
C ILE G 532 3.62 -24.32 65.58
N LEU G 533 4.35 -25.37 65.95
CA LEU G 533 3.74 -26.65 66.08
C LEU G 533 2.80 -26.72 67.25
N GLU G 534 3.24 -26.26 68.36
CA GLU G 534 2.42 -26.33 69.54
C GLU G 534 1.39 -25.26 69.69
N GLU G 535 1.37 -24.33 68.76
CA GLU G 535 0.37 -23.24 68.92
C GLU G 535 -0.83 -23.74 68.19
N GLU G 536 -0.57 -24.01 66.91
CA GLU G 536 -1.60 -24.53 66.02
C GLU G 536 -2.41 -25.66 66.68
N CYS G 537 -1.79 -26.34 67.62
CA CYS G 537 -2.44 -27.41 68.29
C CYS G 537 -3.54 -26.90 69.13
N MET G 538 -3.59 -25.58 69.25
CA MET G 538 -4.60 -24.90 70.09
C MET G 538 -5.81 -24.43 69.27
N PHE G 539 -5.62 -24.44 67.96
CA PHE G 539 -6.62 -24.06 67.01
C PHE G 539 -7.48 -25.27 66.65
N PRO G 540 -8.69 -25.25 67.15
CA PRO G 540 -9.67 -26.30 67.00
C PRO G 540 -9.92 -26.71 65.58
N LYS G 541 -9.49 -25.96 64.64
CA LYS G 541 -9.80 -26.23 63.24
C LYS G 541 -8.58 -26.02 62.36
N ALA G 542 -7.44 -26.43 62.88
CA ALA G 542 -6.20 -26.28 62.13
C ALA G 542 -5.91 -27.54 61.34
N THR G 543 -5.05 -27.41 60.35
CA THR G 543 -4.71 -28.54 59.52
C THR G 543 -3.22 -28.69 59.50
N ASP G 544 -2.80 -29.87 59.07
CA ASP G 544 -1.39 -30.12 58.93
C ASP G 544 -0.96 -29.04 57.92
N THR G 545 -1.78 -28.91 56.89
CA THR G 545 -1.60 -27.93 55.84
C THR G 545 -1.55 -26.53 56.41
N SER G 546 -2.42 -26.28 57.35
CA SER G 546 -2.44 -24.98 57.98
C SER G 546 -1.08 -24.73 58.61
N PHE G 547 -0.74 -25.62 59.51
CA PHE G 547 0.53 -25.63 60.22
C PHE G 547 1.67 -25.38 59.30
N ASN G 549 1.87 -23.99 56.28
CA ASN G 549 1.96 -22.61 55.82
C ASN G 549 2.52 -21.70 56.87
N LEU G 551 4.47 -22.39 59.07
CA LEU G 551 5.85 -22.70 59.18
C LEU G 551 6.61 -21.90 58.16
N TYR G 552 6.07 -21.86 56.95
CA TYR G 552 6.80 -21.16 55.90
C TYR G 552 6.80 -19.68 56.01
N ASP G 553 5.58 -19.13 55.94
CA ASP G 553 5.36 -17.68 55.98
C ASP G 553 6.33 -17.00 56.94
N GLU G 554 6.66 -17.75 57.99
CA GLU G 554 7.54 -17.23 59.03
C GLU G 554 8.99 -17.61 58.94
N HIS G 555 9.33 -18.75 58.36
CA HIS G 555 10.75 -19.08 58.35
C HIS G 555 11.37 -19.06 56.98
N LEU G 556 10.55 -19.36 55.99
CA LEU G 556 11.05 -19.40 54.65
C LEU G 556 11.56 -18.09 54.10
N GLY G 557 12.75 -18.20 53.55
CA GLY G 557 13.48 -17.09 52.96
C GLY G 557 14.19 -16.26 54.03
N LYS G 558 13.65 -16.31 55.23
CA LYS G 558 14.17 -15.55 56.34
C LYS G 558 15.17 -16.35 57.15
N SER G 559 15.08 -17.66 57.00
CA SER G 559 15.98 -18.55 57.72
C SER G 559 16.73 -19.48 56.82
N ASN G 560 18.02 -19.54 57.09
CA ASN G 560 18.98 -20.24 56.27
C ASN G 560 18.94 -21.75 56.44
N ASN G 561 18.74 -22.16 57.67
CA ASN G 561 18.72 -23.57 57.94
C ASN G 561 17.42 -24.19 57.51
N PHE G 562 16.53 -23.27 57.19
CA PHE G 562 15.18 -23.60 56.73
C PHE G 562 15.14 -23.65 55.21
N GLN G 563 14.56 -24.70 54.70
CA GLN G 563 14.55 -24.91 53.27
C GLN G 563 13.34 -25.74 52.85
N LYS G 564 12.96 -25.58 51.59
CA LYS G 564 11.85 -26.36 51.01
C LYS G 564 12.45 -27.56 50.33
N PRO G 565 11.84 -28.72 50.51
CA PRO G 565 12.41 -29.95 50.10
C PRO G 565 12.64 -30.18 48.71
N LYS G 566 13.62 -31.06 48.75
CA LYS G 566 14.04 -31.82 47.64
C LYS G 566 13.15 -33.05 47.78
N PRO G 567 12.11 -33.10 46.90
CA PRO G 567 11.17 -34.18 46.87
C PRO G 567 11.68 -35.55 46.32
N ALA G 568 12.76 -35.54 45.51
CA ALA G 568 13.23 -36.79 44.80
C ALA G 568 14.66 -37.21 45.17
N LYS G 569 14.88 -38.46 44.94
CA LYS G 569 16.05 -39.20 45.38
C LYS G 569 15.40 -40.43 45.97
N GLY G 570 15.75 -40.75 47.20
CA GLY G 570 15.14 -41.90 47.89
C GLY G 570 13.96 -41.46 48.78
N LYS G 571 13.64 -40.16 48.74
CA LYS G 571 12.58 -39.55 49.61
C LYS G 571 11.16 -39.81 49.01
N ALA G 572 10.15 -39.70 49.91
CA ALA G 572 8.74 -40.09 49.60
C ALA G 572 7.74 -38.93 49.39
N GLU G 573 7.98 -37.79 50.04
CA GLU G 573 7.21 -36.59 49.73
C GLU G 573 7.89 -35.31 50.15
N ALA G 574 7.17 -34.22 49.98
CA ALA G 574 7.75 -32.90 50.27
C ALA G 574 7.14 -32.24 51.55
N HIS G 575 8.01 -31.54 52.37
CA HIS G 575 7.50 -30.46 53.33
C HIS G 575 8.59 -29.54 53.82
N PHE G 576 9.63 -30.05 54.40
CA PHE G 576 10.68 -29.12 54.78
C PHE G 576 11.88 -29.83 55.28
N SER G 577 12.96 -29.27 54.83
CA SER G 577 14.25 -29.73 55.17
C SER G 577 14.89 -28.77 56.11
N LEU G 578 15.74 -29.33 56.91
CA LEU G 578 16.54 -28.65 57.87
C LEU G 578 18.00 -28.96 57.64
N VAL G 579 18.83 -28.07 58.06
CA VAL G 579 20.25 -28.25 57.92
C VAL G 579 20.97 -28.51 59.23
N HIS G 580 20.95 -29.78 59.62
CA HIS G 580 21.57 -30.22 60.85
C HIS G 580 23.06 -30.40 60.63
N TYR G 581 23.83 -30.54 61.73
CA TYR G 581 25.26 -30.71 61.56
C TYR G 581 25.63 -31.89 60.67
N ALA G 582 24.88 -33.00 60.84
CA ALA G 582 25.10 -34.23 60.08
C ALA G 582 24.73 -34.12 58.60
N GLY G 583 23.79 -33.22 58.35
CA GLY G 583 23.32 -32.97 57.02
C GLY G 583 21.89 -32.47 56.96
N THR G 584 21.31 -32.60 55.75
CA THR G 584 19.97 -32.14 55.43
C THR G 584 18.94 -33.21 55.65
N VAL G 585 17.96 -32.87 56.45
CA VAL G 585 16.92 -33.84 56.70
C VAL G 585 15.60 -33.32 56.14
N ASP G 586 15.01 -34.18 55.34
CA ASP G 586 13.74 -33.90 54.68
C ASP G 586 12.61 -34.40 55.55
N TYR G 587 11.86 -33.46 56.10
CA TYR G 587 10.78 -33.78 57.04
C TYR G 587 9.40 -33.70 56.43
N ASN G 588 8.60 -34.73 56.75
CA ASN G 588 7.20 -34.85 56.35
C ASN G 588 6.34 -34.59 57.53
N ILE G 589 5.48 -33.61 57.38
CA ILE G 589 4.57 -33.12 58.41
C ILE G 589 3.18 -33.68 58.32
N SER G 590 2.99 -34.92 58.61
CA SER G 590 1.64 -35.36 58.41
C SER G 590 1.19 -36.28 59.51
N GLY G 591 0.51 -35.67 60.45
CA GLY G 591 -0.03 -36.40 61.56
C GLY G 591 0.41 -35.72 62.78
N TRP G 592 1.31 -34.79 62.46
CA TRP G 592 1.96 -34.08 63.53
C TRP G 592 1.02 -33.48 64.49
N LEU G 593 0.10 -32.72 63.90
CA LEU G 593 -0.89 -32.00 64.71
C LEU G 593 -1.53 -32.92 65.70
N GLU G 594 -2.02 -34.03 65.19
CA GLU G 594 -2.63 -35.07 66.00
C GLU G 594 -1.73 -35.68 67.03
N ASN G 596 0.79 -34.80 68.09
CA ASN G 596 1.16 -33.84 69.08
C ASN G 596 0.03 -33.52 70.08
N ASP G 598 -2.23 -35.80 71.39
CA ASP G 598 -2.50 -36.95 72.20
C ASP G 598 -3.94 -37.02 72.58
N PRO G 599 -4.77 -37.07 71.57
CA PRO G 599 -6.19 -37.16 71.75
C PRO G 599 -6.61 -38.49 72.36
N LEU G 600 -7.32 -38.40 73.48
CA LEU G 600 -7.79 -39.56 74.22
C LEU G 600 -9.26 -39.37 74.64
N ASN G 601 -10.10 -40.39 74.47
CA ASN G 601 -11.50 -40.31 74.87
C ASN G 601 -11.61 -40.24 76.35
N GLU G 602 -11.84 -39.06 76.76
CA GLU G 602 -11.94 -38.70 78.14
C GLU G 602 -13.02 -39.38 78.94
N THR G 603 -14.04 -39.90 78.26
CA THR G 603 -15.09 -40.57 78.97
C THR G 603 -14.57 -41.83 79.57
N VAL G 604 -13.87 -42.55 78.72
CA VAL G 604 -13.22 -43.80 79.11
C VAL G 604 -12.21 -43.61 80.24
N ILE G 605 -11.37 -42.64 80.04
CA ILE G 605 -10.35 -42.32 81.01
C ILE G 605 -11.01 -42.14 82.33
N GLY G 606 -12.24 -41.67 82.22
CA GLY G 606 -13.04 -41.43 83.41
C GLY G 606 -13.14 -42.72 84.16
N LEU G 607 -13.61 -43.71 83.43
CA LEU G 607 -13.79 -45.05 83.98
C LEU G 607 -12.52 -45.56 84.62
N TYR G 608 -11.39 -45.35 83.93
CA TYR G 608 -10.14 -45.83 84.45
C TYR G 608 -9.93 -45.19 85.79
N GLN G 609 -10.13 -43.91 85.77
CA GLN G 609 -9.94 -43.10 86.95
C GLN G 609 -10.67 -43.62 88.18
N SER G 611 -11.43 -47.08 88.57
CA SER G 611 -11.31 -48.52 88.48
C SER G 611 -11.19 -49.20 89.83
N SER G 612 -11.43 -50.48 89.82
CA SER G 612 -11.31 -51.30 91.03
C SER G 612 -9.87 -51.75 91.15
N VAL G 613 -9.13 -51.51 90.06
CA VAL G 613 -7.74 -51.86 89.93
C VAL G 613 -6.90 -50.62 90.12
N THR G 615 -4.00 -49.51 90.70
CA THR G 615 -2.90 -49.21 89.83
C THR G 615 -3.37 -48.53 88.56
N LEU G 616 -4.34 -49.13 87.91
CA LEU G 616 -4.89 -48.54 86.70
C LEU G 616 -5.43 -47.23 87.04
N ALA G 617 -6.10 -47.19 88.18
CA ALA G 617 -6.64 -45.92 88.62
C ALA G 617 -5.53 -44.89 88.77
N LEU G 618 -4.47 -45.29 89.37
CA LEU G 618 -3.37 -44.37 89.57
C LEU G 618 -2.82 -43.73 88.35
N LEU G 619 -2.37 -44.60 87.43
CA LEU G 619 -1.75 -44.20 86.19
C LEU G 619 -2.40 -43.00 85.53
N PHE G 620 -3.90 -42.87 85.76
CA PHE G 620 -4.69 -41.82 85.15
C PHE G 620 -4.85 -40.50 85.90
N ALA G 621 -4.56 -40.50 87.16
CA ALA G 621 -4.71 -39.39 88.09
C ALA G 621 -4.39 -38.01 87.55
N THR G 622 -3.20 -37.92 86.98
CA THR G 622 -2.67 -36.66 86.43
C THR G 622 -3.53 -36.14 85.27
N TYR G 623 -4.14 -36.99 84.52
CA TYR G 623 -5.15 -36.52 83.56
C TYR G 623 -6.39 -36.00 84.31
N GLY G 624 -6.85 -36.74 85.30
CA GLY G 624 -8.03 -36.33 86.08
C GLY G 624 -7.86 -35.01 86.83
N GLY G 625 -6.61 -34.71 87.26
CA GLY G 625 -6.40 -33.47 88.00
C GLY G 625 -6.30 -32.25 87.11
N GLU G 626 -5.98 -32.27 85.79
CA GLU G 626 -5.91 -31.07 84.93
C GLU G 626 -7.28 -30.84 84.26
N ALA G 627 -8.29 -31.63 84.25
CA ALA G 627 -9.55 -31.42 83.52
C ALA G 627 -10.19 -30.10 83.95
N GLU G 628 -9.97 -29.68 85.14
CA GLU G 628 -10.51 -28.45 85.73
C GLU G 628 -10.24 -27.26 84.81
N GLY G 629 -9.01 -27.24 84.31
CA GLY G 629 -8.35 -26.33 83.47
C GLY G 629 -8.77 -26.15 82.01
N GLY G 630 -9.38 -27.23 81.50
CA GLY G 630 -9.85 -27.26 80.10
C GLY G 630 -11.34 -27.63 80.13
N GLY G 631 -12.06 -27.01 81.04
CA GLY G 631 -13.47 -27.28 81.23
C GLY G 631 -14.31 -27.08 80.00
N GLY G 632 -14.17 -25.96 79.30
CA GLY G 632 -15.00 -25.68 78.12
C GLY G 632 -14.24 -25.79 76.78
N LYS G 633 -15.00 -25.89 75.72
CA LYS G 633 -14.56 -26.10 74.33
C LYS G 633 -13.54 -25.02 73.94
N LYS G 634 -12.40 -25.48 73.36
CA LYS G 634 -11.42 -24.51 72.85
C LYS G 634 -10.34 -24.28 73.90
N GLY G 635 -9.52 -23.61 73.95
CA GLY G 635 -8.78 -23.11 75.09
C GLY G 635 -7.48 -23.87 75.27
N GLY G 636 -7.08 -23.91 76.51
CA GLY G 636 -5.76 -24.37 76.96
C GLY G 636 -5.86 -25.46 78.02
N LYS G 637 -5.34 -26.61 77.71
CA LYS G 637 -5.37 -27.78 78.60
C LYS G 637 -4.52 -27.52 79.85
N LYS G 638 -3.50 -26.66 79.72
CA LYS G 638 -2.46 -26.47 80.75
C LYS G 638 -3.06 -25.84 82.00
N LYS G 639 -4.12 -25.16 81.97
CA LYS G 639 -4.84 -24.44 83.03
C LYS G 639 -5.11 -25.38 84.21
N GLY G 640 -5.28 -26.65 83.92
CA GLY G 640 -5.56 -27.72 84.84
C GLY G 640 -4.47 -28.75 84.91
N SER G 641 -3.36 -28.48 84.21
CA SER G 641 -2.17 -29.35 84.25
C SER G 641 -2.21 -30.36 83.10
N SER G 642 -3.01 -30.24 82.11
CA SER G 642 -3.03 -31.16 80.96
C SER G 642 -2.05 -30.68 79.88
N PHE G 643 -1.43 -31.57 79.18
CA PHE G 643 -0.44 -31.22 78.15
C PHE G 643 -1.13 -30.50 76.99
N GLN G 644 -0.39 -29.53 76.52
CA GLN G 644 -0.91 -28.71 75.43
C GLN G 644 -0.26 -29.12 74.10
N THR G 645 0.90 -29.74 74.20
CA THR G 645 1.78 -30.13 73.10
C THR G 645 2.27 -31.56 73.25
N VAL G 646 2.52 -32.26 72.12
CA VAL G 646 3.23 -33.56 72.11
C VAL G 646 4.73 -33.42 72.28
N SER G 647 5.08 -32.47 72.50
CA SER G 647 6.37 -31.86 72.26
C SER G 647 6.68 -30.91 73.38
N ALA G 648 5.64 -30.44 74.07
CA ALA G 648 5.78 -29.54 75.21
C ALA G 648 6.64 -30.12 76.32
N LEU G 649 6.54 -31.41 76.56
CA LEU G 649 7.34 -32.07 77.60
C LEU G 649 8.72 -32.38 77.16
N PHE G 650 8.70 -33.19 76.07
CA PHE G 650 9.88 -33.67 75.39
C PHE G 650 10.97 -32.62 75.58
N ARG G 651 10.59 -31.39 75.32
CA ARG G 651 11.44 -30.27 75.48
C ARG G 651 11.85 -30.13 76.96
N GLU G 652 10.88 -30.08 77.87
CA GLU G 652 11.04 -29.92 79.33
C GLU G 652 11.94 -30.99 79.94
N ASN G 653 11.77 -32.18 79.41
CA ASN G 653 12.53 -33.33 79.82
C ASN G 653 13.93 -33.22 79.25
N LEU G 654 13.98 -32.88 77.98
CA LEU G 654 15.24 -32.67 77.26
C LEU G 654 16.03 -31.52 77.85
N ASN G 655 15.40 -30.71 78.66
CA ASN G 655 16.09 -29.57 79.24
C ASN G 655 16.65 -29.89 80.58
N LEU G 657 17.51 -32.57 81.30
CA LEU G 657 18.53 -33.56 80.95
C LEU G 657 19.81 -32.89 80.61
N MET G 658 19.74 -32.07 79.57
CA MET G 658 20.91 -31.31 79.10
C MET G 658 21.48 -30.44 80.21
N ALA G 659 20.70 -30.23 81.28
CA ALA G 659 21.13 -29.43 82.42
C ALA G 659 21.89 -30.31 83.35
N ASN G 660 21.44 -31.53 83.43
CA ASN G 660 22.04 -32.53 84.31
C ASN G 660 23.37 -32.92 83.64
N LEU G 661 23.36 -32.84 82.33
CA LEU G 661 24.52 -33.20 81.53
C LEU G 661 25.65 -32.18 81.73
N ARG G 662 25.31 -30.93 82.00
CA ARG G 662 26.23 -29.83 82.20
C ARG G 662 27.01 -29.90 83.52
N SER G 663 26.29 -30.14 84.61
CA SER G 663 26.91 -30.29 85.94
C SER G 663 27.62 -31.61 86.02
N THR G 664 28.12 -32.02 84.84
CA THR G 664 28.76 -33.27 84.62
C THR G 664 30.01 -33.11 83.82
N HIS G 665 30.95 -34.02 84.06
CA HIS G 665 32.14 -34.14 83.25
C HIS G 665 31.89 -35.19 82.16
N PRO G 666 31.56 -34.75 80.99
CA PRO G 666 31.15 -35.59 79.90
C PRO G 666 32.21 -36.57 79.49
N HIS G 667 31.77 -37.82 79.34
CA HIS G 667 32.55 -38.93 78.88
C HIS G 667 31.75 -39.57 77.76
N PHE G 668 32.34 -39.62 76.58
CA PHE G 668 31.73 -40.08 75.34
C PHE G 668 32.08 -41.48 74.83
N VAL G 669 31.08 -42.18 74.35
CA VAL G 669 31.15 -43.51 73.80
C VAL G 669 30.25 -43.64 72.57
N ARG G 670 30.83 -43.94 71.43
CA ARG G 670 30.18 -44.08 70.15
C ARG G 670 30.17 -45.53 69.70
N CYS G 671 28.98 -46.13 69.61
CA CYS G 671 28.82 -47.52 69.22
C CYS G 671 28.62 -47.66 67.72
N ILE G 672 29.31 -48.60 67.09
CA ILE G 672 29.24 -48.79 65.65
C ILE G 672 28.77 -50.17 65.16
N ILE G 673 28.14 -50.16 64.00
CA ILE G 673 27.56 -51.35 63.37
C ILE G 673 28.17 -51.58 62.00
N PRO G 674 28.96 -52.61 61.95
CA PRO G 674 29.78 -53.07 60.86
C PRO G 674 29.09 -53.32 59.57
N ASN G 675 28.20 -54.33 59.57
CA ASN G 675 27.47 -54.69 58.34
C ASN G 675 26.06 -55.12 58.62
N GLU G 676 25.16 -54.62 57.80
CA GLU G 676 23.75 -54.94 57.92
C GLU G 676 23.51 -56.42 57.94
N THR G 677 24.39 -57.14 57.28
CA THR G 677 24.30 -58.58 57.17
C THR G 677 24.70 -59.37 58.39
N THR G 679 27.78 -60.09 60.27
CA THR G 679 28.93 -60.94 60.04
C THR G 679 30.10 -60.41 60.83
N PRO G 680 30.69 -61.23 61.64
CA PRO G 680 31.82 -60.75 62.41
C PRO G 680 33.00 -60.54 61.47
N GLY G 681 33.94 -59.70 61.90
CA GLY G 681 35.14 -59.34 61.14
C GLY G 681 34.89 -58.64 59.80
N ALA G 682 33.72 -58.08 59.60
CA ALA G 682 33.43 -57.42 58.32
C ALA G 682 32.88 -56.00 58.43
N MET G 683 32.94 -55.26 57.35
CA MET G 683 32.48 -53.91 57.44
C MET G 683 31.98 -53.27 56.16
N GLU G 684 30.74 -52.80 56.06
CA GLU G 684 30.52 -52.15 54.76
C GLU G 684 31.08 -50.78 54.92
N HIS G 685 31.68 -50.27 53.89
CA HIS G 685 32.26 -48.96 54.01
C HIS G 685 31.30 -47.84 54.29
N GLU G 686 30.58 -47.48 53.27
CA GLU G 686 29.68 -46.38 53.35
C GLU G 686 28.73 -46.43 54.52
N LEU G 687 28.51 -47.61 54.99
CA LEU G 687 27.66 -47.80 56.14
C LEU G 687 28.32 -47.29 57.41
N VAL G 688 29.59 -47.63 57.59
CA VAL G 688 30.36 -47.14 58.72
C VAL G 688 30.64 -45.62 58.52
N LEU G 689 30.88 -45.24 57.27
CA LEU G 689 31.15 -43.86 56.94
C LEU G 689 30.05 -42.96 57.44
N HIS G 690 28.85 -43.41 57.19
CA HIS G 690 27.67 -42.68 57.62
C HIS G 690 27.71 -42.35 59.08
N GLN G 691 27.78 -43.42 59.83
CA GLN G 691 27.76 -43.33 61.24
C GLN G 691 28.76 -42.34 61.72
N LEU G 692 29.91 -42.42 61.11
CA LEU G 692 30.98 -41.53 61.51
C LEU G 692 30.66 -40.05 61.44
N ARG G 693 29.81 -39.68 60.46
CA ARG G 693 29.47 -38.28 60.28
C ARG G 693 28.45 -37.80 61.28
N CYS G 694 27.49 -38.68 61.46
CA CYS G 694 26.38 -38.47 62.36
C CYS G 694 26.79 -38.78 63.78
N ASN G 695 27.93 -39.36 63.95
CA ASN G 695 28.40 -39.77 65.26
C ASN G 695 28.90 -38.62 66.07
N GLY G 696 29.70 -37.83 65.37
CA GLY G 696 30.46 -36.74 65.86
C GLY G 696 31.95 -36.99 65.66
N VAL G 697 32.28 -38.22 65.36
CA VAL G 697 33.65 -38.67 65.16
C VAL G 697 34.33 -37.88 64.08
N LEU G 698 33.64 -37.71 62.97
CA LEU G 698 34.23 -36.97 61.89
C LEU G 698 34.29 -35.51 62.17
N GLU G 699 33.50 -35.07 63.12
CA GLU G 699 33.52 -33.64 63.43
C GLU G 699 34.57 -33.37 64.47
N GLY G 700 34.92 -34.39 65.20
CA GLY G 700 35.94 -34.23 66.23
C GLY G 700 37.29 -34.23 65.58
N ILE G 701 37.38 -34.89 64.42
CA ILE G 701 38.59 -34.98 63.70
C ILE G 701 38.84 -33.65 63.04
N ARG G 702 37.76 -33.07 62.52
CA ARG G 702 37.78 -31.75 61.87
C ARG G 702 38.37 -30.68 62.77
N ILE G 703 37.71 -30.53 63.88
CA ILE G 703 38.06 -29.60 64.94
C ILE G 703 39.48 -29.83 65.42
N CYS G 704 39.94 -31.06 65.25
CA CYS G 704 41.26 -31.40 65.68
C CYS G 704 42.26 -30.83 64.71
N ARG G 705 41.96 -31.12 63.45
CA ARG G 705 42.75 -30.69 62.33
C ARG G 705 42.75 -29.20 62.09
N LYS G 706 42.19 -28.44 62.99
CA LYS G 706 42.15 -27.02 62.74
C LYS G 706 43.19 -26.39 63.62
N GLY G 707 43.02 -27.01 64.80
CA GLY G 707 43.63 -27.12 66.12
C GLY G 707 44.93 -27.93 65.96
N PHE G 708 45.03 -28.92 66.81
CA PHE G 708 46.13 -29.84 66.79
C PHE G 708 45.56 -31.25 66.57
N PRO G 709 45.44 -31.60 65.28
CA PRO G 709 44.88 -32.86 64.86
C PRO G 709 45.48 -34.08 65.58
N SER G 710 46.52 -34.62 64.98
CA SER G 710 47.27 -35.75 65.51
C SER G 710 47.81 -35.49 66.89
N ARG G 711 47.52 -36.43 67.79
CA ARG G 711 47.96 -36.36 69.17
C ARG G 711 48.56 -37.68 69.60
N VAL G 712 49.85 -37.65 69.89
CA VAL G 712 50.59 -38.83 70.26
C VAL G 712 50.68 -39.04 71.74
N LEU G 713 50.41 -40.28 72.08
CA LEU G 713 50.58 -40.72 73.44
C LEU G 713 52.08 -40.97 73.59
N TYR G 714 52.55 -40.49 74.69
CA TYR G 714 53.97 -40.51 75.08
C TYR G 714 54.83 -41.76 74.86
N ALA G 715 54.42 -42.93 75.34
CA ALA G 715 55.19 -44.15 75.10
C ALA G 715 55.20 -44.53 73.65
N ASP G 716 53.97 -44.38 73.09
CA ASP G 716 53.68 -44.59 71.69
C ASP G 716 54.54 -43.64 70.88
N PHE G 717 55.04 -42.62 71.63
CA PHE G 717 55.90 -41.61 71.03
C PHE G 717 57.36 -41.92 71.17
N LYS G 718 57.67 -42.55 72.29
CA LYS G 718 59.05 -42.92 72.58
C LYS G 718 59.52 -43.95 71.56
N GLN G 719 58.99 -45.17 71.77
CA GLN G 719 59.26 -46.31 70.92
C GLN G 719 59.51 -46.01 69.44
N ARG G 720 58.49 -45.43 68.82
CA ARG G 720 58.53 -45.14 67.39
C ARG G 720 59.58 -44.14 66.92
N TYR G 721 59.99 -43.24 67.82
CA TYR G 721 60.90 -42.18 67.39
C TYR G 721 62.21 -42.01 68.13
N ARG G 722 62.40 -42.80 69.20
CA ARG G 722 63.65 -42.75 70.00
C ARG G 722 64.88 -42.59 69.11
N VAL G 723 64.89 -43.46 68.09
CA VAL G 723 65.88 -43.59 67.04
C VAL G 723 66.30 -42.29 66.35
N LEU G 724 65.55 -41.23 66.52
CA LEU G 724 65.85 -39.98 65.78
C LEU G 724 67.07 -39.20 66.34
N ASN G 725 67.26 -39.27 67.63
CA ASN G 725 68.43 -38.63 68.30
C ASN G 725 68.72 -39.51 69.45
N ALA G 726 68.55 -40.70 68.95
CA ALA G 726 68.61 -41.99 69.57
C ALA G 726 69.06 -41.94 71.01
N SER G 727 70.24 -41.38 71.21
CA SER G 727 70.85 -41.28 72.54
C SER G 727 70.00 -40.43 73.52
N ALA G 728 69.71 -39.24 73.04
CA ALA G 728 69.03 -38.19 73.83
C ALA G 728 67.50 -38.31 73.86
N ILE G 729 66.94 -38.97 72.88
CA ILE G 729 65.48 -39.18 72.86
C ILE G 729 65.19 -40.45 73.67
N PRO G 730 66.07 -41.48 73.61
CA PRO G 730 65.86 -42.71 74.36
C PRO G 730 65.94 -42.43 75.84
N GLU G 731 66.96 -41.66 76.20
CA GLU G 731 67.20 -41.29 77.60
C GLU G 731 65.96 -40.57 78.17
N GLY G 732 65.44 -39.66 77.37
CA GLY G 732 64.28 -38.86 77.75
C GLY G 732 63.04 -39.76 77.98
N GLN G 733 62.81 -40.65 77.04
CA GLN G 733 61.63 -41.54 77.08
C GLN G 733 61.70 -42.54 78.23
N PHE G 734 62.88 -43.01 78.51
CA PHE G 734 63.09 -44.02 79.55
C PHE G 734 63.09 -43.38 80.93
N MET G 735 63.70 -42.21 80.98
CA MET G 735 63.93 -41.46 82.23
C MET G 735 62.65 -40.83 82.78
N ASP G 736 61.79 -40.43 81.90
CA ASP G 736 60.45 -40.05 82.26
C ASP G 736 59.52 -40.23 81.09
N SER G 737 58.66 -41.23 81.25
CA SER G 737 57.75 -41.66 80.17
C SER G 737 57.24 -40.50 79.35
N LYS G 738 57.03 -39.41 80.05
CA LYS G 738 56.56 -38.16 79.45
C LYS G 738 57.76 -37.22 79.20
N LYS G 739 58.43 -36.89 80.29
CA LYS G 739 59.60 -35.98 80.27
C LYS G 739 60.54 -36.34 79.10
N ALA G 740 60.51 -37.61 78.77
CA ALA G 740 61.34 -38.17 77.69
C ALA G 740 61.02 -37.48 76.37
N SER G 741 59.79 -37.74 75.87
CA SER G 741 59.31 -37.18 74.62
C SER G 741 59.64 -35.73 74.57
N GLU G 742 59.58 -35.15 75.79
CA GLU G 742 59.89 -33.74 75.93
C GLU G 742 61.30 -33.57 75.45
N LYS G 743 62.15 -34.15 76.28
CA LYS G 743 63.56 -34.12 76.05
C LYS G 743 63.89 -34.47 74.61
N LEU G 744 63.24 -35.52 74.06
CA LEU G 744 63.57 -35.91 72.69
C LEU G 744 63.48 -34.82 71.68
N LEU G 745 62.35 -34.16 71.66
CA LEU G 745 62.16 -33.14 70.67
C LEU G 745 63.22 -32.08 70.69
N GLY G 746 64.12 -32.19 71.68
CA GLY G 746 65.26 -31.32 71.82
C GLY G 746 65.95 -31.24 70.47
N GLY G 747 66.21 -32.40 69.83
CA GLY G 747 66.84 -32.39 68.51
C GLY G 747 65.88 -32.31 67.31
N GLY G 748 66.48 -32.12 66.12
CA GLY G 748 65.77 -32.06 64.87
C GLY G 748 65.69 -30.64 64.32
N ASP G 749 65.76 -30.48 63.00
CA ASP G 749 65.64 -29.15 62.46
C ASP G 749 64.14 -28.82 62.19
N VAL G 750 63.28 -29.22 63.17
CA VAL G 750 61.80 -29.14 63.24
C VAL G 750 61.17 -27.90 63.92
N ASP G 751 59.97 -27.47 63.47
CA ASP G 751 59.26 -26.34 64.08
C ASP G 751 58.80 -26.63 65.49
N HIS G 752 59.47 -26.02 66.46
CA HIS G 752 59.22 -26.28 67.86
C HIS G 752 57.92 -25.63 68.38
N THR G 753 57.17 -25.14 67.41
CA THR G 753 55.90 -24.45 67.49
C THR G 753 54.74 -25.44 67.34
N GLN G 754 54.71 -25.97 66.13
CA GLN G 754 53.78 -26.95 65.63
C GLN G 754 53.35 -28.02 66.63
N TYR G 755 53.96 -28.12 67.77
CA TYR G 755 53.52 -29.14 68.72
C TYR G 755 53.16 -28.53 70.05
N ALA G 756 52.69 -29.38 70.94
CA ALA G 756 52.35 -28.87 72.25
C ALA G 756 52.11 -30.05 73.11
N PHE G 757 52.66 -29.94 74.30
CA PHE G 757 52.60 -31.04 75.22
C PHE G 757 51.58 -30.82 76.26
N GLY G 758 51.21 -31.92 76.90
CA GLY G 758 50.26 -31.91 77.97
C GLY G 758 50.25 -33.23 78.67
N HIS G 759 49.70 -33.21 79.86
CA HIS G 759 49.59 -34.35 80.75
C HIS G 759 49.53 -35.77 80.23
N THR G 760 48.94 -36.01 79.06
CA THR G 760 48.93 -37.39 78.61
C THR G 760 49.48 -37.54 77.23
N VAL G 762 51.18 -35.36 73.43
CA VAL G 762 51.64 -34.22 72.69
C VAL G 762 50.64 -33.92 71.65
N PHE G 763 50.60 -32.68 71.32
CA PHE G 763 49.73 -32.27 70.30
C PHE G 763 50.60 -31.83 69.19
N PHE G 764 50.11 -32.15 67.98
CA PHE G 764 50.88 -31.87 66.77
C PHE G 764 50.01 -31.35 65.64
N ALA G 766 49.54 -30.65 61.36
CA ALA G 766 49.60 -31.53 60.23
C ALA G 766 51.00 -31.66 59.66
N GLY G 767 47.31 -30.08 57.66
CA GLY G 767 48.59 -30.04 56.96
C GLY G 767 49.16 -28.65 56.84
N LEU G 768 48.68 -27.77 57.67
CA LEU G 768 49.15 -26.42 57.62
C LEU G 768 50.29 -26.25 58.54
N LEU G 769 49.95 -26.53 59.79
CA LEU G 769 50.90 -26.52 60.85
C LEU G 769 52.05 -27.39 60.36
N GLY G 770 51.70 -28.37 59.56
CA GLY G 770 52.68 -29.22 58.97
C GLY G 770 53.53 -28.39 58.05
N LEU G 771 52.87 -27.51 57.34
CA LEU G 771 53.61 -26.64 56.42
C LEU G 771 54.52 -25.74 57.16
N LEU G 772 53.97 -25.12 58.21
CA LEU G 772 54.75 -24.24 59.04
C LEU G 772 56.11 -24.81 59.45
N GLU G 773 56.04 -25.86 60.22
CA GLU G 773 57.17 -26.60 60.69
C GLU G 773 58.26 -26.78 59.65
N GLU G 774 57.80 -27.21 58.46
CA GLU G 774 58.73 -27.47 57.39
C GLU G 774 59.61 -26.28 57.13
N MET G 775 58.97 -25.14 56.98
CA MET G 775 59.65 -23.90 56.76
C MET G 775 60.62 -23.71 57.90
N ARG G 776 60.10 -23.99 59.05
CA ARG G 776 60.84 -23.87 60.24
C ARG G 776 62.04 -24.75 60.17
N ASP G 777 61.81 -25.98 59.76
CA ASP G 777 62.87 -26.97 59.65
C ASP G 777 64.03 -26.40 58.86
N ASP G 778 63.74 -25.89 57.67
CA ASP G 778 64.80 -25.28 56.89
C ASP G 778 65.48 -24.18 57.68
N LEU G 780 66.30 -23.91 60.57
CA LEU G 780 67.24 -24.24 61.62
C LEU G 780 68.51 -24.78 61.06
N ALA G 781 68.39 -25.39 59.87
CA ALA G 781 69.54 -25.92 59.20
C ALA G 781 70.45 -24.71 59.13
N GLU G 782 69.85 -23.60 58.68
CA GLU G 782 70.51 -22.30 58.59
C GLU G 782 71.11 -22.10 59.99
N ILE G 783 70.02 -21.57 60.85
CA ILE G 783 70.43 -21.46 62.23
C ILE G 783 71.24 -22.60 62.76
N ILE G 784 70.85 -23.80 62.42
CA ILE G 784 71.60 -24.91 62.97
C ILE G 784 72.91 -25.13 62.29
N THR G 785 72.81 -25.45 60.99
CA THR G 785 73.94 -25.72 60.13
C THR G 785 75.12 -24.79 60.42
N ALA G 786 74.80 -23.53 60.63
CA ALA G 786 75.78 -22.53 60.99
C ALA G 786 76.27 -22.74 62.40
N THR G 787 75.36 -23.14 63.28
CA THR G 787 75.80 -23.33 64.67
C THR G 787 76.55 -24.63 64.81
N GLN G 788 76.34 -25.49 63.86
CA GLN G 788 77.04 -26.75 63.96
C GLN G 788 78.49 -26.47 63.70
N ALA G 789 78.73 -26.01 62.45
CA ALA G 789 80.03 -25.63 61.95
C ALA G 789 81.05 -25.15 63.00
N ARG G 790 80.76 -24.00 63.59
CA ARG G 790 81.60 -23.35 64.60
C ARG G 790 82.04 -24.40 65.61
N CYS G 791 81.02 -25.08 66.10
CA CYS G 791 81.24 -26.17 67.02
C CYS G 791 82.30 -27.11 66.46
N ARG G 792 81.98 -27.70 65.29
CA ARG G 792 82.83 -28.63 64.58
C ARG G 792 84.21 -28.02 64.55
N GLY G 793 84.24 -26.81 64.00
CA GLY G 793 85.45 -26.03 63.87
C GLY G 793 86.10 -26.11 65.21
N PHE G 794 85.52 -25.37 66.12
CA PHE G 794 85.98 -25.31 67.48
C PHE G 794 86.36 -26.63 68.07
N LEU G 795 85.65 -27.63 67.66
CA LEU G 795 85.97 -28.90 68.26
C LEU G 795 87.36 -29.37 67.94
N MET G 796 87.70 -29.21 66.71
CA MET G 796 89.02 -29.62 66.31
C MET G 796 90.07 -28.62 66.77
N ARG G 797 89.65 -27.38 66.94
CA ARG G 797 90.58 -26.34 67.38
C ARG G 797 91.17 -26.70 68.71
N VAL G 798 90.51 -27.58 69.48
CA VAL G 798 91.00 -27.94 70.82
C VAL G 798 91.90 -29.14 70.70
N GLU G 799 91.68 -29.84 69.60
CA GLU G 799 92.46 -31.01 69.32
C GLU G 799 93.86 -30.61 68.95
N TYR G 800 93.98 -29.53 68.17
CA TYR G 800 95.27 -29.07 67.88
C TYR G 800 96.05 -28.73 69.19
N ARG G 801 95.43 -28.02 70.15
CA ARG G 801 96.02 -27.60 71.47
C ARG G 801 96.50 -28.76 72.33
N ALA G 802 95.92 -29.91 72.04
CA ALA G 802 96.25 -31.12 72.74
C ALA G 802 97.38 -31.82 71.99
N MET G 803 97.19 -32.01 70.69
CA MET G 803 98.18 -32.63 69.80
C MET G 803 99.54 -32.04 70.07
N VAL G 804 99.55 -30.73 70.01
CA VAL G 804 100.70 -29.90 70.21
C VAL G 804 101.37 -30.07 71.61
N GLU G 805 100.57 -30.02 72.66
CA GLU G 805 101.05 -30.20 74.03
C GLU G 805 101.86 -31.50 74.10
N ARG G 806 101.15 -32.52 73.69
CA ARG G 806 101.59 -33.89 73.57
C ARG G 806 102.92 -34.06 72.88
N ARG G 807 103.16 -33.16 71.92
CA ARG G 807 104.33 -33.13 71.06
C ARG G 807 105.55 -33.78 71.64
N GLU G 808 105.98 -33.22 72.75
CA GLU G 808 107.17 -33.76 73.34
C GLU G 808 107.00 -34.94 74.25
N SER G 809 105.97 -34.92 75.08
CA SER G 809 105.77 -36.02 76.00
C SER G 809 105.83 -37.35 75.32
N ILE G 810 105.53 -37.33 74.02
CA ILE G 810 105.62 -38.54 73.25
C ILE G 810 107.06 -38.93 73.09
N PHE G 811 107.80 -38.04 72.42
CA PHE G 811 109.20 -38.14 72.13
C PHE G 811 109.90 -38.75 73.30
N CYS G 812 109.64 -38.12 74.42
CA CYS G 812 110.20 -38.56 75.67
C CYS G 812 109.89 -39.99 75.81
N ILE G 813 108.64 -40.28 75.62
CA ILE G 813 108.26 -41.67 75.71
C ILE G 813 108.92 -42.41 74.58
N GLN G 814 108.85 -41.84 73.38
CA GLN G 814 109.41 -42.47 72.18
C GLN G 814 110.82 -42.99 72.37
N TYR G 815 111.74 -42.05 72.40
CA TYR G 815 113.15 -42.36 72.56
C TYR G 815 113.42 -43.27 73.74
N ASN G 816 112.87 -42.87 74.89
CA ASN G 816 113.05 -43.56 76.16
C ASN G 816 112.96 -45.05 76.18
N VAL G 817 112.02 -45.55 75.38
CA VAL G 817 111.76 -46.99 75.25
C VAL G 817 112.87 -47.65 74.46
N ARG G 818 113.09 -47.06 73.29
CA ARG G 818 114.12 -47.48 72.39
C ARG G 818 115.44 -47.81 73.10
N SER G 819 115.86 -46.90 74.02
CA SER G 819 117.05 -47.05 74.82
C SER G 819 117.08 -48.47 75.30
N PHE G 820 116.19 -48.68 76.21
CA PHE G 820 115.99 -49.89 76.89
C PHE G 820 116.06 -51.13 76.03
N MET G 821 115.42 -51.09 74.90
CA MET G 821 115.45 -52.22 74.00
C MET G 821 116.85 -52.58 73.53
N ASN G 822 117.70 -51.61 73.60
CA ASN G 822 119.06 -51.75 73.15
C ASN G 822 119.98 -52.16 74.25
N VAL G 823 119.72 -51.48 75.35
CA VAL G 823 120.48 -51.62 76.53
C VAL G 823 120.29 -52.91 77.25
N HIS G 825 120.11 -55.66 76.72
CA HIS G 825 120.87 -56.83 76.30
C HIS G 825 122.39 -56.69 76.57
N TRP G 826 122.83 -55.48 76.99
CA TRP G 826 124.22 -55.04 77.31
C TRP G 826 124.79 -55.44 78.70
N PRO G 827 125.84 -56.25 78.70
CA PRO G 827 126.52 -56.76 79.89
C PRO G 827 126.55 -55.76 81.02
N TRP G 828 127.12 -54.64 80.67
CA TRP G 828 127.33 -53.53 81.57
C TRP G 828 126.04 -53.08 82.14
N MET G 829 125.01 -53.15 81.32
CA MET G 829 123.76 -52.68 81.86
C MET G 829 123.11 -53.72 82.76
N LEU G 831 124.71 -55.73 84.52
CA LEU G 831 125.56 -55.63 85.72
C LEU G 831 125.04 -54.57 86.65
N PHE G 832 124.94 -53.37 86.10
CA PHE G 832 124.41 -52.21 86.85
C PHE G 832 123.10 -52.57 87.51
N PHE G 833 122.37 -53.39 86.78
CA PHE G 833 121.09 -53.84 87.21
C PHE G 833 121.18 -54.71 88.45
N ILE G 835 123.48 -54.98 90.35
CA ILE G 835 124.18 -54.17 91.33
C ILE G 835 123.44 -52.96 91.88
N PRO G 837 120.98 -52.43 93.27
CA PRO G 837 120.32 -52.50 94.54
C PRO G 837 121.19 -52.34 95.74
N LEU G 838 122.35 -53.02 95.74
CA LEU G 838 123.28 -52.95 96.88
C LEU G 838 123.60 -51.50 97.29
N LEU G 839 123.26 -50.59 96.39
CA LEU G 839 123.56 -49.20 96.61
C LEU G 839 122.60 -48.58 97.56
N LYS G 840 122.96 -47.35 97.87
CA LYS G 840 122.16 -46.54 98.76
C LYS G 840 122.22 -45.08 98.32
N PHE H 1 120.79 -36.17 81.37
CA PHE H 1 121.35 -36.82 82.58
C PHE H 1 121.19 -35.96 83.82
N ASP H 2 120.33 -36.41 84.72
CA ASP H 2 120.20 -35.71 86.00
C ASP H 2 121.34 -36.15 86.90
N GLU H 3 121.66 -35.34 87.90
CA GLU H 3 122.88 -35.58 88.69
C GLU H 3 122.82 -36.83 89.58
N THR H 4 121.63 -37.28 89.95
CA THR H 4 121.53 -38.49 90.79
C THR H 4 121.71 -39.75 89.95
N GLU H 5 121.39 -39.62 88.68
CA GLU H 5 121.57 -40.71 87.71
C GLU H 5 123.05 -40.84 87.35
N ILE H 6 123.76 -39.72 87.39
CA ILE H 6 125.20 -39.72 87.15
C ILE H 6 125.96 -40.22 88.38
N GLU H 7 125.37 -40.03 89.55
CA GLU H 7 125.93 -40.57 90.78
C GLU H 7 125.67 -42.06 90.91
N ASP H 8 124.62 -42.54 90.28
CA ASP H 8 124.32 -43.97 90.23
C ASP H 8 125.29 -44.69 89.28
N PHE H 9 125.68 -43.99 88.23
CA PHE H 9 126.66 -44.55 87.30
C PHE H 9 128.09 -44.45 87.85
N LYS H 10 128.30 -43.53 88.78
CA LYS H 10 129.59 -43.43 89.48
C LYS H 10 129.74 -44.53 90.52
N GLU H 11 128.62 -44.93 91.11
CA GLU H 11 128.63 -46.02 92.09
C GLU H 11 128.75 -47.37 91.40
N ALA H 12 128.17 -47.48 90.21
CA ALA H 12 128.31 -48.71 89.44
C ALA H 12 129.70 -48.83 88.83
N PHE H 13 130.31 -47.69 88.55
CA PHE H 13 131.68 -47.67 88.06
C PHE H 13 132.68 -48.05 89.15
N THR H 14 132.35 -47.74 90.38
CA THR H 14 133.24 -48.08 91.51
C THR H 14 133.08 -49.54 91.92
N VAL H 15 131.92 -50.12 91.66
CA VAL H 15 131.70 -51.53 91.99
C VAL H 15 132.27 -52.47 90.92
N ILE H 16 132.43 -51.96 89.71
CA ILE H 16 133.06 -52.76 88.66
C ILE H 16 134.57 -52.49 88.62
N ASP H 17 134.98 -51.33 89.10
CA ASP H 17 136.41 -51.03 89.18
C ASP H 17 136.94 -51.36 90.57
N GLN H 18 137.23 -52.63 90.76
CA GLN H 18 137.65 -53.16 92.05
C GLN H 18 139.12 -52.91 92.39
N ASN H 19 139.87 -52.37 91.44
CA ASN H 19 141.23 -51.91 91.76
C ASN H 19 141.26 -50.46 92.27
N ALA H 20 140.11 -49.79 92.20
CA ALA H 20 139.95 -48.39 92.57
C ALA H 20 141.02 -47.43 92.02
N ASP H 21 141.38 -47.54 90.75
CA ASP H 21 142.33 -46.58 90.19
C ASP H 21 141.67 -45.64 89.18
N GLY H 22 140.43 -45.91 88.84
CA GLY H 22 139.66 -45.00 87.98
C GLY H 22 139.50 -45.50 86.55
N ILE H 23 140.09 -46.66 86.24
CA ILE H 23 139.96 -47.25 84.91
C ILE H 23 139.59 -48.73 84.99
N ILE H 24 138.40 -49.04 84.48
CA ILE H 24 137.94 -50.43 84.45
C ILE H 24 138.61 -51.20 83.32
N ASP H 25 139.52 -52.07 83.72
CA ASP H 25 140.16 -52.98 82.77
C ASP H 25 139.40 -54.32 82.71
N LYS H 26 139.92 -55.24 81.91
CA LYS H 26 139.27 -56.53 81.68
C LYS H 26 139.28 -57.46 82.91
N ASP H 27 140.23 -57.23 83.80
CA ASP H 27 140.31 -58.00 85.04
C ASP H 27 139.23 -57.56 86.01
N ASP H 28 138.88 -56.28 85.97
CA ASP H 28 137.80 -55.74 86.82
C ASP H 28 136.45 -56.27 86.35
N LEU H 29 136.30 -56.38 85.04
CA LEU H 29 135.05 -56.91 84.47
C LEU H 29 134.85 -58.37 84.86
N ARG H 30 135.93 -59.13 84.79
CA ARG H 30 135.88 -60.56 85.10
C ARG H 30 135.71 -60.82 86.60
N GLU H 31 136.29 -59.98 87.44
CA GLU H 31 136.20 -60.17 88.89
C GLU H 31 134.90 -59.61 89.46
N THR H 32 134.25 -58.73 88.72
CA THR H 32 132.92 -58.27 89.13
C THR H 32 131.88 -59.30 88.72
N PHE H 33 132.10 -59.94 87.59
CA PHE H 33 131.19 -60.99 87.14
C PHE H 33 131.34 -62.26 87.97
N ALA H 34 132.56 -62.54 88.41
CA ALA H 34 132.78 -63.70 89.29
C ALA H 34 132.22 -63.48 90.69
N ALA H 35 132.17 -62.23 91.12
CA ALA H 35 131.56 -61.90 92.43
C ALA H 35 130.04 -61.83 92.38
N MET H 36 129.48 -61.81 91.18
CA MET H 36 128.02 -61.91 91.00
C MET H 36 127.58 -63.35 90.73
N GLY H 37 128.53 -64.25 90.51
CA GLY H 37 128.21 -65.67 90.34
C GLY H 37 128.64 -66.23 88.98
N ARG H 38 129.24 -65.39 88.15
CA ARG H 38 129.66 -65.84 86.83
C ARG H 38 131.06 -66.43 86.86
N LEU H 39 131.11 -67.74 87.03
CA LEU H 39 132.40 -68.46 87.07
C LEU H 39 132.86 -68.83 85.66
N ASN H 40 131.91 -68.85 84.74
CA ASN H 40 132.20 -69.21 83.34
C ASN H 40 132.24 -68.02 82.37
N VAL H 41 132.45 -66.81 82.87
CA VAL H 41 132.46 -65.64 81.99
C VAL H 41 133.66 -65.67 81.02
N LYS H 42 133.35 -65.82 79.74
CA LYS H 42 134.37 -65.90 78.70
C LYS H 42 135.08 -64.57 78.48
N ASN H 43 136.30 -64.69 77.98
CA ASN H 43 137.17 -63.55 77.73
C ASN H 43 136.72 -62.75 76.51
N GLU H 44 135.93 -63.41 75.68
CA GLU H 44 135.36 -62.79 74.47
C GLU H 44 134.20 -61.86 74.81
N GLU H 45 133.61 -62.03 75.99
CA GLU H 45 132.53 -61.13 76.42
C GLU H 45 133.14 -59.86 76.97
N LEU H 46 134.29 -60.03 77.61
CA LEU H 46 135.01 -58.91 78.20
C LEU H 46 135.67 -58.07 77.11
N ASP H 47 136.09 -58.76 76.05
CA ASP H 47 136.68 -58.10 74.89
C ASP H 47 135.64 -57.37 74.05
N ALA H 48 134.39 -57.84 74.08
CA ALA H 48 133.34 -57.16 73.32
C ALA H 48 132.83 -55.92 74.05
N MET H 49 133.00 -55.90 75.37
CA MET H 49 132.65 -54.70 76.14
C MET H 49 133.72 -53.63 75.98
N ILE H 50 134.96 -54.07 75.88
CA ILE H 50 136.07 -53.13 75.69
C ILE H 50 136.17 -52.65 74.24
N LYS H 51 135.58 -53.41 73.33
CA LYS H 51 135.53 -53.06 71.90
C LYS H 51 134.45 -52.02 71.58
N GLU H 52 133.65 -51.67 72.58
CA GLU H 52 132.68 -50.59 72.41
C GLU H 52 133.28 -49.23 72.75
N ALA H 53 134.48 -49.24 73.31
CA ALA H 53 135.19 -48.00 73.62
C ALA H 53 136.41 -47.82 72.72
N SER H 54 136.81 -46.57 72.54
CA SER H 54 138.02 -46.28 71.77
C SER H 54 139.24 -46.16 72.67
N GLY H 55 139.00 -46.07 73.97
CA GLY H 55 140.09 -46.00 74.94
C GLY H 55 139.71 -46.73 76.23
N PRO H 56 140.55 -46.57 77.24
CA PRO H 56 140.32 -47.18 78.55
C PRO H 56 139.05 -46.66 79.19
N ILE H 57 138.38 -47.52 79.94
CA ILE H 57 137.10 -47.17 80.55
C ILE H 57 137.26 -46.40 81.86
N ASN H 58 137.52 -45.11 81.73
CA ASN H 58 137.50 -44.23 82.90
C ASN H 58 136.07 -43.72 83.06
N PHE H 59 135.85 -42.87 84.04
CA PHE H 59 134.47 -42.44 84.35
C PHE H 59 133.80 -41.65 83.21
N THR H 60 134.57 -40.87 82.46
CA THR H 60 133.95 -40.07 81.40
C THR H 60 133.79 -40.87 80.12
N VAL H 61 134.56 -41.94 79.97
CA VAL H 61 134.39 -42.82 78.80
C VAL H 61 133.22 -43.76 79.02
N PHE H 62 132.96 -44.06 80.29
CA PHE H 62 131.83 -44.92 80.64
C PHE H 62 130.53 -44.12 80.56
N LEU H 63 130.61 -42.84 80.89
CA LEU H 63 129.44 -41.96 80.78
C LEU H 63 129.10 -41.62 79.34
N THR H 64 130.09 -41.46 78.49
CA THR H 64 129.80 -41.17 77.08
C THR H 64 129.32 -42.40 76.33
N MET H 65 129.74 -43.58 76.76
CA MET H 65 129.28 -44.80 76.11
C MET H 65 127.83 -45.09 76.50
N PHE H 66 127.51 -44.84 77.75
CA PHE H 66 126.13 -45.03 78.21
C PHE H 66 125.20 -43.92 77.70
N GLY H 67 125.74 -42.73 77.50
CA GLY H 67 124.97 -41.64 76.90
C GLY H 67 124.55 -41.93 75.47
N GLU H 68 125.49 -42.46 74.71
CA GLU H 68 125.25 -42.77 73.30
C GLU H 68 124.38 -44.02 73.07
N LYS H 69 124.20 -44.85 74.09
CA LYS H 69 123.26 -45.97 73.96
C LYS H 69 121.90 -45.63 74.57
N LEU H 70 121.90 -44.68 75.48
CA LEU H 70 120.67 -44.28 76.17
C LEU H 70 120.23 -42.88 75.80
N LYS H 71 120.12 -42.64 74.49
CA LYS H 71 119.75 -41.30 73.98
C LYS H 71 118.24 -41.01 74.08
N GLY H 72 117.47 -41.96 74.56
CA GLY H 72 116.04 -41.76 74.81
C GLY H 72 115.65 -42.33 76.18
N ALA H 73 116.63 -42.44 77.07
CA ALA H 73 116.38 -42.98 78.40
C ALA H 73 115.60 -41.99 79.25
N ASP H 74 114.53 -42.47 79.84
CA ASP H 74 113.68 -41.58 80.63
C ASP H 74 113.47 -42.13 82.05
N PRO H 75 113.71 -41.28 83.03
CA PRO H 75 113.50 -41.64 84.44
C PRO H 75 112.03 -41.98 84.71
N GLU H 76 111.82 -42.75 85.76
CA GLU H 76 110.49 -43.29 86.08
C GLU H 76 109.46 -42.21 86.41
N ASP H 77 109.89 -41.08 86.94
CA ASP H 77 108.96 -40.01 87.29
C ASP H 77 108.46 -39.24 86.06
N VAL H 78 109.21 -39.28 84.98
CA VAL H 78 108.77 -38.56 83.79
C VAL H 78 107.96 -39.49 82.89
N ILE H 79 108.16 -40.78 83.07
CA ILE H 79 107.34 -41.76 82.34
C ILE H 79 105.97 -41.85 83.00
N MET H 80 105.95 -41.72 84.32
CA MET H 80 104.67 -41.71 85.04
C MET H 80 103.96 -40.36 84.91
N GLY H 81 104.72 -39.32 84.63
CA GLY H 81 104.14 -38.02 84.29
C GLY H 81 103.35 -38.12 82.99
N ALA H 82 103.97 -38.70 81.98
CA ALA H 82 103.29 -38.87 80.68
C ALA H 82 102.12 -39.86 80.73
N PHE H 83 102.22 -40.86 81.59
CA PHE H 83 101.11 -41.81 81.74
C PHE H 83 99.97 -41.28 82.62
N LYS H 84 100.24 -40.23 83.38
CA LYS H 84 99.19 -39.57 84.16
C LYS H 84 98.48 -38.54 83.30
N VAL H 85 99.15 -38.11 82.24
CA VAL H 85 98.51 -37.24 81.25
C VAL H 85 97.69 -38.07 80.26
N LEU H 86 98.06 -39.34 80.10
CA LEU H 86 97.26 -40.24 79.27
C LEU H 86 96.08 -40.80 80.05
N ASP H 87 96.22 -40.88 81.36
CA ASP H 87 95.09 -41.19 82.22
C ASP H 87 94.86 -40.03 83.21
N PRO H 88 94.19 -38.98 82.74
CA PRO H 88 94.17 -37.70 83.47
C PRO H 88 93.20 -37.68 84.66
N ASP H 89 92.41 -38.74 84.77
CA ASP H 89 91.48 -38.91 85.89
C ASP H 89 92.12 -39.70 87.04
N GLY H 90 93.32 -40.21 86.81
CA GLY H 90 94.06 -40.90 87.87
C GLY H 90 93.59 -42.33 88.10
N LYS H 91 94.51 -43.10 88.68
CA LYS H 91 94.32 -44.48 89.17
C LYS H 91 94.23 -45.58 88.10
N GLY H 92 93.40 -45.38 87.09
CA GLY H 92 93.13 -46.43 86.10
C GLY H 92 94.26 -46.63 85.08
N SER H 93 94.55 -47.89 84.82
CA SER H 93 95.43 -48.24 83.71
C SER H 93 94.65 -48.09 82.41
N ILE H 94 95.30 -47.52 81.42
CA ILE H 94 94.61 -47.16 80.17
C ILE H 94 94.51 -48.37 79.22
N LYS H 95 93.47 -48.36 78.40
CA LYS H 95 93.15 -49.46 77.48
C LYS H 95 94.24 -49.77 76.46
N LYS H 96 94.24 -51.06 76.11
CA LYS H 96 95.17 -51.62 75.13
C LYS H 96 95.04 -51.00 73.75
N SER H 97 93.81 -50.85 73.28
CA SER H 97 93.60 -50.32 71.95
C SER H 97 93.78 -48.81 71.90
N PHE H 98 93.74 -48.14 73.04
CA PHE H 98 93.89 -46.70 73.05
C PHE H 98 95.35 -46.33 72.91
N LEU H 99 96.21 -47.15 73.51
CA LEU H 99 97.65 -46.91 73.39
C LEU H 99 98.18 -47.34 72.03
N GLU H 100 97.53 -48.30 71.40
CA GLU H 100 97.96 -48.74 70.07
C GLU H 100 97.58 -47.71 69.00
N GLU H 101 96.40 -47.12 69.18
CA GLU H 101 95.94 -46.11 68.24
C GLU H 101 96.69 -44.80 68.42
N LEU H 102 96.94 -44.43 69.66
CA LEU H 102 97.61 -43.14 69.92
C LEU H 102 99.12 -43.20 69.66
N LEU H 103 99.71 -44.38 69.68
CA LEU H 103 101.13 -44.49 69.36
C LEU H 103 101.31 -44.37 67.86
N THR H 104 100.46 -45.06 67.14
CA THR H 104 100.55 -45.06 65.69
C THR H 104 100.17 -43.68 65.13
N THR H 105 99.00 -43.21 65.50
CA THR H 105 98.41 -41.99 64.93
C THR H 105 99.00 -40.70 65.41
N GLY H 106 100.07 -40.73 66.04
CA GLY H 106 100.61 -39.47 66.41
C GLY H 106 101.98 -39.40 65.85
N GLY H 107 102.61 -40.54 65.95
CA GLY H 107 104.01 -40.68 65.59
C GLY H 107 104.31 -41.98 64.85
N GLY H 108 105.45 -41.92 64.19
CA GLY H 108 105.99 -43.04 63.41
C GLY H 108 106.72 -44.04 64.33
N ARG H 109 107.02 -43.57 65.54
CA ARG H 109 107.71 -44.40 66.56
C ARG H 109 106.72 -45.31 67.27
N PHE H 110 105.45 -44.99 67.07
CA PHE H 110 104.33 -45.73 67.67
C PHE H 110 103.66 -46.65 66.61
N THR H 111 104.34 -46.82 65.43
CA THR H 111 103.85 -47.73 64.30
C THR H 111 103.41 -49.06 64.84
N PRO H 112 102.55 -49.93 64.20
CA PRO H 112 102.16 -51.15 64.86
C PRO H 112 103.41 -52.09 65.13
N GLU H 113 103.92 -52.93 64.13
CA GLU H 113 105.05 -53.98 64.41
C GLU H 113 105.80 -53.73 65.72
N GLU H 114 106.12 -52.48 65.95
CA GLU H 114 106.80 -52.07 67.16
C GLU H 114 105.88 -52.25 68.37
N ILE H 115 104.59 -52.14 68.11
CA ILE H 115 103.57 -52.28 69.17
C ILE H 115 103.37 -53.76 69.53
N LYS H 116 103.67 -54.64 68.60
CA LYS H 116 103.64 -56.08 68.88
C LYS H 116 104.88 -56.48 69.69
N ASN H 117 105.97 -55.78 69.46
CA ASN H 117 107.19 -56.00 70.25
C ASN H 117 107.05 -55.39 71.64
N MET H 118 106.23 -54.36 71.77
CA MET H 118 105.97 -53.77 73.08
C MET H 118 105.14 -54.71 73.94
N TRP H 119 104.20 -55.38 73.31
CA TRP H 119 103.34 -56.31 74.04
C TRP H 119 104.10 -57.60 74.40
N ALA H 120 105.12 -57.87 73.60
CA ALA H 120 105.88 -59.12 73.68
C ALA H 120 106.85 -59.27 74.84
N ALA H 121 107.20 -58.37 75.60
CA ALA H 121 107.90 -58.91 76.76
C ALA H 121 107.40 -58.11 77.90
N PHE H 122 106.78 -57.02 77.46
CA PHE H 122 106.06 -56.15 78.39
C PHE H 122 104.75 -56.71 78.52
N PRO H 123 104.59 -57.52 79.23
CA PRO H 123 103.41 -58.38 79.12
C PRO H 123 102.08 -57.76 78.65
N PRO H 124 100.92 -58.39 79.07
CA PRO H 124 99.53 -58.05 78.65
C PRO H 124 99.07 -56.71 79.11
N ASP H 125 98.97 -56.61 80.42
CA ASP H 125 98.57 -55.39 81.09
C ASP H 125 99.41 -54.25 80.54
N VAL H 126 100.72 -54.44 80.63
CA VAL H 126 101.70 -53.45 80.17
C VAL H 126 101.47 -53.20 78.67
N ALA H 127 101.50 -54.27 77.91
CA ALA H 127 101.31 -54.24 76.46
C ALA H 127 99.96 -53.58 76.11
N GLY H 128 98.92 -54.11 76.75
CA GLY H 128 97.53 -53.67 76.57
C GLY H 128 97.35 -52.16 76.85
N ASN H 129 98.06 -51.71 77.88
CA ASN H 129 98.06 -50.29 78.30
C ASN H 129 97.14 -50.06 79.49
N VAL H 130 96.79 -51.15 80.13
CA VAL H 130 95.89 -51.15 81.28
C VAL H 130 96.66 -50.86 82.56
N ASP H 131 97.64 -51.74 82.89
CA ASP H 131 98.49 -51.40 84.03
C ASP H 131 99.40 -50.35 83.60
N TYR H 132 100.21 -50.06 84.48
CA TYR H 132 100.91 -48.93 84.33
C TYR H 132 101.87 -48.89 85.44
N LYS H 133 103.03 -48.48 85.16
CA LYS H 133 103.94 -48.34 86.25
C LYS H 133 104.99 -49.44 86.25
N ASN H 134 104.61 -50.64 85.92
CA ASN H 134 105.60 -51.73 85.90
C ASN H 134 106.52 -51.54 84.68
N ILE H 135 105.96 -50.91 83.67
CA ILE H 135 106.67 -50.63 82.42
C ILE H 135 107.67 -49.48 82.63
N CYS H 136 107.33 -48.56 83.53
CA CYS H 136 108.24 -47.47 83.88
C CYS H 136 109.42 -48.01 84.70
N TYR H 137 109.12 -49.04 85.48
CA TYR H 137 110.15 -49.70 86.27
C TYR H 137 111.14 -50.42 85.39
N VAL H 138 110.64 -51.20 84.44
CA VAL H 138 111.51 -52.00 83.57
C VAL H 138 112.18 -51.20 82.44
N ILE H 139 111.73 -49.97 82.21
CA ILE H 139 112.42 -49.09 81.26
C ILE H 139 113.59 -48.37 81.91
N THR H 140 113.55 -48.23 83.23
CA THR H 140 114.68 -47.60 83.93
C THR H 140 115.63 -48.67 84.48
N HIS H 141 115.06 -49.81 84.81
CA HIS H 141 115.84 -50.98 85.18
C HIS H 141 115.23 -52.22 84.52
N GLY H 142 115.96 -52.78 83.57
CA GLY H 142 115.47 -53.88 82.74
C GLY H 142 115.14 -55.17 83.50
N GLU H 143 114.86 -56.20 82.71
CA GLU H 143 114.49 -57.57 83.14
C GLU H 143 113.28 -57.62 84.07
N ASP H 144 112.70 -58.81 84.16
CA ASP H 144 111.56 -59.04 85.05
C ASP H 144 111.94 -58.75 86.50
N ALA H 145 111.06 -58.01 87.17
CA ALA H 145 111.27 -57.69 88.59
C ALA H 145 110.64 -58.76 89.48
N SER I 1 94.58 -11.44 49.57
CA SER I 1 94.89 -10.28 48.72
C SER I 1 96.36 -9.92 48.86
N LYS I 2 96.84 -10.44 50.00
CA LYS I 2 98.25 -10.19 50.36
C LYS I 2 98.35 -8.94 51.24
N ALA I 3 96.41 -7.18 51.29
CA ALA I 3 97.20 -7.86 52.33
C ALA I 3 97.50 -9.30 51.94
N ALA I 4 98.68 -9.51 51.37
CA ALA I 4 99.10 -10.85 50.97
C ALA I 4 99.65 -11.64 52.14
N ALA I 5 98.80 -12.43 52.76
CA ALA I 5 99.21 -13.24 53.90
C ALA I 5 99.90 -14.54 53.47
N ASP I 6 101.22 -14.45 53.41
CA ASP I 6 102.07 -15.58 52.99
C ASP I 6 102.25 -16.63 54.09
N ASP I 7 101.71 -16.34 55.27
CA ASP I 7 101.74 -17.30 56.38
C ASP I 7 100.69 -18.40 56.20
N PHE I 8 99.78 -18.24 55.25
CA PHE I 8 98.86 -19.34 54.94
C PHE I 8 99.57 -20.44 54.15
N LYS I 9 100.59 -20.03 53.41
CA LYS I 9 101.40 -20.96 52.63
C LYS I 9 102.44 -21.64 53.51
N GLU I 10 102.84 -20.94 54.57
CA GLU I 10 103.78 -21.50 55.53
C GLU I 10 103.08 -22.47 56.49
N ALA I 11 101.79 -22.26 56.69
CA ALA I 11 100.99 -23.19 57.47
C ALA I 11 100.59 -24.41 56.67
N PHE I 12 100.61 -24.30 55.35
CA PHE I 12 100.33 -25.46 54.49
C PHE I 12 101.53 -26.41 54.48
N LEU I 13 102.70 -25.86 54.75
CA LEU I 13 103.92 -26.68 54.87
C LEU I 13 104.02 -27.34 56.25
N LEU I 14 103.20 -26.89 57.19
CA LEU I 14 103.16 -27.52 58.51
C LEU I 14 102.09 -28.61 58.58
N PHE I 15 101.18 -28.61 57.62
CA PHE I 15 100.12 -29.63 57.62
C PHE I 15 100.35 -30.71 56.56
N ASP I 16 101.26 -30.45 55.63
CA ASP I 16 101.59 -31.48 54.64
C ASP I 16 102.72 -32.38 55.17
N ARG I 17 102.31 -33.61 55.46
CA ARG I 17 103.20 -34.62 56.07
C ARG I 17 104.22 -35.24 55.11
N THR I 18 104.05 -35.02 53.82
CA THR I 18 104.97 -35.58 52.83
C THR I 18 106.00 -34.56 52.35
N GLY I 19 105.77 -33.29 52.63
CA GLY I 19 106.65 -32.22 52.16
C GLY I 19 106.59 -31.91 50.64
N ASP I 20 105.64 -32.48 49.90
CA ASP I 20 105.56 -32.20 48.45
C ASP I 20 104.75 -30.95 48.06
N ALA I 21 104.24 -30.26 49.07
CA ALA I 21 103.46 -29.02 48.93
C ALA I 21 102.03 -29.26 48.43
N LYS I 22 101.49 -30.41 48.81
CA LYS I 22 100.09 -30.74 48.52
C LYS I 22 99.40 -31.17 49.81
N ILE I 23 98.15 -30.80 49.95
CA ILE I 23 97.37 -31.18 51.14
C ILE I 23 96.08 -31.88 50.73
N THR I 24 95.88 -33.08 51.24
CA THR I 24 94.71 -33.88 50.83
C THR I 24 93.40 -33.16 51.15
N ALA I 25 92.37 -33.54 50.42
CA ALA I 25 91.05 -32.89 50.56
C ALA I 25 90.39 -33.12 51.91
N SER I 26 90.81 -34.18 52.61
CA SER I 26 90.28 -34.45 53.94
C SER I 26 90.91 -33.56 55.02
N GLN I 27 91.99 -32.89 54.71
CA GLN I 27 92.64 -32.01 55.68
C GLN I 27 92.16 -30.57 55.51
N VAL I 28 91.52 -30.28 54.39
CA VAL I 28 91.17 -28.90 54.05
C VAL I 28 90.12 -28.29 54.98
N GLY I 29 89.26 -29.12 55.54
CA GLY I 29 88.27 -28.65 56.52
C GLY I 29 88.95 -28.13 57.79
N ASP I 30 89.87 -28.93 58.31
CA ASP I 30 90.53 -28.60 59.57
C ASP I 30 91.59 -27.51 59.39
N ILE I 31 92.12 -27.37 58.19
CA ILE I 31 93.12 -26.33 57.96
C ILE I 31 92.48 -24.98 57.65
N ALA I 32 91.23 -24.98 57.21
CA ALA I 32 90.50 -23.72 57.06
C ALA I 32 90.15 -23.18 58.43
N ARG I 33 89.90 -24.11 59.35
CA ARG I 33 89.64 -23.74 60.74
C ARG I 33 90.90 -23.25 61.45
N ALA I 34 92.04 -23.82 61.09
CA ALA I 34 93.32 -23.39 61.66
C ALA I 34 93.88 -22.11 61.05
N LEU I 35 93.28 -21.64 59.96
CA LEU I 35 93.65 -20.35 59.37
C LEU I 35 92.72 -19.22 59.82
N GLY I 36 91.72 -19.57 60.62
CA GLY I 36 90.83 -18.56 61.18
C GLY I 36 89.49 -18.49 60.44
N GLN I 37 89.02 -19.66 60.05
CA GLN I 37 87.73 -19.76 59.35
C GLN I 37 86.92 -20.93 59.88
N ASN I 38 85.66 -20.68 60.18
CA ASN I 38 84.80 -21.75 60.70
C ASN I 38 83.66 -22.15 59.75
N PRO I 39 83.95 -22.79 58.62
CA PRO I 39 82.87 -23.33 57.80
C PRO I 39 82.37 -24.64 58.39
N THR I 40 81.06 -24.81 58.39
CA THR I 40 80.47 -26.06 58.91
C THR I 40 80.90 -27.22 58.03
N ASN I 41 80.89 -28.42 58.58
CA ASN I 41 81.38 -29.58 57.82
C ASN I 41 80.48 -29.96 56.64
N ALA I 42 79.20 -29.61 56.70
CA ALA I 42 78.31 -29.85 55.56
C ALA I 42 78.58 -28.88 54.41
N GLU I 43 79.07 -27.73 54.79
CA GLU I 43 79.39 -26.65 53.85
C GLU I 43 80.69 -26.99 53.11
N ILE I 44 81.61 -27.58 53.86
CA ILE I 44 82.90 -28.00 53.32
C ILE I 44 82.67 -29.20 52.41
N ASN I 45 81.66 -29.98 52.77
CA ASN I 45 81.28 -31.17 52.02
C ASN I 45 80.56 -30.79 50.72
N LYS I 46 79.64 -29.85 50.81
CA LYS I 46 78.88 -29.41 49.64
C LYS I 46 79.74 -28.78 48.58
N ILE I 47 80.48 -27.79 49.01
CA ILE I 47 81.37 -27.08 48.12
C ILE I 47 82.21 -28.07 47.31
N LEU I 48 82.77 -29.03 48.03
CA LEU I 48 83.62 -30.07 47.42
C LEU I 48 82.88 -30.79 46.28
N GLY I 49 81.73 -31.34 46.65
CA GLY I 49 80.87 -32.09 45.72
C GLY I 49 80.32 -31.17 44.63
N ASN I 50 79.99 -29.97 45.05
CA ASN I 50 79.48 -28.93 44.15
C ASN I 50 80.44 -28.87 42.96
N PRO I 51 81.73 -28.77 43.23
CA PRO I 51 82.80 -28.83 42.22
C PRO I 51 83.17 -30.25 41.73
N SER I 52 82.24 -31.20 41.74
CA SER I 52 82.51 -32.60 41.27
C SER I 52 83.84 -33.15 41.81
N LYS I 53 84.08 -32.83 43.07
CA LYS I 53 85.27 -33.29 43.81
C LYS I 53 84.82 -34.33 44.84
N GLU I 54 85.38 -35.52 44.70
CA GLU I 54 85.05 -36.66 45.55
C GLU I 54 86.11 -36.84 46.65
N GLU I 55 85.63 -36.72 47.88
CA GLU I 55 86.47 -36.85 49.09
C GLU I 55 86.50 -38.32 49.53
N MET I 56 85.94 -39.17 48.68
CA MET I 56 85.84 -40.62 48.94
C MET I 56 87.04 -41.39 48.37
N ASN I 57 87.60 -40.84 47.31
CA ASN I 57 88.78 -41.42 46.65
C ASN I 57 90.00 -40.57 47.01
N ALA I 58 91.16 -41.15 46.79
CA ALA I 58 92.44 -40.48 47.07
C ALA I 58 92.40 -39.05 46.53
N ALA I 59 93.04 -38.16 47.25
CA ALA I 59 93.10 -36.75 46.89
C ALA I 59 94.47 -36.15 47.22
N ALA I 60 94.82 -35.16 46.45
CA ALA I 60 96.06 -34.45 46.61
C ALA I 60 95.76 -32.99 46.63
N ILE I 61 96.67 -32.17 46.89
CA ILE I 61 96.30 -30.84 46.60
C ILE I 61 97.58 -30.09 46.34
N THR I 62 97.13 -29.04 45.78
CA THR I 62 97.87 -27.95 45.37
C THR I 62 97.30 -26.72 46.00
N PHE I 63 98.26 -25.91 46.27
CA PHE I 63 98.11 -24.62 46.89
C PHE I 63 97.19 -23.72 46.04
N GLU I 64 97.19 -23.96 44.74
CA GLU I 64 96.40 -23.15 43.78
C GLU I 64 94.90 -23.46 43.83
N GLU I 65 94.51 -24.50 44.54
CA GLU I 65 93.09 -24.78 44.72
C GLU I 65 92.69 -24.50 46.16
N PHE I 66 93.66 -24.63 47.05
CA PHE I 66 93.38 -24.47 48.48
C PHE I 66 93.27 -22.99 48.83
N LEU I 67 94.07 -22.16 48.16
CA LEU I 67 93.96 -20.71 48.35
C LEU I 67 92.56 -20.18 47.94
N PRO I 68 92.05 -20.40 46.73
CA PRO I 68 90.69 -19.93 46.43
C PRO I 68 89.56 -20.62 47.22
N MET I 69 89.77 -21.81 47.77
CA MET I 69 88.71 -22.40 48.60
C MET I 69 88.69 -21.77 49.99
N LEU I 70 89.82 -21.28 50.45
CA LEU I 70 89.88 -20.54 51.72
C LEU I 70 89.32 -19.13 51.54
N GLN I 71 89.44 -18.60 50.33
CA GLN I 71 88.90 -17.28 50.03
C GLN I 71 87.40 -17.31 49.73
N ALA I 72 86.89 -18.49 49.39
CA ALA I 72 85.45 -18.65 49.22
C ALA I 72 84.77 -18.95 50.56
N ALA I 73 85.54 -19.46 51.50
CA ALA I 73 85.01 -19.72 52.85
C ALA I 73 85.10 -18.49 53.74
N ALA I 74 85.96 -17.55 53.36
CA ALA I 74 86.21 -16.35 54.16
C ALA I 74 85.10 -15.31 54.16
N ASN I 75 84.14 -15.45 53.26
CA ASN I 75 83.00 -14.52 53.21
C ASN I 75 81.92 -14.95 54.21
N ASN I 76 82.01 -16.20 54.63
CA ASN I 76 80.99 -16.80 55.48
C ASN I 76 81.30 -16.59 56.97
N LYS I 77 82.35 -15.84 57.26
CA LYS I 77 82.72 -15.53 58.65
C LYS I 77 81.80 -14.50 59.29
N ASP I 78 80.89 -13.92 58.50
CA ASP I 78 79.90 -12.97 59.02
C ASP I 78 78.74 -13.70 59.71
N GLN I 79 78.76 -15.03 59.67
CA GLN I 79 77.78 -15.87 60.37
C GLN I 79 78.18 -16.14 61.83
N GLY I 80 79.38 -15.73 62.23
CA GLY I 80 79.87 -16.02 63.60
C GLY I 80 79.50 -14.95 64.62
N THR I 81 78.22 -14.86 64.94
CA THR I 81 77.73 -13.89 65.94
C THR I 81 77.57 -14.53 67.32
N PHE I 82 78.25 -13.92 68.28
CA PHE I 82 78.27 -14.45 69.65
C PHE I 82 77.01 -14.15 70.46
N GLU I 83 76.11 -13.33 69.92
CA GLU I 83 74.85 -13.05 70.62
C GLU I 83 73.98 -14.29 70.55
N ASP I 84 74.02 -14.93 69.39
CA ASP I 84 73.17 -16.08 69.14
C ASP I 84 73.75 -17.35 69.76
N PHE I 85 75.04 -17.34 70.06
CA PHE I 85 75.65 -18.52 70.68
C PHE I 85 75.33 -18.55 72.18
N VAL I 86 75.35 -17.38 72.80
CA VAL I 86 75.04 -17.31 74.23
C VAL I 86 73.54 -17.36 74.48
N GLU I 87 72.75 -16.89 73.52
CA GLU I 87 71.30 -16.95 73.65
C GLU I 87 70.74 -18.34 73.35
N GLY I 88 71.48 -19.12 72.56
CA GLY I 88 71.13 -20.51 72.31
C GLY I 88 71.20 -21.31 73.61
N LEU I 89 72.31 -21.16 74.31
CA LEU I 89 72.50 -21.87 75.58
C LEU I 89 71.70 -21.25 76.73
N ARG I 90 71.27 -20.00 76.58
CA ARG I 90 70.42 -19.39 77.60
C ARG I 90 68.97 -19.88 77.49
N VAL I 91 68.59 -20.36 76.32
CA VAL I 91 67.27 -20.98 76.15
C VAL I 91 67.33 -22.48 76.46
N PHE I 92 68.52 -22.99 76.71
CA PHE I 92 68.71 -24.42 76.94
C PHE I 92 68.63 -24.79 78.43
N ASP I 93 68.68 -23.80 79.30
CA ASP I 93 68.51 -24.08 80.74
C ASP I 93 67.75 -22.99 81.48
N LYS I 94 66.89 -23.41 82.38
CA LYS I 94 66.04 -22.52 83.19
C LYS I 94 66.81 -21.58 84.12
N GLU I 95 66.08 -20.68 84.75
CA GLU I 95 66.62 -19.70 85.72
C GLU I 95 67.58 -18.68 85.12
N GLY I 96 67.79 -17.61 85.86
CA GLY I 96 68.61 -16.48 85.40
C GLY I 96 70.09 -16.60 85.79
N ASN I 97 70.73 -17.64 85.27
CA ASN I 97 72.17 -17.86 85.45
C ASN I 97 72.63 -18.85 84.41
N GLY I 98 73.75 -18.57 83.77
CA GLY I 98 74.17 -19.37 82.62
C GLY I 98 74.87 -20.69 82.95
N THR I 99 74.09 -21.71 83.30
CA THR I 99 74.67 -23.02 83.60
C THR I 99 73.91 -24.19 82.94
N VAL I 100 74.65 -24.91 82.10
CA VAL I 100 74.14 -26.17 81.53
C VAL I 100 74.55 -27.32 82.44
N MET I 101 73.65 -28.25 82.70
CA MET I 101 74.07 -29.47 83.39
C MET I 101 75.00 -30.23 82.46
N GLY I 102 76.11 -30.72 83.02
CA GLY I 102 77.19 -31.41 82.28
C GLY I 102 76.76 -32.31 81.12
N ALA I 103 76.00 -33.33 81.45
CA ALA I 103 75.58 -34.32 80.45
C ALA I 103 74.59 -33.80 79.39
N GLU I 104 73.98 -32.66 79.62
CA GLU I 104 73.06 -32.11 78.62
C GLU I 104 73.87 -31.56 77.45
N LEU I 105 74.97 -30.90 77.76
CA LEU I 105 75.77 -30.28 76.70
C LEU I 105 76.63 -31.35 76.03
N ARG I 106 77.01 -32.36 76.78
CA ARG I 106 77.85 -33.40 76.19
C ARG I 106 77.08 -34.29 75.22
N HIS I 107 75.84 -34.60 75.54
CA HIS I 107 75.05 -35.45 74.65
C HIS I 107 74.50 -34.67 73.46
N VAL I 108 74.26 -33.38 73.66
CA VAL I 108 73.79 -32.54 72.55
C VAL I 108 74.90 -32.24 71.55
N LEU I 109 76.13 -32.11 72.04
CA LEU I 109 77.25 -31.81 71.14
C LEU I 109 77.73 -33.05 70.39
N ALA I 110 77.44 -34.22 70.93
CA ALA I 110 77.83 -35.44 70.22
C ALA I 110 76.75 -35.96 69.26
N THR I 111 75.48 -35.77 69.59
CA THR I 111 74.42 -36.40 68.79
C THR I 111 73.51 -35.44 68.02
N LEU I 112 73.62 -34.14 68.21
CA LEU I 112 72.68 -33.25 67.52
C LEU I 112 73.31 -32.46 66.39
N GLY I 113 73.02 -32.90 65.19
CA GLY I 113 73.50 -32.23 63.97
C GLY I 113 74.82 -32.81 63.50
N GLU I 114 75.84 -31.97 63.49
CA GLU I 114 77.17 -32.45 63.10
C GLU I 114 77.82 -33.11 64.31
N LYS I 115 77.95 -34.43 64.21
CA LYS I 115 78.41 -35.27 65.32
C LYS I 115 79.83 -34.94 65.77
N MET I 116 79.97 -34.44 66.98
CA MET I 116 81.29 -34.27 67.56
C MET I 116 81.59 -35.47 68.44
N THR I 117 82.79 -36.01 68.32
CA THR I 117 83.14 -37.18 69.12
C THR I 117 83.10 -36.84 70.59
N GLU I 118 82.89 -37.83 71.43
CA GLU I 118 82.83 -37.58 72.87
C GLU I 118 84.22 -37.30 73.44
N GLU I 119 85.26 -37.67 72.71
CA GLU I 119 86.61 -37.29 73.08
C GLU I 119 86.81 -35.78 72.90
N GLU I 120 86.33 -35.23 71.79
CA GLU I 120 86.39 -33.78 71.58
C GLU I 120 85.46 -33.00 72.49
N VAL I 121 84.34 -33.60 72.86
CA VAL I 121 83.42 -32.95 73.79
C VAL I 121 84.01 -32.85 75.19
N GLU I 122 84.76 -33.87 75.59
CA GLU I 122 85.41 -33.84 76.91
C GLU I 122 86.59 -32.89 76.94
N GLU I 123 87.23 -32.70 75.80
CA GLU I 123 88.35 -31.76 75.69
C GLU I 123 87.88 -30.30 75.61
N LEU I 124 86.61 -30.09 75.30
CA LEU I 124 86.05 -28.74 75.28
C LEU I 124 85.35 -28.36 76.58
N MET I 125 85.16 -29.32 77.48
CA MET I 125 84.50 -29.00 78.77
C MET I 125 85.50 -29.03 79.92
N LYS I 126 86.66 -29.60 79.63
CA LYS I 126 87.74 -29.80 80.60
C LYS I 126 88.33 -28.49 81.11
N GLY I 127 87.92 -28.12 82.32
CA GLY I 127 88.41 -26.89 82.95
C GLY I 127 87.30 -25.88 83.19
N GLN I 128 86.29 -25.85 82.33
CA GLN I 128 85.21 -24.88 82.46
C GLN I 128 84.05 -25.46 83.26
N GLU I 129 83.97 -26.78 83.29
CA GLU I 129 82.98 -27.42 84.17
C GLU I 129 83.67 -28.01 85.41
N ASP I 130 83.26 -27.53 86.57
CA ASP I 130 83.79 -28.11 87.82
C ASP I 130 82.91 -29.27 88.30
N SER I 131 83.20 -29.75 89.50
CA SER I 131 82.55 -30.95 90.07
C SER I 131 81.10 -30.77 90.54
N ASN I 132 80.55 -29.57 90.39
CA ASN I 132 79.11 -29.34 90.63
C ASN I 132 78.23 -29.84 89.49
N GLY I 133 78.82 -30.14 88.35
CA GLY I 133 78.08 -30.64 87.19
C GLY I 133 77.37 -29.51 86.45
N CYS I 134 77.84 -28.29 86.64
CA CYS I 134 77.22 -27.12 86.01
C CYS I 134 78.25 -26.29 85.25
N ILE I 135 78.05 -26.26 83.96
CA ILE I 135 78.91 -25.53 83.04
C ILE I 135 78.45 -24.09 82.87
N ASN I 136 79.26 -23.14 83.32
CA ASN I 136 78.90 -21.75 83.10
C ASN I 136 79.26 -21.35 81.67
N TYR I 137 78.24 -21.21 80.84
CA TYR I 137 78.46 -20.93 79.41
C TYR I 137 78.75 -19.48 79.09
N GLU I 138 78.75 -18.61 80.09
CA GLU I 138 79.16 -17.23 79.84
C GLU I 138 80.68 -17.21 79.69
N ALA I 139 81.35 -17.93 80.58
CA ALA I 139 82.80 -18.06 80.48
C ALA I 139 83.20 -19.19 79.53
N PHE I 140 82.33 -20.16 79.35
CA PHE I 140 82.59 -21.26 78.41
C PHE I 140 82.60 -20.81 76.97
N VAL I 141 81.66 -19.96 76.58
CA VAL I 141 81.62 -19.48 75.19
C VAL I 141 82.66 -18.38 74.97
N LYS I 142 83.04 -17.73 76.05
CA LYS I 142 84.12 -16.75 76.00
C LYS I 142 85.46 -17.43 75.70
N HIS I 143 85.70 -18.56 76.34
CA HIS I 143 86.96 -19.29 76.14
C HIS I 143 86.96 -20.08 74.83
N ILE I 144 85.78 -20.41 74.33
CA ILE I 144 85.69 -21.10 73.03
C ILE I 144 85.93 -20.13 71.88
N MET I 145 85.62 -18.86 72.12
CA MET I 145 85.91 -17.82 71.14
C MET I 145 87.25 -17.12 71.40
N SER I 146 88.04 -17.68 72.30
CA SER I 146 89.39 -17.15 72.53
C SER I 146 90.41 -17.82 71.62
N VAL I 147 90.01 -18.94 71.02
CA VAL I 147 90.90 -19.62 70.06
C VAL I 147 90.49 -19.31 68.63
N ASP J 1 -66.20 72.70 -5.51
CA ASP J 1 -66.14 74.15 -5.52
C ASP J 1 -67.17 74.72 -4.59
N ALA J 2 -68.43 74.39 -4.92
CA ALA J 2 -69.54 74.82 -4.11
C ALA J 2 -69.32 74.28 -2.70
N GLU J 3 -69.06 72.97 -2.67
CA GLU J 3 -68.80 72.24 -1.44
C GLU J 3 -67.70 72.89 -0.63
N MET J 4 -66.51 72.88 -1.22
CA MET J 4 -65.36 73.46 -0.61
C MET J 4 -65.57 74.92 -0.27
N ALA J 5 -65.45 75.17 0.99
CA ALA J 5 -65.60 76.46 1.56
C ALA J 5 -64.96 76.35 2.90
N ALA J 6 -65.40 75.29 3.61
CA ALA J 6 -64.92 74.93 4.93
C ALA J 6 -63.40 75.09 4.96
N PHE J 7 -62.78 74.45 3.96
CA PHE J 7 -61.34 74.51 3.81
C PHE J 7 -60.98 75.83 3.20
N GLY J 8 -61.61 76.03 2.05
CA GLY J 8 -61.41 77.20 1.28
C GLY J 8 -59.92 77.37 1.03
N GLU J 9 -59.23 77.99 1.98
CA GLU J 9 -57.82 78.24 1.83
C GLU J 9 -56.99 77.00 1.65
N ALA J 10 -57.42 75.89 2.24
CA ALA J 10 -56.68 74.63 2.16
C ALA J 10 -56.97 73.87 0.88
N ALA J 11 -58.20 74.11 0.41
CA ALA J 11 -58.79 73.50 -0.77
C ALA J 11 -57.82 73.10 -1.86
N PRO J 12 -57.06 74.08 -2.30
CA PRO J 12 -56.12 73.83 -3.37
C PRO J 12 -55.15 72.69 -3.11
N TYR J 13 -54.93 72.36 -1.83
CA TYR J 13 -54.00 71.32 -1.41
C TYR J 13 -54.67 70.01 -1.09
N LEU J 14 -56.00 70.05 -1.11
CA LEU J 14 -56.89 68.93 -0.86
C LEU J 14 -57.55 68.42 -2.12
N ARG J 15 -58.12 69.39 -2.84
CA ARG J 15 -58.80 69.16 -4.10
C ARG J 15 -58.48 70.22 -5.11
N SER J 17 -59.65 72.69 -8.63
CA SER J 17 -60.83 73.36 -9.16
C SER J 17 -61.55 72.46 -10.13
N GLU J 18 -62.86 72.54 -10.07
CA GLU J 18 -63.74 71.74 -10.92
C GLU J 18 -63.53 71.82 -12.41
N LYS J 19 -62.50 72.49 -12.86
CA LYS J 19 -62.32 72.49 -14.29
C LYS J 19 -60.92 71.98 -14.53
N GLU J 20 -60.11 72.20 -13.46
CA GLU J 20 -58.75 71.72 -13.48
C GLU J 20 -58.86 70.23 -13.63
N ARG J 21 -59.92 69.79 -12.99
CA ARG J 21 -60.27 68.39 -12.99
C ARG J 21 -60.69 68.08 -14.41
N ILE J 22 -61.81 68.72 -14.74
CA ILE J 22 -62.46 68.61 -16.02
C ILE J 22 -61.54 68.75 -17.22
N GLU J 23 -60.61 69.67 -17.12
CA GLU J 23 -59.65 69.89 -18.15
C GLU J 23 -58.64 68.77 -18.23
N ALA J 24 -58.61 67.97 -17.17
CA ALA J 24 -57.68 66.89 -17.08
C ALA J 24 -58.23 65.52 -17.44
N GLN J 25 -59.47 65.28 -17.01
CA GLN J 25 -60.12 64.00 -17.28
C GLN J 25 -60.64 63.93 -18.71
N ASN J 26 -61.04 65.09 -19.22
CA ASN J 26 -61.62 65.21 -20.54
C ASN J 26 -60.58 65.76 -21.49
N PRO J 28 -57.68 64.22 -24.83
CA PRO J 28 -57.40 63.15 -25.77
C PRO J 28 -56.54 62.06 -25.17
N PHE J 29 -56.90 60.82 -25.48
CA PHE J 29 -56.16 59.65 -25.04
C PHE J 29 -56.09 58.49 -26.05
N ASP J 30 -54.88 57.97 -26.29
CA ASP J 30 -54.73 56.81 -27.18
C ASP J 30 -54.22 55.58 -26.43
N ALA J 31 -55.16 54.84 -25.90
CA ALA J 31 -54.83 53.65 -25.14
C ALA J 31 -53.80 52.69 -25.76
N SER J 33 -51.60 52.92 -27.63
CA SER J 33 -50.22 53.35 -27.85
C SER J 33 -49.56 53.88 -26.64
N SER J 34 -50.34 54.64 -25.83
CA SER J 34 -49.79 55.22 -24.58
C SER J 34 -49.44 54.15 -23.53
N VAL J 35 -48.25 54.26 -22.95
CA VAL J 35 -47.79 53.26 -22.01
C VAL J 35 -46.72 53.75 -21.04
N PHE J 36 -46.49 52.93 -20.00
CA PHE J 36 -45.44 53.15 -18.98
C PHE J 36 -44.36 52.16 -19.29
N VAL J 37 -43.11 52.46 -19.00
CA VAL J 37 -42.07 51.47 -19.32
C VAL J 37 -40.87 51.51 -18.39
N VAL J 38 -40.15 50.38 -18.40
CA VAL J 38 -38.97 50.17 -17.61
C VAL J 38 -37.94 51.15 -18.03
N HIS J 39 -36.96 51.41 -17.15
CA HIS J 39 -35.93 52.33 -17.55
C HIS J 39 -34.71 52.24 -16.68
N PRO J 40 -33.62 51.86 -17.31
CA PRO J 40 -32.36 51.68 -16.66
C PRO J 40 -31.93 52.77 -15.68
N LYS J 41 -32.03 54.05 -16.08
CA LYS J 41 -31.63 55.11 -15.18
C LYS J 41 -32.80 55.53 -14.28
N GLN J 42 -33.87 56.06 -14.90
CA GLN J 42 -35.03 56.40 -14.13
C GLN J 42 -35.88 55.14 -14.08
N SER J 43 -36.44 54.86 -12.93
CA SER J 43 -37.19 53.63 -12.70
C SER J 43 -38.18 53.18 -13.78
N PHE J 44 -39.13 54.03 -14.02
CA PHE J 44 -40.20 53.82 -14.99
C PHE J 44 -40.55 55.17 -15.55
N VAL J 45 -40.44 55.35 -16.83
CA VAL J 45 -40.84 56.62 -17.34
C VAL J 45 -41.92 56.33 -18.33
N GLY J 47 -44.10 56.70 -22.07
CA GLY J 47 -43.81 56.80 -23.48
C GLY J 47 -44.96 56.32 -24.33
N THR J 48 -44.69 56.43 -25.64
CA THR J 48 -45.62 56.03 -26.66
C THR J 48 -45.02 54.84 -27.40
N ILE J 49 -45.84 53.82 -27.61
CA ILE J 49 -45.39 52.68 -28.35
C ILE J 49 -45.24 53.03 -29.83
N GLN J 50 -44.07 52.70 -30.36
CA GLN J 50 -43.77 52.97 -31.74
C GLN J 50 -44.03 51.72 -32.56
N SER J 51 -43.24 50.71 -32.30
CA SER J 51 -43.40 49.49 -33.07
C SER J 51 -43.65 48.30 -32.20
N GLU J 53 -41.82 44.38 -31.89
CA GLU J 53 -40.88 43.34 -32.32
C GLU J 53 -41.32 41.88 -32.07
N GLY J 54 -42.64 41.68 -31.98
CA GLY J 54 -43.25 40.37 -31.79
C GLY J 54 -43.21 39.85 -30.35
N GLY J 55 -42.40 40.53 -29.50
CA GLY J 55 -42.23 40.19 -28.10
C GLY J 55 -41.14 41.05 -27.52
N VAL J 57 -40.45 45.56 -27.55
CA VAL J 57 -41.16 46.76 -27.78
C VAL J 57 -40.27 47.94 -27.89
N THR J 58 -40.55 48.79 -28.87
CA THR J 58 -39.79 50.01 -29.02
C THR J 58 -40.65 51.14 -28.63
N VAL J 59 -40.14 51.99 -27.73
CA VAL J 59 -40.95 53.10 -27.31
C VAL J 59 -40.26 54.44 -27.28
N THR J 61 -40.11 58.30 -25.71
CA THR J 61 -40.13 58.69 -24.33
C THR J 61 -40.74 60.05 -24.21
N GLU J 62 -40.83 60.43 -22.98
CA GLU J 62 -41.26 61.71 -22.58
C GLU J 62 -40.00 62.36 -22.05
N GLY J 63 -39.32 62.95 -22.99
CA GLY J 63 -38.04 63.62 -22.79
C GLY J 63 -37.31 63.40 -24.08
N GLY J 64 -37.76 62.29 -24.74
CA GLY J 64 -37.26 61.96 -26.06
C GLY J 64 -36.18 60.94 -25.90
N GLU J 65 -36.58 59.69 -26.08
CA GLU J 65 -35.66 58.57 -25.96
C GLU J 65 -36.36 57.40 -26.58
N THR J 66 -35.54 56.51 -27.13
CA THR J 66 -36.12 55.36 -27.74
C THR J 66 -35.44 54.13 -27.21
N LEU J 67 -36.25 53.18 -26.70
CA LEU J 67 -35.76 51.95 -26.11
C LEU J 67 -36.55 50.74 -26.58
N THR J 68 -35.86 49.63 -26.81
CA THR J 68 -36.59 48.43 -27.21
C THR J 68 -36.52 47.51 -26.05
N VAL J 69 -37.63 47.43 -25.37
CA VAL J 69 -37.70 46.64 -24.18
C VAL J 69 -38.74 45.52 -24.27
N LYS J 70 -38.52 44.43 -23.53
CA LYS J 70 -39.38 43.24 -23.48
C LYS J 70 -40.87 43.58 -23.52
N GLU J 71 -41.67 42.53 -23.64
CA GLU J 71 -43.10 42.75 -23.65
C GLU J 71 -43.58 43.10 -22.25
N ASP J 72 -42.95 42.47 -21.27
CA ASP J 72 -43.32 42.79 -19.90
C ASP J 72 -42.46 43.79 -19.17
N GLN J 73 -41.99 44.73 -19.93
CA GLN J 73 -41.18 45.79 -19.41
C GLN J 73 -42.01 47.02 -19.72
N VAL J 74 -43.14 46.65 -20.33
CA VAL J 74 -44.18 47.54 -20.83
C VAL J 74 -45.49 47.38 -20.05
N PHE J 75 -46.00 48.49 -19.59
CA PHE J 75 -47.21 48.58 -18.80
C PHE J 75 -48.15 49.68 -19.26
N SER J 76 -49.41 49.29 -19.37
CA SER J 76 -50.49 50.16 -19.79
C SER J 76 -50.52 51.44 -18.98
N MET J 77 -51.36 52.37 -19.43
CA MET J 77 -51.50 53.66 -18.80
C MET J 77 -52.98 54.04 -18.67
N ASN J 78 -53.36 54.40 -17.48
CA ASN J 78 -54.74 54.72 -17.23
C ASN J 78 -55.27 55.88 -18.01
N PRO J 79 -56.55 55.74 -18.43
CA PRO J 79 -57.21 56.79 -19.15
C PRO J 79 -57.14 57.97 -18.23
N PRO J 80 -57.24 59.11 -18.85
CA PRO J 80 -57.14 60.37 -18.18
C PRO J 80 -58.16 60.52 -17.07
N TYR J 82 -58.55 58.92 -14.72
CA TYR J 82 -57.84 58.65 -13.47
C TYR J 82 -56.60 59.49 -13.41
N ASP J 83 -56.76 60.78 -13.15
CA ASP J 83 -55.60 61.61 -13.16
C ASP J 83 -54.88 61.64 -11.85
N ILE J 85 -56.37 60.62 -8.80
CA ILE J 85 -57.30 59.80 -8.09
C ILE J 85 -57.01 59.78 -6.61
N GLU J 86 -58.05 60.06 -5.87
CA GLU J 86 -58.01 60.04 -4.46
C GLU J 86 -57.63 58.67 -3.91
N ASP J 87 -58.14 57.65 -4.64
CA ASP J 87 -57.93 56.25 -4.26
C ASP J 87 -57.41 55.49 -5.41
N MET J 88 -56.11 55.34 -5.47
CA MET J 88 -55.49 54.64 -6.55
C MET J 88 -56.05 53.31 -6.79
N ALA J 89 -56.64 52.75 -5.77
CA ALA J 89 -57.23 51.43 -5.88
C ALA J 89 -58.53 51.41 -6.65
N MET J 90 -58.81 52.54 -7.27
CA MET J 90 -60.02 52.61 -8.04
C MET J 90 -59.62 52.57 -9.50
N MET J 91 -58.35 52.77 -9.71
CA MET J 91 -57.77 52.68 -10.99
C MET J 91 -58.06 51.34 -11.58
N THR J 92 -58.10 51.27 -12.92
CA THR J 92 -58.39 50.01 -13.60
C THR J 92 -57.11 49.43 -14.03
N HIS J 93 -56.04 50.08 -13.59
CA HIS J 93 -54.71 49.64 -13.91
C HIS J 93 -53.79 49.65 -12.70
N LEU J 94 -53.78 48.47 -12.08
CA LEU J 94 -53.05 48.14 -10.89
C LEU J 94 -51.68 47.60 -11.25
N HIS J 95 -50.78 48.54 -11.40
CA HIS J 95 -49.42 48.31 -11.75
C HIS J 95 -48.56 48.83 -10.70
N GLU J 96 -47.29 48.72 -11.00
CA GLU J 96 -46.30 49.30 -10.15
C GLU J 96 -46.15 50.78 -10.53
N PRO J 97 -45.96 51.06 -11.83
CA PRO J 97 -45.79 52.39 -12.29
C PRO J 97 -46.95 53.36 -12.05
N ALA J 98 -48.12 52.91 -12.39
CA ALA J 98 -49.27 53.75 -12.18
C ALA J 98 -49.43 54.25 -10.78
N VAL J 99 -48.90 53.50 -9.85
CA VAL J 99 -49.02 53.93 -8.47
C VAL J 99 -48.02 54.97 -8.13
N LEU J 100 -46.85 54.74 -8.63
CA LEU J 100 -45.77 55.69 -8.40
C LEU J 100 -46.23 56.99 -9.00
N TYR J 101 -46.63 56.89 -10.25
CA TYR J 101 -47.03 58.03 -11.02
C TYR J 101 -48.17 58.83 -10.48
N ASN J 102 -49.14 58.21 -9.82
CA ASN J 102 -50.27 58.94 -9.27
C ASN J 102 -49.89 59.75 -8.10
N LEU J 103 -49.03 59.17 -7.31
CA LEU J 103 -48.61 59.82 -6.08
C LEU J 103 -47.92 61.07 -6.49
N GLU J 105 -47.81 62.73 -9.33
CA GLU J 105 -48.52 63.83 -9.95
C GLU J 105 -49.25 64.73 -8.99
N ARG J 106 -49.89 64.12 -7.98
CA ARG J 106 -50.66 64.92 -7.04
C ARG J 106 -49.87 65.58 -5.99
N TYR J 107 -48.57 65.42 -6.14
CA TYR J 107 -47.61 65.95 -5.19
C TYR J 107 -47.03 67.19 -5.81
N ALA J 108 -46.75 67.06 -7.09
CA ALA J 108 -46.24 68.17 -7.89
C ALA J 108 -47.31 69.26 -7.93
N ALA J 109 -48.50 68.89 -7.45
CA ALA J 109 -49.63 69.75 -7.38
C ALA J 109 -49.90 70.08 -5.94
N TRP J 110 -48.96 69.63 -5.15
CA TRP J 110 -49.04 69.87 -3.72
C TRP J 110 -50.18 69.18 -3.04
N MET J 111 -50.52 67.96 -3.46
CA MET J 111 -51.45 67.21 -2.66
C MET J 111 -50.69 66.05 -1.97
N ILE J 112 -50.57 66.16 -0.66
CA ILE J 112 -49.83 65.17 0.11
C ILE J 112 -50.64 63.96 0.53
N TYR J 113 -51.94 64.04 0.50
CA TYR J 113 -52.74 62.92 0.88
C TYR J 113 -53.49 62.29 -0.20
N THR J 114 -53.02 61.10 -0.52
CA THR J 114 -53.68 60.29 -1.49
C THR J 114 -53.94 58.88 -0.91
N TYR J 115 -55.13 58.28 -1.07
CA TYR J 115 -55.41 56.93 -0.52
C TYR J 115 -55.05 55.85 -1.50
N SER J 116 -54.66 54.66 -0.98
CA SER J 116 -54.28 53.50 -1.82
C SER J 116 -54.92 52.27 -1.29
N GLY J 117 -56.23 52.31 -1.18
CA GLY J 117 -56.96 51.23 -0.67
C GLY J 117 -57.44 51.65 0.65
N LEU J 118 -56.86 51.10 1.67
CA LEU J 118 -57.31 51.42 2.99
C LEU J 118 -56.35 52.43 3.57
N PHE J 119 -55.18 52.36 2.97
CA PHE J 119 -54.13 53.25 3.40
C PHE J 119 -54.41 54.68 3.17
N CYS J 120 -53.63 55.45 3.82
CA CYS J 120 -53.68 56.87 3.69
C CYS J 120 -52.27 57.30 3.49
N VAL J 121 -51.88 57.28 2.22
CA VAL J 121 -50.57 57.69 1.94
C VAL J 121 -50.35 59.14 2.30
N THR J 122 -49.15 59.47 2.77
CA THR J 122 -48.78 60.84 3.16
C THR J 122 -47.35 61.15 2.73
N VAL J 123 -47.21 62.21 2.00
CA VAL J 123 -45.89 62.60 1.52
C VAL J 123 -45.38 63.87 2.18
N ASN J 124 -44.10 63.84 2.64
CA ASN J 124 -43.48 64.98 3.29
C ASN J 124 -43.47 66.24 2.44
N PRO J 125 -44.19 67.29 2.85
CA PRO J 125 -44.24 68.49 2.03
C PRO J 125 -42.89 69.16 1.89
N TYR J 126 -42.22 69.28 3.00
CA TYR J 126 -40.91 69.92 3.09
C TYR J 126 -41.00 71.39 3.05
N TRP J 128 -44.45 74.48 4.34
CA TRP J 128 -45.66 74.69 5.14
C TRP J 128 -46.96 74.66 4.34
N LEU J 129 -48.01 74.16 5.00
CA LEU J 129 -49.31 74.05 4.35
C LEU J 129 -50.47 74.36 5.33
N PRO J 130 -51.50 74.99 4.77
CA PRO J 130 -52.69 75.35 5.51
C PRO J 130 -53.53 74.15 5.82
N VAL J 131 -52.96 72.96 5.75
CA VAL J 131 -53.75 71.75 5.95
C VAL J 131 -54.11 71.41 7.37
N TYR J 132 -53.26 71.82 8.29
CA TYR J 132 -53.46 71.44 9.64
C TYR J 132 -54.34 72.47 10.26
N ASN J 133 -54.81 73.29 9.33
CA ASN J 133 -55.71 74.42 9.53
C ASN J 133 -56.94 74.10 10.29
N PRO J 134 -57.04 74.92 11.28
CA PRO J 134 -58.06 74.95 12.26
C PRO J 134 -59.42 75.05 11.62
N VAL J 136 -60.02 73.22 8.80
CA VAL J 136 -60.12 71.90 8.25
C VAL J 136 -60.64 70.89 9.23
N VAL J 137 -60.05 70.98 10.42
CA VAL J 137 -60.36 70.18 11.55
C VAL J 137 -61.87 69.96 11.67
N LEU J 138 -62.63 71.06 11.54
CA LEU J 138 -64.09 71.02 11.61
C LEU J 138 -64.67 70.37 10.40
N ALA J 139 -64.13 70.79 9.28
CA ALA J 139 -64.57 70.33 8.00
C ALA J 139 -64.65 68.82 7.92
N TYR J 140 -63.60 68.19 8.45
CA TYR J 140 -63.48 66.77 8.41
C TYR J 140 -64.28 66.08 9.49
N ARG J 141 -64.94 66.92 10.25
CA ARG J 141 -65.75 66.50 11.37
C ARG J 141 -67.13 66.03 10.99
N GLY J 142 -67.36 64.71 11.14
CA GLY J 142 -68.62 64.02 10.86
C GLY J 142 -68.79 63.53 9.40
N LYS J 143 -67.68 63.49 8.67
CA LYS J 143 -67.62 63.12 7.26
C LYS J 143 -67.01 61.78 6.86
N LYS J 144 -67.80 60.93 6.17
CA LYS J 144 -67.19 59.70 5.66
C LYS J 144 -66.11 60.06 4.64
N ARG J 145 -65.14 59.17 4.40
CA ARG J 145 -64.07 59.54 3.50
C ARG J 145 -64.46 59.67 2.06
N GLN J 146 -65.76 59.57 1.82
CA GLN J 146 -66.24 59.68 0.46
C GLN J 146 -66.90 61.04 0.26
N GLU J 147 -67.17 61.67 1.39
CA GLU J 147 -67.75 63.00 1.47
C GLU J 147 -66.68 64.09 1.49
N ALA J 148 -65.41 63.70 1.58
CA ALA J 148 -64.30 64.58 1.61
C ALA J 148 -63.02 63.98 0.99
N PRO J 149 -62.13 64.88 0.55
CA PRO J 149 -60.89 64.50 -0.09
C PRO J 149 -59.89 63.82 0.85
N PRO J 150 -58.95 63.10 0.29
CA PRO J 150 -57.92 62.43 1.06
C PRO J 150 -57.16 63.31 2.02
N HIS J 151 -57.29 62.90 3.28
CA HIS J 151 -56.70 63.51 4.45
C HIS J 151 -56.79 62.65 5.74
N ILE J 152 -55.81 62.82 6.57
CA ILE J 152 -55.58 62.16 7.82
C ILE J 152 -56.65 62.40 8.84
N PHE J 153 -57.25 63.55 8.79
CA PHE J 153 -58.27 63.77 9.72
C PHE J 153 -59.42 62.88 9.24
N SER J 154 -59.36 62.47 7.99
CA SER J 154 -60.47 61.64 7.55
C SER J 154 -60.42 60.40 8.32
N ILE J 155 -59.21 59.85 8.34
CA ILE J 155 -58.99 58.58 8.99
C ILE J 155 -59.36 58.73 10.46
N SER J 156 -58.79 59.77 11.04
CA SER J 156 -58.92 60.08 12.42
C SER J 156 -60.31 60.41 12.86
N ASP J 157 -61.12 60.82 11.96
CA ASP J 157 -62.46 61.15 12.43
C ASP J 157 -63.31 59.94 12.33
N ASN J 158 -63.08 59.24 11.23
CA ASN J 158 -63.85 58.07 10.96
C ASN J 158 -63.69 57.09 12.06
N ALA J 159 -62.48 57.08 12.58
CA ALA J 159 -62.17 56.18 13.69
C ALA J 159 -63.13 56.41 14.81
N TYR J 160 -63.13 57.67 15.20
CA TYR J 160 -63.99 58.20 16.22
C TYR J 160 -65.44 57.83 15.99
N GLN J 161 -65.86 58.10 14.78
CA GLN J 161 -67.22 57.83 14.37
C GLN J 161 -67.49 56.40 14.71
N PHE J 162 -66.84 55.60 13.92
CA PHE J 162 -66.84 54.19 13.98
C PHE J 162 -66.76 53.71 15.39
N MET J 163 -66.01 54.46 16.17
CA MET J 163 -65.83 54.10 17.53
C MET J 163 -67.18 54.08 18.18
N LEU J 164 -67.87 55.21 18.13
CA LEU J 164 -69.19 55.26 18.73
C LEU J 164 -70.29 54.49 17.97
N THR J 165 -70.19 54.43 16.65
CA THR J 165 -71.18 53.73 15.87
C THR J 165 -71.23 52.23 16.09
N ASP J 166 -70.06 51.58 15.97
CA ASP J 166 -69.92 50.13 16.11
C ASP J 166 -69.64 49.62 17.55
N ARG J 167 -69.27 50.54 18.43
CA ARG J 167 -68.96 50.17 19.80
C ARG J 167 -67.76 49.23 19.88
N GLU J 168 -66.80 49.50 19.01
CA GLU J 168 -65.56 48.76 18.93
C GLU J 168 -64.39 49.68 19.13
N ASN J 169 -63.29 49.10 19.57
CA ASN J 169 -62.13 49.97 19.74
C ASN J 169 -61.46 50.08 18.41
N GLN J 170 -60.64 51.14 18.34
CA GLN J 170 -59.97 51.45 17.10
C GLN J 170 -58.48 51.51 17.19
N SER J 171 -57.83 51.65 16.03
CA SER J 171 -56.39 51.82 15.96
C SER J 171 -56.00 52.52 14.69
N ILE J 172 -54.84 53.12 14.75
CA ILE J 172 -54.26 53.84 13.68
C ILE J 172 -52.82 53.44 13.63
N LEU J 173 -52.39 52.89 12.53
CA LEU J 173 -51.06 52.50 12.46
C LEU J 173 -50.25 53.33 11.56
N ILE J 174 -49.39 54.18 12.16
CA ILE J 174 -48.55 55.05 11.38
C ILE J 174 -47.20 54.41 11.17
N THR J 175 -46.68 54.41 9.99
CA THR J 175 -45.43 53.79 9.71
C THR J 175 -44.73 54.36 8.50
N GLY J 176 -43.37 54.45 8.59
CA GLY J 176 -42.54 54.94 7.47
C GLY J 176 -41.06 54.99 7.86
N GLU J 177 -40.17 55.30 6.91
CA GLU J 177 -38.76 55.42 7.25
C GLU J 177 -38.44 56.68 8.05
N SER J 178 -37.25 56.67 8.60
CA SER J 178 -36.68 57.69 9.44
C SER J 178 -37.07 59.10 9.07
N GLY J 179 -37.09 59.38 7.79
CA GLY J 179 -37.40 60.77 7.41
C GLY J 179 -38.82 61.03 6.94
N ALA J 180 -39.65 60.00 6.95
CA ALA J 180 -41.00 60.14 6.49
C ALA J 180 -41.87 61.14 7.25
N GLY J 181 -41.50 61.41 8.52
CA GLY J 181 -42.24 62.38 9.33
C GLY J 181 -43.49 61.84 9.99
N LYS J 182 -43.34 60.76 10.78
CA LYS J 182 -44.49 60.19 11.43
C LYS J 182 -44.90 60.90 12.70
N THR J 183 -43.92 61.20 13.59
CA THR J 183 -44.16 61.88 14.87
C THR J 183 -45.12 63.01 14.69
N VAL J 184 -44.75 63.75 13.64
CA VAL J 184 -45.51 64.91 13.17
C VAL J 184 -46.96 64.56 12.96
N ASN J 185 -47.20 63.45 12.26
CA ASN J 185 -48.55 63.05 12.03
C ASN J 185 -49.19 62.62 13.30
N THR J 186 -48.46 61.76 13.98
CA THR J 186 -48.94 61.16 15.20
C THR J 186 -49.42 62.21 16.12
N ARG J 188 -50.09 65.21 15.38
CA ARG J 188 -51.23 65.89 14.73
C ARG J 188 -52.52 65.14 14.84
N VAL J 189 -52.43 63.83 14.88
CA VAL J 189 -53.62 63.04 15.03
C VAL J 189 -54.16 63.22 16.42
N ILE J 190 -53.21 63.16 17.32
CA ILE J 190 -53.51 63.28 18.73
C ILE J 190 -54.23 64.57 19.07
N GLN J 191 -53.69 65.69 18.59
CA GLN J 191 -54.35 66.98 18.82
C GLN J 191 -55.79 66.85 18.42
N TYR J 192 -55.94 66.26 17.24
CA TYR J 192 -57.25 66.05 16.67
C TYR J 192 -58.21 65.43 17.65
N PHE J 193 -57.79 64.34 18.27
CA PHE J 193 -58.65 63.72 19.25
C PHE J 193 -58.97 64.63 20.36
N ALA J 194 -57.94 65.21 20.89
CA ALA J 194 -58.11 66.09 22.05
C ALA J 194 -59.12 67.18 21.75
N THR J 195 -58.95 67.83 20.62
CA THR J 195 -59.84 68.92 20.23
C THR J 195 -61.30 68.48 20.09
N ILE J 196 -61.54 67.67 19.08
CA ILE J 196 -62.87 67.18 18.79
C ILE J 196 -63.59 66.38 19.87
N ALA J 197 -63.07 66.24 21.04
CA ALA J 197 -63.82 65.48 22.05
C ALA J 197 -63.27 65.69 23.44
N ALA J 198 -63.11 66.94 23.77
CA ALA J 198 -62.56 67.31 25.05
C ALA J 198 -63.62 67.91 25.89
N SER J 199 -63.31 68.95 26.48
CA SER J 199 -64.31 69.47 27.33
C SER J 199 -64.11 69.04 28.71
N GLY J 200 -63.19 69.65 29.34
CA GLY J 200 -62.96 69.41 30.75
C GLY J 200 -63.78 70.45 31.49
N GLU J 201 -64.43 71.27 30.68
CA GLU J 201 -65.35 72.32 31.15
C GLU J 201 -64.59 73.41 31.92
N LYS J 202 -64.04 73.01 33.03
CA LYS J 202 -63.28 73.92 33.92
C LYS J 202 -61.89 74.22 33.34
N LYS J 203 -61.28 73.22 32.76
CA LYS J 203 -59.92 73.34 32.23
C LYS J 203 -59.87 74.14 30.91
N LYS J 204 -61.03 74.36 30.31
CA LYS J 204 -61.12 75.00 28.98
C LYS J 204 -60.78 76.51 28.94
N GLU J 205 -60.86 77.18 30.08
CA GLU J 205 -60.69 78.67 30.14
C GLU J 205 -59.26 79.13 29.85
N GLU J 206 -59.20 80.38 29.37
CA GLU J 206 -57.95 81.07 29.02
C GLU J 206 -57.29 81.64 30.27
N GLN J 207 -56.86 80.71 31.10
CA GLN J 207 -56.17 80.94 32.37
C GLN J 207 -55.14 79.84 32.56
N SER J 208 -53.96 80.10 32.04
CA SER J 208 -52.84 79.16 32.07
C SER J 208 -53.25 77.89 31.31
N GLY J 209 -54.06 78.12 30.30
CA GLY J 209 -54.59 77.05 29.47
C GLY J 209 -53.45 76.21 28.90
N LYS J 210 -53.60 74.91 29.08
CA LYS J 210 -52.69 73.89 28.54
C LYS J 210 -51.44 73.67 29.42
N MET J 211 -51.34 74.43 30.50
CA MET J 211 -50.25 74.27 31.49
C MET J 211 -50.52 73.01 32.31
N GLN J 212 -49.53 72.60 33.09
CA GLN J 212 -49.69 71.42 33.96
C GLN J 212 -50.89 71.67 34.84
N GLY J 213 -51.71 70.66 35.00
CA GLY J 213 -52.93 70.82 35.77
C GLY J 213 -54.16 70.41 34.94
N THR J 214 -53.97 70.25 33.61
CA THR J 214 -55.00 69.55 32.72
C THR J 214 -54.27 68.61 31.74
N LEU J 215 -55.02 67.54 31.44
CA LEU J 215 -54.75 66.47 30.41
C LEU J 215 -55.75 66.79 29.35
N GLU J 216 -55.21 66.85 28.27
CA GLU J 216 -55.71 67.30 27.02
C GLU J 216 -54.47 68.04 26.71
N ASP J 217 -53.90 68.46 27.85
CA ASP J 217 -52.60 69.13 27.88
C ASP J 217 -51.53 68.11 28.26
N GLN J 218 -51.76 67.45 29.39
CA GLN J 218 -50.83 66.42 29.85
C GLN J 218 -50.56 65.51 28.71
N ILE J 219 -51.70 65.11 28.13
CA ILE J 219 -51.78 64.25 26.97
C ILE J 219 -50.78 64.76 25.98
N ILE J 220 -50.92 66.03 25.73
CA ILE J 220 -50.08 66.69 24.79
C ILE J 220 -48.67 66.88 25.31
N SER J 221 -48.58 67.55 26.44
CA SER J 221 -47.30 67.86 27.07
C SER J 221 -46.38 66.69 27.11
N ALA J 222 -46.98 65.52 27.03
CA ALA J 222 -46.24 64.29 27.08
C ALA J 222 -45.11 64.28 26.11
N ASN J 223 -45.50 64.50 24.87
CA ASN J 223 -44.58 64.45 23.75
C ASN J 223 -43.24 65.13 23.95
N PRO J 224 -43.31 66.43 24.12
CA PRO J 224 -42.14 67.27 24.30
C PRO J 224 -41.16 66.87 25.40
N LEU J 225 -41.53 65.91 26.22
CA LEU J 225 -40.61 65.43 27.25
C LEU J 225 -39.88 64.26 26.63
N LEU J 226 -40.68 63.29 26.22
CA LEU J 226 -40.21 62.11 25.56
C LEU J 226 -39.24 62.44 24.45
N GLU J 227 -39.59 63.48 23.71
CA GLU J 227 -38.83 63.99 22.55
C GLU J 227 -37.46 64.52 22.94
N ALA J 228 -37.39 65.11 24.12
CA ALA J 228 -36.10 65.59 24.58
C ALA J 228 -35.17 64.51 24.90
N PHE J 229 -35.76 63.38 25.31
CA PHE J 229 -35.04 62.17 25.71
C PHE J 229 -34.97 61.06 24.73
N GLY J 230 -36.01 60.88 23.95
CA GLY J 230 -35.99 59.85 22.92
C GLY J 230 -35.89 60.36 21.50
N ASN J 231 -35.56 61.63 21.27
CA ASN J 231 -35.43 62.20 19.93
C ASN J 231 -34.10 62.84 19.70
N ALA J 232 -33.69 62.88 18.46
CA ALA J 232 -32.43 63.44 18.11
C ALA J 232 -32.28 63.77 16.64
N THR J 234 -31.13 63.20 13.33
CA THR J 234 -30.70 62.11 12.46
C THR J 234 -30.23 62.80 11.20
N VAL J 235 -29.49 62.08 10.40
CA VAL J 235 -29.00 62.63 9.15
C VAL J 235 -30.15 62.85 8.16
N ARG J 236 -31.29 62.22 8.43
CA ARG J 236 -32.49 62.32 7.63
C ARG J 236 -33.47 63.37 8.15
N ASN J 237 -33.81 63.24 9.41
CA ASN J 237 -34.69 64.16 10.07
C ASN J 237 -33.87 65.00 11.06
N ASP J 238 -34.47 66.04 11.61
CA ASP J 238 -33.76 66.93 12.54
C ASP J 238 -34.26 66.67 13.92
N ASN J 239 -35.41 66.01 13.94
CA ASN J 239 -36.12 65.57 15.13
C ASN J 239 -36.63 64.16 14.92
N SER J 240 -35.71 63.18 14.72
CA SER J 240 -36.12 61.81 14.48
C SER J 240 -36.50 61.08 15.73
N SER J 241 -37.53 60.26 15.62
CA SER J 241 -38.03 59.45 16.74
C SER J 241 -37.09 58.25 16.93
N ARG J 242 -36.36 58.17 18.05
CA ARG J 242 -35.47 57.05 18.19
C ARG J 242 -36.02 55.95 18.98
N PHE J 243 -37.33 55.92 19.03
CA PHE J 243 -38.09 54.87 19.67
C PHE J 243 -39.49 54.78 19.13
N GLY J 244 -40.16 53.67 19.44
CA GLY J 244 -41.52 53.42 18.98
C GLY J 244 -42.53 53.72 20.04
N PHE J 246 -46.90 53.59 21.52
CA PHE J 246 -48.27 53.24 21.49
C PHE J 246 -49.07 53.87 22.56
N ILE J 247 -49.96 54.77 22.17
CA ILE J 247 -50.86 55.48 23.03
C ILE J 247 -52.27 55.01 23.00
N ARG J 248 -52.85 54.87 24.18
CA ARG J 248 -54.22 54.43 24.16
C ARG J 248 -55.08 55.55 24.62
N ILE J 249 -55.80 56.14 23.72
CA ILE J 249 -56.67 57.18 24.18
C ILE J 249 -57.96 56.59 24.53
N HIS J 250 -58.19 56.63 25.81
CA HIS J 250 -59.36 56.01 26.33
C HIS J 250 -60.51 56.96 26.36
N PHE J 251 -61.40 56.75 25.42
CA PHE J 251 -62.55 57.59 25.37
C PHE J 251 -63.57 57.12 26.36
N GLY J 252 -64.43 58.02 26.78
CA GLY J 252 -65.46 57.69 27.74
C GLY J 252 -66.67 57.03 27.10
N ALA J 253 -67.79 57.03 27.81
CA ALA J 253 -69.05 56.43 27.39
C ALA J 253 -69.83 57.37 26.49
N THR J 254 -69.84 58.60 26.95
CA THR J 254 -70.46 59.68 26.24
C THR J 254 -69.77 59.73 24.91
N GLY J 255 -68.47 59.89 24.97
CA GLY J 255 -67.64 59.98 23.80
C GLY J 255 -66.52 61.01 24.11
N LYS J 256 -66.50 61.50 25.34
CA LYS J 256 -65.53 62.48 25.75
C LYS J 256 -64.33 61.81 26.44
N LEU J 257 -63.16 62.42 26.19
CA LEU J 257 -61.86 61.97 26.72
C LEU J 257 -61.89 61.49 28.16
N ALA J 258 -61.14 60.41 28.45
CA ALA J 258 -61.10 59.84 29.82
C ALA J 258 -59.70 59.40 30.30
N SER J 259 -58.90 58.79 29.42
CA SER J 259 -57.56 58.37 29.78
C SER J 259 -56.67 58.16 28.59
N ALA J 260 -55.39 58.03 28.93
CA ALA J 260 -54.32 57.78 27.98
C ALA J 260 -53.36 56.74 28.51
N ASP J 261 -52.52 56.25 27.63
CA ASP J 261 -51.62 55.18 27.98
C ASP J 261 -50.40 55.04 27.09
N ILE J 262 -49.27 55.44 27.53
CA ILE J 262 -48.12 55.22 26.66
C ILE J 262 -47.32 54.01 26.92
N GLU J 263 -46.68 53.53 25.86
CA GLU J 263 -45.77 52.41 25.89
C GLU J 263 -44.67 52.59 24.89
N THR J 264 -43.47 52.34 25.35
CA THR J 264 -42.30 52.56 24.55
C THR J 264 -41.63 51.27 24.14
N TYR J 265 -41.09 51.26 22.95
CA TYR J 265 -40.44 50.10 22.38
C TYR J 265 -39.12 50.49 21.74
N LEU J 266 -38.17 49.67 21.93
CA LEU J 266 -36.90 49.79 21.29
C LEU J 266 -36.26 51.15 21.22
N LEU J 267 -35.66 51.57 22.29
CA LEU J 267 -35.02 52.80 22.35
C LEU J 267 -33.59 52.71 21.88
N GLU J 268 -33.11 53.71 21.14
CA GLU J 268 -31.78 53.74 20.62
C GLU J 268 -30.77 54.05 21.67
N SER J 270 -27.74 53.27 22.05
CA SER J 270 -26.45 53.66 21.53
C SER J 270 -26.19 55.16 21.41
N ARG J 271 -27.19 56.01 21.12
CA ARG J 271 -26.98 57.43 20.95
C ARG J 271 -26.33 57.98 22.18
N VAL J 272 -26.85 57.54 23.34
CA VAL J 272 -26.35 57.95 24.61
C VAL J 272 -24.84 57.91 24.71
N THR J 273 -24.20 57.06 23.94
CA THR J 273 -22.75 56.82 24.02
C THR J 273 -22.04 57.11 22.74
N PHE J 274 -22.82 57.11 21.69
CA PHE J 274 -22.30 57.29 20.39
C PHE J 274 -23.15 58.11 19.55
N GLN J 275 -22.58 58.42 18.41
CA GLN J 275 -23.18 59.26 17.42
C GLN J 275 -22.38 59.31 16.14
N LEU J 276 -23.12 59.18 15.06
CA LEU J 276 -22.51 59.29 13.79
C LEU J 276 -22.12 60.76 13.58
N PRO J 277 -21.27 60.95 12.63
CA PRO J 277 -20.68 62.23 12.26
C PRO J 277 -21.60 63.35 11.87
N ALA J 278 -22.72 63.01 11.26
CA ALA J 278 -23.64 64.07 10.89
C ALA J 278 -24.82 64.15 11.82
N GLU J 279 -24.76 63.31 12.85
CA GLU J 279 -25.85 63.22 13.78
C GLU J 279 -25.50 63.73 15.15
N ARG J 280 -26.44 63.55 16.00
CA ARG J 280 -26.25 63.94 17.34
C ARG J 280 -27.08 63.19 18.31
N SER J 281 -26.75 63.31 19.55
CA SER J 281 -27.46 62.59 20.55
C SER J 281 -28.74 63.25 20.86
N TYR J 282 -29.42 62.65 21.86
CA TYR J 282 -30.67 63.11 22.31
C TYR J 282 -30.65 64.60 22.53
N HIS J 283 -31.77 65.25 22.48
CA HIS J 283 -31.74 66.69 22.59
C HIS J 283 -31.34 67.21 23.93
N ILE J 284 -31.97 66.60 24.93
CA ILE J 284 -31.82 66.99 26.29
C ILE J 284 -30.48 67.55 26.66
N PHE J 285 -29.50 66.86 26.22
CA PHE J 285 -28.10 67.20 26.53
C PHE J 285 -27.82 68.52 26.02
N TYR J 286 -28.15 68.72 24.77
CA TYR J 286 -27.86 70.01 24.15
C TYR J 286 -28.80 71.03 24.68
N GLN J 287 -29.96 70.59 25.10
CA GLN J 287 -30.91 71.52 25.64
C GLN J 287 -30.25 72.17 26.85
N ILE J 288 -29.98 71.34 27.84
CA ILE J 288 -29.36 71.66 29.10
C ILE J 288 -28.09 72.52 29.05
N MET J 289 -27.19 72.21 28.17
CA MET J 289 -25.96 72.94 28.03
C MET J 289 -26.16 74.26 27.27
N SER J 290 -27.41 74.48 26.85
CA SER J 290 -27.75 75.68 26.11
C SER J 290 -27.57 76.90 26.96
N ASN J 291 -27.84 76.75 28.24
CA ASN J 291 -27.70 77.80 29.26
C ASN J 291 -28.91 78.67 29.46
N PRO J 294 -29.12 78.71 33.84
CA PRO J 294 -27.73 78.56 34.29
C PRO J 294 -27.48 77.73 35.55
N GLU J 295 -28.42 77.73 36.53
CA GLU J 295 -28.28 76.95 37.74
C GLU J 295 -27.96 75.53 37.46
N LEU J 296 -28.69 75.05 36.49
CA LEU J 296 -28.59 73.67 35.98
C LEU J 296 -27.15 73.27 35.71
N ILE J 297 -26.43 74.16 35.02
CA ILE J 297 -25.05 73.92 34.67
C ILE J 297 -24.12 73.69 35.89
N ASP J 298 -24.38 74.47 36.94
CA ASP J 298 -23.62 74.44 38.15
C ASP J 298 -24.17 73.34 39.03
N MET J 299 -25.43 73.13 38.88
CA MET J 299 -26.10 72.11 39.64
C MET J 299 -25.59 70.72 39.25
N LEU J 300 -25.42 70.54 37.94
CA LEU J 300 -24.99 69.29 37.37
C LEU J 300 -23.49 69.18 37.35
N LEU J 301 -22.84 70.31 37.48
CA LEU J 301 -21.42 70.35 37.51
C LEU J 301 -20.81 70.13 36.18
N ILE J 302 -21.36 70.83 35.19
CA ILE J 302 -20.82 70.69 33.86
C ILE J 302 -20.51 72.04 33.30
N THR J 303 -20.06 71.97 32.09
CA THR J 303 -19.83 73.17 31.37
C THR J 303 -20.90 73.35 30.33
N THR J 304 -20.72 74.34 29.47
CA THR J 304 -21.68 74.69 28.41
C THR J 304 -21.16 74.24 27.02
N ASN J 305 -19.89 73.82 26.96
CA ASN J 305 -19.16 73.32 25.83
C ASN J 305 -19.17 71.83 25.83
N PRO J 306 -19.87 71.25 24.86
CA PRO J 306 -20.11 69.83 24.73
C PRO J 306 -18.92 69.03 24.40
N TYR J 307 -17.95 69.73 23.95
CA TYR J 307 -16.75 68.98 23.65
C TYR J 307 -16.04 68.52 24.89
N ASP J 308 -16.70 68.66 26.05
CA ASP J 308 -16.18 68.26 27.36
C ASP J 308 -16.81 66.93 27.75
N TYR J 309 -17.73 66.49 26.90
CA TYR J 309 -18.45 65.32 27.10
C TYR J 309 -18.51 64.52 25.86
N HIS J 310 -17.43 63.77 25.72
CA HIS J 310 -17.21 62.82 24.65
C HIS J 310 -18.46 62.04 24.15
N TYR J 311 -19.21 61.49 25.07
CA TYR J 311 -20.38 60.74 24.84
C TYR J 311 -21.34 61.49 23.95
N VAL J 312 -21.42 62.80 24.11
CA VAL J 312 -22.36 63.65 23.37
C VAL J 312 -21.84 64.63 22.33
N SER J 313 -20.60 64.56 21.95
CA SER J 313 -20.16 65.43 20.91
C SER J 313 -19.32 64.69 19.93
N GLU J 314 -19.71 63.49 19.62
CA GLU J 314 -18.94 62.71 18.69
C GLU J 314 -19.38 63.08 17.31
N GLY J 315 -20.60 63.57 17.26
CA GLY J 315 -21.14 63.94 15.97
C GLY J 315 -21.23 65.41 15.92
N GLU J 316 -22.46 65.93 15.92
CA GLU J 316 -22.69 67.34 15.83
C GLU J 316 -23.28 67.81 17.14
N ILE J 317 -23.18 69.11 17.38
CA ILE J 317 -23.66 69.74 18.59
C ILE J 317 -24.81 70.70 18.38
N THR J 318 -24.73 71.40 17.25
CA THR J 318 -25.78 72.36 16.97
C THR J 318 -26.49 72.13 15.65
N VAL J 319 -27.79 72.41 15.71
CA VAL J 319 -28.71 72.31 14.57
C VAL J 319 -29.47 73.61 14.46
N PRO J 320 -29.32 74.26 13.30
CA PRO J 320 -29.90 75.56 13.00
C PRO J 320 -31.40 75.66 13.15
N SER J 321 -32.11 74.60 12.71
CA SER J 321 -33.54 74.57 12.80
C SER J 321 -34.11 74.36 14.19
N ILE J 322 -33.22 74.12 15.19
CA ILE J 322 -33.61 73.88 16.58
C ILE J 322 -33.06 74.92 17.53
N ASP J 323 -33.93 75.35 18.46
CA ASP J 323 -33.58 76.36 19.47
C ASP J 323 -33.56 75.71 20.83
N ASP J 324 -32.42 75.11 21.14
CA ASP J 324 -32.21 74.35 22.35
C ASP J 324 -32.69 75.10 23.61
N GLN J 325 -32.57 76.40 23.55
CA GLN J 325 -32.95 77.25 24.66
C GLN J 325 -34.42 77.25 24.93
N GLU J 326 -35.20 77.27 23.87
CA GLU J 326 -36.69 77.31 23.94
C GLU J 326 -37.25 75.98 24.41
N GLU J 327 -36.66 74.96 23.86
CA GLU J 327 -37.04 73.63 24.18
C GLU J 327 -36.84 73.28 25.60
N LEU J 328 -35.68 73.69 26.12
CA LEU J 328 -35.32 73.44 27.50
C LEU J 328 -36.46 73.78 28.43
N MET J 329 -37.07 74.88 28.12
CA MET J 329 -38.23 75.28 28.91
C MET J 329 -39.41 74.47 28.62
N ALA J 330 -39.59 74.23 27.32
CA ALA J 330 -40.73 73.42 26.91
C ALA J 330 -40.75 72.13 27.70
N THR J 331 -39.58 71.58 27.67
CA THR J 331 -39.30 70.38 28.35
C THR J 331 -39.59 70.54 29.79
N ASP J 332 -38.92 71.52 30.33
CA ASP J 332 -39.02 71.85 31.76
C ASP J 332 -40.46 71.92 32.22
N SER J 333 -41.16 72.84 31.60
CA SER J 333 -42.57 73.08 31.85
C SER J 333 -43.43 71.84 31.70
N ALA J 334 -43.12 71.01 30.71
CA ALA J 334 -43.84 69.82 30.50
C ALA J 334 -43.75 68.89 31.72
N ILE J 335 -42.53 68.85 32.27
CA ILE J 335 -42.31 67.96 33.41
C ILE J 335 -43.28 68.23 34.52
N ASP J 336 -43.32 69.50 34.83
CA ASP J 336 -44.20 70.05 35.82
C ASP J 336 -45.63 69.66 35.56
N ILE J 337 -46.11 69.99 34.38
CA ILE J 337 -47.50 69.69 34.03
C ILE J 337 -47.77 68.28 34.15
N LEU J 338 -46.72 67.56 33.82
CA LEU J 338 -46.83 66.15 33.94
C LEU J 338 -46.94 65.66 35.39
N GLY J 339 -46.83 66.60 36.33
CA GLY J 339 -47.02 66.25 37.74
C GLY J 339 -45.83 65.69 38.50
N PHE J 340 -44.66 65.76 37.87
CA PHE J 340 -43.50 65.23 38.53
C PHE J 340 -43.12 66.06 39.74
N SER J 341 -42.60 65.39 40.74
CA SER J 341 -42.09 66.06 41.93
C SER J 341 -40.80 66.80 41.62
N ALA J 342 -40.55 67.92 42.30
CA ALA J 342 -39.38 68.72 41.94
C ALA J 342 -38.12 67.91 42.06
N ASP J 343 -38.12 67.18 43.14
CA ASP J 343 -37.10 66.23 43.46
C ASP J 343 -36.88 65.31 42.23
N GLU J 344 -37.96 64.67 41.76
CA GLU J 344 -37.86 63.79 40.63
C GLU J 344 -37.39 64.61 39.49
N THR J 346 -35.69 66.83 39.69
CA THR J 346 -34.31 67.13 40.02
C THR J 346 -33.48 65.86 39.72
N ALA J 347 -34.02 64.68 40.02
CA ALA J 347 -33.35 63.47 39.75
C ALA J 347 -33.02 63.37 38.29
N ILE J 348 -34.03 63.63 37.53
CA ILE J 348 -33.98 63.59 36.08
C ILE J 348 -32.83 64.39 35.61
N TYR J 349 -32.80 65.61 36.07
CA TYR J 349 -31.73 66.42 35.59
C TYR J 349 -30.46 65.84 36.10
N LEU J 351 -29.52 63.17 37.14
CA LEU J 351 -29.23 61.86 36.59
C LEU J 351 -28.73 61.92 35.14
N THR J 352 -29.24 62.88 34.40
CA THR J 352 -28.88 63.05 33.02
C THR J 352 -27.50 63.62 32.85
N GLY J 353 -26.96 64.18 33.91
CA GLY J 353 -25.63 64.77 33.86
C GLY J 353 -24.61 63.79 34.30
N ALA J 354 -25.01 62.93 35.25
CA ALA J 354 -24.11 61.89 35.73
C ALA J 354 -23.55 61.11 34.53
N VAL J 355 -24.49 60.75 33.71
CA VAL J 355 -24.27 60.02 32.48
C VAL J 355 -23.26 60.70 31.60
N MET J 356 -23.31 61.97 31.50
CA MET J 356 -22.33 62.73 30.70
C MET J 356 -20.99 62.54 31.26
N HIS J 357 -20.95 62.68 32.58
CA HIS J 357 -19.74 62.53 33.40
C HIS J 357 -19.10 61.17 33.28
N TYR J 358 -19.92 60.17 33.23
CA TYR J 358 -19.40 58.84 33.12
C TYR J 358 -18.47 58.69 31.94
N GLY J 359 -18.91 59.19 30.85
CA GLY J 359 -18.15 59.14 29.63
C GLY J 359 -16.86 59.87 29.76
N ASN J 360 -16.72 60.58 30.89
CA ASN J 360 -15.47 61.32 31.18
C ASN J 360 -14.60 60.56 32.16
N LEU J 361 -15.20 59.55 32.74
CA LEU J 361 -14.50 58.71 33.67
C LEU J 361 -13.37 58.05 32.92
N LYS J 362 -12.17 58.22 33.47
CA LYS J 362 -10.94 57.70 32.91
C LYS J 362 -10.22 56.76 33.84
N PHE J 363 -9.51 55.85 33.21
CA PHE J 363 -8.76 54.84 33.93
C PHE J 363 -7.41 54.59 33.33
N GLN J 365 -3.90 51.57 33.66
CA GLN J 365 -3.32 50.27 34.00
C GLN J 365 -2.45 50.35 35.22
N GLN J 367 0.51 49.36 37.43
CA GLN J 367 1.86 48.96 37.03
C GLN J 367 2.17 47.48 37.23
N ARG J 368 2.75 46.88 36.18
CA ARG J 368 3.14 45.48 36.21
C ARG J 368 1.96 44.55 36.31
N GLU J 369 0.82 45.16 36.26
CA GLU J 369 -0.42 44.43 36.33
C GLU J 369 -1.21 44.88 35.12
N GLU J 370 -2.16 44.06 34.76
CA GLU J 370 -3.02 44.32 33.65
C GLU J 370 -4.36 44.82 34.18
N GLN J 371 -4.33 45.28 35.42
CA GLN J 371 -5.53 45.74 36.02
C GLN J 371 -5.75 47.18 35.78
N ALA J 372 -7.02 47.51 35.91
CA ALA J 372 -7.48 48.85 35.79
C ALA J 372 -7.51 49.47 37.14
N GLU J 373 -6.99 50.66 37.17
CA GLU J 373 -6.94 51.46 38.34
C GLU J 373 -7.41 52.87 37.92
N PRO J 374 -8.21 53.50 38.76
CA PRO J 374 -8.74 54.81 38.51
C PRO J 374 -7.67 55.83 38.17
N ASP J 375 -7.93 56.64 37.16
CA ASP J 375 -6.99 57.65 36.75
C ASP J 375 -7.36 58.99 37.38
N GLY J 376 -7.97 58.99 38.55
CA GLY J 376 -8.34 60.25 39.19
C GLY J 376 -9.72 60.19 39.80
N THR J 377 -9.91 61.02 40.83
CA THR J 377 -11.20 61.14 41.50
C THR J 377 -11.65 62.58 41.44
N GLU J 378 -11.82 63.02 40.24
CA GLU J 378 -12.23 64.35 39.90
C GLU J 378 -13.68 64.27 39.46
N VAL J 379 -13.87 63.37 38.49
CA VAL J 379 -15.10 63.14 37.86
C VAL J 379 -15.94 62.16 38.59
N ALA J 380 -15.29 61.22 39.15
CA ALA J 380 -16.03 60.20 39.84
C ALA J 380 -16.79 60.84 40.92
N ASP J 381 -16.15 61.82 41.47
CA ASP J 381 -16.64 62.58 42.61
C ASP J 381 -17.97 63.18 42.30
N ALA J 383 -19.87 62.38 39.57
CA ALA J 383 -20.82 61.38 39.20
C ALA J 383 -21.37 60.80 40.46
N ALA J 384 -20.52 60.54 41.39
CA ALA J 384 -20.91 59.95 42.65
C ALA J 384 -21.91 60.78 43.42
N TYR J 385 -21.66 62.04 43.50
CA TYR J 385 -22.48 62.96 44.24
C TYR J 385 -23.85 63.17 43.60
N LEU J 386 -23.81 63.32 42.30
CA LEU J 386 -24.96 63.55 41.50
C LEU J 386 -25.91 62.42 41.54
N MET J 387 -25.38 61.20 41.79
CA MET J 387 -26.21 60.01 41.86
C MET J 387 -26.53 59.61 43.31
N GLY J 388 -25.92 60.29 44.28
CA GLY J 388 -26.15 59.96 45.68
C GLY J 388 -25.37 58.71 46.05
N LEU J 389 -24.13 58.66 45.56
CA LEU J 389 -23.19 57.59 45.72
C LEU J 389 -21.91 58.04 46.47
N ASN J 390 -21.01 57.10 46.68
CA ASN J 390 -19.76 57.31 47.28
C ASN J 390 -18.66 57.01 46.27
N SER J 391 -17.86 58.02 45.99
CA SER J 391 -16.78 57.98 45.01
C SER J 391 -16.00 56.70 45.01
N ALA J 392 -15.57 56.32 46.19
CA ALA J 392 -14.71 55.16 46.37
C ALA J 392 -15.35 53.89 46.01
N GLU J 393 -16.39 53.61 46.79
CA GLU J 393 -17.15 52.43 46.73
C GLU J 393 -17.45 52.17 45.32
N LEU J 394 -17.73 53.28 44.64
CA LEU J 394 -18.07 53.27 43.22
C LEU J 394 -16.89 52.81 42.35
N LEU J 395 -15.74 53.44 42.53
CA LEU J 395 -14.59 53.11 41.73
C LEU J 395 -14.05 51.73 41.95
N LYS J 396 -14.37 51.17 43.11
CA LYS J 396 -13.94 49.83 43.46
C LYS J 396 -14.72 48.83 42.64
N ALA J 397 -16.01 48.86 42.94
CA ALA J 397 -17.03 48.05 42.28
C ALA J 397 -16.76 48.00 40.80
N LEU J 398 -16.45 49.17 40.27
CA LEU J 398 -16.15 49.31 38.86
C LEU J 398 -14.90 48.56 38.45
N CYS J 399 -13.83 48.73 39.25
CA CYS J 399 -12.50 48.15 39.01
C CYS J 399 -12.37 46.71 39.47
N TYR J 400 -12.92 46.40 40.63
CA TYR J 400 -12.87 45.11 41.24
C TYR J 400 -14.24 44.56 41.47
N PRO J 401 -14.91 44.37 40.37
CA PRO J 401 -16.25 43.80 40.34
C PRO J 401 -16.31 42.59 41.19
N ARG J 402 -17.12 42.62 42.24
CA ARG J 402 -17.28 41.44 43.12
C ARG J 402 -18.50 40.64 42.75
N VAL J 403 -18.19 39.57 42.05
CA VAL J 403 -19.07 38.57 41.46
C VAL J 403 -19.48 37.49 42.48
N GLY J 404 -20.29 36.52 42.00
CA GLY J 404 -20.80 35.40 42.81
C GLY J 404 -20.93 34.04 42.06
N VAL J 405 -19.78 33.48 41.62
CA VAL J 405 -19.62 32.19 40.90
C VAL J 405 -19.51 30.99 41.86
N GLY J 406 -20.51 30.13 41.79
CA GLY J 406 -20.59 28.97 42.65
C GLY J 406 -21.74 29.29 43.60
N ASN J 407 -21.47 29.30 44.90
CA ASN J 407 -22.49 29.63 45.88
C ASN J 407 -22.11 30.82 46.74
N GLU J 408 -21.01 31.44 46.33
CA GLU J 408 -20.45 32.58 47.02
C GLU J 408 -20.35 33.79 46.11
N ALA J 409 -19.47 34.70 46.54
CA ALA J 409 -19.20 35.93 45.86
C ALA J 409 -17.69 36.17 45.71
N VAL J 410 -17.23 35.87 44.50
CA VAL J 410 -15.84 35.94 44.06
C VAL J 410 -15.42 37.27 43.45
N THR J 411 -14.50 37.93 44.11
CA THR J 411 -14.03 39.21 43.58
C THR J 411 -13.14 39.09 42.36
N GLY J 413 -11.26 40.90 38.90
CA GLY J 413 -10.54 42.05 38.42
C GLY J 413 -10.76 42.29 36.91
N GLU J 414 -10.86 43.57 36.57
CA GLU J 414 -11.07 43.94 35.20
C GLU J 414 -9.96 44.72 34.57
N THR J 415 -9.98 44.75 33.25
CA THR J 415 -9.01 45.45 32.45
C THR J 415 -9.50 46.85 32.15
N VAL J 416 -8.60 47.66 31.63
CA VAL J 416 -8.92 49.01 31.31
C VAL J 416 -10.08 48.96 30.29
N SER J 417 -9.87 48.22 29.24
CA SER J 417 -10.89 48.05 28.19
C SER J 417 -12.18 47.54 28.73
N GLU J 418 -12.13 46.77 29.79
CA GLU J 418 -13.32 46.21 30.36
C GLU J 418 -14.14 47.22 31.14
N VAL J 419 -13.44 48.16 31.73
CA VAL J 419 -14.10 49.16 32.55
C VAL J 419 -14.81 50.13 31.69
N HIS J 420 -14.04 50.72 30.79
CA HIS J 420 -14.58 51.72 29.87
C HIS J 420 -15.85 51.21 29.26
N ASN J 421 -15.86 49.93 28.94
CA ASN J 421 -17.01 49.31 28.35
C ASN J 421 -18.10 49.13 29.40
N SER J 422 -17.75 48.75 30.63
CA SER J 422 -18.84 48.58 31.59
C SER J 422 -19.54 49.86 31.97
N VAL J 423 -18.76 50.88 32.07
CA VAL J 423 -19.23 52.18 32.39
C VAL J 423 -20.30 52.55 31.38
N GLY J 424 -19.90 52.48 30.14
CA GLY J 424 -20.77 52.74 29.05
C GLY J 424 -22.03 51.91 29.16
N ALA J 425 -21.89 50.71 29.66
CA ALA J 425 -23.07 49.90 29.81
C ALA J 425 -24.02 50.41 30.84
N LEU J 426 -23.45 50.95 31.91
CA LEU J 426 -24.38 51.50 32.92
C LEU J 426 -25.03 52.80 32.43
N ALA J 427 -24.20 53.69 31.85
CA ALA J 427 -24.62 54.94 31.31
C ALA J 427 -25.86 54.70 30.51
N ALA J 429 -27.66 51.86 30.42
CA ALA J 429 -28.66 51.20 31.24
C ALA J 429 -29.50 52.19 32.01
N VAL J 430 -28.82 53.05 32.74
CA VAL J 430 -29.46 54.09 33.53
C VAL J 430 -30.37 55.01 32.79
N TYR J 431 -29.86 55.52 31.67
CA TYR J 431 -30.64 56.40 30.82
C TYR J 431 -31.95 55.78 30.42
N GLU J 432 -31.81 54.56 29.84
CA GLU J 432 -32.94 53.79 29.43
C GLU J 432 -34.01 53.72 30.46
N MET J 434 -34.56 55.06 33.17
CA MET J 434 -35.08 56.37 33.51
C MET J 434 -36.16 56.74 32.57
N PHE J 435 -35.80 56.62 31.32
CA PHE J 435 -36.74 56.94 30.26
C PHE J 435 -37.97 56.14 30.41
N LEU J 436 -37.78 54.87 30.80
CA LEU J 436 -38.93 54.00 30.99
C LEU J 436 -39.78 54.52 32.12
N TRP J 437 -39.11 54.86 33.20
CA TRP J 437 -39.76 55.36 34.37
C TRP J 437 -40.61 56.58 34.08
N MET J 438 -39.98 57.55 33.40
CA MET J 438 -40.66 58.78 33.05
C MET J 438 -41.96 58.47 32.40
N VAL J 439 -41.88 57.52 31.48
CA VAL J 439 -43.09 57.12 30.79
C VAL J 439 -44.13 56.63 31.77
N ILE J 440 -43.74 55.72 32.63
CA ILE J 440 -44.64 55.21 33.65
C ILE J 440 -45.24 56.33 34.47
N ARG J 441 -44.40 57.18 34.95
CA ARG J 441 -44.87 58.26 35.74
C ARG J 441 -45.88 59.09 34.99
N ILE J 442 -45.62 59.23 33.70
CA ILE J 442 -46.53 60.01 32.87
C ILE J 442 -47.88 59.31 32.92
N ASN J 443 -47.87 58.05 32.50
CA ASN J 443 -49.00 57.17 32.49
C ASN J 443 -49.79 57.31 33.79
N GLN J 444 -49.03 57.45 34.87
CA GLN J 444 -49.65 57.55 36.16
C GLN J 444 -50.53 58.74 36.38
N GLN J 445 -50.09 59.81 35.81
CA GLN J 445 -50.88 61.01 35.90
C GLN J 445 -52.04 60.87 34.95
N LEU J 446 -51.75 60.29 33.81
CA LEU J 446 -52.74 60.10 32.76
C LEU J 446 -53.79 59.08 33.15
N ASP J 447 -53.81 58.74 34.42
CA ASP J 447 -54.76 57.77 34.96
C ASP J 447 -55.83 58.49 35.71
N THR J 448 -57.04 58.27 35.24
CA THR J 448 -58.14 58.90 35.93
C THR J 448 -59.03 57.81 36.43
N LYS J 449 -59.96 58.23 37.27
CA LYS J 449 -60.91 57.32 37.86
C LYS J 449 -62.11 57.11 36.95
N GLN J 450 -62.51 58.18 36.20
CA GLN J 450 -63.64 58.12 35.28
C GLN J 450 -63.67 56.85 34.44
N PRO J 451 -64.87 56.36 34.16
CA PRO J 451 -65.05 55.13 33.41
C PRO J 451 -64.58 55.28 32.00
N ARG J 452 -64.18 54.13 31.44
CA ARG J 452 -63.68 54.01 30.08
C ARG J 452 -64.46 52.91 29.37
N GLN J 453 -64.90 53.19 28.11
CA GLN J 453 -65.66 52.17 27.43
C GLN J 453 -64.94 51.65 26.21
N TYR J 454 -64.17 52.55 25.62
CA TYR J 454 -63.34 52.22 24.45
C TYR J 454 -62.16 53.13 24.35
N PHE J 455 -61.23 52.71 23.49
CA PHE J 455 -60.02 53.47 23.30
C PHE J 455 -59.64 53.50 21.85
N ILE J 456 -58.75 54.40 21.53
CA ILE J 456 -58.26 54.50 20.17
C ILE J 456 -56.76 54.47 20.23
N GLY J 457 -56.20 53.39 19.72
CA GLY J 457 -54.79 53.23 19.76
C GLY J 457 -54.10 53.80 18.56
N VAL J 458 -53.05 54.55 18.90
CA VAL J 458 -52.23 55.19 17.94
C VAL J 458 -50.83 54.61 18.06
N LEU J 459 -50.45 53.84 17.09
CA LEU J 459 -49.20 53.19 17.05
C LEU J 459 -48.23 53.86 16.09
N ASP J 460 -47.08 54.20 16.61
CA ASP J 460 -45.99 54.82 15.88
C ASP J 460 -44.73 54.00 16.12
N ILE J 461 -44.22 53.43 15.05
CA ILE J 461 -43.07 52.57 15.00
C ILE J 461 -42.48 52.68 13.62
N ALA J 462 -41.31 52.14 13.47
CA ALA J 462 -40.67 52.09 12.19
C ALA J 462 -41.08 50.94 11.30
N GLY J 463 -40.80 51.17 10.02
CA GLY J 463 -41.14 50.20 9.05
C GLY J 463 -39.91 49.55 8.57
N PHE J 464 -40.15 48.39 8.02
CA PHE J 464 -39.17 47.55 7.42
C PHE J 464 -38.24 48.37 6.59
N GLU J 465 -37.01 48.39 7.07
CA GLU J 465 -35.92 49.09 6.43
C GLU J 465 -34.86 48.03 6.14
N ILE J 466 -34.29 48.17 4.97
CA ILE J 466 -33.29 47.22 4.61
C ILE J 466 -31.96 47.91 4.50
N PHE J 467 -30.97 47.37 5.13
CA PHE J 467 -29.69 47.99 5.02
C PHE J 467 -28.69 47.01 4.55
N ASP J 468 -27.61 47.51 4.01
CA ASP J 468 -26.59 46.60 3.54
C ASP J 468 -26.12 45.84 4.75
N PHE J 469 -26.28 46.53 5.90
CA PHE J 469 -25.92 45.94 7.17
C PHE J 469 -27.10 45.75 8.10
N ASN J 470 -27.51 44.51 8.29
CA ASN J 470 -28.62 44.26 9.15
C ASN J 470 -28.21 43.48 10.38
N SER J 471 -28.37 44.13 11.48
CA SER J 471 -28.05 43.49 12.72
C SER J 471 -29.28 43.23 13.51
N PHE J 472 -29.03 42.80 14.74
CA PHE J 472 -30.04 42.38 15.68
C PHE J 472 -31.24 43.28 15.73
N GLU J 473 -30.95 44.55 15.85
CA GLU J 473 -32.03 45.55 15.94
C GLU J 473 -32.96 45.49 14.74
N GLN J 474 -32.40 45.19 13.56
CA GLN J 474 -33.15 45.11 12.36
C GLN J 474 -34.13 43.94 12.37
N LEU J 475 -33.64 42.85 12.85
CA LEU J 475 -34.49 41.68 12.97
C LEU J 475 -35.72 42.03 13.83
N CYS J 476 -35.46 42.61 15.01
CA CYS J 476 -36.52 42.94 15.90
C CYS J 476 -37.56 43.83 15.23
N ILE J 477 -37.10 44.82 14.52
CA ILE J 477 -38.04 45.72 13.88
C ILE J 477 -38.75 45.05 12.72
N ASN J 478 -37.96 44.38 11.86
CA ASN J 478 -38.54 43.72 10.71
C ASN J 478 -39.58 42.74 11.14
N PHE J 479 -39.25 42.01 12.17
CA PHE J 479 -40.16 41.04 12.69
C PHE J 479 -41.43 41.72 13.11
N THR J 480 -41.29 42.93 13.66
CA THR J 480 -42.47 43.61 14.12
C THR J 480 -43.32 43.91 12.94
N ASN J 481 -42.69 44.43 11.91
CA ASN J 481 -43.41 44.80 10.72
C ASN J 481 -44.00 43.60 9.97
N GLU J 482 -43.26 42.52 9.85
CA GLU J 482 -43.81 41.42 9.11
C GLU J 482 -45.06 40.89 9.76
N LEU J 484 -47.23 42.99 11.60
CA LEU J 484 -48.14 44.09 11.34
C LEU J 484 -48.80 43.94 9.97
N GLN J 485 -47.97 43.58 8.99
CA GLN J 485 -48.39 43.32 7.63
C GLN J 485 -49.44 42.23 7.52
N GLN J 486 -49.15 41.07 8.12
CA GLN J 486 -50.04 39.96 8.13
C GLN J 486 -51.31 40.34 8.76
N PHE J 487 -51.15 41.30 9.65
CA PHE J 487 -52.29 41.80 10.43
C PHE J 487 -53.28 42.51 9.55
N PHE J 488 -52.70 43.17 8.58
CA PHE J 488 -53.45 43.87 7.58
C PHE J 488 -54.06 42.91 6.57
N ASN J 489 -53.18 42.16 5.89
CA ASN J 489 -53.55 41.17 4.87
C ASN J 489 -54.76 40.36 5.28
N HIS J 490 -54.89 40.18 6.56
CA HIS J 490 -55.99 39.42 7.06
C HIS J 490 -57.24 40.27 7.09
N HIS J 491 -57.10 41.43 7.71
CA HIS J 491 -58.19 42.38 7.86
C HIS J 491 -58.77 42.65 6.52
N MET J 492 -57.94 42.59 5.53
CA MET J 492 -58.38 42.82 4.20
C MET J 492 -59.11 41.63 3.64
N PHE J 493 -58.69 40.48 4.08
CA PHE J 493 -59.29 39.29 3.62
C PHE J 493 -60.63 39.17 4.22
N VAL J 494 -60.70 39.50 5.43
CA VAL J 494 -61.95 39.48 6.10
C VAL J 494 -62.89 40.44 5.46
N LEU J 495 -62.40 41.65 5.28
CA LEU J 495 -63.10 42.79 4.69
C LEU J 495 -63.63 42.51 3.29
N GLU J 496 -62.70 42.09 2.42
CA GLU J 496 -63.04 41.76 1.05
C GLU J 496 -64.26 40.84 0.97
N GLN J 497 -64.09 39.70 1.60
CA GLN J 497 -65.05 38.65 1.69
C GLN J 497 -66.44 39.08 2.16
N GLU J 498 -66.52 40.24 2.77
CA GLU J 498 -67.81 40.70 3.21
C GLU J 498 -68.55 41.21 2.00
N GLU J 499 -67.82 41.93 1.13
CA GLU J 499 -68.42 42.50 -0.07
C GLU J 499 -69.01 41.41 -0.90
N TYR J 500 -68.15 40.49 -1.32
CA TYR J 500 -68.65 39.38 -2.11
C TYR J 500 -69.84 38.65 -1.46
N GLU J 503 -72.80 41.61 -1.78
CA GLU J 503 -73.24 41.61 -3.15
C GLU J 503 -73.78 40.27 -3.59
N GLY J 504 -73.09 39.23 -3.27
CA GLY J 504 -73.66 38.03 -3.75
C GLY J 504 -72.78 37.48 -4.83
N ILE J 505 -71.56 37.98 -4.86
CA ILE J 505 -70.65 37.44 -5.81
C ILE J 505 -70.17 36.10 -5.29
N GLU J 506 -69.66 35.27 -6.17
CA GLU J 506 -69.17 34.02 -5.76
C GLU J 506 -67.67 33.92 -5.94
N TRP J 507 -66.95 34.38 -4.91
CA TRP J 507 -65.51 34.37 -4.93
C TRP J 507 -64.95 33.67 -3.70
N GLU J 508 -64.13 32.61 -3.90
CA GLU J 508 -63.55 31.94 -2.75
C GLU J 508 -62.09 32.21 -2.69
N PHE J 509 -61.64 32.45 -1.47
CA PHE J 509 -60.27 32.72 -1.29
C PHE J 509 -59.82 32.51 0.15
N ILE J 510 -58.58 32.13 0.20
CA ILE J 510 -57.80 31.85 1.36
C ILE J 510 -57.30 33.16 1.99
N ASP J 511 -57.17 33.19 3.31
CA ASP J 511 -56.68 34.32 4.08
C ASP J 511 -55.43 34.84 3.44
N PHE J 512 -55.25 36.15 3.34
CA PHE J 512 -54.03 36.60 2.69
C PHE J 512 -52.89 36.63 3.64
N GLY J 513 -53.20 36.53 4.92
CA GLY J 513 -52.13 36.53 5.90
C GLY J 513 -51.19 35.33 5.73
N MET J 514 -51.81 34.19 5.63
CA MET J 514 -51.23 32.90 5.51
C MET J 514 -49.95 32.90 4.77
N ASP J 515 -49.86 33.77 3.83
CA ASP J 515 -48.63 33.73 3.04
C ASP J 515 -47.42 34.02 3.90
N LEU J 516 -47.64 34.78 4.95
CA LEU J 516 -46.52 35.16 5.79
C LEU J 516 -46.22 34.30 6.97
N ALA J 517 -47.16 33.46 7.36
CA ALA J 517 -46.97 32.60 8.51
C ALA J 517 -45.67 31.85 8.49
N ALA J 518 -45.18 31.50 7.32
CA ALA J 518 -43.95 30.80 7.20
C ALA J 518 -42.86 31.57 7.88
N CYS J 519 -42.68 32.81 7.47
CA CYS J 519 -41.61 33.61 8.06
C CYS J 519 -41.77 33.83 9.55
N ILE J 520 -42.96 34.21 9.94
CA ILE J 520 -43.16 34.39 11.36
C ILE J 520 -42.82 33.18 12.22
N GLU J 521 -43.36 31.99 11.87
CA GLU J 521 -43.05 30.82 12.68
C GLU J 521 -41.55 30.62 12.90
N LEU J 522 -40.78 30.82 11.86
CA LEU J 522 -39.33 30.62 11.85
C LEU J 522 -38.64 31.49 12.87
N ILE J 523 -39.23 32.65 13.11
CA ILE J 523 -38.65 33.56 14.07
C ILE J 523 -39.09 33.35 15.49
N GLU J 524 -40.41 33.35 15.67
CA GLU J 524 -41.05 33.24 16.98
C GLU J 524 -41.32 31.88 17.56
N PRO J 526 -40.74 27.93 18.77
CA PRO J 526 -39.76 27.30 19.64
C PRO J 526 -38.37 26.92 19.11
N MET J 527 -38.28 26.28 17.95
CA MET J 527 -36.89 26.00 17.62
C MET J 527 -36.34 27.04 16.69
N GLY J 528 -37.11 28.13 16.59
CA GLY J 528 -36.79 29.28 15.74
C GLY J 528 -35.75 30.23 16.31
N ILE J 529 -35.21 31.06 15.42
CA ILE J 529 -34.16 32.03 15.65
C ILE J 529 -34.02 32.58 17.04
N PHE J 530 -35.07 33.23 17.49
CA PHE J 530 -35.05 33.77 18.84
C PHE J 530 -34.69 32.77 19.89
N SER J 531 -35.40 31.62 19.89
CA SER J 531 -35.09 30.59 20.85
C SER J 531 -33.63 30.19 20.84
N ILE J 532 -33.19 29.71 19.68
CA ILE J 532 -31.77 29.37 19.53
C ILE J 532 -30.91 30.53 20.02
N LEU J 533 -31.42 31.74 19.80
CA LEU J 533 -30.74 32.89 20.27
C LEU J 533 -30.78 33.00 21.77
N GLU J 534 -31.93 32.83 22.32
CA GLU J 534 -32.05 32.97 23.76
C GLU J 534 -31.65 31.77 24.57
N GLU J 535 -31.27 30.70 23.90
CA GLU J 535 -30.90 29.51 24.69
C GLU J 535 -29.46 29.66 24.93
N GLU J 536 -28.76 29.74 23.80
CA GLU J 536 -27.32 29.91 23.79
C GLU J 536 -26.86 30.99 24.80
N CYS J 537 -27.75 31.92 25.08
CA CYS J 537 -27.44 32.96 25.99
C CYS J 537 -27.28 32.42 27.36
N MET J 538 -27.66 31.15 27.51
CA MET J 538 -27.61 30.47 28.83
C MET J 538 -26.33 29.67 29.01
N PHE J 539 -25.62 29.48 27.90
CA PHE J 539 -24.39 28.77 27.85
C PHE J 539 -23.22 29.74 28.15
N PRO J 540 -22.67 29.60 29.31
CA PRO J 540 -21.60 30.42 29.82
C PRO J 540 -20.42 30.53 28.92
N LYS J 541 -20.32 29.70 27.94
CA LYS J 541 -19.13 29.67 27.08
C LYS J 541 -19.52 29.52 25.62
N ALA J 542 -20.59 30.20 25.25
CA ALA J 542 -21.05 30.14 23.87
C ALA J 542 -20.46 31.28 23.07
N THR J 543 -20.48 31.12 21.75
CA THR J 543 -19.92 32.13 20.88
C THR J 543 -20.97 32.52 19.89
N ASP J 544 -20.73 33.67 19.26
CA ASP J 544 -21.59 34.13 18.21
C ASP J 544 -21.54 32.97 17.19
N THR J 545 -20.31 32.53 16.96
CA THR J 545 -20.03 31.43 16.07
C THR J 545 -20.77 30.18 16.49
N SER J 546 -20.78 29.95 17.78
CA SER J 546 -21.49 28.80 18.30
C SER J 546 -22.94 28.90 17.86
N PHE J 547 -23.55 29.98 18.31
CA PHE J 547 -24.92 30.33 18.01
C PHE J 547 -25.22 30.13 16.56
N ASN J 549 -23.80 28.27 14.20
CA ASN J 549 -23.91 26.88 13.81
C ASN J 549 -25.22 26.27 14.25
N LEU J 551 -27.86 27.66 14.60
CA LEU J 551 -28.87 28.22 13.77
C LEU J 551 -28.98 27.39 12.51
N TYR J 552 -27.82 27.05 11.97
CA TYR J 552 -27.86 26.31 10.70
C TYR J 552 -28.29 24.89 10.81
N ASP J 553 -27.50 24.14 11.57
CA ASP J 553 -27.72 22.71 11.78
C ASP J 553 -29.19 22.38 11.87
N GLU J 554 -29.92 23.34 12.43
CA GLU J 554 -31.35 23.19 12.65
C GLU J 554 -32.27 23.78 11.61
N HIS J 555 -31.86 24.84 10.93
CA HIS J 555 -32.82 25.40 9.98
C HIS J 555 -32.40 25.25 8.54
N LEU J 556 -31.10 25.22 8.33
CA LEU J 556 -30.61 25.12 6.99
C LEU J 556 -30.96 23.83 6.27
N GLY J 557 -31.45 24.05 5.07
CA GLY J 557 -31.88 22.99 4.16
C GLY J 557 -33.28 22.50 4.51
N LYS J 558 -33.64 22.66 5.77
CA LYS J 558 -34.90 22.21 6.28
C LYS J 558 -35.95 23.30 6.21
N SER J 559 -35.47 24.53 6.13
CA SER J 559 -36.37 25.67 6.06
C SER J 559 -36.12 26.55 4.87
N ASN J 560 -37.22 26.87 4.22
CA ASN J 560 -37.24 27.57 2.96
C ASN J 560 -36.94 29.06 3.09
N ASN J 561 -37.48 29.64 4.13
CA ASN J 561 -37.29 31.05 4.32
C ASN J 561 -35.92 31.35 4.84
N PHE J 562 -35.28 30.25 5.21
CA PHE J 562 -33.93 30.26 5.74
C PHE J 562 -32.93 30.03 4.63
N GLN J 563 -31.91 30.87 4.60
CA GLN J 563 -30.95 30.82 3.54
C GLN J 563 -29.59 31.33 4.01
N LYS J 564 -28.56 30.89 3.31
CA LYS J 564 -27.18 31.36 3.60
C LYS J 564 -26.90 32.52 2.66
N PRO J 565 -26.29 33.56 3.19
CA PRO J 565 -26.13 34.78 2.49
C PRO J 565 -25.37 34.80 1.27
N LYS J 566 -25.90 35.82 0.63
CA LYS J 566 -25.32 36.44 -0.49
C LYS J 566 -24.46 37.51 0.18
N PRO J 567 -23.13 37.22 0.21
CA PRO J 567 -22.14 38.11 0.79
C PRO J 567 -21.84 39.42 0.01
N ALA J 568 -22.12 39.46 -1.32
CA ALA J 568 -21.71 40.62 -2.19
C ALA J 568 -22.89 41.34 -2.86
N LYS J 569 -22.59 42.55 -3.19
CA LYS J 569 -23.55 43.54 -3.66
C LYS J 569 -23.15 44.74 -2.80
N GLY J 570 -24.10 45.31 -2.11
CA GLY J 570 -23.81 46.45 -1.22
C GLY J 570 -23.64 45.97 0.24
N LYS J 571 -23.70 44.65 0.45
CA LYS J 571 -23.61 44.03 1.81
C LYS J 571 -22.13 43.94 2.30
N ALA J 572 -21.98 43.81 3.64
CA ALA J 572 -20.66 43.89 4.33
C ALA J 572 -20.08 42.55 4.85
N GLU J 573 -20.94 41.62 5.20
CA GLU J 573 -20.46 40.25 5.51
C GLU J 573 -21.55 39.21 5.39
N ALA J 574 -21.20 38.00 5.76
CA ALA J 574 -22.12 36.87 5.63
C ALA J 574 -22.64 36.35 7.00
N HIS J 575 -23.97 35.97 7.06
CA HIS J 575 -24.47 34.99 8.13
C HIS J 575 -25.80 34.38 7.80
N PHE J 576 -26.81 35.16 7.55
CA PHE J 576 -28.05 34.50 7.15
C PHE J 576 -29.08 35.48 6.72
N SER J 577 -29.71 35.05 5.68
CA SER J 577 -30.76 35.78 5.08
C SER J 577 -32.06 35.11 5.38
N LEU J 578 -33.05 35.94 5.41
CA LEU J 578 -34.41 35.57 5.61
C LEU J 578 -35.26 36.10 4.47
N VAL J 579 -36.36 35.45 4.26
CA VAL J 579 -37.26 35.84 3.21
C VAL J 579 -38.55 36.46 3.71
N HIS J 580 -38.48 37.74 4.00
CA HIS J 580 -39.60 38.49 4.51
C HIS J 580 -40.51 38.89 3.35
N TYR J 581 -41.74 39.34 3.67
CA TYR J 581 -42.64 39.72 2.59
C TYR J 581 -42.05 40.77 1.66
N ALA J 582 -41.34 41.75 2.27
CA ALA J 582 -40.72 42.85 1.51
C ALA J 582 -39.53 42.43 0.65
N GLY J 583 -38.90 41.35 1.11
CA GLY J 583 -37.77 40.79 0.41
C GLY J 583 -36.82 40.05 1.32
N THR J 584 -35.60 39.85 0.79
CA THR J 584 -34.52 39.13 1.46
C THR J 584 -33.66 40.03 2.27
N VAL J 585 -33.52 39.67 3.53
CA VAL J 585 -32.67 40.48 4.39
C VAL J 585 -31.48 39.65 4.84
N ASP J 586 -30.33 40.24 4.63
CA ASP J 586 -29.07 39.64 4.97
C ASP J 586 -28.66 40.09 6.35
N TYR J 587 -28.68 39.14 7.29
CA TYR J 587 -28.41 39.43 8.70
C TYR J 587 -27.03 39.01 9.15
N ASN J 588 -26.41 39.92 9.89
CA ASN J 588 -25.09 39.74 10.51
C ASN J 588 -25.28 39.53 11.98
N ILE J 589 -24.80 38.42 12.46
CA ILE J 589 -24.90 37.96 13.84
C ILE J 589 -23.69 38.26 14.67
N SER J 590 -23.44 39.48 14.99
CA SER J 590 -22.21 39.64 15.73
C SER J 590 -22.35 40.63 16.85
N GLY J 591 -22.61 40.10 18.01
CA GLY J 591 -22.73 40.90 19.18
C GLY J 591 -23.99 40.54 19.82
N TRP J 592 -24.67 39.73 19.00
CA TRP J 592 -26.01 39.36 19.39
C TRP J 592 -26.08 38.78 20.75
N LEU J 593 -25.21 37.77 20.92
CA LEU J 593 -25.18 37.05 22.20
C LEU J 593 -25.11 38.01 23.35
N GLU J 594 -24.16 38.91 23.26
CA GLU J 594 -23.98 39.95 24.26
C GLU J 594 -25.14 40.88 24.44
N ASN J 596 -27.87 40.65 23.58
CA ASN J 596 -29.00 39.95 24.09
C ASN J 596 -28.88 39.61 25.60
N ASP J 598 -27.51 41.68 28.02
CA ASP J 598 -27.55 42.89 28.80
C ASP J 598 -26.73 42.78 30.03
N PRO J 599 -25.46 42.49 29.81
CA PRO J 599 -24.51 42.37 30.89
C PRO J 599 -24.26 43.70 31.60
N LEU J 600 -24.47 43.69 32.91
CA LEU J 600 -24.32 44.86 33.76
C LEU J 600 -23.56 44.50 35.06
N ASN J 601 -22.58 45.31 35.46
CA ASN J 601 -21.84 45.07 36.68
C ASN J 601 -22.71 45.25 37.87
N GLU J 602 -23.10 44.12 38.35
CA GLU J 602 -23.98 44.00 39.47
C GLU J 602 -23.53 44.61 40.77
N THR J 603 -22.23 44.83 40.91
CA THR J 603 -21.74 45.42 42.12
C THR J 603 -22.21 46.84 42.22
N VAL J 604 -22.00 47.51 41.09
CA VAL J 604 -22.42 48.90 40.94
C VAL J 604 -23.92 49.09 41.13
N ILE J 605 -24.65 48.26 40.45
CA ILE J 605 -26.08 48.29 40.50
C ILE J 605 -26.48 48.23 41.93
N GLY J 606 -25.62 47.54 42.68
CA GLY J 606 -25.86 47.38 44.09
C GLY J 606 -25.95 48.74 44.70
N LEU J 607 -24.89 49.50 44.45
CA LEU J 607 -24.79 50.86 44.95
C LEU J 607 -26.00 51.68 44.58
N TYR J 608 -26.44 51.55 43.33
CA TYR J 608 -27.57 52.33 42.88
C TYR J 608 -28.72 51.98 43.76
N GLN J 609 -28.88 50.70 43.90
CA GLN J 609 -29.97 50.15 44.68
C GLN J 609 -30.09 50.74 46.08
N SER J 611 -28.93 54.04 46.81
CA SER J 611 -28.61 55.44 46.64
C SER J 611 -29.39 56.36 47.56
N SER J 612 -28.88 57.56 47.69
CA SER J 612 -29.55 58.59 48.50
C SER J 612 -30.58 59.29 47.63
N VAL J 613 -30.48 58.99 46.33
CA VAL J 613 -31.33 59.54 45.31
C VAL J 613 -32.37 58.52 44.92
N THR J 615 -35.13 58.05 43.46
CA THR J 615 -35.45 57.79 42.09
C THR J 615 -34.47 56.82 41.46
N LEU J 616 -33.21 57.12 41.59
CA LEU J 616 -32.18 56.25 41.06
C LEU J 616 -32.31 54.95 41.70
N ALA J 617 -32.57 54.99 43.00
CA ALA J 617 -32.77 53.75 43.70
C ALA J 617 -33.91 52.97 43.11
N LEU J 618 -34.97 53.64 42.85
CA LEU J 618 -36.12 52.97 42.30
C LEU J 618 -35.92 52.23 41.03
N LEU J 619 -35.44 52.99 40.02
CA LEU J 619 -35.21 52.49 38.68
C LEU J 619 -34.62 51.10 38.64
N PHE J 620 -33.69 50.76 39.81
CA PHE J 620 -32.98 49.50 39.89
C PHE J 620 -33.66 48.33 40.59
N ALA J 621 -34.67 48.60 41.34
CA ALA J 621 -35.43 47.66 42.16
C ALA J 621 -35.65 46.28 41.57
N THR J 622 -36.18 46.29 40.36
CA THR J 622 -36.53 45.06 39.61
C THR J 622 -35.29 44.21 39.32
N TYR J 623 -34.16 44.80 39.14
CA TYR J 623 -32.92 44.00 39.10
C TYR J 623 -32.63 43.42 40.49
N GLY J 624 -32.72 44.23 41.53
CA GLY J 624 -32.46 43.77 42.89
C GLY J 624 -33.38 42.64 43.37
N GLY J 625 -34.64 42.64 42.88
CA GLY J 625 -35.58 41.61 43.31
C GLY J 625 -35.37 40.29 42.60
N GLU J 626 -34.77 40.12 41.39
CA GLU J 626 -34.56 38.83 40.73
C GLU J 626 -33.20 38.25 41.13
N ALA J 627 -32.26 38.83 41.79
CA ALA J 627 -30.93 38.29 42.07
C ALA J 627 -31.05 36.98 42.84
N GLU J 628 -32.08 36.83 43.59
CA GLU J 628 -32.35 35.63 44.42
C GLU J 628 -32.26 34.38 43.56
N GLY J 629 -32.84 34.49 42.38
CA GLY J 629 -33.02 33.55 41.32
C GLY J 629 -31.83 33.06 40.51
N GLY J 630 -30.79 33.91 40.52
CA GLY J 630 -29.54 33.60 39.76
C GLY J 630 -28.39 33.71 40.77
N GLY J 631 -28.59 33.16 41.94
CA GLY J 631 -27.61 33.21 43.01
C GLY J 631 -26.27 32.65 42.64
N GLY J 632 -26.20 31.48 42.04
CA GLY J 632 -24.91 30.84 41.71
C GLY J 632 -24.59 30.86 40.20
N LYS J 633 -23.34 30.64 39.91
CA LYS J 633 -22.73 30.68 38.56
C LYS J 633 -23.48 29.73 37.63
N LYS J 634 -23.83 30.27 36.41
CA LYS J 634 -24.47 29.40 35.40
C LYS J 634 -25.99 29.56 35.49
N GLY J 635 -26.78 29.05 35.00
CA GLY J 635 -28.17 28.89 35.37
C GLY J 635 -29.05 29.88 34.64
N GLY J 636 -30.11 30.22 35.32
CA GLY J 636 -31.25 30.96 34.76
C GLY J 636 -31.58 32.19 35.61
N LYS J 637 -31.50 33.34 35.00
CA LYS J 637 -31.75 34.63 35.68
C LYS J 637 -33.22 34.73 36.06
N LYS J 638 -34.11 34.05 35.30
CA LYS J 638 -35.56 34.23 35.38
C LYS J 638 -36.07 33.73 36.75
N LYS J 639 -35.45 32.89 37.43
CA LYS J 639 -35.76 32.25 38.72
C LYS J 639 -36.09 33.32 39.77
N GLY J 640 -35.47 34.47 39.63
CA GLY J 640 -35.59 35.63 40.50
C GLY J 640 -36.17 36.82 39.80
N SER J 641 -36.61 36.63 38.54
CA SER J 641 -37.30 37.69 37.78
C SER J 641 -36.29 38.46 36.92
N SER J 642 -35.10 38.01 36.70
CA SER J 642 -34.14 38.71 35.84
C SER J 642 -34.28 38.23 34.40
N PHE J 643 -34.07 39.08 33.44
CA PHE J 643 -34.23 38.73 32.02
C PHE J 643 -33.17 37.70 31.61
N GLN J 644 -33.65 36.81 30.79
CA GLN J 644 -32.77 35.73 30.33
C GLN J 644 -32.31 36.01 28.90
N THR J 645 -33.07 36.82 28.20
CA THR J 645 -32.92 37.15 26.77
C THR J 645 -33.03 38.66 26.54
N VAL J 646 -32.32 39.18 25.51
CA VAL J 646 -32.52 40.56 25.01
C VAL J 646 -33.76 40.72 24.15
N SER J 647 -34.38 39.90 24.10
CA SER J 647 -35.32 39.48 23.09
C SER J 647 -36.50 38.81 23.74
N ALA J 648 -36.28 38.29 24.95
CA ALA J 648 -37.33 37.65 25.74
C ALA J 648 -38.53 38.55 25.99
N LEU J 649 -38.28 39.83 26.21
CA LEU J 649 -39.37 40.79 26.45
C LEU J 649 -40.03 41.24 25.21
N PHE J 650 -39.13 41.83 24.38
CA PHE J 650 -39.43 42.38 23.10
C PHE J 650 -40.61 41.58 22.53
N ARG J 651 -40.47 40.28 22.62
CA ARG J 651 -41.47 39.36 22.19
C ARG J 651 -42.74 39.56 23.02
N GLU J 652 -42.62 39.51 24.35
CA GLU J 652 -43.71 39.65 25.34
C GLU J 652 -44.49 40.93 25.19
N ASN J 653 -43.74 41.96 24.89
CA ASN J 653 -44.27 43.29 24.67
C ASN J 653 -44.97 43.32 23.32
N LEU J 654 -44.28 42.78 22.34
CA LEU J 654 -44.80 42.66 20.97
C LEU J 654 -46.02 41.79 20.91
N ASN J 655 -46.27 41.03 21.96
CA ASN J 655 -47.43 40.15 21.96
C ASN J 655 -48.60 40.79 22.59
N LEU J 657 -49.04 43.66 22.52
CA LEU J 657 -49.33 44.74 21.57
C LEU J 657 -50.21 44.24 20.48
N MET J 658 -49.70 43.25 19.76
CA MET J 658 -50.44 42.63 18.64
C MET J 658 -51.78 42.08 19.12
N ALA J 659 -51.93 41.93 20.44
CA ALA J 659 -53.17 41.43 21.03
C ALA J 659 -54.11 42.57 21.20
N ASN J 660 -53.53 43.69 21.54
CA ASN J 660 -54.28 44.93 21.78
C ASN J 660 -54.73 45.42 20.39
N LEU J 661 -53.91 45.10 19.41
CA LEU J 661 -54.16 45.51 18.04
C LEU J 661 -55.37 44.75 17.46
N ARG J 662 -55.61 43.52 17.93
CA ARG J 662 -56.68 42.66 17.49
C ARG J 662 -58.06 43.08 17.95
N SER J 663 -58.18 43.40 19.26
CA SER J 663 -59.44 43.87 19.83
C SER J 663 -59.68 45.29 19.40
N THR J 664 -59.20 45.57 18.19
CA THR J 664 -59.21 46.84 17.57
C THR J 664 -59.66 46.76 16.15
N HIS J 665 -60.28 47.84 15.69
CA HIS J 665 -60.61 48.04 14.29
C HIS J 665 -59.48 48.81 13.62
N PRO J 666 -58.59 48.13 12.97
CA PRO J 666 -57.40 48.67 12.40
C PRO J 666 -57.68 49.74 11.38
N HIS J 667 -56.96 50.85 11.52
CA HIS J 667 -56.96 51.98 10.65
C HIS J 667 -55.51 52.26 10.31
N PHE J 668 -55.18 52.21 9.05
CA PHE J 668 -53.84 52.34 8.51
C PHE J 668 -53.43 53.66 7.86
N VAL J 669 -52.23 54.09 8.15
CA VAL J 669 -51.60 55.29 7.66
C VAL J 669 -50.13 55.05 7.33
N ARG J 670 -49.75 55.24 6.09
CA ARG J 670 -48.44 55.03 5.55
C ARG J 670 -47.79 56.36 5.18
N CYS J 671 -46.70 56.72 5.90
CA CYS J 671 -46.01 57.98 5.70
C CYS J 671 -44.87 57.82 4.70
N ILE J 672 -44.75 58.74 3.75
CA ILE J 672 -43.74 58.65 2.71
C ILE J 672 -42.74 59.82 2.62
N ILE J 673 -41.54 59.51 2.17
CA ILE J 673 -40.44 60.44 2.05
C ILE J 673 -39.95 60.53 0.61
N PRO J 674 -40.25 61.67 0.04
CA PRO J 674 -40.04 62.05 -1.33
C PRO J 674 -38.66 61.96 -1.85
N ASN J 675 -37.76 62.78 -1.28
CA ASN J 675 -36.36 62.79 -1.73
C ASN J 675 -35.41 63.01 -0.60
N GLU J 676 -34.33 62.23 -0.61
CA GLU J 676 -33.31 62.32 0.41
C GLU J 676 -32.78 63.73 0.55
N THR J 677 -32.84 64.45 -0.55
CA THR J 677 -32.34 65.81 -0.59
C THR J 677 -33.22 66.86 0.04
N THR J 679 -36.50 68.42 -0.59
CA THR J 679 -36.99 69.39 -1.54
C THR J 679 -38.47 69.22 -1.72
N PRO J 680 -39.22 70.26 -1.49
CA PRO J 680 -40.65 70.13 -1.66
C PRO J 680 -40.96 69.95 -3.14
N GLY J 681 -42.13 69.38 -3.43
CA GLY J 681 -42.61 69.10 -4.77
C GLY J 681 -41.75 68.15 -5.61
N ALA J 682 -40.90 67.37 -4.98
CA ALA J 682 -40.04 66.45 -5.73
C ALA J 682 -40.06 65.00 -5.26
N MET J 683 -39.59 64.10 -6.10
CA MET J 683 -39.65 62.73 -5.71
C MET J 683 -38.63 61.80 -6.32
N GLU J 684 -37.76 61.11 -5.58
CA GLU J 684 -36.93 60.22 -6.39
C GLU J 684 -37.79 59.00 -6.61
N HIS J 685 -37.70 58.44 -7.78
CA HIS J 685 -38.51 57.29 -8.05
C HIS J 685 -38.26 56.09 -7.18
N GLU J 686 -37.17 55.45 -7.47
CA GLU J 686 -36.84 54.23 -6.79
C GLU J 686 -36.86 54.33 -5.28
N LEU J 687 -36.72 55.52 -4.81
CA LEU J 687 -36.78 55.76 -3.38
C LEU J 687 -38.19 55.59 -2.86
N VAL J 688 -39.15 56.18 -3.56
CA VAL J 688 -40.56 56.03 -3.23
C VAL J 688 -41.00 54.57 -3.52
N LEU J 689 -40.49 54.03 -4.61
CA LEU J 689 -40.81 52.67 -5.02
C LEU J 689 -40.53 51.70 -3.90
N HIS J 690 -39.39 51.88 -3.30
CA HIS J 690 -38.98 51.06 -2.19
C HIS J 690 -40.02 51.00 -1.11
N GLN J 691 -40.29 52.18 -0.60
CA GLN J 691 -41.19 52.33 0.47
C GLN J 691 -42.47 51.64 0.19
N LEU J 692 -42.90 51.80 -1.03
CA LEU J 692 -44.15 51.18 -1.43
C LEU J 692 -44.23 49.68 -1.23
N ARG J 693 -43.08 49.02 -1.40
CA ARG J 693 -43.06 47.56 -1.29
C ARG J 693 -43.07 47.11 0.14
N CYS J 694 -42.26 47.82 0.90
CA CYS J 694 -42.07 47.58 2.31
C CYS J 694 -43.20 48.20 3.11
N ASN J 695 -44.00 48.99 2.46
CA ASN J 695 -45.07 49.70 3.14
C ASN J 695 -46.23 48.82 3.44
N GLY J 696 -46.57 48.05 2.39
CA GLY J 696 -47.71 47.21 2.28
C GLY J 696 -48.61 47.68 1.14
N VAL J 697 -48.35 48.88 0.67
CA VAL J 697 -49.12 49.52 -0.38
C VAL J 697 -49.14 48.67 -1.63
N LEU J 698 -47.96 48.19 -2.00
CA LEU J 698 -47.89 47.39 -3.19
C LEU J 698 -48.47 46.03 -3.00
N GLU J 699 -48.60 45.64 -1.75
CA GLU J 699 -49.16 44.31 -1.49
C GLU J 699 -50.66 44.41 -1.42
N GLY J 700 -51.13 45.60 -1.11
CA GLY J 700 -52.56 45.79 -1.02
C GLY J 700 -53.14 45.90 -2.40
N ILE J 701 -52.30 46.35 -3.33
CA ILE J 701 -52.71 46.52 -4.68
C ILE J 701 -52.80 45.15 -5.32
N ARG J 702 -51.82 44.33 -4.98
CA ARG J 702 -51.74 42.94 -5.46
C ARG J 702 -53.02 42.15 -5.16
N ILE J 703 -53.27 42.09 -3.87
CA ILE J 703 -54.42 41.43 -3.30
C ILE J 703 -55.71 41.99 -3.88
N CYS J 704 -55.63 43.22 -4.33
CA CYS J 704 -56.79 43.85 -4.88
C CYS J 704 -57.06 43.30 -6.26
N ARG J 705 -55.96 43.31 -7.01
CA ARG J 705 -55.94 42.85 -8.37
C ARG J 705 -56.15 41.36 -8.53
N LYS J 706 -56.49 40.68 -7.47
CA LYS J 706 -56.66 39.25 -7.60
C LYS J 706 -58.13 38.98 -7.62
N GLY J 707 -59.06 39.28 -8.41
CA GLY J 707 -60.38 39.69 -7.96
C GLY J 707 -60.84 40.83 -8.87
N PHE J 708 -61.28 41.88 -8.22
CA PHE J 708 -61.68 43.08 -8.88
C PHE J 708 -60.79 44.23 -8.39
N PRO J 709 -59.67 44.39 -9.11
CA PRO J 709 -58.67 45.39 -8.76
C PRO J 709 -59.24 46.78 -8.54
N SER J 710 -59.30 47.56 -9.61
CA SER J 710 -59.85 48.90 -9.60
C SER J 710 -61.28 48.94 -9.13
N ARG J 711 -61.50 49.85 -8.17
CA ARG J 711 -62.81 50.04 -7.58
C ARG J 711 -63.14 51.52 -7.51
N VAL J 712 -64.17 51.91 -8.27
CA VAL J 712 -64.58 53.28 -8.36
C VAL J 712 -65.67 53.65 -7.42
N LEU J 713 -65.42 54.77 -6.79
CA LEU J 713 -66.42 55.37 -5.92
C LEU J 713 -67.38 56.07 -6.89
N TYR J 714 -68.62 55.86 -6.57
CA TYR J 714 -69.77 56.34 -7.34
C TYR J 714 -69.82 57.77 -7.92
N ALA J 715 -69.59 58.80 -7.11
CA ALA J 715 -69.56 60.17 -7.63
C ALA J 715 -68.40 60.40 -8.54
N ASP J 716 -67.26 59.83 -8.05
CA ASP J 716 -65.99 59.81 -8.73
C ASP J 716 -66.19 59.08 -10.05
N PHE J 717 -67.32 58.34 -10.08
CA PHE J 717 -67.67 57.57 -11.27
C PHE J 717 -68.59 58.32 -12.19
N LYS J 718 -69.45 59.12 -11.57
CA LYS J 718 -70.41 59.92 -12.32
C LYS J 718 -69.67 60.93 -13.17
N GLN J 719 -69.17 61.95 -12.46
CA GLN J 719 -68.41 63.02 -13.04
C GLN J 719 -67.55 62.68 -14.24
N ARG J 720 -66.62 61.76 -14.01
CA ARG J 720 -65.67 61.36 -15.05
C ARG J 720 -66.23 60.68 -16.29
N TYR J 721 -67.39 60.03 -16.11
CA TYR J 721 -67.93 59.26 -17.24
C TYR J 721 -69.33 59.56 -17.73
N ARG J 722 -70.03 60.47 -17.03
CA ARG J 722 -71.40 60.87 -17.42
C ARG J 722 -71.54 61.01 -18.93
N VAL J 723 -70.56 61.73 -19.48
CA VAL J 723 -70.37 62.05 -20.87
C VAL J 723 -70.47 60.87 -21.86
N LEU J 724 -70.42 59.65 -21.37
CA LEU J 724 -70.38 58.48 -22.28
C LEU J 724 -71.77 58.17 -22.92
N ASN J 725 -72.82 58.41 -22.19
CA ASN J 725 -74.20 58.22 -22.70
C ASN J 725 -75.00 59.25 -21.99
N ALA J 726 -74.21 60.29 -22.03
CA ALA J 726 -74.35 61.60 -21.44
C ALA J 726 -75.72 61.81 -20.82
N SER J 727 -76.73 61.65 -21.63
CA SER J 727 -78.12 61.87 -21.20
C SER J 727 -78.53 60.90 -20.08
N ALA J 728 -78.34 59.64 -20.37
CA ALA J 728 -78.78 58.51 -19.53
C ALA J 728 -77.83 58.18 -18.37
N ILE J 729 -76.58 58.54 -18.51
CA ILE J 729 -75.60 58.31 -17.42
C ILE J 729 -75.68 59.49 -16.47
N PRO J 730 -75.90 60.73 -16.98
CA PRO J 730 -75.99 61.91 -16.12
C PRO J 730 -77.21 61.82 -15.25
N GLU J 731 -78.31 61.42 -15.87
CA GLU J 731 -79.59 61.28 -15.17
C GLU J 731 -79.45 60.28 -14.02
N GLY J 732 -78.79 59.19 -14.31
CA GLY J 732 -78.55 58.11 -13.34
C GLY J 732 -77.72 58.62 -12.15
N GLN J 733 -76.64 59.31 -12.45
CA GLN J 733 -75.70 59.80 -11.42
C GLN J 733 -76.33 60.88 -10.54
N PHE J 734 -77.13 61.71 -11.15
CA PHE J 734 -77.76 62.84 -10.44
C PHE J 734 -78.95 62.35 -9.62
N MET J 735 -79.68 61.44 -10.22
CA MET J 735 -80.95 60.90 -9.68
C MET J 735 -80.73 59.98 -8.48
N ASP J 736 -79.65 59.27 -8.51
CA ASP J 736 -79.20 58.52 -7.35
C ASP J 736 -77.72 58.31 -7.43
N SER J 737 -77.04 59.02 -6.54
CA SER J 737 -75.56 59.05 -6.52
C SER J 737 -74.95 57.72 -6.88
N LYS J 738 -75.63 56.69 -6.43
CA LYS J 738 -75.23 55.31 -6.70
C LYS J 738 -76.04 54.75 -7.88
N LYS J 739 -77.36 54.75 -7.70
CA LYS J 739 -78.30 54.23 -8.72
C LYS J 739 -77.92 54.73 -10.12
N ALA J 740 -77.32 55.91 -10.12
CA ALA J 740 -76.88 56.57 -11.35
C ALA J 740 -75.89 55.70 -12.11
N SER J 741 -74.69 55.53 -11.51
CA SER J 741 -73.62 54.74 -12.08
C SER J 741 -74.18 53.44 -12.58
N GLU J 742 -75.21 52.99 -11.83
CA GLU J 742 -75.87 51.76 -12.19
C GLU J 742 -76.44 51.97 -13.55
N LYS J 743 -77.42 52.87 -13.53
CA LYS J 743 -78.14 53.24 -14.73
C LYS J 743 -77.19 53.53 -15.86
N LEU J 744 -76.10 54.27 -15.59
CA LEU J 744 -75.18 54.61 -16.67
C LEU J 744 -74.67 53.46 -17.46
N LEU J 745 -74.13 52.49 -16.75
CA LEU J 745 -73.56 51.36 -17.44
C LEU J 745 -74.52 50.67 -18.38
N GLY J 746 -75.78 51.14 -18.35
CA GLY J 746 -76.81 50.68 -19.23
C GLY J 746 -76.27 50.66 -20.64
N GLY J 747 -75.64 51.79 -21.07
CA GLY J 747 -75.07 51.84 -22.41
C GLY J 747 -73.60 51.36 -22.53
N GLY J 748 -73.15 51.26 -23.78
CA GLY J 748 -71.80 50.85 -24.11
C GLY J 748 -71.73 49.44 -24.65
N ASP J 749 -70.84 49.17 -25.59
CA ASP J 749 -70.73 47.83 -26.08
C ASP J 749 -69.68 47.03 -25.24
N VAL J 750 -69.77 47.26 -23.89
CA VAL J 750 -68.93 46.74 -22.78
C VAL J 750 -69.37 45.45 -22.07
N ASP J 751 -68.41 44.63 -21.56
CA ASP J 751 -68.73 43.40 -20.82
C ASP J 751 -69.42 43.68 -19.49
N HIS J 752 -70.71 43.39 -19.45
CA HIS J 752 -71.52 43.70 -18.28
C HIS J 752 -71.27 42.74 -17.09
N THR J 753 -70.23 41.96 -17.28
CA THR J 753 -69.69 40.94 -16.40
C THR J 753 -68.60 41.52 -15.49
N GLN J 754 -67.54 41.90 -16.20
CA GLN J 754 -66.35 42.51 -15.69
C GLN J 754 -66.52 43.49 -14.54
N TYR J 755 -67.71 43.88 -14.20
CA TYR J 755 -67.86 44.80 -13.09
C TYR J 755 -68.79 44.24 -12.05
N ALA J 756 -68.93 45.00 -10.97
CA ALA J 756 -69.82 44.53 -9.94
C ALA J 756 -69.99 45.68 -8.99
N PHE J 757 -71.24 45.84 -8.63
CA PHE J 757 -71.58 46.96 -7.79
C PHE J 757 -71.78 46.55 -6.38
N GLY J 758 -71.72 47.56 -5.51
CA GLY J 758 -71.93 47.34 -4.11
C GLY J 758 -72.08 48.66 -3.42
N HIS J 759 -72.63 48.60 -2.22
CA HIS J 759 -72.92 49.74 -1.35
C HIS J 759 -72.10 51.01 -1.45
N THR J 760 -70.81 50.95 -1.75
CA THR J 760 -70.10 52.21 -1.82
C THR J 760 -69.37 52.39 -3.12
N VAL J 762 -68.21 50.47 -7.25
CA VAL J 762 -68.27 49.45 -8.25
C VAL J 762 -66.96 48.77 -8.27
N PHE J 763 -67.02 47.53 -8.65
CA PHE J 763 -65.85 46.79 -8.78
C PHE J 763 -65.67 46.53 -10.22
N PHE J 764 -64.40 46.57 -10.62
CA PHE J 764 -64.06 46.42 -12.02
C PHE J 764 -62.83 45.56 -12.23
N ALA J 766 -59.57 44.34 -14.85
CA ALA J 766 -58.53 45.08 -15.52
C ALA J 766 -58.94 45.58 -16.89
N GLY J 767 -56.68 41.73 -13.58
CA GLY J 767 -57.28 41.60 -14.91
C GLY J 767 -57.66 40.20 -15.25
N LEU J 768 -57.76 39.36 -14.25
CA LEU J 768 -58.09 38.00 -14.52
C LEU J 768 -59.55 37.82 -14.45
N LEU J 769 -60.03 38.17 -13.25
CA LEU J 769 -61.41 38.16 -12.97
C LEU J 769 -62.06 38.96 -14.10
N GLY J 770 -61.31 39.93 -14.59
CA GLY J 770 -61.75 40.71 -15.70
C GLY J 770 -61.88 39.80 -16.88
N LEU J 771 -60.92 38.93 -17.01
CA LEU J 771 -60.95 38.01 -18.14
C LEU J 771 -62.12 37.08 -18.04
N LEU J 772 -62.30 36.53 -16.85
CA LEU J 772 -63.42 35.65 -16.59
C LEU J 772 -64.75 36.19 -17.11
N GLU J 773 -65.16 37.26 -16.50
CA GLU J 773 -66.35 37.97 -16.85
C GLU J 773 -66.61 38.07 -18.34
N GLU J 774 -65.53 38.47 -19.05
CA GLU J 774 -65.64 38.65 -20.48
C GLU J 774 -66.18 37.42 -21.14
N MET J 775 -65.57 36.30 -20.82
CA MET J 775 -65.98 35.03 -21.33
C MET J 775 -67.43 34.85 -20.98
N ARG J 776 -67.69 35.19 -19.77
CA ARG J 776 -69.01 35.08 -19.25
C ARG J 776 -69.94 35.92 -20.08
N ASP J 777 -69.53 37.14 -20.32
CA ASP J 777 -70.31 38.08 -21.10
C ASP J 777 -70.76 37.43 -22.39
N ASP J 778 -69.81 36.89 -23.15
CA ASP J 778 -70.19 36.21 -24.38
C ASP J 778 -71.21 35.12 -24.08
N LEU J 780 -73.58 34.92 -22.26
CA LEU J 780 -74.96 35.24 -21.99
C LEU J 780 -75.65 35.71 -23.22
N ALA J 781 -74.85 36.29 -24.14
CA ALA J 781 -75.38 36.75 -25.39
C ALA J 781 -76.07 35.50 -25.92
N GLU J 782 -75.29 34.40 -25.87
CA GLU J 782 -75.76 33.07 -26.25
C GLU J 782 -77.08 32.90 -25.49
N ILE J 783 -76.76 32.36 -24.09
CA ILE J 783 -77.90 32.22 -23.23
C ILE J 783 -78.96 33.27 -23.39
N ILE J 784 -78.55 34.50 -23.50
CA ILE J 784 -79.55 35.54 -23.59
C ILE J 784 -80.19 35.60 -24.94
N THR J 785 -79.34 35.92 -25.94
CA THR J 785 -79.73 36.07 -27.32
C THR J 785 -80.77 35.02 -27.73
N ALA J 786 -80.54 33.80 -27.29
CA ALA J 786 -81.46 32.71 -27.52
C ALA J 786 -82.71 32.88 -26.72
N THR J 787 -82.56 33.37 -25.49
CA THR J 787 -83.77 33.53 -24.67
C THR J 787 -84.55 34.75 -25.10
N GLN J 788 -83.88 35.62 -25.79
CA GLN J 788 -84.59 36.80 -26.22
C GLN J 788 -85.55 36.36 -27.29
N ALA J 789 -84.95 35.88 -28.40
CA ALA J 789 -85.65 35.37 -29.55
C ALA J 789 -87.04 34.78 -29.30
N ARG J 790 -87.09 33.68 -28.57
CA ARG J 790 -88.31 32.95 -28.25
C ARG J 790 -89.35 33.96 -27.77
N CYS J 791 -88.90 34.75 -26.82
CA CYS J 791 -89.72 35.81 -26.29
C CYS J 791 -90.30 36.64 -27.45
N ARG J 792 -89.38 37.24 -28.22
CA ARG J 792 -89.69 38.07 -29.38
C ARG J 792 -90.71 37.32 -30.19
N GLY J 793 -90.31 36.10 -30.54
CA GLY J 793 -91.12 35.21 -31.33
C GLY J 793 -92.45 35.23 -30.68
N PHE J 794 -92.49 34.57 -29.54
CA PHE J 794 -93.68 34.46 -28.73
C PHE J 794 -94.44 35.74 -28.59
N LEU J 795 -93.71 36.81 -28.55
CA LEU J 795 -94.42 38.04 -28.37
C LEU J 795 -95.38 38.35 -29.48
N MET J 796 -94.87 38.16 -30.67
CA MET J 796 -95.70 38.41 -31.81
C MET J 796 -96.74 37.33 -32.00
N ARG J 797 -96.41 36.14 -31.54
CA ARG J 797 -97.32 35.02 -31.67
C ARG J 797 -98.64 35.31 -31.00
N VAL J 798 -98.65 36.27 -30.05
CA VAL J 798 -99.88 36.59 -29.30
C VAL J 798 -100.60 37.67 -30.02
N GLU J 799 -99.82 38.38 -30.83
CA GLU J 799 -100.36 39.47 -31.60
C GLU J 799 -101.21 38.92 -32.70
N TYR J 800 -100.73 37.83 -33.32
CA TYR J 800 -101.56 37.24 -34.30
C TYR J 800 -102.94 36.83 -33.71
N ARG J 801 -102.97 36.19 -32.51
CA ARG J 801 -104.21 35.73 -31.80
C ARG J 801 -105.20 36.84 -31.50
N ALA J 802 -104.67 38.04 -31.46
CA ALA J 802 -105.44 39.22 -31.18
C ALA J 802 -105.93 39.79 -32.50
N MET J 803 -105.01 39.98 -33.44
CA MET J 803 -105.29 40.48 -34.78
C MET J 803 -106.50 39.77 -35.36
N VAL J 804 -106.36 38.45 -35.32
CA VAL J 804 -107.33 37.51 -35.79
C VAL J 804 -108.71 37.62 -35.10
N GLU J 805 -108.72 37.66 -33.78
CA GLU J 805 -109.94 37.82 -33.00
C GLU J 805 -110.72 39.01 -33.52
N ARG J 806 -110.00 40.10 -33.49
CA ARG J 806 -110.37 41.41 -33.94
C ARG J 806 -111.02 41.45 -35.32
N ARG J 807 -110.55 40.52 -36.16
CA ARG J 807 -110.96 40.36 -37.54
C ARG J 807 -112.32 40.88 -37.87
N GLU J 808 -113.29 40.29 -37.20
CA GLU J 808 -114.63 40.70 -37.49
C GLU J 808 -115.14 41.90 -36.76
N SER J 809 -114.83 42.00 -35.47
CA SER J 809 -115.32 43.12 -34.69
C SER J 809 -115.06 44.43 -35.37
N ILE J 810 -114.04 44.43 -36.22
CA ILE J 810 -113.72 45.61 -36.96
C ILE J 810 -114.80 45.86 -38.00
N PHE J 811 -114.90 44.88 -38.90
CA PHE J 811 -115.85 44.84 -39.99
C PHE J 811 -117.16 45.38 -39.53
N CYS J 812 -117.59 44.78 -38.44
CA CYS J 812 -118.82 45.18 -37.81
C CYS J 812 -118.76 46.64 -37.62
N ILE J 813 -117.69 47.05 -37.03
CA ILE J 813 -117.55 48.48 -36.82
C ILE J 813 -117.45 49.13 -38.18
N GLN J 814 -116.61 48.57 -39.04
CA GLN J 814 -116.37 49.13 -40.38
C GLN J 814 -117.65 49.48 -41.11
N TYR J 815 -118.32 48.46 -41.59
CA TYR J 815 -119.55 48.63 -42.32
C TYR J 815 -120.56 49.52 -41.62
N ASN J 816 -120.78 49.18 -40.35
CA ASN J 816 -121.76 49.86 -39.50
C ASN J 816 -121.82 51.35 -39.53
N VAL J 817 -120.63 51.95 -39.63
CA VAL J 817 -120.45 53.40 -39.68
C VAL J 817 -120.91 53.93 -41.03
N ARG J 818 -120.32 53.31 -42.05
CA ARG J 818 -120.61 53.62 -43.42
C ARG J 818 -122.11 53.80 -43.67
N SER J 819 -122.94 52.86 -43.13
CA SER J 819 -124.37 52.90 -43.23
C SER J 819 -124.79 54.31 -42.97
N PHE J 820 -124.67 54.62 -41.71
CA PHE J 820 -125.01 55.85 -41.14
C PHE J 820 -124.64 57.07 -41.95
N MET J 821 -123.45 57.09 -42.45
CA MET J 821 -123.01 58.20 -43.27
C MET J 821 -123.87 58.42 -44.51
N ASN J 822 -124.50 57.36 -44.90
CA ASN J 822 -125.31 57.35 -46.09
C ASN J 822 -126.74 57.67 -45.80
N VAL J 823 -127.15 57.03 -44.73
CA VAL J 823 -128.47 57.10 -44.27
C VAL J 823 -128.88 58.41 -43.67
N HIS J 825 -128.61 61.17 -44.16
CA HIS J 825 -129.06 62.24 -45.05
C HIS J 825 -130.41 61.94 -45.74
N TRP J 826 -130.92 60.70 -45.59
CA TRP J 826 -132.18 60.12 -46.15
C TRP J 826 -133.50 60.46 -45.41
N PRO J 827 -134.38 61.17 -46.11
CA PRO J 827 -135.69 61.60 -45.60
C PRO J 827 -136.32 60.62 -44.66
N TRP J 828 -136.47 59.44 -45.20
CA TRP J 828 -137.09 58.33 -44.53
C TRP J 828 -136.40 58.02 -43.27
N MET J 829 -135.08 58.19 -43.30
CA MET J 829 -134.39 57.85 -42.08
C MET J 829 -134.51 58.96 -41.05
N LEU J 831 -137.00 60.81 -40.77
CA LEU J 831 -138.38 60.63 -40.33
C LEU J 831 -138.45 59.64 -39.19
N PHE J 832 -137.94 58.45 -39.48
CA PHE J 832 -137.89 57.36 -38.48
C PHE J 832 -137.30 57.86 -37.20
N PHE J 833 -136.34 58.75 -37.40
CA PHE J 833 -135.62 59.33 -36.31
C PHE J 833 -136.50 60.20 -35.44
N ILE J 835 -139.50 60.25 -35.34
CA ILE J 835 -140.58 59.38 -34.93
C ILE J 835 -140.25 58.25 -33.96
N PRO J 837 -139.10 58.00 -31.34
CA PRO J 837 -139.35 58.15 -29.92
C PRO J 837 -140.77 57.90 -29.49
N LEU J 838 -141.73 58.47 -30.24
CA LEU J 838 -143.15 58.29 -29.90
C LEU J 838 -143.54 56.83 -29.67
N LEU J 839 -142.65 55.94 -30.11
CA LEU J 839 -142.91 54.55 -30.01
C LEU J 839 -142.69 54.03 -28.64
N LYS J 840 -143.06 52.78 -28.52
CA LYS J 840 -142.90 52.06 -27.27
C LYS J 840 -142.59 50.60 -27.57
N PHE K 1 -130.73 41.49 -39.70
CA PHE K 1 -131.98 42.05 -39.15
C PHE K 1 -132.55 41.17 -38.05
N ASP K 2 -132.52 41.68 -36.84
CA ASP K 2 -133.15 40.98 -35.72
C ASP K 2 -134.64 41.26 -35.77
N GLU K 3 -135.44 40.39 -35.17
CA GLU K 3 -136.90 40.47 -35.33
C GLU K 3 -137.55 41.69 -34.66
N THR K 4 -136.92 42.26 -33.65
CA THR K 4 -137.50 43.44 -33.01
C THR K 4 -137.23 44.71 -33.83
N GLU K 5 -136.16 44.65 -34.60
CA GLU K 5 -135.81 45.73 -35.53
C GLU K 5 -136.73 45.72 -36.75
N ILE K 6 -137.18 44.51 -37.10
CA ILE K 6 -138.13 44.37 -38.21
C ILE K 6 -139.54 44.74 -37.75
N GLU K 7 -139.81 44.58 -36.46
CA GLU K 7 -141.09 45.02 -35.90
C GLU K 7 -141.12 46.54 -35.70
N ASP K 8 -139.95 47.15 -35.55
CA ASP K 8 -139.85 48.60 -35.47
C ASP K 8 -140.06 49.22 -36.85
N PHE K 9 -139.62 48.52 -37.89
CA PHE K 9 -139.85 48.99 -39.26
C PHE K 9 -141.28 48.71 -39.72
N LYS K 10 -141.94 47.76 -39.10
CA LYS K 10 -143.35 47.49 -39.37
C LYS K 10 -144.24 48.53 -38.71
N GLU K 11 -143.79 49.04 -37.57
CA GLU K 11 -144.55 50.09 -36.87
C GLU K 11 -144.34 51.44 -37.54
N ALA K 12 -143.16 51.65 -38.10
CA ALA K 12 -142.90 52.89 -38.85
C ALA K 12 -143.60 52.87 -40.20
N PHE K 13 -143.76 51.68 -40.75
CA PHE K 13 -144.49 51.51 -42.00
C PHE K 13 -145.98 51.74 -41.81
N THR K 14 -146.49 51.43 -40.63
CA THR K 14 -147.91 51.65 -40.35
C THR K 14 -148.21 53.11 -39.99
N VAL K 15 -147.21 53.81 -39.48
CA VAL K 15 -147.40 55.24 -39.16
C VAL K 15 -147.26 56.13 -40.40
N ILE K 16 -146.56 55.63 -41.41
CA ILE K 16 -146.47 56.39 -42.65
C ILE K 16 -147.56 55.96 -43.63
N ASP K 17 -148.07 54.74 -43.47
CA ASP K 17 -149.18 54.28 -44.29
C ASP K 17 -150.50 54.50 -43.57
N GLN K 18 -150.97 55.74 -43.68
CA GLN K 18 -152.17 56.19 -42.96
C GLN K 18 -153.48 55.76 -43.62
N ASN K 19 -153.40 55.17 -44.81
CA ASN K 19 -154.60 54.54 -45.40
C ASN K 19 -154.80 53.09 -44.95
N ALA K 20 -153.80 52.56 -44.24
CA ALA K 20 -153.76 51.16 -43.79
C ALA K 20 -154.14 50.12 -44.84
N ASP K 21 -153.62 50.23 -46.05
CA ASP K 21 -153.90 49.17 -47.05
C ASP K 21 -152.66 48.33 -47.35
N GLY K 22 -151.51 48.77 -46.83
CA GLY K 22 -150.29 47.97 -46.98
C GLY K 22 -149.32 48.53 -48.01
N ILE K 23 -149.69 49.61 -48.67
CA ILE K 23 -148.80 50.25 -49.65
C ILE K 23 -148.72 51.75 -49.43
N ILE K 24 -147.53 52.21 -49.07
CA ILE K 24 -147.30 53.64 -48.88
C ILE K 24 -147.18 54.36 -50.22
N ASP K 25 -148.22 55.12 -50.53
CA ASP K 25 -148.20 55.98 -51.73
C ASP K 25 -147.72 57.39 -51.35
N LYS K 26 -147.71 58.27 -52.35
CA LYS K 26 -147.20 59.64 -52.18
C LYS K 26 -148.07 60.51 -51.28
N ASP K 27 -149.34 60.16 -51.18
CA ASP K 27 -150.28 60.88 -50.31
C ASP K 27 -150.01 60.54 -48.85
N ASP K 28 -149.59 59.31 -48.60
CA ASP K 28 -149.24 58.89 -47.23
C ASP K 28 -147.97 59.56 -46.76
N LEU K 29 -147.02 59.72 -47.69
CA LEU K 29 -145.76 60.40 -47.37
C LEU K 29 -146.02 61.86 -47.02
N ARG K 30 -146.88 62.51 -47.79
CA ARG K 30 -147.19 63.92 -47.57
C ARG K 30 -148.03 64.16 -46.33
N GLU K 31 -148.92 63.23 -46.01
CA GLU K 31 -149.79 63.40 -44.83
C GLU K 31 -149.09 62.97 -43.54
N THR K 32 -148.03 62.18 -43.66
CA THR K 32 -147.23 61.87 -42.48
C THR K 32 -146.28 63.01 -42.18
N PHE K 33 -145.80 63.67 -43.24
CA PHE K 33 -144.93 64.82 -43.06
C PHE K 33 -145.70 66.05 -42.58
N ALA K 34 -146.94 66.18 -43.02
CA ALA K 34 -147.80 67.27 -42.54
C ALA K 34 -148.23 67.08 -41.10
N ALA K 35 -148.33 65.82 -40.65
CA ALA K 35 -148.65 65.54 -39.25
C ALA K 35 -147.44 65.65 -38.32
N MET K 36 -146.25 65.71 -38.89
CA MET K 36 -145.04 65.98 -38.11
C MET K 36 -144.67 67.47 -38.12
N GLY K 37 -145.36 68.25 -38.93
CA GLY K 37 -145.15 69.71 -38.94
C GLY K 37 -144.68 70.26 -40.28
N ARG K 38 -144.53 69.38 -41.26
CA ARG K 38 -144.06 69.82 -42.58
C ARG K 38 -145.22 70.24 -43.47
N LEU K 39 -145.50 71.53 -43.43
CA LEU K 39 -146.58 72.10 -44.25
C LEU K 39 -146.08 72.45 -45.64
N ASN K 40 -144.78 72.60 -45.76
CA ASN K 40 -144.15 72.97 -47.04
C ASN K 40 -143.44 71.81 -47.75
N VAL K 41 -143.79 70.57 -47.45
CA VAL K 41 -143.13 69.43 -48.08
C VAL K 41 -143.43 69.36 -49.59
N LYS K 42 -142.39 69.58 -50.38
CA LYS K 42 -142.54 69.57 -51.84
C LYS K 42 -142.80 68.18 -52.40
N ASN K 43 -143.43 68.17 -53.56
CA ASN K 43 -143.81 66.94 -54.25
C ASN K 43 -142.61 66.23 -54.86
N GLU K 44 -141.55 67.00 -55.03
CA GLU K 44 -140.30 66.48 -55.58
C GLU K 44 -139.53 65.67 -54.53
N GLU K 45 -139.83 65.88 -53.26
CA GLU K 45 -139.18 65.10 -52.20
C GLU K 45 -139.87 63.75 -52.10
N LEU K 46 -141.16 63.77 -52.35
CA LEU K 46 -141.98 62.57 -52.29
C LEU K 46 -141.71 61.70 -53.51
N ASP K 47 -141.44 62.36 -54.62
CA ASP K 47 -141.08 61.67 -55.86
C ASP K 47 -139.67 61.09 -55.82
N ALA K 48 -138.78 61.69 -55.03
CA ALA K 48 -137.42 61.14 -54.91
C ALA K 48 -137.37 59.94 -53.96
N MET K 49 -138.33 59.88 -53.05
CA MET K 49 -138.43 58.71 -52.17
C MET K 49 -139.03 57.53 -52.92
N ILE K 50 -139.98 57.83 -53.80
CA ILE K 50 -140.60 56.78 -54.61
C ILE K 50 -139.71 56.32 -55.77
N LYS K 51 -138.76 57.17 -56.14
CA LYS K 51 -137.78 56.87 -57.20
C LYS K 51 -136.65 55.97 -56.70
N GLU K 52 -136.64 55.67 -55.41
CA GLU K 52 -135.66 54.72 -54.87
C GLU K 52 -136.20 53.29 -54.92
N ALA K 53 -137.47 53.15 -55.24
CA ALA K 53 -138.08 51.83 -55.40
C ALA K 53 -138.42 51.55 -56.86
N SER K 54 -138.49 50.26 -57.18
CA SER K 54 -138.89 49.86 -58.54
C SER K 54 -140.40 49.58 -58.60
N GLY K 55 -141.03 49.48 -57.45
CA GLY K 55 -142.47 49.27 -57.39
C GLY K 55 -143.07 50.00 -56.18
N PRO K 56 -144.33 49.71 -55.92
CA PRO K 56 -145.06 50.31 -54.80
C PRO K 56 -144.43 49.91 -53.47
N ILE K 57 -144.47 50.83 -52.51
CA ILE K 57 -143.84 50.61 -51.20
C ILE K 57 -144.72 49.78 -50.26
N ASN K 58 -144.70 48.48 -50.46
CA ASN K 58 -145.33 47.59 -49.50
C ASN K 58 -144.29 47.23 -48.45
N PHE K 59 -144.65 46.38 -47.50
CA PHE K 59 -143.75 46.10 -46.38
C PHE K 59 -142.44 45.41 -46.79
N THR K 60 -142.46 44.59 -47.82
CA THR K 60 -141.23 43.89 -48.21
C THR K 60 -140.37 44.73 -49.13
N VAL K 61 -140.99 45.72 -49.79
CA VAL K 61 -140.22 46.63 -50.62
C VAL K 61 -139.56 47.71 -49.77
N PHE K 62 -140.18 48.00 -48.64
CA PHE K 62 -139.63 48.96 -47.69
C PHE K 62 -138.50 48.31 -46.88
N LEU K 63 -138.64 47.02 -46.62
CA LEU K 63 -137.58 46.27 -45.92
C LEU K 63 -136.37 46.03 -46.79
N THR K 64 -136.58 45.78 -48.09
CA THR K 64 -135.43 45.56 -48.97
C THR K 64 -134.71 46.85 -49.31
N MET K 65 -135.44 47.97 -49.30
CA MET K 65 -134.80 49.25 -49.58
C MET K 65 -133.96 49.69 -48.37
N PHE K 66 -134.48 49.44 -47.18
CA PHE K 66 -133.73 49.76 -45.96
C PHE K 66 -132.59 48.80 -45.71
N GLY K 67 -132.74 47.56 -46.15
CA GLY K 67 -131.66 46.57 -46.07
C GLY K 67 -130.47 46.95 -46.93
N GLU K 68 -130.77 47.39 -48.14
CA GLU K 68 -129.72 47.77 -49.10
C GLU K 68 -129.03 49.11 -48.78
N LYS K 69 -129.63 49.92 -47.91
CA LYS K 69 -128.95 51.14 -47.48
C LYS K 69 -128.25 50.95 -46.14
N LEU K 70 -128.73 49.98 -45.38
CA LEU K 70 -128.18 49.70 -44.05
C LEU K 70 -127.45 48.36 -43.98
N LYS K 71 -126.52 48.17 -44.92
CA LYS K 71 -125.78 46.90 -45.00
C LYS K 71 -124.66 46.77 -43.96
N GLY K 72 -124.47 47.79 -43.15
CA GLY K 72 -123.51 47.74 -42.04
C GLY K 72 -124.14 48.32 -40.77
N ALA K 73 -125.47 48.30 -40.70
CA ALA K 73 -126.17 48.83 -39.54
C ALA K 73 -126.01 47.91 -38.34
N ASP K 74 -125.60 48.48 -37.23
CA ASP K 74 -125.37 47.67 -36.03
C ASP K 74 -126.16 48.22 -34.84
N PRO K 75 -126.87 47.31 -34.17
CA PRO K 75 -127.64 47.65 -32.97
C PRO K 75 -126.73 48.16 -31.86
N GLU K 76 -127.31 48.91 -30.95
CA GLU K 76 -126.55 49.58 -29.89
C GLU K 76 -125.85 48.62 -28.94
N ASP K 77 -126.41 47.43 -28.74
CA ASP K 77 -125.80 46.47 -27.82
C ASP K 77 -124.57 45.80 -28.41
N VAL K 78 -124.45 45.77 -29.73
CA VAL K 78 -123.28 45.14 -30.34
C VAL K 78 -122.19 46.18 -30.57
N ILE K 79 -122.60 47.43 -30.62
CA ILE K 79 -121.61 48.52 -30.71
C ILE K 79 -120.99 48.76 -29.34
N MET K 80 -121.79 48.59 -28.30
CA MET K 80 -121.26 48.70 -26.92
C MET K 80 -120.50 47.44 -26.52
N GLY K 81 -120.81 46.33 -27.15
CA GLY K 81 -120.01 45.11 -26.99
C GLY K 81 -118.58 45.33 -27.50
N ALA K 82 -118.47 45.87 -28.70
CA ALA K 82 -117.15 46.15 -29.28
C ALA K 82 -116.40 47.25 -28.56
N PHE K 83 -117.12 48.23 -28.00
CA PHE K 83 -116.46 49.29 -27.23
C PHE K 83 -116.09 48.87 -25.80
N LYS K 84 -116.66 47.77 -25.34
CA LYS K 84 -116.30 47.21 -24.03
C LYS K 84 -115.09 46.29 -24.19
N VAL K 85 -114.89 45.82 -25.42
CA VAL K 85 -113.68 45.05 -25.74
C VAL K 85 -112.51 45.98 -26.02
N LEU K 86 -112.82 47.21 -26.44
CA LEU K 86 -111.78 48.22 -26.63
C LEU K 86 -111.43 48.89 -25.30
N ASP K 87 -112.38 48.91 -24.38
CA ASP K 87 -112.09 49.33 -23.01
C ASP K 87 -112.42 48.18 -22.05
N PRO K 88 -111.50 47.22 -21.94
CA PRO K 88 -111.81 45.94 -21.29
C PRO K 88 -111.82 45.99 -19.77
N ASP K 89 -111.40 47.13 -19.22
CA ASP K 89 -111.41 47.37 -17.78
C ASP K 89 -112.70 48.05 -17.34
N GLY K 90 -113.53 48.43 -18.29
CA GLY K 90 -114.84 49.01 -17.98
C GLY K 90 -114.78 50.48 -17.57
N LYS K 91 -115.93 51.12 -17.75
CA LYS K 91 -116.23 52.51 -17.31
C LYS K 91 -115.61 53.62 -18.15
N GLY K 92 -114.31 53.57 -18.38
CA GLY K 92 -113.59 54.66 -19.04
C GLY K 92 -113.83 54.75 -20.54
N SER K 93 -114.01 55.97 -20.99
CA SER K 93 -114.02 56.25 -22.43
C SER K 93 -112.58 56.24 -22.93
N ILE K 94 -112.40 55.62 -24.08
CA ILE K 94 -111.04 55.38 -24.60
C ILE K 94 -110.48 56.61 -25.33
N LYS K 95 -109.17 56.73 -25.29
CA LYS K 95 -108.46 57.89 -25.86
C LYS K 95 -108.68 58.12 -27.35
N LYS K 96 -108.59 59.40 -27.70
CA LYS K 96 -108.75 59.89 -29.07
C LYS K 96 -107.71 59.32 -30.02
N SER K 97 -106.45 59.32 -29.59
CA SER K 97 -105.38 58.85 -30.46
C SER K 97 -105.34 57.32 -30.54
N PHE K 98 -105.97 56.64 -29.60
CA PHE K 98 -105.93 55.18 -29.61
C PHE K 98 -106.93 54.67 -30.63
N LEU K 99 -108.05 55.37 -30.76
CA LEU K 99 -109.05 54.97 -31.75
C LEU K 99 -108.65 55.37 -33.16
N GLU K 100 -107.84 56.41 -33.28
CA GLU K 100 -107.38 56.84 -34.60
C GLU K 100 -106.30 55.90 -35.12
N GLU K 101 -105.47 55.43 -34.22
CA GLU K 101 -104.40 54.51 -34.61
C GLU K 101 -104.95 53.12 -34.88
N LEU K 102 -105.88 52.68 -34.06
CA LEU K 102 -106.44 51.32 -34.22
C LEU K 102 -107.43 51.22 -35.38
N LEU K 103 -108.02 52.33 -35.79
CA LEU K 103 -108.91 52.28 -36.95
C LEU K 103 -108.10 52.19 -38.22
N THR K 104 -107.06 52.98 -38.27
CA THR K 104 -106.20 53.02 -39.44
C THR K 104 -105.42 51.70 -39.57
N THR K 105 -104.70 51.35 -38.51
CA THR K 105 -103.76 50.22 -38.53
C THR K 105 -104.40 48.86 -38.46
N GLY K 106 -105.61 48.77 -38.66
CA GLY K 106 -106.12 47.44 -38.64
C GLY K 106 -106.82 47.22 -39.94
N GLY K 107 -107.48 48.29 -40.32
CA GLY K 107 -108.34 48.27 -41.49
C GLY K 107 -108.25 49.56 -42.32
N GLY K 108 -108.69 49.39 -43.55
CA GLY K 108 -108.73 50.46 -44.55
C GLY K 108 -109.97 51.35 -44.35
N ARG K 109 -110.92 50.81 -43.59
CA ARG K 109 -112.18 51.52 -43.28
C ARG K 109 -111.96 52.54 -42.14
N PHE K 110 -110.83 52.36 -41.48
CA PHE K 110 -110.43 53.20 -40.34
C PHE K 110 -109.34 54.22 -40.78
N THR K 111 -109.13 54.34 -42.13
CA THR K 111 -108.14 55.33 -42.74
C THR K 111 -108.29 56.69 -42.11
N PRO K 112 -107.30 57.67 -42.11
CA PRO K 112 -107.55 58.91 -41.42
C PRO K 112 -108.77 59.69 -42.03
N GLU K 113 -108.63 60.49 -43.17
CA GLU K 113 -109.78 61.41 -43.73
C GLU K 113 -111.16 61.04 -43.18
N GLU K 114 -111.42 59.75 -43.14
CA GLU K 114 -112.67 59.24 -42.61
C GLU K 114 -112.74 59.49 -41.10
N ILE K 115 -111.57 59.52 -40.47
CA ILE K 115 -111.47 59.75 -39.01
C ILE K 115 -111.72 61.22 -38.69
N LYS K 116 -111.44 62.10 -39.65
CA LYS K 116 -111.75 63.53 -39.49
C LYS K 116 -113.24 63.77 -39.66
N ASN K 117 -113.86 62.95 -40.49
CA ASN K 117 -115.31 63.01 -40.66
C ASN K 117 -116.03 62.39 -39.47
N MET K 118 -115.38 61.45 -38.80
CA MET K 118 -115.95 60.86 -37.59
C MET K 118 -115.95 61.87 -36.45
N TRP K 119 -114.90 62.65 -36.38
CA TRP K 119 -114.80 63.65 -35.30
C TRP K 119 -115.74 64.84 -35.59
N ALA K 120 -116.05 65.01 -36.85
CA ALA K 120 -116.82 66.17 -37.34
C ALA K 120 -118.31 66.17 -37.05
N ALA K 121 -118.97 65.21 -36.65
CA ALA K 121 -120.29 65.65 -36.22
C ALA K 121 -120.55 64.88 -34.99
N PHE K 122 -119.68 63.87 -34.88
CA PHE K 122 -119.62 63.06 -33.67
C PHE K 122 -118.77 63.76 -32.77
N PRO K 123 -119.18 64.57 -32.15
CA PRO K 123 -118.28 65.56 -31.54
C PRO K 123 -116.91 65.10 -31.02
N PRO K 124 -116.35 65.84 -29.99
CA PRO K 124 -114.98 65.68 -29.42
C PRO K 124 -114.78 64.39 -28.70
N ASP K 125 -115.53 64.28 -27.63
CA ASP K 125 -115.51 63.07 -26.80
C ASP K 125 -115.69 61.86 -27.70
N VAL K 126 -116.78 61.91 -28.46
CA VAL K 126 -117.12 60.83 -29.40
C VAL K 126 -115.97 60.64 -30.40
N ALA K 127 -115.64 61.73 -31.06
CA ALA K 127 -114.56 61.76 -32.05
C ALA K 127 -113.25 61.26 -31.44
N GLY K 128 -112.91 61.89 -30.32
CA GLY K 128 -111.67 61.61 -29.55
C GLY K 128 -111.56 60.13 -29.15
N ASN K 129 -112.71 59.57 -28.78
CA ASN K 129 -112.81 58.15 -28.39
C ASN K 129 -112.86 57.99 -26.86
N VAL K 130 -113.10 59.10 -26.20
CA VAL K 130 -113.14 59.16 -24.74
C VAL K 130 -114.52 58.76 -24.23
N ASP K 131 -115.57 59.50 -24.64
CA ASP K 131 -116.90 59.05 -24.27
C ASP K 131 -117.21 57.91 -25.14
N TYR K 132 -118.36 57.50 -24.95
CA TYR K 132 -118.68 56.32 -25.46
C TYR K 132 -120.12 56.13 -25.20
N LYS K 133 -120.79 55.60 -26.13
CA LYS K 133 -122.16 55.33 -25.86
C LYS K 133 -123.08 56.30 -26.57
N ASN K 134 -122.70 57.55 -26.66
CA ASN K 134 -123.56 58.52 -27.36
C ASN K 134 -123.47 58.27 -28.86
N ILE K 135 -122.34 57.72 -29.26
CA ILE K 135 -122.07 57.40 -30.67
C ILE K 135 -122.84 56.15 -31.07
N CYS K 136 -123.06 55.25 -30.12
CA CYS K 136 -123.88 54.06 -30.38
C CYS K 136 -125.35 54.43 -30.52
N TYR K 137 -125.72 55.47 -29.77
CA TYR K 137 -127.07 55.99 -29.83
C TYR K 137 -127.35 56.62 -31.20
N VAL K 138 -126.45 57.48 -31.65
CA VAL K 138 -126.65 58.20 -32.91
C VAL K 138 -126.36 57.35 -34.17
N ILE K 139 -125.74 56.19 -34.00
CA ILE K 139 -125.57 55.26 -35.13
C ILE K 139 -126.82 54.39 -35.33
N THR K 140 -127.61 54.23 -34.28
CA THR K 140 -128.84 53.46 -34.41
C THR K 140 -130.03 54.39 -34.65
N HIS K 141 -129.93 55.58 -34.09
CA HIS K 141 -130.88 56.66 -34.36
C HIS K 141 -130.13 57.97 -34.54
N GLY K 142 -130.13 58.46 -35.77
CA GLY K 142 -129.35 59.64 -36.15
C GLY K 142 -129.72 60.93 -35.42
N GLU K 143 -129.11 62.01 -35.90
CA GLU K 143 -129.24 63.40 -35.41
C GLU K 143 -128.90 63.56 -33.92
N ASP K 144 -128.64 64.81 -33.55
CA ASP K 144 -128.35 65.13 -32.15
C ASP K 144 -129.53 64.77 -31.25
N ALA K 145 -129.21 64.11 -30.14
CA ALA K 145 -130.23 63.74 -29.17
C ALA K 145 -130.42 64.84 -28.13
N SER L 1 -89.23 22.40 -48.14
CA SER L 1 -88.90 21.29 -49.04
C SER L 1 -90.14 20.90 -49.85
N LYS L 2 -91.24 21.34 -49.21
CA LYS L 2 -92.55 21.04 -49.80
C LYS L 2 -93.11 19.75 -49.21
N ALA L 3 -91.53 18.02 -48.06
CA ALA L 3 -92.82 18.63 -47.67
C ALA L 3 -92.88 20.09 -48.13
N ALA L 4 -93.48 20.30 -49.29
CA ALA L 4 -93.63 21.67 -49.82
C ALA L 4 -94.83 22.38 -49.20
N ALA L 5 -94.55 23.15 -48.16
CA ALA L 5 -95.61 23.90 -47.48
C ALA L 5 -95.95 25.20 -48.19
N ASP L 6 -96.96 25.10 -49.05
CA ASP L 6 -97.42 26.23 -49.87
C ASP L 6 -98.29 27.22 -49.07
N ASP L 7 -98.57 26.87 -47.83
CA ASP L 7 -99.30 27.76 -46.93
C ASP L 7 -98.42 28.89 -46.39
N PHE L 8 -97.10 28.80 -46.59
CA PHE L 8 -96.23 29.92 -46.24
C PHE L 8 -96.38 31.05 -47.26
N LYS L 9 -96.70 30.66 -48.49
CA LYS L 9 -96.92 31.63 -49.57
C LYS L 9 -98.32 32.25 -49.47
N GLU L 10 -99.24 31.48 -48.91
CA GLU L 10 -100.60 31.97 -48.70
C GLU L 10 -100.66 32.90 -47.49
N ALA L 11 -99.75 32.70 -46.55
CA ALA L 11 -99.65 33.59 -45.39
C ALA L 11 -98.89 34.88 -45.75
N PHE L 12 -98.10 34.83 -46.81
CA PHE L 12 -97.42 36.04 -47.28
C PHE L 12 -98.40 36.97 -47.99
N LEU L 13 -99.46 36.38 -48.52
CA LEU L 13 -100.54 37.18 -49.13
C LEU L 13 -101.49 37.76 -48.08
N LEU L 14 -101.40 37.28 -46.85
CA LEU L 14 -102.19 37.84 -45.76
C LEU L 14 -101.44 38.93 -45.02
N PHE L 15 -100.13 39.01 -45.21
CA PHE L 15 -99.34 40.04 -44.54
C PHE L 15 -98.93 41.17 -45.49
N ASP L 16 -99.06 40.95 -46.78
CA ASP L 16 -98.78 42.03 -47.73
C ASP L 16 -100.03 42.87 -47.97
N ARG L 17 -99.95 44.09 -47.45
CA ARG L 17 -101.06 45.05 -47.47
C ARG L 17 -101.32 45.71 -48.83
N THR L 18 -100.39 45.56 -49.76
CA THR L 18 -100.54 46.16 -51.09
C THR L 18 -101.01 45.15 -52.13
N GLY L 19 -100.96 43.87 -51.81
CA GLY L 19 -101.32 42.82 -52.77
C GLY L 19 -100.33 42.59 -53.93
N ASP L 20 -99.15 43.20 -53.92
CA ASP L 20 -98.19 43.02 -55.04
C ASP L 20 -97.26 41.80 -54.88
N ALA L 21 -97.44 41.06 -53.80
CA ALA L 21 -96.68 39.83 -53.47
C ALA L 21 -95.26 40.13 -52.99
N LYS L 22 -95.11 41.27 -52.33
CA LYS L 22 -93.84 41.63 -51.68
C LYS L 22 -94.10 42.02 -50.23
N ILE L 23 -93.17 41.64 -49.37
CA ILE L 23 -93.29 41.98 -47.93
C ILE L 23 -92.06 42.72 -47.45
N THR L 24 -92.26 43.90 -46.88
CA THR L 24 -91.12 44.74 -46.47
C THR L 24 -90.25 44.02 -45.44
N ALA L 25 -89.00 44.44 -45.37
CA ALA L 25 -88.02 43.81 -44.49
C ALA L 25 -88.31 43.99 -42.99
N SER L 26 -89.12 44.99 -42.66
CA SER L 26 -89.53 45.21 -41.28
C SER L 26 -90.63 44.24 -40.83
N GLN L 27 -91.28 43.58 -41.77
CA GLN L 27 -92.33 42.63 -41.42
C GLN L 27 -91.80 41.22 -41.32
N VAL L 28 -90.60 41.00 -41.81
CA VAL L 28 -90.04 39.64 -41.91
C VAL L 28 -89.76 39.00 -40.57
N GLY L 29 -89.44 39.81 -39.57
CA GLY L 29 -89.23 39.30 -38.20
C GLY L 29 -90.52 38.71 -37.63
N ASP L 30 -91.60 39.46 -37.75
CA ASP L 30 -92.88 39.05 -37.17
C ASP L 30 -93.56 37.95 -37.99
N ILE L 31 -93.25 37.87 -39.27
CA ILE L 31 -93.84 36.83 -40.11
C ILE L 31 -93.09 35.51 -40.01
N ALA L 32 -91.84 35.56 -39.59
CA ALA L 32 -91.10 34.32 -39.32
C ALA L 32 -91.64 33.70 -38.02
N ARG L 33 -92.03 34.58 -37.11
CA ARG L 33 -92.66 34.14 -35.87
C ARG L 33 -94.07 33.60 -36.09
N ALA L 34 -94.78 34.17 -37.05
CA ALA L 34 -96.12 33.69 -37.40
C ALA L 34 -96.12 32.43 -38.27
N LEU L 35 -94.97 32.03 -38.78
CA LEU L 35 -94.86 30.78 -39.52
C LEU L 35 -94.33 29.64 -38.63
N GLY L 36 -94.04 29.96 -37.38
CA GLY L 36 -93.63 28.93 -36.42
C GLY L 36 -92.13 28.94 -36.20
N GLN L 37 -91.56 30.13 -36.18
CA GLN L 37 -90.12 30.29 -35.93
C GLN L 37 -89.85 31.44 -34.97
N ASN L 38 -89.02 31.19 -33.98
CA ASN L 38 -88.71 32.25 -33.01
C ASN L 38 -87.25 32.72 -33.05
N PRO L 39 -86.82 33.42 -34.11
CA PRO L 39 -85.49 34.01 -34.08
C PRO L 39 -85.51 35.28 -33.25
N THR L 40 -84.48 35.48 -32.45
CA THR L 40 -84.38 36.70 -31.64
C THR L 40 -84.24 37.91 -32.56
N ASN L 41 -84.63 39.07 -32.08
CA ASN L 41 -84.60 40.28 -32.93
C ASN L 41 -83.19 40.74 -33.31
N ALA L 42 -82.20 40.39 -32.49
CA ALA L 42 -80.81 40.71 -32.84
C ALA L 42 -80.29 39.81 -33.95
N GLU L 43 -80.86 38.63 -33.99
CA GLU L 43 -80.48 37.60 -34.97
C GLU L 43 -81.08 37.95 -36.34
N ILE L 44 -82.29 38.48 -36.28
CA ILE L 44 -83.00 38.91 -37.48
C ILE L 44 -82.32 40.16 -38.03
N ASN L 45 -81.79 40.93 -37.09
CA ASN L 45 -81.08 42.18 -37.40
C ASN L 45 -79.70 41.88 -38.02
N LYS L 46 -79.00 40.95 -37.43
CA LYS L 46 -77.65 40.58 -37.89
C LYS L 46 -77.67 39.99 -39.28
N ILE L 47 -78.46 38.98 -39.42
CA ILE L 47 -78.59 38.29 -40.70
C ILE L 47 -78.82 39.32 -41.82
N LEU L 48 -79.74 40.23 -41.56
CA LEU L 48 -80.09 41.28 -42.52
C LEU L 48 -78.84 42.08 -42.94
N GLY L 49 -78.19 42.63 -41.94
CA GLY L 49 -76.96 43.45 -42.12
C GLY L 49 -75.83 42.59 -42.68
N ASN L 50 -75.77 41.37 -42.19
CA ASN L 50 -74.78 40.40 -42.63
C ASN L 50 -74.80 40.39 -44.15
N PRO L 51 -75.99 40.25 -44.72
CA PRO L 51 -76.22 40.35 -46.17
C PRO L 51 -76.28 41.79 -46.75
N SER L 52 -75.60 42.75 -46.15
CA SER L 52 -75.59 44.17 -46.63
C SER L 52 -76.99 44.66 -46.99
N LYS L 53 -77.94 44.28 -46.15
CA LYS L 53 -79.35 44.67 -46.27
C LYS L 53 -79.66 45.66 -45.16
N GLU L 54 -80.07 46.85 -45.57
CA GLU L 54 -80.40 47.95 -44.64
C GLU L 54 -81.91 48.05 -44.42
N GLU L 55 -82.27 47.87 -43.16
CA GLU L 55 -83.67 47.93 -42.71
C GLU L 55 -84.05 49.37 -42.33
N MET L 56 -83.11 50.27 -42.63
CA MET L 56 -83.25 51.71 -42.31
C MET L 56 -83.89 52.49 -43.46
N ASN L 57 -83.67 51.98 -44.67
CA ASN L 57 -84.23 52.57 -45.89
C ASN L 57 -85.37 51.69 -46.38
N ALA L 58 -86.19 52.27 -47.24
CA ALA L 58 -87.34 51.56 -47.83
C ALA L 58 -86.91 50.17 -48.29
N ALA L 59 -87.83 49.23 -48.13
CA ALA L 59 -87.58 47.82 -48.50
C ALA L 59 -88.85 47.20 -49.10
N ALA L 60 -88.60 46.25 -49.94
CA ALA L 60 -89.66 45.51 -50.61
C ALA L 60 -89.36 44.05 -50.46
N ILE L 61 -90.20 43.20 -50.84
CA ILE L 61 -89.68 41.90 -50.90
C ILE L 61 -90.49 41.14 -51.89
N THR L 62 -89.74 40.13 -52.11
CA THR L 62 -90.04 39.06 -52.93
C THR L 62 -89.90 37.80 -52.11
N PHE L 63 -90.80 36.96 -52.51
CA PHE L 63 -91.00 35.64 -51.97
C PHE L 63 -89.71 34.81 -52.11
N GLU L 64 -88.93 35.12 -53.14
CA GLU L 64 -87.69 34.37 -53.43
C GLU L 64 -86.54 34.70 -52.48
N GLU L 65 -86.71 35.71 -51.64
CA GLU L 65 -85.70 36.01 -50.63
C GLU L 65 -86.25 35.65 -49.25
N PHE L 66 -87.57 35.73 -49.13
CA PHE L 66 -88.20 35.48 -47.84
C PHE L 66 -88.27 33.99 -47.55
N LEU L 67 -88.47 33.19 -48.59
CA LEU L 67 -88.42 31.73 -48.42
C LEU L 67 -87.04 31.24 -47.91
N PRO L 68 -85.91 31.53 -48.55
CA PRO L 68 -84.62 31.11 -47.97
C PRO L 68 -84.24 31.78 -46.63
N MET L 69 -84.79 32.92 -46.29
CA MET L 69 -84.50 33.49 -44.96
C MET L 69 -85.29 32.78 -43.86
N LEU L 70 -86.45 32.24 -44.22
CA LEU L 70 -87.22 31.45 -43.27
C LEU L 70 -86.61 30.05 -43.11
N GLN L 71 -85.94 29.59 -44.16
CA GLN L 71 -85.27 28.29 -44.11
C GLN L 71 -83.91 28.37 -43.43
N ALA L 72 -83.35 29.57 -43.36
CA ALA L 72 -82.11 29.76 -42.60
C ALA L 72 -82.40 30.00 -41.11
N ALA L 73 -83.61 30.44 -40.82
CA ALA L 73 -84.02 30.64 -39.43
C ALA L 73 -84.57 29.36 -38.81
N ALA L 74 -84.97 28.43 -39.66
CA ALA L 74 -85.60 27.18 -39.22
C ALA L 74 -84.67 26.16 -38.59
N ASN L 75 -83.38 26.37 -38.71
CA ASN L 75 -82.41 25.47 -38.09
C ASN L 75 -82.17 25.84 -36.62
N ASN L 76 -82.56 27.07 -36.30
CA ASN L 76 -82.30 27.64 -34.98
C ASN L 76 -83.45 27.35 -34.00
N LYS L 77 -84.41 26.57 -34.45
CA LYS L 77 -85.54 26.18 -33.58
C LYS L 77 -85.14 25.12 -32.54
N ASP L 78 -83.92 24.60 -32.63
CA ASP L 78 -83.41 23.65 -31.64
C ASP L 78 -82.93 24.35 -30.36
N GLN L 79 -82.99 25.68 -30.36
CA GLN L 79 -82.68 26.50 -29.18
C GLN L 79 -83.90 26.69 -28.27
N GLY L 80 -85.07 26.24 -28.69
CA GLY L 80 -86.30 26.45 -27.90
C GLY L 80 -86.59 25.33 -26.89
N THR L 81 -85.76 25.24 -25.87
CA THR L 81 -85.94 24.22 -24.82
C THR L 81 -86.67 24.78 -23.59
N PHE L 82 -87.77 24.11 -23.27
CA PHE L 82 -88.64 24.56 -22.18
C PHE L 82 -88.11 24.24 -20.78
N GLU L 83 -87.04 23.47 -20.69
CA GLU L 83 -86.46 23.18 -19.38
C GLU L 83 -85.78 24.43 -18.86
N ASP L 84 -85.13 25.12 -19.77
CA ASP L 84 -84.37 26.31 -19.42
C ASP L 84 -85.26 27.53 -19.23
N PHE L 85 -86.46 27.49 -19.78
CA PHE L 85 -87.37 28.62 -19.63
C PHE L 85 -88.02 28.57 -18.24
N VAL L 86 -88.36 27.37 -17.81
CA VAL L 86 -88.99 27.23 -16.48
C VAL L 86 -87.95 27.29 -15.37
N GLU L 87 -86.73 26.88 -15.66
CA GLU L 87 -85.66 26.96 -14.67
C GLU L 87 -85.10 28.37 -14.52
N GLY L 88 -85.25 29.17 -15.57
CA GLY L 88 -84.87 30.59 -15.50
C GLY L 88 -85.76 31.32 -14.50
N LEU L 89 -87.06 31.11 -14.62
CA LEU L 89 -88.00 31.75 -13.71
C LEU L 89 -88.04 31.08 -12.33
N ARG L 90 -87.56 29.85 -12.23
CA ARG L 90 -87.47 29.19 -10.92
C ARG L 90 -86.29 29.71 -10.11
N VAL L 91 -85.29 30.25 -10.79
CA VAL L 91 -84.17 30.91 -10.11
C VAL L 91 -84.47 32.40 -9.83
N PHE L 92 -85.59 32.86 -10.35
CA PHE L 92 -85.95 34.28 -10.24
C PHE L 92 -86.80 34.57 -8.99
N ASP L 93 -87.32 33.53 -8.36
CA ASP L 93 -88.09 33.74 -7.12
C ASP L 93 -87.88 32.61 -6.10
N LYS L 94 -87.76 33.01 -4.85
CA LYS L 94 -87.54 32.09 -3.71
C LYS L 94 -88.67 31.08 -3.48
N GLU L 95 -88.43 30.15 -2.57
CA GLU L 95 -89.41 29.13 -2.16
C GLU L 95 -89.75 28.12 -3.26
N GLY L 96 -90.32 27.00 -2.83
CA GLY L 96 -90.65 25.89 -3.75
C GLY L 96 -92.05 25.98 -4.34
N ASN L 97 -92.29 27.03 -5.10
CA ASN L 97 -93.56 27.21 -5.82
C ASN L 97 -93.33 28.26 -6.90
N GLY L 98 -93.82 27.99 -8.09
CA GLY L 98 -93.49 28.84 -9.24
C GLY L 98 -94.30 30.13 -9.36
N THR L 99 -93.94 31.14 -8.58
CA THR L 99 -94.64 32.42 -8.64
C THR L 99 -93.71 33.63 -8.67
N VAL L 100 -93.81 34.39 -9.75
CA VAL L 100 -93.11 35.69 -9.86
C VAL L 100 -94.04 36.78 -9.34
N MET L 101 -93.53 37.71 -8.56
CA MET L 101 -94.34 38.88 -8.23
C MET L 101 -94.55 39.69 -9.51
N GLY L 102 -95.79 40.11 -9.72
CA GLY L 102 -96.23 40.83 -10.94
C GLY L 102 -95.22 41.79 -11.56
N ALA L 103 -94.86 42.81 -10.81
CA ALA L 103 -93.97 43.86 -11.31
C ALA L 103 -92.53 43.42 -11.57
N GLU L 104 -92.12 42.28 -11.05
CA GLU L 104 -90.77 41.80 -11.30
C GLU L 104 -90.67 41.30 -12.73
N LEU L 105 -91.70 40.60 -13.19
CA LEU L 105 -91.66 40.03 -14.52
C LEU L 105 -91.98 41.12 -15.56
N ARG L 106 -92.79 42.08 -15.16
CA ARG L 106 -93.14 43.15 -16.10
C ARG L 106 -91.98 44.09 -16.37
N HIS L 107 -91.21 44.41 -15.34
CA HIS L 107 -90.09 45.32 -15.54
C HIS L 107 -88.90 44.60 -16.17
N VAL L 108 -88.77 43.31 -15.91
CA VAL L 108 -87.68 42.55 -16.53
C VAL L 108 -87.94 42.28 -18.02
N LEU L 109 -89.20 42.12 -18.38
CA LEU L 109 -89.53 41.83 -19.78
C LEU L 109 -89.51 43.11 -20.64
N ALA L 110 -89.66 44.26 -19.99
CA ALA L 110 -89.59 45.50 -20.74
C ALA L 110 -88.18 46.09 -20.83
N THR L 111 -87.36 45.90 -19.80
CA THR L 111 -86.07 46.59 -19.77
C THR L 111 -84.83 45.69 -19.85
N LEU L 112 -84.99 44.37 -19.81
CA LEU L 112 -83.77 43.55 -19.81
C LEU L 112 -83.55 42.80 -21.12
N GLY L 113 -82.61 43.33 -21.88
CA GLY L 113 -82.22 42.70 -23.16
C GLY L 113 -83.01 43.28 -24.32
N GLU L 114 -83.77 42.43 -24.98
CA GLU L 114 -84.61 42.92 -26.08
C GLU L 114 -85.90 43.50 -25.51
N LYS L 115 -85.99 44.81 -25.61
CA LYS L 115 -87.07 45.59 -25.00
C LYS L 115 -88.46 45.20 -25.53
N MET L 116 -89.27 44.64 -24.65
CA MET L 116 -90.67 44.42 -25.01
C MET L 116 -91.50 45.57 -24.45
N THR L 117 -92.40 46.10 -25.26
CA THR L 117 -93.21 47.22 -24.80
C THR L 117 -94.06 46.79 -23.62
N GLU L 118 -94.44 47.75 -22.80
CA GLU L 118 -95.26 47.42 -21.62
C GLU L 118 -96.71 47.09 -22.04
N GLU L 119 -97.09 47.48 -23.24
CA GLU L 119 -98.38 47.06 -23.80
C GLU L 119 -98.34 45.55 -24.10
N GLU L 120 -97.27 45.08 -24.70
CA GLU L 120 -97.13 43.64 -24.96
C GLU L 120 -96.91 42.82 -23.69
N VAL L 121 -96.27 43.41 -22.69
CA VAL L 121 -96.08 42.72 -21.42
C VAL L 121 -97.40 42.55 -20.67
N GLU L 122 -98.28 43.53 -20.78
CA GLU L 122 -99.59 43.43 -20.14
C GLU L 122 -100.51 42.45 -20.87
N GLU L 123 -100.30 42.31 -22.16
CA GLU L 123 -101.08 41.36 -22.97
C GLU L 123 -100.59 39.92 -22.80
N LEU L 124 -99.40 39.74 -22.26
CA LEU L 124 -98.88 38.41 -21.99
C LEU L 124 -99.09 37.96 -20.55
N MET L 125 -99.53 38.87 -19.68
CA MET L 125 -99.77 38.50 -18.28
C MET L 125 -101.27 38.46 -17.97
N LYS L 126 -102.04 39.02 -18.88
CA LYS L 126 -103.49 39.15 -18.77
C LYS L 126 -104.21 37.80 -18.77
N GLY L 127 -104.61 37.38 -17.58
CA GLY L 127 -105.32 36.10 -17.42
C GLY L 127 -104.54 35.09 -16.59
N GLN L 128 -103.22 35.14 -16.66
CA GLN L 128 -102.39 34.18 -15.93
C GLN L 128 -102.00 34.73 -14.56
N GLU L 129 -102.00 36.04 -14.44
CA GLU L 129 -101.78 36.66 -13.13
C GLU L 129 -103.10 37.16 -12.55
N ASP L 130 -103.47 36.63 -11.38
CA ASP L 130 -104.67 37.12 -10.72
C ASP L 130 -104.32 38.28 -9.75
N SER L 131 -105.30 38.69 -8.95
CA SER L 131 -105.18 39.87 -8.07
C SER L 131 -104.31 39.68 -6.82
N ASN L 132 -103.73 38.50 -6.64
CA ASN L 132 -102.74 38.28 -5.57
C ASN L 132 -101.36 38.86 -5.91
N GLY L 133 -101.16 39.21 -7.18
CA GLY L 133 -99.88 39.78 -7.62
C GLY L 133 -98.81 38.71 -7.81
N CYS L 134 -99.25 37.47 -8.00
CA CYS L 134 -98.32 36.34 -8.16
C CYS L 134 -98.63 35.55 -9.41
N ILE L 135 -97.68 35.59 -10.32
CA ILE L 135 -97.78 34.90 -11.60
C ILE L 135 -97.25 33.47 -11.49
N ASN L 136 -98.12 32.49 -11.67
CA ASN L 136 -97.63 31.11 -11.67
C ASN L 136 -97.04 30.80 -13.03
N TYR L 137 -95.72 30.71 -13.07
CA TYR L 137 -95.01 30.51 -14.35
C TYR L 137 -94.98 29.06 -14.83
N GLU L 138 -95.54 28.15 -14.07
CA GLU L 138 -95.66 26.78 -14.56
C GLU L 138 -96.77 26.74 -15.61
N ALA L 139 -97.87 27.41 -15.29
CA ALA L 139 -98.98 27.53 -16.25
C ALA L 139 -98.76 28.68 -17.21
N PHE L 140 -98.00 29.67 -16.79
CA PHE L 140 -97.70 30.83 -17.64
C PHE L 140 -96.80 30.45 -18.82
N VAL L 141 -95.77 29.64 -18.58
CA VAL L 141 -94.89 29.24 -19.68
C VAL L 141 -95.53 28.15 -20.52
N LYS L 142 -96.46 27.42 -19.91
CA LYS L 142 -97.24 26.43 -20.65
C LYS L 142 -98.14 27.10 -21.67
N HIS L 143 -98.78 28.19 -21.28
CA HIS L 143 -99.69 28.91 -22.19
C HIS L 143 -98.92 29.77 -23.20
N ILE L 144 -97.70 30.16 -22.86
CA ILE L 144 -96.87 30.91 -23.81
C ILE L 144 -96.32 30.00 -24.90
N MET L 145 -96.15 28.73 -24.56
CA MET L 145 -95.74 27.72 -25.56
C MET L 145 -96.93 27.00 -26.19
N SER L 146 -98.14 27.49 -25.95
CA SER L 146 -99.32 26.94 -26.60
C SER L 146 -99.60 27.63 -27.93
N VAL L 147 -98.99 28.80 -28.12
CA VAL L 147 -99.13 29.51 -29.39
C VAL L 147 -97.92 29.28 -30.29
N ASP M 1 66.93 -87.26 -35.16
CA ASP M 1 66.64 -88.69 -35.14
C ASP M 1 66.71 -89.21 -33.74
N ALA M 2 67.91 -89.07 -33.16
CA ALA M 2 68.15 -89.48 -31.80
C ALA M 2 67.18 -88.70 -30.92
N GLU M 3 67.19 -87.39 -31.11
CA GLU M 3 66.33 -86.47 -30.40
C GLU M 3 64.88 -86.87 -30.49
N MET M 4 64.38 -86.83 -31.72
CA MET M 4 63.02 -87.19 -32.00
C MET M 4 62.71 -88.60 -31.55
N ALA M 5 61.77 -88.64 -30.66
CA ALA M 5 61.28 -89.83 -30.08
C ALA M 5 59.95 -89.47 -29.51
N ALA M 6 60.02 -88.36 -28.73
CA ALA M 6 58.89 -87.76 -28.07
C ALA M 6 57.70 -87.75 -29.03
N PHE M 7 57.99 -87.21 -30.23
CA PHE M 7 57.01 -87.14 -31.30
C PHE M 7 56.90 -88.50 -31.93
N GLY M 8 58.07 -88.93 -32.37
CA GLY M 8 58.20 -90.18 -33.02
C GLY M 8 57.24 -90.23 -34.19
N GLU M 9 56.01 -90.63 -33.90
CA GLU M 9 55.00 -90.76 -34.94
C GLU M 9 54.71 -89.46 -35.68
N ALA M 10 54.85 -88.34 -34.99
CA ALA M 10 54.57 -87.04 -35.60
C ALA M 10 55.75 -86.51 -36.41
N ALA M 11 56.93 -86.95 -35.93
CA ALA M 11 58.23 -86.58 -36.45
C ALA M 11 58.27 -86.26 -37.92
N PRO M 12 57.82 -87.20 -38.72
CA PRO M 12 57.85 -87.02 -40.16
C PRO M 12 57.17 -85.76 -40.66
N TYR M 13 56.25 -85.23 -39.85
CA TYR M 13 55.46 -84.04 -40.19
C TYR M 13 55.99 -82.77 -39.58
N LEU M 14 56.98 -82.96 -38.71
CA LEU M 14 57.67 -81.90 -37.98
C LEU M 14 59.07 -81.66 -38.52
N ARG M 15 59.79 -82.77 -38.63
CA ARG M 15 61.14 -82.82 -39.14
C ARG M 15 61.37 -83.97 -40.05
N SER M 17 64.07 -87.05 -41.83
CA SER M 17 65.17 -87.91 -41.42
C SER M 17 66.49 -87.25 -41.70
N GLU M 18 67.40 -87.45 -40.79
CA GLU M 18 68.76 -86.88 -40.88
C GLU M 18 69.54 -87.16 -42.13
N LYS M 19 68.96 -87.79 -43.13
CA LYS M 19 69.74 -87.98 -44.31
C LYS M 19 68.94 -87.37 -45.44
N GLU M 20 67.60 -87.34 -45.16
CA GLU M 20 66.69 -86.74 -46.10
C GLU M 20 67.13 -85.30 -46.20
N ARG M 21 67.58 -84.88 -45.03
CA ARG M 21 68.09 -83.54 -44.87
C ARG M 21 69.38 -83.50 -45.68
N ILE M 22 70.31 -84.28 -45.15
CA ILE M 22 71.64 -84.44 -45.69
C ILE M 22 71.69 -84.65 -47.20
N GLU M 23 70.78 -85.45 -47.69
CA GLU M 23 70.69 -85.73 -49.09
C GLU M 23 70.18 -84.54 -49.87
N ALA M 24 69.63 -83.59 -49.13
CA ALA M 24 69.06 -82.41 -49.72
C ALA M 24 69.95 -81.18 -49.69
N GLN M 25 70.62 -81.00 -48.56
CA GLN M 25 71.50 -79.86 -48.39
C GLN M 25 72.83 -80.05 -49.12
N ASN M 26 73.25 -81.31 -49.18
CA ASN M 26 74.50 -81.68 -49.79
C ASN M 26 74.25 -82.27 -51.16
N PRO M 28 74.51 -80.95 -55.66
CA PRO M 28 75.09 -80.02 -56.59
C PRO M 28 74.26 -78.77 -56.77
N PHE M 29 74.96 -77.62 -56.81
CA PHE M 29 74.31 -76.34 -57.02
C PHE M 29 75.12 -75.34 -57.88
N ASP M 30 74.47 -74.74 -58.88
CA ASP M 30 75.13 -73.72 -59.69
C ASP M 30 74.48 -72.35 -59.52
N ALA M 31 74.97 -71.62 -58.54
CA ALA M 31 74.44 -70.32 -58.24
C ALA M 31 74.25 -69.36 -59.43
N SER M 33 73.78 -69.64 -62.28
CA SER M 33 72.82 -69.95 -63.34
C SER M 33 71.44 -70.23 -62.84
N SER M 34 71.37 -70.93 -61.68
CA SER M 34 70.06 -71.25 -61.08
C SER M 34 69.31 -70.01 -60.57
N VAL M 35 68.04 -69.91 -60.93
CA VAL M 35 67.26 -68.75 -60.57
C VAL M 35 65.76 -68.96 -60.53
N PHE M 36 65.07 -67.98 -59.93
CA PHE M 36 63.58 -67.93 -59.85
C PHE M 36 63.17 -66.89 -60.84
N VAL M 37 61.99 -67.02 -61.44
CA VAL M 37 61.59 -65.98 -62.41
C VAL M 37 60.09 -65.76 -62.50
N VAL M 38 59.76 -64.58 -63.04
CA VAL M 38 58.41 -64.13 -63.23
C VAL M 38 57.74 -65.06 -64.19
N HIS M 39 56.40 -65.08 -64.16
CA HIS M 39 55.74 -65.94 -65.09
C HIS M 39 54.28 -65.59 -65.26
N PRO M 40 53.94 -65.20 -66.47
CA PRO M 40 52.62 -64.79 -66.82
C PRO M 40 51.48 -65.68 -66.32
N LYS M 41 51.58 -67.00 -66.50
CA LYS M 41 50.52 -67.89 -66.03
C LYS M 41 50.74 -68.27 -64.57
N GLN M 42 51.83 -69.00 -64.31
CA GLN M 42 52.15 -69.32 -62.95
C GLN M 42 52.97 -68.17 -62.41
N SER M 43 52.70 -67.78 -61.19
CA SER M 43 53.32 -66.61 -60.56
C SER M 43 54.83 -66.43 -60.75
N PHE M 44 55.54 -67.41 -60.26
CA PHE M 44 56.99 -67.46 -60.29
C PHE M 44 57.38 -68.91 -60.42
N VAL M 45 58.09 -69.26 -61.44
CA VAL M 45 58.49 -70.63 -61.51
C VAL M 45 59.99 -70.60 -61.55
N GLY M 47 63.95 -71.74 -62.90
CA GLY M 47 64.63 -72.02 -64.13
C GLY M 47 66.10 -71.80 -64.04
N THR M 48 66.73 -72.07 -65.19
CA THR M 48 68.14 -71.93 -65.36
C THR M 48 68.39 -70.81 -66.37
N ILE M 49 69.32 -69.93 -66.03
CA ILE M 49 69.65 -68.87 -66.93
C ILE M 49 70.43 -69.43 -68.13
N GLN M 50 69.96 -69.07 -69.32
CA GLN M 50 70.59 -69.50 -70.53
C GLN M 50 71.52 -68.42 -71.03
N SER M 51 70.94 -67.30 -71.40
CA SER M 51 71.77 -66.25 -71.93
C SER M 51 71.61 -64.96 -71.16
N GLU M 53 70.74 -60.88 -72.33
CA GLU M 53 70.50 -59.82 -73.31
C GLU M 53 70.92 -58.39 -72.91
N GLY M 54 71.87 -58.31 -71.97
CA GLY M 54 72.43 -57.05 -71.48
C GLY M 54 71.57 -56.34 -70.44
N GLY M 55 70.32 -56.79 -70.32
CA GLY M 55 69.34 -56.22 -69.40
C GLY M 55 68.00 -56.87 -69.63
N VAL M 57 66.71 -61.24 -69.92
CA VAL M 57 67.19 -62.53 -69.57
C VAL M 57 66.39 -63.61 -70.18
N THR M 58 67.07 -64.62 -70.70
CA THR M 58 66.39 -65.76 -71.27
C THR M 58 66.58 -66.92 -70.34
N VAL M 59 65.47 -67.56 -69.96
CA VAL M 59 65.61 -68.68 -69.07
C VAL M 59 64.84 -69.91 -69.45
N THR M 61 63.04 -73.46 -68.19
CA THR M 61 62.10 -73.65 -67.12
C THR M 61 62.24 -75.01 -66.57
N GLU M 62 61.43 -75.21 -65.58
CA GLU M 62 61.28 -76.47 -64.93
C GLU M 62 59.89 -76.89 -65.33
N GLY M 63 59.88 -77.54 -66.46
CA GLY M 63 58.69 -78.04 -67.13
C GLY M 63 59.01 -77.94 -68.58
N GLY M 64 59.96 -77.01 -68.83
CA GLY M 64 60.49 -76.82 -70.16
C GLY M 64 59.77 -75.68 -70.81
N GLU M 65 60.41 -74.52 -70.73
CA GLU M 65 59.85 -73.31 -71.30
C GLU M 65 60.96 -72.32 -71.35
N THR M 66 60.87 -71.45 -72.34
CA THR M 66 61.90 -70.47 -72.48
C THR M 66 61.26 -69.10 -72.59
N LEU M 67 61.71 -68.18 -71.71
CA LEU M 67 61.18 -66.83 -71.65
C LEU M 67 62.27 -65.79 -71.53
N THR M 68 62.12 -64.65 -72.22
CA THR M 68 63.12 -63.62 -72.09
C THR M 68 62.49 -62.54 -71.30
N VAL M 69 62.89 -62.46 -70.06
CA VAL M 69 62.31 -61.51 -69.16
C VAL M 69 63.35 -60.53 -68.59
N LYS M 70 62.89 -59.33 -68.23
CA LYS M 70 63.71 -58.25 -67.67
C LYS M 70 64.78 -58.73 -66.71
N GLU M 71 65.64 -57.81 -66.31
CA GLU M 71 66.67 -58.17 -65.37
C GLU M 71 66.07 -58.35 -63.99
N ASP M 72 65.08 -57.52 -63.69
CA ASP M 72 64.42 -57.66 -62.41
C ASP M 72 63.13 -58.45 -62.38
N GLN M 73 63.11 -59.44 -63.23
CA GLN M 73 61.99 -60.32 -63.32
C GLN M 73 62.59 -61.66 -62.95
N VAL M 74 63.89 -61.52 -62.68
CA VAL M 74 64.82 -62.56 -62.33
C VAL M 74 65.32 -62.42 -60.88
N PHE M 75 65.21 -63.50 -60.15
CA PHE M 75 65.59 -63.59 -58.75
C PHE M 75 66.39 -64.83 -58.42
N SER M 76 67.47 -64.61 -57.70
CA SER M 76 68.38 -65.63 -57.26
C SER M 76 67.67 -66.76 -56.57
N MET M 77 68.41 -67.84 -56.31
CA MET M 77 67.89 -69.03 -55.68
C MET M 77 68.83 -69.53 -54.60
N ASN M 78 68.30 -69.76 -53.44
CA ASN M 78 69.10 -70.16 -52.34
C ASN M 78 69.81 -71.47 -52.51
N PRO M 79 71.05 -71.53 -51.98
CA PRO M 79 71.82 -72.74 -52.03
C PRO M 79 70.97 -73.77 -51.34
N PRO M 80 71.24 -74.97 -51.69
CA PRO M 80 70.52 -76.11 -51.21
C PRO M 80 70.52 -76.20 -49.68
N TYR M 82 69.58 -74.31 -47.74
CA TYR M 82 68.30 -73.79 -47.27
C TYR M 82 67.19 -74.47 -48.02
N ASP M 83 66.92 -75.71 -47.66
CA ASP M 83 65.93 -76.43 -48.40
C ASP M 83 64.53 -76.18 -47.89
N ILE M 85 63.87 -74.87 -44.66
CA ILE M 85 64.24 -74.05 -43.55
C ILE M 85 63.07 -73.78 -42.63
N GLU M 86 63.32 -74.06 -41.38
CA GLU M 86 62.38 -73.81 -40.33
C GLU M 86 62.00 -72.35 -40.25
N ASP M 87 63.01 -71.50 -40.50
CA ASP M 87 62.87 -70.07 -40.42
C ASP M 87 63.36 -69.43 -41.67
N MET M 88 62.45 -69.15 -42.57
CA MET M 88 62.80 -68.56 -43.81
C MET M 88 63.61 -67.35 -43.69
N ALA M 89 63.49 -66.72 -42.56
CA ALA M 89 64.24 -65.47 -42.31
C ALA M 89 65.71 -65.72 -42.04
N MET M 90 66.12 -66.95 -42.26
CA MET M 90 67.50 -67.25 -42.05
C MET M 90 68.15 -67.40 -43.39
N MET M 91 67.29 -67.49 -44.38
CA MET M 91 67.70 -67.53 -45.74
C MET M 91 68.53 -66.33 -46.04
N THR M 92 69.44 -66.47 -47.03
CA THR M 92 70.31 -65.37 -47.40
C THR M 92 69.75 -64.72 -48.60
N HIS M 93 68.54 -65.19 -48.94
CA HIS M 93 67.84 -64.67 -50.08
C HIS M 93 66.37 -64.40 -49.78
N LEU M 94 66.18 -63.15 -49.38
CA LEU M 94 64.93 -62.57 -48.99
C LEU M 94 64.23 -61.95 -50.18
N HIS M 95 63.49 -62.81 -50.85
CA HIS M 95 62.75 -62.50 -52.03
C HIS M 95 61.33 -62.76 -51.78
N GLU M 96 60.60 -62.56 -52.85
CA GLU M 96 59.23 -62.91 -52.83
C GLU M 96 59.10 -64.41 -53.15
N PRO M 97 59.74 -64.85 -54.25
CA PRO M 97 59.67 -66.22 -54.64
C PRO M 97 60.21 -67.25 -53.65
N ALA M 98 61.38 -66.98 -53.15
CA ALA M 98 61.96 -67.90 -52.20
C ALA M 98 61.09 -68.19 -51.01
N VAL M 99 60.21 -67.26 -50.71
CA VAL M 99 59.35 -67.49 -49.56
C VAL M 99 58.20 -68.36 -49.94
N LEU M 100 57.70 -68.10 -51.08
CA LEU M 100 56.58 -68.87 -51.57
C LEU M 100 57.08 -70.29 -51.68
N TYR M 101 58.19 -70.42 -52.35
CA TYR M 101 58.79 -71.69 -52.61
C TYR M 101 59.15 -72.52 -51.42
N ASN M 102 59.55 -71.91 -50.31
CA ASN M 102 59.92 -72.67 -49.12
C ASN M 102 58.73 -73.25 -48.45
N LEU M 103 57.69 -72.47 -48.46
CA LEU M 103 56.47 -72.88 -47.78
C LEU M 103 56.00 -74.10 -48.49
N GLU M 105 57.46 -76.15 -50.63
CA GLU M 105 58.19 -77.40 -50.56
C GLU M 105 57.96 -78.20 -49.32
N ARG M 106 57.89 -77.53 -48.16
CA ARG M 106 57.72 -78.26 -46.92
C ARG M 106 56.33 -78.65 -46.62
N TYR M 107 55.49 -78.39 -47.60
CA TYR M 107 54.07 -78.67 -47.49
C TYR M 107 53.82 -79.92 -48.29
N ALA M 108 54.47 -79.96 -49.45
CA ALA M 108 54.41 -81.12 -50.34
C ALA M 108 55.03 -82.31 -49.61
N ALA M 109 55.68 -82.00 -48.47
CA ALA M 109 56.32 -82.95 -47.64
C ALA M 109 55.54 -83.07 -46.36
N TRP M 110 54.41 -82.42 -46.40
CA TRP M 110 53.52 -82.45 -45.27
C TRP M 110 54.04 -81.79 -44.04
N MET M 111 54.76 -80.69 -44.19
CA MET M 111 55.09 -79.92 -43.01
C MET M 111 54.28 -78.61 -43.05
N ILE M 112 53.34 -78.51 -42.13
CA ILE M 112 52.46 -77.34 -42.10
C ILE M 112 53.00 -76.16 -41.30
N TYR M 113 53.97 -76.39 -40.46
CA TYR M 113 54.52 -75.31 -39.69
C TYR M 113 55.89 -74.92 -40.03
N THR M 114 55.95 -73.75 -40.64
CA THR M 114 57.22 -73.17 -40.98
C THR M 114 57.27 -71.73 -40.42
N TYR M 115 58.37 -71.28 -39.79
CA TYR M 115 58.46 -69.90 -39.25
C TYR M 115 59.02 -68.95 -40.28
N SER M 116 58.60 -67.66 -40.19
CA SER M 116 59.06 -66.60 -41.12
C SER M 116 59.42 -65.38 -40.36
N GLY M 117 60.31 -65.55 -39.42
CA GLY M 117 60.72 -64.48 -38.59
C GLY M 117 60.16 -64.74 -37.26
N LEU M 118 59.16 -63.99 -36.91
CA LEU M 118 58.58 -64.16 -35.60
C LEU M 118 57.33 -64.96 -35.77
N PHE M 119 56.85 -64.87 -36.99
CA PHE M 119 55.65 -65.56 -37.31
C PHE M 119 55.75 -67.03 -37.25
N CYS M 120 54.61 -67.61 -37.23
CA CYS M 120 54.47 -69.02 -37.24
C CYS M 120 53.49 -69.33 -38.31
N VAL M 121 54.01 -69.47 -39.50
CA VAL M 121 53.14 -69.78 -40.57
C VAL M 121 52.49 -71.13 -40.38
N THR M 122 51.25 -71.26 -40.79
CA THR M 122 50.47 -72.51 -40.70
C THR M 122 49.63 -72.73 -41.94
N VAL M 123 49.81 -73.88 -42.54
CA VAL M 123 49.07 -74.19 -43.75
C VAL M 123 48.04 -75.28 -43.54
N ASN M 124 46.81 -75.06 -44.04
CA ASN M 124 45.72 -76.02 -43.90
C ASN M 124 46.03 -77.39 -44.50
N PRO M 125 46.13 -78.43 -43.67
CA PRO M 125 46.47 -79.73 -44.20
C PRO M 125 45.44 -80.28 -45.16
N TYR M 126 44.22 -80.16 -44.77
CA TYR M 126 43.07 -80.65 -45.54
C TYR M 126 42.90 -82.11 -45.44
N TRP M 128 44.08 -85.31 -42.05
CA TRP M 128 44.44 -85.51 -40.64
C TRP M 128 45.93 -85.74 -40.40
N LEU M 129 46.38 -85.26 -39.22
CA LEU M 129 47.78 -85.37 -38.85
C LEU M 129 47.96 -85.67 -37.34
N PRO M 130 48.98 -86.47 -37.05
CA PRO M 130 49.32 -86.83 -35.68
C PRO M 130 49.96 -85.69 -34.96
N VAL M 131 49.79 -84.48 -35.44
CA VAL M 131 50.46 -83.34 -34.82
C VAL M 131 49.88 -82.84 -33.54
N TYR M 132 48.59 -82.99 -33.40
CA TYR M 132 47.92 -82.44 -32.26
C TYR M 132 47.99 -83.45 -31.16
N ASN M 133 48.81 -84.45 -31.52
CA ASN M 133 49.14 -85.62 -30.73
C ASN M 133 49.64 -85.34 -29.36
N PRO M 134 48.92 -86.00 -28.52
CA PRO M 134 49.05 -85.98 -27.10
C PRO M 134 50.46 -86.31 -26.68
N VAL M 136 53.04 -84.99 -28.47
CA VAL M 136 53.70 -83.78 -28.89
C VAL M 136 53.63 -82.70 -27.84
N VAL M 137 52.41 -82.56 -27.35
CA VAL M 137 52.06 -81.62 -26.33
C VAL M 137 53.15 -81.54 -25.24
N LEU M 138 53.60 -82.72 -24.81
CA LEU M 138 54.65 -82.83 -23.78
C LEU M 138 55.97 -82.42 -24.32
N ALA M 139 56.20 -82.96 -25.51
CA ALA M 139 57.46 -82.74 -26.20
C ALA M 139 57.83 -81.28 -26.29
N TYR M 140 56.81 -80.47 -26.61
CA TYR M 140 57.00 -79.07 -26.77
C TYR M 140 57.01 -78.31 -25.46
N ARG M 141 56.88 -79.09 -24.42
CA ARG M 141 56.83 -78.58 -23.08
C ARG M 141 58.19 -78.32 -22.46
N GLY M 142 58.50 -77.03 -22.26
CA GLY M 142 59.72 -76.52 -21.66
C GLY M 142 60.87 -76.28 -22.67
N LYS M 143 60.53 -76.23 -23.96
CA LYS M 143 61.47 -76.08 -25.06
C LYS M 143 61.51 -74.75 -25.83
N LYS M 144 62.68 -74.10 -25.87
CA LYS M 144 62.77 -72.90 -26.71
C LYS M 144 62.55 -73.31 -28.17
N ARG M 145 62.15 -72.37 -29.03
CA ARG M 145 61.87 -72.75 -30.40
C ARG M 145 63.06 -73.14 -31.20
N GLN M 146 64.20 -73.20 -30.54
CA GLN M 146 65.41 -73.57 -31.24
C GLN M 146 65.80 -75.00 -30.89
N GLU M 147 65.16 -75.48 -29.82
CA GLU M 147 65.30 -76.84 -29.33
C GLU M 147 64.31 -77.80 -29.97
N ALA M 148 63.36 -77.27 -30.75
CA ALA M 148 62.36 -78.03 -31.43
C ALA M 148 61.92 -77.38 -32.77
N PRO M 149 61.38 -78.24 -33.65
CA PRO M 149 60.94 -77.84 -34.97
C PRO M 149 59.71 -76.92 -34.95
N PRO M 150 59.49 -76.20 -36.02
CA PRO M 150 58.36 -75.34 -36.16
C PRO M 150 57.01 -75.98 -35.90
N HIS M 151 56.37 -75.40 -34.88
CA HIS M 151 55.07 -75.75 -34.37
C HIS M 151 54.47 -74.74 -33.38
N ILE M 152 53.17 -74.67 -33.41
CA ILE M 152 52.31 -73.81 -32.64
C ILE M 152 52.40 -74.00 -31.17
N PHE M 153 52.68 -75.21 -30.75
CA PHE M 153 52.81 -75.38 -29.37
C PHE M 153 54.12 -74.71 -29.01
N SER M 154 54.96 -74.47 -30.00
CA SER M 154 56.20 -73.84 -29.64
C SER M 154 55.90 -72.49 -29.16
N ILE M 155 55.09 -71.83 -29.97
CA ILE M 155 54.72 -70.47 -29.67
C ILE M 155 54.03 -70.42 -28.33
N SER M 156 53.05 -71.31 -28.22
CA SER M 156 52.20 -71.43 -27.08
C SER M 156 52.89 -71.82 -25.82
N ASP M 157 54.00 -72.44 -25.94
CA ASP M 157 54.64 -72.84 -24.68
C ASP M 157 55.56 -71.74 -24.26
N ASN M 158 56.21 -71.20 -25.26
CA ASN M 158 57.15 -70.17 -25.01
C ASN M 158 56.51 -69.02 -24.34
N ALA M 159 55.27 -68.81 -24.75
CA ALA M 159 54.49 -67.73 -24.16
C ALA M 159 54.43 -67.88 -22.67
N TYR M 160 53.96 -69.07 -22.32
CA TYR M 160 53.85 -69.51 -20.96
C TYR M 160 55.14 -69.33 -20.20
N GLN M 161 56.19 -69.82 -20.81
CA GLN M 161 57.52 -69.76 -20.23
C GLN M 161 57.75 -68.33 -19.87
N PHE M 162 57.92 -67.60 -20.93
CA PHE M 162 58.13 -66.21 -20.95
C PHE M 162 57.24 -65.51 -19.96
N MET M 163 56.05 -66.06 -19.84
CA MET M 163 55.12 -65.48 -18.96
C MET M 163 55.71 -65.49 -17.58
N LEU M 164 56.04 -66.69 -17.11
CA LEU M 164 56.64 -66.79 -15.78
C LEU M 164 58.08 -66.25 -15.66
N THR M 165 58.86 -66.37 -16.72
CA THR M 165 60.23 -65.92 -16.67
C THR M 165 60.38 -64.41 -16.54
N ASP M 166 59.70 -63.67 -17.45
CA ASP M 166 59.76 -62.21 -17.49
C ASP M 166 58.71 -61.46 -16.62
N ARG M 167 57.71 -62.20 -16.16
CA ARG M 167 56.67 -61.60 -15.36
C ARG M 167 55.89 -60.54 -16.13
N GLU M 168 55.68 -60.83 -17.41
CA GLU M 168 54.94 -59.99 -18.32
C GLU M 168 53.79 -60.73 -18.90
N ASN M 169 52.79 -59.99 -19.33
CA ASN M 169 51.67 -60.70 -19.92
C ASN M 169 51.98 -60.95 -21.36
N GLN M 170 51.25 -61.91 -21.91
CA GLN M 170 51.50 -62.33 -23.27
C GLN M 170 50.30 -62.24 -24.18
N SER M 171 50.55 -62.47 -25.47
CA SER M 171 49.48 -62.51 -26.47
C SER M 171 49.90 -63.34 -27.65
N ILE M 172 48.88 -63.81 -28.35
CA ILE M 172 49.02 -64.61 -29.49
C ILE M 172 48.04 -64.08 -30.51
N LEU M 173 48.54 -63.66 -31.63
CA LEU M 173 47.66 -63.15 -32.59
C LEU M 173 47.49 -64.02 -33.76
N ILE M 174 46.31 -64.67 -33.84
CA ILE M 174 46.04 -65.57 -34.94
C ILE M 174 45.27 -64.83 -36.03
N THR M 175 45.65 -64.95 -37.26
CA THR M 175 45.01 -64.25 -38.30
C THR M 175 45.16 -64.92 -39.65
N GLY M 176 44.08 -64.86 -40.49
CA GLY M 176 44.09 -65.43 -41.84
C GLY M 176 42.74 -65.26 -42.53
N GLU M 177 42.63 -65.61 -43.81
CA GLU M 177 41.34 -65.54 -44.49
C GLU M 177 40.36 -66.64 -44.04
N SER M 178 39.12 -66.41 -44.42
CA SER M 178 37.98 -67.23 -44.12
C SER M 178 38.27 -68.72 -44.07
N GLY M 179 39.05 -69.18 -45.01
CA GLY M 179 39.29 -70.64 -45.02
C GLY M 179 40.58 -71.11 -44.43
N ALA M 180 41.38 -70.18 -43.92
CA ALA M 180 42.67 -70.53 -43.37
C ALA M 180 42.65 -71.49 -42.18
N GLY M 181 41.50 -71.52 -41.45
CA GLY M 181 41.36 -72.43 -40.32
C GLY M 181 41.97 -71.92 -39.02
N LYS M 182 41.53 -70.73 -38.58
CA LYS M 182 42.07 -70.19 -37.36
C LYS M 182 41.44 -70.75 -36.10
N THR M 183 40.09 -70.81 -36.07
CA THR M 183 39.32 -71.31 -34.91
C THR M 183 39.94 -72.54 -34.37
N VAL M 184 40.22 -73.39 -35.37
CA VAL M 184 40.88 -74.67 -35.16
C VAL M 184 42.16 -74.52 -34.38
N ASN M 185 42.99 -73.55 -34.80
CA ASN M 185 44.21 -73.34 -34.10
C ASN M 185 43.95 -72.78 -32.74
N THR M 186 43.12 -71.76 -32.76
CA THR M 186 42.79 -71.04 -31.55
C THR M 186 42.37 -71.98 -30.49
N ARG M 188 42.82 -75.11 -30.47
CA ARG M 188 43.96 -75.99 -30.17
C ARG M 188 45.00 -75.36 -29.27
N VAL M 189 45.13 -74.06 -29.35
CA VAL M 189 46.06 -73.39 -28.49
C VAL M 189 45.54 -73.41 -27.08
N ILE M 190 44.25 -73.13 -27.03
CA ILE M 190 43.54 -73.05 -25.77
C ILE M 190 43.64 -74.35 -24.98
N GLN M 191 43.35 -75.48 -25.66
CA GLN M 191 43.46 -76.77 -25.00
C GLN M 191 44.82 -76.86 -24.35
N TYR M 192 45.79 -76.47 -25.16
CA TYR M 192 47.18 -76.47 -24.73
C TYR M 192 47.36 -75.82 -23.38
N PHE M 193 46.84 -74.62 -23.24
CA PHE M 193 46.97 -73.94 -21.98
C PHE M 193 46.33 -74.70 -20.88
N ALA M 194 45.12 -75.09 -21.14
CA ALA M 194 44.34 -75.80 -20.12
C ALA M 194 45.10 -77.01 -19.63
N THR M 195 45.58 -77.81 -20.57
CA THR M 195 46.32 -79.03 -20.22
C THR M 195 47.55 -78.77 -19.38
N ILE M 196 48.53 -78.15 -20.02
CA ILE M 196 49.79 -77.85 -19.38
C ILE M 196 49.78 -76.97 -18.13
N ALA M 197 48.65 -76.60 -17.60
CA ALA M 197 48.70 -75.78 -16.37
C ALA M 197 47.36 -75.73 -15.69
N ALA M 198 46.81 -76.88 -15.49
CA ALA M 198 45.52 -77.01 -14.87
C ALA M 198 45.66 -77.57 -13.52
N SER M 199 44.86 -78.49 -13.23
CA SER M 199 44.97 -78.97 -11.91
C SER M 199 44.01 -78.31 -11.03
N GLY M 200 42.81 -78.73 -11.14
CA GLY M 200 41.78 -78.26 -10.24
C GLY M 200 41.73 -79.26 -9.10
N GLU M 201 42.59 -80.24 -9.24
CA GLU M 201 42.78 -81.30 -8.23
C GLU M 201 41.54 -82.18 -8.12
N LYS M 202 40.47 -81.57 -7.65
CA LYS M 202 39.19 -82.25 -7.45
C LYS M 202 38.47 -82.49 -8.79
N LYS M 203 38.56 -81.52 -9.67
CA LYS M 203 37.87 -81.58 -10.96
C LYS M 203 38.54 -82.56 -11.94
N LYS M 204 39.75 -83.00 -11.62
CA LYS M 204 40.56 -83.82 -12.54
C LYS M 204 40.06 -85.29 -12.72
N GLU M 205 39.28 -85.78 -11.79
CA GLU M 205 38.85 -87.21 -11.79
C GLU M 205 37.89 -87.57 -12.93
N GLU M 206 37.94 -88.86 -13.27
CA GLU M 206 37.11 -89.47 -14.33
C GLU M 206 35.71 -89.77 -13.80
N GLN M 207 35.03 -88.69 -13.50
CA GLN M 207 33.65 -88.66 -13.00
C GLN M 207 32.95 -87.44 -13.59
N SER M 208 32.37 -87.65 -14.74
CA SER M 208 31.68 -86.59 -15.51
C SER M 208 32.70 -85.52 -15.87
N GLY M 209 33.91 -85.98 -16.06
CA GLY M 209 35.03 -85.11 -16.39
C GLY M 209 34.69 -84.24 -17.61
N LYS M 210 34.92 -82.95 -17.43
CA LYS M 210 34.77 -81.93 -18.48
C LYS M 210 33.31 -81.46 -18.65
N MET M 211 32.40 -82.04 -17.88
CA MET M 211 30.98 -81.62 -17.88
C MET M 211 30.87 -80.28 -17.13
N GLN M 212 29.71 -79.66 -17.22
CA GLN M 212 29.47 -78.39 -16.52
C GLN M 212 29.76 -78.62 -15.04
N GLY M 213 30.45 -77.69 -14.44
CA GLY M 213 30.83 -77.87 -13.04
C GLY M 213 32.36 -77.71 -12.87
N THR M 214 33.10 -77.73 -14.00
CA THR M 214 34.55 -77.28 -14.02
C THR M 214 34.81 -76.44 -15.29
N LEU M 215 35.74 -75.50 -15.05
CA LEU M 215 36.40 -74.57 -16.05
C LEU M 215 37.78 -75.15 -16.18
N GLU M 216 38.05 -75.31 -17.35
CA GLU M 216 39.15 -75.98 -17.93
C GLU M 216 38.30 -76.64 -18.94
N ASP M 217 37.07 -76.82 -18.45
CA ASP M 217 35.96 -77.35 -19.25
C ASP M 217 35.10 -76.18 -19.72
N GLN M 218 34.67 -75.38 -18.75
CA GLN M 218 33.85 -74.20 -19.07
C GLN M 218 34.55 -73.46 -20.15
N ILE M 219 35.83 -73.26 -19.84
CA ILE M 219 36.78 -72.60 -20.70
C ILE M 219 36.59 -73.15 -22.08
N ILE M 220 36.64 -74.45 -22.12
CA ILE M 220 36.50 -75.15 -23.35
C ILE M 220 35.07 -75.12 -23.87
N SER M 221 34.17 -75.59 -23.05
CA SER M 221 32.75 -75.68 -23.42
C SER M 221 32.25 -74.43 -24.06
N ALA M 222 32.96 -73.34 -23.76
CA ALA M 222 32.58 -72.06 -24.28
C ALA M 222 32.38 -72.07 -25.76
N ASN M 223 33.42 -72.52 -26.41
CA ASN M 223 33.47 -72.55 -27.87
C ASN M 223 32.24 -73.05 -28.57
N PRO M 224 31.94 -74.31 -28.34
CA PRO M 224 30.80 -74.99 -28.93
C PRO M 224 29.43 -74.32 -28.78
N LEU M 225 29.36 -73.29 -27.97
CA LEU M 225 28.09 -72.58 -27.81
C LEU M 225 28.15 -71.44 -28.82
N LEU M 226 29.18 -70.62 -28.64
CA LEU M 226 29.46 -69.52 -29.49
C LEU M 226 29.39 -69.91 -30.95
N GLU M 227 29.95 -71.09 -31.23
CA GLU M 227 30.04 -71.68 -32.57
C GLU M 227 28.68 -72.00 -33.17
N ALA M 228 27.76 -72.40 -32.31
CA ALA M 228 26.42 -72.68 -32.79
C ALA M 228 25.71 -71.46 -33.22
N PHE M 229 26.08 -70.34 -32.56
CA PHE M 229 25.51 -69.03 -32.79
C PHE M 229 26.29 -68.08 -33.63
N GLY M 230 27.59 -68.13 -33.54
CA GLY M 230 28.42 -67.27 -34.36
C GLY M 230 29.17 -67.96 -35.47
N ASN M 231 28.84 -69.21 -35.81
CA ASN M 231 29.51 -69.96 -36.87
C ASN M 231 28.55 -70.49 -37.90
N ALA M 232 29.05 -70.67 -39.10
CA ALA M 232 28.24 -71.15 -40.17
C ALA M 232 29.00 -71.68 -41.35
N THR M 234 30.38 -71.49 -44.62
CA THR M 234 30.81 -70.51 -45.61
C THR M 234 31.15 -71.33 -46.83
N VAL M 235 31.24 -70.66 -47.96
CA VAL M 235 31.58 -71.34 -49.19
C VAL M 235 33.04 -71.83 -49.16
N ARG M 236 33.82 -71.29 -48.23
CA ARG M 236 35.21 -71.63 -48.04
C ARG M 236 35.43 -72.68 -46.96
N ASN M 237 34.88 -72.40 -45.79
CA ASN M 237 34.96 -73.30 -44.66
C ASN M 237 33.56 -73.89 -44.43
N ASP M 238 33.47 -74.89 -43.59
CA ASP M 238 32.20 -75.56 -43.30
C ASP M 238 31.73 -75.14 -41.95
N ASN M 239 32.69 -74.60 -41.21
CA ASN M 239 32.52 -74.06 -39.87
C ASN M 239 33.28 -72.77 -39.75
N SER M 240 32.90 -71.74 -40.56
CA SER M 240 33.61 -70.47 -40.52
C SER M 240 33.20 -69.60 -39.38
N SER M 241 34.19 -68.91 -38.80
CA SER M 241 33.98 -68.01 -37.68
C SER M 241 33.37 -66.71 -38.21
N ARG M 242 32.12 -66.38 -37.86
CA ARG M 242 31.57 -65.17 -38.37
C ARG M 242 31.66 -64.02 -37.48
N PHE M 243 32.61 -64.12 -36.58
CA PHE M 243 32.95 -63.07 -35.65
C PHE M 243 34.35 -63.20 -35.13
N GLY M 244 34.85 -62.13 -34.50
CA GLY M 244 36.20 -62.10 -33.96
C GLY M 244 36.22 -62.33 -32.49
N PHE M 246 38.54 -62.44 -28.49
CA PHE M 246 39.64 -62.24 -27.63
C PHE M 246 39.44 -62.78 -26.26
N ILE M 247 40.20 -63.81 -25.94
CA ILE M 247 40.19 -64.47 -24.66
C ILE M 247 41.34 -64.16 -23.76
N ARG M 248 41.04 -63.90 -22.51
CA ARG M 248 42.14 -63.61 -21.64
C ARG M 248 42.29 -64.73 -20.67
N ILE M 249 43.30 -65.53 -20.84
CA ILE M 249 43.46 -66.57 -19.88
C ILE M 249 44.31 -66.07 -18.79
N HIS M 250 43.65 -65.93 -17.68
CA HIS M 250 44.30 -65.37 -16.53
C HIS M 250 44.96 -66.43 -15.73
N PHE M 251 46.27 -66.45 -15.83
CA PHE M 251 47.01 -67.40 -15.09
C PHE M 251 47.22 -66.89 -13.69
N GLY M 252 47.42 -67.81 -12.76
CA GLY M 252 47.63 -67.44 -11.37
C GLY M 252 49.06 -67.01 -11.09
N ALA M 253 49.45 -67.02 -9.81
CA ALA M 253 50.75 -66.63 -9.33
C ALA M 253 51.74 -67.77 -9.43
N THR M 254 51.24 -68.91 -9.04
CA THR M 254 51.97 -70.14 -9.11
C THR M 254 52.31 -70.31 -10.56
N GLY M 255 51.27 -70.32 -11.37
CA GLY M 255 51.39 -70.51 -12.79
C GLY M 255 50.18 -71.35 -13.25
N LYS M 256 49.28 -71.64 -12.32
CA LYS M 256 48.13 -72.45 -12.60
C LYS M 256 46.90 -71.57 -12.92
N LEU M 257 46.08 -72.08 -13.85
CA LEU M 257 44.85 -71.44 -14.33
C LEU M 257 44.04 -70.75 -13.25
N ALA M 258 43.48 -69.56 -13.58
CA ALA M 258 42.67 -68.79 -12.60
C ALA M 258 41.40 -68.14 -13.18
N SER M 259 41.47 -67.60 -14.41
CA SER M 259 40.32 -66.98 -15.04
C SER M 259 40.46 -66.87 -16.53
N ALA M 260 39.32 -66.55 -17.13
CA ALA M 260 39.17 -66.35 -18.56
C ALA M 260 38.30 -65.14 -18.83
N ASP M 261 38.32 -64.71 -20.08
CA ASP M 261 37.62 -63.51 -20.45
C ASP M 261 37.31 -63.39 -21.92
N ILE M 262 36.11 -63.59 -22.34
CA ILE M 262 35.86 -63.40 -23.75
C ILE M 262 35.30 -62.08 -24.14
N GLU M 263 35.60 -61.71 -25.39
CA GLU M 263 35.10 -60.51 -26.01
C GLU M 263 34.89 -60.72 -27.49
N THR M 264 33.75 -60.28 -27.94
CA THR M 264 33.35 -60.50 -29.31
C THR M 264 33.34 -59.22 -30.11
N TYR M 265 33.70 -59.33 -31.36
CA TYR M 265 33.79 -58.21 -32.27
C TYR M 265 33.15 -58.56 -33.60
N LEU M 266 32.47 -57.62 -34.14
CA LEU M 266 31.91 -57.71 -35.43
C LEU M 266 31.24 -58.99 -35.85
N LEU M 267 30.04 -59.18 -35.44
CA LEU M 267 29.29 -60.32 -35.76
C LEU M 267 28.56 -60.15 -37.06
N GLU M 268 28.50 -61.20 -37.88
CA GLU M 268 27.84 -61.17 -39.16
C GLU M 268 26.37 -61.21 -39.01
N SER M 270 23.99 -60.07 -40.76
CA SER M 270 23.30 -60.40 -41.98
C SER M 270 22.91 -61.87 -42.19
N ARG M 271 23.70 -62.85 -41.69
CA ARG M 271 23.41 -64.25 -41.90
C ARG M 271 22.04 -64.54 -41.38
N VAL M 272 21.75 -63.99 -40.19
CA VAL M 272 20.49 -64.15 -39.56
C VAL M 272 19.31 -63.94 -40.48
N THR M 273 19.48 -63.15 -41.51
CA THR M 273 18.39 -62.76 -42.42
C THR M 273 18.63 -63.15 -43.84
N PHE M 274 19.88 -63.40 -44.11
CA PHE M 274 20.31 -63.72 -45.42
C PHE M 274 21.34 -64.74 -45.45
N GLN M 275 21.59 -65.15 -46.67
CA GLN M 275 22.52 -66.19 -46.97
C GLN M 275 22.74 -66.35 -48.47
N LEU M 276 24.01 -66.46 -48.80
CA LEU M 276 24.36 -66.70 -50.15
C LEU M 276 23.94 -68.14 -50.49
N PRO M 277 23.89 -68.38 -51.76
CA PRO M 277 23.47 -69.63 -52.37
C PRO M 277 24.20 -70.88 -52.01
N ALA M 278 25.49 -70.76 -51.74
CA ALA M 278 26.21 -71.96 -51.36
C ALA M 278 26.48 -72.00 -49.88
N GLU M 279 25.93 -71.02 -49.18
CA GLU M 279 26.16 -70.91 -47.77
C GLU M 279 24.92 -71.17 -46.96
N ARG M 280 25.11 -70.95 -45.69
CA ARG M 280 24.04 -71.12 -44.81
C ARG M 280 24.16 -70.32 -43.56
N SER M 281 23.10 -70.22 -42.84
CA SER M 281 23.11 -69.44 -41.66
C SER M 281 23.75 -70.17 -40.55
N TYR M 282 23.71 -69.50 -39.37
CA TYR M 282 24.28 -70.02 -38.18
C TYR M 282 23.86 -71.45 -37.98
N HIS M 283 24.61 -72.21 -37.24
CA HIS M 283 24.26 -73.60 -37.12
C HIS M 283 23.01 -73.88 -36.35
N ILE M 284 22.94 -73.19 -35.20
CA ILE M 284 21.88 -73.35 -34.27
C ILE M 284 20.56 -73.71 -34.86
N PHE M 285 20.23 -72.99 -35.86
CA PHE M 285 18.94 -73.14 -36.54
C PHE M 285 18.82 -74.48 -37.05
N TYR M 286 19.83 -74.90 -37.76
CA TYR M 286 19.79 -76.23 -38.35
C TYR M 286 19.97 -77.26 -37.30
N GLN M 287 20.64 -76.88 -36.22
CA GLN M 287 20.84 -77.80 -35.16
C GLN M 287 19.45 -78.20 -34.65
N ILE M 288 18.76 -77.20 -34.14
CA ILE M 288 17.42 -77.27 -33.58
C ILE M 288 16.36 -78.00 -34.42
N MET M 289 16.31 -77.72 -35.69
CA MET M 289 15.36 -78.35 -36.57
C MET M 289 15.77 -79.77 -36.95
N SER M 290 16.93 -80.18 -36.42
CA SER M 290 17.44 -81.50 -36.71
C SER M 290 16.55 -82.56 -36.14
N ASN M 291 15.95 -82.25 -35.00
CA ASN M 291 15.02 -83.10 -34.28
C ASN M 291 15.63 -84.06 -33.29
N PRO M 294 12.96 -83.46 -29.87
CA PRO M 294 11.66 -83.10 -30.45
C PRO M 294 10.82 -82.07 -29.71
N GLU M 295 10.89 -82.02 -28.36
CA GLU M 295 10.14 -81.06 -27.57
C GLU M 295 10.33 -79.67 -28.06
N LEU M 296 11.58 -79.41 -28.33
CA LEU M 296 12.08 -78.13 -28.84
C LEU M 296 11.25 -77.63 -30.01
N ILE M 297 11.00 -78.54 -30.96
CA ILE M 297 10.24 -78.22 -32.15
C ILE M 297 8.81 -77.71 -31.86
N ASP M 298 8.18 -78.34 -30.87
CA ASP M 298 6.84 -78.05 -30.46
C ASP M 298 6.88 -76.90 -29.49
N MET M 299 7.95 -76.84 -28.77
CA MET M 299 8.14 -75.80 -27.82
C MET M 299 8.26 -74.43 -28.50
N LEU M 300 9.02 -74.44 -29.60
CA LEU M 300 9.27 -73.24 -30.38
C LEU M 300 8.18 -72.99 -31.38
N LEU M 301 7.42 -74.01 -31.65
CA LEU M 301 6.34 -73.90 -32.59
C LEU M 301 6.78 -73.83 -33.99
N ILE M 302 7.70 -74.72 -34.34
CA ILE M 302 8.18 -74.73 -35.69
C ILE M 302 8.07 -76.10 -36.27
N THR M 303 8.53 -76.18 -37.47
CA THR M 303 8.61 -77.44 -38.10
C THR M 303 10.04 -77.88 -38.16
N THR M 304 10.29 -78.96 -38.89
CA THR M 304 11.62 -79.57 -39.04
C THR M 304 12.21 -79.28 -40.44
N ASN M 305 11.38 -78.75 -41.34
CA ASN M 305 11.65 -78.34 -42.69
C ASN M 305 11.92 -76.88 -42.76
N PRO M 306 13.17 -76.52 -43.05
CA PRO M 306 13.68 -75.18 -43.05
C PRO M 306 13.14 -74.32 -44.11
N TYR M 307 12.58 -74.97 -45.08
CA TYR M 307 12.02 -74.16 -46.12
C TYR M 307 10.77 -73.44 -45.68
N ASP M 308 10.49 -73.48 -44.37
CA ASP M 308 9.34 -72.83 -43.74
C ASP M 308 9.79 -71.53 -43.09
N TYR M 309 11.10 -71.32 -43.15
CA TYR M 309 11.72 -70.21 -42.58
C TYR M 309 12.68 -69.62 -43.50
N HIS M 310 12.11 -68.79 -44.36
CA HIS M 310 12.80 -68.00 -45.35
C HIS M 310 14.18 -67.43 -44.93
N TYR M 311 14.26 -66.84 -43.78
CA TYR M 311 15.42 -66.24 -43.19
C TYR M 311 16.57 -67.21 -43.19
N VAL M 312 16.29 -68.50 -42.97
CA VAL M 312 17.31 -69.53 -42.87
C VAL M 312 17.43 -70.60 -43.94
N SER M 313 16.76 -70.46 -45.06
CA SER M 313 16.94 -71.44 -46.08
C SER M 313 17.08 -70.75 -47.41
N GLU M 314 17.78 -69.66 -47.43
CA GLU M 314 17.94 -68.95 -48.67
C GLU M 314 19.10 -69.57 -49.41
N GLY M 315 19.96 -70.19 -48.62
CA GLY M 315 21.12 -70.79 -49.21
C GLY M 315 20.95 -72.26 -49.12
N GLU M 316 21.78 -72.90 -48.29
CA GLU M 316 21.77 -74.32 -48.14
C GLU M 316 21.27 -74.66 -46.75
N ILE M 317 20.83 -75.89 -46.57
CA ILE M 317 20.29 -76.36 -45.32
C ILE M 317 21.11 -77.46 -44.68
N THR M 318 21.65 -78.31 -45.54
CA THR M 318 22.44 -79.40 -45.00
C THR M 318 23.86 -79.46 -45.55
N VAL M 319 24.75 -79.85 -44.63
CA VAL M 319 26.18 -80.02 -44.89
C VAL M 319 26.59 -81.40 -44.39
N PRO M 320 27.10 -82.19 -45.34
CA PRO M 320 27.50 -83.58 -45.12
C PRO M 320 28.51 -83.80 -44.02
N SER M 321 29.50 -82.91 -43.92
CA SER M 321 30.52 -83.01 -42.92
C SER M 321 30.07 -82.65 -41.50
N ILE M 322 28.82 -82.18 -41.36
CA ILE M 322 28.26 -81.76 -40.06
C ILE M 322 27.05 -82.59 -39.67
N ASP M 323 27.03 -82.97 -38.38
CA ASP M 323 25.94 -83.78 -37.80
C ASP M 323 25.17 -82.92 -36.82
N ASP M 324 24.22 -82.17 -37.37
CA ASP M 324 23.41 -81.22 -36.63
C ASP M 324 22.83 -81.82 -35.34
N GLN M 325 22.56 -83.09 -35.40
CA GLN M 325 21.98 -83.80 -34.29
C GLN M 325 22.89 -83.91 -33.11
N GLU M 326 24.16 -84.17 -33.39
CA GLU M 326 25.21 -84.34 -32.36
C GLU M 326 25.56 -83.02 -31.69
N GLU M 327 25.65 -82.04 -32.55
CA GLU M 327 25.97 -80.73 -32.11
C GLU M 327 24.96 -80.14 -31.18
N LEU M 328 23.70 -80.36 -31.55
CA LEU M 328 22.58 -79.87 -30.75
C LEU M 328 22.77 -80.18 -29.31
N MET M 329 23.24 -81.38 -29.08
CA MET M 329 23.52 -81.77 -27.71
C MET M 329 24.72 -81.13 -27.18
N ALA M 330 25.74 -81.11 -28.04
CA ALA M 330 26.99 -80.49 -27.64
C ALA M 330 26.73 -79.11 -27.08
N THR M 331 25.97 -78.45 -27.90
CA THR M 331 25.53 -77.14 -27.62
C THR M 331 24.80 -77.11 -26.36
N ASP M 332 23.77 -77.93 -26.35
CA ASP M 332 22.87 -78.04 -25.19
C ASP M 332 23.63 -78.19 -23.89
N SER M 333 24.39 -79.26 -23.85
CA SER M 333 25.24 -79.60 -22.73
C SER M 333 26.20 -78.50 -22.32
N ALA M 334 26.75 -77.80 -23.32
CA ALA M 334 27.62 -76.74 -23.05
C ALA M 334 26.94 -75.63 -22.24
N ILE M 335 25.69 -75.38 -22.62
CA ILE M 335 24.94 -74.31 -21.96
C ILE M 335 24.91 -74.51 -20.48
N ASP M 336 24.52 -75.71 -20.16
CA ASP M 336 24.44 -76.19 -18.81
C ASP M 336 25.74 -75.99 -18.07
N ILE M 337 26.80 -76.55 -18.63
CA ILE M 337 28.11 -76.45 -17.99
C ILE M 337 28.48 -75.07 -17.79
N LEU M 338 28.03 -74.31 -18.76
CA LEU M 338 28.29 -72.91 -18.66
C LEU M 338 27.53 -72.23 -17.51
N GLY M 339 26.68 -72.99 -16.84
CA GLY M 339 25.96 -72.46 -15.67
C GLY M 339 24.69 -71.67 -15.92
N PHE M 340 24.21 -71.73 -17.17
CA PHE M 340 23.02 -70.98 -17.46
C PHE M 340 21.82 -71.58 -16.76
N SER M 341 20.90 -70.72 -16.37
CA SER M 341 19.63 -71.13 -15.80
C SER M 341 18.75 -71.79 -16.85
N ALA M 342 17.93 -72.76 -16.46
CA ALA M 342 17.14 -73.48 -17.45
C ALA M 342 16.28 -72.53 -18.24
N ASP M 343 15.71 -71.65 -17.46
CA ASP M 343 14.91 -70.58 -17.94
C ASP M 343 15.70 -69.82 -19.05
N GLU M 344 16.92 -69.38 -18.71
CA GLU M 344 17.72 -68.68 -19.67
C GLU M 344 17.97 -69.60 -20.80
N THR M 346 16.17 -71.58 -21.67
CA THR M 346 14.89 -71.68 -22.32
C THR M 346 14.68 -70.40 -23.16
N ALA M 347 15.10 -69.24 -22.62
CA ALA M 347 14.99 -68.02 -23.32
C ALA M 347 15.72 -68.11 -24.64
N ILE M 348 16.89 -68.59 -24.54
CA ILE M 348 17.80 -68.76 -25.66
C ILE M 348 17.11 -69.50 -26.73
N TYR M 349 16.57 -70.63 -26.35
CA TYR M 349 15.95 -71.39 -27.38
C TYR M 349 14.76 -70.60 -27.87
N LEU M 351 13.88 -67.72 -27.83
CA LEU M 351 14.23 -66.49 -28.50
C LEU M 351 14.79 -66.72 -29.89
N THR M 352 15.47 -67.83 -30.08
CA THR M 352 16.08 -68.17 -31.34
C THR M 352 15.05 -68.60 -32.36
N GLY M 353 13.87 -68.94 -31.90
CA GLY M 353 12.81 -69.40 -32.79
C GLY M 353 11.93 -68.25 -33.17
N ALA M 354 11.77 -67.31 -32.23
CA ALA M 354 10.97 -66.12 -32.52
C ALA M 354 11.47 -65.48 -33.82
N VAL M 355 12.76 -65.35 -33.84
CA VAL M 355 13.52 -64.79 -34.93
C VAL M 355 13.20 -65.48 -36.23
N MET M 356 13.08 -66.76 -36.21
CA MET M 356 12.74 -67.53 -37.43
C MET M 356 11.40 -67.12 -37.90
N HIS M 357 10.51 -67.05 -36.94
CA HIS M 357 9.11 -66.66 -37.13
C HIS M 357 8.96 -65.28 -37.70
N TYR M 358 9.77 -64.38 -37.23
CA TYR M 358 9.68 -63.03 -37.72
C TYR M 358 9.78 -62.97 -39.23
N GLY M 359 10.71 -63.68 -39.73
CA GLY M 359 10.94 -63.72 -41.15
C GLY M 359 9.78 -64.29 -41.88
N ASN M 360 8.82 -64.80 -41.10
CA ASN M 360 7.57 -65.36 -41.67
C ASN M 360 6.43 -64.38 -41.54
N LEU M 361 6.68 -63.36 -40.75
CA LEU M 361 5.72 -62.32 -40.56
C LEU M 361 5.46 -61.66 -41.90
N LYS M 362 4.18 -61.63 -42.26
CA LYS M 362 3.71 -61.08 -43.52
C LYS M 362 2.75 -59.95 -43.34
N PHE M 363 2.79 -59.07 -44.32
CA PHE M 363 1.94 -57.88 -44.33
C PHE M 363 1.37 -57.59 -45.68
N GLN M 365 -0.93 -54.21 -47.89
CA GLN M 365 -1.35 -52.82 -48.08
C GLN M 365 -2.79 -52.62 -47.72
N GLN M 367 -6.24 -51.03 -48.07
CA GLN M 367 -6.92 -50.56 -49.28
C GLN M 367 -7.02 -49.04 -49.40
N ARG M 368 -6.67 -48.54 -50.60
CA ARG M 368 -6.74 -47.12 -50.89
C ARG M 368 -5.76 -46.31 -50.09
N GLU M 369 -4.99 -47.03 -49.34
CA GLU M 369 -3.98 -46.44 -48.51
C GLU M 369 -2.68 -47.15 -48.87
N GLU M 370 -1.60 -46.48 -48.54
CA GLU M 370 -0.29 -47.00 -48.80
C GLU M 370 0.28 -47.55 -47.50
N GLN M 371 -0.63 -47.81 -46.57
CA GLN M 371 -0.20 -48.29 -45.31
C GLN M 371 -0.14 -49.76 -45.27
N ALA M 372 0.67 -50.20 -44.31
CA ALA M 372 0.85 -51.59 -44.04
C ALA M 372 -0.12 -51.99 -42.98
N GLU M 373 -0.72 -53.12 -43.26
CA GLU M 373 -1.65 -53.73 -42.37
C GLU M 373 -1.28 -55.21 -42.32
N PRO M 374 -1.34 -55.79 -41.12
CA PRO M 374 -1.01 -57.18 -40.92
C PRO M 374 -1.78 -58.11 -41.83
N ASP M 375 -1.07 -59.09 -42.37
CA ASP M 375 -1.68 -60.05 -43.25
C ASP M 375 -2.04 -61.30 -42.48
N GLY M 376 -2.34 -61.19 -41.19
CA GLY M 376 -2.71 -62.38 -40.41
C GLY M 376 -2.06 -62.36 -39.05
N THR M 377 -2.72 -63.05 -38.12
CA THR M 377 -2.21 -63.20 -36.75
C THR M 377 -2.10 -64.66 -36.43
N GLU M 378 -1.27 -65.30 -37.21
CA GLU M 378 -0.98 -66.70 -37.11
C GLU M 378 0.38 -66.84 -36.50
N VAL M 379 1.31 -66.12 -37.15
CA VAL M 379 2.68 -66.11 -36.82
C VAL M 379 3.00 -65.13 -35.76
N ALA M 380 2.33 -64.04 -35.80
CA ALA M 380 2.61 -63.02 -34.85
C ALA M 380 2.39 -63.57 -33.51
N ASP M 381 1.37 -64.39 -33.47
CA ASP M 381 0.86 -65.00 -32.26
C ASP M 381 1.95 -65.77 -31.59
N ALA M 383 5.26 -65.59 -32.41
CA ALA M 383 6.39 -64.77 -32.11
C ALA M 383 6.08 -64.07 -30.83
N ALA M 384 4.90 -63.58 -30.71
CA ALA M 384 4.49 -62.85 -29.53
C ALA M 384 4.59 -63.65 -28.25
N TYR M 385 4.13 -64.86 -28.30
CA TYR M 385 4.10 -65.73 -27.16
C TYR M 385 5.49 -66.17 -26.74
N LEU M 386 6.28 -66.52 -27.72
CA LEU M 386 7.61 -66.98 -27.55
C LEU M 386 8.49 -65.95 -26.94
N MET M 387 8.14 -64.68 -27.16
CA MET M 387 8.93 -63.58 -26.61
C MET M 387 8.30 -63.00 -25.33
N GLY M 388 7.11 -63.45 -24.97
CA GLY M 388 6.43 -62.94 -23.80
C GLY M 388 5.82 -61.58 -24.09
N LEU M 389 5.24 -61.48 -25.27
CA LEU M 389 4.62 -60.30 -25.82
C LEU M 389 3.11 -60.51 -26.09
N ASN M 390 2.48 -59.45 -26.57
CA ASN M 390 1.10 -59.44 -26.93
C ASN M 390 1.00 -59.19 -28.43
N SER M 391 0.41 -60.14 -29.13
CA SER M 391 0.24 -60.14 -30.58
C SER M 391 -0.11 -58.80 -31.14
N ALA M 392 -1.13 -58.20 -30.56
CA ALA M 392 -1.68 -56.95 -31.05
C ALA M 392 -0.74 -55.81 -30.95
N GLU M 393 -0.43 -55.54 -29.69
CA GLU M 393 0.39 -54.45 -29.28
C GLU M 393 1.56 -54.44 -30.16
N LEU M 394 2.01 -55.67 -30.44
CA LEU M 394 3.18 -55.91 -31.27
C LEU M 394 2.94 -55.46 -32.73
N LEU M 395 1.86 -55.93 -33.33
CA LEU M 395 1.58 -55.61 -34.70
C LEU M 395 1.27 -54.17 -34.96
N LYS M 396 0.86 -53.47 -33.89
CA LYS M 396 0.55 -52.06 -33.99
C LYS M 396 1.84 -51.29 -34.12
N ALA M 397 2.61 -51.40 -33.05
CA ALA M 397 3.92 -50.81 -32.91
C ALA M 397 4.69 -50.96 -34.20
N LEU M 398 4.60 -52.15 -34.74
CA LEU M 398 5.25 -52.47 -36.00
C LEU M 398 4.72 -51.66 -37.16
N CYS M 399 3.36 -51.60 -37.27
CA CYS M 399 2.64 -50.94 -38.34
C CYS M 399 2.50 -49.42 -38.16
N TYR M 400 2.22 -49.01 -36.93
CA TYR M 400 2.02 -47.64 -36.58
C TYR M 400 2.98 -47.21 -35.51
N PRO M 401 4.23 -47.25 -35.90
CA PRO M 401 5.34 -46.84 -35.07
C PRO M 401 5.05 -45.52 -34.45
N ARG M 402 4.97 -45.47 -33.12
CA ARG M 402 4.73 -44.20 -32.42
C ARG M 402 6.03 -43.60 -31.90
N VAL M 403 6.43 -42.62 -32.69
CA VAL M 403 7.63 -41.82 -32.60
C VAL M 403 7.47 -40.64 -31.61
N GLY M 404 8.55 -39.84 -31.49
CA GLY M 404 8.61 -38.68 -30.59
C GLY M 404 9.43 -37.47 -31.12
N VAL M 405 8.95 -36.85 -32.24
CA VAL M 405 9.53 -35.68 -32.95
C VAL M 405 9.04 -34.34 -32.35
N GLY M 406 9.98 -33.61 -31.79
CA GLY M 406 9.70 -32.37 -31.13
C GLY M 406 9.87 -32.64 -29.65
N ASN M 407 8.84 -32.44 -28.85
CA ASN M 407 8.91 -32.72 -27.42
C ASN M 407 7.87 -33.72 -26.98
N GLU M 408 7.20 -34.27 -27.99
CA GLU M 408 6.14 -35.23 -27.79
C GLU M 408 6.44 -36.55 -28.49
N ALA M 409 5.35 -37.28 -28.70
CA ALA M 409 5.36 -38.57 -29.33
C ALA M 409 4.30 -38.67 -30.44
N VAL M 410 4.79 -38.51 -31.66
CA VAL M 410 4.03 -38.52 -32.90
C VAL M 410 3.87 -39.86 -33.57
N THR M 411 2.64 -40.32 -33.66
CA THR M 411 2.41 -41.61 -34.31
C THR M 411 2.56 -41.59 -35.82
N GLY M 413 3.06 -43.70 -39.57
CA GLY M 413 2.64 -44.82 -40.37
C GLY M 413 3.72 -45.31 -41.33
N GLU M 414 3.79 -46.62 -41.47
CA GLU M 414 4.77 -47.22 -42.34
C GLU M 414 4.21 -47.97 -43.50
N THR M 415 5.07 -48.19 -44.49
CA THR M 415 4.74 -48.90 -45.69
C THR M 415 5.05 -50.37 -45.53
N VAL M 416 4.57 -51.15 -46.48
CA VAL M 416 4.78 -52.56 -46.46
C VAL M 416 6.30 -52.78 -46.45
N SER M 417 6.96 -52.20 -47.41
CA SER M 417 8.41 -52.29 -47.53
C SER M 417 9.12 -51.85 -46.29
N GLU M 418 8.53 -50.92 -45.57
CA GLU M 418 9.15 -50.40 -44.38
C GLU M 418 9.08 -51.36 -43.21
N VAL M 419 8.01 -52.14 -43.19
CA VAL M 419 7.81 -53.07 -42.10
C VAL M 419 8.72 -54.21 -42.21
N HIS M 420 8.63 -54.85 -43.38
CA HIS M 420 9.44 -56.03 -43.68
C HIS M 420 10.87 -55.75 -43.32
N ASN M 421 11.30 -54.53 -43.60
CA ASN M 421 12.66 -54.14 -43.30
C ASN M 421 12.81 -53.92 -41.81
N SER M 422 11.83 -53.32 -41.15
CA SER M 422 12.05 -53.11 -39.70
C SER M 422 12.10 -54.39 -38.90
N VAL M 423 11.28 -55.29 -39.30
CA VAL M 423 11.20 -56.58 -38.68
C VAL M 423 12.58 -57.20 -38.71
N GLY M 424 13.09 -57.28 -39.91
CA GLY M 424 14.40 -57.79 -40.15
C GLY M 424 15.42 -57.08 -39.27
N ALA M 425 15.19 -55.81 -39.05
CA ALA M 425 16.11 -55.12 -38.18
C ALA M 425 16.07 -55.57 -36.77
N LEU M 426 14.87 -55.87 -36.30
CA LEU M 426 14.81 -56.37 -34.92
C LEU M 426 15.38 -57.77 -34.79
N ALA M 427 14.98 -58.66 -35.74
CA ALA M 427 15.43 -60.00 -35.81
C ALA M 427 16.91 -60.03 -35.60
N ALA M 429 18.80 -57.43 -34.60
CA ALA M 429 19.13 -56.75 -33.35
C ALA M 429 19.08 -57.69 -32.18
N VAL M 430 17.96 -58.36 -32.05
CA VAL M 430 17.74 -59.33 -30.99
C VAL M 430 18.74 -60.44 -30.90
N TYR M 431 18.98 -61.06 -32.05
CA TYR M 431 19.96 -62.14 -32.13
C TYR M 431 21.30 -61.71 -31.60
N GLU M 432 21.79 -60.59 -32.17
CA GLU M 432 23.03 -60.01 -31.76
C GLU M 432 23.17 -59.90 -30.29
N MET M 434 21.60 -60.86 -27.84
CA MET M 434 21.54 -62.16 -27.18
C MET M 434 22.89 -62.78 -27.17
N PHE M 435 23.45 -62.81 -28.33
CA PHE M 435 24.77 -63.37 -28.49
C PHE M 435 25.73 -62.70 -27.60
N LEU M 436 25.56 -61.37 -27.50
CA LEU M 436 26.44 -60.60 -26.63
C LEU M 436 26.25 -61.02 -25.20
N TRP M 437 25.01 -61.13 -24.82
CA TRP M 437 24.65 -61.52 -23.50
C TRP M 437 25.26 -62.84 -23.10
N MET M 438 25.05 -63.84 -23.97
CA MET M 438 25.57 -65.18 -23.73
C MET M 438 27.00 -65.10 -23.38
N VAL M 439 27.70 -64.29 -24.16
CA VAL M 439 29.12 -64.12 -23.90
C VAL M 439 29.35 -63.61 -22.49
N ILE M 440 28.67 -62.54 -22.15
CA ILE M 440 28.76 -61.98 -20.82
C ILE M 440 28.50 -63.01 -19.75
N ARG M 441 27.41 -63.70 -19.91
CA ARG M 441 27.06 -64.69 -18.95
C ARG M 441 28.16 -65.72 -18.82
N ILE M 442 28.76 -66.03 -19.95
CA ILE M 442 29.84 -67.01 -19.94
C ILE M 442 30.92 -66.45 -19.04
N ASN M 443 31.41 -65.27 -19.41
CA ASN M 443 32.42 -64.53 -18.72
C ASN M 443 32.15 -64.54 -17.22
N GLN M 444 30.86 -64.45 -16.89
CA GLN M 444 30.47 -64.42 -15.51
C GLN M 444 30.78 -65.64 -14.72
N GLN M 445 30.63 -66.74 -15.39
CA GLN M 445 30.94 -67.97 -14.74
C GLN M 445 32.44 -68.11 -14.69
N LEU M 446 33.07 -67.68 -15.77
CA LEU M 446 34.51 -67.75 -15.91
C LEU M 446 35.22 -66.80 -14.97
N ASP M 447 34.47 -66.27 -14.01
CA ASP M 447 35.00 -65.33 -13.03
C ASP M 447 35.19 -66.04 -11.72
N THR M 448 36.44 -66.02 -11.28
CA THR M 448 36.71 -66.65 -10.03
C THR M 448 37.23 -65.60 -9.10
N LYS M 449 37.31 -65.97 -7.84
CA LYS M 449 37.80 -65.09 -6.81
C LYS M 449 39.32 -65.15 -6.70
N GLN M 450 39.91 -66.34 -6.95
CA GLN M 450 41.36 -66.53 -6.90
C GLN M 450 42.13 -65.42 -7.58
N PRO M 451 43.30 -65.11 -7.01
CA PRO M 451 44.13 -64.04 -7.51
C PRO M 451 44.65 -64.34 -8.87
N ARG M 452 44.92 -63.25 -9.60
CA ARG M 452 45.45 -63.29 -10.96
C ARG M 452 46.68 -62.39 -11.03
N GLN M 453 47.77 -62.91 -11.67
CA GLN M 453 48.95 -62.08 -11.73
C GLN M 453 49.29 -61.68 -13.14
N TYR M 454 48.93 -62.57 -14.06
CA TYR M 454 49.14 -62.34 -15.49
C TYR M 454 48.16 -63.13 -16.31
N PHE M 455 48.10 -62.74 -17.58
CA PHE M 455 47.17 -63.40 -18.49
C PHE M 455 47.83 -63.61 -19.82
N ILE M 456 47.21 -64.45 -20.62
CA ILE M 456 47.69 -64.70 -21.95
C ILE M 456 46.55 -64.51 -22.91
N GLY M 457 46.66 -63.47 -23.70
CA GLY M 457 45.61 -63.16 -24.62
C GLY M 457 45.76 -63.82 -25.95
N VAL M 458 44.64 -64.40 -26.34
CA VAL M 458 44.53 -65.09 -27.58
C VAL M 458 43.51 -64.37 -28.44
N LEU M 459 43.99 -63.71 -29.45
CA LEU M 459 43.20 -62.95 -30.35
C LEU M 459 42.98 -63.65 -31.67
N ASP M 460 41.72 -63.79 -32.03
CA ASP M 460 41.27 -64.39 -33.27
C ASP M 460 40.33 -63.42 -33.95
N ILE M 461 40.73 -62.98 -35.12
CA ILE M 461 40.06 -62.02 -35.95
C ILE M 461 40.49 -62.27 -37.38
N ALA M 462 39.82 -61.65 -38.29
CA ALA M 462 40.16 -61.72 -39.67
C ALA M 462 41.25 -60.77 -40.12
N GLY M 463 41.82 -61.16 -41.25
CA GLY M 463 42.87 -60.38 -41.81
C GLY M 463 42.37 -59.69 -43.00
N PHE M 464 43.11 -58.66 -43.32
CA PHE M 464 42.91 -57.81 -44.44
C PHE M 464 42.61 -58.65 -45.65
N GLU M 465 41.39 -58.48 -46.11
CA GLU M 465 40.87 -59.15 -47.27
C GLU M 465 40.45 -58.04 -48.23
N ILE M 466 40.75 -58.29 -49.49
CA ILE M 466 40.40 -57.32 -50.46
C ILE M 466 39.37 -57.87 -51.38
N PHE M 467 38.32 -57.15 -51.59
CA PHE M 467 37.33 -57.64 -52.49
C PHE M 467 37.05 -56.64 -53.54
N ASP M 468 36.51 -57.11 -54.64
CA ASP M 468 36.22 -56.18 -55.71
C ASP M 468 35.22 -55.20 -55.15
N PHE M 469 34.48 -55.72 -54.14
CA PHE M 469 33.49 -54.93 -53.46
C PHE M 469 33.82 -54.71 -51.99
N ASN M 470 34.22 -53.50 -51.64
CA ASN M 470 34.53 -53.24 -50.26
C ASN M 470 33.58 -52.25 -49.65
N SER M 471 32.87 -52.74 -48.69
CA SER M 471 31.95 -51.89 -48.01
C SER M 471 32.41 -51.64 -46.61
N PHE M 472 31.50 -51.01 -45.87
CA PHE M 472 31.71 -50.56 -44.52
C PHE M 472 32.41 -51.56 -43.65
N GLU M 473 31.90 -52.76 -43.69
CA GLU M 473 32.47 -53.84 -42.87
C GLU M 473 33.96 -54.06 -43.15
N GLN M 474 34.34 -53.89 -44.42
CA GLN M 474 35.69 -54.06 -44.82
C GLN M 474 36.61 -53.02 -44.22
N LEU M 475 36.13 -51.82 -44.24
CA LEU M 475 36.89 -50.73 -43.64
C LEU M 475 37.19 -51.08 -42.18
N CYS M 476 36.14 -51.43 -41.43
CA CYS M 476 36.30 -51.74 -40.04
C CYS M 476 37.34 -52.82 -39.81
N ILE M 477 37.29 -53.86 -40.61
CA ILE M 477 38.24 -54.93 -40.44
C ILE M 477 39.63 -54.51 -40.86
N ASN M 478 39.72 -53.91 -42.06
CA ASN M 478 41.01 -53.49 -42.58
C ASN M 478 41.68 -52.57 -41.61
N PHE M 479 40.89 -51.67 -41.09
CA PHE M 479 41.41 -50.73 -40.14
C PHE M 479 41.97 -51.47 -38.96
N THR M 480 41.29 -52.55 -38.57
CA THR M 480 41.75 -53.28 -37.43
C THR M 480 43.10 -53.84 -37.73
N ASN M 481 43.20 -54.44 -38.89
CA ASN M 481 44.44 -55.05 -39.30
C ASN M 481 45.56 -54.04 -39.52
N GLU M 482 45.28 -52.93 -40.15
CA GLU M 482 46.36 -52.01 -40.39
C GLU M 482 46.97 -51.52 -39.10
N LEU M 484 47.03 -53.54 -36.20
CA LEU M 484 47.69 -54.76 -35.74
C LEU M 484 49.08 -54.87 -36.33
N GLN M 485 49.15 -54.58 -37.64
CA GLN M 485 50.39 -54.57 -38.39
C GLN M 485 51.44 -53.63 -37.83
N GLN M 486 51.05 -52.37 -37.62
CA GLN M 486 51.89 -51.36 -37.07
C GLN M 486 52.36 -51.77 -35.75
N PHE M 487 51.50 -52.56 -35.13
CA PHE M 487 51.76 -53.07 -33.77
C PHE M 487 52.93 -53.99 -33.75
N PHE M 488 53.01 -54.72 -34.83
CA PHE M 488 54.08 -55.64 -35.05
C PHE M 488 55.37 -54.91 -35.45
N ASN M 489 55.28 -54.20 -36.58
CA ASN M 489 56.38 -53.41 -37.13
C ASN M 489 57.16 -52.66 -36.08
N HIS M 490 56.46 -52.31 -35.03
CA HIS M 490 57.10 -51.61 -33.97
C HIS M 490 57.85 -52.56 -33.08
N HIS M 491 57.14 -53.60 -32.66
CA HIS M 491 57.69 -54.62 -31.78
C HIS M 491 58.95 -55.15 -32.39
N MET M 492 58.97 -55.15 -33.69
CA MET M 492 60.13 -55.62 -34.39
C MET M 492 61.24 -54.61 -34.37
N PHE M 493 60.83 -53.36 -34.37
CA PHE M 493 61.80 -52.33 -34.38
C PHE M 493 62.42 -52.26 -33.04
N VAL M 494 61.64 -52.40 -32.08
CA VAL M 494 62.14 -52.42 -30.75
C VAL M 494 63.09 -53.56 -30.57
N LEU M 495 62.62 -54.73 -30.97
CA LEU M 495 63.32 -56.01 -30.89
C LEU M 495 64.67 -56.00 -31.61
N GLU M 496 64.62 -55.62 -32.89
CA GLU M 496 65.80 -55.53 -33.71
C GLU M 496 66.92 -54.76 -33.00
N GLN M 497 66.60 -53.53 -32.70
CA GLN M 497 67.43 -52.58 -32.05
C GLN M 497 68.09 -53.08 -30.75
N GLU M 498 67.56 -54.13 -30.20
CA GLU M 498 68.14 -54.66 -28.99
C GLU M 498 69.38 -55.42 -29.39
N GLU M 499 69.28 -56.17 -30.49
CA GLU M 499 70.40 -56.98 -30.96
C GLU M 499 71.56 -56.09 -31.25
N TYR M 500 71.36 -55.17 -32.17
CA TYR M 500 72.42 -54.25 -32.48
C TYR M 500 73.01 -53.55 -31.24
N GLU M 503 74.92 -56.82 -29.39
CA GLU M 503 76.13 -57.07 -30.12
C GLU M 503 77.04 -55.86 -30.16
N GLY M 504 76.51 -54.73 -30.42
CA GLY M 504 77.47 -53.67 -30.46
C GLY M 504 77.58 -53.21 -31.88
N ILE M 505 76.61 -53.58 -32.68
CA ILE M 505 76.64 -53.08 -34.03
C ILE M 505 76.18 -51.65 -34.01
N GLU M 506 76.51 -50.92 -35.05
CA GLU M 506 76.12 -49.57 -35.12
C GLU M 506 75.12 -49.34 -36.24
N TRP M 507 73.83 -49.57 -35.94
CA TRP M 507 72.78 -49.42 -36.90
C TRP M 507 71.70 -48.48 -36.38
N GLU M 508 71.41 -47.38 -37.11
CA GLU M 508 70.35 -46.50 -36.68
C GLU M 508 69.18 -46.59 -37.58
N PHE M 509 68.02 -46.61 -36.94
CA PHE M 509 66.83 -46.71 -37.70
C PHE M 509 65.61 -46.24 -36.93
N ILE M 510 64.72 -45.72 -37.73
CA ILE M 510 63.44 -45.20 -37.39
C ILE M 510 62.44 -46.35 -37.19
N ASP M 511 61.49 -46.16 -36.28
CA ASP M 511 60.43 -47.10 -35.97
C ASP M 511 59.82 -47.58 -37.26
N PHE M 512 59.52 -48.87 -37.40
CA PHE M 512 58.94 -49.29 -38.67
C PHE M 512 57.48 -49.05 -38.70
N GLY M 513 56.90 -48.80 -37.55
CA GLY M 513 55.48 -48.54 -37.52
C GLY M 513 55.10 -47.29 -38.32
N MET M 514 55.81 -46.25 -38.03
CA MET M 514 55.70 -44.94 -38.57
C MET M 514 55.22 -44.91 -39.96
N ASP M 515 55.61 -45.90 -40.70
CA ASP M 515 55.21 -45.85 -42.10
C ASP M 515 53.71 -45.89 -42.25
N LEU M 516 53.05 -46.50 -41.28
CA LEU M 516 51.61 -46.64 -41.38
C LEU M 516 50.77 -45.58 -40.72
N ALA M 517 51.38 -44.79 -39.85
CA ALA M 517 50.66 -43.76 -39.14
C ALA M 517 49.83 -42.88 -40.05
N ALA M 518 50.28 -42.66 -41.26
CA ALA M 518 49.55 -41.87 -42.21
C ALA M 518 48.17 -42.41 -42.38
N CYS M 519 48.09 -43.68 -42.76
CA CYS M 519 46.77 -44.27 -42.98
C CYS M 519 45.89 -44.27 -41.75
N ILE M 520 46.47 -44.71 -40.66
CA ILE M 520 45.67 -44.70 -39.45
C ILE M 520 45.07 -43.34 -39.08
N GLU M 521 45.90 -42.28 -39.04
CA GLU M 521 45.36 -40.98 -38.69
C GLU M 521 44.14 -40.59 -39.53
N LEU M 522 44.20 -40.85 -40.81
CA LEU M 522 43.18 -40.52 -41.79
C LEU M 522 41.84 -41.16 -41.43
N ILE M 523 41.91 -42.31 -40.81
CA ILE M 523 40.71 -43.02 -40.44
C ILE M 523 40.16 -42.63 -39.09
N GLU M 524 41.02 -42.74 -38.08
CA GLU M 524 40.68 -42.52 -36.69
C GLU M 524 40.74 -41.11 -36.12
N PRO M 526 40.23 -36.98 -35.77
CA PRO M 526 39.05 -36.13 -35.80
C PRO M 526 38.44 -35.70 -37.12
N MET M 527 39.22 -35.24 -38.09
CA MET M 527 38.45 -34.86 -39.27
C MET M 527 38.46 -35.96 -40.28
N GLY M 528 38.89 -37.14 -39.81
CA GLY M 528 39.01 -38.35 -40.60
C GLY M 528 37.69 -39.10 -40.82
N ILE M 529 37.73 -39.99 -41.81
CA ILE M 529 36.61 -40.81 -42.28
C ILE M 529 35.53 -41.13 -41.30
N PHE M 530 35.90 -41.80 -40.25
CA PHE M 530 34.93 -42.15 -39.23
C PHE M 530 34.15 -40.95 -38.71
N SER M 531 34.89 -39.90 -38.30
CA SER M 531 34.23 -38.70 -37.83
C SER M 531 33.21 -38.16 -38.82
N ILE M 532 33.71 -37.83 -40.01
CA ILE M 532 32.82 -37.37 -41.07
C ILE M 532 31.66 -38.34 -41.22
N LEU M 533 31.96 -39.62 -40.99
CA LEU M 533 30.96 -40.61 -41.04
C LEU M 533 30.00 -40.51 -39.88
N GLU M 534 30.52 -40.36 -38.72
CA GLU M 534 29.68 -40.29 -37.55
C GLU M 534 29.07 -38.96 -37.27
N GLU M 535 29.40 -37.97 -38.06
CA GLU M 535 28.83 -36.64 -37.77
C GLU M 535 27.57 -36.59 -38.53
N GLU M 536 27.77 -36.78 -39.84
CA GLU M 536 26.66 -36.80 -40.79
C GLU M 536 25.48 -37.67 -40.29
N CYS M 537 25.80 -38.62 -39.45
CA CYS M 537 24.80 -39.49 -38.92
C CYS M 537 23.89 -38.73 -38.02
N MET M 538 24.30 -37.50 -37.73
CA MET M 538 23.54 -36.62 -36.80
C MET M 538 22.61 -35.68 -37.55
N PHE M 539 22.83 -35.58 -38.85
CA PHE M 539 22.07 -34.76 -39.73
C PHE M 539 20.85 -35.56 -40.24
N PRO M 540 19.71 -35.19 -39.74
CA PRO M 540 18.44 -35.81 -40.03
C PRO M 540 18.11 -35.93 -41.48
N LYS M 541 18.82 -35.26 -42.31
CA LYS M 541 18.50 -35.23 -43.75
C LYS M 541 19.75 -35.33 -44.59
N ALA M 542 20.66 -36.17 -44.13
CA ALA M 542 21.91 -36.38 -44.87
C ALA M 542 21.79 -37.55 -45.81
N THR M 543 22.68 -37.59 -46.78
CA THR M 543 22.64 -38.67 -47.76
C THR M 543 24.00 -39.31 -47.80
N ASP M 544 24.02 -40.49 -48.38
CA ASP M 544 25.25 -41.19 -48.57
C ASP M 544 26.07 -40.22 -49.43
N THR M 545 25.39 -39.69 -50.43
CA THR M 545 25.94 -38.70 -51.33
C THR M 545 26.43 -37.49 -50.59
N SER M 546 25.66 -37.06 -49.62
CA SER M 546 26.05 -35.93 -48.82
C SER M 546 27.40 -36.24 -48.18
N PHE M 547 27.38 -37.30 -47.39
CA PHE M 547 28.53 -37.82 -46.70
C PHE M 547 29.72 -37.88 -47.59
N ASN M 549 30.51 -36.27 -50.38
CA ASN M 549 31.08 -34.97 -50.67
C ASN M 549 31.88 -34.44 -49.50
N LEU M 551 33.38 -36.03 -47.42
CA LEU M 551 34.57 -36.80 -47.36
C LEU M 551 35.60 -36.18 -48.28
N TYR M 552 35.15 -35.81 -49.46
CA TYR M 552 36.12 -35.29 -50.43
C TYR M 552 36.61 -33.91 -50.11
N ASP M 553 35.67 -32.98 -50.10
CA ASP M 553 35.95 -31.56 -49.87
C ASP M 553 37.05 -31.38 -48.83
N GLU M 554 37.07 -32.32 -47.89
CA GLU M 554 38.02 -32.27 -46.79
C GLU M 554 39.27 -33.11 -46.94
N HIS M 555 39.21 -34.21 -47.66
CA HIS M 555 40.44 -35.00 -47.72
C HIS M 555 41.08 -35.02 -49.08
N LEU M 556 40.25 -34.90 -50.10
CA LEU M 556 40.77 -34.94 -51.44
C LEU M 556 41.72 -33.82 -51.80
N GLY M 557 42.82 -34.27 -52.37
CA GLY M 557 43.90 -33.41 -52.81
C GLY M 557 44.81 -33.03 -51.65
N LYS M 558 44.23 -33.03 -50.47
CA LYS M 558 44.93 -32.64 -49.26
C LYS M 558 45.57 -33.82 -48.58
N SER M 559 45.05 -35.00 -48.89
CA SER M 559 45.55 -36.21 -48.30
C SER M 559 45.98 -37.24 -49.31
N ASN M 560 47.16 -37.77 -49.07
CA ASN M 560 47.86 -38.65 -49.97
C ASN M 560 47.29 -40.05 -50.00
N ASN M 561 46.92 -40.52 -48.83
CA ASN M 561 46.41 -41.87 -48.75
C ASN M 561 45.00 -41.93 -49.26
N PHE M 562 44.49 -40.75 -49.45
CA PHE M 562 43.13 -40.53 -49.95
C PHE M 562 43.14 -40.37 -51.46
N GLN M 563 42.25 -41.09 -52.11
CA GLN M 563 42.24 -41.10 -53.54
C GLN M 563 40.83 -41.40 -54.06
N LYS M 564 40.58 -40.97 -55.29
CA LYS M 564 39.30 -41.25 -55.96
C LYS M 564 39.49 -42.48 -56.80
N PRO M 565 38.51 -43.37 -56.76
CA PRO M 565 38.63 -44.67 -57.33
C PRO M 565 38.84 -44.79 -58.76
N LYS M 566 39.47 -45.95 -58.84
CA LYS M 566 39.65 -46.66 -60.04
C LYS M 566 38.39 -47.52 -60.04
N PRO M 567 37.44 -47.10 -60.92
CA PRO M 567 36.17 -47.79 -61.09
C PRO M 567 36.22 -49.15 -61.82
N ALA M 568 37.27 -49.43 -62.63
CA ALA M 568 37.31 -50.65 -63.50
C ALA M 568 38.49 -51.58 -63.19
N LYS M 569 38.29 -52.80 -63.59
CA LYS M 569 39.12 -53.94 -63.25
C LYS M 569 38.06 -54.94 -62.82
N GLY M 570 38.23 -55.50 -61.65
CA GLY M 570 37.24 -56.46 -61.13
C GLY M 570 36.25 -55.75 -60.16
N LYS M 571 36.39 -54.43 -60.03
CA LYS M 571 35.55 -53.60 -59.09
C LYS M 571 34.16 -53.29 -59.71
N ALA M 572 33.22 -52.95 -58.81
CA ALA M 572 31.76 -52.78 -59.16
C ALA M 572 31.24 -51.33 -59.20
N GLU M 573 31.81 -50.45 -58.43
CA GLU M 573 31.50 -49.02 -58.56
C GLU M 573 32.58 -48.12 -57.99
N ALA M 574 32.28 -46.83 -57.99
CA ALA M 574 33.25 -45.83 -57.54
C ALA M 574 32.86 -45.17 -56.18
N HIS M 575 33.87 -44.92 -55.29
CA HIS M 575 33.72 -43.86 -54.19
C HIS M 575 35.03 -43.44 -53.58
N PHE M 576 35.82 -44.34 -53.08
CA PHE M 576 37.11 -43.88 -52.59
C PHE M 576 37.98 -45.01 -52.19
N SER M 577 39.20 -44.81 -52.56
CA SER M 577 40.23 -45.72 -52.29
C SER M 577 41.12 -45.16 -51.24
N LEU M 578 41.69 -46.08 -50.53
CA LEU M 578 42.64 -45.83 -49.49
C LEU M 578 43.92 -46.61 -49.75
N VAL M 579 44.99 -46.10 -49.22
CA VAL M 579 46.26 -46.74 -49.40
C VAL M 579 46.79 -47.40 -48.14
N HIS M 580 46.33 -48.62 -47.91
CA HIS M 580 46.70 -49.40 -46.76
C HIS M 580 48.05 -50.04 -47.00
N TYR M 581 48.69 -50.57 -45.93
CA TYR M 581 49.98 -51.20 -46.13
C TYR M 581 49.97 -52.32 -47.17
N ALA M 582 48.87 -53.12 -47.14
CA ALA M 582 48.70 -54.24 -48.06
C ALA M 582 48.44 -53.84 -49.51
N GLY M 583 47.87 -52.64 -49.63
CA GLY M 583 47.58 -52.07 -50.93
C GLY M 583 46.41 -51.12 -50.90
N THR M 584 45.88 -50.88 -52.12
CA THR M 584 44.78 -49.97 -52.37
C THR M 584 43.44 -50.63 -52.29
N VAL M 585 42.60 -50.08 -51.45
CA VAL M 585 41.28 -50.65 -51.33
C VAL M 585 40.24 -49.65 -51.82
N ASP M 586 39.42 -50.15 -52.71
CA ASP M 586 38.37 -49.37 -53.32
C ASP M 586 37.10 -49.57 -52.53
N TYR M 587 36.68 -48.49 -51.86
CA TYR M 587 35.52 -48.54 -50.96
C TYR M 587 34.27 -47.92 -51.55
N ASN M 588 33.16 -48.64 -51.37
CA ASN M 588 31.82 -48.23 -51.77
C ASN M 588 31.06 -47.83 -50.56
N ILE M 589 30.58 -46.61 -50.58
CA ILE M 589 29.85 -45.96 -49.49
C ILE M 589 28.36 -46.00 -49.65
N SER M 590 27.75 -47.13 -49.53
CA SER M 590 26.34 -47.05 -49.77
C SER M 590 25.55 -47.88 -48.80
N GLY M 591 25.09 -47.20 -47.78
CA GLY M 591 24.29 -47.84 -46.79
C GLY M 591 24.88 -47.51 -45.48
N TRP M 592 26.06 -46.90 -45.68
CA TRP M 592 26.86 -46.62 -44.53
C TRP M 592 26.14 -45.85 -43.50
N LEU M 593 25.57 -44.75 -43.99
CA LEU M 593 24.85 -43.84 -43.08
C LEU M 593 23.89 -44.60 -42.22
N GLU M 594 23.08 -45.40 -42.87
CA GLU M 594 22.11 -46.25 -42.20
C GLU M 594 22.71 -47.27 -41.25
N ASN M 596 25.33 -47.45 -40.11
CA ASN M 596 25.96 -46.80 -39.00
C ASN M 596 24.96 -46.24 -37.97
N ASP M 598 22.02 -47.76 -36.96
CA ASP M 598 21.34 -48.84 -36.30
C ASP M 598 19.94 -48.46 -35.93
N PRO M 599 19.19 -48.08 -36.93
CA PRO M 599 17.81 -47.71 -36.76
C PRO M 599 16.94 -48.87 -36.33
N LEU M 600 16.26 -48.69 -35.21
CA LEU M 600 15.39 -49.69 -34.62
C LEU M 600 14.05 -49.07 -34.17
N ASN M 601 12.93 -49.71 -34.48
CA ASN M 601 11.63 -49.21 -34.07
C ASN M 601 11.48 -49.29 -32.59
N GLU M 602 11.65 -48.15 -32.02
CA GLU M 602 11.62 -47.96 -30.61
C GLU M 602 10.34 -48.32 -29.89
N THR M 603 9.24 -48.39 -30.64
CA THR M 603 7.99 -48.72 -30.02
C THR M 603 8.03 -50.16 -29.59
N VAL M 604 8.48 -50.97 -30.53
CA VAL M 604 8.65 -52.39 -30.31
C VAL M 604 9.62 -52.71 -29.17
N ILE M 605 10.74 -52.06 -29.24
CA ILE M 605 11.76 -52.24 -28.24
C ILE M 605 11.16 -52.01 -26.91
N GLY M 606 10.16 -51.13 -26.96
CA GLY M 606 9.45 -50.78 -25.74
C GLY M 606 8.88 -52.04 -25.17
N LEU M 607 8.13 -52.71 -26.02
CA LEU M 607 7.49 -53.97 -25.65
C LEU M 607 8.49 -54.95 -25.08
N TYR M 608 9.64 -55.06 -25.74
CA TYR M 608 10.63 -56.00 -25.30
C TYR M 608 10.99 -55.64 -23.89
N GLN M 609 11.23 -54.39 -23.75
CA GLN M 609 11.65 -53.84 -22.46
C GLN M 609 10.73 -54.23 -21.31
N SER M 611 8.82 -57.23 -21.38
CA SER M 611 8.44 -58.61 -21.65
C SER M 611 8.27 -59.46 -20.41
N SER M 612 7.61 -60.56 -20.59
CA SER M 612 7.39 -61.52 -19.49
C SER M 612 8.59 -62.45 -19.44
N VAL M 613 9.42 -62.34 -20.49
CA VAL M 613 10.60 -63.12 -20.67
C VAL M 613 11.80 -62.28 -20.32
N THR M 615 14.88 -62.32 -19.60
CA THR M 615 16.05 -62.30 -20.44
C THR M 615 15.90 -61.34 -21.61
N LEU M 616 14.81 -61.49 -22.32
CA LEU M 616 14.54 -60.60 -23.44
C LEU M 616 14.47 -59.25 -22.93
N ALA M 617 13.81 -59.11 -21.79
CA ALA M 617 13.72 -57.81 -21.18
C ALA M 617 15.09 -57.26 -20.91
N LEU M 618 15.94 -58.05 -20.37
CA LEU M 618 17.26 -57.60 -20.05
C LEU M 618 18.06 -57.04 -21.18
N LEU M 619 18.22 -57.90 -22.21
CA LEU M 619 18.99 -57.58 -23.39
C LEU M 619 18.82 -56.16 -23.87
N PHE M 620 17.44 -55.55 -23.63
CA PHE M 620 17.08 -54.22 -24.10
C PHE M 620 17.34 -53.04 -23.18
N ALA M 621 17.56 -53.29 -21.93
CA ALA M 621 17.76 -52.33 -20.86
C ALA M 621 18.56 -51.08 -21.21
N THR M 622 19.73 -51.34 -21.78
CA THR M 622 20.68 -50.27 -22.15
C THR M 622 20.09 -49.35 -23.23
N TYR M 623 19.26 -49.84 -24.09
CA TYR M 623 18.51 -48.93 -24.98
C TYR M 623 17.50 -48.12 -24.16
N GLY M 624 16.76 -48.77 -23.27
CA GLY M 624 15.77 -48.08 -22.44
C GLY M 624 16.35 -47.01 -21.53
N GLY M 625 17.60 -47.20 -21.06
CA GLY M 625 18.20 -46.22 -20.17
C GLY M 625 18.74 -45.01 -20.90
N GLU M 626 19.10 -44.96 -22.21
CA GLU M 626 19.59 -43.78 -22.90
C GLU M 626 18.42 -43.00 -23.53
N ALA M 627 17.20 -43.38 -23.63
CA ALA M 627 16.12 -42.67 -24.33
C ALA M 627 15.95 -41.27 -23.72
N GLU M 628 16.26 -41.11 -22.48
CA GLU M 628 16.13 -39.85 -21.74
C GLU M 628 16.84 -38.73 -22.51
N GLY M 629 18.02 -39.08 -23.00
CA GLY M 629 18.99 -38.34 -23.71
C GLY M 629 18.71 -37.85 -25.13
N GLY M 630 17.79 -38.57 -25.77
CA GLY M 630 17.40 -38.26 -27.17
C GLY M 630 15.88 -38.10 -27.17
N GLY M 631 15.36 -37.40 -26.20
CA GLY M 631 13.95 -37.19 -26.04
C GLY M 631 13.28 -36.56 -27.22
N GLY M 632 13.81 -35.48 -27.77
CA GLY M 632 13.18 -34.78 -28.90
C GLY M 632 13.91 -34.99 -30.24
N LYS M 633 13.21 -34.68 -31.30
CA LYS M 633 13.61 -34.86 -32.71
C LYS M 633 14.94 -34.16 -32.97
N LYS M 634 15.88 -34.90 -33.61
CA LYS M 634 17.16 -34.27 -33.98
C LYS M 634 18.21 -34.56 -32.91
N GLY M 635 19.21 -34.21 -32.78
CA GLY M 635 20.02 -34.15 -31.59
C GLY M 635 20.98 -35.32 -31.52
N GLY M 636 21.28 -35.65 -30.29
CA GLY M 636 22.35 -36.60 -29.92
C GLY M 636 21.84 -37.70 -29.00
N LYS M 637 21.95 -38.93 -29.46
CA LYS M 637 21.49 -40.11 -28.74
C LYS M 637 22.32 -40.31 -27.47
N LYS M 638 23.59 -39.84 -27.49
CA LYS M 638 24.58 -40.15 -26.45
C LYS M 638 24.17 -39.50 -25.12
N LYS M 639 23.42 -38.52 -25.06
CA LYS M 639 22.93 -37.73 -23.91
C LYS M 639 22.32 -38.66 -22.86
N GLY M 640 21.74 -39.73 -23.32
CA GLY M 640 21.07 -40.77 -22.55
C GLY M 640 21.74 -42.10 -22.62
N SER M 641 22.90 -42.15 -23.29
CA SER M 641 23.73 -43.37 -23.36
C SER M 641 23.39 -44.15 -24.63
N SER M 642 22.72 -43.63 -25.60
CA SER M 642 22.45 -44.35 -26.85
C SER M 642 23.57 -44.10 -27.86
N PHE M 643 23.87 -45.06 -28.68
CA PHE M 643 24.97 -44.94 -29.66
C PHE M 643 24.62 -43.88 -30.71
N GLN M 644 25.67 -43.19 -31.05
CA GLN M 644 25.50 -42.10 -32.02
C GLN M 644 26.03 -42.54 -33.39
N THR M 645 26.89 -43.52 -33.38
CA THR M 645 27.65 -44.05 -34.53
C THR M 645 27.61 -45.58 -34.57
N VAL M 646 27.66 -46.18 -35.78
CA VAL M 646 27.88 -47.63 -35.96
C VAL M 646 29.32 -48.02 -35.78
N SER M 647 29.97 -47.29 -35.45
CA SER M 647 31.40 -47.14 -35.60
C SER M 647 31.96 -46.50 -34.37
N ALA M 648 31.12 -45.79 -33.63
CA ALA M 648 31.50 -45.14 -32.38
C ALA M 648 32.08 -46.12 -31.35
N LEU M 649 31.52 -47.31 -31.29
CA LEU M 649 32.02 -48.33 -30.34
C LEU M 649 33.22 -49.03 -30.82
N PHE M 650 32.97 -49.65 -32.01
CA PHE M 650 33.94 -50.41 -32.75
C PHE M 650 35.33 -49.84 -32.43
N ARG M 651 35.39 -48.53 -32.52
CA ARG M 651 36.57 -47.79 -32.22
C ARG M 651 36.93 -47.99 -30.74
N GLU M 652 36.01 -47.73 -29.83
CA GLU M 652 36.15 -47.82 -28.36
C GLU M 652 36.62 -49.19 -27.90
N ASN M 653 36.06 -50.18 -28.58
CA ASN M 653 36.36 -51.55 -28.33
C ASN M 653 37.75 -51.86 -28.88
N LEU M 654 37.96 -51.41 -30.09
CA LEU M 654 39.25 -51.55 -30.78
C LEU M 654 40.35 -50.82 -30.06
N ASN M 655 40.00 -49.96 -29.15
CA ASN M 655 41.01 -49.20 -28.42
C ASN M 655 41.37 -49.87 -27.13
N LEU M 657 41.23 -52.75 -26.78
CA LEU M 657 41.88 -53.97 -27.25
C LEU M 657 43.32 -53.74 -27.50
N MET M 658 43.58 -52.82 -28.43
CA MET M 658 44.95 -52.45 -28.81
C MET M 658 45.74 -51.98 -27.59
N ALA M 659 45.03 -51.65 -26.50
CA ALA M 659 45.66 -51.20 -25.27
C ALA M 659 46.05 -52.39 -24.46
N ASN M 660 45.20 -53.38 -24.53
CA ASN M 660 45.39 -54.63 -23.81
C ASN M 660 46.53 -55.37 -24.53
N LEU M 661 46.61 -55.13 -25.82
CA LEU M 661 47.60 -55.75 -26.66
C LEU M 661 49.01 -55.23 -26.34
N ARG M 662 49.09 -53.97 -25.89
CA ARG M 662 50.33 -53.30 -25.55
C ARG M 662 50.98 -53.78 -24.27
N SER M 663 50.18 -53.91 -23.20
CA SER M 663 50.66 -54.42 -21.91
C SER M 663 50.87 -55.90 -22.01
N THR M 664 51.25 -56.30 -23.23
CA THR M 664 51.43 -57.65 -23.61
C THR M 664 52.69 -57.84 -24.39
N HIS M 665 53.26 -59.04 -24.28
CA HIS M 665 54.37 -59.47 -25.10
C HIS M 665 53.83 -60.22 -26.32
N PRO M 666 53.71 -59.54 -27.42
CA PRO M 666 53.08 -60.05 -28.61
C PRO M 666 53.77 -61.27 -29.14
N HIS M 667 52.93 -62.27 -29.47
CA HIS M 667 53.30 -63.52 -30.07
C HIS M 667 52.39 -63.70 -31.27
N PHE M 668 52.97 -63.80 -32.44
CA PHE M 668 52.30 -63.87 -33.73
C PHE M 668 52.18 -65.22 -34.42
N VAL M 669 51.02 -65.47 -34.98
CA VAL M 669 50.64 -66.67 -35.71
C VAL M 669 49.81 -66.33 -36.93
N ARG M 670 50.31 -66.67 -38.10
CA ARG M 670 49.70 -66.40 -39.39
C ARG M 670 49.22 -67.70 -40.03
N CYS M 671 47.89 -67.84 -40.19
CA CYS M 671 47.28 -69.03 -40.75
C CYS M 671 47.12 -68.91 -42.26
N ILE M 672 47.47 -69.94 -43.02
CA ILE M 672 47.40 -69.90 -44.47
C ILE M 672 46.51 -70.97 -45.13
N ILE M 673 45.96 -70.61 -46.28
CA ILE M 673 45.06 -71.43 -47.06
C ILE M 673 45.60 -71.69 -48.44
N PRO M 674 45.99 -72.93 -48.64
CA PRO M 674 46.65 -73.48 -49.77
C PRO M 674 45.96 -73.33 -51.09
N ASN M 675 44.79 -73.96 -51.22
CA ASN M 675 44.03 -73.89 -52.49
C ASN M 675 42.55 -73.84 -52.26
N GLU M 676 41.91 -72.96 -53.01
CA GLU M 676 40.47 -72.79 -52.92
C GLU M 676 39.73 -74.10 -53.10
N THR M 677 40.36 -74.98 -53.84
CA THR M 677 39.78 -76.27 -54.14
C THR M 677 39.84 -77.31 -53.04
N THR M 679 42.41 -79.27 -51.29
CA THR M 679 43.22 -80.42 -51.62
C THR M 679 44.46 -80.43 -50.78
N PRO M 680 44.69 -81.49 -50.07
CA PRO M 680 45.90 -81.53 -49.27
C PRO M 680 47.11 -81.62 -50.18
N GLY M 681 48.26 -81.21 -49.64
CA GLY M 681 49.53 -81.20 -50.34
C GLY M 681 49.60 -80.29 -51.58
N ALA M 682 48.70 -79.34 -51.71
CA ALA M 682 48.70 -78.47 -52.89
C ALA M 682 48.67 -76.97 -52.59
N MET M 683 49.02 -76.17 -53.56
CA MET M 683 49.05 -74.77 -53.29
C MET M 683 48.85 -73.84 -54.47
N GLU M 684 47.85 -72.97 -54.52
CA GLU M 684 47.91 -72.12 -55.71
C GLU M 684 48.90 -71.05 -55.37
N HIS M 685 49.68 -70.66 -56.33
CA HIS M 685 50.66 -69.65 -56.04
C HIS M 685 50.13 -68.32 -55.61
N GLU M 686 49.62 -67.62 -56.57
CA GLU M 686 49.14 -66.28 -56.34
C GLU M 686 48.18 -66.15 -55.19
N LEU M 687 47.56 -67.24 -54.87
CA LEU M 687 46.64 -67.27 -53.76
C LEU M 687 47.39 -67.17 -52.44
N VAL M 688 48.46 -67.95 -52.31
CA VAL M 688 49.31 -67.90 -51.13
C VAL M 688 50.09 -66.55 -51.12
N LEU M 689 50.50 -66.13 -52.31
CA LEU M 689 51.24 -64.89 -52.45
C LEU M 689 50.49 -63.74 -51.84
N HIS M 690 49.22 -63.71 -52.15
CA HIS M 690 48.34 -62.69 -51.62
C HIS M 690 48.43 -62.58 -50.13
N GLN M 691 48.10 -63.69 -49.52
CA GLN M 691 48.05 -63.77 -48.11
C GLN M 691 49.31 -63.25 -47.50
N LEU M 692 50.39 -63.65 -48.13
CA LEU M 692 51.68 -63.23 -47.63
C LEU M 692 51.87 -61.74 -47.50
N ARG M 693 51.25 -60.99 -48.41
CA ARG M 693 51.41 -59.53 -48.41
C ARG M 693 50.58 -58.87 -47.35
N CYS M 694 49.36 -59.38 -47.28
CA CYS M 694 48.37 -58.91 -46.36
C CYS M 694 48.58 -59.52 -44.99
N ASN M 695 49.45 -60.47 -44.90
CA ASN M 695 49.69 -61.18 -43.66
C ASN M 695 50.52 -60.38 -42.72
N GLY M 696 51.58 -59.83 -43.31
CA GLY M 696 52.64 -59.14 -42.68
C GLY M 696 53.96 -59.86 -42.92
N VAL M 697 53.86 -61.08 -43.38
CA VAL M 697 55.00 -61.94 -43.64
C VAL M 697 55.96 -61.31 -44.60
N LEU M 698 55.41 -60.77 -45.67
CA LEU M 698 56.27 -60.15 -46.66
C LEU M 698 56.81 -58.85 -46.19
N GLU M 699 56.17 -58.28 -45.18
CA GLU M 699 56.66 -57.00 -44.69
C GLU M 699 57.70 -57.23 -43.62
N GLY M 700 57.65 -58.41 -43.03
CA GLY M 700 58.62 -58.73 -42.00
C GLY M 700 59.92 -59.10 -42.66
N ILE M 701 59.82 -59.61 -43.89
CA ILE M 701 60.97 -60.02 -44.63
C ILE M 701 61.68 -58.78 -45.10
N ARG M 702 60.89 -57.81 -45.53
CA ARG M 702 61.37 -56.51 -45.99
C ARG M 702 62.26 -55.82 -44.97
N ILE M 703 61.64 -55.59 -43.85
CA ILE M 703 62.24 -54.98 -42.68
C ILE M 703 63.47 -55.74 -42.25
N CYS M 704 63.50 -57.01 -42.58
CA CYS M 704 64.60 -57.85 -42.20
C CYS M 704 65.78 -57.52 -43.09
N ARG M 705 65.45 -57.53 -44.36
CA ARG M 705 66.39 -57.28 -45.42
C ARG M 705 66.90 -55.87 -45.47
N LYS M 706 66.59 -55.07 -44.47
CA LYS M 706 67.06 -53.71 -44.54
C LYS M 706 68.21 -53.59 -43.58
N GLY M 707 67.62 -55.21 -42.72
CA GLY M 707 68.71 -55.06 -41.77
C GLY M 707 69.79 -56.06 -42.15
N PHE M 708 70.21 -56.79 -41.16
CA PHE M 708 71.18 -57.83 -41.32
C PHE M 708 70.53 -59.16 -40.89
N PRO M 709 69.88 -59.80 -41.86
CA PRO M 709 69.17 -61.04 -41.64
C PRO M 709 69.97 -62.10 -40.88
N SER M 710 70.66 -62.92 -41.65
CA SER M 710 71.52 -63.98 -41.13
C SER M 710 72.60 -63.44 -40.20
N ARG M 711 72.66 -64.07 -39.03
CA ARG M 711 73.63 -63.71 -38.01
C ARG M 711 74.31 -64.94 -37.46
N VAL M 712 75.61 -65.04 -37.72
CA VAL M 712 76.40 -66.16 -37.32
C VAL M 712 77.08 -66.00 -36.01
N LEU M 713 76.95 -67.05 -35.23
CA LEU M 713 77.64 -67.15 -33.96
C LEU M 713 79.07 -67.56 -34.35
N TYR M 714 79.96 -66.89 -33.70
CA TYR M 714 81.40 -67.01 -33.89
C TYR M 714 82.08 -68.39 -34.04
N ALA M 715 81.86 -69.31 -33.12
CA ALA M 715 82.42 -70.66 -33.26
C ALA M 715 81.83 -71.40 -34.43
N ASP M 716 80.48 -71.22 -34.49
CA ASP M 716 79.65 -71.75 -35.55
C ASP M 716 80.13 -71.17 -36.86
N PHE M 717 80.92 -70.08 -36.70
CA PHE M 717 81.49 -69.38 -37.85
C PHE M 717 82.86 -69.87 -38.20
N LYS M 718 83.59 -70.22 -37.15
CA LYS M 718 84.95 -70.71 -37.31
C LYS M 718 84.94 -72.01 -38.08
N GLN M 719 84.51 -73.05 -37.34
CA GLN M 719 84.38 -74.39 -37.84
C GLN M 719 84.01 -74.53 -39.32
N ARG M 720 82.84 -73.99 -39.64
CA ARG M 720 82.32 -74.09 -41.00
C ARG M 720 83.10 -73.41 -42.11
N TYR M 721 83.87 -72.37 -41.73
CA TYR M 721 84.55 -71.61 -42.78
C TYR M 721 86.07 -71.44 -42.68
N ARG M 722 86.65 -71.94 -41.59
CA ARG M 722 88.11 -71.87 -41.37
C ARG M 722 88.88 -72.13 -42.67
N VAL M 723 88.45 -73.23 -43.31
CA VAL M 723 88.92 -73.76 -44.56
C VAL M 723 89.07 -72.76 -45.72
N LEU M 724 88.49 -71.60 -45.59
CA LEU M 724 88.48 -70.63 -46.72
C LEU M 724 89.83 -69.92 -46.93
N ASN M 725 90.54 -69.68 -45.85
CA ASN M 725 91.90 -69.07 -45.89
C ASN M 725 92.61 -69.66 -44.74
N ALA M 726 92.22 -70.90 -44.78
CA ALA M 726 92.49 -71.98 -43.86
C ALA M 726 93.49 -71.61 -42.79
N SER M 727 94.65 -71.20 -43.23
CA SER M 727 95.76 -70.85 -42.32
C SER M 727 95.40 -69.67 -41.40
N ALA M 728 94.98 -68.61 -42.05
CA ALA M 728 94.71 -67.30 -41.42
C ALA M 728 93.33 -67.19 -40.77
N ILE M 729 92.39 -67.99 -41.22
CA ILE M 729 91.05 -67.99 -40.61
C ILE M 729 91.07 -68.95 -39.42
N PRO M 730 91.82 -70.07 -39.50
CA PRO M 730 91.90 -71.02 -38.40
C PRO M 730 92.59 -70.38 -37.23
N GLU M 731 93.69 -69.70 -37.53
CA GLU M 731 94.48 -69.02 -36.50
C GLU M 731 93.61 -68.01 -35.74
N GLY M 732 92.84 -67.28 -36.51
CA GLY M 732 91.94 -66.23 -35.98
C GLY M 732 90.88 -66.85 -35.04
N GLN M 733 90.26 -67.92 -35.50
CA GLN M 733 89.19 -68.59 -34.76
C GLN M 733 89.68 -69.26 -33.47
N PHE M 734 90.87 -69.81 -33.55
CA PHE M 734 91.45 -70.53 -32.42
C PHE M 734 92.03 -69.55 -31.39
N MET M 735 92.64 -68.52 -31.92
CA MET M 735 93.37 -67.50 -31.14
C MET M 735 92.45 -66.58 -30.35
N ASP M 736 91.32 -66.31 -30.93
CA ASP M 736 90.25 -65.65 -30.21
C ASP M 736 88.92 -65.99 -30.82
N SER M 737 88.18 -66.77 -30.06
CA SER M 737 86.90 -67.33 -30.54
C SER M 737 86.13 -66.36 -31.40
N LYS M 738 86.24 -65.12 -31.03
CA LYS M 738 85.61 -64.01 -31.75
C LYS M 738 86.63 -63.36 -32.69
N LYS M 739 87.71 -62.86 -32.09
CA LYS M 739 88.78 -62.16 -32.84
C LYS M 739 89.15 -62.94 -34.10
N ALA M 740 88.96 -64.24 -34.01
CA ALA M 740 89.26 -65.17 -35.11
C ALA M 740 88.45 -64.81 -36.35
N SER M 741 87.12 -65.01 -36.24
CA SER M 741 86.17 -64.74 -37.31
C SER M 741 86.50 -63.39 -37.91
N GLU M 742 86.96 -62.52 -37.00
CA GLU M 742 87.34 -61.20 -37.41
C GLU M 742 88.43 -61.35 -38.42
N LYS M 743 89.54 -61.81 -37.84
CA LYS M 743 90.74 -62.05 -38.59
C LYS M 743 90.44 -62.81 -39.87
N LEU M 744 89.59 -63.85 -39.80
CA LEU M 744 89.32 -64.62 -41.01
C LEU M 744 88.87 -63.84 -42.18
N LEU M 745 87.84 -63.05 -41.96
CA LEU M 745 87.29 -62.30 -43.06
C LEU M 745 88.31 -61.43 -43.77
N GLY M 746 89.52 -61.41 -43.21
CA GLY M 746 90.64 -60.71 -43.77
C GLY M 746 90.72 -61.08 -45.23
N GLY M 747 90.66 -62.40 -45.56
CA GLY M 747 90.72 -62.82 -46.95
C GLY M 747 89.34 -62.92 -47.67
N GLY M 748 89.43 -63.14 -48.99
CA GLY M 748 88.27 -63.30 -49.83
C GLY M 748 88.00 -62.08 -50.70
N ASP M 749 87.54 -62.27 -51.93
CA ASP M 749 87.25 -61.12 -52.75
C ASP M 749 85.77 -60.67 -52.53
N VAL M 750 85.38 -60.67 -51.22
CA VAL M 750 84.06 -60.36 -50.62
C VAL M 750 83.79 -58.91 -50.14
N ASP M 751 82.52 -58.44 -50.21
CA ASP M 751 82.15 -57.09 -49.74
C ASP M 751 82.31 -56.94 -48.24
N HIS M 752 83.33 -56.20 -47.84
CA HIS M 752 83.66 -56.05 -46.43
C HIS M 752 82.70 -55.11 -45.67
N THR M 753 81.64 -54.78 -46.39
CA THR M 753 80.53 -53.93 -46.02
C THR M 753 79.39 -54.73 -45.41
N GLN M 754 78.84 -55.56 -46.32
CA GLN M 754 77.78 -56.49 -46.11
C GLN M 754 77.75 -57.18 -44.75
N TYR M 755 78.77 -57.08 -43.95
CA TYR M 755 78.72 -57.74 -42.66
C TYR M 755 78.96 -56.76 -41.53
N ALA M 756 78.87 -57.27 -40.32
CA ALA M 756 79.11 -56.40 -39.20
C ALA M 756 79.20 -57.27 -38.00
N PHE M 757 80.19 -56.94 -37.20
CA PHE M 757 80.49 -57.74 -36.05
C PHE M 757 79.98 -57.11 -34.82
N GLY M 758 79.87 -57.95 -33.79
CA GLY M 758 79.43 -57.51 -32.49
C GLY M 758 79.68 -58.59 -31.48
N HIS M 759 79.65 -58.18 -30.23
CA HIS M 759 79.88 -59.03 -29.06
C HIS M 759 79.57 -60.51 -29.09
N THR M 760 78.55 -60.95 -29.81
CA THR M 760 78.33 -62.38 -29.79
C THR M 760 78.26 -62.97 -31.18
N VAL M 762 78.33 -62.12 -35.80
CA VAL M 762 78.48 -61.29 -36.95
C VAL M 762 77.15 -61.13 -37.57
N PHE M 763 77.01 -60.02 -38.22
CA PHE M 763 75.82 -59.77 -38.90
C PHE M 763 76.18 -59.77 -40.34
N PHE M 764 75.23 -60.31 -41.11
CA PHE M 764 75.44 -60.47 -42.55
C PHE M 764 74.22 -60.14 -43.36
N ALA M 766 72.06 -60.51 -47.13
CA ALA M 766 71.64 -61.65 -47.90
C ALA M 766 72.67 -62.13 -48.89
N GLY M 767 73.01 -63.18 -48.31
CA GLY M 767 73.44 -64.11 -49.34
C GLY M 767 74.92 -64.25 -49.44
N LEU M 768 75.61 -63.86 -48.40
CA LEU M 768 77.03 -63.94 -48.42
C LEU M 768 77.48 -65.24 -47.85
N LEU M 769 77.05 -65.38 -46.61
CA LEU M 769 77.28 -66.58 -45.88
C LEU M 769 76.78 -67.70 -46.80
N GLY M 770 75.77 -67.38 -47.56
CA GLY M 770 75.26 -68.30 -48.53
C GLY M 770 76.33 -68.57 -49.54
N LEU M 771 77.01 -67.53 -49.92
CA LEU M 771 78.09 -67.70 -50.89
C LEU M 771 79.18 -68.55 -50.33
N LEU M 772 79.58 -68.22 -49.11
CA LEU M 772 80.61 -68.98 -48.43
C LEU M 772 80.41 -70.48 -48.51
N GLU M 773 79.35 -70.93 -47.89
CA GLU M 773 78.93 -72.30 -47.88
C GLU M 773 79.10 -73.01 -49.21
N GLU M 774 78.61 -72.32 -50.26
CA GLU M 774 78.66 -72.90 -51.57
C GLU M 774 80.06 -73.33 -51.92
N MET M 775 80.98 -72.42 -51.73
CA MET M 775 82.37 -72.67 -51.99
C MET M 775 82.77 -73.86 -51.16
N ARG M 776 82.31 -73.81 -49.96
CA ARG M 776 82.57 -74.84 -49.03
C ARG M 776 82.06 -76.14 -49.56
N ASP M 777 80.83 -76.11 -50.03
CA ASP M 777 80.18 -77.28 -50.58
C ASP M 777 81.07 -77.96 -51.59
N ASP M 778 81.55 -77.19 -52.57
CA ASP M 778 82.44 -77.76 -53.55
C ASP M 778 83.66 -78.36 -52.85
N LEU M 780 84.02 -79.96 -50.33
CA LEU M 780 83.93 -81.23 -49.64
C LEU M 780 83.77 -82.35 -50.61
N ALA M 781 83.20 -82.02 -51.79
CA ALA M 781 83.03 -83.00 -52.82
C ALA M 781 84.45 -83.51 -53.00
N GLU M 782 85.37 -82.55 -53.12
CA GLU M 782 86.80 -82.78 -53.22
C GLU M 782 87.11 -83.73 -52.05
N ILE M 783 86.58 -84.05 -50.79
CA ILE M 783 87.45 -83.77 -49.66
C ILE M 783 88.35 -84.88 -49.24
N ILE M 784 86.23 -85.64 -48.56
CA ILE M 784 86.72 -86.97 -48.27
C ILE M 784 87.59 -87.53 -49.35
N THR M 785 86.95 -87.71 -50.52
CA THR M 785 87.57 -88.25 -51.72
C THR M 785 89.02 -87.76 -51.88
N ALA M 786 89.20 -86.48 -51.62
CA ALA M 786 90.51 -85.86 -51.65
C ALA M 786 91.34 -86.32 -50.49
N THR M 787 90.72 -86.48 -49.34
CA THR M 787 91.52 -86.91 -48.18
C THR M 787 91.82 -88.39 -48.26
N GLN M 788 91.03 -89.07 -49.04
CA GLN M 788 91.29 -90.48 -49.15
C GLN M 788 92.57 -90.65 -49.90
N ALA M 789 92.51 -90.20 -51.18
CA ALA M 789 93.61 -90.21 -52.11
C ALA M 789 95.02 -90.14 -51.50
N ARG M 790 95.33 -89.02 -50.88
CA ARG M 790 96.62 -88.73 -50.25
C ARG M 790 97.01 -89.94 -49.42
N CYS M 791 96.06 -90.31 -48.58
CA CYS M 791 96.22 -91.48 -47.76
C CYS M 791 96.68 -92.67 -48.61
N ARG M 792 95.81 -93.03 -49.57
CA ARG M 792 96.03 -94.12 -50.50
C ARG M 792 97.43 -93.97 -51.03
N GLY M 793 97.65 -92.79 -51.59
CA GLY M 793 98.92 -92.42 -52.16
C GLY M 793 99.93 -92.80 -51.13
N PHE M 794 99.95 -91.99 -50.11
CA PHE M 794 100.85 -92.17 -48.99
C PHE M 794 100.97 -93.59 -48.52
N LEU M 795 99.87 -94.29 -48.62
CA LEU M 795 99.96 -95.63 -48.13
C LEU M 795 100.95 -96.49 -48.87
N MET M 796 100.87 -96.35 -50.17
CA MET M 796 101.77 -97.12 -50.98
C MET M 796 103.17 -96.54 -50.94
N ARG M 797 103.24 -95.25 -50.69
CA ARG M 797 104.54 -94.58 -50.64
C ARG M 797 105.42 -95.21 -49.58
N VAL M 798 104.81 -95.90 -48.60
CA VAL M 798 105.59 -96.49 -47.49
C VAL M 798 105.95 -97.89 -47.86
N GLU M 799 105.17 -98.39 -48.81
CA GLU M 799 105.39 -99.74 -49.30
C GLU M 799 106.64 -99.77 -50.14
N TYR M 800 106.81 -98.72 -50.94
CA TYR M 800 108.01 -98.67 -51.68
C TYR M 800 109.25 -98.68 -50.74
N ARG M 801 109.24 -97.90 -49.65
CA ARG M 801 110.36 -97.78 -48.64
C ARG M 801 110.70 -99.10 -47.95
N ALA M 802 109.72 -99.99 -47.99
CA ALA M 802 109.87 -101.29 -47.38
C ALA M 802 110.39 -102.25 -48.45
N MET M 803 109.72 -102.27 -49.60
CA MET M 803 110.10 -103.09 -50.75
C MET M 803 111.58 -102.99 -51.01
N VAL M 804 111.15 -101.15 -50.52
CA VAL M 804 112.52 -100.76 -50.52
C VAL M 804 113.33 -101.29 -49.31
N GLU M 805 112.81 -101.10 -48.11
CA GLU M 805 113.44 -101.59 -46.88
C GLU M 805 113.76 -103.07 -47.04
N ARG M 806 112.70 -103.76 -47.33
CA ARG M 806 112.61 -105.17 -47.60
C ARG M 806 113.65 -105.70 -48.57
N ARG M 807 114.00 -104.82 -49.51
CA ARG M 807 114.92 -105.08 -50.60
C ARG M 807 115.94 -106.14 -50.31
N GLU M 808 116.73 -105.87 -49.30
CA GLU M 808 117.75 -106.83 -49.00
C GLU M 808 117.38 -107.98 -48.13
N SER M 809 116.58 -107.73 -47.09
CA SER M 809 116.19 -108.80 -46.20
C SER M 809 115.68 -109.99 -46.93
N ILE M 810 115.17 -109.73 -48.13
CA ILE M 810 114.69 -110.81 -48.96
C ILE M 810 115.87 -111.63 -49.44
N PHE M 811 116.72 -110.95 -50.21
CA PHE M 811 117.94 -111.47 -50.79
C PHE M 811 118.59 -112.39 -49.82
N CYS M 812 118.77 -111.84 -48.64
CA CYS M 812 119.36 -112.58 -47.56
C CYS M 812 118.61 -113.84 -47.42
N ILE M 813 117.33 -113.69 -47.35
CA ILE M 813 116.52 -114.87 -47.25
C ILE M 813 116.68 -115.66 -48.52
N GLN M 814 116.58 -114.97 -49.65
CA GLN M 814 116.66 -115.62 -50.97
C GLN M 814 117.83 -116.56 -51.10
N TYR M 815 119.00 -115.98 -51.24
CA TYR M 815 120.22 -116.76 -51.37
C TYR M 815 120.38 -117.83 -50.31
N ASN M 816 120.23 -117.40 -49.07
CA ASN M 816 120.39 -118.25 -47.89
C ASN M 816 119.81 -119.62 -47.91
N VAL M 817 118.62 -119.71 -48.52
CA VAL M 817 117.88 -120.96 -48.66
C VAL M 817 118.54 -121.85 -49.69
N ARG M 818 118.73 -121.23 -50.85
CA ARG M 818 119.36 -121.86 -51.98
C ARG M 818 120.60 -122.67 -51.57
N SER M 819 121.47 -122.06 -50.72
CA SER M 819 122.65 -122.67 -50.19
C SER M 819 122.29 -124.07 -49.79
N PHE M 820 121.57 -124.07 -48.72
CA PHE M 820 121.10 -125.23 -48.06
C PHE M 820 120.59 -126.32 -48.98
N MET M 821 119.81 -125.95 -49.94
CA MET M 821 119.28 -126.92 -50.87
C MET M 821 120.37 -127.67 -51.64
N ASN M 822 121.49 -127.03 -51.71
CA ASN M 822 122.61 -127.56 -52.44
C ASN M 822 123.52 -128.36 -51.58
N VAL M 823 123.72 -127.76 -50.42
CA VAL M 823 124.59 -128.26 -49.44
C VAL M 823 124.12 -129.50 -48.74
N HIS M 825 122.91 -131.96 -49.34
CA HIS M 825 123.15 -133.27 -49.96
C HIS M 825 124.65 -133.65 -50.01
N TRP M 826 125.54 -132.70 -49.64
CA TRP M 826 127.04 -132.77 -49.60
C TRP M 826 127.67 -133.48 -48.38
N PRO M 827 128.36 -134.59 -48.64
CA PRO M 827 129.05 -135.40 -47.63
C PRO M 827 129.62 -134.60 -46.50
N TRP M 828 130.47 -133.70 -46.91
CA TRP M 828 131.19 -132.83 -46.03
C TRP M 828 130.27 -132.05 -45.18
N MET M 829 129.13 -131.68 -45.78
CA MET M 829 128.24 -130.90 -44.96
C MET M 829 127.46 -131.76 -43.98
N LEU M 831 128.59 -134.37 -42.69
CA LEU M 831 129.61 -134.68 -41.70
C LEU M 831 129.66 -133.62 -40.62
N PHE M 832 129.87 -132.39 -41.09
CA PHE M 832 129.91 -131.22 -40.20
C PHE M 832 128.71 -131.21 -39.30
N PHE M 833 127.63 -131.66 -39.89
CA PHE M 833 126.37 -131.72 -39.22
C PHE M 833 126.38 -132.70 -38.07
N ILE M 835 128.75 -133.91 -36.72
CA ILE M 835 129.87 -133.48 -35.87
C ILE M 835 129.70 -132.16 -35.11
N PRO M 837 127.86 -131.03 -33.22
CA PRO M 837 127.45 -131.02 -31.84
C PRO M 837 128.54 -131.28 -30.84
N LEU M 838 129.37 -132.31 -31.12
CA LEU M 838 130.47 -132.65 -30.21
C LEU M 838 131.33 -131.44 -29.81
N LEU M 839 131.16 -130.37 -30.57
CA LEU M 839 131.93 -129.19 -30.36
C LEU M 839 131.44 -128.40 -29.21
N LYS M 840 132.26 -127.39 -28.93
CA LYS M 840 131.94 -126.47 -27.86
C LYS M 840 132.43 -125.08 -28.24
N PHE N 1 131.20 -114.17 -44.33
CA PHE N 1 131.80 -115.04 -43.31
C PHE N 1 132.18 -114.27 -42.07
N ASP N 2 131.47 -114.53 -40.99
CA ASP N 2 131.84 -113.92 -39.70
C ASP N 2 132.99 -114.73 -39.10
N GLU N 3 133.74 -114.12 -38.21
CA GLU N 3 134.98 -114.76 -37.74
C GLU N 3 134.78 -116.00 -36.87
N THR N 4 133.63 -116.13 -36.22
CA THR N 4 133.38 -117.32 -35.40
C THR N 4 132.97 -118.51 -36.26
N GLU N 5 132.43 -118.21 -37.42
CA GLU N 5 132.06 -119.22 -38.42
C GLU N 5 133.31 -119.73 -39.12
N ILE N 6 134.30 -118.86 -39.25
CA ILE N 6 135.58 -119.25 -39.83
C ILE N 6 136.42 -120.03 -38.82
N GLU N 7 136.19 -119.77 -37.54
CA GLU N 7 136.85 -120.55 -36.49
C GLU N 7 136.20 -121.92 -36.30
N ASP N 8 134.94 -122.02 -36.67
CA ASP N 8 134.24 -123.32 -36.65
C ASP N 8 134.71 -124.19 -37.81
N PHE N 9 135.04 -123.55 -38.93
CA PHE N 9 135.57 -124.29 -40.08
C PHE N 9 137.05 -124.63 -39.88
N LYS N 10 137.73 -123.89 -39.03
CA LYS N 10 139.11 -124.21 -38.66
C LYS N 10 139.17 -125.38 -37.70
N GLU N 11 138.15 -125.50 -36.86
CA GLU N 11 138.07 -126.61 -35.91
C GLU N 11 137.63 -127.89 -36.62
N ALA N 12 136.79 -127.74 -37.64
CA ALA N 12 136.38 -128.90 -38.42
C ALA N 12 137.49 -129.36 -39.35
N PHE N 13 138.33 -128.42 -39.77
CA PHE N 13 139.49 -128.74 -40.58
C PHE N 13 140.56 -129.47 -39.77
N THR N 14 140.64 -129.18 -38.49
CA THR N 14 141.61 -129.84 -37.62
C THR N 14 141.14 -131.23 -37.19
N VAL N 15 139.84 -131.43 -37.16
CA VAL N 15 139.29 -132.75 -36.79
C VAL N 15 139.31 -133.71 -37.98
N ILE N 16 139.32 -133.19 -39.19
CA ILE N 16 139.44 -134.05 -40.36
C ILE N 16 140.91 -134.21 -40.77
N ASP N 17 141.74 -133.25 -40.39
CA ASP N 17 143.17 -133.36 -40.66
C ASP N 17 143.89 -133.93 -39.44
N GLN N 18 143.83 -135.26 -39.34
CA GLN N 18 144.36 -135.99 -38.19
C GLN N 18 145.87 -136.17 -38.21
N ASN N 19 146.51 -135.80 -39.32
CA ASN N 19 147.98 -135.76 -39.34
C ASN N 19 148.54 -134.43 -38.83
N ALA N 20 147.66 -133.46 -38.62
CA ALA N 20 148.00 -132.09 -38.22
C ALA N 20 149.15 -131.44 -39.00
N ASP N 21 149.16 -131.55 -40.32
CA ASP N 21 150.19 -130.86 -41.09
C ASP N 21 149.62 -129.69 -41.89
N GLY N 22 148.30 -129.58 -41.93
CA GLY N 22 147.67 -128.43 -42.57
C GLY N 22 147.05 -128.76 -43.92
N ILE N 23 147.18 -130.00 -44.37
CA ILE N 23 146.58 -130.42 -45.64
C ILE N 23 145.83 -131.73 -45.49
N ILE N 24 144.52 -131.66 -45.68
CA ILE N 24 143.68 -132.86 -45.62
C ILE N 24 143.82 -133.70 -46.88
N ASP N 25 144.49 -134.82 -46.73
CA ASP N 25 144.61 -135.80 -47.81
C ASP N 25 143.51 -136.85 -47.69
N LYS N 26 143.54 -137.82 -48.60
CA LYS N 26 142.50 -138.87 -48.68
C LYS N 26 142.52 -139.84 -47.49
N ASP N 27 143.67 -139.95 -46.85
CA ASP N 27 143.82 -140.82 -45.67
C ASP N 27 143.16 -140.16 -44.47
N ASP N 28 143.20 -138.83 -44.42
CA ASP N 28 142.55 -138.09 -43.33
C ASP N 28 141.03 -138.17 -43.45
N LEU N 29 140.56 -138.14 -44.69
CA LEU N 29 139.12 -138.24 -44.95
C LEU N 29 138.60 -139.62 -44.53
N ARG N 30 139.36 -140.65 -44.87
CA ARG N 30 138.96 -142.02 -44.56
C ARG N 30 139.08 -142.34 -43.07
N GLU N 31 140.06 -141.76 -42.39
CA GLU N 31 140.25 -142.04 -40.96
C GLU N 31 139.33 -141.17 -40.10
N THR N 32 138.82 -140.09 -40.64
CA THR N 32 137.82 -139.32 -39.91
C THR N 32 136.45 -139.97 -40.07
N PHE N 33 136.21 -140.57 -41.23
CA PHE N 33 134.95 -141.28 -41.45
C PHE N 33 134.92 -142.60 -40.69
N ALA N 34 136.06 -143.25 -40.56
CA ALA N 34 136.15 -144.48 -39.78
C ALA N 34 136.01 -144.21 -38.28
N ALA N 35 136.42 -143.04 -37.83
CA ALA N 35 136.26 -142.66 -36.42
C ALA N 35 134.84 -142.16 -36.10
N MET N 36 134.06 -141.89 -37.13
CA MET N 36 132.63 -141.57 -36.95
C MET N 36 131.74 -142.80 -37.12
N GLY N 37 132.32 -143.91 -37.56
CA GLY N 37 131.57 -145.16 -37.67
C GLY N 37 131.49 -145.71 -39.09
N ARG N 38 132.10 -145.01 -40.03
CA ARG N 38 132.06 -145.47 -41.42
C ARG N 38 133.20 -146.42 -41.74
N LEU N 39 132.90 -147.71 -41.59
CA LEU N 39 133.89 -148.75 -41.87
C LEU N 39 133.89 -149.13 -43.35
N ASN N 40 132.79 -148.81 -44.02
CA ASN N 40 132.63 -149.12 -45.44
C ASN N 40 132.79 -147.93 -46.39
N VAL N 41 133.46 -146.87 -45.94
CA VAL N 41 133.61 -145.68 -46.80
C VAL N 41 134.49 -145.98 -48.02
N LYS N 42 133.85 -145.93 -49.18
CA LYS N 42 134.55 -146.22 -50.45
C LYS N 42 135.54 -145.12 -50.83
N ASN N 43 136.52 -145.55 -51.60
CA ASN N 43 137.61 -144.67 -52.06
C ASN N 43 137.14 -143.69 -53.12
N GLU N 44 136.02 -144.03 -53.74
CA GLU N 44 135.41 -143.18 -54.77
C GLU N 44 134.67 -142.00 -54.14
N GLU N 45 134.34 -142.09 -52.87
CA GLU N 45 133.70 -140.96 -52.18
C GLU N 45 134.76 -139.95 -51.79
N LEU N 46 135.92 -140.49 -51.45
CA LEU N 46 137.06 -139.66 -51.04
C LEU N 46 137.66 -138.97 -52.25
N ASP N 47 137.61 -139.67 -53.38
CA ASP N 47 138.08 -139.10 -54.64
C ASP N 47 137.13 -138.06 -55.21
N ALA N 48 135.86 -138.15 -54.88
CA ALA N 48 134.90 -137.14 -55.35
C ALA N 48 134.95 -135.87 -54.51
N MET N 49 135.42 -136.00 -53.27
CA MET N 49 135.62 -134.82 -52.42
C MET N 49 136.88 -134.08 -52.84
N ILE N 50 137.89 -134.84 -53.24
CA ILE N 50 139.15 -134.25 -53.69
C ILE N 50 139.05 -133.70 -55.12
N LYS N 51 138.07 -134.19 -55.86
CA LYS N 51 137.79 -133.74 -57.24
C LYS N 51 137.02 -132.41 -57.27
N GLU N 52 136.62 -131.92 -56.11
CA GLU N 52 135.98 -130.61 -56.03
C GLU N 52 137.02 -129.51 -55.83
N ALA N 53 138.26 -129.89 -55.58
CA ALA N 53 139.34 -128.92 -55.44
C ALA N 53 140.32 -129.03 -56.61
N SER N 54 141.01 -127.93 -56.87
CA SER N 54 142.04 -127.93 -57.91
C SER N 54 143.42 -128.23 -57.33
N GLY N 55 143.52 -128.18 -56.02
CA GLY N 55 144.78 -128.49 -55.34
C GLY N 55 144.51 -129.18 -54.00
N PRO N 56 145.57 -129.34 -53.21
CA PRO N 56 145.48 -129.96 -51.90
C PRO N 56 144.59 -129.15 -50.96
N ILE N 57 143.89 -129.85 -50.08
CA ILE N 57 142.94 -129.20 -49.18
C ILE N 57 143.62 -128.61 -47.94
N ASN N 58 144.21 -127.44 -48.12
CA ASN N 58 144.71 -126.69 -46.97
C ASN N 58 143.58 -125.81 -46.46
N PHE N 59 143.84 -125.00 -45.45
CA PHE N 59 142.77 -124.24 -44.82
C PHE N 59 142.11 -123.21 -45.75
N THR N 60 142.87 -122.62 -46.66
CA THR N 60 142.29 -121.59 -47.53
C THR N 60 141.60 -122.21 -48.74
N VAL N 61 141.97 -123.44 -49.08
CA VAL N 61 141.31 -124.14 -50.17
C VAL N 61 140.00 -124.75 -49.69
N PHE N 62 139.95 -125.05 -48.40
CA PHE N 62 138.73 -125.57 -47.80
C PHE N 62 137.74 -124.44 -47.55
N LEU N 63 138.26 -123.26 -47.24
CA LEU N 63 137.42 -122.08 -47.04
C LEU N 63 136.86 -121.56 -48.36
N THR N 64 137.64 -121.62 -49.43
CA THR N 64 137.12 -121.15 -50.72
C THR N 64 136.14 -122.13 -51.36
N MET N 65 136.30 -123.41 -51.05
CA MET N 65 135.35 -124.40 -51.57
C MET N 65 134.02 -124.30 -50.85
N PHE N 66 134.08 -124.07 -49.54
CA PHE N 66 132.85 -123.89 -48.76
C PHE N 66 132.19 -122.54 -49.03
N GLY N 67 132.99 -121.53 -49.36
CA GLY N 67 132.46 -120.22 -49.73
C GLY N 67 131.66 -120.28 -51.02
N GLU N 68 132.20 -120.99 -52.00
CA GLU N 68 131.56 -121.11 -53.31
C GLU N 68 130.34 -122.04 -53.33
N LYS N 69 130.16 -122.86 -52.30
CA LYS N 69 128.94 -123.66 -52.20
C LYS N 69 127.91 -123.00 -51.29
N LEU N 70 128.39 -122.16 -50.39
CA LEU N 70 127.53 -121.49 -49.43
C LEU N 70 127.44 -119.99 -49.67
N LYS N 71 127.11 -119.63 -50.91
CA LYS N 71 127.03 -118.21 -51.30
C LYS N 71 125.75 -117.51 -50.83
N GLY N 72 124.85 -118.25 -50.19
CA GLY N 72 123.66 -117.67 -49.60
C GLY N 72 123.44 -118.21 -48.19
N ALA N 73 124.53 -118.67 -47.56
CA ALA N 73 124.42 -119.22 -46.20
C ALA N 73 124.19 -118.12 -45.18
N ASP N 74 123.19 -118.31 -44.35
CA ASP N 74 122.84 -117.29 -43.37
C ASP N 74 122.82 -117.87 -41.96
N PRO N 75 123.51 -117.19 -41.05
CA PRO N 75 123.53 -117.58 -39.64
C PRO N 75 122.13 -117.53 -39.03
N GLU N 76 121.96 -118.29 -37.95
CA GLU N 76 120.63 -118.45 -37.33
C GLU N 76 120.07 -117.15 -36.76
N ASP N 77 120.92 -116.24 -36.34
CA ASP N 77 120.44 -114.97 -35.76
C ASP N 77 119.93 -114.01 -36.82
N VAL N 78 120.36 -114.17 -38.06
CA VAL N 78 119.89 -113.26 -39.11
C VAL N 78 118.66 -113.86 -39.79
N ILE N 79 118.52 -115.17 -39.67
CA ILE N 79 117.30 -115.81 -40.18
C ILE N 79 116.16 -115.58 -39.21
N MET N 80 116.46 -115.54 -37.93
CA MET N 80 115.46 -115.23 -36.92
C MET N 80 115.16 -113.73 -36.86
N GLY N 81 116.10 -112.92 -37.30
CA GLY N 81 115.88 -111.49 -37.49
C GLY N 81 114.80 -111.26 -38.56
N ALA N 82 114.98 -111.92 -39.70
CA ALA N 82 114.00 -111.78 -40.80
C ALA N 82 112.64 -112.41 -40.47
N PHE N 83 112.63 -113.47 -39.66
CA PHE N 83 111.36 -114.06 -39.26
C PHE N 83 110.67 -113.32 -38.13
N LYS N 84 111.39 -112.44 -37.44
CA LYS N 84 110.80 -111.57 -36.42
C LYS N 84 110.23 -110.33 -37.08
N VAL N 85 110.73 -110.02 -38.27
CA VAL N 85 110.17 -108.93 -39.07
C VAL N 85 108.94 -109.41 -39.83
N LEU N 86 108.87 -110.71 -40.08
CA LEU N 86 107.68 -111.30 -40.71
C LEU N 86 106.59 -111.56 -39.67
N ASP N 87 107.01 -111.77 -38.44
CA ASP N 87 106.06 -111.82 -37.32
C ASP N 87 106.42 -110.73 -36.30
N PRO N 88 105.99 -109.50 -36.59
CA PRO N 88 106.51 -108.32 -35.86
C PRO N 88 105.89 -108.13 -34.48
N ASP N 89 104.88 -108.92 -34.18
CA ASP N 89 104.22 -108.91 -32.87
C ASP N 89 104.85 -109.94 -31.92
N GLY N 90 105.76 -110.75 -32.43
CA GLY N 90 106.48 -111.69 -31.59
C GLY N 90 105.69 -112.95 -31.25
N LYS N 91 106.45 -113.99 -30.92
CA LYS N 91 105.98 -115.30 -30.42
C LYS N 91 105.35 -116.24 -31.45
N GLY N 92 104.38 -115.74 -32.21
CA GLY N 92 103.62 -116.59 -33.13
C GLY N 92 104.37 -117.01 -34.39
N SER N 93 104.21 -118.28 -34.72
CA SER N 93 104.68 -118.78 -36.02
C SER N 93 103.69 -118.32 -37.08
N ILE N 94 104.24 -117.88 -38.21
CA ILE N 94 103.42 -117.25 -39.24
C ILE N 94 102.75 -118.30 -40.15
N LYS N 95 101.60 -117.93 -40.70
CA LYS N 95 100.77 -118.82 -41.52
C LYS N 95 101.46 -119.35 -42.78
N LYS N 96 101.00 -120.55 -43.14
CA LYS N 96 101.48 -121.29 -44.31
C LYS N 96 101.22 -120.54 -45.61
N SER N 97 100.02 -120.02 -45.75
CA SER N 97 99.66 -119.34 -47.00
C SER N 97 100.27 -117.94 -47.09
N PHE N 98 100.68 -117.38 -45.96
CA PHE N 98 101.24 -116.04 -45.97
C PHE N 98 102.67 -116.10 -46.47
N LEU N 99 103.37 -117.17 -46.09
CA LEU N 99 104.75 -117.33 -46.56
C LEU N 99 104.82 -117.79 -48.01
N GLU N 100 103.78 -118.47 -48.47
CA GLU N 100 103.75 -118.90 -49.87
C GLU N 100 103.44 -117.74 -50.80
N GLU N 101 102.57 -116.86 -50.34
CA GLU N 101 102.20 -115.69 -51.14
C GLU N 101 103.33 -114.66 -51.14
N LEU N 102 103.96 -114.46 -49.99
CA LEU N 102 105.01 -113.45 -49.90
C LEU N 102 106.34 -113.90 -50.50
N LEU N 103 106.54 -115.20 -50.64
CA LEU N 103 107.76 -115.67 -51.30
C LEU N 103 107.62 -115.50 -52.79
N THR N 104 106.47 -115.88 -53.29
CA THR N 104 106.21 -115.78 -54.73
C THR N 104 106.14 -114.30 -55.16
N THR N 105 105.26 -113.57 -54.51
CA THR N 105 104.95 -112.18 -54.92
C THR N 105 105.99 -111.15 -54.58
N GLY N 106 107.10 -111.53 -54.23
CA GLY N 106 108.06 -110.51 -53.99
C GLY N 106 109.23 -110.77 -54.86
N GLY N 107 109.49 -112.05 -54.93
CA GLY N 107 110.68 -112.55 -55.62
C GLY N 107 110.41 -113.83 -56.42
N GLY N 108 111.33 -114.04 -57.35
CA GLY N 108 111.33 -115.20 -58.24
C GLY N 108 111.93 -116.43 -57.52
N ARG N 109 112.62 -116.16 -56.42
CA ARG N 109 113.26 -117.22 -55.62
C ARG N 109 112.23 -117.88 -54.68
N PHE N 110 111.10 -117.20 -54.57
CA PHE N 110 109.99 -117.64 -53.73
C PHE N 110 108.86 -118.25 -54.59
N THR N 111 109.16 -118.51 -55.90
CA THR N 111 108.18 -119.15 -56.89
C THR N 111 107.51 -120.35 -56.26
N PRO N 112 106.32 -120.88 -56.69
CA PRO N 112 105.76 -121.99 -55.97
C PRO N 112 106.70 -123.26 -56.01
N GLU N 113 106.70 -124.14 -57.10
CA GLU N 113 107.50 -125.48 -57.13
C GLU N 113 108.58 -125.55 -56.03
N GLU N 114 109.28 -124.46 -55.88
CA GLU N 114 110.32 -124.36 -54.86
C GLU N 114 109.69 -124.36 -53.47
N ILE N 115 108.46 -123.86 -53.39
CA ILE N 115 107.72 -123.80 -52.13
C ILE N 115 107.20 -125.19 -51.73
N LYS N 116 106.99 -126.05 -52.73
CA LYS N 116 106.62 -127.44 -52.45
C LYS N 116 107.83 -128.23 -51.98
N ASN N 117 108.99 -127.84 -52.45
CA ASN N 117 110.24 -128.46 -51.99
C ASN N 117 110.62 -127.96 -50.60
N MET N 118 110.18 -126.74 -50.27
CA MET N 118 110.42 -126.20 -48.93
C MET N 118 109.56 -126.94 -47.90
N TRP N 119 108.35 -127.26 -48.29
CA TRP N 119 107.45 -127.97 -47.37
C TRP N 119 107.86 -129.45 -47.23
N ALA N 120 108.55 -129.93 -48.25
CA ALA N 120 108.91 -131.35 -48.36
C ALA N 120 110.03 -131.85 -47.47
N ALA N 121 110.80 -131.14 -46.81
CA ALA N 121 111.56 -131.95 -45.86
C ALA N 121 111.58 -131.14 -44.63
N PHE N 122 111.23 -129.87 -44.89
CA PHE N 122 111.03 -128.92 -43.82
C PHE N 122 109.67 -129.10 -43.38
N PRO N 123 109.45 -129.89 -42.66
CA PRO N 123 108.08 -130.37 -42.48
C PRO N 123 106.92 -129.35 -42.61
N PRO N 124 105.75 -129.67 -41.91
CA PRO N 124 104.47 -128.92 -42.00
C PRO N 124 104.53 -127.55 -41.43
N ASP N 125 104.77 -127.54 -40.13
CA ASP N 125 104.91 -126.30 -39.38
C ASP N 125 105.90 -125.40 -40.11
N VAL N 126 107.08 -125.96 -40.32
CA VAL N 126 108.16 -125.25 -41.02
C VAL N 126 107.68 -124.82 -42.41
N ALA N 127 107.23 -125.81 -43.16
CA ALA N 127 106.72 -125.61 -44.52
C ALA N 127 105.59 -124.57 -44.52
N GLY N 128 104.62 -124.84 -43.66
CA GLY N 128 103.40 -124.01 -43.50
C GLY N 128 103.74 -122.55 -43.18
N ASN N 129 104.77 -122.39 -42.35
CA ASN N 129 105.27 -121.06 -41.93
C ASN N 129 104.77 -120.68 -40.53
N VAL N 130 104.27 -121.68 -39.84
CA VAL N 130 103.69 -121.50 -38.51
C VAL N 130 104.79 -121.55 -37.45
N ASP N 131 105.52 -122.68 -37.38
CA ASP N 131 106.67 -122.68 -36.47
C ASP N 131 107.72 -121.90 -37.10
N TYR N 132 108.75 -121.91 -36.43
CA TYR N 132 109.70 -121.02 -36.76
C TYR N 132 110.86 -121.33 -35.90
N LYS N 133 112.00 -121.26 -36.45
CA LYS N 133 113.12 -121.45 -35.62
C LYS N 133 113.79 -122.80 -35.87
N ASN N 134 113.01 -123.82 -36.11
CA ASN N 134 113.60 -125.14 -36.40
C ASN N 134 114.23 -125.13 -37.79
N ILE N 135 113.66 -124.28 -38.63
CA ILE N 135 114.12 -124.12 -40.01
C ILE N 135 115.42 -123.32 -40.04
N CYS N 136 115.59 -122.41 -39.08
CA CYS N 136 116.84 -121.66 -38.95
C CYS N 136 117.96 -122.56 -38.45
N TYR N 137 117.56 -123.52 -37.62
CA TYR N 137 118.50 -124.51 -37.10
C TYR N 137 119.01 -125.41 -38.22
N VAL N 138 118.10 -125.94 -39.02
CA VAL N 138 118.49 -126.88 -40.08
C VAL N 138 119.07 -126.21 -41.34
N ILE N 139 118.96 -124.89 -41.43
CA ILE N 139 119.63 -124.17 -42.52
C ILE N 139 121.09 -123.86 -42.16
N THR N 140 121.40 -123.82 -40.87
CA THR N 140 122.79 -123.58 -40.46
C THR N 140 123.48 -124.91 -40.17
N HIS N 141 122.69 -125.87 -39.71
CA HIS N 141 123.17 -127.25 -39.56
C HIS N 141 122.08 -128.20 -40.06
N GLY N 142 122.39 -128.86 -41.17
CA GLY N 142 121.41 -129.73 -41.86
C GLY N 142 120.92 -130.92 -41.05
N GLU N 143 120.17 -131.77 -41.76
CA GLU N 143 119.53 -133.01 -41.26
C GLU N 143 118.59 -132.79 -40.06
N ASP N 144 117.75 -133.78 -39.84
CA ASP N 144 116.82 -133.74 -38.71
C ASP N 144 117.58 -133.67 -37.39
N ALA N 145 117.14 -132.78 -36.52
CA ALA N 145 117.75 -132.64 -35.20
C ALA N 145 117.06 -133.55 -34.19
N SER O 1 108.32 -82.23 -68.32
CA SER O 1 108.87 -81.23 -69.24
C SER O 1 110.37 -81.46 -69.44
N LYS O 2 110.84 -82.19 -68.41
CA LYS O 2 112.27 -82.50 -68.38
C LYS O 2 113.02 -81.43 -67.57
N ALA O 3 111.96 -79.08 -67.15
CA ALA O 3 112.62 -80.06 -66.27
C ALA O 3 112.27 -81.49 -66.70
N ALA O 4 113.13 -82.10 -67.50
CA ALA O 4 112.91 -83.46 -67.95
C ALA O 4 113.37 -84.48 -66.90
N ALA O 5 112.41 -84.92 -66.10
CA ALA O 5 112.72 -85.89 -65.04
C ALA O 5 112.76 -87.32 -65.57
N ASP O 6 113.97 -87.74 -65.92
CA ASP O 6 114.22 -89.07 -66.49
C ASP O 6 114.21 -90.18 -65.43
N ASP O 7 114.10 -89.78 -64.18
CA ASP O 7 113.99 -90.74 -63.07
C ASP O 7 112.59 -91.35 -62.99
N PHE O 8 111.62 -90.82 -63.72
CA PHE O 8 110.31 -91.46 -63.79
C PHE O 8 110.37 -92.70 -64.69
N LYS O 9 111.29 -92.65 -65.65
CA LYS O 9 111.50 -93.78 -66.56
C LYS O 9 112.37 -94.86 -65.90
N GLU O 10 113.21 -94.41 -64.98
CA GLU O 10 114.06 -95.34 -64.23
C GLU O 10 113.25 -96.03 -63.12
N ALA O 11 112.21 -95.36 -62.65
CA ALA O 11 111.31 -95.97 -61.68
C ALA O 11 110.30 -96.90 -62.34
N PHE O 12 110.09 -96.73 -63.64
CA PHE O 12 109.22 -97.66 -64.39
C PHE O 12 109.94 -98.98 -64.64
N LEU O 13 111.26 -98.93 -64.65
CA LEU O 13 112.07 -100.14 -64.77
C LEU O 13 112.21 -100.87 -63.43
N LEU O 14 111.83 -100.21 -62.35
CA LEU O 14 111.84 -100.86 -61.03
C LEU O 14 110.48 -101.45 -60.70
N PHE O 15 109.44 -101.06 -61.44
CA PHE O 15 108.11 -101.62 -61.19
C PHE O 15 107.69 -102.63 -62.24
N ASP O 16 108.40 -102.68 -63.35
CA ASP O 16 108.11 -103.71 -64.36
C ASP O 16 108.89 -104.98 -64.07
N ARG O 17 108.12 -105.99 -63.66
CA ARG O 17 108.66 -107.29 -63.23
C ARG O 17 109.15 -108.19 -64.37
N THR O 18 108.81 -107.85 -65.61
CA THR O 18 109.22 -108.65 -66.76
C THR O 18 110.43 -108.07 -67.48
N GLY O 19 110.77 -106.83 -67.18
CA GLY O 19 111.87 -106.15 -67.87
C GLY O 19 111.62 -105.74 -69.34
N ASP O 20 110.38 -105.86 -69.85
CA ASP O 20 110.11 -105.49 -71.25
C ASP O 20 109.77 -104.01 -71.49
N ALA O 21 109.79 -103.23 -70.40
CA ALA O 21 109.53 -101.78 -70.40
C ALA O 21 108.05 -101.45 -70.57
N LYS O 22 107.21 -102.33 -70.07
CA LYS O 22 105.75 -102.09 -70.03
C LYS O 22 105.24 -102.31 -68.61
N ILE O 23 104.28 -101.49 -68.21
CA ILE O 23 103.69 -101.63 -66.88
C ILE O 23 102.17 -101.77 -66.98
N THR O 24 101.64 -102.83 -66.41
CA THR O 24 100.20 -103.11 -66.54
C THR O 24 99.37 -101.98 -65.95
N ALA O 25 98.14 -101.88 -66.43
CA ALA O 25 97.23 -100.80 -66.03
C ALA O 25 96.81 -100.85 -64.56
N SER O 26 96.95 -102.01 -63.95
CA SER O 26 96.65 -102.16 -62.51
C SER O 26 97.78 -101.62 -61.62
N GLN O 27 98.95 -101.40 -62.19
CA GLN O 27 100.06 -100.88 -61.40
C GLN O 27 100.15 -99.36 -61.50
N VAL O 28 99.43 -98.79 -62.45
CA VAL O 28 99.57 -97.36 -62.75
C VAL O 28 99.06 -96.46 -61.62
N GLY O 29 98.08 -96.93 -60.89
CA GLY O 29 97.57 -96.19 -59.72
C GLY O 29 98.64 -96.04 -58.65
N ASP O 30 99.29 -97.15 -58.31
CA ASP O 30 100.28 -97.16 -57.23
C ASP O 30 101.61 -96.54 -57.66
N ILE O 31 101.89 -96.54 -58.95
CA ILE O 31 103.13 -95.94 -59.43
C ILE O 31 103.00 -94.44 -59.63
N ALA O 32 101.77 -93.95 -59.78
CA ALA O 32 101.57 -92.50 -59.81
C ALA O 32 101.75 -91.94 -58.40
N ARG O 33 101.36 -92.75 -57.43
CA ARG O 33 101.56 -92.40 -56.03
C ARG O 33 103.03 -92.47 -55.61
N ALA O 34 103.76 -93.39 -56.20
CA ALA O 34 105.20 -93.52 -55.93
C ALA O 34 106.06 -92.50 -56.69
N LEU O 35 105.47 -91.78 -57.63
CA LEU O 35 106.18 -90.70 -58.31
C LEU O 35 105.85 -89.33 -57.71
N GLY O 36 104.98 -89.32 -56.71
CA GLY O 36 104.68 -88.08 -55.98
C GLY O 36 103.36 -87.48 -56.41
N GLN O 37 102.40 -88.36 -56.67
CA GLN O 37 101.05 -87.93 -57.07
C GLN O 37 99.98 -88.73 -56.35
N ASN O 38 99.01 -88.04 -55.79
CA ASN O 38 97.94 -88.75 -55.06
C ASN O 38 96.57 -88.63 -55.74
N PRO O 39 96.35 -89.26 -56.89
CA PRO O 39 95.00 -89.31 -57.44
C PRO O 39 94.17 -90.36 -56.72
N THR O 40 92.92 -90.03 -56.43
CA THR O 40 92.04 -90.99 -55.76
C THR O 40 91.79 -92.17 -56.69
N ASN O 41 91.44 -93.32 -56.12
CA ASN O 41 91.29 -94.53 -56.93
C ASN O 41 90.08 -94.48 -57.88
N ALA O 42 89.08 -93.68 -57.55
CA ALA O 42 87.93 -93.50 -58.47
C ALA O 42 88.32 -92.64 -59.67
N GLU O 43 89.27 -91.77 -59.45
CA GLU O 43 89.78 -90.85 -60.46
C GLU O 43 90.67 -91.60 -61.44
N ILE O 44 91.41 -92.54 -60.91
CA ILE O 44 92.31 -93.38 -61.69
C ILE O 44 91.47 -94.35 -62.51
N ASN O 45 90.34 -94.72 -61.91
CA ASN O 45 89.37 -95.63 -62.52
C ASN O 45 88.60 -94.92 -63.66
N LYS O 46 88.16 -93.72 -63.39
CA LYS O 46 87.39 -92.95 -64.38
C LYS O 46 88.18 -92.64 -65.61
N ILE O 47 89.31 -92.03 -65.38
CA ILE O 47 90.20 -91.64 -66.47
C ILE O 47 90.40 -92.84 -67.40
N LEU O 48 90.69 -93.98 -66.81
CA LEU O 48 90.94 -95.22 -67.56
C LEU O 48 89.76 -95.54 -68.48
N GLY O 49 88.59 -95.64 -67.87
CA GLY O 49 87.33 -95.96 -68.57
C GLY O 49 86.96 -94.83 -69.54
N ASN O 50 87.21 -93.62 -69.08
CA ASN O 50 86.96 -92.43 -69.89
C ASN O 50 87.58 -92.65 -71.26
N PRO O 51 88.85 -93.07 -71.26
CA PRO O 51 89.58 -93.46 -72.48
C PRO O 51 89.27 -94.88 -73.01
N SER O 52 88.08 -95.41 -72.78
CA SER O 52 87.68 -96.78 -73.26
C SER O 52 88.79 -97.82 -73.00
N LYS O 53 89.39 -97.70 -71.83
CA LYS O 53 90.45 -98.60 -71.35
C LYS O 53 89.86 -99.46 -70.23
N GLU O 54 89.89 -100.76 -70.46
CA GLU O 54 89.34 -101.74 -69.51
C GLU O 54 90.45 -102.37 -68.67
N GLU O 55 90.33 -102.15 -67.37
CA GLU O 55 91.28 -102.66 -66.36
C GLU O 55 90.86 -104.06 -65.90
N MET O 56 89.85 -104.59 -66.58
CA MET O 56 89.25 -105.90 -66.28
C MET O 56 89.92 -107.03 -67.07
N ASN O 57 90.41 -106.67 -68.24
CA ASN O 57 91.12 -107.61 -69.12
C ASN O 57 92.62 -107.30 -69.06
N ALA O 58 93.40 -108.27 -69.51
CA ALA O 58 94.87 -108.14 -69.53
C ALA O 58 95.26 -106.78 -70.10
N ALA O 59 96.33 -106.23 -69.55
CA ALA O 59 96.84 -104.92 -69.95
C ALA O 59 98.37 -104.91 -69.95
N ALA O 60 98.89 -104.07 -70.79
CA ALA O 60 100.32 -103.90 -70.93
C ALA O 60 100.60 -102.44 -70.89
N ILE O 61 101.79 -102.03 -70.85
CA ILE O 61 101.91 -100.65 -71.09
C ILE O 61 103.28 -100.42 -71.63
N THR O 62 103.15 -99.24 -72.11
CA THR O 62 104.15 -98.50 -72.71
C THR O 62 104.23 -97.17 -72.00
N PHE O 63 105.46 -96.80 -71.95
CA PHE O 63 105.94 -95.59 -71.35
C PHE O 63 105.28 -94.37 -72.00
N GLU O 64 104.91 -94.51 -73.26
CA GLU O 64 104.31 -93.41 -74.05
C GLU O 64 102.86 -93.13 -73.68
N GLU O 65 102.26 -93.99 -72.87
CA GLU O 65 100.91 -93.73 -72.38
C GLU O 65 100.96 -93.39 -70.90
N PHE O 66 101.96 -93.94 -70.24
CA PHE O 66 102.08 -93.76 -68.78
C PHE O 66 102.61 -92.38 -68.46
N LEU O 67 103.51 -91.88 -69.30
CA LEU O 67 103.99 -90.50 -69.13
C LEU O 67 102.85 -89.46 -69.24
N PRO O 68 102.06 -89.40 -70.31
CA PRO O 68 100.94 -88.43 -70.32
C PRO O 68 99.82 -88.70 -69.29
N MET O 69 99.68 -89.91 -68.77
CA MET O 69 98.69 -90.11 -67.71
C MET O 69 99.19 -89.59 -66.36
N LEU O 70 100.50 -89.60 -66.18
CA LEU O 70 101.10 -89.01 -64.97
C LEU O 70 101.08 -87.49 -65.05
N GLN O 71 101.14 -86.97 -66.27
CA GLN O 71 101.09 -85.53 -66.48
C GLN O 71 99.66 -84.98 -66.45
N ALA O 72 98.69 -85.86 -66.65
CA ALA O 72 97.29 -85.45 -66.49
C ALA O 72 96.85 -85.55 -65.03
N ALA O 73 97.55 -86.36 -64.26
CA ALA O 73 97.26 -86.48 -62.83
C ALA O 73 97.99 -85.43 -62.00
N ALA O 74 99.03 -84.86 -62.59
CA ALA O 74 99.89 -83.89 -61.89
C ALA O 74 99.28 -82.52 -61.68
N ASN O 75 98.18 -82.23 -62.35
CA ASN O 75 97.48 -80.95 -62.17
C ASN O 75 96.56 -80.99 -60.96
N ASN O 76 96.26 -82.21 -60.53
CA ASN O 76 95.29 -82.42 -59.46
C ASN O 76 95.97 -82.44 -58.09
N LYS O 77 97.27 -82.16 -58.05
CA LYS O 77 98.00 -82.09 -56.78
C LYS O 77 97.69 -80.82 -55.98
N ASP O 78 96.94 -79.90 -56.56
CA ASP O 78 96.50 -78.69 -55.86
C ASP O 78 95.32 -78.97 -54.93
N GLN O 79 94.83 -80.20 -54.94
CA GLN O 79 93.78 -80.64 -54.03
C GLN O 79 94.35 -81.14 -52.68
N GLY O 80 95.67 -81.23 -52.55
CA GLY O 80 96.27 -81.76 -51.32
C GLY O 80 96.57 -80.69 -50.26
N THR O 81 95.52 -80.15 -49.68
CA THR O 81 95.66 -79.12 -48.63
C THR O 81 95.56 -79.73 -47.22
N PHE O 82 96.60 -79.48 -46.45
CA PHE O 82 96.71 -80.05 -45.10
C PHE O 82 95.85 -79.35 -44.04
N GLU O 83 95.25 -78.22 -44.40
CA GLU O 83 94.37 -77.54 -43.45
C GLU O 83 93.10 -78.35 -43.30
N ASP O 84 92.65 -78.88 -44.42
CA ASP O 84 91.39 -79.62 -44.46
C ASP O 84 91.56 -81.05 -43.93
N PHE O 85 92.79 -81.54 -43.93
CA PHE O 85 93.02 -82.89 -43.42
C PHE O 85 93.03 -82.88 -41.90
N VAL O 86 93.62 -81.85 -41.33
CA VAL O 86 93.68 -81.76 -39.87
C VAL O 86 92.35 -81.26 -39.29
N GLU O 87 91.62 -80.47 -40.06
CA GLU O 87 90.31 -79.98 -39.63
C GLU O 87 89.23 -81.05 -39.76
N GLY O 88 89.43 -81.99 -40.67
CA GLY O 88 88.53 -83.13 -40.80
C GLY O 88 88.57 -83.98 -39.53
N LEU O 89 89.78 -84.30 -39.09
CA LEU O 89 89.94 -85.09 -37.87
C LEU O 89 89.70 -84.29 -36.59
N ARG O 90 89.76 -82.97 -36.67
CA ARG O 90 89.43 -82.13 -35.51
C ARG O 90 87.92 -82.04 -35.29
N VAL O 91 87.15 -82.26 -36.35
CA VAL O 91 85.69 -82.34 -36.21
C VAL O 91 85.22 -83.77 -35.88
N PHE O 92 86.17 -84.70 -35.88
CA PHE O 92 85.85 -86.11 -35.66
C PHE O 92 85.94 -86.51 -34.17
N ASP O 93 86.55 -85.66 -33.36
CA ASP O 93 86.60 -85.95 -31.91
C ASP O 93 86.49 -84.69 -31.06
N LYS O 94 85.73 -84.81 -29.98
CA LYS O 94 85.47 -83.71 -29.03
C LYS O 94 86.72 -83.19 -28.32
N GLU O 95 86.53 -82.12 -27.56
CA GLU O 95 87.60 -81.48 -26.75
C GLU O 95 88.71 -80.85 -27.59
N GLY O 96 89.47 -79.98 -26.92
CA GLY O 96 90.55 -79.22 -27.59
C GLY O 96 91.91 -79.92 -27.53
N ASN O 97 91.97 -81.09 -28.14
CA ASN O 97 93.23 -81.83 -28.26
C ASN O 97 93.05 -82.88 -29.36
N GLY O 98 94.04 -83.00 -30.23
CA GLY O 98 93.87 -83.82 -31.42
C GLY O 98 94.06 -85.32 -31.23
N THR O 99 93.05 -85.99 -30.69
CA THR O 99 93.13 -87.45 -30.48
C THR O 99 91.89 -88.20 -30.94
N VAL O 100 92.08 -89.09 -31.89
CA VAL O 100 91.04 -90.04 -32.31
C VAL O 100 91.16 -91.30 -31.48
N MET O 101 90.05 -91.85 -31.01
CA MET O 101 90.12 -93.16 -30.39
C MET O 101 90.47 -94.18 -31.49
N GLY O 102 91.40 -95.07 -31.16
CA GLY O 102 91.96 -96.07 -32.09
C GLY O 102 90.99 -96.67 -33.12
N ALA O 103 89.98 -97.35 -32.60
CA ALA O 103 89.02 -98.06 -33.47
C ALA O 103 88.10 -97.15 -34.30
N GLU O 104 88.02 -95.87 -33.97
CA GLU O 104 87.21 -94.96 -34.76
C GLU O 104 87.89 -94.68 -36.09
N LEU O 105 89.20 -94.50 -36.04
CA LEU O 105 89.93 -94.17 -37.26
C LEU O 105 90.16 -95.43 -38.08
N ARG O 106 90.28 -96.57 -37.41
CA ARG O 106 90.51 -97.82 -38.13
C ARG O 106 89.28 -98.29 -38.90
N HIS O 107 88.11 -98.12 -38.30
CA HIS O 107 86.89 -98.57 -38.98
C HIS O 107 86.45 -97.56 -40.04
N VAL O 108 86.76 -96.29 -39.83
CA VAL O 108 86.42 -95.28 -40.83
C VAL O 108 87.33 -95.35 -42.06
N LEU O 109 88.58 -95.73 -41.85
CA LEU O 109 89.52 -95.82 -42.97
C LEU O 109 89.32 -97.10 -43.78
N ALA O 110 88.74 -98.10 -43.16
CA ALA O 110 88.47 -99.34 -43.90
C ALA O 110 87.10 -99.35 -44.59
N THR O 111 86.10 -98.72 -44.00
CA THR O 111 84.74 -98.86 -44.53
C THR O 111 84.13 -97.58 -45.12
N LEU O 112 84.76 -96.44 -44.98
CA LEU O 112 84.09 -95.23 -45.48
C LEU O 112 84.73 -94.66 -46.74
N GLY O 113 84.05 -94.90 -47.85
CA GLY O 113 84.47 -94.38 -49.14
C GLY O 113 85.35 -95.38 -49.87
N GLU O 114 86.58 -94.99 -50.14
CA GLU O 114 87.52 -95.91 -50.79
C GLU O 114 88.12 -96.83 -49.74
N LYS O 115 87.70 -98.10 -49.81
CA LYS O 115 88.03 -99.12 -48.82
C LYS O 115 89.53 -99.37 -48.71
N MET O 116 90.09 -99.01 -47.56
CA MET O 116 91.48 -99.40 -47.27
C MET O 116 91.48 -100.67 -46.45
N THR O 117 92.34 -101.62 -46.82
CA THR O 117 92.37 -102.88 -46.09
C THR O 117 92.77 -102.63 -44.64
N GLU O 118 92.37 -103.52 -43.75
CA GLU O 118 92.71 -103.35 -42.34
C GLU O 118 94.20 -103.66 -42.10
N GLU O 119 94.84 -104.35 -43.03
CA GLU O 119 96.29 -104.52 -42.98
C GLU O 119 96.99 -103.18 -43.23
N GLU O 120 96.53 -102.43 -44.22
CA GLU O 120 97.10 -101.10 -44.47
C GLU O 120 96.75 -100.08 -43.40
N VAL O 121 95.59 -100.24 -42.79
CA VAL O 121 95.20 -99.33 -41.70
C VAL O 121 96.07 -99.55 -40.46
N GLU O 122 96.44 -100.80 -40.20
CA GLU O 122 97.31 -101.10 -39.06
C GLU O 122 98.74 -100.66 -39.31
N GLU O 123 99.15 -100.66 -40.57
CA GLU O 123 100.49 -100.20 -40.94
C GLU O 123 100.61 -98.68 -40.96
N LEU O 124 99.48 -97.99 -40.98
CA LEU O 124 99.48 -96.52 -40.93
C LEU O 124 99.27 -95.99 -39.51
N MET O 125 98.92 -96.85 -38.57
CA MET O 125 98.72 -96.39 -37.18
C MET O 125 99.85 -96.86 -36.27
N LYS O 126 100.62 -97.81 -36.79
CA LYS O 126 101.71 -98.45 -36.07
C LYS O 126 102.85 -97.49 -35.73
N GLY O 127 102.87 -97.07 -34.48
CA GLY O 127 103.92 -96.15 -34.00
C GLY O 127 103.36 -94.81 -33.54
N GLN O 128 102.27 -94.36 -34.18
CA GLN O 128 101.69 -93.07 -33.84
C GLN O 128 100.61 -93.21 -32.78
N GLU O 129 100.04 -94.40 -32.70
CA GLU O 129 99.08 -94.68 -31.62
C GLU O 129 99.74 -95.54 -30.55
N ASP O 130 99.80 -95.02 -29.33
CA ASP O 130 100.32 -95.82 -28.22
C ASP O 130 99.19 -96.60 -27.52
N SER O 131 99.51 -97.21 -26.40
CA SER O 131 98.59 -98.11 -25.68
C SER O 131 97.46 -97.43 -24.91
N ASN O 132 97.38 -96.11 -24.96
CA ASN O 132 96.23 -95.37 -24.42
C ASN O 132 95.00 -95.43 -25.32
N GLY O 133 95.19 -95.86 -26.56
CA GLY O 133 94.08 -95.98 -27.52
C GLY O 133 93.71 -94.62 -28.12
N CYS O 134 94.64 -93.69 -28.07
CA CYS O 134 94.40 -92.34 -28.58
C CYS O 134 95.48 -91.91 -29.56
N ILE O 135 95.03 -91.73 -30.79
CA ILE O 135 95.90 -91.33 -31.89
C ILE O 135 95.99 -89.81 -31.98
N ASN O 136 97.17 -89.28 -31.75
CA ASN O 136 97.33 -87.82 -31.93
C ASN O 136 97.51 -87.51 -33.41
N TYR O 137 96.46 -86.94 -34.00
CA TYR O 137 96.47 -86.70 -35.45
C TYR O 137 97.22 -85.43 -35.87
N GLU O 138 97.75 -84.69 -34.92
CA GLU O 138 98.60 -83.56 -35.28
C GLU O 138 99.94 -84.10 -35.76
N ALA O 139 100.45 -85.07 -35.01
CA ALA O 139 101.69 -85.73 -35.42
C ALA O 139 101.43 -86.87 -36.41
N PHE O 140 100.23 -87.43 -36.37
CA PHE O 140 99.86 -88.50 -37.31
C PHE O 140 99.73 -88.00 -38.74
N VAL O 141 99.13 -86.83 -38.93
CA VAL O 141 98.99 -86.30 -40.29
C VAL O 141 100.28 -85.66 -40.76
N LYS O 142 101.10 -85.25 -39.80
CA LYS O 142 102.44 -84.75 -40.11
C LYS O 142 103.32 -85.86 -40.67
N HIS O 143 103.25 -87.04 -40.07
CA HIS O 143 104.06 -88.18 -40.53
C HIS O 143 103.49 -88.83 -41.79
N ILE O 144 102.19 -88.67 -42.00
CA ILE O 144 101.58 -89.19 -43.23
C ILE O 144 101.92 -88.32 -44.43
N MET O 145 102.17 -87.05 -44.17
CA MET O 145 102.62 -86.13 -45.22
C MET O 145 104.15 -86.00 -45.27
N SER O 146 104.84 -86.87 -44.55
CA SER O 146 106.30 -86.90 -44.62
C SER O 146 106.78 -87.86 -45.73
N VAL O 147 105.88 -88.70 -46.19
CA VAL O 147 106.21 -89.60 -47.30
C VAL O 147 105.65 -89.08 -48.62
N ASP P 1 -12.49 77.88 -103.76
CA ASP P 1 -12.16 79.30 -103.66
C ASP P 1 -13.09 79.98 -102.70
N ALA P 2 -14.38 79.92 -103.05
CA ALA P 2 -15.41 80.49 -102.22
C ALA P 2 -15.33 79.82 -100.86
N GLU P 3 -15.31 78.49 -100.91
CA GLU P 3 -15.21 77.65 -99.74
C GLU P 3 -14.02 78.02 -98.88
N MET P 4 -12.85 77.83 -99.47
CA MET P 4 -11.60 78.15 -98.81
C MET P 4 -11.56 79.59 -98.38
N ALA P 5 -11.42 79.73 -97.09
CA ALA P 5 -11.33 80.98 -96.44
C ALA P 5 -10.73 80.67 -95.10
N ALA P 6 -11.39 79.65 -94.48
CA ALA P 6 -11.01 79.13 -93.19
C ALA P 6 -9.49 78.99 -93.12
N PHE P 7 -8.97 78.33 -94.18
CA PHE P 7 -7.55 78.12 -94.32
C PHE P 7 -6.94 79.39 -94.83
N GLY P 8 -7.50 79.78 -95.96
CA GLY P 8 -7.07 80.95 -96.64
C GLY P 8 -5.57 80.85 -96.89
N GLU P 9 -4.81 81.27 -95.89
CA GLU P 9 -3.37 81.27 -96.01
C GLU P 9 -2.77 79.90 -96.28
N ALA P 10 -3.41 78.85 -95.76
CA ALA P 10 -2.92 77.50 -95.93
C ALA P 10 -3.33 76.89 -97.26
N ALA P 11 -4.48 77.38 -97.72
CA ALA P 11 -5.15 76.98 -98.94
C ALA P 11 -4.25 76.49 -100.04
N PRO P 12 -3.32 77.32 -100.42
CA PRO P 12 -2.42 76.98 -101.50
C PRO P 12 -1.68 75.66 -101.33
N TYR P 13 -1.56 75.22 -100.06
CA TYR P 13 -0.84 73.99 -99.72
C TYR P 13 -1.74 72.81 -99.50
N LEU P 14 -3.05 73.10 -99.51
CA LEU P 14 -4.12 72.15 -99.35
C LEU P 14 -4.84 71.86 -100.64
N ARG P 15 -5.23 72.96 -101.29
CA ARG P 15 -5.90 72.95 -102.57
C ARG P 15 -5.38 74.00 -103.49
N SER P 17 -6.01 76.88 -106.85
CA SER P 17 -7.04 77.78 -107.33
C SER P 17 -7.90 77.11 -108.37
N GLU P 18 -9.17 77.43 -108.30
CA GLU P 18 -10.17 76.87 -109.21
C GLU P 18 -9.91 77.00 -110.69
N LYS P 19 -8.77 77.51 -111.10
CA LYS P 19 -8.58 77.56 -112.52
C LYS P 19 -7.30 76.82 -112.79
N GLU P 20 -6.47 76.81 -111.71
CA GLU P 20 -5.22 76.10 -111.75
C GLU P 20 -5.60 74.66 -112.00
N ARG P 21 -6.75 74.38 -111.40
CA ARG P 21 -7.34 73.08 -111.50
C ARG P 21 -7.79 72.95 -112.94
N ILE P 22 -8.78 73.80 -113.24
CA ILE P 22 -9.41 73.91 -114.52
C ILE P 22 -8.45 73.94 -115.70
N GLU P 23 -7.37 74.68 -115.53
CA GLU P 23 -6.37 74.78 -116.55
C GLU P 23 -5.58 73.50 -116.69
N ALA P 24 -5.72 72.64 -115.70
CA ALA P 24 -5.00 71.39 -115.68
C ALA P 24 -5.80 70.19 -116.13
N GLN P 25 -7.06 70.15 -115.72
CA GLN P 25 -7.93 69.05 -116.08
C GLN P 25 -8.43 69.17 -117.51
N ASN P 26 -8.60 70.42 -117.94
CA ASN P 26 -9.13 70.73 -119.25
C ASN P 26 -7.99 71.14 -120.15
N PRO P 28 -5.37 69.31 -123.59
CA PRO P 28 -5.27 68.29 -124.60
C PRO P 28 -4.64 67.02 -124.08
N PHE P 29 -5.22 65.88 -124.48
CA PHE P 29 -4.71 64.58 -124.11
C PHE P 29 -4.84 63.50 -125.20
N ASP P 30 -3.75 62.78 -125.48
CA ASP P 30 -3.80 61.67 -126.44
C ASP P 30 -3.54 60.32 -125.78
N ALA P 31 -4.61 59.72 -125.31
CA ALA P 31 -4.52 58.45 -124.64
C ALA P 31 -3.67 57.36 -125.32
N SER P 33 -1.43 57.30 -127.16
CA SER P 33 0.00 57.48 -127.35
C SER P 33 0.73 57.81 -126.09
N SER P 34 0.09 58.63 -125.23
CA SER P 34 0.70 59.01 -123.95
C SER P 34 0.84 57.83 -122.97
N VAL P 35 2.02 57.68 -122.38
CA VAL P 35 2.27 56.55 -121.51
C VAL P 35 3.39 56.76 -120.51
N PHE P 36 3.45 55.85 -119.52
CA PHE P 36 4.51 55.79 -118.49
C PHE P 36 5.40 54.64 -118.87
N VAL P 37 6.67 54.68 -118.54
CA VAL P 37 7.52 53.53 -118.93
C VAL P 37 8.70 53.29 -118.00
N VAL P 38 9.19 52.06 -118.09
CA VAL P 38 10.30 51.58 -117.31
C VAL P 38 11.51 52.38 -117.65
N HIS P 39 12.50 52.39 -116.76
CA HIS P 39 13.68 53.13 -117.09
C HIS P 39 14.85 52.76 -116.22
N PRO P 40 15.86 52.22 -116.87
CA PRO P 40 17.05 51.76 -116.23
C PRO P 40 17.66 52.69 -115.17
N LYS P 41 17.81 53.98 -115.48
CA LYS P 41 18.38 54.91 -114.51
C LYS P 41 17.29 55.47 -113.59
N GLN P 42 16.36 56.22 -114.17
CA GLN P 42 15.25 56.71 -113.39
C GLN P 42 14.20 55.63 -113.44
N SER P 43 13.57 55.38 -112.30
CA SER P 43 12.59 54.29 -112.16
C SER P 43 11.57 54.12 -113.27
N PHE P 44 10.79 55.15 -113.46
CA PHE P 44 9.72 55.20 -114.44
C PHE P 44 9.64 56.63 -114.91
N VAL P 45 9.79 56.87 -116.16
CA VAL P 45 9.64 58.23 -116.59
C VAL P 45 8.54 58.21 -117.61
N GLY P 47 6.54 59.23 -121.32
CA GLY P 47 6.86 59.37 -122.71
C GLY P 47 5.67 59.18 -123.60
N THR P 48 5.97 59.32 -124.89
CA THR P 48 5.01 59.17 -125.94
C THR P 48 5.39 57.94 -126.76
N ILE P 49 4.39 57.12 -127.05
CA ILE P 49 4.64 55.97 -127.87
C ILE P 49 4.87 56.38 -129.32
N GLN P 50 5.97 55.88 -129.87
CA GLN P 50 6.33 56.18 -131.22
C GLN P 50 5.87 55.06 -132.13
N SER P 51 6.45 53.90 -131.93
CA SER P 51 6.07 52.80 -132.80
C SER P 51 5.61 51.62 -132.00
N GLU P 53 6.66 47.41 -131.98
CA GLU P 53 7.40 46.24 -132.47
C GLU P 53 6.70 44.88 -132.34
N GLY P 54 5.38 44.92 -132.25
CA GLY P 54 4.53 43.73 -132.15
C GLY P 54 4.44 43.13 -130.75
N GLY P 55 5.35 43.58 -129.86
CA GLY P 55 5.43 43.11 -128.50
C GLY P 55 6.65 43.72 -127.84
N VAL P 57 8.17 48.02 -127.55
CA VAL P 57 7.68 49.35 -127.72
C VAL P 57 8.78 50.34 -127.72
N THR P 58 8.69 51.29 -128.64
CA THR P 58 9.66 52.35 -128.71
C THR P 58 9.01 53.60 -128.24
N VAL P 59 9.65 54.27 -127.28
CA VAL P 59 9.06 55.49 -126.79
C VAL P 59 9.99 56.66 -126.66
N THR P 61 10.82 60.31 -124.81
CA THR P 61 10.85 60.61 -123.41
C THR P 61 10.50 62.03 -123.20
N GLU P 62 10.47 62.34 -121.95
CA GLU P 62 10.27 63.66 -121.45
C GLU P 62 11.61 64.02 -120.87
N GLY P 63 12.41 64.54 -121.77
CA GLY P 63 13.78 64.95 -121.53
C GLY P 63 14.48 64.68 -122.82
N GLY P 64 13.85 63.73 -123.56
CA GLY P 64 14.30 63.39 -124.89
C GLY P 64 15.18 62.18 -124.80
N GLU P 65 14.54 61.04 -125.07
CA GLU P 65 15.24 59.77 -125.04
C GLU P 65 14.35 58.80 -125.73
N THR P 66 14.99 57.81 -126.34
CA THR P 66 14.22 56.84 -127.04
C THR P 66 14.66 55.46 -126.58
N LEU P 67 13.68 54.65 -126.15
CA LEU P 67 13.92 53.31 -125.65
C LEU P 67 12.94 52.31 -126.21
N THR P 68 13.41 51.09 -126.51
CA THR P 68 12.48 50.09 -127.00
C THR P 68 12.35 49.10 -125.91
N VAL P 69 11.23 49.17 -125.24
CA VAL P 69 11.00 48.34 -124.10
C VAL P 69 9.77 47.43 -124.28
N LYS P 70 9.78 46.27 -123.62
CA LYS P 70 8.71 45.26 -123.66
C LYS P 70 7.32 45.88 -123.67
N GLU P 71 6.33 45.01 -123.87
CA GLU P 71 4.97 45.48 -123.87
C GLU P 71 4.53 45.82 -122.46
N ASP P 72 5.03 45.01 -121.51
CA ASP P 72 4.70 45.30 -120.13
C ASP P 72 5.72 46.07 -119.32
N GLN P 73 6.36 46.97 -120.02
CA GLN P 73 7.34 47.82 -119.42
C GLN P 73 6.76 49.21 -119.65
N VAL P 74 5.59 49.10 -120.29
CA VAL P 74 4.75 50.18 -120.72
C VAL P 74 3.42 50.21 -119.96
N PHE P 75 3.12 51.38 -119.43
CA PHE P 75 1.92 51.63 -118.65
C PHE P 75 1.21 52.91 -119.03
N SER P 76 -0.09 52.78 -119.17
CA SER P 76 -0.98 53.85 -119.52
C SER P 76 -0.80 55.06 -118.63
N MET P 77 -1.43 56.16 -119.01
CA MET P 77 -1.35 57.41 -118.30
C MET P 77 -2.73 58.04 -118.14
N ASN P 78 -3.07 58.39 -116.94
CA ASN P 78 -4.36 58.94 -116.68
C ASN P 78 -4.66 60.23 -117.37
N PRO P 79 -5.93 60.35 -117.80
CA PRO P 79 -6.39 61.56 -118.44
C PRO P 79 -6.10 62.65 -117.45
N PRO P 80 -5.98 63.81 -117.99
CA PRO P 80 -5.66 64.98 -117.24
C PRO P 80 -6.65 65.25 -116.12
N TYR P 82 -7.37 63.59 -113.88
CA TYR P 82 -6.75 63.11 -112.65
C TYR P 82 -5.37 63.70 -112.53
N ASP P 83 -5.30 64.98 -112.18
CA ASP P 83 -4.01 65.59 -112.13
C ASP P 83 -3.31 65.38 -110.81
N ILE P 85 -5.02 64.44 -107.86
CA ILE P 85 -6.10 63.77 -107.21
C ILE P 85 -5.83 63.59 -105.74
N GLU P 86 -6.81 64.02 -104.99
CA GLU P 86 -6.81 63.88 -103.57
C GLU P 86 -6.71 62.44 -103.12
N ASP P 87 -7.37 61.58 -103.91
CA ASP P 87 -7.43 60.15 -103.64
C ASP P 87 -7.04 59.39 -104.84
N MET P 88 -5.79 59.00 -104.90
CA MET P 88 -5.29 58.27 -106.02
C MET P 88 -6.09 57.09 -106.36
N ALA P 89 -6.78 56.58 -105.39
CA ALA P 89 -7.61 55.39 -105.59
C ALA P 89 -8.88 55.67 -106.38
N MET P 90 -8.94 56.89 -106.90
CA MET P 90 -10.09 57.21 -107.68
C MET P 90 -9.70 57.22 -109.13
N MET P 91 -8.40 57.19 -109.31
CA MET P 91 -7.81 57.08 -110.61
C MET P 91 -8.35 55.85 -111.29
N THR P 92 -8.37 55.88 -112.63
CA THR P 92 -8.88 54.75 -113.39
C THR P 92 -7.73 53.97 -113.86
N HIS P 93 -6.55 54.39 -113.36
CA HIS P 93 -5.33 53.73 -113.71
C HIS P 93 -4.45 53.49 -112.51
N LEU P 94 -4.66 52.28 -111.96
CA LEU P 94 -4.03 51.74 -110.81
C LEU P 94 -2.77 50.98 -111.19
N HIS P 95 -1.71 51.75 -111.27
CA HIS P 95 -0.41 51.29 -111.64
C HIS P 95 0.51 51.57 -110.55
N GLU P 96 1.75 51.24 -110.85
CA GLU P 96 2.81 51.58 -109.96
C GLU P 96 3.24 53.02 -110.24
N PRO P 97 3.50 53.35 -111.51
CA PRO P 97 3.93 54.66 -111.87
C PRO P 97 2.95 55.81 -111.57
N ALA P 98 1.73 55.61 -111.94
CA ALA P 98 0.75 56.63 -111.69
C ALA P 98 0.65 57.05 -110.25
N VAL P 99 1.03 56.16 -109.37
CA VAL P 99 0.96 56.50 -107.97
C VAL P 99 2.13 57.32 -107.55
N LEU P 100 3.24 56.92 -108.06
CA LEU P 100 4.47 57.62 -107.75
C LEU P 100 4.29 59.03 -108.27
N TYR P 101 3.89 59.08 -109.53
CA TYR P 101 3.72 60.33 -110.22
C TYR P 101 2.74 61.29 -109.63
N ASN P 102 1.66 60.81 -109.01
CA ASN P 102 0.67 61.71 -108.42
C ASN P 102 1.18 62.35 -107.19
N LEU P 103 1.90 61.57 -106.44
CA LEU P 103 2.42 62.04 -105.17
C LEU P 103 3.33 63.16 -105.49
N GLU P 105 3.80 64.97 -108.21
CA GLU P 105 3.31 66.22 -108.75
C GLU P 105 2.74 67.16 -107.71
N ARG P 106 1.98 66.63 -106.75
CA ARG P 106 1.36 67.49 -105.78
C ARG P 106 2.24 67.91 -104.67
N TYR P 107 3.48 67.52 -104.83
CA TYR P 107 4.51 67.80 -103.83
C TYR P 107 5.32 68.95 -104.36
N ALA P 108 5.60 68.86 -105.67
CA ALA P 108 6.31 69.91 -106.38
C ALA P 108 5.47 71.19 -106.35
N ALA P 109 4.22 71.00 -105.90
CA ALA P 109 3.27 72.06 -105.76
C ALA P 109 3.05 72.32 -104.31
N TRP P 110 3.87 71.66 -103.54
CA TRP P 110 3.80 71.81 -102.10
C TRP P 110 2.55 71.29 -101.48
N MET P 111 2.01 70.19 -101.98
CA MET P 111 0.93 69.57 -101.25
C MET P 111 1.45 68.25 -100.64
N ILE P 112 1.57 68.24 -99.33
CA ILE P 112 2.10 67.09 -98.63
C ILE P 112 1.08 66.02 -98.29
N TYR P 113 -0.18 66.34 -98.32
CA TYR P 113 -1.18 65.37 -98.01
C TYR P 113 -2.03 64.96 -99.15
N THR P 114 -1.77 63.73 -99.53
CA THR P 114 -2.56 63.12 -100.58
C THR P 114 -3.08 61.76 -100.09
N TYR P 115 -4.36 61.39 -100.31
CA TYR P 115 -4.89 60.09 -99.85
C TYR P 115 -4.73 59.03 -100.91
N SER P 116 -4.57 57.76 -100.46
CA SER P 116 -4.40 56.60 -101.38
C SER P 116 -5.27 55.48 -100.95
N GLY P 117 -6.54 55.76 -100.84
CA GLY P 117 -7.47 54.80 -100.42
C GLY P 117 -7.89 55.21 -99.06
N LEU P 118 -7.44 54.49 -98.08
CA LEU P 118 -7.84 54.81 -96.74
C LEU P 118 -6.71 55.57 -96.10
N PHE P 119 -5.57 55.33 -96.69
CA PHE P 119 -4.39 55.98 -96.19
C PHE P 119 -4.40 57.45 -96.33
N CYS P 120 -3.49 58.01 -95.61
CA CYS P 120 -3.27 59.41 -95.65
C CYS P 120 -1.81 59.59 -95.82
N VAL P 121 -1.41 59.59 -97.07
CA VAL P 121 -0.03 59.77 -97.32
C VAL P 121 0.45 61.11 -96.86
N THR P 122 1.67 61.19 -96.36
CA THR P 122 2.29 62.44 -95.88
C THR P 122 3.75 62.50 -96.27
N VAL P 123 4.10 63.57 -96.94
CA VAL P 123 5.48 63.73 -97.37
C VAL P 123 6.20 64.84 -96.63
N ASN P 124 7.44 64.54 -96.18
CA ASN P 124 8.25 65.50 -95.43
C ASN P 124 8.51 66.80 -96.19
N PRO P 125 7.98 67.93 -95.71
CA PRO P 125 8.17 69.17 -96.45
C PRO P 125 9.63 69.59 -96.52
N TYR P 126 10.29 69.51 -95.42
CA TYR P 126 11.69 69.88 -95.28
C TYR P 126 11.87 71.35 -95.22
N TRP P 128 9.04 74.93 -93.72
CA TRP P 128 7.87 75.29 -92.92
C TRP P 128 6.60 75.56 -93.72
N LEU P 129 5.46 75.23 -93.10
CA LEU P 129 4.17 75.40 -93.76
C LEU P 129 3.08 75.86 -92.77
N PRO P 130 2.20 76.71 -93.28
CA PRO P 130 1.08 77.23 -92.52
C PRO P 130 0.02 76.19 -92.30
N VAL P 131 0.36 74.92 -92.45
CA VAL P 131 -0.64 73.87 -92.34
C VAL P 131 -1.08 73.51 -90.95
N TYR P 132 -0.18 73.68 -90.02
CA TYR P 132 -0.47 73.25 -88.68
C TYR P 132 -1.16 74.39 -87.99
N ASN P 133 -1.44 75.34 -88.88
CA ASN P 133 -2.12 76.60 -88.58
C ASN P 133 -3.41 76.47 -87.87
N PRO P 134 -3.37 77.23 -86.82
CA PRO P 134 -4.38 77.38 -85.84
C PRO P 134 -5.70 77.77 -86.49
N VAL P 136 -6.57 76.27 -89.41
CA VAL P 136 -6.90 75.03 -90.07
C VAL P 136 -7.62 74.08 -89.15
N VAL P 137 -7.04 73.98 -87.97
CA VAL P 137 -7.52 73.16 -86.90
C VAL P 137 -9.04 73.22 -86.80
N LEU P 138 -9.58 74.45 -86.86
CA LEU P 138 -11.03 74.68 -86.79
C LEU P 138 -11.70 74.23 -88.04
N ALA P 139 -11.06 74.62 -89.12
CA ALA P 139 -11.57 74.35 -90.44
C ALA P 139 -11.92 72.89 -90.63
N TYR P 140 -11.01 72.03 -90.14
CA TYR P 140 -11.16 70.62 -90.28
C TYR P 140 -12.08 70.02 -89.25
N ARG P 141 -12.60 70.91 -88.44
CA ARG P 141 -13.48 70.57 -87.36
C ARG P 141 -14.93 70.40 -87.77
N GLY P 142 -15.40 69.13 -87.73
CA GLY P 142 -16.76 68.71 -88.04
C GLY P 142 -16.98 68.37 -89.54
N LYS P 143 -15.90 68.17 -90.27
CA LYS P 143 -15.88 67.89 -91.70
C LYS P 143 -15.53 66.49 -92.19
N LYS P 144 -16.44 65.85 -92.94
CA LYS P 144 -16.06 64.56 -93.53
C LYS P 144 -14.92 64.79 -94.52
N ARG P 145 -14.13 63.75 -94.82
CA ARG P 145 -12.99 63.98 -95.69
C ARG P 145 -13.33 64.27 -97.11
N GLN P 146 -14.62 64.43 -97.37
CA GLN P 146 -15.05 64.73 -98.73
C GLN P 146 -15.44 66.19 -98.82
N GLU P 147 -15.61 66.78 -97.65
CA GLU P 147 -15.94 68.20 -97.48
C GLU P 147 -14.68 69.07 -97.38
N ALA P 148 -13.51 68.44 -97.31
CA ALA P 148 -12.25 69.10 -97.22
C ALA P 148 -11.10 68.31 -97.88
N PRO P 149 -10.05 69.05 -98.25
CA PRO P 149 -8.90 68.49 -98.91
C PRO P 149 -8.05 67.58 -98.01
N PRO P 150 -7.24 66.73 -98.62
CA PRO P 150 -6.38 65.84 -97.90
C PRO P 150 -5.47 66.50 -96.88
N HIS P 151 -5.71 66.03 -95.63
CA HIS P 151 -5.02 66.44 -94.44
C HIS P 151 -5.30 65.53 -93.21
N ILE P 152 -4.31 65.45 -92.37
CA ILE P 152 -4.23 64.68 -91.15
C ILE P 152 -5.26 65.04 -90.14
N PHE P 153 -5.64 66.29 -90.11
CA PHE P 153 -6.62 66.62 -89.17
C PHE P 153 -7.90 66.00 -89.71
N SER P 154 -7.90 65.67 -90.99
CA SER P 154 -9.13 65.09 -91.49
C SER P 154 -9.32 63.81 -90.81
N ILE P 155 -8.24 63.05 -90.82
CA ILE P 155 -8.27 61.72 -90.26
C ILE P 155 -8.63 61.83 -88.79
N SER P 156 -7.89 62.71 -88.13
CA SER P 156 -7.98 62.96 -86.73
C SER P 156 -9.29 63.50 -86.28
N ASP P 157 -10.00 64.11 -87.14
CA ASP P 157 -11.26 64.65 -86.66
C ASP P 157 -12.32 63.62 -86.85
N ASN P 158 -12.21 62.98 -88.00
CA ASN P 158 -13.17 61.99 -88.35
C ASN P 158 -13.21 60.92 -87.32
N ALA P 159 -12.03 60.65 -86.79
CA ALA P 159 -11.92 59.63 -85.75
C ALA P 159 -12.83 59.96 -84.62
N TYR P 160 -12.61 61.17 -84.15
CA TYR P 160 -13.38 61.78 -83.09
C TYR P 160 -14.86 61.69 -83.35
N GLN P 161 -15.21 62.12 -84.54
CA GLN P 161 -16.59 62.14 -84.97
C GLN P 161 -17.12 60.77 -84.74
N PHE P 162 -16.62 59.92 -85.58
CA PHE P 162 -16.88 58.53 -85.63
C PHE P 162 -16.91 57.95 -84.24
N MET P 163 -16.05 58.50 -83.42
CA MET P 163 -15.97 58.01 -82.10
C MET P 163 -17.30 58.19 -81.45
N LEU P 164 -17.77 59.43 -81.41
CA LEU P 164 -19.08 59.70 -80.81
C LEU P 164 -20.28 59.19 -81.64
N THR P 165 -20.17 59.20 -82.96
CA THR P 165 -21.26 58.76 -83.78
C THR P 165 -21.59 57.28 -83.67
N ASP P 166 -20.55 56.44 -83.83
CA ASP P 166 -20.69 54.98 -83.79
C ASP P 166 -20.53 54.33 -82.39
N ARG P 167 -20.02 55.10 -81.45
CA ARG P 167 -19.80 54.59 -80.11
C ARG P 167 -18.80 53.44 -80.09
N GLU P 168 -17.78 53.58 -80.94
CA GLU P 168 -16.71 52.63 -81.06
C GLU P 168 -15.40 53.30 -80.80
N ASN P 169 -14.43 52.50 -80.40
CA ASN P 169 -13.13 53.13 -80.16
C ASN P 169 -12.41 53.20 -81.48
N GLN P 170 -11.42 54.09 -81.46
CA GLN P 170 -10.70 54.35 -82.68
C GLN P 170 -9.21 54.14 -82.57
N SER P 171 -8.54 54.23 -83.73
CA SER P 171 -7.08 54.14 -83.77
C SER P 171 -6.55 54.83 -84.99
N ILE P 172 -5.30 55.20 -84.88
CA ILE P 172 -4.58 55.87 -85.89
C ILE P 172 -3.24 55.22 -85.97
N LEU P 173 -2.90 54.68 -87.10
CA LEU P 173 -1.66 54.04 -87.20
C LEU P 173 -0.69 54.77 -88.04
N ILE P 174 0.30 55.40 -87.38
CA ILE P 174 1.30 56.16 -88.09
C ILE P 174 2.52 55.29 -88.33
N THR P 175 3.04 55.27 -89.52
CA THR P 175 4.15 54.45 -89.82
C THR P 175 4.97 54.96 -90.99
N GLY P 176 6.32 54.80 -90.89
CA GLY P 176 7.25 55.19 -91.96
C GLY P 176 8.70 54.95 -91.57
N GLU P 177 9.65 55.15 -92.50
CA GLU P 177 11.05 54.98 -92.14
C GLU P 177 11.59 56.12 -91.25
N SER P 178 12.74 55.84 -90.69
CA SER P 178 13.48 56.68 -89.79
C SER P 178 13.36 58.15 -90.06
N GLY P 179 13.42 58.51 -91.31
CA GLY P 179 13.38 59.97 -91.59
C GLY P 179 12.05 60.51 -92.05
N ALA P 180 11.03 59.66 -92.12
CA ALA P 180 9.73 60.08 -92.57
C ALA P 180 9.07 61.18 -91.75
N GLY P 181 9.45 61.28 -90.45
CA GLY P 181 8.89 62.30 -89.58
C GLY P 181 7.55 61.97 -88.98
N LYS P 182 7.49 60.83 -88.26
CA LYS P 182 6.25 60.43 -87.66
C LYS P 182 5.94 61.12 -86.35
N THR P 183 6.94 61.18 -85.43
CA THR P 183 6.81 61.80 -84.10
C THR P 183 6.09 63.10 -84.21
N VAL P 184 6.60 63.83 -85.20
CA VAL P 184 6.07 65.13 -85.59
C VAL P 184 4.60 65.07 -85.83
N ASN P 185 4.17 64.08 -86.61
CA ASN P 185 2.77 63.96 -86.87
C ASN P 185 2.04 63.56 -85.65
N THR P 186 2.58 62.55 -85.03
CA THR P 186 1.98 61.96 -83.85
C THR P 186 1.69 63.01 -82.85
N ARG P 188 1.60 66.12 -83.38
CA ARG P 188 0.61 67.05 -83.98
C ARG P 188 -0.80 66.54 -83.94
N VAL P 189 -0.95 65.25 -83.99
CA VAL P 189 -2.28 64.68 -83.90
C VAL P 189 -2.79 64.86 -82.51
N ILE P 190 -1.88 64.56 -81.60
CA ILE P 190 -2.18 64.64 -80.19
C ILE P 190 -2.65 66.02 -79.76
N GLN P 191 -1.91 67.05 -80.16
CA GLN P 191 -2.32 68.42 -79.85
C GLN P 191 -3.75 68.59 -80.26
N TYR P 192 -3.98 68.12 -81.48
CA TYR P 192 -5.30 68.19 -82.07
C TYR P 192 -6.38 67.69 -81.13
N PHE P 193 -6.18 66.52 -80.58
CA PHE P 193 -7.15 65.99 -79.67
C PHE P 193 -7.33 66.87 -78.50
N ALA P 194 -6.22 67.21 -77.92
CA ALA P 194 -6.24 68.02 -76.70
C ALA P 194 -7.01 69.30 -76.93
N THR P 195 -6.71 69.99 -78.01
CA THR P 195 -7.38 71.24 -78.33
C THR P 195 -8.89 71.09 -78.50
N ILE P 196 -9.27 70.42 -79.57
CA ILE P 196 -10.65 70.20 -79.90
C ILE P 196 -11.53 69.47 -78.88
N ALA P 197 -11.06 69.16 -77.72
CA ALA P 197 -11.96 68.49 -76.76
C ALA P 197 -11.41 68.50 -75.35
N ALA P 198 -11.03 69.67 -74.94
CA ALA P 198 -10.44 69.84 -73.64
C ALA P 198 -11.38 70.57 -72.76
N SER P 199 -10.89 71.50 -72.09
CA SER P 199 -11.79 72.13 -71.22
C SER P 199 -11.70 71.57 -69.87
N GLY P 200 -10.70 71.96 -69.20
CA GLY P 200 -10.54 71.58 -67.81
C GLY P 200 -11.16 72.71 -66.99
N GLU P 201 -11.64 73.68 -67.75
CA GLU P 201 -12.35 74.85 -67.21
C GLU P 201 -11.42 75.73 -66.37
N LYS P 202 -10.96 75.17 -65.28
CA LYS P 202 -10.08 75.85 -64.34
C LYS P 202 -8.65 75.93 -64.88
N LYS P 203 -8.22 74.86 -65.53
CA LYS P 203 -6.84 74.77 -66.04
C LYS P 203 -6.63 75.64 -67.31
N LYS P 204 -7.72 76.12 -67.89
CA LYS P 204 -7.66 76.84 -69.18
C LYS P 204 -7.05 78.26 -69.11
N GLU P 205 -7.03 78.86 -67.92
CA GLU P 205 -6.58 80.27 -67.75
C GLU P 205 -5.09 80.49 -68.01
N GLU P 206 -4.80 81.73 -68.39
CA GLU P 206 -3.43 82.20 -68.70
C GLU P 206 -2.69 82.55 -67.39
N GLN P 207 -2.46 81.50 -66.64
CA GLN P 207 -1.75 81.52 -65.35
C GLN P 207 -0.96 80.22 -65.23
N SER P 208 0.27 80.30 -65.74
CA SER P 208 1.19 79.16 -65.77
C SER P 208 0.56 78.06 -66.61
N GLY P 209 -0.17 78.50 -67.60
CA GLY P 209 -0.88 77.60 -68.52
C GLY P 209 0.10 76.61 -69.14
N LYS P 210 -0.30 75.35 -69.05
CA LYS P 210 0.42 74.22 -69.66
C LYS P 210 1.59 73.71 -68.79
N MET P 211 1.81 74.36 -67.66
CA MET P 211 2.84 73.94 -66.68
C MET P 211 2.33 72.69 -65.95
N GLN P 212 3.21 72.05 -65.20
CA GLN P 212 2.83 70.88 -64.40
C GLN P 212 1.66 71.27 -63.51
N GLY P 213 0.68 70.43 -63.44
CA GLY P 213 -0.51 70.77 -62.66
C GLY P 213 -1.78 70.65 -63.53
N THR P 214 -1.60 70.54 -64.87
CA THR P 214 -2.72 70.11 -65.80
C THR P 214 -2.16 69.13 -66.84
N LEU P 215 -3.09 68.23 -67.22
CA LEU P 215 -3.01 67.21 -68.32
C LEU P 215 -3.92 67.78 -69.36
N GLU P 216 -3.35 67.80 -70.43
CA GLU P 216 -3.73 68.41 -71.66
C GLU P 216 -2.38 68.94 -71.90
N ASP P 217 -1.76 69.16 -70.73
CA ASP P 217 -0.37 69.58 -70.65
C ASP P 217 0.49 68.37 -70.34
N GLN P 218 0.12 67.67 -69.27
CA GLN P 218 0.85 66.45 -68.87
C GLN P 218 0.96 65.60 -70.07
N ILE P 219 -0.21 65.46 -70.68
CA ILE P 219 -0.44 64.71 -71.90
C ILE P 219 0.65 65.09 -72.84
N ILE P 220 0.76 66.38 -73.00
CA ILE P 220 1.72 66.94 -73.90
C ILE P 220 3.13 66.82 -73.35
N SER P 221 3.32 67.38 -72.17
CA SER P 221 4.63 67.41 -71.52
C SER P 221 5.31 66.09 -71.57
N ALA P 222 4.50 65.05 -71.73
CA ALA P 222 5.01 63.71 -71.76
C ALA P 222 6.13 63.56 -72.74
N ASN P 223 5.82 63.93 -73.94
CA ASN P 223 6.72 63.79 -75.07
C ASN P 223 8.15 64.19 -74.82
N PRO P 224 8.34 65.47 -74.55
CA PRO P 224 9.63 66.06 -74.30
C PRO P 224 10.52 65.42 -73.23
N LEU P 225 9.96 64.48 -72.50
CA LEU P 225 10.74 63.78 -71.49
C LEU P 225 11.26 62.53 -72.18
N LEU P 226 10.31 61.75 -72.67
CA LEU P 226 10.56 60.55 -73.41
C LEU P 226 11.59 60.78 -74.49
N GLU P 227 11.45 61.91 -75.16
CA GLU P 227 12.32 62.35 -76.27
C GLU P 227 13.74 62.59 -75.84
N ALA P 228 13.91 63.07 -74.63
CA ALA P 228 15.26 63.28 -74.13
C ALA P 228 15.97 62.01 -73.89
N PHE P 229 15.17 60.98 -73.55
CA PHE P 229 15.64 59.65 -73.24
C PHE P 229 15.52 58.62 -74.30
N GLY P 230 14.48 58.69 -75.10
CA GLY P 230 14.33 57.75 -76.18
C GLY P 230 14.55 58.32 -77.56
N ASN P 231 15.11 59.51 -77.70
CA ASN P 231 15.36 60.14 -79.00
C ASN P 231 16.79 60.53 -79.18
N ALA P 232 17.22 60.60 -80.42
CA ALA P 232 18.57 60.93 -80.72
C ALA P 232 18.80 61.32 -82.16
N THR P 234 19.89 60.77 -85.50
CA THR P 234 20.13 59.69 -86.44
C THR P 234 20.73 60.36 -87.64
N VAL P 235 21.34 59.58 -88.49
CA VAL P 235 21.94 60.11 -89.70
C VAL P 235 20.87 60.61 -90.67
N ARG P 236 19.63 60.18 -90.45
CA ARG P 236 18.48 60.56 -91.25
C ARG P 236 17.70 61.73 -90.66
N ASN P 237 17.33 61.58 -89.42
CA ASN P 237 16.62 62.60 -88.69
C ASN P 237 17.57 63.21 -87.64
N ASP P 238 17.17 64.31 -87.03
CA ASP P 238 18.00 64.97 -86.03
C ASP P 238 17.44 64.72 -84.68
N ASN P 239 16.19 64.28 -84.70
CA ASN P 239 15.39 63.91 -83.55
C ASN P 239 14.63 62.63 -83.86
N SER P 240 15.36 61.51 -84.13
CA SER P 240 14.70 60.26 -84.46
C SER P 240 14.18 59.53 -83.28
N SER P 241 13.01 58.93 -83.44
CA SER P 241 12.36 58.15 -82.39
C SER P 241 13.05 56.79 -82.29
N ARG P 242 13.74 56.50 -81.17
CA ARG P 242 14.40 55.22 -81.09
C ARG P 242 13.64 54.20 -80.40
N PHE P 243 12.35 54.40 -80.35
CA PHE P 243 11.41 53.47 -79.79
C PHE P 243 10.02 53.68 -80.34
N GLY P 244 9.14 52.69 -80.10
CA GLY P 244 7.77 52.73 -80.59
C GLY P 244 6.82 53.14 -79.52
N PHE P 246 2.47 53.73 -78.06
CA PHE P 246 1.07 53.64 -78.14
C PHE P 246 0.37 54.34 -77.01
N ILE P 247 -0.31 55.41 -77.36
CA ILE P 247 -1.09 56.22 -76.44
C ILE P 247 -2.57 56.02 -76.51
N ARG P 248 -3.18 55.89 -75.36
CA ARG P 248 -4.60 55.73 -75.41
C ARG P 248 -5.25 56.94 -74.87
N ILE P 249 -5.84 57.73 -75.72
CA ILE P 249 -6.50 58.88 -75.19
C ILE P 249 -7.89 58.52 -74.90
N HIS P 250 -8.13 58.51 -73.62
CA HIS P 250 -9.41 58.08 -73.14
C HIS P 250 -10.35 59.23 -73.06
N PHE P 251 -11.26 59.25 -74.01
CA PHE P 251 -12.22 60.29 -74.01
C PHE P 251 -13.33 59.95 -73.06
N GLY P 252 -14.01 60.97 -72.57
CA GLY P 252 -15.10 60.77 -71.65
C GLY P 252 -16.40 60.39 -72.35
N ALA P 253 -17.53 60.55 -71.63
CA ALA P 253 -18.87 60.22 -72.09
C ALA P 253 -19.44 61.36 -72.93
N THR P 254 -19.23 62.53 -72.38
CA THR P 254 -19.62 63.76 -73.01
C THR P 254 -18.92 63.76 -74.34
N GLY P 255 -17.61 63.66 -74.26
CA GLY P 255 -16.76 63.68 -75.42
C GLY P 255 -15.48 64.46 -75.04
N LYS P 256 -15.39 64.85 -73.77
CA LYS P 256 -14.26 65.61 -73.30
C LYS P 256 -13.21 64.69 -72.65
N LEU P 257 -11.94 65.08 -72.85
CA LEU P 257 -10.76 64.36 -72.34
C LEU P 257 -10.91 63.79 -70.95
N ALA P 258 -10.37 62.58 -70.73
CA ALA P 258 -10.46 61.92 -69.40
C ALA P 258 -9.18 61.19 -68.95
N SER P 259 -8.48 60.51 -69.86
CA SER P 259 -7.25 59.82 -69.53
C SER P 259 -6.40 59.53 -70.73
N ALA P 260 -5.17 59.14 -70.40
CA ALA P 260 -4.15 58.78 -71.36
C ALA P 260 -3.41 57.53 -70.90
N ASP P 261 -2.66 56.96 -71.82
CA ASP P 261 -1.98 55.72 -71.53
C ASP P 261 -0.80 55.42 -72.42
N ILE P 262 0.40 55.57 -71.95
CA ILE P 262 1.49 55.21 -72.83
C ILE P 262 2.06 53.85 -72.66
N GLU P 263 2.61 53.34 -73.74
CA GLU P 263 3.29 52.06 -73.79
C GLU P 263 4.42 52.10 -74.77
N THR P 264 5.55 51.60 -74.32
CA THR P 264 6.75 51.66 -75.10
C THR P 264 7.18 50.29 -75.60
N TYR P 265 7.74 50.27 -76.78
CA TYR P 265 8.17 49.05 -77.43
C TYR P 265 9.53 49.23 -78.03
N LEU P 266 10.32 48.23 -77.91
CA LEU P 266 11.60 48.16 -78.52
C LEU P 266 12.48 49.38 -78.50
N LEU P 267 13.14 49.61 -77.40
CA LEU P 267 14.00 50.69 -77.24
C LEU P 267 15.38 50.36 -77.72
N GLU P 268 16.06 51.31 -78.38
CA GLU P 268 17.38 51.12 -78.91
C GLU P 268 18.40 51.18 -77.82
N SER P 270 21.23 49.82 -77.48
CA SER P 270 22.58 50.00 -77.97
C SER P 270 23.12 51.43 -77.98
N ARG P 271 22.29 52.46 -78.21
CA ARG P 271 22.76 53.83 -78.29
C ARG P 271 23.48 54.16 -77.02
N VAL P 272 22.87 53.75 -75.90
CA VAL P 272 23.43 53.97 -74.60
C VAL P 272 24.90 53.64 -74.49
N THR P 273 25.38 52.74 -75.33
CA THR P 273 26.75 52.24 -75.25
C THR P 273 27.53 52.47 -76.51
N PHE P 274 26.78 52.69 -77.56
CA PHE P 274 27.35 52.87 -78.84
C PHE P 274 26.68 53.89 -79.63
N GLN P 275 27.32 54.15 -80.74
CA GLN P 275 26.89 55.15 -81.65
C GLN P 275 27.72 55.14 -82.94
N LEU P 276 26.98 55.23 -84.02
CA LEU P 276 27.62 55.31 -85.29
C LEU P 276 28.27 56.70 -85.39
N PRO P 277 29.17 56.80 -86.32
CA PRO P 277 29.99 57.96 -86.60
C PRO P 277 29.30 59.25 -86.91
N ALA P 278 28.15 59.17 -87.54
CA ALA P 278 27.45 60.42 -87.85
C ALA P 278 26.29 60.64 -86.91
N GLU P 279 26.18 59.74 -85.95
CA GLU P 279 25.07 59.79 -85.03
C GLU P 279 25.49 60.14 -83.63
N ARG P 280 24.51 60.06 -82.79
CA ARG P 280 24.76 60.33 -81.43
C ARG P 280 23.77 59.67 -80.51
N SER P 281 24.11 59.64 -79.27
CA SER P 281 23.27 59.01 -78.33
C SER P 281 22.12 59.87 -77.98
N TYR P 282 21.33 59.34 -77.02
CA TYR P 282 20.16 59.99 -76.54
C TYR P 282 20.46 61.44 -76.22
N HIS P 283 19.49 62.29 -76.23
CA HIS P 283 19.78 63.67 -76.02
C HIS P 283 20.24 64.02 -74.64
N ILE P 284 19.50 63.47 -73.69
CA ILE P 284 19.69 63.74 -72.30
C ILE P 284 21.10 64.02 -71.90
N PHE P 285 21.95 63.18 -72.37
CA PHE P 285 23.38 63.23 -72.04
C PHE P 285 23.91 64.51 -72.45
N TYR P 286 23.64 64.85 -73.68
CA TYR P 286 24.17 66.10 -74.21
C TYR P 286 23.43 67.25 -73.62
N GLN P 287 22.20 67.01 -73.23
CA GLN P 287 21.43 68.05 -72.64
C GLN P 287 22.19 68.48 -71.37
N ILE P 288 22.28 67.55 -70.45
CA ILE P 288 22.92 67.67 -69.16
C ILE P 288 24.34 68.28 -69.14
N MET P 289 25.17 67.85 -70.04
CA MET P 289 26.52 68.37 -70.12
C MET P 289 26.58 69.74 -70.79
N SER P 290 25.40 70.22 -71.19
CA SER P 290 25.31 71.50 -71.85
C SER P 290 25.69 72.62 -70.92
N ASN P 291 25.38 72.43 -69.65
CA ASN P 291 25.69 73.36 -68.57
C ASN P 291 24.65 74.42 -68.31
N PRO P 294 24.39 74.20 -63.94
CA PRO P 294 25.71 73.77 -63.49
C PRO P 294 25.78 72.82 -62.29
N GLU P 295 24.85 72.93 -61.32
CA GLU P 295 24.82 72.05 -60.17
C GLU P 295 24.88 70.63 -60.55
N LEU P 296 24.08 70.35 -61.56
CA LEU P 296 23.94 69.02 -62.15
C LEU P 296 25.28 68.38 -62.45
N ILE P 297 26.17 69.16 -63.07
CA ILE P 297 27.49 68.70 -63.44
C ILE P 297 28.33 68.22 -62.23
N ASP P 298 28.21 68.96 -61.13
CA ASP P 298 28.93 68.69 -59.92
C ASP P 298 28.17 67.66 -59.12
N MET P 299 26.89 67.70 -59.29
CA MET P 299 26.03 66.78 -58.60
C MET P 299 26.28 65.34 -59.09
N LEU P 300 26.44 65.23 -60.41
CA LEU P 300 26.64 63.96 -61.07
C LEU P 300 28.10 63.58 -61.08
N LEU P 301 28.93 64.56 -60.86
CA LEU P 301 30.35 64.33 -60.83
C LEU P 301 30.92 64.10 -62.18
N ILE P 302 30.54 64.95 -63.12
CA ILE P 302 31.06 64.80 -64.45
C ILE P 302 31.62 66.10 -64.92
N THR P 303 32.08 66.05 -66.12
CA THR P 303 32.53 67.22 -66.75
C THR P 303 31.53 67.67 -67.78
N THR P 304 31.90 68.66 -68.57
CA THR P 304 31.05 69.26 -69.61
C THR P 304 31.50 68.81 -71.02
N ASN P 305 32.66 68.18 -71.10
CA ASN P 305 33.31 67.62 -72.27
C ASN P 305 33.02 66.16 -72.37
N PRO P 306 32.25 65.79 -73.38
CA PRO P 306 31.75 64.45 -73.61
C PRO P 306 32.77 63.48 -73.99
N TYR P 307 33.88 64.01 -74.39
CA TYR P 307 34.91 63.07 -74.74
C TYR P 307 35.51 62.40 -73.53
N ASP P 308 34.86 62.58 -72.36
CA ASP P 308 35.27 62.00 -71.09
C ASP P 308 34.41 60.79 -70.79
N TYR P 309 33.43 60.59 -71.68
CA TYR P 309 32.51 59.56 -71.57
C TYR P 309 32.32 58.87 -72.86
N HIS P 310 33.25 57.94 -73.05
CA HIS P 310 33.30 57.05 -74.18
C HIS P 310 31.94 56.54 -74.74
N TYR P 311 31.09 56.09 -73.87
CA TYR P 311 29.79 55.58 -74.15
C TYR P 311 29.00 56.56 -74.98
N VAL P 312 29.17 57.85 -74.74
CA VAL P 312 28.41 58.90 -75.41
C VAL P 312 29.13 59.84 -76.38
N SER P 313 30.35 59.56 -76.77
CA SER P 313 30.95 60.42 -77.73
C SER P 313 31.65 59.59 -78.76
N GLU P 314 31.05 58.51 -79.15
CA GLU P 314 31.68 57.66 -80.13
C GLU P 314 31.34 58.21 -81.50
N GLY P 315 30.23 58.91 -81.52
CA GLY P 315 29.79 59.47 -82.77
C GLY P 315 29.98 60.93 -82.73
N GLU P 316 28.87 61.66 -82.69
CA GLU P 316 28.90 63.09 -82.69
C GLU P 316 28.40 63.58 -81.34
N ILE P 317 28.72 64.82 -81.02
CA ILE P 317 28.35 65.43 -79.76
C ILE P 317 27.40 66.61 -79.92
N THR P 318 27.63 67.36 -80.98
CA THR P 318 26.77 68.51 -81.19
C THR P 318 26.06 68.52 -82.54
N VAL P 319 24.83 69.02 -82.46
CA VAL P 319 23.94 69.18 -83.61
C VAL P 319 23.42 70.60 -83.64
N PRO P 320 23.72 71.29 -84.74
CA PRO P 320 23.40 72.69 -84.95
C PRO P 320 21.93 73.05 -84.80
N SER P 321 21.05 72.18 -85.31
CA SER P 321 19.64 72.41 -85.23
C SER P 321 19.01 72.21 -83.85
N ILE P 322 19.83 71.74 -82.88
CA ILE P 322 19.37 71.49 -81.51
C ILE P 322 20.08 72.33 -80.49
N ASP P 323 19.30 72.86 -79.53
CA ASP P 323 19.81 73.71 -78.46
C ASP P 323 19.68 72.97 -77.14
N ASP P 324 20.70 72.16 -76.87
CA ASP P 324 20.74 71.29 -75.72
C ASP P 324 20.38 72.03 -74.41
N GLN P 325 20.74 73.29 -74.37
CA GLN P 325 20.51 74.11 -73.21
C GLN P 325 19.05 74.37 -72.94
N GLU P 326 18.30 74.60 -74.01
CA GLU P 326 16.86 74.91 -73.94
C GLU P 326 16.05 73.67 -73.57
N GLU P 327 16.46 72.61 -74.18
CA GLU P 327 15.82 71.36 -73.97
C GLU P 327 15.93 70.87 -72.57
N LEU P 328 17.14 71.03 -72.01
CA LEU P 328 17.42 70.62 -70.65
C LEU P 328 16.36 71.11 -69.71
N MET P 329 15.96 72.33 -69.95
CA MET P 329 14.89 72.88 -69.13
C MET P 329 13.58 72.32 -69.48
N ALA P 330 13.37 72.20 -70.80
CA ALA P 330 12.11 71.66 -71.27
C ALA P 330 11.84 70.34 -70.57
N THR P 331 12.90 69.58 -70.63
CA THR P 331 12.93 68.30 -70.04
C THR P 331 12.65 68.42 -68.60
N ASP P 332 13.49 69.22 -67.98
CA ASP P 332 13.42 69.46 -66.53
C ASP P 332 12.02 69.76 -66.07
N SER P 333 11.50 70.84 -66.63
CA SER P 333 10.16 71.32 -66.37
C SER P 333 9.09 70.27 -66.61
N ALA P 334 9.26 69.48 -67.66
CA ALA P 334 8.33 68.45 -67.95
C ALA P 334 8.23 67.44 -66.81
N ILE P 335 9.41 67.14 -66.25
CA ILE P 335 9.45 66.15 -65.18
C ILE P 335 8.53 66.51 -64.06
N ASP P 336 8.71 67.74 -63.66
CA ASP P 336 7.93 68.37 -62.63
C ASP P 336 6.46 68.28 -62.92
N ILE P 337 6.07 68.77 -64.08
CA ILE P 337 4.66 68.76 -64.46
C ILE P 337 4.13 67.42 -64.44
N LEU P 338 5.03 66.54 -64.81
CA LEU P 338 4.66 65.18 -64.80
C LEU P 338 4.43 64.61 -63.38
N GLY P 339 4.70 65.45 -62.37
CA GLY P 339 4.43 65.05 -60.99
C GLY P 339 5.49 64.22 -60.28
N PHE P 340 6.65 64.13 -60.89
CA PHE P 340 7.68 63.35 -60.27
C PHE P 340 8.18 64.00 -59.00
N SER P 341 8.55 63.18 -58.04
CA SER P 341 9.17 63.65 -56.81
C SER P 341 10.57 64.16 -57.06
N ALA P 342 11.00 65.18 -56.31
CA ALA P 342 12.31 65.76 -56.60
C ALA P 342 13.40 64.72 -56.53
N ASP P 343 13.25 63.95 -55.50
CA ASP P 343 14.06 62.80 -55.26
C ASP P 343 14.14 61.94 -56.54
N GLU P 344 12.96 61.54 -57.07
CA GLU P 344 12.92 60.75 -58.25
C GLU P 344 13.55 61.54 -59.33
N THR P 346 15.64 63.38 -58.96
CA THR P 346 17.04 63.39 -58.61
C THR P 346 17.63 62.01 -59.00
N ALA P 347 16.86 60.94 -58.78
CA ALA P 347 17.31 59.65 -59.13
C ALA P 347 17.62 59.58 -60.61
N ILE P 348 16.71 60.09 -61.34
CA ILE P 348 16.77 60.13 -62.79
C ILE P 348 18.06 60.74 -63.20
N TYR P 349 18.30 61.89 -62.65
CA TYR P 349 19.51 62.52 -63.07
C TYR P 349 20.65 61.68 -62.60
N LEU P 351 21.06 58.81 -61.74
CA LEU P 351 21.13 57.52 -62.39
C LEU P 351 21.63 57.59 -63.81
N THR P 352 21.33 58.68 -64.49
CA THR P 352 21.73 58.88 -65.86
C THR P 352 23.20 59.18 -65.99
N GLY P 353 23.82 59.55 -64.90
CA GLY P 353 25.24 59.89 -64.88
C GLY P 353 26.05 58.70 -64.51
N ALA P 354 25.48 57.87 -63.62
CA ALA P 354 26.17 56.65 -63.22
C ALA P 354 26.59 55.87 -64.47
N VAL P 355 25.63 55.75 -65.32
CA VAL P 355 25.72 55.07 -66.60
C VAL P 355 26.85 55.62 -67.42
N MET P 356 27.04 56.88 -67.43
CA MET P 356 28.15 57.50 -68.18
C MET P 356 29.43 57.02 -67.61
N HIS P 357 29.47 57.06 -66.30
CA HIS P 357 30.62 56.63 -65.48
C HIS P 357 31.00 55.20 -65.69
N TYR P 358 30.00 54.36 -65.82
CA TYR P 358 30.27 52.97 -66.02
C TYR P 358 31.17 52.73 -67.21
N GLY P 359 30.85 53.38 -68.26
CA GLY P 359 31.62 53.27 -69.47
C GLY P 359 33.02 53.74 -69.28
N ASN P 360 33.27 54.32 -68.11
CA ASN P 360 34.63 54.80 -67.76
C ASN P 360 35.32 53.84 -66.83
N LEU P 361 34.53 52.91 -66.33
CA LEU P 361 35.05 51.89 -65.47
C LEU P 361 36.06 51.09 -66.25
N LYS P 362 37.26 50.99 -65.68
CA LYS P 362 38.38 50.30 -66.27
C LYS P 362 38.90 49.18 -65.41
N PHE P 363 39.43 48.21 -66.09
CA PHE P 363 39.98 47.02 -65.45
C PHE P 363 41.27 46.55 -66.07
N GLN P 365 44.16 42.93 -65.93
CA GLN P 365 44.48 41.52 -65.69
C GLN P 365 45.32 41.36 -64.45
N GLN P 367 48.01 39.70 -62.32
CA GLN P 367 49.28 39.07 -62.73
C GLN P 367 49.29 37.56 -62.63
N ARG P 368 49.76 36.93 -63.72
CA ARG P 368 49.89 35.48 -63.79
C ARG P 368 48.57 34.78 -63.76
N GLU P 369 47.56 35.59 -63.77
CA GLU P 369 46.20 35.10 -63.77
C GLU P 369 45.53 35.78 -64.93
N GLU P 370 44.45 35.17 -65.35
CA GLU P 370 43.67 35.67 -66.46
C GLU P 370 42.44 36.36 -65.89
N GLN P 371 42.54 36.72 -64.62
CA GLN P 371 41.43 37.36 -64.00
C GLN P 371 41.48 38.83 -64.13
N ALA P 372 40.29 39.38 -63.98
CA ALA P 372 40.09 40.78 -64.01
C ALA P 372 40.16 41.30 -62.61
N GLU P 373 40.89 42.37 -62.51
CA GLU P 373 41.06 43.07 -61.29
C GLU P 373 40.87 44.56 -61.61
N PRO P 374 40.18 45.27 -60.72
CA PRO P 374 39.92 46.68 -60.89
C PRO P 374 41.17 47.49 -61.15
N ASP P 375 41.06 48.41 -62.09
CA ASP P 375 42.18 49.25 -62.43
C ASP P 375 42.06 50.59 -61.72
N GLY P 376 41.43 50.63 -60.54
CA GLY P 376 41.30 51.89 -59.82
C GLY P 376 39.92 52.04 -59.22
N THR P 377 39.87 52.82 -58.14
CA THR P 377 38.62 53.13 -57.47
C THR P 377 38.44 54.63 -57.43
N GLU P 378 38.38 55.18 -58.60
CA GLU P 378 38.22 56.59 -58.83
C GLU P 378 36.79 56.80 -59.29
N VAL P 379 36.46 56.02 -60.32
CA VAL P 379 35.21 56.06 -60.97
C VAL P 379 34.19 55.21 -60.32
N ALA P 380 34.65 54.12 -59.82
CA ALA P 380 33.73 53.21 -59.21
C ALA P 380 33.07 53.92 -58.09
N ASP P 381 33.87 54.73 -57.47
CA ASP P 381 33.52 55.47 -56.27
C ASP P 381 32.33 56.33 -56.55
N ALA P 383 30.36 56.09 -59.34
CA ALA P 383 29.25 55.31 -59.79
C ALA P 383 28.57 54.76 -58.57
N ALA P 384 29.35 54.28 -57.65
CA ALA P 384 28.84 53.68 -56.44
C ALA P 384 27.99 54.63 -55.62
N TYR P 385 28.47 55.82 -55.44
CA TYR P 385 27.82 56.82 -54.65
C TYR P 385 26.52 57.32 -55.28
N LEU P 386 26.61 57.55 -56.56
CA LEU P 386 25.53 58.05 -57.35
C LEU P 386 24.39 57.11 -57.39
N MET P 387 24.69 55.80 -57.23
CA MET P 387 23.64 54.79 -57.24
C MET P 387 23.24 54.36 -55.83
N GLY P 388 23.94 54.84 -54.81
CA GLY P 388 23.64 54.46 -53.44
C GLY P 388 24.16 53.07 -53.15
N LEU P 389 25.38 52.82 -53.64
CA LEU P 389 26.10 51.59 -53.55
C LEU P 389 27.43 51.75 -52.77
N ASN P 390 28.13 50.63 -52.64
CA ASN P 390 29.39 50.57 -52.00
C ASN P 390 30.44 50.14 -53.03
N SER P 391 31.41 51.01 -53.24
CA SER P 391 32.48 50.83 -54.22
C SER P 391 33.01 49.43 -54.30
N ALA P 392 33.35 48.89 -53.15
CA ALA P 392 33.98 47.59 -53.05
C ALA P 392 33.11 46.48 -53.50
N GLU P 393 32.03 46.36 -52.74
CA GLU P 393 31.06 45.33 -52.89
C GLU P 393 30.74 45.23 -54.32
N LEU P 394 30.69 46.43 -54.92
CA LEU P 394 30.38 46.58 -56.34
C LEU P 394 31.47 45.96 -57.24
N LEU P 395 32.71 46.35 -57.00
CA LEU P 395 33.79 45.87 -57.82
C LEU P 395 34.06 44.40 -57.69
N LYS P 396 33.62 43.83 -56.58
CA LYS P 396 33.80 42.43 -56.33
C LYS P 396 32.86 41.65 -57.22
N ALA P 397 31.59 41.89 -56.92
CA ALA P 397 30.46 41.32 -57.64
C ALA P 397 30.73 41.34 -59.12
N LEU P 398 31.25 42.46 -59.56
CA LEU P 398 31.60 42.62 -60.95
C LEU P 398 32.70 41.69 -61.41
N CYS P 399 33.77 41.60 -60.59
CA CYS P 399 34.97 40.82 -60.87
C CYS P 399 34.84 39.34 -60.52
N TYR P 400 34.22 39.06 -59.37
CA TYR P 400 34.01 37.74 -58.88
C TYR P 400 32.56 37.44 -58.68
N PRO P 401 31.89 37.45 -59.79
CA PRO P 401 30.47 37.15 -59.86
C PRO P 401 30.17 35.91 -59.11
N ARG P 402 29.36 36.01 -58.06
CA ARG P 402 28.98 34.84 -57.27
C ARG P 402 27.62 34.30 -57.70
N VAL P 403 27.75 33.25 -58.46
CA VAL P 403 26.71 32.48 -59.12
C VAL P 403 26.09 31.42 -58.19
N GLY P 404 25.13 30.65 -58.74
CA GLY P 404 24.40 29.58 -58.01
C GLY P 404 24.03 28.35 -58.85
N VAL P 405 25.07 27.60 -59.34
CA VAL P 405 25.00 26.36 -60.13
C VAL P 405 24.86 25.09 -59.27
N GLY P 406 23.73 24.45 -59.40
CA GLY P 406 23.41 23.26 -58.63
C GLY P 406 22.34 23.72 -57.66
N ASN P 407 22.58 23.60 -56.37
CA ASN P 407 21.61 24.04 -55.36
C ASN P 407 22.20 25.08 -54.42
N GLU P 408 23.40 25.51 -54.78
CA GLU P 408 24.15 26.47 -54.01
C GLU P 408 24.49 27.71 -54.83
N ALA P 409 25.51 28.40 -54.34
CA ALA P 409 26.02 29.60 -54.92
C ALA P 409 27.54 29.56 -55.05
N VAL P 410 27.97 29.27 -56.29
CA VAL P 410 29.35 29.13 -56.71
C VAL P 410 30.01 30.38 -57.22
N THR P 411 31.03 30.82 -56.52
CA THR P 411 31.75 32.01 -56.94
C THR P 411 32.62 31.81 -58.18
N GLY P 413 34.85 33.49 -61.48
CA GLY P 413 35.79 34.51 -61.89
C GLY P 413 35.64 34.89 -63.37
N GLU P 414 35.78 36.18 -63.63
CA GLU P 414 35.67 36.68 -64.96
C GLU P 414 36.91 37.28 -65.53
N THR P 415 36.93 37.40 -66.85
CA THR P 415 38.01 37.97 -67.59
C THR P 415 37.80 39.45 -67.79
N VAL P 416 38.84 40.11 -68.25
CA VAL P 416 38.79 41.51 -68.48
C VAL P 416 37.66 41.75 -69.50
N SER P 417 37.74 41.06 -70.60
CA SER P 417 36.73 41.16 -71.66
C SER P 417 35.35 40.86 -71.17
N GLU P 418 35.24 40.02 -70.16
CA GLU P 418 33.96 39.65 -69.63
C GLU P 418 33.32 40.74 -68.79
N VAL P 419 34.19 41.50 -68.14
CA VAL P 419 33.71 42.54 -67.26
C VAL P 419 33.19 43.68 -68.04
N HIS P 420 34.08 44.18 -68.90
CA HIS P 420 33.75 45.32 -69.75
C HIS P 420 32.42 45.10 -70.40
N ASN P 421 32.18 43.86 -70.80
CA ASN P 421 30.93 43.52 -71.44
C ASN P 421 29.82 43.47 -70.41
N SER P 422 30.08 42.95 -69.22
CA SER P 422 28.95 42.92 -68.26
C SER P 422 28.49 44.27 -67.79
N VAL P 423 29.45 45.11 -67.62
CA VAL P 423 29.22 46.46 -67.21
C VAL P 423 28.25 47.10 -68.19
N GLY P 424 28.65 47.03 -69.44
CA GLY P 424 27.86 47.53 -70.52
C GLY P 424 26.47 46.95 -70.47
N ALA P 425 26.39 45.70 -70.06
CA ALA P 425 25.07 45.12 -69.96
C ALA P 425 24.22 45.73 -68.90
N LEU P 426 24.85 46.08 -67.79
CA LEU P 426 24.03 46.72 -66.75
C LEU P 426 23.64 48.13 -67.15
N ALA P 427 24.63 48.91 -67.67
CA ALA P 427 24.45 50.24 -68.11
C ALA P 427 23.20 50.30 -68.94
N ALA P 429 20.91 47.85 -69.24
CA ALA P 429 19.79 47.33 -68.47
C ALA P 429 19.13 48.41 -67.63
N VAL P 430 19.96 49.07 -66.84
CA VAL P 430 19.51 50.15 -65.98
C VAL P 430 18.78 51.28 -66.66
N TYR P 431 19.41 51.76 -67.74
CA TYR P 431 18.81 52.83 -68.53
C TYR P 431 17.42 52.48 -68.98
N GLU P 432 17.34 51.30 -69.64
CA GLU P 432 16.09 50.79 -70.10
C GLU P 432 15.02 50.85 -69.09
N MET P 434 14.68 52.07 -66.29
CA MET P 434 14.40 53.43 -65.86
C MET P 434 13.43 54.07 -66.79
N PHE P 435 13.78 53.97 -68.04
CA PHE P 435 12.93 54.52 -69.07
C PHE P 435 11.57 53.96 -68.98
N LEU P 436 11.52 52.66 -68.69
CA LEU P 436 10.22 52.00 -68.57
C LEU P 436 9.47 52.59 -67.39
N TRP P 437 10.17 52.72 -66.31
CA TRP P 437 9.61 53.26 -65.10
C TRP P 437 9.00 54.63 -65.31
N MET P 438 9.80 55.51 -65.91
CA MET P 438 9.37 56.87 -66.17
C MET P 438 8.05 56.85 -66.85
N VAL P 439 7.97 55.96 -67.84
CA VAL P 439 6.72 55.84 -68.56
C VAL P 439 5.59 55.50 -67.62
N ILE P 440 5.79 54.47 -66.83
CA ILE P 440 4.80 54.07 -65.85
C ILE P 440 4.39 55.22 -64.95
N ARG P 441 5.38 55.87 -64.41
CA ARG P 441 5.10 56.96 -63.55
C ARG P 441 4.27 58.01 -64.24
N ILE P 442 4.57 58.19 -65.52
CA ILE P 442 3.84 59.18 -66.30
C ILE P 442 2.38 58.73 -66.29
N ASN P 443 2.17 57.53 -66.80
CA ASN P 443 0.88 56.88 -66.89
C ASN P 443 0.12 57.07 -65.58
N GLN P 444 0.87 56.99 -64.49
CA GLN P 444 0.26 57.13 -63.20
C GLN P 444 -0.39 58.42 -62.90
N GLN P 445 0.24 59.44 -63.39
CA GLN P 445 -0.29 60.75 -63.21
C GLN P 445 -1.45 60.90 -64.17
N LEU P 446 -1.26 60.35 -65.36
CA LEU P 446 -2.24 60.42 -66.42
C LEU P 446 -3.47 59.59 -66.10
N ASP P 447 -3.57 59.17 -64.86
CA ASP P 447 -4.70 58.36 -64.39
C ASP P 447 -5.64 59.21 -63.60
N THR P 448 -6.86 59.26 -64.09
CA THR P 448 -7.83 60.02 -63.37
C THR P 448 -8.91 59.11 -62.94
N LYS P 449 -9.76 59.62 -62.07
CA LYS P 449 -10.88 58.87 -61.56
C LYS P 449 -12.09 58.96 -62.48
N GLN P 450 -12.27 60.11 -63.15
CA GLN P 450 -13.38 60.33 -64.09
C GLN P 450 -13.62 59.15 -65.02
N PRO P 451 -14.89 58.91 -65.33
CA PRO P 451 -15.27 57.80 -66.17
C PRO P 451 -14.76 57.95 -67.56
N ARG P 452 -14.58 56.78 -68.20
CA ARG P 452 -14.08 56.67 -69.56
C ARG P 452 -15.04 55.79 -70.35
N GLN P 453 -15.39 56.23 -71.59
CA GLN P 453 -16.32 55.41 -72.35
C GLN P 453 -15.69 54.86 -73.60
N TYR P 454 -14.75 55.63 -74.12
CA TYR P 454 -13.98 55.25 -75.31
C TYR P 454 -12.65 55.91 -75.34
N PHE P 455 -11.81 55.40 -76.22
CA PHE P 455 -10.47 55.92 -76.35
C PHE P 455 -10.07 55.98 -77.79
N ILE P 456 -9.01 56.72 -78.05
CA ILE P 456 -8.50 56.82 -79.39
C ILE P 456 -7.03 56.51 -79.34
N GLY P 457 -6.67 55.38 -79.91
CA GLY P 457 -5.31 54.96 -79.88
C GLY P 457 -4.50 55.46 -81.03
N VAL P 458 -3.35 55.99 -80.64
CA VAL P 458 -2.40 56.53 -81.54
C VAL P 458 -1.14 55.70 -81.45
N LEU P 459 -0.90 54.94 -82.48
CA LEU P 459 0.22 54.07 -82.56
C LEU P 459 1.30 54.60 -83.46
N ASP P 460 2.50 54.70 -82.93
CA ASP P 460 3.68 55.14 -83.61
C ASP P 460 4.77 54.10 -83.41
N ILE P 461 5.19 53.52 -84.52
CA ILE P 461 6.16 52.46 -84.62
C ILE P 461 6.79 52.56 -86.00
N ALA P 462 7.83 51.82 -86.18
CA ALA P 462 8.48 51.74 -87.45
C ALA P 462 7.87 50.75 -88.43
N GLY P 463 8.21 51.01 -89.68
CA GLY P 463 7.73 50.18 -90.72
C GLY P 463 8.82 49.35 -91.24
N PHE P 464 8.38 48.30 -91.87
CA PHE P 464 9.19 47.33 -92.52
C PHE P 464 10.28 48.02 -93.29
N GLU P 465 11.48 47.78 -92.81
CA GLU P 465 12.69 48.31 -93.39
C GLU P 465 13.54 47.10 -93.76
N ILE P 466 14.15 47.19 -94.90
CA ILE P 466 14.96 46.11 -95.33
C ILE P 466 16.39 46.54 -95.39
N PHE P 467 17.25 45.80 -94.79
CA PHE P 467 18.63 46.17 -94.85
C PHE P 467 19.44 45.05 -95.38
N ASP P 468 20.61 45.38 -95.89
CA ASP P 468 21.44 44.34 -96.41
C ASP P 468 21.75 43.42 -95.26
N PHE P 469 21.69 44.04 -94.06
CA PHE P 469 21.92 43.32 -92.83
C PHE P 469 20.71 43.29 -91.94
N ASN P 470 20.07 42.13 -91.83
CA ASN P 470 18.92 42.03 -90.99
C ASN P 470 19.15 41.11 -89.83
N SER P 471 19.10 41.70 -88.67
CA SER P 471 19.28 40.92 -87.49
C SER P 471 18.00 40.85 -86.71
N PHE P 472 18.16 40.30 -85.53
CA PHE P 472 17.06 40.01 -84.62
C PHE P 472 16.06 41.11 -84.51
N GLU P 473 16.57 42.29 -84.29
CA GLU P 473 15.70 43.46 -84.14
C GLU P 473 14.79 43.66 -85.35
N GLN P 474 15.31 43.35 -86.54
CA GLN P 474 14.57 43.48 -87.75
C GLN P 474 13.39 42.54 -87.82
N LEU P 475 13.67 41.33 -87.42
CA LEU P 475 12.62 40.34 -87.39
C LEU P 475 11.47 40.84 -86.51
N CYS P 476 11.80 41.27 -85.28
CA CYS P 476 10.80 41.74 -84.38
C CYS P 476 9.96 42.85 -84.99
N ILE P 477 10.61 43.80 -85.63
CA ILE P 477 9.85 44.89 -86.21
C ILE P 477 9.06 44.44 -87.42
N ASN P 478 9.72 43.70 -88.32
CA ASN P 478 9.06 43.24 -89.52
C ASN P 478 7.84 42.44 -89.16
N PHE P 479 8.03 41.59 -88.19
CA PHE P 479 6.94 40.78 -87.74
C PHE P 479 5.80 41.65 -87.28
N THR P 480 6.15 42.77 -86.63
CA THR P 480 5.12 43.63 -86.14
C THR P 480 4.34 44.16 -87.29
N ASN P 481 5.08 44.62 -88.28
CA ASN P 481 4.46 45.20 -89.45
C ASN P 481 3.68 44.18 -90.27
N GLU P 482 4.21 43.00 -90.48
CA GLU P 482 3.47 42.07 -91.29
C GLU P 482 2.13 41.74 -90.68
N LEU P 484 0.36 44.08 -88.71
CA LEU P 484 -0.33 45.35 -88.90
C LEU P 484 -0.99 45.41 -90.28
N GLN P 485 -0.21 44.97 -91.27
CA GLN P 485 -0.65 44.88 -92.65
C GLN P 485 -1.89 44.02 -92.85
N GLN P 486 -1.83 42.80 -92.33
CA GLN P 486 -2.91 41.86 -92.40
C GLN P 486 -4.10 42.43 -91.75
N PHE P 487 -3.78 43.27 -90.79
CA PHE P 487 -4.81 43.93 -89.98
C PHE P 487 -5.64 44.86 -90.81
N PHE P 488 -4.93 45.47 -91.73
CA PHE P 488 -5.52 46.37 -92.68
C PHE P 488 -6.28 45.60 -93.77
N ASN P 489 -5.55 44.77 -94.49
CA ASN P 489 -6.07 43.93 -95.57
C ASN P 489 -7.41 43.32 -95.24
N HIS P 490 -7.60 43.10 -93.96
CA HIS P 490 -8.83 42.52 -93.53
C HIS P 490 -9.90 43.58 -93.43
N HIS P 491 -9.55 44.64 -92.73
CA HIS P 491 -10.45 45.77 -92.52
C HIS P 491 -10.96 46.23 -93.85
N MET P 492 -10.13 46.09 -94.84
CA MET P 492 -10.50 46.48 -96.15
C MET P 492 -11.44 45.49 -96.79
N PHE P 493 -11.23 44.25 -96.43
CA PHE P 493 -12.03 43.23 -96.98
C PHE P 493 -13.39 43.33 -96.39
N VAL P 494 -13.42 43.57 -95.17
CA VAL P 494 -14.65 43.75 -94.50
C VAL P 494 -15.39 44.90 -95.08
N LEU P 495 -14.69 46.02 -95.17
CA LEU P 495 -15.15 47.30 -95.68
C LEU P 495 -15.70 47.22 -97.10
N GLU P 496 -14.86 46.70 -97.99
CA GLU P 496 -15.23 46.52 -99.39
C GLU P 496 -16.60 45.86 -99.53
N GLN P 497 -16.66 44.67 -98.99
CA GLN P 497 -17.78 43.81 -98.97
C GLN P 497 -19.08 44.46 -98.48
N GLU P 498 -18.96 45.57 -97.79
CA GLU P 498 -20.14 46.24 -97.32
C GLU P 498 -20.76 46.95 -98.50
N GLU P 499 -19.90 47.58 -99.31
CA GLU P 499 -20.36 48.33 -100.47
C GLU P 499 -21.12 47.43 -101.38
N TYR P 500 -20.45 46.39 -101.85
CA TYR P 500 -21.13 45.46 -102.72
C TYR P 500 -22.44 44.91 -102.13
N GLU P 503 -24.80 48.39 -102.26
CA GLU P 503 -25.21 48.56 -103.62
C GLU P 503 -25.98 47.38 -104.16
N GLY P 504 -25.49 46.22 -103.92
CA GLY P 504 -26.28 45.17 -104.48
C GLY P 504 -25.50 44.54 -105.58
N ILE P 505 -24.19 44.82 -105.57
CA ILE P 505 -23.38 44.17 -106.57
C ILE P 505 -23.17 42.74 -106.13
N GLU P 506 -22.80 41.89 -107.06
CA GLU P 506 -22.57 40.54 -106.76
C GLU P 506 -21.12 40.17 -106.92
N TRP P 507 -20.33 40.42 -105.86
CA TRP P 507 -18.91 40.16 -105.88
C TRP P 507 -18.51 39.27 -104.70
N GLU P 508 -17.91 38.09 -104.97
CA GLU P 508 -17.48 37.26 -103.87
C GLU P 508 -15.99 37.24 -103.78
N PHE P 509 -15.53 37.30 -102.54
CA PHE P 509 -14.13 37.31 -102.34
C PHE P 509 -13.76 36.92 -100.92
N ILE P 510 -12.60 36.31 -100.89
CA ILE P 510 -11.90 35.81 -99.75
C ILE P 510 -11.19 36.97 -99.03
N ASP P 511 -11.08 36.87 -97.71
CA ASP P 511 -10.40 37.84 -96.86
C ASP P 511 -9.07 38.16 -97.45
N PHE P 512 -8.64 39.42 -97.47
CA PHE P 512 -7.35 39.68 -98.07
C PHE P 512 -6.25 39.44 -97.12
N GLY P 513 -6.58 39.31 -95.85
CA GLY P 513 -5.55 39.05 -94.87
C GLY P 513 -4.86 37.70 -95.12
N MET P 514 -5.67 36.72 -95.29
CA MET P 514 -5.33 35.35 -95.51
C MET P 514 -4.07 35.15 -96.24
N ASP P 515 -3.79 36.06 -97.13
CA ASP P 515 -2.58 35.85 -97.90
C ASP P 515 -1.35 35.85 -97.04
N LEU P 516 -1.45 36.57 -95.92
CA LEU P 516 -0.29 36.67 -95.06
C LEU P 516 -0.17 35.69 -93.94
N ALA P 517 -1.26 35.02 -93.61
CA ALA P 517 -1.25 34.06 -92.52
C ALA P 517 -0.12 33.08 -92.59
N ALA P 518 0.31 32.72 -93.78
CA ALA P 518 1.41 31.82 -93.94
C ALA P 518 2.60 32.32 -93.21
N CYS P 519 3.02 33.53 -93.54
CA CYS P 519 4.21 34.08 -92.89
C CYS P 519 4.07 34.23 -91.38
N ILE P 520 2.96 34.78 -90.97
CA ILE P 520 2.77 34.90 -89.54
C ILE P 520 2.87 33.60 -88.77
N GLU P 521 2.12 32.56 -89.20
CA GLU P 521 2.19 31.29 -88.48
C GLU P 521 3.63 30.80 -88.27
N LEU P 522 4.44 30.92 -89.29
CA LEU P 522 5.83 30.46 -89.31
C LEU P 522 6.65 31.13 -88.22
N ILE P 523 6.29 32.35 -87.90
CA ILE P 523 7.02 33.07 -86.88
C ILE P 523 6.51 32.85 -85.48
N GLU P 524 5.21 33.07 -85.30
CA GLU P 524 4.55 33.01 -84.01
C GLU P 524 4.01 31.68 -83.52
N PRO P 526 3.84 27.62 -82.59
CA PRO P 526 4.67 26.75 -81.77
C PRO P 526 5.96 26.17 -82.31
N MET P 527 5.95 25.61 -83.51
CA MET P 527 7.28 25.09 -83.86
C MET P 527 8.02 26.06 -84.71
N GLY P 528 7.48 27.29 -84.73
CA GLY P 528 8.02 28.41 -85.51
C GLY P 528 9.21 29.10 -84.86
N ILE P 529 9.90 29.88 -85.70
CA ILE P 529 11.11 30.62 -85.39
C ILE P 529 11.32 31.05 -83.96
N PHE P 530 10.41 31.85 -83.48
CA PHE P 530 10.49 32.30 -82.09
C PHE P 530 10.66 31.16 -81.11
N SER P 531 9.75 30.17 -81.19
CA SER P 531 9.83 29.03 -80.31
C SER P 531 11.20 28.37 -80.34
N ILE P 532 11.57 27.90 -81.52
CA ILE P 532 12.89 27.31 -81.70
C ILE P 532 13.95 28.25 -81.13
N LEU P 533 13.67 29.55 -81.26
CA LEU P 533 14.55 30.52 -80.71
C LEU P 533 14.51 30.54 -79.21
N GLU P 534 13.34 30.53 -78.67
CA GLU P 534 13.22 30.60 -77.23
C GLU P 534 13.37 29.30 -76.51
N GLU P 535 13.56 28.23 -77.25
CA GLU P 535 13.69 26.93 -76.55
C GLU P 535 15.13 26.79 -76.28
N GLU P 536 15.85 26.83 -77.41
CA GLU P 536 17.30 26.73 -77.39
C GLU P 536 17.93 27.63 -76.31
N CYS P 537 17.23 28.68 -75.98
CA CYS P 537 17.71 29.59 -74.99
C CYS P 537 17.73 28.93 -73.65
N MET P 538 17.15 27.75 -73.59
CA MET P 538 17.03 26.98 -72.34
C MET P 538 18.14 25.95 -72.21
N PHE P 539 18.82 25.71 -73.32
CA PHE P 539 19.91 24.79 -73.41
C PHE P 539 21.22 25.50 -73.05
N PRO P 540 21.71 25.17 -71.90
CA PRO P 540 22.92 25.75 -71.32
C PRO P 540 24.11 25.70 -72.22
N LYS P 541 24.06 24.94 -73.24
CA LYS P 541 25.25 24.75 -74.10
C LYS P 541 24.87 24.76 -75.56
N ALA P 542 23.94 25.66 -75.89
CA ALA P 542 23.50 25.78 -77.28
C ALA P 542 24.30 26.84 -78.00
N THR P 543 24.27 26.78 -79.31
CA THR P 543 25.03 27.73 -80.11
C THR P 543 24.09 28.38 -81.09
N ASP P 544 24.55 29.48 -81.63
CA ASP P 544 23.80 30.17 -82.64
C ASP P 544 23.66 29.11 -83.75
N THR P 545 24.79 28.46 -84.00
CA THR P 545 24.88 27.38 -84.96
C THR P 545 23.92 26.28 -84.64
N SER P 546 23.83 25.95 -83.36
CA SER P 546 22.91 24.93 -82.93
C SER P 546 21.52 25.32 -83.35
N PHE P 547 21.11 26.47 -82.84
CA PHE P 547 19.83 27.08 -83.13
C PHE P 547 19.52 27.04 -84.59
N ASN P 549 20.61 25.12 -87.07
CA ASN P 549 20.26 23.80 -87.55
C ASN P 549 18.85 23.41 -87.16
N LEU P 551 16.50 25.25 -86.73
CA LEU P 551 15.64 26.04 -87.53
C LEU P 551 15.40 25.33 -88.84
N TYR P 552 16.48 24.81 -89.39
CA TYR P 552 16.33 24.20 -90.72
C TYR P 552 15.65 22.87 -90.70
N ASP P 553 16.26 21.94 -89.99
CA ASP P 553 15.78 20.56 -89.89
C ASP P 553 14.27 20.51 -89.82
N GLU P 554 13.72 21.55 -89.20
CA GLU P 554 12.28 21.64 -89.00
C GLU P 554 11.52 22.47 -90.00
N HIS P 555 12.11 23.48 -90.60
CA HIS P 555 11.29 24.27 -91.52
C HIS P 555 11.70 24.13 -92.96
N LEU P 556 12.98 23.89 -93.17
CA LEU P 556 13.46 23.78 -94.51
C LEU P 556 12.91 22.64 -95.32
N GLY P 557 12.48 23.03 -96.50
CA GLY P 557 11.88 22.13 -97.48
C GLY P 557 10.40 21.89 -97.17
N LYS P 558 10.06 22.02 -95.91
CA LYS P 558 8.72 21.78 -95.44
C LYS P 558 7.90 23.05 -95.44
N SER P 559 8.59 24.17 -95.43
CA SER P 559 7.92 25.47 -95.41
C SER P 559 8.34 26.36 -96.54
N ASN P 560 7.34 26.93 -97.17
CA ASN P 560 7.48 27.70 -98.38
C ASN P 560 8.04 29.09 -98.14
N ASN P 561 7.60 29.68 -97.06
CA ASN P 561 8.03 31.03 -96.78
C ASN P 561 9.44 31.02 -96.23
N PHE P 562 9.85 29.81 -95.94
CA PHE P 562 11.18 29.53 -95.40
C PHE P 562 12.13 29.20 -96.53
N GLN P 563 13.29 29.83 -96.48
CA GLN P 563 14.24 29.67 -97.55
C GLN P 563 15.67 29.90 -97.04
N LYS P 564 16.62 29.32 -97.75
CA LYS P 564 18.04 29.50 -97.43
C LYS P 564 18.55 30.64 -98.29
N PRO P 565 19.33 31.52 -97.69
CA PRO P 565 19.72 32.73 -98.30
C PRO P 565 20.50 32.69 -99.50
N LYS P 566 20.18 33.83 -100.08
CA LYS P 566 20.90 34.42 -101.15
C LYS P 566 21.92 35.27 -100.40
N PRO P 567 23.17 34.72 -100.39
CA PRO P 567 24.29 35.37 -99.74
C PRO P 567 24.84 36.65 -100.43
N ALA P 568 24.60 36.84 -101.75
CA ALA P 568 25.24 37.96 -102.52
C ALA P 568 24.23 38.92 -103.15
N LYS P 569 24.74 40.08 -103.41
CA LYS P 569 23.99 41.26 -103.79
C LYS P 569 24.58 42.30 -102.86
N GLY P 570 23.74 43.00 -102.14
CA GLY P 570 24.22 43.99 -101.17
C GLY P 570 24.29 43.40 -99.73
N LYS P 571 23.99 42.10 -99.63
CA LYS P 571 23.94 41.38 -98.31
C LYS P 571 25.35 40.98 -97.83
N ALA P 572 25.45 40.74 -96.50
CA ALA P 572 26.77 40.52 -95.79
C ALA P 572 27.07 39.07 -95.37
N GLU P 573 26.05 38.29 -95.09
CA GLU P 573 26.26 36.84 -94.88
C GLU P 573 25.00 36.03 -95.07
N ALA P 574 25.12 34.75 -94.78
CA ALA P 574 24.01 33.82 -95.00
C ALA P 574 23.36 33.32 -93.67
N HIS P 575 22.00 33.18 -93.65
CA HIS P 575 21.31 32.25 -92.65
C HIS P 575 19.89 31.91 -93.02
N PHE P 576 19.04 32.88 -93.23
CA PHE P 576 17.72 32.49 -93.67
C PHE P 576 16.89 33.67 -94.04
N SER P 577 16.20 33.44 -95.11
CA SER P 577 15.32 34.39 -95.66
C SER P 577 13.91 33.96 -95.41
N LEU P 578 13.10 34.96 -95.33
CA LEU P 578 11.69 34.84 -95.16
C LEU P 578 10.96 35.59 -96.25
N VAL P 579 9.78 35.16 -96.53
CA VAL P 579 8.99 35.79 -97.55
C VAL P 579 7.82 36.60 -97.01
N HIS P 580 8.12 37.83 -96.63
CA HIS P 580 7.15 38.74 -96.07
C HIS P 580 6.35 39.36 -97.20
N TYR P 581 5.21 40.02 -96.86
CA TYR P 581 4.41 40.63 -97.91
C TYR P 581 5.20 41.62 -98.77
N ALA P 582 6.07 42.41 -98.09
CA ALA P 582 6.90 43.42 -98.75
C ALA P 582 8.00 42.84 -99.64
N GLY P 583 8.41 41.64 -99.26
CA GLY P 583 9.43 40.93 -99.98
C GLY P 583 10.21 39.97 -99.13
N THR P 584 11.40 39.58 -99.66
CA THR P 584 12.30 38.63 -99.06
C THR P 584 13.32 39.28 -98.18
N VAL P 585 13.35 38.84 -96.94
CA VAL P 585 14.32 39.41 -96.02
C VAL P 585 15.33 38.35 -95.63
N ASP P 586 16.57 38.73 -95.80
CA ASP P 586 17.70 37.87 -95.49
C ASP P 586 18.16 38.14 -94.08
N TYR P 587 17.95 37.15 -93.21
CA TYR P 587 18.24 37.29 -91.78
C TYR P 587 19.51 36.59 -91.36
N ASN P 588 20.28 37.32 -90.54
CA ASN P 588 21.52 36.86 -89.94
C ASN P 588 21.29 36.59 -88.49
N ILE P 589 21.55 35.37 -88.09
CA ILE P 589 21.34 34.84 -86.75
C ILE P 589 22.55 34.85 -85.88
N SER P 590 23.03 35.99 -85.48
CA SER P 590 24.26 35.87 -84.72
C SER P 590 24.29 36.79 -83.55
N GLY P 591 23.91 36.23 -82.43
CA GLY P 591 23.92 36.97 -81.20
C GLY P 591 22.60 36.80 -80.59
N TRP P 592 21.80 36.19 -81.47
CA TRP P 592 20.41 36.04 -81.12
C TRP P 592 20.21 35.38 -79.80
N LEU P 593 20.87 34.23 -79.70
CA LEU P 593 20.75 33.42 -78.48
C LEU P 593 20.98 34.28 -77.26
N GLU P 594 22.07 35.00 -77.28
CA GLU P 594 22.43 35.91 -76.21
C GLU P 594 21.46 37.03 -75.98
N ASN P 596 18.75 37.36 -76.86
CA ASN P 596 17.49 36.86 -76.39
C ASN P 596 17.53 36.40 -74.91
N ASP P 598 19.21 38.00 -72.35
CA ASP P 598 19.39 39.14 -71.50
C ASP P 598 20.16 38.80 -70.26
N PRO P 599 21.35 38.30 -70.49
CA PRO P 599 22.24 37.94 -69.42
C PRO P 599 22.72 39.14 -68.62
N LEU P 600 22.49 39.07 -67.32
CA LEU P 600 22.84 40.13 -66.39
C LEU P 600 23.50 39.55 -65.12
N ASN P 601 24.61 40.14 -64.66
CA ASN P 601 25.28 39.69 -63.45
C ASN P 601 24.43 39.93 -62.26
N GLU P 602 23.84 38.87 -61.85
CA GLU P 602 22.91 38.84 -60.75
C GLU P 602 23.46 39.27 -59.41
N THR P 603 24.78 39.24 -59.25
CA THR P 603 25.34 39.64 -57.99
C THR P 603 25.14 41.11 -57.81
N VAL P 604 25.48 41.80 -58.87
CA VAL P 604 25.33 43.25 -58.94
C VAL P 604 23.90 43.70 -58.74
N ILE P 605 23.03 43.07 -59.48
CA ILE P 605 21.63 43.37 -59.43
C ILE P 605 21.20 43.28 -58.01
N GLY P 606 21.91 42.40 -57.31
CA GLY P 606 21.62 42.19 -55.90
C GLY P 606 21.78 43.50 -55.20
N LEU P 607 22.96 44.06 -55.40
CA LEU P 607 23.30 45.35 -54.80
C LEU P 607 22.26 46.40 -55.12
N TYR P 608 21.83 46.43 -56.37
CA TYR P 608 20.87 47.44 -56.77
C TYR P 608 19.66 47.25 -55.92
N GLN P 609 19.28 46.02 -55.88
CA GLN P 609 18.08 45.63 -55.15
C GLN P 609 18.06 46.13 -53.71
N SER P 611 19.79 49.10 -52.74
CA SER P 611 20.36 50.42 -52.82
C SER P 611 19.76 51.41 -51.83
N SER P 612 20.47 52.48 -51.62
CA SER P 612 19.99 53.55 -50.74
C SER P 612 19.13 54.49 -51.56
N VAL P 613 19.19 54.28 -52.88
CA VAL P 613 18.48 55.04 -53.86
C VAL P 613 17.27 54.26 -54.32
N THR P 615 14.50 54.41 -55.82
CA THR P 615 14.15 54.31 -57.21
C THR P 615 14.95 53.23 -57.91
N LEU P 616 16.25 53.28 -57.74
CA LEU P 616 17.11 52.26 -58.33
C LEU P 616 16.71 50.97 -57.79
N ALA P 617 16.46 50.96 -56.49
CA ALA P 617 16.03 49.74 -55.88
C ALA P 617 14.76 49.23 -56.53
N LEU P 618 13.85 50.10 -56.74
CA LEU P 618 12.60 49.69 -57.35
C LEU P 618 12.69 49.01 -58.67
N LEU P 619 13.31 49.75 -59.61
CA LEU P 619 13.47 49.30 -60.99
C LEU P 619 13.80 47.83 -61.12
N PHE P 620 14.62 47.25 -59.97
CA PHE P 620 15.09 45.87 -59.98
C PHE P 620 14.19 44.80 -59.37
N ALA P 621 13.24 45.20 -58.60
CA ALA P 621 12.30 44.37 -57.85
C ALA P 621 11.84 43.10 -58.55
N THR P 622 11.34 43.30 -59.75
CA THR P 622 10.77 42.21 -60.58
C THR P 622 11.85 41.16 -60.93
N TYR P 623 13.08 41.54 -61.06
CA TYR P 623 14.14 40.53 -61.15
C TYR P 623 14.30 39.81 -59.82
N GLY P 624 14.34 40.55 -58.72
CA GLY P 624 14.49 39.95 -57.39
C GLY P 624 13.37 38.99 -56.99
N GLY P 625 12.14 39.26 -57.48
CA GLY P 625 11.01 38.40 -57.13
C GLY P 625 10.98 37.10 -57.93
N GLU P 626 11.57 36.92 -59.14
CA GLU P 626 11.55 35.65 -59.90
C GLU P 626 12.76 34.80 -59.54
N ALA P 627 13.79 35.16 -58.84
CA ALA P 627 15.00 34.35 -58.59
C ALA P 627 14.62 33.04 -57.91
N GLU P 628 13.56 33.03 -57.17
CA GLU P 628 13.07 31.86 -56.44
C GLU P 628 12.94 30.66 -57.38
N GLY P 629 12.41 30.96 -58.55
CA GLY P 629 12.07 30.15 -59.67
C GLY P 629 13.17 29.50 -60.52
N GLY P 630 14.34 30.15 -60.45
CA GLY P 630 15.52 29.66 -61.21
C GLY P 630 16.66 29.49 -60.20
N GLY P 631 16.35 28.90 -59.07
CA GLY P 631 17.30 28.70 -58.00
C GLY P 631 18.52 27.92 -58.39
N GLY P 632 18.38 26.80 -59.07
CA GLY P 632 19.54 25.97 -59.45
C GLY P 632 19.88 26.02 -60.95
N LYS P 633 21.08 25.60 -61.26
CA LYS P 633 21.71 25.61 -62.58
C LYS P 633 20.80 24.89 -63.60
N LYS P 634 20.58 25.56 -64.77
CA LYS P 634 19.81 24.90 -65.83
C LYS P 634 18.34 25.33 -65.75
N GLY P 635 17.48 25.02 -66.28
CA GLY P 635 16.08 25.09 -65.91
C GLY P 635 15.42 26.27 -66.58
N GLY P 636 14.42 26.76 -65.89
CA GLY P 636 13.45 27.74 -66.39
C GLY P 636 13.33 28.95 -65.47
N LYS P 637 13.64 30.09 -65.99
CA LYS P 637 13.62 31.36 -65.23
C LYS P 637 12.18 31.71 -64.84
N LYS P 638 11.20 31.26 -65.65
CA LYS P 638 9.79 31.69 -65.55
C LYS P 638 9.19 31.20 -64.24
N LYS P 639 9.63 30.22 -63.61
CA LYS P 639 9.19 29.56 -62.37
C LYS P 639 9.05 30.60 -61.25
N GLY P 640 9.88 31.62 -61.31
CA GLY P 640 9.96 32.72 -60.36
C GLY P 640 9.61 34.05 -60.97
N SER P 641 9.16 34.02 -62.24
CA SER P 641 8.70 35.24 -62.93
C SER P 641 9.85 35.86 -63.73
N SER P 642 10.94 35.23 -63.97
CA SER P 642 12.02 35.79 -64.78
C SER P 642 11.82 35.44 -66.25
N PHE P 643 12.20 36.30 -67.15
CA PHE P 643 12.00 36.08 -68.59
C PHE P 643 12.86 34.91 -69.07
N GLN P 644 12.23 34.18 -69.96
CA GLN P 644 12.91 32.99 -70.48
C GLN P 644 13.43 33.28 -71.90
N THR P 645 12.86 34.26 -72.54
CA THR P 645 13.08 34.66 -73.94
C THR P 645 13.26 36.17 -74.06
N VAL P 646 14.07 36.63 -75.05
CA VAL P 646 14.14 38.05 -75.45
C VAL P 646 12.97 38.48 -76.30
N SER P 647 12.20 37.80 -76.41
CA SER P 647 11.22 37.63 -77.45
C SER P 647 9.93 37.15 -76.85
N ALA P 648 10.03 36.52 -75.68
CA ALA P 648 8.86 36.04 -74.95
C ALA P 648 7.84 37.12 -74.64
N LEU P 649 8.32 38.31 -74.33
CA LEU P 649 7.42 39.44 -74.02
C LEU P 649 6.89 40.10 -75.24
N PHE P 650 7.89 40.56 -76.01
CA PHE P 650 7.71 41.24 -77.26
C PHE P 650 6.42 40.72 -77.88
N ARG P 651 6.31 39.41 -77.90
CA ARG P 651 5.18 38.72 -78.38
C ARG P 651 3.95 39.10 -77.53
N GLU P 652 4.03 38.94 -76.22
CA GLU P 652 2.97 39.20 -75.22
C GLU P 652 2.44 40.62 -75.29
N ASN P 653 3.38 41.51 -75.51
CA ASN P 653 3.10 42.92 -75.64
C ASN P 653 2.44 43.18 -76.99
N LEU P 654 3.04 42.57 -78.00
CA LEU P 654 2.53 42.65 -79.37
C LEU P 654 1.17 42.03 -79.51
N ASN P 655 0.77 41.27 -78.52
CA ASN P 655 -0.53 40.61 -78.58
C ASN P 655 -1.58 41.42 -77.91
N LEU P 657 -1.48 44.32 -77.78
CA LEU P 657 -1.55 45.49 -78.66
C LEU P 657 -2.49 45.25 -79.78
N MET P 658 -2.16 44.23 -80.57
CA MET P 658 -2.98 43.84 -81.73
C MET P 658 -4.40 43.51 -81.30
N ALA P 659 -4.61 43.31 -79.99
CA ALA P 659 -5.93 43.00 -79.44
C ALA P 659 -6.64 44.29 -79.19
N ASN P 660 -5.88 45.26 -78.77
CA ASN P 660 -6.39 46.58 -78.45
C ASN P 660 -6.71 47.25 -79.80
N LEU P 661 -5.95 46.85 -80.80
CA LEU P 661 -6.09 47.39 -82.13
C LEU P 661 -7.41 46.92 -82.77
N ARG P 662 -7.87 45.72 -82.40
CA ARG P 662 -9.08 45.09 -82.89
C ARG P 662 -10.36 45.74 -82.41
N SER P 663 -10.45 45.97 -81.09
CA SER P 663 -11.61 46.64 -80.48
C SER P 663 -11.58 48.11 -80.81
N THR P 664 -11.04 48.37 -82.00
CA THR P 664 -10.81 49.66 -82.53
C THR P 664 -11.24 49.77 -83.96
N HIS P 665 -11.63 50.98 -84.34
CA HIS P 665 -11.91 51.32 -85.73
C HIS P 665 -10.63 51.92 -86.34
N PRO P 666 -9.88 51.13 -87.02
CA PRO P 666 -8.59 51.48 -87.55
C PRO P 666 -8.66 52.65 -88.50
N HIS P 667 -7.74 53.59 -88.27
CA HIS P 667 -7.53 54.77 -89.06
C HIS P 667 -6.03 54.79 -89.37
N PHE P 668 -5.71 54.76 -90.64
CA PHE P 668 -4.36 54.67 -91.16
C PHE P 668 -3.69 55.94 -91.71
N VAL P 669 -2.44 56.12 -91.39
CA VAL P 669 -1.59 57.21 -91.79
C VAL P 669 -0.19 56.73 -92.13
N ARG P 670 0.23 56.93 -93.35
CA ARG P 670 1.52 56.51 -93.90
C ARG P 670 2.39 57.72 -94.17
N CYS P 671 3.51 57.82 -93.42
CA CYS P 671 4.43 58.94 -93.54
C CYS P 671 5.54 58.65 -94.55
N ILE P 672 5.84 59.58 -95.43
CA ILE P 672 6.84 59.39 -96.46
C ILE P 672 8.03 60.35 -96.46
N ILE P 673 9.16 59.86 -96.93
CA ILE P 673 10.42 60.57 -96.98
C ILE P 673 10.93 60.67 -98.41
N PRO P 674 10.87 61.88 -98.90
CA PRO P 674 11.16 62.31 -100.24
C PRO P 674 12.52 62.00 -100.75
N ASN P 675 13.54 62.60 -100.13
CA ASN P 675 14.93 62.38 -100.57
C ASN P 675 15.89 62.34 -99.42
N GLU P 676 16.79 61.38 -99.49
CA GLU P 676 17.82 61.20 -98.46
C GLU P 676 18.58 62.47 -98.22
N THR P 677 18.68 63.27 -99.26
CA THR P 677 19.41 64.52 -99.20
C THR P 677 18.73 65.66 -98.50
N THR P 679 15.81 67.83 -99.04
CA THR P 679 15.53 68.95 -99.92
C THR P 679 14.04 69.07 -100.11
N PRO P 680 13.49 70.22 -99.82
CA PRO P 680 12.06 70.36 -100.00
C PRO P 680 11.75 70.35 -101.49
N GLY P 681 10.50 70.02 -101.82
CA GLY P 681 10.00 69.93 -103.18
C GLY P 681 10.69 68.89 -104.09
N ALA P 682 11.37 67.93 -103.50
CA ALA P 682 12.06 66.92 -104.32
C ALA P 682 11.76 65.47 -103.95
N MET P 683 12.07 64.56 -104.85
CA MET P 683 11.75 63.20 -104.55
C MET P 683 12.59 62.14 -105.23
N GLU P 684 13.30 61.26 -104.53
CA GLU P 684 13.96 60.29 -105.40
C GLU P 684 12.91 59.27 -105.71
N HIS P 685 12.91 58.78 -106.91
CA HIS P 685 11.91 57.82 -107.27
C HIS P 685 11.92 56.54 -106.48
N GLU P 686 12.86 55.73 -106.81
CA GLU P 686 12.96 54.42 -106.21
C GLU P 686 12.93 54.42 -104.71
N LEU P 687 13.28 55.53 -104.15
CA LEU P 687 13.25 55.67 -102.71
C LEU P 687 11.82 55.73 -102.21
N VAL P 688 10.99 56.54 -102.87
CA VAL P 688 9.57 56.63 -102.55
C VAL P 688 8.87 55.31 -102.95
N LEU P 689 9.30 54.75 -104.08
CA LEU P 689 8.74 53.52 -104.57
C LEU P 689 8.81 52.43 -103.52
N HIS P 690 9.96 52.36 -102.91
CA HIS P 690 10.19 51.40 -101.86
C HIS P 690 9.14 51.45 -100.80
N GLN P 691 9.09 52.63 -100.21
CA GLN P 691 8.21 52.87 -99.13
C GLN P 691 6.83 52.44 -99.47
N LEU P 692 6.46 52.77 -100.68
CA LEU P 692 5.13 52.43 -101.12
C LEU P 692 4.76 50.96 -101.03
N ARG P 693 5.77 50.10 -101.25
CA ARG P 693 5.52 48.66 -101.22
C ARG P 693 5.41 48.12 -99.83
N CYS P 694 6.32 48.61 -99.02
CA CYS P 694 6.43 48.25 -97.63
C CYS P 694 5.43 49.01 -96.81
N ASN P 695 4.80 49.98 -97.38
CA ASN P 695 3.86 50.83 -96.68
C ASN P 695 2.56 50.15 -96.44
N GLY P 696 2.10 49.55 -97.54
CA GLY P 696 0.82 48.94 -97.71
C GLY P 696 0.05 49.64 -98.82
N VAL P 697 0.53 50.80 -99.20
CA VAL P 697 -0.09 51.64 -100.20
C VAL P 697 -0.24 50.91 -101.52
N LEU P 698 0.83 50.25 -101.91
CA LEU P 698 0.78 49.52 -103.16
C LEU P 698 -0.05 48.29 -103.06
N GLU P 699 -0.27 47.84 -101.85
CA GLU P 699 -1.07 46.62 -101.70
C GLU P 699 -2.53 47.00 -101.61
N GLY P 700 -2.77 48.22 -101.22
CA GLY P 700 -4.15 48.67 -101.12
C GLY P 700 -4.67 48.98 -102.49
N ILE P 701 -3.74 49.34 -103.40
CA ILE P 701 -4.10 49.67 -104.73
C ILE P 701 -4.42 48.39 -105.45
N ARG P 702 -3.63 47.37 -105.17
CA ARG P 702 -3.80 46.03 -105.74
C ARG P 702 -5.20 45.48 -105.50
N ILE P 703 -5.48 45.38 -104.23
CA ILE P 703 -6.74 44.90 -103.72
C ILE P 703 -7.90 45.73 -104.26
N CYS P 704 -7.58 46.95 -104.62
CA CYS P 704 -8.60 47.84 -105.13
C CYS P 704 -8.93 47.43 -106.54
N ARG P 705 -7.85 47.28 -107.29
CA ARG P 705 -7.89 46.92 -108.68
C ARG P 705 -8.36 45.50 -108.94
N LYS P 706 -8.84 44.84 -107.93
CA LYS P 706 -9.27 43.48 -108.17
C LYS P 706 -10.77 43.47 -108.21
N GLY P 707 -10.76 44.91 -106.66
CA GLY P 707 -12.21 44.87 -106.60
C GLY P 707 -12.76 45.79 -107.70
N PHE P 708 -13.66 46.64 -107.28
CA PHE P 708 -14.23 47.62 -108.14
C PHE P 708 -13.91 49.01 -107.58
N PRO P 709 -12.75 49.53 -107.99
CA PRO P 709 -12.25 50.81 -107.53
C PRO P 709 -13.29 51.94 -107.58
N SER P 710 -13.29 52.64 -108.71
CA SER P 710 -14.22 53.72 -108.98
C SER P 710 -15.67 53.29 -108.87
N ARG P 711 -16.40 54.08 -108.09
CA ARG P 711 -17.82 53.83 -107.86
C ARG P 711 -18.61 55.12 -108.02
N VAL P 712 -19.46 55.13 -109.04
CA VAL P 712 -20.25 56.29 -109.37
C VAL P 712 -21.60 56.29 -108.76
N LEU P 713 -21.91 57.43 -108.21
CA LEU P 713 -23.23 57.69 -107.68
C LEU P 713 -24.08 58.01 -108.91
N TYR P 714 -25.22 57.41 -108.89
CA TYR P 714 -26.22 57.46 -109.96
C TYR P 714 -26.57 58.80 -110.66
N ALA P 715 -26.90 59.84 -109.94
CA ALA P 715 -27.17 61.14 -110.56
C ALA P 715 -25.94 61.73 -111.18
N ASP P 716 -24.86 61.57 -110.37
CA ASP P 716 -23.51 61.97 -110.73
C ASP P 716 -23.11 61.20 -111.98
N PHE P 717 -23.90 60.12 -112.21
CA PHE P 717 -23.68 59.26 -113.36
C PHE P 717 -24.50 59.66 -114.55
N LYS P 718 -25.69 60.13 -114.24
CA LYS P 718 -26.63 60.56 -115.27
C LYS P 718 -26.06 61.74 -116.02
N GLN P 719 -26.11 62.88 -115.31
CA GLN P 719 -25.61 64.14 -115.78
C GLN P 719 -24.40 64.09 -116.71
N ARG P 720 -23.32 63.54 -116.17
CA ARG P 720 -22.05 63.45 -116.90
C ARG P 720 -22.02 62.62 -118.16
N TYR P 721 -22.92 61.61 -118.21
CA TYR P 721 -22.86 60.69 -119.34
C TYR P 721 -24.10 60.51 -120.19
N ARG P 722 -25.21 61.13 -119.78
CA ARG P 722 -26.49 61.05 -120.52
C ARG P 722 -26.27 61.12 -122.04
N VAL P 723 -25.46 62.12 -122.40
CA VAL P 723 -25.01 62.46 -123.72
C VAL P 723 -24.48 61.31 -124.59
N LEU P 724 -24.17 60.19 -123.98
CA LEU P 724 -23.53 59.09 -124.73
C LEU P 724 -24.51 58.32 -125.65
N ASN P 725 -25.75 58.20 -125.23
CA ASN P 725 -26.82 57.55 -126.03
C ASN P 725 -28.06 58.28 -125.66
N ALA P 726 -27.64 59.51 -125.60
CA ALA P 726 -28.36 60.70 -125.20
C ALA P 726 -29.82 60.46 -124.96
N SER P 727 -30.49 59.97 -125.97
CA SER P 727 -31.94 59.71 -125.92
C SER P 727 -32.30 58.68 -124.84
N ALA P 728 -31.64 57.55 -124.94
CA ALA P 728 -31.91 56.34 -124.12
C ALA P 728 -31.24 56.36 -122.75
N ILE P 729 -30.18 57.12 -122.61
CA ILE P 729 -29.51 57.25 -121.30
C ILE P 729 -30.21 58.36 -120.51
N PRO P 730 -30.66 59.43 -121.18
CA PRO P 730 -31.34 60.52 -120.51
C PRO P 730 -32.66 60.04 -119.96
N GLU P 731 -33.36 59.30 -120.78
CA GLU P 731 -34.68 58.75 -120.40
C GLU P 731 -34.53 57.87 -119.15
N GLY P 732 -33.50 57.05 -119.17
CA GLY P 732 -33.20 56.13 -118.06
C GLY P 732 -32.93 56.89 -116.76
N GLN P 733 -32.08 57.91 -116.86
CA GLN P 733 -31.65 58.70 -115.69
C GLN P 733 -32.79 59.52 -115.09
N PHE P 734 -33.63 60.03 -115.97
CA PHE P 734 -34.74 60.88 -115.55
C PHE P 734 -35.90 60.04 -115.00
N MET P 735 -36.11 58.93 -115.66
CA MET P 735 -37.24 58.01 -115.40
C MET P 735 -37.07 57.23 -114.10
N ASP P 736 -35.84 56.92 -113.79
CA ASP P 736 -35.50 56.39 -112.49
C ASP P 736 -34.07 56.68 -112.18
N SER P 737 -33.90 57.58 -111.22
CA SER P 737 -32.57 58.11 -110.85
C SER P 737 -31.50 57.04 -110.92
N LYS P 738 -31.90 55.86 -110.55
CA LYS P 738 -31.03 54.68 -110.58
C LYS P 738 -31.29 53.88 -111.85
N LYS P 739 -32.53 53.44 -112.00
CA LYS P 739 -32.95 52.60 -113.16
C LYS P 739 -32.40 53.20 -114.47
N ALA P 740 -32.22 54.50 -114.44
CA ALA P 740 -31.72 55.26 -115.59
C ALA P 740 -30.34 54.76 -116.00
N SER P 741 -29.35 55.01 -115.10
CA SER P 741 -27.97 54.61 -115.31
C SER P 741 -27.94 53.19 -115.80
N GLU P 742 -28.93 52.44 -115.28
CA GLU P 742 -29.05 51.06 -115.67
C GLU P 742 -29.27 51.03 -117.15
N LYS P 743 -30.46 51.55 -117.45
CA LYS P 743 -30.91 51.65 -118.81
C LYS P 743 -29.83 52.23 -119.71
N LEU P 744 -29.15 53.30 -119.25
CA LEU P 744 -28.14 53.90 -120.10
C LEU P 744 -27.10 52.98 -120.63
N LEU P 745 -26.49 52.25 -119.71
CA LEU P 745 -25.43 51.37 -120.12
C LEU P 745 -25.84 50.40 -121.20
N GLY P 746 -27.13 50.42 -121.52
CA GLY P 746 -27.71 49.62 -122.57
C GLY P 746 -26.84 49.77 -123.80
N GLY P 747 -26.51 51.03 -124.17
CA GLY P 747 -25.66 51.26 -125.33
C GLY P 747 -24.13 51.29 -125.05
N GLY P 748 -23.36 51.32 -126.13
CA GLY P 748 -21.92 51.40 -126.08
C GLY P 748 -21.25 50.07 -126.43
N ASP P 749 -20.12 50.10 -127.11
CA ASP P 749 -19.46 48.87 -127.42
C ASP P 749 -18.47 48.48 -126.27
N VAL P 750 -18.97 48.68 -125.02
CA VAL P 750 -18.34 48.49 -123.69
C VAL P 750 -18.52 47.13 -122.97
N ASP P 751 -17.53 46.68 -122.17
CA ASP P 751 -17.62 45.42 -121.41
C ASP P 751 -18.68 45.48 -120.32
N HIS P 752 -19.78 44.78 -120.57
CA HIS P 752 -20.92 44.82 -119.67
C HIS P 752 -20.70 44.01 -118.37
N THR P 753 -19.45 43.61 -118.22
CA THR P 753 -18.87 42.84 -117.14
C THR P 753 -18.30 43.77 -116.06
N GLN P 754 -17.26 44.47 -116.51
CA GLN P 754 -16.50 45.46 -115.80
C GLN P 754 -17.27 46.33 -114.83
N TYR P 755 -18.58 46.31 -114.83
CA TYR P 755 -19.30 47.14 -113.89
C TYR P 755 -20.24 46.31 -113.05
N ALA P 756 -20.90 47.00 -112.11
CA ALA P 756 -21.83 46.28 -111.29
C ALA P 756 -22.60 47.31 -110.53
N PHE P 757 -23.88 47.06 -110.51
CA PHE P 757 -24.78 48.02 -109.89
C PHE P 757 -25.19 47.57 -108.54
N GLY P 758 -25.69 48.55 -107.79
CA GLY P 758 -26.19 48.30 -106.47
C GLY P 758 -26.92 49.51 -105.98
N HIS P 759 -27.71 49.28 -104.95
CA HIS P 759 -28.57 50.27 -104.29
C HIS P 759 -28.20 51.74 -104.30
N THR P 760 -26.93 52.11 -104.28
CA THR P 760 -26.68 53.53 -104.31
C THR P 760 -25.71 53.93 -105.40
N VAL P 762 -22.96 52.44 -108.90
CA VAL P 762 -22.42 51.44 -109.79
C VAL P 762 -21.01 51.24 -109.41
N PHE P 763 -20.57 50.05 -109.67
CA PHE P 763 -19.23 49.74 -109.43
C PHE P 763 -18.62 49.53 -110.75
N PHE P 764 -17.37 49.99 -110.83
CA PHE P 764 -16.63 49.94 -112.08
C PHE P 764 -15.18 49.55 -111.91
N ALA P 766 -11.14 49.44 -113.51
CA ALA P 766 -10.25 50.47 -113.98
C ALA P 766 -10.42 50.79 -115.45
N GLY P 767 -10.01 50.05 -116.50
CA GLY P 767 -9.87 50.83 -117.73
C GLY P 767 -11.17 51.30 -118.29
N LEU P 768 -12.19 51.30 -117.46
CA LEU P 768 -13.46 51.71 -117.94
C LEU P 768 -13.66 53.16 -117.70
N LEU P 769 -13.55 53.45 -116.41
CA LEU P 769 -13.60 54.79 -115.94
C LEU P 769 -12.58 55.55 -116.79
N GLY P 770 -11.54 54.85 -117.17
CA GLY P 770 -10.56 55.40 -118.03
C GLY P 770 -11.20 55.71 -119.35
N LEU P 771 -12.04 54.81 -119.79
CA LEU P 771 -12.72 55.04 -121.06
C LEU P 771 -13.64 56.21 -120.97
N LEU P 772 -14.42 56.24 -119.90
CA LEU P 772 -15.32 57.35 -119.66
C LEU P 772 -14.68 58.72 -119.87
N GLU P 773 -13.74 59.01 -119.02
CA GLU P 773 -12.97 60.21 -119.04
C GLU P 773 -12.58 60.67 -120.43
N GLU P 774 -12.05 59.68 -121.19
CA GLU P 774 -11.59 59.98 -122.52
C GLU P 774 -12.66 60.65 -123.34
N MET P 775 -13.83 60.04 -123.33
CA MET P 775 -14.97 60.56 -124.01
C MET P 775 -15.20 61.96 -123.50
N ARG P 776 -15.11 62.04 -122.22
CA ARG P 776 -15.30 63.27 -121.57
C ARG P 776 -14.32 64.27 -122.06
N ASP P 777 -13.07 63.86 -122.12
CA ASP P 777 -11.99 64.71 -122.58
C ASP P 777 -12.36 65.35 -123.89
N ASP P 778 -12.76 64.55 -124.87
CA ASP P 778 -13.17 65.11 -126.14
C ASP P 778 -14.29 66.11 -125.92
N LEU P 780 -14.84 68.22 -123.86
CA LEU P 780 -14.56 69.54 -123.34
C LEU P 780 -13.84 70.37 -124.33
N ALA P 781 -13.10 69.69 -125.23
CA ALA P 781 -12.40 70.37 -126.29
C ALA P 781 -13.51 71.16 -126.95
N GLU P 782 -14.60 70.43 -127.22
CA GLU P 782 -15.82 70.99 -127.79
C GLU P 782 -16.15 72.20 -126.90
N ILE P 783 -15.79 72.91 -125.59
CA ILE P 783 -16.93 72.83 -124.71
C ILE P 783 -17.99 73.86 -124.92
N ILE P 784 -17.44 75.01 -123.79
CA ILE P 784 -18.21 76.19 -124.08
C ILE P 784 -18.42 76.41 -125.55
N THR P 785 -17.30 76.61 -126.24
CA THR P 785 -17.24 76.85 -127.67
C THR P 785 -18.28 76.00 -128.42
N ALA P 786 -18.38 74.75 -128.03
CA ALA P 786 -19.34 73.84 -128.57
C ALA P 786 -20.74 74.20 -128.13
N THR P 787 -20.86 74.63 -126.88
CA THR P 787 -22.21 74.96 -126.41
C THR P 787 -22.65 76.31 -126.96
N GLN P 788 -21.68 77.08 -127.36
CA GLN P 788 -22.04 78.36 -127.89
C GLN P 788 -22.73 78.13 -129.21
N ALA P 789 -21.92 77.57 -130.14
CA ALA P 789 -22.32 77.21 -131.48
C ALA P 789 -23.82 76.86 -131.66
N ARG P 790 -24.24 75.77 -131.05
CA ARG P 790 -25.60 75.25 -131.12
C ARG P 790 -26.56 76.39 -130.89
N CYS P 791 -26.28 77.08 -129.79
CA CYS P 791 -27.04 78.25 -129.44
C CYS P 791 -27.13 79.19 -130.65
N ARG P 792 -25.95 79.66 -131.09
CA ARG P 792 -25.79 80.56 -132.21
C ARG P 792 -26.65 80.01 -133.33
N GLY P 793 -26.36 78.76 -133.65
CA GLY P 793 -27.04 78.02 -134.69
C GLY P 793 -28.49 78.25 -134.43
N PHE P 794 -28.94 77.58 -133.40
CA PHE P 794 -30.31 77.65 -132.95
C PHE P 794 -30.87 79.03 -132.93
N LEU P 795 -30.02 79.97 -132.62
CA LEU P 795 -30.56 81.29 -132.55
C LEU P 795 -31.11 81.79 -133.85
N MET P 796 -30.32 81.54 -134.87
CA MET P 796 -30.75 81.98 -136.18
C MET P 796 -31.84 81.08 -136.72
N ARG P 797 -31.85 79.84 -136.26
CA ARG P 797 -32.84 78.88 -136.73
C ARG P 797 -34.24 79.39 -136.42
N VAL P 798 -34.37 80.31 -135.45
CA VAL P 798 -35.70 80.80 -135.05
C VAL P 798 -36.01 82.03 -135.86
N GLU P 799 -34.93 82.60 -136.35
CA GLU P 799 -35.06 83.79 -137.17
C GLU P 799 -35.64 83.42 -138.51
N TYR P 800 -35.19 82.28 -139.04
CA TYR P 800 -35.77 81.86 -140.25
C TYR P 800 -37.31 81.67 -140.08
N ARG P 801 -37.77 81.03 -139.00
CA ARG P 801 -39.22 80.75 -138.69
C ARG P 801 -40.08 82.01 -138.57
N ALA P 802 -39.40 83.09 -138.31
CA ALA P 802 -40.03 84.38 -138.18
C ALA P 802 -40.03 85.06 -139.54
N MET P 803 -38.86 85.12 -140.16
CA MET P 803 -38.69 85.70 -141.50
C MET P 803 -39.76 85.22 -142.43
N VAL P 804 -39.32 83.67 -141.22
CA VAL P 804 -40.33 82.89 -141.88
C VAL P 804 -41.77 83.23 -141.43
N GLU P 805 -42.00 83.27 -140.13
CA GLU P 805 -43.30 83.62 -139.57
C GLU P 805 -43.77 84.93 -140.18
N ARG P 806 -42.90 85.88 -139.99
CA ARG P 806 -42.98 87.24 -140.46
C ARG P 806 -43.36 87.39 -141.92
N ARG P 807 -42.91 86.39 -142.70
CA ARG P 807 -43.08 86.30 -144.13
C ARG P 807 -44.27 87.04 -144.67
N GLU P 808 -45.43 86.62 -144.21
CA GLU P 808 -46.61 87.25 -144.70
C GLU P 808 -47.04 88.52 -144.03
N SER P 809 -46.95 88.57 -142.71
CA SER P 809 -47.38 89.74 -141.99
C SER P 809 -46.79 90.99 -142.56
N ILE P 810 -45.65 90.82 -143.23
CA ILE P 810 -45.02 91.95 -143.87
C ILE P 810 -45.86 92.36 -145.06
N PHE P 811 -45.95 91.42 -146.01
CA PHE P 811 -46.69 91.54 -147.24
C PHE P 811 -47.95 92.29 -147.00
N CYS P 812 -48.65 91.77 -146.01
CA CYS P 812 -49.90 92.36 -145.59
C CYS P 812 -49.64 93.80 -145.35
N ILE P 813 -48.63 94.02 -144.57
CA ILE P 813 -48.29 95.39 -144.31
C ILE P 813 -47.86 96.03 -145.60
N GLN P 814 -46.99 95.34 -146.33
CA GLN P 814 -46.44 95.85 -147.58
C GLN P 814 -47.49 96.42 -148.52
N TYR P 815 -48.23 95.52 -149.13
CA TYR P 815 -49.28 95.89 -150.06
C TYR P 815 -50.23 96.93 -149.50
N ASN P 816 -50.72 96.63 -148.31
CA ASN P 816 -51.71 97.46 -147.61
C ASN P 816 -51.51 98.93 -147.60
N VAL P 817 -50.25 99.33 -147.49
CA VAL P 817 -49.83 100.73 -147.46
C VAL P 817 -49.95 101.34 -148.85
N ARG P 818 -49.31 100.63 -149.76
CA ARG P 818 -49.31 100.99 -151.17
C ARG P 818 -50.68 101.42 -151.66
N SER P 819 -51.73 100.62 -151.30
CA SER P 819 -53.10 100.90 -151.64
C SER P 819 -53.33 102.36 -151.41
N PHE P 820 -53.38 102.64 -150.14
CA PHE P 820 -53.61 103.92 -149.60
C PHE P 820 -52.93 105.06 -150.30
N MET P 821 -51.67 104.88 -150.59
CA MET P 821 -50.92 105.91 -151.28
C MET P 821 -51.50 106.26 -152.64
N ASN P 822 -52.22 105.32 -153.17
CA ASN P 822 -52.80 105.46 -154.47
C ASN P 822 -54.19 106.00 -154.42
N VAL P 823 -54.87 105.44 -153.46
CA VAL P 823 -56.23 105.72 -153.23
C VAL P 823 -56.52 107.08 -152.66
N HIS P 825 -55.73 109.75 -153.03
CA HIS P 825 -55.83 110.90 -153.93
C HIS P 825 -57.07 110.82 -154.85
N TRP P 826 -57.79 109.67 -154.83
CA TRP P 826 -59.01 109.31 -155.62
C TRP P 826 -60.37 109.87 -155.11
N PRO P 827 -61.00 110.71 -155.91
CA PRO P 827 -62.28 111.35 -155.64
C PRO P 827 -63.21 110.49 -154.85
N TRP P 828 -63.47 109.35 -155.45
CA TRP P 828 -64.36 108.35 -154.93
C TRP P 828 -63.95 107.93 -153.58
N MET P 829 -62.65 107.88 -153.38
CA MET P 829 -62.24 107.44 -152.07
C MET P 829 -62.35 108.55 -151.03
N LEU P 831 -64.52 110.77 -151.12
CA LEU P 831 -65.97 110.84 -150.93
C LEU P 831 -66.39 109.86 -149.85
N PHE P 832 -66.04 108.61 -150.09
CA PHE P 832 -66.34 107.51 -149.14
C PHE P 832 -65.91 107.91 -147.75
N PHE P 833 -64.80 108.63 -147.75
CA PHE P 833 -64.20 109.08 -146.54
C PHE P 833 -65.06 110.09 -145.81
N ILE P 835 -67.98 110.62 -146.23
CA ILE P 835 -69.25 109.94 -146.03
C ILE P 835 -69.27 108.78 -145.05
N PRO P 837 -68.65 108.33 -142.29
CA PRO P 837 -69.13 108.52 -140.93
C PRO P 837 -70.61 108.51 -140.75
N LEU P 838 -71.33 109.23 -141.63
CA LEU P 838 -72.78 109.29 -141.55
C LEU P 838 -73.44 107.91 -141.43
N LEU P 839 -72.65 106.89 -141.73
CA LEU P 839 -73.14 105.56 -141.73
C LEU P 839 -73.24 105.00 -140.36
N LYS P 840 -73.84 103.83 -140.35
CA LYS P 840 -74.02 103.10 -139.12
C LYS P 840 -73.89 101.60 -139.39
N PHE Q 1 -61.48 90.64 -149.88
CA PHE Q 1 -62.72 91.36 -149.53
C PHE Q 1 -63.59 90.57 -148.58
N ASP Q 2 -63.70 91.07 -147.35
CA ASP Q 2 -64.61 90.44 -146.39
C ASP Q 2 -66.03 90.94 -146.68
N GLU Q 3 -67.02 90.19 -146.26
CA GLU Q 3 -68.41 90.48 -146.66
C GLU Q 3 -68.99 91.77 -146.08
N THR Q 4 -68.46 92.24 -144.96
CA THR Q 4 -68.98 93.49 -144.38
C THR Q 4 -68.39 94.71 -145.09
N GLU Q 5 -67.23 94.51 -145.69
CA GLU Q 5 -66.57 95.53 -146.50
C GLU Q 5 -67.26 95.66 -147.86
N ILE Q 6 -67.80 94.54 -148.33
CA ILE Q 6 -68.57 94.53 -149.57
C ILE Q 6 -69.97 95.10 -149.36
N GLU Q 7 -70.47 94.98 -148.15
CA GLU Q 7 -71.75 95.59 -147.80
C GLU Q 7 -71.61 97.09 -147.55
N ASP Q 8 -70.41 97.52 -147.19
CA ASP Q 8 -70.13 98.95 -147.05
C ASP Q 8 -70.01 99.61 -148.42
N PHE Q 9 -69.49 98.85 -149.38
CA PHE Q 9 -69.41 99.37 -150.75
C PHE Q 9 -70.76 99.31 -151.47
N LYS Q 10 -71.65 98.44 -151.00
CA LYS Q 10 -73.01 98.38 -151.52
C LYS Q 10 -73.85 99.54 -150.98
N GLU Q 11 -73.55 99.96 -149.77
CA GLU Q 11 -74.24 101.11 -149.17
C GLU Q 11 -73.74 102.41 -149.76
N ALA Q 12 -72.47 102.46 -150.09
CA ALA Q 12 -71.91 103.65 -150.74
C ALA Q 12 -72.36 103.74 -152.20
N PHE Q 13 -72.60 102.59 -152.81
CA PHE Q 13 -73.12 102.54 -154.17
C PHE Q 13 -74.56 102.99 -154.23
N THR Q 14 -75.31 102.74 -153.17
CA THR Q 14 -76.71 103.16 -153.12
C THR Q 14 -76.86 104.64 -152.78
N VAL Q 15 -75.88 105.20 -152.08
CA VAL Q 15 -75.92 106.62 -151.74
C VAL Q 15 -75.44 107.50 -152.91
N ILE Q 16 -74.65 106.92 -153.81
CA ILE Q 16 -74.24 107.66 -155.00
C ILE Q 16 -75.21 107.40 -156.16
N ASP Q 17 -75.89 106.26 -156.12
CA ASP Q 17 -76.90 105.98 -157.14
C ASP Q 17 -78.27 106.38 -156.65
N GLN Q 18 -78.55 107.67 -156.79
CA GLN Q 18 -79.78 108.28 -156.28
C GLN Q 18 -81.00 108.05 -157.16
N ASN Q 19 -80.81 107.46 -158.34
CA ASN Q 19 -81.95 107.02 -159.15
C ASN Q 19 -82.42 105.60 -158.79
N ALA Q 20 -81.64 104.93 -157.94
CA ALA Q 20 -81.88 103.54 -157.53
C ALA Q 20 -82.22 102.57 -158.66
N ASP Q 21 -81.48 102.61 -159.77
CA ASP Q 21 -81.72 101.62 -160.83
C ASP Q 21 -80.57 100.61 -160.94
N GLY Q 22 -79.50 100.87 -160.23
CA GLY Q 22 -78.39 99.90 -160.18
C GLY Q 22 -77.18 100.32 -161.01
N ILE Q 23 -77.28 101.46 -161.70
CA ILE Q 23 -76.15 101.97 -162.49
C ILE Q 23 -75.90 103.46 -162.20
N ILE Q 24 -74.73 103.73 -161.63
CA ILE Q 24 -74.34 105.11 -161.36
C ILE Q 24 -73.89 105.82 -162.64
N ASP Q 25 -74.75 106.72 -163.09
CA ASP Q 25 -74.41 107.58 -164.23
C ASP Q 25 -73.81 108.90 -163.74
N LYS Q 26 -73.50 109.78 -164.69
CA LYS Q 26 -72.84 111.06 -164.39
C LYS Q 26 -73.73 112.05 -163.62
N ASP Q 27 -75.03 111.87 -163.74
CA ASP Q 27 -75.99 112.72 -163.03
C ASP Q 27 -76.05 112.33 -161.56
N ASP Q 28 -75.84 111.04 -161.29
CA ASP Q 28 -75.80 110.56 -159.90
C ASP Q 28 -74.54 111.05 -159.19
N LEU Q 29 -73.44 111.08 -159.93
CA LEU Q 29 -72.18 111.57 -159.37
C LEU Q 29 -72.28 113.05 -159.02
N ARG Q 30 -72.90 113.81 -159.92
CA ARG Q 30 -73.03 115.26 -159.71
C ARG Q 30 -74.05 115.61 -158.62
N GLU Q 31 -75.10 114.81 -158.48
CA GLU Q 31 -76.12 115.08 -157.48
C GLU Q 31 -75.73 114.56 -156.10
N THR Q 32 -74.78 113.63 -156.06
CA THR Q 32 -74.26 113.20 -154.77
C THR Q 32 -73.22 114.19 -154.27
N PHE Q 33 -72.49 114.77 -155.21
CA PHE Q 33 -71.49 115.79 -154.85
C PHE Q 33 -72.17 117.10 -154.46
N ALA Q 34 -73.28 117.42 -155.11
CA ALA Q 34 -74.03 118.62 -154.75
C ALA Q 34 -74.74 118.48 -153.40
N ALA Q 35 -75.09 117.25 -153.03
CA ALA Q 35 -75.69 117.00 -151.71
C ALA Q 35 -74.66 116.92 -150.58
N MET Q 36 -73.39 116.83 -150.95
CA MET Q 36 -72.31 116.91 -149.96
C MET Q 36 -71.75 118.33 -149.85
N GLY Q 37 -72.16 119.22 -150.74
CA GLY Q 37 -71.75 120.63 -150.66
C GLY Q 37 -70.98 121.11 -151.89
N ARG Q 38 -70.78 120.23 -152.86
CA ARG Q 38 -70.04 120.61 -154.05
C ARG Q 38 -70.95 121.20 -155.12
N LEU Q 39 -71.05 122.52 -155.09
CA LEU Q 39 -71.89 123.24 -156.06
C LEU Q 39 -71.11 123.53 -157.34
N ASN Q 40 -69.79 123.50 -157.22
CA ASN Q 40 -68.91 123.78 -158.36
C ASN Q 40 -68.26 122.54 -158.98
N VAL Q 41 -68.83 121.36 -158.77
CA VAL Q 41 -68.23 120.14 -159.33
C VAL Q 41 -68.27 120.13 -160.86
N LYS Q 42 -67.08 120.19 -161.46
CA LYS Q 42 -66.98 120.22 -162.92
C LYS Q 42 -67.32 118.88 -163.56
N ASN Q 43 -67.74 118.98 -164.81
CA ASN Q 43 -68.16 117.82 -165.60
C ASN Q 43 -66.99 116.95 -166.03
N GLU Q 44 -65.81 117.56 -165.98
CA GLU Q 44 -64.56 116.87 -166.32
C GLU Q 44 -64.11 115.95 -165.19
N GLU Q 45 -64.60 116.20 -163.97
CA GLU Q 45 -64.26 115.32 -162.85
C GLU Q 45 -65.13 114.09 -162.91
N LEU Q 46 -66.35 114.29 -163.37
CA LEU Q 46 -67.33 113.21 -163.50
C LEU Q 46 -66.97 112.32 -164.68
N ASP Q 47 -66.41 112.94 -165.71
CA ASP Q 47 -65.95 112.22 -166.89
C ASP Q 47 -64.67 111.45 -166.62
N ALA Q 48 -63.86 111.90 -165.68
CA ALA Q 48 -62.63 111.18 -165.33
C ALA Q 48 -62.91 109.98 -164.43
N MET Q 49 -64.01 110.03 -163.72
CA MET Q 49 -64.42 108.89 -162.90
C MET Q 49 -65.04 107.81 -163.78
N ILE Q 50 -65.77 108.25 -164.80
CA ILE Q 50 -66.38 107.30 -165.74
C ILE Q 50 -65.37 106.74 -166.75
N LYS Q 51 -64.27 107.44 -166.91
CA LYS Q 51 -63.17 107.02 -167.80
C LYS Q 51 -62.27 105.96 -167.15
N GLU Q 52 -62.52 105.66 -165.89
CA GLU Q 52 -61.81 104.57 -165.21
C GLU Q 52 -62.52 103.23 -165.41
N ALA Q 53 -63.73 103.28 -165.95
CA ALA Q 53 -64.47 102.05 -166.24
C ALA Q 53 -64.59 101.84 -167.75
N SER Q 54 -64.78 100.58 -168.12
CA SER Q 54 -64.99 100.25 -169.53
C SER Q 54 -66.48 100.18 -169.87
N GLY Q 55 -67.31 100.17 -168.85
CA GLY Q 55 -68.76 100.16 -169.04
C GLY Q 55 -69.46 100.96 -167.94
N PRO Q 56 -70.77 100.86 -167.91
CA PRO Q 56 -71.59 101.54 -166.90
C PRO Q 56 -71.27 101.05 -165.50
N ILE Q 57 -71.36 101.96 -164.53
CA ILE Q 57 -70.99 101.64 -163.15
C ILE Q 57 -72.13 100.94 -162.39
N ASN Q 58 -72.26 99.64 -162.63
CA ASN Q 58 -73.16 98.84 -161.82
C ASN Q 58 -72.38 98.34 -160.62
N PHE Q 59 -73.02 97.53 -159.78
CA PHE Q 59 -72.36 97.12 -158.53
C PHE Q 59 -71.12 96.26 -158.73
N THR Q 60 -71.08 95.44 -159.78
CA THR Q 60 -69.91 94.58 -159.97
C THR Q 60 -68.79 95.32 -160.71
N VAL Q 61 -69.14 96.37 -161.43
CA VAL Q 61 -68.11 97.17 -162.08
C VAL Q 61 -67.48 98.14 -161.09
N PHE Q 62 -68.24 98.50 -160.08
CA PHE Q 62 -67.72 99.37 -159.03
C PHE Q 62 -66.85 98.57 -158.05
N LEU Q 63 -67.22 97.31 -157.87
CA LEU Q 63 -66.42 96.41 -157.02
C LEU Q 63 -65.12 96.00 -157.67
N THR Q 64 -65.14 95.79 -158.99
CA THR Q 64 -63.89 95.42 -159.66
C THR Q 64 -62.95 96.60 -159.84
N MET Q 65 -63.49 97.81 -159.92
CA MET Q 65 -62.65 98.98 -160.04
C MET Q 65 -61.98 99.30 -158.69
N PHE Q 66 -62.74 99.12 -157.62
CA PHE Q 66 -62.17 99.32 -156.28
C PHE Q 66 -61.24 98.19 -155.87
N GLY Q 67 -61.47 96.99 -156.37
CA GLY Q 67 -60.58 95.86 -156.14
C GLY Q 67 -59.21 96.07 -156.77
N GLU Q 68 -59.22 96.57 -158.00
CA GLU Q 68 -57.98 96.79 -158.75
C GLU Q 68 -57.19 98.02 -158.27
N LYS Q 69 -57.80 98.89 -157.49
CA LYS Q 69 -57.04 100.00 -156.91
C LYS Q 69 -56.63 99.70 -155.48
N LEU Q 70 -57.36 98.80 -154.84
CA LEU Q 70 -57.09 98.44 -153.44
C LEU Q 70 -56.58 97.01 -153.31
N LYS Q 71 -55.55 96.70 -154.07
CA LYS Q 71 -54.98 95.33 -154.06
C LYS Q 71 -54.09 95.04 -152.86
N GLY Q 72 -53.90 96.02 -151.98
CA GLY Q 72 -53.18 95.82 -150.73
C GLY Q 72 -53.92 96.47 -149.57
N ALA Q 73 -55.23 96.64 -149.73
CA ALA Q 73 -56.05 97.26 -148.69
C ALA Q 73 -56.22 96.31 -147.51
N ASP Q 74 -55.95 96.81 -146.33
CA ASP Q 74 -56.03 95.97 -145.14
C ASP Q 74 -56.96 96.60 -144.08
N PRO Q 75 -57.88 95.80 -143.58
CA PRO Q 75 -58.78 96.24 -142.52
C PRO Q 75 -58.03 96.61 -141.25
N GLU Q 76 -58.65 97.44 -140.43
CA GLU Q 76 -58.00 97.98 -139.23
C GLU Q 76 -57.62 96.91 -138.20
N ASP Q 77 -58.35 95.82 -138.14
CA ASP Q 77 -58.06 94.77 -137.17
C ASP Q 77 -56.85 93.93 -137.56
N VAL Q 78 -56.51 93.90 -138.84
CA VAL Q 78 -55.36 93.11 -139.26
C VAL Q 78 -54.10 93.99 -139.26
N ILE Q 79 -54.31 95.29 -139.35
CA ILE Q 79 -53.19 96.23 -139.23
C ILE Q 79 -52.79 96.36 -137.76
N MET Q 80 -53.77 96.30 -136.88
CA MET Q 80 -53.49 96.32 -135.44
C MET Q 80 -52.98 94.97 -134.94
N GLY Q 81 -53.33 93.91 -135.66
CA GLY Q 81 -52.74 92.58 -135.41
C GLY Q 81 -51.24 92.61 -135.65
N ALA Q 82 -50.84 93.13 -136.80
CA ALA Q 82 -49.42 93.23 -137.14
C ALA Q 82 -48.65 94.22 -136.25
N PHE Q 83 -49.32 95.27 -135.80
CA PHE Q 83 -48.66 96.22 -134.89
C PHE Q 83 -48.62 95.73 -133.45
N LYS Q 84 -49.40 94.74 -133.11
CA LYS Q 84 -49.35 94.11 -131.79
C LYS Q 84 -48.28 93.04 -131.77
N VAL Q 85 -47.93 92.55 -132.95
CA VAL Q 85 -46.81 91.62 -133.08
C VAL Q 85 -45.49 92.38 -133.14
N LEU Q 86 -45.55 93.63 -133.55
CA LEU Q 86 -44.36 94.50 -133.53
C LEU Q 86 -44.15 95.10 -132.14
N ASP Q 87 -45.24 95.24 -131.41
CA ASP Q 87 -45.13 95.61 -129.99
C ASP Q 87 -45.78 94.50 -129.14
N PRO Q 88 -45.04 93.42 -128.90
CA PRO Q 88 -45.63 92.19 -128.36
C PRO Q 88 -45.90 92.24 -126.85
N ASP Q 89 -45.42 93.29 -126.21
CA ASP Q 89 -45.65 93.52 -124.78
C ASP Q 89 -46.90 94.38 -124.55
N GLY Q 90 -47.48 94.89 -125.62
CA GLY Q 90 -48.74 95.63 -125.51
C GLY Q 90 -48.55 97.08 -125.06
N LYS Q 91 -49.55 97.88 -125.40
CA LYS Q 91 -49.73 99.29 -124.99
C LYS Q 91 -48.82 100.32 -125.67
N GLY Q 92 -47.52 100.07 -125.67
CA GLY Q 92 -46.55 101.06 -126.17
C GLY Q 92 -46.51 101.19 -127.67
N SER Q 93 -46.44 102.44 -128.11
CA SER Q 93 -46.17 102.72 -129.52
C SER Q 93 -44.67 102.51 -129.76
N ILE Q 94 -44.37 101.88 -130.89
CA ILE Q 94 -43.00 101.45 -131.16
C ILE Q 94 -42.16 102.59 -131.75
N LYS Q 95 -40.86 102.53 -131.49
CA LYS Q 95 -39.91 103.58 -131.88
C LYS Q 95 -39.83 103.85 -133.39
N LYS Q 96 -39.50 105.10 -133.66
CA LYS Q 96 -39.35 105.62 -135.02
C LYS Q 96 -38.25 104.91 -135.80
N SER Q 97 -37.11 104.74 -135.16
CA SER Q 97 -35.98 104.12 -135.85
C SER Q 97 -36.12 102.62 -135.98
N PHE Q 98 -37.00 102.01 -135.17
CA PHE Q 98 -37.16 100.57 -135.23
C PHE Q 98 -38.03 100.22 -136.44
N LEU Q 99 -39.00 101.06 -136.72
CA LEU Q 99 -39.86 100.82 -137.88
C LEU Q 99 -39.17 101.17 -139.19
N GLU Q 100 -38.22 102.10 -139.13
CA GLU Q 100 -37.47 102.46 -140.33
C GLU Q 100 -36.47 101.37 -140.70
N GLU Q 101 -35.87 100.79 -139.68
CA GLU Q 101 -34.89 99.73 -139.91
C GLU Q 101 -35.57 98.42 -140.32
N LEU Q 102 -36.70 98.12 -139.69
CA LEU Q 102 -37.39 96.86 -139.99
C LEU Q 102 -38.18 96.91 -141.30
N LEU Q 103 -38.52 98.09 -141.77
CA LEU Q 103 -39.20 98.18 -143.06
C LEU Q 103 -38.19 97.99 -144.17
N THR Q 104 -37.07 98.63 -144.02
CA THR Q 104 -36.02 98.54 -145.03
C THR Q 104 -35.42 97.13 -145.07
N THR Q 105 -34.95 96.69 -143.92
CA THR Q 105 -34.19 95.42 -143.80
C THR Q 105 -35.00 94.17 -143.89
N GLY Q 106 -36.16 94.24 -144.29
CA GLY Q 106 -36.86 93.01 -144.42
C GLY Q 106 -37.34 92.90 -145.82
N GLY Q 107 -37.77 94.05 -146.27
CA GLY Q 107 -38.39 94.17 -147.57
C GLY Q 107 -37.98 95.43 -148.33
N GLY Q 108 -38.23 95.35 -149.62
CA GLY Q 108 -37.94 96.41 -150.58
C GLY Q 108 -39.06 97.46 -150.56
N ARG Q 109 -40.19 97.07 -149.99
CA ARG Q 109 -41.38 97.95 -149.88
C ARG Q 109 -41.23 98.92 -148.69
N PHE Q 110 -40.26 98.58 -147.85
CA PHE Q 110 -39.96 99.34 -146.63
C PHE Q 110 -38.67 100.20 -146.84
N THR Q 111 -38.22 100.30 -148.14
CA THR Q 111 -37.00 101.14 -148.52
C THR Q 111 -37.07 102.51 -147.89
N PRO Q 112 -35.99 103.33 -147.69
CA PRO Q 112 -36.17 104.59 -147.00
C PRO Q 112 -37.15 105.54 -147.80
N GLU Q 113 -36.69 106.32 -148.87
CA GLU Q 113 -37.58 107.40 -149.58
C GLU Q 113 -39.08 107.22 -149.29
N GLU Q 114 -39.51 105.99 -149.34
CA GLU Q 114 -40.90 105.65 -149.05
C GLU Q 114 -41.20 105.90 -147.57
N ILE Q 115 -40.17 105.75 -146.75
CA ILE Q 115 -40.29 105.96 -145.29
C ILE Q 115 -40.38 107.46 -144.96
N LYS Q 116 -39.82 108.29 -145.83
CA LYS Q 116 -39.95 109.74 -145.67
C LYS Q 116 -41.35 110.19 -146.09
N ASN Q 117 -41.92 109.48 -147.04
CA ASN Q 117 -43.30 109.75 -147.47
C ASN Q 117 -44.29 109.22 -146.43
N MET Q 118 -43.90 108.20 -145.70
CA MET Q 118 -44.75 107.68 -144.62
C MET Q 118 -44.81 108.67 -143.47
N TRP Q 119 -43.70 109.30 -143.18
CA TRP Q 119 -43.65 110.27 -142.08
C TRP Q 119 -44.34 111.58 -142.47
N ALA Q 120 -44.40 111.80 -143.78
CA ALA Q 120 -44.89 113.06 -144.35
C ALA Q 120 -46.41 113.28 -144.33
N ALA Q 121 -47.26 112.43 -144.07
CA ALA Q 121 -48.55 113.03 -143.86
C ALA Q 121 -49.12 112.29 -142.72
N PHE Q 122 -48.44 111.17 -142.49
CA PHE Q 122 -48.71 110.36 -141.32
C PHE Q 122 -47.94 110.92 -140.26
N PRO Q 123 -48.33 111.78 -139.70
CA PRO Q 123 -47.43 112.62 -138.90
C PRO Q 123 -46.24 111.96 -138.17
N PRO Q 124 -45.78 112.61 -137.04
CA PRO Q 124 -44.57 112.25 -136.26
C PRO Q 124 -44.67 110.94 -135.56
N ASP Q 125 -45.60 110.92 -134.63
CA ASP Q 125 -45.89 109.72 -133.85
C ASP Q 125 -46.08 108.56 -134.81
N VAL Q 126 -47.01 108.76 -135.74
CA VAL Q 126 -47.33 107.75 -136.76
C VAL Q 126 -46.06 107.41 -137.55
N ALA Q 127 -45.46 108.45 -138.10
CA ALA Q 127 -44.24 108.33 -138.90
C ALA Q 127 -43.13 107.64 -138.08
N GLY Q 128 -42.91 108.21 -136.91
CA GLY Q 128 -41.88 107.75 -135.94
C GLY Q 128 -42.05 106.27 -135.58
N ASN Q 129 -43.31 105.88 -135.44
CA ASN Q 129 -43.68 104.48 -135.10
C ASN Q 129 -44.01 104.31 -133.62
N VAL Q 130 -44.21 105.44 -132.98
CA VAL Q 130 -44.49 105.49 -131.54
C VAL Q 130 -45.98 105.29 -131.28
N ASP Q 131 -46.82 106.18 -131.85
CA ASP Q 131 -48.26 105.91 -131.73
C ASP Q 131 -48.57 104.84 -132.67
N TYR Q 132 -49.78 104.60 -132.69
CA TYR Q 132 -50.16 103.48 -133.30
C TYR Q 132 -51.63 103.49 -133.29
N LYS Q 133 -52.20 103.08 -134.35
CA LYS Q 133 -53.62 103.00 -134.32
C LYS Q 133 -54.26 104.10 -135.15
N ASN Q 134 -53.70 105.29 -135.12
CA ASN Q 134 -54.28 106.37 -135.93
C ASN Q 134 -53.97 106.13 -137.41
N ILE Q 135 -52.87 105.42 -137.62
CA ILE Q 135 -52.40 105.08 -138.97
C ILE Q 135 -53.27 103.95 -139.54
N CYS Q 136 -53.77 103.09 -138.68
CA CYS Q 136 -54.68 102.03 -139.10
C CYS Q 136 -56.04 102.61 -139.48
N TYR Q 137 -56.39 103.68 -138.78
CA TYR Q 137 -57.62 104.39 -139.05
C TYR Q 137 -57.57 105.07 -140.43
N VAL Q 138 -56.49 105.79 -140.68
CA VAL Q 138 -56.37 106.54 -141.94
C VAL Q 138 -55.98 105.67 -143.16
N ILE Q 139 -55.58 104.43 -142.92
CA ILE Q 139 -55.35 103.51 -144.04
C ILE Q 139 -56.64 102.82 -144.47
N THR Q 140 -57.61 102.76 -143.58
CA THR Q 140 -58.91 102.17 -143.95
C THR Q 140 -59.89 103.27 -144.36
N HIS Q 141 -59.72 104.43 -143.74
CA HIS Q 141 -60.46 105.63 -144.14
C HIS Q 141 -59.50 106.82 -144.14
N GLY Q 142 -59.23 107.32 -145.34
CA GLY Q 142 -58.24 108.38 -145.53
C GLY Q 142 -58.54 109.71 -144.84
N GLU Q 143 -57.71 110.69 -145.18
CA GLU Q 143 -57.74 112.08 -144.66
C GLU Q 143 -57.65 112.18 -143.14
N ASP Q 144 -57.28 113.37 -142.68
CA ASP Q 144 -57.20 113.64 -141.24
C ASP Q 144 -58.55 113.44 -140.57
N ALA Q 145 -58.53 112.74 -139.46
CA ALA Q 145 -59.74 112.50 -138.68
C ALA Q 145 -59.96 113.61 -137.66
N SER R 1 -23.93 65.53 -151.20
CA SER R 1 -23.66 64.38 -152.06
C SER R 1 -24.77 64.23 -153.11
N LYS R 2 -25.86 64.90 -152.69
CA LYS R 2 -27.06 64.86 -153.53
C LYS R 2 -27.97 63.70 -153.10
N ALA R 3 -27.02 61.70 -151.72
CA ALA R 3 -28.21 62.56 -151.58
C ALA R 3 -27.90 64.00 -151.98
N ALA R 4 -28.20 64.32 -153.23
CA ALA R 4 -27.97 65.68 -153.74
C ALA R 4 -29.11 66.61 -153.33
N ALA R 5 -28.89 67.33 -152.24
CA ALA R 5 -29.91 68.26 -151.75
C ALA R 5 -29.84 69.61 -152.47
N ASP R 6 -30.66 69.71 -153.51
CA ASP R 6 -30.72 70.90 -154.35
C ASP R 6 -31.51 72.05 -153.70
N ASP R 7 -32.09 71.77 -152.55
CA ASP R 7 -32.80 72.79 -151.79
C ASP R 7 -31.84 73.72 -151.05
N PHE R 8 -30.56 73.38 -150.99
CA PHE R 8 -29.56 74.31 -150.43
C PHE R 8 -29.29 75.43 -151.42
N LYS R 9 -29.43 75.12 -152.70
CA LYS R 9 -29.24 76.10 -153.76
C LYS R 9 -30.48 76.99 -153.93
N GLU R 10 -31.63 76.42 -153.58
CA GLU R 10 -32.87 77.17 -153.61
C GLU R 10 -33.00 78.09 -152.42
N ALA R 11 -32.35 77.72 -151.32
CA ALA R 11 -32.30 78.58 -150.14
C ALA R 11 -31.25 79.69 -150.29
N PHE R 12 -30.29 79.48 -151.18
CA PHE R 12 -29.31 80.53 -151.47
C PHE R 12 -29.93 81.63 -152.31
N LEU R 13 -30.96 81.27 -153.06
CA LEU R 13 -31.72 82.25 -153.84
C LEU R 13 -32.72 83.02 -152.98
N LEU R 14 -32.97 82.54 -151.77
CA LEU R 14 -33.85 83.24 -150.83
C LEU R 14 -33.06 84.17 -149.91
N PHE R 15 -31.74 83.98 -149.86
CA PHE R 15 -30.91 84.84 -149.01
C PHE R 15 -30.11 85.86 -149.81
N ASP R 16 -30.03 85.67 -151.12
CA ASP R 16 -29.36 86.66 -151.95
C ASP R 16 -30.35 87.75 -152.39
N ARG R 17 -30.14 88.93 -151.83
CA ARG R 17 -31.01 90.09 -152.03
C ARG R 17 -30.86 90.77 -153.40
N THR R 18 -29.82 90.44 -154.13
CA THR R 18 -29.58 91.05 -155.43
C THR R 18 -30.03 90.16 -156.59
N GLY R 19 -30.29 88.89 -156.31
CA GLY R 19 -30.64 87.92 -157.36
C GLY R 19 -29.52 87.50 -158.31
N ASP R 20 -28.26 87.87 -158.05
CA ASP R 20 -27.16 87.50 -158.96
C ASP R 20 -26.53 86.11 -158.67
N ALA R 21 -27.06 85.43 -157.67
CA ALA R 21 -26.63 84.08 -157.25
C ALA R 21 -25.31 84.09 -156.48
N LYS R 22 -25.07 85.18 -155.77
CA LYS R 22 -23.92 85.28 -154.87
C LYS R 22 -24.38 85.71 -153.49
N ILE R 23 -23.72 85.17 -152.47
CA ILE R 23 -24.06 85.52 -151.09
C ILE R 23 -22.83 86.00 -150.34
N THR R 24 -22.89 87.20 -149.78
CA THR R 24 -21.72 87.80 -149.13
C THR R 24 -21.24 86.94 -147.98
N ALA R 25 -19.96 87.10 -147.65
CA ALA R 25 -19.31 86.29 -146.61
C ALA R 25 -19.86 86.53 -145.21
N SER R 26 -20.50 87.67 -145.01
CA SER R 26 -21.13 87.96 -143.71
C SER R 26 -22.47 87.24 -143.53
N GLN R 27 -23.04 86.71 -144.60
CA GLN R 27 -24.30 86.00 -144.49
C GLN R 27 -24.08 84.50 -144.33
N VAL R 28 -22.86 84.05 -144.60
CA VAL R 28 -22.58 82.61 -144.64
C VAL R 28 -22.70 81.93 -143.28
N GLY R 29 -22.43 82.66 -142.22
CA GLY R 29 -22.60 82.14 -140.86
C GLY R 29 -24.06 81.81 -140.57
N ASP R 30 -24.94 82.76 -140.87
CA ASP R 30 -26.36 82.61 -140.56
C ASP R 30 -27.07 81.66 -141.54
N ILE R 31 -26.53 81.52 -142.74
CA ILE R 31 -27.14 80.62 -143.71
C ILE R 31 -26.69 79.18 -143.52
N ALA R 32 -25.56 78.98 -142.85
CA ALA R 32 -25.16 77.61 -142.49
C ALA R 32 -26.04 77.13 -141.34
N ARG R 33 -26.43 78.08 -140.50
CA ARG R 33 -27.36 77.77 -139.42
C ARG R 33 -28.78 77.51 -139.93
N ALA R 34 -29.15 78.21 -140.99
CA ALA R 34 -30.47 78.00 -141.61
C ALA R 34 -30.56 76.78 -142.51
N LEU R 35 -29.42 76.15 -142.80
CA LEU R 35 -29.41 74.89 -143.54
C LEU R 35 -29.30 73.68 -142.62
N GLY R 36 -29.21 73.94 -141.32
CA GLY R 36 -29.21 72.85 -140.33
C GLY R 36 -27.80 72.55 -139.82
N GLN R 37 -27.03 73.61 -139.65
CA GLN R 37 -25.66 73.48 -139.14
C GLN R 37 -25.37 74.56 -138.10
N ASN R 38 -24.82 74.15 -136.97
CA ASN R 38 -24.51 75.13 -135.92
C ASN R 38 -23.00 75.30 -135.66
N PRO R 39 -22.24 75.90 -136.58
CA PRO R 39 -20.85 76.22 -136.28
C PRO R 39 -20.79 77.48 -135.43
N THR R 40 -19.92 77.47 -134.43
CA THR R 40 -19.75 78.65 -133.58
C THR R 40 -19.20 79.80 -134.40
N ASN R 41 -19.43 81.02 -133.96
CA ASN R 41 -19.00 82.19 -134.75
C ASN R 41 -17.49 82.35 -134.83
N ALA R 42 -16.76 81.83 -133.84
CA ALA R 42 -15.29 81.86 -133.91
C ALA R 42 -14.75 80.87 -134.93
N GLU R 43 -15.51 79.81 -135.13
CA GLU R 43 -15.18 78.73 -136.05
C GLU R 43 -15.41 79.19 -137.49
N ILE R 44 -16.47 79.96 -137.65
CA ILE R 44 -16.83 80.52 -138.95
C ILE R 44 -15.83 81.60 -139.31
N ASN R 45 -15.35 82.26 -138.26
CA ASN R 45 -14.36 83.33 -138.38
C ASN R 45 -12.97 82.76 -138.73
N LYS R 46 -12.60 81.72 -138.04
CA LYS R 46 -11.29 81.09 -138.25
C LYS R 46 -11.14 80.51 -139.64
N ILE R 47 -12.08 79.68 -139.97
CA ILE R 47 -12.08 79.02 -141.28
C ILE R 47 -11.88 80.07 -142.37
N LEU R 48 -12.63 81.14 -142.27
CA LEU R 48 -12.58 82.24 -143.24
C LEU R 48 -11.15 82.77 -143.38
N GLY R 49 -10.60 83.18 -142.25
CA GLY R 49 -9.23 83.74 -142.16
C GLY R 49 -8.20 82.68 -142.52
N ASN R 50 -8.48 81.47 -142.07
CA ASN R 50 -7.63 80.32 -142.34
C ASN R 50 -7.35 80.31 -143.84
N PRO R 51 -8.41 80.40 -144.64
CA PRO R 51 -8.32 80.55 -146.10
C PRO R 51 -7.99 81.96 -146.63
N SER R 52 -7.27 82.77 -145.87
CA SER R 52 -6.87 84.16 -146.28
C SER R 52 -8.06 84.93 -146.90
N LYS R 53 -9.21 84.73 -146.28
CA LYS R 53 -10.46 85.41 -146.65
C LYS R 53 -10.80 86.45 -145.58
N GLU R 54 -10.88 87.68 -146.03
CA GLU R 54 -11.14 88.83 -145.14
C GLU R 54 -12.62 89.22 -145.21
N GLU R 55 -13.26 89.12 -144.05
CA GLU R 55 -14.68 89.47 -143.88
C GLU R 55 -14.83 90.95 -143.53
N MET R 56 -13.71 91.65 -143.61
CA MET R 56 -13.62 93.09 -143.27
C MET R 56 -13.85 93.98 -144.50
N ASN R 57 -13.50 93.43 -145.65
CA ASN R 57 -13.68 94.12 -146.95
C ASN R 57 -14.85 93.48 -147.68
N ALA R 58 -15.36 94.20 -148.66
CA ALA R 58 -16.49 93.74 -149.48
C ALA R 58 -16.25 92.29 -149.90
N ALA R 59 -17.35 91.55 -149.95
CA ALA R 59 -17.32 90.12 -150.32
C ALA R 59 -18.53 89.76 -151.17
N ALA R 60 -18.32 88.76 -151.99
CA ALA R 60 -19.35 88.25 -152.87
C ALA R 60 -19.37 86.77 -152.73
N ILE R 61 -20.28 86.10 -153.29
CA ILE R 61 -20.02 84.72 -153.29
C ILE R 61 -20.75 84.14 -154.45
N THR R 62 -20.18 83.00 -154.55
CA THR R 62 -20.52 82.00 -155.45
C THR R 62 -20.79 80.75 -154.67
N PHE R 63 -21.73 80.09 -155.27
CA PHE R 63 -22.29 78.85 -154.82
C PHE R 63 -21.19 77.77 -154.74
N GLU R 64 -20.18 77.93 -155.58
CA GLU R 64 -19.07 76.94 -155.67
C GLU R 64 -18.09 77.04 -154.49
N GLU R 65 -18.23 78.06 -153.67
CA GLU R 65 -17.41 78.16 -152.47
C GLU R 65 -18.27 77.92 -151.24
N PHE R 66 -19.54 78.26 -151.37
CA PHE R 66 -20.46 78.15 -150.23
C PHE R 66 -20.86 76.69 -150.02
N LEU R 67 -21.01 75.95 -151.10
CA LEU R 67 -21.28 74.52 -150.98
C LEU R 67 -20.15 73.77 -150.23
N PRO R 68 -18.88 73.82 -150.63
CA PRO R 68 -17.85 73.15 -149.83
C PRO R 68 -17.61 73.73 -148.42
N MET R 69 -17.98 74.97 -148.15
CA MET R 69 -17.85 75.48 -146.77
C MET R 69 -18.96 74.93 -145.87
N LEU R 70 -20.11 74.64 -146.46
CA LEU R 70 -21.20 74.01 -145.71
C LEU R 70 -20.92 72.53 -145.49
N GLN R 71 -20.16 71.94 -146.41
CA GLN R 71 -19.78 70.53 -146.27
C GLN R 71 -18.58 70.35 -145.35
N ALA R 72 -17.83 71.41 -145.11
CA ALA R 72 -16.75 71.35 -144.13
C ALA R 72 -17.28 71.64 -142.71
N ALA R 73 -18.41 72.33 -142.65
CA ALA R 73 -19.03 72.60 -141.36
C ALA R 73 -19.95 71.46 -140.90
N ALA R 74 -20.34 70.62 -141.86
CA ALA R 74 -21.29 69.53 -141.59
C ALA R 74 -20.71 68.35 -140.82
N ASN R 75 -19.40 68.29 -140.68
CA ASN R 75 -18.77 67.22 -139.91
C ASN R 75 -18.76 67.55 -138.43
N ASN R 76 -18.96 68.83 -138.14
CA ASN R 76 -18.85 69.34 -136.77
C ASN R 76 -20.21 69.29 -136.04
N LYS R 77 -21.20 68.71 -136.69
CA LYS R 77 -22.52 68.55 -136.08
C LYS R 77 -22.56 67.44 -135.02
N ASP R 78 -21.47 66.69 -134.89
CA ASP R 78 -21.35 65.66 -133.85
C ASP R 78 -21.02 66.27 -132.49
N GLN R 79 -20.81 67.57 -132.45
CA GLN R 79 -20.58 68.31 -131.20
C GLN R 79 -21.90 68.75 -130.53
N GLY R 80 -23.03 68.54 -131.20
CA GLY R 80 -24.32 68.99 -130.65
C GLY R 80 -25.01 67.95 -129.76
N THR R 81 -24.45 67.70 -128.60
CA THR R 81 -25.02 66.75 -127.64
C THR R 81 -25.86 67.44 -126.57
N PHE R 82 -27.11 67.01 -126.48
CA PHE R 82 -28.07 67.63 -125.57
C PHE R 82 -27.91 67.21 -124.11
N GLU R 83 -27.05 66.24 -123.84
CA GLU R 83 -26.81 65.84 -122.45
C GLU R 83 -26.02 66.94 -121.77
N ASP R 84 -25.07 67.49 -122.51
CA ASP R 84 -24.18 68.50 -121.96
C ASP R 84 -24.83 69.87 -121.92
N PHE R 85 -25.88 70.06 -122.69
CA PHE R 85 -26.57 71.36 -122.67
C PHE R 85 -27.47 71.45 -121.45
N VAL R 86 -28.12 70.34 -121.13
CA VAL R 86 -29.02 70.33 -119.97
C VAL R 86 -28.23 70.18 -118.66
N GLU R 87 -27.08 69.55 -118.73
CA GLU R 87 -26.23 69.41 -117.54
C GLU R 87 -25.45 70.69 -117.24
N GLY R 88 -25.22 71.49 -118.26
CA GLY R 88 -24.60 72.82 -118.08
C GLY R 88 -25.50 73.70 -117.24
N LEU R 89 -26.77 73.75 -117.62
CA LEU R 89 -27.74 74.58 -116.88
C LEU R 89 -28.17 73.93 -115.57
N ARG R 90 -27.97 72.63 -115.42
CA ARG R 90 -28.27 71.97 -114.14
C ARG R 90 -27.19 72.24 -113.09
N VAL R 91 -26.00 72.59 -113.55
CA VAL R 91 -24.93 73.00 -112.64
C VAL R 91 -24.97 74.51 -112.37
N PHE R 92 -25.86 75.20 -113.08
CA PHE R 92 -25.96 76.66 -112.99
C PHE R 92 -26.96 77.11 -111.93
N ASP R 93 -27.79 76.21 -111.45
CA ASP R 93 -28.74 76.56 -110.37
C ASP R 93 -28.95 75.41 -109.37
N LYS R 94 -29.01 75.79 -108.11
CA LYS R 94 -29.20 74.84 -106.99
C LYS R 94 -30.53 74.09 -107.02
N GLU R 95 -30.66 73.14 -106.10
CA GLU R 95 -31.89 72.32 -105.94
C GLU R 95 -32.19 71.40 -107.11
N GLY R 96 -33.05 70.42 -106.85
CA GLY R 96 -33.39 69.40 -107.84
C GLY R 96 -34.61 69.75 -108.70
N ASN R 97 -34.48 70.83 -109.45
CA ASN R 97 -35.52 71.25 -110.40
C ASN R 97 -34.88 72.23 -111.37
N GLY R 98 -35.17 72.06 -112.66
CA GLY R 98 -34.45 72.83 -113.68
C GLY R 98 -34.95 74.25 -113.91
N THR R 99 -34.58 75.17 -113.04
CA THR R 99 -34.99 76.58 -113.19
C THR R 99 -33.84 77.58 -112.98
N VAL R 100 -33.58 78.33 -114.04
CA VAL R 100 -32.64 79.46 -113.96
C VAL R 100 -33.42 80.72 -113.60
N MET R 101 -32.90 81.53 -112.69
CA MET R 101 -33.52 82.85 -112.49
C MET R 101 -33.31 83.67 -113.76
N GLY R 102 -34.37 84.33 -114.19
CA GLY R 102 -34.42 85.12 -115.45
C GLY R 102 -33.14 85.86 -115.83
N ALA R 103 -32.74 86.79 -114.98
CA ALA R 103 -31.58 87.65 -115.27
C ALA R 103 -30.23 86.93 -115.24
N GLU R 104 -30.17 85.72 -114.70
CA GLU R 104 -28.91 84.98 -114.70
C GLU R 104 -28.62 84.47 -116.10
N LEU R 105 -29.65 83.99 -116.77
CA LEU R 105 -29.47 83.41 -118.10
C LEU R 105 -29.36 84.53 -119.13
N ARG R 106 -30.03 85.66 -118.87
CA ARG R 106 -29.98 86.76 -119.82
C ARG R 106 -28.62 87.45 -119.83
N HIS R 107 -28.02 87.61 -118.65
CA HIS R 107 -26.72 88.28 -118.59
C HIS R 107 -25.60 87.34 -119.01
N VAL R 108 -25.77 86.05 -118.78
CA VAL R 108 -24.75 85.08 -119.21
C VAL R 108 -24.76 84.86 -120.72
N LEU R 109 -25.93 84.94 -121.33
CA LEU R 109 -26.03 84.74 -122.78
C LEU R 109 -25.60 85.98 -123.56
N ALA R 110 -25.64 87.13 -122.92
CA ALA R 110 -25.18 88.34 -123.59
C ALA R 110 -23.69 88.63 -123.38
N THR R 111 -23.16 88.30 -122.22
CA THR R 111 -21.78 88.71 -121.91
C THR R 111 -20.75 87.58 -121.78
N LEU R 112 -21.17 86.33 -121.82
CA LEU R 112 -20.16 85.27 -121.62
C LEU R 112 -19.84 84.50 -122.88
N GLY R 113 -18.68 84.82 -123.44
CA GLY R 113 -18.18 84.13 -124.63
C GLY R 113 -18.59 84.86 -125.90
N GLU R 114 -19.35 84.17 -126.72
CA GLU R 114 -19.85 84.79 -127.95
C GLU R 114 -21.09 85.63 -127.61
N LYS R 115 -20.89 86.93 -127.68
CA LYS R 115 -21.90 87.91 -127.27
C LYS R 115 -23.21 87.82 -128.06
N MET R 116 -24.28 87.41 -127.39
CA MET R 116 -25.60 87.47 -128.02
C MET R 116 -26.27 88.78 -127.59
N THR R 117 -26.88 89.46 -128.55
CA THR R 117 -27.53 90.74 -128.22
C THR R 117 -28.66 90.48 -127.24
N GLU R 118 -29.00 91.50 -126.47
CA GLU R 118 -30.09 91.34 -125.49
C GLU R 118 -31.46 91.31 -126.19
N GLU R 119 -31.51 91.76 -127.43
CA GLU R 119 -32.72 91.59 -128.23
C GLU R 119 -32.92 90.12 -128.59
N GLU R 120 -31.86 89.44 -128.98
CA GLU R 120 -31.97 87.99 -129.25
C GLU R 120 -32.16 87.16 -127.99
N VAL R 121 -31.63 87.62 -126.88
CA VAL R 121 -31.82 86.91 -125.61
C VAL R 121 -33.27 87.00 -125.14
N GLU R 122 -33.91 88.14 -125.39
CA GLU R 122 -35.32 88.30 -125.01
C GLU R 122 -36.25 87.51 -125.94
N GLU R 123 -35.82 87.34 -127.18
CA GLU R 123 -36.59 86.56 -128.15
C GLU R 123 -36.44 85.06 -127.95
N LEU R 124 -35.43 84.64 -127.19
CA LEU R 124 -35.24 83.23 -126.88
C LEU R 124 -35.82 82.85 -125.51
N MET R 125 -36.24 83.82 -124.73
CA MET R 125 -36.82 83.52 -123.41
C MET R 125 -38.33 83.76 -123.40
N LYS R 126 -38.77 84.48 -124.43
CA LYS R 126 -40.17 84.88 -124.59
C LYS R 126 -41.12 83.71 -124.77
N GLY R 127 -41.82 83.38 -123.70
CA GLY R 127 -42.78 82.28 -123.74
C GLY R 127 -42.41 81.13 -122.80
N GLN R 128 -41.11 80.91 -122.61
CA GLN R 128 -40.65 79.81 -121.76
C GLN R 128 -40.43 80.28 -120.34
N GLU R 129 -40.21 81.57 -120.17
CA GLU R 129 -40.13 82.13 -118.81
C GLU R 129 -41.42 82.88 -118.48
N ASP R 130 -42.10 82.43 -117.44
CA ASP R 130 -43.30 83.16 -116.99
C ASP R 130 -42.92 84.23 -115.94
N SER R 131 -43.94 84.82 -115.33
CA SER R 131 -43.77 85.97 -114.40
C SER R 131 -43.22 85.62 -113.01
N ASN R 132 -42.92 84.34 -112.77
CA ASN R 132 -42.22 83.93 -111.53
C ASN R 132 -40.73 84.22 -111.59
N GLY R 133 -40.21 84.52 -112.77
CA GLY R 133 -38.78 84.82 -112.94
C GLY R 133 -37.93 83.56 -112.96
N CYS R 134 -38.55 82.43 -113.27
CA CYS R 134 -37.84 81.15 -113.28
C CYS R 134 -38.06 80.43 -114.60
N ILE R 135 -36.96 80.27 -115.31
CA ILE R 135 -36.93 79.61 -116.61
C ILE R 135 -36.72 78.11 -116.45
N ASN R 136 -37.72 77.32 -116.82
CA ASN R 136 -37.51 75.88 -116.78
C ASN R 136 -36.73 75.44 -118.01
N TYR R 137 -35.47 75.09 -117.80
CA TYR R 137 -34.59 74.75 -118.92
C TYR R 137 -34.74 73.33 -119.43
N GLU R 138 -35.62 72.54 -118.83
CA GLU R 138 -35.89 71.22 -119.39
C GLU R 138 -36.76 71.39 -120.63
N ALA R 139 -37.76 72.27 -120.51
CA ALA R 139 -38.60 72.60 -121.66
C ALA R 139 -37.98 73.69 -122.52
N PHE R 140 -37.14 74.52 -121.91
CA PHE R 140 -36.46 75.59 -122.66
C PHE R 140 -35.43 75.03 -123.64
N VAL R 141 -34.66 74.03 -123.25
CA VAL R 141 -33.67 73.46 -124.16
C VAL R 141 -34.33 72.51 -125.15
N LYS R 142 -35.48 71.99 -124.76
CA LYS R 142 -36.27 71.17 -125.67
C LYS R 142 -36.81 72.01 -126.83
N HIS R 143 -37.29 73.20 -126.53
CA HIS R 143 -37.83 74.08 -127.57
C HIS R 143 -36.74 74.77 -128.38
N ILE R 144 -35.56 74.90 -127.80
CA ILE R 144 -34.43 75.48 -128.54
C ILE R 144 -33.86 74.47 -129.53
N MET R 145 -34.01 73.19 -129.21
CA MET R 145 -33.62 72.13 -130.15
C MET R 145 -34.78 71.65 -131.02
N SER R 146 -35.89 72.37 -131.00
CA SER R 146 -37.01 72.06 -131.89
C SER R 146 -36.88 72.79 -133.21
N VAL R 147 -36.02 73.81 -133.25
CA VAL R 147 -35.77 74.53 -134.50
C VAL R 147 -34.47 74.06 -135.15
N ASP S 1 2.44 35.04 -71.53
CA ASP S 1 2.17 34.85 -70.10
C ASP S 1 1.16 33.73 -69.84
N GLU S 2 0.17 33.71 -70.75
CA GLU S 2 -0.89 32.73 -70.87
C GLU S 2 -0.51 31.38 -70.31
N ASP S 3 0.67 30.96 -70.77
CA ASP S 3 1.30 29.83 -70.20
C ASP S 3 2.76 30.08 -69.81
N GLU S 4 3.37 31.27 -70.03
CA GLU S 4 4.76 31.59 -69.60
C GLU S 4 4.86 31.45 -68.07
N THR S 5 3.81 31.96 -67.40
CA THR S 5 3.63 31.90 -65.94
C THR S 5 3.14 30.53 -65.42
N THR S 6 2.22 30.12 -66.28
CA THR S 6 1.29 29.02 -66.21
C THR S 6 1.84 27.60 -66.34
N ALA S 7 3.06 27.34 -66.85
CA ALA S 7 3.55 25.97 -66.95
C ALA S 7 3.96 25.44 -65.59
N LEU S 8 3.52 24.22 -65.28
CA LEU S 8 3.82 23.58 -64.00
C LEU S 8 4.94 22.56 -64.19
N VAL S 9 5.76 22.25 -63.18
CA VAL S 9 6.77 21.23 -63.38
C VAL S 9 6.69 20.36 -62.18
N CYS S 10 6.36 19.10 -62.43
CA CYS S 10 6.18 18.16 -61.37
C CYS S 10 7.14 17.02 -61.55
N ASP S 11 8.10 16.90 -60.64
CA ASP S 11 9.02 15.78 -60.63
C ASP S 11 8.69 14.73 -59.56
N ASN S 12 8.17 13.58 -60.02
CA ASN S 12 7.69 12.51 -59.18
C ASN S 12 8.83 11.59 -58.82
N GLY S 13 9.12 11.45 -57.53
CA GLY S 13 10.17 10.59 -57.06
C GLY S 13 9.66 9.45 -56.20
N SER S 14 10.65 8.63 -55.89
CA SER S 14 10.44 7.52 -55.03
C SER S 14 10.29 7.98 -53.59
N GLY S 15 10.92 9.06 -53.15
CA GLY S 15 10.85 9.52 -51.77
C GLY S 15 10.14 10.84 -51.73
N LEU S 16 10.50 11.80 -52.59
CA LEU S 16 9.95 13.15 -52.64
C LEU S 16 9.29 13.59 -53.95
N VAL S 17 8.30 14.48 -53.91
CA VAL S 17 7.76 15.10 -55.10
C VAL S 17 8.43 16.47 -55.12
N LYS S 18 8.86 17.02 -56.24
CA LYS S 18 9.35 18.38 -56.32
C LYS S 18 8.41 19.08 -57.30
N ALA S 19 7.84 20.23 -57.00
CA ALA S 19 6.82 20.83 -57.84
C ALA S 19 6.89 22.35 -57.79
N GLY S 20 6.23 23.05 -58.68
CA GLY S 20 6.41 24.48 -58.75
C GLY S 20 6.10 24.96 -60.15
N PHE S 21 6.44 26.22 -60.40
CA PHE S 21 6.11 26.84 -61.68
C PHE S 21 7.36 27.00 -62.52
N ALA S 22 7.24 26.69 -63.82
CA ALA S 22 8.32 26.85 -64.78
C ALA S 22 8.58 28.33 -64.71
N GLY S 23 9.86 28.65 -64.58
CA GLY S 23 10.22 30.02 -64.34
C GLY S 23 10.95 30.07 -63.02
N ASP S 24 10.42 29.53 -61.92
CA ASP S 24 11.09 29.59 -60.64
C ASP S 24 12.44 28.91 -60.65
N ASP S 25 13.28 29.22 -59.65
CA ASP S 25 14.64 28.71 -59.59
C ASP S 25 14.82 27.38 -58.87
N ALA S 26 13.78 27.09 -58.06
CA ALA S 26 13.70 25.92 -57.20
C ALA S 26 12.25 25.54 -56.98
N PRO S 27 11.95 24.27 -56.61
CA PRO S 27 10.58 23.81 -56.39
C PRO S 27 9.82 24.55 -55.29
N ARG S 28 8.62 24.95 -55.63
CA ARG S 28 7.73 25.59 -54.69
C ARG S 28 7.24 24.55 -53.69
N ALA S 29 7.22 23.28 -54.08
CA ALA S 29 6.68 22.26 -53.21
C ALA S 29 7.52 21.01 -53.24
N VAL S 30 7.88 20.54 -52.03
CA VAL S 30 8.70 19.36 -51.85
C VAL S 30 8.07 18.62 -50.69
N PHE S 31 7.74 17.34 -50.86
CA PHE S 31 7.06 16.62 -49.81
C PHE S 31 7.09 15.13 -50.01
N PRO S 32 6.98 14.25 -49.01
CA PRO S 32 7.01 12.82 -49.24
C PRO S 32 5.88 12.30 -50.13
N SER S 33 6.32 11.24 -50.79
CA SER S 33 5.58 10.54 -51.79
C SER S 33 4.92 9.39 -51.08
N ILE S 34 4.06 9.68 -50.09
CA ILE S 34 3.27 8.69 -49.40
C ILE S 34 1.79 8.97 -49.44
N VAL S 35 0.95 8.01 -49.13
CA VAL S 35 -0.48 8.11 -49.13
C VAL S 35 -0.79 7.21 -47.96
N GLY S 36 -1.33 7.81 -46.92
CA GLY S 36 -1.66 7.13 -45.71
C GLY S 36 -3.12 6.87 -45.68
N ARG S 37 -3.43 5.69 -45.15
CA ARG S 37 -4.80 5.20 -45.08
C ARG S 37 -5.05 4.85 -43.60
N PRO S 38 -5.92 5.52 -42.84
CA PRO S 38 -6.13 5.24 -41.42
C PRO S 38 -6.51 3.83 -41.03
N ARG S 39 -5.67 3.25 -40.18
CA ARG S 39 -5.95 1.95 -39.59
C ARG S 39 -7.19 1.90 -38.72
N HIS S 40 -7.77 3.04 -38.18
CA HIS S 40 -8.95 2.98 -37.29
C HIS S 40 -9.98 4.04 -37.50
N GLN S 41 -11.23 3.86 -37.09
CA GLN S 41 -12.15 4.95 -37.29
C GLN S 41 -12.13 5.95 -36.15
N GLY S 42 -12.13 7.23 -36.53
CA GLY S 42 -12.03 8.32 -35.58
C GLY S 42 -11.64 9.62 -36.27
N VAL S 43 -11.50 10.71 -35.52
CA VAL S 43 -11.17 12.02 -36.04
C VAL S 43 -10.15 12.87 -35.26
N MET S 44 -9.59 13.90 -35.90
CA MET S 44 -8.78 14.86 -35.16
C MET S 44 -9.81 15.88 -34.71
N VAL S 45 -9.52 16.61 -33.65
CA VAL S 45 -10.38 17.64 -33.14
C VAL S 45 -10.62 18.76 -34.16
N GLY S 46 -11.87 18.87 -34.59
CA GLY S 46 -12.27 19.95 -35.44
C GLY S 46 -12.31 19.55 -36.90
N MET S 47 -11.71 18.41 -37.23
CA MET S 47 -11.80 17.93 -38.58
C MET S 47 -12.85 16.86 -38.70
N GLY S 48 -13.17 16.55 -39.96
CA GLY S 48 -14.04 15.43 -40.30
C GLY S 48 -13.17 14.19 -40.54
N GLN S 49 -13.90 13.08 -40.70
CA GLN S 49 -13.35 11.81 -41.11
C GLN S 49 -12.64 11.94 -42.46
N LYS S 50 -11.44 11.46 -42.50
CA LYS S 50 -10.60 11.62 -43.65
C LYS S 50 -10.32 10.20 -44.03
N ASP S 51 -10.48 10.03 -45.33
CA ASP S 51 -10.25 8.73 -45.93
C ASP S 51 -8.79 8.46 -46.22
N SER S 52 -8.03 9.54 -46.35
CA SER S 52 -6.71 9.40 -46.86
C SER S 52 -5.83 10.55 -46.45
N TYR S 53 -4.54 10.39 -46.47
CA TYR S 53 -3.65 11.44 -46.07
C TYR S 53 -2.50 11.43 -47.05
N VAL S 54 -1.84 12.54 -47.40
CA VAL S 54 -0.77 12.53 -48.40
C VAL S 54 0.35 13.46 -47.93
N GLY S 55 1.59 13.07 -48.24
CA GLY S 55 2.75 13.90 -47.99
C GLY S 55 3.08 13.95 -46.53
N ASP S 56 3.27 15.15 -46.02
CA ASP S 56 3.64 15.34 -44.64
C ASP S 56 2.54 15.01 -43.69
N GLU S 57 1.24 15.26 -43.93
CA GLU S 57 0.26 14.81 -42.98
C GLU S 57 0.22 13.28 -42.84
N ALA S 58 0.64 12.54 -43.85
CA ALA S 58 0.72 11.11 -43.75
C ALA S 58 1.95 10.74 -42.92
N GLN S 59 3.04 11.50 -43.04
CA GLN S 59 4.21 11.16 -42.29
C GLN S 59 3.94 11.48 -40.83
N SER S 60 3.46 12.67 -40.53
CA SER S 60 3.22 13.09 -39.17
C SER S 60 2.23 12.26 -38.36
N LYS S 61 1.26 11.74 -39.07
CA LYS S 61 0.26 10.96 -38.41
C LYS S 61 0.56 9.51 -38.70
N ARG S 62 1.80 9.04 -38.94
CA ARG S 62 1.99 7.65 -39.37
C ARG S 62 1.58 6.50 -38.47
N GLY S 63 1.56 6.77 -37.17
CA GLY S 63 1.13 5.80 -36.18
C GLY S 63 -0.31 5.34 -36.35
N ILE S 64 -1.28 6.07 -36.95
CA ILE S 64 -2.63 5.52 -37.08
C ILE S 64 -3.03 5.16 -38.50
N LEU S 65 -2.11 5.22 -39.45
CA LEU S 65 -2.39 4.99 -40.88
C LEU S 65 -1.50 3.91 -41.47
N THR S 66 -1.85 3.31 -42.62
CA THR S 66 -0.95 2.37 -43.27
C THR S 66 -0.46 3.21 -44.46
N LEU S 67 0.86 3.41 -44.38
CA LEU S 67 1.58 4.23 -45.33
C LEU S 67 1.88 3.45 -46.57
N LYS S 68 1.75 4.08 -47.74
CA LYS S 68 2.10 3.38 -48.99
C LYS S 68 2.81 4.31 -49.95
N TYR S 69 3.84 3.72 -50.55
CA TYR S 69 4.69 4.40 -51.53
C TYR S 69 4.29 4.11 -53.00
N PRO S 70 3.58 4.97 -53.78
CA PRO S 70 3.16 4.75 -55.17
C PRO S 70 4.21 4.49 -56.20
N ILE S 71 5.43 4.95 -55.93
CA ILE S 71 6.50 4.84 -56.88
C ILE S 71 7.62 3.93 -56.35
N GLU S 72 7.66 2.70 -56.88
CA GLU S 72 8.69 1.82 -56.43
C GLU S 72 9.85 1.84 -57.40
N HIS S 73 11.00 2.33 -56.92
CA HIS S 73 12.19 2.41 -57.74
C HIS S 73 12.04 3.29 -58.96
N GLY S 74 11.34 4.43 -58.78
CA GLY S 74 11.19 5.38 -59.86
C GLY S 74 10.03 5.08 -60.79
N ILE S 75 9.46 3.86 -60.78
CA ILE S 75 8.34 3.51 -61.67
C ILE S 75 7.00 3.62 -60.94
N ILE S 76 5.89 4.15 -61.49
CA ILE S 76 4.61 4.23 -60.75
C ILE S 76 4.04 2.82 -60.73
N THR S 77 3.89 2.33 -59.50
CA THR S 77 3.37 1.00 -59.23
C THR S 77 1.90 1.05 -58.85
N ASN S 78 1.40 2.09 -58.16
CA ASN S 78 -0.03 2.13 -57.90
C ASN S 78 -0.63 3.42 -58.41
N TRP S 79 -1.47 3.27 -59.44
CA TRP S 79 -2.09 4.41 -60.12
C TRP S 79 -3.22 5.08 -59.37
N ASP S 80 -3.86 4.41 -58.39
CA ASP S 80 -4.94 4.99 -57.57
C ASP S 80 -4.32 5.96 -56.57
N ASP S 81 -3.30 5.46 -55.88
CA ASP S 81 -2.47 6.28 -55.03
C ASP S 81 -1.61 7.33 -55.69
N MET S 82 -1.27 7.26 -56.97
CA MET S 82 -0.49 8.30 -57.62
C MET S 82 -1.44 9.44 -57.92
N GLU S 83 -2.62 9.18 -58.48
CA GLU S 83 -3.60 10.22 -58.82
C GLU S 83 -3.94 11.00 -57.55
N LYS S 84 -3.90 10.32 -56.40
CA LYS S 84 -4.00 10.98 -55.11
C LYS S 84 -2.83 11.94 -54.88
N ILE S 85 -1.54 11.57 -55.06
CA ILE S 85 -0.45 12.51 -54.88
C ILE S 85 -0.53 13.66 -55.87
N TRP S 86 -0.92 13.45 -57.13
CA TRP S 86 -1.05 14.55 -58.08
C TRP S 86 -2.12 15.51 -57.64
N HIS S 87 -3.27 14.97 -57.22
CA HIS S 87 -4.37 15.80 -56.77
C HIS S 87 -3.92 16.76 -55.66
N HIS S 88 -3.23 16.17 -54.66
CA HIS S 88 -2.67 16.92 -53.58
C HIS S 88 -1.72 17.98 -54.11
N THR S 89 -0.90 17.69 -55.10
CA THR S 89 0.07 18.65 -55.59
C THR S 89 -0.58 19.83 -56.21
N PHE S 90 -1.53 19.62 -57.10
CA PHE S 90 -2.18 20.74 -57.74
C PHE S 90 -3.02 21.51 -56.75
N TYR S 91 -3.95 20.83 -56.11
CA TYR S 91 -4.93 21.55 -55.35
C TYR S 91 -4.56 22.06 -54.03
N ASN S 92 -3.67 21.40 -53.33
CA ASN S 92 -3.33 21.84 -51.98
C ASN S 92 -1.95 22.47 -51.95
N GLU S 93 -0.95 21.81 -52.50
CA GLU S 93 0.38 22.33 -52.47
C GLU S 93 0.54 23.57 -53.33
N LEU S 94 0.21 23.53 -54.64
CA LEU S 94 0.43 24.69 -55.49
C LEU S 94 -0.84 25.53 -55.57
N ARG S 95 -1.97 24.98 -55.08
CA ARG S 95 -3.29 25.61 -54.98
C ARG S 95 -3.83 26.17 -56.30
N VAL S 96 -3.39 25.57 -57.40
CA VAL S 96 -3.79 26.00 -58.71
C VAL S 96 -4.94 25.13 -59.17
N ALA S 97 -5.71 25.57 -60.17
CA ALA S 97 -6.67 24.68 -60.80
C ALA S 97 -5.87 24.11 -61.96
N PRO S 98 -5.75 22.80 -62.19
CA PRO S 98 -4.97 22.23 -63.29
C PRO S 98 -5.50 22.48 -64.68
N GLU S 99 -6.83 22.64 -64.85
CA GLU S 99 -7.42 22.82 -66.18
C GLU S 99 -7.12 24.09 -66.92
N GLU S 100 -6.30 24.96 -66.34
CA GLU S 100 -5.77 26.04 -67.14
C GLU S 100 -4.24 26.12 -67.06
N HIS S 101 -3.52 25.04 -66.69
CA HIS S 101 -2.07 25.10 -66.64
C HIS S 101 -1.37 24.04 -67.43
N PRO S 102 -0.41 24.27 -68.33
CA PRO S 102 0.27 23.22 -69.04
C PRO S 102 1.12 22.55 -67.96
N THR S 103 1.30 21.23 -67.97
CA THR S 103 2.01 20.47 -66.93
C THR S 103 3.19 19.68 -67.47
N LEU S 104 4.47 19.96 -67.12
CA LEU S 104 5.59 19.14 -67.56
C LEU S 104 5.85 18.20 -66.43
N LEU S 105 5.79 16.93 -66.78
CA LEU S 105 6.04 15.85 -65.85
C LEU S 105 7.34 15.14 -66.11
N THR S 106 7.84 14.32 -65.17
CA THR S 106 9.02 13.58 -65.50
C THR S 106 8.78 12.09 -65.35
N GLU S 107 9.52 11.29 -66.11
CA GLU S 107 9.48 9.84 -65.92
C GLU S 107 10.91 9.31 -65.76
N ALA S 108 11.02 8.05 -65.42
CA ALA S 108 12.29 7.40 -65.24
C ALA S 108 12.90 6.88 -66.52
N PRO S 109 14.21 6.61 -66.48
CA PRO S 109 14.96 6.07 -67.58
C PRO S 109 14.36 5.02 -68.51
N LEU S 110 13.91 3.84 -68.13
CA LEU S 110 13.41 2.92 -69.14
C LEU S 110 11.96 2.68 -68.77
N ASN S 111 11.23 3.76 -68.53
CA ASN S 111 9.83 3.77 -68.11
C ASN S 111 9.05 3.09 -69.21
N PRO S 112 8.31 2.06 -68.86
CA PRO S 112 7.50 1.30 -69.80
C PRO S 112 6.53 2.15 -70.59
N LYS S 113 6.55 1.97 -71.93
CA LYS S 113 5.72 2.74 -72.88
C LYS S 113 4.28 2.99 -72.45
N ALA S 114 3.76 1.94 -71.84
CA ALA S 114 2.40 1.86 -71.36
C ALA S 114 2.08 2.79 -70.20
N ASN S 115 3.08 3.09 -69.35
CA ASN S 115 2.97 4.01 -68.23
C ASN S 115 2.90 5.43 -68.73
N ARG S 116 3.78 5.79 -69.70
CA ARG S 116 3.86 7.15 -70.25
C ARG S 116 2.52 7.41 -70.90
N GLU S 117 1.94 6.42 -71.59
CA GLU S 117 0.56 6.53 -72.06
C GLU S 117 -0.47 6.59 -70.91
N LYS S 118 -0.29 5.88 -69.78
CA LYS S 118 -1.27 5.92 -68.71
C LYS S 118 -1.28 7.25 -67.98
N MET S 119 -0.14 7.83 -67.58
CA MET S 119 -0.18 9.11 -66.93
C MET S 119 -0.64 10.24 -67.84
N THR S 120 -0.64 9.98 -69.15
CA THR S 120 -1.14 10.95 -70.09
C THR S 120 -2.65 10.82 -70.08
N GLN S 121 -3.14 9.58 -70.10
CA GLN S 121 -4.55 9.28 -69.96
C GLN S 121 -5.08 9.95 -68.70
N ILE S 122 -4.41 9.89 -67.55
CA ILE S 122 -4.88 10.49 -66.30
C ILE S 122 -4.69 12.00 -66.31
N MET S 123 -3.63 12.52 -66.91
CA MET S 123 -3.45 13.95 -66.92
C MET S 123 -4.56 14.58 -67.72
N PHE S 124 -4.74 14.17 -68.96
CA PHE S 124 -5.77 14.75 -69.82
C PHE S 124 -7.18 14.33 -69.47
N GLU S 125 -7.42 13.04 -69.18
CA GLU S 125 -8.79 12.62 -68.92
C GLU S 125 -9.26 12.78 -67.49
N THR S 126 -8.49 12.77 -66.39
CA THR S 126 -9.12 13.02 -65.10
C THR S 126 -8.72 14.39 -64.60
N PHE S 127 -7.59 15.03 -64.98
CA PHE S 127 -7.28 16.38 -64.48
C PHE S 127 -7.59 17.53 -65.44
N ASN S 128 -7.76 17.14 -66.72
CA ASN S 128 -8.18 18.02 -67.80
C ASN S 128 -7.18 19.17 -67.93
N VAL S 129 -5.88 18.86 -67.97
CA VAL S 129 -4.89 19.93 -68.12
C VAL S 129 -4.91 20.40 -69.59
N PRO S 130 -4.61 21.67 -69.99
CA PRO S 130 -4.63 22.08 -71.40
C PRO S 130 -3.68 21.30 -72.30
N ALA S 131 -2.45 21.12 -71.77
CA ALA S 131 -1.37 20.44 -72.45
C ALA S 131 -0.38 19.91 -71.42
N MET S 132 0.37 18.88 -71.81
CA MET S 132 1.36 18.29 -70.95
C MET S 132 2.53 17.75 -71.74
N TYR S 133 3.53 17.13 -71.09
CA TYR S 133 4.78 16.73 -71.72
C TYR S 133 5.49 15.88 -70.69
N VAL S 134 6.13 14.78 -71.04
CA VAL S 134 6.82 13.95 -70.08
C VAL S 134 8.32 14.01 -70.43
N ALA S 135 9.23 14.61 -69.64
CA ALA S 135 10.67 14.56 -69.92
C ALA S 135 11.41 13.43 -69.20
N ILE S 136 12.52 12.86 -69.65
CA ILE S 136 13.17 11.76 -68.91
C ILE S 136 14.04 12.47 -67.91
N GLN S 137 14.13 11.93 -66.70
CA GLN S 137 14.83 12.64 -65.65
C GLN S 137 16.28 12.95 -65.89
N ALA S 138 17.19 11.99 -66.13
CA ALA S 138 18.58 12.30 -66.46
C ALA S 138 18.81 13.35 -67.57
N VAL S 139 17.88 13.32 -68.50
CA VAL S 139 17.93 14.24 -69.60
C VAL S 139 17.69 15.67 -69.09
N LEU S 140 16.79 15.93 -68.13
CA LEU S 140 16.60 17.28 -67.59
C LEU S 140 17.76 17.65 -66.70
N SER S 141 18.34 16.70 -66.02
CA SER S 141 19.47 17.04 -65.20
C SER S 141 20.61 17.53 -66.03
N LEU S 142 20.93 16.86 -67.16
CA LEU S 142 22.03 17.25 -68.02
C LEU S 142 21.95 18.65 -68.60
N TYR S 143 20.73 18.83 -69.07
CA TYR S 143 20.35 20.06 -69.72
C TYR S 143 20.40 21.25 -68.77
N ALA S 144 19.99 21.05 -67.54
CA ALA S 144 20.10 22.07 -66.51
C ALA S 144 21.58 22.38 -66.24
N SER S 145 22.54 21.54 -66.63
CA SER S 145 23.95 21.89 -66.44
C SER S 145 24.53 22.45 -67.73
N GLY S 146 23.62 22.99 -68.56
CA GLY S 146 23.92 23.58 -69.83
C GLY S 146 24.01 22.58 -70.97
N ARG S 147 24.65 21.41 -70.83
CA ARG S 147 24.90 20.57 -71.99
C ARG S 147 23.89 19.57 -72.54
N THR S 148 24.27 18.92 -73.66
CA THR S 148 23.42 17.98 -74.37
C THR S 148 23.96 16.58 -74.58
N THR S 149 25.24 16.43 -74.35
CA THR S 149 25.88 15.13 -74.38
C THR S 149 26.68 15.16 -73.09
N GLY S 150 26.56 13.99 -72.46
CA GLY S 150 27.20 13.67 -71.21
C GLY S 150 26.62 12.38 -70.67
N ILE S 151 27.00 11.93 -69.49
CA ILE S 151 26.39 10.75 -68.90
C ILE S 151 26.00 11.22 -67.49
N VAL S 152 24.75 11.03 -67.10
CA VAL S 152 24.29 11.42 -65.78
C VAL S 152 24.31 10.24 -64.80
N LEU S 153 24.94 10.41 -63.62
CA LEU S 153 24.78 9.41 -62.59
C LEU S 153 23.68 10.04 -61.78
N ASP S 154 22.52 9.39 -61.79
CA ASP S 154 21.38 9.95 -61.08
C ASP S 154 21.01 9.03 -59.94
N SER S 155 20.87 9.58 -58.72
CA SER S 155 20.70 8.84 -57.47
C SER S 155 19.85 9.52 -56.41
N GLY S 156 18.70 8.95 -56.15
CA GLY S 156 17.80 9.61 -55.25
C GLY S 156 17.45 8.79 -54.06
N ASP S 157 16.15 8.54 -53.93
CA ASP S 157 15.73 7.79 -52.80
C ASP S 157 15.55 6.30 -53.01
N GLY S 158 14.96 5.79 -54.08
CA GLY S 158 14.86 4.35 -54.29
C GLY S 158 15.77 3.85 -55.43
N VAL S 159 16.20 4.62 -56.47
CA VAL S 159 17.04 4.13 -57.57
C VAL S 159 18.27 4.98 -57.85
N THR S 160 19.30 4.29 -58.42
CA THR S 160 20.46 4.90 -59.04
C THR S 160 20.51 4.52 -60.51
N HIS S 161 20.97 5.41 -61.36
CA HIS S 161 20.94 5.19 -62.79
C HIS S 161 22.17 5.83 -63.35
N ASN S 162 22.49 5.37 -64.55
CA ASN S 162 23.52 5.99 -65.40
C ASN S 162 22.86 6.21 -66.73
N VAL S 163 22.68 7.43 -67.21
CA VAL S 163 21.96 7.53 -68.49
C VAL S 163 22.85 8.33 -69.39
N PRO S 164 23.50 7.65 -70.35
CA PRO S 164 24.38 8.27 -71.34
C PRO S 164 23.44 8.98 -72.31
N ILE S 165 23.65 10.29 -72.56
CA ILE S 165 22.80 11.06 -73.50
C ILE S 165 23.63 11.69 -74.60
N TYR S 166 23.23 11.55 -75.85
CA TYR S 166 23.99 12.12 -76.97
C TYR S 166 23.11 13.04 -77.80
N GLU S 167 23.47 14.32 -77.84
CA GLU S 167 22.69 15.35 -78.50
C GLU S 167 21.20 15.29 -78.24
N GLY S 168 20.98 14.89 -76.99
CA GLY S 168 19.68 14.89 -76.36
C GLY S 168 18.99 13.58 -76.25
N TYR S 169 19.39 12.59 -77.05
CA TYR S 169 18.72 11.30 -77.03
C TYR S 169 19.43 10.38 -76.05
N ALA S 170 18.72 10.04 -74.96
CA ALA S 170 19.18 9.10 -73.96
C ALA S 170 19.36 7.76 -74.62
N LEU S 171 20.48 7.08 -74.35
CA LEU S 171 20.84 5.87 -75.08
C LEU S 171 20.35 4.60 -74.41
N PRO S 172 19.16 4.12 -74.75
CA PRO S 172 18.52 2.95 -74.13
C PRO S 172 19.35 1.73 -73.73
N HIS S 173 20.17 1.29 -74.65
CA HIS S 173 21.00 0.12 -74.41
C HIS S 173 22.23 0.42 -73.57
N ALA S 174 22.46 1.60 -73.02
CA ALA S 174 23.69 1.79 -72.28
C ALA S 174 23.41 2.20 -70.86
N ILE S 175 22.11 2.49 -70.59
CA ILE S 175 21.52 2.85 -69.27
C ILE S 175 21.66 1.72 -68.26
N MET S 176 22.08 2.01 -67.02
CA MET S 176 22.25 1.00 -65.96
C MET S 176 21.49 1.52 -64.76
N ARG S 177 20.87 0.57 -64.11
CA ARG S 177 20.09 0.84 -62.93
C ARG S 177 20.62 0.00 -61.77
N LEU S 178 20.83 0.67 -60.65
CA LEU S 178 21.34 0.03 -59.46
C LEU S 178 20.32 0.37 -58.40
N ASP S 179 19.53 -0.60 -57.94
CA ASP S 179 18.56 -0.39 -56.87
C ASP S 179 19.16 -0.29 -55.45
N LEU S 180 20.02 0.72 -55.18
CA LEU S 180 20.52 1.00 -53.84
C LEU S 180 20.67 2.50 -53.84
N ALA S 181 19.98 3.19 -52.95
CA ALA S 181 20.01 4.63 -52.93
C ALA S 181 19.93 5.18 -51.52
N GLY S 182 19.49 6.44 -51.31
CA GLY S 182 19.49 7.10 -50.01
C GLY S 182 18.68 6.46 -48.92
N ARG S 183 17.63 5.71 -49.29
CA ARG S 183 16.72 4.97 -48.42
C ARG S 183 17.50 3.83 -47.81
N ASP S 184 18.15 3.01 -48.67
CA ASP S 184 19.01 1.91 -48.30
C ASP S 184 20.13 2.42 -47.39
N LEU S 185 20.68 3.57 -47.77
CA LEU S 185 21.77 4.24 -47.06
C LEU S 185 21.50 4.77 -45.66
N THR S 186 20.24 5.16 -45.39
CA THR S 186 19.83 5.62 -44.07
C THR S 186 19.69 4.37 -43.19
N ASP S 187 19.27 3.23 -43.75
CA ASP S 187 19.03 2.07 -42.94
C ASP S 187 20.32 1.38 -42.60
N TYR S 188 21.35 1.55 -43.42
CA TYR S 188 22.64 0.99 -43.13
C TYR S 188 23.29 1.85 -42.07
N LEU S 189 23.16 3.17 -42.11
CA LEU S 189 23.78 4.02 -41.09
C LEU S 189 23.22 3.64 -39.75
N MET S 190 21.90 3.46 -39.75
CA MET S 190 21.11 3.06 -38.61
C MET S 190 21.76 1.90 -37.85
N LYS S 191 22.03 0.82 -38.59
CA LYS S 191 22.67 -0.32 -38.01
C LYS S 191 24.09 0.10 -37.67
N ILE S 192 25.00 0.67 -38.46
CA ILE S 192 26.35 0.96 -37.93
C ILE S 192 26.41 1.93 -36.76
N LEU S 193 25.30 2.61 -36.48
CA LEU S 193 25.20 3.55 -35.40
C LEU S 193 24.61 2.85 -34.18
N THR S 194 23.70 1.87 -34.32
CA THR S 194 23.25 1.09 -33.16
C THR S 194 24.39 0.17 -32.73
N GLU S 195 25.12 -0.28 -33.75
CA GLU S 195 26.31 -1.12 -33.65
C GLU S 195 27.45 -0.33 -32.99
N ARG S 196 27.46 1.01 -33.05
CA ARG S 196 28.39 1.85 -32.29
C ARG S 196 28.01 1.86 -30.80
N GLY S 197 26.91 1.17 -30.45
CA GLY S 197 26.43 1.03 -29.09
C GLY S 197 25.34 2.04 -28.86
N TYR S 198 24.23 2.02 -29.64
CA TYR S 198 23.15 3.00 -29.50
C TYR S 198 21.79 2.38 -29.72
N SER S 199 20.79 3.25 -29.50
CA SER S 199 19.40 2.86 -29.67
C SER S 199 18.48 3.96 -30.19
N PHE S 200 17.97 3.60 -31.35
CA PHE S 200 17.00 4.42 -32.04
C PHE S 200 15.78 3.55 -31.88
N VAL S 201 15.21 3.97 -30.76
CA VAL S 201 14.12 3.22 -30.20
C VAL S 201 12.78 3.82 -30.57
N THR S 202 12.43 5.05 -30.12
CA THR S 202 11.15 5.67 -30.49
C THR S 202 11.22 6.22 -31.90
N THR S 203 10.07 6.62 -32.48
CA THR S 203 10.04 7.11 -33.85
C THR S 203 10.77 8.46 -34.00
N ALA S 204 10.92 9.20 -32.91
CA ALA S 204 11.71 10.43 -32.90
C ALA S 204 13.23 10.18 -32.87
N GLU S 205 13.62 8.91 -32.75
CA GLU S 205 14.99 8.51 -32.80
C GLU S 205 15.19 8.01 -34.22
N ARG S 206 14.32 7.12 -34.73
CA ARG S 206 14.37 6.65 -36.13
C ARG S 206 14.60 7.75 -37.19
N GLU S 207 13.70 8.75 -37.23
CA GLU S 207 13.65 9.77 -38.26
C GLU S 207 14.92 10.60 -38.40
N ILE S 208 15.49 10.95 -37.25
CA ILE S 208 16.67 11.78 -37.20
C ILE S 208 17.98 11.09 -37.61
N VAL S 209 18.03 9.74 -37.77
CA VAL S 209 19.23 9.07 -38.27
C VAL S 209 19.43 9.54 -39.70
N ARG S 210 18.32 9.80 -40.38
CA ARG S 210 18.32 10.32 -41.72
C ARG S 210 18.88 11.75 -41.74
N ASP S 211 18.63 12.57 -40.71
CA ASP S 211 19.14 13.93 -40.64
C ASP S 211 20.60 13.95 -40.22
N ILE S 212 21.05 12.86 -39.58
CA ILE S 212 22.47 12.65 -39.28
C ILE S 212 23.18 12.37 -40.60
N LYS S 213 22.72 11.35 -41.37
CA LYS S 213 23.20 11.01 -42.71
C LYS S 213 23.34 12.24 -43.57
N GLU S 214 22.31 13.06 -43.71
CA GLU S 214 22.38 14.27 -44.54
C GLU S 214 23.42 15.25 -44.00
N LYS S 215 23.38 15.69 -42.73
CA LYS S 215 24.30 16.70 -42.19
C LYS S 215 25.79 16.37 -42.00
N LEU S 216 26.03 15.20 -41.38
CA LEU S 216 27.36 14.77 -41.03
C LEU S 216 28.02 13.79 -41.97
N CYS S 217 27.33 13.03 -42.84
CA CYS S 217 28.03 12.13 -43.76
C CYS S 217 28.80 12.70 -44.94
N TYR S 218 29.89 11.93 -45.13
CA TYR S 218 31.02 12.24 -46.02
C TYR S 218 31.37 11.12 -46.97
N VAL S 219 31.96 11.45 -48.13
CA VAL S 219 32.54 10.41 -48.98
C VAL S 219 33.97 10.83 -49.04
N ALA S 220 34.71 10.04 -48.33
CA ALA S 220 36.12 10.21 -48.35
C ALA S 220 36.75 9.55 -49.56
N LEU S 221 37.75 10.28 -49.98
CA LEU S 221 38.71 9.86 -50.97
C LEU S 221 39.79 9.24 -50.12
N ASP S 222 40.19 8.05 -50.59
CA ASP S 222 41.09 7.17 -49.87
C ASP S 222 40.48 6.84 -48.52
N PHE S 223 39.41 6.03 -48.72
CA PHE S 223 38.55 5.52 -47.67
C PHE S 223 39.29 4.48 -46.86
N GLU S 224 40.41 4.02 -47.47
CA GLU S 224 41.42 3.09 -46.96
C GLU S 224 42.14 3.63 -45.73
N ASN S 225 42.92 4.69 -45.99
CA ASN S 225 43.66 5.38 -44.97
C ASN S 225 42.83 6.52 -44.43
N GLU S 226 41.56 6.22 -44.17
CA GLU S 226 40.63 7.12 -43.50
C GLU S 226 40.08 6.38 -42.26
N MET S 227 39.95 5.06 -42.45
CA MET S 227 39.71 4.09 -41.39
C MET S 227 40.97 4.10 -40.53
N ALA S 228 42.16 3.96 -41.18
CA ALA S 228 43.46 4.04 -40.53
C ALA S 228 43.60 5.32 -39.69
N THR S 229 43.16 6.44 -40.29
CA THR S 229 43.11 7.72 -39.58
C THR S 229 42.18 7.68 -38.37
N ALA S 230 41.03 7.00 -38.53
CA ALA S 230 40.00 6.89 -37.49
C ALA S 230 40.56 6.35 -36.20
N ALA S 231 41.43 5.32 -36.38
CA ALA S 231 42.14 4.59 -35.31
C ALA S 231 43.16 5.37 -34.47
N SER S 232 44.02 6.18 -35.12
CA SER S 232 44.93 7.10 -34.45
C SER S 232 44.16 8.12 -33.61
N SER S 233 42.87 8.28 -34.01
CA SER S 233 41.85 9.15 -33.45
C SER S 233 42.31 10.57 -33.22
N SER S 234 42.00 11.14 -34.39
CA SER S 234 42.17 12.55 -34.64
C SER S 234 40.85 13.19 -34.21
N SER S 235 40.83 14.51 -34.43
CA SER S 235 39.62 15.28 -34.22
C SER S 235 38.78 15.14 -35.52
N LEU S 236 38.55 13.86 -35.93
CA LEU S 236 37.72 13.49 -37.07
C LEU S 236 36.27 13.28 -36.59
N GLU S 237 36.10 12.85 -35.31
CA GLU S 237 34.78 12.62 -34.67
C GLU S 237 33.74 13.73 -34.77
N LYS S 238 32.44 13.41 -34.69
CA LYS S 238 31.42 14.44 -34.76
C LYS S 238 30.15 14.11 -34.00
N SER S 239 29.95 14.87 -32.91
CA SER S 239 28.74 14.72 -32.10
C SER S 239 27.61 15.67 -32.45
N TYR S 240 26.45 15.01 -32.61
CA TYR S 240 25.17 15.61 -32.96
C TYR S 240 24.30 15.61 -31.70
N GLU S 241 23.58 16.70 -31.38
CA GLU S 241 22.63 16.70 -30.23
C GLU S 241 21.23 16.31 -30.72
N LEU S 242 20.69 15.24 -30.10
CA LEU S 242 19.40 14.66 -30.48
C LEU S 242 18.15 15.55 -30.27
N PRO S 243 16.82 15.17 -30.39
CA PRO S 243 15.68 16.09 -30.15
C PRO S 243 15.76 16.78 -28.77
N ASP S 244 16.30 15.99 -27.83
CA ASP S 244 16.67 16.36 -26.46
C ASP S 244 18.22 16.54 -26.34
N GLY S 245 18.79 16.48 -25.11
CA GLY S 245 20.22 16.65 -24.84
C GLY S 245 21.11 15.57 -25.42
N GLN S 246 20.75 14.30 -25.16
CA GLN S 246 21.40 13.08 -25.62
C GLN S 246 22.36 13.18 -26.83
N VAL S 247 23.50 13.76 -26.51
CA VAL S 247 24.55 13.99 -27.48
C VAL S 247 25.18 12.67 -27.93
N ILE S 248 24.85 12.38 -29.18
CA ILE S 248 25.36 11.17 -29.79
C ILE S 248 26.64 11.51 -30.56
N THR S 249 27.65 10.64 -30.51
CA THR S 249 28.88 10.87 -31.27
C THR S 249 29.04 9.83 -32.40
N ILE S 250 29.51 10.40 -33.52
CA ILE S 250 29.72 9.70 -34.76
C ILE S 250 31.04 10.23 -35.24
N GLY S 251 32.02 9.35 -35.19
CA GLY S 251 33.31 9.77 -35.66
C GLY S 251 33.53 9.33 -37.07
N ASN S 252 33.69 8.02 -37.03
CA ASN S 252 34.15 7.15 -38.09
C ASN S 252 33.03 6.79 -39.11
N GLU S 253 31.95 6.06 -38.73
CA GLU S 253 30.77 5.67 -39.56
C GLU S 253 30.16 6.66 -40.51
N ARG S 254 30.39 7.90 -40.10
CA ARG S 254 30.19 9.11 -40.87
C ARG S 254 30.49 8.94 -42.40
N PHE S 255 31.57 8.20 -42.76
CA PHE S 255 31.95 7.91 -44.14
C PHE S 255 31.80 6.44 -44.52
N ARG S 256 31.60 5.56 -43.53
CA ARG S 256 31.38 4.15 -43.80
C ARG S 256 30.03 3.96 -44.52
N CYS S 257 29.14 4.93 -44.32
CA CYS S 257 27.81 4.94 -44.95
C CYS S 257 27.93 5.25 -46.48
N PRO S 258 28.50 6.34 -47.02
CA PRO S 258 28.63 6.54 -48.45
C PRO S 258 29.68 5.58 -49.07
N GLU S 259 30.67 4.99 -48.35
CA GLU S 259 31.56 3.94 -48.92
C GLU S 259 30.58 2.82 -49.36
N THR S 260 29.31 2.74 -48.91
CA THR S 260 28.39 1.71 -49.38
C THR S 260 28.11 1.91 -50.86
N LEU S 261 27.96 3.16 -51.32
CA LEU S 261 27.79 3.41 -52.76
C LEU S 261 28.92 2.89 -53.69
N PHE S 262 30.18 2.73 -53.22
CA PHE S 262 31.28 2.17 -54.02
C PHE S 262 31.46 0.68 -53.77
N GLN S 263 31.09 0.26 -52.56
CA GLN S 263 31.12 -1.13 -52.12
C GLN S 263 29.72 -1.52 -51.67
N PRO S 264 28.91 -2.17 -52.54
CA PRO S 264 27.57 -2.64 -52.25
C PRO S 264 27.66 -3.86 -51.33
N SER S 265 28.86 -4.47 -51.27
CA SER S 265 29.21 -5.61 -50.40
C SER S 265 29.05 -5.36 -48.88
N PHE S 266 29.07 -4.05 -48.50
CA PHE S 266 28.80 -3.56 -47.16
C PHE S 266 27.38 -3.85 -46.74
N ILE S 267 26.53 -4.08 -47.74
CA ILE S 267 25.14 -4.34 -47.48
C ILE S 267 24.62 -5.62 -48.14
N GLY S 268 25.49 -6.61 -48.33
CA GLY S 268 25.00 -7.85 -48.89
C GLY S 268 24.49 -7.69 -50.32
N MET S 269 24.96 -6.63 -50.98
CA MET S 269 24.68 -6.51 -52.40
C MET S 269 25.87 -7.03 -53.17
N GLU S 270 25.55 -7.89 -54.16
CA GLU S 270 26.54 -8.46 -55.08
C GLU S 270 26.77 -7.68 -56.39
N SER S 271 25.92 -6.67 -56.65
CA SER S 271 26.04 -5.76 -57.77
C SER S 271 27.32 -4.95 -57.69
N ALA S 272 27.71 -4.41 -58.86
CA ALA S 272 28.87 -3.54 -58.95
C ALA S 272 28.57 -2.16 -58.34
N GLY S 273 29.53 -1.26 -58.16
CA GLY S 273 29.24 0.01 -57.54
C GLY S 273 29.28 1.19 -58.51
N ILE S 274 28.66 2.31 -58.08
CA ILE S 274 28.57 3.57 -58.80
C ILE S 274 29.63 3.89 -59.87
N HIS S 275 30.93 3.83 -59.51
CA HIS S 275 32.03 4.18 -60.41
C HIS S 275 32.30 3.17 -61.50
N GLU S 276 32.16 1.89 -61.16
CA GLU S 276 32.34 0.85 -62.11
C GLU S 276 31.20 0.88 -63.06
N THR S 277 30.04 1.21 -62.55
CA THR S 277 28.83 1.23 -63.33
C THR S 277 28.89 2.42 -64.27
N THR S 278 29.40 3.59 -63.87
CA THR S 278 29.61 4.75 -64.74
C THR S 278 30.41 4.34 -65.99
N TYR S 279 31.44 3.59 -65.65
CA TYR S 279 32.38 3.08 -66.59
C TYR S 279 31.72 2.06 -67.46
N ASN S 280 31.01 1.09 -66.93
CA ASN S 280 30.50 0.03 -67.78
C ASN S 280 29.50 0.55 -68.80
N SER S 281 28.76 1.59 -68.41
CA SER S 281 27.76 2.26 -69.24
C SER S 281 28.50 2.76 -70.45
N ILE S 282 29.67 3.35 -70.10
CA ILE S 282 30.55 3.99 -71.06
C ILE S 282 31.18 2.93 -71.94
N MET S 283 31.72 1.78 -71.51
CA MET S 283 32.23 0.86 -72.52
C MET S 283 31.13 0.02 -73.24
N LYS S 284 29.83 0.40 -73.03
CA LYS S 284 28.66 -0.13 -73.76
C LYS S 284 28.15 0.80 -74.86
N CYS S 285 28.73 2.00 -74.94
CA CYS S 285 28.37 3.03 -75.90
C CYS S 285 29.26 3.02 -77.12
N ASP S 286 28.91 3.76 -78.18
CA ASP S 286 29.79 3.86 -79.33
C ASP S 286 31.07 4.51 -78.84
N ILE S 287 32.11 4.02 -79.50
CA ILE S 287 33.56 4.33 -79.36
C ILE S 287 34.00 5.80 -79.56
N ASP S 288 33.42 6.35 -80.62
CA ASP S 288 33.65 7.71 -80.99
C ASP S 288 32.98 8.61 -79.95
N ILE S 289 31.90 8.19 -79.24
CA ILE S 289 31.28 9.10 -78.26
C ILE S 289 31.86 8.96 -76.88
N ARG S 290 32.68 7.94 -76.62
CA ARG S 290 33.24 7.78 -75.30
C ARG S 290 34.15 8.95 -74.90
N LYS S 291 34.86 9.77 -75.70
CA LYS S 291 35.59 10.87 -75.03
C LYS S 291 34.64 11.91 -74.45
N ASP S 292 33.45 12.06 -75.06
CA ASP S 292 32.46 13.04 -74.68
C ASP S 292 31.84 12.71 -73.34
N LEU S 293 31.32 11.51 -73.22
CA LEU S 293 30.78 11.04 -71.99
C LEU S 293 31.79 11.16 -70.85
N TYR S 294 33.08 10.86 -71.09
CA TYR S 294 34.06 10.94 -70.02
C TYR S 294 34.33 12.33 -69.52
N ALA S 295 34.23 13.32 -70.38
CA ALA S 295 34.48 14.67 -69.89
C ALA S 295 33.18 15.31 -69.40
N ASN S 296 32.09 14.52 -69.26
CA ASN S 296 30.82 15.08 -68.87
C ASN S 296 29.98 14.14 -68.07
N ASN S 297 30.49 13.84 -66.89
CA ASN S 297 29.82 13.01 -65.92
C ASN S 297 29.07 13.99 -65.05
N VAL S 298 27.80 14.13 -65.27
CA VAL S 298 27.01 15.09 -64.53
C VAL S 298 26.35 14.25 -63.47
N MET S 299 26.40 14.81 -62.26
CA MET S 299 25.75 14.18 -61.14
C MET S 299 24.46 14.87 -60.72
N SER S 300 23.43 14.08 -60.46
CA SER S 300 22.25 14.69 -59.88
C SER S 300 21.60 13.71 -58.92
N GLY S 301 20.81 14.28 -58.00
CA GLY S 301 20.08 13.48 -57.03
C GLY S 301 20.51 13.69 -55.56
N GLY S 302 19.54 13.58 -54.65
CA GLY S 302 19.80 13.79 -53.24
C GLY S 302 20.97 12.96 -52.72
N THR S 303 21.09 11.70 -53.09
CA THR S 303 22.15 10.89 -52.56
C THR S 303 23.51 11.22 -53.16
N THR S 304 23.66 12.05 -54.19
CA THR S 304 24.99 12.39 -54.72
C THR S 304 25.52 13.67 -54.07
N MET S 305 24.85 14.12 -53.01
CA MET S 305 25.20 15.35 -52.32
C MET S 305 26.25 15.18 -51.25
N TYR S 306 26.53 13.93 -50.77
CA TYR S 306 27.56 13.63 -49.78
C TYR S 306 28.85 14.34 -50.15
N PRO S 307 29.42 15.33 -49.45
CA PRO S 307 30.69 15.97 -49.85
C PRO S 307 31.80 14.96 -50.21
N GLY S 308 32.62 15.33 -51.22
CA GLY S 308 33.76 14.53 -51.63
C GLY S 308 33.43 13.32 -52.48
N ILE S 309 32.19 13.36 -52.99
CA ILE S 309 31.64 12.31 -53.84
C ILE S 309 32.22 12.39 -55.22
N ALA S 310 32.39 13.66 -55.61
CA ALA S 310 32.90 14.03 -56.91
C ALA S 310 34.38 13.68 -56.95
N ASP S 311 35.22 14.05 -55.94
CA ASP S 311 36.66 13.73 -55.91
C ASP S 311 36.92 12.22 -55.95
N ARG S 312 36.17 11.45 -55.15
CA ARG S 312 36.26 10.00 -55.15
C ARG S 312 35.90 9.53 -56.55
N MET S 313 34.81 10.01 -57.19
CA MET S 313 34.42 9.55 -58.52
C MET S 313 35.40 9.90 -59.62
N GLN S 314 36.05 11.06 -59.42
CA GLN S 314 37.05 11.64 -60.28
C GLN S 314 38.21 10.70 -60.41
N LYS S 315 38.68 10.29 -59.25
CA LYS S 315 39.77 9.35 -59.15
C LYS S 315 39.37 7.93 -59.37
N GLU S 316 38.09 7.65 -59.18
CA GLU S 316 37.65 6.29 -59.39
C GLU S 316 37.63 5.98 -60.88
N ILE S 317 37.13 6.91 -61.71
CA ILE S 317 37.10 6.57 -63.12
C ILE S 317 38.39 6.98 -63.81
N THR S 318 39.23 7.93 -63.37
CA THR S 318 40.50 8.20 -64.05
C THR S 318 41.33 6.92 -64.12
N ALA S 319 41.38 6.29 -62.96
CA ALA S 319 42.09 5.04 -62.82
C ALA S 319 41.41 3.79 -63.41
N LEU S 320 40.33 3.93 -64.19
CA LEU S 320 39.77 2.81 -64.93
C LEU S 320 39.73 3.11 -66.43
N ALA S 321 39.74 4.42 -66.72
CA ALA S 321 39.72 4.94 -68.07
C ALA S 321 41.11 4.97 -68.72
N PRO S 322 41.24 4.80 -70.06
CA PRO S 322 42.54 4.83 -70.76
C PRO S 322 43.23 6.18 -70.54
N SER S 323 44.51 6.30 -70.13
CA SER S 323 45.13 7.61 -69.82
C SER S 323 45.11 8.77 -70.82
N THR S 324 44.83 8.39 -72.06
CA THR S 324 44.66 9.31 -73.17
C THR S 324 43.37 10.13 -73.01
N MET S 325 42.57 9.80 -71.99
CA MET S 325 41.27 10.37 -71.78
C MET S 325 41.24 11.47 -70.76
N LYS S 326 40.30 12.36 -71.02
CA LYS S 326 39.99 13.43 -70.10
C LYS S 326 38.74 12.98 -69.33
N ILE S 327 38.87 13.00 -68.01
CA ILE S 327 37.79 12.66 -67.09
C ILE S 327 37.22 14.01 -66.64
N LYS S 328 35.91 14.15 -66.39
CA LYS S 328 35.39 15.37 -65.78
C LYS S 328 34.02 15.14 -65.16
N ILE S 329 34.06 15.20 -63.81
CA ILE S 329 32.90 14.95 -62.95
C ILE S 329 32.25 16.27 -62.49
N ILE S 330 31.17 16.65 -63.15
CA ILE S 330 30.43 17.85 -62.80
C ILE S 330 29.38 17.43 -61.76
N ALA S 331 29.40 18.15 -60.64
CA ALA S 331 28.49 17.99 -59.53
C ALA S 331 28.06 19.39 -59.09
N PRO S 332 26.99 20.00 -59.59
CA PRO S 332 26.55 21.32 -59.17
C PRO S 332 25.97 21.32 -57.75
N PRO S 333 25.88 22.50 -57.10
CA PRO S 333 25.36 22.66 -55.75
C PRO S 333 23.87 22.44 -55.65
N GLU S 334 23.10 22.87 -56.66
CA GLU S 334 21.69 22.68 -56.56
C GLU S 334 21.34 21.26 -56.93
N ARG S 335 22.27 20.32 -57.20
CA ARG S 335 21.93 18.97 -57.66
C ARG S 335 20.76 18.16 -57.08
N LYS S 336 20.35 18.37 -55.84
CA LYS S 336 19.15 17.70 -55.33
C LYS S 336 17.91 18.19 -56.11
N TYR S 337 17.91 19.30 -56.86
CA TYR S 337 16.83 19.69 -57.76
C TYR S 337 17.25 19.82 -59.25
N SER S 338 18.35 19.22 -59.76
CA SER S 338 18.77 19.37 -61.16
C SER S 338 17.69 19.08 -62.16
N VAL S 339 17.11 17.89 -61.95
CA VAL S 339 16.00 17.37 -62.70
C VAL S 339 14.93 18.43 -62.82
N TRP S 340 14.52 19.02 -61.67
CA TRP S 340 13.40 19.95 -61.65
C TRP S 340 13.74 21.23 -62.38
N ILE S 341 14.98 21.70 -62.16
CA ILE S 341 15.42 22.97 -62.66
C ILE S 341 15.53 22.85 -64.15
N GLY S 342 15.99 21.69 -64.66
CA GLY S 342 16.10 21.42 -66.10
C GLY S 342 14.72 21.49 -66.74
N GLY S 343 13.68 21.08 -66.00
CA GLY S 343 12.33 21.12 -66.48
C GLY S 343 11.81 22.55 -66.48
N SER S 344 12.15 23.33 -65.45
CA SER S 344 11.73 24.71 -65.33
C SER S 344 12.25 25.57 -66.47
N ILE S 345 13.51 25.31 -66.81
CA ILE S 345 14.19 26.01 -67.88
C ILE S 345 13.50 25.68 -69.20
N LEU S 346 13.50 24.39 -69.51
CA LEU S 346 12.95 23.85 -70.72
C LEU S 346 11.52 24.29 -70.93
N ALA S 347 10.69 24.17 -69.89
CA ALA S 347 9.28 24.45 -70.08
C ALA S 347 9.01 25.93 -70.13
N SER S 348 9.88 26.77 -69.58
CA SER S 348 9.64 28.21 -69.69
C SER S 348 10.21 28.75 -71.02
N LEU S 349 11.07 27.94 -71.64
CA LEU S 349 11.66 28.26 -72.95
C LEU S 349 10.67 28.52 -74.07
N SER S 350 11.23 29.50 -74.75
CA SER S 350 10.74 30.12 -75.98
C SER S 350 10.50 29.07 -77.06
N THR S 351 11.32 28.02 -77.21
CA THR S 351 11.11 27.03 -78.26
C THR S 351 10.33 25.77 -77.94
N PHE S 352 9.92 25.65 -76.69
CA PHE S 352 9.29 24.42 -76.24
C PHE S 352 7.81 24.32 -76.52
N GLN S 353 7.29 25.49 -76.82
CA GLN S 353 5.86 25.62 -77.02
C GLN S 353 5.37 24.66 -78.07
N GLN S 354 6.12 24.51 -79.15
CA GLN S 354 5.75 23.57 -80.20
C GLN S 354 5.94 22.08 -79.86
N MET S 355 6.45 21.67 -78.66
CA MET S 355 6.42 20.25 -78.28
C MET S 355 5.36 19.90 -77.23
N TRP S 356 4.67 20.86 -76.61
CA TRP S 356 3.57 20.57 -75.69
C TRP S 356 2.49 19.66 -76.25
N ILE S 357 2.12 18.47 -75.70
CA ILE S 357 0.99 17.71 -76.26
C ILE S 357 -0.34 18.36 -75.82
N THR S 358 -1.12 18.88 -76.77
CA THR S 358 -2.36 19.57 -76.40
C THR S 358 -3.52 18.61 -76.43
N LYS S 359 -4.60 18.91 -75.69
CA LYS S 359 -5.84 18.15 -75.76
C LYS S 359 -6.33 17.95 -77.20
N GLN S 360 -5.98 18.85 -78.13
CA GLN S 360 -6.31 18.73 -79.55
C GLN S 360 -5.52 17.49 -79.97
N GLU S 361 -4.18 17.46 -79.88
CA GLU S 361 -3.43 16.25 -80.21
C GLU S 361 -4.01 14.97 -79.59
N TYR S 362 -4.29 15.04 -78.29
CA TYR S 362 -4.79 13.88 -77.59
C TYR S 362 -6.16 13.41 -78.06
N ASP S 363 -7.21 14.26 -77.96
CA ASP S 363 -8.56 13.86 -78.34
C ASP S 363 -8.61 13.30 -79.76
N GLU S 364 -7.62 13.72 -80.56
CA GLU S 364 -7.49 13.23 -81.91
C GLU S 364 -6.56 12.05 -82.14
N ALA S 365 -5.46 11.84 -81.37
CA ALA S 365 -4.50 10.74 -81.64
C ALA S 365 -4.39 9.55 -80.66
N GLY S 366 -5.07 9.70 -79.50
CA GLY S 366 -5.04 8.74 -78.40
C GLY S 366 -3.72 8.86 -77.63
N PRO S 367 -3.49 8.17 -76.51
CA PRO S 367 -2.30 8.37 -75.64
C PRO S 367 -0.96 8.17 -76.32
N SER S 368 -1.08 7.45 -77.45
CA SER S 368 0.00 7.18 -78.37
C SER S 368 0.73 8.46 -78.75
N ILE S 369 -0.01 9.56 -78.99
CA ILE S 369 0.53 10.86 -79.37
C ILE S 369 1.75 11.35 -78.59
N VAL S 370 1.66 11.35 -77.25
CA VAL S 370 2.74 11.84 -76.39
C VAL S 370 3.80 10.76 -76.16
N HIS S 371 3.38 9.51 -76.36
CA HIS S 371 4.28 8.42 -76.09
C HIS S 371 5.58 8.50 -76.92
N ARG S 372 5.52 9.11 -78.12
CA ARG S 372 6.63 9.26 -79.07
C ARG S 372 7.01 7.83 -79.53
N ASP T 1 26.08 -52.60 -87.29
CA ASP T 1 25.53 -52.17 -85.97
C ASP T 1 26.62 -51.68 -85.03
N GLU T 2 27.73 -52.43 -85.11
CA GLU T 2 29.01 -52.20 -84.43
C GLU T 2 29.22 -50.72 -84.08
N ASP T 3 29.01 -49.94 -85.13
CA ASP T 3 28.96 -48.53 -84.96
C ASP T 3 27.72 -47.90 -85.59
N GLU T 4 26.80 -48.62 -86.28
CA GLU T 4 25.55 -48.06 -86.86
C GLU T 4 24.71 -47.45 -85.73
N THR T 5 24.67 -48.21 -84.60
CA THR T 5 23.99 -47.81 -83.37
C THR T 5 24.76 -46.81 -82.50
N THR T 6 26.04 -47.17 -82.54
CA THR T 6 27.16 -46.72 -81.78
C THR T 6 27.73 -45.33 -82.07
N ALA T 7 27.43 -44.66 -83.19
CA ALA T 7 27.97 -43.32 -83.43
C ALA T 7 27.26 -42.29 -82.58
N LEU T 8 28.04 -41.42 -81.93
CA LEU T 8 27.49 -40.38 -81.06
C LEU T 8 27.52 -39.04 -81.80
N VAL T 9 26.63 -38.09 -81.50
CA VAL T 9 26.72 -36.81 -82.17
C VAL T 9 26.59 -35.79 -81.10
N CYS T 10 27.64 -34.99 -80.95
CA CYS T 10 27.66 -34.01 -79.91
C CYS T 10 27.85 -32.65 -80.52
N ASP T 11 26.83 -31.81 -80.42
CA ASP T 11 26.92 -30.44 -80.86
C ASP T 11 27.10 -29.43 -79.70
N ASN T 12 28.32 -28.89 -79.60
CA ASN T 12 28.74 -28.01 -78.54
C ASN T 12 28.38 -26.59 -78.87
N GLY T 13 27.56 -25.96 -78.03
CA GLY T 13 27.15 -24.59 -78.25
C GLY T 13 27.62 -23.67 -77.14
N SER T 14 27.31 -22.42 -77.44
CA SER T 14 27.59 -21.37 -76.50
C SER T 14 26.60 -21.40 -75.35
N GLY T 15 25.35 -21.83 -75.53
CA GLY T 15 24.36 -21.85 -74.48
C GLY T 15 24.01 -23.26 -74.14
N LEU T 16 23.73 -24.11 -75.14
CA LEU T 16 23.33 -25.51 -74.99
C LEU T 16 24.20 -26.58 -75.62
N VAL T 17 24.28 -27.79 -75.08
CA VAL T 17 24.92 -28.92 -75.72
C VAL T 17 23.76 -29.70 -76.31
N LYS T 18 23.82 -30.26 -77.51
CA LYS T 18 22.79 -31.14 -78.02
C LYS T 18 23.52 -32.47 -78.27
N ALA T 19 23.03 -33.61 -77.81
CA ALA T 19 23.77 -34.85 -77.89
C ALA T 19 22.84 -36.03 -78.06
N GLY T 20 23.35 -37.21 -78.41
CA GLY T 20 22.46 -38.30 -78.73
C GLY T 20 23.18 -39.25 -79.67
N PHE T 21 22.39 -40.18 -80.22
CA PHE T 21 22.96 -41.22 -81.08
C PHE T 21 22.61 -40.96 -82.52
N ALA T 22 23.58 -41.15 -83.40
CA ALA T 22 23.39 -41.03 -84.85
C ALA T 22 22.36 -42.07 -85.12
N GLY T 23 21.35 -41.65 -85.86
CA GLY T 23 20.21 -42.52 -86.06
C GLY T 23 19.00 -41.82 -85.50
N ASP T 24 19.00 -41.33 -84.26
CA ASP T 24 17.85 -40.66 -83.69
C ASP T 24 17.43 -39.44 -84.49
N ASP T 25 16.19 -38.99 -84.27
CA ASP T 25 15.62 -37.87 -85.04
C ASP T 25 15.87 -36.48 -84.43
N ALA T 26 16.20 -36.53 -83.13
CA ALA T 26 16.42 -35.37 -82.28
C ALA T 26 17.38 -35.72 -81.15
N PRO T 27 18.07 -34.72 -80.55
CA PRO T 27 19.01 -34.97 -79.45
C PRO T 27 18.43 -35.64 -78.21
N ARG T 28 19.12 -36.66 -77.77
CA ARG T 28 18.75 -37.36 -76.56
C ARG T 28 19.06 -36.47 -75.37
N ALA T 29 20.02 -35.56 -75.51
CA ALA T 29 20.43 -34.74 -74.39
C ALA T 29 20.65 -33.30 -74.79
N VAL T 30 20.02 -32.40 -74.04
CA VAL T 30 20.10 -30.98 -74.28
C VAL T 30 20.24 -30.34 -72.91
N PHE T 31 21.26 -29.51 -72.69
CA PHE T 31 21.49 -28.96 -71.37
C PHE T 31 22.42 -27.80 -71.38
N PRO T 32 22.42 -26.85 -70.45
CA PRO T 32 23.35 -25.73 -70.47
C PRO T 32 24.81 -26.13 -70.40
N SER T 33 25.53 -25.23 -71.07
CA SER T 33 26.93 -25.32 -71.30
C SER T 33 27.58 -24.51 -70.20
N ILE T 34 27.37 -24.90 -68.94
CA ILE T 34 28.00 -24.28 -67.79
C ILE T 34 28.76 -25.26 -66.93
N VAL T 35 29.64 -24.81 -66.05
CA VAL T 35 30.42 -25.60 -65.17
C VAL T 35 30.46 -24.69 -63.96
N GLY T 36 29.85 -25.14 -62.90
CA GLY T 36 29.75 -24.41 -61.68
C GLY T 36 30.76 -24.92 -60.71
N ARG T 37 31.31 -23.96 -59.98
CA ARG T 37 32.36 -24.22 -59.01
C ARG T 37 31.87 -23.64 -57.67
N PRO T 38 31.59 -24.40 -56.61
CA PRO T 38 31.07 -23.86 -55.35
C PRO T 38 31.88 -22.79 -54.66
N ARG T 39 31.21 -21.65 -54.46
CA ARG T 39 31.79 -20.57 -53.69
C ARG T 39 32.07 -20.88 -52.23
N HIS T 40 31.46 -21.95 -51.58
CA HIS T 40 31.69 -22.23 -50.15
C HIS T 40 31.83 -23.67 -49.78
N GLN T 41 32.43 -24.04 -48.66
CA GLN T 41 32.48 -25.44 -48.35
C GLN T 41 31.25 -25.92 -47.60
N GLY T 42 30.74 -27.08 -48.03
CA GLY T 42 29.53 -27.64 -47.49
C GLY T 42 28.95 -28.69 -48.41
N VAL T 43 27.83 -29.30 -48.04
CA VAL T 43 27.19 -30.36 -48.80
C VAL T 43 25.65 -30.31 -48.92
N MET T 44 25.09 -31.05 -49.89
CA MET T 44 23.64 -31.21 -49.94
C MET T 44 23.43 -32.43 -49.06
N VAL T 45 22.23 -32.59 -48.50
CA VAL T 45 21.88 -33.70 -47.68
C VAL T 45 21.96 -35.04 -48.45
N GLY T 46 22.89 -35.88 -48.01
CA GLY T 46 22.99 -37.20 -48.54
C GLY T 46 24.07 -37.31 -49.58
N MET T 47 24.54 -36.19 -50.10
CA MET T 47 25.63 -36.23 -51.02
C MET T 47 26.94 -35.92 -50.33
N GLY T 48 28.02 -36.19 -51.07
CA GLY T 48 29.36 -35.81 -50.67
C GLY T 48 29.68 -34.43 -51.26
N GLN T 49 30.85 -33.95 -50.79
CA GLN T 49 31.47 -32.74 -51.32
C GLN T 49 31.73 -32.89 -52.82
N LYS T 50 31.31 -31.91 -53.55
CA LYS T 50 31.36 -31.95 -54.97
C LYS T 50 32.23 -30.76 -55.30
N ASP T 51 33.15 -31.08 -56.18
CA ASP T 51 34.10 -30.08 -56.63
C ASP T 51 33.54 -29.21 -57.74
N SER T 52 32.54 -29.74 -58.44
CA SER T 52 32.12 -29.12 -59.65
C SER T 52 30.72 -29.50 -60.01
N TYR T 53 30.05 -28.72 -60.82
CA TYR T 53 28.71 -29.02 -61.20
C TYR T 53 28.57 -28.72 -62.66
N VAL T 54 27.75 -29.40 -63.47
CA VAL T 54 27.67 -29.14 -64.91
C VAL T 54 26.22 -29.21 -65.37
N GLY T 55 25.87 -28.36 -66.33
CA GLY T 55 24.57 -28.38 -66.95
C GLY T 55 23.52 -27.83 -66.04
N ASP T 56 22.43 -28.58 -65.91
CA ASP T 56 21.31 -28.13 -65.10
C ASP T 56 21.63 -28.15 -63.63
N GLU T 57 22.39 -29.07 -63.03
CA GLU T 57 22.70 -28.92 -61.64
C GLU T 57 23.51 -27.65 -61.34
N ALA T 58 24.26 -27.13 -62.30
CA ALA T 58 24.96 -25.89 -62.10
C ALA T 58 23.96 -24.73 -62.20
N GLN T 59 22.96 -24.85 -63.05
CA GLN T 59 22.03 -23.76 -63.18
C GLN T 59 21.17 -23.73 -61.91
N SER T 60 20.62 -24.86 -61.51
CA SER T 60 19.76 -24.94 -60.35
C SER T 60 20.36 -24.51 -59.03
N LYS T 61 21.63 -24.77 -58.90
CA LYS T 61 22.30 -24.45 -57.68
C LYS T 61 23.10 -23.20 -57.93
N ARG T 62 22.77 -22.27 -58.84
CA ARG T 62 23.69 -21.17 -59.13
C ARG T 62 24.08 -20.17 -58.06
N GLY T 63 23.20 -20.03 -57.07
CA GLY T 63 23.45 -19.16 -55.93
C GLY T 63 24.66 -19.57 -55.11
N ILE T 64 25.16 -20.82 -55.04
CA ILE T 64 26.35 -21.08 -54.23
C ILE T 64 27.61 -21.39 -55.04
N LEU T 65 27.56 -21.26 -56.36
CA LEU T 65 28.66 -21.62 -57.26
C LEU T 65 29.08 -20.47 -58.16
N THR T 66 30.29 -20.49 -58.75
CA THR T 66 30.64 -19.47 -59.71
C THR T 66 30.55 -20.24 -61.02
N LEU T 67 29.61 -19.73 -61.82
CA LEU T 67 29.25 -20.30 -63.10
C LEU T 67 30.21 -19.88 -64.15
N LYS T 68 30.60 -20.80 -65.05
CA LYS T 68 31.48 -20.42 -66.16
C LYS T 68 31.08 -21.09 -67.44
N TYR T 69 31.14 -20.27 -68.49
CA TYR T 69 30.80 -20.68 -69.85
C TYR T 69 32.05 -21.07 -70.69
N PRO T 70 32.41 -22.35 -70.95
CA PRO T 70 33.58 -22.80 -71.73
C PRO T 70 33.68 -22.36 -73.17
N ILE T 71 32.54 -22.03 -73.77
CA ILE T 71 32.51 -21.68 -75.17
C ILE T 71 32.06 -20.23 -75.35
N GLU T 72 33.02 -19.37 -75.64
CA GLU T 72 32.66 -17.99 -75.85
C GLU T 72 32.49 -17.71 -77.33
N HIS T 73 31.26 -17.40 -77.73
CA HIS T 73 30.97 -17.10 -79.13
C HIS T 73 31.25 -18.26 -80.07
N GLY T 74 30.93 -19.48 -79.62
CA GLY T 74 31.09 -20.64 -80.47
C GLY T 74 32.47 -21.26 -80.42
N ILE T 75 33.49 -20.54 -79.93
CA ILE T 75 34.87 -21.07 -79.86
C ILE T 75 35.20 -21.61 -78.47
N ILE T 76 35.87 -22.77 -78.26
CA ILE T 76 36.16 -23.26 -76.89
C ILE T 76 37.30 -22.39 -76.35
N THR T 77 36.97 -21.71 -75.26
CA THR T 77 37.87 -20.81 -74.59
C THR T 77 38.52 -21.47 -73.37
N ASN T 78 37.84 -22.37 -72.65
CA ASN T 78 38.52 -23.05 -71.54
C ASN T 78 38.42 -24.54 -71.70
N TRP T 79 39.61 -25.15 -71.95
CA TRP T 79 39.71 -26.57 -72.22
C TRP T 79 39.58 -27.47 -71.01
N ASP T 80 39.79 -26.97 -69.78
CA ASP T 80 39.64 -27.74 -68.53
C ASP T 80 38.15 -27.92 -68.26
N ASP T 81 37.43 -26.82 -68.30
CA ASP T 81 35.99 -26.83 -68.26
C ASP T 81 35.27 -27.43 -69.42
N MET T 82 35.82 -27.59 -70.61
CA MET T 82 35.12 -28.23 -71.73
C MET T 82 35.22 -29.72 -71.50
N GLU T 83 36.39 -30.27 -71.16
CA GLU T 83 36.57 -31.69 -70.91
C GLU T 83 35.62 -32.14 -69.81
N LYS T 84 35.33 -31.22 -68.88
CA LYS T 84 34.28 -31.45 -67.89
C LYS T 84 32.90 -31.57 -68.55
N ILE T 85 32.46 -30.67 -69.46
CA ILE T 85 31.16 -30.85 -70.11
C ILE T 85 31.11 -32.11 -70.95
N TRP T 86 32.18 -32.50 -71.65
CA TRP T 86 32.17 -33.74 -72.43
C TRP T 86 32.02 -34.93 -71.52
N HIS T 87 32.78 -34.94 -70.43
CA HIS T 87 32.71 -36.04 -69.48
C HIS T 87 31.27 -36.27 -69.01
N HIS T 88 30.63 -35.17 -68.61
CA HIS T 88 29.24 -35.18 -68.21
C HIS T 88 28.37 -35.72 -69.33
N THR T 89 28.62 -35.37 -70.57
CA THR T 89 27.78 -35.80 -71.66
C THR T 89 27.84 -37.27 -71.87
N PHE T 90 29.03 -37.83 -71.94
CA PHE T 90 29.14 -39.25 -72.15
C PHE T 90 28.64 -40.01 -70.95
N TYR T 91 29.22 -39.74 -69.79
CA TYR T 91 28.97 -40.60 -68.68
C TYR T 91 27.72 -40.45 -67.93
N ASN T 92 27.16 -39.25 -67.88
CA ASN T 92 25.95 -39.07 -67.11
C ASN T 92 24.75 -38.88 -68.02
N GLU T 93 24.85 -37.99 -69.00
CA GLU T 93 23.73 -37.74 -69.87
C GLU T 93 23.42 -38.92 -70.77
N LEU T 94 24.38 -39.43 -71.58
CA LEU T 94 24.08 -40.52 -72.49
C LEU T 94 24.39 -41.86 -71.84
N ARG T 95 25.11 -41.84 -70.70
CA ARG T 95 25.48 -42.98 -69.87
C ARG T 95 26.23 -44.10 -70.61
N VAL T 96 26.92 -43.71 -71.66
CA VAL T 96 27.68 -44.63 -72.47
C VAL T 96 29.12 -44.63 -72.01
N ALA T 97 29.89 -45.67 -72.34
CA ALA T 97 31.32 -45.60 -72.13
C ALA T 97 31.82 -45.07 -73.46
N PRO T 98 32.62 -44.01 -73.57
CA PRO T 98 33.10 -43.48 -74.84
C PRO T 98 34.07 -44.35 -75.61
N GLU T 99 34.87 -45.20 -74.92
CA GLU T 99 35.86 -46.02 -75.59
C GLU T 99 35.38 -47.12 -76.50
N GLU T 100 34.07 -47.25 -76.67
CA GLU T 100 33.60 -48.10 -77.73
C GLU T 100 32.60 -47.37 -78.65
N HIS T 101 32.57 -46.03 -78.68
CA HIS T 101 31.63 -45.33 -79.56
C HIS T 101 32.26 -44.35 -80.50
N PRO T 102 32.08 -44.32 -81.81
CA PRO T 102 32.67 -43.32 -82.68
C PRO T 102 31.94 -42.04 -82.31
N THR T 103 32.58 -40.86 -82.28
CA THR T 103 32.01 -39.60 -81.83
C THR T 103 32.05 -38.52 -82.92
N LEU T 104 30.93 -38.00 -83.47
CA LEU T 104 30.97 -36.90 -84.42
C LEU T 104 30.72 -35.68 -83.61
N LEU T 105 31.68 -34.77 -83.71
CA LEU T 105 31.61 -33.49 -83.02
C LEU T 105 31.38 -32.33 -83.95
N THR T 106 31.01 -31.15 -83.46
CA THR T 106 30.92 -30.05 -84.36
C THR T 106 31.81 -28.92 -83.94
N GLU T 107 32.26 -28.12 -84.90
CA GLU T 107 32.99 -26.89 -84.57
C GLU T 107 32.35 -25.70 -85.28
N ALA T 108 32.82 -24.52 -84.94
CA ALA T 108 32.33 -23.29 -85.53
C ALA T 108 32.98 -22.94 -86.85
N PRO T 109 32.34 -22.05 -87.60
CA PRO T 109 32.82 -21.56 -88.86
C PRO T 109 34.29 -21.26 -89.09
N LEU T 110 35.01 -20.42 -88.38
CA LEU T 110 36.41 -20.21 -88.74
C LEU T 110 37.20 -20.64 -87.52
N ASN T 111 36.88 -21.83 -86.98
CA ASN T 111 37.48 -22.39 -85.79
C ASN T 111 38.95 -22.56 -86.07
N PRO T 112 39.78 -21.98 -85.23
CA PRO T 112 41.23 -22.05 -85.35
C PRO T 112 41.77 -23.45 -85.47
N LYS T 113 42.61 -23.69 -86.47
CA LYS T 113 43.22 -24.99 -86.79
C LYS T 113 43.69 -25.81 -85.57
N ALA T 114 44.25 -25.02 -84.66
CA ALA T 114 44.83 -25.50 -83.42
C ALA T 114 43.84 -26.10 -82.43
N ASN T 115 42.60 -25.59 -82.43
CA ASN T 115 41.51 -26.06 -81.61
C ASN T 115 41.02 -27.41 -82.11
N ARG T 116 40.85 -27.54 -83.45
CA ARG T 116 40.33 -28.77 -84.08
C ARG T 116 41.35 -29.84 -83.76
N GLU T 117 42.65 -29.52 -83.82
CA GLU T 117 43.68 -30.44 -83.32
C GLU T 117 43.62 -30.67 -81.80
N LYS T 118 43.26 -29.68 -80.97
CA LYS T 118 43.22 -29.89 -79.53
C LYS T 118 42.06 -30.76 -79.10
N MET T 119 40.83 -30.56 -79.57
CA MET T 119 39.74 -31.43 -79.20
C MET T 119 39.91 -32.85 -79.74
N THR T 120 40.79 -33.02 -80.71
CA THR T 120 41.08 -34.32 -81.23
C THR T 120 42.05 -34.98 -80.26
N GLN T 121 43.05 -34.22 -79.83
CA GLN T 121 43.98 -34.64 -78.81
C GLN T 121 43.21 -35.08 -77.58
N ILE T 122 42.18 -34.36 -77.10
CA ILE T 122 41.43 -34.73 -75.91
C ILE T 122 40.44 -35.85 -76.20
N MET T 123 39.87 -35.93 -77.40
CA MET T 123 38.94 -37.01 -77.67
C MET T 123 39.70 -38.31 -77.66
N PHE T 124 40.76 -38.43 -78.46
CA PHE T 124 41.52 -39.66 -78.55
C PHE T 124 42.40 -39.93 -77.34
N GLU T 125 43.11 -38.91 -76.83
CA GLU T 125 44.02 -39.19 -75.71
C GLU T 125 43.42 -39.13 -74.33
N THR T 126 42.33 -38.41 -73.97
CA THR T 126 41.84 -38.56 -72.61
C THR T 126 40.53 -39.34 -72.62
N PHE T 127 39.71 -39.40 -73.69
CA PHE T 127 38.47 -40.20 -73.66
C PHE T 127 38.55 -41.57 -74.34
N ASN T 128 39.60 -41.71 -75.17
CA ASN T 128 39.96 -42.95 -75.84
C ASN T 128 38.79 -43.42 -76.69
N VAL T 129 38.21 -42.54 -77.51
CA VAL T 129 37.09 -42.96 -78.36
C VAL T 129 37.68 -43.77 -79.54
N PRO T 130 37.00 -44.78 -80.18
CA PRO T 130 37.58 -45.53 -81.30
C PRO T 130 37.96 -44.68 -82.50
N ALA T 131 37.03 -43.77 -82.83
CA ALA T 131 37.16 -42.86 -83.97
C ALA T 131 36.28 -41.64 -83.74
N MET T 132 36.64 -40.54 -84.39
CA MET T 132 35.89 -39.32 -84.29
C MET T 132 35.95 -38.51 -85.58
N TYR T 133 35.33 -37.32 -85.62
CA TYR T 133 35.17 -36.54 -86.86
C TYR T 133 34.66 -35.20 -86.40
N VAL T 134 35.10 -34.09 -86.96
CA VAL T 134 34.61 -32.78 -86.56
C VAL T 134 33.88 -32.18 -87.78
N ALA T 135 32.55 -32.00 -87.81
CA ALA T 135 31.88 -31.30 -88.92
C ALA T 135 31.68 -29.80 -88.70
N ILE T 136 31.59 -28.91 -89.68
CA ILE T 136 31.40 -27.48 -89.40
C ILE T 136 29.92 -27.33 -89.25
N GLN T 137 29.49 -26.49 -88.33
CA GLN T 137 28.07 -26.42 -88.02
C GLN T 137 27.17 -26.02 -89.15
N ALA T 138 27.31 -24.85 -89.81
CA ALA T 138 26.48 -24.51 -90.97
C ALA T 138 26.37 -25.56 -92.07
N VAL T 139 27.47 -26.28 -92.21
CA VAL T 139 27.54 -27.32 -93.19
C VAL T 139 26.59 -28.45 -92.81
N LEU T 140 26.44 -28.84 -91.53
CA LEU T 140 25.48 -29.87 -91.16
C LEU T 140 24.06 -29.35 -91.23
N SER T 141 23.88 -28.07 -90.97
CA SER T 141 22.54 -27.55 -91.08
C SER T 141 22.05 -27.62 -92.50
N LEU T 142 22.88 -27.25 -93.48
CA LEU T 142 22.50 -27.25 -94.89
C LEU T 142 22.08 -28.60 -95.44
N TYR T 143 22.97 -29.50 -95.05
CA TYR T 143 22.87 -30.88 -95.46
C TYR T 143 21.62 -31.57 -94.89
N ALA T 144 21.28 -31.24 -93.66
CA ALA T 144 20.06 -31.72 -93.04
C ALA T 144 18.84 -31.15 -93.79
N SER T 145 18.97 -30.10 -94.61
CA SER T 145 17.82 -29.62 -95.39
C SER T 145 17.89 -30.17 -96.81
N GLY T 146 18.60 -31.30 -96.93
CA GLY T 146 18.79 -32.00 -98.17
C GLY T 146 19.96 -31.46 -98.99
N ARG T 147 20.16 -30.15 -99.16
CA ARG T 147 21.15 -29.67 -100.12
C ARG T 147 22.64 -29.53 -99.79
N THR T 148 23.40 -29.13 -100.82
CA THR T 148 24.84 -29.00 -100.73
C THR T 148 25.43 -27.66 -101.07
N THR T 149 24.63 -26.81 -101.69
CA THR T 149 25.00 -25.44 -101.97
C THR T 149 23.78 -24.68 -101.47
N GLY T 150 24.15 -23.62 -100.79
CA GLY T 150 23.25 -22.68 -100.19
C GLY T 150 24.02 -21.76 -99.27
N ILE T 151 23.38 -20.86 -98.55
CA ILE T 151 24.08 -20.04 -97.57
C ILE T 151 23.25 -20.20 -96.29
N VAL T 152 23.89 -20.56 -95.18
CA VAL T 152 23.18 -20.73 -93.92
C VAL T 152 23.29 -19.46 -93.05
N LEU T 153 22.16 -18.95 -92.55
CA LEU T 153 22.23 -17.91 -91.55
C LEU T 153 22.07 -18.74 -90.29
N ASP T 154 23.14 -18.80 -89.50
CA ASP T 154 23.10 -19.63 -88.31
C ASP T 154 23.20 -18.73 -87.10
N SER T 155 22.27 -18.89 -86.13
CA SER T 155 22.09 -18.00 -84.98
C SER T 155 21.61 -18.68 -83.70
N GLY T 156 22.48 -18.72 -82.72
CA GLY T 156 22.12 -19.44 -81.52
C GLY T 156 22.14 -18.60 -80.29
N ASP T 157 22.97 -19.01 -79.36
CA ASP T 157 23.01 -18.28 -78.13
C ASP T 157 24.08 -17.23 -78.02
N GLY T 158 25.33 -17.41 -78.41
CA GLY T 158 26.32 -16.35 -78.35
C GLY T 158 26.71 -15.82 -79.75
N VAL T 159 26.61 -16.53 -80.91
CA VAL T 159 27.01 -16.04 -82.24
C VAL T 159 25.96 -16.18 -83.31
N THR T 160 26.05 -15.28 -84.32
CA THR T 160 25.36 -15.37 -85.59
C THR T 160 26.39 -15.46 -86.71
N HIS T 161 26.08 -16.20 -87.76
CA HIS T 161 27.02 -16.45 -88.83
C HIS T 161 26.26 -16.53 -90.09
N ASN T 162 27.00 -16.34 -91.17
CA ASN T 162 26.51 -16.58 -92.54
C ASN T 162 27.54 -17.47 -93.17
N VAL T 163 27.23 -18.69 -93.57
CA VAL T 163 28.32 -19.50 -94.11
C VAL T 163 27.85 -19.98 -95.46
N PRO T 164 28.39 -19.37 -96.54
CA PRO T 164 28.07 -19.72 -97.91
C PRO T 164 28.78 -21.05 -98.16
N ILE T 165 28.05 -22.09 -98.62
CA ILE T 165 28.64 -23.41 -98.90
C ILE T 165 28.41 -23.83 -100.34
N TYR T 166 29.45 -24.28 -101.05
CA TYR T 166 29.31 -24.68 -102.44
C TYR T 166 29.78 -26.12 -102.63
N GLU T 167 28.86 -26.99 -103.03
CA GLU T 167 29.12 -28.42 -103.17
C GLU T 167 29.89 -29.05 -102.02
N GLY T 168 29.54 -28.46 -100.87
CA GLY T 168 29.95 -28.93 -99.58
C GLY T 168 31.05 -28.17 -98.91
N TYR T 169 31.83 -27.40 -99.68
CA TYR T 169 32.94 -26.68 -99.10
C TYR T 169 32.50 -25.29 -98.68
N ALA T 170 32.50 -25.04 -97.36
CA ALA T 170 32.18 -23.76 -96.78
C ALA T 170 33.21 -22.77 -97.24
N LEU T 171 32.78 -21.57 -97.66
CA LEU T 171 33.67 -20.62 -98.32
C LEU T 171 34.30 -19.63 -97.34
N PRO T 172 35.47 -19.94 -96.81
CA PRO T 172 36.16 -19.13 -95.79
C PRO T 172 36.14 -17.60 -95.87
N HIS T 173 36.41 -17.10 -97.05
CA HIS T 173 36.44 -15.66 -97.25
C HIS T 173 35.07 -15.04 -97.42
N ALA T 174 33.96 -15.73 -97.27
CA ALA T 174 32.69 -15.05 -97.49
C ALA T 174 31.83 -15.11 -96.26
N ILE T 175 32.29 -15.93 -95.27
CA ILE T 175 31.68 -16.14 -93.92
C ILE T 175 31.67 -14.84 -93.10
N MET T 176 30.55 -14.51 -92.44
CA MET T 176 30.43 -13.30 -91.62
C MET T 176 29.91 -13.75 -90.28
N ARG T 177 30.44 -13.11 -89.28
CA ARG T 177 30.10 -13.38 -87.91
C ARG T 177 29.59 -12.09 -87.26
N LEU T 178 28.46 -12.20 -86.60
CA LEU T 178 27.85 -11.08 -85.94
C LEU T 178 27.66 -11.56 -84.51
N ASP T 179 28.42 -11.02 -83.54
CA ASP T 179 28.27 -11.37 -82.13
C ASP T 179 27.05 -10.75 -81.43
N LEU T 180 25.81 -11.07 -81.88
CA LEU T 180 24.60 -10.66 -81.19
C LEU T 180 23.65 -11.80 -81.46
N ALA T 181 23.18 -12.46 -80.42
CA ALA T 181 22.32 -13.60 -80.57
C ALA T 181 21.25 -13.69 -79.49
N GLY T 182 20.69 -14.87 -79.20
CA GLY T 182 19.58 -15.05 -78.27
C GLY T 182 19.81 -14.60 -76.84
N ARG T 183 21.07 -14.64 -76.39
CA ARG T 183 21.54 -14.22 -75.06
C ARG T 183 21.38 -12.73 -74.96
N ASP T 184 21.95 -11.98 -75.93
CA ASP T 184 21.84 -10.54 -76.08
C ASP T 184 20.38 -10.14 -76.13
N LEU T 185 19.60 -10.91 -76.91
CA LEU T 185 18.17 -10.70 -77.10
C LEU T 185 17.23 -10.86 -75.91
N THR T 186 17.62 -11.73 -74.96
CA THR T 186 16.85 -11.93 -73.73
C THR T 186 17.15 -10.73 -72.83
N ASP T 187 18.37 -10.18 -72.86
CA ASP T 187 18.70 -9.11 -71.97
C ASP T 187 18.13 -7.80 -72.44
N TYR T 188 17.89 -7.68 -73.74
CA TYR T 188 17.28 -6.48 -74.26
C TYR T 188 15.79 -6.54 -73.94
N LEU T 189 15.14 -7.71 -74.04
CA LEU T 189 13.72 -7.79 -73.73
C LEU T 189 13.51 -7.38 -72.31
N MET T 190 14.40 -7.89 -71.46
CA MET T 190 14.46 -7.63 -70.04
C MET T 190 14.29 -6.14 -69.73
N LYS T 191 15.17 -5.34 -70.35
CA LYS T 191 15.11 -3.91 -70.19
C LYS T 191 13.83 -3.45 -70.85
N ILE T 192 13.40 -3.68 -72.09
CA ILE T 192 12.14 -3.09 -72.56
C ILE T 192 10.88 -3.52 -71.81
N LEU T 193 11.01 -4.54 -70.97
CA LEU T 193 9.92 -5.04 -70.19
C LEU T 193 9.97 -4.41 -68.79
N THR T 194 11.16 -4.10 -68.23
CA THR T 194 11.21 -3.37 -66.96
C THR T 194 10.81 -1.93 -67.24
N GLU T 195 11.21 -1.48 -68.44
CA GLU T 195 10.93 -0.17 -69.01
C GLU T 195 9.42 -0.06 -69.30
N ARG T 196 8.68 -1.17 -69.51
CA ARG T 196 7.22 -1.16 -69.61
C ARG T 196 6.59 -0.93 -68.21
N GLY T 197 7.45 -0.81 -67.18
CA GLY T 197 7.05 -0.55 -65.81
C GLY T 197 6.99 -1.86 -65.06
N TYR T 198 8.11 -2.61 -64.97
CA TYR T 198 8.11 -3.91 -64.30
C TYR T 198 9.41 -4.16 -63.54
N SER T 199 9.38 -5.30 -62.84
CA SER T 199 10.52 -5.74 -62.05
C SER T 199 10.74 -7.24 -61.99
N PHE T 200 11.92 -7.53 -62.53
CA PHE T 200 12.41 -8.89 -62.55
C PHE T 200 13.55 -8.75 -61.56
N VAL T 201 13.02 -9.04 -60.38
CA VAL T 201 13.77 -8.82 -59.19
C VAL T 201 14.44 -10.09 -58.70
N THR T 202 13.70 -11.14 -58.27
CA THR T 202 14.31 -12.38 -57.81
C THR T 202 14.76 -13.22 -59.01
N THR T 203 15.55 -14.28 -58.79
CA THR T 203 16.07 -15.10 -59.88
C THR T 203 14.96 -15.88 -60.59
N ALA T 204 13.82 -16.09 -59.93
CA ALA T 204 12.65 -16.69 -60.56
C ALA T 204 11.86 -15.72 -61.47
N GLU T 205 12.28 -14.46 -61.47
CA GLU T 205 11.72 -13.45 -62.33
C GLU T 205 12.70 -13.36 -63.49
N ARG T 206 14.01 -13.21 -63.24
CA ARG T 206 15.03 -13.21 -64.30
C ARG T 206 14.87 -14.30 -65.38
N GLU T 207 14.86 -15.57 -64.95
CA GLU T 207 14.90 -16.73 -65.84
C GLU T 207 13.75 -16.82 -66.83
N ILE T 208 12.56 -16.49 -66.34
CA ILE T 208 11.35 -16.56 -67.13
C ILE T 208 11.20 -15.46 -68.20
N VAL T 209 12.02 -14.37 -68.21
CA VAL T 209 11.97 -13.36 -69.26
C VAL T 209 12.39 -14.07 -70.55
N ARG T 210 13.29 -15.03 -70.41
CA ARG T 210 13.76 -15.84 -71.50
C ARG T 210 12.62 -16.73 -72.03
N ASP T 211 11.72 -17.23 -71.16
CA ASP T 211 10.61 -18.07 -71.59
C ASP T 211 9.49 -17.23 -72.19
N ILE T 212 9.48 -15.93 -71.84
CA ILE T 212 8.57 -14.96 -72.48
C ILE T 212 9.07 -14.76 -73.92
N LYS T 213 10.35 -14.39 -74.11
CA LYS T 213 11.01 -14.24 -75.40
C LYS T 213 10.72 -15.43 -76.29
N GLU T 214 10.95 -16.66 -75.84
CA GLU T 214 10.69 -17.84 -76.67
C GLU T 214 9.20 -17.97 -77.02
N LYS T 215 8.26 -17.98 -76.06
CA LYS T 215 6.83 -18.20 -76.33
C LYS T 215 6.03 -17.12 -77.08
N LEU T 216 6.19 -15.86 -76.62
CA LEU T 216 5.44 -14.74 -77.15
C LEU T 216 6.14 -13.89 -78.17
N CYS T 217 7.47 -13.88 -78.32
CA CYS T 217 8.09 -13.05 -79.36
C CYS T 217 7.97 -13.47 -80.82
N TYR T 218 7.87 -12.35 -81.57
CA TYR T 218 7.52 -12.30 -83.00
C TYR T 218 8.48 -11.49 -83.83
N VAL T 219 8.60 -11.79 -85.13
CA VAL T 219 9.33 -10.90 -86.03
C VAL T 219 8.27 -10.55 -87.02
N ALA T 220 7.88 -9.32 -86.84
CA ALA T 220 6.94 -8.77 -87.77
C ALA T 220 7.64 -8.25 -89.02
N LEU T 221 6.86 -8.48 -90.06
CA LEU T 221 7.10 -7.94 -91.38
C LEU T 221 6.31 -6.64 -91.33
N ASP T 222 7.01 -5.61 -91.81
CA ASP T 222 6.56 -4.23 -91.73
C ASP T 222 6.36 -3.88 -90.26
N PHE T 223 7.56 -3.81 -89.67
CA PHE T 223 7.77 -3.53 -88.25
C PHE T 223 7.46 -2.06 -87.97
N GLU T 224 7.41 -1.31 -89.09
CA GLU T 224 7.05 0.10 -89.23
C GLU T 224 5.61 0.38 -88.79
N ASN T 225 4.69 -0.17 -89.60
CA ASN T 225 3.28 -0.06 -89.36
C ASN T 225 2.81 -1.25 -88.55
N GLU T 226 3.60 -1.57 -87.52
CA GLU T 226 3.27 -2.58 -86.52
C GLU T 226 3.32 -1.89 -85.14
N MET T 227 4.26 -0.93 -85.05
CA MET T 227 4.34 0.04 -83.97
C MET T 227 3.10 0.93 -84.11
N ALA T 228 2.83 1.44 -85.34
CA ALA T 228 1.64 2.21 -85.66
C ALA T 228 0.36 1.47 -85.24
N THR T 229 0.31 0.17 -85.56
CA THR T 229 -0.77 -0.70 -85.13
C THR T 229 -0.88 -0.77 -83.59
N ALA T 230 0.29 -0.84 -82.93
CA ALA T 230 0.37 -0.97 -81.47
C ALA T 230 -0.39 0.13 -80.75
N ALA T 231 -0.23 1.35 -81.32
CA ALA T 231 -0.83 2.61 -80.86
C ALA T 231 -2.37 2.73 -80.94
N SER T 232 -2.96 2.31 -82.07
CA SER T 232 -4.41 2.21 -82.24
C SER T 232 -5.00 1.24 -81.22
N SER T 233 -4.10 0.35 -80.73
CA SER T 233 -4.31 -0.72 -79.76
C SER T 233 -5.52 -1.57 -80.04
N SER T 234 -4.99 -2.52 -80.80
CA SER T 234 -5.74 -3.67 -81.26
C SER T 234 -5.56 -4.72 -80.16
N SER T 235 -6.18 -5.88 -80.47
CA SER T 235 -6.02 -7.05 -79.63
C SER T 235 -4.71 -7.72 -80.09
N LEU T 236 -3.60 -6.93 -80.13
CA LEU T 236 -2.25 -7.37 -80.44
C LEU T 236 -1.54 -7.77 -79.14
N GLU T 237 -1.91 -7.15 -78.00
CA GLU T 237 -1.36 -7.42 -76.65
C GLU T 237 -1.32 -8.90 -76.20
N LYS T 238 -0.40 -9.24 -75.28
CA LYS T 238 -0.35 -10.62 -74.81
C LYS T 238 0.17 -10.78 -73.39
N SER T 239 -0.75 -11.18 -72.51
CA SER T 239 -0.40 -11.42 -71.11
C SER T 239 -0.06 -12.86 -70.77
N TYR T 240 1.09 -12.96 -70.10
CA TYR T 240 1.71 -14.20 -69.63
C TYR T 240 1.52 -14.27 -68.12
N GLU T 241 1.14 -15.41 -67.53
CA GLU T 241 1.06 -15.55 -66.06
C GLU T 241 2.39 -16.08 -65.51
N LEU T 242 2.97 -15.31 -64.57
CA LEU T 242 4.28 -15.58 -63.99
C LEU T 242 4.42 -16.87 -63.15
N PRO T 243 5.49 -17.27 -62.36
CA PRO T 243 5.51 -18.52 -61.56
C PRO T 243 4.29 -18.65 -60.62
N ASP T 244 3.89 -17.46 -60.15
CA ASP T 244 2.67 -17.18 -59.37
C ASP T 244 1.59 -16.52 -60.27
N GLY T 245 0.57 -15.82 -59.67
CA GLY T 245 -0.52 -15.17 -60.37
C GLY T 245 -0.11 -14.01 -61.27
N GLN T 246 0.68 -13.09 -60.69
CA GLN T 246 1.24 -11.88 -61.33
C GLN T 246 1.30 -11.84 -62.87
N VAL T 247 0.10 -11.65 -63.40
CA VAL T 247 -0.10 -11.59 -64.84
C VAL T 247 0.52 -10.33 -65.43
N ILE T 248 1.59 -10.62 -66.16
CA ILE T 248 2.32 -9.56 -66.81
C ILE T 248 1.80 -9.41 -68.25
N THR T 249 1.66 -8.18 -68.75
CA THR T 249 1.22 -7.97 -70.12
C THR T 249 2.36 -7.38 -70.99
N ILE T 250 2.39 -7.93 -72.21
CA ILE T 250 3.37 -7.62 -73.22
C ILE T 250 2.55 -7.52 -74.47
N GLY T 251 2.43 -6.30 -74.95
CA GLY T 251 1.69 -6.12 -76.17
C GLY T 251 2.62 -6.08 -77.35
N ASN T 252 3.23 -4.91 -77.27
CA ASN T 252 4.06 -4.29 -78.29
C ASN T 252 5.51 -4.84 -78.32
N GLU T 253 6.34 -4.68 -77.27
CA GLU T 253 7.74 -5.18 -77.12
C GLU T 253 8.09 -6.59 -77.59
N ARG T 254 7.01 -7.36 -77.56
CA ARG T 254 6.87 -8.66 -78.16
C ARG T 254 7.67 -8.82 -79.51
N PHE T 255 7.64 -7.78 -80.38
CA PHE T 255 8.36 -7.75 -81.65
C PHE T 255 9.50 -6.73 -81.68
N ARG T 256 9.56 -5.84 -80.69
CA ARG T 256 10.64 -4.87 -80.61
C ARG T 256 11.96 -5.60 -80.31
N CYS T 257 11.83 -6.78 -79.70
CA CYS T 257 12.97 -7.64 -79.35
C CYS T 257 13.60 -8.27 -80.63
N PRO T 258 12.94 -9.04 -81.52
CA PRO T 258 13.56 -9.55 -82.74
C PRO T 258 13.82 -8.41 -83.76
N GLU T 259 13.16 -7.22 -83.77
CA GLU T 259 13.55 -6.10 -84.65
C GLU T 259 15.01 -5.81 -84.24
N THR T 260 15.57 -6.24 -83.08
CA THR T 260 16.97 -6.00 -82.77
C THR T 260 17.85 -6.73 -83.75
N LEU T 261 17.51 -7.96 -84.15
CA LEU T 261 18.27 -8.66 -85.18
C LEU T 261 18.42 -7.95 -86.55
N PHE T 262 17.49 -7.05 -86.96
CA PHE T 262 17.61 -6.28 -88.21
C PHE T 262 18.19 -4.90 -87.96
N GLN T 263 17.98 -4.39 -86.75
CA GLN T 263 18.50 -3.10 -86.28
C GLN T 263 19.32 -3.36 -85.01
N PRO T 264 20.65 -3.49 -85.10
CA PRO T 264 21.56 -3.69 -83.98
C PRO T 264 21.67 -2.39 -83.19
N SER T 265 21.27 -1.27 -83.83
CA SER T 265 21.22 0.09 -83.24
C SER T 265 20.29 0.25 -82.00
N PHE T 266 19.34 -0.70 -81.87
CA PHE T 266 18.46 -0.86 -80.72
C PHE T 266 19.24 -1.21 -79.48
N ILE T 267 20.45 -1.73 -79.69
CA ILE T 267 21.27 -2.13 -78.58
C ILE T 267 22.67 -1.55 -78.62
N GLY T 268 22.83 -0.37 -79.21
CA GLY T 268 24.14 0.24 -79.20
C GLY T 268 25.17 -0.56 -79.99
N MET T 269 24.66 -1.38 -80.91
CA MET T 269 25.56 -2.03 -81.85
C MET T 269 25.58 -1.22 -83.14
N GLU T 270 26.81 -0.98 -83.60
CA GLU T 270 27.08 -0.28 -84.87
C GLU T 270 27.24 -1.18 -86.11
N SER T 271 27.32 -2.51 -85.89
CA SER T 271 27.37 -3.52 -86.94
C SER T 271 26.10 -3.51 -87.77
N ALA T 272 26.22 -4.10 -88.97
CA ALA T 272 25.08 -4.25 -89.86
C ALA T 272 24.13 -5.36 -89.36
N GLY T 273 22.95 -5.55 -89.93
CA GLY T 273 22.05 -6.56 -89.40
C GLY T 273 21.91 -7.77 -90.31
N ILE T 274 21.40 -8.87 -89.71
CA ILE T 274 21.13 -10.16 -90.35
C ILE T 274 20.92 -10.19 -91.89
N HIS T 275 19.99 -9.40 -92.40
CA HIS T 275 19.64 -9.39 -93.83
C HIS T 275 20.66 -8.74 -94.73
N GLU T 276 21.29 -7.67 -94.23
CA GLU T 276 22.32 -7.00 -94.97
C GLU T 276 23.51 -7.88 -94.98
N THR T 277 23.73 -8.58 -93.89
CA THR T 277 24.88 -9.43 -93.75
C THR T 277 24.69 -10.64 -94.64
N THR T 278 23.50 -11.22 -94.78
CA THR T 278 23.21 -12.32 -95.72
C THR T 278 23.68 -11.95 -97.14
N TYR T 279 23.29 -10.71 -97.45
CA TYR T 279 23.55 -10.11 -98.70
C TYR T 279 25.01 -9.86 -98.84
N ASN T 280 25.70 -9.26 -97.88
CA ASN T 280 27.08 -8.91 -98.11
C ASN T 280 27.96 -10.12 -98.32
N SER T 281 27.58 -11.23 -97.66
CA SER T 281 28.27 -12.52 -97.75
C SER T 281 28.23 -12.90 -99.21
N ILE T 282 27.00 -12.71 -99.73
CA ILE T 282 26.66 -13.06 -101.10
C ILE T 282 27.39 -12.13 -102.04
N MET T 283 27.47 -10.80 -101.93
CA MET T 283 28.27 -10.09 -102.93
C MET T 283 29.79 -10.17 -102.70
N LYS T 284 30.25 -11.06 -101.76
CA LYS T 284 31.65 -11.43 -101.53
C LYS T 284 32.05 -12.77 -102.17
N CYS T 285 31.06 -13.47 -102.72
CA CYS T 285 31.25 -14.77 -103.36
C CYS T 285 31.41 -14.67 -104.85
N ASP T 286 31.79 -15.75 -105.54
CA ASP T 286 31.87 -15.73 -106.98
C ASP T 286 30.45 -15.48 -107.48
N ILE T 287 30.49 -14.74 -108.59
CA ILE T 287 29.36 -14.23 -109.42
C ILE T 287 28.38 -15.26 -110.01
N ASP T 288 29.02 -16.32 -110.54
CA ASP T 288 28.31 -17.42 -111.11
C ASP T 288 27.62 -18.19 -110.00
N ILE T 289 28.09 -18.18 -108.72
CA ILE T 289 27.41 -18.95 -107.68
C ILE T 289 26.34 -18.14 -106.97
N ARG T 290 26.29 -16.82 -107.17
CA ARG T 290 25.30 -16.03 -106.48
C ARG T 290 23.86 -16.42 -106.87
N LYS T 291 23.42 -16.96 -108.02
CA LYS T 291 22.00 -17.29 -108.10
C LYS T 291 21.64 -18.45 -107.16
N ASP T 292 22.62 -19.35 -106.91
CA ASP T 292 22.43 -20.54 -106.09
C ASP T 292 22.22 -20.19 -104.64
N LEU T 293 23.16 -19.43 -104.08
CA LEU T 293 23.04 -18.95 -102.74
C LEU T 293 21.73 -18.23 -102.51
N TYR T 294 21.26 -17.40 -103.47
CA TYR T 294 20.03 -16.68 -103.27
C TYR T 294 18.80 -17.52 -103.21
N ALA T 295 18.78 -18.63 -103.92
CA ALA T 295 17.59 -19.47 -103.84
C ALA T 295 17.73 -20.50 -102.73
N ASN T 296 18.74 -20.35 -101.85
CA ASN T 296 18.97 -21.34 -100.82
C ASN T 296 19.55 -20.76 -99.56
N ASN T 297 18.74 -19.92 -98.95
CA ASN T 297 19.06 -19.29 -97.67
C ASN T 297 18.47 -20.21 -96.65
N VAL T 298 19.27 -21.04 -96.04
CA VAL T 298 18.78 -21.99 -95.08
C VAL T 298 19.03 -21.32 -93.76
N MET T 299 18.01 -21.41 -92.91
CA MET T 299 18.12 -20.90 -91.57
C MET T 299 18.26 -22.00 -90.52
N SER T 300 19.18 -21.79 -89.58
CA SER T 300 19.22 -22.70 -88.45
C SER T 300 19.60 -21.95 -87.20
N GLY T 301 19.24 -22.54 -86.05
CA GLY T 301 19.57 -21.98 -84.76
C GLY T 301 18.37 -21.51 -83.93
N GLY T 302 18.49 -21.63 -82.60
CA GLY T 302 17.42 -21.28 -81.70
C GLY T 302 16.90 -19.87 -81.94
N THR T 303 17.75 -18.88 -82.17
CA THR T 303 17.29 -17.53 -82.32
C THR T 303 16.63 -17.30 -83.67
N THR T 304 16.65 -18.20 -84.66
CA THR T 304 15.96 -17.96 -85.95
C THR T 304 14.54 -18.54 -85.92
N MET T 305 14.10 -18.95 -84.73
CA MET T 305 12.79 -19.58 -84.56
C MET T 305 11.65 -18.59 -84.37
N TYR T 306 11.93 -17.30 -84.03
CA TYR T 306 10.92 -16.25 -83.88
C TYR T 306 9.96 -16.29 -85.05
N PRO T 307 8.65 -16.62 -84.99
CA PRO T 307 7.77 -16.61 -86.16
C PRO T 307 7.88 -15.33 -87.02
N GLY T 308 7.76 -15.51 -88.35
CA GLY T 308 7.77 -14.40 -89.31
C GLY T 308 9.12 -13.84 -89.61
N ILE T 309 10.12 -14.65 -89.24
CA ILE T 309 11.53 -14.31 -89.43
C ILE T 309 11.92 -14.49 -90.87
N ALA T 310 11.33 -15.55 -91.42
CA ALA T 310 11.54 -15.97 -92.78
C ALA T 310 10.88 -14.95 -93.71
N ASP T 311 9.60 -14.53 -93.48
CA ASP T 311 8.90 -13.55 -94.33
C ASP T 311 9.62 -12.20 -94.36
N ARG T 312 10.06 -11.72 -93.18
CA ARG T 312 10.84 -10.49 -93.09
C ARG T 312 12.11 -10.70 -93.88
N MET T 313 12.84 -11.82 -93.74
CA MET T 313 14.10 -12.01 -94.47
C MET T 313 13.94 -12.14 -95.98
N GLN T 314 12.78 -12.69 -96.35
CA GLN T 314 12.34 -12.92 -97.71
C GLN T 314 12.26 -11.61 -98.44
N LYS T 315 11.54 -10.71 -97.78
CA LYS T 315 11.37 -9.37 -98.30
C LYS T 315 12.54 -8.46 -98.05
N GLU T 316 13.35 -8.81 -97.08
CA GLU T 316 14.50 -8.00 -96.81
C GLU T 316 15.54 -8.19 -97.91
N ILE T 317 15.78 -9.44 -98.34
CA ILE T 317 16.78 -9.59 -99.36
C ILE T 317 16.18 -9.47 -100.76
N THR T 318 14.89 -9.70 -101.06
CA THR T 318 14.35 -9.47 -102.41
C THR T 318 14.64 -8.05 -102.83
N ALA T 319 14.29 -7.16 -101.90
CA ALA T 319 14.51 -5.75 -102.09
C ALA T 319 15.96 -5.25 -102.00
N LEU T 320 16.97 -6.13 -101.93
CA LEU T 320 18.36 -5.71 -102.03
C LEU T 320 19.06 -6.40 -103.19
N ALA T 321 18.47 -7.54 -103.57
CA ALA T 321 18.95 -8.37 -104.65
C ALA T 321 18.47 -7.89 -106.03
N PRO T 322 19.25 -8.07 -107.13
CA PRO T 322 18.86 -7.65 -108.48
C PRO T 322 17.55 -8.34 -108.89
N SER T 323 16.49 -7.69 -109.40
CA SER T 323 15.20 -8.36 -109.69
C SER T 323 15.12 -9.60 -110.58
N THR T 324 16.21 -9.79 -111.32
CA THR T 324 16.42 -10.94 -112.18
C THR T 324 16.61 -12.21 -111.33
N MET T 325 16.72 -12.04 -110.01
CA MET T 325 17.05 -13.10 -109.10
C MET T 325 15.86 -13.71 -108.41
N LYS T 326 16.06 -14.99 -108.11
CA LYS T 326 15.13 -15.75 -107.33
C LYS T 326 15.69 -15.79 -105.90
N ILE T 327 14.86 -15.35 -104.97
CA ILE T 327 15.17 -15.36 -103.55
C ILE T 327 14.49 -16.61 -102.98
N LYS T 328 15.05 -17.31 -101.99
CA LYS T 328 14.32 -18.39 -101.33
C LYS T 328 14.91 -18.70 -99.96
N ILE T 329 14.09 -18.34 -98.95
CA ILE T 329 14.44 -18.48 -97.53
C ILE T 329 13.82 -19.74 -96.92
N ILE T 330 14.62 -20.79 -96.79
CA ILE T 330 14.20 -22.04 -96.20
C ILE T 330 14.47 -21.91 -94.70
N ALA T 331 13.41 -22.16 -93.93
CA ALA T 331 13.41 -22.17 -92.47
C ALA T 331 12.62 -23.40 -92.02
N PRO T 332 13.20 -24.57 -91.80
CA PRO T 332 12.47 -25.76 -91.35
C PRO T 332 12.02 -25.63 -89.89
N PRO T 333 11.05 -26.45 -89.46
CA PRO T 333 10.49 -26.45 -88.11
C PRO T 333 11.46 -26.99 -87.08
N GLU T 334 12.23 -28.01 -87.42
CA GLU T 334 13.13 -28.54 -86.43
C GLU T 334 14.36 -27.66 -86.34
N ARG T 335 14.48 -26.51 -87.03
CA ARG T 335 15.72 -25.72 -87.03
C ARG T 335 16.54 -25.47 -85.76
N LYS T 336 15.96 -25.48 -84.55
CA LYS T 336 16.77 -25.39 -83.34
C LYS T 336 17.68 -26.63 -83.22
N TYR T 337 17.48 -27.76 -83.92
CA TYR T 337 18.41 -28.88 -83.97
C TYR T 337 18.92 -29.21 -85.41
N SER T 338 18.90 -28.32 -86.42
CA SER T 338 19.35 -28.64 -87.78
C SER T 338 20.74 -29.23 -87.84
N VAL T 339 21.63 -28.49 -87.19
CA VAL T 339 23.02 -28.84 -87.01
C VAL T 339 23.12 -30.27 -86.54
N TRP T 340 22.38 -30.63 -85.48
CA TRP T 340 22.52 -31.94 -84.85
C TRP T 340 21.99 -33.03 -85.78
N ILE T 341 20.86 -32.73 -86.43
CA ILE T 341 20.16 -33.68 -87.24
C ILE T 341 21.01 -33.96 -88.44
N GLY T 342 21.68 -32.94 -88.99
CA GLY T 342 22.58 -33.08 -90.14
C GLY T 342 23.73 -34.00 -89.79
N GLY T 343 24.16 -33.99 -88.51
CA GLY T 343 25.22 -34.83 -88.04
C GLY T 343 24.72 -36.25 -87.88
N SER T 344 23.49 -36.43 -87.37
CA SER T 344 22.88 -37.73 -87.17
C SER T 344 22.73 -38.50 -88.48
N ILE T 345 22.32 -37.75 -89.51
CA ILE T 345 22.13 -38.28 -90.84
C ILE T 345 23.47 -38.74 -91.38
N LEU T 346 24.37 -37.77 -91.47
CA LEU T 346 25.69 -37.97 -92.01
C LEU T 346 26.42 -39.11 -91.31
N ALA T 347 26.40 -39.13 -89.97
CA ALA T 347 27.18 -40.12 -89.26
C ALA T 347 26.53 -41.47 -89.31
N SER T 348 25.22 -41.56 -89.52
CA SER T 348 24.62 -42.88 -89.62
C SER T 348 24.72 -43.43 -91.06
N LEU T 349 25.02 -42.52 -92.00
CA LEU T 349 25.22 -42.86 -93.40
C LEU T 349 26.29 -43.89 -93.67
N SER T 350 25.80 -44.60 -94.67
CA SER T 350 26.43 -45.71 -95.36
C SER T 350 27.78 -45.29 -95.94
N THR T 351 27.97 -44.07 -96.45
CA THR T 351 29.26 -43.68 -97.02
C THR T 351 30.26 -42.96 -96.14
N PHE T 352 29.86 -42.68 -94.90
CA PHE T 352 30.67 -41.87 -94.02
C PHE T 352 31.77 -42.61 -93.30
N GLN T 353 31.60 -43.92 -93.33
CA GLN T 353 32.48 -44.79 -92.61
C GLN T 353 33.91 -44.56 -93.00
N GLN T 354 34.17 -44.37 -94.29
CA GLN T 354 35.51 -44.10 -94.77
C GLN T 354 36.05 -42.69 -94.46
N MET T 355 35.30 -41.76 -93.81
CA MET T 355 35.92 -40.50 -93.33
C MET T 355 36.16 -40.44 -91.81
N TRP T 356 35.66 -41.39 -91.01
CA TRP T 356 35.97 -41.44 -89.58
C TRP T 356 37.45 -41.39 -89.24
N ILE T 357 38.03 -40.46 -88.45
CA ILE T 357 39.45 -40.55 -88.08
C ILE T 357 39.62 -41.63 -86.99
N THR T 358 40.34 -42.73 -87.28
CA THR T 358 40.48 -43.80 -86.31
C THR T 358 41.73 -43.60 -85.49
N LYS T 359 41.79 -44.18 -84.27
CA LYS T 359 43.01 -44.19 -83.46
C LYS T 359 44.22 -44.68 -84.23
N GLN T 360 44.02 -45.53 -85.28
CA GLN T 360 45.09 -46.00 -86.15
C GLN T 360 45.57 -44.72 -86.83
N GLU T 361 44.73 -44.00 -87.61
CA GLU T 361 45.17 -42.73 -88.19
C GLU T 361 45.87 -41.80 -87.21
N TYR T 362 45.27 -41.61 -86.03
CA TYR T 362 45.84 -40.71 -85.06
C TYR T 362 47.18 -41.16 -84.51
N ASP T 363 47.27 -42.34 -83.87
CA ASP T 363 48.52 -42.81 -83.27
C ASP T 363 49.66 -42.79 -84.27
N GLU T 364 49.29 -42.86 -85.55
CA GLU T 364 50.26 -42.80 -86.63
C GLU T 364 50.50 -41.43 -87.25
N ALA T 365 49.53 -40.48 -87.32
CA ALA T 365 49.73 -39.19 -88.01
C ALA T 365 49.78 -37.88 -87.18
N GLY T 366 49.45 -38.00 -85.89
CA GLY T 366 49.36 -36.89 -84.95
C GLY T 366 48.06 -36.11 -85.19
N PRO T 367 47.68 -35.10 -84.40
CA PRO T 367 46.38 -34.42 -84.49
C PRO T 367 46.07 -33.77 -85.84
N SER T 368 47.18 -33.58 -86.56
CA SER T 368 47.21 -33.09 -87.91
C SER T 368 46.27 -33.87 -88.80
N ILE T 369 46.23 -35.20 -88.65
CA ILE T 369 45.38 -36.10 -89.43
C ILE T 369 43.93 -35.67 -89.65
N VAL T 370 43.23 -35.32 -88.56
CA VAL T 370 41.82 -34.94 -88.63
C VAL T 370 41.67 -33.46 -89.00
N HIS T 371 42.74 -32.70 -88.74
CA HIS T 371 42.67 -31.29 -88.98
C HIS T 371 42.32 -30.94 -90.45
N ARG T 372 42.69 -31.82 -91.40
CA ARG T 372 42.47 -31.66 -92.84
C ARG T 372 43.32 -30.43 -93.28
N ASP U 1 60.74 33.20 -108.60
CA ASP U 1 60.18 32.91 -107.27
C ASP U 1 58.64 32.96 -107.28
N GLU U 2 58.16 33.93 -108.05
CA GLU U 2 56.76 34.19 -108.36
C GLU U 2 55.90 32.94 -108.28
N ASP U 3 56.43 31.93 -108.95
CA ASP U 3 55.88 30.62 -108.81
C ASP U 3 56.95 29.56 -108.49
N GLU U 4 58.27 29.86 -108.40
CA GLU U 4 59.31 28.87 -108.02
C GLU U 4 59.00 28.31 -106.62
N THR U 5 58.59 29.24 -105.74
CA THR U 5 58.17 28.96 -104.36
C THR U 5 56.75 28.40 -104.23
N THR U 6 56.00 29.08 -105.09
CA THR U 6 54.57 29.11 -105.26
C THR U 6 53.88 27.88 -105.87
N ALA U 7 54.57 26.94 -106.54
CA ALA U 7 53.88 25.78 -107.10
C ALA U 7 53.51 24.79 -106.01
N LEU U 8 52.26 24.32 -106.04
CA LEU U 8 51.75 23.38 -105.05
C LEU U 8 51.74 21.97 -105.64
N VAL U 9 51.86 20.89 -104.86
CA VAL U 9 51.79 19.58 -105.45
C VAL U 9 50.87 18.81 -104.56
N CYS U 10 49.76 18.38 -105.16
CA CYS U 10 48.77 17.67 -104.41
C CYS U 10 48.55 16.32 -105.02
N ASP U 11 48.93 15.28 -104.28
CA ASP U 11 48.67 13.92 -104.70
C ASP U 11 47.49 13.25 -103.96
N ASN U 12 46.38 13.09 -104.70
CA ASN U 12 45.13 12.60 -104.19
C ASN U 12 45.11 11.10 -104.23
N GLY U 13 44.96 10.46 -103.06
CA GLY U 13 44.91 9.01 -102.98
C GLY U 13 43.59 8.50 -102.47
N SER U 14 43.56 7.18 -102.52
CA SER U 14 42.43 6.46 -102.01
C SER U 14 42.43 6.48 -100.50
N GLY U 15 43.57 6.52 -99.81
CA GLY U 15 43.62 6.48 -98.36
C GLY U 15 44.14 7.79 -97.85
N LEU U 16 45.25 8.31 -98.41
CA LEU U 16 45.91 9.54 -98.00
C LEU U 16 46.04 10.65 -99.03
N VAL U 17 46.06 11.93 -98.65
CA VAL U 17 46.39 13.02 -99.54
C VAL U 17 47.84 13.32 -99.21
N LYS U 18 48.73 13.62 -100.14
CA LYS U 18 50.07 14.07 -99.85
C LYS U 18 50.16 15.45 -100.48
N ALA U 19 50.60 16.50 -99.79
CA ALA U 19 50.55 17.85 -100.31
C ALA U 19 51.71 18.68 -99.81
N GLY U 20 51.96 19.84 -100.38
CA GLY U 20 53.17 20.57 -100.03
C GLY U 20 53.56 21.46 -101.19
N PHE U 21 54.78 22.00 -101.07
CA PHE U 21 55.26 22.96 -102.07
C PHE U 21 56.31 22.32 -102.93
N ALA U 22 56.23 22.58 -104.24
CA ALA U 22 57.22 22.10 -105.21
C ALA U 22 58.48 22.75 -104.71
N GLY U 23 59.51 21.94 -104.62
CA GLY U 23 60.73 22.42 -104.01
C GLY U 23 61.00 21.55 -102.81
N ASP U 24 60.06 21.34 -101.88
CA ASP U 24 60.30 20.52 -100.71
C ASP U 24 60.67 19.09 -101.05
N ASP U 25 61.27 18.38 -100.08
CA ASP U 25 61.76 17.02 -100.31
C ASP U 25 60.75 15.90 -100.04
N ALA U 26 59.72 16.32 -99.27
CA ALA U 26 58.65 15.46 -98.80
C ALA U 26 57.39 16.28 -98.57
N PRO U 27 56.19 15.66 -98.59
CA PRO U 27 54.92 16.37 -98.38
C PRO U 27 54.80 17.10 -97.04
N ARG U 28 54.38 18.34 -97.14
CA ARG U 28 54.12 19.15 -95.97
C ARG U 28 52.87 18.65 -95.29
N ALA U 29 51.96 18.01 -96.04
CA ALA U 29 50.71 17.59 -95.47
C ALA U 29 50.30 16.21 -95.96
N VAL U 30 49.99 15.34 -94.99
CA VAL U 30 49.60 13.98 -95.25
C VAL U 30 48.44 13.71 -94.32
N PHE U 31 47.30 13.24 -94.83
CA PHE U 31 46.14 13.06 -94.01
C PHE U 31 45.08 12.21 -94.65
N PRO U 32 44.18 11.52 -93.95
CA PRO U 32 43.17 10.70 -94.60
C PRO U 32 42.22 11.47 -95.50
N SER U 33 41.83 10.69 -96.49
CA SER U 33 41.01 11.10 -97.58
C SER U 33 39.60 10.73 -97.19
N ILE U 34 39.09 11.31 -96.09
CA ILE U 34 37.72 11.14 -95.66
C ILE U 34 36.98 12.44 -95.48
N VAL U 35 35.67 12.43 -95.41
CA VAL U 35 34.84 13.57 -95.23
C VAL U 35 33.75 12.98 -94.37
N GLY U 36 33.67 13.47 -93.15
CA GLY U 36 32.75 12.99 -92.18
C GLY U 36 31.60 13.95 -92.10
N ARG U 37 30.43 13.35 -91.92
CA ARG U 37 29.18 14.08 -91.88
C ARG U 37 28.49 13.68 -90.56
N PRO U 38 28.29 14.54 -89.55
CA PRO U 38 27.70 14.16 -88.27
C PRO U 38 26.34 13.51 -88.31
N ARG U 39 26.29 12.30 -87.74
CA ARG U 39 25.04 11.60 -87.56
C ARG U 39 24.05 12.28 -86.63
N HIS U 40 24.44 13.25 -85.72
CA HIS U 40 23.48 13.88 -84.79
C HIS U 40 23.65 15.35 -84.57
N GLN U 41 22.64 16.09 -84.12
CA GLN U 41 22.90 17.49 -83.89
C GLN U 41 23.46 17.76 -82.51
N GLY U 42 24.48 18.62 -82.47
CA GLY U 42 25.19 18.95 -81.26
C GLY U 42 26.53 19.59 -81.56
N VAL U 43 27.30 19.95 -80.53
CA VAL U 43 28.58 20.61 -80.66
C VAL U 43 29.73 20.12 -79.74
N MET U 44 30.97 20.48 -80.10
CA MET U 44 32.08 20.24 -79.18
C MET U 44 32.10 21.51 -78.35
N VAL U 45 32.65 21.44 -77.14
CA VAL U 45 32.77 22.57 -76.28
C VAL U 45 33.62 23.69 -76.88
N GLY U 46 32.98 24.82 -77.15
CA GLY U 46 33.69 25.98 -77.59
C GLY U 46 33.61 26.17 -79.09
N MET U 47 33.22 25.12 -79.79
CA MET U 47 33.04 25.25 -81.21
C MET U 47 31.58 25.45 -81.56
N GLY U 48 31.36 25.84 -82.82
CA GLY U 48 30.04 25.92 -83.40
C GLY U 48 29.71 24.59 -84.09
N GLN U 49 28.44 24.54 -84.51
CA GLN U 49 27.92 23.46 -85.33
C GLN U 49 28.71 23.36 -86.63
N LYS U 50 29.13 22.16 -86.93
CA LYS U 50 29.99 21.93 -88.04
C LYS U 50 29.17 20.98 -88.87
N ASP U 51 29.18 21.34 -90.14
CA ASP U 51 28.45 20.55 -91.11
C ASP U 51 29.24 19.35 -91.61
N SER U 52 30.56 19.44 -91.46
CA SER U 52 31.40 18.49 -92.12
C SER U 52 32.75 18.39 -91.47
N TYR U 53 33.45 17.32 -91.64
CA TYR U 53 34.74 17.16 -91.04
C TYR U 53 35.64 16.54 -92.07
N VAL U 54 36.96 16.79 -92.13
CA VAL U 54 37.81 16.23 -93.18
C VAL U 54 39.15 15.82 -92.56
N GLY U 55 39.70 14.72 -93.08
CA GLY U 55 41.02 14.26 -92.69
C GLY U 55 41.00 13.65 -91.33
N ASP U 56 41.95 14.09 -90.49
CA ASP U 56 42.09 13.55 -89.16
C ASP U 56 40.96 13.96 -88.26
N GLU U 57 40.36 15.14 -88.29
CA GLU U 57 39.22 15.38 -87.45
C GLU U 57 38.04 14.46 -87.77
N ALA U 58 37.93 13.97 -89.00
CA ALA U 58 36.89 13.03 -89.33
C ALA U 58 37.27 11.65 -88.77
N GLN U 59 38.54 11.32 -88.75
CA GLN U 59 38.92 10.02 -88.26
C GLN U 59 38.72 10.04 -86.74
N SER U 60 39.24 11.03 -86.06
CA SER U 60 39.17 11.10 -84.61
C SER U 60 37.78 11.15 -84.01
N LYS U 61 36.89 11.77 -84.75
CA LYS U 61 35.55 11.89 -84.28
C LYS U 61 34.71 10.87 -85.02
N ARG U 62 35.19 9.72 -85.49
CA ARG U 62 34.36 8.87 -86.35
C ARG U 62 33.08 8.27 -85.80
N GLY U 63 33.04 8.10 -84.48
CA GLY U 63 31.86 7.59 -83.80
C GLY U 63 30.63 8.45 -83.97
N ILE U 64 30.66 9.78 -84.23
CA ILE U 64 29.39 10.52 -84.39
C ILE U 64 29.12 10.98 -85.82
N LEU U 65 29.93 10.57 -86.79
CA LEU U 65 29.83 11.01 -88.17
C LEU U 65 29.70 9.86 -89.15
N THR U 66 29.22 10.06 -90.39
CA THR U 66 29.23 9.00 -91.37
C THR U 66 30.36 9.42 -92.28
N LEU U 67 31.35 8.53 -92.27
CA LEU U 67 32.59 8.71 -93.00
C LEU U 67 32.42 8.35 -94.43
N LYS U 68 33.02 9.13 -95.35
CA LYS U 68 32.94 8.78 -96.77
C LYS U 68 34.25 9.03 -97.47
N TYR U 69 34.59 8.06 -98.31
CA TYR U 69 35.80 8.06 -99.10
C TYR U 69 35.58 8.59 -100.56
N PRO U 70 35.91 9.84 -100.97
CA PRO U 70 35.72 10.40 -102.31
C PRO U 70 36.39 9.72 -103.47
N ILE U 71 37.47 8.99 -103.19
CA ILE U 71 38.24 8.36 -104.23
C ILE U 71 38.17 6.82 -104.09
N GLU U 72 37.39 6.21 -104.98
CA GLU U 72 37.31 4.78 -104.91
C GLU U 72 38.24 4.16 -105.93
N HIS U 73 39.26 3.45 -105.42
CA HIS U 73 40.23 2.80 -106.29
C HIS U 73 41.00 3.77 -107.17
N GLY U 74 41.38 4.92 -106.59
CA GLY U 74 42.17 5.89 -107.32
C GLY U 74 41.38 6.85 -108.18
N ILE U 75 40.11 6.55 -108.49
CA ILE U 75 39.26 7.42 -109.34
C ILE U 75 38.37 8.32 -108.49
N ILE U 76 38.14 9.62 -108.74
CA ILE U 76 37.25 10.45 -107.90
C ILE U 76 35.83 10.05 -108.25
N THR U 77 35.15 9.54 -107.23
CA THR U 77 33.78 9.08 -107.32
C THR U 77 32.80 10.13 -106.82
N ASN U 78 33.14 10.95 -105.80
CA ASN U 78 32.21 12.00 -105.41
C ASN U 78 32.87 13.34 -105.45
N TRP U 79 32.39 14.17 -106.39
CA TRP U 79 32.97 15.48 -106.62
C TRP U 79 32.61 16.55 -105.62
N ASP U 80 31.52 16.39 -104.84
CA ASP U 80 31.12 17.34 -103.78
C ASP U 80 32.07 17.18 -102.59
N ASP U 81 32.23 15.92 -102.18
CA ASP U 81 33.23 15.56 -101.21
C ASP U 81 34.67 15.70 -101.60
N MET U 82 35.07 15.74 -102.86
CA MET U 82 36.46 15.92 -103.23
C MET U 82 36.76 17.40 -103.09
N GLU U 83 35.90 18.29 -103.59
CA GLU U 83 36.11 19.74 -103.50
C GLU U 83 36.25 20.13 -102.03
N LYS U 84 35.56 19.39 -101.16
CA LYS U 84 35.76 19.53 -99.71
C LYS U 84 37.20 19.15 -99.31
N ILE U 85 37.77 17.99 -99.71
CA ILE U 85 39.15 17.67 -99.36
C ILE U 85 40.13 18.67 -99.94
N TRP U 86 39.94 19.18 -101.17
CA TRP U 86 40.84 20.19 -101.73
C TRP U 86 40.80 21.44 -100.91
N HIS U 87 39.58 21.89 -100.58
CA HIS U 87 39.42 23.11 -99.79
C HIS U 87 40.23 23.03 -98.49
N HIS U 88 40.05 21.91 -97.79
CA HIS U 88 40.79 21.63 -96.59
C HIS U 88 42.28 21.69 -96.85
N THR U 89 42.76 21.15 -97.96
CA THR U 89 44.18 21.10 -98.23
C THR U 89 44.76 22.46 -98.39
N PHE U 90 44.14 23.29 -99.22
CA PHE U 90 44.67 24.61 -99.42
C PHE U 90 44.54 25.46 -98.17
N TYR U 91 43.32 25.60 -97.68
CA TYR U 91 43.10 26.57 -96.66
C TYR U 91 43.48 26.25 -95.28
N ASN U 92 43.44 24.99 -94.89
CA ASN U 92 43.75 24.64 -93.52
C ASN U 92 45.10 23.96 -93.42
N GLU U 93 45.34 22.94 -94.25
CA GLU U 93 46.59 22.23 -94.17
C GLU U 93 47.76 23.08 -94.63
N LEU U 94 47.75 23.63 -95.85
CA LEU U 94 48.90 24.39 -96.34
C LEU U 94 48.73 25.88 -96.03
N ARG U 95 47.51 26.28 -95.63
CA ARG U 95 47.12 27.62 -95.23
C ARG U 95 47.42 28.73 -96.26
N VAL U 96 47.45 28.31 -97.51
CA VAL U 96 47.74 29.23 -98.61
C VAL U 96 46.43 29.70 -99.20
N ALA U 97 46.44 30.82 -99.94
CA ALA U 97 45.27 31.18 -100.71
C ALA U 97 45.56 30.54 -102.07
N PRO U 98 44.71 29.72 -102.68
CA PRO U 98 44.97 29.09 -103.98
C PRO U 98 45.06 30.00 -105.18
N GLU U 99 44.36 31.16 -105.16
CA GLU U 99 44.35 32.06 -106.31
C GLU U 99 45.62 32.78 -106.66
N GLU U 100 46.70 32.51 -105.93
CA GLU U 100 47.99 32.96 -106.40
C GLU U 100 49.01 31.83 -106.45
N HIS U 101 48.60 30.54 -106.48
CA HIS U 101 49.57 29.45 -106.55
C HIS U 101 49.37 28.50 -107.69
N PRO U 102 50.31 28.16 -108.56
CA PRO U 102 50.10 27.18 -109.62
C PRO U 102 49.94 25.86 -108.87
N THR U 103 49.07 24.94 -109.30
CA THR U 103 48.78 23.69 -108.61
C THR U 103 49.05 22.45 -109.48
N LEU U 104 50.02 21.55 -109.18
CA LEU U 104 50.21 20.33 -109.93
C LEU U 104 49.47 19.28 -109.17
N LEU U 105 48.54 18.66 -109.89
CA LEU U 105 47.73 17.59 -109.35
C LEU U 105 48.08 16.23 -109.93
N THR U 106 47.63 15.13 -109.34
CA THR U 106 47.89 13.88 -109.98
C THR U 106 46.60 13.15 -110.27
N GLU U 107 46.61 12.31 -111.30
CA GLU U 107 45.48 11.43 -111.56
C GLU U 107 45.98 9.98 -111.69
N ALA U 108 45.04 9.06 -111.77
CA ALA U 108 45.33 7.66 -111.92
C ALA U 108 45.56 7.21 -113.35
N PRO U 109 46.20 6.05 -113.51
CA PRO U 109 46.47 5.45 -114.77
C PRO U 109 45.46 5.52 -115.92
N LEU U 110 44.23 5.07 -115.87
CA LEU U 110 43.40 5.17 -117.07
C LEU U 110 42.22 6.04 -116.66
N ASN U 111 42.52 7.18 -116.02
CA ASN U 111 41.55 8.13 -115.50
C ASN U 111 40.74 8.61 -116.69
N PRO U 112 39.44 8.47 -116.60
CA PRO U 112 38.51 8.88 -117.63
C PRO U 112 38.66 10.33 -118.05
N LYS U 113 38.78 10.57 -119.36
CA LYS U 113 38.98 11.89 -119.97
C LYS U 113 38.17 13.04 -119.35
N ALA U 114 36.95 12.65 -119.03
CA ALA U 114 35.94 13.51 -118.47
C ALA U 114 36.22 14.00 -117.07
N ASN U 115 36.92 13.19 -116.26
CA ASN U 115 37.34 13.53 -114.91
C ASN U 115 38.46 14.54 -114.95
N ARG U 116 39.45 14.35 -115.85
CA ARG U 116 40.62 15.24 -115.96
C ARG U 116 40.06 16.59 -116.37
N GLU U 117 39.08 16.62 -117.28
CA GLU U 117 38.35 17.86 -117.56
C GLU U 117 37.53 18.38 -116.36
N LYS U 118 36.93 17.53 -115.51
CA LYS U 118 36.14 18.02 -114.39
C LYS U 118 36.99 18.62 -113.30
N MET U 119 38.08 17.99 -112.86
CA MET U 119 38.91 18.61 -111.85
C MET U 119 39.61 19.87 -112.33
N THR U 120 39.65 20.06 -113.63
CA THR U 120 40.21 21.27 -114.19
C THR U 120 39.15 22.33 -114.08
N GLN U 121 37.92 21.98 -114.44
CA GLN U 121 36.75 22.84 -114.27
C GLN U 121 36.70 23.30 -112.83
N ILE U 122 36.87 22.45 -111.81
CA ILE U 122 36.80 22.84 -110.40
C ILE U 122 38.05 23.58 -109.96
N MET U 123 39.23 23.26 -110.48
CA MET U 123 40.42 23.97 -110.07
C MET U 123 40.31 25.39 -110.54
N PHE U 124 40.11 25.62 -111.82
CA PHE U 124 40.03 26.96 -112.36
C PHE U 124 38.75 27.71 -112.03
N GLU U 125 37.58 27.04 -112.12
CA GLU U 125 36.34 27.77 -111.88
C GLU U 125 35.90 27.85 -110.43
N THR U 126 36.21 26.96 -109.46
CA THR U 126 35.75 27.25 -108.11
C THR U 126 36.96 27.64 -107.25
N PHE U 127 38.21 27.25 -107.52
CA PHE U 127 39.33 27.69 -106.67
C PHE U 127 40.17 28.86 -107.20
N ASN U 128 39.98 29.09 -108.51
CA ASN U 128 40.57 30.21 -109.24
C ASN U 128 42.09 30.17 -109.10
N VAL U 129 42.71 29.00 -109.36
CA VAL U 129 44.16 28.92 -109.26
C VAL U 129 44.76 29.60 -110.52
N PRO U 130 45.97 30.23 -110.55
CA PRO U 130 46.51 30.86 -111.75
C PRO U 130 46.70 29.91 -112.92
N ALA U 131 47.25 28.73 -112.58
CA ALA U 131 47.56 27.68 -113.54
C ALA U 131 47.63 26.34 -112.82
N MET U 132 47.41 25.26 -113.56
CA MET U 132 47.46 23.94 -113.03
C MET U 132 47.95 22.93 -114.04
N TYR U 133 48.00 21.63 -113.71
CA TYR U 133 48.62 20.60 -114.53
C TYR U 133 48.26 19.30 -113.88
N VAL U 134 47.91 18.25 -114.61
CA VAL U 134 47.56 16.98 -114.01
C VAL U 134 48.64 15.95 -114.46
N ALA U 135 49.53 15.43 -113.62
CA ALA U 135 50.47 14.37 -114.04
C ALA U 135 49.96 12.94 -113.76
N ILE U 136 50.32 11.88 -114.45
CA ILE U 136 49.81 10.54 -114.15
C ILE U 136 50.72 10.03 -113.06
N GLN U 137 50.16 9.32 -112.09
CA GLN U 137 50.95 8.94 -110.94
C GLN U 137 52.15 8.09 -111.21
N ALA U 138 52.06 6.89 -111.82
CA ALA U 138 53.25 6.09 -112.15
C ALA U 138 54.38 6.84 -112.89
N VAL U 139 53.92 7.78 -113.72
CA VAL U 139 54.84 8.56 -114.48
C VAL U 139 55.65 9.46 -113.55
N LEU U 140 55.10 10.05 -112.48
CA LEU U 140 55.89 10.84 -111.55
C LEU U 140 56.76 9.96 -110.68
N SER U 141 56.30 8.77 -110.39
CA SER U 141 57.13 7.89 -109.60
C SER U 141 58.38 7.54 -110.36
N LEU U 142 58.28 7.20 -111.65
CA LEU U 142 59.42 6.80 -112.46
C LEU U 142 60.52 7.85 -112.59
N TYR U 143 59.96 9.01 -112.85
CA TYR U 143 60.75 10.19 -113.07
C TYR U 143 61.51 10.63 -111.81
N ALA U 144 60.87 10.50 -110.66
CA ALA U 144 61.51 10.74 -109.38
C ALA U 144 62.65 9.73 -109.16
N SER U 145 62.71 8.59 -109.89
CA SER U 145 63.84 7.69 -109.73
C SER U 145 64.86 7.93 -110.84
N GLY U 146 64.82 9.15 -111.38
CA GLY U 146 65.69 9.59 -112.42
C GLY U 146 65.19 9.24 -113.81
N ARG U 147 64.71 8.02 -114.10
CA ARG U 147 64.45 7.62 -115.48
C ARG U 147 63.15 7.95 -116.22
N THR U 148 63.11 7.58 -117.50
CA THR U 148 61.98 7.85 -118.38
C THR U 148 61.33 6.67 -119.04
N THR U 149 61.99 5.54 -119.00
CA THR U 149 61.45 4.28 -119.48
C THR U 149 61.74 3.36 -118.32
N GLY U 150 60.69 2.60 -118.07
CA GLY U 150 60.64 1.59 -117.03
C GLY U 150 59.20 1.12 -116.86
N ILE U 151 58.91 0.26 -115.92
CA ILE U 151 57.54 -0.13 -115.65
C ILE U 151 57.39 0.08 -114.14
N VAL U 152 56.37 0.82 -113.71
CA VAL U 152 56.14 1.05 -112.29
C VAL U 152 55.10 0.07 -111.72
N LEU U 153 55.41 -0.62 -110.62
CA LEU U 153 54.39 -1.36 -109.93
C LEU U 153 54.00 -0.36 -108.86
N ASP U 154 52.78 0.15 -108.97
CA ASP U 154 52.34 1.16 -108.03
C ASP U 154 51.22 0.60 -107.19
N SER U 155 51.33 0.71 -105.84
CA SER U 155 50.44 0.06 -104.87
C SER U 155 50.23 0.84 -103.58
N GLY U 156 49.01 1.32 -103.41
CA GLY U 156 48.77 2.15 -102.26
C GLY U 156 47.71 1.63 -101.35
N ASP U 157 46.68 2.43 -101.18
CA ASP U 157 45.64 2.01 -100.29
C ASP U 157 44.46 1.33 -100.93
N GLY U 158 43.88 1.74 -102.06
CA GLY U 158 42.78 1.02 -102.68
C GLY U 158 43.19 0.33 -103.99
N VAL U 159 44.23 0.73 -104.78
CA VAL U 159 44.59 0.09 -106.06
C VAL U 159 46.06 -0.27 -106.18
N THR U 160 46.32 -1.31 -107.03
CA THR U 160 47.63 -1.68 -107.53
C THR U 160 47.62 -1.54 -109.05
N HIS U 161 48.75 -1.15 -109.62
CA HIS U 161 48.81 -0.88 -111.04
C HIS U 161 50.16 -1.29 -111.49
N ASN U 162 50.25 -1.49 -112.80
CA ASN U 162 51.53 -1.68 -113.51
C ASN U 162 51.50 -0.70 -114.65
N VAL U 163 52.37 0.28 -114.72
CA VAL U 163 52.22 1.23 -115.82
C VAL U 163 53.54 1.26 -116.54
N PRO U 164 53.62 0.61 -117.71
CA PRO U 164 54.82 0.58 -118.54
C PRO U 164 54.92 1.96 -119.16
N ILE U 165 56.08 2.65 -119.02
CA ILE U 165 56.27 4.00 -119.59
C ILE U 165 57.47 4.01 -120.53
N TYR U 166 57.33 4.57 -121.73
CA TYR U 166 58.43 4.63 -122.68
C TYR U 166 58.70 6.06 -123.10
N GLU U 167 59.89 6.55 -122.79
CA GLU U 167 60.28 7.93 -123.03
C GLU U 167 59.23 8.97 -122.67
N GLY U 168 58.56 8.57 -121.58
CA GLY U 168 57.64 9.39 -120.86
C GLY U 168 56.18 9.11 -121.09
N TYR U 169 55.84 8.43 -122.19
CA TYR U 169 54.46 8.17 -122.50
C TYR U 169 54.05 6.83 -121.91
N ALA U 170 53.13 6.87 -120.92
CA ALA U 170 52.56 5.70 -120.30
C ALA U 170 51.80 4.95 -121.35
N LEU U 171 51.95 3.62 -121.40
CA LEU U 171 51.41 2.82 -122.49
C LEU U 171 50.03 2.26 -122.19
N PRO U 172 48.98 2.98 -122.56
CA PRO U 172 47.58 2.61 -122.26
C PRO U 172 47.14 1.15 -122.33
N HIS U 173 47.50 0.51 -123.41
CA HIS U 173 47.11 -0.89 -123.61
C HIS U 173 47.98 -1.86 -122.83
N ALA U 174 48.91 -1.48 -121.97
CA ALA U 174 49.71 -2.50 -121.33
C ALA U 174 49.58 -2.42 -119.83
N ILE U 175 48.92 -1.32 -119.37
CA ILE U 175 48.58 -1.01 -117.95
C ILE U 175 47.64 -2.06 -117.35
N MET U 176 47.91 -2.53 -116.12
CA MET U 176 47.08 -3.53 -115.44
C MET U 176 46.77 -2.96 -114.08
N ARG U 177 45.56 -3.22 -113.69
CA ARG U 177 45.04 -2.77 -112.42
C ARG U 177 44.56 -3.98 -111.62
N LEU U 178 44.98 -4.04 -110.37
CA LEU U 178 44.62 -5.11 -109.50
C LEU U 178 44.05 -4.41 -108.29
N ASP U 179 42.73 -4.52 -108.06
CA ASP U 179 42.06 -3.94 -106.90
C ASP U 179 42.29 -4.70 -105.57
N LEU U 180 43.54 -4.83 -105.10
CA LEU U 180 43.84 -5.39 -103.78
C LEU U 180 45.06 -4.62 -103.35
N ALA U 181 44.97 -3.92 -102.24
CA ALA U 181 46.06 -3.09 -101.78
C ALA U 181 46.17 -3.07 -100.26
N GLY U 182 46.80 -2.04 -99.65
CA GLY U 182 47.06 -1.99 -98.21
C GLY U 182 45.85 -2.05 -97.29
N ARG U 183 44.71 -1.58 -97.78
CA ARG U 183 43.40 -1.56 -97.09
C ARG U 183 42.96 -3.00 -96.94
N ASP U 184 42.90 -3.75 -98.05
CA ASP U 184 42.58 -5.17 -98.12
C ASP U 184 43.51 -5.94 -97.21
N LEU U 185 44.80 -5.58 -97.27
CA LEU U 185 45.87 -6.21 -96.49
C LEU U 185 45.84 -6.05 -94.97
N THR U 186 45.28 -4.93 -94.48
CA THR U 186 45.12 -4.69 -93.06
C THR U 186 43.95 -5.55 -92.58
N ASP U 187 42.92 -5.75 -93.43
CA ASP U 187 41.77 -6.48 -92.99
C ASP U 187 42.02 -7.97 -92.99
N TYR U 188 42.95 -8.43 -93.81
CA TYR U 188 43.31 -9.82 -93.83
C TYR U 188 44.18 -10.09 -92.61
N LEU U 189 45.10 -9.19 -92.24
CA LEU U 189 45.94 -9.43 -91.08
C LEU U 189 45.07 -9.58 -89.87
N MET U 190 44.09 -8.68 -89.80
CA MET U 190 43.07 -8.61 -88.77
C MET U 190 42.49 -9.99 -88.46
N LYS U 191 41.98 -10.64 -89.51
CA LYS U 191 41.45 -11.96 -89.38
C LYS U 191 42.60 -12.88 -89.04
N ILE U 192 43.77 -13.04 -89.70
CA ILE U 192 44.74 -14.02 -89.24
C ILE U 192 45.32 -13.81 -87.83
N LEU U 193 45.05 -12.64 -87.27
CA LEU U 193 45.50 -12.28 -85.95
C LEU U 193 44.38 -12.57 -84.94
N THR U 194 43.09 -12.42 -85.30
CA THR U 194 42.01 -12.83 -84.39
C THR U 194 41.98 -14.36 -84.37
N GLU U 195 42.30 -14.92 -85.55
CA GLU U 195 42.41 -16.34 -85.81
C GLU U 195 43.62 -16.92 -85.04
N ARG U 196 44.64 -16.11 -84.70
CA ARG U 196 45.74 -16.52 -83.81
C ARG U 196 45.23 -16.62 -82.35
N GLY U 197 43.95 -16.30 -82.13
CA GLY U 197 43.30 -16.36 -80.84
C GLY U 197 43.31 -14.99 -80.21
N TYR U 198 42.72 -13.96 -80.86
CA TYR U 198 42.73 -12.60 -80.34
C TYR U 198 41.44 -11.87 -80.61
N SER U 199 41.41 -10.64 -80.04
CA SER U 199 40.26 -9.77 -80.19
C SER U 199 40.58 -8.28 -80.26
N PHE U 200 40.18 -7.80 -81.43
CA PHE U 200 40.30 -6.40 -81.75
C PHE U 200 38.83 -6.02 -81.75
N VAL U 201 38.59 -5.64 -80.51
CA VAL U 201 37.23 -5.41 -80.11
C VAL U 201 36.88 -3.93 -80.14
N THR U 202 37.50 -3.05 -79.32
CA THR U 202 37.19 -1.61 -79.36
C THR U 202 37.90 -0.97 -80.54
N THR U 203 37.56 0.30 -80.86
CA THR U 203 38.15 0.97 -82.01
C THR U 203 39.65 1.26 -81.81
N ALA U 204 40.12 1.29 -80.56
CA ALA U 204 41.53 1.41 -80.26
C ALA U 204 42.32 0.10 -80.45
N GLU U 205 41.60 -0.97 -80.75
CA GLU U 205 42.19 -2.25 -81.05
C GLU U 205 42.19 -2.32 -82.56
N ARG U 206 41.06 -2.05 -83.23
CA ARG U 206 40.98 -2.01 -84.71
C ARG U 206 42.14 -1.25 -85.40
N GLU U 207 42.32 0.03 -85.05
CA GLU U 207 43.23 0.95 -85.72
C GLU U 207 44.69 0.52 -85.72
N ILE U 208 45.11 -0.01 -84.57
CA ILE U 208 46.48 -0.42 -84.38
C ILE U 208 46.87 -1.73 -85.11
N VAL U 209 45.94 -2.54 -85.66
CA VAL U 209 46.29 -3.72 -86.45
C VAL U 209 47.03 -3.20 -87.69
N ARG U 210 46.63 -2.03 -88.15
CA ARG U 210 47.25 -1.37 -89.26
C ARG U 210 48.67 -0.95 -88.90
N ASP U 211 48.95 -0.53 -87.65
CA ASP U 211 50.28 -0.13 -87.22
C ASP U 211 51.16 -1.35 -86.95
N ILE U 212 50.52 -2.50 -86.72
CA ILE U 212 51.23 -3.79 -86.62
C ILE U 212 51.70 -4.15 -88.03
N LYS U 213 50.78 -4.20 -89.03
CA LYS U 213 51.07 -4.43 -90.44
C LYS U 213 52.22 -3.57 -90.90
N GLU U 214 52.20 -2.26 -90.69
CA GLU U 214 53.29 -1.39 -91.11
C GLU U 214 54.61 -1.73 -90.40
N LYS U 215 54.69 -1.78 -89.07
CA LYS U 215 55.94 -2.01 -88.33
C LYS U 215 56.60 -3.39 -88.38
N LEU U 216 55.78 -4.43 -88.17
CA LEU U 216 56.26 -5.80 -88.10
C LEU U 216 56.11 -6.63 -89.34
N CYS U 217 55.26 -6.32 -90.33
CA CYS U 217 55.18 -7.15 -91.54
C CYS U 217 56.32 -7.09 -92.56
N TYR U 218 56.48 -8.33 -93.07
CA TYR U 218 57.59 -8.77 -93.92
C TYR U 218 57.15 -9.45 -95.20
N VAL U 219 57.98 -9.41 -96.25
CA VAL U 219 57.72 -10.24 -97.43
C VAL U 219 58.97 -11.05 -97.49
N ALA U 220 58.71 -12.28 -97.12
CA ALA U 220 59.77 -13.24 -97.22
C ALA U 220 59.88 -13.81 -98.62
N LEU U 221 61.15 -14.02 -98.90
CA LEU U 221 61.62 -14.73 -100.05
C LEU U 221 61.71 -16.15 -99.53
N ASP U 222 61.16 -17.03 -100.37
CA ASP U 222 60.95 -18.44 -100.04
C ASP U 222 60.07 -18.52 -98.80
N PHE U 223 58.83 -18.13 -99.14
CA PHE U 223 57.71 -18.06 -98.22
C PHE U 223 57.27 -19.45 -97.83
N GLU U 224 57.74 -20.41 -98.65
CA GLU U 224 57.60 -21.86 -98.55
C GLU U 224 58.25 -22.42 -97.27
N ASN U 225 59.59 -22.31 -97.28
CA ASN U 225 60.41 -22.74 -96.17
C ASN U 225 60.62 -21.58 -95.23
N GLU U 226 59.55 -20.85 -94.96
CA GLU U 226 59.50 -19.78 -93.97
C GLU U 226 58.38 -20.13 -92.97
N MET U 227 57.33 -20.76 -93.53
CA MET U 227 56.28 -21.43 -92.80
C MET U 227 56.94 -22.62 -92.11
N ALA U 228 57.71 -23.43 -92.87
CA ALA U 228 58.50 -24.55 -92.34
C ALA U 228 59.39 -24.11 -91.17
N THR U 229 60.05 -22.96 -91.35
CA THR U 229 60.85 -22.34 -90.30
C THR U 229 60.01 -21.98 -89.07
N ALA U 230 58.78 -21.46 -89.33
CA ALA U 230 57.86 -21.02 -88.29
C ALA U 230 57.59 -22.11 -87.26
N ALA U 231 57.41 -23.33 -87.82
CA ALA U 231 57.14 -24.58 -87.11
C ALA U 231 58.23 -25.11 -86.16
N SER U 232 59.49 -25.11 -86.62
CA SER U 232 60.66 -25.45 -85.79
C SER U 232 60.77 -24.48 -84.61
N SER U 233 60.13 -23.29 -84.82
CA SER U 233 60.03 -22.14 -83.92
C SER U 233 61.35 -21.71 -83.32
N SER U 234 61.78 -20.84 -84.24
CA SER U 234 62.97 -20.06 -84.07
C SER U 234 62.53 -18.79 -83.34
N SER U 235 63.54 -17.92 -83.14
CA SER U 235 63.30 -16.61 -82.61
C SER U 235 62.89 -15.71 -83.79
N LEU U 236 61.86 -16.18 -84.56
CA LEU U 236 61.25 -15.48 -85.68
C LEU U 236 60.08 -14.63 -85.14
N GLU U 237 59.42 -15.08 -84.05
CA GLU U 237 58.29 -14.40 -83.40
C GLU U 237 58.47 -12.91 -83.05
N LYS U 238 57.38 -12.13 -82.95
CA LYS U 238 57.51 -10.73 -82.61
C LYS U 238 56.32 -10.15 -81.87
N SER U 239 56.55 -9.83 -80.60
CA SER U 239 55.52 -9.22 -79.77
C SER U 239 55.56 -7.70 -79.70
N TYR U 240 54.36 -7.16 -79.96
CA TYR U 240 54.05 -5.74 -79.98
C TYR U 240 53.26 -5.40 -78.72
N GLU U 241 53.56 -4.30 -78.00
CA GLU U 241 52.75 -3.89 -76.84
C GLU U 241 51.65 -2.92 -77.27
N LEU U 242 50.39 -3.29 -76.96
CA LEU U 242 49.19 -2.57 -77.40
C LEU U 242 49.02 -1.14 -76.81
N PRO U 243 47.91 -0.32 -76.91
CA PRO U 243 47.82 1.03 -76.30
C PRO U 243 48.14 1.03 -74.78
N ASP U 244 47.74 -0.10 -74.19
CA ASP U 244 48.01 -0.53 -72.81
C ASP U 244 49.12 -1.64 -72.78
N GLY U 245 49.22 -2.43 -71.69
CA GLY U 245 50.22 -3.48 -71.50
C GLY U 245 50.08 -4.66 -72.47
N GLN U 246 48.86 -5.19 -72.57
CA GLN U 246 48.45 -6.30 -73.44
C GLN U 246 49.35 -6.66 -74.64
N VAL U 247 50.47 -7.26 -74.27
CA VAL U 247 51.48 -7.68 -75.23
C VAL U 247 50.97 -8.81 -76.10
N ILE U 248 50.77 -8.41 -77.34
CA ILE U 248 50.31 -9.35 -78.33
C ILE U 248 51.51 -9.92 -79.08
N THR U 249 51.50 -11.22 -79.39
CA THR U 249 52.60 -11.83 -80.15
C THR U 249 52.13 -12.27 -81.56
N ILE U 250 53.06 -12.00 -82.49
CA ILE U 250 52.88 -12.24 -83.90
C ILE U 250 54.20 -12.82 -84.31
N GLY U 251 54.17 -14.09 -84.62
CA GLY U 251 55.39 -14.70 -85.06
C GLY U 251 55.46 -14.75 -86.56
N ASN U 252 54.57 -15.67 -86.91
CA ASN U 252 54.41 -16.25 -88.24
C ASN U 252 53.60 -15.34 -89.21
N GLU U 253 52.29 -15.06 -88.97
CA GLU U 253 51.39 -14.18 -89.76
C GLU U 253 51.90 -12.86 -90.31
N ARG U 254 52.90 -12.42 -89.57
CA ARG U 254 53.82 -11.35 -89.91
C ARG U 254 54.15 -11.27 -91.45
N PHE U 255 54.35 -12.44 -92.11
CA PHE U 255 54.64 -12.54 -93.54
C PHE U 255 53.50 -13.20 -94.33
N ARG U 256 52.54 -13.82 -93.64
CA ARG U 256 51.39 -14.42 -94.30
C ARG U 256 50.52 -13.33 -94.92
N CYS U 257 50.63 -12.12 -94.36
CA CYS U 257 49.90 -10.93 -94.83
C CYS U 257 50.47 -10.44 -96.20
N PRO U 258 51.75 -10.08 -96.42
CA PRO U 258 52.23 -9.69 -97.73
C PRO U 258 52.30 -10.90 -98.70
N GLU U 259 52.36 -12.20 -98.31
CA GLU U 259 52.25 -13.34 -99.23
C GLU U 259 50.87 -13.15 -99.90
N THR U 260 49.91 -12.35 -99.38
CA THR U 260 48.64 -12.13 -100.06
C THR U 260 48.87 -11.41 -101.38
N LEU U 261 49.78 -10.44 -101.43
CA LEU U 261 50.12 -9.78 -102.70
C LEU U 261 50.62 -10.71 -103.83
N PHE U 262 51.23 -11.88 -103.56
CA PHE U 262 51.65 -12.84 -104.58
C PHE U 262 50.61 -13.93 -104.81
N GLN U 263 49.84 -14.21 -103.76
CA GLN U 263 48.76 -15.18 -103.77
C GLN U 263 47.48 -14.47 -103.34
N PRO U 264 46.64 -13.99 -104.28
CA PRO U 264 45.37 -13.34 -104.03
C PRO U 264 44.35 -14.37 -103.53
N SER U 265 44.66 -15.66 -103.77
CA SER U 265 43.88 -16.84 -103.31
C SER U 265 43.70 -16.96 -101.78
N PHE U 266 44.61 -16.30 -101.04
CA PHE U 266 44.57 -16.14 -99.58
C PHE U 266 43.37 -15.35 -99.15
N ILE U 267 42.83 -14.59 -100.09
CA ILE U 267 41.70 -13.74 -99.79
C ILE U 267 40.53 -13.93 -100.75
N GLY U 268 40.38 -15.13 -101.31
CA GLY U 268 39.25 -15.34 -102.18
C GLY U 268 39.28 -14.49 -103.45
N MET U 269 40.50 -14.05 -103.79
CA MET U 269 40.66 -13.39 -105.07
C MET U 269 41.17 -14.41 -106.08
N GLU U 270 40.49 -14.41 -107.24
CA GLU U 270 40.86 -15.25 -108.39
C GLU U 270 41.83 -14.62 -109.41
N SER U 271 42.08 -13.32 -109.27
CA SER U 271 43.03 -12.56 -110.08
C SER U 271 44.44 -13.09 -109.88
N ALA U 272 45.30 -12.76 -110.84
CA ALA U 272 46.71 -13.10 -110.77
C ALA U 272 47.45 -12.21 -109.76
N GLY U 273 48.70 -12.47 -109.39
CA GLY U 273 49.35 -11.64 -108.39
C GLY U 273 50.43 -10.72 -108.97
N ILE U 274 50.79 -9.70 -108.16
CA ILE U 274 51.81 -8.69 -108.45
C ILE U 274 52.92 -9.04 -109.46
N HIS U 275 53.64 -10.14 -109.26
CA HIS U 275 54.75 -10.55 -110.11
C HIS U 275 54.37 -11.07 -111.47
N GLU U 276 53.27 -11.81 -111.52
CA GLU U 276 52.77 -12.31 -112.77
C GLU U 276 52.23 -11.17 -113.54
N THR U 277 51.63 -10.24 -112.85
CA THR U 277 51.02 -9.09 -113.48
C THR U 277 52.11 -8.19 -114.01
N THR U 278 53.24 -7.99 -113.33
CA THR U 278 54.39 -7.23 -113.83
C THR U 278 54.82 -7.75 -115.21
N TYR U 279 54.86 -9.08 -115.21
CA TYR U 279 55.25 -9.84 -116.34
C TYR U 279 54.22 -9.72 -117.41
N ASN U 280 52.93 -9.90 -117.14
CA ASN U 280 51.98 -9.91 -118.22
C ASN U 280 51.90 -8.58 -118.94
N SER U 281 52.13 -7.49 -118.17
CA SER U 281 52.13 -6.12 -118.67
C SER U 281 53.20 -6.08 -119.74
N ILE U 282 54.33 -6.69 -119.34
CA ILE U 282 55.54 -6.74 -120.14
C ILE U 282 55.30 -7.61 -121.34
N MET U 283 54.73 -8.83 -121.34
CA MET U 283 54.54 -9.49 -122.62
C MET U 283 53.34 -8.96 -123.45
N LYS U 284 52.74 -7.81 -123.03
CA LYS U 284 51.72 -7.03 -123.77
C LYS U 284 52.29 -5.81 -124.49
N CYS U 285 53.57 -5.52 -124.25
CA CYS U 285 54.27 -4.38 -124.82
C CYS U 285 55.06 -4.74 -126.05
N ASP U 286 55.57 -3.76 -126.81
CA ASP U 286 56.42 -4.07 -127.94
C ASP U 286 57.63 -4.79 -127.40
N ILE U 287 58.05 -5.70 -128.29
CA ILE U 287 59.19 -6.66 -128.18
C ILE U 287 60.59 -6.08 -127.97
N ASP U 288 60.83 -5.02 -128.76
CA ASP U 288 62.06 -4.29 -128.71
C ASP U 288 62.12 -3.52 -127.39
N ILE U 289 60.98 -3.13 -126.75
CA ILE U 289 61.08 -2.37 -125.49
C ILE U 289 61.12 -3.27 -124.27
N ARG U 290 60.85 -4.56 -124.40
CA ARG U 290 60.84 -5.43 -123.26
C ARG U 290 62.22 -5.53 -122.61
N LYS U 291 63.44 -5.37 -123.18
CA LYS U 291 64.61 -5.45 -122.29
C LYS U 291 64.67 -4.27 -121.32
N ASP U 292 64.12 -3.11 -121.76
CA ASP U 292 64.16 -1.87 -121.01
C ASP U 292 63.28 -1.96 -119.77
N LEU U 293 62.02 -2.30 -119.98
CA LEU U 293 61.11 -2.50 -118.91
C LEU U 293 61.65 -3.49 -117.87
N TYR U 294 62.29 -4.59 -118.31
CA TYR U 294 62.80 -5.56 -117.37
C TYR U 294 63.92 -5.08 -116.49
N ALA U 295 64.75 -4.19 -117.00
CA ALA U 295 65.83 -3.70 -116.15
C ALA U 295 65.38 -2.46 -115.38
N ASN U 296 64.07 -2.15 -115.38
CA ASN U 296 63.60 -0.94 -114.73
C ASN U 296 62.22 -1.06 -114.17
N ASN U 297 62.12 -1.95 -113.18
CA ASN U 297 60.89 -2.19 -112.45
C ASN U 297 60.99 -1.26 -111.27
N VAL U 298 60.31 -0.15 -111.32
CA VAL U 298 60.41 0.82 -110.26
C VAL U 298 59.17 0.55 -109.43
N MET U 299 59.40 0.53 -108.13
CA MET U 299 58.31 0.36 -107.19
C MET U 299 57.93 1.64 -106.47
N SER U 300 56.63 1.89 -106.37
CA SER U 300 56.22 2.99 -105.54
C SER U 300 54.91 2.66 -104.85
N GLY U 301 54.65 3.35 -103.74
CA GLY U 301 53.43 3.18 -102.99
C GLY U 301 53.61 2.60 -101.57
N GLY U 302 52.74 3.02 -100.65
CA GLY U 302 52.81 2.59 -99.27
C GLY U 302 52.86 1.07 -99.13
N THR U 303 52.07 0.32 -99.88
CA THR U 303 52.04 -1.11 -99.72
C THR U 303 53.26 -1.79 -100.31
N THR U 304 54.16 -1.14 -101.05
CA THR U 304 55.36 -1.81 -101.58
C THR U 304 56.54 -1.64 -100.63
N MET U 305 56.26 -1.12 -99.43
CA MET U 305 57.29 -0.84 -98.43
C MET U 305 57.65 -2.03 -97.56
N TYR U 306 56.81 -3.11 -97.51
CA TYR U 306 57.07 -4.33 -96.75
C TYR U 306 58.49 -4.79 -97.01
N PRO U 307 59.48 -4.82 -96.09
CA PRO U 307 60.84 -5.31 -96.39
C PRO U 307 60.86 -6.66 -97.15
N GLY U 308 61.84 -6.80 -98.07
CA GLY U 308 62.04 -8.04 -98.81
C GLY U 308 61.07 -8.28 -99.94
N ILE U 309 60.42 -7.17 -100.30
CA ILE U 309 59.43 -7.15 -101.38
C ILE U 309 60.09 -7.19 -102.72
N ALA U 310 61.22 -6.46 -102.72
CA ALA U 310 62.05 -6.29 -103.88
C ALA U 310 62.75 -7.61 -104.17
N ASP U 311 63.38 -8.30 -103.17
CA ASP U 311 64.06 -9.60 -103.38
C ASP U 311 63.11 -10.67 -103.89
N ARG U 312 61.92 -10.77 -103.29
CA ARG U 312 60.89 -11.70 -103.75
C ARG U 312 60.55 -11.33 -105.18
N MET U 313 60.32 -10.05 -105.55
CA MET U 313 59.96 -9.68 -106.91
C MET U 313 61.06 -9.92 -107.93
N GLN U 314 62.29 -9.78 -107.46
CA GLN U 314 63.52 -9.98 -108.18
C GLN U 314 63.59 -11.38 -108.71
N LYS U 315 63.39 -12.30 -107.76
CA LYS U 315 63.38 -13.70 -108.06
C LYS U 315 62.08 -14.18 -108.66
N GLU U 316 61.02 -13.44 -108.45
CA GLU U 316 59.77 -13.84 -109.01
C GLU U 316 59.78 -13.63 -110.53
N ILE U 317 60.30 -12.46 -110.98
CA ILE U 317 60.28 -12.28 -112.42
C ILE U 317 61.53 -12.84 -113.07
N THR U 318 62.70 -13.03 -112.45
CA THR U 318 63.84 -13.67 -113.12
C THR U 318 63.42 -15.02 -113.65
N ALA U 319 62.79 -15.75 -112.74
CA ALA U 319 62.28 -17.06 -113.05
C ALA U 319 61.03 -17.13 -113.94
N LEU U 320 60.57 -16.02 -114.53
CA LEU U 320 59.50 -16.06 -115.53
C LEU U 320 59.97 -15.47 -116.85
N ALA U 321 60.99 -14.63 -116.73
CA ALA U 321 61.62 -13.94 -117.85
C ALA U 321 62.64 -14.81 -118.59
N PRO U 322 62.84 -14.66 -119.92
CA PRO U 322 63.80 -15.44 -120.70
C PRO U 322 65.22 -15.24 -120.14
N SER U 323 66.07 -16.24 -119.84
CA SER U 323 67.39 -16.02 -119.19
C SER U 323 68.42 -15.06 -119.79
N THR U 324 68.16 -14.74 -121.06
CA THR U 324 68.94 -13.78 -121.83
C THR U 324 68.70 -12.35 -121.29
N MET U 325 67.75 -12.21 -120.37
CA MET U 325 67.31 -10.93 -119.87
C MET U 325 67.93 -10.53 -118.56
N LYS U 326 68.04 -9.21 -118.45
CA LYS U 326 68.47 -8.59 -117.23
C LYS U 326 67.21 -8.09 -116.52
N ILE U 327 67.07 -8.54 -115.27
CA ILE U 327 65.96 -8.16 -114.41
C ILE U 327 66.51 -7.03 -113.52
N LYS U 328 65.74 -6.02 -113.11
CA LYS U 328 66.22 -5.06 -112.13
C LYS U 328 65.05 -4.32 -111.47
N ILE U 329 64.88 -4.67 -110.18
CA ILE U 329 63.80 -4.15 -109.33
C ILE U 329 64.29 -3.01 -108.45
N ILE U 330 63.99 -1.77 -108.86
CA ILE U 330 64.36 -0.59 -108.10
C ILE U 330 63.18 -0.32 -107.14
N ALA U 331 63.54 -0.20 -105.86
CA ALA U 331 62.64 0.11 -104.76
C ALA U 331 63.33 1.15 -103.88
N PRO U 332 63.18 2.45 -104.07
CA PRO U 332 63.83 3.46 -103.24
C PRO U 332 63.19 3.53 -101.85
N PRO U 333 63.89 4.13 -100.86
CA PRO U 333 63.44 4.26 -99.48
C PRO U 333 62.30 5.25 -99.32
N GLU U 334 62.31 6.35 -100.07
CA GLU U 334 61.24 7.29 -99.90
C GLU U 334 60.03 6.81 -100.66
N ARG U 335 59.97 5.61 -101.28
CA ARG U 335 58.82 5.21 -102.10
C ARG U 335 57.37 5.45 -101.69
N LYS U 336 57.05 5.56 -100.40
CA LYS U 336 55.69 5.94 -100.01
C LYS U 336 55.38 7.38 -100.49
N TYR U 337 56.35 8.24 -100.87
CA TYR U 337 56.11 9.53 -101.51
C TYR U 337 56.74 9.67 -102.92
N SER U 338 57.08 8.62 -103.68
CA SER U 338 57.71 8.75 -105.00
C SER U 338 56.97 9.66 -105.95
N VAL U 339 55.68 9.35 -106.05
CA VAL U 339 54.71 10.09 -106.82
C VAL U 339 54.84 11.56 -106.50
N TRP U 340 54.81 11.91 -105.21
CA TRP U 340 54.78 13.31 -104.80
C TRP U 340 56.09 14.00 -105.14
N ILE U 341 57.19 13.29 -104.90
CA ILE U 341 58.51 13.83 -105.03
C ILE U 341 58.74 14.08 -106.49
N GLY U 342 58.27 13.17 -107.37
CA GLY U 342 58.39 13.30 -108.81
C GLY U 342 57.67 14.56 -109.29
N GLY U 343 56.57 14.91 -108.61
CA GLY U 343 55.82 16.09 -108.93
C GLY U 343 56.55 17.33 -108.45
N SER U 344 57.16 17.27 -107.26
CA SER U 344 57.91 18.37 -106.69
C SER U 344 59.08 18.78 -107.57
N ILE U 345 59.76 17.76 -108.08
CA ILE U 345 60.91 17.93 -108.95
C ILE U 345 60.45 18.61 -110.23
N LEU U 346 59.54 17.93 -110.92
CA LEU U 346 59.00 18.35 -112.19
C LEU U 346 58.44 19.75 -112.12
N ALA U 347 57.63 20.04 -111.09
CA ALA U 347 56.97 21.34 -111.05
C ALA U 347 57.91 22.43 -110.63
N SER U 348 59.01 22.11 -109.92
CA SER U 348 59.95 23.18 -109.59
C SER U 348 60.95 23.41 -110.73
N LEU U 349 61.00 22.45 -111.65
CA LEU U 349 61.85 22.52 -112.84
C LEU U 349 61.61 23.73 -113.73
N SER U 350 62.82 24.06 -114.14
CA SER U 350 63.18 25.12 -115.06
C SER U 350 62.43 24.97 -116.39
N THR U 351 62.21 23.76 -116.92
CA THR U 351 61.52 23.62 -118.20
C THR U 351 60.02 23.38 -118.21
N PHE U 352 59.45 23.28 -117.02
CA PHE U 352 58.05 22.91 -116.90
C PHE U 352 57.07 24.06 -117.07
N GLN U 353 57.66 25.23 -116.95
CA GLN U 353 56.88 26.45 -116.97
C GLN U 353 56.03 26.54 -118.21
N GLN U 354 56.60 26.15 -119.35
CA GLN U 354 55.84 26.15 -120.59
C GLN U 354 54.79 25.03 -120.74
N MET U 355 54.60 24.08 -119.78
CA MET U 355 53.45 23.18 -119.84
C MET U 355 52.31 23.49 -118.85
N TRP U 356 52.49 24.42 -117.90
CA TRP U 356 51.41 24.85 -117.03
C TRP U 356 50.12 25.27 -117.74
N ILE U 357 48.91 24.72 -117.54
CA ILE U 357 47.71 25.26 -118.20
C ILE U 357 47.27 26.55 -117.47
N THR U 358 47.32 27.71 -118.14
CA THR U 358 46.97 28.96 -117.47
C THR U 358 45.51 29.28 -117.68
N LYS U 359 44.92 30.09 -116.78
CA LYS U 359 43.56 30.61 -116.97
C LYS U 359 43.35 31.22 -118.35
N GLN U 360 44.42 31.74 -118.99
CA GLN U 360 44.37 32.29 -120.34
C GLN U 360 44.02 31.07 -121.19
N GLU U 361 44.85 30.00 -121.24
CA GLU U 361 44.48 28.81 -121.99
C GLU U 361 43.06 28.32 -121.72
N TYR U 362 42.68 28.24 -120.45
CA TYR U 362 41.37 27.74 -120.10
C TYR U 362 40.24 28.64 -120.55
N ASP U 363 40.18 29.90 -120.10
CA ASP U 363 39.07 30.79 -120.47
C ASP U 363 38.89 30.88 -121.97
N GLU U 364 39.97 30.58 -122.70
CA GLU U 364 39.92 30.55 -124.14
C GLU U 364 39.68 29.19 -124.80
N ALA U 365 40.10 28.04 -124.23
CA ALA U 365 39.94 26.72 -124.90
C ALA U 365 38.95 25.68 -124.34
N GLY U 366 38.42 25.98 -123.14
CA GLY U 366 37.53 25.10 -122.40
C GLY U 366 38.33 23.97 -121.74
N PRO U 367 37.76 23.09 -120.91
CA PRO U 367 38.52 22.08 -120.13
C PRO U 367 39.35 21.10 -120.96
N SER U 368 38.94 21.06 -122.25
CA SER U 368 39.60 20.33 -123.30
C SER U 368 41.08 20.62 -123.34
N ILE U 369 41.46 21.90 -123.17
CA ILE U 369 42.85 22.37 -123.18
C ILE U 369 43.87 21.53 -122.40
N VAL U 370 43.58 21.24 -121.12
CA VAL U 370 44.48 20.49 -120.27
C VAL U 370 44.32 18.98 -120.47
N HIS U 371 43.15 18.61 -121.00
CA HIS U 371 42.87 17.21 -121.15
C HIS U 371 43.90 16.49 -122.03
N ARG U 372 44.53 17.21 -122.99
CA ARG U 372 45.52 16.70 -123.93
C ARG U 372 44.79 15.68 -124.84
N ASP V 1 22.09 -44.40 -148.30
CA ASP V 1 21.75 -43.99 -146.91
C ASP V 1 22.85 -44.36 -145.91
N GLU V 2 23.39 -45.55 -146.18
CA GLU V 2 24.53 -46.17 -145.50
C GLU V 2 25.45 -45.15 -144.87
N ASP V 3 25.79 -44.19 -145.72
CA ASP V 3 26.48 -43.04 -145.26
C ASP V 3 25.83 -41.73 -145.72
N GLU V 4 24.72 -41.70 -146.51
CA GLU V 4 24.03 -40.46 -146.92
C GLU V 4 23.53 -39.73 -145.67
N THR V 5 23.00 -40.54 -144.72
CA THR V 5 22.52 -40.08 -143.41
C THR V 5 23.62 -39.83 -142.38
N THR V 6 24.51 -40.82 -142.53
CA THR V 6 25.64 -41.19 -141.72
C THR V 6 26.88 -40.30 -141.73
N ALA V 7 27.08 -39.36 -142.68
CA ALA V 7 28.26 -38.50 -142.66
C ALA V 7 28.14 -37.44 -141.58
N LEU V 8 29.20 -37.27 -140.79
CA LEU V 8 29.21 -36.29 -139.70
C LEU V 8 30.00 -35.06 -140.15
N VAL V 9 29.73 -33.85 -139.64
CA VAL V 9 30.53 -32.73 -140.03
C VAL V 9 30.87 -32.02 -138.76
N CYS V 10 32.17 -31.96 -138.47
CA CYS V 10 32.62 -31.36 -137.25
C CYS V 10 33.55 -30.23 -137.58
N ASP V 11 33.12 -29.00 -137.27
CA ASP V 11 33.97 -27.84 -137.42
C ASP V 11 34.54 -27.34 -136.09
N ASN V 12 35.86 -27.55 -135.90
CA ASN V 12 36.58 -27.26 -134.70
C ASN V 12 37.05 -25.84 -134.71
N GLY V 13 36.63 -25.04 -133.74
CA GLY V 13 37.03 -23.65 -133.65
C GLY V 13 37.81 -23.35 -132.39
N SER V 14 38.24 -22.11 -132.40
CA SER V 14 38.94 -21.57 -131.28
C SER V 14 37.99 -21.29 -130.14
N GLY V 15 36.73 -20.95 -130.37
CA GLY V 15 35.79 -20.62 -129.31
C GLY V 15 34.71 -21.67 -129.27
N LEU V 16 34.12 -22.02 -130.42
CA LEU V 16 33.02 -22.99 -130.56
C LEU V 16 33.26 -24.21 -131.42
N VAL V 17 32.63 -25.35 -131.13
CA VAL V 17 32.63 -26.50 -132.02
C VAL V 17 31.29 -26.40 -132.72
N LYS V 18 31.15 -26.67 -134.01
CA LYS V 18 29.87 -26.75 -134.68
C LYS V 18 29.80 -28.19 -135.21
N ALA V 19 28.75 -28.94 -134.98
CA ALA V 19 28.71 -30.34 -135.35
C ALA V 19 27.31 -30.79 -135.73
N GLY V 20 27.16 -31.96 -136.33
CA GLY V 20 25.86 -32.32 -136.86
C GLY V 20 26.03 -33.31 -137.98
N PHE V 21 24.93 -33.55 -138.70
CA PHE V 21 24.94 -34.55 -139.77
C PHE V 21 24.90 -33.87 -141.11
N ALA V 22 25.71 -34.38 -142.05
CA ALA V 22 25.74 -33.89 -143.43
C ALA V 22 24.33 -34.15 -143.89
N GLY V 23 23.76 -33.12 -144.48
CA GLY V 23 22.37 -33.20 -144.83
C GLY V 23 21.66 -32.07 -144.10
N ASP V 24 21.83 -31.91 -142.79
CA ASP V 24 21.15 -30.85 -142.06
C ASP V 24 21.51 -29.47 -142.57
N ASP V 25 20.68 -28.47 -142.23
CA ASP V 25 20.87 -27.10 -142.72
C ASP V 25 21.76 -26.21 -141.86
N ALA V 26 21.89 -26.68 -140.60
CA ALA V 26 22.62 -26.00 -139.53
C ALA V 26 23.14 -27.02 -138.54
N PRO V 27 24.20 -26.69 -137.76
CA PRO V 27 24.77 -27.60 -136.76
C PRO V 27 23.81 -28.07 -135.68
N ARG V 28 23.81 -29.38 -135.48
CA ARG V 28 23.03 -29.97 -134.43
C ARG V 28 23.66 -29.64 -133.08
N ALA V 29 24.96 -29.38 -133.05
CA ALA V 29 25.64 -29.14 -131.81
C ALA V 29 26.62 -27.99 -131.90
N VAL V 30 26.50 -27.06 -130.96
CA VAL V 30 27.34 -25.88 -130.91
C VAL V 30 27.67 -25.70 -129.44
N PHE V 31 28.95 -25.61 -129.08
CA PHE V 31 29.33 -25.53 -127.68
C PHE V 31 30.73 -25.07 -127.48
N PRO V 32 31.15 -24.47 -126.36
CA PRO V 32 32.52 -24.04 -126.18
C PRO V 32 33.55 -25.15 -126.24
N SER V 33 34.68 -24.68 -126.73
CA SER V 33 35.83 -25.46 -127.00
C SER V 33 36.72 -25.35 -125.78
N ILE V 34 36.22 -25.79 -124.62
CA ILE V 34 36.99 -25.85 -123.39
C ILE V 34 37.02 -27.23 -122.78
N VAL V 35 37.93 -27.49 -121.86
CA VAL V 35 38.09 -28.73 -121.17
C VAL V 35 38.50 -28.23 -119.81
N GLY V 36 37.65 -28.48 -118.84
CA GLY V 36 37.85 -28.05 -117.49
C GLY V 36 38.34 -29.20 -116.68
N ARG V 37 39.25 -28.85 -115.78
CA ARG V 37 39.92 -29.81 -114.92
C ARG V 37 39.70 -29.32 -113.48
N PRO V 38 38.96 -29.99 -112.58
CA PRO V 38 38.69 -29.52 -111.22
C PRO V 38 39.89 -29.20 -110.36
N ARG V 39 39.91 -27.95 -109.90
CA ARG V 39 40.91 -27.52 -108.94
C ARG V 39 40.84 -28.20 -107.58
N HIS V 40 39.70 -28.87 -107.16
CA HIS V 40 39.63 -29.51 -105.82
C HIS V 40 38.94 -30.84 -105.77
N GLN V 41 39.17 -31.67 -104.76
CA GLN V 41 38.43 -32.91 -104.76
C GLN V 41 37.08 -32.79 -104.09
N GLY V 42 36.07 -33.39 -104.73
CA GLY V 42 34.70 -33.31 -104.30
C GLY V 42 33.74 -33.68 -105.40
N VAL V 43 32.44 -33.64 -105.12
CA VAL V 43 31.40 -34.03 -106.07
C VAL V 43 30.14 -33.14 -106.14
N MET V 44 29.36 -33.27 -107.22
CA MET V 44 28.06 -32.62 -107.27
C MET V 44 27.16 -33.67 -106.65
N VAL V 45 26.01 -33.26 -106.11
CA VAL V 45 25.05 -34.15 -105.52
C VAL V 45 24.49 -35.15 -106.54
N GLY V 46 24.79 -36.42 -106.32
CA GLY V 46 24.22 -37.47 -107.12
C GLY V 46 25.16 -37.94 -108.20
N MET V 47 26.20 -37.17 -108.47
CA MET V 47 27.18 -37.60 -109.43
C MET V 47 28.38 -38.18 -108.72
N GLY V 48 29.22 -38.84 -109.53
CA GLY V 48 30.52 -39.32 -109.09
C GLY V 48 31.57 -38.25 -109.40
N GLN V 49 32.77 -38.56 -108.88
CA GLN V 49 33.98 -37.81 -109.15
C GLN V 49 34.25 -37.78 -110.66
N LYS V 50 34.49 -36.60 -111.15
CA LYS V 50 34.64 -36.40 -112.56
C LYS V 50 36.02 -35.83 -112.65
N ASP V 51 36.71 -36.42 -113.60
CA ASP V 51 38.07 -36.01 -113.87
C ASP V 51 38.17 -34.79 -114.76
N SER V 52 37.10 -34.56 -115.52
CA SER V 52 37.18 -33.59 -116.56
C SER V 52 35.82 -33.08 -116.95
N TYR V 53 35.75 -31.92 -117.55
CA TYR V 53 34.48 -31.38 -117.95
C TYR V 53 34.66 -30.78 -119.32
N VAL V 54 33.68 -30.75 -120.23
CA VAL V 54 33.88 -30.23 -121.58
C VAL V 54 32.65 -29.41 -122.00
N GLY V 55 32.90 -28.35 -122.75
CA GLY V 55 31.85 -27.54 -123.33
C GLY V 55 31.17 -26.70 -122.29
N ASP V 56 29.84 -26.75 -122.28
CA ASP V 56 29.07 -25.95 -121.37
C ASP V 56 29.19 -26.41 -119.95
N GLU V 57 29.30 -27.68 -119.58
CA GLU V 57 29.52 -27.99 -118.19
C GLU V 57 30.84 -27.45 -117.66
N ALA V 58 31.84 -27.23 -118.50
CA ALA V 58 33.06 -26.63 -118.08
C ALA V 58 32.85 -25.12 -117.91
N GLN V 59 32.01 -24.52 -118.73
CA GLN V 59 31.81 -23.10 -118.60
C GLN V 59 30.99 -22.86 -117.34
N SER V 60 29.89 -23.57 -117.16
CA SER V 60 29.02 -23.38 -116.02
C SER V 60 29.64 -23.61 -114.65
N LYS V 61 30.56 -24.53 -114.62
CA LYS V 61 31.19 -24.87 -113.39
C LYS V 61 32.55 -24.22 -113.38
N ARG V 62 32.84 -23.09 -114.07
CA ARG V 62 34.23 -22.63 -114.15
C ARG V 62 34.98 -22.22 -112.91
N GLY V 63 34.24 -21.82 -111.88
CA GLY V 63 34.80 -21.46 -110.60
C GLY V 63 35.53 -22.60 -109.91
N ILE V 64 35.30 -23.90 -110.13
CA ILE V 64 36.09 -24.92 -109.42
C ILE V 64 37.05 -25.69 -110.31
N LEU V 65 37.20 -25.31 -111.57
CA LEU V 65 38.02 -26.03 -112.56
C LEU V 65 39.06 -25.13 -113.21
N THR V 66 40.11 -25.68 -113.82
CA THR V 66 41.04 -24.85 -114.57
C THR V 66 40.68 -25.18 -116.01
N LEU V 67 40.22 -24.10 -116.65
CA LEU V 67 39.72 -24.14 -118.01
C LEU V 67 40.86 -24.11 -118.97
N LYS V 68 40.77 -24.90 -120.05
CA LYS V 68 41.82 -24.85 -121.09
C LYS V 68 41.25 -24.94 -122.47
N TYR V 69 41.82 -24.10 -123.32
CA TYR V 69 41.44 -24.00 -124.73
C TYR V 69 42.35 -24.83 -125.68
N PRO V 70 42.00 -26.03 -126.20
CA PRO V 70 42.82 -26.87 -127.08
C PRO V 70 43.28 -26.29 -128.41
N ILE V 71 42.52 -25.30 -128.90
CA ILE V 71 42.81 -24.72 -130.18
C ILE V 71 43.22 -23.25 -130.05
N GLU V 72 44.51 -23.00 -130.19
CA GLU V 72 44.95 -21.63 -130.09
C GLU V 72 45.09 -21.04 -131.47
N HIS V 73 44.25 -20.04 -131.77
CA HIS V 73 44.28 -19.37 -133.06
C HIS V 73 44.00 -20.30 -134.22
N GLY V 74 43.04 -21.21 -134.03
CA GLY V 74 42.63 -22.09 -135.11
C GLY V 74 43.47 -23.35 -135.24
N ILE V 75 44.67 -23.40 -134.63
CA ILE V 75 45.55 -24.58 -134.72
C ILE V 75 45.41 -25.48 -133.48
N ILE V 76 45.34 -26.82 -133.53
CA ILE V 76 45.21 -27.65 -132.32
C ILE V 76 46.58 -27.64 -131.63
N THR V 77 46.56 -27.11 -130.42
CA THR V 77 47.75 -26.99 -129.58
C THR V 77 47.84 -28.11 -128.56
N ASN V 78 46.72 -28.62 -128.02
CA ASN V 78 46.84 -29.75 -127.11
C ASN V 78 45.99 -30.90 -127.57
N TRP V 79 46.68 -31.98 -127.97
CA TRP V 79 46.04 -33.16 -128.53
C TRP V 79 45.35 -34.06 -127.53
N ASP V 80 45.69 -34.00 -126.23
CA ASP V 80 45.04 -34.79 -125.16
C ASP V 80 43.66 -34.19 -124.90
N ASP V 81 43.65 -32.89 -124.69
CA ASP V 81 42.43 -32.14 -124.61
C ASP V 81 41.59 -32.03 -125.85
N MET V 82 42.08 -32.21 -127.07
CA MET V 82 41.25 -32.16 -128.27
C MET V 82 40.53 -33.48 -128.35
N GLU V 83 41.19 -34.62 -128.17
CA GLU V 83 40.57 -35.94 -128.24
C GLU V 83 39.44 -36.01 -127.23
N LYS V 84 39.59 -35.28 -126.11
CA LYS V 84 38.50 -35.08 -125.16
C LYS V 84 37.33 -34.33 -125.79
N ILE V 85 37.50 -33.18 -126.47
CA ILE V 85 36.38 -32.50 -127.12
C ILE V 85 35.75 -33.35 -128.20
N TRP V 86 36.51 -34.12 -129.00
CA TRP V 86 35.91 -34.99 -130.01
C TRP V 86 35.06 -36.05 -129.38
N HIS V 87 35.60 -36.68 -128.33
CA HIS V 87 34.88 -37.72 -127.62
C HIS V 87 33.51 -37.23 -127.18
N HIS V 88 33.51 -36.05 -126.53
CA HIS V 88 32.30 -35.40 -126.11
C HIS V 88 31.38 -35.17 -127.29
N THR V 89 31.89 -34.77 -128.44
CA THR V 89 31.04 -34.47 -129.58
C THR V 89 30.33 -35.66 -130.08
N PHE V 90 31.05 -36.75 -130.30
CA PHE V 90 30.41 -37.94 -130.80
C PHE V 90 29.48 -38.53 -129.77
N TYR V 91 30.01 -38.84 -128.60
CA TYR V 91 29.25 -39.62 -127.68
C TYR V 91 28.20 -38.97 -126.90
N ASN V 92 28.36 -37.70 -126.58
CA ASN V 92 27.37 -37.03 -125.75
C ASN V 92 26.53 -36.06 -126.57
N GLU V 93 27.17 -35.21 -127.34
CA GLU V 93 26.44 -34.24 -128.11
C GLU V 93 25.64 -34.87 -129.23
N LEU V 94 26.23 -35.64 -130.14
CA LEU V 94 25.50 -36.20 -131.25
C LEU V 94 24.99 -37.60 -130.92
N ARG V 95 25.51 -38.19 -129.82
CA ARG V 95 25.14 -39.48 -129.25
C ARG V 95 25.25 -40.66 -130.23
N VAL V 96 26.13 -40.50 -131.20
CA VAL V 96 26.34 -41.52 -132.21
C VAL V 96 27.52 -42.39 -131.79
N ALA V 97 27.66 -43.58 -132.35
CA ALA V 97 28.88 -44.34 -132.17
C ALA V 97 29.71 -43.92 -133.38
N PRO V 98 30.95 -43.45 -133.29
CA PRO V 98 31.75 -43.03 -134.43
C PRO V 98 32.18 -44.12 -135.40
N GLU V 99 32.34 -45.38 -134.91
CA GLU V 99 32.81 -46.46 -135.78
C GLU V 99 31.90 -46.93 -136.88
N GLU V 100 30.73 -46.30 -137.04
CA GLU V 100 29.98 -46.54 -138.24
C GLU V 100 29.59 -45.24 -138.95
N HIS V 101 30.29 -44.11 -138.71
CA HIS V 101 29.95 -42.86 -139.39
C HIS V 101 31.08 -42.22 -140.12
N PRO V 102 31.06 -41.84 -141.40
CA PRO V 102 32.16 -41.17 -142.05
C PRO V 102 32.18 -39.79 -141.39
N THR V 103 33.35 -39.19 -141.15
CA THR V 103 33.49 -37.92 -140.42
C THR V 103 34.20 -36.84 -141.26
N LEU V 104 33.57 -35.71 -141.66
CA LEU V 104 34.28 -34.65 -142.37
C LEU V 104 34.63 -33.67 -141.31
N LEU V 105 35.93 -33.41 -141.23
CA LEU V 105 36.49 -32.46 -140.29
C LEU V 105 36.99 -31.20 -140.97
N THR V 106 37.28 -30.12 -140.23
CA THR V 106 37.85 -28.99 -140.88
C THR V 106 39.18 -28.63 -140.25
N GLU V 107 40.06 -28.02 -141.03
CA GLU V 107 41.30 -27.48 -140.47
C GLU V 107 41.45 -26.01 -140.91
N ALA V 108 42.44 -25.37 -140.35
CA ALA V 108 42.73 -23.98 -140.65
C ALA V 108 43.59 -23.78 -141.88
N PRO V 109 43.57 -22.56 -142.41
CA PRO V 109 44.35 -22.17 -143.55
C PRO V 109 45.76 -22.68 -143.77
N LEU V 110 46.76 -22.51 -142.91
CA LEU V 110 48.08 -23.02 -143.27
C LEU V 110 48.41 -24.03 -142.18
N ASN V 111 47.47 -24.93 -141.90
CA ASN V 111 47.56 -25.94 -140.87
C ASN V 111 48.75 -26.82 -141.22
N PRO V 112 49.67 -26.95 -140.29
CA PRO V 112 50.88 -27.74 -140.47
C PRO V 112 50.61 -29.18 -140.88
N LYS V 113 51.28 -29.63 -141.95
CA LYS V 113 51.13 -30.97 -142.54
C LYS V 113 50.98 -32.12 -141.54
N ALA V 114 51.79 -31.96 -140.50
CA ALA V 114 51.92 -32.89 -139.41
C ALA V 114 50.69 -33.04 -138.54
N ASN V 115 49.90 -31.96 -138.40
CA ASN V 115 48.66 -31.92 -137.65
C ASN V 115 47.58 -32.66 -138.40
N ARG V 116 47.48 -32.43 -139.74
CA ARG V 116 46.45 -33.05 -140.59
C ARG V 116 46.73 -34.53 -140.54
N GLU V 117 47.99 -34.95 -140.58
CA GLU V 117 48.33 -36.35 -140.31
C GLU V 117 48.02 -36.80 -138.87
N LYS V 118 48.17 -35.96 -137.83
CA LYS V 118 47.89 -36.39 -136.46
C LYS V 118 46.42 -36.56 -136.20
N MET V 119 45.53 -35.64 -136.59
CA MET V 119 44.12 -35.84 -136.36
C MET V 119 43.55 -37.00 -137.19
N THR V 120 44.29 -37.43 -138.21
CA THR V 120 43.88 -38.56 -139.00
C THR V 120 44.27 -39.79 -138.22
N GLN V 121 45.48 -39.79 -137.66
CA GLN V 121 45.96 -40.83 -136.78
C GLN V 121 44.96 -41.01 -135.65
N ILE V 122 44.43 -39.97 -135.00
CA ILE V 122 43.50 -40.09 -133.89
C ILE V 122 42.11 -40.44 -134.38
N MET V 123 41.68 -39.95 -135.55
CA MET V 123 40.36 -40.30 -136.02
C MET V 123 40.31 -41.78 -136.30
N PHE V 124 41.20 -42.28 -137.14
CA PHE V 124 41.20 -43.70 -137.50
C PHE V 124 41.70 -44.62 -136.40
N GLU V 125 42.79 -44.26 -135.70
CA GLU V 125 43.32 -45.18 -134.71
C GLU V 125 42.70 -45.07 -133.32
N THR V 126 42.14 -43.97 -132.79
CA THR V 126 41.53 -44.09 -131.47
C THR V 126 40.01 -44.04 -131.61
N PHE V 127 39.39 -43.44 -132.65
CA PHE V 127 37.91 -43.44 -132.75
C PHE V 127 37.31 -44.48 -133.70
N ASN V 128 38.20 -44.99 -134.57
CA ASN V 128 37.91 -46.08 -135.50
C ASN V 128 36.74 -45.68 -136.39
N VAL V 129 36.79 -44.48 -136.99
CA VAL V 129 35.70 -44.07 -137.88
C VAL V 129 35.86 -44.83 -139.23
N PRO V 130 34.83 -45.17 -140.03
CA PRO V 130 35.01 -45.89 -141.30
C PRO V 130 35.89 -45.16 -142.31
N ALA V 131 35.62 -43.85 -142.42
CA ALA V 131 36.31 -42.96 -143.34
C ALA V 131 36.20 -41.52 -142.83
N MET V 132 37.13 -40.68 -143.27
CA MET V 132 37.15 -39.29 -142.88
C MET V 132 37.73 -38.42 -143.98
N TYR V 133 37.85 -37.09 -143.75
CA TYR V 133 38.23 -36.14 -144.80
C TYR V 133 38.46 -34.85 -144.05
N VAL V 134 39.47 -34.06 -144.39
CA VAL V 134 39.72 -32.81 -143.70
C VAL V 134 39.53 -31.69 -144.75
N ALA V 135 38.50 -30.82 -144.69
CA ALA V 135 38.41 -29.67 -145.62
C ALA V 135 39.01 -28.37 -145.08
N ILE V 136 39.49 -27.42 -145.85
CA ILE V 136 40.06 -26.18 -145.28
C ILE V 136 38.88 -25.29 -145.06
N GLN V 137 38.87 -24.55 -143.97
CA GLN V 137 37.69 -23.79 -143.61
C GLN V 137 37.24 -22.76 -144.61
N ALA V 138 38.04 -21.75 -145.00
CA ALA V 138 37.62 -20.79 -146.04
C ALA V 138 37.07 -21.40 -147.35
N VAL V 139 37.63 -22.56 -147.67
CA VAL V 139 37.22 -23.26 -148.84
C VAL V 139 35.78 -23.75 -148.68
N LEU V 140 35.35 -24.23 -147.51
CA LEU V 140 33.96 -24.64 -147.32
C LEU V 140 33.05 -23.44 -147.24
N SER V 141 33.55 -22.34 -146.73
CA SER V 141 32.70 -21.17 -146.68
C SER V 141 32.37 -20.71 -148.06
N LEU V 142 33.37 -20.65 -148.98
CA LEU V 142 33.16 -20.18 -150.34
C LEU V 142 32.13 -20.96 -151.15
N TYR V 143 32.37 -22.25 -150.99
CA TYR V 143 31.60 -23.25 -151.67
C TYR V 143 30.14 -23.25 -151.21
N ALA V 144 29.91 -23.04 -149.93
CA ALA V 144 28.57 -22.90 -149.40
C ALA V 144 27.91 -21.64 -149.98
N SER V 145 28.65 -20.67 -150.57
CA SER V 145 28.00 -19.52 -151.19
C SER V 145 27.89 -19.75 -152.70
N GLY V 146 27.91 -21.03 -153.07
CA GLY V 146 27.81 -21.47 -154.43
C GLY V 146 29.15 -21.50 -155.16
N ARG V 147 30.03 -20.50 -155.06
CA ARG V 147 31.20 -20.45 -155.92
C ARG V 147 32.50 -21.19 -155.61
N THR V 148 33.44 -21.08 -156.57
CA THR V 148 34.72 -21.75 -156.48
C THR V 148 35.96 -20.90 -156.56
N THR V 149 35.79 -19.66 -156.95
CA THR V 149 36.84 -18.67 -156.96
C THR V 149 36.17 -17.50 -156.28
N GLY V 150 36.99 -16.95 -155.40
CA GLY V 150 36.69 -15.80 -154.59
C GLY V 150 37.74 -15.64 -153.52
N ILE V 151 37.61 -14.69 -152.61
CA ILE V 151 38.54 -14.57 -151.51
C ILE V 151 37.64 -14.51 -150.27
N VAL V 152 37.90 -15.36 -149.27
CA VAL V 152 37.10 -15.37 -148.05
C VAL V 152 37.78 -14.55 -146.94
N LEU V 153 37.05 -13.60 -146.31
CA LEU V 153 37.57 -12.98 -145.13
C LEU V 153 36.90 -13.83 -144.06
N ASP V 154 37.69 -14.60 -143.34
CA ASP V 154 37.13 -15.49 -142.34
C ASP V 154 37.58 -15.02 -140.97
N SER V 155 36.62 -14.85 -140.03
CA SER V 155 36.83 -14.24 -138.71
C SER V 155 35.96 -14.79 -137.60
N GLY V 156 36.58 -15.46 -136.66
CA GLY V 156 35.79 -16.10 -135.65
C GLY V 156 36.13 -15.65 -134.26
N ASP V 157 36.55 -16.62 -133.45
CA ASP V 157 36.86 -16.27 -132.09
C ASP V 157 38.31 -16.00 -131.80
N GLY V 158 39.30 -16.74 -132.27
CA GLY V 158 40.69 -16.42 -132.01
C GLY V 158 41.43 -15.91 -133.28
N VAL V 159 41.07 -16.22 -134.55
CA VAL V 159 41.78 -15.78 -135.76
C VAL V 159 40.91 -15.14 -136.81
N THR V 160 41.56 -14.24 -137.61
CA THR V 160 41.03 -13.71 -138.87
C THR V 160 41.96 -14.12 -140.00
N HIS V 161 41.40 -14.37 -141.17
CA HIS V 161 42.15 -14.88 -142.29
C HIS V 161 41.58 -14.29 -143.52
N ASN V 162 42.40 -14.32 -144.57
CA ASN V 162 41.98 -13.99 -145.94
C ASN V 162 42.43 -15.16 -146.78
N VAL V 163 41.57 -15.93 -147.40
CA VAL V 163 42.09 -17.07 -148.14
C VAL V 163 41.57 -16.95 -149.54
N PRO V 164 42.45 -16.54 -150.48
CA PRO V 164 42.11 -16.40 -151.89
C PRO V 164 42.02 -17.82 -152.42
N ILE V 165 40.90 -18.20 -153.08
CA ILE V 165 40.73 -19.55 -153.64
C ILE V 165 40.44 -19.49 -155.13
N TYR V 166 41.13 -20.28 -155.94
CA TYR V 166 40.93 -20.28 -157.38
C TYR V 166 40.58 -21.67 -157.88
N GLU V 167 39.38 -21.82 -158.44
CA GLU V 167 38.85 -23.10 -158.88
C GLU V 167 39.07 -24.26 -157.91
N GLY V 168 38.99 -23.80 -156.65
CA GLY V 168 38.97 -24.66 -155.49
C GLY V 168 40.24 -24.75 -154.71
N TYR V 169 41.37 -24.39 -155.31
CA TYR V 169 42.65 -24.50 -154.63
C TYR V 169 42.96 -23.20 -153.92
N ALA V 170 42.99 -23.25 -152.58
CA ALA V 170 43.35 -22.13 -151.73
C ALA V 170 44.78 -21.79 -152.01
N LEU V 171 45.09 -20.49 -152.16
CA LEU V 171 46.39 -20.05 -152.63
C LEU V 171 47.36 -19.77 -151.49
N PRO V 172 48.14 -20.75 -151.07
CA PRO V 172 49.07 -20.64 -149.93
C PRO V 172 49.85 -19.37 -149.68
N HIS V 173 50.47 -18.88 -150.74
CA HIS V 173 51.27 -17.66 -150.63
C HIS V 173 50.44 -16.39 -150.62
N ALA V 174 49.14 -16.39 -150.58
CA ALA V 174 48.45 -15.11 -150.63
C ALA V 174 47.57 -14.93 -149.41
N ILE V 175 47.44 -16.03 -148.63
CA ILE V 175 46.71 -16.14 -147.34
C ILE V 175 47.31 -15.23 -146.27
N MET V 176 46.48 -14.48 -145.52
CA MET V 176 46.94 -13.57 -144.47
C MET V 176 46.14 -13.92 -143.23
N ARG V 177 46.84 -13.87 -142.14
CA ARG V 177 46.29 -14.16 -140.84
C ARG V 177 46.49 -12.96 -139.92
N LEU V 178 45.41 -12.57 -139.27
CA LEU V 178 45.44 -11.45 -138.36
C LEU V 178 44.89 -12.01 -137.06
N ASP V 179 45.74 -12.16 -136.03
CA ASP V 179 45.31 -12.64 -134.73
C ASP V 179 44.54 -11.61 -133.87
N LEU V 180 43.37 -11.12 -134.34
CA LEU V 180 42.50 -10.26 -133.55
C LEU V 180 41.13 -10.64 -134.02
N ALA V 181 40.28 -11.14 -133.13
CA ALA V 181 38.97 -11.59 -133.49
C ALA V 181 37.92 -11.29 -132.43
N GLY V 182 36.79 -12.01 -132.36
CA GLY V 182 35.69 -11.74 -131.46
C GLY V 182 35.99 -11.77 -129.98
N ARG V 183 37.00 -12.56 -129.59
CA ARG V 183 37.49 -12.73 -128.22
C ARG V 183 38.15 -11.43 -127.79
N ASP V 184 39.10 -10.93 -128.61
CA ASP V 184 39.79 -9.66 -128.44
C ASP V 184 38.76 -8.54 -128.38
N LEU V 185 37.77 -8.61 -129.27
CA LEU V 185 36.69 -7.64 -129.38
C LEU V 185 35.71 -7.50 -128.22
N THR V 186 35.48 -8.60 -127.48
CA THR V 186 34.64 -8.58 -126.31
C THR V 186 35.44 -7.92 -125.18
N ASP V 187 36.76 -8.12 -125.13
CA ASP V 187 37.53 -7.59 -124.05
C ASP V 187 37.78 -6.12 -124.21
N TYR V 188 37.76 -5.64 -125.44
CA TYR V 188 37.92 -4.23 -125.69
C TYR V 188 36.61 -3.55 -125.35
N LEU V 189 35.45 -4.13 -125.67
CA LEU V 189 34.18 -3.50 -125.35
C LEU V 189 34.10 -3.31 -123.87
N MET V 190 34.51 -4.38 -123.18
CA MET V 190 34.56 -4.47 -121.73
C MET V 190 35.18 -3.21 -121.11
N LYS V 191 36.41 -2.90 -121.57
CA LYS V 191 37.09 -1.73 -121.12
C LYS V 191 36.32 -0.53 -121.62
N ILE V 192 35.93 -0.26 -122.88
CA ILE V 192 35.23 0.99 -123.19
C ILE V 192 33.87 1.18 -122.50
N LEU V 193 33.37 0.11 -121.90
CA LEU V 193 32.12 0.12 -121.20
C LEU V 193 32.37 0.35 -119.71
N THR V 194 33.48 -0.15 -119.12
CA THR V 194 33.81 0.19 -117.73
C THR V 194 34.26 1.65 -117.70
N GLU V 195 34.93 2.02 -118.79
CA GLU V 195 35.44 3.36 -119.07
C GLU V 195 34.25 4.32 -119.29
N ARG V 196 33.06 3.85 -119.69
CA ARG V 196 31.83 4.65 -119.75
C ARG V 196 31.31 4.90 -118.32
N GLY V 197 32.00 4.35 -117.31
CA GLY V 197 31.68 4.53 -115.90
C GLY V 197 30.87 3.34 -115.44
N TYR V 198 31.41 2.10 -115.54
CA TYR V 198 30.67 0.89 -115.15
C TYR V 198 31.57 -0.14 -114.50
N SER V 199 30.88 -1.20 -114.05
CA SER V 199 31.54 -2.33 -113.41
C SER V 199 30.93 -3.69 -113.68
N PHE V 200 31.80 -4.46 -114.30
CA PHE V 200 31.50 -5.84 -114.61
C PHE V 200 32.46 -6.52 -113.64
N VAL V 201 31.75 -6.70 -112.54
CA VAL V 201 32.40 -7.15 -111.34
C VAL V 201 32.24 -8.64 -111.14
N THR V 202 31.02 -9.18 -110.93
CA THR V 202 30.85 -10.63 -110.77
C THR V 202 30.88 -11.33 -112.12
N THR V 203 30.97 -12.67 -112.15
CA THR V 203 31.08 -13.41 -113.40
C THR V 203 29.78 -13.32 -114.22
N ALA V 204 28.65 -13.00 -113.59
CA ALA V 204 27.41 -12.75 -114.30
C ALA V 204 27.33 -11.36 -114.96
N GLU V 205 28.35 -10.55 -114.71
CA GLU V 205 28.50 -9.26 -115.32
C GLU V 205 29.46 -9.48 -116.47
N ARG V 206 30.63 -10.11 -116.23
CA ARG V 206 31.59 -10.45 -117.30
C ARG V 206 30.97 -11.06 -118.58
N GLU V 207 30.25 -12.19 -118.43
CA GLU V 207 29.75 -12.99 -119.53
C GLU V 207 28.82 -12.25 -120.49
N ILE V 208 27.95 -11.44 -119.90
CA ILE V 208 26.96 -10.70 -120.66
C ILE V 208 27.51 -9.50 -121.47
N VAL V 209 28.77 -9.05 -121.27
CA VAL V 209 29.35 -7.99 -122.09
C VAL V 209 29.46 -8.56 -123.51
N ARG V 210 29.69 -9.86 -123.60
CA ARG V 210 29.75 -10.57 -124.84
C ARG V 210 28.37 -10.59 -125.51
N ASP V 211 27.27 -10.68 -124.75
CA ASP V 211 25.92 -10.69 -125.31
C ASP V 211 25.47 -9.29 -125.69
N ILE V 212 26.13 -8.27 -125.09
CA ILE V 212 25.93 -6.88 -125.47
C ILE V 212 26.58 -6.70 -126.85
N LYS V 213 27.88 -7.04 -126.99
CA LYS V 213 28.62 -7.04 -128.25
C LYS V 213 27.83 -7.68 -129.36
N GLU V 214 27.33 -8.91 -129.18
CA GLU V 214 26.56 -9.59 -130.22
C GLU V 214 25.27 -8.83 -130.55
N LYS V 215 24.38 -8.51 -129.59
CA LYS V 215 23.08 -7.87 -129.86
C LYS V 215 23.05 -6.41 -130.35
N LEU V 216 23.81 -5.56 -129.65
CA LEU V 216 23.82 -4.13 -129.90
C LEU V 216 24.95 -3.61 -130.74
N CYS V 217 26.09 -4.28 -130.93
CA CYS V 217 27.14 -3.73 -131.79
C CYS V 217 26.95 -3.74 -133.30
N TYR V 218 27.51 -2.62 -133.79
CA TYR V 218 27.37 -2.12 -135.17
C TYR V 218 28.70 -1.81 -135.84
N VAL V 219 28.75 -1.88 -137.18
CA VAL V 219 29.91 -1.36 -137.90
C VAL V 219 29.29 -0.31 -138.77
N ALA V 220 29.60 0.87 -138.32
CA ALA V 220 29.18 2.00 -139.08
C ALA V 220 30.16 2.29 -140.22
N LEU V 221 29.46 2.73 -141.26
CA LEU V 221 30.07 3.29 -142.44
C LEU V 221 30.08 4.78 -142.10
N ASP V 222 31.26 5.34 -142.38
CA ASP V 222 31.62 6.70 -141.99
C ASP V 222 31.49 6.82 -140.48
N PHE V 223 32.49 6.11 -139.92
CA PHE V 223 32.70 5.96 -138.48
C PHE V 223 33.18 7.29 -137.89
N GLU V 224 33.63 8.14 -138.83
CA GLU V 224 34.09 9.52 -138.66
C GLU V 224 32.99 10.44 -138.13
N ASN V 225 31.99 10.63 -139.02
CA ASN V 225 30.83 11.43 -138.71
C ASN V 225 29.74 10.54 -138.15
N GLU V 226 30.14 9.66 -137.24
CA GLU V 226 29.25 8.83 -136.46
C GLU V 226 29.53 9.10 -134.97
N MET V 227 30.82 9.38 -134.72
CA MET V 227 31.31 9.92 -133.46
C MET V 227 30.74 11.34 -133.38
N ALA V 228 30.90 12.13 -134.46
CA ALA V 228 30.33 13.48 -134.57
C ALA V 228 28.82 13.47 -134.28
N THR V 229 28.13 12.48 -134.86
CA THR V 229 26.71 12.28 -134.59
C THR V 229 26.44 11.98 -133.10
N ALA V 230 27.34 11.17 -132.50
CA ALA V 230 27.22 10.74 -131.10
C ALA V 230 27.09 11.92 -130.15
N ALA V 231 27.92 12.94 -130.46
CA ALA V 231 28.03 14.22 -129.74
C ALA V 231 26.81 15.15 -129.74
N SER V 232 26.18 15.35 -130.92
CA SER V 232 24.93 16.07 -131.06
C SER V 232 23.82 15.39 -130.25
N SER V 233 24.07 14.08 -129.97
CA SER V 233 23.24 13.13 -129.24
C SER V 233 21.78 13.12 -129.66
N SER V 234 21.80 12.20 -130.63
CA SER V 234 20.60 11.75 -131.29
C SER V 234 20.09 10.59 -130.45
N SER V 235 18.99 10.02 -130.97
CA SER V 235 18.44 8.82 -130.40
C SER V 235 19.22 7.63 -131.03
N LEU V 236 20.58 7.71 -130.92
CA LEU V 236 21.51 6.68 -131.36
C LEU V 236 21.78 5.72 -130.20
N GLU V 237 21.70 6.21 -128.93
CA GLU V 237 21.91 5.44 -127.70
C GLU V 237 21.12 4.12 -127.56
N LYS V 238 21.62 3.17 -126.77
CA LYS V 238 20.91 1.91 -126.59
C LYS V 238 21.13 1.24 -125.26
N SER V 239 20.07 1.24 -124.44
CA SER V 239 20.11 0.58 -123.15
C SER V 239 19.60 -0.85 -123.12
N TYR V 240 20.46 -1.68 -122.52
CA TYR V 240 20.29 -3.11 -122.34
C TYR V 240 19.96 -3.36 -120.87
N GLU V 241 18.98 -4.21 -120.52
CA GLU V 241 18.71 -4.57 -119.11
C GLU V 241 19.50 -5.82 -118.72
N LEU V 242 20.33 -5.67 -117.66
CA LEU V 242 21.24 -6.71 -117.19
C LEU V 242 20.59 -8.00 -116.63
N PRO V 243 21.21 -9.05 -115.97
CA PRO V 243 20.50 -10.25 -115.46
C PRO V 243 19.32 -9.89 -114.53
N ASP V 244 19.57 -8.77 -113.80
CA ASP V 244 18.63 -8.04 -112.95
C ASP V 244 18.13 -6.74 -113.67
N GLY V 245 17.60 -5.75 -112.90
CA GLY V 245 17.08 -4.48 -113.42
C GLY V 245 18.11 -3.58 -114.06
N GLN V 246 19.21 -3.35 -113.33
CA GLN V 246 20.38 -2.54 -113.72
C GLN V 246 20.60 -2.24 -115.21
N VAL V 247 19.74 -1.35 -115.67
CA VAL V 247 19.72 -0.91 -117.05
C VAL V 247 20.97 -0.10 -117.38
N ILE V 248 21.78 -0.77 -118.19
CA ILE V 248 23.00 -0.16 -118.63
C ILE V 248 22.78 0.51 -119.98
N THR V 249 23.36 1.69 -120.22
CA THR V 249 23.22 2.36 -121.51
C THR V 249 24.57 2.41 -122.26
N ILE V 250 24.41 2.17 -123.57
CA ILE V 250 25.49 2.09 -124.52
C ILE V 250 24.96 2.85 -125.70
N GLY V 251 25.55 4.01 -125.91
CA GLY V 251 25.13 4.78 -127.04
C GLY V 251 26.04 4.55 -128.21
N ASN V 252 27.16 5.16 -127.90
CA ASN V 252 28.28 5.43 -128.79
C ASN V 252 29.21 4.20 -128.98
N GLU V 253 29.92 3.69 -127.96
CA GLU V 253 30.81 2.50 -127.95
C GLU V 253 30.40 1.24 -128.71
N ARG V 254 29.08 1.18 -128.81
CA ARG V 254 28.34 0.30 -129.66
C ARG V 254 29.04 0.00 -131.04
N PHE V 255 29.64 1.04 -131.67
CA PHE V 255 30.37 0.91 -132.93
C PHE V 255 31.88 1.15 -132.78
N ARG V 256 32.31 1.66 -131.63
CA ARG V 256 33.73 1.86 -131.37
C ARG V 256 34.43 0.50 -131.26
N CYS V 257 33.65 -0.52 -130.92
CA CYS V 257 34.13 -1.90 -130.79
C CYS V 257 34.42 -2.51 -132.19
N PRO V 258 33.54 -2.62 -133.21
CA PRO V 258 33.91 -3.14 -134.52
C PRO V 258 34.82 -2.16 -135.29
N GLU V 259 34.89 -0.82 -135.03
CA GLU V 259 35.89 0.06 -135.66
C GLU V 259 37.25 -0.55 -135.24
N THR V 260 37.39 -1.44 -134.23
CA THR V 260 38.66 -2.05 -133.90
C THR V 260 39.12 -2.93 -135.05
N LEU V 261 38.20 -3.68 -135.68
CA LEU V 261 38.58 -4.47 -136.86
C LEU V 261 39.19 -3.70 -138.05
N PHE V 262 38.92 -2.38 -138.24
CA PHE V 262 39.54 -1.58 -139.29
C PHE V 262 40.75 -0.80 -138.79
N GLN V 263 40.73 -0.50 -137.48
CA GLN V 263 41.80 0.18 -136.78
C GLN V 263 42.25 -0.70 -135.61
N PRO V 264 43.31 -1.50 -135.76
CA PRO V 264 43.86 -2.38 -134.74
C PRO V 264 44.58 -1.51 -133.69
N SER V 265 44.89 -0.25 -134.08
CA SER V 265 45.51 0.78 -133.22
C SER V 265 44.71 1.17 -131.94
N PHE V 266 43.38 0.87 -131.99
CA PHE V 266 42.46 0.99 -130.87
C PHE V 266 42.83 0.05 -129.75
N ILE V 267 43.59 -0.98 -130.10
CA ILE V 267 43.97 -1.97 -129.13
C ILE V 267 45.46 -2.23 -129.08
N GLY V 268 46.28 -1.23 -129.41
CA GLY V 268 47.70 -1.44 -129.32
C GLY V 268 48.22 -2.49 -130.29
N MET V 269 47.43 -2.71 -131.34
CA MET V 269 47.93 -3.56 -132.42
C MET V 269 48.49 -2.66 -133.52
N GLU V 270 49.70 -3.03 -133.95
CA GLU V 270 50.41 -2.36 -135.05
C GLU V 270 50.18 -2.95 -136.46
N SER V 271 49.52 -4.13 -136.52
CA SER V 271 49.13 -4.79 -137.75
C SER V 271 48.13 -3.93 -138.52
N ALA V 272 48.02 -4.25 -139.82
CA ALA V 272 47.07 -3.60 -140.70
C ALA V 272 45.63 -4.10 -140.42
N GLY V 273 44.59 -3.51 -140.97
CA GLY V 273 43.24 -3.97 -140.65
C GLY V 273 42.56 -4.71 -141.78
N ILE V 274 41.50 -5.46 -141.42
CA ILE V 274 40.65 -6.26 -142.31
C ILE V 274 40.59 -5.87 -143.80
N HIS V 275 40.27 -4.61 -144.12
CA HIS V 275 40.10 -4.15 -145.49
C HIS V 275 41.39 -4.00 -146.28
N GLU V 276 42.43 -3.55 -145.59
CA GLU V 276 43.72 -3.41 -146.20
C GLU V 276 44.26 -4.76 -146.42
N THR V 277 43.99 -5.67 -145.51
CA THR V 277 44.49 -7.01 -145.58
C THR V 277 43.78 -7.74 -146.69
N THR V 278 42.47 -7.54 -146.93
CA THR V 278 41.73 -8.12 -148.06
C THR V 278 42.45 -7.79 -149.38
N TYR V 279 42.80 -6.51 -149.41
CA TYR V 279 43.46 -5.91 -150.52
C TYR V 279 44.83 -6.46 -150.64
N ASN V 280 45.63 -6.52 -149.60
CA ASN V 280 47.01 -6.93 -149.79
C ASN V 280 47.13 -8.35 -150.27
N SER V 281 46.17 -9.20 -149.85
CA SER V 281 46.08 -10.60 -150.22
C SER V 281 45.97 -10.62 -151.73
N ILE V 282 45.09 -9.71 -152.17
CA ILE V 282 44.73 -9.55 -153.57
C ILE V 282 45.92 -8.99 -154.33
N MET V 283 46.68 -7.97 -153.94
CA MET V 283 47.82 -7.61 -154.79
C MET V 283 49.04 -8.54 -154.61
N LYS V 284 48.87 -9.70 -153.90
CA LYS V 284 49.84 -10.80 -153.79
C LYS V 284 49.53 -11.99 -154.71
N CYS V 285 48.37 -11.94 -155.37
CA CYS V 285 47.90 -12.98 -156.26
C CYS V 285 48.20 -12.71 -157.71
N ASP V 286 48.02 -13.67 -158.62
CA ASP V 286 48.22 -13.41 -160.02
C ASP V 286 47.21 -12.36 -160.42
N ILE V 287 47.73 -11.56 -161.36
CA ILE V 287 47.12 -10.37 -162.03
C ILE V 287 45.81 -10.58 -162.79
N ASP V 288 45.83 -11.70 -163.55
CA ASP V 288 44.71 -12.11 -164.32
C ASP V 288 43.60 -12.59 -163.37
N ILE V 289 43.90 -13.07 -162.13
CA ILE V 289 42.82 -13.54 -161.25
C ILE V 289 42.29 -12.44 -160.36
N ARG V 290 42.95 -11.28 -160.28
CA ARG V 290 42.48 -10.24 -159.40
C ARG V 290 41.11 -9.71 -159.83
N LYS V 291 40.54 -9.70 -161.06
CA LYS V 291 39.17 -9.20 -161.16
C LYS V 291 38.17 -10.14 -160.48
N ASP V 292 38.50 -11.45 -160.44
CA ASP V 292 37.64 -12.48 -159.90
C ASP V 292 37.52 -12.36 -158.39
N LEU V 293 38.66 -12.35 -157.72
CA LEU V 293 38.70 -12.14 -156.30
C LEU V 293 37.95 -10.88 -155.89
N TYR V 294 38.09 -9.77 -156.64
CA TYR V 294 37.41 -8.55 -156.26
C TYR V 294 35.92 -8.60 -156.34
N ALA V 295 35.38 -9.37 -157.26
CA ALA V 295 33.93 -9.43 -157.33
C ALA V 295 33.40 -10.57 -156.47
N ASN V 296 34.25 -11.17 -155.60
CA ASN V 296 33.82 -12.29 -154.80
C ASN V 296 34.51 -12.36 -153.47
N ASN V 297 34.22 -11.35 -152.66
CA ASN V 297 34.72 -11.25 -151.31
C ASN V 297 33.63 -11.89 -150.47
N VAL V 298 33.83 -13.12 -150.07
CA VAL V 298 32.82 -13.82 -149.33
C VAL V 298 33.28 -13.66 -147.89
N MET V 299 32.28 -13.34 -147.06
CA MET V 299 32.53 -13.24 -145.64
C MET V 299 31.98 -14.42 -144.84
N SER V 300 32.77 -14.92 -143.91
CA SER V 300 32.23 -15.91 -143.02
C SER V 300 32.84 -15.74 -141.63
N GLY V 301 32.13 -16.25 -140.63
CA GLY V 301 32.58 -16.20 -139.25
C GLY V 301 31.74 -15.34 -138.31
N GLY V 302 31.66 -15.76 -137.05
CA GLY V 302 30.88 -15.06 -136.05
C GLY V 302 31.20 -13.57 -135.98
N THR V 303 32.46 -13.17 -136.03
CA THR V 303 32.79 -11.78 -135.88
C THR V 303 32.48 -10.97 -137.13
N THR V 304 32.10 -11.55 -138.29
CA THR V 304 31.76 -10.75 -139.47
C THR V 304 30.27 -10.47 -139.53
N MET V 305 29.56 -10.78 -138.43
CA MET V 305 28.12 -10.64 -138.36
C MET V 305 27.66 -9.25 -137.94
N TYR V 306 28.55 -8.40 -137.36
CA TYR V 306 28.24 -7.02 -136.96
C TYR V 306 27.50 -6.32 -138.08
N PRO V 307 26.23 -5.89 -138.05
CA PRO V 307 25.59 -5.20 -139.17
C PRO V 307 26.43 -4.04 -139.75
N GLY V 308 26.35 -3.87 -141.08
CA GLY V 308 27.03 -2.78 -141.79
C GLY V 308 28.51 -2.98 -142.00
N ILE V 309 28.89 -4.26 -141.84
CA ILE V 309 30.27 -4.70 -141.99
C ILE V 309 30.64 -4.78 -143.45
N ALA V 310 29.62 -5.23 -144.19
CA ALA V 310 29.69 -5.42 -145.62
C ALA V 310 29.75 -4.07 -146.29
N ASP V 311 28.88 -3.08 -145.95
CA ASP V 311 28.89 -1.73 -146.55
C ASP V 311 30.21 -1.01 -146.32
N ARG V 312 30.73 -1.06 -145.08
CA ARG V 312 32.02 -0.48 -144.75
C ARG V 312 33.06 -1.19 -145.60
N MET V 313 33.08 -2.53 -145.73
CA MET V 313 34.09 -3.22 -146.51
C MET V 313 34.02 -2.95 -148.01
N GLN V 314 32.79 -2.71 -148.46
CA GLN V 314 32.41 -2.40 -149.83
C GLN V 314 33.10 -1.15 -150.25
N LYS V 315 32.92 -0.14 -149.41
CA LYS V 315 33.53 1.15 -149.63
C LYS V 315 34.97 1.22 -149.23
N GLU V 316 35.39 0.30 -148.37
CA GLU V 316 36.76 0.31 -147.97
C GLU V 316 37.64 -0.19 -149.12
N ILE V 317 37.22 -1.27 -149.81
CA ILE V 317 38.08 -1.72 -150.87
C ILE V 317 37.76 -1.04 -152.19
N THR V 318 36.57 -0.48 -152.50
CA THR V 318 36.36 0.24 -153.75
C THR V 318 37.39 1.35 -153.88
N ALA V 319 37.49 2.08 -152.77
CA ALA V 319 38.43 3.17 -152.67
C ALA V 319 39.91 2.78 -152.51
N LEU V 320 40.29 1.51 -152.65
CA LEU V 320 41.70 1.12 -152.71
C LEU V 320 42.02 0.41 -154.01
N ALA V 321 40.96 -0.15 -154.59
CA ALA V 321 41.02 -0.88 -155.85
C ALA V 321 40.99 0.03 -157.07
N PRO V 322 41.64 -0.33 -158.21
CA PRO V 322 41.66 0.48 -159.44
C PRO V 322 40.23 0.70 -159.94
N SER V 323 39.72 1.90 -160.27
CA SER V 323 38.30 2.11 -160.66
C SER V 323 37.65 1.30 -161.79
N THR V 324 38.55 0.69 -162.57
CA THR V 324 38.18 -0.21 -163.67
C THR V 324 37.60 -1.52 -163.11
N MET V 325 37.66 -1.68 -161.79
CA MET V 325 37.30 -2.91 -161.12
C MET V 325 35.91 -2.92 -160.55
N LYS V 326 35.38 -4.12 -160.53
CA LYS V 326 34.12 -4.38 -159.90
C LYS V 326 34.44 -5.00 -158.53
N ILE V 327 33.89 -4.36 -157.50
CA ILE V 327 34.03 -4.81 -156.12
C ILE V 327 32.74 -5.58 -155.81
N LYS V 328 32.76 -6.65 -155.00
CA LYS V 328 31.51 -7.28 -154.57
C LYS V 328 31.72 -8.11 -153.31
N ILE V 329 31.14 -7.57 -152.22
CA ILE V 329 31.23 -8.14 -150.86
C ILE V 329 29.99 -8.96 -150.51
N ILE V 330 30.11 -10.28 -150.64
CA ILE V 330 29.02 -11.18 -150.30
C ILE V 330 29.19 -11.52 -148.81
N ALA V 331 28.09 -11.31 -148.08
CA ALA V 331 27.96 -11.58 -146.66
C ALA V 331 26.61 -12.26 -146.45
N PRO V 332 26.45 -13.59 -146.49
CA PRO V 332 25.17 -14.24 -146.29
C PRO V 332 24.73 -14.19 -144.82
N PRO V 333 23.43 -14.41 -144.54
CA PRO V 333 22.86 -14.37 -143.21
C PRO V 333 23.29 -15.53 -142.34
N GLU V 334 23.43 -16.73 -142.91
CA GLU V 334 23.82 -17.84 -142.07
C GLU V 334 25.31 -17.79 -141.85
N ARG V 335 26.09 -16.78 -142.27
CA ARG V 335 27.56 -16.78 -142.14
C ARG V 335 28.28 -17.26 -140.87
N LYS V 336 27.67 -17.19 -139.68
CA LYS V 336 28.29 -17.78 -138.50
C LYS V 336 28.38 -19.31 -138.67
N TYR V 337 27.69 -19.99 -139.58
CA TYR V 337 27.87 -21.41 -139.90
C TYR V 337 28.27 -21.68 -141.38
N SER V 338 28.81 -20.74 -142.19
CA SER V 338 29.14 -20.98 -143.59
C SER V 338 30.00 -22.20 -143.82
N VAL V 339 31.10 -22.19 -143.04
CA VAL V 339 32.06 -23.26 -142.99
C VAL V 339 31.34 -24.59 -142.83
N TRP V 340 30.43 -24.69 -141.84
CA TRP V 340 29.81 -25.95 -141.51
C TRP V 340 28.87 -26.40 -142.63
N ILE V 341 28.13 -25.41 -143.17
CA ILE V 341 27.10 -25.67 -144.13
C ILE V 341 27.79 -26.13 -145.39
N GLY V 342 28.94 -25.54 -145.74
CA GLY V 342 29.72 -25.92 -146.92
C GLY V 342 30.18 -27.37 -146.79
N GLY V 343 30.43 -27.83 -145.56
CA GLY V 343 30.84 -29.18 -145.30
C GLY V 343 29.64 -30.11 -145.43
N SER V 344 28.47 -29.68 -144.94
CA SER V 344 27.26 -30.46 -144.99
C SER V 344 26.84 -30.77 -146.43
N ILE V 345 26.98 -29.74 -147.26
CA ILE V 345 26.65 -29.83 -148.68
C ILE V 345 27.58 -30.83 -149.33
N LEU V 346 28.86 -30.49 -149.26
CA LEU V 346 29.93 -31.25 -149.86
C LEU V 346 29.88 -32.72 -149.43
N ALA V 347 29.73 -32.96 -148.13
CA ALA V 347 29.81 -34.34 -147.66
C ALA V 347 28.55 -35.10 -147.97
N SER V 348 27.41 -34.43 -148.16
CA SER V 348 26.21 -35.18 -148.52
C SER V 348 26.14 -35.40 -150.04
N LEU V 349 26.95 -34.64 -150.77
CA LEU V 349 27.07 -34.75 -152.22
C LEU V 349 27.45 -36.13 -152.73
N SER V 350 26.74 -36.26 -153.84
CA SER V 350 26.74 -37.37 -154.78
C SER V 350 28.16 -37.65 -155.28
N THR V 351 29.01 -36.64 -155.54
CA THR V 351 30.36 -36.91 -156.05
C THR V 351 31.50 -37.01 -155.07
N PHE V 352 31.20 -36.81 -153.78
CA PHE V 352 32.25 -36.74 -152.78
C PHE V 352 32.72 -38.08 -152.26
N GLN V 353 31.88 -39.05 -152.56
CA GLN V 353 32.10 -40.39 -152.07
C GLN V 353 33.47 -40.90 -152.44
N GLN V 354 33.89 -40.63 -153.66
CA GLN V 354 35.22 -41.03 -154.11
C GLN V 354 36.39 -40.22 -153.53
N MET V 355 36.20 -39.18 -152.68
CA MET V 355 37.33 -38.56 -151.96
C MET V 355 37.44 -38.93 -150.47
N TRP V 356 36.45 -39.60 -149.87
CA TRP V 356 36.55 -40.07 -148.50
C TRP V 356 37.79 -40.90 -148.19
N ILE V 357 38.71 -40.59 -147.25
CA ILE V 357 39.83 -41.51 -146.95
C ILE V 357 39.31 -42.69 -146.11
N THR V 358 39.36 -43.92 -146.65
CA THR V 358 38.82 -45.06 -145.92
C THR V 358 39.91 -45.72 -145.11
N LYS V 359 39.55 -46.46 -144.04
CA LYS V 359 40.49 -47.29 -143.29
C LYS V 359 41.32 -48.19 -144.18
N GLN V 360 40.81 -48.57 -145.38
CA GLN V 360 41.53 -49.37 -146.36
C GLN V 360 42.67 -48.44 -146.76
N GLU V 361 42.42 -47.25 -147.36
CA GLU V 361 43.50 -46.33 -147.68
C GLU V 361 44.51 -46.13 -146.54
N TYR V 362 44.00 -45.88 -145.33
CA TYR V 362 44.86 -45.63 -144.21
C TYR V 362 45.70 -46.83 -143.80
N ASP V 363 45.11 -47.96 -143.43
CA ASP V 363 45.86 -49.13 -142.97
C ASP V 363 46.93 -49.54 -143.98
N GLU V 364 46.68 -49.16 -145.24
CA GLU V 364 47.63 -49.42 -146.30
C GLU V 364 48.62 -48.30 -146.63
N ALA V 365 48.30 -46.99 -146.48
CA ALA V 365 49.21 -45.90 -146.89
C ALA V 365 49.88 -45.00 -145.81
N GLY V 366 49.41 -45.18 -144.56
CA GLY V 366 49.85 -44.39 -143.40
C GLY V 366 49.19 -43.01 -143.44
N PRO V 367 49.33 -42.12 -142.44
CA PRO V 367 48.60 -40.84 -142.35
C PRO V 367 48.81 -39.89 -143.53
N SER V 368 49.91 -40.19 -144.22
CA SER V 368 50.32 -39.55 -145.45
C SER V 368 49.18 -39.51 -146.46
N ILE V 369 48.42 -40.63 -146.58
CA ILE V 369 47.30 -40.76 -147.51
C ILE V 369 46.32 -39.58 -147.58
N VAL V 370 45.82 -39.13 -146.44
CA VAL V 370 44.84 -38.04 -146.38
C VAL V 370 45.53 -36.68 -146.42
N HIS V 371 46.81 -36.68 -146.05
CA HIS V 371 47.52 -35.43 -145.99
C HIS V 371 47.54 -34.68 -147.33
N ARG V 372 47.47 -35.42 -148.47
CA ARG V 372 47.50 -34.90 -149.83
C ARG V 372 48.90 -34.26 -150.03
N ASP W 1 97.09 14.39 -152.96
CA ASP W 1 96.36 14.19 -151.69
C ASP W 1 95.04 14.95 -151.66
N GLU W 2 95.13 16.16 -152.23
CA GLU W 2 94.06 17.12 -152.47
C GLU W 2 92.70 16.44 -152.59
N ASP W 3 92.73 15.43 -153.46
CA ASP W 3 91.62 14.55 -153.55
C ASP W 3 92.02 13.07 -153.46
N GLU W 4 93.32 12.67 -153.33
CA GLU W 4 93.74 11.26 -153.16
C GLU W 4 93.10 10.69 -151.89
N THR W 5 93.12 11.53 -150.84
CA THR W 5 92.51 11.25 -149.53
C THR W 5 90.99 11.42 -149.48
N THR W 6 90.72 12.52 -150.18
CA THR W 6 89.49 13.26 -150.32
C THR W 6 88.36 12.65 -151.14
N ALA W 7 88.55 11.61 -151.98
CA ALA W 7 87.44 11.04 -152.74
C ALA W 7 86.56 10.19 -151.84
N LEU W 8 85.25 10.39 -151.94
CA LEU W 8 84.29 9.65 -151.13
C LEU W 8 83.65 8.55 -151.97
N VAL W 9 83.19 7.43 -151.41
CA VAL W 9 82.54 6.44 -152.22
C VAL W 9 81.30 6.06 -151.49
N CYS W 10 80.17 6.32 -152.13
CA CYS W 10 78.91 6.07 -151.50
C CYS W 10 78.12 5.10 -152.35
N ASP W 11 77.89 3.90 -151.82
CA ASP W 11 77.06 2.93 -152.49
C ASP W 11 75.65 2.81 -151.87
N ASN W 12 74.66 3.31 -152.60
CA ASN W 12 73.29 3.41 -152.16
C ASN W 12 72.57 2.14 -152.47
N GLY W 13 72.04 1.46 -151.45
CA GLY W 13 71.31 0.22 -151.64
C GLY W 13 69.88 0.34 -151.20
N SER W 14 69.23 -0.78 -151.49
CA SER W 14 67.85 -0.95 -151.11
C SER W 14 67.75 -1.19 -149.62
N GLY W 15 68.71 -1.83 -148.96
CA GLY W 15 68.64 -2.13 -147.55
C GLY W 15 69.68 -1.33 -146.81
N LEU W 16 70.93 -1.32 -147.28
CA LEU W 16 72.08 -0.66 -146.66
C LEU W 16 72.79 0.42 -147.48
N VAL W 17 73.38 1.44 -146.86
CA VAL W 17 74.25 2.37 -147.54
C VAL W 17 75.65 1.88 -147.18
N LYS W 18 76.64 1.87 -148.06
CA LYS W 18 78.00 1.56 -147.72
C LYS W 18 78.79 2.81 -148.08
N ALA W 19 79.62 3.38 -147.22
CA ALA W 19 80.25 4.65 -147.49
C ALA W 19 81.64 4.73 -146.85
N GLY W 20 82.44 5.70 -147.20
CA GLY W 20 83.82 5.69 -146.75
C GLY W 20 84.67 6.46 -147.72
N PHE W 21 85.99 6.34 -147.53
CA PHE W 21 86.94 7.10 -148.34
C PHE W 21 87.62 6.18 -149.33
N ALA W 22 87.77 6.67 -150.57
CA ALA W 22 88.48 5.95 -151.63
C ALA W 22 89.87 5.83 -151.05
N GLY W 23 90.37 4.61 -151.12
CA GLY W 23 91.62 4.33 -150.46
C GLY W 23 91.36 3.25 -149.45
N ASP W 24 90.37 3.37 -148.55
CA ASP W 24 90.11 2.34 -147.56
C ASP W 24 89.78 0.99 -148.18
N ASP W 25 89.90 -0.07 -147.36
CA ASP W 25 89.70 -1.44 -147.84
C ASP W 25 88.26 -1.96 -147.77
N ALA W 26 87.49 -1.24 -146.92
CA ALA W 26 86.11 -1.55 -146.59
C ALA W 26 85.39 -0.27 -146.19
N PRO W 27 84.03 -0.24 -146.31
CA PRO W 27 83.25 0.94 -145.93
C PRO W 27 83.39 1.41 -144.49
N ARG W 28 83.62 2.69 -144.35
CA ARG W 28 83.68 3.31 -143.04
C ARG W 28 82.30 3.37 -142.44
N ALA W 29 81.27 3.38 -143.28
CA ALA W 29 79.92 3.52 -142.78
C ALA W 29 78.95 2.62 -143.50
N VAL W 30 78.19 1.87 -142.71
CA VAL W 30 77.21 0.91 -143.22
C VAL W 30 76.01 1.08 -142.32
N PHE W 31 74.83 1.31 -142.89
CA PHE W 31 73.65 1.57 -142.09
C PHE W 31 72.38 1.46 -142.86
N PRO W 32 71.20 1.17 -142.29
CA PRO W 32 69.98 1.07 -143.05
C PRO W 32 69.57 2.35 -143.78
N SER W 33 68.93 2.03 -144.88
CA SER W 33 68.49 2.96 -145.86
C SER W 33 67.04 3.26 -145.52
N ILE W 34 66.80 3.81 -144.33
CA ILE W 34 65.48 4.25 -143.91
C ILE W 34 65.44 5.69 -143.48
N VAL W 35 64.28 6.29 -143.38
CA VAL W 35 64.07 7.65 -142.98
C VAL W 35 62.78 7.51 -142.22
N GLY W 36 62.86 7.77 -140.93
CA GLY W 36 61.75 7.64 -140.05
C GLY W 36 61.19 8.99 -139.77
N ARG W 37 59.87 9.01 -139.69
CA ARG W 37 59.11 10.22 -139.48
C ARG W 37 58.22 9.98 -138.25
N PRO W 38 58.39 10.65 -137.10
CA PRO W 38 57.58 10.39 -135.89
C PRO W 38 56.08 10.49 -136.03
N ARG W 39 55.44 9.38 -135.69
CA ARG W 39 53.99 9.34 -135.62
C ARG W 39 53.37 10.24 -134.56
N HIS W 40 54.11 10.73 -133.50
CA HIS W 40 53.50 11.58 -132.44
C HIS W 40 54.33 12.71 -131.96
N GLN W 41 53.77 13.76 -131.36
CA GLN W 41 54.64 14.80 -130.88
C GLN W 41 55.16 14.53 -129.48
N GLY W 42 56.46 14.78 -129.31
CA GLY W 42 57.15 14.51 -128.07
C GLY W 42 58.65 14.47 -128.27
N VAL W 43 59.42 14.22 -127.21
CA VAL W 43 60.87 14.21 -127.24
C VAL W 43 61.58 13.08 -126.45
N MET W 44 62.86 12.84 -126.76
CA MET W 44 63.66 11.95 -125.92
C MET W 44 64.21 12.90 -124.87
N VAL W 45 64.58 12.36 -123.70
CA VAL W 45 65.15 13.13 -122.64
C VAL W 45 66.49 13.78 -123.04
N GLY W 46 66.47 15.11 -123.09
CA GLY W 46 67.68 15.85 -123.32
C GLY W 46 67.81 16.29 -124.76
N MET W 47 67.02 15.71 -125.64
CA MET W 47 67.03 16.15 -127.00
C MET W 47 65.87 17.08 -127.28
N GLY W 48 65.96 17.74 -128.43
CA GLY W 48 64.87 18.55 -128.97
C GLY W 48 64.00 17.68 -129.88
N GLN W 49 62.89 18.32 -130.28
CA GLN W 49 61.98 17.78 -131.28
C GLN W 49 62.73 17.53 -132.59
N LYS W 50 62.55 16.36 -133.12
CA LYS W 50 63.26 15.93 -134.27
C LYS W 50 62.16 15.65 -135.25
N ASP W 51 62.43 16.18 -136.42
CA ASP W 51 61.49 16.02 -137.52
C ASP W 51 61.65 14.69 -138.24
N SER W 52 62.84 14.11 -138.11
CA SER W 52 63.17 13.00 -138.94
C SER W 52 64.26 12.15 -138.34
N TYR W 53 64.38 10.92 -138.73
CA TYR W 53 65.39 10.07 -138.19
C TYR W 53 65.96 9.27 -139.34
N VAL W 54 67.24 8.87 -139.37
CA VAL W 54 67.80 8.16 -140.53
C VAL W 54 68.72 7.05 -140.03
N GLY W 55 68.74 5.93 -140.75
CA GLY W 55 69.63 4.83 -140.48
C GLY W 55 69.24 4.08 -139.25
N ASP W 56 70.21 3.87 -138.37
CA ASP W 56 69.98 3.11 -137.17
C ASP W 56 69.11 3.84 -136.18
N GLU W 57 69.15 5.15 -135.98
CA GLU W 57 68.21 5.75 -135.08
C GLU W 57 66.76 5.60 -135.55
N ALA W 58 66.52 5.44 -136.84
CA ALA W 58 65.19 5.18 -137.32
C ALA W 58 64.82 3.73 -137.05
N GLN W 59 65.79 2.82 -137.11
CA GLN W 59 65.45 1.44 -136.87
C GLN W 59 65.18 1.28 -135.38
N SER W 60 66.07 1.77 -134.53
CA SER W 60 65.93 1.63 -133.09
C SER W 60 64.68 2.24 -132.46
N LYS W 61 64.25 3.31 -133.07
CA LYS W 61 63.10 3.99 -132.55
C LYS W 61 61.94 3.64 -133.45
N ARG W 62 61.85 2.49 -134.14
CA ARG W 62 60.77 2.31 -135.12
C ARG W 62 59.32 2.30 -134.68
N GLY W 63 59.11 1.96 -133.40
CA GLY W 63 57.80 1.96 -132.81
C GLY W 63 57.14 3.34 -132.79
N ILE W 64 57.81 4.51 -132.79
CA ILE W 64 57.07 5.77 -132.79
C ILE W 64 57.14 6.54 -134.10
N LEU W 65 57.73 5.97 -135.15
CA LEU W 65 57.95 6.65 -136.43
C LEU W 65 57.36 5.87 -137.61
N THR W 66 57.13 6.50 -138.77
CA THR W 66 56.70 5.76 -139.93
C THR W 66 57.97 5.73 -140.77
N LEU W 67 58.41 4.48 -140.95
CA LEU W 67 59.63 4.16 -141.65
C LEU W 67 59.41 4.19 -143.12
N LYS W 68 60.37 4.72 -143.88
CA LYS W 68 60.25 4.69 -145.35
C LYS W 68 61.57 4.41 -146.00
N TYR W 69 61.45 3.56 -147.03
CA TYR W 69 62.59 3.12 -147.83
C TYR W 69 62.75 3.92 -149.15
N PRO W 70 63.66 4.91 -149.33
CA PRO W 70 63.86 5.72 -150.54
C PRO W 70 64.20 5.01 -151.83
N ILE W 71 64.78 3.81 -151.70
CA ILE W 71 65.23 3.07 -152.85
C ILE W 71 64.45 1.77 -153.01
N GLU W 72 63.53 1.77 -153.97
CA GLU W 72 62.77 0.56 -154.17
C GLU W 72 63.37 -0.24 -155.30
N HIS W 73 63.89 -1.42 -154.96
CA HIS W 73 64.50 -2.30 -155.95
C HIS W 73 65.70 -1.69 -156.65
N GLY W 74 66.53 -0.97 -155.88
CA GLY W 74 67.74 -0.40 -156.42
C GLY W 74 67.56 0.95 -157.07
N ILE W 75 66.32 1.36 -157.42
CA ILE W 75 66.06 2.66 -158.07
C ILE W 75 65.63 3.72 -157.05
N ILE W 76 66.08 4.99 -157.06
CA ILE W 76 65.64 5.99 -156.06
C ILE W 76 64.21 6.38 -156.45
N THR W 77 63.31 6.09 -155.52
CA THR W 77 61.90 6.37 -155.68
C THR W 77 61.50 7.66 -154.97
N ASN W 78 62.11 8.03 -153.82
CA ASN W 78 61.76 9.31 -153.23
C ASN W 78 62.98 10.16 -153.02
N TRP W 79 63.03 11.26 -153.78
CA TRP W 79 64.18 12.15 -153.78
C TRP W 79 64.28 13.06 -152.59
N ASP W 80 63.21 13.32 -151.83
CA ASP W 80 63.23 14.15 -150.60
C ASP W 80 63.90 13.34 -149.49
N ASP W 81 63.41 12.13 -149.32
CA ASP W 81 64.04 11.17 -148.45
C ASP W 81 65.40 10.66 -148.83
N MET W 82 65.86 10.71 -150.08
CA MET W 82 67.20 10.27 -150.43
C MET W 82 68.15 11.37 -150.03
N GLU W 83 67.86 12.64 -150.33
CA GLU W 83 68.72 13.77 -149.98
C GLU W 83 68.93 13.79 -148.47
N LYS W 84 67.90 13.33 -147.73
CA LYS W 84 68.05 13.10 -146.28
C LYS W 84 69.09 12.02 -146.00
N ILE W 85 69.07 10.81 -146.61
CA ILE W 85 70.11 9.82 -146.36
C ILE W 85 71.48 10.31 -146.76
N TRP W 86 71.65 11.05 -147.86
CA TRP W 86 72.95 11.57 -148.24
C TRP W 86 73.46 12.53 -147.21
N HIS W 87 72.58 13.44 -146.78
CA HIS W 87 72.95 14.43 -145.77
C HIS W 87 73.53 13.76 -144.53
N HIS W 88 72.79 12.76 -144.04
CA HIS W 88 73.22 11.96 -142.93
C HIS W 88 74.57 11.34 -143.21
N THR W 89 74.82 10.84 -144.40
CA THR W 89 76.06 10.16 -144.70
C THR W 89 77.23 11.07 -144.62
N PHE W 90 77.15 12.23 -145.26
CA PHE W 90 78.25 13.14 -145.23
C PHE W 90 78.44 13.72 -143.84
N TYR W 91 77.41 14.34 -143.31
CA TYR W 91 77.60 15.11 -142.12
C TYR W 91 77.68 14.42 -140.84
N ASN W 92 77.01 13.28 -140.70
CA ASN W 92 77.02 12.60 -139.42
C ASN W 92 77.87 11.34 -139.47
N GLU W 93 77.67 10.50 -140.47
CA GLU W 93 78.42 9.28 -140.56
C GLU W 93 79.88 9.52 -140.88
N LEU W 94 80.23 10.21 -141.97
CA LEU W 94 81.63 10.40 -142.32
C LEU W 94 82.16 11.70 -141.74
N ARG W 95 81.25 12.57 -141.25
CA ARG W 95 81.52 13.84 -140.60
C ARG W 95 82.38 14.82 -141.41
N VAL W 96 82.30 14.66 -142.72
CA VAL W 96 83.07 15.49 -143.63
C VAL W 96 82.19 16.64 -144.10
N ALA W 97 82.78 17.72 -144.62
CA ALA W 97 81.99 18.73 -145.29
C ALA W 97 82.03 18.27 -146.75
N PRO W 98 80.95 18.09 -147.50
CA PRO W 98 80.97 17.63 -148.87
C PRO W 98 81.58 18.58 -149.89
N GLU W 99 81.50 19.91 -149.64
CA GLU W 99 82.00 20.88 -150.61
C GLU W 99 83.48 20.96 -150.84
N GLU W 100 84.25 20.08 -150.19
CA GLU W 100 85.63 19.94 -150.60
C GLU W 100 85.99 18.48 -150.87
N HIS W 101 85.02 17.58 -151.14
CA HIS W 101 85.36 16.18 -151.42
C HIS W 101 84.82 15.65 -152.72
N PRO W 102 85.54 15.05 -153.65
CA PRO W 102 84.97 14.51 -154.88
C PRO W 102 84.16 13.32 -154.38
N THR W 103 82.98 13.02 -154.97
CA THR W 103 82.09 11.95 -154.51
C THR W 103 81.80 10.91 -155.60
N LEU W 104 82.19 9.62 -155.48
CA LEU W 104 81.83 8.61 -156.47
C LEU W 104 80.64 7.94 -155.90
N LEU W 105 79.59 7.97 -156.70
CA LEU W 105 78.31 7.34 -156.35
C LEU W 105 78.02 6.11 -157.18
N THR W 106 77.07 5.26 -156.80
CA THR W 106 76.74 4.18 -157.67
C THR W 106 75.28 4.21 -158.06
N GLU W 107 74.98 3.67 -159.23
CA GLU W 107 73.58 3.50 -159.62
C GLU W 107 73.34 2.05 -160.04
N ALA W 108 72.09 1.72 -160.26
CA ALA W 108 71.69 0.40 -160.67
C ALA W 108 71.78 0.14 -162.16
N PRO W 109 71.79 -1.13 -162.55
CA PRO W 109 71.84 -1.55 -163.91
C PRO W 109 71.09 -0.82 -165.01
N LEU W 110 69.78 -0.62 -165.02
CA LEU W 110 69.18 0.07 -166.16
C LEU W 110 68.53 1.31 -165.58
N ASN W 111 69.29 2.03 -164.74
CA ASN W 111 68.86 3.23 -164.04
C ASN W 111 68.46 4.24 -165.09
N PRO W 112 67.23 4.73 -165.00
CA PRO W 112 66.70 5.71 -165.93
C PRO W 112 67.55 6.95 -166.07
N LYS W 113 67.86 7.32 -167.32
CA LYS W 113 68.71 8.48 -167.67
C LYS W 113 68.51 9.74 -166.83
N ALA W 114 67.22 9.93 -166.58
CA ALA W 114 66.70 11.06 -165.85
C ALA W 114 67.08 11.11 -164.38
N ASN W 115 67.25 9.94 -163.75
CA ASN W 115 67.69 9.79 -162.37
C ASN W 115 69.14 10.14 -162.23
N ARG W 116 70.00 9.65 -163.17
CA ARG W 116 71.45 9.88 -163.14
C ARG W 116 71.63 11.37 -163.28
N GLU W 117 70.85 12.02 -164.15
CA GLU W 117 70.83 13.49 -164.19
C GLU W 117 70.26 14.12 -162.89
N LYS W 118 69.26 13.54 -162.21
CA LYS W 118 68.72 14.15 -161.01
C LYS W 118 69.67 14.06 -159.84
N MET W 119 70.30 12.93 -159.53
CA MET W 119 71.25 12.88 -158.44
C MET W 119 72.50 13.72 -158.70
N THR W 120 72.72 14.09 -159.94
CA THR W 120 73.82 14.95 -160.28
C THR W 120 73.39 16.36 -159.96
N GLN W 121 72.16 16.71 -160.34
CA GLN W 121 71.54 17.98 -160.00
C GLN W 121 71.60 18.15 -158.48
N ILE W 122 71.28 17.17 -157.64
CA ILE W 122 71.31 17.28 -156.20
C ILE W 122 72.72 17.26 -155.65
N MET W 123 73.63 16.49 -156.25
CA MET W 123 74.99 16.46 -155.72
C MET W 123 75.60 17.83 -155.92
N PHE W 124 75.63 18.33 -157.14
CA PHE W 124 76.24 19.62 -157.42
C PHE W 124 75.44 20.81 -156.94
N GLU W 125 74.11 20.82 -157.12
CA GLU W 125 73.36 22.00 -156.72
C GLU W 125 72.90 22.04 -155.28
N THR W 126 72.68 20.96 -154.49
CA THR W 126 72.32 21.20 -153.10
C THR W 126 73.48 20.80 -152.21
N PHE W 127 74.43 19.91 -152.56
CA PHE W 127 75.56 19.60 -151.67
C PHE W 127 76.88 20.30 -152.00
N ASN W 128 76.92 20.81 -153.25
CA ASN W 128 78.02 21.62 -153.75
C ASN W 128 79.33 20.83 -153.65
N VAL W 129 79.34 19.58 -154.13
CA VAL W 129 80.57 18.79 -154.09
C VAL W 129 81.50 19.31 -155.21
N PRO W 130 82.86 19.27 -155.14
CA PRO W 130 83.72 19.76 -156.21
C PRO W 130 83.53 19.05 -157.55
N ALA W 131 83.43 17.71 -157.44
CA ALA W 131 83.26 16.83 -158.58
C ALA W 131 82.63 15.52 -158.12
N MET W 132 82.00 14.83 -159.05
CA MET W 132 81.36 13.55 -158.77
C MET W 132 81.38 12.64 -159.97
N TYR W 133 80.79 11.43 -159.88
CA TYR W 133 80.91 10.40 -160.90
C TYR W 133 79.91 9.34 -160.49
N VAL W 134 79.17 8.73 -161.40
CA VAL W 134 78.22 7.70 -161.04
C VAL W 134 78.71 6.38 -161.70
N ALA W 135 79.17 5.35 -160.98
CA ALA W 135 79.52 4.05 -161.60
C ALA W 135 78.39 3.03 -161.59
N ILE W 136 78.25 2.06 -162.48
CA ILE W 136 77.14 1.11 -162.41
C ILE W 136 77.62 0.05 -161.46
N GLN W 137 76.72 -0.46 -160.64
CA GLN W 137 77.15 -1.37 -159.58
C GLN W 137 77.82 -2.64 -160.03
N ALA W 138 77.21 -3.52 -160.85
CA ALA W 138 77.90 -4.71 -161.35
C ALA W 138 79.30 -4.49 -161.96
N VAL W 139 79.40 -3.33 -162.58
CA VAL W 139 80.64 -2.95 -163.21
C VAL W 139 81.71 -2.74 -162.15
N LEU W 140 81.42 -2.14 -160.97
CA LEU W 140 82.43 -2.00 -159.92
C LEU W 140 82.71 -3.33 -159.25
N SER W 141 81.71 -4.19 -159.18
CA SER W 141 81.98 -5.48 -158.59
C SER W 141 82.95 -6.24 -159.41
N LEU W 142 82.80 -6.26 -160.75
CA LEU W 142 83.68 -7.02 -161.64
C LEU W 142 85.15 -6.63 -161.59
N TYR W 143 85.23 -5.30 -161.62
CA TYR W 143 86.49 -4.62 -161.63
C TYR W 143 87.26 -4.83 -160.32
N ALA W 144 86.56 -4.85 -159.21
CA ALA W 144 87.16 -5.16 -157.93
C ALA W 144 87.65 -6.61 -157.91
N SER W 145 87.23 -7.50 -158.84
CA SER W 145 87.77 -8.85 -158.88
C SER W 145 88.86 -8.94 -159.94
N GLY W 146 89.44 -7.77 -160.24
CA GLY W 146 90.50 -7.63 -161.20
C GLY W 146 89.99 -7.46 -162.63
N ARG W 147 89.01 -8.23 -163.13
CA ARG W 147 88.70 -8.20 -164.55
C ARG W 147 87.76 -7.16 -165.18
N THR W 148 87.65 -7.26 -166.52
CA THR W 148 86.85 -6.33 -167.30
C THR W 148 85.77 -6.91 -168.17
N THR W 149 85.81 -8.21 -168.34
CA THR W 149 84.77 -8.94 -169.04
C THR W 149 84.50 -10.08 -168.08
N GLY W 150 83.20 -10.28 -167.96
CA GLY W 150 82.60 -11.29 -167.13
C GLY W 150 81.11 -11.04 -167.01
N ILE W 151 80.37 -11.81 -166.24
CA ILE W 151 78.96 -11.53 -166.03
C ILE W 151 78.82 -11.53 -164.50
N VAL W 152 78.24 -10.48 -163.92
CA VAL W 152 78.05 -10.41 -162.48
C VAL W 152 76.63 -10.85 -162.09
N LEU W 153 76.51 -11.78 -161.14
CA LEU W 153 75.20 -12.05 -160.57
C LEU W 153 75.26 -11.18 -159.34
N ASP W 154 74.44 -10.14 -159.31
CA ASP W 154 74.46 -9.23 -158.20
C ASP W 154 73.15 -9.32 -157.46
N SER W 155 73.20 -9.51 -156.12
CA SER W 155 72.05 -9.81 -155.26
C SER W 155 72.13 -9.25 -153.85
N GLY W 156 71.27 -8.30 -153.57
CA GLY W 156 71.38 -7.65 -152.28
C GLY W 156 70.14 -7.76 -151.46
N ASP W 157 69.60 -6.59 -151.13
CA ASP W 157 68.42 -6.61 -150.32
C ASP W 157 67.12 -6.52 -151.05
N GLY W 158 66.88 -5.70 -152.06
CA GLY W 158 65.63 -5.67 -152.78
C GLY W 158 65.76 -6.25 -154.21
N VAL W 159 66.91 -6.26 -154.94
CA VAL W 159 67.02 -6.77 -156.32
C VAL W 159 68.14 -7.76 -156.52
N THR W 160 67.93 -8.63 -157.55
CA THR W 160 68.95 -9.49 -158.14
C THR W 160 69.12 -9.12 -159.62
N HIS W 161 70.33 -9.21 -160.13
CA HIS W 161 70.63 -8.78 -161.47
C HIS W 161 71.65 -9.70 -162.01
N ASN W 162 71.73 -9.69 -163.33
CA ASN W 162 72.79 -10.34 -164.10
C ASN W 162 73.32 -9.28 -165.04
N VAL W 163 74.56 -8.84 -164.94
CA VAL W 163 74.95 -7.77 -165.84
C VAL W 163 76.18 -8.25 -166.55
N PRO W 164 76.03 -8.65 -167.84
CA PRO W 164 77.12 -9.12 -168.68
C PRO W 164 77.91 -7.87 -169.03
N ILE W 165 79.24 -7.85 -168.79
CA ILE W 165 80.10 -6.70 -169.10
C ILE W 165 81.23 -7.08 -170.04
N TYR W 166 81.46 -6.33 -171.12
CA TYR W 166 82.51 -6.66 -172.06
C TYR W 166 83.46 -5.47 -172.22
N GLU W 167 84.72 -5.68 -171.84
CA GLU W 167 85.73 -4.64 -171.83
C GLU W 167 85.28 -3.31 -171.26
N GLY W 168 84.42 -3.52 -170.25
CA GLY W 168 83.95 -2.49 -169.37
C GLY W 168 82.56 -1.99 -169.63
N TYR W 169 82.02 -2.23 -170.82
CA TYR W 169 80.70 -1.73 -171.15
C TYR W 169 79.66 -2.78 -170.82
N ALA W 170 78.81 -2.48 -169.82
CA ALA W 170 77.71 -3.33 -169.40
C ALA W 170 76.75 -3.43 -170.57
N LEU W 171 76.27 -4.63 -170.87
CA LEU W 171 75.49 -4.86 -172.08
C LEU W 171 73.99 -4.74 -171.86
N PRO W 172 73.43 -3.55 -172.06
CA PRO W 172 72.01 -3.25 -171.82
C PRO W 172 70.94 -4.28 -172.14
N HIS W 173 71.02 -4.82 -173.34
CA HIS W 173 70.04 -5.80 -173.78
C HIS W 173 70.28 -7.20 -173.22
N ALA W 174 71.21 -7.45 -172.33
CA ALA W 174 71.38 -8.83 -171.90
C ALA W 174 71.21 -8.96 -170.41
N ILE W 175 71.11 -7.77 -169.74
CA ILE W 175 70.86 -7.58 -168.28
C ILE W 175 69.49 -8.14 -167.87
N MET W 176 69.41 -8.88 -166.75
CA MET W 176 68.16 -9.46 -166.25
C MET W 176 68.06 -9.05 -164.80
N ARG W 177 66.84 -8.76 -164.44
CA ARG W 177 66.51 -8.35 -163.11
C ARG W 177 65.46 -9.30 -162.53
N LEU W 178 65.72 -9.77 -161.33
CA LEU W 178 64.82 -10.67 -160.66
C LEU W 178 64.56 -9.99 -159.33
N ASP W 179 63.34 -9.49 -159.11
CA ASP W 179 62.95 -8.87 -157.84
C ASP W 179 62.69 -9.87 -156.69
N LEU W 180 63.69 -10.66 -156.26
CA LEU W 180 63.59 -11.52 -155.09
C LEU W 180 65.00 -11.51 -154.54
N ALA W 181 65.17 -11.05 -153.31
CA ALA W 181 66.48 -10.94 -152.72
C ALA W 181 66.48 -11.24 -151.23
N GLY W 182 67.46 -10.77 -150.45
CA GLY W 182 67.62 -11.09 -149.04
C GLY W 182 66.47 -10.72 -148.12
N ARG W 183 65.71 -9.69 -148.49
CA ARG W 183 64.54 -9.16 -147.79
C ARG W 183 63.45 -10.20 -147.90
N ASP W 184 63.12 -10.64 -149.13
CA ASP W 184 62.17 -11.68 -149.45
C ASP W 184 62.55 -12.96 -148.72
N LEU W 185 63.87 -13.26 -148.74
CA LEU W 185 64.45 -14.44 -148.10
C LEU W 185 64.39 -14.55 -146.58
N THR W 186 64.39 -13.40 -145.89
CA THR W 186 64.26 -13.37 -144.44
C THR W 186 62.78 -13.63 -144.12
N ASP W 187 61.86 -13.17 -144.96
CA ASP W 187 60.46 -13.31 -144.64
C ASP W 187 59.98 -14.71 -144.93
N TYR W 188 60.64 -15.41 -145.84
CA TYR W 188 60.29 -16.77 -146.12
C TYR W 188 60.84 -17.64 -144.99
N LEU W 189 62.04 -17.36 -144.48
CA LEU W 189 62.59 -18.18 -143.40
C LEU W 189 61.67 -18.09 -142.22
N MET W 190 61.22 -16.86 -141.97
CA MET W 190 60.29 -16.50 -140.93
C MET W 190 59.11 -17.46 -140.86
N LYS W 191 58.43 -17.60 -142.01
CA LYS W 191 57.32 -18.50 -142.11
C LYS W 191 57.87 -19.89 -141.98
N ILE W 192 58.87 -20.47 -142.67
CA ILE W 192 59.22 -21.87 -142.42
C ILE W 192 59.72 -22.20 -141.02
N LEU W 193 60.01 -21.15 -140.24
CA LEU W 193 60.47 -21.30 -138.88
C LEU W 193 59.28 -21.18 -137.92
N THR W 194 58.24 -20.38 -138.23
CA THR W 194 57.04 -20.38 -137.39
C THR W 194 56.29 -21.67 -137.65
N GLU W 195 56.38 -22.11 -138.92
CA GLU W 195 55.82 -23.35 -139.45
C GLU W 195 56.56 -24.54 -138.82
N ARG W 196 57.81 -24.40 -138.35
CA ARG W 196 58.51 -25.44 -137.57
C ARG W 196 57.91 -25.53 -136.15
N GLY W 197 56.93 -24.66 -135.85
CA GLY W 197 56.23 -24.63 -134.58
C GLY W 197 56.85 -23.57 -133.71
N TYR W 198 56.86 -22.29 -134.14
CA TYR W 198 57.49 -21.20 -133.38
C TYR W 198 56.72 -19.91 -133.48
N SER W 199 57.23 -18.94 -132.69
CA SER W 199 56.65 -17.61 -132.66
C SER W 199 57.64 -16.48 -132.46
N PHE W 200 57.60 -15.67 -133.51
CA PHE W 200 58.40 -14.47 -133.56
C PHE W 200 57.29 -13.44 -133.47
N VAL W 201 57.16 -13.20 -132.17
CA VAL W 201 56.05 -12.41 -131.70
C VAL W 201 56.46 -10.97 -131.46
N THR W 202 57.35 -10.66 -130.50
CA THR W 202 57.77 -9.27 -130.26
C THR W 202 58.79 -8.86 -131.31
N THR W 203 59.12 -7.55 -131.39
CA THR W 203 60.04 -7.05 -132.41
C THR W 203 61.47 -7.55 -132.18
N ALA W 204 61.80 -7.96 -130.95
CA ALA W 204 63.09 -8.60 -130.66
C ALA W 204 63.17 -10.07 -131.11
N GLU W 205 62.05 -10.60 -131.59
CA GLU W 205 61.98 -11.93 -132.13
C GLU W 205 62.06 -11.72 -133.63
N ARG W 206 61.24 -10.83 -134.23
CA ARG W 206 61.30 -10.51 -135.67
C ARG W 206 62.74 -10.29 -136.22
N GLU W 207 63.47 -9.33 -135.64
CA GLU W 207 64.75 -8.87 -136.15
C GLU W 207 65.82 -9.94 -136.25
N ILE W 208 65.86 -10.79 -135.24
CA ILE W 208 66.85 -11.85 -135.15
C ILE W 208 66.63 -13.04 -136.11
N VAL W 209 65.46 -13.18 -136.79
CA VAL W 209 65.27 -14.22 -137.79
C VAL W 209 66.25 -13.93 -138.93
N ARG W 210 66.49 -12.65 -139.15
CA ARG W 210 67.43 -12.19 -140.14
C ARG W 210 68.85 -12.56 -139.73
N ASP W 211 69.20 -12.56 -138.43
CA ASP W 211 70.53 -12.93 -137.96
C ASP W 211 70.71 -14.44 -137.94
N ILE W 212 69.58 -15.18 -137.92
CA ILE W 212 69.59 -16.63 -138.07
C ILE W 212 69.93 -16.92 -139.53
N LYS W 213 69.17 -16.35 -140.50
CA LYS W 213 69.42 -16.44 -141.94
C LYS W 213 70.87 -16.19 -142.24
N GLU W 214 71.45 -15.08 -141.80
CA GLU W 214 72.86 -14.79 -142.08
C GLU W 214 73.79 -15.84 -141.46
N LYS W 215 73.74 -16.15 -140.16
CA LYS W 215 74.68 -17.07 -139.50
C LYS W 215 74.61 -18.57 -139.83
N LEU W 216 73.38 -19.11 -139.80
CA LEU W 216 73.14 -20.53 -139.99
C LEU W 216 72.70 -20.95 -141.36
N CYS W 217 72.18 -20.11 -142.26
CA CYS W 217 71.81 -20.59 -143.60
C CYS W 217 72.91 -20.90 -144.61
N TYR W 218 72.50 -21.96 -145.35
CA TYR W 218 73.33 -22.72 -146.29
C TYR W 218 72.71 -22.87 -147.66
N VAL W 219 73.52 -23.05 -148.70
CA VAL W 219 73.00 -23.43 -150.01
C VAL W 219 73.71 -24.73 -150.25
N ALA W 220 72.88 -25.73 -150.11
CA ALA W 220 73.35 -27.04 -150.40
C ALA W 220 73.28 -27.34 -151.89
N LEU W 221 74.32 -28.09 -152.21
CA LEU W 221 74.47 -28.72 -153.50
C LEU W 221 73.84 -30.09 -153.25
N ASP W 222 73.00 -30.43 -154.23
CA ASP W 222 72.13 -31.60 -154.17
C ASP W 222 71.23 -31.46 -152.95
N PHE W 223 70.35 -30.47 -153.19
CA PHE W 223 69.32 -30.02 -152.25
C PHE W 223 68.24 -31.08 -152.12
N GLU W 224 68.27 -31.99 -153.11
CA GLU W 224 67.45 -33.19 -153.27
C GLU W 224 67.66 -34.20 -152.14
N ASN W 225 68.89 -34.75 -152.15
CA ASN W 225 69.32 -35.70 -151.16
C ASN W 225 70.00 -34.97 -150.03
N GLU W 226 69.38 -33.87 -149.60
CA GLU W 226 69.77 -33.10 -148.42
C GLU W 226 68.54 -33.03 -147.49
N MET W 227 67.37 -32.99 -148.14
CA MET W 227 66.08 -33.17 -147.52
C MET W 227 66.05 -34.63 -147.07
N ALA W 228 66.40 -35.57 -147.98
CA ALA W 228 66.51 -36.99 -147.70
C ALA W 228 67.42 -37.25 -146.48
N THR W 229 68.56 -36.55 -146.46
CA THR W 229 69.47 -36.58 -145.33
C THR W 229 68.81 -36.07 -144.03
N ALA W 230 68.01 -35.00 -144.17
CA ALA W 230 67.33 -34.36 -143.04
C ALA W 230 66.51 -35.34 -142.24
N ALA W 231 65.82 -36.20 -143.01
CA ALA W 231 64.93 -37.27 -142.53
C ALA W 231 65.56 -38.42 -141.73
N SER W 232 66.70 -38.95 -142.20
CA SER W 232 67.49 -39.94 -141.47
C SER W 232 67.98 -39.36 -140.13
N SER W 233 67.99 -37.99 -140.10
CA SER W 233 68.39 -37.11 -139.01
C SER W 233 69.70 -37.48 -138.36
N SER W 234 70.55 -36.78 -139.11
CA SER W 234 71.96 -36.70 -138.82
C SER W 234 72.12 -35.53 -137.86
N SER W 235 73.40 -35.30 -137.53
CA SER W 235 73.78 -34.16 -136.75
C SER W 235 73.94 -32.98 -137.74
N LEU W 236 72.87 -32.75 -138.55
CA LEU W 236 72.75 -31.65 -139.51
C LEU W 236 72.08 -30.46 -138.82
N GLU W 237 71.21 -30.72 -137.80
CA GLU W 237 70.50 -29.70 -137.01
C GLU W 237 71.34 -28.57 -136.39
N LYS W 238 70.74 -27.40 -136.14
CA LYS W 238 71.49 -26.31 -135.55
C LYS W 238 70.67 -25.37 -134.69
N SER W 239 70.94 -25.42 -133.38
CA SER W 239 70.27 -24.55 -132.43
C SER W 239 71.02 -23.27 -132.09
N TYR W 240 70.24 -22.19 -132.21
CA TYR W 240 70.64 -20.81 -131.96
C TYR W 240 70.02 -20.36 -130.65
N GLU W 241 70.75 -19.68 -129.74
CA GLU W 241 70.16 -19.13 -128.51
C GLU W 241 69.68 -17.69 -128.74
N LEU W 242 68.38 -17.47 -128.49
CA LEU W 242 67.70 -16.20 -128.74
C LEU W 242 68.19 -14.99 -127.90
N PRO W 243 67.61 -13.73 -127.82
CA PRO W 243 68.13 -12.63 -126.97
C PRO W 243 68.30 -13.05 -125.49
N ASP W 244 67.36 -13.93 -125.11
CA ASP W 244 67.30 -14.65 -123.83
C ASP W 244 67.74 -16.15 -124.04
N GLY W 245 67.38 -17.07 -123.11
CA GLY W 245 67.74 -18.48 -123.15
C GLY W 245 67.14 -19.26 -124.31
N GLN W 246 65.81 -19.12 -124.48
CA GLN W 246 64.99 -19.73 -125.54
C GLN W 246 65.70 -20.26 -126.81
N VAL W 247 66.36 -21.37 -126.57
CA VAL W 247 67.12 -22.05 -127.60
C VAL W 247 66.20 -22.64 -128.66
N ILE W 248 66.31 -21.99 -129.80
CA ILE W 248 65.53 -22.40 -130.95
C ILE W 248 66.36 -23.34 -131.81
N THR W 249 65.76 -24.41 -132.36
CA THR W 249 66.48 -25.32 -133.24
C THR W 249 65.98 -25.23 -134.69
N ILE W 250 66.98 -25.28 -135.57
CA ILE W 250 66.82 -25.16 -137.00
C ILE W 250 67.74 -26.22 -137.53
N GLY W 251 67.12 -27.25 -138.08
CA GLY W 251 67.93 -28.29 -138.64
C GLY W 251 68.08 -28.10 -140.13
N ASN W 252 66.90 -28.41 -140.64
CA ASN W 252 66.57 -28.60 -142.04
C ASN W 252 66.36 -27.26 -142.81
N GLU W 253 65.33 -26.43 -142.50
CA GLU W 253 65.01 -25.11 -143.09
C GLU W 253 66.13 -24.12 -143.40
N ARG W 254 67.17 -24.36 -142.61
CA ARG W 254 68.50 -23.82 -142.76
C ARG W 254 68.93 -23.64 -144.27
N PHE W 255 68.61 -24.64 -145.13
CA PHE W 255 68.92 -24.60 -146.56
C PHE W 255 67.66 -24.49 -147.43
N ARG W 256 66.47 -24.68 -146.86
CA ARG W 256 65.23 -24.54 -147.60
C ARG W 256 65.03 -23.07 -147.99
N CYS W 257 65.66 -22.19 -147.21
CA CYS W 257 65.62 -20.73 -147.44
C CYS W 257 66.45 -20.34 -148.69
N PRO W 258 67.76 -20.61 -148.88
CA PRO W 258 68.46 -20.29 -150.11
C PRO W 258 68.02 -21.19 -151.29
N GLU W 259 67.43 -22.41 -151.13
CA GLU W 259 66.86 -23.17 -152.26
C GLU W 259 65.79 -22.23 -152.85
N THR W 260 65.29 -21.16 -152.17
CA THR W 260 64.32 -20.25 -152.77
C THR W 260 64.97 -19.53 -153.94
N LEU W 261 66.23 -19.11 -153.83
CA LEU W 261 66.93 -18.49 -154.96
C LEU W 261 67.01 -19.33 -156.25
N PHE W 262 66.97 -20.68 -156.22
CA PHE W 262 66.96 -21.53 -157.41
C PHE W 262 65.55 -21.93 -157.82
N GLN W 263 64.66 -21.99 -156.82
CA GLN W 263 63.25 -22.30 -156.99
C GLN W 263 62.44 -21.14 -156.41
N PRO W 264 61.99 -20.17 -157.23
CA PRO W 264 61.17 -19.03 -156.84
C PRO W 264 59.76 -19.52 -156.52
N SER W 265 59.43 -20.75 -157.00
CA SER W 265 58.15 -21.45 -156.76
C SER W 265 57.83 -21.74 -155.27
N PHE W 266 58.89 -21.73 -154.43
CA PHE W 266 58.82 -21.84 -152.98
C PHE W 266 58.11 -20.65 -152.38
N ILE W 267 58.06 -19.56 -153.15
CA ILE W 267 57.45 -18.35 -152.67
C ILE W 267 56.41 -17.79 -153.64
N GLY W 268 55.75 -18.65 -154.41
CA GLY W 268 54.72 -18.14 -155.28
C GLY W 268 55.25 -17.21 -156.36
N MET W 269 56.55 -17.35 -156.64
CA MET W 269 57.08 -16.64 -157.78
C MET W 269 57.13 -17.59 -158.97
N GLU W 270 56.62 -17.07 -160.10
CA GLU W 270 56.62 -17.78 -161.38
C GLU W 270 57.84 -17.52 -162.29
N SER W 271 58.68 -16.54 -161.91
CA SER W 271 59.93 -16.21 -162.59
C SER W 271 60.90 -17.38 -162.51
N ALA W 272 61.88 -17.33 -163.42
CA ALA W 272 62.95 -18.32 -163.45
C ALA W 272 63.95 -18.07 -162.29
N GLY W 273 64.90 -18.96 -162.01
CA GLY W 273 65.79 -18.74 -160.89
C GLY W 273 67.21 -18.37 -161.30
N ILE W 274 67.95 -17.80 -160.32
CA ILE W 274 69.34 -17.37 -160.44
C ILE W 274 70.23 -18.04 -161.52
N HIS W 275 70.32 -19.36 -161.53
CA HIS W 275 71.17 -20.11 -162.46
C HIS W 275 70.69 -20.13 -163.90
N GLU W 276 69.37 -20.23 -164.07
CA GLU W 276 68.78 -20.21 -165.38
C GLU W 276 68.91 -18.84 -165.92
N THR W 277 68.78 -17.86 -165.04
CA THR W 277 68.83 -16.48 -165.44
C THR W 277 70.26 -16.12 -165.81
N THR W 278 71.29 -16.63 -165.12
CA THR W 278 72.70 -16.44 -165.49
C THR W 278 72.92 -16.85 -166.97
N TYR W 279 72.33 -18.01 -167.21
CA TYR W 279 72.39 -18.67 -168.47
C TYR W 279 71.63 -17.87 -169.47
N ASN W 280 70.40 -17.46 -169.22
CA ASN W 280 69.64 -16.82 -170.27
C ASN W 280 70.25 -15.53 -170.72
N SER W 281 70.91 -14.84 -169.78
CA SER W 281 71.60 -13.57 -170.01
C SER W 281 72.64 -13.85 -171.07
N ILE W 282 73.30 -15.00 -170.80
CA ILE W 282 74.40 -15.48 -171.63
C ILE W 282 73.86 -15.91 -172.97
N MET W 283 72.78 -16.68 -173.19
CA MET W 283 72.40 -16.94 -174.57
C MET W 283 71.66 -15.76 -175.26
N LYS W 284 71.65 -14.56 -174.61
CA LYS W 284 71.18 -13.28 -175.17
C LYS W 284 72.31 -12.36 -175.67
N CYS W 285 73.55 -12.78 -175.40
CA CYS W 285 74.75 -12.04 -175.76
C CYS W 285 75.35 -12.51 -177.06
N ASP W 286 76.33 -11.79 -177.62
CA ASP W 286 77.00 -12.26 -178.81
C ASP W 286 77.69 -13.55 -178.44
N ILE W 287 77.69 -14.39 -179.48
CA ILE W 287 78.22 -15.78 -179.58
C ILE W 287 79.72 -15.99 -179.29
N ASP W 288 80.48 -15.06 -179.87
CA ASP W 288 81.90 -15.03 -179.72
C ASP W 288 82.22 -14.62 -178.28
N ILE W 289 81.37 -13.86 -177.54
CA ILE W 289 81.73 -13.47 -176.18
C ILE W 289 81.24 -14.46 -175.15
N ARG W 290 80.39 -15.42 -175.52
CA ARG W 290 79.90 -16.36 -174.55
C ARG W 290 81.02 -17.22 -173.95
N LYS W 291 82.20 -17.58 -174.50
CA LYS W 291 83.11 -18.36 -173.68
C LYS W 291 83.68 -17.54 -172.51
N ASP W 292 83.77 -16.20 -172.71
CA ASP W 292 84.33 -15.28 -171.73
C ASP W 292 83.43 -15.15 -170.52
N LEU W 293 82.18 -14.81 -170.77
CA LEU W 293 81.20 -14.72 -169.73
C LEU W 293 81.14 -16.02 -168.92
N TYR W 294 81.21 -17.18 -169.57
CA TYR W 294 81.12 -18.43 -168.82
C TYR W 294 82.27 -18.69 -167.90
N ALA W 295 83.45 -18.24 -168.25
CA ALA W 295 84.57 -18.49 -167.35
C ALA W 295 84.72 -17.34 -166.35
N ASN W 296 83.71 -16.44 -166.26
CA ASN W 296 83.83 -15.29 -165.39
C ASN W 296 82.51 -14.83 -164.83
N ASN W 297 81.94 -15.71 -164.03
CA ASN W 297 80.70 -15.46 -163.33
C ASN W 297 81.14 -14.92 -162.00
N VAL W 298 81.08 -13.62 -161.83
CA VAL W 298 81.54 -13.00 -160.60
C VAL W 298 80.26 -12.80 -159.83
N MET W 299 80.37 -13.15 -158.55
CA MET W 299 79.25 -12.94 -157.64
C MET W 299 79.48 -11.76 -156.69
N SER W 300 78.46 -10.95 -156.52
CA SER W 300 78.56 -9.95 -155.48
C SER W 300 77.19 -9.73 -154.84
N GLY W 301 77.23 -9.19 -153.62
CA GLY W 301 76.01 -8.88 -152.89
C GLY W 301 75.79 -9.71 -151.62
N GLY W 302 75.16 -9.08 -150.61
CA GLY W 302 74.92 -9.73 -149.34
C GLY W 302 74.23 -11.09 -149.49
N THR W 303 73.23 -11.22 -150.36
CA THR W 303 72.52 -12.46 -150.46
C THR W 303 73.31 -13.53 -151.19
N THR W 304 74.46 -13.28 -151.82
CA THR W 304 75.24 -14.34 -152.48
C THR W 304 76.29 -14.92 -151.53
N MET W 305 76.19 -14.56 -150.25
CA MET W 305 77.16 -14.97 -149.24
C MET W 305 76.83 -16.32 -148.61
N TYR W 306 75.58 -16.85 -148.75
CA TYR W 306 75.18 -18.17 -148.23
C TYR W 306 76.23 -19.20 -148.60
N PRO W 307 77.01 -19.86 -147.73
CA PRO W 307 77.99 -20.87 -148.14
C PRO W 307 77.43 -21.92 -149.13
N GLY W 308 78.28 -22.35 -150.08
CA GLY W 308 77.94 -23.39 -151.05
C GLY W 308 77.05 -22.93 -152.18
N ILE W 309 77.02 -21.61 -152.33
CA ILE W 309 76.24 -20.93 -153.35
C ILE W 309 76.91 -21.05 -154.68
N ALA W 310 78.25 -20.96 -154.57
CA ALA W 310 79.14 -21.01 -155.70
C ALA W 310 79.15 -22.43 -156.24
N ASP W 311 79.29 -23.51 -155.41
CA ASP W 311 79.29 -24.91 -155.86
C ASP W 311 77.99 -25.29 -156.55
N ARG W 312 76.85 -24.90 -155.96
CA ARG W 312 75.55 -25.14 -156.55
C ARG W 312 75.53 -24.40 -157.89
N MET W 313 75.97 -23.14 -157.99
CA MET W 313 75.92 -22.41 -159.27
C MET W 313 76.83 -22.97 -160.34
N GLN W 314 77.95 -23.52 -159.86
CA GLN W 314 78.99 -24.16 -160.65
C GLN W 314 78.41 -25.30 -161.41
N LYS W 315 77.75 -26.15 -160.66
CA LYS W 315 77.08 -27.30 -161.22
C LYS W 315 75.76 -27.00 -161.87
N GLU W 316 75.17 -25.88 -161.49
CA GLU W 316 73.92 -25.53 -162.11
C GLU W 316 74.14 -25.09 -163.55
N ILE W 317 75.18 -24.27 -163.79
CA ILE W 317 75.36 -23.85 -165.16
C ILE W 317 76.24 -24.82 -165.94
N THR W 318 77.13 -25.66 -165.38
CA THR W 318 77.88 -26.63 -166.18
C THR W 318 76.91 -27.51 -166.96
N ALA W 319 75.94 -27.99 -166.18
CA ALA W 319 74.89 -28.81 -166.71
C ALA W 319 73.82 -28.12 -167.58
N LEU W 320 74.00 -26.84 -167.94
CA LEU W 320 73.11 -26.19 -168.91
C LEU W 320 73.89 -25.68 -170.11
N ALA W 321 75.19 -25.47 -169.85
CA ALA W 321 76.13 -24.99 -170.83
C ALA W 321 76.67 -26.10 -171.74
N PRO W 322 77.01 -25.84 -173.03
CA PRO W 322 77.54 -26.84 -173.96
C PRO W 322 78.85 -27.44 -173.40
N SER W 323 79.10 -28.75 -173.30
CA SER W 323 80.32 -29.31 -172.65
C SER W 323 81.72 -28.88 -173.08
N THR W 324 81.73 -28.26 -174.26
CA THR W 324 82.93 -27.68 -174.85
C THR W 324 83.36 -26.43 -174.06
N MET W 325 82.53 -26.01 -173.10
CA MET W 325 82.71 -24.78 -172.38
C MET W 325 83.36 -24.95 -171.03
N LYS W 326 84.07 -23.90 -170.67
CA LYS W 326 84.65 -23.78 -169.37
C LYS W 326 83.72 -22.86 -168.56
N ILE W 327 83.29 -23.40 -167.41
CA ILE W 327 82.45 -22.69 -166.47
C ILE W 327 83.40 -22.15 -165.39
N LYS W 328 83.17 -20.96 -164.79
CA LYS W 328 83.97 -20.54 -163.65
C LYS W 328 83.26 -19.46 -162.85
N ILE W 329 82.85 -19.89 -161.64
CA ILE W 329 82.08 -19.08 -160.69
C ILE W 329 82.99 -18.48 -159.61
N ILE W 330 83.35 -17.21 -159.78
CA ILE W 330 84.17 -16.49 -158.82
C ILE W 330 83.20 -15.85 -157.81
N ALA W 331 83.48 -16.15 -156.54
CA ALA W 331 82.76 -15.64 -155.38
C ALA W 331 83.79 -15.23 -154.34
N PRO W 332 84.29 -14.00 -154.28
CA PRO W 332 85.28 -13.59 -153.28
C PRO W 332 84.65 -13.46 -151.89
N PRO W 333 85.48 -13.45 -150.83
CA PRO W 333 85.05 -13.36 -149.44
C PRO W 333 84.51 -12.00 -149.08
N GLU W 334 85.09 -10.92 -149.60
CA GLU W 334 84.59 -9.63 -149.24
C GLU W 334 83.35 -9.33 -150.06
N ARG W 335 82.77 -10.22 -150.89
CA ARG W 335 81.64 -9.89 -151.75
C ARG W 335 80.44 -9.05 -151.27
N LYS W 336 80.12 -9.01 -149.98
CA LYS W 336 79.09 -8.11 -149.51
C LYS W 336 79.54 -6.64 -149.70
N TYR W 337 80.81 -6.30 -149.93
CA TYR W 337 81.27 -4.96 -150.30
C TYR W 337 81.99 -4.90 -151.68
N SER W 338 81.85 -5.84 -152.63
CA SER W 338 82.56 -5.80 -153.92
C SER W 338 82.41 -4.50 -154.66
N VAL W 339 81.13 -4.13 -154.80
CA VAL W 339 80.69 -2.90 -155.39
C VAL W 339 81.48 -1.75 -154.81
N TRP W 340 81.54 -1.65 -153.47
CA TRP W 340 82.14 -0.50 -152.82
C TRP W 340 83.64 -0.48 -153.05
N ILE W 341 84.25 -1.67 -152.96
CA ILE W 341 85.67 -1.81 -153.01
C ILE W 341 86.10 -1.47 -154.41
N GLY W 342 85.32 -1.86 -155.42
CA GLY W 342 85.59 -1.56 -156.83
C GLY W 342 85.59 -0.05 -157.04
N GLY W 343 84.76 0.67 -156.29
CA GLY W 343 84.67 2.10 -156.37
C GLY W 343 85.87 2.73 -155.69
N SER W 344 86.30 2.18 -154.53
CA SER W 344 87.42 2.67 -153.79
C SER W 344 88.71 2.61 -154.59
N ILE W 345 88.86 1.49 -155.30
CA ILE W 345 90.01 1.25 -156.15
C ILE W 345 90.02 2.27 -157.27
N LEU W 346 88.95 2.22 -158.05
CA LEU W 346 88.77 3.06 -159.20
C LEU W 346 88.94 4.54 -158.88
N ALA W 347 88.30 4.99 -157.79
CA ALA W 347 88.33 6.42 -157.50
C ALA W 347 89.64 6.83 -156.91
N SER W 348 90.40 5.91 -156.30
CA SER W 348 91.70 6.33 -155.78
C SER W 348 92.78 6.25 -156.88
N LEU W 349 92.44 5.54 -157.96
CA LEU W 349 93.29 5.41 -159.13
C LEU W 349 93.72 6.71 -159.78
N SER W 350 94.97 6.48 -160.14
CA SER W 350 95.86 7.38 -160.86
C SER W 350 95.23 7.84 -162.17
N THR W 351 94.50 7.00 -162.92
CA THR W 351 93.92 7.43 -164.19
C THR W 351 92.49 7.94 -164.21
N PHE W 352 91.85 7.93 -163.04
CA PHE W 352 90.44 8.27 -162.98
C PHE W 352 90.14 9.75 -162.91
N GLN W 353 91.21 10.45 -162.58
CA GLN W 353 91.10 11.87 -162.36
C GLN W 353 90.48 12.58 -163.55
N GLN W 354 90.89 12.17 -164.75
CA GLN W 354 90.31 12.74 -165.95
C GLN W 354 88.87 12.31 -166.29
N MET W 355 88.19 11.43 -165.52
CA MET W 355 86.74 11.20 -165.72
C MET W 355 85.83 11.85 -164.68
N TRP W 356 86.36 12.40 -163.58
CA TRP W 356 85.55 13.14 -162.61
C TRP W 356 84.68 14.24 -163.20
N ILE W 357 83.34 14.32 -163.09
CA ILE W 357 82.59 15.48 -163.61
C ILE W 357 82.76 16.66 -162.65
N THR W 358 83.41 17.76 -163.08
CA THR W 358 83.65 18.88 -162.20
C THR W 358 82.53 19.89 -162.30
N LYS W 359 82.32 20.72 -161.27
CA LYS W 359 81.40 21.85 -161.33
C LYS W 359 81.61 22.72 -162.56
N GLN W 360 82.84 22.76 -163.12
CA GLN W 360 83.15 23.49 -164.34
C GLN W 360 82.33 22.76 -165.39
N GLU W 361 82.55 21.46 -165.66
CA GLU W 361 81.72 20.72 -166.62
C GLU W 361 80.21 20.94 -166.41
N TYR W 362 79.75 20.83 -165.18
CA TYR W 362 78.34 20.97 -164.90
C TYR W 362 77.81 22.37 -165.15
N ASP W 363 78.32 23.41 -164.48
CA ASP W 363 77.81 24.78 -164.64
C ASP W 363 77.79 25.19 -166.10
N GLU W 364 78.65 24.54 -166.89
CA GLU W 364 78.71 24.78 -168.32
C GLU W 364 77.89 23.85 -169.22
N ALA W 365 77.67 22.56 -168.88
CA ALA W 365 76.95 21.62 -169.77
C ALA W 365 75.55 21.10 -169.40
N GLY W 366 75.15 21.40 -168.16
CA GLY W 366 73.89 20.94 -167.57
C GLY W 366 74.00 19.48 -167.16
N PRO W 367 73.03 18.84 -166.49
CA PRO W 367 73.15 17.48 -165.93
C PRO W 367 73.48 16.39 -166.95
N SER W 368 73.20 16.77 -168.20
CA SER W 368 73.51 16.01 -169.39
C SER W 368 74.95 15.55 -169.40
N ILE W 369 75.88 16.45 -169.00
CA ILE W 369 77.32 16.17 -168.95
C ILE W 369 77.74 14.83 -168.36
N VAL W 370 77.26 14.51 -167.17
CA VAL W 370 77.64 13.28 -166.47
C VAL W 370 76.80 12.09 -166.94
N HIS W 371 75.63 12.42 -167.51
CA HIS W 371 74.73 11.38 -167.93
C HIS W 371 75.36 10.41 -168.95
N ARG W 372 76.32 10.90 -169.75
CA ARG W 372 77.03 10.15 -170.80
C ARG W 372 75.96 9.78 -171.87
N ASP X 1 28.82 -25.42 -205.89
CA ASP X 1 28.61 -25.16 -204.46
C ASP X 1 29.29 -26.21 -203.57
N GLU X 2 29.19 -27.45 -204.08
CA GLU X 2 29.80 -28.67 -203.56
C GLU X 2 31.06 -28.40 -202.76
N ASP X 3 31.90 -27.60 -203.42
CA ASP X 3 33.03 -27.06 -202.75
C ASP X 3 33.16 -25.54 -202.93
N GLU X 4 32.29 -24.82 -203.68
CA GLU X 4 32.34 -23.35 -203.81
C GLU X 4 32.19 -22.70 -202.42
N THR X 5 31.25 -23.28 -201.66
CA THR X 5 30.96 -22.90 -200.27
C THR X 5 31.95 -23.44 -199.22
N THR X 6 32.23 -24.68 -199.59
CA THR X 6 32.95 -25.72 -198.90
C THR X 6 34.47 -25.60 -198.76
N ALA X 7 35.19 -24.74 -199.51
CA ALA X 7 36.63 -24.63 -199.35
C ALA X 7 36.98 -23.87 -198.08
N LEU X 8 37.90 -24.40 -197.29
CA LEU X 8 38.32 -23.78 -196.05
C LEU X 8 39.65 -23.06 -196.25
N VAL X 9 39.99 -22.00 -195.50
CA VAL X 9 41.29 -21.40 -195.68
C VAL X 9 41.83 -21.20 -194.31
N CYS X 10 42.95 -21.87 -194.05
CA CYS X 10 43.54 -21.81 -192.76
C CYS X 10 44.94 -21.28 -192.86
N ASP X 11 45.15 -20.08 -192.31
CA ASP X 11 46.48 -19.50 -192.25
C ASP X 11 47.13 -19.61 -190.84
N ASN X 12 48.13 -20.50 -190.76
CA ASN X 12 48.80 -20.83 -189.52
C ASN X 12 49.92 -19.87 -189.27
N GLY X 13 49.88 -19.16 -188.15
CA GLY X 13 50.92 -18.21 -187.80
C GLY X 13 51.63 -18.59 -186.52
N SER X 14 52.63 -17.76 -186.31
CA SER X 14 53.42 -17.87 -185.11
C SER X 14 52.65 -17.35 -183.92
N GLY X 15 51.76 -16.38 -184.04
CA GLY X 15 51.03 -15.83 -182.92
C GLY X 15 49.57 -16.16 -183.06
N LEU X 16 48.96 -15.96 -184.24
CA LEU X 16 47.56 -16.18 -184.54
C LEU X 16 47.22 -17.17 -185.63
N VAL X 17 46.07 -17.87 -185.57
CA VAL X 17 45.57 -18.67 -186.65
C VAL X 17 44.52 -17.78 -187.30
N LYS X 18 44.38 -17.70 -188.61
CA LYS X 18 43.28 -17.00 -189.25
C LYS X 18 42.54 -18.07 -190.06
N ALA X 19 41.23 -18.22 -189.95
CA ALA X 19 40.53 -19.32 -190.59
C ALA X 19 39.13 -18.91 -191.02
N GLY X 20 38.46 -19.71 -191.82
CA GLY X 20 37.21 -19.26 -192.39
C GLY X 20 36.96 -19.97 -193.69
N PHE X 21 35.95 -19.48 -194.41
CA PHE X 21 35.52 -20.13 -195.66
C PHE X 21 35.94 -19.30 -196.84
N ALA X 22 36.46 -19.97 -197.88
CA ALA X 22 36.84 -19.32 -199.13
C ALA X 22 35.53 -18.74 -199.60
N GLY X 23 35.61 -17.48 -199.98
CA GLY X 23 34.40 -16.77 -200.30
C GLY X 23 34.30 -15.60 -199.35
N ASP X 24 34.42 -15.78 -198.02
CA ASP X 24 34.31 -14.68 -197.08
C ASP X 24 35.37 -13.60 -197.32
N ASP X 25 35.12 -12.41 -196.76
CA ASP X 25 36.00 -11.26 -196.98
C ASP X 25 37.15 -11.12 -195.97
N ALA X 26 36.92 -11.81 -194.85
CA ALA X 26 37.81 -11.80 -193.69
C ALA X 26 37.66 -13.11 -192.92
N PRO X 27 38.68 -13.50 -192.12
CA PRO X 27 38.63 -14.74 -191.34
C PRO X 27 37.48 -14.85 -190.34
N ARG X 28 36.81 -15.98 -190.40
CA ARG X 28 35.75 -16.29 -189.47
C ARG X 28 36.35 -16.56 -188.11
N ALA X 29 37.60 -17.01 -188.06
CA ALA X 29 38.21 -17.38 -186.81
C ALA X 29 39.64 -16.90 -186.70
N VAL X 30 39.93 -16.22 -185.59
CA VAL X 30 41.24 -15.67 -185.32
C VAL X 30 41.50 -15.95 -183.85
N PHE X 31 42.62 -16.58 -183.51
CA PHE X 31 42.86 -16.96 -182.14
C PHE X 31 44.29 -17.33 -181.88
N PRO X 32 44.86 -17.23 -180.68
CA PRO X 32 46.25 -17.60 -180.45
C PRO X 32 46.58 -19.06 -180.75
N SER X 33 47.83 -19.15 -181.15
CA SER X 33 48.45 -20.34 -181.61
C SER X 33 49.17 -20.91 -180.42
N ILE X 34 48.42 -21.25 -179.35
CA ILE X 34 48.96 -21.91 -178.18
C ILE X 34 48.25 -23.20 -177.85
N VAL X 35 48.82 -24.04 -177.01
CA VAL X 35 48.29 -25.30 -176.59
C VAL X 35 48.78 -25.33 -175.18
N GLY X 36 47.83 -25.29 -174.25
CA GLY X 36 48.12 -25.27 -172.85
C GLY X 36 47.91 -26.64 -172.29
N ARG X 37 48.79 -26.97 -171.37
CA ARG X 37 48.80 -28.27 -170.72
C ARG X 37 48.75 -28.00 -169.21
N PRO X 38 47.71 -28.36 -168.46
CA PRO X 38 47.60 -28.07 -167.02
C PRO X 38 48.71 -28.57 -166.14
N ARG X 39 49.33 -27.61 -165.44
CA ARG X 39 50.33 -27.92 -164.43
C ARG X 39 49.83 -28.71 -163.24
N HIS X 40 48.47 -28.78 -162.93
CA HIS X 40 47.98 -29.51 -161.74
C HIS X 40 46.72 -30.30 -161.94
N GLN X 41 46.41 -31.29 -161.13
CA GLN X 41 45.16 -31.97 -161.35
C GLN X 41 44.00 -31.29 -160.64
N GLY X 42 42.88 -31.17 -161.36
CA GLY X 42 41.70 -30.49 -160.88
C GLY X 42 40.78 -30.12 -162.01
N VAL X 43 39.65 -29.48 -161.72
CA VAL X 43 38.63 -29.10 -162.69
C VAL X 43 38.01 -27.69 -162.55
N MET X 44 37.37 -27.21 -163.62
CA MET X 44 36.57 -25.99 -163.49
C MET X 44 35.21 -26.54 -163.08
N VAL X 45 34.40 -25.71 -162.44
CA VAL X 45 33.08 -26.07 -162.02
C VAL X 45 32.18 -26.44 -163.21
N GLY X 46 31.77 -27.70 -163.25
CA GLY X 46 30.82 -28.15 -164.22
C GLY X 46 31.49 -28.83 -165.39
N MET X 47 32.78 -28.65 -165.54
CA MET X 47 33.48 -29.35 -166.57
C MET X 47 34.19 -30.57 -166.03
N GLY X 48 34.63 -31.41 -166.98
CA GLY X 48 35.47 -32.56 -166.67
C GLY X 48 36.94 -32.14 -166.78
N GLN X 49 37.77 -33.10 -166.36
CA GLN X 49 39.21 -33.03 -166.51
C GLN X 49 39.58 -32.88 -167.99
N LYS X 50 40.41 -31.91 -168.25
CA LYS X 50 40.76 -31.56 -169.58
C LYS X 50 42.24 -31.76 -169.60
N ASP X 51 42.61 -32.44 -170.67
CA ASP X 51 44.03 -32.74 -170.88
C ASP X 51 44.79 -31.59 -171.51
N SER X 52 44.04 -30.72 -172.19
CA SER X 52 44.69 -29.76 -173.02
C SER X 52 43.81 -28.57 -173.27
N TYR X 53 44.37 -27.45 -173.62
CA TYR X 53 43.58 -26.28 -173.87
C TYR X 53 44.15 -25.62 -175.11
N VAL X 54 43.39 -24.92 -175.97
CA VAL X 54 43.94 -24.33 -177.20
C VAL X 54 43.32 -22.96 -177.41
N GLY X 55 44.13 -22.04 -177.95
CA GLY X 55 43.68 -20.72 -178.32
C GLY X 55 43.44 -19.86 -177.13
N ASP X 56 42.26 -19.23 -177.10
CA ASP X 56 41.92 -18.32 -176.03
C ASP X 56 41.68 -19.04 -174.73
N GLU X 57 41.10 -20.23 -174.63
CA GLU X 57 41.02 -20.86 -173.33
C GLU X 57 42.39 -21.17 -172.73
N ALA X 58 43.43 -21.34 -173.54
CA ALA X 58 44.76 -21.52 -173.03
C ALA X 58 45.32 -20.19 -172.56
N GLN X 59 44.97 -19.10 -173.23
CA GLN X 59 45.50 -17.83 -172.81
C GLN X 59 44.80 -17.44 -171.51
N SER X 60 43.49 -17.51 -171.45
CA SER X 60 42.74 -17.11 -170.28
C SER X 60 43.04 -17.87 -168.99
N LYS X 61 43.37 -19.13 -169.17
CA LYS X 61 43.66 -19.94 -168.04
C LYS X 61 45.15 -20.10 -167.95
N ARG X 62 46.02 -19.18 -168.40
CA ARG X 62 47.46 -19.46 -168.43
C ARG X 62 48.21 -19.74 -167.14
N GLY X 63 47.68 -19.20 -166.04
CA GLY X 63 48.25 -19.41 -164.73
C GLY X 63 48.26 -20.88 -164.29
N ILE X 64 47.41 -21.82 -164.75
CA ILE X 64 47.53 -23.20 -164.28
C ILE X 64 48.04 -24.18 -165.33
N LEU X 65 48.47 -23.70 -166.49
CA LEU X 65 48.88 -24.54 -167.62
C LEU X 65 50.28 -24.20 -168.11
N THR X 66 50.97 -25.09 -168.84
CA THR X 66 52.24 -24.73 -169.42
C THR X 66 51.87 -24.56 -170.89
N LEU X 67 52.07 -23.30 -171.30
CA LEU X 67 51.74 -22.83 -172.63
C LEU X 67 52.81 -23.21 -173.60
N LYS X 68 52.42 -23.64 -174.81
CA LYS X 68 53.43 -23.94 -175.84
C LYS X 68 53.00 -23.48 -177.19
N TYR X 69 53.98 -22.90 -177.88
CA TYR X 69 53.82 -22.36 -179.23
C TYR X 69 54.27 -23.36 -180.34
N PRO X 70 53.41 -24.09 -181.09
CA PRO X 70 53.76 -25.06 -182.13
C PRO X 70 54.55 -24.56 -183.33
N ILE X 71 54.44 -23.26 -183.60
CA ILE X 71 55.08 -22.69 -184.75
C ILE X 71 56.16 -21.68 -184.33
N GLU X 72 57.41 -22.10 -184.45
CA GLU X 72 58.47 -21.19 -184.10
C GLU X 72 59.00 -20.51 -185.34
N HIS X 73 58.80 -19.18 -185.41
CA HIS X 73 59.27 -18.41 -186.54
C HIS X 73 58.65 -18.83 -187.87
N GLY X 74 57.35 -19.14 -187.84
CA GLY X 74 56.65 -19.49 -189.06
C GLY X 74 56.75 -20.94 -189.44
N ILE X 75 57.70 -21.70 -188.89
CA ILE X 75 57.88 -23.14 -189.24
C ILE X 75 57.20 -24.04 -188.19
N ILE X 76 56.48 -25.14 -188.50
CA ILE X 76 55.85 -25.99 -187.47
C ILE X 76 56.98 -26.80 -186.84
N THR X 77 57.14 -26.56 -185.54
CA THR X 77 58.15 -27.22 -184.73
C THR X 77 57.58 -28.39 -183.94
N ASN X 78 56.31 -28.35 -183.49
CA ASN X 78 55.77 -29.52 -182.82
C ASN X 78 54.51 -29.98 -183.48
N TRP X 79 54.59 -31.17 -184.10
CA TRP X 79 53.49 -31.73 -184.87
C TRP X 79 52.37 -32.32 -184.05
N ASP X 80 52.58 -32.68 -182.77
CA ASP X 80 51.53 -33.20 -181.87
C ASP X 80 50.63 -32.06 -181.46
N ASP X 81 51.26 -30.98 -181.00
CA ASP X 81 50.57 -29.74 -180.74
C ASP X 81 50.01 -28.99 -181.92
N MET X 82 50.44 -29.19 -183.16
CA MET X 82 49.85 -28.50 -184.30
C MET X 82 48.56 -29.23 -184.63
N GLU X 83 48.56 -30.57 -184.69
CA GLU X 83 47.35 -31.34 -185.00
C GLU X 83 46.26 -31.00 -183.99
N LYS X 84 46.68 -30.67 -182.77
CA LYS X 84 45.76 -30.13 -181.76
C LYS X 84 45.18 -28.78 -182.22
N ILE X 85 45.97 -27.78 -182.66
CA ILE X 85 45.39 -26.52 -183.13
C ILE X 85 44.50 -26.72 -184.34
N TRP X 86 44.84 -27.60 -185.29
CA TRP X 86 43.98 -27.84 -186.45
C TRP X 86 42.66 -28.43 -186.01
N HIS X 87 42.72 -29.42 -185.11
CA HIS X 87 41.52 -30.06 -184.62
C HIS X 87 40.54 -29.03 -184.05
N HIS X 88 41.10 -28.17 -183.19
CA HIS X 88 40.35 -27.07 -182.62
C HIS X 88 39.76 -26.19 -183.71
N THR X 89 40.49 -25.91 -184.76
CA THR X 89 40.01 -25.02 -185.80
C THR X 89 38.82 -25.57 -186.52
N PHE X 90 38.92 -26.81 -186.96
CA PHE X 90 37.82 -27.40 -187.67
C PHE X 90 36.63 -27.61 -186.76
N TYR X 91 36.84 -28.35 -185.68
CA TYR X 91 35.72 -28.79 -184.92
C TYR X 91 35.08 -27.85 -183.99
N ASN X 92 35.84 -26.92 -183.44
CA ASN X 92 35.25 -26.00 -182.46
C ASN X 92 35.08 -24.61 -183.05
N GLU X 93 36.12 -24.08 -183.66
CA GLU X 93 36.04 -22.74 -184.20
C GLU X 93 35.12 -22.66 -185.41
N LEU X 94 35.32 -23.47 -186.47
CA LEU X 94 34.49 -23.36 -187.66
C LEU X 94 33.33 -24.34 -187.59
N ARG X 95 33.39 -25.29 -186.64
CA ARG X 95 32.38 -26.30 -186.33
C ARG X 95 31.96 -27.17 -187.52
N VAL X 96 32.88 -27.31 -188.47
CA VAL X 96 32.63 -28.09 -189.66
C VAL X 96 33.18 -29.49 -189.45
N ALA X 97 32.74 -30.47 -190.25
CA ALA X 97 33.40 -31.76 -190.24
C ALA X 97 34.41 -31.60 -191.37
N PRO X 98 35.71 -31.86 -191.21
CA PRO X 98 36.70 -31.70 -192.27
C PRO X 98 36.60 -32.66 -193.44
N GLU X 99 36.07 -33.89 -193.21
CA GLU X 99 36.00 -34.88 -194.29
C GLU X 99 35.07 -34.62 -195.44
N GLU X 100 34.40 -33.47 -195.43
CA GLU X 100 33.72 -33.07 -196.65
C GLU X 100 34.11 -31.65 -197.08
N HIS X 101 35.25 -31.09 -196.63
CA HIS X 101 35.64 -29.75 -197.05
C HIS X 101 37.00 -29.65 -197.66
N PRO X 102 37.26 -29.09 -198.85
CA PRO X 102 38.60 -28.97 -199.38
C PRO X 102 39.26 -27.93 -198.46
N THR X 103 40.56 -28.07 -198.13
CA THR X 103 41.26 -27.20 -197.17
C THR X 103 42.47 -26.51 -197.79
N LEU X 104 42.53 -25.16 -197.96
CA LEU X 104 43.73 -24.49 -198.45
C LEU X 104 44.44 -24.04 -197.23
N LEU X 105 45.68 -24.49 -197.13
CA LEU X 105 46.57 -24.15 -196.04
C LEU X 105 47.69 -23.23 -196.46
N THR X 106 48.40 -22.60 -195.52
CA THR X 106 49.52 -21.82 -195.96
C THR X 106 50.80 -22.30 -195.30
N GLU X 107 51.93 -22.10 -195.96
CA GLU X 107 53.22 -22.37 -195.34
C GLU X 107 54.12 -21.13 -195.48
N ALA X 108 55.26 -21.19 -194.83
CA ALA X 108 56.22 -20.11 -194.86
C ALA X 108 57.16 -20.16 -196.04
N PRO X 109 57.80 -19.03 -196.33
CA PRO X 109 58.76 -18.89 -197.38
C PRO X 109 59.75 -20.00 -197.72
N LEU X 110 60.62 -20.52 -196.88
CA LEU X 110 61.52 -21.55 -197.35
C LEU X 110 61.22 -22.77 -196.50
N ASN X 111 59.93 -23.10 -196.38
CA ASN X 111 59.42 -24.20 -195.58
C ASN X 111 60.03 -25.47 -196.12
N PRO X 112 60.69 -26.22 -195.26
CA PRO X 112 61.33 -27.46 -195.62
C PRO X 112 60.42 -28.45 -196.30
N LYS X 113 60.85 -28.98 -197.45
CA LYS X 113 60.09 -29.93 -198.29
C LYS X 113 59.31 -31.01 -197.53
N ALA X 114 60.00 -31.47 -196.50
CA ALA X 114 59.56 -32.52 -195.62
C ALA X 114 58.35 -32.17 -194.76
N ASN X 115 58.22 -30.89 -194.39
CA ASN X 115 57.10 -30.36 -193.63
C ASN X 115 55.86 -30.30 -194.49
N ARG X 116 56.00 -29.81 -195.74
CA ARG X 116 54.87 -29.65 -196.69
C ARG X 116 54.36 -31.05 -196.92
N GLU X 117 55.24 -32.05 -197.08
CA GLU X 117 54.81 -33.44 -197.10
C GLU X 117 54.20 -33.92 -195.76
N LYS X 118 54.66 -33.48 -194.59
CA LYS X 118 54.10 -33.94 -193.33
C LYS X 118 52.73 -33.39 -193.07
N MET X 119 52.46 -32.10 -193.24
CA MET X 119 51.12 -31.59 -193.04
C MET X 119 50.12 -32.12 -194.06
N THR X 120 50.62 -32.67 -195.16
CA THR X 120 49.76 -33.28 -196.14
C THR X 120 49.41 -34.66 -195.63
N GLN X 121 50.41 -35.37 -195.12
CA GLN X 121 50.23 -36.66 -194.46
C GLN X 121 49.19 -36.50 -193.37
N ILE X 122 49.21 -35.47 -192.51
CA ILE X 122 48.25 -35.29 -191.44
C ILE X 122 46.92 -34.79 -191.95
N MET X 123 46.88 -33.96 -192.99
CA MET X 123 45.61 -33.49 -193.48
C MET X 123 44.85 -34.67 -194.06
N PHE X 124 45.43 -35.39 -195.00
CA PHE X 124 44.75 -36.52 -195.62
C PHE X 124 44.63 -37.74 -194.75
N GLU X 125 45.69 -38.12 -194.02
CA GLU X 125 45.60 -39.34 -193.23
C GLU X 125 45.02 -39.20 -191.84
N THR X 126 45.04 -38.08 -191.09
CA THR X 126 44.35 -38.10 -189.81
C THR X 126 43.09 -37.26 -189.90
N PHE X 127 42.93 -36.25 -190.78
CA PHE X 127 41.67 -35.49 -190.84
C PHE X 127 40.71 -35.88 -191.96
N ASN X 128 41.28 -36.61 -192.94
CA ASN X 128 40.56 -37.20 -194.05
C ASN X 128 39.82 -36.12 -194.83
N VAL X 129 40.52 -35.03 -195.18
CA VAL X 129 39.87 -33.97 -195.95
C VAL X 129 39.73 -34.45 -197.42
N PRO X 130 38.73 -34.05 -198.25
CA PRO X 130 38.63 -34.51 -199.63
C PRO X 130 39.83 -34.16 -200.50
N ALA X 131 40.26 -32.91 -200.34
CA ALA X 131 41.38 -32.34 -201.09
C ALA X 131 41.97 -31.17 -200.31
N MET X 132 43.23 -30.86 -200.58
CA MET X 132 43.91 -29.77 -199.94
C MET X 132 44.94 -29.14 -200.85
N TYR X 133 45.69 -28.12 -200.37
CA TYR X 133 46.57 -27.32 -201.21
C TYR X 133 47.36 -26.49 -200.24
N VAL X 134 48.65 -26.28 -200.43
CA VAL X 134 49.44 -25.46 -199.52
C VAL X 134 49.93 -24.23 -200.32
N ALA X 135 49.48 -22.99 -200.07
CA ALA X 135 50.04 -21.81 -200.76
C ALA X 135 51.17 -21.12 -199.98
N ILE X 136 52.13 -20.41 -200.56
CA ILE X 136 53.19 -19.78 -199.77
C ILE X 136 52.61 -18.47 -199.35
N GLN X 137 52.89 -18.03 -198.13
CA GLN X 137 52.22 -16.86 -197.60
C GLN X 137 52.43 -15.58 -198.37
N ALA X 138 53.66 -15.07 -198.57
CA ALA X 138 53.87 -13.87 -199.39
C ALA X 138 53.19 -13.85 -200.78
N VAL X 139 53.12 -15.06 -201.33
CA VAL X 139 52.51 -15.22 -202.62
C VAL X 139 51.01 -14.94 -202.52
N LEU X 140 50.30 -15.34 -201.45
CA LEU X 140 48.88 -15.01 -201.31
C LEU X 140 48.68 -13.55 -200.98
N SER X 141 49.63 -12.96 -200.26
CA SER X 141 49.49 -11.56 -199.97
C SER X 141 49.55 -10.75 -201.23
N LEU X 142 50.50 -11.04 -202.13
CA LEU X 142 50.67 -10.29 -203.37
C LEU X 142 49.47 -10.28 -204.30
N TYR X 143 49.01 -11.52 -204.40
CA TYR X 143 47.89 -11.84 -205.25
C TYR X 143 46.60 -11.19 -204.77
N ALA X 144 46.41 -11.13 -203.47
CA ALA X 144 45.29 -10.42 -202.89
C ALA X 144 45.39 -8.92 -203.18
N SER X 145 46.56 -8.38 -203.59
CA SER X 145 46.64 -6.97 -203.96
C SER X 145 46.54 -6.83 -205.47
N GLY X 146 45.95 -7.85 -206.10
CA GLY X 146 45.75 -7.92 -207.52
C GLY X 146 46.94 -8.49 -208.26
N ARG X 147 48.19 -8.11 -207.98
CA ARG X 147 49.30 -8.50 -208.85
C ARG X 147 50.02 -9.85 -208.74
N THR X 148 50.97 -10.07 -209.66
CA THR X 148 51.72 -11.30 -209.74
C THR X 148 53.23 -11.20 -209.67
N THR X 149 53.73 -9.99 -209.82
CA THR X 149 55.13 -9.70 -209.66
C THR X 149 55.09 -8.49 -208.74
N GLY X 150 56.00 -8.61 -207.78
CA GLY X 150 56.25 -7.63 -206.76
C GLY X 150 57.14 -8.23 -205.70
N ILE X 151 57.44 -7.52 -204.62
CA ILE X 151 58.22 -8.10 -203.54
C ILE X 151 57.38 -7.82 -202.29
N VAL X 152 57.09 -8.84 -201.49
CA VAL X 152 56.30 -8.66 -200.28
C VAL X 152 57.21 -8.52 -199.04
N LEU X 153 57.01 -7.48 -198.22
CA LEU X 153 57.67 -7.43 -196.95
C LEU X 153 56.58 -7.98 -196.06
N ASP X 154 56.82 -9.18 -195.52
CA ASP X 154 55.81 -9.82 -194.70
C ASP X 154 56.30 -9.90 -193.28
N SER X 155 55.50 -9.44 -192.30
CA SER X 155 55.89 -9.27 -190.89
C SER X 155 54.77 -9.49 -189.89
N GLY X 156 54.89 -10.56 -189.12
CA GLY X 156 53.81 -10.87 -188.23
C GLY X 156 54.21 -10.92 -186.79
N ASP X 157 54.01 -12.08 -186.21
CA ASP X 157 54.35 -12.19 -184.81
C ASP X 157 55.71 -12.75 -184.51
N GLY X 158 56.24 -13.80 -185.12
CA GLY X 158 57.58 -14.29 -184.84
C GLY X 158 58.56 -14.01 -186.01
N VAL X 159 58.20 -13.85 -187.31
CA VAL X 159 59.13 -13.62 -188.42
C VAL X 159 58.79 -12.45 -189.31
N THR X 160 59.86 -11.89 -189.93
CA THR X 160 59.78 -10.93 -191.04
C THR X 160 60.46 -11.55 -192.26
N HIS X 161 59.95 -11.25 -193.44
CA HIS X 161 60.44 -11.87 -194.66
C HIS X 161 60.34 -10.85 -195.73
N ASN X 162 61.11 -11.12 -196.77
CA ASN X 162 61.03 -10.38 -198.05
C ASN X 162 60.90 -11.43 -199.11
N VAL X 163 59.81 -11.52 -199.86
CA VAL X 163 59.75 -12.62 -200.82
C VAL X 163 59.48 -12.00 -202.15
N PRO X 164 60.51 -11.92 -203.02
CA PRO X 164 60.41 -11.38 -204.36
C PRO X 164 59.66 -12.44 -205.16
N ILE X 165 58.55 -12.07 -205.85
CA ILE X 165 57.78 -13.02 -206.66
C ILE X 165 57.68 -12.55 -208.10
N TYR X 166 57.94 -13.42 -209.07
CA TYR X 166 57.88 -13.05 -210.48
C TYR X 166 56.92 -13.95 -211.23
N GLU X 167 55.85 -13.37 -211.78
CA GLU X 167 54.79 -14.10 -212.45
C GLU X 167 54.33 -15.36 -211.73
N GLY X 168 54.38 -15.17 -210.41
CA GLY X 168 53.84 -16.09 -209.45
C GLY X 168 54.82 -16.95 -208.74
N TYR X 169 56.02 -17.11 -209.27
CA TYR X 169 57.02 -17.98 -208.66
C TYR X 169 57.89 -17.18 -207.72
N ALA X 170 57.77 -17.48 -206.41
CA ALA X 170 58.57 -16.86 -205.36
C ALA X 170 60.01 -17.24 -205.61
N LEU X 171 60.93 -16.29 -205.50
CA LEU X 171 62.31 -16.50 -205.91
C LEU X 171 63.21 -16.96 -204.76
N PRO X 172 63.35 -18.27 -204.56
CA PRO X 172 64.10 -18.85 -203.45
C PRO X 172 65.40 -18.22 -202.97
N HIS X 173 66.26 -17.93 -203.92
CA HIS X 173 67.56 -17.34 -203.59
C HIS X 173 67.48 -15.84 -203.31
N ALA X 174 66.36 -15.18 -203.25
CA ALA X 174 66.41 -13.74 -203.02
C ALA X 174 65.64 -13.37 -201.78
N ILE X 175 64.91 -14.38 -201.22
CA ILE X 175 64.13 -14.33 -199.97
C ILE X 175 65.02 -14.06 -198.75
N MET X 176 64.62 -13.15 -197.84
CA MET X 176 65.38 -12.80 -196.64
C MET X 176 64.42 -12.92 -195.48
N ARG X 177 64.97 -13.43 -194.42
CA ARG X 177 64.24 -13.63 -193.19
C ARG X 177 64.94 -12.89 -192.06
N LEU X 178 64.16 -12.13 -191.32
CA LEU X 178 64.67 -11.36 -190.20
C LEU X 178 63.81 -11.80 -189.04
N ASP X 179 64.38 -12.54 -188.07
CA ASP X 179 63.66 -12.96 -186.87
C ASP X 179 63.45 -11.85 -185.81
N LEU X 180 62.73 -10.77 -186.15
CA LEU X 180 62.34 -9.74 -185.18
C LEU X 180 61.01 -9.29 -185.70
N ALA X 181 59.97 -9.42 -184.88
CA ALA X 181 58.63 -9.08 -185.31
C ALA X 181 57.80 -8.48 -184.18
N GLY X 182 56.46 -8.54 -184.24
CA GLY X 182 55.57 -7.90 -183.27
C GLY X 182 55.70 -8.35 -181.83
N ARG X 183 56.13 -9.59 -181.62
CA ARG X 183 56.36 -10.24 -180.33
C ARG X 183 57.55 -9.55 -179.68
N ASP X 184 58.69 -9.48 -180.40
CA ASP X 184 59.90 -8.79 -180.00
C ASP X 184 59.58 -7.34 -179.68
N LEU X 185 58.76 -6.73 -180.54
CA LEU X 185 58.33 -5.33 -180.45
C LEU X 185 57.46 -4.93 -179.25
N THR X 186 56.66 -5.88 -178.75
CA THR X 186 55.84 -5.65 -177.57
C THR X 186 56.76 -5.70 -176.35
N ASP X 187 57.81 -6.55 -176.38
CA ASP X 187 58.65 -6.69 -175.22
C ASP X 187 59.62 -5.55 -175.10
N TYR X 188 59.94 -4.91 -176.22
CA TYR X 188 60.81 -3.76 -176.18
C TYR X 188 59.98 -2.58 -175.69
N LEU X 189 58.73 -2.43 -176.09
CA LEU X 189 57.92 -1.31 -175.62
C LEU X 189 57.83 -1.38 -174.13
N MET X 190 57.59 -2.60 -173.67
CA MET X 190 57.48 -2.97 -172.27
C MET X 190 58.59 -2.35 -171.43
N LYS X 191 59.84 -2.62 -171.85
CA LYS X 191 60.97 -2.06 -171.19
C LYS X 191 60.96 -0.58 -171.43
N ILE X 192 60.87 0.08 -172.60
CA ILE X 192 60.90 1.55 -172.63
C ILE X 192 59.78 2.27 -171.89
N LEU X 193 58.76 1.51 -171.51
CA LEU X 193 57.63 2.04 -170.78
C LEU X 193 57.85 1.82 -169.29
N THR X 194 58.50 0.74 -168.84
CA THR X 194 58.85 0.61 -167.42
C THR X 194 59.96 1.60 -167.10
N GLU X 195 60.82 1.77 -168.11
CA GLU X 195 61.94 2.70 -168.14
C GLU X 195 61.42 4.13 -168.13
N ARG X 196 60.19 4.42 -168.59
CA ARG X 196 59.55 5.73 -168.46
C ARG X 196 59.10 5.95 -167.00
N GLY X 197 59.34 4.95 -166.13
CA GLY X 197 59.04 5.01 -164.71
C GLY X 197 57.71 4.33 -164.48
N TYR X 198 57.56 3.03 -164.83
CA TYR X 198 56.29 2.33 -164.67
C TYR X 198 56.49 0.88 -164.27
N SER X 199 55.32 0.26 -164.02
CA SER X 199 55.29 -1.14 -163.62
C SER X 199 54.09 -1.93 -164.14
N PHE X 200 54.51 -2.92 -164.91
CA PHE X 200 53.58 -3.87 -165.49
C PHE X 200 53.99 -5.11 -164.70
N VAL X 201 53.19 -5.09 -163.64
CA VAL X 201 53.43 -6.02 -162.58
C VAL X 201 52.53 -7.23 -162.67
N THR X 202 51.19 -7.10 -162.53
CA THR X 202 50.30 -8.27 -162.66
C THR X 202 50.10 -8.62 -164.11
N THR X 203 49.49 -9.79 -164.41
CA THR X 203 49.31 -10.24 -165.79
C THR X 203 48.31 -9.37 -166.55
N ALA X 204 47.45 -8.64 -165.84
CA ALA X 204 46.56 -7.65 -166.45
C ALA X 204 47.25 -6.34 -166.83
N GLU X 205 48.51 -6.21 -166.45
CA GLU X 205 49.33 -5.09 -166.80
C GLU X 205 50.15 -5.56 -167.99
N ARG X 206 50.81 -6.73 -167.90
CA ARG X 206 51.55 -7.31 -169.04
C ARG X 206 50.81 -7.27 -170.40
N GLU X 207 49.62 -7.88 -170.46
CA GLU X 207 48.87 -8.09 -171.69
C GLU X 207 48.52 -6.83 -172.45
N ILE X 208 48.13 -5.81 -171.70
CA ILE X 208 47.72 -4.55 -172.27
C ILE X 208 48.85 -3.68 -172.83
N VAL X 209 50.15 -3.98 -172.59
CA VAL X 209 51.25 -3.23 -173.20
C VAL X 209 51.17 -3.50 -174.70
N ARG X 210 50.73 -4.70 -175.05
CA ARG X 210 50.52 -5.10 -176.41
C ARG X 210 49.37 -4.30 -177.03
N ASP X 211 48.32 -3.96 -176.29
CA ASP X 211 47.20 -3.17 -176.79
C ASP X 211 47.55 -1.70 -176.88
N ILE X 212 48.57 -1.29 -176.11
CA ILE X 212 49.13 0.07 -176.21
C ILE X 212 49.89 0.13 -177.53
N LYS X 213 50.85 -0.79 -177.78
CA LYS X 213 51.60 -0.94 -179.03
C LYS X 213 50.68 -0.87 -180.22
N GLU X 214 49.62 -1.68 -180.27
CA GLU X 214 48.70 -1.67 -181.41
C GLU X 214 47.99 -0.32 -181.55
N LYS X 215 47.31 0.23 -180.53
CA LYS X 215 46.54 1.48 -180.64
C LYS X 215 47.28 2.81 -180.82
N LEU X 216 48.31 3.01 -179.99
CA LEU X 216 49.05 4.25 -179.96
C LEU X 216 50.34 4.27 -180.70
N CYS X 217 51.01 3.16 -181.05
CA CYS X 217 52.26 3.24 -181.81
C CYS X 217 52.21 3.61 -183.28
N TYR X 218 53.31 4.35 -183.56
CA TYR X 218 53.55 5.09 -184.80
C TYR X 218 54.89 4.80 -185.43
N VAL X 219 55.02 4.97 -186.75
CA VAL X 219 56.33 4.94 -187.39
C VAL X 219 56.40 6.29 -188.02
N ALA X 220 57.22 7.06 -187.35
CA ALA X 220 57.49 8.36 -187.86
C ALA X 220 58.56 8.31 -188.95
N LEU X 221 58.26 9.22 -189.87
CA LEU X 221 59.17 9.60 -190.93
C LEU X 221 59.90 10.78 -190.30
N ASP X 222 61.21 10.70 -190.49
CA ASP X 222 62.18 11.60 -189.85
C ASP X 222 62.02 11.49 -188.34
N PHE X 223 62.47 10.29 -187.95
CA PHE X 223 62.46 9.79 -186.58
C PHE X 223 63.49 10.55 -185.76
N GLU X 224 64.38 11.21 -186.52
CA GLU X 224 65.46 12.11 -186.10
C GLU X 224 64.92 13.36 -185.36
N ASN X 225 64.24 14.17 -186.16
CA ASN X 225 63.61 15.39 -185.69
C ASN X 225 62.19 15.09 -185.29
N GLU X 226 62.02 13.99 -184.57
CA GLU X 226 60.76 13.60 -183.95
C GLU X 226 61.02 13.42 -182.44
N MET X 227 62.25 12.94 -182.17
CA MET X 227 62.84 12.92 -180.84
C MET X 227 63.06 14.38 -180.47
N ALA X 228 63.68 15.17 -181.38
CA ALA X 228 63.87 16.62 -181.21
C ALA X 228 62.56 17.33 -180.89
N THR X 229 61.50 16.96 -181.63
CA THR X 229 60.16 17.44 -181.38
C THR X 229 59.66 17.07 -179.98
N ALA X 230 59.97 15.82 -179.56
CA ALA X 230 59.54 15.27 -178.28
C ALA X 230 59.94 16.15 -177.12
N ALA X 231 61.20 16.64 -177.23
CA ALA X 231 61.88 17.53 -176.27
C ALA X 231 61.30 18.94 -176.06
N SER X 232 60.95 19.63 -177.17
CA SER X 232 60.25 20.91 -177.13
C SER X 232 58.89 20.75 -176.44
N SER X 233 58.42 19.47 -176.44
CA SER X 233 57.17 18.96 -175.89
C SER X 233 55.95 19.77 -176.27
N SER X 234 55.58 19.16 -177.39
CA SER X 234 54.37 19.51 -178.10
C SER X 234 53.28 18.63 -177.49
N SER X 235 52.09 18.81 -178.09
CA SER X 235 50.96 17.98 -177.76
C SER X 235 51.09 16.71 -178.63
N LEU X 236 52.30 16.05 -178.54
CA LEU X 236 52.62 14.79 -179.20
C LEU X 236 52.28 13.63 -178.25
N GLU X 237 52.35 13.86 -176.92
CA GLU X 237 52.04 12.88 -175.86
C GLU X 237 50.68 12.14 -175.96
N LYS X 238 50.58 10.94 -175.39
CA LYS X 238 49.31 10.22 -175.46
C LYS X 238 49.06 9.30 -174.27
N SER X 239 48.08 9.68 -173.46
CA SER X 239 47.69 8.88 -172.32
C SER X 239 46.52 7.93 -172.57
N TYR X 240 46.80 6.68 -172.16
CA TYR X 240 45.92 5.53 -172.25
C TYR X 240 45.39 5.22 -170.86
N GLU X 241 44.09 4.94 -170.66
CA GLU X 241 43.57 4.52 -169.35
C GLU X 241 43.59 3.00 -169.22
N LEU X 242 44.28 2.51 -168.18
CA LEU X 242 44.51 1.09 -167.94
C LEU X 242 43.26 0.23 -167.64
N PRO X 243 43.21 -1.09 -167.22
CA PRO X 243 41.96 -1.83 -166.93
C PRO X 243 41.05 -1.09 -165.91
N ASP X 244 41.77 -0.41 -165.00
CA ASP X 244 41.25 0.52 -163.99
C ASP X 244 41.54 2.00 -164.42
N GLY X 245 41.53 2.97 -163.47
CA GLY X 245 41.75 4.40 -163.72
C GLY X 245 43.15 4.75 -164.19
N GLN X 246 44.16 4.24 -163.45
CA GLN X 246 45.60 4.40 -163.70
C GLN X 246 46.04 4.81 -165.12
N VAL X 247 45.79 6.09 -165.35
CA VAL X 247 46.11 6.71 -166.63
C VAL X 247 47.62 6.82 -166.83
N ILE X 248 48.04 6.00 -167.76
CA ILE X 248 49.44 5.96 -168.11
C ILE X 248 49.69 6.88 -169.29
N THR X 249 50.80 7.63 -169.30
CA THR X 249 51.12 8.49 -170.42
C THR X 249 52.37 7.99 -171.19
N ILE X 250 52.22 8.11 -172.52
CA ILE X 250 53.18 7.66 -173.49
C ILE X 250 53.21 8.79 -174.48
N GLY X 251 54.31 9.49 -174.48
CA GLY X 251 54.43 10.57 -175.42
C GLY X 251 55.18 10.13 -176.63
N ASN X 252 56.45 10.01 -176.24
CA ASN X 252 57.61 9.84 -177.09
C ASN X 252 57.81 8.36 -177.55
N GLU X 253 58.08 7.38 -176.65
CA GLU X 253 58.25 5.91 -176.90
C GLU X 253 57.32 5.21 -177.89
N ARG X 254 56.17 5.85 -177.95
CA ARG X 254 55.14 5.64 -178.96
C ARG X 254 55.71 5.29 -180.37
N PHE X 255 56.80 5.97 -180.80
CA PHE X 255 57.47 5.73 -182.09
C PHE X 255 58.87 5.12 -181.92
N ARG X 256 59.42 5.12 -180.71
CA ARG X 256 60.71 4.52 -180.45
C ARG X 256 60.63 3.00 -180.64
N CYS X 257 59.41 2.48 -180.47
CA CYS X 257 59.11 1.05 -180.63
C CYS X 257 59.18 0.64 -182.12
N PRO X 258 58.45 1.18 -183.13
CA PRO X 258 58.61 0.80 -184.53
C PRO X 258 59.95 1.30 -185.11
N GLU X 259 60.66 2.34 -184.60
CA GLU X 259 62.02 2.69 -185.06
C GLU X 259 62.85 1.40 -184.80
N THR X 260 62.44 0.41 -183.98
CA THR X 260 63.20 -0.81 -183.81
C THR X 260 63.24 -1.58 -185.13
N LEU X 261 62.14 -1.63 -185.87
CA LEU X 261 62.14 -2.28 -187.19
C LEU X 261 63.16 -1.73 -188.22
N PHE X 262 63.60 -0.44 -188.14
CA PHE X 262 64.63 0.12 -189.03
C PHE X 262 66.01 0.06 -188.40
N GLN X 263 66.05 0.09 -187.06
CA GLN X 263 67.25 -0.01 -186.27
C GLN X 263 67.10 -1.19 -185.31
N PRO X 264 67.62 -2.38 -185.64
CA PRO X 264 67.58 -3.58 -184.82
C PRO X 264 68.55 -3.41 -183.64
N SER X 265 69.47 -2.44 -183.78
CA SER X 265 70.47 -2.04 -182.75
C SER X 265 69.86 -1.54 -181.41
N PHE X 266 68.59 -1.11 -181.48
CA PHE X 266 67.76 -0.74 -180.34
C PHE X 266 67.51 -1.91 -179.43
N ILE X 267 67.67 -3.11 -179.99
CA ILE X 267 67.42 -4.32 -179.25
C ILE X 267 68.57 -5.31 -179.29
N GLY X 268 69.80 -4.82 -179.43
CA GLY X 268 70.92 -5.73 -179.42
C GLY X 268 70.91 -6.70 -180.59
N MET X 269 70.20 -6.30 -181.65
CA MET X 269 70.30 -7.07 -182.88
C MET X 269 71.32 -6.40 -183.80
N GLU X 270 72.22 -7.25 -184.32
CA GLU X 270 73.25 -6.84 -185.29
C GLU X 270 72.86 -6.96 -186.77
N SER X 271 71.72 -7.60 -187.05
CA SER X 271 71.14 -7.75 -188.38
C SER X 271 70.77 -6.37 -188.94
N ALA X 272 70.64 -6.36 -190.28
CA ALA X 272 70.20 -5.16 -190.98
C ALA X 272 68.70 -4.91 -190.77
N GLY X 273 68.13 -3.77 -191.18
CA GLY X 273 66.72 -3.53 -190.92
C GLY X 273 65.84 -3.61 -192.16
N ILE X 274 64.53 -3.77 -191.93
CA ILE X 274 63.47 -3.84 -192.94
C ILE X 274 63.74 -3.22 -194.32
N HIS X 275 64.11 -1.94 -194.37
CA HIS X 275 64.31 -1.21 -195.63
C HIS X 275 65.56 -1.59 -196.39
N GLU X 276 66.63 -1.87 -195.66
CA GLU X 276 67.86 -2.30 -196.25
C GLU X 276 67.67 -3.68 -196.76
N THR X 277 66.90 -4.46 -196.03
CA THR X 277 66.66 -5.83 -196.39
C THR X 277 65.77 -5.88 -197.60
N THR X 278 64.76 -5.01 -197.75
CA THR X 278 63.93 -4.91 -198.96
C THR X 278 64.81 -4.77 -200.21
N TYR X 279 65.77 -3.86 -200.00
CA TYR X 279 66.72 -3.49 -200.98
C TYR X 279 67.63 -4.63 -201.25
N ASN X 280 68.21 -5.28 -200.25
CA ASN X 280 69.22 -6.29 -200.55
C ASN X 280 68.64 -7.46 -201.31
N SER X 281 67.35 -7.76 -201.04
CA SER X 281 66.60 -8.82 -201.68
C SER X 281 66.62 -8.51 -203.16
N ILE X 282 66.35 -7.21 -203.38
CA ILE X 282 66.24 -6.65 -204.72
C ILE X 282 67.59 -6.65 -205.37
N MET X 283 68.74 -6.23 -204.81
CA MET X 283 69.97 -6.36 -205.60
C MET X 283 70.54 -7.80 -205.65
N LYS X 284 69.75 -8.81 -205.18
CA LYS X 284 70.03 -10.26 -205.31
C LYS X 284 69.23 -10.93 -206.42
N CYS X 285 68.31 -10.18 -207.04
CA CYS X 285 67.45 -10.65 -208.11
C CYS X 285 67.98 -10.31 -209.48
N ASP X 286 67.40 -10.87 -210.55
CA ASP X 286 67.82 -10.50 -211.89
C ASP X 286 67.51 -9.02 -212.04
N ILE X 287 68.43 -8.44 -212.82
CA ILE X 287 68.56 -7.02 -213.23
C ILE X 287 67.39 -6.38 -213.99
N ASP X 288 66.91 -7.19 -214.94
CA ASP X 288 65.79 -6.84 -215.76
C ASP X 288 64.54 -6.85 -214.89
N ILE X 289 64.44 -7.63 -213.78
CA ILE X 289 63.20 -7.63 -212.99
C ILE X 289 63.23 -6.60 -211.89
N ARG X 290 64.37 -5.98 -211.59
CA ARG X 290 64.43 -5.02 -210.52
C ARG X 290 63.54 -3.80 -210.80
N LYS X 291 63.15 -3.29 -211.99
CA LYS X 291 62.23 -2.15 -211.95
C LYS X 291 60.85 -2.55 -211.44
N ASP X 292 60.47 -3.83 -211.68
CA ASP X 292 59.16 -4.36 -211.33
C ASP X 292 59.00 -4.47 -209.83
N LEU X 293 59.94 -5.16 -209.20
CA LEU X 293 59.96 -5.27 -207.77
C LEU X 293 59.92 -3.91 -207.09
N TYR X 294 60.65 -2.91 -207.62
CA TYR X 294 60.65 -1.59 -206.98
C TYR X 294 59.34 -0.87 -207.04
N ALA X 295 58.57 -1.06 -208.08
CA ALA X 295 57.29 -0.37 -208.13
C ALA X 295 56.19 -1.21 -207.48
N ASN X 296 56.56 -2.30 -206.77
CA ASN X 296 55.58 -3.19 -206.21
C ASN X 296 56.01 -3.84 -204.93
N ASN X 297 56.21 -2.99 -203.94
CA ASN X 297 56.58 -3.39 -202.59
C ASN X 297 55.26 -3.53 -201.88
N VAL X 298 54.77 -4.74 -201.73
CA VAL X 298 53.49 -4.95 -201.11
C VAL X 298 53.85 -5.31 -199.70
N MET X 299 53.09 -4.69 -198.80
CA MET X 299 53.24 -4.98 -197.39
C MET X 299 52.11 -5.84 -196.83
N SER X 300 52.47 -6.84 -196.03
CA SER X 300 51.43 -7.55 -195.33
C SER X 300 51.93 -7.97 -193.96
N GLY X 301 50.97 -8.22 -193.05
CA GLY X 301 51.29 -8.68 -191.71
C GLY X 301 50.92 -7.68 -190.60
N GLY X 302 50.54 -8.22 -189.43
CA GLY X 302 50.13 -7.42 -188.30
C GLY X 302 51.15 -6.34 -187.95
N THR X 303 52.44 -6.63 -187.95
CA THR X 303 53.41 -5.67 -187.54
C THR X 303 53.65 -4.60 -188.60
N THR X 304 53.14 -4.68 -189.83
CA THR X 304 53.34 -3.61 -190.83
C THR X 304 52.19 -2.61 -190.80
N MET X 305 51.34 -2.72 -189.77
CA MET X 305 50.16 -1.87 -189.64
C MET X 305 50.44 -0.55 -188.93
N TYR X 306 51.57 -0.39 -188.22
CA TYR X 306 51.97 0.85 -187.55
C TYR X 306 51.79 2.02 -188.50
N PRO X 307 50.90 3.02 -188.35
CA PRO X 307 50.78 4.14 -189.28
C PRO X 307 52.13 4.78 -189.65
N GLY X 308 52.27 5.22 -190.92
CA GLY X 308 53.45 5.92 -191.42
C GLY X 308 54.63 5.03 -191.70
N ILE X 309 54.31 3.74 -191.79
CA ILE X 309 55.30 2.69 -192.06
C ILE X 309 55.68 2.70 -193.51
N ALA X 310 54.65 2.98 -194.31
CA ALA X 310 54.72 3.03 -195.75
C ALA X 310 55.51 4.26 -196.14
N ASP X 311 55.22 5.48 -195.59
CA ASP X 311 55.96 6.73 -195.92
C ASP X 311 57.45 6.61 -195.57
N ARG X 312 57.76 6.09 -194.39
CA ARG X 312 59.14 5.85 -193.98
C ARG X 312 59.75 4.88 -194.98
N MET X 313 59.10 3.77 -195.37
CA MET X 313 59.69 2.81 -196.31
C MET X 313 59.89 3.35 -197.70
N GLN X 314 58.97 4.25 -198.07
CA GLN X 314 58.91 4.95 -199.34
C GLN X 314 60.17 5.74 -199.53
N LYS X 315 60.46 6.53 -198.50
CA LYS X 315 61.64 7.34 -198.48
C LYS X 315 62.90 6.59 -198.11
N GLU X 316 62.72 5.46 -197.45
CA GLU X 316 63.88 4.69 -197.09
C GLU X 316 64.48 4.03 -198.33
N ILE X 317 63.63 3.47 -199.21
CA ILE X 317 64.22 2.83 -200.37
C ILE X 317 64.39 3.81 -201.52
N THR X 318 63.68 4.93 -201.68
CA THR X 318 63.96 5.89 -202.76
C THR X 318 65.42 6.32 -202.70
N ALA X 319 65.78 6.68 -201.47
CA ALA X 319 67.13 7.10 -201.18
C ALA X 319 68.20 6.00 -201.13
N LEU X 320 67.89 4.76 -201.53
CA LEU X 320 68.92 3.72 -201.69
C LEU X 320 68.93 3.19 -203.12
N ALA X 321 67.79 3.38 -203.77
CA ALA X 321 67.57 2.96 -205.15
C ALA X 321 68.12 3.96 -206.17
N PRO X 322 68.58 3.53 -207.36
CA PRO X 322 69.10 4.42 -208.41
C PRO X 322 68.02 5.43 -208.84
N SER X 323 68.21 6.76 -208.90
CA SER X 323 67.12 7.73 -209.21
C SER X 323 66.25 7.58 -210.46
N THR X 324 66.78 6.76 -211.37
CA THR X 324 66.10 6.39 -212.61
C THR X 324 64.90 5.47 -212.31
N MET X 325 64.76 5.06 -211.04
CA MET X 325 63.78 4.09 -210.63
C MET X 325 62.54 4.69 -210.04
N LYS X 326 61.47 3.94 -210.25
CA LYS X 326 60.20 4.25 -209.65
C LYS X 326 60.06 3.31 -208.43
N ILE X 327 59.83 3.94 -207.28
CA ILE X 327 59.61 3.25 -206.02
C ILE X 327 58.09 3.19 -205.85
N LYS X 328 57.50 2.14 -205.26
CA LYS X 328 56.08 2.17 -204.92
C LYS X 328 55.73 1.13 -203.86
N ILE X 329 55.42 1.69 -202.68
CA ILE X 329 55.11 0.92 -201.47
C ILE X 329 53.60 0.80 -201.26
N ILE X 330 53.04 -0.35 -201.64
CA ILE X 330 51.63 -0.63 -201.46
C ILE X 330 51.48 -1.27 -200.07
N ALA X 331 50.58 -0.66 -199.28
CA ALA X 331 50.21 -1.09 -197.95
C ALA X 331 48.70 -1.01 -197.84
N PRO X 332 47.91 -2.03 -198.15
CA PRO X 332 46.46 -1.97 -198.04
C PRO X 332 45.99 -1.97 -196.58
N PRO X 333 44.73 -1.55 -196.33
CA PRO X 333 44.15 -1.47 -195.00
C PRO X 333 43.87 -2.82 -194.38
N GLU X 334 43.43 -3.80 -195.18
CA GLU X 334 43.15 -5.07 -194.59
C GLU X 334 44.44 -5.83 -194.39
N ARG X 335 45.65 -5.30 -194.63
CA ARG X 335 46.90 -6.08 -194.54
C ARG X 335 47.17 -7.08 -193.40
N LYS X 336 46.59 -6.92 -192.22
CA LYS X 336 46.74 -7.95 -191.19
C LYS X 336 46.06 -9.25 -191.65
N TYR X 337 45.19 -9.30 -192.67
CA TYR X 337 44.67 -10.54 -193.27
C TYR X 337 44.99 -10.70 -194.78
N SER X 338 45.99 -10.04 -195.40
CA SER X 338 46.27 -10.16 -196.84
C SER X 338 46.42 -11.58 -197.30
N VAL X 339 47.30 -12.27 -196.58
CA VAL X 339 47.59 -13.67 -196.76
C VAL X 339 46.29 -14.44 -196.84
N TRP X 340 45.38 -14.25 -195.87
CA TRP X 340 44.18 -15.05 -195.79
C TRP X 340 43.24 -14.74 -196.94
N ILE X 341 43.15 -13.45 -197.26
CA ILE X 341 42.20 -12.96 -198.23
C ILE X 341 42.65 -13.47 -199.57
N GLY X 342 43.98 -13.49 -199.83
CA GLY X 342 44.56 -14.00 -201.07
C GLY X 342 44.20 -15.47 -201.25
N GLY X 343 44.10 -16.21 -200.14
CA GLY X 343 43.75 -17.60 -200.17
C GLY X 343 42.26 -17.76 -200.44
N SER X 344 41.43 -16.90 -199.85
CA SER X 344 40.00 -16.92 -200.03
C SER X 344 39.59 -16.71 -201.48
N ILE X 345 40.30 -15.76 -202.10
CA ILE X 345 40.09 -15.41 -203.49
C ILE X 345 40.45 -16.61 -204.35
N LEU X 346 41.71 -16.99 -204.24
CA LEU X 346 42.29 -18.06 -205.01
C LEU X 346 41.48 -19.35 -204.89
N ALA X 347 41.11 -19.72 -203.66
CA ALA X 347 40.46 -21.00 -203.47
C ALA X 347 39.02 -20.94 -203.89
N SER X 348 38.39 -19.76 -203.92
CA SER X 348 37.01 -19.72 -204.38
C SER X 348 36.96 -19.59 -205.91
N LEU X 349 38.10 -19.23 -206.50
CA LEU X 349 38.27 -19.13 -207.95
C LEU X 349 37.94 -20.38 -208.73
N SER X 350 37.35 -19.93 -209.83
CA SER X 350 36.87 -20.71 -210.96
C SER X 350 37.99 -21.57 -211.55
N THR X 351 39.25 -21.11 -211.62
CA THR X 351 40.32 -21.91 -212.20
C THR X 351 41.17 -22.77 -211.29
N PHE X 352 40.91 -22.68 -209.99
CA PHE X 352 41.77 -23.33 -209.02
C PHE X 352 41.46 -24.80 -208.78
N GLN X 353 40.27 -25.13 -209.25
CA GLN X 353 39.75 -26.46 -209.03
C GLN X 353 40.70 -27.51 -209.53
N GLN X 354 41.30 -27.28 -210.69
CA GLN X 354 42.27 -28.21 -211.24
C GLN X 354 43.64 -28.22 -210.54
N MET X 355 43.93 -27.40 -209.49
CA MET X 355 45.16 -27.60 -208.70
C MET X 355 44.96 -28.23 -207.31
N TRP X 356 43.71 -28.40 -206.84
CA TRP X 356 43.45 -29.11 -205.58
C TRP X 356 44.08 -30.49 -205.48
N ILE X 357 44.95 -30.87 -204.50
CA ILE X 357 45.43 -32.26 -204.42
C ILE X 357 44.32 -33.14 -203.82
N THR X 358 43.78 -34.10 -204.59
CA THR X 358 42.69 -34.92 -204.09
C THR X 358 43.23 -36.19 -203.46
N LYS X 359 42.46 -36.80 -202.54
CA LYS X 359 42.80 -38.12 -202.00
C LYS X 359 43.14 -39.15 -203.07
N GLN X 360 42.59 -39.00 -204.30
CA GLN X 360 42.89 -39.85 -205.44
C GLN X 360 44.37 -39.58 -205.68
N GLU X 361 44.80 -38.34 -206.02
CA GLU X 361 46.23 -38.06 -206.18
C GLU X 361 47.11 -38.60 -205.04
N TYR X 362 46.69 -38.35 -203.80
CA TYR X 362 47.47 -38.78 -202.67
C TYR X 362 47.56 -40.29 -202.53
N ASP X 363 46.45 -41.01 -202.37
CA ASP X 363 46.47 -42.46 -202.17
C ASP X 363 47.27 -43.16 -203.27
N GLU X 364 47.34 -42.49 -204.42
CA GLU X 364 48.12 -43.00 -205.53
C GLU X 364 49.56 -42.50 -205.66
N ALA X 365 49.93 -41.27 -205.25
CA ALA X 365 51.29 -40.73 -205.45
C ALA X 365 52.24 -40.52 -204.23
N GLY X 366 51.65 -40.66 -203.03
CA GLY X 366 52.33 -40.42 -201.75
C GLY X 366 52.46 -38.92 -201.51
N PRO X 367 52.94 -38.43 -200.36
CA PRO X 367 52.95 -37.00 -199.99
C PRO X 367 53.69 -36.08 -200.97
N SER X 368 54.55 -36.77 -201.74
CA SER X 368 55.32 -36.21 -202.81
C SER X 368 54.45 -35.42 -203.77
N ILE X 369 53.25 -35.95 -204.09
CA ILE X 369 52.28 -35.32 -205.00
C ILE X 369 52.04 -33.83 -204.82
N VAL X 370 51.75 -33.39 -203.59
CA VAL X 370 51.44 -31.99 -203.30
C VAL X 370 52.71 -31.19 -203.09
N HIS X 371 53.79 -31.90 -202.76
CA HIS X 371 55.02 -31.23 -202.47
C HIS X 371 55.53 -30.36 -203.64
N ARG X 372 55.19 -30.75 -204.89
CA ARG X 372 55.58 -30.07 -206.13
C ARG X 372 57.12 -30.21 -206.23
N ASP Y 1 -98.31 5.23 128.54
CA ASP Y 1 -98.49 5.40 130.00
C ASP Y 1 -98.10 4.16 130.78
N GLU Y 2 -98.49 3.03 130.16
CA GLU Y 2 -98.20 1.66 130.56
C GLU Y 2 -96.93 1.55 131.40
N ASP Y 3 -95.91 2.17 130.81
CA ASP Y 3 -94.70 2.36 131.53
C ASP Y 3 -94.20 3.81 131.50
N GLU Y 4 -94.86 4.79 130.81
CA GLU Y 4 -94.45 6.21 130.82
C GLU Y 4 -94.48 6.74 132.25
N THR Y 5 -95.55 6.35 132.96
CA THR Y 5 -95.77 6.66 134.38
C THR Y 5 -94.97 5.81 135.36
N THR Y 6 -94.98 4.57 134.89
CA THR Y 6 -94.55 3.33 135.49
C THR Y 6 -93.05 3.08 135.64
N ALA Y 7 -92.13 3.80 134.97
CA ALA Y 7 -90.70 3.54 135.15
C ALA Y 7 -90.21 4.09 136.48
N LEU Y 8 -89.47 3.28 137.22
CA LEU Y 8 -88.94 3.67 138.53
C LEU Y 8 -87.47 4.06 138.38
N VAL Y 9 -86.91 4.93 139.22
CA VAL Y 9 -85.50 5.23 139.10
C VAL Y 9 -84.96 5.17 140.49
N CYS Y 10 -84.04 4.23 140.69
CA CYS Y 10 -83.49 4.03 141.99
C CYS Y 10 -82.00 4.22 141.94
N ASP Y 11 -81.51 5.28 142.60
CA ASP Y 11 -80.09 5.51 142.71
C ASP Y 11 -79.52 5.12 144.10
N ASN Y 12 -78.76 4.02 144.11
CA ASN Y 12 -78.22 3.42 145.31
C ASN Y 12 -76.90 4.06 145.65
N GLY Y 13 -76.81 4.66 146.84
CA GLY Y 13 -75.59 5.30 147.27
C GLY Y 13 -75.01 4.65 148.52
N SER Y 14 -73.84 5.19 148.81
CA SER Y 14 -73.13 4.79 149.99
C SER Y 14 -73.79 5.36 151.22
N GLY Y 15 -74.42 6.54 151.18
CA GLY Y 15 -75.03 7.15 152.35
C GLY Y 15 -76.51 7.19 152.18
N LEU Y 16 -77.02 7.64 151.02
CA LEU Y 16 -78.44 7.78 150.70
C LEU Y 16 -78.99 7.00 149.51
N VAL Y 17 -80.26 6.60 149.52
CA VAL Y 17 -80.91 6.04 148.35
C VAL Y 17 -81.69 7.21 147.80
N LYS Y 18 -81.80 7.43 146.49
CA LYS Y 18 -82.67 8.43 145.92
C LYS Y 18 -83.62 7.65 145.02
N ALA Y 19 -84.93 7.81 145.11
CA ALA Y 19 -85.86 6.97 144.37
C ALA Y 19 -87.11 7.74 143.98
N GLY Y 20 -87.93 7.20 143.10
CA GLY Y 20 -89.03 7.99 142.57
C GLY Y 20 -89.42 7.47 141.22
N PHE Y 21 -90.26 8.25 140.54
CA PHE Y 21 -90.79 7.84 139.24
C PHE Y 21 -90.16 8.64 138.14
N ALA Y 22 -89.79 7.96 137.04
CA ALA Y 22 -89.25 8.61 135.85
C ALA Y 22 -90.35 9.52 135.44
N GLY Y 23 -89.97 10.76 135.18
CA GLY Y 23 -90.97 11.76 134.93
C GLY Y 23 -90.80 12.83 135.98
N ASP Y 24 -90.77 12.52 137.27
CA ASP Y 24 -90.63 13.53 138.31
C ASP Y 24 -89.35 14.33 138.18
N ASP Y 25 -89.31 15.50 138.84
CA ASP Y 25 -88.17 16.42 138.72
C ASP Y 25 -87.05 16.19 139.74
N ALA Y 26 -87.46 15.48 140.81
CA ALA Y 26 -86.63 15.16 141.96
C ALA Y 26 -87.10 13.87 142.61
N PRO Y 27 -86.23 13.17 143.37
CA PRO Y 27 -86.59 11.92 144.04
C PRO Y 27 -87.76 12.00 145.02
N ARG Y 28 -88.68 11.08 144.85
CA ARG Y 28 -89.80 10.95 145.75
C ARG Y 28 -89.32 10.42 147.08
N ALA Y 29 -88.21 9.69 147.10
CA ALA Y 29 -87.74 9.07 148.31
C ALA Y 29 -86.25 9.18 148.46
N VAL Y 30 -85.82 9.67 149.63
CA VAL Y 30 -84.42 9.87 149.95
C VAL Y 30 -84.28 9.40 151.38
N PHE Y 31 -83.35 8.49 151.67
CA PHE Y 31 -83.23 7.94 153.01
C PHE Y 31 -81.95 7.22 153.23
N PRO Y 32 -81.40 7.07 154.45
CA PRO Y 32 -80.15 6.35 154.64
C PRO Y 32 -80.17 4.90 154.21
N SER Y 33 -78.97 4.55 153.80
CA SER Y 33 -78.64 3.28 153.23
C SER Y 33 -78.11 2.45 154.38
N ILE Y 34 -78.94 2.21 155.40
CA ILE Y 34 -78.61 1.34 156.51
C ILE Y 34 -79.61 0.24 156.72
N VAL Y 35 -79.27 -0.78 157.47
CA VAL Y 35 -80.11 -1.91 157.77
C VAL Y 35 -79.67 -2.19 159.19
N GLY Y 36 -80.60 -2.00 160.11
CA GLY Y 36 -80.35 -2.17 161.51
C GLY Y 36 -80.90 -3.49 161.93
N ARG Y 37 -80.14 -4.10 162.83
CA ARG Y 37 -80.45 -5.42 163.34
C ARG Y 37 -80.48 -5.29 164.89
N PRO Y 38 -81.61 -5.45 165.60
CA PRO Y 38 -81.67 -5.27 167.06
C PRO Y 38 -80.72 -6.10 167.90
N ARG Y 39 -79.92 -5.38 168.67
CA ARG Y 39 -79.05 -6.01 169.65
C ARG Y 39 -79.75 -6.76 170.76
N HIS Y 40 -81.09 -6.52 171.06
CA HIS Y 40 -81.78 -7.22 172.17
C HIS Y 40 -83.17 -7.65 171.90
N GLN Y 41 -83.74 -8.62 172.62
CA GLN Y 41 -85.11 -8.95 172.34
C GLN Y 41 -86.09 -8.08 173.10
N GLY Y 42 -87.13 -7.63 172.39
CA GLY Y 42 -88.11 -6.73 172.93
C GLY Y 42 -88.90 -6.05 171.84
N VAL Y 43 -89.85 -5.18 172.20
CA VAL Y 43 -90.71 -4.49 171.25
C VAL Y 43 -91.00 -3.00 171.51
N MET Y 44 -91.48 -2.28 170.49
CA MET Y 44 -91.97 -0.91 170.73
C MET Y 44 -93.42 -1.15 171.09
N VAL Y 45 -94.03 -0.21 171.80
CA VAL Y 45 -95.41 -0.28 172.18
C VAL Y 45 -96.35 -0.32 170.96
N GLY Y 46 -97.03 -1.44 170.80
CA GLY Y 46 -98.05 -1.56 169.79
C GLY Y 46 -97.53 -2.27 168.56
N MET Y 47 -96.23 -2.40 168.44
CA MET Y 47 -95.69 -3.15 167.34
C MET Y 47 -95.32 -4.55 167.78
N GLY Y 48 -95.06 -5.38 166.76
CA GLY Y 48 -94.52 -6.71 166.96
C GLY Y 48 -92.99 -6.66 166.89
N GLN Y 49 -92.42 -7.83 167.22
CA GLN Y 49 -91.00 -8.09 167.08
C GLN Y 49 -90.58 -7.89 165.63
N LYS Y 50 -89.53 -7.14 165.46
CA LYS Y 50 -89.09 -6.77 164.16
C LYS Y 50 -87.69 -7.33 164.14
N ASP Y 51 -87.46 -7.97 163.00
CA ASP Y 51 -86.17 -8.58 162.77
C ASP Y 51 -85.13 -7.60 162.25
N SER Y 52 -85.63 -6.52 161.66
CA SER Y 52 -84.75 -5.67 160.93
C SER Y 52 -85.31 -4.29 160.77
N TYR Y 53 -84.49 -3.31 160.52
CA TYR Y 53 -84.97 -1.96 160.38
C TYR Y 53 -84.23 -1.35 159.21
N VAL Y 54 -84.78 -0.42 158.42
CA VAL Y 54 -84.09 0.12 157.26
C VAL Y 54 -84.34 1.62 157.17
N GLY Y 55 -83.33 2.36 156.72
CA GLY Y 55 -83.45 3.78 156.46
C GLY Y 55 -83.51 4.56 157.73
N ASP Y 56 -84.49 5.44 157.81
CA ASP Y 56 -84.64 6.31 158.96
C ASP Y 56 -85.06 5.57 160.19
N GLU Y 57 -85.91 4.54 160.18
CA GLU Y 57 -86.17 3.84 161.42
C GLU Y 57 -84.93 3.16 161.99
N ALA Y 58 -83.95 2.82 161.16
CA ALA Y 58 -82.71 2.27 161.67
C ALA Y 58 -81.87 3.39 162.25
N GLN Y 59 -81.93 4.59 161.69
CA GLN Y 59 -81.12 5.65 162.21
C GLN Y 59 -81.73 6.07 163.54
N SER Y 60 -83.03 6.32 163.59
CA SER Y 60 -83.68 6.77 164.80
C SER Y 60 -83.60 5.86 166.01
N LYS Y 61 -83.57 4.58 165.71
CA LYS Y 61 -83.53 3.62 166.77
C LYS Y 61 -82.12 3.12 166.86
N ARG Y 62 -81.03 3.83 166.49
CA ARG Y 62 -79.71 3.21 166.44
C ARG Y 62 -79.08 2.65 167.70
N GLY Y 63 -79.49 3.20 168.84
CA GLY Y 63 -79.02 2.74 170.13
C GLY Y 63 -79.37 1.28 170.43
N ILE Y 64 -80.41 0.62 169.88
CA ILE Y 64 -80.64 -0.79 170.22
C ILE Y 64 -80.35 -1.76 169.09
N LEU Y 65 -79.80 -1.30 167.98
CA LEU Y 65 -79.57 -2.12 166.78
C LEU Y 65 -78.11 -2.08 166.33
N THR Y 66 -77.64 -3.03 165.52
CA THR Y 66 -76.31 -2.94 164.98
C THR Y 66 -76.59 -2.56 163.53
N LEU Y 67 -76.08 -1.35 163.23
CA LEU Y 67 -76.26 -0.71 161.96
C LEU Y 67 -75.29 -1.24 160.96
N LYS Y 68 -75.74 -1.45 159.71
CA LYS Y 68 -74.80 -1.91 158.67
C LYS Y 68 -75.08 -1.22 157.36
N TYR Y 69 -73.97 -0.85 156.73
CA TYR Y 69 -73.96 -0.17 155.44
C TYR Y 69 -73.73 -1.14 154.24
N PRO Y 70 -74.74 -1.59 153.42
CA PRO Y 70 -74.59 -2.51 152.29
C PRO Y 70 -73.69 -2.11 151.15
N ILE Y 71 -73.47 -0.80 151.00
CA ILE Y 71 -72.69 -0.30 149.91
C ILE Y 71 -71.41 0.39 150.42
N GLU Y 72 -70.29 -0.31 150.26
CA GLU Y 72 -69.06 0.28 150.70
C GLU Y 72 -68.35 0.91 149.54
N HIS Y 73 -68.22 2.25 149.58
CA HIS Y 73 -67.55 2.99 148.53
C HIS Y 73 -68.23 2.84 147.17
N GLY Y 74 -69.56 2.86 147.17
CA GLY Y 74 -70.30 2.80 145.93
C GLY Y 74 -70.54 1.40 145.40
N ILE Y 75 -69.81 0.38 145.89
CA ILE Y 75 -69.97 -1.01 145.42
C ILE Y 75 -70.87 -1.82 146.36
N ILE Y 76 -71.83 -2.67 145.95
CA ILE Y 76 -72.66 -3.44 146.90
C ILE Y 76 -71.77 -4.54 147.45
N THR Y 77 -71.60 -4.47 148.77
CA THR Y 77 -70.79 -5.41 149.52
C THR Y 77 -71.64 -6.48 150.19
N ASN Y 78 -72.88 -6.18 150.65
CA ASN Y 78 -73.70 -7.25 151.20
C ASN Y 78 -75.02 -7.32 150.50
N TRP Y 79 -75.21 -8.43 149.77
CA TRP Y 79 -76.40 -8.65 148.95
C TRP Y 79 -77.65 -9.02 149.71
N ASP Y 80 -77.55 -9.53 150.95
CA ASP Y 80 -78.72 -9.86 151.81
C ASP Y 80 -79.33 -8.58 152.31
N ASP Y 81 -78.47 -7.73 152.87
CA ASP Y 81 -78.84 -6.39 153.24
C ASP Y 81 -79.18 -5.43 152.14
N MET Y 82 -78.78 -5.61 150.88
CA MET Y 82 -79.17 -4.70 149.82
C MET Y 82 -80.58 -5.07 149.42
N GLU Y 83 -80.91 -6.35 149.23
CA GLU Y 83 -82.25 -6.78 148.85
C GLU Y 83 -83.25 -6.29 149.88
N LYS Y 84 -82.79 -6.18 151.13
CA LYS Y 84 -83.58 -5.52 152.17
C LYS Y 84 -83.81 -4.04 151.85
N ILE Y 85 -82.80 -3.21 151.50
CA ILE Y 85 -83.04 -1.82 151.14
C ILE Y 85 -83.93 -1.69 149.92
N TRP Y 86 -83.79 -2.53 148.89
CA TRP Y 86 -84.65 -2.47 147.72
C TRP Y 86 -86.08 -2.75 148.10
N HIS Y 87 -86.28 -3.80 148.90
CA HIS Y 87 -87.63 -4.18 149.33
C HIS Y 87 -88.33 -2.99 149.99
N HIS Y 88 -87.62 -2.36 150.93
CA HIS Y 88 -88.09 -1.18 151.60
C HIS Y 88 -88.42 -0.10 150.59
N THR Y 89 -87.61 0.10 149.57
CA THR Y 89 -87.85 1.16 148.61
C THR Y 89 -89.10 0.97 147.84
N PHE Y 90 -89.30 -0.21 147.29
CA PHE Y 90 -90.50 -0.44 146.53
C PHE Y 90 -91.72 -0.44 147.41
N TYR Y 91 -91.72 -1.31 148.42
CA TYR Y 91 -92.93 -1.53 149.13
C TYR Y 91 -93.35 -0.55 150.14
N ASN Y 92 -92.42 0.13 150.79
CA ASN Y 92 -92.79 1.06 151.83
C ASN Y 92 -92.60 2.49 151.37
N GLU Y 93 -91.45 2.82 150.81
CA GLU Y 93 -91.20 4.17 150.40
C GLU Y 93 -92.04 4.58 149.21
N LEU Y 94 -92.00 3.85 148.07
CA LEU Y 94 -92.76 4.27 146.90
C LEU Y 94 -94.12 3.58 146.88
N ARG Y 95 -94.31 2.57 147.73
CA ARG Y 95 -95.55 1.81 147.95
C ARG Y 95 -96.13 1.17 146.68
N VAL Y 96 -95.25 0.90 145.73
CA VAL Y 96 -95.65 0.31 144.47
C VAL Y 96 -95.46 -1.20 144.55
N ALA Y 97 -96.10 -1.96 143.67
CA ALA Y 97 -95.77 -3.37 143.56
C ALA Y 97 -94.72 -3.37 142.46
N PRO Y 98 -93.52 -3.94 142.59
CA PRO Y 98 -92.49 -3.93 141.55
C PRO Y 98 -92.79 -4.73 140.30
N GLU Y 99 -93.61 -5.81 140.41
CA GLU Y 99 -93.89 -6.66 139.25
C GLU Y 99 -94.71 -6.08 138.12
N GLU Y 100 -95.08 -4.81 138.23
CA GLU Y 100 -95.61 -4.15 137.05
C GLU Y 100 -94.88 -2.84 136.76
N HIS Y 101 -93.66 -2.60 137.26
CA HIS Y 101 -92.95 -1.37 136.96
C HIS Y 101 -91.59 -1.55 136.37
N PRO Y 102 -91.17 -0.96 135.24
CA PRO Y 102 -89.82 -1.12 134.73
C PRO Y 102 -88.96 -0.36 135.74
N THR Y 103 -87.74 -0.82 136.07
CA THR Y 103 -86.89 -0.24 137.10
C THR Y 103 -85.52 0.19 136.54
N LEU Y 104 -85.13 1.49 136.51
CA LEU Y 104 -83.80 1.89 136.07
C LEU Y 104 -83.03 2.05 137.34
N LEU Y 105 -81.94 1.30 137.39
CA LEU Y 105 -81.02 1.33 138.51
C LEU Y 105 -79.70 1.99 138.19
N THR Y 106 -78.87 2.34 139.18
CA THR Y 106 -77.59 2.86 138.82
C THR Y 106 -76.49 2.04 139.43
N GLU Y 107 -75.33 2.02 138.79
CA GLU Y 107 -74.16 1.39 139.39
C GLU Y 107 -72.99 2.38 139.37
N ALA Y 108 -71.91 2.00 140.01
CA ALA Y 108 -70.72 2.80 140.08
C ALA Y 108 -69.78 2.64 138.89
N PRO Y 109 -68.89 3.60 138.72
CA PRO Y 109 -67.90 3.60 137.69
C PRO Y 109 -67.20 2.32 137.24
N LEU Y 110 -66.50 1.53 138.05
CA LEU Y 110 -65.85 0.35 137.48
C LEU Y 110 -66.45 -0.82 138.21
N ASN Y 111 -67.80 -0.84 138.30
CA ASN Y 111 -68.58 -1.85 139.00
C ASN Y 111 -68.27 -3.17 138.34
N PRO Y 112 -67.83 -4.13 139.13
CA PRO Y 112 -67.50 -5.46 138.67
C PRO Y 112 -68.61 -6.14 137.89
N LYS Y 113 -68.28 -6.66 136.71
CA LYS Y 113 -69.22 -7.32 135.78
C LYS Y 113 -70.25 -8.24 136.43
N ALA Y 114 -69.72 -8.93 137.42
CA ALA Y 114 -70.42 -9.92 138.19
C ALA Y 114 -71.52 -9.37 139.08
N ASN Y 115 -71.37 -8.13 139.57
CA ASN Y 115 -72.34 -7.42 140.37
C ASN Y 115 -73.51 -6.99 139.51
N ARG Y 116 -73.23 -6.43 138.31
CA ARG Y 116 -74.26 -5.93 137.39
C ARG Y 116 -75.10 -7.14 137.01
N GLU Y 117 -74.47 -8.29 136.77
CA GLU Y 117 -75.22 -9.54 136.62
C GLU Y 117 -75.96 -9.98 137.91
N LYS Y 118 -75.43 -9.76 139.12
CA LYS Y 118 -76.12 -10.19 140.33
C LYS Y 118 -77.33 -9.35 140.64
N MET Y 119 -77.28 -8.01 140.58
CA MET Y 119 -78.45 -7.22 140.83
C MET Y 119 -79.53 -7.40 139.76
N THR Y 120 -79.15 -7.96 138.62
CA THR Y 120 -80.10 -8.25 137.58
C THR Y 120 -80.79 -9.55 137.96
N GLN Y 121 -80.00 -10.52 138.41
CA GLN Y 121 -80.50 -11.78 138.94
C GLN Y 121 -81.50 -11.48 140.04
N ILE Y 122 -81.25 -10.56 140.99
CA ILE Y 122 -82.17 -10.25 142.08
C ILE Y 122 -83.33 -9.40 141.61
N MET Y 123 -83.14 -8.50 140.65
CA MET Y 123 -84.24 -7.69 140.20
C MET Y 123 -85.26 -8.60 139.52
N PHE Y 124 -84.84 -9.35 138.52
CA PHE Y 124 -85.75 -10.22 137.79
C PHE Y 124 -86.18 -11.46 138.55
N GLU Y 125 -85.26 -12.15 139.24
CA GLU Y 125 -85.66 -13.38 139.91
C GLU Y 125 -86.23 -13.22 141.31
N THR Y 126 -85.96 -12.20 142.17
CA THR Y 126 -86.67 -12.17 143.44
C THR Y 126 -87.68 -11.06 143.42
N PHE Y 127 -87.57 -9.96 142.63
CA PHE Y 127 -88.61 -8.91 142.64
C PHE Y 127 -89.62 -8.96 141.48
N ASN Y 128 -89.21 -9.72 140.45
CA ASN Y 128 -90.02 -10.02 139.27
C ASN Y 128 -90.46 -8.73 138.60
N VAL Y 129 -89.52 -7.81 138.36
CA VAL Y 129 -89.88 -6.55 137.69
C VAL Y 129 -90.08 -6.85 136.18
N PRO Y 130 -90.95 -6.16 135.38
CA PRO Y 130 -91.12 -6.47 133.96
C PRO Y 130 -89.85 -6.35 133.14
N ALA Y 131 -89.13 -5.25 133.41
CA ALA Y 131 -87.90 -4.90 132.72
C ALA Y 131 -87.06 -3.97 133.60
N MET Y 132 -85.77 -3.95 133.36
CA MET Y 132 -84.86 -3.12 134.12
C MET Y 132 -83.68 -2.67 133.27
N TYR Y 133 -82.73 -1.92 133.83
CA TYR Y 133 -81.65 -1.28 133.07
C TYR Y 133 -80.71 -0.75 134.12
N VAL Y 134 -79.39 -0.84 133.95
CA VAL Y 134 -78.46 -0.33 134.94
C VAL Y 134 -77.68 0.82 134.25
N ALA Y 135 -77.82 2.10 134.61
CA ALA Y 135 -76.98 3.17 134.04
C ALA Y 135 -75.73 3.50 134.87
N ILE Y 136 -74.62 4.00 134.37
CA ILE Y 136 -73.46 4.29 135.22
C ILE Y 136 -73.72 5.67 135.75
N GLN Y 137 -73.38 5.91 137.01
CA GLN Y 137 -73.76 7.15 137.64
C GLN Y 137 -73.22 8.41 136.99
N ALA Y 138 -71.90 8.63 136.84
CA ALA Y 138 -71.40 9.81 136.14
C ALA Y 138 -72.02 10.11 134.75
N VAL Y 139 -72.36 9.01 134.10
CA VAL Y 139 -72.96 9.10 132.80
C VAL Y 139 -74.35 9.73 132.92
N LEU Y 140 -75.16 9.43 133.94
CA LEU Y 140 -76.47 10.07 134.10
C LEU Y 140 -76.31 11.51 134.57
N SER Y 141 -75.27 11.78 135.33
CA SER Y 141 -75.08 13.14 135.76
C SER Y 141 -74.80 14.02 134.58
N LEU Y 142 -73.92 13.58 133.65
CA LEU Y 142 -73.54 14.38 132.49
C LEU Y 142 -74.68 14.76 131.56
N TYR Y 143 -75.43 13.69 131.36
CA TYR Y 143 -76.57 13.71 130.47
C TYR Y 143 -77.68 14.62 131.00
N ALA Y 144 -77.88 14.61 132.32
CA ALA Y 144 -78.82 15.51 132.96
C ALA Y 144 -78.34 16.96 132.79
N SER Y 145 -77.07 17.23 132.44
CA SER Y 145 -76.66 18.62 132.20
C SER Y 145 -76.67 18.91 130.70
N GLY Y 146 -77.49 18.13 129.99
CA GLY Y 146 -77.66 18.23 128.57
C GLY Y 146 -76.61 17.45 127.78
N ARG Y 147 -75.32 17.49 128.09
CA ARG Y 147 -74.33 16.92 127.20
C ARG Y 147 -73.94 15.44 127.19
N THR Y 148 -73.05 15.08 126.25
CA THR Y 148 -72.61 13.72 126.05
C THR Y 148 -71.14 13.44 126.13
N THR Y 149 -70.35 14.51 126.11
CA THR Y 149 -68.93 14.44 126.30
C THR Y 149 -68.69 15.54 127.32
N GLY Y 150 -67.86 15.11 128.27
CA GLY Y 150 -67.41 15.91 129.38
C GLY Y 150 -66.71 15.03 130.38
N ILE Y 151 -66.28 15.54 131.52
CA ILE Y 151 -65.69 14.70 132.54
C ILE Y 151 -66.48 15.07 133.81
N VAL Y 152 -67.02 14.08 134.51
CA VAL Y 152 -67.77 14.33 135.74
C VAL Y 152 -66.89 14.15 136.99
N LEU Y 153 -66.85 15.13 137.89
CA LEU Y 153 -66.23 14.90 139.17
C LEU Y 153 -67.44 14.55 140.00
N ASP Y 154 -67.51 13.29 140.43
CA ASP Y 154 -68.67 12.85 141.18
C ASP Y 154 -68.23 12.52 142.59
N SER Y 155 -68.93 13.07 143.60
CA SER Y 155 -68.55 13.02 145.03
C SER Y 155 -69.71 12.99 146.01
N GLY Y 156 -69.87 11.86 146.67
CA GLY Y 156 -71.02 11.74 147.52
C GLY Y 156 -70.66 11.47 148.95
N ASP Y 157 -71.14 10.34 149.44
CA ASP Y 157 -70.88 10.03 150.80
C ASP Y 157 -69.70 9.12 151.07
N GLY Y 158 -69.42 8.04 150.35
CA GLY Y 158 -68.26 7.23 150.58
C GLY Y 158 -67.21 7.36 149.46
N VAL Y 159 -67.48 7.72 148.18
CA VAL Y 159 -66.49 7.81 147.09
C VAL Y 159 -66.52 9.11 146.32
N THR Y 160 -65.33 9.45 145.75
CA THR Y 160 -65.16 10.49 144.74
C THR Y 160 -64.61 9.84 143.47
N HIS Y 161 -65.01 10.35 142.31
CA HIS Y 161 -64.66 9.74 141.05
C HIS Y 161 -64.49 10.84 140.08
N ASN Y 162 -63.78 10.50 139.00
CA ASN Y 162 -63.64 11.34 137.81
C ASN Y 162 -64.00 10.45 136.66
N VAL Y 163 -65.05 10.69 135.90
CA VAL Y 163 -65.36 9.72 134.85
C VAL Y 163 -65.44 10.51 133.57
N PRO Y 164 -64.39 10.41 132.73
CA PRO Y 164 -64.34 11.08 131.43
C PRO Y 164 -65.30 10.31 130.54
N ILE Y 165 -66.26 10.99 129.88
CA ILE Y 165 -67.22 10.33 128.98
C ILE Y 165 -67.17 10.94 127.59
N TYR Y 166 -67.10 10.12 126.54
CA TYR Y 166 -67.03 10.61 125.18
C TYR Y 166 -68.16 10.04 124.34
N GLU Y 167 -69.04 10.91 123.85
CA GLU Y 167 -70.23 10.51 123.12
C GLU Y 167 -71.01 9.34 123.70
N GLY Y 168 -70.95 9.40 125.04
CA GLY Y 168 -71.71 8.56 125.92
C GLY Y 168 -70.97 7.42 126.56
N TYR Y 169 -69.83 7.03 126.00
CA TYR Y 169 -69.09 5.89 126.53
C TYR Y 169 -68.08 6.38 127.55
N ALA Y 170 -68.30 6.00 128.83
CA ALA Y 170 -67.40 6.31 129.93
C ALA Y 170 -66.09 5.61 129.65
N LEU Y 171 -64.97 6.31 129.84
CA LEU Y 171 -63.67 5.80 129.43
C LEU Y 171 -62.94 5.05 130.54
N PRO Y 172 -63.12 3.73 130.61
CA PRO Y 172 -62.55 2.88 131.67
C PRO Y 172 -61.15 3.15 132.21
N HIS Y 173 -60.23 3.30 131.29
CA HIS Y 173 -58.83 3.53 131.66
C HIS Y 173 -58.56 4.97 132.08
N ALA Y 174 -59.50 5.87 132.20
CA ALA Y 174 -59.11 7.23 132.56
C ALA Y 174 -59.79 7.67 133.84
N ILE Y 175 -60.76 6.82 134.30
CA ILE Y 175 -61.54 6.95 135.55
C ILE Y 175 -60.64 6.89 136.79
N MET Y 176 -60.82 7.78 137.76
CA MET Y 176 -60.03 7.83 139.01
C MET Y 176 -61.02 7.84 140.13
N ARG Y 177 -60.64 7.12 141.16
CA ARG Y 177 -61.43 7.00 142.36
C ARG Y 177 -60.59 7.45 143.55
N LEU Y 178 -61.19 8.30 144.36
CA LEU Y 178 -60.53 8.83 145.53
C LEU Y 178 -61.50 8.50 146.66
N ASP Y 179 -61.15 7.57 147.56
CA ASP Y 179 -61.98 7.23 148.71
C ASP Y 179 -61.94 8.26 149.87
N LEU Y 180 -62.38 9.51 149.63
CA LEU Y 180 -62.52 10.51 150.69
C LEU Y 180 -63.70 11.32 150.21
N ALA Y 181 -64.77 11.36 151.00
CA ALA Y 181 -65.96 12.05 150.61
C ALA Y 181 -66.66 12.72 151.79
N GLY Y 182 -67.98 13.01 151.72
CA GLY Y 182 -68.71 13.75 152.74
C GLY Y 182 -68.72 13.15 154.13
N ARG Y 183 -68.60 11.83 154.22
CA ARG Y 183 -68.57 11.03 155.46
C ARG Y 183 -67.28 11.36 156.17
N ASP Y 184 -66.13 11.22 155.47
CA ASP Y 184 -64.80 11.56 155.92
C ASP Y 184 -64.77 13.01 156.37
N LEU Y 185 -65.40 13.88 155.57
CA LEU Y 185 -65.49 15.32 155.79
C LEU Y 185 -66.27 15.80 157.01
N THR Y 186 -67.28 15.04 157.43
CA THR Y 186 -68.05 15.36 158.62
C THR Y 186 -67.19 14.97 159.83
N ASP Y 187 -66.38 13.91 159.73
CA ASP Y 187 -65.63 13.46 160.87
C ASP Y 187 -64.42 14.33 161.09
N TYR Y 188 -63.93 14.97 160.05
CA TYR Y 188 -62.81 15.86 160.19
C TYR Y 188 -63.34 17.16 160.78
N LEU Y 189 -64.51 17.65 160.40
CA LEU Y 189 -65.03 18.88 160.97
C LEU Y 189 -65.19 18.70 162.45
N MET Y 190 -65.73 17.53 162.80
CA MET Y 190 -65.95 17.08 164.15
C MET Y 190 -64.74 17.34 165.05
N LYS Y 191 -63.58 16.82 164.60
CA LYS Y 191 -62.37 17.02 165.32
C LYS Y 191 -62.02 18.50 165.21
N ILE Y 192 -61.92 19.25 164.11
CA ILE Y 192 -61.53 20.65 164.21
C ILE Y 192 -62.48 21.56 165.01
N LEU Y 193 -63.66 21.04 165.32
CA LEU Y 193 -64.64 21.76 166.08
C LEU Y 193 -64.52 21.37 167.56
N THR Y 194 -64.15 20.12 167.91
CA THR Y 194 -63.89 19.79 169.31
C THR Y 194 -62.58 20.45 169.72
N GLU Y 195 -61.68 20.50 168.73
CA GLU Y 195 -60.36 21.12 168.80
C GLU Y 195 -60.52 22.64 168.94
N ARG Y 196 -61.63 23.25 168.49
CA ARG Y 196 -61.96 24.66 168.75
C ARG Y 196 -62.36 24.85 170.23
N GLY Y 197 -62.40 23.75 171.00
CA GLY Y 197 -62.71 23.75 172.41
C GLY Y 197 -64.16 23.39 172.58
N TYR Y 198 -64.61 22.21 172.11
CA TYR Y 198 -66.02 21.82 172.20
C TYR Y 198 -66.18 20.34 172.48
N SER Y 199 -67.47 19.99 172.65
CA SER Y 199 -67.86 18.62 172.92
C SER Y 199 -69.19 18.18 172.33
N PHE Y 200 -69.00 17.20 171.47
CA PHE Y 200 -70.11 16.55 170.81
C PHE Y 200 -70.03 15.19 171.48
N VAL Y 201 -70.83 15.31 172.54
CA VAL Y 201 -70.84 14.26 173.52
C VAL Y 201 -72.01 13.31 173.31
N THR Y 202 -73.27 13.74 173.45
CA THR Y 202 -74.42 12.84 173.22
C THR Y 202 -74.67 12.68 171.74
N THR Y 203 -75.53 11.72 171.33
CA THR Y 203 -75.78 11.45 169.92
C THR Y 203 -76.52 12.61 169.23
N ALA Y 204 -77.20 13.45 170.01
CA ALA Y 204 -77.82 14.66 169.48
C ALA Y 204 -76.82 15.81 169.24
N GLU Y 205 -75.57 15.59 169.63
CA GLU Y 205 -74.50 16.52 169.39
C GLU Y 205 -73.79 15.97 168.16
N ARG Y 206 -73.43 14.67 168.14
CA ARG Y 206 -72.82 14.03 166.96
C ARG Y 206 -73.49 14.36 165.60
N GLU Y 207 -74.79 14.07 165.48
CA GLU Y 207 -75.54 14.14 164.24
C GLU Y 207 -75.57 15.51 163.59
N ILE Y 208 -75.71 16.53 164.43
CA ILE Y 208 -75.80 17.90 163.98
C ILE Y 208 -74.48 18.52 163.50
N VAL Y 209 -73.29 17.90 163.72
CA VAL Y 209 -72.04 18.41 163.18
C VAL Y 209 -72.14 18.31 161.66
N ARG Y 210 -72.85 17.28 161.21
CA ARG Y 210 -73.11 17.06 159.81
C ARG Y 210 -74.02 18.17 159.26
N ASP Y 211 -74.97 18.68 160.04
CA ASP Y 211 -75.87 19.76 159.60
C ASP Y 211 -75.17 21.11 159.65
N ILE Y 212 -74.10 21.20 160.46
CA ILE Y 212 -73.22 22.37 160.48
C ILE Y 212 -72.44 22.37 159.17
N LYS Y 213 -71.72 21.27 158.85
CA LYS Y 213 -71.01 21.06 157.59
C LYS Y 213 -71.86 21.45 156.41
N GLU Y 214 -73.08 20.92 156.27
CA GLU Y 214 -73.93 21.26 155.14
C GLU Y 214 -74.29 22.75 155.13
N LYS Y 215 -74.85 23.34 156.20
CA LYS Y 215 -75.30 24.74 156.20
C LYS Y 215 -74.26 25.87 156.14
N LEU Y 216 -73.24 25.75 156.98
CA LEU Y 216 -72.22 26.77 157.14
C LEU Y 216 -70.94 26.54 156.40
N CYS Y 217 -70.54 25.33 155.96
CA CYS Y 217 -69.30 25.18 155.21
C CYS Y 217 -69.21 25.68 153.78
N TYR Y 218 -67.97 26.16 153.57
CA TYR Y 218 -67.53 26.93 152.40
C TYR Y 218 -66.28 26.38 151.75
N VAL Y 219 -66.09 26.63 150.45
CA VAL Y 219 -64.80 26.34 149.81
C VAL Y 219 -64.40 27.69 149.31
N ALA Y 220 -63.44 28.16 150.05
CA ALA Y 220 -62.85 29.41 149.65
C ALA Y 220 -61.80 29.21 148.58
N LEU Y 221 -61.84 30.23 147.75
CA LEU Y 221 -60.85 30.47 146.73
C LEU Y 221 -59.87 31.38 147.47
N ASP Y 222 -58.60 31.00 147.27
CA ASP Y 222 -57.48 31.59 147.99
C ASP Y 222 -57.69 31.39 149.48
N PHE Y 223 -57.56 30.08 149.76
CA PHE Y 223 -57.71 29.48 151.08
C PHE Y 223 -56.55 29.89 151.97
N GLU Y 224 -55.51 30.39 151.28
CA GLU Y 224 -54.26 30.97 151.79
C GLU Y 224 -54.50 32.23 152.63
N ASN Y 225 -54.95 33.27 151.90
CA ASN Y 225 -55.27 34.54 152.49
C ASN Y 225 -56.74 34.56 152.85
N GLU Y 226 -57.18 33.46 153.46
CA GLU Y 226 -58.52 33.34 154.04
C GLU Y 226 -58.34 32.97 155.54
N MET Y 227 -57.27 32.19 155.76
CA MET Y 227 -56.73 31.91 157.08
C MET Y 227 -56.19 33.24 157.59
N ALA Y 228 -55.36 33.94 156.76
CA ALA Y 228 -54.83 35.27 157.06
C ALA Y 228 -55.96 36.24 157.44
N THR Y 229 -57.05 36.20 156.66
CA THR Y 229 -58.24 36.98 156.95
C THR Y 229 -58.86 36.60 158.32
N ALA Y 230 -58.86 35.29 158.62
CA ALA Y 230 -59.44 34.75 159.84
C ALA Y 230 -58.86 35.40 161.09
N ALA Y 231 -57.52 35.58 161.02
CA ALA Y 231 -56.67 36.19 162.05
C ALA Y 231 -56.91 37.68 162.39
N SER Y 232 -57.05 38.53 161.36
CA SER Y 232 -57.44 39.94 161.51
C SER Y 232 -58.81 40.04 162.18
N SER Y 233 -59.57 38.92 162.05
CA SER Y 233 -60.92 38.68 162.56
C SER Y 233 -61.90 39.78 162.25
N SER Y 234 -62.37 39.39 161.08
CA SER Y 234 -63.44 40.08 160.40
C SER Y 234 -64.74 39.44 160.92
N SER Y 235 -65.82 39.95 160.33
CA SER Y 235 -67.13 39.38 160.59
C SER Y 235 -67.29 38.20 159.60
N LEU Y 236 -66.28 37.27 159.64
CA LEU Y 236 -66.25 36.03 158.86
C LEU Y 236 -66.89 34.91 159.71
N GLU Y 237 -66.79 35.00 161.06
CA GLU Y 237 -67.36 34.04 162.02
C GLU Y 237 -68.84 33.66 161.83
N LYS Y 238 -69.25 32.47 162.30
CA LYS Y 238 -70.64 32.08 162.17
C LYS Y 238 -71.13 31.14 163.26
N SER Y 239 -72.02 31.68 164.10
CA SER Y 239 -72.63 30.90 165.17
C SER Y 239 -73.97 30.27 164.83
N TYR Y 240 -74.00 28.97 165.12
CA TYR Y 240 -75.14 28.08 164.92
C TYR Y 240 -75.75 27.78 166.28
N GLU Y 241 -77.10 27.80 166.44
CA GLU Y 241 -77.73 27.41 167.71
C GLU Y 241 -78.08 25.93 167.70
N LEU Y 242 -77.54 25.19 168.70
CA LEU Y 242 -77.67 23.74 168.80
C LEU Y 242 -79.10 23.19 169.02
N PRO Y 243 -79.47 21.88 169.32
CA PRO Y 243 -80.87 21.45 169.53
C PRO Y 243 -81.60 22.29 170.61
N ASP Y 244 -80.76 22.70 171.58
CA ASP Y 244 -81.07 23.63 172.67
C ASP Y 244 -80.42 25.03 172.38
N GLY Y 245 -80.23 25.88 173.42
CA GLY Y 245 -79.67 27.23 173.30
C GLY Y 245 -78.21 27.28 172.86
N GLN Y 246 -77.38 26.48 173.56
CA GLN Y 246 -75.94 26.31 173.33
C GLN Y 246 -75.36 26.72 171.96
N VAL Y 247 -75.30 28.04 171.84
CA VAL Y 247 -74.81 28.68 170.62
C VAL Y 247 -73.31 28.44 170.45
N ILE Y 248 -73.07 27.63 169.44
CA ILE Y 248 -71.72 27.28 169.10
C ILE Y 248 -71.23 28.22 167.99
N THR Y 249 -69.98 28.67 168.05
CA THR Y 249 -69.42 29.53 167.02
C THR Y 249 -68.31 28.81 166.22
N ILE Y 250 -68.40 29.08 164.91
CA ILE Y 250 -67.55 28.51 163.89
C ILE Y 250 -67.22 29.68 163.01
N GLY Y 251 -65.99 30.09 163.09
CA GLY Y 251 -65.60 31.19 162.25
C GLY Y 251 -64.94 30.68 160.99
N ASN Y 252 -63.76 30.24 161.38
CA ASN Y 252 -62.64 29.86 160.53
C ASN Y 252 -62.79 28.42 159.94
N GLU Y 253 -62.79 27.33 160.74
CA GLU Y 253 -62.97 25.90 160.36
C GLU Y 253 -64.01 25.53 159.31
N ARG Y 254 -64.98 26.43 159.29
CA ARG Y 254 -65.99 26.56 158.27
C ARG Y 254 -65.50 26.20 156.83
N PHE Y 255 -64.26 26.63 156.47
CA PHE Y 255 -63.64 26.35 155.17
C PHE Y 255 -62.43 25.42 155.28
N ARG Y 256 -61.93 25.19 156.50
CA ARG Y 256 -60.81 24.27 156.69
C ARG Y 256 -61.26 22.84 156.38
N CYS Y 257 -62.57 22.61 156.49
CA CYS Y 257 -63.19 21.31 156.20
C CYS Y 257 -63.19 21.03 154.67
N PRO Y 258 -63.75 21.82 153.72
CA PRO Y 258 -63.66 21.54 152.30
C PRO Y 258 -62.22 21.76 151.77
N GLU Y 259 -61.29 22.53 152.37
CA GLU Y 259 -59.88 22.59 151.95
C GLU Y 259 -59.39 21.12 152.08
N THR Y 260 -60.05 20.19 152.81
CA THR Y 260 -59.59 18.80 152.86
C THR Y 260 -59.72 18.18 151.49
N LEU Y 261 -60.78 18.46 150.74
CA LEU Y 261 -60.89 17.95 149.37
C LEU Y 261 -59.74 18.33 148.40
N PHE Y 262 -59.02 19.45 148.59
CA PHE Y 262 -57.87 19.83 147.76
C PHE Y 262 -56.54 19.39 148.38
N GLN Y 263 -56.54 19.29 149.71
CA GLN Y 263 -55.41 18.83 150.51
C GLN Y 263 -55.87 17.64 151.35
N PRO Y 264 -55.64 16.39 150.91
CA PRO Y 264 -55.98 15.17 151.61
C PRO Y 264 -55.03 15.00 152.81
N SER Y 265 -53.89 15.73 152.76
CA SER Y 265 -52.86 15.78 153.83
C SER Y 265 -53.36 16.29 155.21
N PHE Y 266 -54.50 17.03 155.18
CA PHE Y 266 -55.24 17.48 156.35
C PHE Y 266 -55.79 16.32 157.14
N ILE Y 267 -55.89 15.18 156.47
CA ILE Y 267 -56.45 14.01 157.10
C ILE Y 267 -55.56 12.78 156.97
N GLY Y 268 -54.25 12.97 156.88
CA GLY Y 268 -53.38 11.81 156.81
C GLY Y 268 -53.60 10.98 155.56
N MET Y 269 -54.16 11.63 154.53
CA MET Y 269 -54.22 10.97 153.24
C MET Y 269 -53.05 11.46 152.39
N GLU Y 270 -52.37 10.47 151.79
CA GLU Y 270 -51.25 10.70 150.87
C GLU Y 270 -51.61 10.81 149.38
N SER Y 271 -52.87 10.48 149.05
CA SER Y 271 -53.44 10.61 147.70
C SER Y 271 -53.45 12.06 147.26
N ALA Y 272 -53.56 12.23 145.94
CA ALA Y 272 -53.67 13.56 145.35
C ALA Y 272 -55.07 14.15 145.57
N GLY Y 273 -55.34 15.42 145.28
CA GLY Y 273 -56.66 15.97 145.56
C GLY Y 273 -57.49 16.21 144.31
N ILE Y 274 -58.81 16.35 144.52
CA ILE Y 274 -59.83 16.62 143.51
C ILE Y 274 -59.39 17.28 142.19
N HIS Y 275 -58.73 18.44 142.25
CA HIS Y 275 -58.33 19.20 141.07
C HIS Y 275 -57.19 18.59 140.27
N GLU Y 276 -56.23 18.01 140.99
CA GLU Y 276 -55.12 17.35 140.36
C GLU Y 276 -55.64 16.11 139.72
N THR Y 277 -56.58 15.47 140.38
CA THR Y 277 -57.13 14.23 139.90
C THR Y 277 -57.98 14.51 138.67
N THR Y 278 -58.74 15.59 138.60
CA THR Y 278 -59.50 16.00 137.41
C THR Y 278 -58.57 16.05 136.18
N TYR Y 279 -57.44 16.68 136.47
CA TYR Y 279 -56.40 16.89 135.54
C TYR Y 279 -55.77 15.59 135.18
N ASN Y 280 -55.40 14.73 136.10
CA ASN Y 280 -54.66 13.55 135.72
C ASN Y 280 -55.49 12.62 134.85
N SER Y 281 -56.80 12.62 135.09
CA SER Y 281 -57.77 11.82 134.35
C SER Y 281 -57.65 12.25 132.91
N ILE Y 282 -57.59 13.60 132.81
CA ILE Y 282 -57.53 14.29 131.52
C ILE Y 282 -56.20 14.01 130.88
N MET Y 283 -55.00 14.09 131.47
CA MET Y 283 -53.82 13.74 130.68
C MET Y 283 -53.61 12.22 130.51
N LYS Y 284 -54.63 11.39 130.88
CA LYS Y 284 -54.71 9.94 130.61
C LYS Y 284 -55.61 9.56 129.44
N CYS Y 285 -56.30 10.58 128.89
CA CYS Y 285 -57.23 10.42 127.79
C CYS Y 285 -56.60 10.73 126.45
N ASP Y 286 -57.27 10.44 125.32
CA ASP Y 286 -56.74 10.81 124.04
C ASP Y 286 -56.68 12.32 124.01
N ILE Y 287 -55.64 12.73 123.30
CA ILE Y 287 -55.16 14.11 123.02
C ILE Y 287 -56.14 15.08 122.32
N ASP Y 288 -56.76 14.50 121.30
CA ASP Y 288 -57.75 15.19 120.51
C ASP Y 288 -58.98 15.39 121.37
N ILE Y 289 -59.29 14.56 122.40
CA ILE Y 289 -60.52 14.79 123.18
C ILE Y 289 -60.27 15.67 124.38
N ARG Y 290 -59.02 15.98 124.74
CA ARG Y 290 -58.76 16.80 125.89
C ARG Y 290 -59.33 18.22 125.72
N LYS Y 291 -59.55 18.91 124.58
CA LYS Y 291 -60.17 20.23 124.72
C LYS Y 291 -61.62 20.13 125.18
N ASP Y 292 -62.29 19.01 124.83
CA ASP Y 292 -63.69 18.77 125.13
C ASP Y 292 -63.91 18.58 126.62
N LEU Y 293 -63.18 17.62 127.19
CA LEU Y 293 -63.22 17.39 128.60
C LEU Y 293 -62.95 18.67 129.40
N TYR Y 294 -61.99 19.51 128.97
CA TYR Y 294 -61.70 20.71 129.72
C TYR Y 294 -62.79 21.73 129.73
N ALA Y 295 -63.56 21.81 128.67
CA ALA Y 295 -64.63 22.80 128.69
C ALA Y 295 -65.91 22.20 129.24
N ASN Y 296 -65.83 20.99 129.85
CA ASN Y 296 -67.03 20.32 130.33
C ASN Y 296 -66.78 19.47 131.54
N ASN Y 297 -66.41 20.16 132.62
CA ASN Y 297 -66.18 19.57 133.91
C ASN Y 297 -67.52 19.68 134.61
N VAL Y 298 -68.28 18.62 134.64
CA VAL Y 298 -69.59 18.67 135.23
C VAL Y 298 -69.36 18.11 136.61
N MET Y 299 -69.98 18.81 137.56
CA MET Y 299 -69.93 18.36 138.94
C MET Y 299 -71.25 17.75 139.42
N SER Y 300 -71.15 16.64 140.12
CA SER Y 300 -72.36 16.14 140.75
C SER Y 300 -72.00 15.50 142.08
N GLY Y 301 -73.01 15.40 142.96
CA GLY Y 301 -72.85 14.78 144.25
C GLY Y 301 -73.00 15.72 145.45
N GLY Y 302 -73.53 15.19 146.56
CA GLY Y 302 -73.75 15.97 147.76
C GLY Y 302 -72.51 16.73 148.21
N THR Y 303 -71.34 16.14 148.19
CA THR Y 303 -70.17 16.81 148.69
C THR Y 303 -69.65 17.87 147.73
N THR Y 304 -70.15 18.02 146.50
CA THR Y 304 -69.67 19.10 145.61
C THR Y 304 -70.53 20.34 145.72
N MET Y 305 -71.42 20.35 146.73
CA MET Y 305 -72.37 21.43 146.93
C MET Y 305 -71.79 22.58 147.76
N TYR Y 306 -70.67 22.40 148.50
CA TYR Y 306 -70.01 23.45 149.28
C TYR Y 306 -69.89 24.71 148.44
N PRO Y 307 -70.51 25.87 148.67
CA PRO Y 307 -70.34 27.06 147.84
C PRO Y 307 -68.85 27.40 147.54
N GLY Y 308 -68.60 27.89 146.31
CA GLY Y 308 -67.27 28.33 145.89
C GLY Y 308 -66.32 27.21 145.53
N ILE Y 309 -66.94 26.05 145.31
CA ILE Y 309 -66.24 24.82 144.95
C ILE Y 309 -65.81 24.87 143.50
N ALA Y 310 -66.74 25.45 142.74
CA ALA Y 310 -66.62 25.61 141.31
C ALA Y 310 -65.55 26.65 141.04
N ASP Y 311 -65.54 27.85 141.70
CA ASP Y 311 -64.52 28.90 141.49
C ASP Y 311 -63.11 28.41 141.83
N ARG Y 312 -62.97 27.71 142.95
CA ARG Y 312 -61.69 27.12 143.34
C ARG Y 312 -61.32 26.13 142.26
N MET Y 313 -62.20 25.25 141.77
CA MET Y 313 -61.84 24.26 140.76
C MET Y 313 -61.48 24.86 139.41
N GLN Y 314 -62.14 25.98 139.12
CA GLN Y 314 -62.00 26.78 137.93
C GLN Y 314 -60.58 27.25 137.81
N LYS Y 315 -60.14 27.86 138.91
CA LYS Y 315 -58.80 28.36 139.01
C LYS Y 315 -57.78 27.29 139.32
N GLU Y 316 -58.23 26.19 139.86
CA GLU Y 316 -57.30 25.14 140.14
C GLU Y 316 -56.84 24.47 138.85
N ILE Y 317 -57.78 24.20 137.93
CA ILE Y 317 -57.33 23.55 136.72
C ILE Y 317 -56.90 24.56 135.66
N THR Y 318 -57.32 25.83 135.61
CA THR Y 318 -56.80 26.78 134.62
C THR Y 318 -55.28 26.84 134.73
N ALA Y 319 -54.87 27.00 135.98
CA ALA Y 319 -53.47 27.05 136.31
C ALA Y 319 -52.70 25.72 136.26
N LEU Y 320 -53.28 24.63 135.74
CA LEU Y 320 -52.53 23.40 135.50
C LEU Y 320 -52.60 23.01 134.03
N ALA Y 321 -53.66 23.51 133.38
CA ALA Y 321 -53.93 23.28 131.98
C ALA Y 321 -53.15 24.21 131.06
N PRO Y 322 -52.76 23.79 129.82
CA PRO Y 322 -52.01 24.62 128.86
C PRO Y 322 -52.82 25.89 128.53
N SER Y 323 -52.31 27.14 128.58
CA SER Y 323 -53.12 28.36 128.37
C SER Y 323 -53.99 28.53 127.10
N THR Y 324 -53.64 27.70 126.12
CA THR Y 324 -54.35 27.60 124.86
C THR Y 324 -55.75 26.99 125.07
N MET Y 325 -56.01 26.52 126.29
CA MET Y 325 -57.21 25.77 126.61
C MET Y 325 -58.28 26.61 127.27
N LYS Y 326 -59.49 26.16 126.98
CA LYS Y 326 -60.67 26.70 127.60
C LYS Y 326 -61.05 25.73 128.72
N ILE Y 327 -61.16 26.28 129.93
CA ILE Y 327 -61.56 25.56 131.12
C ILE Y 327 -63.07 25.85 131.28
N LYS Y 328 -63.90 24.92 131.77
CA LYS Y 328 -65.28 25.27 132.09
C LYS Y 328 -65.89 24.24 133.07
N ILE Y 329 -66.10 24.76 134.30
CA ILE Y 329 -66.61 23.98 135.43
C ILE Y 329 -68.10 24.21 135.62
N ILE Y 330 -68.91 23.27 135.14
CA ILE Y 330 -70.36 23.33 135.28
C ILE Y 330 -70.69 22.62 136.61
N ALA Y 331 -71.42 23.36 137.45
CA ALA Y 331 -71.92 22.91 138.74
C ALA Y 331 -73.38 23.35 138.84
N PRO Y 332 -74.38 22.57 138.44
CA PRO Y 332 -75.78 22.97 138.55
C PRO Y 332 -76.27 22.96 140.01
N PRO Y 333 -77.39 23.64 140.30
CA PRO Y 333 -77.98 23.74 141.62
C PRO Y 333 -78.59 22.45 142.11
N GLU Y 334 -79.22 21.68 141.23
CA GLU Y 334 -79.82 20.47 141.70
C GLU Y 334 -78.74 19.40 141.82
N ARG Y 335 -77.43 19.65 141.64
CA ARG Y 335 -76.42 18.59 141.67
C ARG Y 335 -76.42 17.46 142.71
N LYS Y 336 -76.98 17.64 143.90
CA LYS Y 336 -77.11 16.52 144.83
C LYS Y 336 -78.06 15.46 144.24
N TYR Y 337 -78.90 15.71 143.23
CA TYR Y 337 -79.68 14.69 142.52
C TYR Y 337 -79.37 14.59 141.00
N SER Y 338 -78.22 15.05 140.45
CA SER Y 338 -77.95 15.00 139.01
C SER Y 338 -78.13 13.63 138.40
N VAL Y 339 -77.46 12.69 139.06
CA VAL Y 339 -77.51 11.28 138.77
C VAL Y 339 -78.95 10.85 138.60
N TRP Y 340 -79.81 11.16 139.59
CA TRP Y 340 -81.18 10.67 139.59
C TRP Y 340 -81.99 11.30 138.47
N ILE Y 341 -81.76 12.60 138.26
CA ILE Y 341 -82.53 13.38 137.35
C ILE Y 341 -82.18 12.90 135.96
N GLY Y 342 -80.90 12.58 135.71
CA GLY Y 342 -80.43 12.07 134.43
C GLY Y 342 -81.11 10.74 134.11
N GLY Y 343 -81.42 9.96 135.15
CA GLY Y 343 -82.10 8.70 135.00
C GLY Y 343 -83.56 8.93 134.71
N SER Y 344 -84.18 9.91 135.37
CA SER Y 344 -85.57 10.24 135.19
C SER Y 344 -85.87 10.68 133.76
N ILE Y 345 -84.95 11.48 133.23
CA ILE Y 345 -85.04 11.99 131.87
C ILE Y 345 -84.96 10.83 130.90
N LEU Y 346 -83.83 10.14 130.98
CA LEU Y 346 -83.51 9.03 130.12
C LEU Y 346 -84.60 7.97 130.13
N ALA Y 347 -85.07 7.58 131.32
CA ALA Y 347 -86.01 6.49 131.39
C ALA Y 347 -87.40 6.93 130.98
N SER Y 348 -87.72 8.22 131.06
CA SER Y 348 -89.04 8.65 130.58
C SER Y 348 -89.02 8.92 129.07
N LEU Y 349 -87.81 9.04 128.52
CA LEU Y 349 -87.60 9.22 127.10
C LEU Y 349 -88.19 8.16 126.19
N SER Y 350 -88.62 8.83 125.14
CA SER Y 350 -89.25 8.30 123.94
C SER Y 350 -88.35 7.25 123.29
N THR Y 351 -87.02 7.40 123.26
CA THR Y 351 -86.16 6.41 122.61
C THR Y 351 -85.55 5.30 123.44
N PHE Y 352 -85.83 5.34 124.74
CA PHE Y 352 -85.17 4.42 125.66
C PHE Y 352 -85.82 3.05 125.75
N GLN Y 353 -87.05 3.06 125.25
CA GLN Y 353 -87.88 1.88 125.35
C GLN Y 353 -87.19 0.67 124.76
N GLN Y 354 -86.53 0.86 123.63
CA GLN Y 354 -85.79 -0.22 123.00
C GLN Y 354 -84.49 -0.63 123.70
N MET Y 355 -84.03 0.00 124.81
CA MET Y 355 -82.91 -0.55 125.59
C MET Y 355 -83.30 -1.24 126.91
N TRP Y 356 -84.55 -1.14 127.37
CA TRP Y 356 -84.99 -1.87 128.55
C TRP Y 356 -84.73 -3.36 128.53
N ILE Y 357 -84.00 -4.03 129.46
CA ILE Y 357 -83.87 -5.49 129.42
C ILE Y 357 -85.16 -6.13 129.94
N THR Y 358 -85.90 -6.87 129.08
CA THR Y 358 -87.16 -7.44 129.50
C THR Y 358 -86.96 -8.85 130.02
N LYS Y 359 -87.88 -9.35 130.86
CA LYS Y 359 -87.87 -10.75 131.29
C LYS Y 359 -87.77 -11.72 130.13
N GLN Y 360 -88.23 -11.34 128.92
CA GLN Y 360 -88.11 -12.13 127.71
C GLN Y 360 -86.60 -12.21 127.50
N GLU Y 361 -85.88 -11.08 127.27
CA GLU Y 361 -84.43 -11.13 127.14
C GLU Y 361 -83.74 -11.97 128.22
N TYR Y 362 -84.11 -11.74 129.48
CA TYR Y 362 -83.48 -12.45 130.57
C TYR Y 362 -83.76 -13.95 130.58
N ASP Y 363 -85.02 -14.38 130.66
CA ASP Y 363 -85.34 -15.81 130.73
C ASP Y 363 -84.72 -16.59 129.57
N GLU Y 364 -84.45 -15.85 128.49
CA GLU Y 364 -83.79 -16.43 127.34
C GLU Y 364 -82.27 -16.28 127.25
N ALA Y 365 -81.63 -15.22 127.78
CA ALA Y 365 -80.17 -15.01 127.63
C ALA Y 365 -79.23 -15.14 128.87
N GLY Y 366 -79.87 -15.23 130.04
CA GLY Y 366 -79.18 -15.28 131.34
C GLY Y 366 -78.71 -13.88 131.72
N PRO Y 367 -78.15 -13.62 132.92
CA PRO Y 367 -77.80 -12.27 133.41
C PRO Y 367 -76.84 -11.48 132.53
N SER Y 368 -76.15 -12.28 131.71
CA SER Y 368 -75.25 -11.84 130.68
C SER Y 368 -75.89 -10.78 129.80
N ILE Y 369 -77.17 -10.98 129.43
CA ILE Y 369 -77.93 -10.06 128.58
C ILE Y 369 -77.80 -8.56 128.89
N VAL Y 370 -78.03 -8.19 130.16
CA VAL Y 370 -77.99 -6.79 130.58
C VAL Y 370 -76.56 -6.33 130.87
N HIS Y 371 -75.70 -7.31 131.13
CA HIS Y 371 -74.35 -6.98 131.48
C HIS Y 371 -73.63 -6.16 130.40
N ARG Y 372 -74.02 -6.34 129.12
CA ARG Y 372 -73.44 -5.67 127.95
C ARG Y 372 -71.97 -6.17 127.84
N ASP Z 1 -3.46 -4.58 135.17
CA ASP Z 1 -4.31 -4.52 136.39
C ASP Z 1 -4.78 -3.11 136.70
N GLU Z 2 -3.83 -2.19 136.47
CA GLU Z 2 -3.96 -0.73 136.55
C GLU Z 2 -5.39 -0.28 136.34
N ASP Z 3 -5.92 -0.80 135.24
CA ASP Z 3 -7.32 -0.65 134.99
C ASP Z 3 -8.01 -1.98 134.66
N GLU Z 4 -7.33 -3.15 134.60
CA GLU Z 4 -7.98 -4.47 134.35
C GLU Z 4 -9.00 -4.74 135.46
N THR Z 5 -8.57 -4.40 136.69
CA THR Z 5 -9.38 -4.51 137.91
C THR Z 5 -10.40 -3.37 138.10
N THR Z 6 -9.78 -2.25 137.73
CA THR Z 6 -10.17 -0.88 137.87
C THR Z 6 -11.30 -0.34 137.00
N ALA Z 7 -11.73 -1.00 135.90
CA ALA Z 7 -12.83 -0.47 135.09
C ALA Z 7 -14.16 -0.69 135.77
N LEU Z 8 -14.98 0.36 135.82
CA LEU Z 8 -16.29 0.29 136.46
C LEU Z 8 -17.37 0.14 135.40
N VAL Z 9 -18.53 -0.47 135.67
CA VAL Z 9 -19.56 -0.53 134.66
C VAL Z 9 -20.81 -0.13 135.35
N CYS Z 10 -21.39 0.97 134.86
CA CYS Z 10 -22.58 1.48 135.47
C CYS Z 10 -23.67 1.55 134.46
N ASP Z 11 -24.70 0.72 134.65
CA ASP Z 11 -25.88 0.77 133.81
C ASP Z 11 -27.08 1.48 134.46
N ASN Z 12 -27.38 2.68 133.96
CA ASN Z 12 -28.38 3.56 134.49
C ASN Z 12 -29.72 3.23 133.89
N GLY Z 13 -30.69 2.87 134.73
CA GLY Z 13 -32.03 2.54 134.26
C GLY Z 13 -33.06 3.49 134.79
N SER Z 14 -34.24 3.21 134.26
CA SER Z 14 -35.42 3.93 134.67
C SER Z 14 -35.86 3.47 136.05
N GLY Z 15 -35.66 2.22 136.45
CA GLY Z 15 -36.10 1.73 137.74
C GLY Z 15 -34.91 1.42 138.59
N LEU Z 16 -33.92 0.68 138.06
CA LEU Z 16 -32.71 0.24 138.76
C LEU Z 16 -31.37 0.70 138.22
N VAL Z 17 -30.34 0.86 139.05
CA VAL Z 17 -28.99 1.10 138.59
C VAL Z 17 -28.34 -0.27 138.72
N LYS Z 18 -27.49 -0.73 137.81
CA LYS Z 18 -26.74 -1.95 137.98
C LYS Z 18 -25.28 -1.51 137.91
N ALA Z 19 -24.41 -1.88 138.84
CA ALA Z 19 -23.06 -1.36 138.89
C ALA Z 19 -22.08 -2.38 139.43
N GLY Z 20 -20.79 -2.16 139.30
CA GLY Z 20 -19.84 -3.20 139.65
C GLY Z 20 -18.58 -3.01 138.86
N PHE Z 21 -17.71 -4.03 138.93
CA PHE Z 21 -16.40 -3.94 138.29
C PHE Z 21 -16.36 -4.80 137.07
N ALA Z 22 -15.77 -4.27 135.99
CA ALA Z 22 -15.58 -5.01 134.74
C ALA Z 22 -14.72 -6.17 135.18
N GLY Z 23 -15.15 -7.34 134.76
CA GLY Z 23 -14.50 -8.53 135.25
C GLY Z 23 -15.54 -9.35 135.95
N ASP Z 24 -16.31 -8.82 136.89
CA ASP Z 24 -17.32 -9.60 137.61
C ASP Z 24 -18.37 -10.18 136.68
N ASP Z 25 -19.10 -11.19 137.16
CA ASP Z 25 -20.09 -11.89 136.35
C ASP Z 25 -21.51 -11.31 136.36
N ALA Z 26 -21.70 -10.50 137.42
CA ALA Z 26 -22.97 -9.85 137.74
C ALA Z 26 -22.71 -8.57 138.51
N PRO Z 27 -23.67 -7.60 138.49
CA PRO Z 27 -23.52 -6.33 139.21
C PRO Z 27 -23.31 -6.45 140.72
N ARG Z 28 -22.31 -5.73 141.18
CA ARG Z 28 -22.02 -5.66 142.60
C ARG Z 28 -23.09 -4.82 143.28
N ALA Z 29 -23.73 -3.91 142.54
CA ALA Z 29 -24.69 -3.03 143.13
C ALA Z 29 -25.91 -2.85 142.26
N VAL Z 30 -27.08 -3.04 142.87
CA VAL Z 30 -28.36 -2.94 142.19
C VAL Z 30 -29.26 -2.21 143.16
N PHE Z 31 -29.90 -1.12 142.75
CA PHE Z 31 -30.70 -0.33 143.67
C PHE Z 31 -31.61 0.63 142.98
N PRO Z 32 -32.75 1.08 143.51
CA PRO Z 32 -33.61 2.02 142.83
C PRO Z 32 -32.97 3.35 142.49
N SER Z 33 -33.49 3.82 141.38
CA SER Z 33 -33.07 5.00 140.72
C SER Z 33 -33.98 6.11 141.20
N ILE Z 34 -33.97 6.37 142.52
CA ILE Z 34 -34.71 7.46 143.12
C ILE Z 34 -33.84 8.40 143.92
N VAL Z 35 -34.30 9.59 144.25
CA VAL Z 35 -33.61 10.59 145.00
C VAL Z 35 -34.77 11.18 145.77
N GLY Z 36 -34.72 11.01 147.08
CA GLY Z 36 -35.73 11.45 147.97
C GLY Z 36 -35.29 12.71 148.62
N ARG Z 37 -36.26 13.59 148.79
CA ARG Z 37 -36.04 14.91 149.36
C ARG Z 37 -37.02 15.05 150.53
N PRO Z 38 -36.61 15.13 151.80
CA PRO Z 38 -37.55 15.20 152.95
C PRO Z 38 -38.56 16.32 152.94
N ARG Z 39 -39.83 15.89 153.01
CA ARG Z 39 -40.94 16.82 153.15
C ARG Z 39 -40.93 17.62 154.44
N HIS Z 40 -40.20 17.21 155.56
CA HIS Z 40 -40.23 17.97 156.83
C HIS Z 40 -38.93 18.10 157.55
N GLN Z 41 -38.74 19.07 158.43
CA GLN Z 41 -37.48 19.10 159.12
C GLN Z 41 -37.46 18.23 160.37
N GLY Z 42 -36.36 17.50 160.52
CA GLY Z 42 -36.20 16.54 161.59
C GLY Z 42 -35.09 15.55 161.30
N VAL Z 43 -34.84 14.61 162.21
CA VAL Z 43 -33.77 13.63 162.08
C VAL Z 43 -34.10 12.18 162.50
N MET Z 44 -33.27 11.22 162.07
CA MET Z 44 -33.39 9.86 162.59
C MET Z 44 -32.51 9.90 163.81
N VAL Z 45 -32.74 9.00 164.77
CA VAL Z 45 -31.95 8.91 165.97
C VAL Z 45 -30.48 8.57 165.67
N GLY Z 46 -29.61 9.51 165.97
CA GLY Z 46 -28.20 9.27 165.88
C GLY Z 46 -27.61 9.84 164.61
N MET Z 47 -28.47 10.17 163.65
CA MET Z 47 -27.98 10.79 162.45
C MET Z 47 -28.18 12.29 162.50
N GLY Z 48 -27.52 12.96 161.56
CA GLY Z 48 -27.72 14.39 161.34
C GLY Z 48 -28.81 14.57 160.27
N GLN Z 49 -29.15 15.87 160.12
CA GLN Z 49 -30.03 16.34 159.08
C GLN Z 49 -29.47 15.97 157.70
N LYS Z 50 -30.31 15.39 156.89
CA LYS Z 50 -29.90 14.88 155.63
C LYS Z 50 -30.78 15.65 154.69
N ASP Z 51 -30.06 16.12 153.68
CA ASP Z 51 -30.72 16.89 152.64
C ASP Z 51 -31.38 16.03 151.57
N SER Z 52 -30.91 14.79 151.49
CA SER Z 52 -31.29 13.99 150.36
C SER Z 52 -31.13 12.53 150.65
N TYR Z 53 -31.80 11.67 149.94
CA TYR Z 53 -31.69 10.26 150.17
C TYR Z 53 -31.64 9.59 148.82
N VAL Z 54 -30.96 8.46 148.60
CA VAL Z 54 -30.87 7.85 147.27
C VAL Z 54 -30.98 6.33 147.40
N GLY Z 55 -31.62 5.72 146.41
CA GLY Z 55 -31.72 4.27 146.33
C GLY Z 55 -32.68 3.72 147.33
N ASP Z 56 -32.22 2.71 148.06
CA ASP Z 56 -33.06 2.05 149.03
C ASP Z 56 -33.35 2.92 150.23
N GLU Z 57 -32.47 3.76 150.77
CA GLU Z 57 -32.88 4.61 151.85
C GLU Z 57 -33.99 5.58 151.45
N ALA Z 58 -34.11 5.94 150.18
CA ALA Z 58 -35.19 6.76 149.73
C ALA Z 58 -36.46 5.92 149.63
N GLN Z 59 -36.36 4.66 149.27
CA GLN Z 59 -37.53 3.87 149.14
C GLN Z 59 -38.04 3.58 150.56
N SER Z 60 -37.18 3.13 151.45
CA SER Z 60 -37.57 2.79 152.80
C SER Z 60 -38.18 3.90 153.65
N LYS Z 61 -37.70 5.09 153.38
CA LYS Z 61 -38.17 6.21 154.13
C LYS Z 61 -39.13 6.96 153.25
N ARG Z 62 -39.87 6.39 152.28
CA ARG Z 62 -40.65 7.22 151.35
C ARG Z 62 -41.78 8.08 151.87
N GLY Z 63 -42.34 7.68 153.01
CA GLY Z 63 -43.38 8.43 153.67
C GLY Z 63 -42.97 9.84 154.09
N ILE Z 64 -41.69 10.20 154.35
CA ILE Z 64 -41.41 11.59 154.73
C ILE Z 64 -40.65 12.39 153.68
N LEU Z 65 -40.47 11.83 152.48
CA LEU Z 65 -39.68 12.46 151.41
C LEU Z 65 -40.47 12.59 150.11
N THR Z 66 -40.05 13.45 149.17
CA THR Z 66 -40.72 13.50 147.89
C THR Z 66 -39.68 12.83 146.99
N LEU Z 67 -40.17 11.70 146.47
CA LEU Z 67 -39.37 10.81 145.63
C LEU Z 67 -39.33 11.33 144.23
N LYS Z 68 -38.16 11.23 143.59
CA LYS Z 68 -38.07 11.65 142.17
C LYS Z 68 -37.20 10.71 141.38
N TYR Z 69 -37.70 10.43 140.19
CA TYR Z 69 -37.05 9.55 139.22
C TYR Z 69 -36.21 10.31 138.15
N PRO Z 70 -34.86 10.44 138.19
CA PRO Z 70 -34.02 11.16 137.23
C PRO Z 70 -34.06 10.73 135.78
N ILE Z 71 -34.45 9.47 135.55
CA ILE Z 71 -34.45 8.92 134.22
C ILE Z 71 -35.87 8.56 133.77
N GLU Z 72 -36.42 9.41 132.91
CA GLU Z 72 -37.75 9.12 132.43
C GLU Z 72 -37.68 8.42 131.10
N HIS Z 73 -38.13 7.16 131.08
CA HIS Z 73 -38.12 6.38 129.85
C HIS Z 73 -36.74 6.16 129.28
N GLY Z 74 -35.76 5.92 130.16
CA GLY Z 74 -34.42 5.63 129.70
C GLY Z 74 -33.57 6.86 129.44
N ILE Z 75 -34.17 8.05 129.31
CA ILE Z 75 -33.40 9.29 129.04
C ILE Z 75 -33.15 10.08 130.33
N ILE Z 76 -31.98 10.68 130.63
CA ILE Z 76 -31.79 11.43 131.89
C ILE Z 76 -32.52 12.77 131.70
N THR Z 77 -33.50 12.95 132.57
CA THR Z 77 -34.34 14.14 132.58
C THR Z 77 -33.88 15.15 133.63
N ASN Z 78 -33.34 14.72 134.79
CA ASN Z 78 -32.83 15.72 135.73
C ASN Z 78 -31.40 15.44 136.08
N TRP Z 79 -30.53 16.36 135.63
CA TRP Z 79 -29.08 16.21 135.79
C TRP Z 79 -28.56 16.49 137.18
N ASP Z 80 -29.29 17.22 138.04
CA ASP Z 80 -28.90 17.50 139.45
C ASP Z 80 -29.09 16.23 140.26
N ASP Z 81 -30.28 15.65 140.13
CA ASP Z 81 -30.57 14.35 140.68
C ASP Z 81 -29.85 13.17 140.09
N MET Z 82 -29.30 13.19 138.88
CA MET Z 82 -28.56 12.07 138.34
C MET Z 82 -27.19 12.11 138.96
N GLU Z 83 -26.52 13.26 139.02
CA GLU Z 83 -25.18 13.39 139.61
C GLU Z 83 -25.23 12.91 141.05
N LYS Z 84 -26.39 13.09 141.71
CA LYS Z 84 -26.62 12.51 143.02
C LYS Z 84 -26.62 10.97 142.95
N ILE Z 85 -27.34 10.29 142.03
CA ILE Z 85 -27.28 8.83 141.95
C ILE Z 85 -25.89 8.34 141.62
N TRP Z 86 -25.12 9.01 140.74
CA TRP Z 86 -23.76 8.58 140.44
C TRP Z 86 -22.89 8.68 141.66
N HIS Z 87 -23.00 9.81 142.37
CA HIS Z 87 -22.19 10.02 143.57
C HIS Z 87 -22.38 8.86 144.55
N HIS Z 88 -23.66 8.54 144.80
CA HIS Z 88 -24.03 7.43 145.64
C HIS Z 88 -23.40 6.15 145.13
N THR Z 89 -23.39 5.91 143.83
CA THR Z 89 -22.88 4.66 143.28
C THR Z 89 -21.43 4.51 143.53
N PHE Z 90 -20.64 5.53 143.22
CA PHE Z 90 -19.22 5.41 143.44
C PHE Z 90 -18.89 5.36 144.91
N TYR Z 91 -19.32 6.37 145.64
CA TYR Z 91 -18.83 6.50 146.98
C TYR Z 91 -19.40 5.66 148.03
N ASN Z 92 -20.66 5.27 147.91
CA ASN Z 92 -21.29 4.49 148.96
C ASN Z 92 -21.47 3.05 148.52
N GLU Z 93 -22.05 2.83 147.35
CA GLU Z 93 -22.30 1.50 146.90
C GLU Z 93 -21.02 0.74 146.56
N LEU Z 94 -20.15 1.26 145.67
CA LEU Z 94 -18.95 0.53 145.29
C LEU Z 94 -17.78 0.95 146.17
N ARG Z 95 -17.93 2.06 146.92
CA ARG Z 95 -16.98 2.61 147.88
C ARG Z 95 -15.58 2.91 147.29
N VAL Z 96 -15.57 3.16 146.00
CA VAL Z 96 -14.32 3.44 145.30
C VAL Z 96 -14.16 4.95 145.21
N ALA Z 97 -12.94 5.42 144.95
CA ALA Z 97 -12.76 6.82 144.62
C ALA Z 97 -12.84 6.82 143.10
N PRO Z 98 -13.66 7.59 142.40
CA PRO Z 98 -13.75 7.59 140.94
C PRO Z 98 -12.54 8.08 140.18
N GLU Z 99 -11.75 9.02 140.78
CA GLU Z 99 -10.59 9.58 140.08
C GLU Z 99 -9.43 8.69 139.78
N GLU Z 100 -9.53 7.41 140.14
CA GLU Z 100 -8.56 6.47 139.62
C GLU Z 100 -9.22 5.27 138.94
N HIS Z 101 -10.50 5.35 138.51
CA HIS Z 101 -11.13 4.21 137.85
C HIS Z 101 -11.70 4.51 136.49
N PRO Z 102 -11.44 3.82 135.39
CA PRO Z 102 -12.06 4.11 134.10
C PRO Z 102 -13.52 3.71 134.31
N THR Z 103 -14.50 4.42 133.74
CA THR Z 103 -15.93 4.19 133.96
C THR Z 103 -16.68 3.90 132.65
N LEU Z 104 -17.26 2.70 132.39
CA LEU Z 104 -18.06 2.46 131.20
C LEU Z 104 -19.46 2.67 131.64
N LEU Z 105 -20.11 3.59 130.95
CA LEU Z 105 -21.51 3.92 131.19
C LEU Z 105 -22.42 3.45 130.08
N THR Z 106 -23.74 3.42 130.29
CA THR Z 106 -24.58 3.07 129.18
C THR Z 106 -25.58 4.17 128.90
N GLU Z 107 -26.01 4.28 127.65
CA GLU Z 107 -27.10 5.19 127.31
C GLU Z 107 -28.18 4.43 126.54
N ALA Z 108 -29.29 5.10 126.32
CA ALA Z 108 -30.40 4.53 125.59
C ALA Z 108 -30.30 4.64 124.08
N PRO Z 109 -31.08 3.83 123.37
CA PRO Z 109 -31.15 3.82 121.94
C PRO Z 109 -31.06 5.10 121.13
N LEU Z 110 -31.89 6.13 121.25
CA LEU Z 110 -31.72 7.28 120.38
C LEU Z 110 -31.45 8.45 121.31
N ASN Z 111 -30.53 8.26 122.26
CA ASN Z 111 -30.15 9.21 123.28
C ASN Z 111 -29.64 10.44 122.56
N PRO Z 112 -30.23 11.58 122.85
CA PRO Z 112 -29.84 12.85 122.25
C PRO Z 112 -28.38 13.18 122.38
N LYS Z 113 -27.73 13.53 121.27
CA LYS Z 113 -26.30 13.84 121.18
C LYS Z 113 -25.73 14.67 122.33
N ALA Z 114 -26.57 15.61 122.71
CA ALA Z 114 -26.31 16.59 123.75
C ALA Z 114 -26.21 16.02 125.15
N ASN Z 115 -26.93 14.93 125.43
CA ASN Z 115 -26.90 14.22 126.69
C ASN Z 115 -25.60 13.45 126.83
N ARG Z 116 -25.18 12.75 125.74
CA ARG Z 116 -23.97 11.92 125.74
C ARG Z 116 -22.83 12.88 125.99
N GLU Z 117 -22.85 14.07 125.38
CA GLU Z 117 -21.90 15.12 125.73
C GLU Z 117 -22.07 15.64 127.18
N LYS Z 118 -23.28 15.74 127.75
CA LYS Z 118 -23.44 16.24 129.10
C LYS Z 118 -22.96 15.27 130.15
N MET Z 119 -23.28 13.98 130.10
CA MET Z 119 -22.76 13.05 131.08
C MET Z 119 -21.26 12.86 130.97
N THR Z 120 -20.68 13.26 129.87
CA THR Z 120 -19.25 13.21 129.70
C THR Z 120 -18.67 14.41 130.42
N GLN Z 121 -19.29 15.57 130.21
CA GLN Z 121 -18.97 16.80 130.92
C GLN Z 121 -19.00 16.52 132.42
N ILE Z 122 -20.01 15.84 132.97
CA ILE Z 122 -20.11 15.58 134.40
C ILE Z 122 -19.16 14.47 134.84
N MET Z 123 -18.92 13.46 134.00
CA MET Z 123 -18.01 12.40 134.42
C MET Z 123 -16.63 12.99 134.55
N PHE Z 124 -16.10 13.62 133.51
CA PHE Z 124 -14.76 14.18 133.55
C PHE Z 124 -14.63 15.44 134.38
N GLU Z 125 -15.58 16.38 134.28
CA GLU Z 125 -15.40 17.62 135.03
C GLU Z 125 -15.91 17.61 136.45
N THR Z 126 -16.91 16.83 136.93
CA THR Z 126 -17.20 16.91 138.36
C THR Z 126 -16.72 15.64 139.04
N PHE Z 127 -16.57 14.46 138.39
CA PHE Z 127 -16.06 13.27 139.11
C PHE Z 127 -14.57 12.94 138.90
N ASN Z 128 -14.04 13.57 137.84
CA ASN Z 128 -12.63 13.51 137.49
C ASN Z 128 -12.20 12.06 137.30
N VAL Z 129 -12.95 11.29 136.50
CA VAL Z 129 -12.57 9.89 136.27
C VAL Z 129 -11.39 9.89 135.27
N PRO Z 130 -10.42 8.93 135.24
CA PRO Z 130 -9.31 8.95 134.29
C PRO Z 130 -9.76 8.90 132.82
N ALA Z 131 -10.72 8.01 132.57
CA ALA Z 131 -11.27 7.76 131.26
C ALA Z 131 -12.67 7.16 131.39
N MET Z 132 -13.48 7.32 130.35
CA MET Z 132 -14.82 6.80 130.32
C MET Z 132 -15.24 6.42 128.92
N TYR Z 133 -16.49 5.95 128.73
CA TYR Z 133 -16.95 5.38 127.46
C TYR Z 133 -18.44 5.22 127.63
N VAL Z 134 -19.27 5.50 126.64
CA VAL Z 134 -20.71 5.33 126.78
C VAL Z 134 -21.13 4.25 125.77
N ALA Z 135 -21.56 3.03 126.15
CA ALA Z 135 -22.07 2.05 125.19
C ALA Z 135 -23.60 2.08 125.00
N ILE Z 136 -24.21 1.71 123.89
CA ILE Z 136 -25.68 1.77 123.77
C ILE Z 136 -26.16 0.48 124.37
N GLN Z 137 -27.27 0.53 125.09
CA GLN Z 137 -27.69 -0.64 125.84
C GLN Z 137 -27.98 -1.88 125.03
N ALA Z 138 -28.90 -1.89 124.05
CA ALA Z 138 -29.11 -3.07 123.20
C ALA Z 138 -27.86 -3.71 122.58
N VAL Z 139 -26.92 -2.82 122.29
CA VAL Z 139 -25.68 -3.24 121.71
C VAL Z 139 -24.89 -4.06 122.74
N LEU Z 140 -24.87 -3.73 124.03
CA LEU Z 140 -24.17 -4.56 125.03
C LEU Z 140 -24.94 -5.83 125.30
N SER Z 141 -26.24 -5.78 125.20
CA SER Z 141 -26.99 -7.00 125.41
C SER Z 141 -26.67 -8.01 124.35
N LEU Z 142 -26.61 -7.60 123.07
CA LEU Z 142 -26.34 -8.51 121.97
C LEU Z 142 -25.01 -9.24 122.02
N TYR Z 143 -24.07 -8.36 122.34
CA TYR Z 143 -22.68 -8.74 122.43
C TYR Z 143 -22.43 -9.71 123.58
N ALA Z 144 -23.11 -9.51 124.70
CA ALA Z 144 -23.05 -10.43 125.81
C ALA Z 144 -23.65 -11.78 125.40
N SER Z 145 -24.42 -11.90 124.31
CA SER Z 145 -24.92 -13.20 123.88
C SER Z 145 -24.03 -13.74 122.78
N GLY Z 146 -22.79 -13.26 122.75
CA GLY Z 146 -21.78 -13.63 121.80
C GLY Z 146 -21.85 -12.83 120.51
N ARG Z 147 -23.01 -12.60 119.89
CA ARG Z 147 -23.04 -12.03 118.55
C ARG Z 147 -22.95 -10.53 118.27
N THR Z 148 -22.92 -10.20 116.97
CA THR Z 148 -22.78 -8.83 116.50
C THR Z 148 -23.85 -8.30 115.58
N THR Z 149 -24.65 -9.20 115.06
CA THR Z 149 -25.81 -8.85 114.26
C THR Z 149 -26.89 -9.70 114.90
N GLY Z 150 -28.00 -8.99 115.04
CA GLY Z 150 -29.23 -9.49 115.60
C GLY Z 150 -30.16 -8.33 115.88
N ILE Z 151 -31.33 -8.56 116.46
CA ILE Z 151 -32.20 -7.45 116.83
C ILE Z 151 -32.53 -7.73 118.31
N VAL Z 152 -32.33 -6.73 119.17
CA VAL Z 152 -32.62 -6.90 120.59
C VAL Z 152 -34.01 -6.35 120.94
N LEU Z 153 -34.86 -7.14 121.62
CA LEU Z 153 -36.07 -6.59 122.16
C LEU Z 153 -35.62 -6.31 123.59
N ASP Z 154 -35.54 -5.03 123.92
CA ASP Z 154 -35.06 -4.67 125.25
C ASP Z 154 -36.19 -4.02 126.02
N SER Z 155 -36.47 -4.50 127.25
CA SER Z 155 -37.62 -4.14 128.07
C SER Z 155 -37.39 -4.13 129.57
N GLY Z 156 -37.43 -2.95 130.14
CA GLY Z 156 -37.10 -2.88 131.55
C GLY Z 156 -38.20 -2.31 132.39
N ASP Z 157 -37.87 -1.21 133.05
CA ASP Z 157 -38.86 -0.62 133.89
C ASP Z 157 -39.66 0.50 133.30
N GLY Z 158 -39.15 1.47 132.56
CA GLY Z 158 -39.96 2.50 131.94
C GLY Z 158 -40.05 2.35 130.40
N VAL Z 159 -39.11 1.73 129.63
CA VAL Z 159 -39.17 1.63 128.16
C VAL Z 159 -38.98 0.23 127.63
N THR Z 160 -39.58 0.00 126.42
CA THR Z 160 -39.30 -1.14 125.56
C THR Z 160 -38.74 -0.65 124.24
N HIS Z 161 -37.84 -1.42 123.64
CA HIS Z 161 -37.15 -0.99 122.45
C HIS Z 161 -36.92 -2.20 121.62
N ASN Z 162 -36.69 -1.93 120.35
CA ASN Z 162 -36.23 -2.94 119.38
C ASN Z 162 -35.02 -2.33 118.72
N VAL Z 163 -33.82 -2.87 118.86
CA VAL Z 163 -32.70 -2.17 118.25
C VAL Z 163 -32.02 -3.17 117.35
N PRO Z 164 -32.22 -3.04 116.03
CA PRO Z 164 -31.61 -3.91 115.03
C PRO Z 164 -30.15 -3.48 114.98
N ILE Z 165 -29.19 -4.42 115.13
CA ILE Z 165 -27.76 -4.11 115.08
C ILE Z 165 -27.05 -4.93 114.01
N TYR Z 166 -26.25 -4.31 113.15
CA TYR Z 166 -25.55 -5.02 112.10
C TYR Z 166 -24.04 -4.80 112.21
N GLU Z 167 -23.31 -5.88 112.44
CA GLU Z 167 -21.87 -5.83 112.66
C GLU Z 167 -21.40 -4.73 113.59
N GLY Z 168 -22.30 -4.54 114.56
CA GLY Z 168 -22.10 -3.70 115.70
C GLY Z 168 -22.76 -2.36 115.67
N TYR Z 169 -23.14 -1.88 114.50
CA TYR Z 169 -23.74 -0.56 114.39
C TYR Z 169 -25.26 -0.68 114.50
N ALA Z 170 -25.81 -0.13 115.59
CA ALA Z 170 -27.25 -0.08 115.83
C ALA Z 170 -27.85 0.78 114.75
N LEU Z 171 -28.98 0.33 114.17
CA LEU Z 171 -29.54 0.97 112.98
C LEU Z 171 -30.58 2.01 113.33
N PRO Z 172 -30.18 3.27 113.48
CA PRO Z 172 -31.06 4.38 113.88
C PRO Z 172 -32.50 4.46 113.36
N HIS Z 173 -32.63 4.31 112.07
CA HIS Z 173 -33.95 4.38 111.43
C HIS Z 173 -34.76 3.11 111.59
N ALA Z 174 -34.37 2.10 112.31
CA ALA Z 174 -35.21 0.91 112.36
C ALA Z 174 -35.63 0.60 113.77
N ILE Z 175 -35.01 1.33 114.73
CA ILE Z 175 -35.27 1.29 116.20
C ILE Z 175 -36.69 1.72 116.53
N MET Z 176 -37.39 0.99 117.41
CA MET Z 176 -38.77 1.30 117.82
C MET Z 176 -38.77 1.32 119.32
N ARG Z 177 -39.52 2.26 119.83
CA ARG Z 177 -39.68 2.46 121.24
C ARG Z 177 -41.16 2.38 121.60
N LEU Z 178 -41.45 1.59 122.63
CA LEU Z 178 -42.79 1.40 123.09
C LEU Z 178 -42.72 1.74 124.56
N ASP Z 179 -43.31 2.86 124.99
CA ASP Z 179 -43.36 3.25 126.39
C ASP Z 179 -44.38 2.46 127.25
N LEU Z 180 -44.22 1.13 127.39
CA LEU Z 180 -45.01 0.33 128.30
C LEU Z 180 -44.05 -0.75 128.74
N ALA Z 181 -43.79 -0.84 130.04
CA ALA Z 181 -42.83 -1.78 130.54
C ALA Z 181 -43.23 -2.34 131.90
N GLY Z 182 -42.30 -2.85 132.72
CA GLY Z 182 -42.59 -3.52 133.98
C GLY Z 182 -43.31 -2.70 135.03
N ARG Z 183 -43.14 -1.37 135.00
CA ARG Z 183 -43.74 -0.38 135.89
C ARG Z 183 -45.24 -0.36 135.57
N ASP Z 184 -45.58 -0.15 134.29
CA ASP Z 184 -46.94 -0.17 133.76
C ASP Z 184 -47.60 -1.49 134.10
N LEU Z 185 -46.83 -2.58 133.93
CA LEU Z 185 -47.26 -3.94 134.18
C LEU Z 185 -47.59 -4.34 135.62
N THR Z 186 -46.93 -3.70 136.59
CA THR Z 186 -47.20 -3.94 138.01
C THR Z 186 -48.49 -3.20 138.34
N ASP Z 187 -48.76 -2.05 137.71
CA ASP Z 187 -49.93 -1.29 138.06
C ASP Z 187 -51.17 -1.87 137.44
N TYR Z 188 -51.02 -2.60 136.34
CA TYR Z 188 -52.16 -3.25 135.74
C TYR Z 188 -52.46 -4.49 136.55
N LEU Z 189 -51.47 -5.23 137.05
CA LEU Z 189 -51.75 -6.43 137.84
C LEU Z 189 -52.54 -6.02 139.05
N MET Z 190 -52.08 -4.91 139.64
CA MET Z 190 -52.67 -4.27 140.80
C MET Z 190 -54.18 -4.17 140.68
N LYS Z 191 -54.62 -3.54 139.58
CA LYS Z 191 -56.02 -3.40 139.31
C LYS Z 191 -56.56 -4.79 139.03
N ILE Z 192 -56.12 -5.69 138.16
CA ILE Z 192 -56.81 -6.98 138.00
C ILE Z 192 -56.85 -7.87 139.24
N LEU Z 193 -56.05 -7.51 140.24
CA LEU Z 193 -55.99 -8.25 141.48
C LEU Z 193 -56.92 -7.59 142.51
N THR Z 194 -57.11 -6.25 142.50
CA THR Z 194 -58.11 -5.64 143.37
C THR Z 194 -59.49 -5.98 142.83
N GLU Z 195 -59.54 -6.06 141.49
CA GLU Z 195 -60.69 -6.41 140.68
C GLU Z 195 -61.03 -7.90 140.92
N ARG Z 196 -60.09 -8.76 141.33
CA ARG Z 196 -60.36 -10.13 141.76
C ARG Z 196 -61.04 -10.13 143.14
N GLY Z 197 -61.24 -8.93 143.72
CA GLY Z 197 -61.91 -8.74 145.00
C GLY Z 197 -60.86 -8.61 146.08
N TYR Z 198 -59.95 -7.63 146.01
CA TYR Z 198 -58.88 -7.47 146.99
C TYR Z 198 -58.58 -6.02 147.28
N SER Z 199 -57.66 -5.87 148.26
CA SER Z 199 -57.22 -4.56 148.69
C SER Z 199 -55.76 -4.47 149.12
N PHE Z 200 -55.11 -3.63 148.32
CA PHE Z 200 -53.71 -3.32 148.55
C PHE Z 200 -53.87 -1.87 148.97
N VAL Z 201 -53.98 -1.93 150.30
CA VAL Z 201 -54.34 -0.73 151.02
C VAL Z 201 -53.13 -0.06 151.61
N THR Z 202 -52.39 -0.67 152.57
CA THR Z 202 -51.19 -0.03 153.14
C THR Z 202 -50.01 -0.18 152.17
N THR Z 203 -48.90 0.54 152.42
CA THR Z 203 -47.76 0.51 151.52
C THR Z 203 -47.06 -0.86 151.52
N ALA Z 204 -47.26 -1.66 152.56
CA ALA Z 204 -46.78 -3.04 152.60
C ALA Z 204 -47.62 -4.02 151.77
N GLU Z 205 -48.74 -3.52 151.25
CA GLU Z 205 -49.59 -4.28 150.38
C GLU Z 205 -49.20 -3.84 148.97
N ARG Z 206 -49.13 -2.53 148.69
CA ARG Z 206 -48.67 -2.01 147.39
C ARG Z 206 -47.39 -2.68 146.82
N GLU Z 207 -46.30 -2.64 147.59
CA GLU Z 207 -44.98 -3.06 147.14
C GLU Z 207 -44.88 -4.51 146.70
N ILE Z 208 -45.56 -5.37 147.45
CA ILE Z 208 -45.54 -6.80 147.19
C ILE Z 208 -46.35 -7.25 145.97
N VAL Z 209 -47.22 -6.40 145.35
CA VAL Z 209 -47.93 -6.78 144.12
C VAL Z 209 -46.85 -6.96 143.05
N ARG Z 210 -45.78 -6.17 143.15
CA ARG Z 210 -44.66 -6.24 142.27
C ARG Z 210 -43.92 -7.57 142.47
N ASP Z 211 -43.84 -8.10 143.70
CA ASP Z 211 -43.17 -9.38 143.97
C ASP Z 211 -44.04 -10.55 143.58
N ILE Z 212 -45.36 -10.31 143.48
CA ILE Z 212 -46.30 -11.30 142.95
C ILE Z 212 -46.04 -11.39 141.44
N LYS Z 213 -46.09 -10.26 140.71
CA LYS Z 213 -45.77 -10.15 139.29
C LYS Z 213 -44.49 -10.88 138.97
N GLU Z 214 -43.38 -10.60 139.66
CA GLU Z 214 -42.12 -11.27 139.38
C GLU Z 214 -42.21 -12.78 139.63
N LYS Z 215 -42.62 -13.27 140.81
CA LYS Z 215 -42.63 -14.70 141.14
C LYS Z 215 -43.64 -15.63 140.43
N LEU Z 216 -44.90 -15.19 140.39
CA LEU Z 216 -45.99 -15.98 139.86
C LEU Z 216 -46.41 -15.66 138.44
N CYS Z 217 -46.12 -14.51 137.83
CA CYS Z 217 -46.51 -14.27 136.44
C CYS Z 217 -45.79 -14.99 135.31
N TYR Z 218 -46.69 -15.28 134.35
CA TYR Z 218 -46.45 -16.15 133.19
C TYR Z 218 -46.82 -15.53 131.87
N VAL Z 219 -46.19 -15.96 130.77
CA VAL Z 219 -46.66 -15.56 129.45
C VAL Z 219 -46.97 -16.89 128.83
N ALA Z 220 -48.26 -17.06 128.75
CA ALA Z 220 -48.74 -18.24 128.09
C ALA Z 220 -48.78 -18.04 126.58
N LEU Z 221 -48.48 -19.19 126.00
CA LEU Z 221 -48.61 -19.44 124.59
C LEU Z 221 -50.01 -20.02 124.52
N ASP Z 222 -50.72 -19.47 123.53
CA ASP Z 222 -52.14 -19.72 123.33
C ASP Z 222 -52.89 -19.29 124.60
N PHE Z 223 -52.84 -17.96 124.69
CA PHE Z 223 -53.43 -17.18 125.78
C PHE Z 223 -54.94 -17.22 125.68
N GLU Z 224 -55.39 -17.64 124.48
CA GLU Z 224 -56.76 -17.89 124.05
C GLU Z 224 -57.43 -19.02 124.86
N ASN Z 225 -56.89 -20.22 124.64
CA ASN Z 225 -57.34 -21.41 125.31
C ASN Z 225 -56.50 -21.62 126.56
N GLU Z 226 -56.30 -20.53 127.29
CA GLU Z 226 -55.65 -20.53 128.60
C GLU Z 226 -56.64 -19.89 129.60
N MET Z 227 -57.38 -18.90 129.05
CA MET Z 227 -58.55 -18.31 129.68
C MET Z 227 -59.59 -19.42 129.73
N ALA Z 228 -59.84 -20.09 128.57
CA ALA Z 228 -60.74 -21.24 128.47
C ALA Z 228 -60.40 -22.32 129.52
N THR Z 229 -59.10 -22.60 129.65
CA THR Z 229 -58.60 -23.51 130.68
C THR Z 229 -58.92 -23.01 132.10
N ALA Z 230 -58.79 -21.68 132.30
CA ALA Z 230 -59.02 -21.04 133.59
C ALA Z 230 -60.38 -21.36 134.17
N ALA Z 231 -61.36 -21.32 133.23
CA ALA Z 231 -62.80 -21.58 133.46
C ALA Z 231 -63.19 -23.00 133.90
N SER Z 232 -62.64 -24.03 133.23
CA SER Z 232 -62.81 -25.43 133.63
C SER Z 232 -62.25 -25.66 135.03
N SER Z 233 -61.33 -24.72 135.42
CA SER Z 233 -60.61 -24.63 136.68
C SER Z 233 -59.97 -25.93 137.13
N SER Z 234 -58.78 -25.83 136.54
CA SER Z 234 -57.74 -26.80 136.76
C SER Z 234 -56.97 -26.32 137.98
N SER Z 235 -55.92 -27.10 138.28
CA SER Z 235 -54.98 -26.73 139.32
C SER Z 235 -53.96 -25.77 138.66
N LEU Z 236 -54.49 -24.70 138.00
CA LEU Z 236 -53.71 -23.63 137.38
C LEU Z 236 -53.51 -22.50 138.41
N GLU Z 237 -54.46 -22.33 139.36
CA GLU Z 237 -54.42 -21.33 140.45
C GLU Z 237 -53.13 -21.25 141.28
N LYS Z 238 -52.84 -20.08 141.88
CA LYS Z 238 -51.64 -19.96 142.69
C LYS Z 238 -51.73 -18.95 143.82
N SER Z 239 -51.76 -19.48 145.04
CA SER Z 239 -51.80 -18.64 146.23
C SER Z 239 -50.45 -18.33 146.85
N TYR Z 240 -50.29 -17.02 147.08
CA TYR Z 240 -49.11 -16.38 147.65
C TYR Z 240 -49.45 -15.96 149.08
N GLU Z 241 -48.58 -16.18 150.08
CA GLU Z 241 -48.83 -15.69 151.45
C GLU Z 241 -48.19 -14.31 151.64
N LEU Z 242 -49.04 -13.34 152.02
CA LEU Z 242 -48.66 -11.93 152.15
C LEU Z 242 -47.62 -11.60 153.26
N PRO Z 243 -47.21 -10.35 153.70
CA PRO Z 243 -46.22 -10.13 154.78
C PRO Z 243 -46.57 -10.88 156.09
N ASP Z 244 -47.91 -10.96 156.28
CA ASP Z 244 -48.61 -11.74 157.32
C ASP Z 244 -49.24 -13.03 156.69
N GLY Z 245 -50.23 -13.64 157.36
CA GLY Z 245 -50.91 -14.87 156.93
C GLY Z 245 -51.71 -14.74 155.64
N GLN Z 246 -52.56 -13.70 155.59
CA GLN Z 246 -53.44 -13.33 154.46
C GLN Z 246 -53.09 -13.88 153.06
N VAL Z 247 -53.38 -15.17 152.95
CA VAL Z 247 -53.12 -15.91 151.73
C VAL Z 247 -54.05 -15.45 150.60
N ILE Z 248 -53.38 -14.79 149.68
CA ILE Z 248 -54.07 -14.29 148.52
C ILE Z 248 -53.96 -15.31 147.39
N THR Z 249 -55.03 -15.52 146.62
CA THR Z 249 -54.98 -16.44 145.48
C THR Z 249 -55.11 -15.70 144.14
N ILE Z 250 -54.28 -16.20 143.21
CA ILE Z 250 -54.12 -15.67 141.88
C ILE Z 250 -54.08 -16.91 141.03
N GLY Z 251 -55.13 -17.09 140.27
CA GLY Z 251 -55.16 -18.23 139.40
C GLY Z 251 -54.72 -17.84 138.01
N ASN Z 252 -55.73 -17.14 137.52
CA ASN Z 252 -55.90 -16.73 136.14
C ASN Z 252 -55.07 -15.47 135.76
N GLU Z 253 -55.32 -14.27 136.34
CA GLU Z 253 -54.60 -12.98 136.15
C GLU Z 253 -53.08 -12.98 136.04
N ARG Z 254 -52.57 -14.02 136.68
CA ARG Z 254 -51.23 -14.50 136.59
C ARG Z 254 -50.58 -14.33 135.16
N PHE Z 255 -51.35 -14.60 134.09
CA PHE Z 255 -50.92 -14.44 132.70
C PHE Z 255 -51.65 -13.31 131.97
N ARG Z 256 -52.73 -12.78 132.55
CA ARG Z 256 -53.44 -11.67 131.95
C ARG Z 256 -52.56 -10.42 131.97
N CYS Z 257 -51.63 -10.40 132.92
CA CYS Z 257 -50.67 -9.30 133.08
C CYS Z 257 -49.63 -9.30 131.93
N PRO Z 258 -48.81 -10.32 131.60
CA PRO Z 258 -47.91 -10.28 130.46
C PRO Z 258 -48.67 -10.33 129.12
N GLU Z 259 -49.93 -10.83 128.97
CA GLU Z 259 -50.70 -10.71 127.72
C GLU Z 259 -50.79 -9.19 127.47
N THR Z 260 -50.54 -8.26 128.44
CA THR Z 260 -50.58 -6.84 128.16
C THR Z 260 -49.46 -6.49 127.19
N LEU Z 261 -48.27 -7.08 127.33
CA LEU Z 261 -47.19 -6.84 126.36
C LEU Z 261 -47.51 -7.19 124.88
N PHE Z 262 -48.44 -8.11 124.57
CA PHE Z 262 -48.85 -8.42 123.20
C PHE Z 262 -50.10 -7.66 122.79
N GLN Z 263 -50.93 -7.33 123.79
CA GLN Z 263 -52.14 -6.56 123.62
C GLN Z 263 -52.05 -5.33 124.54
N PRO Z 264 -51.64 -4.16 124.04
CA PRO Z 264 -51.54 -2.91 124.77
C PRO Z 264 -52.96 -2.37 125.03
N SER Z 265 -53.94 -2.89 124.27
CA SER Z 265 -55.37 -2.58 124.38
C SER Z 265 -56.01 -2.92 125.76
N PHE Z 266 -55.34 -3.83 126.51
CA PHE Z 266 -55.65 -4.20 127.87
C PHE Z 266 -55.47 -3.03 128.82
N ILE Z 267 -54.68 -2.06 128.36
CA ILE Z 267 -54.40 -0.90 129.17
C ILE Z 267 -54.66 0.42 128.47
N GLY Z 268 -55.61 0.44 127.54
CA GLY Z 268 -55.92 1.70 126.89
C GLY Z 268 -54.77 2.26 126.08
N MET Z 269 -53.86 1.35 125.70
CA MET Z 269 -52.84 1.74 124.74
C MET Z 269 -53.27 1.33 123.35
N GLU Z 270 -53.15 2.30 122.43
CA GLU Z 270 -53.44 2.11 121.00
C GLU Z 270 -52.25 1.68 120.12
N SER Z 271 -51.03 1.72 120.70
CA SER Z 271 -49.80 1.26 120.06
C SER Z 271 -49.87 -0.22 119.77
N ALA Z 272 -49.00 -0.64 118.84
CA ALA Z 272 -48.86 -2.05 118.50
C ALA Z 272 -48.12 -2.82 119.60
N GLY Z 273 -48.04 -4.15 119.58
CA GLY Z 273 -47.39 -4.86 120.67
C GLY Z 273 -46.05 -5.46 120.29
N ILE Z 274 -45.25 -5.78 121.33
CA ILE Z 274 -43.93 -6.39 121.24
C ILE Z 274 -43.57 -7.20 119.98
N HIS Z 275 -44.38 -8.19 119.60
CA HIS Z 275 -44.12 -9.06 118.46
C HIS Z 275 -44.30 -8.42 117.10
N GLU Z 276 -45.31 -7.57 117.00
CA GLU Z 276 -45.55 -6.84 115.78
C GLU Z 276 -44.48 -5.85 115.61
N THR Z 277 -44.05 -5.28 116.72
CA THR Z 277 -43.03 -4.25 116.70
C THR Z 277 -41.70 -4.88 116.34
N THR Z 278 -41.36 -6.09 116.81
CA THR Z 278 -40.15 -6.81 116.43
C THR Z 278 -40.06 -6.90 114.88
N TYR Z 279 -41.23 -7.27 114.38
CA TYR Z 279 -41.45 -7.47 112.98
C TYR Z 279 -41.35 -6.16 112.28
N ASN Z 280 -42.01 -5.10 112.71
CA ASN Z 280 -42.02 -3.90 111.91
C ASN Z 280 -40.64 -3.29 111.78
N SER Z 281 -39.82 -3.47 112.84
CA SER Z 281 -38.44 -3.00 112.91
C SER Z 281 -37.73 -3.64 111.74
N ILE Z 282 -38.03 -4.95 111.66
CA ILE Z 282 -37.42 -5.84 110.67
C ILE Z 282 -37.92 -5.47 109.30
N MET Z 283 -39.20 -5.22 108.96
CA MET Z 283 -39.48 -4.82 107.58
C MET Z 283 -39.15 -3.34 107.27
N LYS Z 284 -38.44 -2.65 108.21
CA LYS Z 284 -37.86 -1.30 108.04
C LYS Z 284 -36.36 -1.30 107.74
N CYS Z 285 -35.75 -2.49 107.81
CA CYS Z 285 -34.34 -2.69 107.59
C CYS Z 285 -34.03 -3.13 106.18
N ASP Z 286 -32.75 -3.14 105.77
CA ASP Z 286 -32.41 -3.65 104.46
C ASP Z 286 -32.80 -5.11 104.43
N ILE Z 287 -33.21 -5.44 103.20
CA ILE Z 287 -33.72 -6.75 102.71
C ILE Z 287 -32.80 -7.98 102.84
N ASP Z 288 -31.55 -7.70 102.48
CA ASP Z 288 -30.50 -8.67 102.55
C ASP Z 288 -30.19 -8.93 104.02
N ILE Z 289 -30.41 -8.00 104.98
CA ILE Z 289 -30.07 -8.30 106.38
C ILE Z 289 -31.23 -8.91 107.13
N ARG Z 290 -32.45 -8.92 106.58
CA ARG Z 290 -33.57 -9.47 107.29
C ARG Z 290 -33.39 -10.98 107.57
N LYS Z 291 -32.68 -11.89 106.86
CA LYS Z 291 -32.63 -13.25 107.40
C LYS Z 291 -31.84 -13.32 108.72
N ASP Z 292 -30.85 -12.40 108.87
CA ASP Z 292 -29.96 -12.37 110.01
C ASP Z 292 -30.70 -11.96 111.27
N LEU Z 293 -31.36 -10.81 111.20
CA LEU Z 293 -32.17 -10.34 112.28
C LEU Z 293 -33.18 -11.38 112.73
N TYR Z 294 -33.82 -12.11 111.79
CA TYR Z 294 -34.81 -13.10 112.18
C TYR Z 294 -34.26 -14.27 112.92
N ALA Z 295 -33.05 -14.67 112.64
CA ALA Z 295 -32.51 -15.80 113.37
C ALA Z 295 -31.77 -15.34 114.63
N ASN Z 296 -31.92 -14.06 115.01
CA ASN Z 296 -31.20 -13.53 116.15
C ASN Z 296 -31.94 -12.45 116.88
N ASN Z 297 -33.05 -12.87 117.45
CA ASN Z 297 -33.89 -12.02 118.27
C ASN Z 297 -33.40 -12.24 119.68
N VAL Z 298 -32.60 -11.34 120.18
CA VAL Z 298 -32.03 -11.51 121.49
C VAL Z 298 -32.94 -10.69 122.37
N MET Z 299 -33.27 -11.31 123.51
CA MET Z 299 -34.06 -10.62 124.50
C MET Z 299 -33.25 -10.18 125.71
N SER Z 300 -33.49 -8.96 126.17
CA SER Z 300 -32.89 -8.56 127.42
C SER Z 300 -33.83 -7.64 128.17
N GLY Z 301 -33.63 -7.57 129.50
CA GLY Z 301 -34.42 -6.72 130.35
C GLY Z 301 -35.30 -7.45 131.37
N GLY Z 302 -35.49 -6.82 132.54
CA GLY Z 302 -36.27 -7.41 133.61
C GLY Z 302 -37.65 -7.86 133.15
N THR Z 303 -38.36 -7.07 132.34
CA THR Z 303 -39.69 -7.44 131.96
C THR Z 303 -39.71 -8.55 130.92
N THR Z 304 -38.61 -9.00 130.32
CA THR Z 304 -38.65 -10.11 129.36
C THR Z 304 -38.40 -11.45 130.03
N MET Z 305 -38.40 -11.43 131.38
CA MET Z 305 -38.10 -12.61 132.17
C MET Z 305 -39.32 -13.49 132.45
N TYR Z 306 -40.57 -12.99 132.25
CA TYR Z 306 -41.80 -13.76 132.42
C TYR Z 306 -41.67 -15.09 131.73
N PRO Z 307 -41.65 -16.30 132.34
CA PRO Z 307 -41.54 -17.56 131.62
C PRO Z 307 -42.51 -17.69 130.43
N GLY Z 308 -42.04 -18.34 129.35
CA GLY Z 308 -42.85 -18.61 128.16
C GLY Z 308 -43.05 -17.43 127.24
N ILE Z 309 -42.17 -16.44 127.46
CA ILE Z 309 -42.15 -15.20 126.70
C ILE Z 309 -41.56 -15.42 125.34
N ALA Z 310 -40.55 -16.29 125.39
CA ALA Z 310 -39.76 -16.66 124.24
C ALA Z 310 -40.62 -17.54 123.33
N ASP Z 311 -41.34 -18.58 123.86
CA ASP Z 311 -42.20 -19.46 123.05
C ASP Z 311 -43.33 -18.69 122.36
N ARG Z 312 -44.00 -17.79 123.10
CA ARG Z 312 -45.02 -16.93 122.54
C ARG Z 312 -44.37 -16.09 121.45
N MET Z 313 -43.20 -15.47 121.65
CA MET Z 313 -42.58 -14.62 120.63
C MET Z 313 -42.12 -15.38 119.40
N GLN Z 314 -41.74 -16.63 119.64
CA GLN Z 314 -41.28 -17.61 118.66
C GLN Z 314 -42.35 -17.83 117.65
N LYS Z 315 -43.53 -18.15 118.20
CA LYS Z 315 -44.69 -18.38 117.39
C LYS Z 315 -45.38 -17.13 116.93
N GLU Z 316 -45.12 -16.04 117.62
CA GLU Z 316 -45.73 -14.81 117.20
C GLU Z 316 -45.08 -14.30 115.91
N ILE Z 317 -43.73 -14.37 115.83
CA ILE Z 317 -43.14 -13.88 114.61
C ILE Z 317 -43.03 -14.97 113.55
N THR Z 318 -43.01 -16.28 113.81
CA THR Z 318 -42.99 -17.28 112.74
C THR Z 318 -44.18 -17.06 111.83
N ALA Z 319 -45.31 -16.92 112.50
CA ALA Z 319 -46.56 -16.67 111.82
C ALA Z 319 -46.78 -15.26 111.25
N LEU Z 320 -45.75 -14.40 111.23
CA LEU Z 320 -45.85 -13.12 110.52
C LEU Z 320 -44.76 -13.00 109.46
N ALA Z 321 -43.71 -13.79 109.68
CA ALA Z 321 -42.56 -13.86 108.80
C ALA Z 321 -42.77 -14.78 107.60
N PRO Z 322 -42.16 -14.53 106.42
CA PRO Z 322 -42.31 -15.38 105.22
C PRO Z 322 -41.82 -16.80 105.52
N SER Z 323 -42.54 -17.92 105.25
CA SER Z 323 -42.09 -19.28 105.65
C SER Z 323 -40.71 -19.81 105.27
N THR Z 324 -40.12 -19.12 104.29
CA THR Z 324 -38.78 -19.38 103.81
C THR Z 324 -37.75 -18.98 104.88
N MET Z 325 -38.21 -18.34 105.96
CA MET Z 325 -37.36 -17.78 106.97
C MET Z 325 -37.18 -18.66 108.19
N LYS Z 326 -36.01 -18.48 108.76
CA LYS Z 326 -35.68 -19.09 110.02
C LYS Z 326 -35.86 -18.02 111.10
N ILE Z 327 -36.69 -18.38 112.09
CA ILE Z 327 -36.97 -17.53 113.24
C ILE Z 327 -36.05 -18.04 114.35
N LYS Z 328 -35.52 -17.20 115.26
CA LYS Z 328 -34.80 -17.71 116.42
C LYS Z 328 -34.72 -16.66 117.52
N ILE Z 329 -35.48 -16.98 118.60
CA ILE Z 329 -35.64 -16.12 119.77
C ILE Z 329 -34.71 -16.56 120.91
N ILE Z 330 -33.59 -15.87 121.07
CA ILE Z 330 -32.64 -16.14 122.12
C ILE Z 330 -33.07 -15.28 123.33
N ALA Z 331 -33.23 -15.98 124.46
CA ALA Z 331 -33.58 -15.40 125.75
C ALA Z 331 -32.68 -16.06 126.80
N PRO Z 332 -31.51 -15.55 127.15
CA PRO Z 332 -30.65 -16.16 128.16
C PRO Z 332 -31.21 -15.98 129.57
N PRO Z 333 -30.74 -16.78 130.55
CA PRO Z 333 -31.18 -16.75 131.93
C PRO Z 333 -30.74 -15.51 132.67
N GLU Z 334 -29.52 -15.03 132.42
CA GLU Z 334 -29.09 -13.87 133.14
C GLU Z 334 -29.69 -12.64 132.51
N ARG Z 335 -30.59 -12.68 131.51
CA ARG Z 335 -31.09 -11.47 130.84
C ARG Z 335 -31.48 -10.19 131.59
N LYS Z 336 -31.87 -10.26 132.87
CA LYS Z 336 -32.09 -9.03 133.63
C LYS Z 336 -30.76 -8.27 133.80
N TYR Z 337 -29.57 -8.84 133.59
CA TYR Z 337 -28.30 -8.11 133.56
C TYR Z 337 -27.53 -8.22 132.21
N SER Z 338 -28.13 -8.57 131.05
CA SER Z 338 -27.40 -8.71 129.78
C SER Z 338 -26.56 -7.53 129.42
N VAL Z 339 -27.24 -6.39 129.46
CA VAL Z 339 -26.66 -5.08 129.25
C VAL Z 339 -25.41 -4.94 130.06
N TRP Z 340 -25.48 -5.23 131.37
CA TRP Z 340 -24.36 -4.98 132.27
C TRP Z 340 -23.21 -5.93 131.97
N ILE Z 341 -23.57 -7.18 131.70
CA ILE Z 341 -22.60 -8.23 131.53
C ILE Z 341 -21.87 -7.95 130.25
N GLY Z 342 -22.57 -7.46 129.20
CA GLY Z 342 -21.98 -7.11 127.92
C GLY Z 342 -20.95 -6.00 128.12
N GLY Z 343 -21.19 -5.11 129.08
CA GLY Z 343 -20.29 -4.02 129.39
C GLY Z 343 -19.08 -4.55 130.15
N SER Z 344 -19.30 -5.50 131.07
CA SER Z 344 -18.23 -6.09 131.85
C SER Z 344 -17.22 -6.81 130.99
N ILE Z 345 -17.75 -7.52 130.00
CA ILE Z 345 -16.95 -8.28 129.05
C ILE Z 345 -16.12 -7.30 128.24
N LEU Z 346 -16.83 -6.42 127.54
CA LEU Z 346 -16.24 -5.44 126.66
C LEU Z 346 -15.19 -4.61 127.38
N ALA Z 347 -15.51 -4.11 128.56
CA ALA Z 347 -14.58 -3.19 129.22
C ALA Z 347 -13.42 -3.94 129.83
N SER Z 348 -13.55 -5.23 130.13
CA SER Z 348 -12.39 -5.94 130.65
C SER Z 348 -11.51 -6.46 129.50
N LEU Z 349 -12.08 -6.47 128.29
CA LEU Z 349 -11.37 -6.87 127.08
C LEU Z 349 -10.11 -6.09 126.79
N SER Z 350 -9.28 -7.01 126.29
CA SER Z 350 -7.94 -6.81 125.79
C SER Z 350 -7.92 -5.75 124.68
N THR Z 351 -8.91 -5.67 123.79
CA THR Z 351 -8.89 -4.68 122.71
C THR Z 351 -9.59 -3.36 122.93
N PHE Z 352 -10.23 -3.21 124.08
CA PHE Z 352 -11.06 -2.04 124.32
C PHE Z 352 -10.31 -0.81 124.80
N GLN Z 353 -9.10 -1.12 125.23
CA GLN Z 353 -8.26 -0.10 125.83
C GLN Z 353 -8.10 1.08 124.91
N GLN Z 354 -7.91 0.82 123.61
CA GLN Z 354 -7.78 1.89 122.64
C GLN Z 354 -9.09 2.64 122.30
N MET Z 355 -10.28 2.29 122.84
CA MET Z 355 -11.46 3.15 122.67
C MET Z 355 -11.85 3.98 123.92
N TRP Z 356 -11.24 3.75 125.09
CA TRP Z 356 -11.49 4.59 126.25
C TRP Z 356 -11.31 6.09 126.04
N ILE Z 357 -12.28 7.01 126.25
CA ILE Z 357 -11.99 8.46 126.10
C ILE Z 357 -11.21 8.94 127.33
N THR Z 358 -9.95 9.38 127.16
CA THR Z 358 -9.15 9.79 128.30
C THR Z 358 -9.28 11.27 128.53
N LYS Z 359 -9.03 11.75 129.76
CA LYS Z 359 -8.96 13.18 130.05
C LYS Z 359 -8.06 13.95 129.09
N GLN Z 360 -7.05 13.28 128.49
CA GLN Z 360 -6.17 13.86 127.49
C GLN Z 360 -7.12 14.16 126.33
N GLU Z 361 -7.77 13.15 125.71
CA GLU Z 361 -8.75 13.43 124.65
C GLU Z 361 -9.74 14.55 125.00
N TYR Z 362 -10.31 14.48 126.19
CA TYR Z 362 -11.30 15.46 126.57
C TYR Z 362 -10.73 16.87 126.74
N ASP Z 363 -9.76 17.09 127.63
CA ASP Z 363 -9.21 18.42 127.87
C ASP Z 363 -8.75 19.08 126.57
N GLU Z 364 -8.43 18.23 125.59
CA GLU Z 364 -8.05 18.70 124.28
C GLU Z 364 -9.14 18.81 123.22
N ALA Z 365 -10.21 17.97 123.22
CA ALA Z 365 -11.23 18.01 122.14
C ALA Z 365 -12.67 18.50 122.44
N GLY Z 366 -12.93 18.69 123.75
CA GLY Z 366 -14.24 19.08 124.27
C GLY Z 366 -15.18 17.88 124.27
N PRO Z 367 -16.42 17.93 124.80
CA PRO Z 367 -17.30 16.77 124.97
C PRO Z 367 -17.64 16.01 123.68
N SER Z 368 -17.43 16.76 122.60
CA SER Z 368 -17.55 16.31 121.23
C SER Z 368 -16.78 15.01 121.02
N ILE Z 369 -15.56 14.92 121.58
CA ILE Z 369 -14.69 13.76 121.47
C ILE Z 369 -15.34 12.38 121.65
N VAL Z 370 -16.07 12.20 122.75
CA VAL Z 370 -16.71 10.91 123.07
C VAL Z 370 -18.04 10.76 122.35
N HIS Z 371 -18.61 11.92 121.96
CA HIS Z 371 -19.90 11.89 121.35
C HIS Z 371 -19.94 11.02 120.06
N ARG Z 372 -18.80 10.91 119.36
CA ARG Z 372 -18.63 10.15 118.11
C ARG Z 372 -19.52 10.87 117.04
N ASP AA 1 -74.73 22.37 77.37
CA ASP AA 1 -74.90 22.39 78.85
C ASP AA 1 -75.09 20.98 79.42
N GLU AA 2 -75.86 20.21 78.64
CA GLU AA 2 -76.18 18.81 78.82
C GLU AA 2 -75.11 18.06 79.61
N ASP AA 3 -73.90 18.30 79.12
CA ASP AA 3 -72.75 17.86 79.85
C ASP AA 3 -71.71 18.98 80.03
N GLU AA 4 -71.88 20.22 79.52
CA GLU AA 4 -70.93 21.34 79.74
C GLU AA 4 -70.81 21.62 81.24
N THR AA 5 -72.00 21.60 81.90
CA THR AA 5 -72.16 21.77 83.35
C THR AA 5 -71.80 20.52 84.18
N THR AA 6 -72.30 19.48 83.51
CA THR AA 6 -72.44 18.10 83.91
C THR AA 6 -71.18 17.23 84.00
N ALA AA 7 -70.01 17.61 83.44
CA ALA AA 7 -68.82 16.77 83.57
C ALA AA 7 -68.23 16.88 84.96
N LEU AA 8 -67.91 15.73 85.56
CA LEU AA 8 -67.34 15.67 86.90
C LEU AA 8 -65.85 15.44 86.81
N VAL AA 9 -65.02 15.88 87.77
CA VAL AA 9 -63.60 15.59 87.69
C VAL AA 9 -63.22 15.11 89.04
N CYS AA 10 -62.77 13.86 89.08
CA CYS AA 10 -62.41 13.26 90.33
C CYS AA 10 -60.98 12.84 90.29
N ASP AA 11 -60.14 13.50 91.10
CA ASP AA 11 -58.76 13.11 91.24
C ASP AA 11 -58.47 12.33 92.54
N ASN AA 12 -58.22 11.02 92.38
CA ASN AA 12 -58.04 10.08 93.45
C ASN AA 12 -56.59 10.07 93.88
N GLY AA 13 -56.33 10.39 95.15
CA GLY AA 13 -54.98 10.40 95.66
C GLY AA 13 -54.79 9.41 96.78
N SER AA 14 -53.51 9.38 97.15
CA SER AA 14 -53.09 8.55 98.24
C SER AA 14 -53.52 9.16 99.56
N GLY AA 15 -53.63 10.48 99.71
CA GLY AA 15 -54.00 11.10 100.96
C GLY AA 15 -55.34 11.77 100.81
N LEU AA 16 -55.55 12.55 99.75
CA LEU AA 16 -56.77 13.30 99.47
C LEU AA 16 -57.51 13.00 98.18
N VAL AA 17 -58.85 13.15 98.13
CA VAL AA 17 -59.60 13.09 96.90
C VAL AA 17 -59.82 14.55 96.54
N LYS AA 18 -59.75 14.98 95.30
CA LYS AA 18 -60.11 16.33 94.90
C LYS AA 18 -61.24 16.14 93.89
N ALA AA 19 -62.38 16.81 94.01
CA ALA AA 19 -63.52 16.53 93.16
C ALA AA 19 -64.34 17.79 92.91
N GLY AA 20 -65.25 17.77 91.96
CA GLY AA 20 -65.92 19.01 91.58
C GLY AA 20 -66.39 18.91 90.16
N PHE AA 21 -66.82 20.05 89.62
CA PHE AA 21 -67.40 20.08 88.27
C PHE AA 21 -66.43 20.71 87.31
N ALA AA 22 -66.30 20.11 86.12
CA ALA AA 22 -65.48 20.64 85.04
C ALA AA 22 -66.11 21.98 84.79
N GLY AA 23 -65.24 22.97 84.72
CA GLY AA 23 -65.73 24.32 84.63
C GLY AA 23 -65.20 25.06 85.84
N ASP AA 24 -65.38 24.57 87.07
CA ASP AA 24 -64.90 25.28 88.25
C ASP AA 24 -63.40 25.50 88.24
N ASP AA 25 -62.93 26.43 89.08
CA ASP AA 25 -61.51 26.82 89.09
C ASP AA 25 -60.63 26.01 90.05
N ALA AA 26 -61.36 25.37 91.00
CA ALA AA 26 -60.78 24.58 92.08
C ALA AA 26 -61.78 23.52 92.52
N PRO AA 27 -61.31 22.42 93.16
CA PRO AA 27 -62.18 21.33 93.61
C PRO AA 27 -63.27 21.75 94.61
N ARG AA 28 -64.47 21.30 94.31
CA ARG AA 28 -65.59 21.53 95.19
C ARG AA 28 -65.44 20.65 96.41
N ALA AA 29 -64.72 19.53 96.31
CA ALA AA 29 -64.62 18.61 97.40
C ALA AA 29 -63.21 18.07 97.55
N VAL AA 30 -62.70 18.18 98.78
CA VAL AA 30 -61.35 17.74 99.11
C VAL AA 30 -61.49 17.05 100.46
N PHE AA 31 -61.02 15.81 100.59
CA PHE AA 31 -61.22 15.07 101.82
C PHE AA 31 -60.35 13.86 101.92
N PRO AA 32 -59.97 13.32 103.08
CA PRO AA 32 -59.13 12.15 103.15
C PRO AA 32 -59.72 10.90 102.49
N SER AA 33 -58.73 10.15 102.02
CA SER AA 33 -58.91 8.97 101.26
C SER AA 33 -58.83 7.83 102.26
N ILE AA 34 -59.73 7.81 103.23
CA ILE AA 34 -59.84 6.72 104.19
C ILE AA 34 -61.22 6.11 104.23
N VAL AA 35 -61.36 4.93 104.82
CA VAL AA 35 -62.60 4.22 104.95
C VAL AA 35 -62.39 3.58 106.29
N GLY AA 36 -63.21 3.99 107.24
CA GLY AA 36 -63.13 3.53 108.59
C GLY AA 36 -64.19 2.50 108.82
N ARG AA 37 -63.79 1.51 109.59
CA ARG AA 37 -64.63 0.37 109.91
C ARG AA 37 -64.70 0.27 111.44
N PRO AA 38 -65.83 0.49 112.13
CA PRO AA 38 -65.88 0.46 113.60
C PRO AA 38 -65.41 -0.80 114.29
N ARG AA 39 -64.43 -0.59 115.16
CA ARG AA 39 -63.94 -1.66 116.01
C ARG AA 39 -64.95 -2.21 117.00
N HIS AA 40 -66.09 -1.49 117.35
CA HIS AA 40 -67.06 -2.01 118.35
C HIS AA 40 -68.50 -1.79 118.02
N GLN AA 41 -69.45 -2.53 118.59
CA GLN AA 41 -70.81 -2.23 118.26
C GLN AA 41 -71.40 -1.17 119.17
N GLY AA 42 -72.13 -0.23 118.55
CA GLY AA 42 -72.70 0.91 119.23
C GLY AA 42 -73.07 2.00 118.26
N VAL AA 43 -73.61 3.11 118.76
CA VAL AA 43 -74.07 4.23 117.95
C VAL AA 43 -73.74 5.65 118.45
N MET AA 44 -73.84 6.64 117.56
CA MET AA 44 -73.74 8.04 118.00
C MET AA 44 -75.18 8.36 118.34
N VAL AA 45 -75.40 9.35 119.20
CA VAL AA 45 -76.71 9.80 119.57
C VAL AA 45 -77.51 10.33 118.38
N GLY AA 46 -78.58 9.62 118.05
CA GLY AA 46 -79.50 10.08 117.04
C GLY AA 46 -79.26 9.41 115.71
N MET AA 47 -78.10 8.77 115.56
CA MET AA 47 -77.85 8.03 114.35
C MET AA 47 -78.11 6.56 114.55
N GLY AA 48 -78.16 5.86 113.42
CA GLY AA 48 -78.21 4.41 113.40
C GLY AA 48 -76.79 3.85 113.32
N GLN AA 49 -76.76 2.51 113.47
CA GLN AA 49 -75.56 1.72 113.28
C GLN AA 49 -75.01 1.93 111.86
N LYS AA 50 -73.74 2.21 111.80
CA LYS AA 50 -73.10 2.55 110.57
C LYS AA 50 -72.06 1.49 110.45
N ASP AA 51 -72.05 0.97 109.23
CA ASP AA 51 -71.11 -0.07 108.90
C ASP AA 51 -69.73 0.48 108.52
N SER AA 52 -69.72 1.73 108.11
CA SER AA 52 -68.54 2.25 107.50
C SER AA 52 -68.48 3.76 107.59
N TYR AA 53 -67.33 4.34 107.48
CA TYR AA 53 -67.21 5.76 107.56
C TYR AA 53 -66.22 6.19 106.50
N VAL AA 54 -66.30 7.37 105.86
CA VAL AA 54 -65.38 7.74 104.79
C VAL AA 54 -65.01 9.21 104.94
N GLY AA 55 -63.76 9.53 104.60
CA GLY AA 55 -63.28 10.89 104.57
C GLY AA 55 -63.09 11.44 105.95
N ASP AA 56 -63.64 12.62 106.18
CA ASP AA 56 -63.48 13.29 107.46
C ASP AA 56 -64.24 12.62 108.55
N GLU AA 57 -65.43 12.04 108.40
CA GLU AA 57 -66.02 11.33 109.51
C GLU AA 57 -65.19 10.12 109.96
N ALA AA 58 -64.38 9.54 109.08
CA ALA AA 58 -63.50 8.48 109.47
C ALA AA 58 -62.31 9.05 110.22
N GLN AA 59 -61.85 10.23 109.85
CA GLN AA 59 -60.72 10.79 110.52
C GLN AA 59 -61.18 11.22 111.92
N SER AA 60 -62.26 11.97 112.01
CA SER AA 60 -62.74 12.47 113.28
C SER AA 60 -63.11 11.43 114.33
N LYS AA 61 -63.58 10.31 113.84
CA LYS AA 61 -63.98 9.27 114.74
C LYS AA 61 -62.91 8.22 114.72
N ARG AA 62 -61.60 8.48 114.46
CA ARG AA 62 -60.65 7.39 114.30
C ARG AA 62 -60.37 6.45 115.46
N GLY AA 63 -60.59 6.94 116.67
CA GLY AA 63 -60.41 6.14 117.86
C GLY AA 63 -61.34 4.93 117.93
N ILE AA 64 -62.52 4.83 117.30
CA ILE AA 64 -63.32 3.62 117.42
C ILE AA 64 -63.39 2.78 116.15
N LEU AA 65 -62.63 3.13 115.12
CA LEU AA 65 -62.69 2.48 113.81
C LEU AA 65 -61.31 1.99 113.35
N THR AA 66 -61.23 1.06 112.39
CA THR AA 66 -59.94 0.67 111.86
C THR AA 66 -59.96 1.35 110.49
N LEU AA 67 -59.00 2.28 110.38
CA LEU AA 67 -58.83 3.11 109.23
C LEU AA 67 -58.10 2.38 108.15
N LYS AA 68 -58.53 2.56 106.89
CA LYS AA 68 -57.80 1.93 105.78
C LYS AA 68 -57.71 2.84 104.60
N TYR AA 69 -56.51 2.82 104.02
CA TYR AA 69 -56.16 3.62 102.85
C TYR AA 69 -56.27 2.83 101.51
N PRO AA 70 -57.32 2.95 100.64
CA PRO AA 70 -57.50 2.23 99.38
C PRO AA 70 -56.45 2.39 98.31
N ILE AA 71 -55.71 3.50 98.37
CA ILE AA 71 -54.74 3.80 97.36
C ILE AA 71 -53.32 3.82 97.95
N GLU AA 72 -52.58 2.75 97.68
CA GLU AA 72 -51.23 2.72 98.20
C GLU AA 72 -50.26 3.17 97.13
N HIS AA 73 -49.61 4.32 97.39
CA HIS AA 73 -48.65 4.87 96.46
C HIS AA 73 -49.24 5.21 95.11
N GLY AA 74 -50.46 5.77 95.11
CA GLY AA 74 -51.08 6.20 93.89
C GLY AA 74 -51.84 5.11 93.16
N ILE AA 75 -51.61 3.83 93.46
CA ILE AA 75 -52.30 2.71 92.78
C ILE AA 75 -53.49 2.21 93.60
N ILE AA 76 -54.69 1.89 93.07
CA ILE AA 76 -55.81 1.41 93.90
C ILE AA 76 -55.48 -0.04 94.26
N THR AA 77 -55.37 -0.24 95.57
CA THR AA 77 -55.05 -1.53 96.16
C THR AA 77 -56.30 -2.25 96.66
N ASN AA 78 -57.33 -1.54 97.17
CA ASN AA 78 -58.53 -2.25 97.55
C ASN AA 78 -59.73 -1.67 96.86
N TRP AA 79 -60.32 -2.49 95.97
CA TRP AA 79 -61.44 -2.07 95.14
C TRP AA 79 -62.77 -2.01 95.85
N ASP AA 80 -62.97 -2.69 96.99
CA ASP AA 80 -64.21 -2.65 97.79
C ASP AA 80 -64.27 -1.31 98.50
N ASP AA 81 -63.18 -0.98 99.18
CA ASP AA 81 -63.00 0.33 99.76
C ASP AA 81 -62.86 1.49 98.82
N MET AA 82 -62.50 1.36 97.55
CA MET AA 82 -62.42 2.48 96.63
C MET AA 82 -63.85 2.78 96.20
N GLU AA 83 -64.65 1.79 95.81
CA GLU AA 83 -66.03 2.00 95.38
C GLU AA 83 -66.80 2.71 96.49
N LYS AA 84 -66.41 2.44 97.74
CA LYS AA 84 -66.92 3.20 98.89
C LYS AA 84 -66.52 4.68 98.80
N ILE AA 85 -65.24 5.06 98.57
CA ILE AA 85 -64.88 6.47 98.44
C ILE AA 85 -65.57 7.13 97.26
N TRP AA 86 -65.72 6.46 96.11
CA TRP AA 86 -66.42 7.04 94.98
C TRP AA 86 -67.86 7.31 95.32
N HIS AA 87 -68.52 6.33 95.95
CA HIS AA 87 -69.91 6.47 96.33
C HIS AA 87 -70.11 7.73 97.17
N HIS AA 88 -69.26 7.87 98.18
CA HIS AA 88 -69.25 9.03 99.03
C HIS AA 88 -69.06 10.29 98.22
N THR AA 89 -68.19 10.29 97.23
CA THR AA 89 -67.92 11.49 96.46
C THR AA 89 -69.10 11.94 95.68
N PHE AA 90 -69.73 11.04 94.95
CA PHE AA 90 -70.88 11.42 94.17
C PHE AA 90 -72.04 11.79 95.06
N TYR AA 91 -72.45 10.87 95.91
CA TYR AA 91 -73.68 11.06 96.60
C TYR AA 91 -73.72 11.96 97.75
N ASN AA 92 -72.63 12.10 98.48
CA ASN AA 92 -72.65 12.93 99.66
C ASN AA 92 -71.88 14.22 99.44
N GLU AA 93 -70.67 14.12 98.92
CA GLU AA 93 -69.86 15.30 98.73
C GLU AA 93 -70.40 16.19 97.62
N LEU AA 94 -70.60 15.68 96.39
CA LEU AA 94 -71.06 16.53 95.30
C LEU AA 94 -72.58 16.48 95.18
N ARG AA 95 -73.21 15.52 95.88
CA ARG AA 95 -74.65 15.30 95.98
C ARG AA 95 -75.38 15.15 94.63
N VAL AA 96 -74.63 14.69 93.65
CA VAL AA 96 -75.16 14.50 92.31
C VAL AA 96 -75.59 13.06 92.15
N ALA AA 97 -76.44 12.76 91.17
CA ALA AA 97 -76.71 11.38 90.83
C ALA AA 97 -75.68 11.11 89.73
N PRO AA 98 -74.83 10.09 89.76
CA PRO AA 98 -73.83 9.82 88.73
C PRO AA 98 -74.35 9.41 87.37
N GLU AA 99 -75.54 8.75 87.31
CA GLU AA 99 -76.08 8.28 86.05
C GLU AA 99 -76.52 9.29 85.02
N GLU AA 100 -76.37 10.58 85.34
CA GLU AA 100 -76.52 11.57 84.28
C GLU AA 100 -75.31 12.49 84.20
N HIS AA 101 -74.12 12.12 84.71
CA HIS AA 101 -72.95 13.00 84.60
C HIS AA 101 -71.75 12.37 83.98
N PRO AA 102 -71.07 12.89 82.96
CA PRO AA 102 -69.87 12.27 82.40
C PRO AA 102 -68.84 12.46 83.52
N THR AA 103 -67.94 11.49 83.75
CA THR AA 103 -66.97 11.52 84.85
C THR AA 103 -65.52 11.44 84.36
N LEU AA 104 -64.64 12.46 84.52
CA LEU AA 104 -63.24 12.35 84.15
C LEU AA 104 -62.54 11.97 85.41
N LEU AA 105 -61.85 10.86 85.34
CA LEU AA 105 -61.07 10.33 86.44
C LEU AA 105 -59.58 10.44 86.21
N THR AA 106 -58.73 10.28 87.23
CA THR AA 106 -57.33 10.27 86.95
C THR AA 106 -56.69 8.99 87.42
N GLU AA 107 -55.60 8.60 86.76
CA GLU AA 107 -54.82 7.47 87.25
C GLU AA 107 -53.35 7.89 87.37
N ALA AA 108 -52.55 7.00 87.94
CA ALA AA 108 -51.15 7.23 88.12
C ALA AA 108 -50.29 6.88 86.92
N PRO AA 109 -49.07 7.41 86.89
CA PRO AA 109 -48.11 7.16 85.85
C PRO AA 109 -47.97 5.79 85.22
N LEU AA 110 -47.69 4.67 85.87
CA LEU AA 110 -47.54 3.43 85.12
C LEU AA 110 -48.61 2.51 85.67
N ASN AA 111 -49.85 3.02 85.76
CA ASN AA 111 -51.01 2.33 86.31
C ASN AA 111 -51.23 1.11 85.44
N PRO AA 112 -51.25 -0.05 86.07
CA PRO AA 112 -51.46 -1.32 85.39
C PRO AA 112 -52.71 -1.36 84.54
N LYS AA 113 -52.54 -1.79 83.28
CA LYS AA 113 -53.62 -1.87 82.27
C LYS AA 113 -54.98 -2.37 82.77
N ALA AA 114 -54.83 -3.37 83.64
CA ALA AA 114 -55.91 -4.08 84.25
C ALA AA 114 -56.74 -3.26 85.24
N ASN AA 115 -56.12 -2.28 85.91
CA ASN AA 115 -56.77 -1.36 86.82
C ASN AA 115 -57.62 -0.37 86.05
N ARG AA 116 -57.07 0.19 84.94
CA ARG AA 116 -57.75 1.21 84.13
C ARG AA 116 -58.99 0.51 83.58
N GLU AA 117 -58.87 -0.75 83.15
CA GLU AA 117 -60.05 -1.55 82.81
C GLU AA 117 -60.97 -1.82 84.03
N LYS AA 118 -60.47 -2.04 85.24
CA LYS AA 118 -61.33 -2.31 86.38
C LYS AA 118 -62.12 -1.11 86.83
N MET AA 119 -61.53 0.09 86.98
CA MET AA 119 -62.30 1.24 87.37
C MET AA 119 -63.29 1.68 86.29
N THR AA 120 -63.11 1.19 85.08
CA THR AA 120 -64.04 1.47 84.01
C THR AA 120 -65.21 0.51 84.19
N GLN AA 121 -64.90 -0.75 84.47
CA GLN AA 121 -65.90 -1.76 84.80
C GLN AA 121 -66.76 -1.23 85.95
N ILE AA 122 -66.20 -0.65 87.02
CA ILE AA 122 -66.98 -0.16 88.16
C ILE AA 122 -67.67 1.15 87.83
N MET AA 123 -67.07 2.03 87.03
CA MET AA 123 -67.75 3.27 86.72
C MET AA 123 -68.99 2.97 85.92
N PHE AA 124 -68.86 2.27 84.81
CA PHE AA 124 -70.00 1.96 83.96
C PHE AA 124 -70.93 0.91 84.52
N GLU AA 125 -70.41 -0.19 85.08
CA GLU AA 125 -71.31 -1.23 85.56
C GLU AA 125 -71.84 -1.06 86.97
N THR AA 126 -71.24 -0.38 87.97
CA THR AA 126 -71.95 -0.26 89.24
C THR AA 126 -72.41 1.18 89.41
N PHE AA 127 -71.84 2.23 88.81
CA PHE AA 127 -72.36 3.59 88.98
C PHE AA 127 -73.23 4.13 87.84
N ASN AA 128 -73.11 3.43 86.69
CA ASN AA 128 -73.91 3.66 85.49
C ASN AA 128 -73.74 5.11 85.04
N VAL AA 129 -72.50 5.59 84.94
CA VAL AA 129 -72.29 6.97 84.47
C VAL AA 129 -72.52 7.00 82.94
N PRO AA 130 -72.98 8.09 82.27
CA PRO AA 130 -73.18 8.09 80.82
C PRO AA 130 -71.93 7.81 80.01
N ALA AA 131 -70.84 8.47 80.45
CA ALA AA 131 -69.54 8.38 79.82
C ALA AA 131 -68.45 8.74 80.83
N MET AA 132 -67.24 8.26 80.58
CA MET AA 132 -66.11 8.54 81.43
C MET AA 132 -64.82 8.59 80.66
N TYR AA 133 -63.67 8.80 81.33
CA TYR AA 133 -62.39 9.04 80.67
C TYR AA 133 -61.37 8.98 81.77
N VAL AA 134 -60.20 8.39 81.59
CA VAL AA 134 -59.19 8.32 82.63
C VAL AA 134 -57.98 9.14 82.12
N ALA AA 135 -57.61 10.31 82.68
CA ALA AA 135 -56.38 11.01 82.28
C ALA AA 135 -55.16 10.67 83.14
N ILE AA 136 -53.91 10.74 82.71
CA ILE AA 136 -52.78 10.41 83.58
C ILE AA 136 -52.50 11.68 84.33
N GLN AA 137 -52.15 11.57 85.61
CA GLN AA 137 -52.03 12.75 86.42
C GLN AA 137 -51.00 13.77 85.97
N ALA AA 138 -49.69 13.45 85.85
CA ALA AA 138 -48.72 14.41 85.33
C ALA AA 138 -49.09 15.13 84.02
N VAL AA 139 -49.81 14.38 83.20
CA VAL AA 139 -50.24 14.90 81.94
C VAL AA 139 -51.27 16.02 82.17
N LEU AA 140 -52.18 15.92 83.14
CA LEU AA 140 -53.13 17.01 83.41
C LEU AA 140 -52.42 18.17 84.10
N SER AA 141 -51.42 17.88 84.89
CA SER AA 141 -50.71 18.96 85.52
C SER AA 141 -50.03 19.82 84.49
N LEU AA 142 -49.35 19.21 83.50
CA LEU AA 142 -48.63 19.94 82.47
C LEU AA 142 -49.47 20.89 81.63
N TYR AA 143 -50.57 20.25 81.26
CA TYR AA 143 -51.55 20.87 80.40
C TYR AA 143 -52.23 22.06 81.08
N ALA AA 144 -52.49 21.94 82.38
CA ALA AA 144 -53.02 23.04 83.16
C ALA AA 144 -51.99 24.18 83.22
N SER AA 145 -50.70 23.96 82.91
CA SER AA 145 -49.74 25.07 82.89
C SER AA 145 -49.55 25.56 81.46
N GLY AA 146 -50.58 25.29 80.63
CA GLY AA 146 -50.62 25.66 79.25
C GLY AA 146 -49.94 24.65 78.34
N ARG AA 147 -48.75 24.11 78.64
CA ARG AA 147 -48.02 23.33 77.65
C ARG AA 147 -48.27 21.84 77.41
N THR AA 148 -47.55 21.29 76.42
CA THR AA 148 -47.69 19.91 76.01
C THR AA 148 -46.45 19.05 76.03
N THR AA 149 -45.31 19.70 76.16
CA THR AA 149 -44.04 19.01 76.33
C THR AA 149 -43.45 19.76 77.50
N GLY AA 150 -42.91 18.90 78.36
CA GLY AA 150 -42.24 19.28 79.58
C GLY AA 150 -42.01 18.05 80.42
N ILE AA 151 -41.47 18.17 81.62
CA ILE AA 151 -41.34 17.01 82.50
C ILE AA 151 -41.97 17.49 83.82
N VAL AA 152 -42.90 16.71 84.36
CA VAL AA 152 -43.55 17.07 85.61
C VAL AA 152 -42.89 16.35 86.81
N LEU AA 153 -42.51 17.09 87.86
CA LEU AA 153 -42.11 16.45 89.08
C LEU AA 153 -43.41 16.49 89.86
N ASP AA 154 -44.00 15.33 90.08
CA ASP AA 154 -45.27 15.29 90.77
C ASP AA 154 -45.08 14.61 92.11
N SER AA 155 -45.55 15.25 93.20
CA SER AA 155 -45.32 14.83 94.58
C SER AA 155 -46.44 15.14 95.56
N GLY AA 156 -47.07 14.08 96.04
CA GLY AA 156 -48.22 14.32 96.88
C GLY AA 156 -48.09 13.71 98.24
N ASP AA 157 -49.01 12.83 98.55
CA ASP AA 157 -48.98 12.23 99.84
C ASP AA 157 -48.27 10.90 99.95
N GLY AA 158 -48.42 9.92 99.07
CA GLY AA 158 -47.69 8.68 99.16
C GLY AA 158 -46.61 8.53 98.07
N VAL AA 159 -46.65 9.15 96.85
CA VAL AA 159 -45.65 8.99 95.78
C VAL AA 159 -45.11 10.30 95.23
N THR AA 160 -43.85 10.19 94.71
CA THR AA 160 -43.22 11.20 93.87
C THR AA 160 -42.92 10.59 92.51
N HIS AA 161 -43.01 11.39 91.46
CA HIS AA 161 -42.86 10.88 90.11
C HIS AA 161 -42.21 11.95 89.32
N ASN AA 162 -41.63 11.51 88.21
CA ASN AA 162 -41.11 12.38 87.16
C ASN AA 162 -41.74 11.89 85.88
N VAL AA 163 -42.55 12.65 85.18
CA VAL AA 163 -43.16 12.06 83.99
C VAL AA 163 -42.85 12.99 82.85
N PRO AA 164 -41.89 12.59 81.99
CA PRO AA 164 -41.49 13.36 80.83
C PRO AA 164 -42.64 13.19 79.82
N ILE AA 165 -43.21 14.30 79.29
CA ILE AA 165 -44.30 14.23 78.31
C ILE AA 165 -43.93 14.95 77.03
N TYR AA 166 -44.13 14.34 75.87
CA TYR AA 166 -43.80 14.96 74.59
C TYR AA 166 -45.02 15.03 73.69
N GLU AA 167 -45.45 16.24 73.35
CA GLU AA 167 -46.65 16.48 72.58
C GLU AA 167 -47.86 15.66 72.98
N GLY AA 168 -47.85 15.48 74.31
CA GLY AA 168 -48.95 14.91 75.05
C GLY AA 168 -48.77 13.49 75.49
N TYR AA 169 -47.85 12.75 74.87
CA TYR AA 169 -47.66 11.35 75.22
C TYR AA 169 -46.60 11.23 76.28
N ALA AA 170 -47.02 10.79 77.49
CA ALA AA 170 -46.14 10.53 78.61
C ALA AA 170 -45.21 9.41 78.21
N LEU AA 171 -43.92 9.56 78.51
CA LEU AA 171 -42.91 8.63 78.00
C LEU AA 171 -42.61 7.49 78.98
N PRO AA 172 -43.30 6.37 78.84
CA PRO AA 172 -43.19 5.22 79.75
C PRO AA 172 -41.83 4.80 80.31
N HIS AA 173 -40.87 4.71 79.42
CA HIS AA 173 -39.53 4.30 79.81
C HIS AA 173 -38.72 5.41 80.44
N ALA AA 174 -39.22 6.60 80.72
CA ALA AA 174 -38.33 7.60 81.28
C ALA AA 174 -38.86 8.09 82.62
N ILE AA 175 -40.10 7.65 82.94
CA ILE AA 175 -40.84 7.90 84.21
C ILE AA 175 -40.11 7.29 85.42
N MET AA 176 -39.97 8.03 86.52
CA MET AA 176 -39.30 7.57 87.74
C MET AA 176 -40.25 7.81 88.87
N ARG AA 177 -40.25 6.86 89.77
CA ARG AA 177 -41.09 6.89 90.94
C ARG AA 177 -40.22 6.78 92.18
N LEU AA 178 -40.46 7.68 93.12
CA LEU AA 178 -39.71 7.71 94.36
C LEU AA 178 -40.79 7.65 95.42
N ASP AA 179 -40.90 6.53 96.16
CA ASP AA 179 -41.85 6.39 97.25
C ASP AA 179 -41.47 7.13 98.56
N LEU AA 180 -41.34 8.47 98.52
CA LEU AA 180 -41.14 9.28 99.72
C LEU AA 180 -41.86 10.56 99.39
N ALA AA 181 -42.85 10.92 100.19
CA ALA AA 181 -43.65 12.09 99.93
C ALA AA 181 -44.08 12.80 101.20
N GLY AA 182 -45.16 13.60 101.20
CA GLY AA 182 -45.59 14.42 102.32
C GLY AA 182 -45.92 13.69 103.60
N ARG AA 183 -46.36 12.42 103.48
CA ARG AA 183 -46.71 11.52 104.57
C ARG AA 183 -45.43 11.18 105.33
N ASP AA 184 -44.41 10.69 104.59
CA ASP AA 184 -43.08 10.38 105.08
C ASP AA 184 -42.48 11.62 105.75
N LEU AA 185 -42.67 12.77 105.10
CA LEU AA 185 -42.19 14.07 105.55
C LEU AA 185 -42.76 14.64 106.84
N THR AA 186 -44.03 14.31 107.14
CA THR AA 186 -44.67 14.74 108.39
C THR AA 186 -44.10 13.86 109.50
N ASP AA 187 -43.79 12.59 109.23
CA ASP AA 187 -43.34 11.71 110.28
C ASP AA 187 -41.90 11.96 110.63
N TYR AA 188 -41.13 12.49 109.68
CA TYR AA 188 -39.76 12.83 109.96
C TYR AA 188 -39.75 14.12 110.76
N LEU AA 189 -40.61 15.09 110.46
CA LEU AA 189 -40.61 16.34 111.22
C LEU AA 189 -40.90 16.01 112.66
N MET AA 190 -41.89 15.13 112.82
CA MET AA 190 -42.35 14.62 114.09
C MET AA 190 -41.20 14.23 115.00
N LYS AA 191 -40.32 13.35 114.48
CA LYS AA 191 -39.16 12.94 115.20
C LYS AA 191 -38.25 14.14 115.32
N ILE AA 192 -37.80 14.94 114.34
CA ILE AA 192 -36.88 16.03 114.66
C ILE AA 192 -37.42 17.11 115.60
N LEU AA 193 -38.72 17.08 115.84
CA LEU AA 193 -39.38 18.02 116.72
C LEU AA 193 -39.51 17.40 118.12
N THR AA 194 -39.69 16.07 118.26
CA THR AA 194 -39.66 15.46 119.58
C THR AA 194 -38.22 15.45 120.09
N GLU AA 195 -37.33 15.28 119.11
CA GLU AA 195 -35.87 15.29 119.26
C GLU AA 195 -35.42 16.72 119.63
N ARG AA 196 -36.16 17.78 119.31
CA ARG AA 196 -35.90 19.14 119.78
C ARG AA 196 -36.28 19.26 121.27
N GLY AA 197 -36.79 18.18 121.86
CA GLY AA 197 -37.16 18.10 123.26
C GLY AA 197 -38.64 18.35 123.38
N TYR AA 198 -39.50 17.53 122.74
CA TYR AA 198 -40.95 17.74 122.78
C TYR AA 198 -41.71 16.43 122.82
N SER AA 199 -43.04 16.61 122.96
CA SER AA 199 -43.96 15.49 123.01
C SER AA 199 -45.32 15.73 122.37
N PHE AA 200 -45.50 14.89 121.37
CA PHE AA 200 -46.73 14.87 120.62
C PHE AA 200 -47.25 13.51 121.07
N VAL AA 201 -47.99 13.77 122.14
CA VAL AA 201 -48.48 12.69 122.94
C VAL AA 201 -49.92 12.34 122.59
N THR AA 202 -50.91 13.23 122.82
CA THR AA 202 -52.30 12.92 122.46
C THR AA 202 -52.51 13.08 120.97
N THR AA 203 -53.67 12.63 120.43
CA THR AA 203 -53.92 12.70 118.99
C THR AA 203 -54.09 14.15 118.51
N ALA AA 204 -54.41 15.07 119.41
CA ALA AA 204 -54.46 16.50 119.09
C ALA AA 204 -53.08 17.16 119.01
N GLU AA 205 -52.04 16.39 119.36
CA GLU AA 205 -50.68 16.82 119.25
C GLU AA 205 -50.18 16.22 117.95
N ARG AA 206 -50.38 14.91 117.72
CA ARG AA 206 -50.01 14.26 116.45
C ARG AA 206 -50.42 15.02 115.17
N GLU AA 207 -51.72 15.32 115.02
CA GLU AA 207 -52.30 15.87 113.81
C GLU AA 207 -51.74 17.22 113.38
N ILE AA 208 -51.51 18.06 114.38
CA ILE AA 208 -51.01 19.40 114.15
C ILE AA 208 -49.52 19.49 113.75
N VAL AA 209 -48.71 18.42 113.87
CA VAL AA 209 -47.32 18.44 113.40
C VAL AA 209 -47.37 18.61 111.88
N ARG AA 210 -48.42 18.05 111.28
CA ARG AA 210 -48.66 18.16 109.87
C ARG AA 210 -49.01 19.61 109.51
N ASP AA 211 -49.72 20.35 110.37
CA ASP AA 211 -50.08 21.74 110.11
C ASP AA 211 -48.90 22.67 110.36
N ILE AA 212 -47.93 22.19 111.17
CA ILE AA 212 -46.67 22.90 111.37
C ILE AA 212 -45.87 22.77 110.07
N LYS AA 213 -45.64 21.53 109.57
CA LYS AA 213 -45.00 21.23 108.29
C LYS AA 213 -45.56 22.10 107.18
N GLU AA 214 -46.88 22.14 106.99
CA GLU AA 214 -47.46 22.97 105.92
C GLU AA 214 -47.19 24.46 106.15
N LYS AA 215 -47.52 25.06 107.30
CA LYS AA 215 -47.37 26.51 107.53
C LYS AA 215 -45.95 27.11 107.64
N LEU AA 216 -45.11 26.46 108.45
CA LEU AA 216 -43.78 26.94 108.75
C LEU AA 216 -42.66 26.31 107.97
N CYS AA 217 -42.76 25.14 107.33
CA CYS AA 217 -41.64 24.60 106.56
C CYS AA 217 -41.29 25.23 105.23
N TYR AA 218 -39.95 25.18 105.08
CA TYR AA 218 -39.17 25.86 104.04
C TYR AA 218 -38.21 24.96 103.30
N VAL AA 219 -37.88 25.30 102.05
CA VAL AA 219 -36.78 24.61 101.38
C VAL AA 219 -35.84 25.73 101.09
N ALA AA 220 -34.80 25.66 101.88
CA ALA AA 220 -33.75 26.59 101.68
C ALA AA 220 -32.81 26.15 100.58
N LEU AA 221 -32.38 27.21 99.92
CA LEU AA 221 -31.32 27.18 98.94
C LEU AA 221 -30.11 27.49 99.80
N ASP AA 222 -29.09 26.65 99.54
CA ASP AA 222 -27.86 26.62 100.32
C ASP AA 222 -28.23 26.31 101.77
N PHE AA 223 -28.64 25.03 101.83
CA PHE AA 223 -29.10 24.37 103.05
C PHE AA 223 -27.93 24.13 103.99
N GLU AA 224 -26.73 24.25 103.37
CA GLU AA 224 -25.39 24.18 103.95
C GLU AA 224 -25.14 25.30 104.98
N ASN AA 225 -25.10 26.52 104.43
CA ASN AA 225 -24.92 27.71 105.21
C ASN AA 225 -26.26 28.29 105.59
N GLU AA 226 -27.15 27.38 106.03
CA GLU AA 226 -28.44 27.73 106.59
C GLU AA 226 -28.52 27.11 108.00
N MET AA 227 -27.87 25.93 108.09
CA MET AA 227 -27.56 25.27 109.34
C MET AA 227 -26.55 26.17 110.06
N ALA AA 228 -25.48 26.58 109.34
CA ALA AA 228 -24.46 27.52 109.83
C ALA AA 228 -25.12 28.81 110.37
N THR AA 229 -26.09 29.33 109.61
CA THR AA 229 -26.89 30.47 110.04
C THR AA 229 -27.66 30.19 111.32
N ALA AA 230 -28.22 28.95 111.42
CA ALA AA 230 -29.03 28.52 112.54
C ALA AA 230 -28.32 28.69 113.87
N ALA AA 231 -27.02 28.32 113.82
CA ALA AA 231 -26.05 28.37 114.93
C ALA AA 231 -25.68 29.76 115.50
N SER AA 232 -25.42 30.73 114.61
CA SER AA 232 -25.20 32.14 114.98
C SER AA 232 -26.46 32.69 115.67
N SER AA 233 -27.59 32.01 115.38
CA SER AA 233 -28.95 32.26 115.85
C SER AA 233 -29.38 33.70 115.74
N SER AA 234 -29.91 33.72 114.52
CA SER AA 234 -30.58 34.88 113.97
C SER AA 234 -32.03 34.75 114.40
N SER AA 235 -32.79 35.73 113.91
CA SER AA 235 -34.23 35.72 114.09
C SER AA 235 -34.79 34.86 112.93
N LEU AA 236 -34.25 33.61 112.81
CA LEU AA 236 -34.68 32.60 111.85
C LEU AA 236 -35.76 31.73 112.51
N GLU AA 237 -35.71 31.57 113.85
CA GLU AA 237 -36.68 30.78 114.66
C GLU AA 237 -38.17 31.08 114.45
N LYS AA 238 -39.05 30.10 114.71
CA LYS AA 238 -40.47 30.34 114.53
C LYS AA 238 -41.36 29.54 115.47
N SER AA 239 -42.00 30.26 116.39
CA SER AA 239 -42.93 29.64 117.33
C SER AA 239 -44.39 29.69 116.91
N TYR AA 240 -44.96 28.48 116.99
CA TYR AA 240 -46.34 28.16 116.66
C TYR AA 240 -47.11 27.94 117.97
N GLU AA 241 -48.33 28.49 118.15
CA GLU AA 241 -49.14 28.21 119.34
C GLU AA 241 -50.06 27.01 119.10
N LEU AA 242 -49.91 25.99 119.96
CA LEU AA 242 -50.63 24.72 119.84
C LEU AA 242 -52.17 24.77 119.99
N PRO AA 243 -53.04 23.70 120.08
CA PRO AA 243 -54.51 23.84 120.24
C PRO AA 243 -54.90 24.74 121.44
N ASP AA 244 -54.03 24.62 122.45
CA ASP AA 244 -53.98 25.43 123.69
C ASP AA 244 -52.81 26.47 123.61
N GLY AA 245 -52.35 27.02 124.76
CA GLY AA 245 -51.29 28.02 124.86
C GLY AA 245 -49.91 27.52 124.42
N GLN AA 246 -49.51 26.37 124.97
CA GLN AA 246 -48.25 25.66 124.70
C GLN AA 246 -47.49 26.00 123.40
N VAL AA 247 -46.88 27.18 123.49
CA VAL AA 247 -46.11 27.73 122.39
C VAL AA 247 -44.84 26.94 122.16
N ILE AA 248 -44.89 26.24 121.04
CA ILE AA 248 -43.78 25.44 120.63
C ILE AA 248 -42.89 26.25 119.69
N THR AA 249 -41.57 26.13 119.81
CA THR AA 249 -40.65 26.84 118.92
C THR AA 249 -39.89 25.85 118.00
N ILE AA 250 -39.80 26.32 116.75
CA ILE AA 250 -39.19 25.61 115.65
C ILE AA 250 -38.37 26.67 114.95
N GLY AA 251 -37.08 26.52 115.08
CA GLY AA 251 -36.23 27.47 114.42
C GLY AA 251 -35.76 26.93 113.10
N ASN AA 252 -34.88 25.99 113.40
CA ASN AA 252 -33.98 25.32 112.49
C ASN AA 252 -34.66 24.17 111.68
N GLU AA 253 -35.14 23.07 112.30
CA GLU AA 253 -35.86 21.91 111.70
C GLU AA 253 -36.90 22.16 110.62
N ARG AA 254 -37.42 23.36 110.75
CA ARG AA 254 -38.24 24.05 109.78
C ARG AA 254 -37.85 23.73 108.28
N PHE AA 255 -36.53 23.68 107.99
CA PHE AA 255 -36.00 23.35 106.66
C PHE AA 255 -35.28 22.01 106.61
N ARG AA 256 -34.99 21.41 107.76
CA ARG AA 256 -34.35 20.11 107.80
C ARG AA 256 -35.32 19.04 107.27
N CYS AA 257 -36.61 19.36 107.36
CA CYS AA 257 -37.68 18.48 106.87
C CYS AA 257 -37.72 18.46 105.32
N PRO AA 258 -37.85 19.53 104.51
CA PRO AA 258 -37.81 19.44 103.06
C PRO AA 258 -36.38 19.12 102.55
N GLU AA 259 -35.25 19.37 103.26
CA GLU AA 259 -33.92 18.91 102.84
C GLU AA 259 -34.06 17.37 102.74
N THR AA 260 -35.07 16.68 103.32
CA THR AA 260 -35.23 15.25 103.16
C THR AA 260 -35.52 14.93 101.70
N LEU AA 261 -36.33 15.73 101.01
CA LEU AA 261 -36.57 15.52 99.57
C LEU AA 261 -35.32 15.53 98.67
N PHE AA 262 -34.21 16.22 99.03
CA PHE AA 262 -32.95 16.20 98.26
C PHE AA 262 -31.96 15.19 98.79
N GLN AA 263 -32.08 14.90 100.09
CA GLN AA 263 -31.27 13.91 100.79
C GLN AA 263 -32.22 12.90 101.44
N PRO AA 264 -32.49 11.75 100.81
CA PRO AA 264 -33.33 10.68 101.32
C PRO AA 264 -32.60 9.97 102.45
N SER AA 265 -31.26 10.16 102.51
CA SER AA 265 -30.36 9.63 103.56
C SER AA 265 -30.68 10.10 105.01
N PHE AA 266 -31.42 11.22 105.11
CA PHE AA 266 -31.98 11.77 106.34
C PHE AA 266 -32.99 10.82 106.95
N ILE AA 267 -33.52 9.94 106.10
CA ILE AA 267 -34.53 9.01 106.56
C ILE AA 267 -34.21 7.57 106.22
N GLY AA 268 -32.92 7.21 106.15
CA GLY AA 268 -32.60 5.84 105.89
C GLY AA 268 -33.06 5.35 104.52
N MET AA 269 -33.26 6.32 103.61
CA MET AA 269 -33.51 5.94 102.24
C MET AA 269 -32.20 6.02 101.47
N GLU AA 270 -31.94 4.95 100.72
CA GLU AA 270 -30.78 4.83 99.83
C GLU AA 270 -30.98 5.30 98.37
N SER AA 271 -32.24 5.57 98.00
CA SER AA 271 -32.63 6.10 96.71
C SER AA 271 -32.03 7.49 96.50
N ALA AA 272 -31.98 7.88 95.22
CA ALA AA 272 -31.52 9.21 94.85
C ALA AA 272 -32.58 10.28 95.17
N GLY AA 273 -32.29 11.57 95.08
CA GLY AA 273 -33.29 12.56 95.46
C GLY AA 273 -33.89 13.30 94.27
N ILE AA 274 -35.05 13.94 94.52
CA ILE AA 274 -35.81 14.75 93.58
C ILE AA 274 -35.07 15.36 92.37
N HIS AA 275 -34.00 16.12 92.60
CA HIS AA 275 -33.26 16.81 91.56
C HIS AA 275 -32.42 15.92 90.66
N GLU AA 276 -31.82 14.90 91.27
CA GLU AA 276 -31.05 13.94 90.53
C GLU AA 276 -31.97 13.13 89.71
N THR AA 277 -33.13 12.85 90.27
CA THR AA 277 -34.10 12.02 89.60
C THR AA 277 -34.71 12.80 88.45
N THR AA 278 -34.96 14.11 88.55
CA THR AA 278 -35.42 14.96 87.45
C THR AA 278 -34.49 14.79 86.23
N TYR AA 279 -33.22 14.85 86.61
CA TYR AA 279 -32.12 14.77 85.71
C TYR AA 279 -32.06 13.39 85.13
N ASN AA 280 -32.11 12.33 85.92
CA ASN AA 280 -31.89 11.02 85.34
C ASN AA 280 -32.97 10.65 84.35
N SER AA 281 -34.20 11.14 84.60
CA SER AA 281 -35.36 10.94 83.75
C SER AA 281 -34.99 11.48 82.39
N ILE AA 282 -34.40 12.68 82.50
CA ILE AA 282 -34.00 13.47 81.35
C ILE AA 282 -32.85 12.77 80.65
N MET AA 283 -31.76 12.27 81.24
CA MET AA 283 -30.79 11.59 80.39
C MET AA 283 -31.19 10.16 79.97
N LYS AA 284 -32.48 9.77 80.23
CA LYS AA 284 -33.12 8.53 79.74
C LYS AA 284 -34.03 8.74 78.53
N CYS AA 285 -34.22 10.00 78.15
CA CYS AA 285 -35.07 10.40 77.05
C CYS AA 285 -34.30 10.64 75.77
N ASP AA 286 -34.96 10.80 74.62
CA ASP AA 286 -34.26 11.12 73.40
C ASP AA 286 -33.59 12.46 73.62
N ILE AA 287 -32.43 12.50 72.96
CA ILE AA 287 -31.42 13.60 72.90
C ILE AA 287 -31.89 14.97 72.37
N ASP AA 288 -32.65 14.85 71.27
CA ASP AA 288 -33.22 15.98 70.61
C ASP AA 288 -34.31 16.55 71.51
N ILE AA 289 -34.99 15.77 72.40
CA ILE AA 289 -36.05 16.36 73.23
C ILE AA 289 -35.54 16.89 74.54
N ARG AA 290 -34.30 16.59 74.92
CA ARG AA 290 -33.79 17.06 76.19
C ARG AA 290 -33.73 18.60 76.26
N LYS AA 291 -33.58 19.48 75.25
CA LYS AA 291 -33.62 20.91 75.59
C LYS AA 291 -35.02 21.35 76.05
N ASP AA 292 -36.06 20.64 75.53
CA ASP AA 292 -37.45 20.97 75.80
C ASP AA 292 -37.81 20.66 77.24
N LEU AA 293 -37.56 19.42 77.65
CA LEU AA 293 -37.78 19.01 79.00
C LEU AA 293 -37.06 19.94 79.99
N TYR AA 294 -35.81 20.37 79.69
CA TYR AA 294 -35.10 21.22 80.61
C TYR AA 294 -35.68 22.59 80.79
N ALA AA 295 -36.30 23.14 79.78
CA ALA AA 295 -36.88 24.45 79.95
C ALA AA 295 -38.33 24.35 80.42
N ASN AA 296 -38.78 23.14 80.83
CA ASN AA 296 -40.15 22.96 81.21
C ASN AA 296 -40.35 21.91 82.27
N ASN AA 297 -39.79 22.23 83.44
CA ASN AA 297 -39.89 21.40 84.62
C ASN AA 297 -41.11 21.95 85.34
N VAL AA 298 -42.22 21.30 85.21
CA VAL AA 298 -43.44 21.79 85.81
C VAL AA 298 -43.54 20.99 87.09
N MET AA 299 -43.86 21.73 88.15
CA MET AA 299 -44.08 21.11 89.44
C MET AA 299 -45.55 21.02 89.82
N SER AA 300 -45.95 19.88 90.34
CA SER AA 300 -47.28 19.83 90.90
C SER AA 300 -47.30 18.90 92.10
N GLY AA 301 -48.30 19.11 92.96
CA GLY AA 301 -48.48 18.28 94.14
C GLY AA 301 -48.31 19.02 95.48
N GLY AA 302 -49.06 18.59 96.49
CA GLY AA 302 -49.02 19.21 97.80
C GLY AA 302 -47.61 19.32 98.35
N THR AA 303 -46.77 18.30 98.23
CA THR AA 303 -45.46 18.36 98.81
C THR AA 303 -44.51 19.26 98.03
N THR AA 304 -44.83 19.77 96.84
CA THR AA 304 -43.91 20.68 96.13
C THR AA 304 -44.21 22.14 96.44
N MET AA 305 -45.07 22.36 97.46
CA MET AA 305 -45.50 23.69 97.83
C MET AA 305 -44.57 24.37 98.83
N TYR AA 306 -43.65 23.64 99.51
CA TYR AA 306 -42.66 24.20 100.44
C TYR AA 306 -42.00 25.41 99.81
N PRO AA 307 -42.11 26.68 100.24
CA PRO AA 307 -41.43 27.81 99.59
C PRO AA 307 -39.92 27.55 99.33
N GLY AA 308 -39.42 28.07 98.20
CA GLY AA 308 -38.01 27.98 97.83
C GLY AA 308 -37.57 26.65 97.30
N ILE AA 309 -38.59 25.87 96.90
CA ILE AA 309 -38.43 24.54 96.35
C ILE AA 309 -37.94 24.62 94.92
N ALA AA 310 -38.51 25.64 94.27
CA ALA AA 310 -38.26 25.94 92.89
C ALA AA 310 -36.84 26.48 92.77
N ASP AA 311 -36.39 27.46 93.60
CA ASP AA 311 -35.03 28.03 93.56
C ASP AA 311 -33.96 26.97 93.79
N ARG AA 312 -34.16 26.10 94.81
CA ARG AA 312 -33.27 24.99 95.08
C ARG AA 312 -33.25 24.11 93.85
N MET AA 313 -34.40 23.74 93.24
CA MET AA 313 -34.41 22.85 92.07
C MET AA 313 -33.76 23.45 90.83
N GLN AA 314 -33.90 24.77 90.73
CA GLN AA 314 -33.37 25.61 89.68
C GLN AA 314 -31.88 25.47 89.62
N LYS AA 315 -31.30 25.68 90.80
CA LYS AA 315 -29.88 25.57 90.96
C LYS AA 315 -29.39 24.15 91.08
N GLU AA 316 -30.28 23.26 91.46
CA GLU AA 316 -29.87 21.89 91.57
C GLU AA 316 -29.65 21.29 90.18
N ILE AA 317 -30.57 21.56 89.23
CA ILE AA 317 -30.35 20.97 87.93
C ILE AA 317 -29.50 21.86 87.05
N THR AA 318 -29.36 23.19 87.19
CA THR AA 318 -28.45 23.97 86.35
C THR AA 318 -27.04 23.39 86.46
N ALA AA 319 -26.68 23.18 87.72
CA ALA AA 319 -25.40 22.62 88.05
C ALA AA 319 -25.22 21.10 87.78
N LEU AA 320 -26.16 20.44 87.10
CA LEU AA 320 -25.96 19.06 86.66
C LEU AA 320 -26.11 18.95 85.14
N ALA AA 321 -26.83 19.93 84.60
CA ALA AA 321 -27.10 20.04 83.17
C ALA AA 321 -25.95 20.70 82.41
N PRO AA 322 -25.70 20.34 81.12
CA PRO AA 322 -24.63 20.92 80.29
C PRO AA 322 -24.83 22.44 80.18
N SER AA 323 -23.87 23.36 80.41
CA SER AA 323 -24.11 24.82 80.40
C SER AA 323 -24.75 25.51 79.19
N THR AA 324 -24.73 24.76 78.08
CA THR AA 324 -25.34 25.15 76.83
C THR AA 324 -26.88 25.14 76.96
N MET AA 325 -27.38 24.64 78.09
CA MET AA 325 -28.79 24.42 78.30
C MET AA 325 -29.47 25.51 79.08
N LYS AA 326 -30.74 25.63 78.74
CA LYS AA 326 -31.62 26.51 79.45
C LYS AA 326 -32.44 25.63 80.42
N ILE AA 327 -32.38 26.00 81.69
CA ILE AA 327 -33.11 25.33 82.76
C ILE AA 327 -34.36 26.18 82.98
N LYS AA 328 -35.53 25.62 83.33
CA LYS AA 328 -36.67 26.44 83.72
C LYS AA 328 -37.68 25.63 84.51
N ILE AA 329 -37.74 25.99 85.81
CA ILE AA 329 -38.58 25.33 86.81
C ILE AA 329 -39.87 26.12 87.06
N ILE AA 330 -40.96 25.67 86.44
CA ILE AA 330 -42.26 26.29 86.61
C ILE AA 330 -42.92 25.59 87.81
N ALA AA 331 -43.35 26.44 88.76
CA ALA AA 331 -44.05 26.05 89.97
C ALA AA 331 -45.21 27.02 90.16
N PRO AA 332 -46.42 26.79 89.65
CA PRO AA 332 -47.54 27.70 89.83
C PRO AA 332 -48.07 27.67 91.26
N PRO AA 333 -48.83 28.71 91.67
CA PRO AA 333 -49.40 28.85 93.00
C PRO AA 333 -50.50 27.85 93.30
N GLU AA 334 -51.35 27.55 92.31
CA GLU AA 334 -52.41 26.62 92.58
C GLU AA 334 -51.87 25.22 92.53
N ARG AA 335 -50.57 24.93 92.37
CA ARG AA 335 -50.06 23.55 92.22
C ARG AA 335 -50.58 22.38 93.08
N LYS AA 336 -51.08 22.59 94.29
CA LYS AA 336 -51.70 21.50 95.03
C LYS AA 336 -52.96 21.02 94.30
N TYR AA 337 -53.58 21.74 93.33
CA TYR AA 337 -54.66 21.25 92.49
C TYR AA 337 -54.33 21.26 90.97
N SER AA 338 -53.07 21.28 90.48
CA SER AA 338 -52.77 21.33 89.05
C SER AA 338 -53.45 20.27 88.24
N VAL AA 339 -53.26 19.04 88.74
CA VAL AA 339 -53.85 17.84 88.22
C VAL AA 339 -55.33 18.06 88.01
N TRP AA 340 -56.05 18.55 89.04
CA TRP AA 340 -57.49 18.67 88.98
C TRP AA 340 -57.91 19.73 87.97
N ILE AA 341 -57.17 20.84 87.98
CA ILE AA 341 -57.50 21.99 87.19
C ILE AA 341 -57.30 21.61 85.76
N GLY AA 342 -56.25 20.84 85.45
CA GLY AA 342 -55.95 20.37 84.09
C GLY AA 342 -57.10 19.51 83.58
N GLY AA 343 -57.76 18.77 84.49
CA GLY AA 343 -58.87 17.93 84.15
C GLY AA 343 -60.11 18.78 83.91
N SER AA 344 -60.31 19.83 84.73
CA SER AA 344 -61.43 20.72 84.60
C SER AA 344 -61.46 21.44 83.26
N ILE AA 345 -60.26 21.87 82.86
CA ILE AA 345 -60.06 22.56 81.60
C ILE AA 345 -60.40 21.62 80.46
N LEU AA 346 -59.65 20.53 80.43
CA LEU AA 346 -59.76 19.52 79.39
C LEU AA 346 -61.19 19.02 79.25
N ALA AA 347 -61.83 18.69 80.36
CA ALA AA 347 -63.15 18.07 80.26
C ALA AA 347 -64.20 19.10 79.95
N SER AA 348 -63.98 20.39 80.23
CA SER AA 348 -64.99 21.37 79.84
C SER AA 348 -64.78 21.82 78.39
N LEU AA 349 -63.59 21.52 77.85
CA LEU AA 349 -63.24 21.82 76.47
C LEU AA 349 -64.17 21.23 75.43
N SER AA 350 -64.24 22.17 74.50
CA SER AA 350 -64.95 22.12 73.23
C SER AA 350 -64.52 20.90 72.41
N THR AA 351 -63.25 20.50 72.39
CA THR AA 351 -62.82 19.36 71.59
C THR AA 351 -62.76 17.98 72.22
N PHE AA 352 -63.06 17.94 73.53
CA PHE AA 352 -62.90 16.70 74.27
C PHE AA 352 -64.05 15.72 74.16
N GLN AA 353 -65.14 16.30 73.68
CA GLN AA 353 -66.37 15.57 73.60
C GLN AA 353 -66.21 14.29 72.82
N GLN AA 354 -65.45 14.35 71.72
CA GLN AA 354 -65.19 13.16 70.93
C GLN AA 354 -64.20 12.16 71.53
N MET AA 355 -63.58 12.38 72.74
CA MET AA 355 -62.83 11.31 73.41
C MET AA 355 -63.53 10.66 74.60
N TRP AA 356 -64.67 11.19 75.08
CA TRP AA 356 -65.43 10.54 76.14
C TRP AA 356 -65.79 9.08 75.88
N ILE AA 357 -65.44 8.06 76.69
CA ILE AA 357 -65.91 6.68 76.42
C ILE AA 357 -67.38 6.57 76.84
N THR AA 358 -68.30 6.33 75.89
CA THR AA 358 -69.71 6.26 76.23
C THR AA 358 -70.12 4.84 76.51
N LYS AA 359 -71.21 4.63 77.28
CA LYS AA 359 -71.80 3.31 77.49
C LYS AA 359 -72.03 2.56 76.18
N GLN AA 360 -72.23 3.27 75.05
CA GLN AA 360 -72.38 2.68 73.72
C GLN AA 360 -71.02 2.04 73.48
N GLU AA 361 -69.89 2.78 73.44
CA GLU AA 361 -68.58 2.16 73.29
C GLU AA 361 -68.35 0.97 74.22
N TYR AA 362 -68.67 1.14 75.50
CA TYR AA 362 -68.43 0.09 76.46
C TYR AA 362 -69.29 -1.15 76.23
N ASP AA 363 -70.63 -1.04 76.26
CA ASP AA 363 -71.50 -2.21 76.10
C ASP AA 363 -71.18 -2.99 74.84
N GLU AA 364 -70.57 -2.28 73.88
CA GLU AA 364 -70.14 -2.89 72.64
C GLU AA 364 -68.69 -3.37 72.56
N ALA AA 365 -67.70 -2.75 73.25
CA ALA AA 365 -66.28 -3.14 73.12
C ALA AA 365 -65.54 -3.81 74.31
N GLY AA 366 -66.23 -3.82 75.47
CA GLY AA 366 -65.70 -4.32 76.73
C GLY AA 366 -64.71 -3.32 77.33
N PRO AA 367 -64.16 -3.49 78.54
CA PRO AA 367 -63.34 -2.48 79.23
C PRO AA 367 -62.09 -2.03 78.48
N SER AA 368 -61.74 -2.92 77.54
CA SER AA 368 -60.66 -2.73 76.58
C SER AA 368 -60.77 -1.39 75.89
N ILE AA 369 -62.00 -0.99 75.50
CA ILE AA 369 -62.29 0.27 74.82
C ILE AA 369 -61.59 1.53 75.36
N VAL AA 370 -61.71 1.77 76.67
CA VAL AA 370 -61.13 2.96 77.30
C VAL AA 370 -59.66 2.75 77.64
N HIS AA 371 -59.28 1.46 77.74
CA HIS AA 371 -57.93 1.16 78.13
C HIS AA 371 -56.89 1.77 77.18
N ARG AA 372 -57.23 1.95 75.89
CA ARG AA 372 -56.39 2.50 74.84
C ARG AA 372 -55.23 1.46 74.64
N ASP BA 1 7.56 -26.11 81.46
CA ASP BA 1 6.75 -25.89 82.68
C ASP BA 1 6.87 -24.47 83.21
N GLU BA 2 8.12 -24.00 83.11
CA GLU BA 2 8.58 -22.64 83.43
C GLU BA 2 7.47 -21.61 83.31
N ASP BA 3 6.85 -21.71 82.14
CA ASP BA 3 5.64 -20.97 81.93
C ASP BA 3 4.49 -21.84 81.40
N GLU BA 4 4.64 -23.17 81.15
CA GLU BA 4 3.53 -24.04 80.71
C GLU BA 4 2.42 -24.03 81.77
N THR BA 5 2.89 -24.10 83.04
CA THR BA 5 2.03 -24.03 84.23
C THR BA 5 1.55 -22.62 84.61
N THR BA 6 2.59 -21.82 84.41
CA THR BA 6 2.79 -20.43 84.78
C THR BA 6 2.02 -19.37 84.00
N ALA BA 7 1.42 -19.63 82.82
CA ALA BA 7 0.68 -18.58 82.12
C ALA BA 7 -0.67 -18.34 82.77
N LEU BA 8 -1.00 -17.07 82.98
CA LEU BA 8 -2.25 -16.69 83.63
C LEU BA 8 -3.25 -16.22 82.55
N VAL BA 9 -4.57 -16.33 82.74
CA VAL BA 9 -5.47 -15.83 81.75
C VAL BA 9 -6.50 -15.06 82.50
N CYS BA 10 -6.55 -13.76 82.21
CA CYS BA 10 -7.46 -12.90 82.90
C CYS BA 10 -8.38 -12.25 81.91
N ASP BA 11 -9.67 -12.59 81.98
CA ASP BA 11 -10.67 -11.96 81.17
C ASP BA 11 -11.52 -10.92 81.94
N ASN BA 12 -11.28 -9.64 81.63
CA ASN BA 12 -11.86 -8.51 82.30
C ASN BA 12 -13.18 -8.18 81.68
N GLY BA 13 -14.27 -8.23 82.45
CA GLY BA 13 -15.59 -7.92 81.95
C GLY BA 13 -16.19 -6.72 82.64
N SER BA 14 -17.35 -6.41 82.08
CA SER BA 14 -18.15 -5.35 82.61
C SER BA 14 -18.81 -5.77 83.90
N GLY BA 15 -19.16 -7.05 84.11
CA GLY BA 15 -19.83 -7.50 85.30
C GLY BA 15 -18.93 -8.40 86.08
N LEU BA 16 -18.28 -9.38 85.44
CA LEU BA 16 -17.40 -10.37 86.05
C LEU BA 16 -15.96 -10.43 85.57
N VAL BA 17 -15.00 -10.81 86.41
CA VAL BA 17 -13.64 -11.09 85.98
C VAL BA 17 -13.61 -12.61 85.88
N LYS BA 18 -12.98 -13.23 84.91
CA LYS BA 18 -12.79 -14.68 84.87
C LYS BA 18 -11.27 -14.86 84.86
N ALA BA 19 -10.67 -15.68 85.71
CA ALA BA 19 -9.24 -15.76 85.83
C ALA BA 19 -8.79 -17.17 86.19
N GLY BA 20 -7.51 -17.48 86.08
CA GLY BA 20 -7.09 -18.85 86.26
C GLY BA 20 -5.81 -19.08 85.50
N PHE BA 21 -5.44 -20.36 85.40
CA PHE BA 21 -4.16 -20.72 84.77
C PHE BA 21 -4.42 -21.34 83.42
N ALA BA 22 -3.60 -20.94 82.44
CA ALA BA 22 -3.65 -21.50 81.09
C ALA BA 22 -3.36 -22.95 81.33
N GLY BA 23 -4.19 -23.78 80.73
CA GLY BA 23 -4.11 -25.19 81.01
C GLY BA 23 -5.44 -25.61 81.59
N ASP BA 24 -5.98 -24.95 82.62
CA ASP BA 24 -7.25 -25.34 83.21
C ASP BA 24 -8.39 -25.30 82.21
N ASP BA 25 -9.50 -25.98 82.54
CA ASP BA 25 -10.64 -26.10 81.62
C ASP BA 25 -11.69 -25.00 81.76
N ALA BA 26 -11.61 -24.35 82.93
CA ALA BA 26 -12.52 -23.28 83.35
C ALA BA 26 -11.82 -22.35 84.31
N PRO BA 27 -12.30 -21.09 84.46
CA PRO BA 27 -11.68 -20.11 85.37
C PRO BA 27 -11.62 -20.52 86.83
N ARG BA 28 -10.45 -20.35 87.39
CA ARG BA 28 -10.23 -20.61 88.80
C ARG BA 28 -10.91 -19.51 89.61
N ALA BA 29 -11.08 -18.33 89.03
CA ALA BA 29 -11.64 -17.23 89.77
C ALA BA 29 -12.63 -16.44 88.95
N VAL BA 30 -13.81 -16.23 89.53
CA VAL BA 30 -14.90 -15.51 88.88
C VAL BA 30 -15.48 -14.63 89.97
N PHE BA 31 -15.60 -13.33 89.74
CA PHE BA 31 -16.06 -12.43 90.77
C PHE BA 31 -16.47 -11.09 90.25
N PRO BA 32 -17.36 -10.30 90.87
CA PRO BA 32 -17.72 -9.00 90.35
C PRO BA 32 -16.58 -8.01 90.22
N SER BA 33 -16.81 -7.21 89.20
CA SER BA 33 -15.92 -6.22 88.73
C SER BA 33 -16.33 -4.93 89.39
N ILE BA 34 -16.28 -4.88 90.73
CA ILE BA 34 -16.54 -3.69 91.50
C ILE BA 34 -15.41 -3.32 92.44
N VAL BA 35 -15.38 -2.10 92.94
CA VAL BA 35 -14.39 -1.60 93.84
C VAL BA 35 -15.24 -0.71 94.71
N GLY BA 36 -15.34 -1.09 95.96
CA GLY BA 36 -16.14 -0.39 96.93
C GLY BA 36 -15.26 0.47 97.77
N ARG BA 37 -15.81 1.63 98.08
CA ARG BA 37 -15.10 2.64 98.84
C ARG BA 37 -16.01 3.00 100.04
N PRO BA 38 -15.68 2.73 101.30
CA PRO BA 38 -16.56 2.99 102.46
C PRO BA 38 -17.03 4.42 102.63
N ARG BA 39 -18.36 4.54 102.64
CA ARG BA 39 -19.01 5.81 102.94
C ARG BA 39 -18.76 6.33 104.34
N HIS BA 40 -18.31 5.52 105.36
CA HIS BA 40 -18.11 6.01 106.75
C HIS BA 40 -16.90 5.50 107.46
N GLN BA 41 -16.39 6.16 108.50
CA GLN BA 41 -15.26 5.57 109.16
C GLN BA 41 -15.66 4.60 110.25
N GLY BA 42 -14.96 3.46 110.27
CA GLY BA 42 -15.26 2.38 111.18
C GLY BA 42 -14.63 1.08 110.73
N VAL BA 43 -14.84 0.00 111.48
CA VAL BA 43 -14.25 -1.30 111.20
C VAL BA 43 -15.16 -2.54 111.37
N MET BA 44 -14.76 -3.67 110.79
CA MET BA 44 -15.45 -4.93 111.09
C MET BA 44 -14.68 -5.44 112.30
N VAL BA 45 -15.32 -6.29 113.11
CA VAL BA 45 -14.71 -6.87 114.26
C VAL BA 45 -13.50 -7.73 113.89
N GLY BA 46 -12.32 -7.29 114.35
CA GLY BA 46 -11.13 -8.06 114.21
C GLY BA 46 -10.30 -7.60 113.03
N MET BA 47 -10.89 -6.82 112.14
CA MET BA 47 -10.13 -6.27 111.05
C MET BA 47 -9.70 -4.85 111.34
N GLY BA 48 -8.77 -4.37 110.51
CA GLY BA 48 -8.38 -2.98 110.51
C GLY BA 48 -9.23 -2.21 109.50
N GLN BA 49 -9.01 -0.88 109.56
CA GLN BA 49 -9.57 0.06 108.61
C GLN BA 49 -9.13 -0.30 107.19
N LYS BA 50 -10.09 -0.36 106.31
CA LYS BA 50 -9.86 -0.81 104.98
C LYS BA 50 -10.29 0.39 104.18
N ASP BA 51 -9.40 0.67 103.24
CA ASP BA 51 -9.62 1.79 102.34
C ASP BA 51 -10.53 1.43 101.17
N SER BA 52 -10.58 0.14 100.87
CA SER BA 52 -11.19 -0.26 99.65
C SER BA 52 -11.65 -1.70 99.70
N TYR BA 53 -12.57 -2.09 98.87
CA TYR BA 53 -13.05 -3.43 98.88
C TYR BA 53 -13.21 -3.87 97.44
N VAL BA 54 -13.03 -5.12 97.04
CA VAL BA 54 -13.11 -5.52 95.63
C VAL BA 54 -13.84 -6.86 95.53
N GLY BA 55 -14.61 -7.01 94.45
CA GLY BA 55 -15.28 -8.25 94.14
C GLY BA 55 -16.44 -8.51 95.06
N ASP BA 56 -16.46 -9.71 95.61
CA ASP BA 56 -17.55 -10.11 96.48
C ASP BA 56 -17.53 -9.39 97.79
N GLU BA 57 -16.42 -9.06 98.45
CA GLU BA 57 -16.52 -8.28 99.66
C GLU BA 57 -17.12 -6.89 99.42
N ALA BA 58 -17.00 -6.35 98.23
CA ALA BA 58 -17.64 -5.09 97.92
C ALA BA 58 -19.13 -5.32 97.71
N GLN BA 59 -19.52 -6.44 97.15
CA GLN BA 59 -20.91 -6.67 96.92
C GLN BA 59 -21.58 -6.92 98.28
N SER BA 60 -21.01 -7.81 99.08
CA SER BA 60 -21.59 -8.16 100.36
C SER BA 60 -21.73 -7.04 101.37
N LYS BA 61 -20.81 -6.11 101.29
CA LYS BA 61 -20.83 -5.03 102.21
C LYS BA 61 -21.35 -3.82 101.47
N ARG BA 62 -22.20 -3.91 100.43
CA ARG BA 62 -22.53 -2.70 99.66
C ARG BA 62 -23.23 -1.54 100.31
N GLY BA 63 -23.97 -1.84 101.38
CA GLY BA 63 -24.66 -0.83 102.15
C GLY BA 63 -23.73 0.20 102.79
N ILE BA 64 -22.45 -0.02 103.10
CA ILE BA 64 -21.64 1.05 103.68
C ILE BA 64 -20.57 1.61 102.76
N LEU BA 65 -20.55 1.22 101.49
CA LEU BA 65 -19.53 1.62 100.53
C LEU BA 65 -20.11 2.25 99.27
N THR BA 66 -19.35 3.00 98.48
CA THR BA 66 -19.86 3.50 97.22
C THR BA 66 -19.14 2.61 96.22
N LEU BA 67 -20.00 1.86 95.53
CA LEU BA 67 -19.60 0.87 94.56
C LEU BA 67 -19.27 1.52 93.26
N LYS BA 68 -18.20 1.05 92.59
CA LYS BA 68 -17.87 1.59 91.26
C LYS BA 68 -17.41 0.51 90.33
N TYR BA 69 -17.92 0.64 89.11
CA TYR BA 69 -17.63 -0.28 88.00
C TYR BA 69 -16.50 0.23 87.06
N PRO BA 70 -15.21 -0.22 87.10
CA PRO BA 70 -14.11 0.23 86.26
C PRO BA 70 -14.23 0.06 84.76
N ILE BA 71 -15.09 -0.88 84.34
CA ILE BA 71 -15.23 -1.17 82.95
C ILE BA 71 -16.64 -0.84 82.45
N GLU BA 72 -16.75 0.27 81.75
CA GLU BA 72 -18.06 0.62 81.25
C GLU BA 72 -18.21 0.16 79.81
N HIS BA 73 -19.12 -0.80 79.60
CA HIS BA 73 -19.37 -1.32 78.26
C HIS BA 73 -18.16 -1.99 77.65
N GLY BA 74 -17.42 -2.74 78.47
CA GLY BA 74 -16.28 -3.49 77.97
C GLY BA 74 -15.00 -2.69 77.90
N ILE BA 75 -15.04 -1.35 77.95
CA ILE BA 75 -13.84 -0.51 77.87
C ILE BA 75 -13.36 -0.08 79.27
N ILE BA 76 -12.07 -0.06 79.65
CA ILE BA 76 -11.66 0.36 81.01
C ILE BA 76 -11.77 1.88 81.03
N THR BA 77 -12.65 2.32 81.94
CA THR BA 77 -12.93 3.73 82.15
C THR BA 77 -12.16 4.29 83.34
N ASN BA 78 -11.91 3.52 84.41
CA ASN BA 78 -11.10 4.07 85.49
C ASN BA 78 -9.91 3.18 85.77
N TRP BA 79 -8.72 3.72 85.47
CA TRP BA 79 -7.48 2.98 85.60
C TRP BA 79 -6.96 2.82 87.00
N ASP BA 80 -7.38 3.65 87.97
CA ASP BA 80 -6.99 3.53 89.39
C ASP BA 80 -7.71 2.34 90.00
N ASP BA 81 -9.03 2.32 89.80
CA ASP BA 81 -9.85 1.19 90.14
C ASP BA 81 -9.64 -0.08 89.36
N MET BA 82 -9.06 -0.10 88.17
CA MET BA 82 -8.81 -1.34 87.45
C MET BA 82 -7.57 -1.96 88.07
N GLU BA 83 -6.50 -1.21 88.29
CA GLU BA 83 -5.26 -1.72 88.88
C GLU BA 83 -5.58 -2.34 90.23
N LYS BA 84 -6.60 -1.79 90.91
CA LYS BA 84 -7.13 -2.42 92.12
C LYS BA 84 -7.73 -3.80 91.81
N ILE BA 85 -8.61 -3.99 90.81
CA ILE BA 85 -9.14 -5.32 90.50
C ILE BA 85 -8.05 -6.27 90.08
N TRP BA 86 -7.03 -5.85 89.30
CA TRP BA 86 -5.95 -6.75 88.92
C TRP BA 86 -5.17 -7.19 90.13
N HIS BA 87 -4.86 -6.24 91.01
CA HIS BA 87 -4.12 -6.56 92.23
C HIS BA 87 -4.81 -7.66 93.02
N HIS BA 88 -6.11 -7.46 93.23
CA HIS BA 88 -6.94 -8.45 93.88
C HIS BA 88 -6.87 -9.78 93.16
N THR BA 89 -6.88 -9.80 91.85
CA THR BA 89 -6.88 -11.05 91.11
C THR BA 89 -5.63 -11.83 91.32
N PHE BA 90 -4.49 -11.19 91.16
CA PHE BA 90 -3.25 -11.89 91.34
C PHE BA 90 -3.05 -12.30 92.78
N TYR BA 91 -3.07 -11.31 93.67
CA TYR BA 91 -2.65 -11.60 95.01
C TYR BA 91 -3.57 -12.28 95.92
N ASN BA 92 -4.86 -12.08 95.75
CA ASN BA 92 -5.81 -12.70 96.67
C ASN BA 92 -6.54 -13.85 96.01
N GLU BA 93 -7.09 -13.64 94.83
CA GLU BA 93 -7.83 -14.68 94.17
C GLU BA 93 -6.95 -15.82 93.71
N LEU BA 94 -5.90 -15.59 92.90
CA LEU BA 94 -5.08 -16.68 92.41
C LEU BA 94 -3.88 -16.91 93.32
N ARG BA 95 -3.63 -15.96 94.24
CA ARG BA 95 -2.58 -15.99 95.27
C ARG BA 95 -1.16 -16.20 94.73
N VAL BA 96 -0.96 -15.79 93.48
CA VAL BA 96 0.32 -15.94 92.82
C VAL BA 96 1.09 -14.64 92.97
N ALA BA 97 2.41 -14.67 92.79
CA ALA BA 97 3.16 -13.44 92.68
C ALA BA 97 3.17 -13.19 91.17
N PRO BA 98 2.77 -12.05 90.61
CA PRO BA 98 2.76 -11.80 89.18
C PRO BA 98 4.11 -11.73 88.49
N GLU BA 99 5.18 -11.31 89.22
CA GLU BA 99 6.49 -11.16 88.60
C GLU BA 99 7.21 -12.40 88.16
N GLU BA 100 6.58 -13.56 88.30
CA GLU BA 100 7.13 -14.73 87.64
C GLU BA 100 6.07 -15.45 86.79
N HIS BA 101 4.96 -14.79 86.38
CA HIS BA 101 3.96 -15.45 85.55
C HIS BA 101 3.63 -14.75 84.27
N PRO BA 102 3.66 -15.32 83.07
CA PRO BA 102 3.28 -14.62 81.85
C PRO BA 102 1.78 -14.42 82.01
N THR BA 103 1.20 -13.29 81.57
CA THR BA 103 -0.21 -12.95 81.76
C THR BA 103 -0.95 -12.71 80.43
N LEU BA 104 -1.94 -13.52 79.99
CA LEU BA 104 -2.70 -13.23 78.79
C LEU BA 104 -3.93 -12.53 79.26
N LEU BA 105 -4.12 -11.34 78.73
CA LEU BA 105 -5.26 -10.51 79.03
C LEU BA 105 -6.23 -10.39 77.87
N THR BA 106 -7.46 -9.92 78.08
CA THR BA 106 -8.30 -9.72 76.95
C THR BA 106 -8.76 -8.28 76.86
N GLU BA 107 -9.03 -7.83 75.64
CA GLU BA 107 -9.64 -6.52 75.46
C GLU BA 107 -10.90 -6.65 74.59
N ALA BA 108 -11.63 -5.55 74.49
CA ALA BA 108 -12.84 -5.51 73.69
C ALA BA 108 -12.61 -5.23 72.22
N PRO BA 109 -13.61 -5.54 71.40
CA PRO BA 109 -13.59 -5.31 69.99
C PRO BA 109 -12.96 -4.07 69.38
N LEU BA 110 -13.31 -2.82 69.67
CA LEU BA 110 -12.64 -1.72 68.98
C LEU BA 110 -11.97 -0.92 70.09
N ASN BA 111 -11.26 -1.61 70.99
CA ASN BA 111 -10.59 -1.04 72.14
C ASN BA 111 -9.58 -0.05 71.62
N PRO BA 112 -9.67 1.18 72.09
CA PRO BA 112 -8.78 2.26 71.69
C PRO BA 112 -7.32 1.93 71.87
N LYS BA 113 -6.52 2.15 70.81
CA LYS BA 113 -5.08 1.86 70.76
C LYS BA 113 -4.28 2.20 72.03
N ALA BA 114 -4.70 3.36 72.55
CA ALA BA 114 -4.13 3.96 73.72
C ALA BA 114 -4.34 3.20 75.02
N ASN BA 115 -5.45 2.47 75.13
CA ASN BA 115 -5.78 1.62 76.26
C ASN BA 115 -4.92 0.39 76.27
N ARG BA 116 -4.75 -0.25 75.08
CA ARG BA 116 -3.98 -1.50 74.94
C ARG BA 116 -2.56 -1.12 75.32
N GLU BA 117 -2.07 0.04 74.91
CA GLU BA 117 -0.79 0.55 75.42
C GLU BA 117 -0.82 0.86 76.93
N LYS BA 118 -1.92 1.37 77.51
CA LYS BA 118 -1.94 1.70 78.93
C LYS BA 118 -1.94 0.46 79.80
N MET BA 119 -2.76 -0.56 79.56
CA MET BA 119 -2.71 -1.74 80.38
C MET BA 119 -1.41 -2.52 80.23
N THR BA 120 -0.66 -2.23 79.18
CA THR BA 120 0.63 -2.85 79.00
C THR BA 120 1.60 -2.10 79.89
N GLN BA 121 1.51 -0.77 79.88
CA GLN BA 121 2.27 0.10 80.77
C GLN BA 121 2.04 -0.36 82.20
N ILE BA 122 0.82 -0.64 82.66
CA ILE BA 122 0.55 -1.05 84.03
C ILE BA 122 0.94 -2.50 84.27
N MET BA 123 0.80 -3.38 83.28
CA MET BA 123 1.18 -4.76 83.52
C MET BA 123 2.68 -4.82 83.73
N PHE BA 124 3.46 -4.31 82.80
CA PHE BA 124 4.91 -4.36 82.91
C PHE BA 124 5.49 -3.41 83.93
N GLU BA 125 5.02 -2.15 83.99
CA GLU BA 125 5.63 -1.21 84.92
C GLU BA 125 5.08 -1.22 86.33
N THR BA 126 3.83 -1.60 86.70
CA THR BA 126 3.52 -1.61 88.11
C THR BA 126 3.40 -3.06 88.58
N PHE BA 127 3.10 -4.09 87.76
CA PHE BA 127 3.05 -5.46 88.27
C PHE BA 127 4.28 -6.33 88.00
N ASN BA 128 5.09 -5.84 87.05
CA ASN BA 128 6.37 -6.41 86.67
C ASN BA 128 6.19 -7.87 86.26
N VAL BA 129 5.23 -8.13 85.36
CA VAL BA 129 5.02 -9.51 84.90
C VAL BA 129 6.17 -9.86 83.90
N PRO BA 130 6.66 -11.10 83.72
CA PRO BA 130 7.73 -11.40 82.76
C PRO BA 130 7.39 -11.05 81.32
N ALA BA 131 6.16 -11.43 80.94
CA ALA BA 131 5.62 -11.23 79.60
C ALA BA 131 4.10 -11.22 79.65
N MET BA 132 3.50 -10.59 78.67
CA MET BA 132 2.06 -10.52 78.57
C MET BA 132 1.59 -10.47 77.13
N TYR BA 133 0.27 -10.36 76.88
CA TYR BA 133 -0.31 -10.50 75.54
C TYR BA 133 -1.75 -10.07 75.69
N VAL BA 134 -2.33 -9.32 74.77
CA VAL BA 134 -3.72 -8.90 74.89
C VAL BA 134 -4.49 -9.58 73.72
N ALA BA 135 -5.40 -10.55 73.93
CA ALA BA 135 -6.20 -11.09 72.82
C ALA BA 135 -7.57 -10.41 72.66
N ILE BA 136 -8.23 -10.33 71.51
CA ILE BA 136 -9.53 -9.65 71.41
C ILE BA 136 -10.52 -10.71 71.82
N GLN BA 137 -11.56 -10.31 72.54
CA GLN BA 137 -12.46 -11.31 73.10
C GLN BA 137 -13.17 -12.19 72.10
N ALA BA 138 -13.97 -11.68 71.15
CA ALA BA 138 -14.59 -12.54 70.12
C ALA BA 138 -13.66 -13.53 69.40
N VAL BA 139 -12.44 -13.07 69.25
CA VAL BA 139 -11.44 -13.87 68.59
C VAL BA 139 -11.11 -15.08 69.46
N LEU BA 140 -11.02 -14.98 70.80
CA LEU BA 140 -10.78 -16.15 71.64
C LEU BA 140 -12.01 -17.03 71.72
N SER BA 141 -13.17 -16.44 71.64
CA SER BA 141 -14.36 -17.26 71.67
C SER BA 141 -14.41 -18.15 70.46
N LEU BA 142 -14.13 -17.62 69.26
CA LEU BA 142 -14.19 -18.38 68.03
C LEU BA 142 -13.26 -19.59 67.96
N TYR BA 143 -12.07 -19.23 68.39
CA TYR BA 143 -10.97 -20.14 68.41
C TYR BA 143 -11.19 -21.29 69.40
N ALA BA 144 -11.79 -21.00 70.54
CA ALA BA 144 -12.17 -22.02 71.49
C ALA BA 144 -13.24 -22.93 70.88
N SER BA 145 -13.93 -22.56 69.78
CA SER BA 145 -14.89 -23.48 69.16
C SER BA 145 -14.24 -24.17 67.97
N GLY BA 146 -12.90 -24.23 68.02
CA GLY BA 146 -12.09 -24.84 67.01
C GLY BA 146 -11.76 -23.89 65.86
N ARG BA 147 -12.69 -23.12 65.30
CA ARG BA 147 -12.40 -22.40 64.05
C ARG BA 147 -11.70 -21.04 64.02
N THR BA 148 -11.46 -20.56 62.78
CA THR BA 148 -10.77 -19.32 62.54
C THR BA 148 -11.48 -18.28 61.72
N THR BA 149 -12.54 -18.68 61.08
CA THR BA 149 -13.42 -17.77 60.35
C THR BA 149 -14.78 -18.19 60.86
N GLY BA 150 -15.51 -17.12 61.13
CA GLY BA 150 -16.87 -17.15 61.62
C GLY BA 150 -17.27 -15.77 62.08
N ILE BA 151 -18.46 -15.59 62.63
CA ILE BA 151 -18.84 -14.29 63.18
C ILE BA 151 -19.31 -14.62 64.59
N VAL BA 152 -18.79 -13.94 65.60
CA VAL BA 152 -19.20 -14.17 66.98
C VAL BA 152 -20.26 -13.16 67.43
N LEU BA 153 -21.39 -13.62 67.98
CA LEU BA 153 -22.30 -12.71 68.62
C LEU BA 153 -21.87 -12.86 70.06
N ASP BA 154 -21.30 -11.78 70.60
CA ASP BA 154 -20.78 -11.85 71.95
C ASP BA 154 -21.59 -10.91 72.83
N SER BA 155 -22.10 -11.42 73.97
CA SER BA 155 -23.06 -10.74 74.85
C SER BA 155 -22.93 -11.06 76.32
N GLY BA 156 -22.52 -10.06 77.09
CA GLY BA 156 -22.27 -10.33 78.48
C GLY BA 156 -23.08 -9.49 79.40
N ASP BA 157 -22.38 -8.73 80.22
CA ASP BA 157 -23.09 -7.92 81.17
C ASP BA 157 -23.33 -6.50 80.75
N GLY BA 158 -22.43 -5.73 80.17
CA GLY BA 158 -22.73 -4.37 79.73
C GLY BA 158 -22.78 -4.24 78.20
N VAL BA 159 -22.14 -5.07 77.33
CA VAL BA 159 -22.15 -4.93 75.86
C VAL BA 159 -22.51 -6.19 75.11
N THR BA 160 -23.08 -5.97 73.89
CA THR BA 160 -23.25 -7.00 72.87
C THR BA 160 -22.46 -6.59 71.62
N HIS BA 161 -21.92 -7.55 70.91
CA HIS BA 161 -21.05 -7.27 69.79
C HIS BA 161 -21.29 -8.33 68.78
N ASN BA 162 -20.89 -7.99 67.56
CA ASN BA 162 -20.82 -8.95 66.44
C ASN BA 162 -19.44 -8.80 65.88
N VAL BA 163 -18.58 -9.80 65.91
CA VAL BA 163 -17.23 -9.53 65.41
C VAL BA 163 -16.97 -10.58 64.36
N PRO BA 164 -17.03 -10.19 63.07
CA PRO BA 164 -16.75 -11.07 61.95
C PRO BA 164 -15.25 -11.28 61.94
N ILE BA 165 -14.76 -12.54 61.95
CA ILE BA 165 -13.33 -12.83 61.93
C ILE BA 165 -12.96 -13.69 60.74
N TYR BA 166 -11.92 -13.34 59.98
CA TYR BA 166 -11.51 -14.11 58.82
C TYR BA 166 -10.05 -14.54 58.95
N GLU BA 167 -9.82 -15.85 59.00
CA GLU BA 167 -8.51 -16.42 59.21
C GLU BA 167 -7.68 -15.76 60.31
N GLY BA 168 -8.49 -15.36 61.30
CA GLY BA 168 -8.02 -14.86 62.55
C GLY BA 168 -8.08 -13.37 62.74
N TYR BA 169 -8.18 -12.61 61.66
CA TYR BA 169 -8.19 -11.16 61.77
C TYR BA 169 -9.61 -10.67 61.87
N ALA BA 170 -9.97 -10.11 63.04
CA ALA BA 170 -11.26 -9.51 63.30
C ALA BA 170 -11.41 -8.34 62.37
N LEU BA 171 -12.59 -8.20 61.74
CA LEU BA 171 -12.79 -7.22 60.67
C LEU BA 171 -13.34 -5.89 61.19
N PRO BA 172 -12.47 -4.95 61.53
CA PRO BA 172 -12.84 -3.65 62.11
C PRO BA 172 -14.09 -2.92 61.63
N HIS BA 173 -14.20 -2.81 60.32
CA HIS BA 173 -15.34 -2.12 59.72
C HIS BA 173 -16.61 -2.95 59.68
N ALA BA 174 -16.71 -4.13 60.24
CA ALA BA 174 -17.95 -4.87 60.10
C ALA BA 174 -18.54 -5.19 61.45
N ILE BA 175 -17.73 -4.91 62.52
CA ILE BA 175 -18.06 -5.07 63.95
C ILE BA 175 -19.21 -4.14 64.38
N MET BA 176 -20.19 -4.64 65.13
CA MET BA 176 -21.34 -3.86 65.59
C MET BA 176 -21.42 -4.07 67.08
N ARG BA 177 -21.76 -2.98 67.73
CA ARG BA 177 -21.90 -2.95 69.16
C ARG BA 177 -23.30 -2.48 69.52
N LEU BA 178 -23.94 -3.23 70.41
CA LEU BA 178 -25.27 -2.91 70.85
C LEU BA 178 -25.16 -2.85 72.35
N ASP BA 179 -25.26 -1.67 72.96
CA ASP BA 179 -25.23 -1.50 74.41
C ASP BA 179 -26.51 -1.92 75.14
N LEU BA 180 -26.92 -3.21 75.07
CA LEU BA 180 -28.02 -3.74 75.85
C LEU BA 180 -27.60 -5.16 76.11
N ALA BA 181 -27.46 -5.54 77.36
CA ALA BA 181 -26.99 -6.86 77.71
C ALA BA 181 -27.67 -7.40 78.97
N GLY BA 182 -27.07 -8.36 79.69
CA GLY BA 182 -27.67 -9.03 80.84
C GLY BA 182 -28.06 -8.15 82.00
N ARG BA 183 -27.36 -7.02 82.17
CA ARG BA 183 -27.57 -6.01 83.22
C ARG BA 183 -28.90 -5.34 82.93
N ASP BA 184 -29.06 -4.82 81.70
CA ASP BA 184 -30.28 -4.21 81.18
C ASP BA 184 -31.43 -5.18 81.32
N LEU BA 185 -31.16 -6.44 80.97
CA LEU BA 185 -32.13 -7.54 81.01
C LEU BA 185 -32.67 -7.98 82.38
N THR BA 186 -31.85 -7.81 83.42
CA THR BA 186 -32.27 -8.12 84.79
C THR BA 186 -33.18 -6.98 85.24
N ASP BA 187 -32.93 -5.74 84.80
CA ASP BA 187 -33.70 -4.63 85.29
C ASP BA 187 -35.04 -4.56 84.60
N TYR BA 188 -35.13 -5.11 83.39
CA TYR BA 188 -36.39 -5.15 82.70
C TYR BA 188 -37.23 -6.25 83.32
N LEU BA 189 -36.64 -7.40 83.68
CA LEU BA 189 -37.43 -8.48 84.28
C LEU BA 189 -38.05 -7.97 85.53
N MET BA 190 -37.22 -7.26 86.30
CA MET BA 190 -37.57 -6.61 87.55
C MET BA 190 -38.90 -5.88 87.46
N LYS BA 191 -38.98 -4.96 86.47
CA LYS BA 191 -40.18 -4.24 86.25
C LYS BA 191 -41.22 -5.22 85.76
N ILE BA 192 -41.13 -6.10 84.75
CA ILE BA 192 -42.27 -6.94 84.39
C ILE BA 192 -42.74 -7.92 85.48
N LEU BA 193 -41.93 -8.07 86.52
CA LEU BA 193 -42.24 -8.93 87.62
C LEU BA 193 -42.87 -8.11 88.75
N THR BA 194 -42.51 -6.83 88.96
CA THR BA 194 -43.22 -6.00 89.92
C THR BA 194 -44.59 -5.67 89.35
N GLU BA 195 -44.59 -5.51 88.02
CA GLU BA 195 -45.75 -5.25 87.18
C GLU BA 195 -46.68 -6.48 87.18
N ARG BA 196 -46.17 -7.71 87.44
CA ARG BA 196 -47.00 -8.89 87.66
C ARG BA 196 -47.70 -8.81 89.03
N GLY BA 197 -47.43 -7.74 89.79
CA GLY BA 197 -48.03 -7.48 91.08
C GLY BA 197 -47.08 -7.96 92.15
N TYR BA 198 -45.85 -7.43 92.22
CA TYR BA 198 -44.86 -7.87 93.21
C TYR BA 198 -44.01 -6.72 93.73
N SER BA 199 -43.18 -7.10 94.71
CA SER BA 199 -42.26 -6.17 95.33
C SER BA 199 -40.92 -6.75 95.75
N PHE BA 200 -39.94 -6.14 95.10
CA PHE BA 200 -38.56 -6.45 95.36
C PHE BA 200 -38.13 -5.15 96.01
N VAL BA 201 -38.34 -5.35 97.30
CA VAL BA 201 -38.22 -4.24 98.21
C VAL BA 201 -36.86 -4.20 98.90
N THR BA 202 -36.50 -5.20 99.73
CA THR BA 202 -35.18 -5.20 100.38
C THR BA 202 -34.11 -5.66 99.39
N THR BA 203 -32.82 -5.51 99.74
CA THR BA 203 -31.74 -5.88 98.84
C THR BA 203 -31.66 -7.39 98.61
N ALA BA 204 -32.21 -8.19 99.52
CA ALA BA 204 -32.33 -9.63 99.34
C ALA BA 204 -33.45 -10.05 98.37
N GLU BA 205 -34.24 -9.07 97.94
CA GLU BA 205 -35.28 -9.27 96.97
C GLU BA 205 -34.67 -8.84 95.65
N ARG BA 206 -34.06 -7.63 95.58
CA ARG BA 206 -33.36 -7.15 94.36
C ARG BA 206 -32.43 -8.20 93.69
N GLU BA 207 -31.45 -8.73 94.44
CA GLU BA 207 -30.39 -9.58 93.93
C GLU BA 207 -30.87 -10.86 93.26
N ILE BA 208 -31.88 -11.46 93.87
CA ILE BA 208 -32.42 -12.72 93.39
C ILE BA 208 -33.28 -12.63 92.12
N VAL BA 209 -33.69 -11.42 91.64
CA VAL BA 209 -34.42 -11.28 90.38
C VAL BA 209 -33.45 -11.73 89.28
N ARG BA 210 -32.18 -11.46 89.50
CA ARG BA 210 -31.12 -11.86 88.61
C ARG BA 210 -30.99 -13.39 88.60
N ASP BA 211 -31.20 -14.08 89.72
CA ASP BA 211 -31.11 -15.54 89.79
C ASP BA 211 -32.37 -16.20 89.22
N ILE BA 212 -33.47 -15.42 89.18
CA ILE BA 212 -34.70 -15.85 88.50
C ILE BA 212 -34.42 -15.82 87.00
N LYS BA 213 -33.97 -14.66 86.45
CA LYS BA 213 -33.55 -14.49 85.06
C LYS BA 213 -32.66 -15.62 84.62
N GLU BA 214 -31.57 -15.92 85.33
CA GLU BA 214 -30.68 -17.01 84.94
C GLU BA 214 -31.38 -18.36 84.95
N LYS BA 215 -32.02 -18.80 86.04
CA LYS BA 215 -32.63 -20.15 86.14
C LYS BA 215 -33.88 -20.47 85.30
N LEU BA 216 -34.85 -19.55 85.34
CA LEU BA 216 -36.13 -19.73 84.70
C LEU BA 216 -36.31 -19.08 83.36
N CYS BA 217 -35.54 -18.06 82.94
CA CYS BA 217 -35.74 -17.48 81.61
C CYS BA 217 -35.30 -18.26 80.38
N TYR BA 218 -36.18 -18.01 79.39
CA TYR BA 218 -36.26 -18.73 78.10
C TYR BA 218 -36.27 -17.82 76.90
N VAL BA 219 -35.81 -18.30 75.74
CA VAL BA 219 -36.01 -17.56 74.50
C VAL BA 219 -36.79 -18.54 73.68
N ALA BA 220 -38.03 -18.16 73.60
CA ALA BA 220 -38.90 -18.92 72.76
C ALA BA 220 -38.79 -18.51 71.30
N LEU BA 221 -38.93 -19.58 70.55
CA LEU BA 221 -39.08 -19.54 69.12
C LEU BA 221 -40.59 -19.48 68.96
N ASP BA 222 -40.97 -18.56 68.08
CA ASP BA 222 -42.36 -18.16 67.86
C ASP BA 222 -42.93 -17.68 69.18
N PHE BA 223 -42.36 -16.50 69.48
CA PHE BA 223 -42.63 -15.73 70.69
C PHE BA 223 -44.03 -15.12 70.60
N GLU BA 224 -44.55 -15.15 69.35
CA GLU BA 224 -45.88 -14.74 68.91
C GLU BA 224 -46.98 -15.60 69.53
N ASN BA 225 -46.97 -16.88 69.12
CA ASN BA 225 -47.89 -17.87 69.60
C ASN BA 225 -47.28 -18.58 70.79
N GLU BA 226 -46.69 -17.79 71.68
CA GLU BA 226 -46.18 -18.24 72.97
C GLU BA 226 -46.87 -17.41 74.06
N MET BA 227 -47.12 -16.14 73.69
CA MET BA 227 -47.98 -15.22 74.41
C MET BA 227 -49.40 -15.80 74.30
N ALA BA 228 -49.82 -16.14 73.06
CA ALA BA 228 -51.10 -16.80 72.78
C ALA BA 228 -51.28 -18.05 73.65
N THR BA 229 -50.21 -18.86 73.72
CA THR BA 229 -50.18 -20.03 74.59
C THR BA 229 -50.36 -19.66 76.07
N ALA BA 230 -49.71 -18.56 76.47
CA ALA BA 230 -49.72 -18.07 77.86
C ALA BA 230 -51.14 -17.88 78.38
N ALA BA 231 -51.96 -17.31 77.48
CA ALA BA 231 -53.38 -17.00 77.68
C ALA BA 231 -54.35 -18.18 77.88
N SER BA 232 -54.23 -19.23 77.06
CA SER BA 232 -54.96 -20.49 77.23
C SER BA 232 -54.62 -21.13 78.59
N SER BA 233 -53.44 -20.70 79.10
CA SER BA 233 -52.80 -21.10 80.36
C SER BA 233 -52.77 -22.61 80.59
N SER BA 234 -51.61 -22.91 80.01
CA SER BA 234 -51.06 -24.25 80.06
C SER BA 234 -50.22 -24.30 81.34
N SER BA 235 -49.60 -25.48 81.51
CA SER BA 235 -48.66 -25.68 82.58
C SER BA 235 -47.30 -25.14 82.07
N LEU BA 236 -47.31 -23.86 81.59
CA LEU BA 236 -46.14 -23.12 81.14
C LEU BA 236 -45.56 -22.34 82.33
N GLU BA 237 -46.41 -21.94 83.31
CA GLU BA 237 -46.03 -21.21 84.53
C GLU BA 237 -44.86 -21.78 85.36
N LYS BA 238 -44.15 -20.94 86.13
CA LYS BA 238 -43.06 -21.45 86.94
C LYS BA 238 -42.80 -20.66 88.21
N SER BA 239 -43.10 -21.30 89.33
CA SER BA 239 -42.86 -20.70 90.64
C SER BA 239 -41.54 -21.07 91.29
N TYR BA 240 -40.88 -19.99 91.72
CA TYR BA 240 -39.58 -19.98 92.37
C TYR BA 240 -39.80 -19.67 93.85
N GLU BA 241 -39.15 -20.37 94.80
CA GLU BA 241 -39.24 -20.03 96.23
C GLU BA 241 -38.13 -19.07 96.63
N LEU BA 242 -38.53 -17.91 97.17
CA LEU BA 242 -37.62 -16.81 97.51
C LEU BA 242 -36.59 -17.10 98.65
N PRO BA 243 -35.75 -16.20 99.28
CA PRO BA 243 -34.81 -16.57 100.37
C PRO BA 243 -35.51 -17.29 101.53
N ASP BA 244 -36.77 -16.85 101.72
CA ASP BA 244 -37.78 -17.41 102.64
C ASP BA 244 -38.83 -18.23 101.83
N GLY BA 245 -40.05 -18.48 102.40
CA GLY BA 245 -41.12 -19.25 101.78
C GLY BA 245 -41.72 -18.61 100.54
N GLN BA 246 -42.09 -17.32 100.67
CA GLN BA 246 -42.67 -16.46 99.63
C GLN BA 246 -42.49 -16.89 98.15
N VAL BA 247 -43.27 -17.93 97.84
CA VAL BA 247 -43.27 -18.51 96.52
C VAL BA 247 -43.88 -17.56 95.49
N ILE BA 248 -42.95 -17.10 94.67
CA ILE BA 248 -43.31 -16.20 93.61
C ILE BA 248 -43.56 -16.99 92.33
N THR BA 249 -44.58 -16.64 91.54
CA THR BA 249 -44.85 -17.31 90.27
C THR BA 249 -44.58 -16.40 89.07
N ILE BA 250 -43.98 -17.05 88.07
CA ILE BA 250 -43.55 -16.44 86.83
C ILE BA 250 -43.97 -17.45 85.80
N GLY BA 251 -44.96 -17.07 85.03
CA GLY BA 251 -45.38 -17.96 83.99
C GLY BA 251 -44.76 -17.59 82.69
N ASN BA 252 -45.36 -16.47 82.32
CA ASN BA 252 -45.28 -15.82 81.01
C ASN BA 252 -43.99 -14.97 80.84
N GLU BA 253 -43.77 -13.88 81.60
CA GLU BA 253 -42.58 -12.99 81.61
C GLU BA 253 -41.18 -13.59 81.48
N ARG BA 254 -41.19 -14.82 81.94
CA ARG BA 254 -40.13 -15.80 81.77
C ARG BA 254 -39.40 -15.68 80.38
N PHE BA 255 -40.16 -15.46 79.28
CA PHE BA 255 -39.62 -15.29 77.93
C PHE BA 255 -39.79 -13.87 77.39
N ARG BA 256 -40.60 -13.04 78.05
CA ARG BA 256 -40.77 -11.65 77.65
C ARG BA 256 -39.46 -10.88 77.86
N CYS BA 257 -38.65 -11.39 78.79
CA CYS BA 257 -37.34 -10.82 79.11
C CYS BA 257 -36.32 -11.07 77.97
N PRO BA 258 -35.97 -12.27 77.48
CA PRO BA 258 -35.06 -12.44 76.35
C PRO BA 258 -35.71 -11.98 75.01
N GLU BA 259 -37.05 -11.89 74.81
CA GLU BA 259 -37.64 -11.29 73.60
C GLU BA 259 -37.10 -9.84 73.59
N THR BA 260 -36.55 -9.25 74.68
CA THR BA 260 -35.99 -7.91 74.63
C THR BA 260 -34.78 -7.90 73.73
N LEU BA 261 -33.93 -8.94 73.77
CA LEU BA 261 -32.80 -9.02 72.84
C LEU BA 261 -33.15 -8.99 71.33
N PHE BA 262 -34.35 -9.40 70.88
CA PHE BA 262 -34.77 -9.31 69.47
C PHE BA 262 -35.59 -8.05 69.20
N GLN BA 263 -36.26 -7.56 70.25
CA GLN BA 263 -37.05 -6.35 70.22
C GLN BA 263 -36.53 -5.41 71.31
N PRO BA 264 -35.65 -4.46 70.99
CA PRO BA 264 -35.10 -3.48 71.92
C PRO BA 264 -36.18 -2.46 72.27
N SER BA 265 -37.24 -2.41 71.45
CA SER BA 265 -38.44 -1.56 71.63
C SER BA 265 -39.23 -1.81 72.94
N PHE BA 266 -39.03 -3.01 73.53
CA PHE BA 266 -39.53 -3.42 74.82
C PHE BA 266 -38.95 -2.57 75.93
N ILE BA 267 -37.81 -1.95 75.63
CA ILE BA 267 -37.14 -1.15 76.61
C ILE BA 267 -36.80 0.25 76.12
N GLY BA 268 -37.60 0.80 75.23
CA GLY BA 268 -37.35 2.15 74.79
C GLY BA 268 -36.02 2.30 74.05
N MET BA 269 -35.54 1.17 73.52
CA MET BA 269 -34.39 1.25 72.64
C MET BA 269 -34.88 1.26 71.19
N GLU BA 270 -34.33 2.22 70.44
CA GLU BA 270 -34.59 2.37 69.00
C GLU BA 270 -33.62 1.63 68.05
N SER BA 271 -32.54 1.08 68.62
CA SER BA 271 -31.56 0.27 67.90
C SER BA 271 -32.21 -1.01 67.39
N ALA BA 272 -31.53 -1.60 66.40
CA ALA BA 272 -31.95 -2.88 65.83
C ALA BA 272 -31.65 -4.03 66.80
N GLY BA 273 -32.11 -5.26 66.57
CA GLY BA 273 -31.87 -6.32 67.52
C GLY BA 273 -30.86 -7.36 67.04
N ILE BA 274 -30.32 -8.12 68.00
CA ILE BA 274 -29.35 -9.21 67.82
C ILE BA 274 -29.28 -9.89 66.43
N HIS BA 275 -30.40 -10.40 65.91
CA HIS BA 275 -30.45 -11.13 64.64
C HIS BA 275 -30.27 -10.27 63.40
N GLU BA 276 -30.84 -9.08 63.45
CA GLU BA 276 -30.71 -8.14 62.36
C GLU BA 276 -29.32 -7.66 62.35
N THR BA 277 -28.76 -7.48 63.52
CA THR BA 277 -27.42 -6.96 63.66
C THR BA 277 -26.43 -8.02 63.19
N THR BA 278 -26.64 -9.31 63.46
CA THR BA 278 -25.80 -10.41 62.95
C THR BA 278 -25.68 -10.30 61.41
N TYR BA 279 -26.86 -10.08 60.87
CA TYR BA 279 -27.06 -9.97 59.47
C TYR BA 279 -26.41 -8.72 58.97
N ASN BA 280 -26.62 -7.56 59.57
CA ASN BA 280 -26.09 -6.36 58.97
C ASN BA 280 -24.57 -6.36 58.93
N SER BA 281 -23.96 -7.01 59.93
CA SER BA 281 -22.52 -7.15 60.06
C SER BA 281 -22.06 -7.86 58.81
N ILE BA 282 -22.86 -8.90 58.51
CA ILE BA 282 -22.61 -9.79 57.39
C ILE BA 282 -22.84 -9.05 56.10
N MET BA 283 -23.89 -8.27 55.82
CA MET BA 283 -23.90 -7.59 54.53
C MET BA 283 -22.98 -6.34 54.45
N LYS BA 284 -22.11 -6.14 55.48
CA LYS BA 284 -21.02 -5.14 55.52
C LYS BA 284 -19.64 -5.71 55.21
N CYS BA 285 -19.57 -7.04 55.08
CA CYS BA 285 -18.34 -7.77 54.81
C CYS BA 285 -18.16 -8.08 53.34
N ASP BA 286 -16.98 -8.55 52.93
CA ASP BA 286 -16.79 -8.95 51.55
C ASP BA 286 -17.75 -10.10 51.29
N ILE BA 287 -18.20 -10.06 50.05
CA ILE BA 287 -19.16 -10.95 49.35
C ILE BA 287 -18.82 -12.46 49.28
N ASP BA 288 -17.54 -12.67 48.95
CA ASP BA 288 -16.98 -13.97 48.86
C ASP BA 288 -16.89 -14.57 50.26
N ILE BA 289 -16.77 -13.77 51.37
CA ILE BA 289 -16.66 -14.38 52.70
C ILE BA 289 -17.99 -14.57 53.36
N ARG BA 290 -19.07 -14.00 52.82
CA ARG BA 290 -20.36 -14.15 53.45
C ARG BA 290 -20.83 -15.62 53.49
N LYS BA 291 -20.50 -16.62 52.64
CA LYS BA 291 -21.05 -17.95 52.95
C LYS BA 291 -20.42 -18.52 54.23
N ASP BA 292 -19.16 -18.13 54.51
CA ASP BA 292 -18.39 -18.63 55.65
C ASP BA 292 -18.96 -18.14 56.96
N LEU BA 293 -19.10 -16.83 57.08
CA LEU BA 293 -19.72 -16.23 58.23
C LEU BA 293 -21.08 -16.83 58.52
N TYR BA 294 -21.91 -17.08 57.48
CA TYR BA 294 -23.23 -17.62 57.72
C TYR BA 294 -23.25 -19.02 58.26
N ALA BA 295 -22.29 -19.83 57.91
CA ALA BA 295 -22.29 -21.19 58.45
C ALA BA 295 -21.50 -21.24 59.76
N ASN BA 296 -21.14 -20.08 60.34
CA ASN BA 296 -20.33 -20.07 61.53
C ASN BA 296 -20.61 -18.91 62.44
N ASN BA 297 -21.83 -18.91 62.95
CA ASN BA 297 -22.30 -17.92 63.90
C ASN BA 297 -22.02 -18.54 65.25
N VAL BA 298 -20.95 -18.12 65.88
CA VAL BA 298 -20.57 -18.70 67.14
C VAL BA 298 -21.11 -17.72 68.15
N MET BA 299 -21.72 -18.30 69.17
CA MET BA 299 -22.23 -17.51 70.27
C MET BA 299 -21.37 -17.62 71.53
N SER BA 300 -21.13 -16.48 72.17
CA SER BA 300 -20.49 -16.57 73.46
C SER BA 300 -21.02 -15.47 74.36
N GLY BA 301 -20.88 -15.68 75.67
CA GLY BA 301 -21.30 -14.71 76.67
C GLY BA 301 -22.47 -15.16 77.57
N GLY BA 302 -22.44 -14.69 78.82
CA GLY BA 302 -23.45 -15.05 79.79
C GLY BA 302 -24.87 -14.82 79.28
N THR BA 303 -25.15 -13.72 78.61
CA THR BA 303 -26.51 -13.45 78.19
C THR BA 303 -26.92 -14.29 76.99
N THR BA 304 -26.05 -15.05 76.31
CA THR BA 304 -26.49 -15.90 75.18
C THR BA 304 -26.83 -17.30 75.65
N MET BA 305 -26.90 -17.48 76.97
CA MET BA 305 -27.15 -18.79 77.58
C MET BA 305 -28.63 -19.13 77.71
N TYR BA 306 -29.56 -18.13 77.62
CA TYR BA 306 -31.01 -18.35 77.67
C TYR BA 306 -31.39 -19.51 76.78
N PRO BA 307 -31.89 -20.69 77.20
CA PRO BA 307 -32.25 -21.77 76.29
C PRO BA 307 -33.13 -21.31 75.09
N GLY BA 308 -32.90 -21.93 73.91
CA GLY BA 308 -33.68 -21.66 72.71
C GLY BA 308 -33.34 -20.38 71.99
N ILE BA 309 -32.15 -19.90 72.36
CA ILE BA 309 -31.60 -18.66 71.80
C ILE BA 309 -31.07 -18.90 70.42
N ALA BA 310 -30.49 -20.11 70.32
CA ALA BA 310 -29.86 -20.59 69.11
C ALA BA 310 -30.95 -20.90 68.10
N ASP BA 311 -32.05 -21.63 68.45
CA ASP BA 311 -33.15 -21.95 67.53
C ASP BA 311 -33.83 -20.69 66.98
N ARG BA 312 -34.11 -19.71 67.85
CA ARG BA 312 -34.67 -18.44 67.45
C ARG BA 312 -33.68 -17.79 66.50
N MET BA 313 -32.37 -17.74 66.79
CA MET BA 313 -31.41 -17.09 65.90
C MET BA 313 -31.23 -17.76 64.56
N GLN BA 314 -31.40 -19.09 64.60
CA GLN BA 314 -31.31 -20.00 63.47
C GLN BA 314 -32.34 -19.63 62.45
N LYS BA 315 -33.57 -19.52 62.95
CA LYS BA 315 -34.69 -19.13 62.13
C LYS BA 315 -34.77 -17.66 61.87
N GLU BA 316 -34.13 -16.88 62.72
CA GLU BA 316 -34.17 -15.45 62.52
C GLU BA 316 -33.30 -15.09 61.32
N ILE BA 317 -32.10 -15.68 61.22
CA ILE BA 317 -31.28 -15.29 60.08
C ILE BA 317 -31.57 -16.16 58.87
N THR BA 318 -32.08 -17.40 58.91
CA THR BA 318 -32.42 -18.15 57.70
C THR BA 318 -33.37 -17.32 56.83
N ALA BA 319 -34.38 -16.83 57.54
CA ALA BA 319 -35.39 -16.01 56.93
C ALA BA 319 -34.98 -14.57 56.59
N LEU BA 320 -33.70 -14.20 56.68
CA LEU BA 320 -33.22 -12.91 56.19
C LEU BA 320 -32.13 -13.09 55.14
N ALA BA 321 -31.49 -14.26 55.23
CA ALA BA 321 -30.43 -14.66 54.34
C ALA BA 321 -30.93 -15.23 53.02
N PRO BA 322 -30.21 -15.07 51.88
CA PRO BA 322 -30.62 -15.61 50.56
C PRO BA 322 -30.77 -17.13 50.63
N SER BA 323 -31.85 -17.80 50.20
CA SER BA 323 -32.01 -19.27 50.38
C SER BA 323 -30.95 -20.27 49.90
N THR BA 324 -30.09 -19.73 49.04
CA THR BA 324 -28.93 -20.43 48.50
C THR BA 324 -27.89 -20.66 49.61
N MET BA 325 -28.11 -20.06 50.79
CA MET BA 325 -27.16 -20.05 51.87
C MET BA 325 -27.42 -21.08 52.93
N LYS BA 326 -26.31 -21.48 53.51
CA LYS BA 326 -26.33 -22.35 54.65
C LYS BA 326 -26.13 -21.48 55.89
N ILE BA 327 -27.07 -21.60 56.82
CA ILE BA 327 -27.05 -20.89 58.09
C ILE BA 327 -26.48 -21.90 59.10
N LYS BA 328 -25.71 -21.49 60.12
CA LYS BA 328 -25.33 -22.41 61.18
C LYS BA 328 -24.89 -21.66 62.44
N ILE BA 329 -25.77 -21.80 63.45
CA ILE BA 329 -25.62 -21.13 64.75
C ILE BA 329 -25.02 -22.07 65.79
N ILE BA 330 -23.72 -21.93 66.05
CA ILE BA 330 -23.03 -22.72 67.04
C ILE BA 330 -23.14 -21.94 68.37
N ALA BA 331 -23.64 -22.67 69.38
CA ALA BA 331 -23.79 -22.20 70.74
C ALA BA 331 -23.30 -23.32 71.67
N PRO BA 332 -22.04 -23.38 72.08
CA PRO BA 332 -21.55 -24.43 72.98
C PRO BA 332 -22.07 -24.25 74.41
N PRO BA 333 -22.02 -25.30 75.24
CA PRO BA 333 -22.49 -25.30 76.62
C PRO BA 333 -21.62 -24.49 77.54
N GLU BA 334 -20.31 -24.50 77.35
CA GLU BA 334 -19.47 -23.74 78.24
C GLU BA 334 -19.49 -22.28 77.82
N ARG BA 335 -20.28 -21.81 76.83
CA ARG BA 335 -20.21 -20.42 76.37
C ARG BA 335 -20.09 -19.22 77.32
N LYS BA 336 -20.54 -19.31 78.57
CA LYS BA 336 -20.29 -18.23 79.51
C LYS BA 336 -18.78 -18.10 79.79
N TYR BA 337 -17.91 -19.08 79.49
CA TYR BA 337 -16.45 -18.93 79.56
C TYR BA 337 -15.72 -19.15 78.19
N SER BA 338 -16.35 -19.05 77.00
CA SER BA 338 -15.67 -19.29 75.72
C SER BA 338 -14.40 -18.51 75.54
N VAL BA 339 -14.56 -17.21 75.77
CA VAL BA 339 -13.50 -16.24 75.75
C VAL BA 339 -12.34 -16.74 76.57
N TRP BA 340 -12.59 -17.16 77.83
CA TRP BA 340 -11.52 -17.53 78.74
C TRP BA 340 -10.83 -18.80 78.28
N ILE BA 341 -11.65 -19.76 77.81
CA ILE BA 341 -11.19 -21.06 77.47
C ILE BA 341 -10.33 -20.92 76.24
N GLY BA 342 -10.71 -20.04 75.30
CA GLY BA 342 -9.96 -19.78 74.07
C GLY BA 342 -8.58 -19.22 74.44
N GLY BA 343 -8.50 -18.47 75.53
CA GLY BA 343 -7.26 -17.90 76.00
C GLY BA 343 -6.41 -18.97 76.65
N SER BA 344 -7.04 -19.88 77.42
CA SER BA 344 -6.35 -20.96 78.08
C SER BA 344 -5.67 -21.90 77.11
N ILE BA 345 -6.39 -22.18 76.03
CA ILE BA 345 -5.91 -23.04 74.96
C ILE BA 345 -4.71 -22.39 74.32
N LEU BA 346 -4.97 -21.20 73.76
CA LEU BA 346 -3.99 -20.43 73.05
C LEU BA 346 -2.73 -20.20 73.86
N ALA BA 347 -2.88 -19.80 75.13
CA ALA BA 347 -1.70 -19.45 75.91
C ALA BA 347 -0.97 -20.68 76.38
N SER BA 348 -1.63 -21.84 76.47
CA SER BA 348 -0.89 -23.03 76.87
C SER BA 348 -0.23 -23.69 75.64
N LEU BA 349 -0.68 -23.29 74.46
CA LEU BA 349 -0.14 -23.76 73.19
C LEU BA 349 1.35 -23.53 73.00
N SER BA 350 1.76 -24.62 72.36
CA SER BA 350 3.10 -24.91 71.89
C SER BA 350 3.59 -23.80 70.96
N THR BA 351 2.77 -23.20 70.10
CA THR BA 351 3.25 -22.16 69.19
C THR BA 351 3.13 -20.71 69.61
N PHE BA 352 2.55 -20.48 70.78
CA PHE BA 352 2.26 -19.13 71.21
C PHE BA 352 3.40 -18.40 71.87
N GLN BA 353 4.37 -19.23 72.24
CA GLN BA 353 5.51 -18.75 72.97
C GLN BA 353 6.19 -17.61 72.26
N GLN BA 354 6.32 -17.73 70.94
CA GLN BA 354 6.92 -16.68 70.14
C GLN BA 354 6.05 -15.42 69.93
N MET BA 355 4.79 -15.33 70.43
CA MET BA 355 4.07 -14.04 70.42
C MET BA 355 3.98 -13.32 71.76
N TRP BA 356 4.38 -13.95 72.89
CA TRP BA 356 4.43 -13.26 74.17
C TRP BA 356 5.21 -11.96 74.19
N ILE BA 357 4.68 -10.76 74.55
CA ILE BA 357 5.55 -9.55 74.63
C ILE BA 357 6.39 -9.62 75.91
N THR BA 358 7.72 -9.71 75.79
CA THR BA 358 8.56 -9.84 76.98
C THR BA 358 9.02 -8.47 77.44
N LYS BA 359 9.38 -8.33 78.74
CA LYS BA 359 10.00 -7.10 79.25
C LYS BA 359 11.18 -6.65 78.41
N GLN BA 360 11.87 -7.57 77.70
CA GLN BA 360 12.97 -7.26 76.79
C GLN BA 360 12.28 -6.44 75.70
N GLU BA 361 11.30 -6.98 74.95
CA GLU BA 361 10.59 -6.17 73.95
C GLU BA 361 10.12 -4.81 74.48
N TYR BA 362 9.50 -4.82 75.65
CA TYR BA 362 8.98 -3.58 76.20
C TYR BA 362 10.05 -2.58 76.57
N ASP BA 363 10.98 -2.90 77.48
CA ASP BA 363 12.00 -1.96 77.92
C ASP BA 363 12.76 -1.36 76.74
N GLU BA 364 12.76 -2.11 75.63
CA GLU BA 364 13.38 -1.66 74.40
C GLU BA 364 12.48 -0.97 73.38
N ALA BA 365 11.17 -1.27 73.26
CA ALA BA 365 10.30 -0.67 72.21
C ALA BA 365 9.18 0.31 72.61
N GLY BA 366 8.94 0.40 73.93
CA GLY BA 366 7.88 1.21 74.52
C GLY BA 366 6.53 0.51 74.33
N PRO BA 367 5.40 0.98 74.88
CA PRO BA 367 4.11 0.27 74.88
C PRO BA 367 3.56 -0.09 73.50
N SER BA 368 4.13 0.66 72.54
CA SER BA 368 3.91 0.50 71.12
C SER BA 368 4.10 -0.94 70.69
N ILE BA 369 5.14 -1.61 71.22
CA ILE BA 369 5.47 -3.00 70.91
C ILE BA 369 4.32 -4.00 70.89
N VAL BA 370 3.50 -4.03 71.95
CA VAL BA 370 2.40 -4.96 72.07
C VAL BA 370 1.15 -4.44 71.35
N HIS BA 371 1.13 -3.12 71.16
CA HIS BA 371 -0.04 -2.53 70.55
C HIS BA 371 -0.34 -3.10 69.15
N ARG BA 372 0.68 -3.57 68.42
CA ARG BA 372 0.59 -4.13 67.07
C ARG BA 372 0.14 -2.97 66.14
N ASP CA 1 -43.44 35.72 29.31
CA ASP CA 1 -43.67 35.59 30.77
C ASP CA 1 -44.45 34.32 31.12
N GLU CA 2 -45.42 34.07 30.23
CA GLU CA 2 -46.29 32.89 30.18
C GLU CA 2 -45.65 31.68 30.84
N ASP CA 3 -44.42 31.46 30.39
CA ASP CA 3 -43.59 30.50 31.03
C ASP CA 3 -42.20 31.04 31.38
N GLU CA 4 -41.82 32.32 31.07
CA GLU CA 4 -40.52 32.91 31.45
C GLU CA 4 -40.39 32.89 32.98
N THR CA 5 -41.51 33.25 33.63
CA THR CA 5 -41.66 33.25 35.09
C THR CA 5 -41.89 31.87 35.71
N THR CA 6 -42.73 31.23 34.89
CA THR CA 6 -43.44 29.98 35.07
C THR CA 6 -42.64 28.68 35.02
N ALA CA 7 -41.39 28.63 34.52
CA ALA CA 7 -40.65 27.36 34.50
C ALA CA 7 -40.15 27.01 35.88
N LEU CA 8 -40.35 25.75 36.28
CA LEU CA 8 -39.93 25.29 37.60
C LEU CA 8 -38.64 24.48 37.46
N VAL CA 9 -37.77 24.39 38.47
CA VAL CA 9 -36.59 23.57 38.33
C VAL CA 9 -36.51 22.78 39.58
N CYS CA 10 -36.60 21.46 39.42
CA CYS CA 10 -36.58 20.60 40.55
C CYS CA 10 -35.45 19.63 40.44
N ASP CA 11 -34.46 19.77 41.33
CA ASP CA 11 -33.37 18.83 41.40
C ASP CA 11 -33.49 17.82 42.55
N ASN CA 12 -33.78 16.56 42.19
CA ASN CA 12 -34.04 15.48 43.10
C ASN CA 12 -32.76 14.82 43.51
N GLY CA 13 -32.45 14.82 44.81
CA GLY CA 13 -31.25 14.21 45.30
C GLY CA 13 -31.53 13.06 46.25
N SER CA 14 -30.41 12.46 46.59
CA SER CA 14 -30.41 11.39 47.55
C SER CA 14 -30.64 11.91 48.94
N GLY CA 15 -30.21 13.12 49.29
CA GLY CA 15 -30.37 13.65 50.64
C GLY CA 15 -31.31 14.82 50.60
N LEU CA 16 -31.13 15.77 49.68
CA LEU CA 16 -31.92 16.99 49.54
C LEU CA 16 -32.66 17.21 48.23
N VAL CA 17 -33.81 17.89 48.21
CA VAL CA 17 -34.45 18.32 47.00
C VAL CA 17 -34.04 19.78 46.87
N LYS CA 18 -33.73 20.32 45.71
CA LYS CA 18 -33.50 21.74 45.53
C LYS CA 18 -34.56 22.18 44.52
N ALA CA 19 -35.33 23.23 44.75
CA ALA CA 19 -36.44 23.58 43.88
C ALA CA 19 -36.66 25.09 43.83
N GLY CA 20 -37.45 25.58 42.90
CA GLY CA 20 -37.53 27.01 42.72
C GLY CA 20 -37.93 27.32 41.31
N PHE CA 21 -37.83 28.61 40.96
CA PHE CA 21 -38.27 29.07 39.65
C PHE CA 21 -37.08 29.39 38.78
N ALA CA 22 -37.15 28.97 37.51
CA ALA CA 22 -36.12 29.27 36.52
C ALA CA 22 -36.13 30.77 36.49
N GLY CA 23 -34.94 31.32 36.57
CA GLY CA 23 -34.84 32.75 36.70
C GLY CA 23 -34.13 33.03 38.00
N ASP CA 24 -34.55 32.48 39.15
CA ASP CA 24 -33.89 32.75 40.42
C ASP CA 24 -32.43 32.34 40.42
N ASP CA 25 -31.67 32.87 41.39
CA ASP CA 25 -30.22 32.63 41.45
C ASP CA 25 -29.80 31.39 42.27
N ALA CA 26 -30.77 30.98 43.11
CA ALA CA 26 -30.63 29.88 44.05
C ALA CA 26 -31.98 29.26 44.33
N PRO CA 27 -32.03 27.98 44.77
CA PRO CA 27 -33.29 27.29 45.06
C PRO CA 27 -34.17 27.96 46.12
N ARG CA 28 -35.43 28.10 45.77
CA ARG CA 28 -36.42 28.63 46.68
C ARG CA 28 -36.71 27.59 47.76
N ALA CA 29 -36.49 26.31 47.46
CA ALA CA 29 -36.83 25.27 48.40
C ALA CA 29 -35.77 24.19 48.45
N VAL CA 30 -35.33 23.90 49.68
CA VAL CA 30 -34.30 22.90 49.92
C VAL CA 30 -34.78 22.15 51.14
N PHE CA 31 -34.86 20.82 51.07
CA PHE CA 31 -35.40 20.04 52.17
C PHE CA 31 -35.09 18.58 52.07
N PRO CA 32 -35.04 17.78 53.13
CA PRO CA 32 -34.74 16.36 53.01
C PRO CA 32 -35.75 15.58 52.17
N SER CA 33 -35.12 14.58 51.58
CA SER CA 33 -35.72 13.69 50.64
C SER CA 33 -36.17 12.48 51.44
N ILE CA 34 -37.06 12.68 52.42
CA ILE CA 34 -37.65 11.62 53.20
C ILE CA 34 -39.15 11.61 53.16
N VAL CA 35 -39.80 10.53 53.54
CA VAL CA 35 -41.22 10.37 53.57
C VAL CA 35 -41.36 9.51 54.80
N GLY CA 36 -42.00 10.07 55.80
CA GLY CA 36 -42.18 9.43 57.07
C GLY CA 36 -43.58 8.90 57.13
N ARG CA 37 -43.66 7.73 57.75
CA ARG CA 37 -44.91 7.01 57.87
C ARG CA 37 -45.09 6.72 59.38
N PRO CA 38 -46.07 7.26 60.11
CA PRO CA 38 -46.21 7.05 61.55
C PRO CA 38 -46.33 5.62 62.03
N ARG CA 39 -45.40 5.27 62.93
CA ARG CA 39 -45.43 3.99 63.59
C ARG CA 39 -46.63 3.76 64.49
N HIS CA 40 -47.40 4.82 64.96
CA HIS CA 40 -48.54 4.60 65.87
C HIS CA 40 -49.76 5.44 65.60
N GLN CA 41 -50.95 5.07 66.04
CA GLN CA 41 -52.05 5.95 65.79
C GLN CA 41 -52.21 7.01 66.86
N GLY CA 42 -52.47 8.24 66.40
CA GLY CA 42 -52.56 9.39 67.26
C GLY CA 42 -52.42 10.68 66.47
N VAL CA 43 -52.48 11.83 67.15
CA VAL CA 43 -52.40 13.15 66.53
C VAL CA 43 -51.56 14.22 67.24
N MET CA 44 -51.19 15.28 66.52
CA MET CA 44 -50.58 16.43 67.18
C MET CA 44 -51.78 17.27 67.57
N VAL CA 45 -51.63 18.13 68.58
CA VAL CA 45 -52.66 19.00 69.03
C VAL CA 45 -53.11 19.98 67.94
N GLY CA 46 -54.35 19.82 67.51
CA GLY CA 46 -54.95 20.76 66.61
C GLY CA 46 -54.92 20.25 65.18
N MET CA 47 -54.12 19.23 64.92
CA MET CA 47 -54.13 18.64 63.61
C MET CA 47 -54.96 17.39 63.58
N GLY CA 48 -55.22 16.94 62.35
CA GLY CA 48 -55.87 15.66 62.10
C GLY CA 48 -54.78 14.58 61.93
N GLN CA 49 -55.31 13.35 61.85
CA GLN CA 49 -54.52 12.18 61.52
C GLN CA 49 -53.86 12.35 60.16
N LYS CA 50 -52.59 12.09 60.14
CA LYS CA 50 -51.80 12.32 58.98
C LYS CA 50 -51.26 10.95 58.67
N ASP CA 51 -51.39 10.67 57.39
CA ASP CA 51 -50.93 9.39 56.88
C ASP CA 51 -49.44 9.37 56.58
N SER CA 52 -48.89 10.57 56.38
CA SER CA 52 -47.57 10.64 55.85
C SER CA 52 -46.91 11.96 56.16
N TYR CA 53 -45.62 12.04 56.14
CA TYR CA 53 -44.95 13.25 56.44
C TYR CA 53 -43.81 13.39 55.45
N VAL CA 54 -43.38 14.57 55.00
CA VAL CA 54 -42.33 14.70 54.00
C VAL CA 54 -41.40 15.85 54.37
N GLY CA 55 -40.11 15.68 54.07
CA GLY CA 55 -39.13 16.72 54.26
C GLY CA 55 -38.81 16.93 55.70
N ASP CA 56 -38.83 18.19 56.12
CA ASP CA 56 -38.50 18.54 57.48
C ASP CA 56 -39.52 18.07 58.47
N GLU CA 57 -40.83 18.06 58.23
CA GLU CA 57 -41.71 17.50 59.22
C GLU CA 57 -41.47 16.01 59.47
N ALA CA 58 -40.92 15.28 58.50
CA ALA CA 58 -40.58 13.90 58.71
C ALA CA 58 -39.29 13.83 59.53
N GLN CA 59 -38.38 14.77 59.35
CA GLN CA 59 -37.15 14.70 60.09
C GLN CA 59 -37.47 15.07 61.55
N SER CA 60 -38.17 16.17 61.76
CA SER CA 60 -38.47 16.64 63.10
C SER CA 60 -39.29 15.70 63.98
N LYS CA 61 -40.14 14.95 63.32
CA LYS CA 61 -40.98 14.05 64.04
C LYS CA 61 -40.43 12.67 63.86
N ARG CA 62 -39.11 12.41 63.63
CA ARG CA 62 -38.67 11.06 63.29
C ARG CA 62 -38.86 9.92 64.27
N GLY CA 63 -38.93 10.27 65.56
CA GLY CA 63 -39.15 9.31 66.61
C GLY CA 63 -40.49 8.59 66.50
N ILE CA 64 -41.58 9.08 65.88
CA ILE CA 64 -42.80 8.28 65.80
C ILE CA 64 -43.14 7.75 64.41
N LEU CA 65 -42.25 7.91 63.44
CA LEU CA 65 -42.49 7.53 62.05
C LEU CA 65 -41.41 6.60 61.50
N THR CA 66 -41.66 5.86 60.41
CA THR CA 66 -40.60 5.08 59.81
C THR CA 66 -40.27 5.89 58.57
N LEU CA 67 -39.02 6.35 58.61
CA LEU CA 67 -38.46 7.21 57.59
C LEU CA 67 -38.04 6.41 56.40
N LYS CA 68 -38.28 6.93 55.19
CA LYS CA 68 -37.81 6.23 53.99
C LYS CA 68 -37.29 7.19 52.96
N TYR CA 69 -36.17 6.76 52.38
CA TYR CA 69 -35.46 7.52 51.34
C TYR CA 69 -35.82 7.04 49.90
N PRO CA 70 -36.67 7.71 49.08
CA PRO CA 70 -37.06 7.32 47.71
C PRO CA 70 -35.97 7.19 46.67
N ILE CA 71 -34.86 7.89 46.90
CA ILE CA 71 -33.79 7.90 45.93
C ILE CA 71 -32.52 7.25 46.51
N GLU CA 72 -32.25 6.02 46.07
CA GLU CA 72 -31.07 5.38 46.57
C GLU CA 72 -29.94 5.55 45.57
N HIS CA 73 -28.90 6.28 46.00
CA HIS CA 73 -27.74 6.51 45.15
C HIS CA 73 -28.07 7.27 43.88
N GLY CA 74 -28.96 8.26 43.99
CA GLY CA 74 -29.29 9.10 42.85
C GLY CA 74 -30.38 8.52 41.97
N ILE CA 75 -30.70 7.23 42.07
CA ILE CA 75 -31.75 6.60 41.22
C ILE CA 75 -33.08 6.52 41.96
N ILE CA 76 -34.28 6.79 41.40
CA ILE CA 76 -35.55 6.69 42.15
C ILE CA 76 -35.85 5.20 42.28
N THR CA 77 -35.89 4.79 43.54
CA THR CA 77 -36.16 3.40 43.91
C THR CA 77 -37.62 3.19 44.31
N ASN CA 78 -38.30 4.18 44.93
CA ASN CA 78 -39.71 3.97 45.22
C ASN CA 78 -40.54 5.08 44.64
N TRP CA 79 -41.35 4.72 43.64
CA TRP CA 79 -42.16 5.66 42.89
C TRP CA 79 -43.39 6.16 43.61
N ASP CA 80 -43.91 5.46 44.63
CA ASP CA 80 -45.07 5.90 45.44
C ASP CA 80 -44.63 7.02 46.35
N ASP CA 81 -43.53 6.78 47.06
CA ASP CA 81 -42.86 7.79 47.83
C ASP CA 81 -42.22 8.92 47.10
N MET CA 82 -41.88 8.84 45.82
CA MET CA 82 -41.30 9.96 45.09
C MET CA 82 -42.45 10.87 44.72
N GLU CA 83 -43.56 10.36 44.20
CA GLU CA 83 -44.71 11.18 43.81
C GLU CA 83 -45.19 11.97 45.02
N LYS CA 84 -45.02 11.38 46.22
CA LYS CA 84 -45.24 12.11 47.47
C LYS CA 84 -44.26 13.29 47.61
N ILE CA 85 -42.93 13.14 47.43
CA ILE CA 85 -42.03 14.29 47.53
C ILE CA 85 -42.33 15.33 46.46
N TRP CA 86 -42.68 14.96 45.23
CA TRP CA 86 -43.02 15.94 44.21
C TRP CA 86 -44.24 16.72 44.59
N HIS CA 87 -45.27 16.00 45.07
CA HIS CA 87 -46.51 16.65 45.48
C HIS CA 87 -46.24 17.75 46.52
N HIS CA 88 -45.45 17.37 47.54
CA HIS CA 88 -45.02 18.30 48.56
C HIS CA 88 -44.30 19.47 47.95
N THR CA 89 -43.45 19.26 46.96
CA THR CA 89 -42.67 20.34 46.38
C THR CA 89 -43.53 21.34 45.70
N PHE CA 90 -44.43 20.89 44.84
CA PHE CA 90 -45.27 21.82 44.14
C PHE CA 90 -46.23 22.49 45.09
N TYR CA 91 -47.03 21.70 45.79
CA TYR CA 91 -48.11 22.28 46.51
C TYR CA 91 -47.85 22.94 47.79
N ASN CA 92 -46.84 22.50 48.52
CA ASN CA 92 -46.59 23.10 49.83
C ASN CA 92 -45.35 23.97 49.80
N GLU CA 93 -44.24 23.47 49.26
CA GLU CA 93 -43.03 24.23 49.25
C GLU CA 93 -43.10 25.41 48.29
N LEU CA 94 -43.42 25.22 47.00
CA LEU CA 94 -43.44 26.33 46.07
C LEU CA 94 -44.85 26.93 45.96
N ARG CA 95 -45.84 26.21 46.50
CA ARG CA 95 -47.25 26.59 46.57
C ARG CA 95 -47.91 26.95 45.23
N VAL CA 96 -47.35 26.37 44.18
CA VAL CA 96 -47.84 26.62 42.83
C VAL CA 96 -48.81 25.52 42.46
N ALA CA 97 -49.65 25.74 41.45
CA ALA CA 97 -50.43 24.64 40.90
C ALA CA 97 -49.55 24.15 39.76
N PRO CA 98 -49.18 22.87 39.62
CA PRO CA 98 -48.32 22.38 38.55
C PRO CA 98 -48.89 22.42 37.15
N GLU CA 99 -50.23 22.33 37.01
CA GLU CA 99 -50.84 22.30 35.68
C GLU CA 99 -50.79 23.55 34.84
N GLU CA 100 -50.13 24.60 35.34
CA GLU CA 100 -49.82 25.70 34.46
C GLU CA 100 -48.34 26.06 34.51
N HIS CA 101 -47.43 25.17 34.94
CA HIS CA 101 -46.01 25.49 34.96
C HIS CA 101 -45.13 24.53 34.23
N PRO CA 102 -44.24 24.87 33.31
CA PRO CA 102 -43.36 23.91 32.65
C PRO CA 102 -42.41 23.49 33.76
N THR CA 103 -41.98 22.22 33.84
CA THR CA 103 -41.15 21.69 34.92
C THR CA 103 -39.83 21.09 34.41
N LEU CA 104 -38.62 21.63 34.72
CA LEU CA 104 -37.37 21.01 34.31
C LEU CA 104 -36.94 20.21 35.50
N LEU CA 105 -36.77 18.92 35.25
CA LEU CA 105 -36.32 17.98 36.25
C LEU CA 105 -34.91 17.51 36.02
N THR CA 106 -34.26 16.86 36.99
CA THR CA 106 -32.96 16.33 36.70
C THR CA 106 -32.93 14.84 36.95
N GLU CA 107 -32.05 14.14 36.24
CA GLU CA 107 -31.83 12.73 36.53
C GLU CA 107 -30.32 12.49 36.70
N ALA CA 108 -29.99 11.28 37.12
CA ALA CA 108 -28.61 10.89 37.32
C ALA CA 108 -27.91 10.40 36.07
N PRO CA 109 -26.58 10.38 36.11
CA PRO CA 109 -25.75 9.92 35.03
C PRO CA 109 -26.14 8.71 34.19
N LEU CA 110 -26.37 7.50 34.66
CA LEU CA 110 -26.68 6.44 33.72
C LEU CA 110 -28.08 5.96 34.13
N ASN CA 111 -29.00 6.92 34.32
CA ASN CA 111 -30.36 6.68 34.76
C ASN CA 111 -31.00 5.80 33.71
N PRO CA 112 -31.54 4.67 34.15
CA PRO CA 112 -32.20 3.71 33.28
C PRO CA 112 -33.32 4.31 32.44
N LYS CA 113 -33.27 4.05 31.13
CA LYS CA 113 -34.23 4.57 30.13
C LYS CA 113 -35.70 4.59 30.57
N ALA CA 114 -36.00 3.50 31.26
CA ALA CA 114 -37.32 3.22 31.77
C ALA CA 114 -37.80 4.14 32.87
N ASN CA 115 -36.87 4.68 33.68
CA ASN CA 115 -37.15 5.64 34.74
C ASN CA 115 -37.48 6.98 34.15
N ARG CA 116 -36.69 7.43 33.14
CA ARG CA 116 -36.86 8.74 32.49
C ARG CA 116 -38.23 8.70 31.85
N GLU CA 117 -38.62 7.57 31.23
CA GLU CA 117 -40.00 7.39 30.78
C GLU CA 117 -41.02 7.34 31.94
N LYS CA 118 -40.70 6.77 33.11
CA LYS CA 118 -41.67 6.70 34.20
C LYS CA 118 -41.93 8.05 34.84
N MET CA 119 -40.92 8.85 35.17
CA MET CA 119 -41.18 10.16 35.74
C MET CA 119 -41.85 11.11 34.75
N THR CA 120 -41.81 10.76 33.48
CA THR CA 120 -42.49 11.55 32.48
C THR CA 120 -43.95 11.15 32.51
N GLN CA 121 -44.20 9.85 32.59
CA GLN CA 121 -45.53 9.29 32.77
C GLN CA 121 -46.16 9.93 33.99
N ILE CA 122 -45.49 10.09 35.14
CA ILE CA 122 -46.06 10.68 36.34
C ILE CA 122 -46.15 12.19 36.24
N MET CA 123 -45.20 12.85 35.58
CA MET CA 123 -45.30 14.30 35.48
C MET CA 123 -46.51 14.65 34.65
N PHE CA 124 -46.62 14.12 33.44
CA PHE CA 124 -47.73 14.44 32.56
C PHE CA 124 -49.04 13.79 32.96
N GLU CA 125 -49.03 12.50 33.34
CA GLU CA 125 -50.31 11.87 33.66
C GLU CA 125 -50.80 12.02 35.08
N THR CA 126 -50.03 12.24 36.17
CA THR CA 126 -50.69 12.45 37.45
C THR CA 126 -50.55 13.91 37.84
N PHE CA 127 -49.56 14.72 37.41
CA PHE CA 127 -49.51 16.14 37.80
C PHE CA 127 -50.02 17.14 36.77
N ASN CA 128 -50.12 16.63 35.53
CA ASN CA 128 -50.70 17.34 34.39
C ASN CA 128 -49.94 18.65 34.16
N VAL CA 129 -48.61 18.58 34.12
CA VAL CA 129 -47.82 19.80 33.89
C VAL CA 129 -47.94 20.16 32.38
N PRO CA 130 -47.88 21.42 31.89
CA PRO CA 130 -47.98 21.72 30.46
C PRO CA 130 -46.90 21.07 29.60
N ALA CA 131 -45.67 21.16 30.12
CA ALA CA 131 -44.48 20.64 29.47
C ALA CA 131 -43.40 20.38 30.52
N MET CA 132 -42.48 19.49 30.19
CA MET CA 132 -41.38 19.16 31.06
C MET CA 132 -40.13 18.78 30.30
N TYR CA 133 -39.04 18.40 30.97
CA TYR CA 133 -37.74 18.20 30.35
C TYR CA 133 -36.89 17.56 31.43
N VAL CA 134 -36.06 16.59 31.14
CA VAL CA 134 -35.22 15.96 32.14
C VAL CA 134 -33.75 16.28 31.76
N ALA CA 135 -32.97 17.10 32.49
CA ALA CA 135 -31.54 17.29 32.19
C ALA CA 135 -30.61 16.35 32.98
N ILE CA 136 -29.41 15.98 32.55
CA ILE CA 136 -28.57 15.09 33.35
C ILE CA 136 -27.84 16.01 34.28
N GLN CA 137 -27.64 15.57 35.52
CA GLN CA 137 -27.09 16.47 36.52
C GLN CA 137 -25.72 17.04 36.23
N ALA CA 138 -24.66 16.23 36.04
CA ALA CA 138 -23.34 16.78 35.67
C ALA CA 138 -23.31 17.78 34.49
N VAL CA 139 -24.23 17.51 33.58
CA VAL CA 139 -24.36 18.35 32.42
C VAL CA 139 -24.85 19.73 32.82
N LEU CA 140 -25.78 19.88 33.78
CA LEU CA 140 -26.21 21.21 34.23
C LEU CA 140 -25.15 21.87 35.08
N SER CA 141 -24.38 21.08 35.80
CA SER CA 141 -23.33 21.68 36.59
C SER CA 141 -22.32 22.32 35.69
N LEU CA 142 -21.89 21.63 34.62
CA LEU CA 142 -20.88 22.15 33.71
C LEU CA 142 -21.21 23.47 33.03
N TYR CA 143 -22.45 23.40 32.59
CA TYR CA 143 -23.05 24.48 31.84
C TYR CA 143 -23.22 25.73 32.71
N ALA CA 144 -23.59 25.55 33.97
CA ALA CA 144 -23.67 26.63 34.92
C ALA CA 144 -22.27 27.23 35.16
N SER CA 145 -21.16 26.55 34.79
CA SER CA 145 -19.84 27.17 34.93
C SER CA 145 -19.39 27.74 33.60
N GLY CA 146 -20.39 28.03 32.76
CA GLY CA 146 -20.20 28.59 31.44
C GLY CA 146 -19.94 27.54 30.38
N ARG CA 147 -19.08 26.52 30.58
CA ARG CA 147 -18.69 25.66 29.48
C ARG CA 147 -19.50 24.45 29.01
N THR CA 148 -19.01 23.82 27.94
CA THR CA 148 -19.67 22.69 27.31
C THR CA 148 -18.89 21.41 27.19
N THR CA 149 -17.59 21.50 27.40
CA THR CA 149 -16.72 20.35 27.45
C THR CA 149 -15.94 20.61 28.72
N GLY CA 150 -15.84 19.49 29.43
CA GLY CA 150 -15.15 19.37 30.69
C GLY CA 150 -15.48 18.05 31.32
N ILE CA 151 -15.01 17.76 32.52
CA ILE CA 151 -15.39 16.54 33.21
C ILE CA 151 -15.86 17.02 34.58
N VAL CA 152 -17.05 16.63 35.01
CA VAL CA 152 -17.57 17.02 36.32
C VAL CA 152 -17.32 15.94 37.38
N LEU CA 153 -16.74 16.29 38.53
CA LEU CA 153 -16.69 15.36 39.63
C LEU CA 153 -17.90 15.83 40.41
N ASP CA 154 -18.92 14.99 40.46
CA ASP CA 154 -20.14 15.37 41.14
C ASP CA 154 -20.32 14.49 42.35
N SER CA 155 -20.55 15.08 43.53
CA SER CA 155 -20.58 14.41 44.84
C SER CA 155 -21.54 15.00 45.86
N GLY CA 156 -22.56 14.23 46.17
CA GLY CA 156 -23.56 14.79 47.05
C GLY CA 156 -23.76 14.00 48.30
N ASP CA 157 -24.98 13.53 48.47
CA ASP CA 157 -25.25 12.79 49.66
C ASP CA 157 -25.16 11.29 49.55
N GLY CA 158 -25.64 10.59 48.53
CA GLY CA 158 -25.47 9.15 48.42
C GLY CA 158 -24.50 8.75 47.30
N VAL CA 159 -24.21 9.51 46.20
CA VAL CA 159 -23.30 9.11 45.12
C VAL CA 159 -22.26 10.14 44.76
N THR CA 160 -21.12 9.62 44.22
CA THR CA 160 -20.08 10.40 43.55
C THR CA 160 -19.99 9.92 42.10
N HIS CA 161 -19.69 10.83 41.18
CA HIS CA 161 -19.68 10.51 39.78
C HIS CA 161 -18.61 11.32 39.16
N ASN CA 162 -18.21 10.85 37.98
CA ASN CA 162 -17.32 11.58 37.07
C ASN CA 162 -18.01 11.59 35.74
N VAL CA 163 -18.42 12.71 35.18
CA VAL CA 163 -19.15 12.59 33.92
C VAL CA 163 -18.42 13.47 32.94
N PRO CA 164 -17.65 12.86 32.01
CA PRO CA 164 -16.92 13.55 30.98
C PRO CA 164 -17.97 14.02 29.97
N ILE CA 165 -18.02 15.32 29.63
CA ILE CA 165 -18.99 15.84 28.66
C ILE CA 165 -18.29 16.54 27.51
N TYR CA 166 -18.66 16.25 26.26
CA TYR CA 166 -18.04 16.85 25.10
C TYR CA 166 -19.08 17.54 24.23
N GLU CA 167 -18.96 18.86 24.09
CA GLU CA 167 -19.92 19.68 23.38
C GLU CA 167 -21.38 19.37 23.66
N GLY CA 168 -21.51 19.01 24.95
CA GLY CA 168 -22.77 18.83 25.60
C GLY CA 168 -23.21 17.42 25.81
N TYR CA 169 -22.64 16.47 25.07
CA TYR CA 169 -23.05 15.09 25.19
C TYR CA 169 -22.19 14.38 26.22
N ALA CA 170 -22.83 13.98 27.34
CA ALA CA 170 -22.18 13.22 28.40
C ALA CA 170 -21.76 11.89 27.82
N LEU CA 171 -20.54 11.45 28.12
CA LEU CA 171 -19.96 10.28 27.47
C LEU CA 171 -20.21 8.99 28.24
N PRO CA 172 -21.29 8.28 27.94
CA PRO CA 172 -21.70 7.06 28.66
C PRO CA 172 -20.66 6.06 29.12
N HIS CA 173 -19.77 5.71 28.22
CA HIS CA 173 -18.73 4.73 28.53
C HIS CA 173 -17.58 5.31 29.33
N ALA CA 174 -17.57 6.54 29.79
CA ALA CA 174 -16.39 7.01 30.50
C ALA CA 174 -16.74 7.45 31.89
N ILE CA 175 -18.07 7.53 32.16
CA ILE CA 175 -18.71 7.87 33.46
C ILE CA 175 -18.36 6.84 34.55
N MET CA 176 -18.00 7.29 35.76
CA MET CA 176 -17.64 6.42 36.88
C MET CA 176 -18.47 6.87 38.05
N ARG CA 177 -18.91 5.88 38.78
CA ARG CA 177 -19.72 6.06 39.95
C ARG CA 177 -19.03 5.43 41.15
N LEU CA 178 -18.95 6.21 42.23
CA LEU CA 178 -18.33 5.75 43.43
C LEU CA 178 -19.39 5.98 44.49
N ASP CA 179 -19.98 4.90 45.04
CA ASP CA 179 -20.97 5.00 46.11
C ASP CA 179 -20.39 5.32 47.51
N LEU CA 180 -19.73 6.49 47.69
CA LEU CA 180 -19.29 6.95 49.00
C LEU CA 180 -19.41 8.45 48.88
N ALA CA 181 -20.22 9.06 49.73
CA ALA CA 181 -20.47 10.47 49.67
C ALA CA 181 -20.63 11.11 51.05
N GLY CA 182 -21.29 12.26 51.17
CA GLY CA 182 -21.43 13.02 52.41
C GLY CA 182 -22.09 12.30 53.57
N ARG CA 183 -22.99 11.36 53.26
CA ARG CA 183 -23.74 10.52 54.20
C ARG CA 183 -22.75 9.59 54.87
N ASP CA 184 -21.98 8.84 54.06
CA ASP CA 184 -20.91 7.95 54.49
C ASP CA 184 -19.91 8.73 55.33
N LEU CA 185 -19.57 9.93 54.87
CA LEU CA 185 -18.63 10.83 55.52
C LEU CA 185 -18.99 11.40 56.89
N THR CA 186 -20.30 11.57 57.14
CA THR CA 186 -20.78 12.04 58.45
C THR CA 186 -20.69 10.85 59.41
N ASP CA 187 -20.90 9.61 58.93
CA ASP CA 187 -20.90 8.49 59.83
C ASP CA 187 -19.50 8.07 60.19
N TYR CA 188 -18.54 8.39 59.34
CA TYR CA 188 -17.16 8.08 59.64
C TYR CA 188 -16.68 9.12 60.64
N LEU CA 189 -17.05 10.40 60.50
CA LEU CA 189 -16.59 11.41 61.46
C LEU CA 189 -17.07 11.03 62.83
N MET CA 190 -18.33 10.61 62.86
CA MET CA 190 -19.04 10.14 64.04
C MET CA 190 -18.18 9.19 64.87
N LYS CA 191 -17.71 8.12 64.19
CA LYS CA 191 -16.87 7.16 64.84
C LYS CA 191 -15.56 7.86 65.14
N ILE CA 192 -14.76 8.54 64.29
CA ILE CA 192 -13.50 9.11 64.78
C ILE CA 192 -13.60 10.17 65.88
N LEU CA 193 -14.82 10.63 66.12
CA LEU CA 193 -15.09 11.61 67.14
C LEU CA 193 -15.53 10.91 68.42
N THR CA 194 -16.25 9.76 68.36
CA THR CA 194 -16.55 8.99 69.57
C THR CA 194 -15.26 8.34 70.05
N GLU CA 195 -14.45 7.96 69.04
CA GLU CA 195 -13.13 7.36 69.18
C GLU CA 195 -12.16 8.39 69.77
N ARG CA 196 -12.40 9.70 69.62
CA ARG CA 196 -11.62 10.76 70.31
C ARG CA 196 -12.00 10.80 71.80
N GLY CA 197 -12.95 9.94 72.22
CA GLY CA 197 -13.39 9.81 73.59
C GLY CA 197 -14.65 10.62 73.77
N TYR CA 198 -15.73 10.34 73.01
CA TYR CA 198 -16.98 11.11 73.10
C TYR CA 198 -18.20 10.24 72.94
N SER CA 199 -19.34 10.92 73.12
CA SER CA 199 -20.65 10.27 73.00
C SER CA 199 -21.75 11.14 72.42
N PHE CA 200 -22.19 10.61 71.29
CA PHE CA 200 -23.30 11.19 70.57
C PHE CA 200 -24.33 10.11 70.80
N VAL CA 201 -24.96 10.49 71.91
CA VAL CA 201 -25.89 9.61 72.53
C VAL CA 201 -27.33 9.93 72.15
N THR CA 202 -27.89 11.09 72.52
CA THR CA 202 -29.27 11.44 72.14
C THR CA 202 -29.31 11.90 70.69
N THR CA 203 -30.52 12.03 70.09
CA THR CA 203 -30.64 12.41 68.69
C THR CA 203 -30.18 13.85 68.44
N ALA CA 204 -30.16 14.69 69.48
CA ALA CA 204 -29.60 16.04 69.39
C ALA CA 204 -28.06 16.08 69.40
N GLU CA 205 -27.45 14.92 69.62
CA GLU CA 205 -26.04 14.77 69.56
C GLU CA 205 -25.75 14.22 68.18
N ARG CA 206 -26.45 13.15 67.75
CA ARG CA 206 -26.30 12.59 66.39
C ARG CA 206 -26.29 13.65 65.25
N GLU CA 207 -27.36 14.45 65.16
CA GLU CA 207 -27.60 15.37 64.05
C GLU CA 207 -26.51 16.41 63.84
N ILE CA 208 -26.01 16.94 64.95
CA ILE CA 208 -25.01 17.98 64.93
C ILE CA 208 -23.59 17.51 64.53
N VAL CA 209 -23.29 16.19 64.47
CA VAL CA 209 -21.99 15.71 64.01
C VAL CA 209 -21.88 16.12 62.53
N ARG CA 210 -23.03 16.12 61.86
CA ARG CA 210 -23.13 16.53 60.48
C ARG CA 210 -22.85 18.03 60.36
N ASP CA 211 -23.24 18.86 61.33
CA ASP CA 211 -22.99 20.30 61.30
C ASP CA 211 -21.56 20.62 61.69
N ILE CA 212 -20.91 19.68 62.40
CA ILE CA 212 -19.48 19.76 62.69
C ILE CA 212 -18.74 19.52 61.38
N LYS CA 213 -19.00 18.38 60.69
CA LYS CA 213 -18.46 18.04 59.37
C LYS CA 213 -18.56 19.21 58.43
N GLU CA 214 -19.73 19.81 58.25
CA GLU CA 214 -19.88 20.95 57.34
C GLU CA 214 -19.04 22.15 57.79
N LYS CA 215 -19.15 22.67 59.03
CA LYS CA 215 -18.44 23.87 59.48
C LYS CA 215 -16.92 23.82 59.66
N LEU CA 216 -16.46 22.77 60.35
CA LEU CA 216 -15.06 22.62 60.71
C LEU CA 216 -14.24 21.71 59.84
N CYS CA 217 -14.78 20.78 59.03
CA CYS CA 217 -13.94 19.95 58.16
C CYS CA 217 -13.29 20.58 56.94
N TYR CA 218 -12.07 20.01 56.78
CA TYR CA 218 -11.03 20.46 55.85
C TYR CA 218 -10.48 19.36 54.97
N VAL CA 219 -9.96 19.71 53.79
CA VAL CA 219 -9.21 18.74 53.00
C VAL CA 219 -7.89 19.41 52.88
N ALA CA 220 -7.00 18.82 53.64
CA ALA CA 220 -5.65 19.25 53.58
C ALA CA 220 -4.91 18.63 52.41
N LEU CA 221 -4.07 19.51 51.92
CA LEU CA 221 -3.06 19.19 50.94
C LEU CA 221 -1.87 18.86 51.83
N ASP CA 222 -1.26 17.73 51.43
CA ASP CA 222 -0.19 17.08 52.19
C ASP CA 222 -0.74 16.73 53.57
N PHE CA 223 -1.64 15.74 53.43
CA PHE CA 223 -2.39 15.15 54.53
C PHE CA 223 -1.46 14.33 55.42
N GLU CA 224 -0.28 14.04 54.81
CA GLU CA 224 0.88 13.34 55.36
C GLU CA 224 1.50 14.09 56.54
N ASN CA 225 2.06 15.26 56.19
CA ASN CA 225 2.67 16.15 57.15
C ASN CA 225 1.65 17.15 57.63
N GLU CA 226 0.46 16.64 57.93
CA GLU CA 226 -0.62 17.40 58.55
C GLU CA 226 -1.03 16.66 59.85
N MET CA 227 -0.91 15.32 59.75
CA MET CA 227 -0.96 14.41 60.88
C MET CA 227 0.29 14.70 61.71
N ALA CA 228 1.47 14.74 61.05
CA ALA CA 228 2.75 15.11 61.68
C ALA CA 228 2.64 16.45 62.43
N THR CA 229 2.00 17.43 61.76
CA THR CA 229 1.71 18.72 62.38
C THR CA 229 0.81 18.59 63.61
N ALA CA 230 -0.19 17.70 63.51
CA ALA CA 230 -1.18 17.48 64.57
C ALA CA 230 -0.52 17.14 65.89
N ALA CA 231 0.52 16.28 65.77
CA ALA CA 231 1.36 15.77 66.87
C ALA CA 231 2.22 16.79 67.64
N SER CA 232 2.91 17.69 66.92
CA SER CA 232 3.65 18.81 67.51
C SER CA 232 2.70 19.72 68.29
N SER CA 233 1.39 19.61 67.91
CA SER CA 233 0.24 20.33 68.42
C SER CA 233 0.42 21.82 68.54
N SER CA 234 0.02 22.22 67.34
CA SER CA 234 -0.09 23.62 66.99
C SER CA 234 -1.50 24.04 67.40
N SER CA 235 -1.77 25.31 67.09
CA SER CA 235 -3.10 25.86 67.27
C SER CA 235 -3.89 25.47 66.00
N LEU CA 236 -3.89 24.15 65.67
CA LEU CA 236 -4.64 23.55 64.58
C LEU CA 236 -6.02 23.11 65.10
N GLU CA 237 -6.11 22.74 66.40
CA GLU CA 237 -7.35 22.32 67.08
C GLU CA 237 -8.59 23.22 66.93
N LYS CA 238 -9.80 22.66 67.06
CA LYS CA 238 -10.99 23.49 66.93
C LYS CA 238 -12.18 22.98 67.73
N SER CA 239 -12.52 23.76 68.77
CA SER CA 239 -13.67 23.44 69.60
C SER CA 239 -14.96 24.14 69.21
N TYR CA 240 -15.98 23.28 69.11
CA TYR CA 240 -17.35 23.60 68.74
C TYR CA 240 -18.20 23.52 70.01
N GLU CA 241 -19.11 24.48 70.28
CA GLU CA 241 -20.04 24.39 71.42
C GLU CA 241 -21.34 23.72 71.01
N LEU CA 242 -21.67 22.61 71.70
CA LEU CA 242 -22.83 21.77 71.38
C LEU CA 242 -24.23 22.42 71.55
N PRO CA 243 -25.46 21.81 71.48
CA PRO CA 243 -26.76 22.51 71.67
C PRO CA 243 -26.80 23.31 73.00
N ASP CA 244 -26.12 22.69 73.99
CA ASP CA 244 -25.82 23.22 75.32
C ASP CA 244 -24.33 23.69 75.40
N GLY CA 245 -23.75 23.83 76.62
CA GLY CA 245 -22.38 24.28 76.86
C GLY CA 245 -21.30 23.34 76.34
N GLN CA 246 -21.43 22.05 76.69
CA GLN CA 246 -20.55 20.95 76.30
C GLN CA 246 -19.64 21.13 75.07
N VAL CA 247 -18.62 21.94 75.33
CA VAL CA 247 -17.63 22.28 74.34
C VAL CA 247 -16.78 21.07 73.97
N ILE CA 248 -17.05 20.64 72.75
CA ILE CA 248 -16.32 19.51 72.21
C ILE CA 248 -15.14 20.02 71.40
N THR CA 249 -13.98 19.36 71.49
CA THR CA 249 -12.82 19.76 70.70
C THR CA 249 -12.46 18.69 69.64
N ILE CA 250 -12.12 19.26 68.48
CA ILE CA 250 -11.79 18.52 67.27
C ILE CA 250 -10.58 19.25 66.75
N GLY CA 251 -9.46 18.58 66.83
CA GLY CA 251 -8.27 19.18 66.32
C GLY CA 251 -7.99 18.70 64.93
N ASN CA 252 -7.59 17.45 65.07
CA ASN CA 252 -6.98 16.61 64.05
C ASN CA 252 -8.02 15.98 63.08
N GLU CA 253 -8.93 15.08 63.53
CA GLU CA 253 -10.02 14.42 62.76
C GLU CA 253 -10.82 15.23 61.74
N ARG CA 254 -10.81 16.51 62.07
CA ARG CA 254 -11.24 17.60 61.22
C ARG CA 254 -10.92 17.38 59.69
N PHE CA 255 -9.72 16.83 59.38
CA PHE CA 255 -9.30 16.52 58.00
C PHE CA 255 -9.18 15.02 57.74
N ARG CA 256 -9.22 14.19 58.79
CA ARG CA 256 -9.17 12.75 58.61
C ARG CA 256 -10.45 12.26 57.93
N CYS CA 257 -11.51 13.07 58.09
CA CYS CA 257 -12.82 12.79 57.47
C CYS CA 257 -12.77 13.01 55.93
N PRO CA 258 -12.42 14.15 55.31
CA PRO CA 258 -12.32 14.26 53.86
C PRO CA 258 -11.12 13.47 53.29
N GLU CA 259 -10.02 13.12 54.03
CA GLU CA 259 -8.97 12.22 53.52
C GLU CA 259 -9.72 10.91 53.18
N THR CA 260 -10.96 10.63 53.65
CA THR CA 260 -11.67 9.41 53.27
C THR CA 260 -11.98 9.45 51.78
N LEU CA 261 -12.37 10.61 51.23
CA LEU CA 261 -12.59 10.73 49.79
C LEU CA 261 -11.38 10.36 48.89
N PHE CA 262 -10.12 10.48 49.34
CA PHE CA 262 -8.93 10.07 48.56
C PHE CA 262 -8.47 8.67 48.91
N GLN CA 263 -8.76 8.27 50.15
CA GLN CA 263 -8.47 6.94 50.68
C GLN CA 263 -9.78 6.32 51.18
N PRO CA 264 -10.45 5.49 50.37
CA PRO CA 264 -11.68 4.80 50.72
C PRO CA 264 -11.36 3.69 51.72
N SER CA 265 -10.06 3.31 51.80
CA SER CA 265 -9.51 2.31 52.75
C SER CA 265 -9.70 2.65 54.24
N PHE CA 266 -9.93 3.95 54.53
CA PHE CA 266 -10.29 4.49 55.84
C PHE CA 266 -11.63 3.96 56.30
N ILE CA 267 -12.42 3.50 55.33
CA ILE CA 267 -13.73 3.01 55.64
C ILE CA 267 -14.01 1.63 55.08
N GLY CA 268 -12.98 0.81 54.94
CA GLY CA 268 -13.23 -0.54 54.46
C GLY CA 268 -13.76 -0.58 53.04
N MET CA 269 -13.51 0.50 52.30
CA MET CA 269 -13.80 0.46 50.89
C MET CA 269 -12.53 0.12 50.12
N GLU CA 270 -12.70 -0.85 49.20
CA GLU CA 270 -11.63 -1.31 48.30
C GLU CA 270 -11.54 -0.58 46.95
N SER CA 271 -12.57 0.23 46.63
CA SER CA 271 -12.64 1.06 45.44
C SER CA 271 -11.52 2.10 45.45
N ALA CA 272 -11.24 2.62 44.25
CA ALA CA 272 -10.27 3.68 44.08
C ALA CA 272 -10.82 5.03 44.58
N GLY CA 273 -10.03 6.09 44.69
CA GLY CA 273 -10.56 7.34 45.23
C GLY CA 273 -10.73 8.42 44.18
N ILE CA 274 -11.56 9.44 44.53
CA ILE CA 274 -11.88 10.61 43.73
C ILE CA 274 -10.89 11.04 42.63
N HIS CA 275 -9.61 11.25 42.97
CA HIS CA 275 -8.60 11.73 42.05
C HIS CA 275 -8.15 10.72 41.01
N GLU CA 276 -8.05 9.47 41.44
CA GLU CA 276 -7.68 8.40 40.55
C GLU CA 276 -8.80 8.16 39.63
N THR CA 277 -10.01 8.29 40.15
CA THR CA 277 -11.20 8.05 39.37
C THR CA 277 -11.38 9.16 38.36
N THR CA 278 -11.08 10.43 38.67
CA THR CA 278 -11.09 11.54 37.71
C THR CA 278 -10.24 11.20 36.48
N TYR CA 279 -9.08 10.68 36.85
CA TYR CA 279 -8.07 10.28 35.94
C TYR CA 279 -8.53 9.10 35.15
N ASN CA 280 -9.05 8.05 35.76
CA ASN CA 280 -9.35 6.87 34.98
C ASN CA 280 -10.43 7.11 33.95
N SER CA 281 -11.36 8.03 34.29
CA SER CA 281 -12.47 8.44 33.44
C SER CA 281 -11.83 8.98 32.17
N ILE CA 282 -10.81 9.80 32.46
CA ILE CA 282 -10.06 10.52 31.44
C ILE CA 282 -9.25 9.53 30.64
N MET CA 283 -8.50 8.54 31.12
CA MET CA 283 -7.83 7.66 30.17
C MET CA 283 -8.76 6.59 29.54
N LYS CA 284 -10.11 6.73 29.74
CA LYS CA 284 -11.17 5.94 29.06
C LYS CA 284 -11.84 6.68 27.92
N CYS CA 285 -11.49 7.96 27.75
CA CYS CA 285 -12.04 8.83 26.72
C CYS CA 285 -11.16 8.91 25.49
N ASP CA 286 -11.64 9.50 24.39
CA ASP CA 286 -10.81 9.68 23.23
C ASP CA 286 -9.67 10.59 23.64
N ILE CA 287 -8.56 10.24 22.99
CA ILE CA 287 -7.19 10.83 23.10
C ILE CA 287 -7.03 12.33 22.79
N ASP CA 288 -7.71 12.70 21.70
CA ASP CA 288 -7.74 14.05 21.23
C ASP CA 288 -8.56 14.88 22.21
N ILE CA 289 -9.54 14.31 22.98
CA ILE CA 289 -10.31 15.16 23.90
C ILE CA 289 -9.71 15.23 25.27
N ARG CA 290 -8.71 14.40 25.59
CA ARG CA 290 -8.14 14.44 26.92
C ARG CA 290 -7.46 15.78 27.22
N LYS CA 291 -6.92 16.67 26.35
CA LYS CA 291 -6.39 17.92 26.93
C LYS CA 291 -7.52 18.80 27.45
N ASP CA 292 -8.73 18.68 26.85
CA ASP CA 292 -9.88 19.49 27.17
C ASP CA 292 -10.41 19.16 28.56
N LEU CA 293 -10.71 17.88 28.76
CA LEU CA 293 -11.14 17.40 30.03
C LEU CA 293 -10.17 17.80 31.14
N TYR CA 294 -8.84 17.72 30.91
CA TYR CA 294 -7.89 18.06 31.95
C TYR CA 294 -7.89 19.50 32.34
N ALA CA 295 -8.17 20.40 31.43
CA ALA CA 295 -8.18 21.80 31.82
C ALA CA 295 -9.58 22.22 32.28
N ASN CA 296 -10.49 21.26 32.50
CA ASN CA 296 -11.85 21.60 32.86
C ASN CA 296 -12.49 20.58 33.74
N ASN CA 297 -11.93 20.47 34.93
CA ASN CA 297 -12.43 19.59 35.98
C ASN CA 297 -13.34 20.47 36.79
N VAL CA 298 -14.62 20.36 36.57
CA VAL CA 298 -15.56 21.21 37.25
C VAL CA 298 -16.05 20.34 38.39
N MET CA 299 -16.11 20.99 39.55
CA MET CA 299 -16.62 20.32 40.73
C MET CA 299 -18.03 20.79 41.11
N SER CA 300 -18.89 19.85 41.45
CA SER CA 300 -20.16 20.26 42.00
C SER CA 300 -20.61 19.26 43.05
N GLY CA 301 -21.49 19.72 43.93
CA GLY CA 301 -22.05 18.88 44.98
C GLY CA 301 -21.66 19.27 46.41
N GLY CA 302 -22.58 19.05 47.34
CA GLY CA 302 -22.38 19.39 48.74
C GLY CA 302 -21.07 18.85 49.29
N THR CA 303 -20.71 17.60 49.00
CA THR CA 303 -19.51 17.04 49.57
C THR CA 303 -18.25 17.57 48.93
N THR CA 304 -18.26 18.33 47.84
CA THR CA 304 -17.01 18.89 47.26
C THR CA 304 -16.72 20.27 47.81
N MET CA 305 -17.47 20.67 48.85
CA MET CA 305 -17.35 22.00 49.44
C MET CA 305 -16.27 22.09 50.52
N TYR CA 306 -15.77 20.95 51.07
CA TYR CA 306 -14.69 20.92 52.07
C TYR CA 306 -13.57 21.83 51.63
N PRO CA 307 -13.18 22.96 52.25
CA PRO CA 307 -12.06 23.78 51.79
C PRO CA 307 -10.78 22.98 51.47
N GLY CA 308 -10.05 23.41 50.43
CA GLY CA 308 -8.77 22.81 50.04
C GLY CA 308 -8.88 21.50 49.30
N ILE CA 309 -10.11 21.29 48.80
CA ILE CA 309 -10.46 20.10 48.04
C ILE CA 309 -9.91 20.19 46.65
N ALA CA 310 -9.98 21.43 46.16
CA ALA CA 310 -9.55 21.80 44.83
C ALA CA 310 -8.03 21.72 44.79
N ASP CA 311 -7.28 22.31 45.77
CA ASP CA 311 -5.80 22.27 45.80
C ASP CA 311 -5.26 20.83 45.85
N ARG CA 312 -5.85 19.99 46.71
CA ARG CA 312 -5.50 18.59 46.81
C ARG CA 312 -5.78 17.97 45.44
N MET CA 313 -6.93 18.19 44.80
CA MET CA 313 -7.23 17.57 43.51
C MET CA 313 -6.35 18.02 42.37
N GLN CA 314 -5.93 19.29 42.49
CA GLN CA 314 -5.05 19.99 41.57
C GLN CA 314 -3.74 19.26 41.48
N LYS CA 315 -3.19 19.03 42.67
CA LYS CA 315 -1.94 18.33 42.80
C LYS CA 315 -2.08 16.83 42.70
N GLU CA 316 -3.27 16.33 42.93
CA GLU CA 316 -3.46 14.92 42.81
C GLU CA 316 -3.42 14.49 41.35
N ILE CA 317 -4.10 15.26 40.46
CA ILE CA 317 -4.07 14.83 39.09
C ILE CA 317 -2.87 15.42 38.34
N THR CA 318 -2.22 16.53 38.70
CA THR CA 318 -1.03 16.99 37.99
C THR CA 318 0.02 15.87 37.98
N ALA CA 319 0.19 15.36 39.19
CA ALA CA 319 1.12 14.27 39.41
C ALA CA 319 0.68 12.88 38.91
N LEU CA 320 -0.41 12.77 38.14
CA LEU CA 320 -0.76 11.50 37.48
C LEU CA 320 -0.85 11.69 35.98
N ALA CA 321 -1.08 12.94 35.60
CA ALA CA 321 -1.20 13.36 34.22
C ALA CA 321 0.15 13.60 33.53
N PRO CA 322 0.31 13.37 32.21
CA PRO CA 322 1.57 13.57 31.48
C PRO CA 322 2.00 15.05 31.60
N SER CA 323 3.23 15.44 31.98
CA SER CA 323 3.60 16.86 32.19
C SER CA 323 3.37 17.93 31.11
N THR CA 324 3.15 17.40 29.91
CA THR CA 324 2.81 18.20 28.73
C THR CA 324 1.40 18.78 28.88
N MET CA 325 0.67 18.37 29.92
CA MET CA 325 -0.71 18.71 30.10
C MET CA 325 -0.95 19.85 31.05
N LYS CA 326 -2.03 20.53 30.75
CA LYS CA 326 -2.53 21.58 31.60
C LYS CA 326 -3.68 20.98 32.41
N ILE CA 327 -3.54 21.11 33.74
CA ILE CA 327 -4.54 20.64 34.69
C ILE CA 327 -5.35 21.89 35.05
N LYS CA 328 -6.66 21.80 35.32
CA LYS CA 328 -7.39 22.95 35.84
C LYS CA 328 -8.70 22.52 36.51
N ILE CA 329 -8.66 22.67 37.85
CA ILE CA 329 -9.75 22.28 38.75
C ILE CA 329 -10.62 23.48 39.13
N ILE CA 330 -11.77 23.60 38.46
CA ILE CA 330 -12.72 24.66 38.73
C ILE CA 330 -13.67 24.13 39.82
N ALA CA 331 -13.76 24.93 40.88
CA ALA CA 331 -14.63 24.69 42.03
C ALA CA 331 -15.31 26.01 42.38
N PRO CA 332 -16.48 26.36 41.85
CA PRO CA 332 -17.15 27.62 42.18
C PRO CA 332 -17.72 27.60 43.61
N PRO CA 333 -18.03 28.78 44.18
CA PRO CA 333 -18.56 28.94 45.53
C PRO CA 333 -19.98 28.45 45.66
N GLU CA 334 -20.83 28.67 44.64
CA GLU CA 334 -22.18 28.23 44.79
C GLU CA 334 -22.26 26.75 44.51
N ARG CA 335 -21.17 25.97 44.29
CA ARG CA 335 -21.26 24.56 43.93
C ARG CA 335 -22.25 23.59 44.58
N LYS CA 336 -22.69 23.80 45.83
CA LYS CA 336 -23.73 22.96 46.39
C LYS CA 336 -25.05 23.15 45.60
N TYR CA 337 -25.26 24.19 44.78
CA TYR CA 337 -26.40 24.31 43.87
C TYR CA 337 -26.02 24.41 42.37
N SER CA 338 -24.83 23.99 41.87
CA SER CA 338 -24.45 24.12 40.47
C SER CA 338 -25.46 23.55 39.50
N VAL CA 339 -25.81 22.31 39.81
CA VAL CA 339 -26.81 21.54 39.11
C VAL CA 339 -28.05 22.37 38.94
N TRP CA 340 -28.56 22.96 40.05
CA TRP CA 340 -29.83 23.65 40.03
C TRP CA 340 -29.74 24.93 39.21
N ILE CA 341 -28.61 25.63 39.38
CA ILE CA 341 -28.41 26.92 38.79
C ILE CA 341 -28.30 26.71 37.30
N GLY CA 342 -27.63 25.63 36.86
CA GLY CA 342 -27.48 25.29 35.45
C GLY CA 342 -28.84 25.05 34.82
N GLY CA 343 -29.79 24.52 35.61
CA GLY CA 343 -31.12 24.26 35.14
C GLY CA 343 -31.90 25.57 35.06
N SER CA 344 -31.70 26.47 36.03
CA SER CA 344 -32.37 27.76 36.06
C SER CA 344 -32.02 28.62 34.85
N ILE CA 345 -30.74 28.56 34.51
CA ILE CA 345 -30.20 29.30 33.37
C ILE CA 345 -30.83 28.76 32.11
N LEU CA 346 -30.58 27.47 31.88
CA LEU CA 346 -31.03 26.77 30.72
C LEU CA 346 -32.52 26.91 30.50
N ALA CA 347 -33.32 26.71 31.56
CA ALA CA 347 -34.75 26.71 31.38
C ALA CA 347 -35.29 28.11 31.23
N SER CA 348 -34.59 29.13 31.71
CA SER CA 348 -35.09 30.49 31.50
C SER CA 348 -34.64 31.03 30.14
N LEU CA 349 -33.64 30.35 29.55
CA LEU CA 349 -33.13 30.67 28.23
C LEU CA 349 -34.15 30.68 27.11
N SER CA 350 -33.78 31.70 26.34
CA SER CA 350 -34.38 32.13 25.09
C SER CA 350 -34.43 30.97 24.08
N THR CA 351 -33.43 30.09 23.99
CA THR CA 351 -33.46 29.01 23.01
C THR CA 351 -34.00 27.66 23.42
N PHE CA 352 -34.38 27.54 24.70
CA PHE CA 352 -34.76 26.25 25.25
C PHE CA 352 -36.20 25.86 24.99
N GLN CA 353 -36.94 26.89 24.62
CA GLN CA 353 -38.35 26.74 24.43
C GLN CA 353 -38.66 25.63 23.46
N GLN CA 354 -37.90 25.56 22.38
CA GLN CA 354 -38.09 24.50 21.41
C GLN CA 354 -37.63 23.09 21.85
N MET CA 355 -37.05 22.86 23.05
CA MET CA 355 -36.82 21.50 23.54
C MET CA 355 -37.79 21.02 24.63
N TRP CA 356 -38.64 21.89 25.20
CA TRP CA 356 -39.66 21.46 26.14
C TRP CA 356 -40.56 20.32 25.67
N ILE CA 357 -40.70 19.14 26.31
CA ILE CA 357 -41.67 18.14 25.82
C ILE CA 357 -43.09 18.56 26.23
N THR CA 358 -43.96 18.86 25.26
CA THR CA 358 -45.31 19.33 25.60
C THR CA 358 -46.27 18.17 25.66
N LYS CA 359 -47.39 18.32 26.40
CA LYS CA 359 -48.46 17.34 26.39
C LYS CA 359 -48.91 16.95 25.00
N GLN CA 360 -48.73 17.84 23.99
CA GLN CA 360 -49.04 17.56 22.60
C GLN CA 360 -48.05 16.45 22.24
N GLU CA 361 -46.72 16.68 22.30
CA GLU CA 361 -45.76 15.61 22.05
C GLU CA 361 -46.08 14.30 22.77
N TYR CA 362 -46.37 14.40 24.07
CA TYR CA 362 -46.63 13.21 24.85
C TYR CA 362 -47.91 12.48 24.43
N ASP CA 363 -49.09 13.12 24.50
CA ASP CA 363 -50.35 12.45 24.17
C ASP CA 363 -50.30 11.80 22.79
N GLU CA 364 -49.40 12.34 21.95
CA GLU CA 364 -49.19 11.78 20.63
C GLU CA 364 -48.06 10.78 20.47
N ALA CA 365 -46.94 10.84 21.23
CA ALA CA 365 -45.79 9.92 21.03
C ALA CA 365 -45.46 8.84 22.09
N GLY CA 366 -46.14 8.94 23.24
CA GLY CA 366 -45.93 8.08 24.40
C GLY CA 366 -44.66 8.50 25.14
N PRO CA 367 -44.29 7.94 26.30
CA PRO CA 367 -43.17 8.41 27.14
C PRO CA 367 -41.81 8.41 26.45
N SER CA 368 -41.80 7.62 25.37
CA SER CA 368 -40.69 7.49 24.45
C SER CA 368 -40.22 8.84 23.98
N ILE CA 369 -41.15 9.77 23.67
CA ILE CA 369 -40.86 11.12 23.19
C ILE CA 369 -39.75 11.88 23.92
N VAL CA 370 -39.83 11.96 25.25
CA VAL CA 370 -38.86 12.70 26.06
C VAL CA 370 -37.62 11.86 26.35
N HIS CA 371 -37.79 10.53 26.24
CA HIS CA 371 -36.71 9.65 26.56
C HIS CA 371 -35.45 9.92 25.72
N ARG CA 372 -35.64 10.42 24.48
CA ARG CA 372 -34.57 10.71 23.50
C ARG CA 372 -33.93 9.34 23.13
N ASP DA 1 18.36 -37.88 27.12
CA ASP DA 1 17.60 -37.57 28.34
C ASP DA 1 18.06 -36.28 29.01
N GLU DA 2 19.40 -36.13 28.97
CA GLU DA 2 20.18 -34.98 29.42
C GLU DA 2 19.36 -33.69 29.39
N ASP DA 3 18.76 -33.51 28.22
CA ASP DA 3 17.80 -32.48 28.07
C ASP DA 3 16.47 -32.98 27.47
N GLU DA 4 16.28 -34.26 27.08
CA GLU DA 4 15.00 -34.79 26.56
C GLU DA 4 13.91 -34.59 27.62
N THR DA 5 14.30 -34.89 28.87
CA THR DA 5 13.47 -34.72 30.07
C THR DA 5 13.35 -33.29 30.58
N THR DA 6 14.57 -32.75 30.46
CA THR DA 6 15.09 -31.51 30.95
C THR DA 6 14.63 -30.20 30.29
N ALA DA 7 14.02 -30.20 29.09
CA ALA DA 7 13.59 -28.94 28.48
C ALA DA 7 12.33 -28.42 29.16
N LEU DA 8 12.33 -27.14 29.49
CA LEU DA 8 11.20 -26.50 30.16
C LEU DA 8 10.38 -25.71 29.14
N VAL DA 9 9.07 -25.50 29.32
CA VAL DA 9 8.35 -24.68 28.37
C VAL DA 9 7.53 -23.75 29.19
N CYS DA 10 7.80 -22.47 29.03
CA CYS DA 10 7.14 -21.47 29.79
C CYS DA 10 6.43 -20.52 28.88
N ASP DA 11 5.09 -20.53 28.92
CA ASP DA 11 4.31 -19.59 28.17
C ASP DA 11 3.73 -18.45 29.03
N ASN DA 12 4.30 -17.25 28.84
CA ASN DA 12 4.00 -16.08 29.62
C ASN DA 12 2.81 -15.36 29.02
N GLY DA 13 1.73 -15.20 29.79
CA GLY DA 13 0.55 -14.53 29.32
C GLY DA 13 0.25 -13.28 30.12
N SER DA 14 -0.77 -12.64 29.59
CA SER DA 14 -1.30 -11.45 30.22
C SER DA 14 -2.08 -11.82 31.46
N GLY DA 15 -2.74 -12.97 31.54
CA GLY DA 15 -3.54 -13.35 32.69
C GLY DA 15 -2.91 -14.52 33.38
N LEU DA 16 -2.52 -15.57 32.65
CA LEU DA 16 -1.93 -16.80 33.16
C LEU DA 16 -0.54 -17.18 32.68
N VAL DA 17 0.27 -17.88 33.47
CA VAL DA 17 1.53 -18.44 33.03
C VAL DA 17 1.18 -19.91 32.79
N LYS DA 18 1.66 -20.58 31.75
CA LYS DA 18 1.48 -22.01 31.58
C LYS DA 18 2.90 -22.57 31.55
N ALA DA 19 3.24 -23.60 32.32
CA ALA DA 19 4.61 -24.05 32.43
C ALA DA 19 4.68 -25.55 32.66
N GLY DA 20 5.84 -26.15 32.52
CA GLY DA 20 5.90 -27.60 32.56
C GLY DA 20 7.10 -28.08 31.80
N PHE DA 21 7.14 -29.39 31.57
CA PHE DA 21 8.29 -30.01 30.91
C PHE DA 21 7.93 -30.41 29.50
N ALA DA 22 8.85 -30.15 28.56
CA ALA DA 22 8.69 -30.55 27.16
C ALA DA 22 8.60 -32.05 27.27
N GLY DA 23 7.60 -32.57 26.59
CA GLY DA 23 7.31 -33.98 26.74
C GLY DA 23 5.91 -34.10 27.27
N ASP DA 24 5.53 -33.42 28.36
CA ASP DA 24 4.19 -33.53 28.90
C ASP DA 24 3.11 -33.11 27.91
N ASP DA 25 1.87 -33.52 28.17
CA ASP DA 25 0.76 -33.25 27.25
C ASP DA 25 0.01 -31.94 27.48
N ALA DA 26 0.22 -31.43 28.72
CA ALA DA 26 -0.41 -30.23 29.23
C ALA DA 26 0.49 -29.60 30.28
N PRO DA 27 0.35 -28.27 30.55
CA PRO DA 27 1.16 -27.57 31.55
C PRO DA 27 1.08 -28.12 32.97
N ARG DA 28 2.25 -28.30 33.54
CA ARG DA 28 2.35 -28.73 34.93
C ARG DA 28 1.95 -27.59 35.83
N ALA DA 29 2.10 -26.35 35.37
CA ALA DA 29 1.81 -25.22 36.21
C ALA DA 29 1.08 -24.13 35.46
N VAL DA 30 -0.03 -23.68 36.06
CA VAL DA 30 -0.88 -22.65 35.49
C VAL DA 30 -1.26 -21.77 36.65
N PHE DA 31 -1.04 -20.45 36.55
CA PHE DA 31 -1.28 -19.57 37.67
C PHE DA 31 -1.32 -18.13 37.28
N PRO DA 32 -2.00 -17.20 37.96
CA PRO DA 32 -2.01 -15.81 37.56
C PRO DA 32 -0.64 -15.14 37.54
N SER DA 33 -0.65 -14.21 36.61
CA SER DA 33 0.49 -13.43 36.23
C SER DA 33 0.40 -12.15 37.02
N ILE DA 34 0.42 -12.24 38.36
CA ILE DA 34 0.44 -11.09 39.24
C ILE DA 34 1.61 -11.12 40.20
N VAL DA 35 1.93 -10.00 40.83
CA VAL DA 35 2.99 -9.85 41.77
C VAL DA 35 2.37 -8.86 42.72
N GLY DA 36 2.15 -9.31 43.93
CA GLY DA 36 1.52 -8.52 44.95
C GLY DA 36 2.57 -8.01 45.88
N ARG DA 37 2.32 -6.78 46.30
CA ARG DA 37 3.24 -6.05 47.16
C ARG DA 37 2.42 -5.59 48.38
N PRO DA 38 2.64 -6.05 49.61
CA PRO DA 38 1.83 -5.68 50.78
C PRO DA 38 1.72 -4.20 51.09
N ARG DA 39 0.46 -3.75 51.12
CA ARG DA 39 0.16 -2.39 51.53
C ARG DA 39 0.49 -2.08 52.98
N HIS DA 40 0.68 -3.08 53.93
CA HIS DA 40 0.98 -2.78 55.35
C HIS DA 40 1.99 -3.64 56.02
N GLN DA 41 2.63 -3.23 57.10
CA GLN DA 41 3.56 -4.15 57.71
C GLN DA 41 2.89 -5.08 58.71
N GLY DA 42 3.28 -6.36 58.62
CA GLY DA 42 2.70 -7.41 59.42
C GLY DA 42 2.98 -8.78 58.84
N VAL DA 43 2.50 -9.84 59.48
CA VAL DA 43 2.74 -11.21 59.07
C VAL DA 43 1.54 -12.19 59.13
N MET DA 44 1.66 -13.33 58.43
CA MET DA 44 0.67 -14.39 58.61
C MET DA 44 1.25 -15.19 59.77
N VAL DA 45 0.40 -15.92 60.49
CA VAL DA 45 0.81 -16.75 61.58
C VAL DA 45 1.78 -17.85 61.14
N GLY DA 46 3.01 -17.76 61.63
CA GLY DA 46 3.97 -18.79 61.41
C GLY DA 46 4.92 -18.45 60.29
N MET DA 47 4.58 -17.46 59.49
CA MET DA 47 5.48 -17.03 58.45
C MET DA 47 6.23 -15.80 58.88
N GLY DA 48 7.27 -15.50 58.10
CA GLY DA 48 8.02 -14.26 58.24
C GLY DA 48 7.41 -13.20 57.31
N GLN DA 49 7.95 -11.99 57.50
CA GLN DA 49 7.68 -10.85 56.64
C GLN DA 49 8.05 -11.18 55.19
N LYS DA 50 7.13 -10.92 54.31
CA LYS DA 50 7.28 -11.27 52.94
C LYS DA 50 7.19 -9.94 52.25
N ASP DA 51 8.14 -9.81 51.36
CA ASP DA 51 8.24 -8.59 50.57
C ASP DA 51 7.31 -8.59 49.36
N SER DA 52 6.93 -9.80 48.94
CA SER DA 52 6.27 -9.92 47.68
C SER DA 52 5.47 -11.18 47.60
N TYR DA 53 4.50 -11.25 46.73
CA TYR DA 53 3.70 -12.42 46.61
C TYR DA 53 3.47 -12.66 45.14
N VAL DA 54 3.34 -13.89 44.61
CA VAL DA 54 3.19 -14.11 43.17
C VAL DA 54 2.15 -15.21 42.94
N GLY DA 55 1.39 -15.06 41.84
CA GLY DA 55 0.44 -16.06 41.41
C GLY DA 55 -0.76 -16.10 42.30
N ASP DA 56 -1.12 -17.30 42.75
CA ASP DA 56 -2.29 -17.48 43.57
C ASP DA 56 -2.11 -16.92 44.94
N GLU DA 57 -0.97 -16.95 45.64
CA GLU DA 57 -0.91 -16.29 46.91
C GLU DA 57 -1.13 -14.78 46.81
N ALA DA 58 -0.86 -14.16 45.67
CA ALA DA 58 -1.14 -12.77 45.48
C ALA DA 58 -2.63 -12.59 45.25
N GLN DA 59 -3.28 -13.53 44.58
CA GLN DA 59 -4.68 -13.36 44.33
C GLN DA 59 -5.42 -13.57 45.66
N SER DA 60 -5.12 -14.63 46.37
CA SER DA 60 -5.80 -14.95 47.61
C SER DA 60 -5.68 -13.91 48.73
N LYS DA 61 -4.56 -13.26 48.74
CA LYS DA 61 -4.31 -12.29 49.75
C LYS DA 61 -4.51 -10.93 49.14
N ARG DA 62 -5.31 -10.70 48.09
CA ARG DA 62 -5.32 -9.39 47.43
C ARG DA 62 -5.72 -8.15 48.19
N GLY DA 63 -6.54 -8.35 49.24
CA GLY DA 63 -6.97 -7.28 50.10
C GLY DA 63 -5.83 -6.58 50.83
N ILE DA 64 -4.64 -7.15 51.11
CA ILE DA 64 -3.61 -6.37 51.81
C ILE DA 64 -2.41 -6.01 50.95
N LEU DA 65 -2.47 -6.28 49.65
CA LEU DA 65 -1.34 -6.06 48.73
C LEU DA 65 -1.72 -5.19 47.54
N THR DA 66 -0.76 -4.60 46.83
CA THR DA 66 -1.10 -3.86 45.61
C THR DA 66 -0.60 -4.82 44.53
N LEU DA 67 -1.61 -5.25 43.77
CA LEU DA 67 -1.44 -6.22 42.71
C LEU DA 67 -0.92 -5.56 41.47
N LYS DA 68 0.01 -6.22 40.77
CA LYS DA 68 0.49 -5.66 39.51
C LYS DA 68 0.70 -6.73 38.46
N TYR DA 69 0.26 -6.36 37.27
CA TYR DA 69 0.35 -7.22 36.08
C TYR DA 69 1.59 -6.92 35.20
N PRO DA 70 2.72 -7.69 35.20
CA PRO DA 70 3.93 -7.47 34.40
C PRO DA 70 3.81 -7.44 32.90
N ILE DA 71 2.76 -8.09 32.38
CA ILE DA 71 2.58 -8.22 30.96
C ILE DA 71 1.30 -7.49 30.51
N GLU DA 72 1.50 -6.32 29.90
CA GLU DA 72 0.33 -5.62 29.44
C GLU DA 72 0.11 -5.88 27.97
N HIS DA 73 -1.01 -6.55 27.66
CA HIS DA 73 -1.35 -6.87 26.29
C HIS DA 73 -0.33 -7.77 25.61
N GLY DA 74 0.18 -8.76 26.35
CA GLY DA 74 1.10 -9.71 25.79
C GLY DA 74 2.55 -9.26 25.79
N ILE DA 75 2.84 -7.96 25.98
CA ILE DA 75 4.23 -7.45 25.98
C ILE DA 75 4.75 -7.29 27.42
N ILE DA 76 5.99 -7.64 27.79
CA ILE DA 76 6.46 -7.47 29.19
C ILE DA 76 6.74 -5.97 29.36
N THR DA 77 5.98 -5.41 30.30
CA THR DA 77 6.05 -4.01 30.65
C THR DA 77 6.91 -3.77 31.89
N ASN DA 78 6.93 -4.67 32.88
CA ASN DA 78 7.83 -4.45 34.01
C ASN DA 78 8.74 -5.63 34.21
N TRP DA 79 10.03 -5.39 33.96
CA TRP DA 79 11.06 -6.43 34.02
C TRP DA 79 11.48 -6.85 35.40
N ASP DA 80 11.25 -6.04 36.45
CA ASP DA 80 11.57 -6.38 37.86
C ASP DA 80 10.54 -7.40 38.34
N ASP DA 81 9.27 -7.06 38.14
CA ASP DA 81 8.18 -7.97 38.36
C ASP DA 81 8.09 -9.18 37.47
N MET DA 82 8.68 -9.23 36.28
CA MET DA 82 8.62 -10.43 35.44
C MET DA 82 9.65 -11.39 36.00
N GLU DA 83 10.86 -10.96 36.30
CA GLU DA 83 11.92 -11.82 36.84
C GLU DA 83 11.42 -12.47 38.12
N LYS DA 84 10.56 -11.75 38.84
CA LYS DA 84 9.85 -12.32 39.99
C LYS DA 84 8.93 -13.47 39.56
N ILE DA 85 8.05 -13.34 38.53
CA ILE DA 85 7.22 -14.45 38.09
C ILE DA 85 8.05 -15.61 37.59
N TRP DA 86 9.15 -15.39 36.85
CA TRP DA 86 9.98 -16.50 36.40
C TRP DA 86 10.58 -17.23 37.55
N HIS DA 87 11.11 -16.48 38.53
CA HIS DA 87 11.72 -17.08 39.71
C HIS DA 87 10.75 -18.05 40.38
N HIS DA 88 9.53 -17.55 40.61
CA HIS DA 88 8.46 -18.33 41.17
C HIS DA 88 8.22 -19.56 40.32
N THR DA 89 8.23 -19.47 39.00
CA THR DA 89 7.94 -20.61 38.15
C THR DA 89 8.95 -21.68 38.28
N PHE DA 90 10.22 -21.35 38.19
CA PHE DA 90 11.23 -22.36 38.31
C PHE DA 90 11.29 -22.93 39.70
N TYR DA 91 11.49 -22.07 40.69
CA TYR DA 91 11.79 -22.57 41.98
C TYR DA 91 10.71 -23.07 42.82
N ASN DA 92 9.51 -22.54 42.68
CA ASN DA 92 8.41 -22.98 43.53
C ASN DA 92 7.43 -23.84 42.76
N GLU DA 93 6.99 -23.39 41.60
CA GLU DA 93 6.02 -24.14 40.85
C GLU DA 93 6.60 -25.42 40.28
N LEU DA 94 7.70 -25.39 39.50
CA LEU DA 94 8.22 -26.60 38.89
C LEU DA 94 9.31 -27.22 39.79
N ARG DA 95 9.76 -26.45 40.80
CA ARG DA 95 10.74 -26.83 41.81
C ARG DA 95 12.08 -27.35 41.26
N VAL DA 96 12.40 -26.90 40.06
CA VAL DA 96 13.63 -27.30 39.40
C VAL DA 96 14.69 -26.25 39.67
N ALA DA 97 15.97 -26.61 39.48
CA ALA DA 97 17.00 -25.59 39.50
C ALA DA 97 17.11 -25.22 38.03
N PRO DA 98 17.03 -23.96 37.57
CA PRO DA 98 17.13 -23.59 36.17
C PRO DA 98 18.47 -23.80 35.50
N GLU DA 99 19.58 -23.74 36.27
CA GLU DA 99 20.92 -23.87 35.67
C GLU DA 99 21.31 -25.20 35.11
N GLU DA 100 20.41 -26.18 35.14
CA GLU DA 100 20.66 -27.38 34.37
C GLU DA 100 19.47 -27.72 33.45
N HIS DA 101 18.58 -26.77 33.11
CA HIS DA 101 17.46 -27.08 32.22
C HIS DA 101 17.36 -26.20 31.01
N PRO DA 102 17.27 -26.64 29.75
CA PRO DA 102 17.12 -25.74 28.61
C PRO DA 102 15.71 -25.19 28.78
N THR DA 103 15.44 -23.92 28.45
CA THR DA 103 14.15 -23.26 28.67
C THR DA 103 13.55 -22.71 27.37
N LEU DA 104 12.39 -23.20 26.86
CA LEU DA 104 11.76 -22.61 25.68
C LEU DA 104 10.73 -21.68 26.22
N LEU DA 105 10.88 -20.44 25.80
CA LEU DA 105 9.97 -19.37 26.19
C LEU DA 105 9.09 -18.91 25.04
N THR DA 106 8.01 -18.16 25.30
CA THR DA 106 7.27 -17.65 24.18
C THR DA 106 7.21 -16.14 24.23
N GLU DA 107 7.07 -15.52 23.06
CA GLU DA 107 6.83 -14.08 23.01
C GLU DA 107 5.60 -13.81 22.13
N ALA DA 108 5.18 -12.56 22.13
CA ALA DA 108 4.05 -12.14 21.34
C ALA DA 108 4.38 -11.79 19.90
N PRO DA 109 3.35 -11.75 19.06
CA PRO DA 109 3.46 -11.40 17.67
C PRO DA 109 4.41 -10.31 17.20
N LEU DA 110 4.37 -9.05 17.60
CA LEU DA 110 5.32 -8.11 17.03
C LEU DA 110 6.13 -7.60 18.20
N ASN DA 111 6.62 -8.53 19.02
CA ASN DA 111 7.39 -8.26 20.23
C ASN DA 111 8.63 -7.51 19.81
N PRO DA 112 8.84 -6.34 20.40
CA PRO DA 112 9.98 -5.50 20.11
C PRO DA 112 11.31 -6.21 20.26
N LYS DA 113 12.16 -6.10 19.22
CA LYS DA 113 13.49 -6.74 19.15
C LYS DA 113 14.30 -6.72 20.44
N ALA DA 114 14.17 -5.57 21.08
CA ALA DA 114 14.85 -5.23 22.30
C ALA DA 114 14.43 -6.03 23.52
N ASN DA 115 13.15 -6.46 23.57
CA ASN DA 115 12.60 -7.29 24.61
C ASN DA 115 13.12 -8.70 24.50
N ARG DA 116 13.15 -9.26 23.25
CA ARG DA 116 13.59 -10.64 22.99
C ARG DA 116 15.04 -10.68 23.42
N GLU DA 117 15.82 -9.65 23.11
CA GLU DA 117 17.18 -9.53 23.66
C GLU DA 117 17.19 -9.34 25.20
N LYS DA 118 16.23 -8.64 25.83
CA LYS DA 118 16.27 -8.46 27.28
C LYS DA 118 15.92 -9.72 28.02
N MET DA 119 14.89 -10.48 27.68
CA MET DA 119 14.60 -11.70 28.37
C MET DA 119 15.67 -12.77 28.16
N THR DA 120 16.50 -12.58 27.15
CA THR DA 120 17.60 -13.48 26.91
C THR DA 120 18.70 -13.10 27.87
N GLN DA 121 18.95 -11.80 27.98
CA GLN DA 121 19.88 -11.24 28.95
C GLN DA 121 19.51 -11.74 30.34
N ILE DA 122 18.25 -11.75 30.76
CA ILE DA 122 17.84 -12.20 32.09
C ILE DA 122 17.84 -13.72 32.19
N MET DA 123 17.52 -14.44 31.12
CA MET DA 123 17.53 -15.89 31.23
C MET DA 123 18.96 -16.34 31.43
N PHE DA 124 19.87 -15.97 30.55
CA PHE DA 124 21.25 -16.39 30.67
C PHE DA 124 22.03 -15.72 31.77
N GLU DA 125 21.88 -14.40 31.95
CA GLU DA 125 22.69 -13.74 32.97
C GLU DA 125 22.12 -13.73 34.37
N THR DA 126 20.81 -13.81 34.70
CA THR DA 126 20.46 -13.88 36.11
C THR DA 126 19.98 -15.28 36.43
N PHE DA 127 19.45 -16.12 35.51
CA PHE DA 127 19.03 -17.49 35.88
C PHE DA 127 20.01 -18.61 35.54
N ASN DA 128 20.94 -18.24 34.64
CA ASN DA 128 22.05 -19.09 34.22
C ASN DA 128 21.51 -20.40 33.65
N VAL DA 129 20.55 -20.34 32.74
CA VAL DA 129 20.02 -21.57 32.14
C VAL DA 129 21.05 -22.09 31.12
N PRO DA 130 21.22 -23.40 30.81
CA PRO DA 130 22.20 -23.87 29.84
C PRO DA 130 22.00 -23.32 28.43
N ALA DA 131 20.72 -23.34 28.02
CA ALA DA 131 20.30 -22.88 26.71
C ALA DA 131 18.83 -22.49 26.76
N MET DA 132 18.42 -21.63 25.82
CA MET DA 132 17.06 -21.19 25.74
C MET DA 132 16.65 -20.90 24.31
N TYR DA 133 15.41 -20.43 24.07
CA TYR DA 133 14.85 -20.28 22.73
C TYR DA 133 13.57 -19.52 22.91
N VAL DA 134 13.21 -18.57 22.07
CA VAL DA 134 11.98 -17.84 22.22
C VAL DA 134 11.09 -18.18 21.00
N ALA DA 135 9.96 -18.90 21.09
CA ALA DA 135 9.07 -19.11 19.95
C ALA DA 135 7.93 -18.09 19.84
N ILE DA 136 7.33 -17.74 18.71
CA ILE DA 136 6.25 -16.76 18.67
C ILE DA 136 5.02 -17.56 18.97
N GLN DA 137 4.09 -16.98 19.73
CA GLN DA 137 2.96 -17.76 20.19
C GLN DA 137 2.07 -18.33 19.12
N ALA DA 138 1.45 -17.55 18.21
CA ALA DA 138 0.66 -18.12 17.11
C ALA DA 138 1.32 -19.24 16.29
N VAL DA 139 2.64 -19.10 16.18
CA VAL DA 139 3.42 -20.07 15.46
C VAL DA 139 3.41 -21.40 16.21
N LEU DA 140 3.47 -21.45 17.54
CA LEU DA 140 3.40 -22.71 18.27
C LEU DA 140 1.98 -23.25 18.26
N SER DA 141 1.00 -22.38 18.24
CA SER DA 141 -0.35 -22.88 18.19
C SER DA 141 -0.59 -23.60 16.89
N LEU DA 142 -0.15 -23.05 15.76
CA LEU DA 142 -0.37 -23.66 14.45
C LEU DA 142 0.22 -25.05 14.27
N TYR DA 143 1.46 -25.04 14.74
CA TYR DA 143 2.29 -26.21 14.67
C TYR DA 143 1.75 -27.35 15.53
N ALA DA 144 1.22 -27.02 16.69
CA ALA DA 144 0.57 -27.99 17.55
C ALA DA 144 -0.68 -28.55 16.85
N SER DA 145 -1.23 -27.90 15.80
CA SER DA 145 -2.36 -28.49 15.09
C SER DA 145 -1.87 -29.21 13.83
N GLY DA 146 -0.60 -29.61 13.88
CA GLY DA 146 0.07 -30.31 12.82
C GLY DA 146 0.65 -29.39 11.76
N ARG DA 147 -0.04 -28.35 11.28
CA ARG DA 147 0.45 -27.61 10.12
C ARG DA 147 1.48 -26.48 10.21
N THR DA 148 1.85 -25.97 9.03
CA THR DA 148 2.85 -24.92 8.91
C THR DA 148 2.45 -23.66 8.20
N THR DA 149 1.33 -23.72 7.52
CA THR DA 149 0.74 -22.56 6.88
C THR DA 149 -0.71 -22.66 7.34
N GLY DA 150 -1.14 -21.47 7.71
CA GLY DA 150 -2.48 -21.20 8.19
C GLY DA 150 -2.54 -19.81 8.77
N ILE DA 151 -3.64 -19.38 9.34
CA ILE DA 151 -3.70 -18.09 10.01
C ILE DA 151 -4.29 -18.42 11.39
N VAL DA 152 -3.63 -17.98 12.46
CA VAL DA 152 -4.12 -18.23 13.81
C VAL DA 152 -4.91 -17.03 14.35
N LEU DA 153 -6.13 -17.25 14.85
CA LEU DA 153 -6.81 -16.20 15.57
C LEU DA 153 -6.45 -16.58 16.99
N ASP DA 154 -5.64 -15.74 17.64
CA ASP DA 154 -5.20 -16.05 18.99
C ASP DA 154 -5.77 -15.04 19.94
N SER DA 155 -6.43 -15.50 21.03
CA SER DA 155 -7.20 -14.68 21.96
C SER DA 155 -7.19 -15.16 23.41
N GLY DA 156 -6.57 -14.37 24.25
CA GLY DA 156 -6.43 -14.83 25.61
C GLY DA 156 -7.02 -13.90 26.61
N ASP DA 157 -6.18 -13.43 27.51
CA ASP DA 157 -6.68 -12.56 28.52
C ASP DA 157 -6.55 -11.08 28.25
N GLY DA 158 -5.46 -10.51 27.75
CA GLY DA 158 -5.40 -9.10 27.45
C GLY DA 158 -5.39 -8.81 25.93
N VAL DA 159 -4.94 -9.69 24.99
CA VAL DA 159 -4.89 -9.41 23.54
C VAL DA 159 -5.53 -10.47 22.67
N THR DA 160 -5.98 -10.00 21.47
CA THR DA 160 -6.39 -10.84 20.35
C THR DA 160 -5.48 -10.53 19.16
N HIS DA 161 -5.19 -11.53 18.35
CA HIS DA 161 -4.24 -11.38 17.27
C HIS DA 161 -4.72 -12.24 16.16
N ASN DA 162 -4.22 -11.91 14.98
CA ASN DA 162 -4.36 -12.74 13.77
C ASN DA 162 -2.96 -12.90 13.23
N VAL DA 163 -2.39 -14.08 13.18
CA VAL DA 163 -1.00 -14.12 12.70
C VAL DA 163 -0.99 -15.10 11.56
N PRO DA 164 -0.91 -14.60 10.31
CA PRO DA 164 -0.85 -15.41 9.11
C PRO DA 164 0.56 -15.98 9.09
N ILE DA 165 0.71 -17.32 8.97
CA ILE DA 165 2.03 -17.96 8.92
C ILE DA 165 2.20 -18.78 7.65
N TYR DA 166 3.31 -18.63 6.94
CA TYR DA 166 3.55 -19.37 5.71
C TYR DA 166 4.84 -20.16 5.80
N GLU DA 167 4.73 -21.48 5.72
CA GLU DA 167 5.85 -22.40 5.88
C GLU DA 167 6.79 -22.07 7.02
N GLY DA 168 6.09 -21.56 8.05
CA GLY DA 168 6.63 -21.32 9.35
C GLY DA 168 6.94 -19.90 9.69
N TYR DA 169 7.07 -19.04 8.69
CA TYR DA 169 7.42 -17.65 8.93
C TYR DA 169 6.16 -16.82 9.08
N ALA DA 170 5.93 -16.30 10.30
CA ALA DA 170 4.82 -15.42 10.61
C ALA DA 170 5.00 -14.16 9.80
N LEU DA 171 3.92 -13.68 9.18
CA LEU DA 171 4.00 -12.59 8.22
C LEU DA 171 3.79 -11.21 8.86
N PRO DA 172 4.86 -10.56 9.29
CA PRO DA 172 4.80 -9.26 10.00
C PRO DA 172 3.80 -8.20 9.58
N HIS DA 173 3.75 -7.95 8.30
CA HIS DA 173 2.84 -6.93 7.76
C HIS DA 173 1.41 -7.41 7.64
N ALA DA 174 1.00 -8.58 8.08
CA ALA DA 174 -0.38 -8.95 7.86
C ALA DA 174 -1.07 -9.23 9.18
N ILE DA 175 -0.25 -9.28 10.26
CA ILE DA 175 -0.65 -9.48 11.68
C ILE DA 175 -1.53 -8.33 12.18
N MET DA 176 -2.63 -8.64 12.89
CA MET DA 176 -3.56 -7.63 13.42
C MET DA 176 -3.73 -7.95 14.89
N ARG DA 177 -3.80 -6.89 15.64
CA ARG DA 177 -3.96 -6.95 17.07
C ARG DA 177 -5.21 -6.17 17.46
N LEU DA 178 -6.03 -6.81 18.27
CA LEU DA 178 -7.26 -6.21 18.73
C LEU DA 178 -7.16 -6.32 20.24
N ASP DA 179 -6.99 -5.20 20.96
CA ASP DA 179 -6.95 -5.19 22.42
C ASP DA 179 -8.33 -5.34 23.11
N LEU DA 180 -9.04 -6.47 22.90
CA LEU DA 180 -10.26 -6.77 23.63
C LEU DA 180 -10.21 -8.27 23.74
N ALA DA 181 -10.21 -8.79 24.97
CA ALA DA 181 -10.10 -10.21 25.18
C ALA DA 181 -10.92 -10.68 26.38
N GLY DA 182 -10.60 -11.82 27.00
CA GLY DA 182 -11.39 -12.42 28.08
C GLY DA 182 -11.57 -11.58 29.33
N ARG DA 183 -10.62 -10.70 29.61
CA ARG DA 183 -10.59 -9.77 30.75
C ARG DA 183 -11.69 -8.75 30.52
N ASP DA 184 -11.69 -8.09 29.34
CA ASP DA 184 -12.70 -7.14 28.89
C ASP DA 184 -14.07 -7.80 28.93
N LEU DA 185 -14.11 -9.06 28.45
CA LEU DA 185 -15.33 -9.87 28.39
C LEU DA 185 -16.00 -10.28 29.70
N THR DA 186 -15.19 -10.43 30.77
CA THR DA 186 -15.71 -10.75 32.09
C THR DA 186 -16.32 -9.46 32.65
N ASP DA 187 -15.74 -8.28 32.33
CA ASP DA 187 -16.22 -7.06 32.92
C ASP DA 187 -17.48 -6.59 32.25
N TYR DA 188 -17.68 -7.00 30.99
CA TYR DA 188 -18.89 -6.64 30.29
C TYR DA 188 -19.99 -7.56 30.80
N LEU DA 189 -19.74 -8.84 31.05
CA LEU DA 189 -20.77 -9.74 31.53
C LEU DA 189 -21.28 -9.21 32.85
N MET DA 190 -20.32 -8.79 33.67
CA MET DA 190 -20.52 -8.20 34.98
C MET DA 190 -21.62 -7.15 34.96
N LYS DA 191 -21.44 -6.16 34.07
CA LYS DA 191 -22.42 -5.13 33.90
C LYS DA 191 -23.67 -5.77 33.32
N ILE DA 192 -23.76 -6.54 32.23
CA ILE DA 192 -25.08 -7.04 31.80
C ILE DA 192 -25.81 -7.95 32.78
N LEU DA 193 -25.09 -8.39 33.81
CA LEU DA 193 -25.63 -9.26 34.82
C LEU DA 193 -26.07 -8.42 36.01
N THR DA 194 -25.39 -7.29 36.35
CA THR DA 194 -25.91 -6.40 37.39
C THR DA 194 -27.13 -5.67 36.84
N GLU DA 195 -27.05 -5.40 35.53
CA GLU DA 195 -28.08 -4.78 34.72
C GLU DA 195 -29.30 -5.73 34.60
N ARG DA 196 -29.12 -7.06 34.75
CA ARG DA 196 -30.23 -8.02 34.84
C ARG DA 196 -30.92 -7.89 36.21
N GLY DA 197 -30.41 -6.99 37.07
CA GLY DA 197 -30.96 -6.71 38.38
C GLY DA 197 -30.19 -7.51 39.42
N TYR DA 198 -28.87 -7.32 39.54
CA TYR DA 198 -28.05 -8.09 40.48
C TYR DA 198 -26.96 -7.25 41.10
N SER DA 199 -26.27 -7.92 42.04
CA SER DA 199 -25.15 -7.31 42.76
C SER DA 199 -24.02 -8.24 43.12
N PHE DA 200 -22.91 -7.85 42.54
CA PHE DA 200 -21.65 -8.52 42.76
C PHE DA 200 -20.93 -7.44 43.54
N VAL DA 201 -21.21 -7.70 44.81
CA VAL DA 201 -20.84 -6.75 45.81
C VAL DA 201 -19.54 -7.13 46.50
N THR DA 202 -19.46 -8.25 47.24
CA THR DA 202 -18.20 -8.65 47.89
C THR DA 202 -17.26 -9.27 46.87
N THR DA 203 -15.98 -9.48 47.23
CA THR DA 203 -15.00 -10.03 46.29
C THR DA 203 -15.30 -11.48 45.92
N ALA DA 204 -16.07 -12.20 46.75
CA ALA DA 204 -16.53 -13.54 46.43
C ALA DA 204 -17.71 -13.56 45.42
N GLU DA 205 -18.20 -12.38 45.09
CA GLU DA 205 -19.24 -12.22 44.09
C GLU DA 205 -18.49 -11.83 42.83
N ARG DA 206 -17.60 -10.83 42.88
CA ARG DA 206 -16.78 -10.43 41.72
C ARG DA 206 -16.13 -11.61 40.95
N GLU DA 207 -15.34 -12.43 41.64
CA GLU DA 207 -14.51 -13.48 41.05
C GLU DA 207 -15.28 -14.52 40.25
N ILE DA 208 -16.42 -14.92 40.81
CA ILE DA 208 -17.25 -15.94 40.21
C ILE DA 208 -18.02 -15.50 38.95
N VAL DA 209 -18.10 -14.19 38.59
CA VAL DA 209 -18.74 -13.77 37.35
C VAL DA 209 -17.89 -14.33 36.21
N ARG DA 210 -16.59 -14.43 36.46
CA ARG DA 210 -15.65 -14.99 35.53
C ARG DA 210 -15.91 -16.50 35.38
N ASP DA 211 -16.31 -17.22 36.43
CA ASP DA 211 -16.60 -18.64 36.35
C ASP DA 211 -17.96 -18.90 35.72
N ILE DA 212 -18.83 -17.88 35.75
CA ILE DA 212 -20.11 -17.91 35.04
C ILE DA 212 -19.79 -17.81 33.55
N LYS DA 213 -19.04 -16.77 33.11
CA LYS DA 213 -18.56 -16.58 31.75
C LYS DA 213 -17.97 -17.85 31.19
N GLU DA 214 -17.02 -18.48 31.88
CA GLU DA 214 -16.41 -19.73 31.38
C GLU DA 214 -17.44 -20.86 31.27
N LYS DA 215 -18.21 -21.21 32.31
CA LYS DA 215 -19.13 -22.36 32.28
C LYS DA 215 -20.41 -22.27 31.41
N LEU DA 216 -21.10 -21.14 31.54
CA LEU DA 216 -22.38 -20.93 30.87
C LEU DA 216 -22.34 -20.13 29.60
N CYS DA 217 -21.33 -19.31 29.28
CA CYS DA 217 -21.34 -18.58 28.01
C CYS DA 217 -21.09 -19.33 26.71
N TYR DA 218 -21.85 -18.78 25.75
CA TYR DA 218 -22.07 -19.32 24.40
C TYR DA 218 -21.81 -18.32 23.29
N VAL DA 219 -21.46 -18.80 22.10
CA VAL DA 219 -21.44 -17.92 20.93
C VAL DA 219 -22.42 -18.59 20.02
N ALA DA 220 -23.52 -17.90 19.96
CA ALA DA 220 -24.54 -18.34 19.07
C ALA DA 220 -24.28 -17.84 17.65
N LEU DA 221 -24.67 -18.76 16.79
CA LEU DA 221 -24.77 -18.56 15.37
C LEU DA 221 -26.21 -18.10 15.22
N ASP DA 222 -26.31 -17.03 14.43
CA ASP DA 222 -27.55 -16.28 14.25
C ASP DA 222 -28.02 -15.78 15.62
N PHE DA 223 -27.17 -14.82 16.03
CA PHE DA 223 -27.27 -14.12 17.30
C PHE DA 223 -28.48 -13.18 17.28
N GLU DA 224 -28.94 -12.96 16.04
CA GLU DA 224 -30.13 -12.19 15.62
C GLU DA 224 -31.43 -12.79 16.17
N ASN DA 225 -31.72 -13.99 15.62
CA ASN DA 225 -32.88 -14.75 16.01
C ASN DA 225 -32.49 -15.70 17.12
N GLU DA 226 -31.76 -15.18 18.09
CA GLU DA 226 -31.41 -15.86 19.33
C GLU DA 226 -31.89 -14.98 20.50
N MET DA 227 -31.81 -13.66 20.24
CA MET DA 227 -32.43 -12.63 21.05
C MET DA 227 -33.94 -12.82 20.87
N ALA DA 228 -34.40 -12.92 19.61
CA ALA DA 228 -35.80 -13.20 19.27
C ALA DA 228 -36.31 -14.44 20.01
N THR DA 229 -35.48 -15.50 20.00
CA THR DA 229 -35.77 -16.71 20.76
C THR DA 229 -35.89 -16.45 22.26
N ALA DA 230 -34.99 -15.59 22.78
CA ALA DA 230 -34.93 -15.25 24.20
C ALA DA 230 -36.26 -14.76 24.74
N ALA DA 231 -36.88 -13.91 23.89
CA ALA DA 231 -38.18 -13.27 24.12
C ALA DA 231 -39.43 -14.18 24.21
N SER DA 232 -39.55 -15.15 23.28
CA SER DA 232 -40.58 -16.19 23.33
C SER DA 232 -40.45 -17.01 24.61
N SER DA 233 -39.21 -16.96 25.18
CA SER DA 233 -38.73 -17.61 26.39
C SER DA 233 -39.08 -19.09 26.47
N SER DA 234 -38.02 -19.64 25.87
CA SER DA 234 -37.83 -21.06 25.80
C SER DA 234 -37.07 -21.44 27.06
N SER DA 235 -36.77 -22.75 27.10
CA SER DA 235 -35.94 -23.28 28.16
C SER DA 235 -34.47 -23.06 27.71
N LEU DA 236 -34.16 -21.78 27.36
CA LEU DA 236 -32.82 -21.32 26.98
C LEU DA 236 -32.09 -20.83 28.24
N GLU DA 237 -32.84 -20.33 29.25
CA GLU DA 237 -32.31 -19.82 30.54
C GLU DA 237 -31.35 -20.76 31.31
N LYS DA 238 -30.48 -20.20 32.16
CA LYS DA 238 -29.57 -21.04 32.91
C LYS DA 238 -29.15 -20.45 34.26
N SER DA 239 -29.64 -21.12 35.32
CA SER DA 239 -29.29 -20.72 36.68
C SER DA 239 -28.12 -21.47 37.29
N TYR DA 240 -27.22 -20.62 37.82
CA TYR DA 240 -25.97 -21.01 38.48
C TYR DA 240 -26.14 -20.79 39.98
N GLU DA 241 -25.72 -21.72 40.86
CA GLU DA 241 -25.77 -21.50 42.31
C GLU DA 241 -24.45 -20.90 42.80
N LEU DA 242 -24.56 -19.72 43.46
CA LEU DA 242 -23.42 -18.93 43.91
C LEU DA 242 -22.53 -19.58 45.02
N PRO DA 243 -21.50 -18.99 45.72
CA PRO DA 243 -20.71 -19.68 46.78
C PRO DA 243 -21.60 -20.31 47.87
N ASP DA 244 -22.71 -19.58 48.10
CA ASP DA 244 -23.85 -19.95 48.94
C ASP DA 244 -25.06 -20.39 48.06
N GLY DA 245 -26.30 -20.38 48.60
CA GLY DA 245 -27.54 -20.79 47.92
C GLY DA 245 -27.92 -19.90 46.75
N GLN DA 246 -27.96 -18.59 46.98
CA GLN DA 246 -28.26 -17.52 46.03
C GLN DA 246 -28.17 -17.84 44.52
N VAL DA 247 -29.17 -18.60 44.11
CA VAL DA 247 -29.29 -19.04 42.74
C VAL DA 247 -29.61 -17.88 41.81
N ILE DA 248 -28.57 -17.60 41.04
CA ILE DA 248 -28.67 -16.54 40.07
C ILE DA 248 -29.07 -17.13 38.72
N THR DA 249 -29.95 -16.44 37.97
CA THR DA 249 -30.35 -16.92 36.64
C THR DA 249 -29.82 -15.98 35.53
N ILE DA 250 -29.38 -16.68 34.47
CA ILE DA 250 -28.78 -16.08 33.30
C ILE DA 250 -29.40 -16.85 32.18
N GLY DA 251 -30.25 -16.16 31.44
CA GLY DA 251 -30.87 -16.82 30.32
C GLY DA 251 -30.13 -16.49 29.05
N ASN DA 252 -30.42 -15.22 28.79
CA ASN DA 252 -30.14 -14.51 27.57
C ASN DA 252 -28.67 -14.00 27.47
N GLU DA 253 -28.20 -13.07 28.34
CA GLU DA 253 -26.83 -12.52 28.43
C GLU DA 253 -25.63 -13.43 28.26
N ARG DA 254 -25.94 -14.67 28.60
CA ARG DA 254 -25.17 -15.86 28.32
C ARG DA 254 -24.40 -15.81 26.96
N PHE DA 255 -25.05 -15.29 25.89
CA PHE DA 255 -24.45 -15.15 24.57
C PHE DA 255 -24.25 -13.68 24.16
N ARG DA 256 -24.82 -12.74 24.90
CA ARG DA 256 -24.63 -11.33 24.63
C ARG DA 256 -23.18 -10.93 24.91
N CYS DA 257 -22.55 -11.72 25.79
CA CYS DA 257 -21.14 -11.53 26.18
C CYS DA 257 -20.19 -11.92 25.02
N PRO DA 258 -20.14 -13.13 24.40
CA PRO DA 258 -19.28 -13.41 23.27
C PRO DA 258 -19.75 -12.67 21.99
N GLU DA 259 -21.03 -12.23 21.79
CA GLU DA 259 -21.41 -11.38 20.64
C GLU DA 259 -20.52 -10.13 20.78
N THR DA 260 -19.87 -9.81 21.93
CA THR DA 260 -18.99 -8.65 22.00
C THR DA 260 -17.78 -8.88 21.10
N LEU DA 261 -17.23 -10.09 21.03
CA LEU DA 261 -16.13 -10.38 20.11
C LEU DA 261 -16.42 -10.11 18.61
N PHE DA 262 -17.67 -10.15 18.12
CA PHE DA 262 -18.02 -9.83 16.74
C PHE DA 262 -18.49 -8.39 16.58
N GLN DA 263 -19.04 -7.84 17.66
CA GLN DA 263 -19.51 -6.47 17.76
C GLN DA 263 -18.79 -5.80 18.94
N PRO DA 264 -17.68 -5.08 18.72
CA PRO DA 264 -16.92 -4.36 19.73
C PRO DA 264 -17.73 -3.14 20.18
N SER DA 265 -18.73 -2.74 19.35
CA SER DA 265 -19.68 -1.64 19.62
C SER DA 265 -20.54 -1.80 20.90
N PHE DA 266 -20.66 -3.07 21.36
CA PHE DA 266 -21.29 -3.44 22.62
C PHE DA 266 -20.54 -2.89 23.80
N ILE DA 267 -19.27 -2.55 23.56
CA ILE DA 267 -18.44 -2.04 24.63
C ILE DA 267 -17.75 -0.73 24.27
N GLY DA 268 -18.37 0.08 23.43
CA GLY DA 268 -17.76 1.36 23.13
C GLY DA 268 -16.42 1.24 22.41
N MET DA 269 -16.23 0.08 21.77
CA MET DA 269 -15.08 -0.05 20.90
C MET DA 269 -15.51 0.21 19.47
N GLU DA 270 -14.71 1.07 18.81
CA GLU DA 270 -14.88 1.42 17.39
C GLU DA 270 -14.12 0.54 16.39
N SER DA 271 -13.21 -0.31 16.89
CA SER DA 271 -12.46 -1.28 16.10
C SER DA 271 -13.39 -2.29 15.46
N ALA DA 272 -12.86 -2.94 14.43
CA ALA DA 272 -13.58 -4.01 13.73
C ALA DA 272 -13.60 -5.30 14.58
N GLY DA 273 -14.35 -6.33 14.24
CA GLY DA 273 -14.41 -7.51 15.08
C GLY DA 273 -13.68 -8.71 14.50
N ILE DA 274 -13.38 -9.69 15.39
CA ILE DA 274 -12.71 -10.95 15.09
C ILE DA 274 -12.78 -11.50 13.65
N HIS DA 275 -13.98 -11.66 13.09
CA HIS DA 275 -14.17 -12.22 11.76
C HIS DA 275 -13.76 -11.34 10.61
N GLU DA 276 -14.01 -10.03 10.77
CA GLU DA 276 -13.62 -9.07 9.77
C GLU DA 276 -12.14 -8.96 9.81
N THR DA 277 -11.59 -9.05 10.99
CA THR DA 277 -10.17 -8.90 11.18
C THR DA 277 -9.47 -10.12 10.62
N THR DA 278 -10.00 -11.34 10.76
CA THR DA 278 -9.46 -12.56 10.15
C THR DA 278 -9.26 -12.36 8.63
N TYR DA 279 -10.34 -11.79 8.10
CA TYR DA 279 -10.47 -11.49 6.73
C TYR DA 279 -9.51 -10.42 6.35
N ASN DA 280 -9.43 -9.30 7.06
CA ASN DA 280 -8.60 -8.22 6.58
C ASN DA 280 -7.13 -8.59 6.54
N SER DA 281 -6.73 -9.47 7.48
CA SER DA 281 -5.38 -9.99 7.60
C SER DA 281 -5.07 -10.66 6.28
N ILE DA 282 -6.10 -11.44 5.89
CA ILE DA 282 -6.06 -12.26 4.68
C ILE DA 282 -6.06 -11.37 3.47
N MET DA 283 -6.87 -10.32 3.26
CA MET DA 283 -6.68 -9.55 2.04
C MET DA 283 -5.48 -8.57 2.09
N LYS DA 284 -4.60 -8.69 3.14
CA LYS DA 284 -3.30 -8.01 3.28
C LYS DA 284 -2.10 -8.88 2.91
N CYS DA 285 -2.36 -10.17 2.66
CA CYS DA 285 -1.36 -11.16 2.32
C CYS DA 285 -1.22 -11.37 0.83
N ASP DA 286 -0.19 -12.08 0.37
CA ASP DA 286 -0.07 -12.38 -1.03
C ASP DA 286 -1.28 -13.23 -1.40
N ILE DA 287 -1.66 -12.95 -2.64
CA ILE DA 287 -2.81 -13.50 -3.43
C ILE DA 287 -2.85 -15.03 -3.64
N ASP DA 288 -1.66 -15.53 -3.98
CA ASP DA 288 -1.45 -16.93 -4.20
C ASP DA 288 -1.54 -17.65 -2.86
N ILE DA 289 -1.25 -17.01 -1.68
CA ILE DA 289 -1.33 -17.75 -0.42
C ILE DA 289 -2.70 -17.66 0.22
N ARG DA 290 -3.59 -16.79 -0.27
CA ARG DA 290 -4.89 -16.66 0.34
C ARG DA 290 -5.71 -17.96 0.24
N LYS DA 291 -5.62 -18.92 -0.70
CA LYS DA 291 -6.49 -20.09 -0.52
C LYS DA 291 -6.07 -20.93 0.70
N ASP DA 292 -4.75 -20.90 1.02
CA ASP DA 292 -4.17 -21.68 2.10
C ASP DA 292 -4.64 -21.18 3.45
N LEU DA 293 -4.44 -19.89 3.69
CA LEU DA 293 -4.90 -19.27 4.90
C LEU DA 293 -6.40 -19.53 5.12
N TYR DA 294 -7.23 -19.46 4.06
CA TYR DA 294 -8.64 -19.67 4.25
C TYR DA 294 -9.03 -21.07 4.66
N ALA DA 295 -8.30 -22.06 4.23
CA ALA DA 295 -8.66 -23.41 4.63
C ALA DA 295 -7.94 -23.79 5.93
N ASN DA 296 -7.32 -22.81 6.62
CA ASN DA 296 -6.56 -23.12 7.82
C ASN DA 296 -6.57 -22.01 8.82
N ASN DA 297 -7.76 -21.76 9.34
CA ASN DA 297 -7.99 -20.77 10.37
C ASN DA 297 -7.91 -21.56 11.66
N VAL DA 298 -6.79 -21.49 12.33
CA VAL DA 298 -6.60 -22.26 13.53
C VAL DA 298 -6.90 -21.27 14.63
N MET DA 299 -7.67 -21.78 15.58
CA MET DA 299 -7.99 -20.99 16.76
C MET DA 299 -7.22 -21.43 18.00
N SER DA 300 -6.72 -20.46 18.74
CA SER DA 300 -6.15 -20.81 20.03
C SER DA 300 -6.41 -19.70 21.03
N GLY DA 301 -6.36 -20.07 22.32
CA GLY DA 301 -6.54 -19.12 23.39
C GLY DA 301 -7.80 -19.34 24.24
N GLY DA 302 -7.71 -19.01 25.53
CA GLY DA 302 -8.79 -19.19 26.46
C GLY DA 302 -10.10 -18.56 25.98
N THR DA 303 -10.08 -17.37 25.42
CA THR DA 303 -11.30 -16.72 25.02
C THR DA 303 -11.88 -17.31 23.75
N THR DA 304 -11.22 -18.21 23.00
CA THR DA 304 -11.83 -18.80 21.79
C THR DA 304 -12.53 -20.12 22.12
N MET DA 305 -12.68 -20.40 23.42
CA MET DA 305 -13.26 -21.65 23.90
C MET DA 305 -14.78 -21.60 24.00
N TYR DA 306 -15.42 -20.40 23.98
CA TYR DA 306 -16.88 -20.26 24.03
C TYR DA 306 -17.52 -21.19 23.03
N PRO DA 307 -18.30 -22.23 23.32
CA PRO DA 307 -18.91 -23.10 22.31
C PRO DA 307 -19.61 -22.33 21.16
N GLY DA 308 -19.52 -22.87 19.93
CA GLY DA 308 -20.18 -22.31 18.76
C GLY DA 308 -19.49 -21.09 18.17
N ILE DA 309 -18.23 -20.96 18.58
CA ILE DA 309 -17.37 -19.85 18.15
C ILE DA 309 -16.89 -20.09 16.75
N ALA DA 310 -16.63 -21.39 16.53
CA ALA DA 310 -16.11 -21.91 15.29
C ALA DA 310 -17.23 -21.83 14.25
N ASP DA 311 -18.48 -22.28 14.53
CA ASP DA 311 -19.60 -22.23 13.57
C ASP DA 311 -19.92 -20.80 13.15
N ARG DA 312 -19.97 -19.87 14.11
CA ARG DA 312 -20.19 -18.45 13.84
C ARG DA 312 -19.03 -17.99 12.95
N MET DA 313 -17.76 -18.31 13.24
CA MET DA 313 -16.64 -17.83 12.43
C MET DA 313 -16.61 -18.41 11.03
N GLN DA 314 -17.10 -19.65 10.94
CA GLN DA 314 -17.22 -20.44 9.73
C GLN DA 314 -18.09 -19.72 8.75
N LYS DA 315 -19.26 -19.36 9.25
CA LYS DA 315 -20.23 -18.62 8.48
C LYS DA 315 -19.93 -17.16 8.36
N GLU DA 316 -19.14 -16.65 9.28
CA GLU DA 316 -18.81 -15.25 9.21
C GLU DA 316 -17.84 -15.00 8.05
N ILE DA 317 -16.83 -15.87 7.90
CA ILE DA 317 -15.91 -15.60 6.81
C ILE DA 317 -16.37 -16.26 5.52
N THR DA 318 -17.19 -17.32 5.44
CA THR DA 318 -17.67 -17.84 4.16
C THR DA 318 -18.35 -16.73 3.38
N ALA DA 319 -19.24 -16.07 4.13
CA ALA DA 319 -19.98 -14.95 3.59
C ALA DA 319 -19.21 -13.64 3.39
N LEU DA 320 -17.88 -13.62 3.52
CA LEU DA 320 -17.09 -12.45 3.17
C LEU DA 320 -16.05 -12.80 2.10
N ALA DA 321 -15.73 -14.11 2.09
CA ALA DA 321 -14.77 -14.68 1.16
C ALA DA 321 -15.37 -14.98 -0.22
N PRO DA 322 -14.60 -14.90 -1.33
CA PRO DA 322 -15.10 -15.18 -2.70
C PRO DA 322 -15.63 -16.63 -2.77
N SER DA 323 -16.83 -16.96 -3.28
CA SER DA 323 -17.37 -18.35 -3.24
C SER DA 323 -16.58 -19.52 -3.80
N THR DA 324 -15.58 -19.15 -4.61
CA THR DA 324 -14.62 -20.07 -5.20
C THR DA 324 -13.70 -20.66 -4.12
N MET DA 325 -13.81 -20.13 -2.90
CA MET DA 325 -12.91 -20.46 -1.82
C MET DA 325 -13.45 -21.49 -0.86
N LYS DA 326 -12.49 -22.21 -0.32
CA LYS DA 326 -12.76 -23.16 0.73
C LYS DA 326 -12.38 -22.48 2.05
N ILE DA 327 -13.34 -22.45 2.96
CA ILE DA 327 -13.18 -21.89 4.29
C ILE DA 327 -12.91 -23.09 5.20
N LYS DA 328 -12.09 -22.98 6.25
CA LYS DA 328 -11.97 -24.07 7.23
C LYS DA 328 -11.40 -23.58 8.55
N ILE DA 329 -12.31 -23.58 9.55
CA ILE DA 329 -12.04 -23.10 10.91
C ILE DA 329 -11.72 -24.25 11.86
N ILE DA 330 -10.44 -24.47 12.12
CA ILE DA 330 -9.99 -25.50 13.03
C ILE DA 330 -9.93 -24.85 14.43
N ALA DA 331 -10.62 -25.51 15.36
CA ALA DA 331 -10.69 -25.15 16.77
C ALA DA 331 -10.52 -26.42 17.58
N PRO DA 332 -9.33 -26.85 17.99
CA PRO DA 332 -9.15 -28.06 18.78
C PRO DA 332 -9.65 -27.90 20.22
N PRO DA 333 -9.89 -29.01 20.95
CA PRO DA 333 -10.37 -29.01 22.32
C PRO DA 333 -9.35 -28.53 23.32
N GLU DA 334 -8.07 -28.87 23.13
CA GLU DA 334 -7.10 -28.42 24.09
C GLU DA 334 -6.74 -26.98 23.82
N ARG DA 335 -7.35 -26.24 22.87
CA ARG DA 335 -6.93 -24.87 22.54
C ARG DA 335 -6.53 -23.84 23.61
N LYS DA 336 -7.02 -23.91 24.84
CA LYS DA 336 -6.54 -23.02 25.90
C LYS DA 336 -5.05 -23.32 26.18
N TYR DA 337 -4.45 -24.45 25.78
CA TYR DA 337 -3.01 -24.69 25.87
C TYR DA 337 -2.32 -24.95 24.50
N SER DA 338 -2.87 -24.58 23.31
CA SER DA 338 -2.24 -24.86 22.02
C SER DA 338 -0.80 -24.43 21.93
N VAL DA 339 -0.64 -23.15 22.27
CA VAL DA 339 0.63 -22.48 22.35
C VAL DA 339 1.61 -23.34 23.12
N TRP DA 340 1.23 -23.80 24.33
CA TRP DA 340 2.14 -24.50 25.20
C TRP DA 340 2.50 -25.87 24.62
N ILE DA 341 1.47 -26.54 24.06
CA ILE DA 341 1.61 -27.88 23.60
C ILE DA 341 2.50 -27.85 22.39
N GLY DA 342 2.38 -26.81 21.54
CA GLY DA 342 3.21 -26.64 20.35
C GLY DA 342 4.67 -26.49 20.77
N GLY DA 343 4.91 -25.88 21.92
CA GLY DA 343 6.24 -25.70 22.45
C GLY DA 343 6.77 -27.01 22.99
N SER DA 344 5.93 -27.79 23.67
CA SER DA 344 6.29 -29.07 24.23
C SER DA 344 6.75 -30.05 23.17
N ILE DA 345 6.01 -30.03 22.06
CA ILE DA 345 6.29 -30.89 20.92
C ILE DA 345 7.62 -30.51 20.34
N LEU DA 346 7.69 -29.25 19.90
CA LEU DA 346 8.85 -28.68 19.27
C LEU DA 346 10.10 -28.87 20.11
N ALA DA 347 10.02 -28.56 21.40
CA ALA DA 347 11.23 -28.60 22.22
C ALA DA 347 11.61 -30.00 22.57
N SER DA 348 10.68 -30.96 22.54
CA SER DA 348 11.09 -32.33 22.83
C SER DA 348 11.59 -33.03 21.55
N LEU DA 349 11.29 -32.41 20.40
CA LEU DA 349 11.72 -32.88 19.10
C LEU DA 349 13.23 -33.02 18.93
N SER DA 350 13.37 -34.11 18.20
CA SER DA 350 14.60 -34.70 17.69
C SER DA 350 15.39 -33.66 16.88
N THR DA 351 14.77 -32.79 16.08
CA THR DA 351 15.52 -31.83 15.28
C THR DA 351 15.76 -30.44 15.83
N PHE DA 352 15.22 -30.19 17.03
CA PHE DA 352 15.26 -28.85 17.58
C PHE DA 352 16.54 -28.50 18.31
N GLN DA 353 17.26 -29.57 18.60
CA GLN DA 353 18.46 -29.47 19.38
C GLN DA 353 19.42 -28.48 18.78
N GLN DA 354 19.56 -28.52 17.45
CA GLN DA 354 20.43 -27.58 16.76
C GLN DA 354 19.90 -26.13 16.67
N MET DA 355 18.70 -25.76 17.18
CA MET DA 355 18.32 -24.34 17.28
C MET DA 355 18.39 -23.75 18.71
N TRP DA 356 18.59 -24.55 19.75
CA TRP DA 356 18.77 -24.04 21.11
C TRP DA 356 19.85 -22.97 21.24
N ILE DA 357 19.65 -21.72 21.72
CA ILE DA 357 20.77 -20.79 21.92
C ILE DA 357 21.53 -21.18 23.19
N THR DA 358 22.81 -21.59 23.07
CA THR DA 358 23.55 -22.03 24.24
C THR DA 358 24.33 -20.89 24.83
N LYS DA 359 24.68 -20.96 26.13
CA LYS DA 359 25.58 -19.99 26.76
C LYS DA 359 26.86 -19.77 25.97
N GLN DA 360 27.31 -20.77 25.18
CA GLN DA 360 28.47 -20.66 24.31
C GLN DA 360 28.04 -19.60 23.31
N GLU DA 361 26.99 -19.80 22.50
CA GLU DA 361 26.52 -18.76 21.58
C GLU DA 361 26.40 -17.37 22.23
N TYR DA 362 25.76 -17.33 23.40
CA TYR DA 362 25.56 -16.06 24.06
C TYR DA 362 26.84 -15.39 24.54
N ASP DA 363 27.64 -16.03 25.40
CA ASP DA 363 28.85 -15.41 25.94
C ASP DA 363 29.76 -14.93 24.83
N GLU DA 364 29.60 -15.55 23.64
CA GLU DA 364 30.36 -15.15 22.47
C GLU DA 364 29.68 -14.16 21.53
N ALA DA 365 28.34 -14.12 21.37
CA ALA DA 365 27.69 -13.22 20.38
C ALA DA 365 26.84 -12.02 20.86
N GLY DA 366 26.59 -12.00 22.19
CA GLY DA 366 25.75 -11.00 22.85
C GLY DA 366 24.27 -11.32 22.61
N PRO DA 367 23.28 -10.63 23.19
CA PRO DA 367 21.86 -10.99 23.12
C PRO DA 367 21.27 -11.06 21.69
N SER DA 368 22.03 -10.39 20.82
CA SER DA 368 21.82 -10.36 19.39
C SER DA 368 21.65 -11.76 18.82
N ILE DA 369 22.47 -12.72 19.29
CA ILE DA 369 22.46 -14.11 18.86
C ILE DA 369 21.08 -14.78 18.73
N VAL DA 370 20.26 -14.70 19.79
CA VAL DA 370 18.95 -15.33 19.81
C VAL DA 370 17.91 -14.45 19.14
N HIS DA 371 18.21 -13.15 19.07
CA HIS DA 371 17.25 -12.22 18.53
C HIS DA 371 16.85 -12.57 17.08
N ARG DA 372 17.75 -13.21 16.31
CA ARG DA 372 17.56 -13.61 14.91
C ARG DA 372 17.43 -12.29 14.10
N ASP EA 1 -15.35 38.79 -19.37
CA ASP EA 1 -15.63 38.58 -17.92
C ASP EA 1 -16.68 37.50 -17.69
N GLU EA 2 -17.67 37.54 -18.60
CA GLU EA 2 -18.77 36.59 -18.75
C GLU EA 2 -18.43 35.21 -18.19
N ASP EA 3 -17.27 34.77 -18.67
CA ASP EA 3 -16.69 33.60 -18.10
C ASP EA 3 -15.22 33.80 -17.71
N GLU EA 4 -14.56 34.97 -17.90
CA GLU EA 4 -13.17 35.22 -17.47
C GLU EA 4 -13.08 35.05 -15.95
N THR EA 5 -14.11 35.60 -15.27
CA THR EA 5 -14.29 35.51 -13.82
C THR EA 5 -14.84 34.18 -13.31
N THR EA 6 -15.77 33.81 -14.19
CA THR EA 6 -16.74 32.74 -14.12
C THR EA 6 -16.25 31.30 -14.29
N ALA EA 7 -15.04 31.01 -14.78
CA ALA EA 7 -14.59 29.61 -14.90
C ALA EA 7 -14.20 29.05 -13.55
N LEU EA 8 -14.69 27.85 -13.27
CA LEU EA 8 -14.42 27.18 -11.99
C LEU EA 8 -13.34 26.12 -12.19
N VAL EA 9 -12.52 25.77 -11.19
CA VAL EA 9 -11.56 24.71 -11.40
C VAL EA 9 -11.67 23.82 -10.22
N CYS EA 10 -12.05 22.58 -10.48
CA CYS EA 10 -12.26 21.64 -9.43
C CYS EA 10 -11.35 20.46 -9.62
N ASP EA 11 -10.39 20.30 -8.72
CA ASP EA 11 -9.52 19.14 -8.73
C ASP EA 11 -9.89 18.10 -7.67
N ASN EA 12 -10.45 16.97 -8.14
CA ASN EA 12 -10.97 15.91 -7.32
C ASN EA 12 -9.87 14.94 -6.97
N GLY EA 13 -9.60 14.77 -5.67
CA GLY EA 13 -8.56 13.86 -5.22
C GLY EA 13 -9.12 12.74 -4.38
N SER EA 14 -8.16 11.88 -4.08
CA SER EA 14 -8.42 10.76 -3.22
C SER EA 14 -8.56 11.21 -1.79
N GLY EA 15 -7.89 12.25 -1.33
CA GLY EA 15 -7.95 12.70 0.05
C GLY EA 15 -8.61 14.03 0.11
N LEU EA 16 -8.21 15.00 -0.73
CA LEU EA 16 -8.70 16.36 -0.77
C LEU EA 16 -9.34 16.85 -2.06
N VAL EA 17 -10.31 17.77 -2.02
CA VAL EA 17 -10.82 18.44 -3.20
C VAL EA 17 -10.10 19.77 -3.20
N LYS EA 18 -9.65 20.33 -4.32
CA LYS EA 18 -9.10 21.67 -4.37
C LYS EA 18 -10.02 22.42 -5.34
N ALA EA 19 -10.54 23.59 -5.02
CA ALA EA 19 -11.53 24.24 -5.87
C ALA EA 19 -11.41 25.75 -5.78
N GLY EA 20 -12.05 26.48 -6.67
CA GLY EA 20 -11.81 27.91 -6.72
C GLY EA 20 -12.10 28.42 -8.11
N PHE EA 21 -11.71 29.67 -8.35
CA PHE EA 21 -12.01 30.33 -9.61
C PHE EA 21 -10.76 30.43 -10.45
N ALA EA 22 -10.89 30.15 -11.75
CA ALA EA 22 -9.80 30.29 -12.71
C ALA EA 22 -9.47 31.76 -12.62
N GLY EA 23 -8.19 32.03 -12.49
CA GLY EA 23 -7.78 33.38 -12.23
C GLY EA 23 -7.05 33.39 -10.91
N ASP EA 24 -7.62 32.85 -9.82
CA ASP EA 24 -6.95 32.86 -8.53
C ASP EA 24 -5.61 32.13 -8.56
N ASP EA 25 -4.76 32.41 -7.54
CA ASP EA 25 -3.41 31.85 -7.50
C ASP EA 25 -3.29 30.49 -6.78
N ALA EA 26 -4.35 30.23 -5.99
CA ALA EA 26 -4.47 29.05 -5.15
C ALA EA 26 -5.94 28.73 -4.93
N PRO EA 27 -6.28 27.46 -4.58
CA PRO EA 27 -7.67 27.05 -4.36
C PRO EA 27 -8.40 27.80 -3.25
N ARG EA 28 -9.59 28.25 -3.60
CA ARG EA 28 -10.46 28.91 -2.64
C ARG EA 28 -10.98 27.88 -1.66
N ALA EA 29 -11.06 26.61 -2.06
CA ALA EA 29 -11.63 25.60 -1.21
C ALA EA 29 -10.84 24.32 -1.25
N VAL EA 30 -10.50 23.83 -0.06
CA VAL EA 30 -9.72 22.61 0.10
C VAL EA 30 -10.38 21.88 1.26
N PHE EA 31 -10.75 20.61 1.07
CA PHE EA 31 -11.48 19.90 2.10
C PHE EA 31 -11.50 18.42 1.88
N PRO EA 32 -11.64 17.53 2.87
CA PRO EA 32 -11.67 16.11 2.62
C PRO EA 32 -12.80 15.64 1.72
N SER EA 33 -12.40 14.57 1.05
CA SER EA 33 -13.16 13.91 0.04
C SER EA 33 -13.87 12.78 0.73
N ILE EA 34 -14.73 13.09 1.72
CA ILE EA 34 -15.56 12.12 2.41
C ILE EA 34 -17.02 12.46 2.36
N VAL EA 35 -17.90 11.51 2.65
CA VAL EA 35 -19.31 11.67 2.66
C VAL EA 35 -19.67 10.77 3.81
N GLY EA 36 -20.19 11.38 4.86
CA GLY EA 36 -20.54 10.69 6.07
C GLY EA 36 -22.02 10.49 6.08
N ARG EA 37 -22.37 9.32 6.59
CA ARG EA 37 -23.76 8.88 6.65
C ARG EA 37 -24.02 8.51 8.13
N PRO EA 38 -24.88 9.20 8.90
CA PRO EA 38 -25.10 8.91 10.33
C PRO EA 38 -25.53 7.51 10.68
N ARG EA 39 -24.72 6.89 11.54
CA ARG EA 39 -25.05 5.59 12.09
C ARG EA 39 -26.29 5.57 12.97
N HIS EA 40 -26.82 6.72 13.52
CA HIS EA 40 -28.00 6.70 14.40
C HIS EA 40 -29.00 7.80 14.21
N GLN EA 41 -30.25 7.66 14.61
CA GLN EA 41 -31.13 8.79 14.43
C GLN EA 41 -31.08 9.77 15.59
N GLY EA 42 -31.04 11.06 15.23
CA GLY EA 42 -30.89 12.13 16.18
C GLY EA 42 -30.45 13.42 15.51
N VAL EA 43 -30.27 14.49 16.28
CA VAL EA 43 -29.90 15.80 15.77
C VAL EA 43 -28.84 16.60 16.58
N MET EA 44 -28.24 17.61 15.95
CA MET EA 44 -27.40 18.54 16.70
C MET EA 44 -28.39 19.58 17.16
N VAL EA 45 -28.08 20.30 18.24
CA VAL EA 45 -28.90 21.34 18.76
C VAL EA 45 -29.10 22.48 17.76
N GLY EA 46 -30.34 22.65 17.32
CA GLY EA 46 -30.70 23.75 16.48
C GLY EA 46 -30.76 23.37 15.02
N MET EA 47 -30.19 22.23 14.68
CA MET EA 47 -30.29 21.76 13.32
C MET EA 47 -31.38 20.73 13.18
N GLY EA 48 -31.72 20.45 11.92
CA GLY EA 48 -32.62 19.37 11.56
C GLY EA 48 -31.80 18.10 11.30
N GLN EA 49 -32.57 17.02 11.12
CA GLN EA 49 -32.07 15.74 10.70
C GLN EA 49 -31.35 15.87 9.35
N LYS EA 50 -30.16 15.34 9.31
CA LYS EA 50 -29.32 15.49 8.18
C LYS EA 50 -29.10 14.06 7.76
N ASP EA 51 -29.25 13.91 6.46
CA ASP EA 51 -29.08 12.62 5.84
C ASP EA 51 -27.62 12.29 5.55
N SER EA 52 -26.82 13.35 5.45
CA SER EA 52 -25.50 13.16 4.94
C SER EA 52 -24.58 14.27 5.36
N TYR EA 53 -23.30 14.06 5.35
CA TYR EA 53 -22.38 15.07 5.75
C TYR EA 53 -21.22 15.04 4.78
N VAL EA 54 -20.53 16.13 4.44
CA VAL EA 54 -19.45 16.10 3.45
C VAL EA 54 -18.31 16.98 3.92
N GLY EA 55 -17.08 16.55 3.61
CA GLY EA 55 -15.89 17.31 3.89
C GLY EA 55 -15.56 17.33 5.35
N ASP EA 56 -15.32 18.54 5.87
CA ASP EA 56 -14.94 18.68 7.26
C ASP EA 56 -16.07 18.38 8.20
N GLU EA 57 -17.34 18.69 7.95
CA GLU EA 57 -18.35 18.25 8.89
C GLU EA 57 -18.45 16.73 9.01
N ALA EA 58 -18.06 15.98 7.99
CA ALA EA 58 -18.02 14.55 8.09
C ALA EA 58 -16.80 14.13 8.90
N GLN EA 59 -15.70 14.85 8.80
CA GLN EA 59 -14.54 14.45 9.55
C GLN EA 59 -14.80 14.75 11.01
N SER EA 60 -15.24 15.97 11.32
CA SER EA 60 -15.47 16.38 12.69
C SER EA 60 -16.49 15.56 13.49
N LYS EA 61 -17.47 15.09 12.77
CA LYS EA 61 -18.50 14.34 13.40
C LYS EA 61 -18.26 12.89 13.10
N ARG EA 62 -17.03 12.38 12.86
CA ARG EA 62 -16.90 10.98 12.41
C ARG EA 62 -17.35 9.84 13.29
N GLY EA 63 -17.37 10.09 14.61
CA GLY EA 63 -17.83 9.13 15.57
C GLY EA 63 -19.29 8.73 15.39
N ILE EA 64 -20.22 9.49 14.80
CA ILE EA 64 -21.60 9.00 14.67
C ILE EA 64 -22.01 8.67 13.24
N LEU EA 65 -21.08 8.71 12.29
CA LEU EA 65 -21.36 8.51 10.87
C LEU EA 65 -20.51 7.41 10.25
N THR EA 66 -20.90 6.84 9.10
CA THR EA 66 -20.03 5.88 8.44
C THR EA 66 -19.49 6.70 7.27
N LEU EA 67 -18.18 6.86 7.33
CA LEU EA 67 -17.42 7.67 6.41
C LEU EA 67 -17.15 6.89 5.15
N LYS EA 68 -17.24 7.55 3.99
CA LYS EA 68 -16.92 6.86 2.74
C LYS EA 68 -16.17 7.76 1.79
N TYR EA 69 -15.17 7.15 1.19
CA TYR EA 69 -14.29 7.80 0.22
C TYR EA 69 -14.71 7.55 -1.26
N PRO EA 70 -15.38 8.44 -2.03
CA PRO EA 70 -15.81 8.27 -3.42
C PRO EA 70 -14.76 7.99 -4.46
N ILE EA 71 -13.51 8.39 -4.18
CA ILE EA 71 -12.45 8.25 -5.13
C ILE EA 71 -11.38 7.29 -4.61
N GLU EA 72 -11.38 6.08 -5.15
CA GLU EA 72 -10.37 5.14 -4.71
C GLU EA 72 -9.22 5.14 -5.69
N HIS EA 73 -8.05 5.59 -5.19
CA HIS EA 73 -6.85 5.62 -6.00
C HIS EA 73 -6.97 6.53 -7.22
N GLY EA 74 -7.62 7.69 -7.03
CA GLY EA 74 -7.74 8.66 -8.10
C GLY EA 74 -8.91 8.43 -9.02
N ILE EA 75 -9.51 7.22 -9.04
CA ILE EA 75 -10.64 6.92 -9.94
C ILE EA 75 -11.99 7.07 -9.21
N ILE EA 76 -13.08 7.65 -9.75
CA ILE EA 76 -14.35 7.77 -9.00
C ILE EA 76 -14.99 6.38 -9.01
N THR EA 77 -15.14 5.88 -7.79
CA THR EA 77 -15.71 4.57 -7.54
C THR EA 77 -17.19 4.66 -7.17
N ASN EA 78 -17.65 5.72 -6.46
CA ASN EA 78 -19.08 5.81 -6.20
C ASN EA 78 -19.62 7.12 -6.69
N TRP EA 79 -20.48 7.02 -7.72
CA TRP EA 79 -21.04 8.18 -8.39
C TRP EA 79 -22.15 8.89 -7.63
N ASP EA 80 -22.83 8.23 -6.67
CA ASP EA 80 -23.88 8.84 -5.83
C ASP EA 80 -23.22 9.77 -4.83
N ASP EA 81 -22.23 9.23 -4.14
CA ASP EA 81 -21.37 10.00 -3.27
C ASP EA 81 -20.48 11.02 -3.92
N MET EA 82 -20.13 10.96 -5.20
CA MET EA 82 -19.31 11.98 -5.82
C MET EA 82 -20.21 13.16 -6.12
N GLU EA 83 -21.41 12.95 -6.69
CA GLU EA 83 -22.34 14.03 -7.00
C GLU EA 83 -22.66 14.81 -5.74
N LYS EA 84 -22.64 14.10 -4.59
CA LYS EA 84 -22.72 14.76 -3.29
C LYS EA 84 -21.51 15.67 -3.04
N ILE EA 85 -20.24 15.25 -3.22
CA ILE EA 85 -19.11 16.15 -3.04
C ILE EA 85 -19.15 17.31 -4.00
N TRP EA 86 -19.55 17.14 -5.27
CA TRP EA 86 -19.64 18.25 -6.20
C TRP EA 86 -20.67 19.25 -5.75
N HIS EA 87 -21.83 18.74 -5.35
CA HIS EA 87 -22.91 19.61 -4.88
C HIS EA 87 -22.43 20.53 -3.76
N HIS EA 88 -21.77 19.91 -2.78
CA HIS EA 88 -21.17 20.63 -1.68
C HIS EA 88 -20.19 21.66 -2.19
N THR EA 89 -19.38 21.35 -3.18
CA THR EA 89 -18.37 22.28 -3.66
C THR EA 89 -18.97 23.49 -4.26
N PHE EA 90 -19.92 23.32 -5.16
CA PHE EA 90 -20.53 24.47 -5.77
C PHE EA 90 -21.34 25.27 -4.78
N TYR EA 91 -22.30 24.61 -4.15
CA TYR EA 91 -23.26 25.35 -3.39
C TYR EA 91 -22.87 25.83 -2.06
N ASN EA 92 -22.01 25.12 -1.36
CA ASN EA 92 -21.65 25.54 -0.01
C ASN EA 92 -20.25 26.12 0.04
N GLU EA 93 -19.28 25.42 -0.53
CA GLU EA 93 -17.93 25.90 -0.48
C GLU EA 93 -17.72 27.14 -1.33
N LEU EA 94 -18.04 27.13 -2.64
CA LEU EA 94 -17.79 28.29 -3.47
C LEU EA 94 -19.03 29.18 -3.53
N ARG EA 95 -20.18 28.67 -3.06
CA ARG EA 95 -21.46 29.35 -2.95
C ARG EA 95 -21.98 29.94 -4.27
N VAL EA 96 -21.56 29.35 -5.36
CA VAL EA 96 -21.95 29.80 -6.69
C VAL EA 96 -23.13 28.99 -7.16
N ALA EA 97 -23.87 29.47 -8.15
CA ALA EA 97 -24.87 28.63 -8.79
C ALA EA 97 -24.09 28.04 -9.96
N PRO EA 98 -24.01 26.72 -10.20
CA PRO EA 98 -23.26 26.15 -11.31
C PRO EA 98 -23.77 26.43 -12.71
N GLU EA 99 -25.10 26.65 -12.86
CA GLU EA 99 -25.67 26.87 -14.19
C GLU EA 99 -25.33 28.13 -14.92
N GLU EA 100 -24.47 28.97 -14.33
CA GLU EA 100 -23.91 30.04 -15.11
C GLU EA 100 -22.38 30.06 -15.03
N HIS EA 101 -21.69 28.95 -14.66
CA HIS EA 101 -20.24 28.95 -14.61
C HIS EA 101 -19.58 27.89 -15.42
N PRO EA 102 -18.61 28.09 -16.32
CA PRO EA 102 -17.96 27.02 -17.04
C PRO EA 102 -17.15 26.31 -15.96
N THR EA 103 -17.01 24.97 -16.00
CA THR EA 103 -16.34 24.18 -14.96
C THR EA 103 -15.17 23.35 -15.52
N LEU EA 104 -13.89 23.58 -15.16
CA LEU EA 104 -12.80 22.72 -15.61
C LEU EA 104 -12.59 21.76 -14.50
N LEU EA 105 -12.68 20.50 -14.87
CA LEU EA 105 -12.49 19.39 -13.94
C LEU EA 105 -11.20 18.63 -14.20
N THR EA 106 -10.74 17.79 -13.29
CA THR EA 106 -9.59 17.01 -13.62
C THR EA 106 -9.88 15.53 -13.49
N GLU EA 107 -9.17 14.72 -14.26
CA GLU EA 107 -9.26 13.27 -14.09
C GLU EA 107 -7.85 12.69 -13.93
N ALA EA 108 -7.80 11.41 -13.62
CA ALA EA 108 -6.56 10.71 -13.45
C ALA EA 108 -5.96 10.18 -14.74
N PRO EA 109 -4.66 9.86 -14.69
CA PRO EA 109 -3.93 9.31 -15.79
C PRO EA 109 -4.56 8.30 -16.75
N LEU EA 110 -5.05 7.14 -16.38
CA LEU EA 110 -5.59 6.25 -17.41
C LEU EA 110 -7.05 6.06 -17.04
N ASN EA 111 -7.74 7.17 -16.77
CA ASN EA 111 -9.13 7.22 -16.37
C ASN EA 111 -9.95 6.59 -17.48
N PRO EA 112 -10.72 5.58 -17.14
CA PRO EA 112 -11.56 4.86 -18.09
C PRO EA 112 -12.49 5.75 -18.88
N LYS EA 113 -12.48 5.59 -20.20
CA LYS EA 113 -13.27 6.40 -21.16
C LYS EA 113 -14.70 6.72 -20.73
N ALA EA 114 -15.27 5.66 -20.13
CA ALA EA 114 -16.62 5.64 -19.65
C ALA EA 114 -16.92 6.56 -18.48
N ASN EA 115 -15.91 6.80 -17.62
CA ASN EA 115 -15.98 7.70 -16.49
C ASN EA 115 -16.00 9.14 -16.97
N ARG EA 116 -15.11 9.48 -17.94
CA ARG EA 116 -14.98 10.85 -18.46
C ARG EA 116 -16.30 11.16 -19.12
N GLU EA 117 -16.92 10.20 -19.82
CA GLU EA 117 -18.29 10.37 -20.29
C GLU EA 117 -19.32 10.45 -19.14
N LYS EA 118 -19.17 9.73 -18.03
CA LYS EA 118 -20.15 9.79 -16.96
C LYS EA 118 -20.12 11.10 -16.20
N MET EA 119 -18.97 11.63 -15.80
CA MET EA 119 -18.94 12.91 -15.13
C MET EA 119 -19.36 14.07 -16.03
N THR EA 120 -19.37 13.83 -17.33
CA THR EA 120 -19.83 14.83 -18.25
C THR EA 120 -21.35 14.76 -18.25
N GLN EA 121 -21.89 13.54 -18.29
CA GLN EA 121 -23.30 13.29 -18.17
C GLN EA 121 -23.81 13.96 -16.90
N ILE EA 122 -23.14 13.86 -15.73
CA ILE EA 122 -23.59 14.46 -14.49
C ILE EA 122 -23.34 15.95 -14.46
N MET EA 123 -22.26 16.44 -15.07
CA MET EA 123 -22.03 17.87 -15.05
C MET EA 123 -23.12 18.55 -15.84
N PHE EA 124 -23.31 18.16 -17.09
CA PHE EA 124 -24.31 18.79 -17.95
C PHE EA 124 -25.73 18.42 -17.61
N GLU EA 125 -26.02 17.14 -17.34
CA GLU EA 125 -27.41 16.77 -17.09
C GLU EA 125 -27.88 16.92 -15.66
N THR EA 126 -27.11 16.87 -14.54
CA THR EA 126 -27.75 17.12 -13.27
C THR EA 126 -27.29 18.48 -12.74
N PHE EA 127 -26.14 19.07 -13.10
CA PHE EA 127 -25.78 20.41 -12.59
C PHE EA 127 -26.04 21.58 -13.54
N ASN EA 128 -26.22 21.21 -14.81
CA ASN EA 128 -26.60 22.12 -15.89
C ASN EA 128 -25.57 23.24 -16.00
N VAL EA 129 -24.27 22.89 -16.04
CA VAL EA 129 -23.24 23.91 -16.17
C VAL EA 129 -23.25 24.41 -17.64
N PRO EA 130 -22.89 25.66 -18.03
CA PRO EA 130 -22.90 26.10 -19.42
C PRO EA 130 -21.97 25.30 -20.32
N ALA EA 131 -20.77 25.07 -19.80
CA ALA EA 131 -19.70 24.35 -20.48
C ALA EA 131 -18.73 23.77 -19.47
N MET EA 132 -18.02 22.73 -19.87
CA MET EA 132 -17.05 22.09 -19.02
C MET EA 132 -15.89 21.51 -19.82
N TYR EA 133 -14.93 20.84 -19.16
CA TYR EA 133 -13.69 20.40 -19.80
C TYR EA 133 -13.03 19.52 -18.78
N VAL EA 134 -12.41 18.40 -19.15
CA VAL EA 134 -11.76 17.53 -18.20
C VAL EA 134 -10.25 17.54 -18.55
N ALA EA 135 -9.33 18.10 -17.75
CA ALA EA 135 -7.89 17.99 -18.03
C ALA EA 135 -7.20 16.82 -17.31
N ILE EA 136 -6.11 16.22 -17.77
CA ILE EA 136 -5.50 15.09 -17.05
C ILE EA 136 -4.60 15.75 -16.04
N GLN EA 137 -4.54 15.18 -14.84
CA GLN EA 137 -3.83 15.86 -13.77
C GLN EA 137 -2.36 16.12 -14.01
N ALA EA 138 -1.49 15.13 -14.27
CA ALA EA 138 -0.08 15.40 -14.58
C ALA EA 138 0.19 16.45 -15.66
N VAL EA 139 -0.74 16.47 -16.61
CA VAL EA 139 -0.65 17.41 -17.70
C VAL EA 139 -0.83 18.83 -17.17
N LEU EA 140 -1.73 19.10 -16.21
CA LEU EA 140 -1.87 20.44 -15.65
C LEU EA 140 -0.70 20.78 -14.74
N SER EA 141 -0.15 19.78 -14.09
CA SER EA 141 0.99 20.07 -13.25
C SER EA 141 2.15 20.54 -14.08
N LEU EA 142 2.43 19.86 -15.21
CA LEU EA 142 3.56 20.22 -16.07
C LEU EA 142 3.53 21.64 -16.63
N TYR EA 143 2.32 21.87 -17.09
CA TYR EA 143 1.99 23.12 -17.74
C TYR EA 143 2.07 24.30 -16.77
N ALA EA 144 1.66 24.09 -15.53
CA ALA EA 144 1.80 25.10 -14.49
C ALA EA 144 3.29 25.35 -14.20
N SER EA 145 4.23 24.47 -14.62
CA SER EA 145 5.65 24.76 -14.42
C SER EA 145 6.24 25.33 -15.70
N GLY EA 146 5.35 25.91 -16.52
CA GLY EA 146 5.69 26.51 -17.78
C GLY EA 146 5.73 25.51 -18.93
N ARG EA 147 6.33 24.32 -18.81
CA ARG EA 147 6.56 23.49 -19.98
C ARG EA 147 5.51 22.54 -20.55
N THR EA 148 5.87 21.90 -21.67
CA THR EA 148 4.99 21.00 -22.39
C THR EA 148 5.47 19.58 -22.62
N THR EA 149 6.75 19.38 -22.40
CA THR EA 149 7.35 18.06 -22.45
C THR EA 149 8.14 18.03 -21.15
N GLY EA 150 7.97 16.87 -20.54
CA GLY EA 150 8.59 16.50 -19.29
C GLY EA 150 7.96 15.23 -18.78
N ILE EA 151 8.33 14.74 -17.60
CA ILE EA 151 7.67 13.58 -17.02
C ILE EA 151 7.30 14.05 -15.61
N VAL EA 152 6.03 13.89 -15.23
CA VAL EA 152 5.58 14.29 -13.90
C VAL EA 152 5.57 13.10 -12.93
N LEU EA 153 6.20 13.22 -11.75
CA LEU EA 153 6.00 12.21 -10.73
C LEU EA 153 4.92 12.87 -9.91
N ASP EA 154 3.73 12.28 -9.94
CA ASP EA 154 2.61 12.86 -9.24
C ASP EA 154 2.21 11.94 -8.11
N SER EA 155 2.09 12.48 -6.88
CA SER EA 155 1.89 11.72 -5.63
C SER EA 155 1.07 12.42 -4.56
N GLY EA 156 -0.11 11.89 -4.32
CA GLY EA 156 -0.98 12.58 -3.40
C GLY EA 156 -1.37 11.75 -2.22
N ASP EA 157 -2.68 11.55 -2.10
CA ASP EA 157 -3.13 10.80 -0.98
C ASP EA 157 -3.37 9.32 -1.22
N GLY EA 158 -3.97 8.84 -2.29
CA GLY EA 158 -4.13 7.42 -2.52
C GLY EA 158 -3.23 6.90 -3.68
N VAL EA 159 -2.77 7.66 -4.70
CA VAL EA 159 -1.94 7.16 -5.82
C VAL EA 159 -0.69 7.96 -6.08
N THR EA 160 0.31 7.25 -6.66
CA THR EA 160 1.51 7.83 -7.26
C THR EA 160 1.54 7.45 -8.73
N HIS EA 161 2.05 8.35 -9.57
CA HIS EA 161 2.00 8.15 -11.01
C HIS EA 161 3.25 8.75 -11.55
N ASN EA 162 3.57 8.30 -12.76
CA ASN EA 162 4.62 8.89 -13.60
C ASN EA 162 3.97 9.15 -14.93
N VAL EA 163 3.83 10.38 -15.40
CA VAL EA 163 3.12 10.53 -16.66
C VAL EA 163 4.04 11.31 -17.57
N PRO EA 164 4.68 10.62 -18.53
CA PRO EA 164 5.57 11.22 -19.50
C PRO EA 164 4.67 11.98 -20.47
N ILE EA 165 4.92 13.28 -20.70
CA ILE EA 165 4.11 14.09 -21.62
C ILE EA 165 4.97 14.70 -22.71
N TYR EA 166 4.57 14.60 -23.98
CA TYR EA 166 5.34 15.15 -25.09
C TYR EA 166 4.49 16.12 -25.89
N GLU EA 167 4.91 17.39 -25.92
CA GLU EA 167 4.17 18.45 -26.58
C GLU EA 167 2.67 18.45 -26.31
N GLY EA 168 2.43 18.03 -25.07
CA GLY EA 168 1.14 18.09 -24.44
C GLY EA 168 0.40 16.79 -24.35
N TYR EA 169 0.76 15.80 -25.16
CA TYR EA 169 0.05 14.54 -25.17
C TYR EA 169 0.72 13.57 -24.20
N ALA EA 170 -0.01 13.24 -23.12
CA ALA EA 170 0.43 12.27 -22.12
C ALA EA 170 0.55 10.93 -22.81
N LEU EA 171 1.64 10.21 -22.54
CA LEU EA 171 1.95 9.00 -23.29
C LEU EA 171 1.41 7.74 -22.63
N PRO EA 172 0.21 7.31 -22.99
CA PRO EA 172 -0.47 6.16 -22.38
C PRO EA 172 0.30 4.91 -21.99
N HIS EA 173 1.11 4.45 -22.92
CA HIS EA 173 1.90 3.24 -22.69
C HIS EA 173 3.15 3.48 -21.85
N ALA EA 174 3.41 4.64 -21.29
CA ALA EA 174 4.65 4.77 -20.55
C ALA EA 174 4.37 5.18 -19.11
N ILE EA 175 3.09 5.52 -18.84
CA ILE EA 175 2.51 5.88 -17.52
C ILE EA 175 2.61 4.72 -16.53
N MET EA 176 3.04 4.98 -15.28
CA MET EA 176 3.16 3.96 -14.24
C MET EA 176 2.42 4.49 -13.04
N ARG EA 177 1.76 3.55 -12.39
CA ARG EA 177 0.99 3.84 -11.21
C ARG EA 177 1.49 2.96 -10.06
N LEU EA 178 1.73 3.60 -8.93
CA LEU EA 178 2.20 2.92 -7.76
C LEU EA 178 1.19 3.30 -6.69
N ASP EA 179 0.37 2.35 -6.23
CA ASP EA 179 -0.60 2.57 -5.16
C ASP EA 179 0.01 2.63 -3.74
N LEU EA 180 0.90 3.61 -3.46
CA LEU EA 180 1.41 3.85 -2.11
C LEU EA 180 1.62 5.34 -2.10
N ALA EA 181 0.94 6.05 -1.21
CA ALA EA 181 1.03 7.49 -1.15
C ALA EA 181 0.97 8.02 0.27
N GLY EA 182 0.58 9.29 0.49
CA GLY EA 182 0.59 9.94 1.79
C GLY EA 182 -0.25 9.30 2.88
N ARG EA 183 -1.32 8.61 2.49
CA ARG EA 183 -2.26 7.89 3.36
C ARG EA 183 -1.51 6.71 3.94
N ASP EA 184 -0.91 5.87 3.08
CA ASP EA 184 -0.08 4.73 3.43
C ASP EA 184 1.06 5.19 4.34
N LEU EA 185 1.66 6.33 3.99
CA LEU EA 185 2.77 6.95 4.71
C LEU EA 185 2.51 7.47 6.12
N THR EA 186 1.26 7.90 6.39
CA THR EA 186 0.87 8.35 7.72
C THR EA 186 0.68 7.10 8.58
N ASP EA 187 0.21 5.99 8.00
CA ASP EA 187 -0.06 4.82 8.80
C ASP EA 187 1.20 4.08 9.13
N TYR EA 188 2.23 4.23 8.31
CA TYR EA 188 3.50 3.61 8.60
C TYR EA 188 4.19 4.43 9.68
N LEU EA 189 4.10 5.76 9.65
CA LEU EA 189 4.75 6.57 10.68
C LEU EA 189 4.17 6.19 12.01
N MET EA 190 2.84 6.06 12.01
CA MET EA 190 2.03 5.67 13.14
C MET EA 190 2.64 4.49 13.89
N LYS EA 191 2.87 3.41 13.13
CA LYS EA 191 3.47 2.23 13.69
C LYS EA 191 4.90 2.58 14.05
N ILE EA 192 5.83 3.14 13.27
CA ILE EA 192 7.19 3.38 13.81
C ILE EA 192 7.29 4.32 14.99
N LEU EA 193 6.20 5.03 15.28
CA LEU EA 193 6.13 5.96 16.36
C LEU EA 193 5.51 5.27 17.58
N THR EA 194 4.57 4.32 17.42
CA THR EA 194 4.09 3.55 18.56
C THR EA 194 5.18 2.59 18.99
N GLU EA 195 5.91 2.12 17.96
CA GLU EA 195 7.06 1.24 18.04
C GLU EA 195 8.23 1.97 18.73
N ARG EA 196 8.29 3.31 18.68
CA ARG EA 196 9.25 4.11 19.46
C ARG EA 196 8.86 4.11 20.95
N GLY EA 197 7.74 3.45 21.29
CA GLY EA 197 7.25 3.32 22.64
C GLY EA 197 6.20 4.37 22.89
N TYR EA 198 5.10 4.39 22.10
CA TYR EA 198 4.05 5.41 22.24
C TYR EA 198 2.68 4.84 22.02
N SER EA 199 1.70 5.75 22.25
CA SER EA 199 0.30 5.42 22.07
C SER EA 199 -0.57 6.56 21.57
N PHE EA 200 -1.10 6.23 20.40
CA PHE EA 200 -2.03 7.10 19.72
C PHE EA 200 -3.29 6.26 19.86
N VAL EA 201 -3.83 6.69 20.99
CA VAL EA 201 -4.97 5.98 21.54
C VAL EA 201 -6.28 6.64 21.18
N THR EA 202 -6.58 7.87 21.65
CA THR EA 202 -7.84 8.54 21.29
C THR EA 202 -7.75 9.12 19.88
N THR EA 203 -8.88 9.57 19.30
CA THR EA 203 -8.88 10.07 17.93
C THR EA 203 -8.12 11.39 17.81
N ALA EA 204 -7.93 12.11 18.92
CA ALA EA 204 -7.09 13.31 18.93
C ALA EA 204 -5.58 13.01 18.96
N GLU EA 205 -5.24 11.72 19.08
CA GLU EA 205 -3.89 11.27 19.02
C GLU EA 205 -3.71 10.78 17.59
N ARG EA 206 -4.62 9.93 17.07
CA ARG EA 206 -4.56 9.47 15.67
C ARG EA 206 -4.30 10.59 14.62
N GLU EA 207 -5.16 11.61 14.59
CA GLU EA 207 -5.17 12.65 13.56
C GLU EA 207 -3.88 13.44 13.45
N ILE EA 208 -3.29 13.75 14.60
CA ILE EA 208 -2.08 14.54 14.67
C ILE EA 208 -0.80 13.80 14.25
N VAL EA 209 -0.79 12.45 14.08
CA VAL EA 209 0.39 11.74 13.57
C VAL EA 209 0.61 12.23 12.14
N ARG EA 210 -0.49 12.54 11.46
CA ARG EA 210 -0.47 13.08 10.13
C ARG EA 210 0.14 14.48 10.14
N ASP EA 211 -0.09 15.29 11.18
CA ASP EA 211 0.48 16.64 11.26
C ASP EA 211 1.95 16.60 11.68
N ILE EA 212 2.35 15.48 12.30
CA ILE EA 212 3.76 15.22 12.61
C ILE EA 212 4.46 14.93 11.28
N LYS EA 213 3.96 13.94 10.50
CA LYS EA 213 4.43 13.60 9.16
C LYS EA 213 4.62 14.84 8.32
N GLU EA 214 3.62 15.69 8.19
CA GLU EA 214 3.75 16.91 7.37
C GLU EA 214 4.82 17.85 7.93
N LYS EA 215 4.79 18.27 9.20
CA LYS EA 215 5.74 19.25 9.76
C LYS EA 215 7.22 18.84 9.95
N LEU EA 216 7.42 17.67 10.54
CA LEU EA 216 8.74 17.18 10.89
C LEU EA 216 9.35 16.19 9.94
N CYS EA 217 8.63 15.48 9.06
CA CYS EA 217 9.30 14.56 8.14
C CYS EA 217 10.09 15.11 6.97
N TYR EA 218 11.16 14.30 6.77
CA TYR EA 218 12.29 14.58 5.88
C TYR EA 218 12.61 13.47 4.91
N VAL EA 219 13.21 13.79 3.77
CA VAL EA 219 13.76 12.74 2.90
C VAL EA 219 15.21 13.11 2.85
N ALA EA 220 15.90 12.27 3.55
CA ALA EA 220 17.32 12.41 3.54
C ALA EA 220 17.93 11.73 2.31
N LEU EA 221 18.96 12.43 1.90
CA LEU EA 221 19.90 11.98 0.91
C LEU EA 221 20.97 11.32 1.76
N ASP EA 222 21.32 10.13 1.27
CA ASP EA 222 22.19 9.19 1.98
C ASP EA 222 21.55 8.87 3.33
N PHE EA 223 20.47 8.11 3.10
CA PHE EA 223 19.58 7.62 4.15
C PHE EA 223 20.28 6.53 4.95
N GLU EA 224 21.37 6.04 4.33
CA GLU EA 224 22.34 5.07 4.83
C GLU EA 224 23.09 5.56 6.08
N ASN EA 225 23.91 6.59 5.82
CA ASN EA 225 24.67 7.25 6.85
C ASN EA 225 23.89 8.41 7.41
N GLU EA 226 22.60 8.15 7.67
CA GLU EA 226 21.71 9.08 8.34
C GLU EA 226 21.13 8.34 9.57
N MET EA 227 20.95 7.02 9.36
CA MET EA 227 20.67 6.05 10.41
C MET EA 227 21.93 6.00 11.27
N ALA EA 228 23.11 5.83 10.62
CA ALA EA 228 24.42 5.85 11.28
C ALA EA 228 24.59 7.11 12.13
N THR EA 229 24.21 8.25 11.56
CA THR EA 229 24.19 9.53 12.27
C THR EA 229 23.26 9.50 13.49
N ALA EA 230 22.09 8.86 13.31
CA ALA EA 230 21.05 8.78 14.35
C ALA EA 230 21.59 8.20 15.64
N ALA EA 231 22.43 7.15 15.45
CA ALA EA 231 23.10 6.37 16.50
C ALA EA 231 24.15 7.11 17.36
N SER EA 232 25.04 7.89 16.72
CA SER EA 232 25.99 8.76 17.40
C SER EA 232 25.25 9.80 18.26
N SER EA 233 23.97 10.01 17.86
CA SER EA 233 22.98 10.93 18.43
C SER EA 233 23.50 12.32 18.68
N SER EA 234 23.21 12.91 17.51
CA SER EA 234 23.42 14.31 17.28
C SER EA 234 22.13 15.00 17.73
N SER EA 235 22.15 16.32 17.51
CA SER EA 235 20.98 17.13 17.74
C SER EA 235 20.14 17.04 16.43
N LEU EA 236 19.86 15.78 16.00
CA LEU EA 236 19.02 15.46 14.86
C LEU EA 236 17.56 15.29 15.34
N GLU EA 237 17.37 14.85 16.60
CA GLU EA 237 16.05 14.66 17.24
C GLU EA 237 15.04 15.82 17.16
N LYS EA 238 13.73 15.53 17.23
CA LYS EA 238 12.76 16.61 17.17
C LYS EA 238 11.48 16.32 17.93
N SER EA 239 11.29 17.07 19.02
CA SER EA 239 10.08 16.95 19.83
C SER EA 239 8.98 17.95 19.49
N TYR EA 240 7.80 17.34 19.31
CA TYR EA 240 6.54 17.99 18.98
C TYR EA 240 5.67 18.00 20.22
N GLU EA 241 5.00 19.11 20.57
CA GLU EA 241 4.04 19.13 21.70
C GLU EA 241 2.63 18.80 21.22
N LEU EA 242 2.05 17.75 21.82
CA LEU EA 242 0.74 17.21 21.42
C LEU EA 242 -0.47 18.15 21.65
N PRO EA 243 -1.81 17.82 21.52
CA PRO EA 243 -2.92 18.78 21.78
C PRO EA 243 -2.83 19.46 23.16
N ASP EA 244 -2.32 18.62 24.10
CA ASP EA 244 -1.94 18.97 25.47
C ASP EA 244 -0.38 19.09 25.60
N GLY EA 245 0.19 18.98 26.82
CA GLY EA 245 1.62 19.10 27.10
C GLY EA 245 2.47 18.00 26.51
N GLN EA 246 2.06 16.74 26.75
CA GLN EA 246 2.68 15.50 26.27
C GLN EA 246 3.63 15.57 25.06
N VAL EA 247 4.79 16.11 25.40
CA VAL EA 247 5.85 16.31 24.43
C VAL EA 247 6.44 14.97 23.97
N ILE EA 248 6.10 14.72 22.71
CA ILE EA 248 6.56 13.51 22.08
C ILE EA 248 7.85 13.80 21.32
N THR EA 249 8.84 12.90 21.35
CA THR EA 249 10.08 13.09 20.61
C THR EA 249 10.20 12.06 19.46
N ILE EA 250 10.70 12.63 18.35
CA ILE EA 250 10.87 11.94 17.09
C ILE EA 250 12.23 12.42 16.64
N GLY EA 251 13.17 11.51 16.67
CA GLY EA 251 14.48 11.88 16.21
C GLY EA 251 14.68 11.46 14.79
N ASN EA 252 14.79 10.14 14.82
CA ASN EA 252 15.21 9.27 13.74
C ASN EA 252 14.09 8.96 12.72
N GLU EA 253 12.99 8.27 13.08
CA GLU EA 253 11.79 7.93 12.25
C GLU EA 253 11.21 8.97 11.31
N ARG EA 254 11.50 10.19 11.74
CA ARG EA 254 11.35 11.42 10.98
C ARG EA 254 11.64 11.25 9.44
N PHE EA 255 12.69 10.47 9.09
CA PHE EA 255 13.07 10.20 7.69
C PHE EA 255 12.85 8.74 7.31
N ARG EA 256 12.62 7.86 8.28
CA ARG EA 256 12.35 6.45 7.99
C ARG EA 256 11.01 6.32 7.26
N CYS EA 257 10.15 7.32 7.47
CA CYS EA 257 8.82 7.39 6.84
C CYS EA 257 8.95 7.72 5.32
N PRO EA 258 9.55 8.80 4.80
CA PRO EA 258 9.71 9.01 3.37
C PRO EA 258 10.72 8.02 2.74
N GLU EA 259 11.69 7.38 3.45
CA GLU EA 259 12.53 6.31 2.87
C GLU EA 259 11.51 5.23 2.42
N THR EA 260 10.24 5.19 2.86
CA THR EA 260 9.29 4.20 2.36
C THR EA 260 9.02 4.44 0.89
N LEU EA 261 8.92 5.69 0.45
CA LEU EA 261 8.76 5.97 -0.98
C LEU EA 261 9.87 5.43 -1.92
N PHE EA 262 11.13 5.21 -1.46
CA PHE EA 262 12.20 4.62 -2.26
C PHE EA 262 12.33 3.13 -2.02
N GLN EA 263 11.94 2.70 -0.82
CA GLN EA 263 11.93 1.31 -0.41
C GLN EA 263 10.50 0.95 0.03
N PRO EA 264 9.67 0.35 -0.85
CA PRO EA 264 8.32 -0.07 -0.57
C PRO EA 264 8.35 -1.30 0.34
N SER EA 265 9.54 -1.96 0.40
CA SER EA 265 9.83 -3.13 1.25
C SER EA 265 9.69 -2.89 2.78
N PHE EA 266 9.74 -1.60 3.17
CA PHE EA 266 9.49 -1.10 4.51
C PHE EA 266 8.06 -1.35 4.93
N ILE EA 267 7.21 -1.54 3.92
CA ILE EA 267 5.81 -1.75 4.19
C ILE EA 267 5.24 -2.99 3.51
N GLY EA 268 6.07 -4.01 3.30
CA GLY EA 268 5.54 -5.22 2.71
C GLY EA 268 5.03 -5.03 1.29
N MET EA 269 5.54 -3.97 0.65
CA MET EA 269 5.28 -3.83 -0.77
C MET EA 269 6.46 -4.38 -1.56
N GLU EA 270 6.10 -5.21 -2.55
CA GLU EA 270 7.07 -5.81 -3.49
C GLU EA 270 7.33 -5.01 -4.78
N SER EA 271 6.52 -3.97 -5.02
CA SER EA 271 6.67 -3.05 -6.14
C SER EA 271 7.99 -2.31 -6.04
N ALA EA 272 8.39 -1.76 -7.19
CA ALA EA 272 9.59 -0.92 -7.27
C ALA EA 272 9.34 0.47 -6.66
N GLY EA 273 10.34 1.31 -6.45
CA GLY EA 273 10.08 2.59 -5.82
C GLY EA 273 10.18 3.77 -6.77
N ILE EA 274 9.60 4.91 -6.33
CA ILE EA 274 9.56 6.20 -7.02
C ILE EA 274 10.64 6.48 -8.08
N HIS EA 275 11.93 6.38 -7.72
CA HIS EA 275 13.04 6.68 -8.61
C HIS EA 275 13.28 5.69 -9.72
N GLU EA 276 13.09 4.42 -9.40
CA GLU EA 276 13.23 3.36 -10.38
C GLU EA 276 12.10 3.47 -11.32
N THR EA 277 10.94 3.82 -10.80
CA THR EA 277 9.74 3.91 -11.59
C THR EA 277 9.85 5.11 -12.50
N THR EA 278 10.40 6.25 -12.09
CA THR EA 278 10.65 7.41 -12.94
C THR EA 278 11.44 6.98 -14.21
N TYR EA 279 12.45 6.19 -13.88
CA TYR EA 279 13.37 5.66 -14.82
C TYR EA 279 12.67 4.69 -15.69
N ASN EA 280 11.92 3.72 -15.18
CA ASN EA 280 11.38 2.70 -16.06
C ASN EA 280 10.40 3.27 -17.06
N SER EA 281 9.69 4.34 -16.66
CA SER EA 281 8.72 5.05 -17.48
C SER EA 281 9.49 5.54 -18.69
N ILE EA 282 10.67 6.09 -18.33
CA ILE EA 282 11.58 6.70 -19.28
C ILE EA 282 12.16 5.63 -20.16
N MET EA 283 12.67 4.45 -19.76
CA MET EA 283 13.15 3.53 -20.78
C MET EA 283 12.02 2.75 -21.50
N LYS EA 284 10.73 3.17 -21.30
CA LYS EA 284 9.54 2.69 -22.04
C LYS EA 284 9.07 3.67 -23.13
N CYS EA 285 9.70 4.84 -23.18
CA CYS EA 285 9.38 5.89 -24.14
C CYS EA 285 10.28 5.87 -25.35
N ASP EA 286 9.96 6.64 -26.39
CA ASP EA 286 10.83 6.72 -27.54
C ASP EA 286 12.14 7.32 -27.04
N ILE EA 287 13.16 6.79 -27.72
CA ILE EA 287 14.62 7.04 -27.56
C ILE EA 287 15.12 8.49 -27.74
N ASP EA 288 14.56 9.08 -28.80
CA ASP EA 288 14.84 10.45 -29.14
C ASP EA 288 14.21 11.36 -28.10
N ILE EA 289 13.11 10.97 -27.39
CA ILE EA 289 12.52 11.88 -26.41
C ILE EA 289 13.10 11.71 -25.03
N ARG EA 290 13.87 10.66 -24.77
CA ARG EA 290 14.42 10.45 -23.45
C ARG EA 290 15.36 11.58 -23.03
N LYS EA 291 16.11 12.39 -23.82
CA LYS EA 291 16.89 13.44 -23.15
C LYS EA 291 15.97 14.52 -22.54
N ASP EA 292 14.78 14.71 -23.17
CA ASP EA 292 13.83 15.74 -22.77
C ASP EA 292 13.21 15.41 -21.43
N LEU EA 293 12.63 14.21 -21.33
CA LEU EA 293 12.08 13.74 -20.10
C LEU EA 293 13.09 13.81 -18.95
N TYR EA 294 14.36 13.47 -19.20
CA TYR EA 294 15.35 13.51 -18.13
C TYR EA 294 15.66 14.88 -17.61
N ALA EA 295 15.61 15.88 -18.45
CA ALA EA 295 15.90 17.21 -17.94
C ALA EA 295 14.63 17.90 -17.45
N ASN EA 296 13.51 17.14 -17.33
CA ASN EA 296 12.26 17.75 -16.94
C ASN EA 296 11.38 16.83 -16.14
N ASN EA 297 11.88 16.49 -14.96
CA ASN EA 297 11.18 15.67 -14.00
C ASN EA 297 10.46 16.66 -13.12
N VAL EA 298 9.19 16.86 -13.36
CA VAL EA 298 8.44 17.84 -12.60
C VAL EA 298 7.76 17.01 -11.55
N MET EA 299 7.82 17.55 -10.33
CA MET EA 299 7.14 16.93 -9.22
C MET EA 299 5.87 17.66 -8.80
N SER EA 300 4.81 16.91 -8.55
CA SER EA 300 3.66 17.55 -7.97
C SER EA 300 2.97 16.59 -7.01
N GLY EA 301 2.19 17.16 -6.09
CA GLY EA 301 1.44 16.38 -5.12
C GLY EA 301 1.88 16.56 -3.67
N GLY EA 302 0.90 16.47 -2.75
CA GLY EA 302 1.16 16.65 -1.33
C GLY EA 302 2.30 15.77 -0.83
N THR EA 303 2.39 14.52 -1.22
CA THR EA 303 3.40 13.65 -0.69
C THR EA 303 4.77 13.94 -1.28
N THR EA 304 4.95 14.78 -2.31
CA THR EA 304 6.30 15.09 -2.83
C THR EA 304 6.88 16.32 -2.17
N MET EA 305 6.21 16.79 -1.09
CA MET EA 305 6.61 18.00 -0.39
C MET EA 305 7.66 17.77 0.69
N TYR EA 306 7.88 16.50 1.14
CA TYR EA 306 8.90 16.16 2.14
C TYR EA 306 10.22 16.82 1.78
N PRO EA 307 10.83 17.78 2.49
CA PRO EA 307 12.11 18.37 2.11
C PRO EA 307 13.19 17.33 1.73
N GLY EA 308 14.03 17.67 0.73
CA GLY EA 308 15.14 16.84 0.30
C GLY EA 308 14.76 15.65 -0.55
N ILE EA 309 13.54 15.76 -1.07
CA ILE EA 309 12.94 14.74 -1.93
C ILE EA 309 13.53 14.82 -3.31
N ALA EA 310 13.75 16.08 -3.69
CA ALA EA 310 14.27 16.45 -4.98
C ALA EA 310 15.74 16.05 -5.03
N ASP EA 311 16.59 16.36 -4.00
CA ASP EA 311 18.02 15.99 -3.97
C ASP EA 311 18.22 14.49 -4.03
N ARG EA 312 17.44 13.73 -3.25
CA ARG EA 312 17.47 12.28 -3.27
C ARG EA 312 17.09 11.84 -4.68
N MET EA 313 16.03 12.37 -5.32
CA MET EA 313 15.63 11.93 -6.65
C MET EA 313 16.62 12.27 -7.74
N GLN EA 314 17.31 13.40 -7.52
CA GLN EA 314 18.34 13.95 -8.37
C GLN EA 314 19.45 12.97 -8.52
N LYS EA 315 19.91 12.53 -7.36
CA LYS EA 315 20.97 11.56 -7.28
C LYS EA 315 20.51 10.15 -7.51
N GLU EA 316 19.23 9.91 -7.32
CA GLU EA 316 18.74 8.58 -7.56
C GLU EA 316 18.71 8.28 -9.05
N ILE EA 317 18.24 9.25 -9.87
CA ILE EA 317 18.21 8.94 -11.28
C ILE EA 317 19.51 9.29 -11.96
N THR EA 318 20.39 10.21 -11.51
CA THR EA 318 21.67 10.44 -12.18
C THR EA 318 22.44 9.13 -12.28
N ALA EA 319 22.47 8.49 -11.11
CA ALA EA 319 23.13 7.21 -10.99
C ALA EA 319 22.41 5.99 -11.60
N LEU EA 320 21.34 6.19 -12.39
CA LEU EA 320 20.73 5.10 -13.15
C LEU EA 320 20.72 5.42 -14.64
N ALA EA 321 20.77 6.73 -14.91
CA ALA EA 321 20.77 7.27 -16.25
C ALA EA 321 22.16 7.25 -16.90
N PRO EA 322 22.30 7.11 -18.24
CA PRO EA 322 23.59 7.09 -18.94
C PRO EA 322 24.33 8.40 -18.70
N SER EA 323 25.62 8.49 -18.29
CA SER EA 323 26.28 9.77 -17.96
C SER EA 323 26.31 10.93 -18.94
N THR EA 324 26.01 10.58 -20.18
CA THR EA 324 25.89 11.52 -21.29
C THR EA 324 24.63 12.40 -21.11
N MET EA 325 23.81 12.07 -20.10
CA MET EA 325 22.54 12.69 -19.89
C MET EA 325 22.54 13.78 -18.85
N LYS EA 326 21.64 14.70 -19.10
CA LYS EA 326 21.36 15.77 -18.17
C LYS EA 326 20.09 15.37 -17.40
N ILE EA 327 20.22 15.35 -16.08
CA ILE EA 327 19.13 15.04 -15.17
C ILE EA 327 18.61 16.40 -14.70
N LYS EA 328 17.30 16.59 -14.45
CA LYS EA 328 16.83 17.83 -13.83
C LYS EA 328 15.45 17.64 -13.21
N ILE EA 329 15.49 17.68 -11.86
CA ILE EA 329 14.32 17.46 -11.00
C ILE EA 329 13.73 18.79 -10.53
N ILE EA 330 12.65 19.23 -11.18
CA ILE EA 330 11.96 20.44 -10.83
C ILE EA 330 10.88 20.05 -9.79
N ALA EA 331 10.94 20.75 -8.66
CA ALA EA 331 10.02 20.62 -7.55
C ALA EA 331 9.64 22.02 -7.09
N PRO EA 332 8.59 22.67 -7.58
CA PRO EA 332 8.21 24.01 -7.15
C PRO EA 332 7.62 24.01 -5.74
N PRO EA 333 7.57 25.17 -5.07
CA PRO EA 333 7.05 25.34 -3.71
C PRO EA 333 5.56 25.18 -3.63
N GLU EA 334 4.80 25.65 -4.62
CA GLU EA 334 3.39 25.51 -4.52
C GLU EA 334 2.99 24.10 -4.93
N ARG EA 335 3.87 23.14 -5.20
CA ARG EA 335 3.48 21.81 -5.69
C ARG EA 335 2.29 21.03 -5.13
N LYS EA 336 1.89 21.24 -3.87
CA LYS EA 336 0.67 20.61 -3.37
C LYS EA 336 -0.55 21.15 -4.15
N TYR EA 337 -0.51 22.28 -4.88
CA TYR EA 337 -1.57 22.71 -5.78
C TYR EA 337 -1.15 22.86 -7.27
N SER EA 338 -0.07 22.22 -7.78
CA SER EA 338 0.36 22.38 -9.18
C SER EA 338 -0.73 22.13 -10.18
N VAL EA 339 -1.35 20.97 -9.99
CA VAL EA 339 -2.49 20.50 -10.75
C VAL EA 339 -3.51 21.60 -10.85
N TRP EA 340 -3.91 22.19 -9.71
CA TRP EA 340 -4.99 23.16 -9.68
C TRP EA 340 -4.60 24.44 -10.39
N ILE EA 341 -3.34 24.86 -10.16
CA ILE EA 341 -2.85 26.12 -10.63
C ILE EA 341 -2.75 26.01 -12.13
N GLY EA 342 -2.33 24.85 -12.66
CA GLY EA 342 -2.23 24.60 -14.09
C GLY EA 342 -3.60 24.72 -14.74
N GLY EA 343 -4.65 24.35 -14.01
CA GLY EA 343 -6.01 24.44 -14.49
C GLY EA 343 -6.47 25.88 -14.47
N SER EA 344 -6.11 26.64 -13.42
CA SER EA 344 -6.46 28.04 -13.29
C SER EA 344 -5.92 28.89 -14.41
N ILE EA 345 -4.66 28.58 -14.76
CA ILE EA 345 -3.96 29.27 -15.83
C ILE EA 345 -4.66 28.98 -17.13
N LEU EA 346 -4.69 27.70 -17.46
CA LEU EA 346 -5.26 27.20 -18.69
C LEU EA 346 -6.68 27.70 -18.89
N ALA EA 347 -7.52 27.59 -17.86
CA ALA EA 347 -8.92 27.93 -18.04
C ALA EA 347 -9.13 29.42 -18.08
N SER EA 348 -8.23 30.22 -17.51
CA SER EA 348 -8.41 31.66 -17.61
C SER EA 348 -7.82 32.20 -18.92
N LEU EA 349 -6.99 31.37 -19.56
CA LEU EA 349 -6.39 31.68 -20.85
C LEU EA 349 -7.36 32.00 -21.97
N SER EA 350 -6.76 32.97 -22.65
CA SER EA 350 -7.23 33.62 -23.85
C SER EA 350 -7.51 32.59 -24.96
N THR EA 351 -6.72 31.52 -25.11
CA THR EA 351 -6.97 30.56 -26.18
C THR EA 351 -7.81 29.33 -25.88
N PHE EA 352 -8.21 29.19 -24.63
CA PHE EA 352 -8.89 27.99 -24.20
C PHE EA 352 -10.37 27.94 -24.48
N GLN EA 353 -10.86 29.14 -24.77
CA GLN EA 353 -12.27 29.33 -24.98
C GLN EA 353 -12.80 28.40 -26.04
N GLN EA 354 -12.04 28.23 -27.12
CA GLN EA 354 -12.44 27.33 -28.18
C GLN EA 354 -12.31 25.83 -27.87
N MET EA 355 -11.82 25.37 -26.67
CA MET EA 355 -11.91 23.95 -26.30
C MET EA 355 -12.99 23.62 -25.27
N TRP EA 356 -13.64 24.60 -24.63
CA TRP EA 356 -14.76 24.34 -23.72
C TRP EA 356 -15.86 23.48 -24.29
N ILE EA 357 -16.28 22.31 -23.76
CA ILE EA 357 -17.43 21.59 -24.33
C ILE EA 357 -18.73 22.28 -23.89
N THR EA 358 -19.50 22.85 -24.83
CA THR EA 358 -20.70 23.58 -24.46
C THR EA 358 -21.92 22.65 -24.50
N LYS EA 359 -22.98 22.99 -23.75
CA LYS EA 359 -24.26 22.27 -23.85
C LYS EA 359 -24.74 22.10 -25.27
N GLN EA 360 -24.36 23.01 -26.20
CA GLN EA 360 -24.68 22.93 -27.61
C GLN EA 360 -23.95 21.67 -28.05
N GLU EA 361 -22.60 21.58 -27.97
CA GLU EA 361 -21.90 20.35 -28.32
C GLU EA 361 -22.51 19.09 -27.70
N TYR EA 362 -22.80 19.14 -26.40
CA TYR EA 362 -23.35 17.98 -25.74
C TYR EA 362 -24.74 17.59 -26.21
N ASP EA 363 -25.74 18.47 -26.10
CA ASP EA 363 -27.12 18.13 -26.49
C ASP EA 363 -27.18 17.60 -27.91
N GLU EA 364 -26.18 17.99 -28.70
CA GLU EA 364 -26.06 17.51 -30.07
C GLU EA 364 -25.17 16.30 -30.31
N ALA EA 365 -24.09 16.04 -29.54
CA ALA EA 365 -23.17 14.91 -29.82
C ALA EA 365 -23.11 13.70 -28.85
N GLY EA 366 -23.78 13.87 -27.70
CA GLY EA 366 -23.79 12.88 -26.61
C GLY EA 366 -22.47 12.94 -25.84
N PRO EA 367 -22.27 12.22 -24.73
CA PRO EA 367 -21.08 12.37 -23.84
C PRO EA 367 -19.74 12.12 -24.53
N SER EA 368 -19.87 11.44 -25.67
CA SER EA 368 -18.82 11.14 -26.60
C SER EA 368 -18.03 12.39 -26.94
N ILE EA 369 -18.73 13.52 -27.18
CA ILE EA 369 -18.14 14.80 -27.54
C ILE EA 369 -16.91 15.24 -26.75
N VAL EA 370 -16.99 15.22 -25.41
CA VAL EA 370 -15.90 15.66 -24.55
C VAL EA 370 -14.89 14.55 -24.33
N HIS EA 371 -15.35 13.30 -24.54
CA HIS EA 371 -14.50 12.18 -24.29
C HIS EA 371 -13.19 12.23 -25.12
N ARG EA 372 -13.23 12.85 -26.31
CA ARG EA 372 -12.11 12.99 -27.25
C ARG EA 372 -11.78 11.55 -27.73
N ASP FA 1 34.09 -43.35 -25.73
CA ASP FA 1 33.34 -43.02 -24.50
C ASP FA 1 33.93 -41.80 -23.78
N GLU FA 2 35.27 -41.78 -23.81
CA GLU FA 2 36.15 -40.72 -23.33
C GLU FA 2 35.46 -39.36 -23.31
N ASP FA 3 34.88 -39.09 -24.47
CA ASP FA 3 34.01 -37.96 -24.59
C ASP FA 3 32.66 -38.30 -25.21
N GLU FA 4 32.36 -39.56 -25.65
CA GLU FA 4 31.03 -39.95 -26.19
C GLU FA 4 29.96 -39.69 -25.13
N THR FA 5 30.31 -40.07 -23.89
CA THR FA 5 29.49 -39.86 -22.69
C THR FA 5 29.50 -38.43 -22.14
N THR FA 6 30.76 -38.02 -22.22
CA THR FA 6 31.39 -36.84 -21.68
C THR FA 6 31.06 -35.48 -22.31
N ALA FA 7 30.46 -35.37 -23.51
CA ALA FA 7 30.15 -34.05 -24.07
C ALA FA 7 28.94 -33.45 -23.38
N LEU FA 8 29.06 -32.18 -23.00
CA LEU FA 8 27.98 -31.47 -22.31
C LEU FA 8 27.26 -30.57 -23.30
N VAL FA 9 25.97 -30.25 -23.13
CA VAL FA 9 25.34 -29.33 -24.05
C VAL FA 9 24.60 -28.37 -23.19
N CYS FA 10 25.01 -27.10 -23.32
CA CYS FA 10 24.42 -26.07 -22.52
C CYS FA 10 23.81 -25.02 -23.40
N ASP FA 11 22.48 -24.92 -23.37
CA ASP FA 11 21.79 -23.88 -24.10
C ASP FA 11 21.32 -22.72 -23.19
N ASN FA 12 21.99 -21.58 -23.33
CA ASN FA 12 21.79 -20.40 -22.51
C ASN FA 12 20.69 -19.56 -23.09
N GLY FA 13 19.63 -19.34 -22.32
CA GLY FA 13 18.51 -18.53 -22.77
C GLY FA 13 18.32 -17.30 -21.92
N SER FA 14 17.37 -16.54 -22.44
CA SER FA 14 16.95 -15.34 -21.77
C SER FA 14 16.12 -15.67 -20.54
N GLY FA 15 15.36 -16.76 -20.50
CA GLY FA 15 14.52 -17.10 -19.38
C GLY FA 15 15.04 -18.35 -18.72
N LEU FA 16 15.34 -19.40 -19.50
CA LEU FA 16 15.80 -20.70 -19.02
C LEU FA 16 17.16 -21.19 -19.51
N VAL FA 17 17.89 -21.99 -18.74
CA VAL FA 17 19.09 -22.65 -19.20
C VAL FA 17 18.61 -24.06 -19.49
N LYS FA 18 19.03 -24.74 -20.55
CA LYS FA 18 18.72 -26.14 -20.77
C LYS FA 18 20.08 -26.83 -20.82
N ALA FA 19 20.32 -27.91 -20.08
CA ALA FA 19 21.65 -28.49 -19.98
C ALA FA 19 21.57 -30.00 -19.81
N GLY FA 20 22.67 -30.71 -19.96
CA GLY FA 20 22.59 -32.16 -19.97
C GLY FA 20 23.76 -32.71 -20.76
N PHE FA 21 23.67 -34.02 -21.03
CA PHE FA 21 24.77 -34.72 -21.70
C PHE FA 21 24.38 -35.03 -23.12
N ALA FA 22 25.32 -34.83 -24.05
CA ALA FA 22 25.15 -35.16 -25.46
C ALA FA 22 24.91 -36.65 -25.41
N GLY FA 23 23.87 -37.05 -26.11
CA GLY FA 23 23.46 -38.43 -26.01
C GLY FA 23 22.04 -38.43 -25.49
N ASP FA 24 21.71 -37.76 -24.38
CA ASP FA 24 20.36 -37.77 -23.85
C ASP FA 24 19.34 -37.21 -24.83
N ASP FA 25 18.07 -37.52 -24.59
CA ASP FA 25 16.99 -37.11 -25.51
C ASP FA 25 16.36 -35.74 -25.22
N ALA FA 26 16.62 -35.31 -23.97
CA ALA FA 26 16.10 -34.07 -23.41
C ALA FA 26 17.05 -33.55 -22.34
N PRO FA 27 17.01 -32.23 -22.02
CA PRO FA 27 17.88 -31.64 -21.00
C PRO FA 27 17.75 -32.23 -19.60
N ARG FA 28 18.89 -32.55 -19.03
CA ARG FA 28 18.94 -33.04 -17.67
C ARG FA 28 18.64 -31.89 -16.72
N ALA FA 29 18.91 -30.65 -17.13
CA ALA FA 29 18.73 -29.52 -16.26
C ALA FA 29 18.10 -28.35 -16.97
N VAL FA 30 17.04 -27.83 -16.36
CA VAL FA 30 16.29 -26.71 -16.90
C VAL FA 30 15.99 -25.82 -15.70
N PHE FA 31 16.33 -24.54 -15.76
CA PHE FA 31 16.16 -23.67 -14.62
C PHE FA 31 16.26 -22.22 -14.95
N PRO FA 32 15.66 -21.26 -14.23
CA PRO FA 32 15.78 -19.85 -14.58
C PRO FA 32 17.20 -19.31 -14.58
N SER FA 33 17.30 -18.36 -15.48
CA SER FA 33 18.50 -17.67 -15.83
C SER FA 33 18.52 -16.42 -14.99
N ILE FA 34 18.53 -16.57 -13.65
CA ILE FA 34 18.65 -15.45 -12.74
C ILE FA 34 19.80 -15.61 -11.77
N VAL FA 35 20.22 -14.56 -11.11
CA VAL FA 35 21.29 -14.53 -10.15
C VAL FA 35 20.76 -13.52 -9.18
N GLY FA 36 20.48 -13.99 -7.98
CA GLY FA 36 19.92 -13.19 -6.93
C GLY FA 36 21.01 -12.81 -5.99
N ARG FA 37 20.88 -11.58 -5.52
CA ARG FA 37 21.86 -10.96 -4.63
C ARG FA 37 21.07 -10.48 -3.40
N PRO FA 38 21.23 -11.00 -2.18
CA PRO FA 38 20.46 -10.59 -1.01
C PRO FA 38 20.49 -9.12 -0.65
N ARG FA 39 19.27 -8.56 -0.61
CA ARG FA 39 19.09 -7.20 -0.15
C ARG FA 39 19.45 -6.96 1.31
N HIS FA 40 19.55 -8.01 2.22
CA HIS FA 40 19.85 -7.78 3.65
C HIS FA 40 20.77 -8.77 4.29
N GLN FA 41 21.44 -8.45 5.40
CA GLN FA 41 22.28 -9.47 5.97
C GLN FA 41 21.52 -10.38 6.93
N GLY FA 42 21.78 -11.68 6.80
CA GLY FA 42 21.11 -12.69 7.56
C GLY FA 42 21.27 -14.06 6.94
N VAL FA 43 20.68 -15.09 7.54
CA VAL FA 43 20.80 -16.47 7.08
C VAL FA 43 19.51 -17.33 7.11
N MET FA 44 19.52 -18.45 6.38
CA MET FA 44 18.44 -19.42 6.50
C MET FA 44 18.93 -20.31 7.63
N VAL FA 45 18.02 -20.98 8.33
CA VAL FA 45 18.34 -21.88 9.39
C VAL FA 45 19.20 -23.06 8.92
N GLY FA 46 20.43 -23.10 9.41
CA GLY FA 46 21.31 -24.21 9.16
C GLY FA 46 22.29 -23.92 8.05
N MET FA 47 22.04 -22.87 7.28
CA MET FA 47 22.98 -22.49 6.27
C MET FA 47 23.85 -21.35 6.75
N GLY FA 48 24.92 -21.12 5.98
CA GLY FA 48 25.78 -19.97 6.17
C GLY FA 48 25.27 -18.82 5.27
N GLN FA 49 25.93 -17.67 5.50
CA GLN FA 49 25.76 -16.48 4.68
C GLN FA 49 26.11 -16.79 3.23
N LYS FA 50 25.23 -16.42 2.35
CA LYS FA 50 25.35 -16.74 0.97
C LYS FA 50 25.39 -15.38 0.33
N ASP FA 51 26.35 -15.31 -0.55
CA ASP FA 51 26.57 -14.07 -1.30
C ASP FA 51 25.65 -13.95 -2.50
N SER FA 52 25.16 -15.10 -2.97
CA SER FA 52 24.51 -15.12 -4.24
C SER FA 52 23.59 -16.30 -4.37
N TYR FA 53 22.63 -16.24 -5.24
CA TYR FA 53 21.71 -17.33 -5.41
C TYR FA 53 21.48 -17.50 -6.89
N VAL FA 54 21.24 -18.69 -7.45
CA VAL FA 54 21.08 -18.85 -8.90
C VAL FA 54 19.94 -19.83 -9.18
N GLY FA 55 19.21 -19.57 -10.27
CA GLY FA 55 18.18 -20.46 -10.74
C GLY FA 55 16.97 -20.42 -9.85
N ASP FA 56 16.51 -21.61 -9.46
CA ASP FA 56 15.31 -21.70 -8.65
C ASP FA 56 15.53 -21.21 -7.25
N GLU FA 57 16.65 -21.37 -6.56
CA GLU FA 57 16.77 -20.76 -5.26
C GLU FA 57 16.69 -19.23 -5.31
N ALA FA 58 17.03 -18.61 -6.42
CA ALA FA 58 16.88 -17.18 -6.56
C ALA FA 58 15.41 -16.85 -6.80
N GLN FA 59 14.69 -17.71 -7.49
CA GLN FA 59 13.31 -17.40 -7.75
C GLN FA 59 12.55 -17.59 -6.43
N SER FA 60 12.74 -18.70 -5.76
CA SER FA 60 12.02 -18.99 -4.53
C SER FA 60 12.22 -18.02 -3.38
N LYS FA 61 13.42 -17.47 -3.34
CA LYS FA 61 13.73 -16.56 -2.29
C LYS FA 61 13.68 -15.17 -2.86
N ARG FA 62 12.89 -14.82 -3.90
CA ARG FA 62 13.02 -13.50 -4.51
C ARG FA 62 12.73 -12.25 -3.70
N GLY FA 63 11.89 -12.41 -2.68
CA GLY FA 63 11.55 -11.33 -1.78
C GLY FA 63 12.75 -10.78 -1.02
N ILE FA 64 13.87 -11.46 -0.75
CA ILE FA 64 14.97 -10.82 -0.02
C ILE FA 64 16.21 -10.53 -0.87
N LEU FA 65 16.13 -10.75 -2.18
CA LEU FA 65 17.28 -10.62 -3.09
C LEU FA 65 17.00 -9.67 -4.24
N THR FA 66 18.01 -9.13 -4.93
CA THR FA 66 17.75 -8.33 -6.12
C THR FA 66 18.16 -9.29 -7.24
N LEU FA 67 17.12 -9.61 -8.01
CA LEU FA 67 17.21 -10.55 -9.10
C LEU FA 67 17.79 -9.89 -10.32
N LYS FA 68 18.67 -10.62 -11.04
CA LYS FA 68 19.21 -10.05 -12.28
C LYS FA 68 19.32 -11.10 -13.36
N TYR FA 69 18.93 -10.65 -14.54
CA TYR FA 69 18.94 -11.48 -15.76
C TYR FA 69 20.21 -11.27 -16.63
N PRO FA 70 21.27 -12.14 -16.65
CA PRO FA 70 22.50 -11.99 -17.44
C PRO FA 70 22.39 -11.91 -18.93
N ILE FA 71 21.29 -12.45 -19.48
CA ILE FA 71 21.10 -12.50 -20.90
C ILE FA 71 19.91 -11.65 -21.33
N GLU FA 72 20.20 -10.48 -21.90
CA GLU FA 72 19.13 -9.64 -22.34
C GLU FA 72 18.88 -9.85 -23.82
N HIS FA 73 17.71 -10.39 -24.15
CA HIS FA 73 17.35 -10.64 -25.54
C HIS FA 73 18.29 -11.59 -26.24
N GLY FA 74 18.70 -12.65 -25.53
CA GLY FA 74 19.54 -13.67 -26.13
C GLY FA 74 21.02 -13.36 -26.11
N ILE FA 75 21.42 -12.10 -25.87
CA ILE FA 75 22.85 -11.72 -25.85
C ILE FA 75 23.38 -11.66 -24.41
N ILE FA 76 24.58 -12.14 -24.02
CA ILE FA 76 25.06 -12.06 -22.63
C ILE FA 76 25.47 -10.60 -22.40
N THR FA 77 24.76 -10.00 -21.45
CA THR FA 77 24.96 -8.62 -21.05
C THR FA 77 25.83 -8.50 -19.80
N ASN FA 78 25.75 -9.45 -18.84
CA ASN FA 78 26.66 -9.35 -17.70
C ASN FA 78 27.46 -10.62 -17.54
N TRP FA 79 28.77 -10.48 -17.78
CA TRP FA 79 29.69 -11.61 -17.76
C TRP FA 79 30.05 -12.12 -16.38
N ASP FA 80 29.91 -11.33 -15.31
CA ASP FA 80 30.17 -11.75 -13.91
C ASP FA 80 29.06 -12.68 -13.47
N ASP FA 81 27.83 -12.22 -13.66
CA ASP FA 81 26.66 -13.04 -13.48
C ASP FA 81 26.46 -14.20 -14.42
N MET FA 82 27.04 -14.26 -15.61
CA MET FA 82 26.88 -15.42 -16.48
C MET FA 82 27.81 -16.49 -15.96
N GLU FA 83 29.07 -16.19 -15.63
CA GLU FA 83 30.04 -17.16 -15.12
C GLU FA 83 29.47 -17.81 -13.87
N LYS FA 84 28.67 -17.03 -13.11
CA LYS FA 84 27.90 -17.58 -12.00
C LYS FA 84 26.88 -18.62 -12.48
N ILE FA 85 26.02 -18.36 -13.49
CA ILE FA 85 25.10 -19.38 -13.98
C ILE FA 85 25.81 -20.59 -14.52
N TRP FA 86 26.94 -20.46 -15.24
CA TRP FA 86 27.67 -21.61 -15.73
C TRP FA 86 28.20 -22.44 -14.60
N HIS FA 87 28.79 -21.77 -13.60
CA HIS FA 87 29.32 -22.47 -12.44
C HIS FA 87 28.26 -23.36 -11.80
N HIS FA 88 27.09 -22.76 -11.57
CA HIS FA 88 25.95 -23.47 -11.05
C HIS FA 88 25.60 -24.65 -11.93
N THR FA 89 25.64 -24.50 -13.24
CA THR FA 89 25.24 -25.57 -14.13
C THR FA 89 26.15 -26.75 -14.03
N PHE FA 90 27.45 -26.53 -14.11
CA PHE FA 90 28.36 -27.64 -14.03
C PHE FA 90 28.34 -28.26 -12.65
N TYR FA 91 28.63 -27.45 -11.64
CA TYR FA 91 28.88 -28.02 -10.36
C TYR FA 91 27.73 -28.45 -9.54
N ASN FA 92 26.59 -27.81 -9.68
CA ASN FA 92 25.45 -28.17 -8.84
C ASN FA 92 24.40 -28.91 -9.64
N GLU FA 93 24.01 -28.37 -10.79
CA GLU FA 93 22.98 -29.01 -11.58
C GLU FA 93 23.44 -30.32 -12.18
N LEU FA 94 24.55 -30.36 -12.95
CA LEU FA 94 24.96 -31.60 -13.60
C LEU FA 94 25.98 -32.33 -12.72
N ARG FA 95 26.50 -31.65 -11.69
CA ARG FA 95 27.43 -32.16 -10.68
C ARG FA 95 28.72 -32.78 -11.25
N VAL FA 96 29.08 -32.31 -12.43
CA VAL FA 96 30.27 -32.81 -13.10
C VAL FA 96 31.43 -31.88 -12.79
N ALA FA 97 32.67 -32.34 -12.99
CA ALA FA 97 33.79 -31.43 -12.93
C ALA FA 97 33.95 -31.02 -14.39
N PRO FA 98 33.99 -29.75 -14.79
CA PRO FA 98 34.13 -29.33 -16.18
C PRO FA 98 35.45 -29.65 -16.86
N GLU FA 99 36.56 -29.71 -16.09
CA GLU FA 99 37.87 -29.95 -16.68
C GLU FA 99 38.14 -31.29 -17.29
N GLU FA 100 37.16 -32.18 -17.29
CA GLU FA 100 37.30 -33.37 -18.11
C GLU FA 100 36.09 -33.56 -19.04
N HIS FA 101 35.29 -32.53 -19.35
CA HIS FA 101 34.16 -32.69 -20.26
C HIS FA 101 34.15 -31.77 -21.43
N PRO FA 102 34.03 -32.15 -22.71
CA PRO FA 102 33.97 -31.22 -23.82
C PRO FA 102 32.61 -30.54 -23.63
N THR FA 103 32.47 -29.23 -23.92
CA THR FA 103 31.25 -28.46 -23.67
C THR FA 103 30.70 -27.82 -24.96
N LEU FA 104 29.51 -28.18 -25.49
CA LEU FA 104 28.94 -27.50 -26.65
C LEU FA 104 28.00 -26.49 -26.08
N LEU FA 105 28.26 -25.24 -26.46
CA LEU FA 105 27.46 -24.12 -26.04
C LEU FA 105 26.63 -23.54 -27.17
N THR FA 106 25.64 -22.70 -26.89
CA THR FA 106 24.95 -22.08 -27.99
C THR FA 106 25.02 -20.58 -27.89
N GLU FA 107 24.96 -19.91 -29.04
CA GLU FA 107 24.84 -18.45 -29.03
C GLU FA 107 23.66 -18.03 -29.91
N ALA FA 108 23.35 -16.76 -29.88
CA ALA FA 108 22.27 -16.20 -30.65
C ALA FA 108 22.63 -15.84 -32.07
N PRO FA 109 21.63 -15.67 -32.93
CA PRO FA 109 21.78 -15.30 -34.29
C PRO FA 109 22.82 -14.28 -34.72
N LEU FA 110 22.90 -13.03 -34.28
CA LEU FA 110 23.93 -12.16 -34.82
C LEU FA 110 24.78 -11.78 -33.62
N ASN FA 111 25.19 -12.78 -32.83
CA ASN FA 111 25.96 -12.63 -31.61
C ASN FA 111 27.27 -11.98 -31.99
N PRO FA 112 27.59 -10.86 -31.37
CA PRO FA 112 28.80 -10.11 -31.63
C PRO FA 112 30.06 -10.94 -31.50
N LYS FA 113 30.92 -10.88 -32.52
CA LYS FA 113 32.18 -11.63 -32.61
C LYS FA 113 32.99 -11.75 -31.32
N ALA FA 114 32.97 -10.60 -30.64
CA ALA FA 114 33.67 -10.38 -29.40
C ALA FA 114 33.16 -11.17 -28.22
N ASN FA 115 31.85 -11.48 -28.19
CA ASN FA 115 31.21 -12.30 -27.18
C ASN FA 115 31.60 -13.75 -27.34
N ARG FA 116 31.59 -14.25 -28.60
CA ARG FA 116 31.90 -15.66 -28.92
C ARG FA 116 33.33 -15.85 -28.49
N GLU FA 117 34.21 -14.88 -28.75
CA GLU FA 117 35.57 -14.91 -28.18
C GLU FA 117 35.58 -14.79 -26.64
N LYS FA 118 34.71 -14.02 -26.00
CA LYS FA 118 34.74 -13.89 -24.55
C LYS FA 118 34.28 -15.14 -23.84
N MET FA 119 33.17 -15.78 -24.22
CA MET FA 119 32.78 -17.00 -23.57
C MET FA 119 33.73 -18.16 -23.81
N THR FA 120 34.59 -18.01 -24.81
CA THR FA 120 35.60 -19.00 -25.08
C THR FA 120 36.73 -18.74 -24.10
N GLN FA 121 37.10 -17.48 -23.94
CA GLN FA 121 38.07 -17.04 -22.95
C GLN FA 121 37.64 -17.57 -21.59
N ILE FA 122 36.37 -17.47 -21.17
CA ILE FA 122 35.92 -17.93 -19.87
C ILE FA 122 35.79 -19.44 -19.81
N MET FA 123 35.40 -20.10 -20.91
CA MET FA 123 35.28 -21.54 -20.86
C MET FA 123 36.65 -22.13 -20.65
N PHE FA 124 37.59 -21.81 -21.51
CA PHE FA 124 38.94 -22.37 -21.42
C PHE FA 124 39.77 -21.80 -20.28
N GLU FA 125 39.75 -20.48 -20.06
CA GLU FA 125 40.60 -19.94 -19.02
C GLU FA 125 40.03 -19.93 -17.62
N THR FA 126 38.71 -19.90 -17.30
CA THR FA 126 38.35 -19.98 -15.90
C THR FA 126 37.73 -21.34 -15.62
N PHE FA 127 37.13 -22.10 -16.57
CA PHE FA 127 36.59 -23.42 -16.25
C PHE FA 127 37.46 -24.63 -16.64
N ASN FA 128 38.43 -24.32 -17.52
CA ASN FA 128 39.46 -25.25 -17.96
C ASN FA 128 38.81 -26.49 -18.57
N VAL FA 129 37.85 -26.30 -19.49
CA VAL FA 129 37.22 -27.45 -20.13
C VAL FA 129 38.20 -28.04 -21.16
N PRO FA 130 38.25 -29.35 -21.51
CA PRO FA 130 39.20 -29.87 -22.50
C PRO FA 130 39.06 -29.25 -23.89
N ALA FA 131 37.78 -29.13 -24.31
CA ALA FA 131 37.41 -28.60 -25.61
C ALA FA 131 35.98 -28.07 -25.55
N MET FA 132 35.67 -27.16 -26.45
CA MET FA 132 34.35 -26.58 -26.53
C MET FA 132 33.98 -26.20 -27.95
N TYR FA 133 32.79 -25.62 -28.18
CA TYR FA 133 32.25 -25.37 -29.51
C TYR FA 133 31.05 -24.50 -29.30
N VAL FA 134 30.79 -23.49 -30.12
CA VAL FA 134 29.62 -22.64 -29.94
C VAL FA 134 28.72 -22.86 -31.18
N ALA FA 135 27.53 -23.48 -31.11
CA ALA FA 135 26.63 -23.56 -32.27
C ALA FA 135 25.59 -22.43 -32.34
N ILE FA 136 25.05 -21.99 -33.46
CA ILE FA 136 24.05 -20.91 -33.47
C ILE FA 136 22.74 -21.60 -33.20
N GLN FA 137 21.87 -20.98 -32.43
CA GLN FA 137 20.67 -21.65 -32.01
C GLN FA 137 19.74 -22.11 -33.10
N ALA FA 138 19.21 -21.24 -33.99
CA ALA FA 138 18.37 -21.70 -35.11
C ALA FA 138 18.94 -22.85 -35.96
N VAL FA 139 20.25 -22.82 -36.06
CA VAL FA 139 20.94 -23.83 -36.81
C VAL FA 139 20.80 -25.18 -36.11
N LEU FA 140 20.86 -25.28 -34.77
CA LEU FA 140 20.66 -26.56 -34.09
C LEU FA 140 19.20 -26.97 -34.13
N SER FA 141 18.31 -26.01 -34.12
CA SER FA 141 16.92 -26.38 -34.20
C SER FA 141 16.62 -27.03 -35.51
N LEU FA 142 17.11 -26.48 -36.63
CA LEU FA 142 16.85 -27.02 -37.95
C LEU FA 142 17.31 -28.45 -38.19
N TYR FA 143 18.53 -28.58 -37.70
CA TYR FA 143 19.26 -29.81 -37.81
C TYR FA 143 18.61 -30.93 -36.99
N ALA FA 144 18.11 -30.59 -35.82
CA ALA FA 144 17.36 -31.52 -35.00
C ALA FA 144 16.07 -31.94 -35.73
N SER FA 145 15.59 -31.21 -36.76
CA SER FA 145 14.42 -31.66 -37.50
C SER FA 145 14.83 -32.38 -38.77
N GLY FA 146 16.07 -32.90 -38.74
CA GLY FA 146 16.68 -33.63 -39.82
C GLY FA 146 17.35 -32.72 -40.83
N ARG FA 147 16.77 -31.60 -41.29
CA ARG FA 147 17.32 -30.88 -42.43
C ARG FA 147 18.44 -29.85 -42.29
N THR FA 148 18.89 -29.33 -43.45
CA THR FA 148 19.98 -28.38 -43.53
C THR FA 148 19.70 -27.06 -44.20
N THR FA 149 18.58 -26.99 -44.89
CA THR FA 149 18.10 -25.76 -45.48
C THR FA 149 16.66 -25.74 -45.03
N GLY FA 150 16.33 -24.53 -44.62
CA GLY FA 150 15.02 -24.16 -44.13
C GLY FA 150 15.09 -22.79 -43.49
N ILE FA 151 14.02 -22.28 -42.93
CA ILE FA 151 14.08 -21.02 -42.21
C ILE FA 151 13.45 -21.33 -40.85
N VAL FA 152 14.14 -21.00 -39.76
CA VAL FA 152 13.62 -21.24 -38.42
C VAL FA 152 12.94 -20.00 -37.84
N LEU FA 153 11.70 -20.11 -37.36
CA LEU FA 153 11.12 -19.03 -36.59
C LEU FA 153 11.43 -19.49 -35.18
N ASP FA 154 12.31 -18.77 -34.52
CA ASP FA 154 12.71 -19.16 -33.18
C ASP FA 154 12.23 -18.12 -32.19
N SER FA 155 11.53 -18.57 -31.12
CA SER FA 155 10.84 -17.70 -30.15
C SER FA 155 10.78 -18.23 -28.73
N GLY FA 156 11.47 -17.55 -27.85
CA GLY FA 156 11.56 -18.05 -26.51
C GLY FA 156 11.05 -17.11 -25.48
N ASP FA 157 11.93 -16.75 -24.57
CA ASP FA 157 11.50 -15.87 -23.52
C ASP FA 157 11.76 -14.40 -23.74
N GLY FA 158 12.90 -13.92 -24.22
CA GLY FA 158 13.10 -12.50 -24.47
C GLY FA 158 13.16 -12.18 -25.98
N VAL FA 159 13.53 -13.05 -26.95
CA VAL FA 159 13.61 -12.73 -28.39
C VAL FA 159 12.88 -13.70 -29.30
N THR FA 160 12.48 -13.14 -30.47
CA THR FA 160 12.00 -13.90 -31.63
C THR FA 160 12.94 -13.65 -32.81
N HIS FA 161 13.15 -14.64 -33.64
CA HIS FA 161 14.11 -14.54 -34.72
C HIS FA 161 13.57 -15.32 -35.86
N ASN FA 162 14.11 -14.99 -37.03
CA ASN FA 162 13.89 -15.76 -38.26
C ASN FA 162 15.27 -16.03 -38.80
N VAL FA 163 15.74 -17.26 -38.90
CA VAL FA 163 17.11 -17.42 -39.38
C VAL FA 163 17.05 -18.35 -40.55
N PRO FA 164 17.18 -17.80 -41.78
CA PRO FA 164 17.18 -18.58 -43.01
C PRO FA 164 18.52 -19.28 -43.04
N ILE FA 165 18.55 -20.62 -43.21
CA ILE FA 165 19.80 -21.39 -43.27
C ILE FA 165 19.90 -22.17 -44.57
N TYR FA 166 21.04 -22.11 -45.27
CA TYR FA 166 21.20 -22.82 -46.53
C TYR FA 166 22.42 -23.72 -46.46
N GLU FA 167 22.19 -25.03 -46.59
CA GLU FA 167 23.22 -26.04 -46.45
C GLU FA 167 24.18 -25.85 -45.29
N GLY FA 168 23.52 -25.32 -44.25
CA GLY FA 168 24.07 -25.17 -42.94
C GLY FA 168 24.50 -23.79 -42.55
N TYR FA 169 24.73 -22.91 -43.53
CA TYR FA 169 25.20 -21.57 -43.23
C TYR FA 169 24.02 -20.63 -43.06
N ALA FA 170 23.84 -20.15 -41.82
CA ALA FA 170 22.80 -19.18 -41.48
C ALA FA 170 23.10 -17.90 -42.25
N LEU FA 171 22.07 -17.30 -42.86
CA LEU FA 171 22.28 -16.20 -43.78
C LEU FA 171 22.19 -14.83 -43.10
N PRO FA 172 23.30 -14.30 -42.63
CA PRO FA 172 23.37 -13.02 -41.88
C PRO FA 172 22.46 -11.86 -42.27
N HIS FA 173 22.45 -11.56 -43.55
CA HIS FA 173 21.65 -10.45 -44.04
C HIS FA 173 20.18 -10.78 -44.18
N ALA FA 174 19.66 -11.92 -43.79
CA ALA FA 174 18.25 -12.15 -44.02
C ALA FA 174 17.53 -12.41 -42.71
N ILE FA 175 18.34 -12.59 -41.63
CA ILE FA 175 17.91 -12.79 -40.22
C ILE FA 175 17.13 -11.58 -39.69
N MET FA 176 16.00 -11.80 -39.00
CA MET FA 176 15.17 -10.75 -38.43
C MET FA 176 14.96 -11.09 -36.98
N ARG FA 177 14.99 -10.05 -36.20
CA ARG FA 177 14.81 -10.15 -34.77
C ARG FA 177 13.64 -9.27 -34.35
N LEU FA 178 12.74 -9.86 -33.56
CA LEU FA 178 11.58 -9.16 -33.09
C LEU FA 178 11.66 -9.34 -31.58
N ASP FA 179 11.92 -8.27 -30.83
CA ASP FA 179 11.97 -8.30 -29.37
C ASP FA 179 10.57 -8.35 -28.69
N LEU FA 180 9.77 -9.40 -28.93
CA LEU FA 180 8.51 -9.62 -28.22
C LEU FA 180 8.41 -11.12 -28.16
N ALA FA 181 8.36 -11.68 -26.96
CA ALA FA 181 8.33 -13.11 -26.79
C ALA FA 181 7.46 -13.54 -25.62
N GLY FA 182 7.68 -14.73 -25.04
CA GLY FA 182 6.83 -15.28 -23.98
C GLY FA 182 6.71 -14.47 -22.70
N ARG FA 183 7.75 -13.68 -22.39
CA ARG FA 183 7.85 -12.80 -21.22
C ARG FA 183 6.84 -11.68 -21.41
N ASP FA 184 6.92 -10.99 -22.56
CA ASP FA 184 6.01 -9.93 -22.99
C ASP FA 184 4.58 -10.47 -22.99
N LEU FA 185 4.42 -11.69 -23.49
CA LEU FA 185 3.15 -12.39 -23.59
C LEU FA 185 2.43 -12.78 -22.30
N THR FA 186 3.21 -13.03 -21.24
CA THR FA 186 2.65 -13.35 -19.92
C THR FA 186 2.17 -12.03 -19.33
N ASP FA 187 2.85 -10.91 -19.59
CA ASP FA 187 2.47 -9.67 -18.97
C ASP FA 187 1.27 -9.06 -19.64
N TYR FA 188 1.04 -9.39 -20.90
CA TYR FA 188 -0.13 -8.91 -21.59
C TYR FA 188 -1.31 -9.74 -21.12
N LEU FA 189 -1.17 -11.04 -20.91
CA LEU FA 189 -2.30 -11.85 -20.46
C LEU FA 189 -2.75 -11.32 -19.14
N MET FA 190 -1.76 -11.03 -18.29
CA MET FA 190 -1.92 -10.47 -16.97
C MET FA 190 -2.92 -9.33 -16.96
N LYS FA 191 -2.64 -8.33 -17.81
CA LYS FA 191 -3.52 -7.21 -17.94
C LYS FA 191 -4.81 -7.70 -18.55
N ILE FA 192 -4.99 -8.42 -19.67
CA ILE FA 192 -6.33 -8.78 -20.12
C ILE FA 192 -7.14 -9.66 -19.18
N LEU FA 193 -6.48 -10.20 -18.17
CA LEU FA 193 -7.10 -11.04 -17.18
C LEU FA 193 -7.47 -10.20 -15.96
N THR FA 194 -6.70 -9.16 -15.59
CA THR FA 194 -7.13 -8.25 -14.51
C THR FA 194 -8.27 -7.40 -15.04
N GLU FA 195 -8.17 -7.09 -16.34
CA GLU FA 195 -9.13 -6.36 -17.14
C GLU FA 195 -10.42 -7.18 -17.29
N ARG FA 196 -10.38 -8.53 -17.19
CA ARG FA 196 -11.57 -9.38 -17.13
C ARG FA 196 -12.26 -9.23 -15.76
N GLY FA 197 -11.67 -8.41 -14.87
CA GLY FA 197 -12.20 -8.13 -13.55
C GLY FA 197 -11.51 -9.03 -12.54
N TYR FA 198 -10.18 -8.97 -12.41
CA TYR FA 198 -9.44 -9.85 -11.49
C TYR FA 198 -8.28 -9.13 -10.84
N SER FA 199 -7.66 -9.91 -9.92
CA SER FA 199 -6.51 -9.42 -9.18
C SER FA 199 -5.47 -10.47 -8.84
N PHE FA 200 -4.32 -10.16 -9.42
CA PHE FA 200 -3.13 -10.96 -9.21
C PHE FA 200 -2.32 -9.97 -8.39
N VAL FA 201 -2.63 -10.24 -7.13
CA VAL FA 201 -2.18 -9.36 -6.09
C VAL FA 201 -0.92 -9.89 -5.42
N THR FA 202 -0.95 -11.04 -4.71
CA THR FA 202 0.26 -11.58 -4.07
C THR FA 202 1.15 -12.25 -5.12
N THR FA 203 2.40 -12.60 -4.76
CA THR FA 203 3.33 -13.19 -5.70
C THR FA 203 2.90 -14.60 -6.13
N ALA FA 204 2.07 -15.26 -5.33
CA ALA FA 204 1.48 -16.54 -5.71
C ALA FA 204 0.31 -16.43 -6.71
N GLU FA 205 -0.07 -15.19 -7.00
CA GLU FA 205 -1.07 -14.91 -7.99
C GLU FA 205 -0.29 -14.54 -9.24
N ARG FA 206 0.69 -13.63 -9.16
CA ARG FA 206 1.55 -13.27 -10.30
C ARG FA 206 2.10 -14.48 -11.11
N GLU FA 207 2.80 -15.39 -10.44
CA GLU FA 207 3.53 -16.49 -11.07
C GLU FA 207 2.68 -17.43 -11.89
N ILE FA 208 1.50 -17.74 -11.37
CA ILE FA 208 0.59 -18.65 -12.00
C ILE FA 208 -0.14 -18.11 -13.25
N VAL FA 209 -0.09 -16.79 -13.56
CA VAL FA 209 -0.68 -16.26 -14.79
C VAL FA 209 0.12 -16.86 -15.95
N ARG FA 210 1.41 -17.08 -15.70
CA ARG FA 210 2.30 -17.70 -16.64
C ARG FA 210 1.90 -19.17 -16.85
N ASP FA 211 1.42 -19.89 -15.83
CA ASP FA 211 1.00 -21.27 -15.95
C ASP FA 211 -0.37 -21.39 -16.60
N ILE FA 212 -1.14 -20.28 -16.53
CA ILE FA 212 -2.41 -20.18 -17.25
C ILE FA 212 -2.08 -20.06 -18.74
N LYS FA 213 -1.24 -19.07 -19.13
CA LYS FA 213 -0.73 -18.88 -20.49
C LYS FA 213 -0.26 -20.18 -21.09
N GLU FA 214 0.63 -20.92 -20.42
CA GLU FA 214 1.12 -22.19 -20.95
C GLU FA 214 0.00 -23.21 -21.11
N LYS FA 215 -0.81 -23.54 -20.09
CA LYS FA 215 -1.84 -24.59 -20.16
C LYS FA 215 -3.09 -24.35 -21.03
N LEU FA 216 -3.68 -23.17 -20.86
CA LEU FA 216 -4.92 -22.83 -21.53
C LEU FA 216 -4.81 -21.99 -22.77
N CYS FA 217 -3.73 -21.25 -23.06
CA CYS FA 217 -3.66 -20.48 -24.30
C CYS FA 217 -3.47 -21.21 -25.62
N TYR FA 218 -4.16 -20.55 -26.57
CA TYR FA 218 -4.42 -21.03 -27.93
C TYR FA 218 -4.07 -20.02 -29.00
N VAL FA 219 -3.76 -20.49 -30.22
CA VAL FA 219 -3.64 -19.58 -31.35
C VAL FA 219 -4.67 -20.12 -32.29
N ALA FA 220 -5.70 -19.33 -32.33
CA ALA FA 220 -6.75 -19.62 -33.24
C ALA FA 220 -6.44 -19.11 -34.64
N LEU FA 221 -6.91 -19.96 -35.53
CA LEU FA 221 -6.97 -19.69 -36.94
C LEU FA 221 -8.37 -19.10 -37.08
N ASP FA 222 -8.36 -18.00 -37.83
CA ASP FA 222 -9.54 -17.14 -37.99
C ASP FA 222 -9.96 -16.65 -36.61
N PHE FA 223 -9.03 -15.78 -36.16
CA PHE FA 223 -9.07 -15.12 -34.87
C PHE FA 223 -10.18 -14.08 -34.86
N GLU FA 224 -10.62 -13.76 -36.11
CA GLU FA 224 -11.73 -12.88 -36.49
C GLU FA 224 -13.07 -13.37 -35.98
N ASN FA 225 -13.47 -14.51 -36.56
CA ASN FA 225 -14.70 -15.18 -36.20
C ASN FA 225 -14.42 -16.20 -35.12
N GLU FA 226 -13.64 -15.78 -34.14
CA GLU FA 226 -13.37 -16.53 -32.92
C GLU FA 226 -13.77 -15.65 -31.72
N MET FA 227 -13.57 -14.34 -31.93
CA MET FA 227 -14.09 -13.28 -31.09
C MET FA 227 -15.61 -13.32 -31.27
N ALA FA 228 -16.08 -13.34 -32.55
CA ALA FA 228 -17.49 -13.48 -32.90
C ALA FA 228 -18.12 -14.70 -32.21
N THR FA 229 -17.40 -15.82 -32.25
CA THR FA 229 -17.80 -17.02 -31.54
C THR FA 229 -17.90 -16.81 -30.02
N ALA FA 230 -16.93 -16.04 -29.47
CA ALA FA 230 -16.84 -15.77 -28.04
C ALA FA 230 -18.13 -15.18 -27.50
N ALA FA 231 -18.67 -14.25 -28.31
CA ALA FA 231 -19.90 -13.49 -28.07
C ALA FA 231 -21.23 -14.29 -28.01
N SER FA 232 -21.43 -15.20 -28.97
CA SER FA 232 -22.56 -16.14 -28.97
C SER FA 232 -22.51 -17.02 -27.70
N SER FA 233 -21.28 -17.10 -27.14
CA SER FA 233 -20.87 -17.85 -25.96
C SER FA 233 -21.36 -19.28 -25.92
N SER FA 234 -20.35 -19.90 -26.53
CA SER FA 234 -20.29 -21.33 -26.67
C SER FA 234 -19.58 -21.83 -25.42
N SER FA 235 -19.40 -23.16 -25.41
CA SER FA 235 -18.62 -23.80 -24.36
C SER FA 235 -17.15 -23.71 -24.81
N LEU FA 236 -16.70 -22.44 -25.11
CA LEU FA 236 -15.34 -22.10 -25.47
C LEU FA 236 -14.57 -21.72 -24.19
N GLU FA 237 -15.27 -21.19 -23.17
CA GLU FA 237 -14.71 -20.78 -21.85
C GLU FA 237 -13.85 -21.82 -21.11
N LYS FA 238 -12.93 -21.38 -20.25
CA LYS FA 238 -12.11 -22.33 -19.52
C LYS FA 238 -11.65 -21.84 -18.15
N SER FA 239 -12.20 -22.48 -17.11
CA SER FA 239 -11.83 -22.17 -15.74
C SER FA 239 -10.74 -23.04 -15.15
N TYR FA 240 -9.76 -22.30 -14.59
CA TYR FA 240 -8.57 -22.83 -13.94
C TYR FA 240 -8.72 -22.64 -12.44
N GLU FA 241 -8.40 -23.65 -11.59
CA GLU FA 241 -8.43 -23.47 -10.13
C GLU FA 241 -7.07 -23.00 -9.61
N LEU FA 242 -7.07 -21.85 -8.91
CA LEU FA 242 -5.86 -21.19 -8.43
C LEU FA 242 -5.05 -21.95 -7.35
N PRO FA 243 -3.97 -21.48 -6.61
CA PRO FA 243 -3.26 -22.28 -5.58
C PRO FA 243 -4.21 -22.86 -4.52
N ASP FA 244 -5.25 -22.05 -4.27
CA ASP FA 244 -6.43 -22.34 -3.43
C ASP FA 244 -7.67 -22.63 -4.34
N GLY FA 245 -8.91 -22.52 -3.81
CA GLY FA 245 -10.16 -22.79 -4.50
C GLY FA 245 -10.46 -21.83 -5.65
N GLN FA 246 -10.37 -20.53 -5.36
CA GLN FA 246 -10.57 -19.40 -6.28
C GLN FA 246 -10.50 -19.67 -7.80
N VAL FA 247 -11.57 -20.33 -8.24
CA VAL FA 247 -11.71 -20.71 -9.63
C VAL FA 247 -11.90 -19.50 -10.52
N ILE FA 248 -10.84 -19.28 -11.27
CA ILE FA 248 -10.83 -18.18 -12.20
C ILE FA 248 -11.29 -18.68 -13.58
N THR FA 249 -12.09 -17.90 -14.31
CA THR FA 249 -12.53 -18.28 -15.65
C THR FA 249 -11.91 -17.36 -16.73
N ILE FA 250 -11.53 -18.06 -17.80
CA ILE FA 250 -10.86 -17.48 -18.95
C ILE FA 250 -11.55 -18.15 -20.12
N GLY FA 251 -12.32 -17.36 -20.82
CA GLY FA 251 -12.98 -17.92 -21.96
C GLY FA 251 -12.21 -17.62 -23.21
N ASN FA 252 -12.38 -16.33 -23.43
CA ASN FA 252 -12.04 -15.59 -24.63
C ASN FA 252 -10.53 -15.22 -24.71
N GLU FA 253 -9.98 -14.37 -23.80
CA GLU FA 253 -8.55 -13.95 -23.69
C GLU FA 253 -7.45 -14.97 -23.89
N ARG FA 254 -7.88 -16.18 -23.59
CA ARG FA 254 -7.22 -17.42 -23.91
C ARG FA 254 -6.44 -17.40 -25.26
N PHE FA 255 -7.03 -16.79 -26.32
CA PHE FA 255 -6.41 -16.65 -27.63
C PHE FA 255 -6.06 -15.20 -27.99
N ARG FA 256 -6.56 -14.23 -27.22
CA ARG FA 256 -6.23 -12.83 -27.44
C ARG FA 256 -4.75 -12.60 -27.13
N CYS FA 257 -4.20 -13.47 -26.28
CA CYS FA 257 -2.79 -13.42 -25.88
C CYS FA 257 -1.86 -13.86 -27.06
N PRO FA 258 -1.92 -15.03 -27.71
CA PRO FA 258 -1.09 -15.36 -28.86
C PRO FA 258 -1.49 -14.54 -30.11
N GLU FA 259 -2.71 -13.98 -30.29
CA GLU FA 259 -3.00 -13.06 -31.41
C GLU FA 259 -2.00 -11.90 -31.23
N THR FA 260 -1.33 -11.68 -30.07
CA THR FA 260 -0.34 -10.62 -29.95
C THR FA 260 0.84 -10.91 -30.85
N LEU FA 261 1.27 -12.17 -30.95
CA LEU FA 261 2.35 -12.53 -31.89
C LEU FA 261 2.10 -12.18 -33.38
N PHE FA 262 0.84 -12.10 -33.88
CA PHE FA 262 0.53 -11.69 -35.25
C PHE FA 262 0.21 -10.21 -35.35
N GLN FA 263 -0.30 -9.65 -34.25
CA GLN FA 263 -0.63 -8.25 -34.12
C GLN FA 263 0.14 -7.70 -32.91
N PRO FA 264 1.31 -7.07 -33.10
CA PRO FA 264 2.12 -6.46 -32.06
C PRO FA 264 1.43 -5.17 -31.57
N SER FA 265 0.49 -4.67 -32.38
CA SER FA 265 -0.36 -3.49 -32.08
C SER FA 265 -1.25 -3.61 -30.82
N PHE FA 266 -1.48 -4.88 -30.40
CA PHE FA 266 -2.15 -5.24 -29.16
C PHE FA 266 -1.37 -4.79 -27.95
N ILE FA 267 -0.08 -4.56 -28.17
CA ILE FA 267 0.80 -4.18 -27.09
C ILE FA 267 1.61 -2.92 -27.39
N GLY FA 268 1.08 -2.03 -28.21
CA GLY FA 268 1.80 -0.80 -28.47
C GLY FA 268 3.12 -1.03 -29.18
N MET FA 269 3.22 -2.18 -29.86
CA MET FA 269 4.35 -2.38 -30.72
C MET FA 269 3.96 -2.03 -32.15
N GLU FA 270 4.84 -1.23 -32.78
CA GLU FA 270 4.71 -0.82 -34.18
C GLU FA 270 5.39 -1.72 -35.22
N SER FA 271 6.21 -2.67 -34.74
CA SER FA 271 6.88 -3.68 -35.56
C SER FA 271 5.86 -4.57 -36.24
N ALA FA 272 6.34 -5.24 -37.30
CA ALA FA 272 5.53 -6.22 -38.03
C ALA FA 272 5.38 -7.52 -37.22
N GLY FA 273 4.54 -8.46 -37.61
CA GLY FA 273 4.37 -9.66 -36.81
C GLY FA 273 4.98 -10.91 -37.43
N ILE FA 274 5.19 -11.94 -36.58
CA ILE FA 274 5.73 -13.25 -36.90
C ILE FA 274 5.63 -13.73 -38.36
N HIS FA 275 4.42 -13.77 -38.95
CA HIS FA 275 4.19 -14.26 -40.29
C HIS FA 275 4.69 -13.37 -41.41
N GLU FA 276 4.56 -12.07 -41.21
CA GLU FA 276 5.05 -11.12 -42.17
C GLU FA 276 6.52 -11.14 -42.12
N THR FA 277 7.06 -11.31 -40.93
CA THR FA 277 8.49 -11.31 -40.74
C THR FA 277 9.07 -12.57 -41.34
N THR FA 278 8.43 -13.74 -41.25
CA THR FA 278 8.86 -14.98 -41.90
C THR FA 278 9.08 -14.74 -43.41
N TYR FA 279 8.07 -14.05 -43.91
CA TYR FA 279 7.98 -13.70 -45.28
C TYR FA 279 9.03 -12.71 -45.62
N ASN FA 280 9.21 -11.64 -44.87
CA ASN FA 280 10.15 -10.61 -45.30
C ASN FA 280 11.56 -11.12 -45.35
N SER FA 281 11.88 -12.07 -44.45
CA SER FA 281 13.18 -12.71 -44.34
C SER FA 281 13.43 -13.37 -45.68
N ILE FA 282 12.33 -14.03 -46.11
CA ILE FA 282 12.30 -14.81 -47.33
C ILE FA 282 12.40 -13.88 -48.52
N MET FA 283 11.69 -12.75 -48.69
CA MET FA 283 11.97 -11.96 -49.88
C MET FA 283 13.25 -11.10 -49.79
N LYS FA 284 14.09 -11.35 -48.75
CA LYS FA 284 15.46 -10.78 -48.59
C LYS FA 284 16.57 -11.76 -48.97
N CYS FA 285 16.19 -13.00 -49.27
CA CYS FA 285 17.11 -14.06 -49.64
C CYS FA 285 17.24 -14.24 -51.14
N ASP FA 286 18.21 -15.03 -51.62
CA ASP FA 286 18.30 -15.29 -53.04
C ASP FA 286 17.02 -16.00 -53.43
N ILE FA 287 16.67 -15.65 -54.67
CA ILE FA 287 15.49 -16.07 -55.48
C ILE FA 287 15.30 -17.57 -55.74
N ASP FA 288 16.45 -18.17 -56.09
CA ASP FA 288 16.52 -19.57 -56.36
C ASP FA 288 16.36 -20.33 -55.05
N ILE FA 289 16.69 -19.77 -53.85
CA ILE FA 289 16.54 -20.54 -52.61
C ILE FA 289 15.19 -20.34 -51.98
N ARG FA 290 14.38 -19.37 -52.43
CA ARG FA 290 13.10 -19.15 -51.82
C ARG FA 290 12.16 -20.36 -51.98
N LYS FA 291 12.16 -21.30 -52.95
CA LYS FA 291 11.18 -22.39 -52.81
C LYS FA 291 11.52 -23.30 -51.62
N ASP FA 292 12.83 -23.39 -51.30
CA ASP FA 292 13.34 -24.26 -50.24
C ASP FA 292 12.91 -23.78 -48.88
N LEU FA 293 13.22 -22.52 -48.59
CA LEU FA 293 12.80 -21.90 -47.37
C LEU FA 293 11.29 -22.03 -47.16
N TYR FA 294 10.48 -21.85 -48.21
CA TYR FA 294 9.05 -21.93 -48.04
C TYR FA 294 8.53 -23.29 -47.68
N ALA FA 295 9.17 -24.33 -48.15
CA ALA FA 295 8.69 -25.65 -47.78
C ALA FA 295 9.35 -26.15 -46.50
N ASN FA 296 10.06 -25.26 -45.77
CA ASN FA 296 10.77 -25.68 -44.59
C ASN FA 296 10.87 -24.61 -43.54
N ASN FA 297 9.70 -24.26 -43.03
CA ASN FA 297 9.56 -23.29 -41.96
C ASN FA 297 9.57 -24.13 -40.70
N VAL FA 298 10.67 -24.19 -40.03
CA VAL FA 298 10.79 -25.01 -38.85
C VAL FA 298 10.57 -24.05 -37.72
N MET FA 299 9.75 -24.51 -36.78
CA MET FA 299 9.49 -23.73 -35.59
C MET FA 299 10.21 -24.28 -34.35
N SER FA 300 10.80 -23.38 -33.58
CA SER FA 300 11.31 -23.84 -32.30
C SER FA 300 11.16 -22.74 -31.26
N GLY FA 301 11.15 -23.16 -29.99
CA GLY FA 301 11.06 -22.23 -28.88
C GLY FA 301 9.78 -22.36 -28.05
N GLY FA 302 9.90 -22.10 -26.74
CA GLY FA 302 8.78 -22.20 -25.82
C GLY FA 302 7.56 -21.44 -26.30
N THR FA 303 7.69 -20.23 -26.81
CA THR FA 303 6.54 -19.47 -27.19
C THR FA 303 5.91 -19.95 -28.49
N THR FA 304 6.49 -20.88 -29.26
CA THR FA 304 5.83 -21.38 -30.49
C THR FA 304 5.01 -22.63 -30.21
N MET FA 305 4.83 -22.94 -28.92
CA MET FA 305 4.13 -24.14 -28.50
C MET FA 305 2.63 -23.97 -28.39
N TYR FA 306 2.10 -22.71 -28.37
CA TYR FA 306 0.66 -22.42 -28.32
C TYR FA 306 -0.06 -23.26 -29.37
N PRO FA 307 -0.94 -24.24 -29.10
CA PRO FA 307 -1.62 -25.01 -30.15
C PRO FA 307 -2.23 -24.13 -31.27
N GLY FA 308 -2.19 -24.63 -32.51
CA GLY FA 308 -2.78 -23.97 -33.67
C GLY FA 308 -1.98 -22.81 -34.22
N ILE FA 309 -0.71 -22.80 -33.80
CA ILE FA 309 0.24 -21.78 -34.19
C ILE FA 309 0.72 -22.02 -35.59
N ALA FA 310 0.86 -23.33 -35.85
CA ALA FA 310 1.33 -23.84 -37.12
C ALA FA 310 0.24 -23.62 -38.15
N ASP FA 311 -1.06 -23.97 -37.89
CA ASP FA 311 -2.16 -23.77 -38.85
C ASP FA 311 -2.35 -22.30 -39.22
N ARG FA 312 -2.32 -21.40 -38.23
CA ARG FA 312 -2.39 -19.97 -38.45
C ARG FA 312 -1.20 -19.59 -39.32
N MET FA 313 0.04 -20.03 -39.03
CA MET FA 313 1.20 -19.64 -39.83
C MET FA 313 1.19 -20.17 -41.25
N GLN FA 314 0.58 -21.35 -41.38
CA GLN FA 314 0.40 -22.09 -42.62
C GLN FA 314 -0.39 -21.26 -43.58
N LYS FA 315 -1.53 -20.80 -43.07
CA LYS FA 315 -2.41 -19.95 -43.83
C LYS FA 315 -1.98 -18.51 -43.88
N GLU FA 316 -1.15 -18.12 -42.94
CA GLU FA 316 -0.70 -16.75 -42.96
C GLU FA 316 0.30 -16.56 -44.11
N ILE FA 317 1.23 -17.51 -44.28
CA ILE FA 317 2.17 -17.29 -45.37
C ILE FA 317 1.66 -17.85 -46.68
N THR FA 318 0.75 -18.82 -46.80
CA THR FA 318 0.24 -19.26 -48.10
C THR FA 318 -0.34 -18.07 -48.84
N ALA FA 319 -1.16 -17.35 -48.07
CA ALA FA 319 -1.80 -16.16 -48.58
C ALA FA 319 -0.91 -14.91 -48.73
N LEU FA 320 0.43 -15.02 -48.58
CA LEU FA 320 1.32 -13.91 -48.90
C LEU FA 320 2.33 -14.33 -49.96
N ALA FA 321 2.52 -15.65 -50.03
CA ALA FA 321 3.44 -16.28 -50.97
C ALA FA 321 2.82 -16.48 -52.36
N PRO FA 322 3.60 -16.43 -53.47
CA PRO FA 322 3.09 -16.62 -54.85
C PRO FA 322 2.43 -18.00 -54.97
N SER FA 323 1.20 -18.20 -55.49
CA SER FA 323 0.54 -19.54 -55.51
C SER FA 323 1.22 -20.76 -56.11
N THR FA 324 2.24 -20.45 -56.90
CA THR FA 324 3.12 -21.44 -57.53
C THR FA 324 3.98 -22.15 -56.46
N MET FA 325 3.92 -21.65 -55.22
CA MET FA 325 4.77 -22.11 -54.15
C MET FA 325 4.13 -23.12 -53.23
N LYS FA 326 5.01 -23.94 -52.71
CA LYS FA 326 4.65 -24.90 -51.69
C LYS FA 326 5.09 -24.29 -50.35
N ILE FA 327 4.12 -24.21 -49.45
CA ILE FA 327 4.32 -23.71 -48.09
C ILE FA 327 4.48 -24.96 -47.22
N LYS FA 328 5.29 -24.98 -46.16
CA LYS FA 328 5.30 -26.10 -45.23
C LYS FA 328 5.92 -25.71 -43.88
N ILE FA 329 5.00 -25.65 -42.89
CA ILE FA 329 5.31 -25.24 -41.52
C ILE FA 329 5.51 -26.46 -40.61
N ILE FA 330 6.76 -26.80 -40.35
CA ILE FA 330 7.11 -27.90 -39.47
C ILE FA 330 7.22 -27.31 -38.06
N ALA FA 331 6.47 -27.94 -37.15
CA ALA FA 331 6.41 -27.62 -35.73
C ALA FA 331 6.47 -28.94 -34.96
N PRO FA 332 7.61 -29.49 -34.57
CA PRO FA 332 7.67 -30.74 -33.82
C PRO FA 332 7.18 -30.56 -32.37
N PRO FA 333 6.83 -31.68 -31.68
CA PRO FA 333 6.34 -31.68 -30.32
C PRO FA 333 7.39 -31.33 -29.30
N GLU FA 334 8.63 -31.79 -29.50
CA GLU FA 334 9.63 -31.47 -28.52
C GLU FA 334 10.12 -30.06 -28.74
N ARG FA 335 9.60 -29.22 -29.66
CA ARG FA 335 10.15 -27.89 -29.93
C ARG FA 335 10.64 -26.93 -28.83
N LYS FA 336 10.12 -27.01 -27.60
CA LYS FA 336 10.69 -26.21 -26.52
C LYS FA 336 12.13 -26.65 -26.24
N TYR FA 337 12.64 -27.81 -26.67
CA TYR FA 337 14.05 -28.18 -26.59
C TYR FA 337 14.71 -28.47 -27.97
N SER FA 338 14.21 -28.01 -29.14
CA SER FA 338 14.83 -28.31 -30.44
C SER FA 338 16.30 -28.00 -30.52
N VAL FA 339 16.57 -26.76 -30.13
CA VAL FA 339 17.90 -26.22 -30.01
C VAL FA 339 18.79 -27.19 -29.28
N TRP FA 340 18.35 -27.65 -28.09
CA TRP FA 340 19.20 -28.47 -27.24
C TRP FA 340 19.43 -29.83 -27.86
N ILE FA 341 18.35 -30.38 -28.44
CA ILE FA 341 18.36 -31.72 -28.95
C ILE FA 341 19.26 -31.72 -30.16
N GLY FA 342 19.24 -30.66 -30.98
CA GLY FA 342 20.09 -30.52 -32.15
C GLY FA 342 21.56 -30.52 -31.73
N GLY FA 343 21.85 -29.98 -30.54
CA GLY FA 343 23.18 -29.94 -30.01
C GLY FA 343 23.59 -31.31 -29.51
N SER FA 344 22.66 -32.04 -28.87
CA SER FA 344 22.91 -33.36 -28.34
C SER FA 344 23.28 -34.35 -29.45
N ILE FA 345 22.55 -34.22 -30.56
CA ILE FA 345 22.75 -35.06 -31.72
C ILE FA 345 24.13 -34.78 -32.29
N LEU FA 346 24.31 -33.52 -32.67
CA LEU FA 346 25.52 -33.04 -33.28
C LEU FA 346 26.75 -33.37 -32.45
N ALA FA 347 26.69 -33.10 -31.14
CA ALA FA 347 27.88 -33.28 -30.33
C ALA FA 347 28.13 -34.72 -30.03
N SER FA 348 27.11 -35.60 -30.08
CA SER FA 348 27.39 -37.01 -29.85
C SER FA 348 27.83 -37.69 -31.15
N LEU FA 349 27.59 -37.02 -32.28
CA LEU FA 349 28.01 -37.48 -33.59
C LEU FA 349 29.48 -37.76 -33.75
N SER FA 350 29.52 -38.84 -34.53
CA SER FA 350 30.71 -39.51 -35.05
C SER FA 350 31.59 -38.53 -35.82
N THR FA 351 31.06 -37.58 -36.60
CA THR FA 351 31.90 -36.66 -37.36
C THR FA 351 32.27 -35.32 -36.75
N PHE FA 352 31.75 -35.06 -35.56
CA PHE FA 352 31.90 -33.75 -34.95
C PHE FA 352 33.21 -33.55 -34.21
N GLN FA 353 33.81 -34.70 -33.95
CA GLN FA 353 35.02 -34.73 -33.17
C GLN FA 353 36.08 -33.81 -33.73
N GLN FA 354 36.22 -33.81 -35.06
CA GLN FA 354 37.17 -32.94 -35.71
C GLN FA 354 36.79 -31.44 -35.75
N MET FA 355 35.62 -30.98 -35.24
CA MET FA 355 35.38 -29.54 -35.08
C MET FA 355 35.48 -29.00 -33.65
N TRP FA 356 35.60 -29.85 -32.62
CA TRP FA 356 35.82 -29.40 -31.25
C TRP FA 356 37.00 -28.45 -31.07
N ILE FA 357 36.91 -27.20 -30.55
CA ILE FA 357 38.11 -26.39 -30.31
C ILE FA 357 38.83 -26.90 -29.06
N THR FA 358 40.06 -27.42 -29.19
CA THR FA 358 40.75 -27.97 -28.03
C THR FA 358 41.63 -26.92 -27.39
N LYS FA 359 41.96 -27.07 -26.10
CA LYS FA 359 42.94 -26.22 -25.43
C LYS FA 359 44.24 -26.09 -26.21
N GLN FA 360 44.61 -27.09 -27.04
CA GLN FA 360 45.77 -27.07 -27.89
C GLN FA 360 45.46 -25.93 -28.86
N GLU FA 361 44.39 -26.01 -29.69
CA GLU FA 361 44.02 -24.89 -30.57
C GLU FA 361 44.04 -23.53 -29.86
N TYR FA 362 43.39 -23.45 -28.70
CA TYR FA 362 43.30 -22.20 -27.99
C TYR FA 362 44.64 -21.68 -27.49
N ASP FA 363 45.37 -22.42 -26.63
CA ASP FA 363 46.63 -21.94 -26.08
C ASP FA 363 47.60 -21.50 -27.17
N GLU FA 364 47.38 -22.05 -28.37
CA GLU FA 364 48.17 -21.69 -29.54
C GLU FA 364 47.60 -20.62 -30.45
N ALA FA 365 46.28 -20.44 -30.61
CA ALA FA 365 45.71 -19.46 -31.56
C ALA FA 365 44.97 -18.20 -31.04
N GLY FA 366 44.72 -18.20 -29.72
CA GLY FA 366 43.97 -17.15 -29.02
C GLY FA 366 42.47 -17.32 -29.29
N PRO FA 367 41.55 -16.57 -28.68
CA PRO FA 367 40.10 -16.78 -28.77
C PRO FA 367 39.52 -16.75 -30.19
N SER FA 368 40.34 -16.13 -31.05
CA SER FA 368 40.14 -16.03 -32.47
C SER FA 368 39.84 -17.38 -33.08
N ILE FA 369 40.58 -18.43 -32.65
CA ILE FA 369 40.44 -19.80 -33.14
C ILE FA 369 39.01 -20.33 -33.29
N VAL FA 370 38.19 -20.22 -32.23
CA VAL FA 370 36.83 -20.72 -32.24
C VAL FA 370 35.86 -19.72 -32.89
N HIS FA 371 36.29 -18.45 -32.90
CA HIS FA 371 35.43 -17.43 -33.41
C HIS FA 371 35.00 -17.68 -34.88
N ARG FA 372 35.84 -18.38 -35.67
CA ARG FA 372 35.63 -18.71 -37.08
C ARG FA 372 35.63 -17.35 -37.84
#